data_6Q7M
#
_entry.id   6Q7M
#
_cell.length_a   1.000
_cell.length_b   1.000
_cell.length_c   1.000
_cell.angle_alpha   90.000
_cell.angle_beta   90.000
_cell.angle_gamma   90.000
#
_symmetry.space_group_name_H-M   'P 1'
#
loop_
_entity.id
_entity.type
_entity.pdbx_description
1 polymer 'Inducible lysine decarboxylase'
2 polymer 'ATPase RavA'
3 non-polymer "PYRIDOXAL-5'-PHOSPHATE"
4 non-polymer "ADENOSINE-5'-DIPHOSPHATE"
#
loop_
_entity_poly.entity_id
_entity_poly.type
_entity_poly.pdbx_seq_one_letter_code
_entity_poly.pdbx_strand_id
1 'polypeptide(L)'
;MNVIAILNHMGVYFKEEPIRELHRALERLNFQIVYPNDRDDLLKLIENNARLCGVIFDWDKYNLELCEEISKMNENLPLY
AFANTYSTLDVSLNDLRLQISFFEYALGAAEDIANKIKQTTDEYINTILPPLTKALFKYVREGKYTFCTPGHMGGTAFQK
SPVGSLFYDFFGPNTMKSDISISVSELGSLLDHSGPHKEAEQYIARVFNADRSYMVTNGTSTANKIVGMYSAPAGSTILI
DRNCHKSLTHLMMMSDVTPIYFRPTRNAYGILGGIPQSEFQHATIAKRVKETPNATWPVHAVITNSTYDGLLYNTDFIKK
TLDVKSIHFDSAWVPYTNFSPIYEGKCGMSGGRVEGKVIYETQSTHKLLAAFSQASMIHVKGDVNEETFNEAYMMHTTTS
PHYGIVASTETAAAMMKGNAGKRLINGSIERAIKFRKEIKRLRTESDGWFFDVWQPDHIDTTECWPLRSDSTWHGFKNID
NEHMYLDPIKVTLLTPGMEKDGTMSDFGIPASIVAKYLDEHGIVVEKTGPYNLLFLFSIGIDKTKALSLLRALTDFKRAF
DLNLRVKNMLPSLYREDPEFYENMRIQELAQNIHKLIVHHNLPDLMYRAFEVLPTMVMTPYAAFQKELHGMTEEVYLDEM
VGRINANMILPYPPGVPLVMPGEMITEESRPVLEFLQMLCEIGAHYPGFETDIHGAYRQADGRYTVKVLKEESKK
;
A,B,C,D,E,F,G,H,I,J,K,L,M,N,O,P,Q,R,S,T
2 'polypeptide(L)'
;MAHPHLLAERISRLSSSLEKGLYERSHAIRLCLLAALSGESVFLLGPPGIAKSLIARRLKFAFQNARAFEYLMTRFSTPE
EVFGPLSIQALKDEGRYERLTSGYLPEAEIVFLDEIWKAGPAILNTLLTAINERQFRNGAHVEKIPMRLLVAASNELPEA
DSSLEALYDRMLIRLWLDKVQDKANFRSMLTSQQDENDNPVPDALQVTDEEYERWQKEIGEITLPDHVFELIFMLRQQLD
KLPDAPYVSDRRWKKAIRLLQASAFFSGRSAVAPVDLILLKDCLWYDAQSLNLIQQQIDVLMTGHAWQQQGMLTRLGAIV
QRHLQLQQQQSDKTALTVIRLGGIFSRRQQYQLPVNVTASTLTLLLQKPLKLHDMEVVHISFERSALEQWLSKGGEIRGK
LNGIGFAQKLNLEVDSAQHLVVRDVSLQGSTLALPGSSAEGLPGEIKQQLEELESDWRKQHALFSEQQKCLFIPGDWLGR
IEASLQDVGAQIRQAQQ
;
U,V,W,X,Y,Z
#
loop_
_chem_comp.id
_chem_comp.type
_chem_comp.name
_chem_comp.formula
ADP non-polymer ADENOSINE-5'-DIPHOSPHATE 'C10 H15 N5 O10 P2'
PLP non-polymer PYRIDOXAL-5'-PHOSPHATE 'C8 H10 N O6 P'
#
# COMPACT_ATOMS: atom_id res chain seq x y z
N MET A 1 -1.17 -62.28 58.86
CA MET A 1 -1.13 -62.37 60.31
C MET A 1 -2.19 -61.45 60.93
N ASN A 2 -3.42 -61.96 61.02
CA ASN A 2 -4.52 -61.18 61.57
C ASN A 2 -5.68 -62.08 62.00
N VAL A 3 -5.36 -63.19 62.66
CA VAL A 3 -6.35 -64.15 63.11
C VAL A 3 -6.41 -64.10 64.63
N ILE A 4 -7.61 -63.86 65.16
CA ILE A 4 -7.84 -63.80 66.60
C ILE A 4 -8.80 -64.91 66.98
N ALA A 5 -8.42 -65.73 67.96
CA ALA A 5 -9.22 -66.87 68.39
C ALA A 5 -9.91 -66.54 69.71
N ILE A 6 -11.18 -66.93 69.81
CA ILE A 6 -11.99 -66.74 71.00
C ILE A 6 -12.56 -68.10 71.39
N LEU A 7 -12.00 -68.70 72.43
CA LEU A 7 -12.37 -70.05 72.84
C LEU A 7 -13.25 -70.00 74.09
N ASN A 8 -14.17 -70.97 74.17
CA ASN A 8 -15.01 -71.22 75.34
C ASN A 8 -16.06 -70.14 75.54
N HIS A 9 -17.31 -70.55 75.76
CA HIS A 9 -18.41 -69.65 76.06
C HIS A 9 -18.85 -69.90 77.50
N MET A 10 -18.71 -68.89 78.35
CA MET A 10 -19.04 -69.05 79.77
C MET A 10 -20.53 -69.11 80.01
N GLY A 11 -21.35 -68.74 79.02
CA GLY A 11 -22.79 -68.77 79.15
C GLY A 11 -23.40 -67.55 79.82
N VAL A 12 -22.61 -66.81 80.60
CA VAL A 12 -23.08 -65.62 81.28
C VAL A 12 -23.15 -64.46 80.29
N TYR A 13 -23.59 -63.29 80.75
CA TYR A 13 -23.71 -62.12 79.90
C TYR A 13 -22.65 -61.07 80.14
N PHE A 14 -22.11 -60.98 81.37
CA PHE A 14 -21.07 -60.00 81.65
C PHE A 14 -19.71 -60.39 81.07
N LYS A 15 -19.59 -61.59 80.49
CA LYS A 15 -18.36 -62.00 79.82
C LYS A 15 -18.50 -62.10 78.31
N GLU A 16 -19.69 -62.46 77.81
CA GLU A 16 -19.89 -62.56 76.37
C GLU A 16 -20.18 -61.22 75.71
N GLU A 17 -20.66 -60.24 76.46
CA GLU A 17 -20.93 -58.91 75.92
C GLU A 17 -19.64 -58.19 75.53
N PRO A 18 -18.58 -58.21 76.36
CA PRO A 18 -17.32 -57.63 75.89
C PRO A 18 -16.73 -58.34 74.68
N ILE A 19 -17.07 -59.63 74.49
CA ILE A 19 -16.60 -60.34 73.30
C ILE A 19 -17.28 -59.80 72.05
N ARG A 20 -18.59 -59.54 72.12
CA ARG A 20 -19.29 -58.99 70.97
C ARG A 20 -18.89 -57.54 70.70
N GLU A 21 -18.58 -56.77 71.74
CA GLU A 21 -18.13 -55.40 71.56
C GLU A 21 -16.74 -55.37 70.94
N LEU A 22 -15.87 -56.30 71.33
CA LEU A 22 -14.54 -56.39 70.74
C LEU A 22 -14.58 -56.95 69.33
N HIS A 23 -15.63 -57.71 68.99
CA HIS A 23 -15.74 -58.26 67.63
C HIS A 23 -15.92 -57.15 66.60
N ARG A 24 -16.63 -56.08 66.97
CA ARG A 24 -16.84 -54.96 66.05
C ARG A 24 -15.68 -53.97 66.04
N ALA A 25 -14.75 -54.06 67.00
CA ALA A 25 -13.63 -53.15 67.06
C ALA A 25 -12.38 -53.71 66.37
N LEU A 26 -12.17 -55.03 66.43
CA LEU A 26 -11.00 -55.62 65.80
C LEU A 26 -11.13 -55.67 64.29
N GLU A 27 -12.35 -55.68 63.76
CA GLU A 27 -12.54 -55.70 62.32
C GLU A 27 -12.20 -54.37 61.66
N ARG A 28 -12.17 -53.28 62.44
CA ARG A 28 -11.82 -51.98 61.88
C ARG A 28 -10.34 -51.85 61.56
N LEU A 29 -9.51 -52.73 62.13
CA LEU A 29 -8.07 -52.72 61.89
C LEU A 29 -7.61 -53.96 61.12
N ASN A 30 -8.52 -54.54 60.32
CA ASN A 30 -8.23 -55.72 59.50
C ASN A 30 -7.76 -56.90 60.35
N PHE A 31 -8.71 -57.60 60.96
CA PHE A 31 -8.41 -58.78 61.76
C PHE A 31 -9.53 -59.80 61.58
N GLN A 32 -9.16 -61.06 61.36
CA GLN A 32 -10.12 -62.14 61.20
C GLN A 32 -10.44 -62.75 62.57
N ILE A 33 -11.73 -62.95 62.83
CA ILE A 33 -12.20 -63.49 64.09
C ILE A 33 -12.71 -64.90 63.86
N VAL A 34 -12.22 -65.84 64.66
CA VAL A 34 -12.64 -67.24 64.59
C VAL A 34 -13.16 -67.66 65.96
N TYR A 35 -13.98 -68.71 65.97
CA TYR A 35 -14.59 -69.21 67.19
C TYR A 35 -14.46 -70.73 67.21
N PRO A 36 -13.40 -71.26 67.84
CA PRO A 36 -13.24 -72.70 67.95
C PRO A 36 -14.26 -73.30 68.92
N ASN A 37 -14.32 -74.63 68.92
CA ASN A 37 -15.28 -75.35 69.75
C ASN A 37 -14.68 -75.74 71.10
N ASP A 38 -14.13 -76.94 71.18
CA ASP A 38 -13.60 -77.47 72.43
C ASP A 38 -12.11 -77.19 72.51
N ARG A 39 -11.40 -77.90 73.41
CA ARG A 39 -9.98 -77.68 73.57
C ARG A 39 -9.18 -78.20 72.38
N ASP A 40 -9.61 -79.33 71.82
CA ASP A 40 -8.92 -79.88 70.65
C ASP A 40 -9.13 -79.04 69.40
N ASP A 41 -10.14 -78.17 69.40
CA ASP A 41 -10.37 -77.31 68.24
C ASP A 41 -9.33 -76.21 68.15
N LEU A 42 -8.95 -75.62 69.30
CA LEU A 42 -7.94 -74.58 69.29
C LEU A 42 -6.56 -75.12 68.90
N LEU A 43 -6.28 -76.38 69.25
CA LEU A 43 -4.99 -76.96 68.91
C LEU A 43 -4.83 -77.15 67.40
N LYS A 44 -5.93 -77.33 66.68
CA LYS A 44 -5.88 -77.49 65.24
C LYS A 44 -5.77 -76.16 64.50
N LEU A 45 -5.94 -75.04 65.20
CA LEU A 45 -5.86 -73.72 64.59
C LEU A 45 -4.48 -73.09 64.73
N ILE A 46 -3.48 -73.86 65.17
CA ILE A 46 -2.12 -73.37 65.34
C ILE A 46 -1.15 -74.11 64.42
N GLU A 47 -1.20 -75.44 64.41
CA GLU A 47 -0.30 -76.20 63.56
C GLU A 47 -0.69 -76.07 62.09
N ASN A 48 -1.99 -76.09 61.80
CA ASN A 48 -2.45 -75.97 60.42
C ASN A 48 -2.61 -74.51 59.99
N ASN A 49 -2.75 -73.59 60.93
CA ASN A 49 -2.92 -72.16 60.64
C ASN A 49 -1.78 -71.40 61.31
N ALA A 50 -0.81 -70.95 60.53
CA ALA A 50 0.34 -70.23 61.05
C ALA A 50 0.13 -68.72 61.08
N ARG A 51 -0.99 -68.22 60.58
CA ARG A 51 -1.28 -66.79 60.56
C ARG A 51 -2.07 -66.34 61.79
N LEU A 52 -1.96 -67.05 62.89
CA LEU A 52 -2.68 -66.71 64.12
C LEU A 52 -1.74 -66.00 65.09
N CYS A 53 -2.26 -64.98 65.77
CA CYS A 53 -1.47 -64.22 66.73
C CYS A 53 -2.29 -63.76 67.93
N GLY A 54 -3.45 -64.35 68.19
CA GLY A 54 -4.27 -63.94 69.31
C GLY A 54 -5.21 -65.03 69.78
N VAL A 55 -5.12 -65.40 71.05
CA VAL A 55 -5.96 -66.44 71.65
C VAL A 55 -6.66 -65.82 72.85
N ILE A 56 -7.99 -65.79 72.81
CA ILE A 56 -8.79 -65.24 73.90
C ILE A 56 -9.55 -66.39 74.55
N PHE A 57 -9.32 -66.57 75.85
CA PHE A 57 -9.98 -67.63 76.60
C PHE A 57 -10.10 -67.20 78.06
N ASP A 58 -10.94 -67.93 78.79
CA ASP A 58 -11.14 -67.64 80.21
C ASP A 58 -10.01 -68.25 81.03
N TRP A 59 -9.42 -67.44 81.92
CA TRP A 59 -8.33 -67.92 82.75
C TRP A 59 -8.82 -68.87 83.84
N ASP A 60 -10.05 -68.69 84.30
CA ASP A 60 -10.62 -69.53 85.35
C ASP A 60 -11.47 -70.65 84.77
N LYS A 61 -10.93 -71.34 83.76
CA LYS A 61 -11.63 -72.45 83.12
C LYS A 61 -10.64 -73.49 82.62
N TYR A 62 -9.58 -73.04 81.93
CA TYR A 62 -8.52 -73.90 81.43
C TYR A 62 -7.18 -73.20 81.64
N ASN A 63 -6.72 -73.19 82.89
CA ASN A 63 -5.45 -72.58 83.24
C ASN A 63 -4.26 -73.51 83.09
N LEU A 64 -4.50 -74.82 82.95
CA LEU A 64 -3.43 -75.79 82.80
C LEU A 64 -3.51 -76.60 81.51
N GLU A 65 -4.68 -76.71 80.89
CA GLU A 65 -4.83 -77.48 79.66
C GLU A 65 -4.41 -76.72 78.42
N LEU A 66 -4.41 -75.39 78.46
CA LEU A 66 -4.04 -74.58 77.31
C LEU A 66 -2.66 -73.94 77.42
N CYS A 67 -2.18 -73.69 78.64
CA CYS A 67 -0.88 -73.05 78.83
C CYS A 67 0.28 -74.02 78.70
N GLU A 68 0.02 -75.29 78.39
CA GLU A 68 1.06 -76.29 78.23
C GLU A 68 1.20 -76.81 76.80
N GLU A 69 0.09 -77.07 76.12
CA GLU A 69 0.16 -77.57 74.75
C GLU A 69 0.55 -76.47 73.78
N ILE A 70 0.13 -75.23 74.04
CA ILE A 70 0.49 -74.13 73.16
C ILE A 70 1.96 -73.77 73.33
N SER A 71 2.48 -73.87 74.55
CA SER A 71 3.88 -73.54 74.79
C SER A 71 4.83 -74.52 74.10
N LYS A 72 4.37 -75.74 73.85
CA LYS A 72 5.21 -76.72 73.17
C LYS A 72 5.38 -76.43 71.69
N MET A 73 4.49 -75.62 71.11
CA MET A 73 4.60 -75.27 69.69
C MET A 73 5.20 -73.88 69.54
N ASN A 74 4.40 -72.85 69.77
CA ASN A 74 4.84 -71.46 69.67
C ASN A 74 4.96 -70.87 71.07
N GLU A 75 6.17 -70.47 71.45
CA GLU A 75 6.39 -69.91 72.78
C GLU A 75 6.07 -68.42 72.83
N ASN A 76 6.42 -67.68 71.76
CA ASN A 76 6.18 -66.25 71.70
C ASN A 76 4.77 -65.89 71.29
N LEU A 77 3.88 -66.86 71.18
CA LEU A 77 2.51 -66.59 70.77
C LEU A 77 1.77 -65.84 71.88
N PRO A 78 1.23 -64.65 71.60
CA PRO A 78 0.51 -63.92 72.66
C PRO A 78 -0.76 -64.64 73.07
N LEU A 79 -1.05 -64.57 74.37
CA LEU A 79 -2.24 -65.20 74.95
C LEU A 79 -3.06 -64.11 75.64
N TYR A 80 -4.22 -63.79 75.07
CA TYR A 80 -5.09 -62.76 75.63
C TYR A 80 -6.08 -63.38 76.63
N ALA A 81 -5.51 -63.96 77.68
CA ALA A 81 -6.32 -64.60 78.71
C ALA A 81 -6.97 -63.55 79.61
N PHE A 82 -8.28 -63.68 79.80
CA PHE A 82 -9.05 -62.77 80.63
C PHE A 82 -9.17 -63.37 82.03
N ALA A 83 -8.65 -62.67 83.02
CA ALA A 83 -8.68 -63.13 84.40
C ALA A 83 -9.92 -62.61 85.11
N ASN A 84 -10.09 -63.05 86.35
CA ASN A 84 -11.22 -62.65 87.18
C ASN A 84 -10.68 -62.11 88.50
N THR A 85 -11.55 -62.05 89.52
CA THR A 85 -11.13 -61.54 90.82
C THR A 85 -10.27 -62.56 91.55
N TYR A 86 -10.77 -63.79 91.71
CA TYR A 86 -10.05 -64.86 92.40
C TYR A 86 -9.29 -65.66 91.34
N SER A 87 -8.18 -65.11 90.89
CA SER A 87 -7.33 -65.73 89.89
C SER A 87 -5.88 -65.73 90.36
N THR A 88 -5.16 -66.80 90.03
CA THR A 88 -3.76 -66.93 90.42
C THR A 88 -3.07 -67.85 89.43
N LEU A 89 -1.74 -67.92 89.56
CA LEU A 89 -0.94 -68.76 88.68
C LEU A 89 -0.83 -70.18 89.26
N ASP A 90 0.06 -70.97 88.67
CA ASP A 90 0.28 -72.35 89.10
C ASP A 90 1.77 -72.61 89.21
N VAL A 91 2.13 -73.56 90.07
CA VAL A 91 3.54 -73.90 90.26
C VAL A 91 4.10 -74.59 89.02
N SER A 92 3.25 -75.24 88.23
CA SER A 92 3.67 -75.92 87.02
C SER A 92 3.69 -75.00 85.80
N LEU A 93 3.57 -73.69 86.01
CA LEU A 93 3.58 -72.72 84.92
C LEU A 93 4.74 -71.74 85.04
N ASN A 94 5.88 -72.19 85.59
CA ASN A 94 7.03 -71.33 85.76
C ASN A 94 8.08 -71.53 84.68
N ASP A 95 8.28 -72.77 84.24
CA ASP A 95 9.26 -73.10 83.20
C ASP A 95 8.63 -73.19 81.82
N LEU A 96 7.76 -72.24 81.48
CA LEU A 96 7.09 -72.21 80.18
C LEU A 96 7.14 -70.80 79.63
N ARG A 97 7.63 -70.67 78.39
CA ARG A 97 7.73 -69.38 77.72
C ARG A 97 6.37 -69.01 77.15
N LEU A 98 5.71 -68.04 77.79
CA LEU A 98 4.38 -67.60 77.36
C LEU A 98 4.31 -66.09 77.40
N GLN A 99 3.22 -65.55 76.86
CA GLN A 99 2.95 -64.12 76.83
C GLN A 99 1.47 -63.92 77.15
N ILE A 100 1.17 -63.73 78.44
CA ILE A 100 -0.21 -63.59 78.91
C ILE A 100 -0.51 -62.12 79.12
N SER A 101 -1.61 -61.65 78.52
CA SER A 101 -2.06 -60.26 78.66
C SER A 101 -3.39 -60.28 79.39
N PHE A 102 -3.41 -59.70 80.59
CA PHE A 102 -4.61 -59.69 81.40
C PHE A 102 -5.50 -58.50 81.06
N PHE A 103 -6.80 -58.71 81.09
CA PHE A 103 -7.78 -57.67 80.81
C PHE A 103 -8.99 -57.87 81.71
N GLU A 104 -9.97 -56.98 81.57
CA GLU A 104 -11.21 -57.03 82.35
C GLU A 104 -12.41 -57.10 81.41
N TYR A 105 -13.59 -57.14 82.01
CA TYR A 105 -14.85 -57.18 81.26
C TYR A 105 -15.59 -55.87 81.45
N ALA A 106 -14.88 -54.77 81.18
CA ALA A 106 -15.42 -53.43 81.33
C ALA A 106 -16.17 -53.03 80.05
N LEU A 107 -17.39 -52.53 80.23
CA LEU A 107 -18.20 -52.09 79.10
C LEU A 107 -17.76 -50.71 78.62
N GLY A 108 -17.79 -50.52 77.30
CA GLY A 108 -17.39 -49.27 76.70
C GLY A 108 -15.90 -49.10 76.47
N ALA A 109 -15.06 -49.88 77.15
CA ALA A 109 -13.62 -49.82 77.00
C ALA A 109 -13.09 -50.76 75.94
N ALA A 110 -13.94 -51.21 75.02
CA ALA A 110 -13.50 -52.12 73.97
C ALA A 110 -12.60 -51.43 72.95
N GLU A 111 -12.67 -50.11 72.84
CA GLU A 111 -11.81 -49.40 71.91
C GLU A 111 -10.37 -49.37 72.40
N ASP A 112 -10.17 -49.19 73.71
CA ASP A 112 -8.82 -49.18 74.26
C ASP A 112 -8.19 -50.56 74.21
N ILE A 113 -9.00 -51.62 74.27
CA ILE A 113 -8.47 -52.97 74.19
C ILE A 113 -7.98 -53.27 72.78
N ALA A 114 -8.68 -52.76 71.77
CA ALA A 114 -8.27 -52.99 70.38
C ALA A 114 -6.93 -52.34 70.06
N ASN A 115 -6.65 -51.19 70.68
CA ASN A 115 -5.36 -50.54 70.45
C ASN A 115 -4.22 -51.30 71.13
N LYS A 116 -4.50 -51.98 72.24
CA LYS A 116 -3.48 -52.76 72.92
C LYS A 116 -3.16 -54.05 72.18
N ILE A 117 -4.15 -54.63 71.50
CA ILE A 117 -3.91 -55.84 70.73
C ILE A 117 -3.07 -55.54 69.50
N LYS A 118 -3.33 -54.41 68.85
CA LYS A 118 -2.54 -54.02 67.68
C LYS A 118 -1.09 -53.71 68.06
N GLN A 119 -0.89 -53.08 69.22
CA GLN A 119 0.47 -52.79 69.67
C GLN A 119 1.18 -54.07 70.10
N THR A 120 0.46 -54.99 70.73
CA THR A 120 1.06 -56.26 71.12
C THR A 120 1.42 -57.10 69.90
N THR A 121 0.57 -57.07 68.86
CA THR A 121 0.87 -57.79 67.63
C THR A 121 2.11 -57.20 66.94
N ASP A 122 2.26 -55.88 66.99
CA ASP A 122 3.44 -55.25 66.41
C ASP A 122 4.71 -55.64 67.16
N GLU A 123 4.61 -55.89 68.46
CA GLU A 123 5.78 -56.34 69.21
C GLU A 123 6.17 -57.76 68.83
N TYR A 124 5.19 -58.61 68.49
CA TYR A 124 5.51 -59.97 68.05
C TYR A 124 6.16 -59.95 66.66
N ILE A 125 5.83 -58.97 65.84
CA ILE A 125 6.44 -58.88 64.51
C ILE A 125 7.88 -58.40 64.63
N ASN A 126 8.13 -57.43 65.51
CA ASN A 126 9.47 -56.88 65.70
C ASN A 126 10.35 -57.73 66.60
N THR A 127 9.94 -58.96 66.91
CA THR A 127 10.72 -59.87 67.74
C THR A 127 11.15 -61.12 67.00
N ILE A 128 10.24 -61.77 66.28
CA ILE A 128 10.60 -62.98 65.55
C ILE A 128 11.35 -62.69 64.26
N LEU A 129 11.37 -61.45 63.81
CA LEU A 129 12.09 -61.13 62.58
C LEU A 129 13.52 -60.70 62.89
N PRO A 130 14.47 -61.08 62.04
CA PRO A 130 15.87 -60.69 62.26
C PRO A 130 16.04 -59.20 62.01
N PRO A 131 17.11 -58.59 62.54
CA PRO A 131 17.32 -57.15 62.31
C PRO A 131 17.61 -56.79 60.87
N LEU A 132 18.11 -57.73 60.06
CA LEU A 132 18.36 -57.43 58.66
C LEU A 132 17.05 -57.33 57.88
N THR A 133 16.11 -58.24 58.15
CA THR A 133 14.82 -58.18 57.49
C THR A 133 13.98 -57.02 58.02
N LYS A 134 14.12 -56.69 59.31
CA LYS A 134 13.36 -55.57 59.87
C LYS A 134 13.75 -54.26 59.22
N ALA A 135 15.04 -54.09 58.89
CA ALA A 135 15.49 -52.86 58.24
C ALA A 135 15.01 -52.77 56.80
N LEU A 136 14.67 -53.90 56.18
CA LEU A 136 14.18 -53.87 54.80
C LEU A 136 12.71 -53.50 54.72
N PHE A 137 11.91 -54.01 55.68
CA PHE A 137 10.48 -53.69 55.68
C PHE A 137 10.23 -52.25 56.12
N LYS A 138 11.07 -51.72 57.01
CA LYS A 138 10.89 -50.34 57.47
C LYS A 138 11.37 -49.33 56.43
N TYR A 139 12.37 -49.68 55.64
CA TYR A 139 12.88 -48.78 54.62
C TYR A 139 11.88 -48.53 53.50
N VAL A 140 10.94 -49.44 53.28
CA VAL A 140 9.96 -49.26 52.21
C VAL A 140 8.89 -48.25 52.62
N ARG A 141 8.43 -48.31 53.87
CA ARG A 141 7.36 -47.44 54.31
C ARG A 141 7.84 -46.06 54.73
N GLU A 142 9.13 -45.88 54.94
CA GLU A 142 9.65 -44.59 55.39
C GLU A 142 10.80 -44.07 54.55
N GLY A 143 11.76 -44.92 54.21
CA GLY A 143 12.91 -44.47 53.44
C GLY A 143 12.53 -44.13 52.02
N LYS A 144 12.64 -42.86 51.64
CA LYS A 144 12.30 -42.39 50.29
C LYS A 144 13.42 -41.49 49.78
N TYR A 145 14.62 -42.06 49.67
CA TYR A 145 15.77 -41.32 49.18
C TYR A 145 15.74 -41.22 47.67
N THR A 146 16.08 -40.04 47.15
CA THR A 146 16.08 -39.79 45.71
C THR A 146 17.51 -39.88 45.16
N PHE A 147 17.60 -40.07 43.84
CA PHE A 147 18.87 -40.20 43.14
C PHE A 147 19.71 -41.33 43.71
N CYS A 148 19.22 -42.55 43.49
CA CYS A 148 19.87 -43.76 43.98
C CYS A 148 19.72 -44.86 42.94
N THR A 149 20.43 -45.98 43.18
CA THR A 149 20.43 -47.16 42.33
C THR A 149 19.50 -48.23 42.90
N PRO A 150 18.83 -49.02 42.05
CA PRO A 150 18.85 -48.97 40.59
C PRO A 150 18.07 -47.79 40.01
N GLY A 151 17.97 -47.74 38.68
CA GLY A 151 17.31 -46.61 38.03
C GLY A 151 15.80 -46.62 38.14
N HIS A 152 15.19 -47.78 38.39
CA HIS A 152 13.74 -47.84 38.49
C HIS A 152 13.25 -47.19 39.76
N MET A 153 13.95 -47.38 40.88
CA MET A 153 13.62 -46.78 42.17
C MET A 153 12.19 -47.11 42.58
N GLY A 154 11.98 -48.40 42.87
CA GLY A 154 10.68 -48.87 43.27
C GLY A 154 9.67 -48.98 42.16
N GLY A 155 10.11 -49.00 40.91
CA GLY A 155 9.22 -49.13 39.78
C GLY A 155 8.72 -47.83 39.19
N THR A 156 9.45 -46.73 39.36
CA THR A 156 9.02 -45.45 38.80
C THR A 156 9.22 -45.41 37.29
N ALA A 157 10.32 -45.98 36.79
CA ALA A 157 10.58 -45.97 35.36
C ALA A 157 9.60 -46.87 34.61
N PHE A 158 9.04 -47.88 35.28
CA PHE A 158 8.08 -48.76 34.64
C PHE A 158 6.73 -48.08 34.41
N GLN A 159 6.44 -46.99 35.11
CA GLN A 159 5.18 -46.28 34.96
C GLN A 159 5.20 -45.29 33.80
N LYS A 160 6.27 -45.25 33.01
CA LYS A 160 6.37 -44.33 31.88
C LYS A 160 6.31 -45.04 30.53
N SER A 161 6.16 -46.37 30.52
CA SER A 161 6.09 -47.14 29.29
C SER A 161 4.96 -48.16 29.40
N PRO A 162 4.21 -48.38 28.31
CA PRO A 162 3.13 -49.37 28.38
C PRO A 162 3.61 -50.79 28.64
N VAL A 163 4.78 -51.15 28.09
CA VAL A 163 5.30 -52.50 28.32
C VAL A 163 5.90 -52.62 29.72
N GLY A 164 6.32 -51.51 30.31
CA GLY A 164 6.89 -51.57 31.65
C GLY A 164 5.85 -51.70 32.74
N SER A 165 4.62 -51.23 32.49
CA SER A 165 3.58 -51.31 33.50
C SER A 165 3.11 -52.75 33.70
N LEU A 166 3.27 -53.60 32.69
CA LEU A 166 2.86 -54.99 32.83
C LEU A 166 3.79 -55.76 33.74
N PHE A 167 5.06 -55.36 33.81
CA PHE A 167 6.02 -56.03 34.68
C PHE A 167 5.94 -55.52 36.11
N TYR A 168 5.44 -54.29 36.30
CA TYR A 168 5.32 -53.74 37.65
C TYR A 168 4.05 -54.21 38.33
N ASP A 169 2.99 -54.46 37.56
CA ASP A 169 1.72 -54.90 38.13
C ASP A 169 1.71 -56.39 38.45
N PHE A 170 2.72 -57.14 38.01
CA PHE A 170 2.76 -58.58 38.29
C PHE A 170 3.18 -58.85 39.73
N PHE A 171 4.31 -58.29 40.14
CA PHE A 171 4.83 -58.49 41.49
C PHE A 171 4.03 -57.66 42.50
N GLY A 172 4.46 -56.42 42.74
CA GLY A 172 3.80 -55.55 43.67
C GLY A 172 4.62 -54.33 44.01
N PRO A 173 3.97 -53.32 44.62
CA PRO A 173 4.72 -52.11 44.99
C PRO A 173 5.81 -52.36 46.02
N ASN A 174 5.56 -53.27 46.98
CA ASN A 174 6.56 -53.56 48.00
C ASN A 174 7.69 -54.42 47.46
N THR A 175 7.49 -55.10 46.33
CA THR A 175 8.54 -55.95 45.77
C THR A 175 9.65 -55.11 45.12
N MET A 176 9.26 -54.12 44.31
CA MET A 176 10.27 -53.30 43.63
C MET A 176 10.98 -52.36 44.59
N LYS A 177 10.32 -51.95 45.68
CA LYS A 177 10.92 -51.05 46.66
C LYS A 177 11.85 -51.78 47.63
N SER A 178 11.99 -53.10 47.52
CA SER A 178 12.86 -53.87 48.39
C SER A 178 14.20 -54.21 47.75
N ASP A 179 14.39 -53.89 46.47
CA ASP A 179 15.63 -54.19 45.77
C ASP A 179 16.48 -52.92 45.76
N ILE A 180 17.38 -52.81 46.73
CA ILE A 180 18.26 -51.66 46.87
C ILE A 180 19.70 -52.15 46.96
N SER A 181 20.62 -51.24 46.63
CA SER A 181 22.05 -51.53 46.63
C SER A 181 22.62 -51.27 48.02
N ILE A 182 23.91 -50.94 48.09
CA ILE A 182 24.57 -50.69 49.36
C ILE A 182 24.65 -49.19 49.61
N SER A 183 23.82 -48.42 48.88
CA SER A 183 23.78 -46.97 49.01
C SER A 183 22.88 -46.50 50.15
N VAL A 184 22.68 -47.32 51.17
CA VAL A 184 21.83 -47.00 52.31
C VAL A 184 22.66 -47.12 53.57
N SER A 185 22.59 -46.11 54.44
CA SER A 185 23.42 -46.08 55.64
C SER A 185 22.85 -46.96 56.75
N GLU A 186 21.54 -46.91 56.96
CA GLU A 186 20.91 -47.64 58.06
C GLU A 186 20.72 -49.13 57.76
N LEU A 187 21.25 -49.63 56.64
CA LEU A 187 21.24 -51.05 56.34
C LEU A 187 22.62 -51.66 56.15
N GLY A 188 23.67 -50.85 56.04
CA GLY A 188 25.00 -51.37 55.90
C GLY A 188 25.26 -51.96 54.52
N SER A 189 26.42 -52.60 54.41
CA SER A 189 26.85 -53.24 53.17
C SER A 189 27.25 -54.68 53.46
N LEU A 190 27.08 -55.55 52.45
CA LEU A 190 27.43 -56.94 52.60
C LEU A 190 28.94 -57.16 52.59
N LEU A 191 29.66 -56.41 51.75
CA LEU A 191 31.11 -56.56 51.68
C LEU A 191 31.79 -55.96 52.91
N ASP A 192 31.20 -54.91 53.49
CA ASP A 192 31.79 -54.29 54.68
C ASP A 192 31.57 -55.11 55.94
N HIS A 193 30.51 -55.93 55.97
CA HIS A 193 30.19 -56.78 57.12
C HIS A 193 30.02 -55.95 58.39
N SER A 194 29.21 -54.90 58.29
CA SER A 194 28.94 -54.00 59.40
C SER A 194 27.46 -53.67 59.45
N GLY A 195 27.00 -53.26 60.63
CA GLY A 195 25.61 -52.91 60.82
C GLY A 195 24.71 -54.13 60.88
N PRO A 196 23.59 -54.07 60.16
CA PRO A 196 22.69 -55.24 60.14
C PRO A 196 23.31 -56.49 59.55
N HIS A 197 24.26 -56.33 58.62
CA HIS A 197 24.90 -57.50 58.03
C HIS A 197 25.88 -58.16 59.01
N LYS A 198 26.39 -57.40 59.97
CA LYS A 198 27.30 -57.98 60.95
C LYS A 198 26.56 -58.85 61.96
N GLU A 199 25.38 -58.40 62.41
CA GLU A 199 24.59 -59.19 63.35
C GLU A 199 23.92 -60.38 62.68
N ALA A 200 23.79 -60.36 61.34
CA ALA A 200 23.19 -61.49 60.64
C ALA A 200 24.12 -62.70 60.61
N GLU A 201 25.43 -62.47 60.58
CA GLU A 201 26.38 -63.57 60.58
C GLU A 201 26.42 -64.27 61.92
N GLN A 202 26.26 -63.51 63.01
CA GLN A 202 26.25 -64.10 64.34
C GLN A 202 24.93 -64.76 64.69
N TYR A 203 23.85 -64.40 63.99
CA TYR A 203 22.54 -65.01 64.27
C TYR A 203 22.39 -66.35 63.56
N ILE A 204 22.98 -66.49 62.37
CA ILE A 204 22.86 -67.75 61.62
C ILE A 204 23.83 -68.79 62.19
N ALA A 205 25.06 -68.37 62.53
CA ALA A 205 26.04 -69.31 63.05
C ALA A 205 25.67 -69.80 64.44
N ARG A 206 24.90 -69.01 65.20
CA ARG A 206 24.51 -69.43 66.54
C ARG A 206 23.39 -70.46 66.49
N VAL A 207 22.43 -70.29 65.59
CA VAL A 207 21.34 -71.25 65.47
C VAL A 207 21.80 -72.53 64.83
N PHE A 208 22.57 -72.44 63.75
CA PHE A 208 23.10 -73.60 63.05
C PHE A 208 24.34 -74.19 63.71
N ASN A 209 24.72 -73.68 64.89
CA ASN A 209 25.89 -74.16 65.63
C ASN A 209 27.16 -74.05 64.78
N ALA A 210 27.62 -72.80 64.65
CA ALA A 210 28.82 -72.50 63.88
C ALA A 210 29.50 -71.29 64.49
N ASP A 211 30.70 -70.99 63.99
CA ASP A 211 31.49 -69.87 64.48
C ASP A 211 31.53 -68.70 63.50
N ARG A 212 31.42 -68.96 62.21
CA ARG A 212 31.47 -67.89 61.20
CA ARG A 212 31.47 -67.89 61.20
C ARG A 212 30.67 -68.37 59.99
N SER A 213 29.44 -67.89 59.86
CA SER A 213 28.56 -68.26 58.76
C SER A 213 28.30 -67.03 57.91
N TYR A 214 28.57 -67.15 56.60
CA TYR A 214 28.36 -66.08 55.64
C TYR A 214 27.10 -66.34 54.84
N MET A 215 26.78 -65.41 53.93
CA MET A 215 25.60 -65.48 53.08
C MET A 215 26.04 -65.28 51.64
N VAL A 216 26.16 -66.37 50.89
CA VAL A 216 26.56 -66.31 49.49
C VAL A 216 25.35 -65.90 48.64
N THR A 217 25.55 -64.91 47.78
CA THR A 217 24.49 -64.40 46.92
C THR A 217 24.63 -64.90 45.48
N ASN A 218 25.27 -66.06 45.28
CA ASN A 218 25.44 -66.60 43.95
C ASN A 218 25.33 -68.13 43.92
N GLY A 219 24.43 -68.68 44.73
CA GLY A 219 24.20 -70.11 44.73
C GLY A 219 25.30 -70.89 45.44
N THR A 220 25.11 -72.21 45.48
CA THR A 220 26.09 -73.09 46.10
C THR A 220 27.31 -73.31 45.22
N SER A 221 27.14 -73.26 43.90
CA SER A 221 28.26 -73.49 42.99
C SER A 221 29.37 -72.46 43.18
N THR A 222 29.01 -71.24 43.59
CA THR A 222 30.02 -70.21 43.83
C THR A 222 30.70 -70.41 45.18
N ALA A 223 29.97 -70.90 46.18
CA ALA A 223 30.54 -71.11 47.51
C ALA A 223 31.60 -72.21 47.50
N ASN A 224 31.49 -73.17 46.56
CA ASN A 224 32.49 -74.24 46.49
C ASN A 224 33.81 -73.72 45.94
N LYS A 225 33.77 -72.70 45.08
CA LYS A 225 35.01 -72.15 44.52
C LYS A 225 35.74 -71.24 45.50
N ILE A 226 35.04 -70.71 46.51
CA ILE A 226 35.69 -69.85 47.49
C ILE A 226 36.52 -70.67 48.46
N VAL A 227 36.06 -71.87 48.82
CA VAL A 227 36.80 -72.72 49.74
C VAL A 227 38.11 -73.18 49.10
N GLY A 228 38.07 -73.52 47.81
CA GLY A 228 39.28 -73.97 47.13
C GLY A 228 40.33 -72.90 46.97
N MET A 229 39.95 -71.63 47.04
CA MET A 229 40.89 -70.52 46.91
C MET A 229 41.39 -70.02 48.26
N TYR A 230 41.41 -70.88 49.28
CA TYR A 230 41.87 -70.48 50.60
C TYR A 230 42.83 -71.51 51.18
N SER A 231 42.37 -72.75 51.31
CA SER A 231 43.19 -73.83 51.87
C SER A 231 43.82 -74.70 50.79
N ALA A 232 44.15 -74.11 49.64
CA ALA A 232 44.77 -74.84 48.54
C ALA A 232 45.60 -73.87 47.72
N PRO A 233 46.84 -73.60 48.12
CA PRO A 233 47.69 -72.69 47.35
C PRO A 233 48.04 -73.28 45.99
N ALA A 234 48.58 -72.41 45.13
CA ALA A 234 48.98 -72.79 43.78
C ALA A 234 50.19 -73.70 43.87
N GLY A 235 49.92 -75.01 43.94
CA GLY A 235 50.98 -76.00 44.05
C GLY A 235 50.90 -76.81 45.32
N SER A 236 49.70 -77.30 45.64
CA SER A 236 49.45 -78.09 46.83
C SER A 236 48.84 -79.43 46.44
N THR A 237 48.03 -80.00 47.34
CA THR A 237 47.38 -81.28 47.11
C THR A 237 46.06 -81.31 47.87
N ILE A 238 44.98 -81.63 47.17
CA ILE A 238 43.66 -81.70 47.76
C ILE A 238 43.15 -83.14 47.67
N LEU A 239 42.20 -83.46 48.55
CA LEU A 239 41.59 -84.79 48.62
C LEU A 239 40.12 -84.65 48.27
N ILE A 240 39.83 -84.51 46.98
CA ILE A 240 38.46 -84.36 46.51
C ILE A 240 37.82 -85.73 46.35
N ASP A 241 36.52 -85.80 46.61
CA ASP A 241 35.78 -87.04 46.48
C ASP A 241 35.52 -87.36 45.01
N ARG A 242 35.36 -88.66 44.72
CA ARG A 242 35.10 -89.08 43.35
C ARG A 242 33.71 -88.65 42.90
N ASN A 243 32.71 -88.81 43.76
CA ASN A 243 31.34 -88.39 43.45
C ASN A 243 31.21 -86.89 43.71
N CYS A 244 31.78 -86.12 42.80
CA CYS A 244 31.78 -84.66 42.91
C CYS A 244 30.77 -84.05 41.95
N HIS A 245 30.27 -82.87 42.31
CA HIS A 245 29.30 -82.17 41.49
C HIS A 245 30.02 -81.42 40.37
N LYS A 246 29.23 -80.96 39.38
CA LYS A 246 29.80 -80.21 38.27
C LYS A 246 30.50 -78.94 38.74
N SER A 247 30.02 -78.34 39.84
CA SER A 247 30.67 -77.15 40.37
C SER A 247 32.04 -77.46 40.94
N LEU A 248 32.23 -78.66 41.50
CA LEU A 248 33.54 -79.03 42.04
C LEU A 248 34.54 -79.34 40.94
N THR A 249 34.08 -79.64 39.73
CA THR A 249 35.00 -79.93 38.63
C THR A 249 35.70 -78.65 38.17
N HIS A 250 34.98 -77.53 38.11
CA HIS A 250 35.57 -76.27 37.70
C HIS A 250 36.58 -75.75 38.71
N LEU A 251 36.47 -76.16 39.98
CA LEU A 251 37.44 -75.73 40.98
C LEU A 251 38.82 -76.34 40.73
N MET A 252 38.84 -77.60 40.26
CA MET A 252 40.11 -78.25 39.95
C MET A 252 40.75 -77.72 38.68
N MET A 253 39.98 -77.03 37.83
CA MET A 253 40.49 -76.48 36.59
C MET A 253 40.93 -75.03 36.72
N MET A 254 40.80 -74.44 37.90
CA MET A 254 41.20 -73.05 38.13
C MET A 254 42.39 -72.91 39.08
N SER A 255 42.71 -73.95 39.85
CA SER A 255 43.82 -73.91 40.79
C SER A 255 44.83 -74.98 40.38
N ASP A 256 46.12 -74.61 40.38
CA ASP A 256 47.20 -75.52 40.01
C ASP A 256 47.49 -76.43 41.20
N VAL A 257 46.61 -77.42 41.40
CA VAL A 257 46.75 -78.38 42.48
C VAL A 257 46.68 -79.79 41.88
N THR A 258 47.07 -80.76 42.70
CA THR A 258 47.05 -82.18 42.30
C THR A 258 46.01 -82.92 43.13
N PRO A 259 44.79 -83.11 42.63
CA PRO A 259 43.77 -83.81 43.41
C PRO A 259 43.99 -85.30 43.42
N ILE A 260 43.55 -85.92 44.52
CA ILE A 260 43.62 -87.37 44.69
C ILE A 260 42.19 -87.89 44.85
N TYR A 261 41.75 -88.68 43.88
CA TYR A 261 40.39 -89.20 43.86
C TYR A 261 40.30 -90.49 44.68
N PHE A 262 39.18 -90.64 45.39
CA PHE A 262 38.96 -91.81 46.22
C PHE A 262 38.20 -92.87 45.43
N ARG A 263 37.82 -93.94 46.12
CA ARG A 263 37.07 -95.05 45.52
C ARG A 263 35.91 -95.40 46.43
N PRO A 264 34.80 -94.67 46.33
CA PRO A 264 33.63 -94.97 47.17
C PRO A 264 33.01 -96.31 46.81
N THR A 265 32.25 -96.84 47.77
CA THR A 265 31.58 -98.11 47.56
C THR A 265 30.34 -97.93 46.70
N ARG A 266 29.89 -99.03 46.09
CA ARG A 266 28.73 -99.01 45.22
C ARG A 266 28.16 -100.42 45.11
N ASN A 267 26.92 -100.50 44.64
CA ASN A 267 26.20 -101.74 44.47
C ASN A 267 25.90 -101.95 42.97
N ALA A 268 24.83 -102.66 42.67
CA ALA A 268 24.44 -102.93 41.28
C ALA A 268 23.27 -102.07 40.81
N TYR A 269 22.48 -101.52 41.72
CA TYR A 269 21.33 -100.69 41.34
C TYR A 269 21.73 -99.28 40.95
N GLY A 270 22.98 -98.89 41.16
CA GLY A 270 23.45 -97.56 40.82
C GLY A 270 23.55 -96.60 41.98
N ILE A 271 23.17 -97.01 43.18
CA ILE A 271 23.24 -96.15 44.36
C ILE A 271 24.65 -96.24 44.93
N LEU A 272 25.40 -95.16 44.84
CA LEU A 272 26.77 -95.13 45.36
C LEU A 272 26.75 -95.05 46.88
N GLY A 273 27.60 -95.86 47.52
CA GLY A 273 27.70 -95.87 48.96
C GLY A 273 28.51 -94.72 49.51
N GLY A 274 29.68 -95.01 50.06
CA GLY A 274 30.52 -93.97 50.62
C GLY A 274 31.97 -94.41 50.63
N ILE A 275 32.83 -93.50 51.09
CA ILE A 275 34.26 -93.79 51.15
C ILE A 275 34.53 -94.72 52.33
N PRO A 276 35.22 -95.84 52.11
CA PRO A 276 35.51 -96.76 53.23
C PRO A 276 36.44 -96.12 54.26
N GLN A 277 36.47 -96.73 55.43
CA GLN A 277 37.32 -96.23 56.52
C GLN A 277 38.80 -96.49 56.27
N SER A 278 39.13 -97.42 55.37
CA SER A 278 40.54 -97.70 55.09
C SER A 278 41.19 -96.59 54.28
N GLU A 279 40.39 -95.79 53.57
CA GLU A 279 40.95 -94.70 52.77
C GLU A 279 41.37 -93.53 53.65
N PHE A 280 40.81 -93.42 54.85
CA PHE A 280 41.15 -92.33 55.76
C PHE A 280 42.39 -92.62 56.59
N GLN A 281 43.00 -93.79 56.43
CA GLN A 281 44.18 -94.14 57.21
C GLN A 281 45.39 -93.35 56.72
N HIS A 282 46.46 -93.40 57.51
CA HIS A 282 47.68 -92.70 57.14
C HIS A 282 48.53 -93.51 56.16
N ALA A 283 48.35 -94.83 56.13
CA ALA A 283 49.12 -95.66 55.21
C ALA A 283 48.52 -95.65 53.81
N THR A 284 47.24 -95.32 53.68
CA THR A 284 46.62 -95.28 52.36
C THR A 284 46.83 -93.94 51.68
N ILE A 285 46.72 -92.83 52.43
CA ILE A 285 46.90 -91.51 51.84
C ILE A 285 48.36 -91.31 51.43
N ALA A 286 49.31 -91.70 52.28
CA ALA A 286 50.71 -91.53 51.96
C ALA A 286 51.18 -92.46 50.84
N LYS A 287 50.42 -93.51 50.55
CA LYS A 287 50.81 -94.42 49.47
C LYS A 287 50.54 -93.80 48.10
N ARG A 288 49.43 -93.06 47.96
CA ARG A 288 49.10 -92.42 46.70
C ARG A 288 49.90 -91.17 46.42
N VAL A 289 50.63 -90.65 47.41
CA VAL A 289 51.42 -89.44 47.19
C VAL A 289 52.67 -89.77 46.38
N LYS A 290 53.35 -90.86 46.73
CA LYS A 290 54.56 -91.24 46.00
C LYS A 290 54.23 -91.75 44.61
N GLU A 291 53.08 -92.42 44.45
CA GLU A 291 52.70 -92.95 43.15
C GLU A 291 52.25 -91.84 42.19
N THR A 292 51.79 -90.70 42.71
CA THR A 292 51.35 -89.60 41.86
C THR A 292 52.47 -88.59 41.71
N PRO A 293 52.98 -88.37 40.51
CA PRO A 293 54.05 -87.37 40.34
C PRO A 293 53.57 -85.97 40.65
N ASN A 294 54.48 -85.18 41.21
CA ASN A 294 54.22 -83.78 41.58
C ASN A 294 53.03 -83.69 42.55
N ALA A 295 53.25 -84.20 43.75
CA ALA A 295 52.24 -84.20 44.80
C ALA A 295 52.94 -84.25 46.15
N THR A 296 52.54 -83.36 47.06
CA THR A 296 53.10 -83.28 48.39
C THR A 296 52.07 -83.75 49.42
N TRP A 297 52.17 -83.24 50.64
CA TRP A 297 51.24 -83.62 51.70
C TRP A 297 49.90 -82.92 51.49
N PRO A 298 48.79 -83.66 51.50
CA PRO A 298 47.48 -83.02 51.31
C PRO A 298 47.15 -82.10 52.48
N VAL A 299 46.63 -80.91 52.14
CA VAL A 299 46.24 -79.93 53.14
C VAL A 299 44.74 -79.68 53.18
N HIS A 300 44.00 -80.16 52.18
CA HIS A 300 42.55 -79.98 52.13
C HIS A 300 41.89 -81.26 51.66
N ALA A 301 40.72 -81.56 52.23
CA ALA A 301 39.97 -82.76 51.89
C ALA A 301 38.52 -82.40 51.66
N VAL A 302 37.97 -82.85 50.53
CA VAL A 302 36.58 -82.60 50.17
C VAL A 302 35.82 -83.93 50.29
N ILE A 303 34.85 -83.96 51.20
CA ILE A 303 34.04 -85.15 51.45
C ILE A 303 32.59 -84.81 51.14
N THR A 304 31.97 -85.59 50.25
CA THR A 304 30.59 -85.37 49.86
C THR A 304 29.69 -86.07 50.89
N ASN A 305 29.23 -85.29 51.87
CA ASN A 305 28.37 -85.78 52.93
C ASN A 305 27.20 -84.83 53.09
N SER A 306 26.01 -85.25 52.67
CA SER A 306 25.82 -86.58 52.08
C SER A 306 25.93 -86.53 50.56
N THR A 307 25.70 -87.68 49.93
CA THR A 307 25.79 -87.78 48.47
C THR A 307 24.50 -87.27 47.84
N TYR A 308 24.32 -87.56 46.55
CA TYR A 308 23.12 -87.10 45.84
C TYR A 308 21.90 -87.91 46.24
N ASP A 309 22.08 -89.18 46.63
CA ASP A 309 20.96 -90.01 47.02
C ASP A 309 20.54 -89.77 48.46
N GLY A 310 21.47 -89.35 49.32
CA GLY A 310 21.15 -89.09 50.71
C GLY A 310 21.64 -90.18 51.65
N LEU A 311 22.96 -90.28 51.81
CA LEU A 311 23.58 -91.28 52.69
C LEU A 311 24.59 -90.56 53.58
N LEU A 312 24.25 -90.38 54.85
CA LEU A 312 25.15 -89.71 55.77
C LEU A 312 26.31 -90.63 56.15
N TYR A 313 27.45 -90.01 56.45
CA TYR A 313 28.65 -90.74 56.83
C TYR A 313 28.77 -90.78 58.35
N ASN A 314 30.00 -90.88 58.86
CA ASN A 314 30.27 -90.93 60.30
C ASN A 314 31.40 -89.94 60.58
N THR A 315 31.03 -88.73 60.98
CA THR A 315 32.03 -87.69 61.26
C THR A 315 32.77 -87.92 62.56
N ASP A 316 32.28 -88.82 63.42
CA ASP A 316 32.99 -89.10 64.67
C ASP A 316 34.29 -89.86 64.42
N PHE A 317 34.36 -90.60 63.31
CA PHE A 317 35.56 -91.34 62.97
C PHE A 317 36.45 -90.60 61.97
N ILE A 318 35.85 -89.71 61.17
CA ILE A 318 36.64 -88.96 60.19
C ILE A 318 37.46 -87.87 60.87
N LYS A 319 36.86 -87.20 61.86
CA LYS A 319 37.54 -86.12 62.58
C LYS A 319 38.61 -86.61 63.55
N LYS A 320 39.06 -87.86 63.46
CA LYS A 320 40.08 -88.37 64.37
C LYS A 320 41.13 -89.16 63.58
N THR A 321 40.69 -89.87 62.54
CA THR A 321 41.60 -90.66 61.73
C THR A 321 42.17 -89.87 60.56
N LEU A 322 41.32 -89.12 59.85
CA LEU A 322 41.76 -88.31 58.72
C LEU A 322 42.62 -87.16 59.23
N ASP A 323 43.90 -87.13 58.83
CA ASP A 323 44.84 -86.11 59.27
C ASP A 323 44.92 -85.00 58.23
N VAL A 324 43.84 -84.23 58.15
CA VAL A 324 43.73 -83.09 57.25
C VAL A 324 43.29 -81.88 58.07
N LYS A 325 44.06 -80.79 57.97
CA LYS A 325 43.76 -79.60 58.74
C LYS A 325 42.55 -78.83 58.19
N SER A 326 42.15 -79.12 56.95
CA SER A 326 41.01 -78.44 56.31
C SER A 326 40.11 -79.52 55.70
N ILE A 327 39.21 -80.06 56.52
CA ILE A 327 38.27 -81.08 56.08
C ILE A 327 36.97 -80.39 55.67
N HIS A 328 36.54 -80.63 54.44
CA HIS A 328 35.33 -80.04 53.89
C HIS A 328 34.22 -81.08 53.79
N PHE A 329 33.00 -80.68 54.15
CA PHE A 329 31.83 -81.55 54.07
C PHE A 329 30.81 -80.89 53.14
N ASP A 330 30.59 -81.51 51.98
CA ASP A 330 29.63 -80.99 51.00
C ASP A 330 28.22 -81.31 51.47
N SER A 331 27.72 -80.49 52.39
CA SER A 331 26.39 -80.66 52.96
C SER A 331 25.34 -79.87 52.18
N ALA A 332 25.31 -80.07 50.86
CA ALA A 332 24.37 -79.38 49.99
C ALA A 332 23.02 -80.07 49.91
N TRP A 333 22.77 -81.06 50.76
CA TRP A 333 21.50 -81.78 50.73
C TRP A 333 20.94 -82.09 52.12
N VAL A 334 21.61 -81.68 53.19
CA VAL A 334 21.12 -81.93 54.55
C VAL A 334 21.20 -80.65 55.38
N PRO A 335 20.39 -79.63 55.08
CA PRO A 335 20.43 -78.40 55.88
C PRO A 335 19.58 -78.50 57.14
N TYR A 336 19.68 -79.62 57.86
CA TYR A 336 18.84 -79.82 59.04
C TYR A 336 19.46 -80.76 60.07
N THR A 337 20.74 -81.10 59.96
CA THR A 337 21.38 -82.04 60.89
C THR A 337 21.80 -81.32 62.17
N ASN A 338 20.80 -80.78 62.86
CA ASN A 338 21.03 -80.05 64.11
C ASN A 338 19.73 -79.89 64.89
N PHE A 339 18.62 -79.69 64.17
CA PHE A 339 17.32 -79.46 64.80
C PHE A 339 16.61 -80.76 65.17
N SER A 340 17.31 -81.89 65.17
CA SER A 340 16.72 -83.17 65.52
C SER A 340 17.75 -83.99 66.32
N PRO A 341 17.31 -84.69 67.37
CA PRO A 341 18.26 -85.46 68.18
C PRO A 341 18.77 -86.72 67.50
N ILE A 342 18.21 -87.12 66.36
CA ILE A 342 18.63 -88.34 65.68
C ILE A 342 19.67 -87.98 64.63
N TYR A 343 20.25 -86.78 64.73
CA TYR A 343 21.30 -86.34 63.81
C TYR A 343 22.50 -85.77 64.55
N GLU A 344 22.71 -86.19 65.79
CA GLU A 344 23.85 -85.71 66.58
C GLU A 344 25.11 -86.49 66.23
N GLY A 345 26.20 -85.79 66.00
CA GLY A 345 27.45 -86.44 65.65
C GLY A 345 27.49 -87.03 64.26
N LYS A 346 26.68 -86.51 63.34
CA LYS A 346 26.63 -87.01 61.98
C LYS A 346 27.12 -86.02 60.94
N CYS A 347 27.30 -84.76 61.28
CA CYS A 347 27.77 -83.73 60.36
C CYS A 347 28.99 -83.04 60.95
N GLY A 348 29.50 -82.03 60.24
CA GLY A 348 30.65 -81.31 60.72
C GLY A 348 30.34 -80.30 61.80
N MET A 349 29.15 -79.70 61.76
CA MET A 349 28.76 -78.72 62.76
C MET A 349 28.38 -79.35 64.10
N SER A 350 28.03 -80.62 64.10
CA SER A 350 27.65 -81.29 65.34
C SER A 350 28.88 -81.63 66.16
N GLY A 351 28.88 -81.22 67.42
CA GLY A 351 30.00 -81.47 68.30
C GLY A 351 30.72 -80.21 68.73
N GLY A 352 32.05 -80.27 68.80
CA GLY A 352 32.85 -79.12 69.19
C GLY A 352 33.91 -78.76 68.17
N ARG A 353 34.88 -77.95 68.59
CA ARG A 353 35.97 -77.53 67.71
C ARG A 353 37.12 -78.52 67.80
N VAL A 354 37.53 -79.03 66.63
CA VAL A 354 38.64 -79.98 66.57
C VAL A 354 39.96 -79.22 66.70
N GLU A 355 40.83 -79.69 67.57
CA GLU A 355 42.11 -79.02 67.80
C GLU A 355 43.01 -79.19 66.59
N GLY A 356 43.38 -78.07 65.96
CA GLY A 356 44.26 -78.10 64.81
C GLY A 356 43.59 -78.34 63.48
N LYS A 357 42.26 -78.38 63.44
CA LYS A 357 41.52 -78.62 62.20
C LYS A 357 40.38 -77.63 62.09
N VAL A 358 39.85 -77.50 60.88
CA VAL A 358 38.73 -76.61 60.60
C VAL A 358 37.75 -77.34 59.68
N ILE A 359 36.47 -77.01 59.84
CA ILE A 359 35.39 -77.65 59.09
C ILE A 359 34.74 -76.60 58.21
N TYR A 360 34.68 -76.86 56.91
CA TYR A 360 34.05 -75.99 55.93
C TYR A 360 32.88 -76.72 55.30
N GLU A 361 31.71 -76.08 55.28
CA GLU A 361 30.50 -76.65 54.70
C GLU A 361 29.81 -75.61 53.84
N THR A 362 29.32 -76.06 52.69
CA THR A 362 28.58 -75.21 51.75
C THR A 362 27.14 -75.72 51.70
N GLN A 363 26.38 -75.41 52.74
CA GLN A 363 24.99 -75.84 52.82
C GLN A 363 24.14 -75.03 51.86
N SER A 364 23.36 -75.72 51.03
CA SER A 364 22.49 -75.06 50.08
C SER A 364 21.30 -74.45 50.79
N THR A 365 20.79 -73.34 50.26
CA THR A 365 19.65 -72.65 50.86
C THR A 365 18.40 -72.76 50.02
N HIS A 366 18.53 -72.63 48.69
CA HIS A 366 17.39 -72.72 47.79
C HIS A 366 17.24 -74.13 47.22
N LYS A 367 17.38 -75.13 48.09
CA LYS A 367 17.26 -76.53 47.66
C LYS A 367 16.22 -77.24 48.46
N LEU A 368 16.41 -77.30 49.77
CA LEU A 368 15.48 -77.98 50.66
C LEU A 368 15.06 -77.12 51.84
N LEU A 369 14.92 -75.81 51.59
CA LEU A 369 14.49 -74.88 52.62
C LEU A 369 13.39 -73.98 52.11
N ALA A 370 13.53 -72.67 52.29
CA ALA A 370 12.51 -71.71 51.84
C ALA A 370 13.20 -70.35 51.69
N ALA A 371 13.69 -70.09 50.48
CA ALA A 371 14.36 -68.82 50.17
C ALA A 371 14.44 -68.69 48.66
N PHE A 372 14.84 -67.51 48.20
CA PHE A 372 15.00 -67.26 46.79
C PHE A 372 16.23 -67.99 46.25
N SER A 373 16.34 -68.03 44.92
CA SER A 373 17.46 -68.71 44.29
C SER A 373 18.74 -67.91 44.50
N GLN A 374 19.86 -68.54 44.12
CA GLN A 374 21.20 -67.96 44.25
C GLN A 374 21.49 -67.57 45.70
N ALA A 375 21.43 -68.58 46.58
CA ALA A 375 21.67 -68.39 48.00
C ALA A 375 22.42 -69.59 48.55
N SER A 376 23.42 -69.33 49.39
CA SER A 376 24.22 -70.39 49.99
C SER A 376 24.86 -69.85 51.26
N MET A 377 25.45 -70.76 52.03
CA MET A 377 26.11 -70.42 53.28
C MET A 377 27.46 -71.11 53.36
N ILE A 378 28.38 -70.51 54.10
CA ILE A 378 29.72 -71.05 54.31
C ILE A 378 29.94 -71.13 55.81
N HIS A 379 29.91 -72.34 56.36
CA HIS A 379 30.11 -72.55 57.80
C HIS A 379 31.59 -72.75 58.09
N VAL A 380 32.10 -72.02 59.08
CA VAL A 380 33.49 -72.10 59.50
C VAL A 380 33.52 -72.51 60.97
N LYS A 381 34.16 -73.65 61.25
CA LYS A 381 34.28 -74.18 62.60
C LYS A 381 35.77 -74.32 62.91
N GLY A 382 36.36 -73.29 63.49
CA GLY A 382 37.76 -73.31 63.82
C GLY A 382 38.29 -71.90 64.01
N ASP A 383 39.61 -71.80 64.07
CA ASP A 383 40.33 -70.54 64.25
C ASP A 383 41.14 -70.27 62.97
N VAL A 384 40.56 -69.48 62.07
CA VAL A 384 41.21 -69.14 60.82
C VAL A 384 41.39 -67.63 60.74
N ASN A 385 42.00 -67.15 59.67
CA ASN A 385 42.22 -65.73 59.47
C ASN A 385 40.99 -65.11 58.81
N GLU A 386 40.60 -63.92 59.31
CA GLU A 386 39.43 -63.24 58.76
C GLU A 386 39.80 -62.34 57.60
N GLU A 387 40.95 -61.67 57.67
CA GLU A 387 41.36 -60.77 56.60
C GLU A 387 41.80 -61.53 55.36
N THR A 388 42.19 -62.80 55.51
CA THR A 388 42.63 -63.59 54.37
C THR A 388 41.46 -64.24 53.65
N PHE A 389 40.52 -64.82 54.41
CA PHE A 389 39.36 -65.47 53.80
C PHE A 389 38.38 -64.47 53.20
N ASN A 390 38.40 -63.22 53.66
CA ASN A 390 37.48 -62.22 53.13
C ASN A 390 37.85 -61.83 51.70
N GLU A 391 39.14 -61.88 51.35
CA GLU A 391 39.56 -61.52 50.00
C GLU A 391 39.05 -62.52 48.96
N ALA A 392 38.88 -63.79 49.35
CA ALA A 392 38.36 -64.79 48.44
C ALA A 392 36.86 -64.70 48.26
N TYR A 393 36.16 -63.98 49.14
CA TYR A 393 34.71 -63.83 49.04
C TYR A 393 34.29 -62.59 48.28
N MET A 394 35.07 -61.50 48.36
CA MET A 394 34.72 -60.29 47.64
C MET A 394 34.97 -60.41 46.15
N MET A 395 35.87 -61.32 45.74
CA MET A 395 36.13 -61.50 44.32
C MET A 395 35.01 -62.26 43.63
N HIS A 396 34.29 -63.10 44.37
CA HIS A 396 33.18 -63.86 43.82
C HIS A 396 31.82 -63.26 44.17
N THR A 397 31.79 -62.01 44.61
CA THR A 397 30.56 -61.33 44.98
C THR A 397 30.59 -59.91 44.44
N THR A 398 29.50 -59.50 43.80
CA THR A 398 29.43 -58.16 43.23
C THR A 398 29.35 -57.12 44.33
N THR A 399 29.59 -55.86 43.93
CA THR A 399 29.56 -54.75 44.89
C THR A 399 28.15 -54.33 45.24
N SER A 400 27.15 -54.73 44.45
CA SER A 400 25.74 -54.38 44.68
C SER A 400 24.95 -55.67 44.81
N PRO A 401 24.95 -56.29 45.99
CA PRO A 401 24.19 -57.54 46.17
C PRO A 401 22.70 -57.28 46.19
N HIS A 402 21.94 -58.36 45.98
CA HIS A 402 20.49 -58.30 45.98
C HIS A 402 19.98 -58.62 47.39
N TYR A 403 19.45 -57.61 48.07
CA TYR A 403 18.98 -57.79 49.43
C TYR A 403 17.73 -58.65 49.52
N GLY A 404 17.01 -58.82 48.42
CA GLY A 404 15.85 -59.71 48.43
C GLY A 404 16.21 -61.16 48.67
N ILE A 405 17.41 -61.56 48.23
CA ILE A 405 17.87 -62.92 48.49
C ILE A 405 18.50 -63.03 49.87
N VAL A 406 19.19 -61.96 50.30
CA VAL A 406 19.81 -61.97 51.63
C VAL A 406 18.74 -61.99 52.71
N ALA A 407 17.64 -61.27 52.51
CA ALA A 407 16.56 -61.27 53.49
C ALA A 407 15.91 -62.64 53.61
N SER A 408 15.90 -63.42 52.53
CA SER A 408 15.35 -64.76 52.57
C SER A 408 16.37 -65.81 53.00
N THR A 409 17.67 -65.54 52.82
CA THR A 409 18.69 -66.48 53.26
C THR A 409 18.71 -66.58 54.77
N GLU A 410 18.70 -65.44 55.46
CA GLU A 410 18.64 -65.45 56.92
C GLU A 410 17.28 -65.89 57.44
N THR A 411 16.22 -65.69 56.65
CA THR A 411 14.90 -66.11 57.08
C THR A 411 14.82 -67.63 57.25
N ALA A 412 15.52 -68.37 56.37
CA ALA A 412 15.53 -69.82 56.49
C ALA A 412 16.15 -70.27 57.80
N ALA A 413 17.10 -69.50 58.34
CA ALA A 413 17.68 -69.81 59.64
C ALA A 413 16.78 -69.40 60.79
N ALA A 414 15.85 -68.46 60.56
CA ALA A 414 14.93 -68.03 61.59
C ALA A 414 13.64 -68.84 61.60
N MET A 415 13.24 -69.40 60.46
CA MET A 415 12.05 -70.24 60.42
C MET A 415 12.23 -71.56 61.13
N MET A 416 13.47 -72.00 61.33
CA MET A 416 13.75 -73.27 62.00
C MET A 416 14.07 -73.10 63.49
N LYS A 417 14.31 -71.88 63.94
CA LYS A 417 14.64 -71.65 65.35
C LYS A 417 13.40 -71.79 66.22
N GLY A 418 13.57 -72.41 67.39
CA GLY A 418 12.48 -72.59 68.31
C GLY A 418 11.71 -73.88 68.08
N ASN A 419 10.79 -74.16 69.00
CA ASN A 419 9.97 -75.36 68.89
C ASN A 419 9.00 -75.28 67.72
N ALA A 420 8.62 -74.06 67.31
CA ALA A 420 7.73 -73.90 66.17
C ALA A 420 8.39 -74.28 64.85
N GLY A 421 9.72 -74.21 64.79
CA GLY A 421 10.45 -74.58 63.59
C GLY A 421 10.90 -76.02 63.60
N LYS A 422 11.14 -76.57 64.79
CA LYS A 422 11.58 -77.95 64.91
C LYS A 422 10.47 -78.94 64.54
N ARG A 423 9.21 -78.52 64.58
CA ARG A 423 8.11 -79.40 64.20
C ARG A 423 8.09 -79.68 62.70
N LEU A 424 8.75 -78.84 61.90
CA LEU A 424 8.81 -79.10 60.45
C LEU A 424 9.83 -80.17 60.12
N ILE A 425 10.90 -80.28 60.90
CA ILE A 425 11.88 -81.34 60.68
C ILE A 425 11.32 -82.68 61.15
N ASN A 426 10.81 -82.72 62.38
CA ASN A 426 10.21 -83.95 62.89
C ASN A 426 8.93 -84.30 62.15
N GLY A 427 8.19 -83.31 61.67
CA GLY A 427 6.98 -83.58 60.91
C GLY A 427 7.28 -84.19 59.55
N SER A 428 8.38 -83.77 58.93
CA SER A 428 8.77 -84.35 57.64
C SER A 428 9.29 -85.77 57.81
N ILE A 429 9.86 -86.10 58.97
CA ILE A 429 10.33 -87.45 59.21
C ILE A 429 9.16 -88.38 59.48
N GLU A 430 8.17 -87.91 60.24
CA GLU A 430 7.00 -88.74 60.53
C GLU A 430 6.19 -89.00 59.25
N ARG A 431 6.10 -88.00 58.36
CA ARG A 431 5.43 -88.21 57.09
C ARG A 431 6.23 -89.11 56.17
N ALA A 432 7.55 -89.13 56.32
CA ALA A 432 8.38 -90.02 55.51
C ALA A 432 8.29 -91.46 55.98
N ILE A 433 8.32 -91.68 57.30
CA ILE A 433 8.21 -93.03 57.83
C ILE A 433 6.82 -93.60 57.56
N LYS A 434 5.79 -92.74 57.64
CA LYS A 434 4.44 -93.19 57.32
C LYS A 434 4.32 -93.59 55.86
N PHE A 435 4.99 -92.86 54.97
CA PHE A 435 4.97 -93.22 53.55
C PHE A 435 5.74 -94.51 53.31
N ARG A 436 6.77 -94.79 54.10
CA ARG A 436 7.52 -96.03 53.96
C ARG A 436 6.70 -97.23 54.41
N LYS A 437 5.86 -97.06 55.43
CA LYS A 437 5.04 -98.16 55.91
C LYS A 437 3.86 -98.44 54.98
N GLU A 438 3.38 -97.42 54.26
CA GLU A 438 2.28 -97.63 53.32
C GLU A 438 2.71 -98.43 52.10
N ILE A 439 4.00 -98.46 51.79
CA ILE A 439 4.48 -99.25 50.65
C ILE A 439 4.50 -100.73 51.01
N LYS A 440 5.01 -101.07 52.20
CA LYS A 440 5.03 -102.46 52.63
C LYS A 440 3.63 -102.99 52.92
N ARG A 441 2.70 -102.10 53.29
CA ARG A 441 1.34 -102.54 53.56
C ARG A 441 0.59 -102.85 52.26
N LEU A 442 0.84 -102.06 51.21
CA LEU A 442 0.21 -102.27 49.92
C LEU A 442 0.99 -103.21 49.02
N ARG A 443 1.99 -103.92 49.56
CA ARG A 443 2.79 -104.86 48.79
C ARG A 443 2.36 -106.31 49.03
N THR A 444 2.21 -106.71 50.30
CA THR A 444 1.79 -108.08 50.60
C THR A 444 0.30 -108.26 50.36
N GLU A 445 -0.52 -107.29 50.75
CA GLU A 445 -1.96 -107.39 50.57
C GLU A 445 -2.38 -107.30 49.10
N SER A 446 -1.52 -106.73 48.24
CA SER A 446 -1.84 -106.61 46.84
C SER A 446 -1.72 -107.97 46.15
N ASP A 447 -2.27 -108.05 44.93
CA ASP A 447 -2.25 -109.26 44.12
C ASP A 447 -1.41 -108.98 42.87
N GLY A 448 -0.11 -109.16 43.01
CA GLY A 448 0.81 -108.95 41.91
C GLY A 448 2.05 -108.21 42.41
N TRP A 449 2.79 -107.65 41.46
CA TRP A 449 4.00 -106.92 41.77
C TRP A 449 3.66 -105.54 42.35
N PHE A 450 4.61 -104.99 43.12
CA PHE A 450 4.43 -103.68 43.73
C PHE A 450 5.80 -103.10 44.02
N PHE A 451 5.84 -101.78 44.16
CA PHE A 451 7.10 -101.08 44.42
C PHE A 451 7.67 -101.47 45.77
N ASP A 452 8.97 -101.27 45.91
CA ASP A 452 9.69 -101.59 47.14
C ASP A 452 10.57 -100.40 47.53
N VAL A 453 10.71 -100.19 48.83
CA VAL A 453 11.51 -99.09 49.37
C VAL A 453 12.84 -99.65 49.86
N TRP A 454 13.94 -99.02 49.45
CA TRP A 454 15.28 -99.42 49.86
C TRP A 454 15.46 -99.08 51.34
N GLN A 455 14.95 -99.97 52.18
CA GLN A 455 14.96 -99.77 53.62
C GLN A 455 15.16 -101.12 54.29
N PRO A 456 15.67 -101.14 55.53
CA PRO A 456 15.81 -102.41 56.25
C PRO A 456 14.45 -103.05 56.53
N ASP A 457 14.50 -104.30 56.99
CA ASP A 457 13.29 -105.05 57.27
C ASP A 457 12.58 -104.54 58.52
N HIS A 458 13.28 -103.83 59.39
CA HIS A 458 12.72 -103.30 60.63
C HIS A 458 12.81 -101.78 60.59
N ILE A 459 11.66 -101.12 60.42
CA ILE A 459 11.59 -99.67 60.34
C ILE A 459 10.68 -99.10 61.42
N ASP A 460 10.53 -99.81 62.54
CA ASP A 460 9.66 -99.33 63.62
C ASP A 460 10.28 -98.16 64.37
N THR A 461 11.60 -98.10 64.45
CA THR A 461 12.27 -97.02 65.15
C THR A 461 12.23 -95.74 64.34
N THR A 462 12.55 -94.63 65.00
CA THR A 462 12.57 -93.30 64.39
C THR A 462 13.98 -92.73 64.55
N GLU A 463 14.86 -93.13 63.65
CA GLU A 463 16.25 -92.69 63.66
C GLU A 463 16.86 -93.06 62.31
N CYS A 464 18.17 -92.82 62.18
CA CYS A 464 18.89 -93.17 60.96
C CYS A 464 19.27 -94.64 60.99
N TRP A 465 18.81 -95.40 60.01
CA TRP A 465 19.09 -96.83 59.96
C TRP A 465 20.54 -97.06 59.54
N PRO A 466 21.36 -97.67 60.39
CA PRO A 466 22.75 -97.92 60.00
C PRO A 466 22.87 -99.05 59.00
N LEU A 467 23.92 -98.98 58.18
CA LEU A 467 24.19 -100.01 57.18
C LEU A 467 25.14 -101.02 57.79
N ARG A 468 24.58 -102.11 58.32
CA ARG A 468 25.37 -103.15 58.95
C ARG A 468 26.00 -104.06 57.89
N SER A 469 26.72 -105.08 58.36
CA SER A 469 27.38 -106.03 57.48
C SER A 469 26.61 -107.35 57.34
N ASP A 470 25.60 -107.58 58.18
CA ASP A 470 24.81 -108.81 58.14
C ASP A 470 23.41 -108.56 57.56
N SER A 471 23.30 -107.65 56.58
CA SER A 471 22.04 -107.33 55.95
C SER A 471 22.13 -107.56 54.45
N THR A 472 20.97 -107.70 53.81
CA THR A 472 20.88 -107.93 52.38
C THR A 472 20.13 -106.84 51.64
N TRP A 473 19.59 -105.84 52.35
CA TRP A 473 18.84 -104.78 51.67
C TRP A 473 19.76 -103.77 51.01
N HIS A 474 20.93 -103.51 51.59
CA HIS A 474 21.86 -102.54 51.00
C HIS A 474 22.67 -103.16 49.87
N GLY A 475 23.04 -104.43 49.99
CA GLY A 475 23.75 -105.13 48.94
C GLY A 475 25.19 -104.72 48.75
N PHE A 476 25.71 -103.81 49.57
CA PHE A 476 27.10 -103.36 49.45
C PHE A 476 28.02 -104.46 49.97
N LYS A 477 28.87 -104.97 49.11
CA LYS A 477 29.80 -106.03 49.49
C LYS A 477 30.95 -105.44 50.30
N ASN A 478 31.19 -106.00 51.48
CA ASN A 478 32.27 -105.58 52.38
C ASN A 478 32.12 -104.09 52.73
N ILE A 479 31.23 -103.84 53.69
CA ILE A 479 30.94 -102.49 54.16
C ILE A 479 31.33 -102.39 55.63
N ASP A 480 31.78 -101.21 56.03
CA ASP A 480 32.19 -100.98 57.41
C ASP A 480 30.97 -100.71 58.30
N ASN A 481 31.00 -101.25 59.50
CA ASN A 481 29.91 -101.07 60.44
C ASN A 481 30.01 -99.72 61.14
N GLU A 482 28.86 -99.15 61.47
CA GLU A 482 28.78 -97.85 62.15
C GLU A 482 29.48 -96.77 61.33
N HIS A 483 29.28 -96.80 60.03
CA HIS A 483 29.90 -95.83 59.12
C HIS A 483 28.90 -95.22 58.14
N MET A 484 28.01 -96.02 57.56
CA MET A 484 27.03 -95.55 56.60
C MET A 484 25.66 -95.47 57.27
N TYR A 485 24.97 -94.35 57.08
CA TYR A 485 23.66 -94.10 57.66
C TYR A 485 22.63 -93.97 56.54
N LEU A 486 21.36 -93.88 56.93
CA LEU A 486 20.25 -93.78 56.00
C LEU A 486 19.41 -92.55 56.33
N ASP A 487 19.01 -91.82 55.29
CA ASP A 487 18.18 -90.64 55.47
C ASP A 487 16.71 -91.03 55.40
N PRO A 488 15.94 -90.86 56.47
CA PRO A 488 14.53 -91.28 56.43
C PRO A 488 13.69 -90.52 55.41
N ILE A 489 13.99 -89.25 55.18
CA ILE A 489 13.19 -88.45 54.25
C ILE A 489 13.62 -88.63 52.79
N LYS A 490 14.54 -89.55 52.52
CA LYS A 490 14.99 -89.83 51.15
C LYS A 490 14.51 -91.24 50.79
N VAL A 491 13.23 -91.35 50.47
CA VAL A 491 12.64 -92.63 50.11
C VAL A 491 13.09 -93.00 48.70
N THR A 492 13.75 -94.15 48.58
CA THR A 492 14.23 -94.66 47.29
C THR A 492 13.37 -95.84 46.88
N LEU A 493 12.54 -95.65 45.86
CA LEU A 493 11.66 -96.70 45.38
C LEU A 493 12.42 -97.63 44.43
N LEU A 494 12.46 -98.92 44.78
CA LEU A 494 13.13 -99.94 43.97
C LEU A 494 12.08 -100.64 43.12
N THR A 495 12.12 -100.42 41.82
CA THR A 495 11.19 -101.06 40.92
C THR A 495 11.61 -102.51 40.67
N PRO A 496 10.64 -103.43 40.54
CA PRO A 496 10.99 -104.83 40.30
C PRO A 496 11.71 -105.00 38.97
N GLY A 497 12.63 -105.97 38.93
CA GLY A 497 13.39 -106.24 37.73
C GLY A 497 14.72 -106.93 38.02
N MET A 498 15.17 -106.86 39.26
CA MET A 498 16.42 -107.47 39.67
C MET A 498 16.20 -108.29 40.94
N GLU A 499 17.12 -109.22 41.19
CA GLU A 499 17.05 -110.07 42.36
C GLU A 499 17.82 -109.44 43.52
N LYS A 500 17.93 -110.19 44.61
CA LYS A 500 18.64 -109.72 45.80
C LYS A 500 20.11 -110.12 45.81
N ASP A 501 20.56 -110.91 44.85
CA ASP A 501 21.95 -111.35 44.78
C ASP A 501 22.79 -110.54 43.80
N GLY A 502 22.17 -109.67 43.00
CA GLY A 502 22.88 -108.85 42.04
C GLY A 502 22.68 -109.25 40.60
N THR A 503 21.95 -110.32 40.32
CA THR A 503 21.71 -110.77 38.96
C THR A 503 20.45 -110.11 38.41
N MET A 504 19.97 -110.59 37.26
CA MET A 504 18.78 -110.06 36.62
C MET A 504 17.62 -111.04 36.79
N SER A 505 16.42 -110.53 36.54
CA SER A 505 15.20 -111.31 36.64
C SER A 505 14.59 -111.50 35.26
N ASP A 506 13.35 -111.97 35.23
CA ASP A 506 12.61 -112.21 33.99
C ASP A 506 11.45 -111.24 33.78
N PHE A 507 10.82 -110.78 34.85
CA PHE A 507 9.71 -109.86 34.78
C PHE A 507 10.03 -108.59 35.57
N GLY A 508 9.99 -107.45 34.90
CA GLY A 508 10.29 -106.19 35.55
C GLY A 508 10.02 -105.04 34.61
N ILE A 509 9.93 -103.86 35.20
CA ILE A 509 9.67 -102.61 34.49
C ILE A 509 10.77 -101.61 34.87
N PRO A 510 11.50 -101.06 33.91
CA PRO A 510 12.54 -100.07 34.25
C PRO A 510 11.94 -98.80 34.84
N ALA A 511 12.80 -98.06 35.55
CA ALA A 511 12.38 -96.83 36.20
C ALA A 511 12.23 -95.67 35.20
N SER A 512 12.68 -95.83 33.97
CA SER A 512 12.55 -94.77 32.98
C SER A 512 11.11 -94.56 32.53
N ILE A 513 10.35 -95.65 32.41
CA ILE A 513 8.95 -95.54 32.01
C ILE A 513 8.11 -94.93 33.13
N VAL A 514 8.39 -95.31 34.38
CA VAL A 514 7.65 -94.77 35.51
C VAL A 514 7.99 -93.30 35.72
N ALA A 515 9.20 -92.88 35.35
CA ALA A 515 9.61 -91.49 35.54
C ALA A 515 8.76 -90.55 34.69
N LYS A 516 8.52 -90.91 33.43
CA LYS A 516 7.70 -90.08 32.56
C LYS A 516 6.22 -90.18 32.87
N TYR A 517 5.78 -91.25 33.54
CA TYR A 517 4.38 -91.39 33.89
C TYR A 517 3.98 -90.45 35.03
N LEU A 518 4.90 -90.16 35.95
CA LEU A 518 4.59 -89.27 37.05
C LEU A 518 4.54 -87.80 36.62
N ASP A 519 5.17 -87.47 35.48
CA ASP A 519 5.18 -86.09 35.00
C ASP A 519 3.82 -85.68 34.45
N GLU A 520 2.98 -86.64 34.05
CA GLU A 520 1.67 -86.30 33.50
C GLU A 520 0.75 -85.70 34.56
N HIS A 521 0.91 -86.11 35.81
CA HIS A 521 0.09 -85.58 36.89
C HIS A 521 0.70 -84.35 37.56
N GLY A 522 2.00 -84.11 37.35
CA GLY A 522 2.64 -82.95 37.94
C GLY A 522 3.68 -83.31 38.98
N ILE A 523 4.30 -84.48 38.83
CA ILE A 523 5.32 -84.97 39.75
C ILE A 523 6.60 -85.16 38.95
N VAL A 524 7.66 -84.44 39.37
CA VAL A 524 8.96 -84.50 38.70
C VAL A 524 9.86 -85.44 39.51
N VAL A 525 10.40 -86.45 38.83
CA VAL A 525 11.29 -87.41 39.48
C VAL A 525 12.67 -86.78 39.63
N GLU A 526 13.23 -86.87 40.85
CA GLU A 526 14.54 -86.28 41.10
C GLU A 526 15.64 -87.08 40.41
N LYS A 527 15.70 -88.38 40.65
CA LYS A 527 16.71 -89.25 40.06
C LYS A 527 16.05 -90.53 39.56
N THR A 528 16.42 -90.94 38.35
CA THR A 528 15.90 -92.16 37.76
C THR A 528 16.91 -92.73 36.79
N GLY A 529 16.68 -93.98 36.38
CA GLY A 529 17.57 -94.64 35.46
C GLY A 529 17.36 -96.14 35.42
N PRO A 530 18.22 -96.87 36.14
CA PRO A 530 18.11 -98.35 36.16
C PRO A 530 16.83 -98.83 36.80
N TYR A 531 16.85 -99.01 38.12
CA TYR A 531 15.69 -99.50 38.87
C TYR A 531 15.60 -98.79 40.21
N ASN A 532 15.64 -97.46 40.18
CA ASN A 532 15.56 -96.67 41.40
C ASN A 532 14.81 -95.39 41.12
N LEU A 533 14.19 -94.85 42.16
CA LEU A 533 13.42 -93.60 42.08
C LEU A 533 13.66 -92.80 43.34
N LEU A 534 14.27 -91.62 43.20
CA LEU A 534 14.59 -90.77 44.33
C LEU A 534 13.61 -89.61 44.41
N PHE A 535 13.18 -89.27 45.62
CA PHE A 535 12.26 -88.17 45.85
C PHE A 535 12.78 -87.31 46.99
N LEU A 536 12.22 -86.10 47.10
CA LEU A 536 12.61 -85.14 48.12
C LEU A 536 11.41 -84.88 49.03
N PHE A 537 11.52 -85.27 50.29
CA PHE A 537 10.47 -85.08 51.29
C PHE A 537 10.99 -84.10 52.33
N SER A 538 11.08 -82.83 51.94
CA SER A 538 11.55 -81.76 52.81
C SER A 538 10.37 -81.08 53.48
N ILE A 539 10.56 -79.84 53.93
CA ILE A 539 9.48 -79.11 54.59
C ILE A 539 8.46 -78.57 53.58
N GLY A 540 8.82 -78.50 52.29
CA GLY A 540 7.87 -78.01 51.30
C GLY A 540 6.79 -79.01 50.94
N ILE A 541 7.07 -80.30 51.09
CA ILE A 541 6.10 -81.34 50.78
C ILE A 541 5.26 -81.57 52.03
N ASP A 542 4.01 -81.10 52.00
CA ASP A 542 3.10 -81.26 53.12
C ASP A 542 2.38 -82.60 53.00
N LYS A 543 1.27 -82.76 53.74
CA LYS A 543 0.52 -84.01 53.67
C LYS A 543 -0.26 -84.16 52.37
N THR A 544 -0.46 -83.06 51.64
CA THR A 544 -1.18 -83.15 50.37
C THR A 544 -0.28 -83.67 49.26
N LYS A 545 0.92 -83.11 49.13
CA LYS A 545 1.85 -83.54 48.09
C LYS A 545 2.50 -84.88 48.41
N ALA A 546 2.37 -85.36 49.66
CA ALA A 546 2.94 -86.66 50.01
C ALA A 546 1.97 -87.79 49.72
N LEU A 547 0.69 -87.60 50.04
CA LEU A 547 -0.30 -88.62 49.78
C LEU A 547 -0.67 -88.71 48.29
N SER A 548 -0.44 -87.64 47.54
CA SER A 548 -0.73 -87.68 46.11
C SER A 548 0.26 -88.52 45.33
N LEU A 549 1.44 -88.78 45.90
CA LEU A 549 2.43 -89.61 45.21
C LEU A 549 2.04 -91.07 45.23
N LEU A 550 1.45 -91.55 46.33
CA LEU A 550 1.05 -92.95 46.41
C LEU A 550 -0.12 -93.25 45.49
N ARG A 551 -1.02 -92.28 45.30
CA ARG A 551 -2.16 -92.49 44.40
C ARG A 551 -1.69 -92.63 42.96
N ALA A 552 -0.64 -91.90 42.58
CA ALA A 552 -0.11 -92.03 41.22
C ALA A 552 0.62 -93.35 41.02
N LEU A 553 1.15 -93.93 42.10
CA LEU A 553 1.84 -95.20 41.99
C LEU A 553 0.85 -96.36 41.83
N THR A 554 -0.31 -96.25 42.49
CA THR A 554 -1.32 -97.30 42.36
C THR A 554 -1.97 -97.27 40.98
N ASP A 555 -2.01 -96.10 40.33
CA ASP A 555 -2.58 -96.01 38.99
C ASP A 555 -1.70 -96.65 37.94
N PHE A 556 -0.39 -96.76 38.18
CA PHE A 556 0.50 -97.40 37.23
C PHE A 556 0.31 -98.91 37.21
N LYS A 557 0.00 -99.51 38.37
CA LYS A 557 -0.25 -100.95 38.41
C LYS A 557 -1.57 -101.29 37.74
N ARG A 558 -2.57 -100.43 37.88
CA ARG A 558 -3.87 -100.67 37.25
C ARG A 558 -3.77 -100.57 35.74
N ALA A 559 -3.04 -99.56 35.23
CA ALA A 559 -2.90 -99.39 33.79
C ALA A 559 -2.00 -100.45 33.17
N PHE A 560 -1.12 -101.07 33.94
CA PHE A 560 -0.24 -102.11 33.42
C PHE A 560 -0.86 -103.49 33.47
N ASP A 561 -1.66 -103.78 34.50
CA ASP A 561 -2.31 -105.08 34.58
C ASP A 561 -3.42 -105.24 33.55
N LEU A 562 -4.14 -104.16 33.26
CA LEU A 562 -5.21 -104.20 32.27
C LEU A 562 -4.71 -104.12 30.84
N ASN A 563 -3.40 -103.93 30.65
CA ASN A 563 -2.79 -103.85 29.32
C ASN A 563 -3.43 -102.76 28.47
N LEU A 564 -3.09 -101.50 28.74
CA LEU A 564 -3.61 -100.37 28.01
C LEU A 564 -2.64 -99.93 26.91
N ARG A 565 -3.07 -98.97 26.12
CA ARG A 565 -2.27 -98.45 25.02
C ARG A 565 -1.40 -97.28 25.49
N VAL A 566 -0.39 -96.96 24.68
CA VAL A 566 0.51 -95.87 25.00
C VAL A 566 -0.19 -94.52 24.79
N LYS A 567 -1.01 -94.42 23.74
CA LYS A 567 -1.71 -93.18 23.46
C LYS A 567 -2.72 -92.85 24.55
N ASN A 568 -3.37 -93.89 25.11
CA ASN A 568 -4.34 -93.72 26.18
C ASN A 568 -3.71 -93.80 27.57
N MET A 569 -2.46 -93.37 27.71
CA MET A 569 -1.77 -93.43 29.00
C MET A 569 -0.67 -92.39 29.08
N LEU A 570 0.17 -92.32 28.04
CA LEU A 570 1.29 -91.38 27.97
C LEU A 570 1.12 -90.50 26.74
N PRO A 571 0.38 -89.39 26.86
CA PRO A 571 0.19 -88.51 25.69
C PRO A 571 1.44 -87.74 25.31
N SER A 572 2.37 -87.52 26.24
CA SER A 572 3.59 -86.80 25.91
C SER A 572 4.53 -87.64 25.07
N LEU A 573 4.59 -88.95 25.35
CA LEU A 573 5.44 -89.84 24.56
C LEU A 573 4.85 -90.11 23.18
N TYR A 574 3.53 -90.09 23.05
CA TYR A 574 2.90 -90.34 21.76
C TYR A 574 3.15 -89.20 20.79
N ARG A 575 3.27 -87.97 21.28
CA ARG A 575 3.50 -86.83 20.40
C ARG A 575 4.92 -86.79 19.85
N GLU A 576 5.84 -87.56 20.44
CA GLU A 576 7.21 -87.57 19.94
C GLU A 576 7.32 -88.35 18.64
N ASP A 577 6.60 -89.47 18.53
CA ASP A 577 6.62 -90.28 17.31
C ASP A 577 5.30 -91.04 17.22
N PRO A 578 4.25 -90.40 16.67
CA PRO A 578 2.95 -91.09 16.56
C PRO A 578 2.97 -92.27 15.62
N GLU A 579 3.90 -92.33 14.68
CA GLU A 579 3.92 -93.45 13.74
C GLU A 579 4.48 -94.71 14.37
N PHE A 580 5.58 -94.60 15.11
CA PHE A 580 6.18 -95.78 15.73
C PHE A 580 5.38 -96.24 16.94
N TYR A 581 4.88 -95.30 17.75
CA TYR A 581 4.10 -95.62 18.94
C TYR A 581 2.61 -95.65 18.63
N GLU A 582 2.24 -96.32 17.53
CA GLU A 582 0.85 -96.42 17.12
C GLU A 582 0.21 -97.68 17.72
N ASN A 583 0.59 -98.85 17.21
CA ASN A 583 0.07 -100.13 17.68
C ASN A 583 0.92 -100.74 18.79
N MET A 584 1.34 -99.93 19.76
CA MET A 584 2.14 -100.39 20.88
C MET A 584 1.39 -100.19 22.18
N ARG A 585 1.44 -101.20 23.06
CA ARG A 585 0.77 -101.17 24.34
C ARG A 585 1.80 -100.97 25.46
N ILE A 586 1.29 -100.87 26.69
CA ILE A 586 2.18 -100.66 27.84
C ILE A 586 2.95 -101.92 28.22
N GLN A 587 2.42 -103.10 27.90
CA GLN A 587 3.12 -104.34 28.23
C GLN A 587 4.18 -104.69 27.20
N GLU A 588 3.97 -104.30 25.93
CA GLU A 588 4.96 -104.58 24.91
C GLU A 588 6.21 -103.73 25.06
N LEU A 589 6.04 -102.47 25.51
CA LEU A 589 7.19 -101.59 25.67
C LEU A 589 8.01 -101.95 26.91
N ALA A 590 7.34 -102.39 27.98
CA ALA A 590 8.07 -102.71 29.21
C ALA A 590 8.86 -104.00 29.08
N GLN A 591 8.40 -104.92 28.23
CA GLN A 591 9.10 -106.19 28.08
C GLN A 591 10.26 -106.11 27.09
N ASN A 592 10.13 -105.25 26.06
CA ASN A 592 11.20 -105.13 25.07
C ASN A 592 12.42 -104.42 25.66
N ILE A 593 12.19 -103.44 26.55
CA ILE A 593 13.31 -102.73 27.16
C ILE A 593 14.00 -103.60 28.20
N HIS A 594 13.24 -104.43 28.91
CA HIS A 594 13.82 -105.30 29.93
C HIS A 594 14.75 -106.34 29.31
N LYS A 595 14.46 -106.78 28.09
CA LYS A 595 15.34 -107.75 27.43
C LYS A 595 16.62 -107.12 26.94
N LEU A 596 16.59 -105.82 26.64
CA LEU A 596 17.80 -105.13 26.18
C LEU A 596 18.80 -104.94 27.31
N ILE A 597 18.32 -104.80 28.55
CA ILE A 597 19.22 -104.64 29.68
C ILE A 597 19.96 -105.94 29.96
N VAL A 598 19.27 -107.07 29.86
CA VAL A 598 19.91 -108.36 30.10
C VAL A 598 20.84 -108.72 28.95
N HIS A 599 20.46 -108.38 27.72
CA HIS A 599 21.30 -108.69 26.57
C HIS A 599 22.59 -107.88 26.59
N HIS A 600 22.48 -106.57 26.77
CA HIS A 600 23.67 -105.72 26.82
C HIS A 600 24.40 -105.80 28.15
N ASN A 601 23.79 -106.41 29.17
CA ASN A 601 24.41 -106.58 30.48
C ASN A 601 24.79 -105.24 31.08
N LEU A 602 23.83 -104.56 31.71
CA LEU A 602 24.05 -103.23 32.26
C LEU A 602 24.69 -103.28 33.66
N PRO A 603 24.21 -104.09 34.60
CA PRO A 603 24.81 -104.07 35.94
C PRO A 603 26.28 -104.46 35.97
N ASP A 604 26.71 -105.35 35.07
CA ASP A 604 28.12 -105.77 35.07
C ASP A 604 29.02 -104.71 34.42
N LEU A 605 28.56 -104.08 33.34
CA LEU A 605 29.36 -103.07 32.67
C LEU A 605 29.35 -101.74 33.41
N MET A 606 28.48 -101.58 34.42
CA MET A 606 28.43 -100.36 35.21
C MET A 606 29.19 -100.49 36.53
N TYR A 607 29.14 -101.68 37.14
CA TYR A 607 29.85 -101.88 38.40
C TYR A 607 31.36 -101.95 38.21
N ARG A 608 31.81 -102.38 37.03
CA ARG A 608 33.23 -102.49 36.76
C ARG A 608 33.82 -101.25 36.11
N ALA A 609 32.98 -100.38 35.54
CA ALA A 609 33.50 -99.17 34.90
C ALA A 609 33.79 -98.08 35.92
N PHE A 610 32.82 -97.76 36.77
CA PHE A 610 32.98 -96.71 37.77
C PHE A 610 33.87 -97.14 38.93
N GLU A 611 34.20 -98.42 39.04
CA GLU A 611 35.06 -98.88 40.14
C GLU A 611 36.50 -98.47 39.93
N VAL A 612 37.09 -98.88 38.80
CA VAL A 612 38.48 -98.54 38.52
C VAL A 612 38.59 -97.07 38.13
N LEU A 613 39.80 -96.53 38.25
CA LEU A 613 40.09 -95.15 37.95
C LEU A 613 41.05 -95.06 36.77
N PRO A 614 40.73 -94.28 35.73
CA PRO A 614 41.65 -94.16 34.61
C PRO A 614 42.96 -93.48 35.01
N THR A 615 43.98 -93.68 34.17
CA THR A 615 45.30 -93.13 34.44
C THR A 615 45.28 -91.62 34.23
N MET A 616 45.49 -90.87 35.31
CA MET A 616 45.51 -89.41 35.24
C MET A 616 46.91 -88.96 34.82
N VAL A 617 47.01 -88.43 33.60
CA VAL A 617 48.31 -88.00 33.09
C VAL A 617 48.74 -86.67 33.73
N MET A 618 47.93 -85.63 33.54
CA MET A 618 48.23 -84.31 34.06
C MET A 618 47.10 -83.84 34.97
N THR A 619 47.35 -82.72 35.64
CA THR A 619 46.35 -82.15 36.54
C THR A 619 45.22 -81.51 35.73
N PRO A 620 44.02 -81.43 36.30
CA PRO A 620 42.91 -80.78 35.58
C PRO A 620 43.16 -79.33 35.25
N TYR A 621 44.03 -78.64 35.99
CA TYR A 621 44.35 -77.25 35.68
C TYR A 621 45.18 -77.14 34.40
N ALA A 622 46.02 -78.13 34.12
CA ALA A 622 46.82 -78.10 32.90
C ALA A 622 45.98 -78.39 31.67
N ALA A 623 44.86 -79.09 31.84
CA ALA A 623 44.00 -79.38 30.70
C ALA A 623 43.24 -78.14 30.22
N PHE A 624 42.97 -77.21 31.14
CA PHE A 624 42.27 -75.99 30.75
C PHE A 624 43.19 -75.00 30.04
N GLN A 625 44.50 -75.09 30.29
CA GLN A 625 45.44 -74.19 29.63
C GLN A 625 45.58 -74.52 28.16
N LYS A 626 45.46 -75.79 27.78
CA LYS A 626 45.56 -76.17 26.38
C LYS A 626 44.32 -75.78 25.59
N GLU A 627 43.17 -75.66 26.26
CA GLU A 627 41.95 -75.26 25.57
C GLU A 627 41.92 -73.77 25.25
N LEU A 628 42.57 -72.95 26.08
CA LEU A 628 42.58 -71.52 25.83
C LEU A 628 43.40 -71.17 24.59
N HIS A 629 44.42 -71.96 24.26
CA HIS A 629 45.24 -71.70 23.09
C HIS A 629 44.63 -72.24 21.81
N GLY A 630 43.69 -73.17 21.90
CA GLY A 630 43.04 -73.74 20.75
C GLY A 630 43.61 -75.06 20.26
N MET A 631 44.05 -75.93 21.16
CA MET A 631 44.60 -77.22 20.77
C MET A 631 43.67 -78.36 21.15
N THR A 632 42.38 -78.20 20.84
CA THR A 632 41.37 -79.21 21.15
C THR A 632 40.77 -79.74 19.87
N GLU A 633 40.48 -81.04 19.86
CA GLU A 633 39.89 -81.70 18.69
C GLU A 633 38.87 -82.72 19.17
N GLU A 634 37.92 -83.04 18.28
CA GLU A 634 36.87 -83.99 18.58
C GLU A 634 37.09 -85.25 17.74
N VAL A 635 37.21 -86.39 18.43
CA VAL A 635 37.41 -87.68 17.77
C VAL A 635 36.19 -88.56 18.05
N TYR A 636 36.16 -89.71 17.38
CA TYR A 636 35.06 -90.64 17.55
C TYR A 636 35.18 -91.38 18.87
N LEU A 637 34.09 -92.06 19.25
CA LEU A 637 34.08 -92.82 20.50
C LEU A 637 34.92 -94.08 20.40
N ASP A 638 34.91 -94.75 19.24
CA ASP A 638 35.68 -95.96 19.04
C ASP A 638 37.16 -95.70 18.74
N GLU A 639 37.56 -94.43 18.61
CA GLU A 639 38.95 -94.06 18.32
C GLU A 639 39.41 -93.05 19.36
N MET A 640 39.63 -93.53 20.59
CA MET A 640 40.08 -92.65 21.67
C MET A 640 40.93 -93.35 22.71
N VAL A 641 41.37 -94.59 22.47
CA VAL A 641 42.20 -95.31 23.44
C VAL A 641 43.59 -94.70 23.41
N GLY A 642 44.00 -94.07 24.50
CA GLY A 642 45.30 -93.44 24.60
C GLY A 642 45.31 -91.94 24.45
N ARG A 643 44.15 -91.28 24.50
CA ARG A 643 44.06 -89.84 24.37
C ARG A 643 43.60 -89.23 25.68
N ILE A 644 43.78 -87.91 25.78
CA ILE A 644 43.41 -87.15 26.98
C ILE A 644 42.14 -86.37 26.66
N ASN A 645 41.10 -86.59 27.46
CA ASN A 645 39.84 -85.89 27.27
C ASN A 645 39.93 -84.46 27.79
N ALA A 646 38.99 -83.63 27.35
CA ALA A 646 38.93 -82.23 27.75
C ALA A 646 37.75 -81.90 28.64
N ASN A 647 36.65 -82.64 28.53
CA ASN A 647 35.46 -82.42 29.35
C ASN A 647 35.24 -83.58 30.30
N MET A 648 34.30 -83.40 31.21
CA MET A 648 33.95 -84.41 32.20
C MET A 648 32.75 -85.21 31.73
N ILE A 649 32.90 -86.53 31.65
CA ILE A 649 31.83 -87.41 31.21
C ILE A 649 30.85 -87.61 32.35
N LEU A 650 29.58 -87.26 32.12
CA LEU A 650 28.51 -87.39 33.10
C LEU A 650 27.38 -88.16 32.46
N PRO A 651 27.46 -89.50 32.44
CA PRO A 651 26.44 -90.29 31.77
C PRO A 651 25.17 -90.43 32.60
N TYR A 652 24.03 -90.36 31.91
CA TYR A 652 22.72 -90.54 32.52
C TYR A 652 22.05 -91.74 31.89
N PRO A 653 21.77 -92.83 32.63
CA PRO A 653 22.09 -93.04 34.05
C PRO A 653 23.53 -93.51 34.25
N PRO A 654 24.08 -93.38 35.47
CA PRO A 654 23.46 -92.79 36.67
C PRO A 654 23.55 -91.26 36.71
N GLY A 655 24.44 -90.72 37.53
CA GLY A 655 24.61 -89.28 37.64
C GLY A 655 25.91 -88.89 38.28
N VAL A 656 26.94 -89.72 38.12
CA VAL A 656 28.25 -89.47 38.71
C VAL A 656 29.27 -89.34 37.58
N PRO A 657 30.35 -88.58 37.78
CA PRO A 657 31.36 -88.46 36.73
C PRO A 657 32.06 -89.78 36.45
N LEU A 658 32.52 -89.95 35.22
CA LEU A 658 33.22 -91.16 34.80
C LEU A 658 34.69 -90.90 34.51
N VAL A 659 35.00 -89.96 33.62
CA VAL A 659 36.37 -89.63 33.27
C VAL A 659 36.58 -88.15 33.55
N MET A 660 37.57 -87.84 34.39
CA MET A 660 37.86 -86.45 34.73
C MET A 660 38.64 -85.77 33.61
N PRO A 661 38.43 -84.47 33.40
CA PRO A 661 39.17 -83.75 32.36
C PRO A 661 40.66 -83.75 32.60
N GLY A 662 41.38 -84.63 31.91
CA GLY A 662 42.82 -84.72 32.07
C GLY A 662 43.31 -86.14 32.26
N GLU A 663 42.43 -87.11 32.07
CA GLU A 663 42.75 -88.52 32.23
C GLU A 663 42.91 -89.18 30.87
N MET A 664 43.50 -90.37 30.88
CA MET A 664 43.75 -91.14 29.66
C MET A 664 43.22 -92.54 29.83
N ILE A 665 42.59 -93.07 28.78
CA ILE A 665 42.06 -94.43 28.78
C ILE A 665 43.09 -95.33 28.12
N THR A 666 43.77 -96.14 28.94
CA THR A 666 44.80 -97.06 28.50
C THR A 666 44.24 -98.49 28.47
N GLU A 667 45.07 -99.47 28.81
CA GLU A 667 44.62 -100.85 28.83
C GLU A 667 44.06 -101.25 30.19
N GLU A 668 44.31 -100.45 31.22
CA GLU A 668 43.79 -100.76 32.55
C GLU A 668 42.31 -100.39 32.66
N SER A 669 41.91 -99.29 32.03
CA SER A 669 40.51 -98.85 32.08
C SER A 669 39.73 -99.29 30.84
N ARG A 670 39.69 -100.62 30.62
CA ARG A 670 38.93 -101.14 29.48
C ARG A 670 37.43 -101.14 29.75
N PRO A 671 36.92 -101.59 30.90
CA PRO A 671 35.47 -101.52 31.13
C PRO A 671 34.93 -100.10 31.17
N VAL A 672 35.79 -99.10 31.36
CA VAL A 672 35.32 -97.71 31.38
C VAL A 672 34.80 -97.30 30.01
N LEU A 673 35.55 -97.64 28.95
CA LEU A 673 35.10 -97.31 27.60
C LEU A 673 33.93 -98.18 27.16
N GLU A 674 33.83 -99.40 27.71
CA GLU A 674 32.75 -100.28 27.33
C GLU A 674 31.39 -99.78 27.84
N PHE A 675 31.39 -99.01 28.93
CA PHE A 675 30.15 -98.47 29.45
C PHE A 675 29.60 -97.37 28.55
N LEU A 676 30.48 -96.62 27.87
CA LEU A 676 30.01 -95.57 26.98
C LEU A 676 29.46 -96.15 25.68
N GLN A 677 30.08 -97.22 25.17
CA GLN A 677 29.61 -97.84 23.94
C GLN A 677 28.34 -98.65 24.14
N MET A 678 28.06 -99.08 25.37
CA MET A 678 26.85 -99.87 25.61
C MET A 678 25.61 -98.98 25.61
N LEU A 679 25.73 -97.75 26.14
CA LEU A 679 24.60 -96.84 26.17
C LEU A 679 24.24 -96.31 24.80
N CYS A 680 25.20 -96.27 23.86
CA CYS A 680 24.91 -95.78 22.52
C CYS A 680 24.06 -96.74 21.71
N GLU A 681 24.02 -98.03 22.09
CA GLU A 681 23.23 -99.01 21.37
C GLU A 681 21.85 -99.21 21.98
N ILE A 682 21.76 -99.22 23.32
CA ILE A 682 20.47 -99.41 23.97
C ILE A 682 19.58 -98.19 23.84
N GLY A 683 20.16 -97.01 23.63
CA GLY A 683 19.38 -95.80 23.50
C GLY A 683 19.34 -95.26 22.09
N ALA A 684 18.84 -96.08 21.15
CA ALA A 684 18.75 -95.68 19.76
C ALA A 684 17.64 -96.44 19.04
N HIS A 685 17.18 -97.54 19.64
CA HIS A 685 16.11 -98.33 19.02
C HIS A 685 14.75 -97.71 19.24
N TYR A 686 14.44 -97.33 20.50
CA TYR A 686 13.15 -96.75 20.82
C TYR A 686 13.29 -95.27 21.10
N PRO A 687 12.51 -94.41 20.45
CA PRO A 687 12.60 -92.97 20.72
C PRO A 687 12.18 -92.64 22.15
N GLY A 688 12.60 -91.47 22.61
CA GLY A 688 12.31 -90.99 23.93
C GLY A 688 13.34 -91.38 24.98
N PHE A 689 13.92 -92.57 24.87
CA PHE A 689 14.92 -93.03 25.82
C PHE A 689 16.32 -92.96 25.20
N GLU A 690 16.68 -91.81 24.65
CA GLU A 690 17.97 -91.65 24.02
C GLU A 690 19.08 -91.57 25.08
N THR A 691 20.32 -91.74 24.62
CA THR A 691 21.47 -91.69 25.51
C THR A 691 21.78 -90.25 25.89
N ASP A 692 21.90 -90.00 27.19
CA ASP A 692 22.17 -88.66 27.72
C ASP A 692 23.51 -88.69 28.43
N ILE A 693 24.56 -88.23 27.75
CA ILE A 693 25.90 -88.14 28.31
C ILE A 693 26.41 -86.72 28.10
N HIS A 694 26.69 -86.02 29.19
CA HIS A 694 27.19 -84.65 29.12
C HIS A 694 28.65 -84.68 28.67
N GLY A 695 28.88 -84.46 27.38
CA GLY A 695 30.22 -84.47 26.84
C GLY A 695 30.30 -85.10 25.47
N ALA A 696 29.33 -85.94 25.14
CA ALA A 696 29.27 -86.62 23.85
C ALA A 696 28.26 -85.92 22.96
N TYR A 697 28.71 -85.49 21.78
CA TYR A 697 27.85 -84.79 20.83
C TYR A 697 27.18 -85.80 19.90
N ARG A 698 25.89 -85.58 19.65
CA ARG A 698 25.13 -86.46 18.77
C ARG A 698 25.36 -86.07 17.32
N GLN A 699 25.64 -87.06 16.48
CA GLN A 699 25.88 -86.84 15.07
C GLN A 699 24.64 -87.21 14.27
N ALA A 700 24.79 -87.30 12.95
CA ALA A 700 23.68 -87.66 12.07
C ALA A 700 23.63 -89.15 11.73
N ASP A 701 24.59 -89.93 12.22
CA ASP A 701 24.64 -91.36 11.95
C ASP A 701 24.35 -92.23 13.17
N GLY A 702 24.57 -91.70 14.38
CA GLY A 702 24.32 -92.43 15.62
C GLY A 702 25.53 -92.48 16.53
N ARG A 703 26.73 -92.46 15.97
CA ARG A 703 27.95 -92.52 16.76
C ARG A 703 28.21 -91.18 17.43
N TYR A 704 28.56 -91.23 18.71
CA TYR A 704 28.84 -90.01 19.47
C TYR A 704 30.33 -89.69 19.42
N THR A 705 30.64 -88.39 19.42
CA THR A 705 32.01 -87.91 19.36
C THR A 705 32.32 -87.08 20.60
N VAL A 706 33.48 -87.33 21.21
CA VAL A 706 33.93 -86.61 22.38
C VAL A 706 35.10 -85.72 22.01
N LYS A 707 35.31 -84.67 22.80
CA LYS A 707 36.38 -83.72 22.56
C LYS A 707 37.62 -84.11 23.34
N VAL A 708 38.74 -84.24 22.64
CA VAL A 708 40.01 -84.60 23.27
C VAL A 708 41.02 -83.49 23.02
N LEU A 709 42.28 -83.74 23.37
CA LEU A 709 43.36 -82.79 23.18
C LEU A 709 44.28 -83.25 22.05
N LYS A 710 44.88 -82.28 21.38
CA LYS A 710 45.78 -82.59 20.27
C LYS A 710 47.10 -83.12 20.78
N GLU A 711 47.71 -84.00 20.00
CA GLU A 711 48.99 -84.61 20.36
C GLU A 711 50.15 -83.72 19.92
N MET B 1 -56.23 -45.95 70.47
CA MET B 1 -57.11 -47.10 70.25
C MET B 1 -56.79 -47.77 68.92
N ASN B 2 -55.78 -48.65 68.93
CA ASN B 2 -55.37 -49.35 67.73
C ASN B 2 -54.57 -50.61 68.06
N VAL B 3 -55.00 -51.35 69.07
CA VAL B 3 -54.33 -52.57 69.52
C VAL B 3 -55.22 -53.76 69.14
N ILE B 4 -54.67 -54.69 68.37
CA ILE B 4 -55.38 -55.89 67.94
C ILE B 4 -54.66 -57.09 68.54
N ALA B 5 -55.41 -57.93 69.25
CA ALA B 5 -54.86 -59.10 69.92
C ALA B 5 -55.17 -60.35 69.10
N ILE B 6 -54.16 -61.21 68.94
CA ILE B 6 -54.30 -62.47 68.21
C ILE B 6 -53.85 -63.57 69.18
N LEU B 7 -54.81 -64.26 69.78
CA LEU B 7 -54.55 -65.27 70.79
C LEU B 7 -54.63 -66.67 70.21
N ASN B 8 -53.87 -67.58 70.81
CA ASN B 8 -53.90 -69.02 70.52
C ASN B 8 -53.36 -69.35 69.13
N HIS B 9 -52.24 -70.08 69.10
CA HIS B 9 -51.65 -70.57 67.86
C HIS B 9 -52.07 -72.02 67.68
N MET B 10 -52.85 -72.27 66.62
CA MET B 10 -53.37 -73.62 66.38
C MET B 10 -52.30 -74.57 65.88
N GLY B 11 -51.15 -74.06 65.45
CA GLY B 11 -50.05 -74.88 64.97
C GLY B 11 -50.16 -75.28 63.51
N VAL B 12 -51.37 -75.23 62.94
CA VAL B 12 -51.57 -75.60 61.54
C VAL B 12 -51.14 -74.44 60.65
N TYR B 13 -51.29 -74.60 59.33
CA TYR B 13 -50.89 -73.59 58.38
C TYR B 13 -52.06 -72.89 57.71
N PHE B 14 -53.21 -73.56 57.57
CA PHE B 14 -54.38 -72.94 56.97
C PHE B 14 -55.06 -71.92 57.88
N LYS B 15 -54.63 -71.83 59.14
CA LYS B 15 -55.14 -70.83 60.08
C LYS B 15 -54.15 -69.73 60.40
N GLU B 16 -52.85 -70.02 60.37
CA GLU B 16 -51.82 -69.03 60.66
C GLU B 16 -51.44 -68.19 59.45
N GLU B 17 -51.64 -68.71 58.25
CA GLU B 17 -51.34 -67.96 57.03
C GLU B 17 -52.28 -66.77 56.85
N PRO B 18 -53.59 -66.92 57.07
CA PRO B 18 -54.45 -65.71 57.06
C PRO B 18 -54.09 -64.71 58.13
N ILE B 19 -53.50 -65.16 59.25
CA ILE B 19 -53.05 -64.22 60.27
C ILE B 19 -51.84 -63.43 59.78
N ARG B 20 -50.93 -64.10 59.07
CA ARG B 20 -49.77 -63.40 58.52
C ARG B 20 -50.18 -62.41 57.44
N GLU B 21 -51.20 -62.74 56.66
CA GLU B 21 -51.69 -61.81 55.64
C GLU B 21 -52.42 -60.64 56.29
N LEU B 22 -53.14 -60.90 57.38
CA LEU B 22 -53.83 -59.83 58.09
C LEU B 22 -52.86 -58.95 58.88
N HIS B 23 -51.70 -59.49 59.24
CA HIS B 23 -50.71 -58.72 59.98
C HIS B 23 -50.16 -57.56 59.14
N ARG B 24 -49.99 -57.78 57.84
CA ARG B 24 -49.49 -56.76 56.94
C ARG B 24 -50.57 -55.81 56.44
N ALA B 25 -51.85 -56.18 56.60
CA ALA B 25 -52.94 -55.33 56.15
C ALA B 25 -53.43 -54.37 57.21
N LEU B 26 -53.40 -54.78 58.49
CA LEU B 26 -53.85 -53.90 59.56
C LEU B 26 -52.85 -52.79 59.86
N GLU B 27 -51.57 -53.02 59.56
CA GLU B 27 -50.56 -51.99 59.80
C GLU B 27 -50.65 -50.84 58.82
N ARG B 28 -51.33 -51.04 57.68
CA ARG B 28 -51.47 -49.97 56.71
C ARG B 28 -52.45 -48.89 57.16
N LEU B 29 -53.32 -49.21 58.12
CA LEU B 29 -54.30 -48.27 58.66
C LEU B 29 -53.97 -47.88 60.11
N ASN B 30 -52.70 -47.94 60.48
CA ASN B 30 -52.22 -47.59 61.82
C ASN B 30 -52.90 -48.44 62.89
N PHE B 31 -52.42 -49.66 63.08
CA PHE B 31 -52.93 -50.56 64.12
C PHE B 31 -51.78 -51.38 64.66
N GLN B 32 -51.67 -51.43 65.99
CA GLN B 32 -50.63 -52.21 66.66
C GLN B 32 -51.10 -53.65 66.83
N ILE B 33 -50.22 -54.60 66.54
CA ILE B 33 -50.52 -56.03 66.63
C ILE B 33 -49.75 -56.61 67.81
N VAL B 34 -50.46 -57.31 68.69
CA VAL B 34 -49.86 -57.97 69.84
C VAL B 34 -50.18 -59.45 69.79
N TYR B 35 -49.26 -60.26 70.30
CA TYR B 35 -49.38 -61.71 70.31
C TYR B 35 -49.38 -62.21 71.75
N PRO B 36 -50.54 -62.32 72.38
CA PRO B 36 -50.60 -62.87 73.74
C PRO B 36 -50.28 -64.36 73.77
N ASN B 37 -49.98 -64.83 74.97
CA ASN B 37 -49.57 -66.23 75.16
C ASN B 37 -50.76 -67.12 75.48
N ASP B 38 -51.03 -67.31 76.77
CA ASP B 38 -52.09 -68.20 77.23
C ASP B 38 -53.35 -67.39 77.53
N ARG B 39 -54.27 -67.98 78.30
CA ARG B 39 -55.52 -67.30 78.63
C ARG B 39 -55.28 -66.15 79.60
N ASP B 40 -54.36 -66.34 80.56
CA ASP B 40 -54.06 -65.29 81.52
C ASP B 40 -53.33 -64.12 80.87
N ASP B 41 -52.75 -64.31 79.69
CA ASP B 41 -52.06 -63.21 79.01
C ASP B 41 -53.05 -62.23 78.42
N LEU B 42 -54.15 -62.71 77.86
CA LEU B 42 -55.15 -61.82 77.28
C LEU B 42 -55.88 -61.03 78.36
N LEU B 43 -56.06 -61.61 79.55
CA LEU B 43 -56.76 -60.90 80.62
C LEU B 43 -55.97 -59.71 81.11
N LYS B 44 -54.64 -59.75 81.02
CA LYS B 44 -53.80 -58.64 81.43
C LYS B 44 -53.70 -57.54 80.39
N LEU B 45 -54.21 -57.78 79.18
CA LEU B 45 -54.17 -56.79 78.10
C LEU B 45 -55.43 -55.94 78.05
N ILE B 46 -56.38 -56.15 78.95
CA ILE B 46 -57.63 -55.39 78.98
C ILE B 46 -57.69 -54.48 80.20
N GLU B 47 -57.34 -55.00 81.38
CA GLU B 47 -57.37 -54.18 82.59
C GLU B 47 -56.25 -53.16 82.59
N ASN B 48 -55.05 -53.55 82.15
CA ASN B 48 -53.92 -52.63 82.12
C ASN B 48 -53.95 -51.76 80.87
N ASN B 49 -54.03 -52.39 79.70
CA ASN B 49 -54.06 -51.66 78.44
C ASN B 49 -55.49 -51.26 78.11
N ALA B 50 -55.72 -49.97 77.91
CA ALA B 50 -57.04 -49.46 77.60
C ALA B 50 -57.23 -49.11 76.13
N ARG B 51 -56.17 -49.16 75.32
CA ARG B 51 -56.23 -48.84 73.91
C ARG B 51 -56.49 -50.07 73.04
N LEU B 52 -57.10 -51.11 73.59
CA LEU B 52 -57.37 -52.33 72.84
C LEU B 52 -58.81 -52.32 72.32
N CYS B 53 -58.99 -52.81 71.09
CA CYS B 53 -60.31 -52.85 70.48
C CYS B 53 -60.51 -54.07 69.60
N GLY B 54 -59.59 -55.03 69.61
CA GLY B 54 -59.72 -56.21 68.78
C GLY B 54 -59.10 -57.45 69.41
N VAL B 55 -59.90 -58.51 69.53
CA VAL B 55 -59.46 -59.77 70.11
C VAL B 55 -59.74 -60.87 69.08
N ILE B 56 -58.67 -61.50 68.58
CA ILE B 56 -58.76 -62.57 67.60
C ILE B 56 -58.34 -63.86 68.29
N PHE B 57 -59.23 -64.86 68.28
CA PHE B 57 -58.94 -66.15 68.88
C PHE B 57 -59.79 -67.21 68.20
N ASP B 58 -59.39 -68.47 68.38
CA ASP B 58 -60.11 -69.58 67.80
C ASP B 58 -61.39 -69.86 68.60
N TRP B 59 -62.51 -69.97 67.89
CA TRP B 59 -63.79 -70.21 68.57
C TRP B 59 -63.88 -71.64 69.07
N ASP B 60 -63.23 -72.58 68.39
CA ASP B 60 -63.25 -73.99 68.80
C ASP B 60 -62.04 -74.35 69.65
N LYS B 61 -61.76 -73.53 70.66
CA LYS B 61 -60.63 -73.77 71.54
C LYS B 61 -60.91 -73.22 72.93
N TYR B 62 -61.45 -71.99 73.00
CA TYR B 62 -61.82 -71.35 74.26
C TYR B 62 -63.13 -70.59 74.04
N ASN B 63 -64.23 -71.33 73.97
CA ASN B 63 -65.55 -70.75 73.78
C ASN B 63 -66.26 -70.42 75.08
N LEU B 64 -65.73 -70.85 76.22
CA LEU B 64 -66.33 -70.57 77.52
C LEU B 64 -65.38 -69.92 78.51
N GLU B 65 -64.07 -69.94 78.25
CA GLU B 65 -63.10 -69.34 79.15
C GLU B 65 -62.77 -67.90 78.79
N LEU B 66 -63.19 -67.43 77.61
CA LEU B 66 -62.94 -66.06 77.19
C LEU B 66 -64.20 -65.23 77.02
N CYS B 67 -65.33 -65.85 76.71
CA CYS B 67 -66.58 -65.12 76.53
C CYS B 67 -67.25 -64.77 77.85
N GLU B 68 -66.66 -65.14 78.98
CA GLU B 68 -67.21 -64.85 80.30
C GLU B 68 -66.40 -63.84 81.09
N GLU B 69 -65.06 -63.95 81.07
CA GLU B 69 -64.23 -63.01 81.81
C GLU B 69 -64.17 -61.65 81.14
N ILE B 70 -64.20 -61.61 79.81
CA ILE B 70 -64.16 -60.34 79.10
C ILE B 70 -65.48 -59.59 79.26
N SER B 71 -66.60 -60.33 79.27
CA SER B 71 -67.90 -59.69 79.43
C SER B 71 -68.07 -59.05 80.79
N LYS B 72 -67.37 -59.57 81.81
CA LYS B 72 -67.47 -58.98 83.14
C LYS B 72 -66.75 -57.64 83.22
N MET B 73 -65.75 -57.43 82.36
CA MET B 73 -65.02 -56.17 82.35
C MET B 73 -65.65 -55.20 81.34
N ASN B 74 -65.32 -55.38 80.07
CA ASN B 74 -65.85 -54.55 78.99
C ASN B 74 -66.97 -55.33 78.30
N GLU B 75 -68.21 -54.88 78.48
CA GLU B 75 -69.36 -55.54 77.89
C GLU B 75 -69.64 -55.11 76.46
N ASN B 76 -68.78 -54.28 75.87
CA ASN B 76 -68.97 -53.81 74.51
C ASN B 76 -67.71 -53.96 73.65
N LEU B 77 -66.73 -54.72 74.12
CA LEU B 77 -65.49 -54.90 73.36
C LEU B 77 -65.76 -55.76 72.13
N PRO B 78 -65.47 -55.27 70.93
CA PRO B 78 -65.70 -56.10 69.72
C PRO B 78 -64.77 -57.30 69.71
N LEU B 79 -65.36 -58.48 69.58
CA LEU B 79 -64.62 -59.74 69.53
C LEU B 79 -64.53 -60.22 68.09
N TYR B 80 -63.32 -60.52 67.63
CA TYR B 80 -63.10 -61.00 66.28
C TYR B 80 -62.77 -62.49 66.27
N ALA B 81 -63.63 -63.29 66.90
CA ALA B 81 -63.40 -64.73 66.97
C ALA B 81 -63.62 -65.37 65.60
N PHE B 82 -62.81 -66.36 65.29
CA PHE B 82 -62.88 -67.08 64.02
C PHE B 82 -63.53 -68.44 64.25
N ALA B 83 -64.68 -68.66 63.62
CA ALA B 83 -65.40 -69.92 63.76
C ALA B 83 -64.94 -70.93 62.71
N ASN B 84 -65.38 -72.17 62.87
CA ASN B 84 -65.05 -73.26 61.97
C ASN B 84 -66.34 -73.86 61.42
N THR B 85 -66.22 -75.06 60.84
CA THR B 85 -67.38 -75.74 60.28
C THR B 85 -68.31 -76.23 61.38
N TYR B 86 -67.78 -77.00 62.33
CA TYR B 86 -68.58 -77.54 63.42
C TYR B 86 -68.44 -76.63 64.64
N SER B 87 -69.05 -75.45 64.53
CA SER B 87 -69.04 -74.45 65.58
C SER B 87 -70.46 -74.08 65.97
N THR B 88 -70.69 -73.87 67.26
CA THR B 88 -72.00 -73.52 67.76
C THR B 88 -71.84 -72.73 69.06
N LEU B 89 -72.94 -72.18 69.54
CA LEU B 89 -72.95 -71.40 70.77
C LEU B 89 -73.14 -72.32 71.97
N ASP B 90 -73.35 -71.71 73.14
CA ASP B 90 -73.55 -72.44 74.38
C ASP B 90 -74.75 -71.88 75.12
N VAL B 91 -75.37 -72.73 75.94
CA VAL B 91 -76.55 -72.31 76.69
C VAL B 91 -76.17 -71.29 77.76
N SER B 92 -74.92 -71.32 78.23
CA SER B 92 -74.44 -70.39 79.24
C SER B 92 -73.91 -69.09 78.63
N LEU B 93 -74.14 -68.86 77.35
CA LEU B 93 -73.67 -67.66 76.67
C LEU B 93 -74.84 -66.83 76.13
N ASN B 94 -75.94 -66.77 76.88
CA ASN B 94 -77.14 -66.05 76.47
C ASN B 94 -77.32 -64.74 77.24
N ASP B 95 -76.91 -64.70 78.51
CA ASP B 95 -77.07 -63.51 79.34
C ASP B 95 -75.74 -62.77 79.49
N LEU B 96 -75.04 -62.58 78.38
CA LEU B 96 -73.75 -61.88 78.38
C LEU B 96 -73.72 -60.89 77.23
N ARG B 97 -73.26 -59.67 77.52
CA ARG B 97 -73.18 -58.62 76.52
C ARG B 97 -71.84 -58.71 75.80
N LEU B 98 -71.87 -59.14 74.53
CA LEU B 98 -70.67 -59.28 73.74
C LEU B 98 -70.94 -58.80 72.32
N GLN B 99 -69.87 -58.70 71.53
CA GLN B 99 -69.94 -58.30 70.12
C GLN B 99 -68.97 -59.18 69.35
N ILE B 100 -69.43 -60.34 68.92
CA ILE B 100 -68.60 -61.32 68.23
C ILE B 100 -68.77 -61.14 66.73
N SER B 101 -67.64 -61.00 66.02
CA SER B 101 -67.62 -60.85 64.58
C SER B 101 -66.97 -62.10 63.99
N PHE B 102 -67.78 -62.91 63.30
CA PHE B 102 -67.28 -64.16 62.73
C PHE B 102 -66.62 -63.91 61.38
N PHE B 103 -65.62 -64.73 61.08
CA PHE B 103 -64.90 -64.65 59.81
C PHE B 103 -64.54 -66.07 59.38
N GLU B 104 -63.68 -66.17 58.36
CA GLU B 104 -63.24 -67.46 57.84
C GLU B 104 -61.73 -67.42 57.64
N TYR B 105 -61.19 -68.49 57.07
CA TYR B 105 -59.77 -68.61 56.77
C TYR B 105 -59.62 -68.75 55.26
N ALA B 106 -59.82 -67.64 54.55
CA ALA B 106 -59.72 -67.60 53.10
C ALA B 106 -58.55 -66.73 52.69
N LEU B 107 -57.79 -67.20 51.70
CA LEU B 107 -56.65 -66.46 51.20
C LEU B 107 -57.09 -65.42 50.18
N GLY B 108 -56.37 -64.30 50.15
CA GLY B 108 -56.67 -63.21 49.25
C GLY B 108 -57.73 -62.24 49.74
N ALA B 109 -58.61 -62.66 50.65
CA ALA B 109 -59.65 -61.80 51.18
C ALA B 109 -59.22 -61.05 52.44
N ALA B 110 -57.91 -60.95 52.69
CA ALA B 110 -57.42 -60.24 53.86
C ALA B 110 -57.66 -58.74 53.77
N GLU B 111 -57.79 -58.19 52.55
CA GLU B 111 -58.03 -56.76 52.41
C GLU B 111 -59.46 -56.41 52.82
N ASP B 112 -60.42 -57.27 52.48
CA ASP B 112 -61.81 -57.02 52.86
C ASP B 112 -62.02 -57.15 54.36
N ILE B 113 -61.21 -57.98 55.02
CA ILE B 113 -61.32 -58.13 56.47
C ILE B 113 -60.84 -56.87 57.18
N ALA B 114 -59.79 -56.23 56.63
CA ALA B 114 -59.27 -55.01 57.25
C ALA B 114 -60.27 -53.87 57.17
N ASN B 115 -61.08 -53.83 56.10
CA ASN B 115 -62.10 -52.79 55.99
C ASN B 115 -63.24 -53.02 56.97
N LYS B 116 -63.53 -54.29 57.29
CA LYS B 116 -64.60 -54.58 58.25
C LYS B 116 -64.16 -54.29 59.68
N ILE B 117 -62.88 -54.44 59.99
CA ILE B 117 -62.40 -54.13 61.33
C ILE B 117 -62.40 -52.63 61.58
N LYS B 118 -62.00 -51.86 60.57
CA LYS B 118 -61.99 -50.40 60.71
C LYS B 118 -63.42 -49.86 60.84
N GLN B 119 -64.36 -50.44 60.12
CA GLN B 119 -65.76 -50.01 60.23
C GLN B 119 -66.36 -50.41 61.56
N THR B 120 -65.99 -51.59 62.07
CA THR B 120 -66.47 -52.02 63.38
C THR B 120 -65.86 -51.19 64.49
N THR B 121 -64.58 -50.82 64.35
CA THR B 121 -63.94 -49.98 65.35
C THR B 121 -64.60 -48.60 65.41
N ASP B 122 -64.99 -48.06 64.26
CA ASP B 122 -65.68 -46.77 64.25
C ASP B 122 -67.04 -46.85 64.92
N GLU B 123 -67.69 -48.02 64.88
CA GLU B 123 -68.97 -48.17 65.56
C GLU B 123 -68.78 -48.21 67.07
N TYR B 124 -67.66 -48.75 67.54
CA TYR B 124 -67.40 -48.76 68.98
C TYR B 124 -67.09 -47.36 69.51
N ILE B 125 -66.45 -46.52 68.70
CA ILE B 125 -66.14 -45.16 69.13
C ILE B 125 -67.42 -44.33 69.21
N ASN B 126 -68.31 -44.49 68.23
CA ASN B 126 -69.56 -43.73 68.21
C ASN B 126 -70.55 -44.18 69.27
N THR B 127 -70.34 -45.33 69.89
CA THR B 127 -71.23 -45.86 70.93
C THR B 127 -70.81 -45.44 72.32
N ILE B 128 -69.53 -45.58 72.66
CA ILE B 128 -69.05 -45.24 73.99
C ILE B 128 -68.95 -43.74 74.24
N LEU B 129 -69.12 -42.93 73.20
CA LEU B 129 -69.03 -41.49 73.39
C LEU B 129 -70.42 -40.86 73.38
N PRO B 130 -70.64 -39.84 74.20
CA PRO B 130 -71.94 -39.16 74.22
C PRO B 130 -72.16 -38.35 72.96
N PRO B 131 -73.40 -38.01 72.63
CA PRO B 131 -73.64 -37.25 71.40
C PRO B 131 -73.08 -35.84 71.44
N LEU B 132 -72.89 -35.26 72.64
CA LEU B 132 -72.31 -33.93 72.72
C LEU B 132 -70.82 -33.95 72.37
N THR B 133 -70.10 -34.98 72.85
CA THR B 133 -68.69 -35.11 72.50
C THR B 133 -68.50 -35.52 71.05
N LYS B 134 -69.44 -36.31 70.51
CA LYS B 134 -69.34 -36.72 69.11
C LYS B 134 -69.43 -35.53 68.17
N ALA B 135 -70.28 -34.55 68.50
CA ALA B 135 -70.41 -33.36 67.68
C ALA B 135 -69.19 -32.46 67.77
N LEU B 136 -68.43 -32.54 68.86
CA LEU B 136 -67.23 -31.72 68.99
C LEU B 136 -66.07 -32.32 68.20
N PHE B 137 -65.92 -33.64 68.22
CA PHE B 137 -64.85 -34.28 67.45
C PHE B 137 -65.11 -34.23 65.96
N LYS B 138 -66.37 -34.34 65.54
CA LYS B 138 -66.69 -34.28 64.12
C LYS B 138 -66.55 -32.87 63.57
N TYR B 139 -66.77 -31.85 64.41
CA TYR B 139 -66.64 -30.48 63.95
C TYR B 139 -65.19 -30.11 63.65
N VAL B 140 -64.24 -30.77 64.32
CA VAL B 140 -62.82 -30.50 64.06
C VAL B 140 -62.40 -31.08 62.72
N ARG B 141 -62.75 -32.34 62.45
CA ARG B 141 -62.39 -32.96 61.19
C ARG B 141 -63.23 -32.44 60.04
N GLU B 142 -64.52 -32.22 60.27
CA GLU B 142 -65.44 -31.72 59.25
C GLU B 142 -66.10 -30.45 59.80
N GLY B 143 -65.61 -29.29 59.35
CA GLY B 143 -66.14 -28.03 59.81
C GLY B 143 -65.32 -26.84 59.34
N LYS B 144 -65.87 -26.04 58.43
CA LYS B 144 -65.18 -24.87 57.92
C LYS B 144 -66.02 -23.62 58.08
N TYR B 145 -66.66 -23.47 59.25
CA TYR B 145 -67.51 -22.32 59.53
C TYR B 145 -66.63 -21.17 60.04
N THR B 146 -66.50 -20.13 59.23
CA THR B 146 -65.70 -18.97 59.57
C THR B 146 -66.57 -17.86 60.15
N PHE B 147 -65.93 -16.77 60.56
CA PHE B 147 -66.60 -15.61 61.15
C PHE B 147 -67.40 -16.01 62.37
N CYS B 148 -66.76 -16.74 63.28
CA CYS B 148 -67.40 -17.22 64.50
C CYS B 148 -66.47 -17.05 65.68
N THR B 149 -67.07 -16.88 66.86
CA THR B 149 -66.35 -16.77 68.12
C THR B 149 -65.94 -18.15 68.62
N PRO B 150 -64.82 -18.27 69.36
CA PRO B 150 -63.88 -17.21 69.77
C PRO B 150 -63.05 -16.63 68.63
N GLY B 151 -62.25 -15.61 68.94
CA GLY B 151 -61.48 -14.92 67.92
C GLY B 151 -60.31 -15.70 67.37
N HIS B 152 -59.78 -16.66 68.15
CA HIS B 152 -58.63 -17.43 67.67
C HIS B 152 -59.00 -18.32 66.50
N MET B 153 -60.23 -18.86 66.52
CA MET B 153 -60.75 -19.69 65.43
C MET B 153 -59.84 -20.90 65.16
N GLY B 154 -59.69 -21.73 66.19
CA GLY B 154 -58.84 -22.90 66.08
C GLY B 154 -57.37 -22.62 66.03
N GLY B 155 -56.94 -21.42 66.43
CA GLY B 155 -55.54 -21.07 66.40
C GLY B 155 -55.07 -20.34 65.16
N THR B 156 -55.95 -19.54 64.55
CA THR B 156 -55.55 -18.81 63.34
C THR B 156 -54.69 -17.60 63.68
N ALA B 157 -55.07 -16.85 64.72
CA ALA B 157 -54.31 -15.67 65.10
C ALA B 157 -52.95 -16.01 65.70
N PHE B 158 -52.77 -17.24 66.20
CA PHE B 158 -51.50 -17.63 66.78
C PHE B 158 -50.44 -17.86 65.71
N GLN B 159 -50.84 -18.08 64.45
CA GLN B 159 -49.88 -18.29 63.37
C GLN B 159 -49.31 -17.00 62.82
N LYS B 160 -49.76 -15.84 63.31
CA LYS B 160 -49.26 -14.56 62.85
C LYS B 160 -48.30 -13.90 63.80
N SER B 161 -48.47 -14.10 65.11
CA SER B 161 -47.57 -13.51 66.09
C SER B 161 -46.45 -14.48 66.46
N PRO B 162 -45.22 -14.00 66.59
CA PRO B 162 -44.12 -14.90 66.95
C PRO B 162 -44.29 -15.52 68.33
N VAL B 163 -44.82 -14.77 69.29
CA VAL B 163 -45.02 -15.31 70.63
C VAL B 163 -46.23 -16.26 70.66
N GLY B 164 -47.18 -16.07 69.75
CA GLY B 164 -48.35 -16.92 69.72
C GLY B 164 -48.09 -18.32 69.18
N SER B 165 -46.99 -18.51 68.45
CA SER B 165 -46.68 -19.83 67.91
C SER B 165 -46.21 -20.78 69.00
N LEU B 166 -45.67 -20.25 70.11
CA LEU B 166 -45.20 -21.11 71.19
C LEU B 166 -46.36 -21.61 72.04
N PHE B 167 -47.46 -20.87 72.07
CA PHE B 167 -48.62 -21.28 72.85
C PHE B 167 -49.53 -22.21 72.06
N TYR B 168 -49.45 -22.16 70.73
CA TYR B 168 -50.27 -23.05 69.91
C TYR B 168 -49.63 -24.41 69.71
N ASP B 169 -48.29 -24.45 69.68
CA ASP B 169 -47.57 -25.71 69.50
C ASP B 169 -47.43 -26.51 70.79
N PHE B 170 -47.84 -25.96 71.92
CA PHE B 170 -47.73 -26.67 73.19
C PHE B 170 -48.86 -27.67 73.37
N PHE B 171 -50.10 -27.22 73.22
CA PHE B 171 -51.25 -28.11 73.38
C PHE B 171 -51.41 -29.02 72.18
N GLY B 172 -51.74 -28.46 71.02
CA GLY B 172 -51.92 -29.23 69.82
C GLY B 172 -52.93 -28.60 68.87
N PRO B 173 -52.89 -29.01 67.60
CA PRO B 173 -53.86 -28.46 66.64
C PRO B 173 -55.30 -28.79 66.98
N ASN B 174 -55.56 -30.00 67.47
CA ASN B 174 -56.92 -30.41 67.81
C ASN B 174 -57.43 -29.79 69.11
N THR B 175 -56.56 -29.14 69.88
CA THR B 175 -56.99 -28.53 71.14
C THR B 175 -57.72 -27.22 70.89
N MET B 176 -57.13 -26.34 70.07
CA MET B 176 -57.75 -25.04 69.83
C MET B 176 -58.95 -25.15 68.90
N LYS B 177 -59.00 -26.17 68.04
CA LYS B 177 -60.13 -26.35 67.15
C LYS B 177 -61.38 -26.81 67.88
N SER B 178 -61.23 -27.40 69.06
CA SER B 178 -62.36 -27.86 69.86
C SER B 178 -62.86 -26.81 70.84
N ASP B 179 -62.35 -25.59 70.77
CA ASP B 179 -62.77 -24.50 71.66
C ASP B 179 -63.65 -23.56 70.84
N ILE B 180 -64.95 -23.84 70.83
CA ILE B 180 -65.92 -23.05 70.09
C ILE B 180 -67.03 -22.62 71.04
N SER B 181 -67.67 -21.50 70.70
CA SER B 181 -68.75 -20.92 71.48
C SER B 181 -70.09 -21.51 71.01
N ILE B 182 -71.15 -20.72 71.09
CA ILE B 182 -72.48 -21.17 70.69
C ILE B 182 -72.78 -20.68 69.28
N SER B 183 -71.74 -20.35 68.52
CA SER B 183 -71.87 -19.87 67.16
C SER B 183 -71.99 -20.99 66.14
N VAL B 184 -72.41 -22.18 66.57
CA VAL B 184 -72.55 -23.34 65.70
C VAL B 184 -74.00 -23.83 65.81
N SER B 185 -74.62 -24.09 64.65
CA SER B 185 -76.03 -24.47 64.63
C SER B 185 -76.24 -25.93 65.02
N GLU B 186 -75.40 -26.83 64.51
CA GLU B 186 -75.57 -28.26 64.75
C GLU B 186 -75.05 -28.71 66.12
N LEU B 187 -74.73 -27.77 67.02
CA LEU B 187 -74.35 -28.11 68.38
C LEU B 187 -75.21 -27.44 69.44
N GLY B 188 -76.05 -26.48 69.07
CA GLY B 188 -76.92 -25.83 70.02
C GLY B 188 -76.18 -24.91 70.97
N SER B 189 -76.89 -24.52 72.02
CA SER B 189 -76.36 -23.62 73.05
C SER B 189 -76.64 -24.21 74.43
N LEU B 190 -75.79 -23.85 75.39
CA LEU B 190 -75.96 -24.36 76.75
C LEU B 190 -77.12 -23.65 77.44
N LEU B 191 -77.32 -22.35 77.16
CA LEU B 191 -78.40 -21.61 77.79
C LEU B 191 -79.76 -21.99 77.21
N ASP B 192 -79.80 -22.37 75.93
CA ASP B 192 -81.06 -22.75 75.30
C ASP B 192 -81.53 -24.13 75.72
N HIS B 193 -80.62 -25.00 76.15
CA HIS B 193 -80.95 -26.36 76.59
C HIS B 193 -81.67 -27.13 75.48
N SER B 194 -81.11 -27.09 74.27
CA SER B 194 -81.69 -27.76 73.12
C SER B 194 -80.58 -28.40 72.31
N GLY B 195 -80.97 -29.39 71.50
CA GLY B 195 -80.03 -30.09 70.66
C GLY B 195 -79.16 -31.06 71.45
N PRO B 196 -77.86 -31.06 71.17
CA PRO B 196 -76.96 -31.95 71.92
C PRO B 196 -76.89 -31.63 73.40
N HIS B 197 -77.11 -30.37 73.79
CA HIS B 197 -77.08 -30.03 75.20
C HIS B 197 -78.31 -30.54 75.94
N LYS B 198 -79.42 -30.74 75.23
CA LYS B 198 -80.63 -31.26 75.86
C LYS B 198 -80.47 -32.74 76.20
N GLU B 199 -79.86 -33.51 75.30
CA GLU B 199 -79.64 -34.93 75.56
C GLU B 199 -78.52 -35.17 76.57
N ALA B 200 -77.65 -34.18 76.78
CA ALA B 200 -76.59 -34.34 77.76
C ALA B 200 -77.12 -34.30 79.19
N GLU B 201 -78.17 -33.52 79.44
CA GLU B 201 -78.75 -33.45 80.77
C GLU B 201 -79.48 -34.74 81.14
N GLN B 202 -80.11 -35.39 80.15
CA GLN B 202 -80.80 -36.65 80.41
C GLN B 202 -79.85 -37.84 80.46
N TYR B 203 -78.67 -37.73 79.86
CA TYR B 203 -77.70 -38.83 79.88
C TYR B 203 -76.92 -38.86 81.19
N ILE B 204 -76.68 -37.71 81.80
CA ILE B 204 -75.93 -37.67 83.05
C ILE B 204 -76.84 -37.98 84.24
N ALA B 205 -78.07 -37.43 84.22
CA ALA B 205 -78.99 -37.67 85.32
C ALA B 205 -79.46 -39.12 85.37
N ARG B 206 -79.44 -39.82 84.23
CA ARG B 206 -79.87 -41.22 84.22
C ARG B 206 -78.79 -42.13 84.79
N VAL B 207 -77.52 -41.84 84.48
CA VAL B 207 -76.43 -42.68 85.00
C VAL B 207 -76.20 -42.41 86.48
N PHE B 208 -76.18 -41.13 86.87
CA PHE B 208 -75.96 -40.74 88.25
C PHE B 208 -77.23 -40.81 89.09
N ASN B 209 -78.33 -41.34 88.53
CA ASN B 209 -79.62 -41.47 89.21
C ASN B 209 -80.11 -40.10 89.72
N ALA B 210 -80.62 -39.33 88.76
CA ALA B 210 -81.15 -37.99 89.04
C ALA B 210 -82.23 -37.67 88.04
N ASP B 211 -82.89 -36.52 88.25
CA ASP B 211 -83.96 -36.07 87.38
C ASP B 211 -83.57 -34.89 86.51
N ARG B 212 -82.68 -34.02 86.99
CA ARG B 212 -82.26 -32.85 86.22
CA ARG B 212 -82.26 -32.85 86.22
C ARG B 212 -80.83 -32.50 86.65
N SER B 213 -79.86 -32.89 85.83
CA SER B 213 -78.46 -32.64 86.11
C SER B 213 -77.91 -31.63 85.11
N TYR B 214 -77.25 -30.60 85.61
CA TYR B 214 -76.66 -29.55 84.78
C TYR B 214 -75.13 -29.70 84.77
N MET B 215 -74.47 -28.76 84.13
CA MET B 215 -73.01 -28.75 84.00
C MET B 215 -72.50 -27.35 84.32
N VAL B 216 -72.01 -27.17 85.54
CA VAL B 216 -71.46 -25.88 85.95
C VAL B 216 -70.01 -25.79 85.49
N THR B 217 -69.67 -24.67 84.86
CA THR B 217 -68.34 -24.44 84.31
C THR B 217 -67.58 -23.39 85.11
N ASN B 218 -67.59 -23.53 86.44
CA ASN B 218 -66.86 -22.61 87.31
C ASN B 218 -66.53 -23.31 88.64
N GLY B 219 -66.52 -24.63 88.62
CA GLY B 219 -66.20 -25.39 89.81
C GLY B 219 -67.39 -25.54 90.76
N THR B 220 -67.14 -26.25 91.85
CA THR B 220 -68.18 -26.48 92.85
C THR B 220 -68.48 -25.23 93.65
N SER B 221 -67.48 -24.37 93.85
CA SER B 221 -67.67 -23.16 94.65
C SER B 221 -68.77 -22.27 94.08
N THR B 222 -68.94 -22.27 92.75
CA THR B 222 -70.00 -21.49 92.13
C THR B 222 -71.34 -22.22 92.12
N ALA B 223 -71.32 -23.55 92.01
CA ALA B 223 -72.57 -24.31 91.96
C ALA B 223 -73.32 -24.24 93.30
N ASN B 224 -72.61 -24.02 94.40
CA ASN B 224 -73.29 -23.91 95.69
C ASN B 224 -74.10 -22.63 95.80
N LYS B 225 -73.69 -21.57 95.10
CA LYS B 225 -74.43 -20.32 95.12
C LYS B 225 -75.63 -20.33 94.18
N ILE B 226 -75.67 -21.25 93.22
CA ILE B 226 -76.82 -21.34 92.33
C ILE B 226 -78.02 -21.91 93.08
N VAL B 227 -77.81 -22.93 93.91
CA VAL B 227 -78.91 -23.49 94.69
C VAL B 227 -79.33 -22.52 95.79
N GLY B 228 -78.38 -21.78 96.36
CA GLY B 228 -78.70 -20.82 97.40
C GLY B 228 -79.58 -19.68 96.95
N MET B 229 -79.63 -19.42 95.64
CA MET B 229 -80.48 -18.37 95.08
C MET B 229 -81.76 -18.91 94.47
N TYR B 230 -82.40 -19.88 95.12
CA TYR B 230 -83.64 -20.47 94.62
C TYR B 230 -84.62 -20.72 95.74
N SER B 231 -84.12 -21.13 96.90
CA SER B 231 -84.95 -21.44 98.06
C SER B 231 -84.49 -20.63 99.27
N ALA B 232 -84.28 -19.32 99.07
CA ALA B 232 -83.83 -18.44 100.15
C ALA B 232 -84.45 -17.06 99.93
N PRO B 233 -85.69 -16.87 100.38
CA PRO B 233 -86.33 -15.55 100.23
C PRO B 233 -85.63 -14.49 101.07
N ALA B 234 -85.97 -13.24 100.78
CA ALA B 234 -85.37 -12.11 101.51
C ALA B 234 -85.91 -12.08 102.93
N GLY B 235 -84.99 -12.10 103.89
CA GLY B 235 -85.38 -12.09 105.29
C GLY B 235 -85.93 -13.40 105.81
N SER B 236 -85.61 -14.52 105.15
CA SER B 236 -86.12 -15.81 105.57
C SER B 236 -85.17 -16.47 106.57
N THR B 237 -85.01 -17.79 106.48
CA THR B 237 -84.15 -18.52 107.40
C THR B 237 -83.60 -19.74 106.69
N ILE B 238 -82.28 -19.93 106.76
CA ILE B 238 -81.61 -21.08 106.18
C ILE B 238 -80.85 -21.81 107.27
N LEU B 239 -80.57 -23.08 107.00
CA LEU B 239 -79.85 -23.95 107.93
C LEU B 239 -78.53 -24.35 107.29
N ILE B 240 -77.49 -23.55 107.53
CA ILE B 240 -76.16 -23.80 106.99
C ILE B 240 -75.32 -24.51 108.05
N ASP B 241 -74.43 -25.38 107.59
CA ASP B 241 -73.57 -26.12 108.50
C ASP B 241 -72.41 -25.24 108.96
N ARG B 242 -71.90 -25.55 110.15
CA ARG B 242 -70.78 -24.79 110.70
C ARG B 242 -69.50 -25.02 109.90
N ASN B 243 -69.24 -26.28 109.55
CA ASN B 243 -68.06 -26.63 108.74
C ASN B 243 -68.38 -26.39 107.27
N CYS B 244 -68.43 -25.11 106.91
CA CYS B 244 -68.76 -24.68 105.56
C CYS B 244 -67.50 -24.30 104.79
N HIS B 245 -67.65 -24.21 103.47
CA HIS B 245 -66.56 -23.84 102.59
C HIS B 245 -66.48 -22.32 102.45
N LYS B 246 -65.36 -21.85 101.89
CA LYS B 246 -65.18 -20.42 101.68
C LYS B 246 -66.27 -19.84 100.80
N SER B 247 -66.75 -20.60 99.81
CA SER B 247 -67.82 -20.11 98.96
C SER B 247 -69.16 -20.13 99.68
N LEU B 248 -69.35 -21.04 100.63
CA LEU B 248 -70.61 -21.09 101.37
C LEU B 248 -70.77 -19.89 102.30
N THR B 249 -69.65 -19.33 102.79
CA THR B 249 -69.74 -18.14 103.63
C THR B 249 -70.16 -16.92 102.82
N HIS B 250 -69.63 -16.79 101.60
CA HIS B 250 -70.01 -15.67 100.74
C HIS B 250 -71.46 -15.74 100.30
N LEU B 251 -72.06 -16.92 100.29
CA LEU B 251 -73.48 -17.03 99.95
C LEU B 251 -74.35 -16.33 100.98
N MET B 252 -73.96 -16.38 102.26
CA MET B 252 -74.68 -15.67 103.30
C MET B 252 -74.45 -14.17 103.23
N MET B 253 -73.35 -13.73 102.60
CA MET B 253 -73.04 -12.32 102.47
C MET B 253 -73.60 -11.71 101.19
N MET B 254 -74.33 -12.48 100.39
CA MET B 254 -74.93 -11.99 99.16
C MET B 254 -76.45 -11.99 99.18
N SER B 255 -77.07 -12.63 100.17
CA SER B 255 -78.53 -12.67 100.29
C SER B 255 -78.93 -12.31 101.71
N ASP B 256 -79.96 -11.47 101.82
CA ASP B 256 -80.45 -11.01 103.12
C ASP B 256 -81.28 -12.13 103.74
N VAL B 257 -80.59 -13.07 104.40
CA VAL B 257 -81.23 -14.19 105.06
C VAL B 257 -80.71 -14.26 106.49
N THR B 258 -81.38 -15.07 107.31
CA THR B 258 -81.02 -15.28 108.70
C THR B 258 -80.58 -16.74 108.89
N PRO B 259 -79.29 -17.03 108.79
CA PRO B 259 -78.84 -18.41 108.93
C PRO B 259 -78.78 -18.85 110.39
N ILE B 260 -78.81 -20.17 110.58
CA ILE B 260 -78.70 -20.79 111.89
C ILE B 260 -77.54 -21.79 111.84
N TYR B 261 -76.52 -21.53 112.64
CA TYR B 261 -75.32 -22.37 112.65
C TYR B 261 -75.50 -23.55 113.60
N PHE B 262 -75.06 -24.72 113.16
CA PHE B 262 -75.16 -25.93 113.94
C PHE B 262 -73.92 -26.10 114.82
N ARG B 263 -73.86 -27.21 115.55
CA ARG B 263 -72.75 -27.53 116.45
C ARG B 263 -72.29 -28.96 116.17
N PRO B 264 -71.47 -29.16 115.15
CA PRO B 264 -70.98 -30.51 114.86
C PRO B 264 -70.05 -31.01 115.95
N THR B 265 -69.81 -32.32 115.93
CA THR B 265 -68.94 -32.97 116.89
C THR B 265 -67.49 -32.94 116.40
N ARG B 266 -66.57 -33.11 117.35
CA ARG B 266 -65.14 -33.12 117.04
C ARG B 266 -64.41 -33.84 118.15
N ASN B 267 -63.16 -34.22 117.86
CA ASN B 267 -62.29 -34.92 118.78
C ASN B 267 -61.15 -33.99 119.20
N ALA B 268 -59.98 -34.56 119.48
CA ALA B 268 -58.82 -33.78 119.89
C ALA B 268 -57.75 -33.67 118.81
N TYR B 269 -57.72 -34.60 117.86
CA TYR B 269 -56.72 -34.56 116.80
C TYR B 269 -57.04 -33.51 115.73
N GLY B 270 -58.29 -33.03 115.68
CA GLY B 270 -58.69 -32.05 114.70
C GLY B 270 -59.69 -32.54 113.67
N ILE B 271 -60.00 -33.83 113.65
CA ILE B 271 -60.94 -34.38 112.69
C ILE B 271 -62.36 -34.10 113.19
N LEU B 272 -63.09 -33.26 112.45
CA LEU B 272 -64.46 -32.93 112.82
C LEU B 272 -65.38 -34.11 112.55
N GLY B 273 -66.24 -34.43 113.51
CA GLY B 273 -67.19 -35.51 113.36
C GLY B 273 -68.36 -35.15 112.46
N GLY B 274 -69.52 -34.92 113.05
CA GLY B 274 -70.70 -34.57 112.29
C GLY B 274 -71.76 -33.96 113.17
N ILE B 275 -72.87 -33.59 112.56
CA ILE B 275 -73.99 -32.99 113.28
C ILE B 275 -74.78 -34.10 113.97
N PRO B 276 -75.02 -34.01 115.27
CA PRO B 276 -75.79 -35.05 115.96
C PRO B 276 -77.23 -35.10 115.47
N GLN B 277 -77.89 -36.21 115.80
CA GLN B 277 -79.28 -36.40 115.40
C GLN B 277 -80.24 -35.52 116.20
N SER B 278 -79.79 -34.96 117.33
CA SER B 278 -80.67 -34.11 118.13
C SER B 278 -80.90 -32.76 117.48
N GLU B 279 -79.98 -32.32 116.62
CA GLU B 279 -80.14 -31.02 115.96
C GLU B 279 -81.18 -31.07 114.84
N PHE B 280 -81.47 -32.26 114.30
CA PHE B 280 -82.46 -32.40 113.24
C PHE B 280 -83.89 -32.53 113.76
N GLN B 281 -84.09 -32.52 115.07
CA GLN B 281 -85.41 -32.66 115.64
C GLN B 281 -86.20 -31.36 115.45
N HIS B 282 -87.52 -31.45 115.69
CA HIS B 282 -88.39 -30.29 115.54
C HIS B 282 -88.32 -29.36 116.74
N ALA B 283 -88.01 -29.90 117.93
CA ALA B 283 -87.94 -29.06 119.12
C ALA B 283 -86.64 -28.26 119.17
N THR B 284 -85.58 -28.77 118.53
CA THR B 284 -84.30 -28.06 118.55
C THR B 284 -84.28 -26.92 117.53
N ILE B 285 -84.84 -27.14 116.34
CA ILE B 285 -84.86 -26.11 115.31
C ILE B 285 -85.77 -24.96 115.72
N ALA B 286 -86.96 -25.28 116.24
CA ALA B 286 -87.91 -24.24 116.64
C ALA B 286 -87.44 -23.48 117.87
N LYS B 287 -86.49 -24.01 118.63
CA LYS B 287 -85.99 -23.31 119.81
C LYS B 287 -85.08 -22.17 119.43
N ARG B 288 -84.25 -22.35 118.40
CA ARG B 288 -83.33 -21.32 117.97
C ARG B 288 -83.99 -20.23 117.13
N VAL B 289 -85.23 -20.43 116.69
CA VAL B 289 -85.91 -19.41 115.90
C VAL B 289 -86.35 -18.25 116.80
N LYS B 290 -86.92 -18.57 117.97
CA LYS B 290 -87.36 -17.52 118.87
C LYS B 290 -86.18 -16.79 119.50
N GLU B 291 -85.08 -17.51 119.75
CA GLU B 291 -83.90 -16.88 120.34
C GLU B 291 -83.18 -15.97 119.38
N THR B 292 -83.30 -16.20 118.07
CA THR B 292 -82.64 -15.37 117.07
C THR B 292 -83.59 -14.29 116.59
N PRO B 293 -83.26 -13.01 116.75
CA PRO B 293 -84.16 -11.95 116.26
C PRO B 293 -84.26 -11.96 114.75
N ASN B 294 -85.45 -11.66 114.25
CA ASN B 294 -85.76 -11.62 112.82
C ASN B 294 -85.42 -12.96 112.16
N ALA B 295 -86.25 -13.95 112.47
CA ALA B 295 -86.09 -15.29 111.94
C ALA B 295 -87.45 -15.97 111.87
N THR B 296 -87.76 -16.54 110.70
CA THR B 296 -89.00 -17.25 110.45
C THR B 296 -88.74 -18.75 110.42
N TRP B 297 -89.57 -19.49 109.68
CA TRP B 297 -89.39 -20.93 109.57
C TRP B 297 -88.30 -21.25 108.56
N PRO B 298 -87.35 -22.12 108.89
CA PRO B 298 -86.28 -22.46 107.93
C PRO B 298 -86.86 -23.16 106.70
N VAL B 299 -86.50 -22.64 105.53
CA VAL B 299 -86.97 -23.20 104.26
C VAL B 299 -85.88 -23.90 103.47
N HIS B 300 -84.62 -23.82 103.91
CA HIS B 300 -83.51 -24.44 103.22
C HIS B 300 -82.49 -24.93 104.24
N ALA B 301 -81.89 -26.09 103.96
CA ALA B 301 -80.89 -26.69 104.84
C ALA B 301 -79.66 -27.04 104.03
N VAL B 302 -78.49 -26.67 104.54
CA VAL B 302 -77.21 -26.94 103.89
C VAL B 302 -76.44 -27.93 104.75
N ILE B 303 -76.19 -29.12 104.20
CA ILE B 303 -75.46 -30.17 104.88
C ILE B 303 -74.24 -30.53 104.05
N THR B 304 -73.06 -30.45 104.67
CA THR B 304 -71.80 -30.76 103.99
C THR B 304 -71.53 -32.25 104.15
N ASN B 305 -71.98 -33.03 103.16
CA ASN B 305 -71.83 -34.47 103.15
C ASN B 305 -71.06 -34.87 101.90
N SER B 306 -69.81 -35.29 102.08
CA SER B 306 -69.19 -35.39 103.40
C SER B 306 -68.38 -34.13 103.71
N THR B 307 -67.66 -34.16 104.84
CA THR B 307 -66.87 -33.02 105.27
C THR B 307 -65.56 -32.98 104.49
N TYR B 308 -64.60 -32.18 104.97
CA TYR B 308 -63.32 -32.06 104.28
C TYR B 308 -62.47 -33.31 104.46
N ASP B 309 -62.60 -34.00 105.59
CA ASP B 309 -61.81 -35.21 105.83
C ASP B 309 -62.38 -36.40 105.07
N GLY B 310 -63.61 -36.78 105.37
CA GLY B 310 -64.23 -37.90 104.69
C GLY B 310 -65.10 -38.74 105.60
N LEU B 311 -66.17 -38.17 106.13
CA LEU B 311 -67.09 -38.85 107.03
C LEU B 311 -68.51 -38.66 106.51
N LEU B 312 -69.09 -39.72 105.97
CA LEU B 312 -70.43 -39.65 105.42
C LEU B 312 -71.47 -39.63 106.53
N TYR B 313 -72.68 -39.21 106.17
CA TYR B 313 -73.81 -39.13 107.09
C TYR B 313 -74.82 -40.22 106.76
N ASN B 314 -75.97 -40.17 107.45
CA ASN B 314 -77.06 -41.12 107.25
C ASN B 314 -78.24 -40.36 106.66
N THR B 315 -78.36 -40.41 105.33
CA THR B 315 -79.44 -39.71 104.66
C THR B 315 -80.78 -40.39 104.87
N ASP B 316 -80.80 -41.66 105.28
CA ASP B 316 -82.06 -42.34 105.54
C ASP B 316 -82.78 -41.80 106.77
N PHE B 317 -82.05 -41.15 107.68
CA PHE B 317 -82.63 -40.54 108.87
C PHE B 317 -82.83 -39.04 108.75
N ILE B 318 -82.03 -38.38 107.91
CA ILE B 318 -82.17 -36.93 107.74
C ILE B 318 -83.38 -36.60 106.89
N LYS B 319 -83.62 -37.37 105.83
CA LYS B 319 -84.75 -37.11 104.93
C LYS B 319 -86.09 -37.38 105.59
N LYS B 320 -86.12 -37.98 106.77
CA LYS B 320 -87.36 -38.27 107.49
C LYS B 320 -87.57 -37.39 108.70
N THR B 321 -86.51 -37.07 109.45
CA THR B 321 -86.62 -36.27 110.65
C THR B 321 -86.53 -34.77 110.35
N LEU B 322 -85.55 -34.36 109.56
CA LEU B 322 -85.37 -32.96 109.21
C LEU B 322 -86.53 -32.49 108.34
N ASP B 323 -87.34 -31.57 108.86
CA ASP B 323 -88.52 -31.08 108.15
C ASP B 323 -88.16 -29.81 107.38
N VAL B 324 -87.39 -30.01 106.31
CA VAL B 324 -86.97 -28.93 105.42
C VAL B 324 -87.33 -29.34 103.99
N LYS B 325 -88.06 -28.48 103.29
CA LYS B 325 -88.49 -28.79 101.94
C LYS B 325 -87.35 -28.73 100.93
N SER B 326 -86.23 -28.08 101.28
CA SER B 326 -85.08 -27.94 100.38
C SER B 326 -83.82 -28.31 101.17
N ILE B 327 -83.48 -29.60 101.17
CA ILE B 327 -82.29 -30.09 101.86
C ILE B 327 -81.17 -30.24 100.84
N HIS B 328 -80.03 -29.62 101.13
CA HIS B 328 -78.87 -29.63 100.24
C HIS B 328 -77.79 -30.53 100.82
N PHE B 329 -77.11 -31.27 99.94
CA PHE B 329 -76.01 -32.15 100.30
C PHE B 329 -74.80 -31.75 99.46
N ASP B 330 -73.87 -31.01 100.06
CA ASP B 330 -72.65 -30.57 99.37
C ASP B 330 -71.74 -31.77 99.18
N SER B 331 -71.98 -32.50 98.08
CA SER B 331 -71.20 -33.69 97.77
C SER B 331 -69.95 -33.34 96.99
N ALA B 332 -69.10 -32.49 97.56
CA ALA B 332 -67.86 -32.06 96.92
C ALA B 332 -66.70 -33.01 97.17
N TRP B 333 -66.96 -34.19 97.71
CA TRP B 333 -65.90 -35.15 97.97
C TRP B 333 -66.29 -36.60 97.72
N VAL B 334 -67.54 -36.88 97.36
CA VAL B 334 -67.98 -38.24 97.09
C VAL B 334 -68.78 -38.30 95.78
N PRO B 335 -68.12 -38.14 94.61
CA PRO B 335 -68.82 -38.22 93.32
C PRO B 335 -68.94 -39.66 92.81
N TYR B 336 -69.14 -40.61 93.72
CA TYR B 336 -69.20 -42.01 93.32
C TYR B 336 -70.13 -42.85 94.17
N THR B 337 -70.90 -42.27 95.10
CA THR B 337 -71.79 -43.03 95.97
C THR B 337 -73.04 -43.48 95.21
N ASN B 338 -72.83 -44.38 94.24
CA ASN B 338 -73.92 -44.90 93.43
C ASN B 338 -73.47 -46.16 92.70
N PHE B 339 -72.25 -46.16 92.18
CA PHE B 339 -71.73 -47.26 91.39
C PHE B 339 -71.23 -48.43 92.23
N SER B 340 -71.35 -48.34 93.56
CA SER B 340 -70.90 -49.41 94.43
C SER B 340 -72.02 -49.80 95.40
N PRO B 341 -72.19 -51.10 95.67
CA PRO B 341 -73.27 -51.53 96.56
C PRO B 341 -73.03 -51.20 98.03
N ILE B 342 -71.82 -50.77 98.40
CA ILE B 342 -71.53 -50.43 99.79
C ILE B 342 -71.73 -48.95 100.01
N TYR B 343 -72.47 -48.30 99.11
CA TYR B 343 -72.79 -46.88 99.23
C TYR B 343 -74.26 -46.60 98.98
N GLU B 344 -75.13 -47.58 99.23
CA GLU B 344 -76.56 -47.39 99.02
C GLU B 344 -77.20 -46.72 100.23
N GLY B 345 -78.00 -45.69 99.97
CA GLY B 345 -78.65 -44.97 101.04
C GLY B 345 -77.75 -44.08 101.85
N LYS B 346 -76.65 -43.61 101.27
CA LYS B 346 -75.71 -42.75 101.97
C LYS B 346 -75.66 -41.33 101.43
N CYS B 347 -76.25 -41.07 100.26
CA CYS B 347 -76.27 -39.75 99.65
C CYS B 347 -77.72 -39.35 99.38
N GLY B 348 -77.88 -38.23 98.67
CA GLY B 348 -79.22 -37.75 98.35
C GLY B 348 -79.82 -38.41 97.12
N MET B 349 -78.97 -38.80 96.17
CA MET B 349 -79.46 -39.43 94.95
C MET B 349 -79.87 -40.88 95.16
N SER B 350 -79.32 -41.54 96.17
CA SER B 350 -79.64 -42.94 96.44
C SER B 350 -81.04 -43.04 97.05
N GLY B 351 -81.90 -43.84 96.42
CA GLY B 351 -83.26 -44.01 96.90
C GLY B 351 -84.29 -43.49 95.94
N GLY B 352 -85.37 -42.91 96.47
CA GLY B 352 -86.43 -42.38 95.64
C GLY B 352 -86.72 -40.91 95.90
N ARG B 353 -87.79 -40.40 95.30
CA ARG B 353 -88.16 -39.00 95.48
C ARG B 353 -88.95 -38.84 96.78
N VAL B 354 -88.48 -37.92 97.63
CA VAL B 354 -89.13 -37.67 98.90
C VAL B 354 -90.37 -36.81 98.65
N GLU B 355 -91.50 -37.24 99.22
CA GLU B 355 -92.77 -36.53 99.02
C GLU B 355 -92.72 -35.18 99.73
N GLY B 356 -92.81 -34.09 98.96
CA GLY B 356 -92.82 -32.76 99.51
C GLY B 356 -91.46 -32.14 99.77
N LYS B 357 -90.37 -32.80 99.34
CA LYS B 357 -89.04 -32.29 99.55
C LYS B 357 -88.25 -32.41 98.25
N VAL B 358 -87.09 -31.75 98.21
CA VAL B 358 -86.20 -31.77 97.06
C VAL B 358 -84.77 -31.83 97.56
N ILE B 359 -83.90 -32.50 96.80
CA ILE B 359 -82.50 -32.69 97.17
C ILE B 359 -81.63 -32.06 96.11
N TYR B 360 -80.70 -31.22 96.53
CA TYR B 360 -79.73 -30.58 95.65
C TYR B 360 -78.32 -31.03 96.04
N GLU B 361 -77.51 -31.35 95.04
CA GLU B 361 -76.13 -31.77 95.26
C GLU B 361 -75.23 -31.07 94.26
N THR B 362 -74.02 -30.74 94.70
CA THR B 362 -73.00 -30.09 93.87
C THR B 362 -71.77 -31.00 93.85
N GLN B 363 -71.83 -32.02 93.00
CA GLN B 363 -70.73 -32.98 92.90
C GLN B 363 -69.54 -32.35 92.18
N SER B 364 -68.36 -32.52 92.77
CA SER B 364 -67.12 -32.00 92.21
C SER B 364 -66.61 -32.96 91.15
N THR B 365 -66.26 -32.43 89.97
CA THR B 365 -65.77 -33.26 88.88
C THR B 365 -64.24 -33.21 88.78
N HIS B 366 -63.64 -32.06 88.99
CA HIS B 366 -62.19 -31.92 88.88
C HIS B 366 -61.52 -32.10 90.24
N LYS B 367 -62.06 -33.00 91.06
CA LYS B 367 -61.50 -33.25 92.40
C LYS B 367 -61.04 -34.66 92.52
N LEU B 368 -61.95 -35.61 92.30
CA LEU B 368 -61.63 -37.02 92.46
C LEU B 368 -62.07 -37.85 91.26
N LEU B 369 -62.02 -37.24 90.06
CA LEU B 369 -62.40 -37.94 88.84
C LEU B 369 -61.33 -37.77 87.77
N ALA B 370 -61.74 -37.40 86.56
CA ALA B 370 -60.80 -37.23 85.45
C ALA B 370 -61.43 -36.29 84.43
N ALA B 371 -61.20 -34.99 84.61
CA ALA B 371 -61.72 -33.98 83.71
C ALA B 371 -60.96 -32.68 83.94
N PHE B 372 -61.26 -31.69 83.10
CA PHE B 372 -60.63 -30.39 83.23
C PHE B 372 -61.14 -29.67 84.48
N SER B 373 -60.40 -28.63 84.88
CA SER B 373 -60.76 -27.87 86.05
C SER B 373 -62.02 -27.03 85.81
N GLN B 374 -62.60 -26.56 86.92
CA GLN B 374 -63.83 -25.76 86.90
C GLN B 374 -64.97 -26.50 86.20
N ALA B 375 -65.40 -27.57 86.86
CA ALA B 375 -66.49 -28.41 86.35
C ALA B 375 -67.28 -28.94 87.53
N SER B 376 -68.60 -28.71 87.52
CA SER B 376 -69.48 -29.16 88.59
C SER B 376 -70.83 -29.53 87.99
N MET B 377 -71.69 -30.08 88.84
CA MET B 377 -73.02 -30.50 88.45
C MET B 377 -74.04 -30.06 89.49
N ILE B 378 -75.30 -30.00 89.08
CA ILE B 378 -76.42 -29.66 89.96
C ILE B 378 -77.46 -30.76 89.80
N HIS B 379 -77.52 -31.67 90.76
CA HIS B 379 -78.45 -32.79 90.72
C HIS B 379 -79.75 -32.38 91.40
N VAL B 380 -80.85 -32.46 90.67
CA VAL B 380 -82.18 -32.09 91.18
C VAL B 380 -82.99 -33.37 91.32
N LYS B 381 -83.51 -33.62 92.52
CA LYS B 381 -84.33 -34.79 92.82
C LYS B 381 -85.63 -34.30 93.47
N GLY B 382 -86.65 -34.10 92.64
CA GLY B 382 -87.92 -33.65 93.14
C GLY B 382 -88.71 -32.95 92.03
N ASP B 383 -89.80 -32.32 92.45
CA ASP B 383 -90.69 -31.60 91.54
C ASP B 383 -90.41 -30.11 91.68
N VAL B 384 -89.66 -29.55 90.73
CA VAL B 384 -89.32 -28.13 90.74
C VAL B 384 -89.85 -27.49 89.46
N ASN B 385 -89.90 -26.16 89.48
CA ASN B 385 -90.39 -25.40 88.33
C ASN B 385 -89.29 -25.29 87.30
N GLU B 386 -89.61 -25.64 86.04
CA GLU B 386 -88.61 -25.56 84.98
C GLU B 386 -88.42 -24.13 84.50
N GLU B 387 -89.48 -23.33 84.51
CA GLU B 387 -89.38 -21.94 84.06
C GLU B 387 -88.81 -21.03 85.13
N THR B 388 -88.53 -21.53 86.33
CA THR B 388 -87.96 -20.74 87.41
C THR B 388 -86.54 -21.15 87.76
N PHE B 389 -86.28 -22.45 87.89
CA PHE B 389 -84.94 -22.92 88.23
C PHE B 389 -83.96 -22.71 87.09
N ASN B 390 -84.44 -22.63 85.85
CA ASN B 390 -83.54 -22.40 84.72
C ASN B 390 -82.95 -21.00 84.74
N GLU B 391 -83.72 -20.02 85.23
CA GLU B 391 -83.21 -18.65 85.30
C GLU B 391 -82.08 -18.52 86.30
N ALA B 392 -82.08 -19.34 87.36
CA ALA B 392 -81.02 -19.28 88.35
C ALA B 392 -79.73 -19.88 87.81
N TYR B 393 -79.81 -20.77 86.83
CA TYR B 393 -78.60 -21.36 86.26
C TYR B 393 -77.86 -20.37 85.37
N MET B 394 -78.58 -19.48 84.69
CA MET B 394 -77.96 -18.49 83.83
C MET B 394 -77.38 -17.31 84.60
N MET B 395 -77.61 -17.24 85.92
CA MET B 395 -77.07 -16.17 86.74
C MET B 395 -75.60 -16.37 87.09
N HIS B 396 -75.01 -17.50 86.72
CA HIS B 396 -73.59 -17.75 87.00
C HIS B 396 -72.87 -18.42 85.84
N THR B 397 -73.51 -18.57 84.69
CA THR B 397 -72.91 -19.19 83.52
C THR B 397 -72.95 -18.20 82.36
N THR B 398 -71.80 -17.98 81.73
CA THR B 398 -71.71 -17.05 80.63
C THR B 398 -72.42 -17.59 79.39
N THR B 399 -72.68 -16.71 78.43
CA THR B 399 -73.36 -17.08 77.20
C THR B 399 -72.47 -17.84 76.24
N SER B 400 -71.15 -17.82 76.44
CA SER B 400 -70.20 -18.53 75.59
C SER B 400 -69.45 -19.54 76.45
N PRO B 401 -70.03 -20.71 76.68
CA PRO B 401 -69.37 -21.71 77.52
C PRO B 401 -68.20 -22.37 76.80
N HIS B 402 -67.17 -22.70 77.57
CA HIS B 402 -65.99 -23.36 77.04
C HIS B 402 -66.30 -24.84 76.85
N TYR B 403 -66.49 -25.26 75.59
CA TYR B 403 -66.86 -26.64 75.31
C TYR B 403 -65.73 -27.63 75.61
N GLY B 404 -64.49 -27.14 75.76
CA GLY B 404 -63.41 -28.03 76.15
C GLY B 404 -63.58 -28.59 77.54
N ILE B 405 -64.24 -27.83 78.42
CA ILE B 405 -64.53 -28.31 79.77
C ILE B 405 -65.91 -28.98 79.83
N VAL B 406 -66.87 -28.48 79.05
CA VAL B 406 -68.21 -29.07 79.03
C VAL B 406 -68.15 -30.50 78.53
N ALA B 407 -67.34 -30.76 77.50
CA ALA B 407 -67.21 -32.11 76.98
C ALA B 407 -66.56 -33.04 78.00
N SER B 408 -65.64 -32.52 78.82
CA SER B 408 -65.02 -33.33 79.86
C SER B 408 -65.93 -33.57 81.05
N THR B 409 -66.90 -32.68 81.29
CA THR B 409 -67.84 -32.88 82.38
C THR B 409 -68.74 -34.08 82.11
N GLU B 410 -69.27 -34.18 80.89
CA GLU B 410 -70.08 -35.34 80.52
C GLU B 410 -69.21 -36.57 80.30
N THR B 411 -67.92 -36.37 79.97
CA THR B 411 -67.03 -37.51 79.79
C THR B 411 -66.84 -38.29 81.09
N ALA B 412 -66.74 -37.57 82.21
CA ALA B 412 -66.59 -38.23 83.51
C ALA B 412 -67.81 -39.09 83.83
N ALA B 413 -68.99 -38.69 83.36
CA ALA B 413 -70.17 -39.51 83.57
C ALA B 413 -70.22 -40.70 82.62
N ALA B 414 -69.56 -40.59 81.46
CA ALA B 414 -69.52 -41.69 80.52
C ALA B 414 -68.42 -42.69 80.84
N MET B 415 -67.34 -42.23 81.49
CA MET B 415 -66.26 -43.14 81.87
C MET B 415 -66.67 -44.06 83.02
N MET B 416 -67.74 -43.73 83.75
CA MET B 416 -68.19 -44.53 84.87
C MET B 416 -69.33 -45.47 84.51
N LYS B 417 -69.93 -45.32 83.33
CA LYS B 417 -71.06 -46.15 82.93
C LYS B 417 -70.57 -47.49 82.40
N GLY B 418 -71.27 -48.55 82.78
CA GLY B 418 -70.96 -49.89 82.34
C GLY B 418 -70.16 -50.66 83.37
N ASN B 419 -69.88 -51.93 83.02
CA ASN B 419 -69.10 -52.78 83.91
C ASN B 419 -67.64 -52.35 83.97
N ALA B 420 -67.11 -51.81 82.87
CA ALA B 420 -65.73 -51.33 82.86
C ALA B 420 -65.57 -50.06 83.67
N GLY B 421 -66.61 -49.23 83.78
CA GLY B 421 -66.53 -48.01 84.56
C GLY B 421 -66.63 -48.26 86.04
N LYS B 422 -67.37 -49.29 86.44
CA LYS B 422 -67.51 -49.61 87.85
C LYS B 422 -66.25 -50.23 88.43
N ARG B 423 -65.34 -50.72 87.59
CA ARG B 423 -64.10 -51.30 88.08
C ARG B 423 -63.16 -50.25 88.65
N LEU B 424 -63.33 -48.98 88.29
CA LEU B 424 -62.47 -47.93 88.83
C LEU B 424 -62.90 -47.52 90.24
N ILE B 425 -64.19 -47.62 90.55
CA ILE B 425 -64.66 -47.31 91.91
C ILE B 425 -64.23 -48.42 92.86
N ASN B 426 -64.53 -49.67 92.52
CA ASN B 426 -64.13 -50.79 93.38
C ASN B 426 -62.62 -50.99 93.36
N GLY B 427 -61.95 -50.62 92.27
CA GLY B 427 -60.51 -50.76 92.21
C GLY B 427 -59.79 -49.79 93.13
N SER B 428 -60.32 -48.56 93.27
CA SER B 428 -59.73 -47.60 94.18
C SER B 428 -59.98 -47.98 95.64
N ILE B 429 -61.07 -48.68 95.92
CA ILE B 429 -61.36 -49.12 97.28
C ILE B 429 -60.44 -50.27 97.67
N GLU B 430 -60.22 -51.22 96.74
CA GLU B 430 -59.34 -52.34 97.03
C GLU B 430 -57.90 -51.88 97.22
N ARG B 431 -57.47 -50.87 96.46
CA ARG B 431 -56.13 -50.34 96.64
C ARG B 431 -56.01 -49.52 97.91
N ALA B 432 -57.12 -48.94 98.39
CA ALA B 432 -57.09 -48.19 99.64
C ALA B 432 -57.06 -49.11 100.84
N ILE B 433 -57.86 -50.19 100.81
CA ILE B 433 -57.86 -51.14 101.91
C ILE B 433 -56.53 -51.89 101.97
N LYS B 434 -55.94 -52.18 100.82
CA LYS B 434 -54.63 -52.83 100.80
C LYS B 434 -53.56 -51.94 101.43
N PHE B 435 -53.64 -50.63 101.18
CA PHE B 435 -52.69 -49.71 101.79
C PHE B 435 -52.93 -49.60 103.30
N ARG B 436 -54.17 -49.79 103.75
CA ARG B 436 -54.46 -49.75 105.18
C ARG B 436 -53.89 -50.95 105.90
N LYS B 437 -53.90 -52.12 105.26
CA LYS B 437 -53.35 -53.33 105.88
C LYS B 437 -51.82 -53.31 105.90
N GLU B 438 -51.20 -52.61 104.95
CA GLU B 438 -49.74 -52.53 104.92
C GLU B 438 -49.19 -51.67 106.04
N ILE B 439 -49.99 -50.76 106.59
CA ILE B 439 -49.53 -49.93 107.70
C ILE B 439 -49.54 -50.72 109.00
N LYS B 440 -50.60 -51.49 109.26
CA LYS B 440 -50.66 -52.30 110.47
C LYS B 440 -49.66 -53.45 110.42
N ARG B 441 -49.31 -53.92 109.22
CA ARG B 441 -48.35 -55.00 109.10
C ARG B 441 -46.93 -54.51 109.39
N LEU B 442 -46.61 -53.29 108.96
CA LEU B 442 -45.30 -52.70 109.18
C LEU B 442 -45.22 -51.92 110.50
N ARG B 443 -46.20 -52.10 111.39
CA ARG B 443 -46.22 -51.41 112.68
C ARG B 443 -45.79 -52.33 113.82
N THR B 444 -46.34 -53.54 113.89
CA THR B 444 -45.96 -54.47 114.94
C THR B 444 -44.64 -55.15 114.64
N GLU B 445 -44.42 -55.56 113.39
CA GLU B 445 -43.18 -56.23 113.02
C GLU B 445 -41.97 -55.29 113.07
N SER B 446 -42.19 -53.98 112.97
CA SER B 446 -41.09 -53.03 113.03
C SER B 446 -40.58 -52.87 114.47
N ASP B 447 -39.44 -52.22 114.60
CA ASP B 447 -38.80 -51.97 115.89
C ASP B 447 -38.79 -50.47 116.14
N GLY B 448 -39.77 -49.99 116.91
CA GLY B 448 -39.87 -48.58 117.22
C GLY B 448 -41.21 -47.97 116.85
N TRP B 449 -41.26 -46.66 116.75
CA TRP B 449 -42.49 -45.96 116.41
C TRP B 449 -42.81 -46.12 114.93
N PHE B 450 -44.09 -46.04 114.60
CA PHE B 450 -44.54 -46.15 113.22
C PHE B 450 -45.89 -45.47 113.09
N PHE B 451 -46.21 -45.06 111.88
CA PHE B 451 -47.45 -44.35 111.62
C PHE B 451 -48.67 -45.25 111.86
N ASP B 452 -49.80 -44.62 112.11
CA ASP B 452 -51.04 -45.33 112.38
C ASP B 452 -52.15 -44.73 111.52
N VAL B 453 -53.07 -45.59 111.09
CA VAL B 453 -54.21 -45.18 110.27
C VAL B 453 -55.45 -45.09 111.15
N TRP B 454 -56.16 -43.97 111.04
CA TRP B 454 -57.39 -43.74 111.81
C TRP B 454 -58.47 -44.67 111.29
N GLN B 455 -58.43 -45.92 111.76
CA GLN B 455 -59.35 -46.95 111.30
C GLN B 455 -59.66 -47.86 112.47
N PRO B 456 -60.79 -48.57 112.44
CA PRO B 456 -61.10 -49.53 113.50
C PRO B 456 -60.09 -50.67 113.54
N ASP B 457 -60.17 -51.45 114.62
CA ASP B 457 -59.27 -52.58 114.79
C ASP B 457 -59.56 -53.72 113.82
N HIS B 458 -60.76 -53.78 113.26
CA HIS B 458 -61.15 -54.82 112.32
C HIS B 458 -61.47 -54.18 110.99
N ILE B 459 -60.61 -54.39 110.00
CA ILE B 459 -60.79 -53.82 108.67
C ILE B 459 -60.84 -54.95 107.64
N ASP B 460 -61.22 -56.15 108.09
CA ASP B 460 -61.29 -57.29 107.18
C ASP B 460 -62.44 -57.16 106.19
N THR B 461 -63.51 -56.49 106.58
CA THR B 461 -64.66 -56.30 105.71
C THR B 461 -64.37 -55.24 104.66
N THR B 462 -65.18 -55.23 103.60
CA THR B 462 -65.06 -54.28 102.50
C THR B 462 -66.35 -53.47 102.45
N GLU B 463 -66.43 -52.46 103.30
CA GLU B 463 -67.60 -51.58 103.38
C GLU B 463 -67.20 -50.35 104.20
N CYS B 464 -68.18 -49.49 104.46
CA CYS B 464 -67.96 -48.30 105.26
C CYS B 464 -68.02 -48.66 106.75
N TRP B 465 -66.95 -48.35 107.46
CA TRP B 465 -66.88 -48.68 108.89
C TRP B 465 -67.74 -47.71 109.68
N PRO B 466 -68.77 -48.18 110.38
CA PRO B 466 -69.61 -47.26 111.15
C PRO B 466 -68.91 -46.82 112.43
N LEU B 467 -69.26 -45.61 112.88
CA LEU B 467 -68.69 -45.04 114.10
C LEU B 467 -69.62 -45.38 115.26
N ARG B 468 -69.35 -46.50 115.92
CA ARG B 468 -70.16 -46.97 117.03
C ARG B 468 -69.84 -46.16 118.29
N SER B 469 -70.53 -46.50 119.38
CA SER B 469 -70.33 -45.83 120.66
C SER B 469 -69.45 -46.61 121.61
N ASP B 470 -69.12 -47.86 121.30
CA ASP B 470 -68.27 -48.70 122.14
C ASP B 470 -66.88 -48.88 121.54
N SER B 471 -66.36 -47.86 120.87
CA SER B 471 -65.05 -47.91 120.24
C SER B 471 -64.18 -46.77 120.77
N THR B 472 -62.87 -46.93 120.60
CA THR B 472 -61.91 -45.93 121.05
C THR B 472 -61.04 -45.38 119.93
N TRP B 473 -61.24 -45.84 118.69
CA TRP B 473 -60.43 -45.34 117.58
C TRP B 473 -60.90 -43.97 117.09
N HIS B 474 -62.21 -43.72 117.13
CA HIS B 474 -62.73 -42.44 116.65
C HIS B 474 -62.54 -41.33 117.67
N GLY B 475 -62.70 -41.64 118.96
CA GLY B 475 -62.49 -40.65 120.00
C GLY B 475 -63.49 -39.53 120.04
N PHE B 476 -64.76 -39.82 119.74
CA PHE B 476 -65.83 -38.83 119.79
C PHE B 476 -66.73 -39.14 120.97
N LYS B 477 -66.85 -38.19 121.90
CA LYS B 477 -67.67 -38.40 123.09
C LYS B 477 -69.14 -38.23 122.75
N ASN B 478 -69.96 -39.21 123.17
CA ASN B 478 -71.40 -39.19 122.94
C ASN B 478 -71.73 -39.04 121.46
N ILE B 479 -71.47 -40.09 120.68
CA ILE B 479 -71.75 -40.07 119.25
C ILE B 479 -72.96 -40.97 118.99
N ASP B 480 -73.75 -40.60 117.99
CA ASP B 480 -74.95 -41.35 117.64
C ASP B 480 -74.58 -42.58 116.81
N ASN B 481 -75.23 -43.70 117.11
CA ASN B 481 -74.98 -44.94 116.40
C ASN B 481 -75.73 -44.96 115.07
N GLU B 482 -75.12 -45.61 114.08
CA GLU B 482 -75.68 -45.73 112.73
C GLU B 482 -75.98 -44.36 112.13
N HIS B 483 -75.07 -43.43 112.32
CA HIS B 483 -75.21 -42.07 111.78
C HIS B 483 -73.96 -41.57 111.10
N MET B 484 -72.77 -41.93 111.60
CA MET B 484 -71.51 -41.50 111.03
C MET B 484 -70.78 -42.71 110.48
N TYR B 485 -70.37 -42.62 109.21
CA TYR B 485 -69.65 -43.68 108.52
C TYR B 485 -68.24 -43.21 108.17
N LEU B 486 -67.43 -44.15 107.71
CA LEU B 486 -66.04 -43.89 107.35
C LEU B 486 -65.83 -44.14 105.87
N ASP B 487 -65.08 -43.24 105.23
CA ASP B 487 -64.76 -43.38 103.82
C ASP B 487 -63.49 -44.21 103.67
N PRO B 488 -63.55 -45.38 103.03
CA PRO B 488 -62.35 -46.23 102.91
C PRO B 488 -61.23 -45.57 102.12
N ILE B 489 -61.55 -44.79 101.09
CA ILE B 489 -60.50 -44.17 100.27
C ILE B 489 -59.83 -43.00 100.96
N LYS B 490 -60.42 -42.47 102.04
CA LYS B 490 -59.84 -41.34 102.77
C LYS B 490 -58.99 -41.86 103.91
N VAL B 491 -57.78 -42.29 103.56
CA VAL B 491 -56.83 -42.83 104.54
C VAL B 491 -56.22 -41.65 105.28
N THR B 492 -56.58 -41.51 106.56
CA THR B 492 -56.09 -40.43 107.41
C THR B 492 -55.06 -41.02 108.38
N LEU B 493 -53.80 -40.63 108.19
CA LEU B 493 -52.72 -41.12 109.04
C LEU B 493 -52.75 -40.42 110.39
N LEU B 494 -52.11 -41.05 111.38
CA LEU B 494 -52.03 -40.51 112.74
C LEU B 494 -50.58 -40.64 113.20
N THR B 495 -49.88 -39.50 113.26
CA THR B 495 -48.50 -39.50 113.71
C THR B 495 -48.44 -39.69 115.22
N PRO B 496 -47.49 -40.46 115.73
CA PRO B 496 -47.39 -40.66 117.18
C PRO B 496 -47.06 -39.35 117.89
N GLY B 497 -47.92 -38.98 118.84
CA GLY B 497 -47.74 -37.76 119.60
C GLY B 497 -48.75 -37.58 120.70
N MET B 498 -49.90 -38.24 120.58
CA MET B 498 -50.96 -38.16 121.57
C MET B 498 -51.37 -39.56 121.99
N GLU B 499 -52.09 -39.63 123.11
CA GLU B 499 -52.58 -40.89 123.64
C GLU B 499 -53.98 -41.17 123.11
N LYS B 500 -54.65 -42.18 123.67
CA LYS B 500 -56.00 -42.54 123.26
C LYS B 500 -57.08 -41.86 124.10
N ASP B 501 -56.71 -41.19 125.19
CA ASP B 501 -57.67 -40.51 126.04
C ASP B 501 -57.79 -39.02 125.71
N GLY B 502 -56.96 -38.50 124.81
CA GLY B 502 -57.01 -37.11 124.45
C GLY B 502 -55.94 -36.23 125.06
N THR B 503 -54.97 -36.80 125.76
CA THR B 503 -53.90 -36.03 126.38
C THR B 503 -52.71 -35.96 125.43
N MET B 504 -51.52 -35.73 125.96
CA MET B 504 -50.30 -35.64 125.17
C MET B 504 -49.35 -36.78 125.55
N SER B 505 -48.15 -36.73 124.99
CA SER B 505 -47.12 -37.74 125.25
C SER B 505 -45.76 -37.07 125.26
N ASP B 506 -44.76 -37.81 125.72
CA ASP B 506 -43.40 -37.29 125.77
C ASP B 506 -42.74 -37.31 124.39
N PHE B 507 -42.75 -38.47 123.73
CA PHE B 507 -42.18 -38.61 122.40
C PHE B 507 -43.27 -38.36 121.37
N GLY B 508 -43.16 -37.24 120.67
CA GLY B 508 -44.14 -36.89 119.66
C GLY B 508 -43.49 -36.21 118.48
N ILE B 509 -44.04 -36.47 117.29
CA ILE B 509 -43.55 -35.91 116.04
C ILE B 509 -44.71 -35.17 115.38
N PRO B 510 -44.64 -33.84 115.24
CA PRO B 510 -45.73 -33.11 114.60
C PRO B 510 -45.87 -33.47 113.13
N ALA B 511 -47.07 -33.25 112.60
CA ALA B 511 -47.36 -33.54 111.20
C ALA B 511 -46.86 -32.47 110.25
N SER B 512 -46.40 -31.33 110.77
CA SER B 512 -45.91 -30.27 109.90
C SER B 512 -44.53 -30.61 109.33
N ILE B 513 -43.71 -31.33 110.09
CA ILE B 513 -42.39 -31.72 109.60
C ILE B 513 -42.53 -32.81 108.53
N VAL B 514 -43.45 -33.75 108.73
CA VAL B 514 -43.64 -34.82 107.75
C VAL B 514 -44.25 -34.27 106.47
N ALA B 515 -45.04 -33.19 106.57
CA ALA B 515 -45.67 -32.61 105.38
C ALA B 515 -44.63 -32.08 104.40
N LYS B 516 -43.60 -31.41 104.90
CA LYS B 516 -42.56 -30.89 104.04
C LYS B 516 -41.60 -31.98 103.55
N TYR B 517 -41.47 -33.08 104.29
CA TYR B 517 -40.59 -34.17 103.86
C TYR B 517 -41.18 -34.92 102.68
N LEU B 518 -42.50 -35.06 102.61
CA LEU B 518 -43.12 -35.76 101.48
C LEU B 518 -43.05 -34.93 100.21
N ASP B 519 -42.97 -33.60 100.34
CA ASP B 519 -42.90 -32.75 99.16
C ASP B 519 -41.56 -32.84 98.46
N GLU B 520 -40.52 -33.30 99.15
CA GLU B 520 -39.20 -33.41 98.53
C GLU B 520 -39.18 -34.48 97.44
N HIS B 521 -39.83 -35.62 97.69
CA HIS B 521 -39.87 -36.69 96.70
C HIS B 521 -40.96 -36.46 95.66
N GLY B 522 -42.01 -35.73 96.01
CA GLY B 522 -43.08 -35.43 95.08
C GLY B 522 -44.44 -35.88 95.57
N ILE B 523 -44.71 -35.69 96.85
CA ILE B 523 -45.98 -36.05 97.48
C ILE B 523 -46.54 -34.81 98.16
N VAL B 524 -47.72 -34.37 97.72
CA VAL B 524 -48.37 -33.20 98.27
C VAL B 524 -49.38 -33.65 99.33
N VAL B 525 -49.29 -33.06 100.52
CA VAL B 525 -50.18 -33.39 101.62
C VAL B 525 -51.44 -32.54 101.50
N GLU B 526 -52.60 -33.19 101.55
CA GLU B 526 -53.87 -32.46 101.43
C GLU B 526 -54.15 -31.65 102.69
N LYS B 527 -54.17 -32.31 103.85
CA LYS B 527 -54.45 -31.66 105.12
C LYS B 527 -53.40 -32.07 106.14
N THR B 528 -52.87 -31.10 106.87
CA THR B 528 -51.87 -31.36 107.89
C THR B 528 -51.94 -30.26 108.95
N GLY B 529 -51.32 -30.52 110.09
CA GLY B 529 -51.29 -29.57 111.17
C GLY B 529 -50.91 -30.21 112.50
N PRO B 530 -51.91 -30.62 113.27
CA PRO B 530 -51.64 -31.23 114.59
C PRO B 530 -50.91 -32.55 114.47
N TYR B 531 -51.67 -33.65 114.37
CA TYR B 531 -51.10 -34.99 114.28
C TYR B 531 -51.96 -35.85 113.35
N ASN B 532 -52.12 -35.37 112.12
CA ASN B 532 -52.93 -36.10 111.13
C ASN B 532 -52.39 -35.80 109.74
N LEU B 533 -52.65 -36.73 108.81
CA LEU B 533 -52.23 -36.59 107.42
C LEU B 533 -53.34 -37.14 106.53
N LEU B 534 -53.92 -36.26 105.72
CA LEU B 534 -55.01 -36.64 104.83
C LEU B 534 -54.51 -36.74 103.39
N PHE B 535 -54.98 -37.77 102.68
CA PHE B 535 -54.59 -38.01 101.30
C PHE B 535 -55.86 -38.25 100.48
N LEU B 536 -55.68 -38.48 99.18
CA LEU B 536 -56.77 -38.69 98.25
C LEU B 536 -56.47 -39.91 97.39
N PHE B 537 -57.31 -40.93 97.50
CA PHE B 537 -57.18 -42.17 96.72
C PHE B 537 -58.39 -42.28 95.81
N SER B 538 -58.34 -41.58 94.68
CA SER B 538 -59.44 -41.58 93.73
C SER B 538 -59.17 -42.60 92.63
N ILE B 539 -59.85 -42.46 91.48
CA ILE B 539 -59.64 -43.39 90.38
C ILE B 539 -58.32 -43.13 89.67
N GLY B 540 -57.75 -41.93 89.81
CA GLY B 540 -56.48 -41.61 89.20
C GLY B 540 -55.27 -42.13 89.92
N ILE B 541 -55.45 -42.66 91.13
CA ILE B 541 -54.35 -43.21 91.92
C ILE B 541 -54.22 -44.69 91.56
N ASP B 542 -53.24 -45.00 90.72
CA ASP B 542 -53.02 -46.37 90.28
C ASP B 542 -52.16 -47.11 91.30
N LYS B 543 -51.63 -48.27 90.92
CA LYS B 543 -50.80 -49.06 91.82
C LYS B 543 -49.41 -48.45 92.00
N THR B 544 -48.98 -47.58 91.09
CA THR B 544 -47.67 -46.94 91.22
C THR B 544 -47.73 -45.79 92.22
N LYS B 545 -48.74 -44.94 92.11
CA LYS B 545 -48.86 -43.80 93.02
C LYS B 545 -49.23 -44.22 94.43
N ALA B 546 -49.89 -45.38 94.59
CA ALA B 546 -50.25 -45.83 95.93
C ALA B 546 -49.05 -46.39 96.67
N LEU B 547 -48.19 -47.15 95.98
CA LEU B 547 -47.01 -47.71 96.61
C LEU B 547 -45.90 -46.69 96.82
N SER B 548 -45.98 -45.55 96.15
CA SER B 548 -44.94 -44.52 96.33
C SER B 548 -45.05 -43.81 97.66
N LEU B 549 -46.21 -43.86 98.31
CA LEU B 549 -46.37 -43.22 99.61
C LEU B 549 -45.79 -44.05 100.73
N LEU B 550 -45.91 -45.38 100.64
CA LEU B 550 -45.38 -46.24 101.69
C LEU B 550 -43.86 -46.21 101.72
N ARG B 551 -43.23 -46.11 100.55
CA ARG B 551 -41.76 -46.05 100.50
C ARG B 551 -41.24 -44.77 101.12
N ALA B 552 -41.96 -43.66 100.97
CA ALA B 552 -41.52 -42.40 101.57
C ALA B 552 -41.71 -42.41 103.09
N LEU B 553 -42.69 -43.17 103.58
CA LEU B 553 -42.91 -43.24 105.03
C LEU B 553 -41.84 -44.07 105.71
N THR B 554 -41.37 -45.14 105.04
CA THR B 554 -40.31 -45.96 105.62
C THR B 554 -38.97 -45.23 105.61
N ASP B 555 -38.75 -44.35 104.64
CA ASP B 555 -37.52 -43.58 104.60
C ASP B 555 -37.46 -42.50 105.67
N PHE B 556 -38.62 -42.03 106.14
CA PHE B 556 -38.63 -41.03 107.21
C PHE B 556 -38.22 -41.63 108.54
N LYS B 557 -38.53 -42.89 108.78
CA LYS B 557 -38.13 -43.55 110.03
C LYS B 557 -36.64 -43.83 110.04
N ARG B 558 -36.07 -44.20 108.89
CA ARG B 558 -34.64 -44.46 108.81
C ARG B 558 -33.84 -43.18 108.99
N ALA B 559 -34.30 -42.08 108.40
CA ALA B 559 -33.59 -40.82 108.52
C ALA B 559 -33.73 -40.20 109.91
N PHE B 560 -34.76 -40.58 110.66
CA PHE B 560 -34.97 -40.05 112.00
C PHE B 560 -34.29 -40.89 113.08
N ASP B 561 -34.24 -42.21 112.89
CA ASP B 561 -33.59 -43.07 113.89
C ASP B 561 -32.08 -42.90 113.87
N LEU B 562 -31.50 -42.66 112.69
CA LEU B 562 -30.06 -42.46 112.58
C LEU B 562 -29.63 -41.05 112.98
N ASN B 563 -30.58 -40.15 113.27
CA ASN B 563 -30.30 -38.78 113.68
C ASN B 563 -29.45 -38.06 112.63
N LEU B 564 -30.09 -37.65 111.54
CA LEU B 564 -29.42 -36.93 110.46
C LEU B 564 -29.59 -35.43 110.63
N ARG B 565 -28.97 -34.68 109.73
CA ARG B 565 -29.02 -33.23 109.77
C ARG B 565 -30.18 -32.71 108.93
N VAL B 566 -30.51 -31.44 109.14
CA VAL B 566 -31.60 -30.81 108.38
C VAL B 566 -31.16 -30.53 106.95
N LYS B 567 -29.91 -30.10 106.77
CA LYS B 567 -29.41 -29.81 105.43
C LYS B 567 -29.33 -31.06 104.57
N ASN B 568 -28.98 -32.19 105.19
CA ASN B 568 -28.89 -33.47 104.49
C ASN B 568 -30.19 -34.25 104.54
N MET B 569 -31.34 -33.58 104.51
CA MET B 569 -32.63 -34.24 104.56
C MET B 569 -33.72 -33.34 104.00
N LEU B 570 -33.73 -32.08 104.41
CA LEU B 570 -34.71 -31.10 103.97
C LEU B 570 -33.98 -29.93 103.31
N PRO B 571 -33.65 -30.04 102.02
CA PRO B 571 -32.95 -28.92 101.37
C PRO B 571 -33.81 -27.70 101.14
N SER B 572 -35.13 -27.86 101.07
CA SER B 572 -36.02 -26.72 100.87
C SER B 572 -36.13 -25.88 102.13
N LEU B 573 -36.18 -26.54 103.30
CA LEU B 573 -36.27 -25.81 104.55
C LEU B 573 -34.95 -25.12 104.90
N TYR B 574 -33.83 -25.70 104.47
CA TYR B 574 -32.53 -25.11 104.77
C TYR B 574 -32.31 -23.82 103.99
N ARG B 575 -32.89 -23.70 102.79
CA ARG B 575 -32.71 -22.50 101.99
C ARG B 575 -33.51 -21.31 102.54
N GLU B 576 -34.48 -21.57 103.42
CA GLU B 576 -35.26 -20.47 103.98
C GLU B 576 -34.45 -19.67 104.99
N ASP B 577 -33.63 -20.35 105.80
CA ASP B 577 -32.78 -19.71 106.80
C ASP B 577 -31.57 -20.58 107.06
N PRO B 578 -30.54 -20.46 106.22
CA PRO B 578 -29.34 -21.29 106.41
C PRO B 578 -28.59 -20.98 107.70
N GLU B 579 -28.73 -19.78 108.25
CA GLU B 579 -28.00 -19.44 109.47
C GLU B 579 -28.60 -20.11 110.70
N PHE B 580 -29.93 -20.09 110.81
CA PHE B 580 -30.58 -20.69 111.97
C PHE B 580 -30.58 -22.21 111.90
N TYR B 581 -30.77 -22.76 110.70
CA TYR B 581 -30.79 -24.21 110.50
C TYR B 581 -29.42 -24.77 110.16
N GLU B 582 -28.35 -24.21 110.75
CA GLU B 582 -27.01 -24.70 110.48
C GLU B 582 -26.69 -25.93 111.31
N ASN B 583 -26.46 -25.72 112.61
CA ASN B 583 -26.15 -26.83 113.53
C ASN B 583 -27.41 -27.38 114.18
N MET B 584 -28.33 -27.89 113.37
CA MET B 584 -29.58 -28.47 113.84
C MET B 584 -29.82 -29.80 113.15
N ARG B 585 -30.26 -30.78 113.93
CA ARG B 585 -30.52 -32.13 113.44
C ARG B 585 -32.03 -32.36 113.37
N ILE B 586 -32.41 -33.54 112.86
CA ILE B 586 -33.82 -33.87 112.73
C ILE B 586 -34.46 -34.24 114.07
N GLN B 587 -33.66 -34.70 115.04
CA GLN B 587 -34.21 -35.06 116.34
C GLN B 587 -34.34 -33.85 117.27
N GLU B 588 -33.50 -32.84 117.08
CA GLU B 588 -33.58 -31.65 117.92
C GLU B 588 -34.80 -30.80 117.56
N LEU B 589 -35.12 -30.72 116.27
CA LEU B 589 -36.27 -29.92 115.85
C LEU B 589 -37.58 -30.65 116.12
N ALA B 590 -37.57 -31.98 116.06
CA ALA B 590 -38.80 -32.73 116.27
C ALA B 590 -39.21 -32.75 117.74
N GLN B 591 -38.27 -32.54 118.65
CA GLN B 591 -38.57 -32.54 120.08
C GLN B 591 -38.86 -31.16 120.63
N ASN B 592 -38.26 -30.11 120.06
CA ASN B 592 -38.50 -28.76 120.55
C ASN B 592 -39.90 -28.27 120.19
N ILE B 593 -40.42 -28.69 119.03
CA ILE B 593 -41.76 -28.27 118.63
C ILE B 593 -42.81 -29.00 119.45
N HIS B 594 -42.56 -30.26 119.79
CA HIS B 594 -43.52 -31.03 120.58
C HIS B 594 -43.66 -30.48 121.99
N LYS B 595 -42.60 -29.90 122.55
CA LYS B 595 -42.69 -29.32 123.89
C LYS B 595 -43.49 -28.03 123.88
N LEU B 596 -43.50 -27.31 122.75
CA LEU B 596 -44.28 -26.08 122.67
C LEU B 596 -45.77 -26.36 122.60
N ILE B 597 -46.16 -27.51 122.04
CA ILE B 597 -47.57 -27.85 121.97
C ILE B 597 -48.12 -28.17 123.35
N VAL B 598 -47.33 -28.88 124.17
CA VAL B 598 -47.76 -29.21 125.53
C VAL B 598 -47.76 -27.97 126.41
N HIS B 599 -46.78 -27.08 126.21
CA HIS B 599 -46.69 -25.87 127.02
C HIS B 599 -47.85 -24.93 126.72
N HIS B 600 -48.09 -24.64 125.44
CA HIS B 600 -49.19 -23.77 125.06
C HIS B 600 -50.56 -24.46 125.13
N ASN B 601 -50.58 -25.79 125.28
CA ASN B 601 -51.82 -26.55 125.38
C ASN B 601 -52.69 -26.34 124.16
N LEU B 602 -52.42 -27.07 123.08
CA LEU B 602 -53.14 -26.92 121.82
C LEU B 602 -54.47 -27.68 121.80
N PRO B 603 -54.51 -28.97 122.19
CA PRO B 603 -55.79 -29.69 122.11
C PRO B 603 -56.89 -29.11 122.96
N ASP B 604 -56.56 -28.46 124.08
CA ASP B 604 -57.60 -27.90 124.94
C ASP B 604 -58.09 -26.56 124.41
N LEU B 605 -57.18 -25.72 123.91
CA LEU B 605 -57.59 -24.42 123.39
C LEU B 605 -58.26 -24.53 122.02
N MET B 606 -58.12 -25.67 121.34
CA MET B 606 -58.75 -25.87 120.05
C MET B 606 -60.11 -26.54 120.17
N TYR B 607 -60.27 -27.45 121.14
CA TYR B 607 -61.55 -28.13 121.31
C TYR B 607 -62.61 -27.18 121.87
N ARG B 608 -62.21 -26.27 122.76
CA ARG B 608 -63.15 -25.33 123.36
C ARG B 608 -63.37 -24.09 122.51
N ALA B 609 -62.65 -23.94 121.41
CA ALA B 609 -62.80 -22.78 120.54
C ALA B 609 -63.88 -22.97 119.49
N PHE B 610 -64.58 -24.11 119.48
CA PHE B 610 -65.63 -24.38 118.51
C PHE B 610 -66.92 -24.90 119.12
N GLU B 611 -66.91 -25.34 120.39
CA GLU B 611 -68.14 -25.84 121.01
C GLU B 611 -69.12 -24.71 121.29
N VAL B 612 -68.64 -23.49 121.49
CA VAL B 612 -69.49 -22.35 121.74
C VAL B 612 -69.51 -21.47 120.50
N LEU B 613 -70.59 -20.70 120.36
CA LEU B 613 -70.78 -19.81 119.23
C LEU B 613 -70.78 -18.36 119.71
N PRO B 614 -70.03 -17.47 119.07
CA PRO B 614 -70.04 -16.06 119.49
C PRO B 614 -71.40 -15.42 119.29
N THR B 615 -71.59 -14.29 119.97
CA THR B 615 -72.87 -13.57 119.90
C THR B 615 -73.03 -12.95 118.52
N MET B 616 -73.92 -13.51 117.71
CA MET B 616 -74.20 -13.00 116.37
C MET B 616 -75.12 -11.80 116.49
N VAL B 617 -74.55 -10.60 116.32
CA VAL B 617 -75.33 -9.37 116.44
C VAL B 617 -76.23 -9.19 115.23
N MET B 618 -75.63 -9.17 114.04
CA MET B 618 -76.36 -8.99 112.79
C MET B 618 -76.09 -10.14 111.84
N THR B 619 -76.85 -10.18 110.76
CA THR B 619 -76.70 -11.22 109.76
C THR B 619 -75.40 -11.01 108.98
N PRO B 620 -74.83 -12.08 108.42
CA PRO B 620 -73.62 -11.92 107.61
C PRO B 620 -73.80 -11.02 106.41
N TYR B 621 -75.03 -10.91 105.89
CA TYR B 621 -75.27 -10.00 104.77
C TYR B 621 -75.20 -8.54 105.21
N ALA B 622 -75.55 -8.26 106.46
CA ALA B 622 -75.50 -6.87 106.96
C ALA B 622 -74.08 -6.44 107.28
N ALA B 623 -73.19 -7.39 107.57
CA ALA B 623 -71.80 -7.04 107.86
C ALA B 623 -71.07 -6.55 106.61
N PHE B 624 -71.42 -7.09 105.44
CA PHE B 624 -70.81 -6.66 104.20
C PHE B 624 -71.31 -5.30 103.74
N GLN B 625 -72.46 -4.84 104.27
CA GLN B 625 -73.00 -3.54 103.87
C GLN B 625 -72.14 -2.40 104.40
N LYS B 626 -71.70 -2.50 105.66
CA LYS B 626 -70.87 -1.45 106.25
C LYS B 626 -69.47 -1.43 105.68
N GLU B 627 -69.00 -2.54 105.09
CA GLU B 627 -67.67 -2.57 104.50
C GLU B 627 -67.61 -1.79 103.20
N LEU B 628 -68.71 -1.76 102.45
CA LEU B 628 -68.72 -1.04 101.18
C LEU B 628 -68.69 0.46 101.37
N HIS B 629 -69.21 0.95 102.50
CA HIS B 629 -69.23 2.38 102.80
C HIS B 629 -67.92 2.89 103.37
N GLY B 630 -66.91 2.04 103.50
CA GLY B 630 -65.64 2.47 104.06
C GLY B 630 -65.61 2.62 105.56
N MET B 631 -66.56 1.99 106.26
CA MET B 631 -66.63 2.06 107.73
C MET B 631 -65.86 0.93 108.39
N THR B 632 -64.65 0.62 107.92
CA THR B 632 -63.83 -0.43 108.48
C THR B 632 -62.53 0.16 109.01
N GLU B 633 -61.96 -0.52 110.01
CA GLU B 633 -60.71 -0.09 110.61
C GLU B 633 -59.87 -1.32 110.94
N GLU B 634 -58.57 -1.11 111.06
CA GLU B 634 -57.61 -2.16 111.37
C GLU B 634 -57.16 -2.00 112.82
N VAL B 635 -57.54 -2.95 113.67
CA VAL B 635 -57.17 -2.94 115.08
C VAL B 635 -56.29 -4.15 115.37
N TYR B 636 -55.66 -4.13 116.54
CA TYR B 636 -54.79 -5.21 116.94
C TYR B 636 -55.60 -6.42 117.38
N LEU B 637 -54.90 -7.56 117.56
CA LEU B 637 -55.57 -8.78 117.98
C LEU B 637 -55.98 -8.73 119.45
N ASP B 638 -55.19 -8.06 120.29
CA ASP B 638 -55.50 -7.95 121.70
C ASP B 638 -56.51 -6.85 122.01
N GLU B 639 -56.96 -6.10 121.01
CA GLU B 639 -57.92 -5.02 121.19
C GLU B 639 -59.11 -5.25 120.25
N MET B 640 -59.90 -6.27 120.55
CA MET B 640 -61.06 -6.57 119.73
C MET B 640 -62.21 -7.19 120.52
N VAL B 641 -62.19 -7.16 121.84
CA VAL B 641 -63.26 -7.73 122.64
C VAL B 641 -64.47 -6.81 122.57
N GLY B 642 -65.57 -7.31 122.02
CA GLY B 642 -66.79 -6.53 121.90
C GLY B 642 -66.97 -5.83 120.57
N ARG B 643 -66.24 -6.22 119.53
CA ARG B 643 -66.35 -5.61 118.21
C ARG B 643 -66.92 -6.61 117.22
N ILE B 644 -67.32 -6.09 116.07
CA ILE B 644 -67.89 -6.90 114.99
C ILE B 644 -66.86 -7.04 113.88
N ASN B 645 -66.51 -8.28 113.55
CA ASN B 645 -65.54 -8.55 112.51
C ASN B 645 -66.17 -8.35 111.13
N ALA B 646 -65.31 -8.30 110.11
CA ALA B 646 -65.74 -8.11 108.73
C ALA B 646 -65.43 -9.30 107.83
N ASN B 647 -64.38 -10.06 108.12
CA ASN B 647 -64.00 -11.21 107.32
C ASN B 647 -64.12 -12.48 108.14
N MET B 648 -63.94 -13.62 107.47
CA MET B 648 -64.03 -14.92 108.12
C MET B 648 -62.64 -15.41 108.51
N ILE B 649 -62.51 -15.88 109.74
CA ILE B 649 -61.24 -16.39 110.27
C ILE B 649 -61.12 -17.86 109.89
N LEU B 650 -60.07 -18.19 109.15
CA LEU B 650 -59.79 -19.56 108.71
C LEU B 650 -58.38 -19.92 109.13
N PRO B 651 -58.20 -20.35 110.39
CA PRO B 651 -56.85 -20.63 110.89
C PRO B 651 -56.33 -21.98 110.40
N TYR B 652 -55.04 -22.01 110.06
CA TYR B 652 -54.35 -23.22 109.64
C TYR B 652 -53.24 -23.52 110.64
N PRO B 653 -53.29 -24.63 111.39
CA PRO B 653 -54.36 -25.62 111.43
C PRO B 653 -55.53 -25.20 112.33
N PRO B 654 -56.71 -25.80 112.17
CA PRO B 654 -57.07 -26.83 111.18
C PRO B 654 -57.41 -26.27 109.80
N GLY B 655 -58.70 -26.25 109.46
CA GLY B 655 -59.14 -25.73 108.18
C GLY B 655 -60.62 -25.44 108.15
N VAL B 656 -61.19 -25.10 109.30
CA VAL B 656 -62.61 -24.82 109.41
C VAL B 656 -62.81 -23.37 109.85
N PRO B 657 -63.93 -22.74 109.52
CA PRO B 657 -64.15 -21.35 109.94
C PRO B 657 -64.24 -21.25 111.46
N LEU B 658 -63.71 -20.14 111.99
CA LEU B 658 -63.73 -19.87 113.43
C LEU B 658 -64.79 -18.84 113.80
N VAL B 659 -64.66 -17.63 113.26
CA VAL B 659 -65.61 -16.54 113.52
C VAL B 659 -66.21 -16.11 112.19
N MET B 660 -67.53 -16.14 112.11
CA MET B 660 -68.21 -15.74 110.89
C MET B 660 -68.23 -14.22 110.74
N PRO B 661 -68.19 -13.72 109.51
CA PRO B 661 -68.23 -12.25 109.30
C PRO B 661 -69.52 -11.63 109.82
N GLY B 662 -69.44 -10.97 110.97
CA GLY B 662 -70.59 -10.34 111.57
C GLY B 662 -70.87 -10.74 113.01
N GLU B 663 -70.04 -11.57 113.63
CA GLU B 663 -70.24 -12.01 115.00
C GLU B 663 -69.38 -11.19 115.95
N MET B 664 -69.84 -11.08 117.19
CA MET B 664 -69.16 -10.32 118.22
C MET B 664 -68.59 -11.27 119.27
N ILE B 665 -67.35 -11.02 119.69
CA ILE B 665 -66.69 -11.82 120.72
C ILE B 665 -66.89 -11.12 122.06
N THR B 666 -67.74 -11.69 122.90
CA THR B 666 -68.05 -11.16 124.22
C THR B 666 -67.36 -12.01 125.28
N GLU B 667 -67.97 -12.10 126.46
CA GLU B 667 -67.39 -12.89 127.54
C GLU B 667 -67.74 -14.37 127.42
N GLU B 668 -68.71 -14.73 126.58
CA GLU B 668 -69.08 -16.13 126.42
C GLU B 668 -68.08 -16.86 125.53
N SER B 669 -67.62 -16.22 124.46
CA SER B 669 -66.68 -16.84 123.53
C SER B 669 -65.24 -16.45 123.86
N ARG B 670 -64.84 -16.66 125.11
CA ARG B 670 -63.49 -16.37 125.55
C ARG B 670 -62.48 -17.38 125.00
N PRO B 671 -62.75 -18.70 125.06
CA PRO B 671 -61.79 -19.64 124.46
C PRO B 671 -61.65 -19.50 122.96
N VAL B 672 -62.61 -18.87 122.28
CA VAL B 672 -62.49 -18.67 120.84
C VAL B 672 -61.40 -17.68 120.52
N LEU B 673 -61.31 -16.59 121.30
CA LEU B 673 -60.27 -15.59 121.06
C LEU B 673 -58.90 -16.11 121.51
N GLU B 674 -58.87 -16.99 122.51
CA GLU B 674 -57.60 -17.52 122.99
C GLU B 674 -56.91 -18.41 121.97
N PHE B 675 -57.66 -18.99 121.02
CA PHE B 675 -57.04 -19.83 120.01
C PHE B 675 -56.23 -19.02 119.02
N LEU B 676 -56.59 -17.76 118.81
CA LEU B 676 -55.85 -16.91 117.87
C LEU B 676 -54.54 -16.42 118.49
N GLN B 677 -54.55 -16.10 119.79
CA GLN B 677 -53.34 -15.63 120.44
C GLN B 677 -52.34 -16.74 120.71
N MET B 678 -52.80 -18.00 120.76
CA MET B 678 -51.88 -19.11 120.99
C MET B 678 -51.05 -19.41 119.76
N LEU B 679 -51.65 -19.29 118.57
CA LEU B 679 -50.92 -19.56 117.34
C LEU B 679 -49.90 -18.48 117.02
N CYS B 680 -50.09 -17.27 117.54
CA CYS B 680 -49.13 -16.19 117.27
C CYS B 680 -47.83 -16.37 118.03
N GLU B 681 -47.84 -17.16 119.11
CA GLU B 681 -46.63 -17.39 119.89
C GLU B 681 -45.89 -18.66 119.46
N ILE B 682 -46.64 -19.74 119.17
CA ILE B 682 -46.01 -20.99 118.75
C ILE B 682 -45.49 -20.90 117.31
N GLY B 683 -46.05 -20.01 116.50
CA GLY B 683 -45.61 -19.88 115.13
C GLY B 683 -44.78 -18.63 114.89
N ALA B 684 -43.74 -18.45 115.71
CA ALA B 684 -42.86 -17.29 115.57
C ALA B 684 -41.44 -17.57 116.05
N HIS B 685 -41.07 -18.83 116.29
CA HIS B 685 -39.74 -19.17 116.75
C HIS B 685 -38.98 -20.08 115.80
N TYR B 686 -39.61 -20.53 114.70
CA TYR B 686 -38.96 -21.40 113.74
C TYR B 686 -39.46 -21.03 112.35
N PRO B 687 -38.55 -20.70 111.42
CA PRO B 687 -38.98 -20.36 110.05
C PRO B 687 -39.65 -21.55 109.37
N GLY B 688 -40.59 -21.24 108.47
CA GLY B 688 -41.32 -22.24 107.74
C GLY B 688 -42.62 -22.67 108.39
N PHE B 689 -42.69 -22.62 109.73
CA PHE B 689 -43.90 -23.00 110.44
C PHE B 689 -44.60 -21.77 111.01
N GLU B 690 -44.74 -20.73 110.20
CA GLU B 690 -45.37 -19.50 110.65
C GLU B 690 -46.88 -19.70 110.80
N THR B 691 -47.52 -18.74 111.47
CA THR B 691 -48.96 -18.80 111.67
C THR B 691 -49.68 -18.41 110.39
N ASP B 692 -50.58 -19.29 109.93
CA ASP B 692 -51.34 -19.09 108.70
C ASP B 692 -52.82 -18.97 109.06
N ILE B 693 -53.31 -17.74 109.13
CA ILE B 693 -54.71 -17.46 109.42
C ILE B 693 -55.24 -16.52 108.34
N HIS B 694 -56.24 -16.97 107.59
CA HIS B 694 -56.84 -16.16 106.54
C HIS B 694 -57.68 -15.06 107.17
N GLY B 695 -57.13 -13.85 107.24
CA GLY B 695 -57.83 -12.74 107.84
C GLY B 695 -56.93 -11.84 108.66
N ALA B 696 -55.91 -12.43 109.27
CA ALA B 696 -54.96 -11.69 110.10
C ALA B 696 -53.76 -11.29 109.24
N TYR B 697 -53.46 -10.00 109.20
CA TYR B 697 -52.36 -9.47 108.42
C TYR B 697 -51.14 -9.27 109.31
N ARG B 698 -49.97 -9.64 108.80
CA ARG B 698 -48.72 -9.51 109.53
C ARG B 698 -48.14 -8.12 109.33
N GLN B 699 -47.74 -7.49 110.44
CA GLN B 699 -47.17 -6.14 110.37
C GLN B 699 -45.65 -6.21 110.40
N ALA B 700 -45.01 -5.23 111.04
CA ALA B 700 -43.56 -5.16 111.13
C ALA B 700 -43.04 -5.44 112.54
N ASP B 701 -43.90 -5.82 113.47
CA ASP B 701 -43.49 -6.11 114.83
C ASP B 701 -43.80 -7.54 115.29
N GLY B 702 -44.78 -8.20 114.68
CA GLY B 702 -45.15 -9.57 115.02
C GLY B 702 -46.61 -9.73 115.39
N ARG B 703 -47.24 -8.66 115.87
CA ARG B 703 -48.64 -8.71 116.27
C ARG B 703 -49.53 -8.63 115.04
N TYR B 704 -50.44 -9.59 114.91
CA TYR B 704 -51.36 -9.62 113.77
C TYR B 704 -52.53 -8.65 114.00
N THR B 705 -52.98 -8.05 112.91
CA THR B 705 -54.08 -7.09 112.94
C THR B 705 -55.24 -7.61 112.10
N VAL B 706 -56.46 -7.37 112.57
CA VAL B 706 -57.66 -7.79 111.87
C VAL B 706 -58.47 -6.56 111.49
N LYS B 707 -59.43 -6.76 110.60
CA LYS B 707 -60.30 -5.70 110.11
C LYS B 707 -61.68 -5.83 110.75
N VAL B 708 -62.09 -4.82 111.49
CA VAL B 708 -63.39 -4.80 112.14
C VAL B 708 -64.20 -3.62 111.62
N LEU B 709 -65.42 -3.50 112.11
CA LEU B 709 -66.31 -2.41 111.72
C LEU B 709 -66.24 -1.28 112.72
N LYS B 710 -66.50 -0.07 112.24
CA LYS B 710 -66.47 1.11 113.09
C LYS B 710 -67.67 1.15 114.01
N GLU B 711 -67.49 1.73 115.19
CA GLU B 711 -68.56 1.83 116.18
C GLU B 711 -69.48 3.01 115.87
N MET C 1 -22.49 -77.07 33.81
CA MET C 1 -21.49 -77.76 34.61
C MET C 1 -20.83 -76.80 35.60
N ASN C 2 -21.47 -76.63 36.75
CA ASN C 2 -20.97 -75.73 37.78
C ASN C 2 -21.58 -76.02 39.14
N VAL C 3 -21.69 -77.30 39.48
CA VAL C 3 -22.27 -77.75 40.74
C VAL C 3 -21.17 -78.36 41.59
N ILE C 4 -21.00 -77.86 42.80
CA ILE C 4 -20.00 -78.34 43.74
C ILE C 4 -20.72 -78.91 44.96
N ALA C 5 -20.44 -80.16 45.29
CA ALA C 5 -21.07 -80.84 46.41
C ALA C 5 -20.13 -80.86 47.61
N ILE C 6 -20.68 -80.58 48.79
CA ILE C 6 -19.93 -80.59 50.04
C ILE C 6 -20.67 -81.52 51.00
N LEU C 7 -20.14 -82.72 51.19
CA LEU C 7 -20.78 -83.75 52.00
C LEU C 7 -20.13 -83.83 53.38
N ASN C 8 -20.91 -84.28 54.36
CA ASN C 8 -20.46 -84.58 55.71
C ASN C 8 -20.07 -83.33 56.49
N HIS C 9 -20.85 -83.01 57.53
CA HIS C 9 -20.54 -81.90 58.42
C HIS C 9 -19.93 -82.48 59.70
N MET C 10 -18.62 -82.28 59.87
CA MET C 10 -17.90 -82.86 60.99
C MET C 10 -18.36 -82.32 62.35
N GLY C 11 -18.86 -81.08 62.39
CA GLY C 11 -19.28 -80.49 63.65
C GLY C 11 -18.21 -79.62 64.28
N VAL C 12 -16.96 -79.86 63.91
CA VAL C 12 -15.84 -79.06 64.41
C VAL C 12 -15.81 -77.73 63.67
N TYR C 13 -14.93 -76.83 64.10
CA TYR C 13 -14.84 -75.51 63.50
C TYR C 13 -13.65 -75.34 62.58
N PHE C 14 -12.54 -76.05 62.82
CA PHE C 14 -11.37 -75.92 61.98
C PHE C 14 -11.54 -76.58 60.62
N LYS C 15 -12.62 -77.34 60.41
CA LYS C 15 -12.92 -77.94 59.12
C LYS C 15 -14.10 -77.28 58.41
N GLU C 16 -15.02 -76.67 59.15
CA GLU C 16 -16.16 -76.00 58.54
C GLU C 16 -15.87 -74.56 58.16
N GLU C 17 -14.87 -73.93 58.77
CA GLU C 17 -14.48 -72.57 58.43
C GLU C 17 -13.88 -72.48 57.04
N PRO C 18 -12.99 -73.38 56.63
CA PRO C 18 -12.54 -73.36 55.22
C PRO C 18 -13.67 -73.62 54.24
N ILE C 19 -14.73 -74.32 54.66
CA ILE C 19 -15.87 -74.53 53.79
C ILE C 19 -16.63 -73.22 53.58
N ARG C 20 -16.79 -72.44 54.65
CA ARG C 20 -17.48 -71.16 54.52
C ARG C 20 -16.68 -70.16 53.71
N GLU C 21 -15.35 -70.18 53.84
CA GLU C 21 -14.51 -69.28 53.04
C GLU C 21 -14.52 -69.69 51.58
N LEU C 22 -14.56 -70.99 51.29
CA LEU C 22 -14.64 -71.45 49.91
C LEU C 22 -16.02 -71.21 49.30
N HIS C 23 -17.06 -71.10 50.13
CA HIS C 23 -18.39 -70.83 49.61
C HIS C 23 -18.48 -69.46 48.95
N ARG C 24 -17.77 -68.48 49.49
CA ARG C 24 -17.77 -67.14 48.92
C ARG C 24 -16.78 -66.97 47.79
N ALA C 25 -15.87 -67.92 47.60
CA ALA C 25 -14.87 -67.83 46.53
C ALA C 25 -15.30 -68.52 45.25
N LEU C 26 -16.03 -69.63 45.35
CA LEU C 26 -16.47 -70.35 44.16
C LEU C 26 -17.62 -69.64 43.45
N GLU C 27 -18.40 -68.83 44.19
CA GLU C 27 -19.50 -68.10 43.58
C GLU C 27 -19.03 -66.95 42.70
N ARG C 28 -17.79 -66.50 42.87
CA ARG C 28 -17.27 -65.42 42.03
C ARG C 28 -16.97 -65.89 40.61
N LEU C 29 -16.85 -67.19 40.38
CA LEU C 29 -16.58 -67.74 39.06
C LEU C 29 -17.76 -68.56 38.53
N ASN C 30 -18.98 -68.22 38.98
CA ASN C 30 -20.21 -68.88 38.56
C ASN C 30 -20.18 -70.38 38.87
N PHE C 31 -20.44 -70.73 40.12
CA PHE C 31 -20.52 -72.13 40.53
C PHE C 31 -21.60 -72.28 41.59
N GLN C 32 -22.47 -73.26 41.40
CA GLN C 32 -23.55 -73.54 42.34
C GLN C 32 -23.03 -74.45 43.45
N ILE C 33 -23.37 -74.11 44.69
CA ILE C 33 -22.94 -74.85 45.87
C ILE C 33 -24.13 -75.59 46.45
N VAL C 34 -23.99 -76.91 46.63
CA VAL C 34 -25.03 -77.73 47.22
C VAL C 34 -24.46 -78.44 48.44
N TYR C 35 -25.33 -78.81 49.37
CA TYR C 35 -24.95 -79.46 50.62
C TYR C 35 -25.80 -80.70 50.82
N PRO C 36 -25.31 -81.86 50.38
CA PRO C 36 -26.06 -83.11 50.60
C PRO C 36 -26.04 -83.50 52.08
N ASN C 37 -26.91 -84.44 52.41
CA ASN C 37 -27.08 -84.88 53.80
C ASN C 37 -26.24 -86.12 54.09
N ASP C 38 -26.82 -87.30 53.87
CA ASP C 38 -26.16 -88.56 54.20
C ASP C 38 -25.47 -89.10 52.94
N ARG C 39 -25.11 -90.39 52.96
CA ARG C 39 -24.43 -90.99 51.82
C ARG C 39 -25.38 -91.17 50.65
N ASP C 40 -26.64 -91.53 50.92
CA ASP C 40 -27.61 -91.70 49.85
C ASP C 40 -27.99 -90.37 49.20
N ASP C 41 -27.71 -89.24 49.87
CA ASP C 41 -28.03 -87.95 49.29
C ASP C 41 -27.06 -87.60 48.16
N LEU C 42 -25.78 -87.93 48.35
CA LEU C 42 -24.80 -87.65 47.31
C LEU C 42 -25.00 -88.52 46.07
N LEU C 43 -25.49 -89.74 46.26
CA LEU C 43 -25.70 -90.64 45.12
C LEU C 43 -26.82 -90.14 44.22
N LYS C 44 -27.81 -89.43 44.79
CA LYS C 44 -28.90 -88.89 43.99
C LYS C 44 -28.53 -87.61 43.25
N LEU C 45 -27.38 -87.01 43.57
CA LEU C 45 -26.93 -85.78 42.92
C LEU C 45 -26.05 -86.04 41.71
N ILE C 46 -25.94 -87.28 41.26
CA ILE C 46 -25.11 -87.65 40.13
C ILE C 46 -25.94 -88.29 39.01
N GLU C 47 -26.79 -89.26 39.36
CA GLU C 47 -27.62 -89.91 38.36
C GLU C 47 -28.68 -88.97 37.82
N ASN C 48 -29.27 -88.15 38.69
CA ASN C 48 -30.29 -87.21 38.25
C ASN C 48 -29.68 -85.89 37.81
N ASN C 49 -28.64 -85.42 38.50
CA ASN C 49 -27.97 -84.16 38.19
C ASN C 49 -26.66 -84.47 37.48
N ALA C 50 -26.61 -84.17 36.17
CA ALA C 50 -25.43 -84.43 35.36
C ALA C 50 -24.50 -83.22 35.25
N ARG C 51 -24.87 -82.08 35.81
CA ARG C 51 -24.06 -80.88 35.76
C ARG C 51 -23.16 -80.72 36.99
N LEU C 52 -22.80 -81.82 37.65
CA LEU C 52 -21.95 -81.80 38.82
C LEU C 52 -20.53 -82.22 38.45
N CYS C 53 -19.54 -81.54 39.03
CA CYS C 53 -18.15 -81.86 38.76
C CYS C 53 -17.27 -81.75 40.00
N GLY C 54 -17.84 -81.46 41.18
CA GLY C 54 -17.05 -81.33 42.39
C GLY C 54 -17.69 -82.00 43.59
N VAL C 55 -16.97 -82.91 44.22
CA VAL C 55 -17.44 -83.64 45.39
C VAL C 55 -16.44 -83.40 46.51
N ILE C 56 -16.88 -82.68 47.55
CA ILE C 56 -16.05 -82.38 48.70
C ILE C 56 -16.56 -83.18 49.89
N PHE C 57 -15.69 -83.98 50.48
CA PHE C 57 -16.05 -84.81 51.62
C PHE C 57 -14.80 -85.11 52.43
N ASP C 58 -15.00 -85.56 53.67
CA ASP C 58 -13.89 -85.90 54.54
C ASP C 58 -13.33 -87.27 54.17
N TRP C 59 -12.02 -87.33 53.99
CA TRP C 59 -11.39 -88.60 53.62
C TRP C 59 -11.37 -89.58 54.79
N ASP C 60 -11.30 -89.08 56.02
CA ASP C 60 -11.28 -89.92 57.21
C ASP C 60 -12.67 -90.09 57.80
N LYS C 61 -13.63 -90.44 56.95
CA LYS C 61 -15.01 -90.66 57.39
C LYS C 61 -15.72 -91.65 56.49
N TYR C 62 -15.57 -91.50 55.17
CA TYR C 62 -16.15 -92.40 54.18
C TYR C 62 -15.11 -92.61 53.07
N ASN C 63 -14.09 -93.41 53.36
CA ASN C 63 -13.04 -93.71 52.40
C ASN C 63 -13.33 -94.94 51.55
N LEU C 64 -14.35 -95.72 51.90
CA LEU C 64 -14.72 -96.91 51.13
C LEU C 64 -16.16 -96.93 50.68
N GLU C 65 -17.04 -96.12 51.28
CA GLU C 65 -18.45 -96.09 50.87
C GLU C 65 -18.73 -95.11 49.75
N LEU C 66 -17.78 -94.23 49.43
CA LEU C 66 -17.95 -93.25 48.37
C LEU C 66 -17.02 -93.47 47.19
N CYS C 67 -15.84 -94.05 47.41
CA CYS C 67 -14.90 -94.29 46.31
C CYS C 67 -15.26 -95.52 45.48
N GLU C 68 -16.32 -96.23 45.83
CA GLU C 68 -16.75 -97.42 45.10
C GLU C 68 -18.01 -97.18 44.29
N GLU C 69 -19.00 -96.49 44.86
CA GLU C 69 -20.25 -96.23 44.13
C GLU C 69 -20.06 -95.16 43.07
N ILE C 70 -19.24 -94.14 43.33
CA ILE C 70 -19.00 -93.09 42.35
C ILE C 70 -18.19 -93.62 41.19
N SER C 71 -17.25 -94.54 41.46
CA SER C 71 -16.43 -95.11 40.40
C SER C 71 -17.27 -95.95 39.44
N LYS C 72 -18.39 -96.51 39.90
CA LYS C 72 -19.25 -97.31 39.04
C LYS C 72 -20.09 -96.44 38.11
N MET C 73 -20.15 -95.13 38.33
CA MET C 73 -20.93 -94.25 37.47
C MET C 73 -20.01 -93.47 36.54
N ASN C 74 -19.24 -92.53 37.09
CA ASN C 74 -18.31 -91.72 36.32
C ASN C 74 -16.89 -92.01 36.80
N GLU C 75 -15.98 -92.24 35.85
CA GLU C 75 -14.60 -92.55 36.18
C GLU C 75 -13.74 -91.30 36.31
N ASN C 76 -13.87 -90.36 35.37
CA ASN C 76 -13.07 -89.15 35.37
C ASN C 76 -13.67 -88.03 36.23
N LEU C 77 -14.65 -88.34 37.06
CA LEU C 77 -15.27 -87.33 37.90
C LEU C 77 -14.30 -86.87 38.97
N PRO C 78 -13.97 -85.58 39.05
CA PRO C 78 -13.03 -85.11 40.07
C PRO C 78 -13.62 -85.27 41.47
N LEU C 79 -12.75 -85.66 42.41
CA LEU C 79 -13.12 -85.85 43.80
C LEU C 79 -12.26 -84.92 44.65
N TYR C 80 -12.87 -83.87 45.19
CA TYR C 80 -12.15 -82.89 46.02
C TYR C 80 -12.19 -83.30 47.48
N ALA C 81 -11.68 -84.50 47.75
CA ALA C 81 -11.65 -85.03 49.11
C ALA C 81 -10.58 -84.33 49.93
N PHE C 82 -10.89 -84.07 51.19
CA PHE C 82 -9.97 -83.41 52.11
C PHE C 82 -9.38 -84.45 53.06
N ALA C 83 -8.07 -84.60 53.02
CA ALA C 83 -7.36 -85.55 53.87
C ALA C 83 -6.87 -84.86 55.14
N ASN C 84 -6.43 -85.68 56.09
CA ASN C 84 -5.92 -85.20 57.37
C ASN C 84 -4.47 -85.69 57.55
N THR C 85 -3.99 -85.62 58.79
CA THR C 85 -2.62 -86.04 59.08
C THR C 85 -2.49 -87.56 58.99
N TYR C 86 -3.34 -88.29 59.70
CA TYR C 86 -3.29 -89.75 59.69
C TYR C 86 -4.29 -90.28 58.66
N SER C 87 -3.91 -90.11 57.40
CA SER C 87 -4.72 -90.55 56.26
C SER C 87 -3.89 -91.47 55.38
N THR C 88 -4.54 -92.50 54.82
CA THR C 88 -3.87 -93.44 53.95
C THR C 88 -4.90 -94.03 52.99
N LEU C 89 -4.40 -94.78 52.02
CA LEU C 89 -5.24 -95.42 51.03
C LEU C 89 -5.66 -96.82 51.50
N ASP C 90 -6.40 -97.53 50.65
CA ASP C 90 -6.88 -98.86 50.96
C ASP C 90 -6.45 -99.82 49.85
N VAL C 91 -6.32 -101.10 50.22
CA VAL C 91 -5.90 -102.11 49.25
C VAL C 91 -7.01 -102.36 48.22
N SER C 92 -8.26 -102.09 48.58
CA SER C 92 -9.38 -102.28 47.68
C SER C 92 -9.64 -101.05 46.80
N LEU C 93 -8.73 -100.07 46.81
CA LEU C 93 -8.87 -98.86 46.01
C LEU C 93 -7.80 -98.77 44.93
N ASN C 94 -7.42 -99.89 44.33
CA ASN C 94 -6.38 -99.90 43.31
C ASN C 94 -6.96 -100.05 41.90
N ASP C 95 -7.97 -100.90 41.74
CA ASP C 95 -8.59 -101.14 40.44
C ASP C 95 -9.84 -100.30 40.25
N LEU C 96 -9.75 -99.01 40.59
CA LEU C 96 -10.87 -98.08 40.46
C LEU C 96 -10.37 -96.81 39.80
N ARG C 97 -11.08 -96.37 38.75
CA ARG C 97 -10.71 -95.16 38.02
C ARG C 97 -11.33 -93.95 38.71
N LEU C 98 -10.50 -93.18 39.41
CA LEU C 98 -10.95 -91.99 40.12
C LEU C 98 -9.96 -90.87 39.93
N GLN C 99 -10.37 -89.66 40.34
CA GLN C 99 -9.52 -88.47 40.27
C GLN C 99 -9.69 -87.72 41.59
N ILE C 100 -8.84 -88.06 42.56
CA ILE C 100 -8.90 -87.50 43.90
C ILE C 100 -7.93 -86.33 43.99
N SER C 101 -8.42 -85.17 44.43
CA SER C 101 -7.61 -83.97 44.60
C SER C 101 -7.57 -83.64 46.09
N PHE C 102 -6.41 -83.83 46.71
CA PHE C 102 -6.26 -83.60 48.13
C PHE C 102 -6.02 -82.11 48.42
N PHE C 103 -6.42 -81.68 49.61
CA PHE C 103 -6.24 -80.30 50.04
C PHE C 103 -5.99 -80.31 51.55
N GLU C 104 -5.98 -79.12 52.14
CA GLU C 104 -5.76 -78.95 53.57
C GLU C 104 -6.81 -77.98 54.12
N TYR C 105 -6.71 -77.70 55.42
CA TYR C 105 -7.60 -76.77 56.10
C TYR C 105 -6.76 -75.58 56.57
N ALA C 106 -6.45 -74.68 55.64
CA ALA C 106 -5.65 -73.50 55.92
C ALA C 106 -6.51 -72.25 55.74
N LEU C 107 -6.33 -71.30 56.65
CA LEU C 107 -7.08 -70.05 56.58
C LEU C 107 -6.40 -69.06 55.64
N GLY C 108 -7.21 -68.31 54.89
CA GLY C 108 -6.71 -67.35 53.95
C GLY C 108 -6.31 -67.90 52.60
N ALA C 109 -6.10 -69.22 52.49
CA ALA C 109 -5.71 -69.85 51.24
C ALA C 109 -6.93 -70.32 50.43
N ALA C 110 -8.12 -69.81 50.73
CA ALA C 110 -9.30 -70.20 49.98
C ALA C 110 -9.29 -69.67 48.55
N GLU C 111 -8.55 -68.60 48.29
CA GLU C 111 -8.47 -68.07 46.93
C GLU C 111 -7.66 -68.98 46.02
N ASP C 112 -6.56 -69.55 46.55
CA ASP C 112 -5.75 -70.46 45.76
C ASP C 112 -6.47 -71.77 45.48
N ILE C 113 -7.37 -72.18 46.38
CA ILE C 113 -8.12 -73.40 46.16
C ILE C 113 -9.13 -73.21 45.02
N ALA C 114 -9.72 -72.02 44.92
CA ALA C 114 -10.68 -71.75 43.85
C ALA C 114 -10.02 -71.78 42.48
N ASN C 115 -8.75 -71.38 42.40
CA ASN C 115 -8.04 -71.44 41.12
C ASN C 115 -7.71 -72.87 40.73
N LYS C 116 -7.50 -73.75 41.71
CA LYS C 116 -7.21 -75.14 41.40
C LYS C 116 -8.46 -75.89 40.97
N ILE C 117 -9.63 -75.52 41.51
CA ILE C 117 -10.86 -76.18 41.10
C ILE C 117 -11.25 -75.76 39.69
N LYS C 118 -11.06 -74.48 39.35
CA LYS C 118 -11.37 -74.03 38.01
C LYS C 118 -10.43 -74.63 36.98
N GLN C 119 -9.15 -74.81 37.35
CA GLN C 119 -8.20 -75.43 36.43
C GLN C 119 -8.48 -76.91 36.25
N THR C 120 -8.89 -77.59 37.34
CA THR C 120 -9.23 -79.00 37.24
C THR C 120 -10.51 -79.21 36.44
N THR C 121 -11.47 -78.30 36.60
CA THR C 121 -12.71 -78.40 35.83
C THR C 121 -12.46 -78.21 34.35
N ASP C 122 -11.54 -77.30 34.00
CA ASP C 122 -11.19 -77.10 32.60
C ASP C 122 -10.51 -78.32 32.01
N GLU C 123 -9.73 -79.05 32.82
CA GLU C 123 -9.10 -80.28 32.34
C GLU C 123 -10.14 -81.38 32.12
N TYR C 124 -11.20 -81.39 32.92
CA TYR C 124 -12.26 -82.38 32.71
C TYR C 124 -13.06 -82.09 31.45
N ILE C 125 -13.22 -80.82 31.10
CA ILE C 125 -13.94 -80.47 29.87
C ILE C 125 -13.09 -80.79 28.65
N ASN C 126 -11.78 -80.54 28.72
CA ASN C 126 -10.87 -80.79 27.61
C ASN C 126 -10.43 -82.25 27.52
N THR C 127 -11.15 -83.16 28.16
CA THR C 127 -10.81 -84.58 28.12
C THR C 127 -11.97 -85.45 27.66
N ILE C 128 -13.16 -85.24 28.24
CA ILE C 128 -14.34 -86.03 27.86
C ILE C 128 -14.90 -85.63 26.51
N LEU C 129 -14.48 -84.49 25.95
CA LEU C 129 -14.98 -84.05 24.66
C LEU C 129 -14.07 -84.54 23.54
N PRO C 130 -14.64 -84.89 22.39
CA PRO C 130 -13.82 -85.35 21.26
C PRO C 130 -13.03 -84.20 20.67
N PRO C 131 -11.96 -84.48 19.93
CA PRO C 131 -11.16 -83.38 19.36
C PRO C 131 -11.89 -82.60 18.28
N LEU C 132 -12.88 -83.20 17.61
CA LEU C 132 -13.65 -82.47 16.61
C LEU C 132 -14.55 -81.43 17.25
N THR C 133 -15.23 -81.81 18.34
CA THR C 133 -16.07 -80.85 19.05
C THR C 133 -15.24 -79.82 19.80
N LYS C 134 -14.06 -80.22 20.30
CA LYS C 134 -13.20 -79.27 21.00
C LYS C 134 -12.73 -78.16 20.08
N ALA C 135 -12.39 -78.50 18.83
CA ALA C 135 -11.96 -77.49 17.87
C ALA C 135 -13.11 -76.59 17.43
N LEU C 136 -14.35 -77.04 17.56
CA LEU C 136 -15.49 -76.22 17.18
C LEU C 136 -15.83 -75.19 18.24
N PHE C 137 -15.76 -75.58 19.51
CA PHE C 137 -16.05 -74.65 20.60
C PHE C 137 -14.94 -73.63 20.78
N LYS C 138 -13.68 -74.03 20.54
CA LYS C 138 -12.56 -73.11 20.68
C LYS C 138 -12.54 -72.08 19.55
N TYR C 139 -13.03 -72.45 18.37
CA TYR C 139 -13.07 -71.51 17.24
C TYR C 139 -14.08 -70.40 17.44
N VAL C 140 -15.07 -70.59 18.31
CA VAL C 140 -16.08 -69.56 18.53
C VAL C 140 -15.51 -68.42 19.36
N ARG C 141 -14.73 -68.73 20.39
CA ARG C 141 -14.22 -67.72 21.30
C ARG C 141 -12.89 -67.12 20.87
N GLU C 142 -12.24 -67.68 19.85
CA GLU C 142 -10.94 -67.19 19.43
C GLU C 142 -10.86 -67.00 17.92
N GLY C 143 -11.40 -67.95 17.17
CA GLY C 143 -11.32 -67.88 15.72
C GLY C 143 -12.17 -66.75 15.16
N LYS C 144 -11.55 -65.86 14.41
CA LYS C 144 -12.22 -64.71 13.79
C LYS C 144 -11.81 -64.58 12.34
N TYR C 145 -11.70 -65.70 11.63
CA TYR C 145 -11.31 -65.68 10.22
C TYR C 145 -12.49 -65.21 9.38
N THR C 146 -12.36 -64.03 8.79
CA THR C 146 -13.42 -63.43 7.98
C THR C 146 -13.24 -63.83 6.52
N PHE C 147 -14.17 -63.35 5.68
CA PHE C 147 -14.16 -63.62 4.25
C PHE C 147 -14.17 -65.13 3.96
N CYS C 148 -15.10 -65.82 4.60
CA CYS C 148 -15.23 -67.26 4.45
C CYS C 148 -16.72 -67.63 4.41
N THR C 149 -16.98 -68.89 4.07
CA THR C 149 -18.32 -69.47 4.04
C THR C 149 -18.67 -70.07 5.39
N PRO C 150 -19.96 -70.07 5.79
CA PRO C 150 -21.13 -69.55 5.08
C PRO C 150 -21.18 -68.02 5.00
N GLY C 151 -22.22 -67.49 4.34
CA GLY C 151 -22.32 -66.06 4.15
C GLY C 151 -22.79 -65.29 5.36
N HIS C 152 -23.49 -65.94 6.29
CA HIS C 152 -23.97 -65.23 7.47
C HIS C 152 -22.82 -64.82 8.38
N MET C 153 -21.77 -65.62 8.46
CA MET C 153 -20.56 -65.33 9.23
C MET C 153 -20.91 -65.06 10.70
N GLY C 154 -21.43 -66.09 11.36
CA GLY C 154 -21.80 -65.98 12.75
C GLY C 154 -23.04 -65.18 13.02
N GLY C 155 -23.84 -64.87 12.00
CA GLY C 155 -25.05 -64.10 12.19
C GLY C 155 -24.85 -62.61 12.01
N THR C 156 -23.97 -62.23 11.08
CA THR C 156 -23.72 -60.81 10.83
C THR C 156 -24.83 -60.18 10.01
N ALA C 157 -25.31 -60.87 8.98
CA ALA C 157 -26.37 -60.32 8.14
C ALA C 157 -27.72 -60.26 8.86
N PHE C 158 -27.89 -61.05 9.93
CA PHE C 158 -29.15 -61.02 10.67
C PHE C 158 -29.31 -59.76 11.49
N GLN C 159 -28.22 -59.08 11.84
CA GLN C 159 -28.29 -57.85 12.62
C GLN C 159 -28.69 -56.65 11.78
N LYS C 160 -28.76 -56.78 10.46
CA LYS C 160 -29.14 -55.67 9.58
C LYS C 160 -30.57 -55.77 9.06
N SER C 161 -31.20 -56.94 9.14
CA SER C 161 -32.56 -57.09 8.67
C SER C 161 -33.54 -57.14 9.83
N PRO C 162 -34.71 -56.49 9.71
CA PRO C 162 -35.68 -56.53 10.80
C PRO C 162 -36.20 -57.93 11.08
N VAL C 163 -36.43 -58.73 10.04
CA VAL C 163 -36.94 -60.08 10.26
C VAL C 163 -35.81 -61.02 10.66
N GLY C 164 -34.57 -60.71 10.30
CA GLY C 164 -33.44 -61.56 10.65
C GLY C 164 -33.06 -61.50 12.12
N SER C 165 -33.47 -60.44 12.82
CA SER C 165 -33.15 -60.33 14.24
C SER C 165 -33.96 -61.30 15.08
N LEU C 166 -35.16 -61.68 14.62
CA LEU C 166 -35.98 -62.62 15.36
C LEU C 166 -35.49 -64.05 15.20
N PHE C 167 -34.70 -64.32 14.16
CA PHE C 167 -34.20 -65.67 13.94
C PHE C 167 -32.81 -65.86 14.57
N TYR C 168 -32.07 -64.77 14.79
CA TYR C 168 -30.76 -64.88 15.41
C TYR C 168 -30.86 -64.89 16.93
N ASP C 169 -31.91 -64.30 17.48
CA ASP C 169 -32.11 -64.26 18.92
C ASP C 169 -32.82 -65.49 19.46
N PHE C 170 -33.13 -66.47 18.61
CA PHE C 170 -33.81 -67.68 19.04
C PHE C 170 -32.82 -68.78 19.43
N PHE C 171 -31.94 -69.17 18.50
CA PHE C 171 -30.98 -70.22 18.78
C PHE C 171 -29.88 -69.76 19.73
N GLY C 172 -29.39 -68.53 19.56
CA GLY C 172 -28.35 -68.00 20.40
C GLY C 172 -27.14 -67.53 19.60
N PRO C 173 -26.37 -66.61 20.18
CA PRO C 173 -25.18 -66.12 19.47
C PRO C 173 -24.13 -67.19 19.24
N ASN C 174 -23.99 -68.15 20.15
CA ASN C 174 -23.00 -69.20 19.99
C ASN C 174 -23.42 -70.26 18.99
N THR C 175 -24.67 -70.24 18.51
CA THR C 175 -25.13 -71.23 17.55
C THR C 175 -24.68 -70.89 16.14
N MET C 176 -24.87 -69.64 15.73
CA MET C 176 -24.50 -69.25 14.37
C MET C 176 -22.98 -69.14 14.21
N LYS C 177 -22.26 -68.87 15.30
CA LYS C 177 -20.81 -68.77 15.22
C LYS C 177 -20.17 -70.14 14.99
N SER C 178 -20.85 -71.22 15.40
CA SER C 178 -20.33 -72.56 15.21
C SER C 178 -20.66 -73.13 13.84
N ASP C 179 -21.41 -72.40 13.01
CA ASP C 179 -21.79 -72.86 11.68
C ASP C 179 -20.70 -72.39 10.71
N ILE C 180 -19.73 -73.27 10.46
CA ILE C 180 -18.62 -72.98 9.56
C ILE C 180 -18.47 -74.14 8.58
N SER C 181 -17.77 -73.87 7.48
CA SER C 181 -17.56 -74.86 6.44
C SER C 181 -16.14 -75.40 6.46
N ILE C 182 -15.60 -75.73 5.28
CA ILE C 182 -14.27 -76.30 5.18
C ILE C 182 -13.26 -75.19 4.90
N SER C 183 -13.67 -73.94 5.13
CA SER C 183 -12.81 -72.78 4.94
C SER C 183 -11.93 -72.49 6.15
N VAL C 184 -11.67 -73.49 6.99
CA VAL C 184 -10.86 -73.35 8.18
C VAL C 184 -9.68 -74.30 8.08
N SER C 185 -8.48 -73.79 8.39
CA SER C 185 -7.27 -74.60 8.24
C SER C 185 -7.07 -75.54 9.43
N GLU C 186 -7.32 -75.06 10.65
CA GLU C 186 -7.08 -75.85 11.84
C GLU C 186 -8.21 -76.84 12.15
N LEU C 187 -9.16 -77.03 11.23
CA LEU C 187 -10.20 -78.03 11.39
C LEU C 187 -10.26 -79.02 10.23
N GLY C 188 -9.57 -78.75 9.12
CA GLY C 188 -9.56 -79.67 8.00
C GLY C 188 -10.88 -79.71 7.26
N SER C 189 -11.04 -80.78 6.47
CA SER C 189 -12.24 -81.00 5.68
C SER C 189 -12.72 -82.44 5.86
N LEU C 190 -14.01 -82.66 5.63
CA LEU C 190 -14.57 -84.00 5.77
C LEU C 190 -14.22 -84.87 4.57
N LEU C 191 -14.18 -84.30 3.37
CA LEU C 191 -13.85 -85.08 2.19
C LEU C 191 -12.37 -85.45 2.15
N ASP C 192 -11.52 -84.62 2.74
CA ASP C 192 -10.09 -84.91 2.76
C ASP C 192 -9.71 -85.99 3.77
N HIS C 193 -10.52 -86.19 4.81
CA HIS C 193 -10.27 -87.19 5.84
C HIS C 193 -8.91 -86.98 6.50
N SER C 194 -8.64 -85.73 6.90
CA SER C 194 -7.37 -85.38 7.53
C SER C 194 -7.65 -84.41 8.67
N GLY C 195 -6.67 -84.30 9.56
CA GLY C 195 -6.78 -83.41 10.70
C GLY C 195 -7.74 -83.93 11.75
N PRO C 196 -8.57 -83.05 12.28
CA PRO C 196 -9.56 -83.48 13.29
C PRO C 196 -10.56 -84.49 12.75
N HIS C 197 -10.86 -84.46 11.45
CA HIS C 197 -11.79 -85.42 10.88
C HIS C 197 -11.18 -86.81 10.78
N LYS C 198 -9.86 -86.90 10.69
CA LYS C 198 -9.21 -88.20 10.62
C LYS C 198 -9.25 -88.91 11.97
N GLU C 199 -8.98 -88.18 13.05
CA GLU C 199 -9.04 -88.77 14.39
C GLU C 199 -10.46 -89.01 14.86
N ALA C 200 -11.44 -88.31 14.27
CA ALA C 200 -12.84 -88.51 14.67
C ALA C 200 -13.39 -89.83 14.14
N GLU C 201 -12.92 -90.27 12.96
CA GLU C 201 -13.40 -91.54 12.42
C GLU C 201 -12.83 -92.73 13.18
N GLN C 202 -11.65 -92.58 13.79
CA GLN C 202 -11.07 -93.66 14.57
C GLN C 202 -11.64 -93.72 15.98
N TYR C 203 -12.11 -92.58 16.51
CA TYR C 203 -12.68 -92.59 17.85
C TYR C 203 -14.06 -93.22 17.87
N ILE C 204 -14.81 -93.12 16.76
CA ILE C 204 -16.13 -93.72 16.71
C ILE C 204 -16.05 -95.22 16.41
N ALA C 205 -15.14 -95.60 15.51
CA ALA C 205 -14.99 -97.02 15.17
C ALA C 205 -14.40 -97.82 16.31
N ARG C 206 -13.65 -97.16 17.21
CA ARG C 206 -13.07 -97.88 18.34
C ARG C 206 -14.11 -98.20 19.40
N VAL C 207 -15.01 -97.26 19.66
CA VAL C 207 -16.05 -97.49 20.66
C VAL C 207 -17.10 -98.46 20.12
N PHE C 208 -17.51 -98.28 18.87
CA PHE C 208 -18.51 -99.14 18.24
C PHE C 208 -17.91 -100.42 17.66
N ASN C 209 -16.64 -100.69 17.93
CA ASN C 209 -15.96 -101.88 17.44
C ASN C 209 -16.01 -101.98 15.93
N ALA C 210 -15.20 -101.18 15.24
CA ALA C 210 -15.17 -101.20 13.79
C ALA C 210 -13.78 -100.79 13.31
N ASP C 211 -13.53 -101.00 12.02
CA ASP C 211 -12.25 -100.65 11.43
C ASP C 211 -12.26 -99.26 10.80
N ARG C 212 -13.37 -98.88 10.17
CA ARG C 212 -13.50 -97.57 9.54
CA ARG C 212 -13.49 -97.57 9.55
C ARG C 212 -14.96 -97.18 9.51
N SER C 213 -15.27 -95.98 10.01
CA SER C 213 -16.62 -95.48 10.06
C SER C 213 -16.65 -94.04 9.58
N TYR C 214 -17.72 -93.68 8.88
CA TYR C 214 -17.91 -92.33 8.35
C TYR C 214 -19.05 -91.64 9.10
N MET C 215 -19.35 -90.41 8.68
CA MET C 215 -20.39 -89.58 9.29
C MET C 215 -21.25 -89.00 8.17
N VAL C 216 -22.34 -89.68 7.87
CA VAL C 216 -23.26 -89.23 6.82
C VAL C 216 -24.13 -88.11 7.36
N THR C 217 -24.18 -86.99 6.63
CA THR C 217 -24.96 -85.83 7.02
C THR C 217 -26.24 -85.67 6.21
N ASN C 218 -26.95 -86.76 5.95
CA ASN C 218 -28.20 -86.74 5.22
C ASN C 218 -29.10 -87.87 5.66
N GLY C 219 -29.00 -88.25 6.94
CA GLY C 219 -29.84 -89.30 7.49
C GLY C 219 -29.40 -90.68 7.04
N THR C 220 -30.11 -91.68 7.56
CA THR C 220 -29.80 -93.07 7.23
C THR C 220 -30.28 -93.41 5.82
N SER C 221 -31.34 -92.75 5.34
CA SER C 221 -31.88 -93.06 4.02
C SER C 221 -30.85 -92.85 2.92
N THR C 222 -29.91 -91.92 3.11
CA THR C 222 -28.87 -91.68 2.13
C THR C 222 -27.71 -92.66 2.25
N ALA C 223 -27.36 -93.06 3.48
CA ALA C 223 -26.24 -93.97 3.68
C ALA C 223 -26.51 -95.36 3.11
N ASN C 224 -27.78 -95.74 2.94
CA ASN C 224 -28.08 -97.06 2.38
C ASN C 224 -27.72 -97.13 0.90
N LYS C 225 -27.77 -96.01 0.19
CA LYS C 225 -27.42 -95.99 -1.23
C LYS C 225 -25.92 -95.93 -1.48
N ILE C 226 -25.12 -95.58 -0.47
CA ILE C 226 -23.67 -95.55 -0.64
C ILE C 226 -23.12 -96.98 -0.70
N VAL C 227 -23.61 -97.86 0.17
CA VAL C 227 -23.15 -99.24 0.16
C VAL C 227 -23.69 -99.98 -1.07
N GLY C 228 -24.94 -99.69 -1.45
CA GLY C 228 -25.54 -100.35 -2.59
C GLY C 228 -24.87 -100.04 -3.91
N MET C 229 -24.13 -98.93 -3.98
CA MET C 229 -23.41 -98.56 -5.19
C MET C 229 -21.92 -98.88 -5.10
N TYR C 230 -21.54 -99.83 -4.27
CA TYR C 230 -20.15 -100.25 -4.11
C TYR C 230 -19.90 -101.70 -4.48
N SER C 231 -20.82 -102.60 -4.13
CA SER C 231 -20.70 -104.02 -4.42
C SER C 231 -21.88 -104.50 -5.26
N ALA C 232 -22.25 -103.72 -6.27
CA ALA C 232 -23.35 -104.07 -7.15
C ALA C 232 -23.16 -103.41 -8.51
N PRO C 233 -22.38 -104.03 -9.40
CA PRO C 233 -22.18 -103.46 -10.74
C PRO C 233 -23.47 -103.47 -11.55
N ALA C 234 -23.42 -102.77 -12.68
CA ALA C 234 -24.57 -102.70 -13.59
C ALA C 234 -24.76 -104.04 -14.26
N GLY C 235 -25.76 -104.80 -13.82
CA GLY C 235 -26.04 -106.11 -14.36
C GLY C 235 -25.72 -107.27 -13.45
N SER C 236 -25.54 -107.02 -12.14
CA SER C 236 -25.22 -108.09 -11.21
C SER C 236 -26.48 -108.63 -10.56
N THR C 237 -26.41 -108.98 -9.27
CA THR C 237 -27.55 -109.52 -8.54
C THR C 237 -27.41 -109.17 -7.07
N ILE C 238 -28.45 -108.58 -6.49
CA ILE C 238 -28.47 -108.22 -5.08
C ILE C 238 -29.57 -109.01 -4.39
N LEU C 239 -29.44 -109.13 -3.07
CA LEU C 239 -30.39 -109.86 -2.23
C LEU C 239 -30.98 -108.88 -1.23
N ILE C 240 -31.99 -108.13 -1.69
CA ILE C 240 -32.66 -107.15 -0.85
C ILE C 240 -33.82 -107.81 -0.12
N ASP C 241 -34.09 -107.36 1.10
CA ASP C 241 -35.16 -107.90 1.90
C ASP C 241 -36.51 -107.33 1.44
N ARG C 242 -37.57 -108.11 1.67
CA ARG C 242 -38.90 -107.66 1.28
C ARG C 242 -39.37 -106.51 2.15
N ASN C 243 -39.12 -106.58 3.45
CA ASN C 243 -39.48 -105.50 4.39
C ASN C 243 -38.39 -104.43 4.35
N CYS C 244 -38.36 -103.70 3.24
CA CYS C 244 -37.37 -102.68 3.00
C CYS C 244 -37.94 -101.31 3.35
N HIS C 245 -37.16 -100.26 3.08
CA HIS C 245 -37.53 -98.89 3.34
C HIS C 245 -37.75 -98.16 2.02
N LYS C 246 -38.37 -96.97 2.12
CA LYS C 246 -38.62 -96.16 0.93
C LYS C 246 -37.32 -95.82 0.21
N SER C 247 -36.23 -95.59 0.95
CA SER C 247 -34.96 -95.30 0.31
C SER C 247 -34.35 -96.55 -0.32
N LEU C 248 -34.63 -97.72 0.25
CA LEU C 248 -34.10 -98.96 -0.32
C LEU C 248 -34.77 -99.30 -1.65
N THR C 249 -36.01 -98.86 -1.85
CA THR C 249 -36.69 -99.10 -3.12
C THR C 249 -36.08 -98.24 -4.23
N HIS C 250 -35.75 -96.98 -3.92
CA HIS C 250 -35.15 -96.10 -4.91
C HIS C 250 -33.75 -96.55 -5.30
N LEU C 251 -33.06 -97.30 -4.43
CA LEU C 251 -31.74 -97.82 -4.78
C LEU C 251 -31.83 -98.81 -5.94
N MET C 252 -32.89 -99.62 -5.96
CA MET C 252 -33.09 -100.55 -7.07
C MET C 252 -33.49 -99.85 -8.36
N MET C 253 -34.00 -98.63 -8.26
CA MET C 253 -34.41 -97.85 -9.42
C MET C 253 -33.31 -96.94 -9.94
N MET C 254 -32.13 -96.94 -9.31
CA MET C 254 -31.01 -96.12 -9.73
C MET C 254 -29.84 -96.93 -10.27
N SER C 255 -29.83 -98.24 -10.06
CA SER C 255 -28.75 -99.11 -10.52
C SER C 255 -29.37 -100.29 -11.27
N ASP C 256 -28.77 -100.63 -12.41
CA ASP C 256 -29.27 -101.73 -13.25
C ASP C 256 -28.81 -103.05 -12.64
N VAL C 257 -29.58 -103.53 -11.66
CA VAL C 257 -29.30 -104.79 -10.98
C VAL C 257 -30.56 -105.64 -10.99
N THR C 258 -30.38 -106.92 -10.66
CA THR C 258 -31.49 -107.88 -10.61
C THR C 258 -31.71 -108.31 -9.16
N PRO C 259 -32.63 -107.68 -8.44
CA PRO C 259 -32.85 -108.06 -7.04
C PRO C 259 -33.66 -109.34 -6.92
N ILE C 260 -33.46 -110.01 -5.78
CA ILE C 260 -34.18 -111.22 -5.44
C ILE C 260 -34.80 -111.02 -4.06
N TYR C 261 -36.13 -111.00 -4.00
CA TYR C 261 -36.83 -110.75 -2.75
C TYR C 261 -36.96 -112.03 -1.95
N PHE C 262 -36.87 -111.90 -0.62
CA PHE C 262 -36.98 -113.04 0.28
C PHE C 262 -38.44 -113.26 0.65
N ARG C 263 -38.68 -114.17 1.59
CA ARG C 263 -40.03 -114.50 2.06
C ARG C 263 -40.05 -114.42 3.59
N PRO C 264 -40.17 -113.21 4.15
CA PRO C 264 -40.19 -113.08 5.60
C PRO C 264 -41.43 -113.69 6.21
N THR C 265 -41.34 -113.98 7.50
CA THR C 265 -42.46 -114.54 8.25
C THR C 265 -43.35 -113.43 8.79
N ARG C 266 -44.61 -113.77 9.05
CA ARG C 266 -45.58 -112.82 9.55
C ARG C 266 -46.73 -113.57 10.20
N ASN C 267 -47.47 -112.86 11.04
CA ASN C 267 -48.62 -113.39 11.77
C ASN C 267 -49.90 -112.75 11.24
N ALA C 268 -50.91 -112.63 12.09
CA ALA C 268 -52.19 -112.03 11.71
C ALA C 268 -52.37 -110.61 12.23
N TYR C 269 -51.65 -110.22 13.28
CA TYR C 269 -51.78 -108.88 13.84
C TYR C 269 -51.09 -107.82 12.99
N GLY C 270 -50.24 -108.21 12.06
CA GLY C 270 -49.53 -107.28 11.21
C GLY C 270 -48.06 -107.12 11.54
N ILE C 271 -47.58 -107.75 12.61
CA ILE C 271 -46.18 -107.64 12.99
C ILE C 271 -45.36 -108.63 12.16
N LEU C 272 -44.48 -108.09 11.31
CA LEU C 272 -43.65 -108.93 10.47
C LEU C 272 -42.53 -109.56 11.27
N GLY C 273 -42.30 -110.85 11.04
CA GLY C 273 -41.25 -111.57 11.74
C GLY C 273 -39.89 -111.34 11.15
N GLY C 274 -39.30 -112.38 10.57
CA GLY C 274 -37.99 -112.28 9.97
C GLY C 274 -37.80 -113.29 8.87
N ILE C 275 -36.61 -113.29 8.30
CA ILE C 275 -36.28 -114.21 7.21
C ILE C 275 -35.95 -115.57 7.80
N PRO C 276 -36.57 -116.65 7.35
CA PRO C 276 -36.27 -117.99 7.89
C PRO C 276 -34.84 -118.40 7.56
N GLN C 277 -34.39 -119.43 8.27
CA GLN C 277 -33.04 -119.95 8.07
C GLN C 277 -32.91 -120.72 6.76
N SER C 278 -34.03 -121.17 6.17
CA SER C 278 -33.96 -121.92 4.92
C SER C 278 -33.66 -121.02 3.73
N GLU C 279 -33.94 -119.73 3.82
CA GLU C 279 -33.66 -118.82 2.72
C GLU C 279 -32.18 -118.50 2.58
N PHE C 280 -31.39 -118.70 3.64
CA PHE C 280 -29.95 -118.45 3.60
C PHE C 280 -29.16 -119.63 3.07
N GLN C 281 -29.83 -120.72 2.68
CA GLN C 281 -29.12 -121.90 2.19
C GLN C 281 -28.57 -121.65 0.78
N HIS C 282 -27.75 -122.60 0.33
CA HIS C 282 -27.16 -122.48 -1.00
C HIS C 282 -28.08 -123.03 -2.07
N ALA C 283 -28.91 -124.02 -1.72
CA ALA C 283 -29.84 -124.59 -2.70
C ALA C 283 -31.07 -123.71 -2.88
N THR C 284 -31.35 -122.81 -1.94
CA THR C 284 -32.50 -121.94 -2.06
C THR C 284 -32.18 -120.70 -2.89
N ILE C 285 -31.00 -120.12 -2.69
CA ILE C 285 -30.63 -118.93 -3.44
C ILE C 285 -30.35 -119.27 -4.90
N ALA C 286 -29.63 -120.37 -5.14
CA ALA C 286 -29.30 -120.77 -6.50
C ALA C 286 -30.52 -121.21 -7.29
N LYS C 287 -31.60 -121.61 -6.62
CA LYS C 287 -32.80 -122.02 -7.33
C LYS C 287 -33.52 -120.84 -7.94
N ARG C 288 -33.51 -119.70 -7.26
CA ARG C 288 -34.18 -118.49 -7.77
C ARG C 288 -33.37 -117.78 -8.84
N VAL C 289 -32.11 -118.15 -9.04
CA VAL C 289 -31.29 -117.51 -10.07
C VAL C 289 -31.72 -117.97 -11.45
N LYS C 290 -31.95 -119.27 -11.62
CA LYS C 290 -32.35 -119.78 -12.92
C LYS C 290 -33.78 -119.38 -13.26
N GLU C 291 -34.65 -119.30 -12.25
CA GLU C 291 -36.04 -118.92 -12.49
C GLU C 291 -36.18 -117.45 -12.85
N THR C 292 -35.26 -116.60 -12.42
CA THR C 292 -35.32 -115.18 -12.72
C THR C 292 -34.50 -114.89 -13.97
N PRO C 293 -35.09 -114.35 -15.04
CA PRO C 293 -34.32 -114.04 -16.24
C PRO C 293 -33.30 -112.94 -15.97
N ASN C 294 -32.12 -113.08 -16.59
CA ASN C 294 -31.02 -112.13 -16.48
C ASN C 294 -30.62 -111.95 -15.01
N ALA C 295 -29.98 -112.99 -14.48
CA ALA C 295 -29.52 -113.00 -13.11
C ALA C 295 -28.32 -113.91 -12.99
N THR C 296 -27.25 -113.40 -12.37
CA THR C 296 -26.01 -114.12 -12.16
C THR C 296 -25.90 -114.50 -10.67
N TRP C 297 -24.67 -114.64 -10.18
CA TRP C 297 -24.47 -114.98 -8.78
C TRP C 297 -24.63 -113.73 -7.91
N PRO C 298 -25.40 -113.80 -6.83
CA PRO C 298 -25.56 -112.61 -5.97
C PRO C 298 -24.25 -112.23 -5.31
N VAL C 299 -23.89 -110.96 -5.41
CA VAL C 299 -22.67 -110.41 -4.83
C VAL C 299 -22.94 -109.48 -3.66
N HIS C 300 -24.21 -109.19 -3.37
CA HIS C 300 -24.56 -108.31 -2.26
C HIS C 300 -25.90 -108.76 -1.68
N ALA C 301 -26.03 -108.60 -0.37
CA ALA C 301 -27.25 -108.99 0.34
C ALA C 301 -27.63 -107.90 1.33
N VAL C 302 -28.91 -107.53 1.33
CA VAL C 302 -29.45 -106.51 2.23
C VAL C 302 -30.40 -107.19 3.20
N ILE C 303 -30.06 -107.15 4.48
CA ILE C 303 -30.87 -107.76 5.54
C ILE C 303 -31.34 -106.66 6.48
N THR C 304 -32.66 -106.61 6.70
CA THR C 304 -33.26 -105.61 7.57
C THR C 304 -33.23 -106.14 9.00
N ASN C 305 -32.20 -105.73 9.76
CA ASN C 305 -32.02 -106.14 11.14
C ASN C 305 -31.67 -104.92 11.97
N SER C 306 -32.62 -104.46 12.79
CA SER C 306 -33.93 -105.09 12.90
C SER C 306 -34.95 -104.45 11.96
N THR C 307 -36.19 -104.92 12.06
CA THR C 307 -37.26 -104.42 11.21
C THR C 307 -37.83 -103.13 11.81
N TYR C 308 -39.02 -102.72 11.35
CA TYR C 308 -39.64 -101.51 11.86
C TYR C 308 -40.20 -101.72 13.26
N ASP C 309 -40.61 -102.94 13.59
CA ASP C 309 -41.15 -103.22 14.91
C ASP C 309 -40.08 -103.46 15.96
N GLY C 310 -38.89 -103.89 15.55
CA GLY C 310 -37.80 -104.14 16.48
C GLY C 310 -37.65 -105.60 16.86
N LEU C 311 -37.13 -106.40 15.93
CA LEU C 311 -36.91 -107.83 16.16
C LEU C 311 -35.52 -108.19 15.66
N LEU C 312 -34.61 -108.45 16.60
CA LEU C 312 -33.24 -108.82 16.24
C LEU C 312 -33.20 -110.23 15.66
N TYR C 313 -32.24 -110.45 14.76
CA TYR C 313 -32.08 -111.75 14.12
C TYR C 313 -30.98 -112.55 14.81
N ASN C 314 -30.25 -113.36 14.03
CA ASN C 314 -29.16 -114.18 14.54
C ASN C 314 -27.99 -114.03 13.58
N THR C 315 -27.06 -113.12 13.92
CA THR C 315 -25.90 -112.88 13.06
C THR C 315 -24.88 -114.01 13.15
N ASP C 316 -24.94 -114.84 14.19
CA ASP C 316 -24.01 -115.95 14.31
C ASP C 316 -24.28 -117.03 13.29
N PHE C 317 -25.51 -117.15 12.81
CA PHE C 317 -25.87 -118.15 11.79
C PHE C 317 -25.83 -117.60 10.38
N ILE C 318 -26.05 -116.30 10.20
CA ILE C 318 -26.04 -115.71 8.87
C ILE C 318 -24.61 -115.61 8.34
N LYS C 319 -23.66 -115.26 9.21
CA LYS C 319 -22.26 -115.10 8.83
C LYS C 319 -21.54 -116.43 8.58
N LYS C 320 -22.27 -117.55 8.46
CA LYS C 320 -21.63 -118.84 8.20
C LYS C 320 -22.37 -119.60 7.11
N THR C 321 -23.69 -119.44 7.06
CA THR C 321 -24.52 -120.12 6.07
C THR C 321 -24.69 -119.29 4.81
N LEU C 322 -24.98 -118.00 4.96
CA LEU C 322 -25.16 -117.12 3.80
C LEU C 322 -23.83 -116.91 3.11
N ASP C 323 -23.77 -117.28 1.83
CA ASP C 323 -22.53 -117.18 1.05
C ASP C 323 -22.57 -115.92 0.19
N VAL C 324 -22.48 -114.77 0.86
CA VAL C 324 -22.45 -113.47 0.23
C VAL C 324 -21.24 -112.71 0.74
N LYS C 325 -20.41 -112.22 -0.17
CA LYS C 325 -19.19 -111.51 0.22
C LYS C 325 -19.48 -110.12 0.78
N SER C 326 -20.66 -109.56 0.49
CA SER C 326 -21.03 -108.21 0.95
C SER C 326 -22.41 -108.31 1.59
N ILE C 327 -22.45 -108.61 2.88
CA ILE C 327 -23.69 -108.73 3.63
C ILE C 327 -23.96 -107.41 4.34
N HIS C 328 -25.15 -106.85 4.14
CA HIS C 328 -25.55 -105.58 4.73
C HIS C 328 -26.62 -105.80 5.79
N PHE C 329 -26.50 -105.07 6.89
CA PHE C 329 -27.46 -105.12 7.99
C PHE C 329 -28.02 -103.72 8.21
N ASP C 330 -29.31 -103.54 7.91
CA ASP C 330 -29.98 -102.24 8.08
C ASP C 330 -30.29 -102.05 9.56
N SER C 331 -29.29 -101.59 10.29
CA SER C 331 -29.42 -101.35 11.73
C SER C 331 -29.94 -99.95 12.02
N ALA C 332 -31.07 -99.60 11.41
CA ALA C 332 -31.66 -98.27 11.57
C ALA C 332 -32.54 -98.16 12.81
N TRP C 333 -32.49 -99.14 13.73
CA TRP C 333 -33.31 -99.09 14.94
C TRP C 333 -32.57 -99.62 16.17
N VAL C 334 -31.30 -100.00 16.04
CA VAL C 334 -30.54 -100.51 17.18
C VAL C 334 -29.17 -99.85 17.23
N PRO C 335 -29.07 -98.55 17.52
CA PRO C 335 -27.75 -97.92 17.62
C PRO C 335 -27.12 -98.10 18.99
N TYR C 336 -27.19 -99.32 19.54
CA TYR C 336 -26.69 -99.55 20.89
C TYR C 336 -26.29 -101.00 21.14
N THR C 337 -26.09 -101.81 20.10
CA THR C 337 -25.76 -103.22 20.25
C THR C 337 -24.29 -103.44 20.57
N ASN C 338 -23.72 -102.66 21.49
CA ASN C 338 -22.33 -102.81 21.89
C ASN C 338 -22.10 -102.17 23.25
N PHE C 339 -23.14 -102.15 24.08
CA PHE C 339 -23.03 -101.52 25.39
C PHE C 339 -23.77 -102.30 26.47
N SER C 340 -24.01 -103.60 26.27
CA SER C 340 -24.71 -104.43 27.23
C SER C 340 -24.40 -105.88 26.93
N PRO C 341 -24.24 -106.73 27.96
CA PRO C 341 -23.93 -108.14 27.71
C PRO C 341 -25.10 -108.94 27.16
N ILE C 342 -26.29 -108.36 27.05
CA ILE C 342 -27.45 -109.07 26.54
C ILE C 342 -27.64 -108.77 25.06
N TYR C 343 -26.61 -108.18 24.44
CA TYR C 343 -26.64 -107.88 23.01
C TYR C 343 -25.39 -108.41 22.30
N GLU C 344 -24.66 -109.33 22.91
CA GLU C 344 -23.46 -109.88 22.29
C GLU C 344 -23.84 -110.91 21.25
N GLY C 345 -23.21 -110.83 20.08
CA GLY C 345 -23.49 -111.77 19.02
C GLY C 345 -24.83 -111.57 18.33
N LYS C 346 -25.38 -110.35 18.39
CA LYS C 346 -26.67 -110.07 17.77
C LYS C 346 -26.59 -109.07 16.63
N CYS C 347 -25.44 -108.44 16.40
CA CYS C 347 -25.26 -107.47 15.33
C CYS C 347 -24.03 -107.86 14.50
N GLY C 348 -23.79 -107.10 13.43
CA GLY C 348 -22.65 -107.38 12.58
C GLY C 348 -21.33 -106.99 13.19
N MET C 349 -21.31 -105.95 14.03
CA MET C 349 -20.08 -105.51 14.67
C MET C 349 -19.63 -106.42 15.79
N SER C 350 -20.56 -107.17 16.39
CA SER C 350 -20.20 -108.07 17.48
C SER C 350 -19.48 -109.30 16.94
N GLY C 351 -18.35 -109.63 17.54
CA GLY C 351 -17.57 -110.77 17.10
C GLY C 351 -16.22 -110.39 16.50
N GLY C 352 -15.96 -110.85 15.29
CA GLY C 352 -14.70 -110.54 14.62
C GLY C 352 -14.85 -110.40 13.12
N ARG C 353 -13.72 -110.29 12.42
CA ARG C 353 -13.74 -110.13 10.97
C ARG C 353 -13.98 -111.49 10.31
N VAL C 354 -14.97 -111.53 9.41
CA VAL C 354 -15.28 -112.76 8.69
C VAL C 354 -14.31 -112.91 7.52
N GLU C 355 -13.71 -114.09 7.40
CA GLU C 355 -12.73 -114.34 6.35
C GLU C 355 -13.42 -114.37 4.98
N GLY C 356 -13.04 -113.44 4.11
CA GLY C 356 -13.58 -113.38 2.77
C GLY C 356 -14.90 -112.64 2.64
N LYS C 357 -15.38 -112.00 3.71
CA LYS C 357 -16.63 -111.26 3.67
C LYS C 357 -16.44 -109.91 4.33
N VAL C 358 -17.49 -109.09 4.26
CA VAL C 358 -17.47 -107.75 4.84
C VAL C 358 -18.89 -107.41 5.27
N ILE C 359 -19.00 -106.70 6.39
CA ILE C 359 -20.28 -106.33 6.98
C ILE C 359 -20.45 -104.82 6.90
N TYR C 360 -21.61 -104.39 6.38
CA TYR C 360 -21.95 -102.98 6.30
C TYR C 360 -23.18 -102.71 7.15
N GLU C 361 -23.14 -101.61 7.90
CA GLU C 361 -24.25 -101.22 8.76
C GLU C 361 -24.49 -99.72 8.63
N THR C 362 -25.75 -99.32 8.69
CA THR C 362 -26.16 -97.91 8.63
C THR C 362 -26.95 -97.60 9.90
N GLN C 363 -26.22 -97.40 11.00
CA GLN C 363 -26.85 -97.11 12.28
C GLN C 363 -27.43 -95.70 12.28
N SER C 364 -28.69 -95.58 12.67
CA SER C 364 -29.35 -94.28 12.74
C SER C 364 -28.94 -93.55 14.00
N THR C 365 -28.60 -92.27 13.85
CA THR C 365 -28.17 -91.44 14.97
C THR C 365 -29.28 -90.57 15.53
N HIS C 366 -30.09 -89.97 14.68
CA HIS C 366 -31.17 -89.09 15.13
C HIS C 366 -32.49 -89.85 15.27
N LYS C 367 -32.41 -91.08 15.77
CA LYS C 367 -33.60 -91.92 15.94
C LYS C 367 -33.78 -92.29 17.37
N LEU C 368 -32.81 -93.00 17.93
CA LEU C 368 -32.90 -93.45 19.32
C LEU C 368 -31.67 -93.05 20.13
N LEU C 369 -31.11 -91.88 19.83
CA LEU C 369 -29.95 -91.39 20.56
C LEU C 369 -30.17 -89.94 20.99
N ALA C 370 -29.16 -89.09 20.80
CA ALA C 370 -29.26 -87.68 21.19
C ALA C 370 -28.31 -86.88 20.30
N ALA C 371 -28.83 -86.42 19.16
CA ALA C 371 -28.06 -85.62 18.23
C ALA C 371 -29.01 -84.91 17.28
N PHE C 372 -28.46 -84.05 16.44
CA PHE C 372 -29.27 -83.33 15.46
C PHE C 372 -29.75 -84.28 14.37
N SER C 373 -30.73 -83.82 13.60
CA SER C 373 -31.29 -84.62 12.54
C SER C 373 -30.31 -84.75 11.38
N GLN C 374 -30.59 -85.69 10.48
CA GLN C 374 -29.77 -85.98 9.30
C GLN C 374 -28.34 -86.34 9.73
N ALA C 375 -28.24 -87.50 10.39
CA ALA C 375 -26.96 -88.00 10.87
C ALA C 375 -26.99 -89.52 10.80
N SER C 376 -25.97 -90.10 10.17
CA SER C 376 -25.87 -91.55 10.01
C SER C 376 -24.42 -91.96 10.02
N MET C 377 -24.19 -93.27 10.07
CA MET C 377 -22.85 -93.83 10.09
C MET C 377 -22.79 -95.02 9.13
N ILE C 378 -21.57 -95.34 8.69
CA ILE C 378 -21.31 -96.47 7.80
C ILE C 378 -20.23 -97.30 8.46
N HIS C 379 -20.62 -98.42 9.07
CA HIS C 379 -19.68 -99.31 9.76
C HIS C 379 -19.17 -100.36 8.78
N VAL C 380 -17.87 -100.41 8.58
CA VAL C 380 -17.23 -101.34 7.67
C VAL C 380 -16.37 -102.29 8.48
N LYS C 381 -16.61 -103.60 8.33
CA LYS C 381 -15.87 -104.64 9.05
C LYS C 381 -15.34 -105.63 8.00
N GLY C 382 -14.11 -105.41 7.55
CA GLY C 382 -13.53 -106.29 6.56
C GLY C 382 -12.30 -105.66 5.93
N ASP C 383 -11.94 -106.16 4.76
CA ASP C 383 -10.79 -105.68 3.99
C ASP C 383 -11.30 -105.11 2.68
N VAL C 384 -11.50 -103.80 2.65
CA VAL C 384 -11.99 -103.11 1.46
C VAL C 384 -10.95 -102.07 1.04
N ASN C 385 -11.08 -101.60 -0.20
CA ASN C 385 -10.16 -100.60 -0.74
C ASN C 385 -10.51 -99.23 -0.17
N GLU C 386 -9.49 -98.49 0.25
CA GLU C 386 -9.71 -97.17 0.82
C GLU C 386 -9.90 -96.12 -0.26
N GLU C 387 -9.15 -96.21 -1.36
CA GLU C 387 -9.27 -95.23 -2.44
C GLU C 387 -10.52 -95.46 -3.29
N THR C 388 -11.16 -96.61 -3.17
CA THR C 388 -12.35 -96.91 -3.94
C THR C 388 -13.63 -96.61 -3.15
N PHE C 389 -13.67 -97.00 -1.88
CA PHE C 389 -14.86 -96.75 -1.06
C PHE C 389 -15.01 -95.27 -0.72
N ASN C 390 -13.92 -94.51 -0.78
CA ASN C 390 -13.99 -93.08 -0.48
C ASN C 390 -14.71 -92.33 -1.60
N GLU C 391 -14.56 -92.77 -2.85
CA GLU C 391 -15.22 -92.10 -3.96
C GLU C 391 -16.74 -92.27 -3.90
N ALA C 392 -17.22 -93.40 -3.36
CA ALA C 392 -18.66 -93.60 -3.25
C ALA C 392 -19.26 -92.74 -2.16
N TYR C 393 -18.49 -92.37 -1.14
CA TYR C 393 -19.00 -91.53 -0.07
C TYR C 393 -19.16 -90.08 -0.53
N MET C 394 -18.28 -89.59 -1.40
CA MET C 394 -18.35 -88.23 -1.89
C MET C 394 -19.45 -88.01 -2.91
N MET C 395 -20.09 -89.08 -3.39
CA MET C 395 -21.18 -88.96 -4.36
C MET C 395 -22.51 -88.63 -3.72
N HIS C 396 -22.55 -88.48 -2.39
CA HIS C 396 -23.79 -88.14 -1.70
C HIS C 396 -23.62 -87.10 -0.60
N THR C 397 -22.40 -86.70 -0.26
CA THR C 397 -22.15 -85.71 0.77
C THR C 397 -21.59 -84.45 0.14
N THR C 398 -22.13 -83.29 0.53
CA THR C 398 -21.69 -82.03 -0.03
C THR C 398 -20.26 -81.71 0.42
N THR C 399 -19.65 -80.76 -0.29
CA THR C 399 -18.27 -80.36 0.02
C THR C 399 -18.19 -79.49 1.27
N SER C 400 -19.29 -78.88 1.71
CA SER C 400 -19.33 -78.02 2.89
C SER C 400 -20.28 -78.66 3.90
N PRO C 401 -19.80 -79.60 4.70
CA PRO C 401 -20.67 -80.24 5.69
C PRO C 401 -20.99 -79.32 6.85
N HIS C 402 -22.19 -79.47 7.39
CA HIS C 402 -22.64 -78.69 8.53
C HIS C 402 -22.00 -79.26 9.80
N TYR C 403 -21.03 -78.54 10.36
CA TYR C 403 -20.32 -79.04 11.53
C TYR C 403 -21.19 -79.09 12.78
N GLY C 404 -22.33 -78.39 12.78
CA GLY C 404 -23.23 -78.48 13.91
C GLY C 404 -23.83 -79.85 14.09
N ILE C 405 -24.04 -80.58 13.00
CA ILE C 405 -24.54 -81.94 13.06
C ILE C 405 -23.40 -82.95 13.20
N VAL C 406 -22.25 -82.65 12.57
CA VAL C 406 -21.10 -83.55 12.67
C VAL C 406 -20.59 -83.62 14.11
N ALA C 407 -20.58 -82.48 14.81
CA ALA C 407 -20.15 -82.47 16.19
C ALA C 407 -21.10 -83.25 17.09
N SER C 408 -22.39 -83.29 16.75
CA SER C 408 -23.35 -84.06 17.51
C SER C 408 -23.37 -85.54 17.13
N THR C 409 -22.94 -85.87 15.91
CA THR C 409 -22.88 -87.27 15.51
C THR C 409 -21.82 -88.02 16.30
N GLU C 410 -20.64 -87.43 16.43
CA GLU C 410 -19.59 -88.05 17.25
C GLU C 410 -19.91 -87.95 18.73
N THR C 411 -20.73 -86.97 19.13
CA THR C 411 -21.10 -86.84 20.53
C THR C 411 -21.93 -88.03 20.99
N ALA C 412 -22.81 -88.54 20.12
CA ALA C 412 -23.60 -89.71 20.48
C ALA C 412 -22.73 -90.93 20.75
N ALA C 413 -21.60 -91.04 20.06
CA ALA C 413 -20.66 -92.12 20.34
C ALA C 413 -19.80 -91.85 21.57
N ALA C 414 -19.69 -90.59 21.99
CA ALA C 414 -18.92 -90.24 23.18
C ALA C 414 -19.75 -90.25 24.44
N MET C 415 -21.07 -90.00 24.33
CA MET C 415 -21.94 -90.03 25.49
C MET C 415 -22.16 -91.44 26.01
N MET C 416 -21.91 -92.46 25.19
CA MET C 416 -22.10 -93.85 25.59
C MET C 416 -20.82 -94.54 26.03
N LYS C 417 -19.67 -93.90 25.88
CA LYS C 417 -18.42 -94.52 26.27
C LYS C 417 -18.25 -94.47 27.78
N GLY C 418 -17.83 -95.60 28.36
CA GLY C 418 -17.62 -95.69 29.79
C GLY C 418 -18.87 -96.11 30.53
N ASN C 419 -18.74 -96.15 31.86
CA ASN C 419 -19.86 -96.53 32.71
C ASN C 419 -20.93 -95.45 32.77
N ALA C 420 -20.58 -94.20 32.45
CA ALA C 420 -21.57 -93.12 32.45
C ALA C 420 -22.58 -93.30 31.32
N GLY C 421 -22.18 -93.93 30.23
CA GLY C 421 -23.08 -94.17 29.12
C GLY C 421 -23.80 -95.49 29.23
N LYS C 422 -23.21 -96.44 29.96
CA LYS C 422 -23.86 -97.73 30.16
C LYS C 422 -25.08 -97.61 31.06
N ARG C 423 -25.12 -96.59 31.90
CA ARG C 423 -26.28 -96.38 32.77
C ARG C 423 -27.48 -95.85 32.01
N LEU C 424 -27.29 -95.33 30.80
CA LEU C 424 -28.39 -94.84 29.98
C LEU C 424 -28.96 -95.93 29.07
N ILE C 425 -28.11 -96.81 28.56
CA ILE C 425 -28.60 -97.92 27.75
C ILE C 425 -29.29 -98.95 28.62
N ASN C 426 -28.62 -99.38 29.70
CA ASN C 426 -29.23 -100.32 30.63
C ASN C 426 -30.35 -99.68 31.44
N GLY C 427 -30.28 -98.36 31.63
CA GLY C 427 -31.34 -97.68 32.35
C GLY C 427 -32.65 -97.65 31.58
N SER C 428 -32.58 -97.48 30.26
CA SER C 428 -33.78 -97.53 29.43
C SER C 428 -34.36 -98.93 29.36
N ILE C 429 -33.52 -99.95 29.50
CA ILE C 429 -34.01 -101.33 29.50
C ILE C 429 -34.72 -101.63 30.81
N GLU C 430 -34.17 -101.17 31.94
CA GLU C 430 -34.81 -101.38 33.23
C GLU C 430 -36.13 -100.65 33.32
N ARG C 431 -36.22 -99.46 32.72
CA ARG C 431 -37.48 -98.73 32.70
C ARG C 431 -38.48 -99.38 31.75
N ALA C 432 -37.99 -100.09 30.73
CA ALA C 432 -38.88 -100.78 29.81
C ALA C 432 -39.42 -102.07 30.41
N ILE C 433 -38.56 -102.83 31.11
CA ILE C 433 -39.02 -104.06 31.76
C ILE C 433 -39.98 -103.72 32.89
N LYS C 434 -39.72 -102.63 33.62
CA LYS C 434 -40.63 -102.21 34.68
C LYS C 434 -42.00 -101.83 34.11
N PHE C 435 -42.01 -101.20 32.93
CA PHE C 435 -43.27 -100.86 32.29
C PHE C 435 -44.01 -102.11 31.80
N ARG C 436 -43.26 -103.16 31.44
CA ARG C 436 -43.89 -104.40 31.02
C ARG C 436 -44.58 -105.11 32.17
N LYS C 437 -44.02 -105.00 33.39
CA LYS C 437 -44.62 -105.65 34.54
C LYS C 437 -45.80 -104.85 35.09
N GLU C 438 -45.85 -103.55 34.83
CA GLU C 438 -46.97 -102.74 35.31
C GLU C 438 -48.23 -103.00 34.50
N ILE C 439 -48.08 -103.54 33.28
CA ILE C 439 -49.24 -103.85 32.46
C ILE C 439 -49.90 -105.14 32.93
N LYS C 440 -49.09 -106.17 33.18
CA LYS C 440 -49.64 -107.44 33.66
C LYS C 440 -50.17 -107.32 35.08
N ARG C 441 -49.65 -106.38 35.87
CA ARG C 441 -50.15 -106.19 37.22
C ARG C 441 -51.52 -105.52 37.22
N LEU C 442 -51.74 -104.59 36.28
CA LEU C 442 -53.01 -103.89 36.16
C LEU C 442 -53.99 -104.58 35.21
N ARG C 443 -53.72 -105.83 34.83
CA ARG C 443 -54.58 -106.58 33.95
C ARG C 443 -55.43 -107.60 34.69
N THR C 444 -54.82 -108.41 35.56
CA THR C 444 -55.59 -109.38 36.34
C THR C 444 -56.35 -108.70 37.47
N GLU C 445 -55.73 -107.73 38.13
CA GLU C 445 -56.38 -107.04 39.24
C GLU C 445 -57.51 -106.13 38.77
N SER C 446 -57.52 -105.74 37.50
CA SER C 446 -58.56 -104.88 36.99
C SER C 446 -59.87 -105.67 36.81
N ASP C 447 -60.97 -104.94 36.68
CA ASP C 447 -62.30 -105.51 36.51
C ASP C 447 -62.77 -105.17 35.09
N GLY C 448 -62.36 -105.99 34.13
CA GLY C 448 -62.73 -105.81 32.75
C GLY C 448 -61.53 -106.02 31.85
N TRP C 449 -61.65 -105.52 30.62
CA TRP C 449 -60.58 -105.65 29.64
C TRP C 449 -59.44 -104.70 29.96
N PHE C 450 -58.25 -105.05 29.47
CA PHE C 450 -57.07 -104.22 29.68
C PHE C 450 -56.06 -104.54 28.59
N PHE C 451 -55.16 -103.59 28.35
CA PHE C 451 -54.16 -103.75 27.30
C PHE C 451 -53.21 -104.89 27.63
N ASP C 452 -52.62 -105.47 26.58
CA ASP C 452 -51.70 -106.58 26.71
C ASP C 452 -50.42 -106.27 25.96
N VAL C 453 -49.29 -106.68 26.53
CA VAL C 453 -47.98 -106.46 25.93
C VAL C 453 -47.56 -107.72 25.18
N TRP C 454 -47.13 -107.55 23.93
CA TRP C 454 -46.67 -108.66 23.10
C TRP C 454 -45.36 -109.19 23.68
N GLN C 455 -45.49 -110.03 24.70
CA GLN C 455 -44.34 -110.56 25.43
C GLN C 455 -44.69 -111.95 25.92
N PRO C 456 -43.69 -112.78 26.20
CA PRO C 456 -43.97 -114.11 26.76
C PRO C 456 -44.61 -114.02 28.13
N ASP C 457 -45.08 -115.18 28.61
CA ASP C 457 -45.74 -115.22 29.92
C ASP C 457 -44.75 -115.03 31.06
N HIS C 458 -43.48 -115.37 30.83
CA HIS C 458 -42.43 -115.26 31.84
C HIS C 458 -41.47 -114.15 31.41
N ILE C 459 -41.50 -113.03 32.12
CA ILE C 459 -40.63 -111.90 31.82
C ILE C 459 -39.78 -111.57 33.03
N ASP C 460 -39.51 -112.57 33.87
CA ASP C 460 -38.74 -112.37 35.09
C ASP C 460 -37.24 -112.45 34.80
N THR C 461 -36.77 -111.75 33.77
CA THR C 461 -35.37 -111.74 33.42
C THR C 461 -35.04 -110.43 32.72
N THR C 462 -33.74 -110.15 32.61
CA THR C 462 -33.23 -108.94 31.95
C THR C 462 -32.36 -109.38 30.78
N GLU C 463 -33.00 -109.73 29.68
CA GLU C 463 -32.31 -110.18 28.46
C GLU C 463 -33.32 -110.16 27.32
N CYS C 464 -32.88 -110.61 26.15
CA CYS C 464 -33.74 -110.68 24.98
C CYS C 464 -34.52 -111.99 25.00
N TRP C 465 -35.85 -111.89 25.03
CA TRP C 465 -36.70 -113.08 25.08
C TRP C 465 -36.70 -113.77 23.72
N PRO C 466 -36.23 -115.01 23.63
CA PRO C 466 -36.23 -115.70 22.34
C PRO C 466 -37.64 -116.15 21.94
N LEU C 467 -37.83 -116.30 20.64
CA LEU C 467 -39.13 -116.75 20.10
C LEU C 467 -39.02 -118.25 19.83
N ARG C 468 -39.45 -119.03 20.81
CA ARG C 468 -39.40 -120.48 20.70
C ARG C 468 -40.54 -121.00 19.82
N SER C 469 -40.60 -122.32 19.68
CA SER C 469 -41.62 -122.97 18.88
C SER C 469 -42.76 -123.52 19.72
N ASP C 470 -42.66 -123.48 21.04
CA ASP C 470 -43.70 -123.98 21.94
C ASP C 470 -44.40 -122.84 22.69
N SER C 471 -44.64 -121.72 22.02
CA SER C 471 -45.29 -120.56 22.61
C SER C 471 -46.42 -120.07 21.71
N THR C 472 -47.37 -119.37 22.32
CA THR C 472 -48.53 -118.85 21.60
C THR C 472 -48.63 -117.33 21.67
N TRP C 473 -47.66 -116.65 22.28
CA TRP C 473 -47.72 -115.20 22.37
C TRP C 473 -47.31 -114.53 21.07
N HIS C 474 -46.37 -115.13 20.33
CA HIS C 474 -45.89 -114.56 19.08
C HIS C 474 -46.76 -114.94 17.90
N GLY C 475 -47.26 -116.17 17.87
CA GLY C 475 -48.15 -116.60 16.80
C GLY C 475 -47.50 -116.70 15.43
N PHE C 476 -46.28 -117.22 15.37
CA PHE C 476 -45.55 -117.42 14.12
C PHE C 476 -45.35 -118.91 13.92
N LYS C 477 -46.16 -119.49 13.04
CA LYS C 477 -46.06 -120.92 12.76
C LYS C 477 -44.81 -121.22 11.93
N ASN C 478 -44.27 -122.43 12.13
CA ASN C 478 -43.07 -122.88 11.43
C ASN C 478 -41.89 -121.93 11.66
N ILE C 479 -41.74 -121.47 12.89
CA ILE C 479 -40.69 -120.53 13.26
C ILE C 479 -39.44 -121.33 13.63
N ASP C 480 -38.28 -120.74 13.35
CA ASP C 480 -36.99 -121.37 13.65
C ASP C 480 -36.52 -120.95 15.04
N ASN C 481 -36.03 -121.92 15.81
CA ASN C 481 -35.57 -121.63 17.16
C ASN C 481 -34.18 -121.00 17.12
N GLU C 482 -33.90 -120.14 18.10
CA GLU C 482 -32.63 -119.44 18.22
C GLU C 482 -32.30 -118.64 16.96
N HIS C 483 -33.27 -117.82 16.54
CA HIS C 483 -33.10 -117.01 15.34
C HIS C 483 -33.88 -115.69 15.47
N MET C 484 -34.98 -115.73 16.21
CA MET C 484 -35.83 -114.55 16.40
C MET C 484 -35.66 -114.06 17.84
N TYR C 485 -35.32 -112.79 17.98
CA TYR C 485 -35.12 -112.16 19.28
C TYR C 485 -36.17 -111.07 19.50
N LEU C 486 -36.22 -110.59 20.74
CA LEU C 486 -37.17 -109.55 21.14
C LEU C 486 -36.43 -108.39 21.77
N ASP C 487 -36.82 -107.17 21.39
CA ASP C 487 -36.21 -105.97 21.95
C ASP C 487 -37.01 -105.52 23.17
N PRO C 488 -36.41 -105.49 24.36
CA PRO C 488 -37.19 -105.10 25.55
C PRO C 488 -37.68 -103.67 25.52
N ILE C 489 -37.01 -102.78 24.81
CA ILE C 489 -37.38 -101.37 24.78
C ILE C 489 -38.40 -101.13 23.68
N LYS C 490 -38.85 -102.20 23.04
CA LYS C 490 -39.85 -102.13 21.96
C LYS C 490 -41.12 -102.81 22.47
N VAL C 491 -41.90 -102.08 23.26
CA VAL C 491 -43.15 -102.61 23.81
C VAL C 491 -44.26 -102.40 22.79
N THR C 492 -44.92 -103.49 22.40
CA THR C 492 -46.02 -103.47 21.44
C THR C 492 -47.30 -103.82 22.19
N LEU C 493 -48.14 -102.81 22.43
CA LEU C 493 -49.40 -103.02 23.14
C LEU C 493 -50.41 -103.66 22.19
N LEU C 494 -50.93 -104.82 22.59
CA LEU C 494 -51.92 -105.55 21.79
C LEU C 494 -53.30 -105.25 22.35
N THR C 495 -54.08 -104.48 21.60
CA THR C 495 -55.43 -104.14 22.04
C THR C 495 -56.36 -105.35 21.88
N PRO C 496 -57.29 -105.55 22.80
CA PRO C 496 -58.22 -106.69 22.68
C PRO C 496 -59.08 -106.58 21.44
N GLY C 497 -59.41 -107.74 20.87
CA GLY C 497 -60.24 -107.79 19.68
C GLY C 497 -60.04 -109.06 18.87
N MET C 498 -58.93 -109.75 19.11
CA MET C 498 -58.61 -110.99 18.42
C MET C 498 -58.25 -112.06 19.43
N GLU C 499 -58.30 -113.31 18.97
CA GLU C 499 -57.99 -114.45 19.81
C GLU C 499 -56.51 -114.80 19.68
N LYS C 500 -56.10 -115.92 20.29
CA LYS C 500 -54.72 -116.36 20.22
C LYS C 500 -54.44 -117.29 19.05
N ASP C 501 -55.47 -117.70 18.31
CA ASP C 501 -55.29 -118.57 17.16
C ASP C 501 -55.23 -117.82 15.84
N GLY C 502 -55.54 -116.52 15.83
CA GLY C 502 -55.50 -115.73 14.62
C GLY C 502 -56.85 -115.37 14.05
N THR C 503 -57.95 -115.73 14.72
CA THR C 503 -59.28 -115.42 14.24
C THR C 503 -59.74 -114.11 14.86
N MET C 504 -61.04 -113.83 14.82
CA MET C 504 -61.63 -112.62 15.37
C MET C 504 -62.46 -112.95 16.60
N SER C 505 -62.88 -111.89 17.30
CA SER C 505 -63.68 -112.04 18.50
C SER C 505 -65.00 -111.28 18.38
N ASP C 506 -65.66 -111.01 19.50
CA ASP C 506 -66.92 -110.28 19.53
C ASP C 506 -66.82 -108.91 20.17
N PHE C 507 -65.93 -108.74 21.15
CA PHE C 507 -65.76 -107.47 21.84
C PHE C 507 -64.31 -107.03 21.70
N GLY C 508 -64.11 -105.83 21.19
CA GLY C 508 -62.77 -105.31 21.02
C GLY C 508 -62.82 -103.89 20.51
N ILE C 509 -61.69 -103.20 20.68
CA ILE C 509 -61.53 -101.81 20.26
C ILE C 509 -60.32 -101.74 19.34
N PRO C 510 -60.44 -101.23 18.12
CA PRO C 510 -59.29 -101.12 17.24
C PRO C 510 -58.24 -100.15 17.78
N ALA C 511 -57.01 -100.32 17.29
CA ALA C 511 -55.90 -99.48 17.72
C ALA C 511 -55.92 -98.09 17.09
N SER C 512 -56.74 -97.88 16.06
CA SER C 512 -56.81 -96.57 15.42
C SER C 512 -57.50 -95.54 16.30
N ILE C 513 -58.48 -95.95 17.10
CA ILE C 513 -59.17 -95.03 17.99
C ILE C 513 -58.26 -94.62 19.15
N VAL C 514 -57.48 -95.58 19.66
CA VAL C 514 -56.57 -95.28 20.77
C VAL C 514 -55.45 -94.36 20.31
N ALA C 515 -55.06 -94.45 19.04
CA ALA C 515 -53.97 -93.62 18.53
C ALA C 515 -54.32 -92.14 18.58
N LYS C 516 -55.56 -91.79 18.26
CA LYS C 516 -55.99 -90.40 18.31
C LYS C 516 -56.29 -89.92 19.71
N TYR C 517 -56.63 -90.83 20.63
CA TYR C 517 -56.89 -90.42 22.01
C TYR C 517 -55.61 -90.05 22.74
N LEU C 518 -54.50 -90.70 22.41
CA LEU C 518 -53.23 -90.38 23.05
C LEU C 518 -52.65 -89.05 22.56
N ASP C 519 -53.05 -88.60 21.37
CA ASP C 519 -52.54 -87.34 20.84
C ASP C 519 -53.09 -86.14 21.58
N GLU C 520 -54.23 -86.29 22.27
CA GLU C 520 -54.81 -85.16 22.99
C GLU C 520 -53.94 -84.76 24.18
N HIS C 521 -53.41 -85.74 24.90
CA HIS C 521 -52.54 -85.46 26.04
C HIS C 521 -51.10 -85.19 25.64
N GLY C 522 -50.70 -85.56 24.42
CA GLY C 522 -49.36 -85.32 23.96
C GLY C 522 -48.54 -86.59 23.79
N ILE C 523 -49.16 -87.63 23.23
CA ILE C 523 -48.50 -88.91 22.99
C ILE C 523 -48.74 -89.30 21.54
N VAL C 524 -47.67 -89.44 20.77
CA VAL C 524 -47.75 -89.80 19.35
C VAL C 524 -47.42 -91.28 19.22
N VAL C 525 -48.31 -92.04 18.60
CA VAL C 525 -48.11 -93.47 18.42
C VAL C 525 -47.20 -93.68 17.21
N GLU C 526 -46.19 -94.53 17.38
CA GLU C 526 -45.26 -94.79 16.29
C GLU C 526 -45.91 -95.61 15.19
N LYS C 527 -46.49 -96.75 15.55
CA LYS C 527 -47.14 -97.63 14.58
C LYS C 527 -48.50 -98.06 15.12
N THR C 528 -49.52 -97.94 14.28
CA THR C 528 -50.87 -98.32 14.67
C THR C 528 -51.66 -98.72 13.43
N GLY C 529 -52.82 -99.31 13.64
CA GLY C 529 -53.67 -99.75 12.57
C GLY C 529 -54.59 -100.88 12.97
N PRO C 530 -54.11 -102.12 12.84
CA PRO C 530 -54.94 -103.28 13.21
C PRO C 530 -55.22 -103.34 14.70
N TYR C 531 -54.36 -104.02 15.45
CA TYR C 531 -54.52 -104.19 16.89
C TYR C 531 -53.16 -104.19 17.57
N ASN C 532 -52.34 -103.18 17.25
CA ASN C 532 -51.01 -103.04 17.83
C ASN C 532 -50.70 -101.58 18.10
N LEU C 533 -49.84 -101.35 19.08
CA LEU C 533 -49.41 -100.00 19.46
C LEU C 533 -47.92 -100.05 19.77
N LEU C 534 -47.10 -99.57 18.83
CA LEU C 534 -45.66 -99.58 18.98
C LEU C 534 -45.17 -98.27 19.57
N PHE C 535 -44.24 -98.37 20.52
CA PHE C 535 -43.65 -97.22 21.16
C PHE C 535 -42.13 -97.34 21.14
N LEU C 536 -41.45 -96.24 21.43
CA LEU C 536 -40.00 -96.17 21.43
C LEU C 536 -39.51 -95.79 22.81
N PHE C 537 -38.68 -96.65 23.41
CA PHE C 537 -38.09 -96.40 24.72
C PHE C 537 -36.59 -96.21 24.56
N SER C 538 -36.21 -95.01 24.12
CA SER C 538 -34.81 -94.67 23.92
C SER C 538 -34.23 -94.13 25.22
N ILE C 539 -33.03 -93.55 25.15
CA ILE C 539 -32.41 -92.99 26.34
C ILE C 539 -33.07 -91.69 26.78
N GLY C 540 -33.80 -91.03 25.87
CA GLY C 540 -34.49 -89.81 26.24
C GLY C 540 -35.73 -90.04 27.06
N ILE C 541 -36.32 -91.22 26.97
CA ILE C 541 -37.51 -91.55 27.75
C ILE C 541 -37.11 -91.79 29.19
N ASP C 542 -37.29 -90.79 30.04
CA ASP C 542 -36.92 -90.87 31.44
C ASP C 542 -38.09 -91.45 32.24
N LYS C 543 -38.03 -91.32 33.57
CA LYS C 543 -39.10 -91.83 34.42
C LYS C 543 -40.37 -90.99 34.31
N THR C 544 -40.26 -89.75 33.81
CA THR C 544 -41.44 -88.90 33.65
C THR C 544 -42.24 -89.31 32.41
N LYS C 545 -41.56 -89.51 31.29
CA LYS C 545 -42.24 -89.88 30.05
C LYS C 545 -42.73 -91.32 30.10
N ALA C 546 -42.12 -92.16 30.94
CA ALA C 546 -42.54 -93.55 31.03
C ALA C 546 -43.83 -93.69 31.85
N LEU C 547 -43.90 -93.01 33.00
CA LEU C 547 -45.08 -93.08 33.84
C LEU C 547 -46.27 -92.32 33.24
N SER C 548 -46.02 -91.33 32.38
CA SER C 548 -47.10 -90.60 31.77
C SER C 548 -47.86 -91.42 30.74
N LEU C 549 -47.23 -92.47 30.19
CA LEU C 549 -47.92 -93.32 29.22
C LEU C 549 -48.90 -94.26 29.90
N LEU C 550 -48.58 -94.72 31.10
CA LEU C 550 -49.48 -95.64 31.81
C LEU C 550 -50.73 -94.93 32.29
N ARG C 551 -50.60 -93.65 32.68
CA ARG C 551 -51.76 -92.91 33.16
C ARG C 551 -52.76 -92.65 32.03
N ALA C 552 -52.28 -92.42 30.81
CA ALA C 552 -53.18 -92.20 29.69
C ALA C 552 -53.92 -93.48 29.29
N LEU C 553 -53.29 -94.64 29.53
CA LEU C 553 -53.95 -95.90 29.19
C LEU C 553 -55.08 -96.21 30.18
N THR C 554 -54.90 -95.85 31.45
CA THR C 554 -55.96 -96.09 32.43
C THR C 554 -57.13 -95.15 32.23
N ASP C 555 -56.89 -93.96 31.66
CA ASP C 555 -57.98 -93.03 31.39
C ASP C 555 -58.86 -93.47 30.25
N PHE C 556 -58.33 -94.27 29.31
CA PHE C 556 -59.15 -94.76 28.21
C PHE C 556 -60.15 -95.81 28.67
N LYS C 557 -59.78 -96.62 29.66
CA LYS C 557 -60.70 -97.62 30.18
C LYS C 557 -61.83 -96.97 30.98
N ARG C 558 -61.50 -95.91 31.73
CA ARG C 558 -62.53 -95.23 32.51
C ARG C 558 -63.52 -94.50 31.61
N ALA C 559 -63.03 -93.86 30.54
CA ALA C 559 -63.92 -93.14 29.64
C ALA C 559 -64.75 -94.08 28.78
N PHE C 560 -64.31 -95.32 28.58
CA PHE C 560 -65.05 -96.28 27.78
C PHE C 560 -66.04 -97.09 28.59
N ASP C 561 -65.73 -97.39 29.85
CA ASP C 561 -66.66 -98.15 30.68
C ASP C 561 -67.86 -97.31 31.10
N LEU C 562 -67.66 -96.00 31.27
CA LEU C 562 -68.75 -95.11 31.64
C LEU C 562 -69.59 -94.66 30.45
N ASN C 563 -69.20 -95.04 29.22
CA ASN C 563 -69.91 -94.70 28.00
C ASN C 563 -70.07 -93.19 27.87
N LEU C 564 -68.99 -92.51 27.48
CA LEU C 564 -69.00 -91.06 27.30
C LEU C 564 -69.23 -90.72 25.83
N ARG C 565 -69.39 -89.42 25.58
CA ARG C 565 -69.63 -88.94 24.23
C ARG C 565 -68.31 -88.66 23.50
N VAL C 566 -68.40 -88.53 22.19
CA VAL C 566 -67.21 -88.25 21.39
C VAL C 566 -66.78 -86.80 21.55
N LYS C 567 -67.73 -85.87 21.66
CA LYS C 567 -67.39 -84.47 21.82
C LYS C 567 -66.72 -84.22 23.16
N ASN C 568 -67.13 -84.95 24.20
CA ASN C 568 -66.56 -84.82 25.54
C ASN C 568 -65.39 -85.77 25.77
N MET C 569 -64.66 -86.14 24.72
CA MET C 569 -63.54 -87.06 24.86
C MET C 569 -62.52 -86.84 23.75
N LEU C 570 -62.99 -86.69 22.52
CA LEU C 570 -62.13 -86.49 21.35
C LEU C 570 -62.52 -85.17 20.69
N PRO C 571 -61.96 -84.05 21.16
CA PRO C 571 -62.29 -82.76 20.54
C PRO C 571 -61.71 -82.57 19.15
N SER C 572 -60.59 -83.24 18.83
CA SER C 572 -60.00 -83.10 17.51
C SER C 572 -60.83 -83.83 16.46
N LEU C 573 -61.38 -84.99 16.82
CA LEU C 573 -62.21 -85.74 15.87
C LEU C 573 -63.56 -85.07 15.67
N TYR C 574 -64.08 -84.37 16.69
CA TYR C 574 -65.37 -83.72 16.57
C TYR C 574 -65.31 -82.53 15.61
N ARG C 575 -64.16 -81.86 15.52
CA ARG C 575 -64.03 -80.70 14.64
C ARG C 575 -63.95 -81.10 13.17
N GLU C 576 -63.69 -82.38 12.88
CA GLU C 576 -63.60 -82.81 11.48
C GLU C 576 -64.99 -82.88 10.85
N ASP C 577 -65.99 -83.35 11.60
CA ASP C 577 -67.36 -83.45 11.11
C ASP C 577 -68.31 -83.35 12.29
N PRO C 578 -68.64 -82.13 12.72
CA PRO C 578 -69.55 -81.97 13.86
C PRO C 578 -70.96 -82.47 13.59
N GLU C 579 -71.39 -82.53 12.32
CA GLU C 579 -72.74 -82.97 12.02
C GLU C 579 -72.90 -84.48 12.19
N PHE C 580 -71.95 -85.25 11.64
CA PHE C 580 -72.05 -86.71 11.73
C PHE C 580 -71.73 -87.21 13.14
N TYR C 581 -70.69 -86.66 13.76
CA TYR C 581 -70.27 -87.06 15.11
C TYR C 581 -70.99 -86.27 16.19
N GLU C 582 -72.31 -86.08 16.06
CA GLU C 582 -73.08 -85.33 17.06
C GLU C 582 -73.62 -86.28 18.12
N ASN C 583 -74.61 -87.10 17.77
CA ASN C 583 -75.22 -88.06 18.70
C ASN C 583 -74.50 -89.40 18.69
N MET C 584 -73.18 -89.40 18.82
CA MET C 584 -72.39 -90.62 18.84
C MET C 584 -71.57 -90.69 20.12
N ARG C 585 -71.50 -91.88 20.71
CA ARG C 585 -70.76 -92.13 21.93
C ARG C 585 -69.50 -92.92 21.62
N ILE C 586 -68.71 -93.17 22.66
CA ILE C 586 -67.46 -93.90 22.48
C ILE C 586 -67.71 -95.39 22.29
N GLN C 587 -68.84 -95.89 22.79
CA GLN C 587 -69.15 -97.31 22.63
C GLN C 587 -69.80 -97.61 21.29
N GLU C 588 -70.54 -96.65 20.72
CA GLU C 588 -71.17 -96.87 19.43
C GLU C 588 -70.13 -96.86 18.30
N LEU C 589 -69.10 -96.03 18.42
CA LEU C 589 -68.07 -95.97 17.39
C LEU C 589 -67.13 -97.16 17.49
N ALA C 590 -66.89 -97.65 18.70
CA ALA C 590 -65.96 -98.77 18.89
C ALA C 590 -66.58 -100.09 18.44
N GLN C 591 -67.91 -100.20 18.44
CA GLN C 591 -68.55 -101.45 18.03
C GLN C 591 -68.85 -101.48 16.54
N ASN C 592 -69.11 -100.32 15.93
CA ASN C 592 -69.42 -100.30 14.50
C ASN C 592 -68.18 -100.58 13.66
N ILE C 593 -67.01 -100.12 14.11
CA ILE C 593 -65.78 -100.37 13.37
C ILE C 593 -65.35 -101.83 13.51
N HIS C 594 -65.57 -102.43 14.68
CA HIS C 594 -65.19 -103.82 14.88
C HIS C 594 -66.01 -104.77 14.01
N LYS C 595 -67.27 -104.41 13.72
CA LYS C 595 -68.09 -105.25 12.85
C LYS C 595 -67.65 -105.15 11.40
N LEU C 596 -67.10 -104.00 11.00
CA LEU C 596 -66.64 -103.85 9.62
C LEU C 596 -65.38 -104.67 9.36
N ILE C 597 -64.55 -104.87 10.37
CA ILE C 597 -63.34 -105.68 10.20
C ILE C 597 -63.71 -107.14 10.03
N VAL C 598 -64.70 -107.62 10.79
CA VAL C 598 -65.12 -109.01 10.68
C VAL C 598 -65.87 -109.24 9.37
N HIS C 599 -66.68 -108.26 8.95
CA HIS C 599 -67.44 -108.41 7.72
C HIS C 599 -66.52 -108.43 6.51
N HIS C 600 -65.64 -107.43 6.39
CA HIS C 600 -64.71 -107.38 5.27
C HIS C 600 -63.57 -108.38 5.40
N ASN C 601 -63.40 -108.99 6.57
CA ASN C 601 -62.36 -109.98 6.81
C ASN C 601 -60.97 -109.41 6.51
N LEU C 602 -60.42 -108.66 7.46
CA LEU C 602 -59.14 -107.99 7.28
C LEU C 602 -57.95 -108.94 7.50
N PRO C 603 -57.91 -109.73 8.58
CA PRO C 603 -56.72 -110.59 8.78
C PRO C 603 -56.50 -111.61 7.68
N ASP C 604 -57.55 -112.03 6.98
CA ASP C 604 -57.38 -113.02 5.92
C ASP C 604 -56.95 -112.35 4.61
N LEU C 605 -57.51 -111.18 4.30
CA LEU C 605 -57.13 -110.48 3.08
C LEU C 605 -55.80 -109.76 3.20
N MET C 606 -55.17 -109.80 4.37
CA MET C 606 -53.87 -109.18 4.58
C MET C 606 -52.75 -110.20 4.68
N TYR C 607 -53.02 -111.35 5.30
CA TYR C 607 -52.01 -112.39 5.44
C TYR C 607 -51.76 -113.08 4.10
N ARG C 608 -52.82 -113.39 3.35
CA ARG C 608 -52.65 -114.06 2.08
C ARG C 608 -52.14 -113.11 1.01
N ALA C 609 -52.38 -111.80 1.16
CA ALA C 609 -51.89 -110.84 0.18
C ALA C 609 -50.40 -110.62 0.31
N PHE C 610 -49.89 -110.57 1.54
CA PHE C 610 -48.47 -110.36 1.76
C PHE C 610 -47.65 -111.61 1.52
N GLU C 611 -48.28 -112.78 1.54
CA GLU C 611 -47.55 -114.03 1.32
CA GLU C 611 -47.55 -114.03 1.32
C GLU C 611 -47.14 -114.19 -0.14
N VAL C 612 -48.12 -114.09 -1.05
CA VAL C 612 -47.82 -114.21 -2.47
C VAL C 612 -47.15 -112.94 -2.97
N LEU C 613 -46.38 -113.10 -4.06
CA LEU C 613 -45.66 -111.99 -4.65
C LEU C 613 -46.04 -111.85 -6.12
N PRO C 614 -46.26 -110.63 -6.59
CA PRO C 614 -46.60 -110.43 -8.00
C PRO C 614 -45.47 -110.85 -8.92
N THR C 615 -45.83 -111.14 -10.17
CA THR C 615 -44.86 -111.58 -11.17
C THR C 615 -44.02 -110.39 -11.61
N MET C 616 -42.75 -110.38 -11.22
CA MET C 616 -41.82 -109.32 -11.59
C MET C 616 -41.39 -109.52 -13.03
N VAL C 617 -41.88 -108.65 -13.93
CA VAL C 617 -41.55 -108.76 -15.34
C VAL C 617 -40.14 -108.24 -15.61
N MET C 618 -39.90 -106.98 -15.30
CA MET C 618 -38.60 -106.34 -15.52
C MET C 618 -38.02 -105.87 -14.19
N THR C 619 -36.76 -105.43 -14.25
CA THR C 619 -36.09 -104.94 -13.06
C THR C 619 -36.65 -103.57 -12.67
N PRO C 620 -36.59 -103.22 -11.38
CA PRO C 620 -37.07 -101.89 -10.97
C PRO C 620 -36.34 -100.74 -11.63
N TYR C 621 -35.10 -100.95 -12.09
CA TYR C 621 -34.38 -99.88 -12.78
C TYR C 621 -34.96 -99.60 -14.16
N ALA C 622 -35.49 -100.64 -14.82
CA ALA C 622 -36.08 -100.45 -16.14
C ALA C 622 -37.45 -99.79 -16.09
N ALA C 623 -38.16 -99.91 -14.96
CA ALA C 623 -39.47 -99.27 -14.86
C ALA C 623 -39.34 -97.75 -14.76
N PHE C 624 -38.26 -97.25 -14.18
CA PHE C 624 -38.05 -95.81 -14.07
C PHE C 624 -37.67 -95.19 -15.40
N GLN C 625 -37.14 -95.98 -16.34
CA GLN C 625 -36.76 -95.43 -17.64
C GLN C 625 -37.98 -95.09 -18.47
N LYS C 626 -39.03 -95.90 -18.39
CA LYS C 626 -40.24 -95.63 -19.16
C LYS C 626 -41.05 -94.48 -18.59
N GLU C 627 -40.80 -94.10 -17.34
CA GLU C 627 -41.53 -92.99 -16.74
C GLU C 627 -41.01 -91.64 -17.22
N LEU C 628 -39.70 -91.55 -17.47
CA LEU C 628 -39.14 -90.28 -17.92
C LEU C 628 -39.48 -89.99 -19.38
N HIS C 629 -39.76 -91.03 -20.17
CA HIS C 629 -40.10 -90.85 -21.58
C HIS C 629 -41.55 -90.48 -21.80
N GLY C 630 -42.36 -90.43 -20.74
CA GLY C 630 -43.77 -90.08 -20.87
C GLY C 630 -44.68 -91.22 -21.24
N MET C 631 -44.28 -92.46 -20.97
CA MET C 631 -45.09 -93.64 -21.27
C MET C 631 -45.88 -94.11 -20.05
N THR C 632 -46.49 -93.19 -19.32
CA THR C 632 -47.27 -93.50 -18.14
C THR C 632 -48.72 -93.07 -18.35
N GLU C 633 -49.63 -93.73 -17.62
CA GLU C 633 -51.04 -93.40 -17.70
C GLU C 633 -51.70 -93.75 -16.37
N GLU C 634 -52.83 -93.10 -16.11
CA GLU C 634 -53.59 -93.29 -14.87
C GLU C 634 -54.82 -94.14 -15.19
N VAL C 635 -54.90 -95.31 -14.58
CA VAL C 635 -56.02 -96.22 -14.76
C VAL C 635 -56.72 -96.43 -13.42
N TYR C 636 -57.88 -97.06 -13.47
CA TYR C 636 -58.65 -97.32 -12.27
C TYR C 636 -58.04 -98.47 -11.47
N LEU C 637 -58.49 -98.61 -10.22
CA LEU C 637 -57.98 -99.69 -9.37
C LEU C 637 -58.60 -101.03 -9.74
N ASP C 638 -59.84 -101.01 -10.22
CA ASP C 638 -60.52 -102.25 -10.60
C ASP C 638 -60.12 -102.75 -11.98
N GLU C 639 -59.38 -101.95 -12.75
CA GLU C 639 -58.96 -102.32 -14.11
C GLU C 639 -57.44 -102.19 -14.18
N MET C 640 -56.74 -103.23 -13.70
CA MET C 640 -55.29 -103.21 -13.70
C MET C 640 -54.66 -104.59 -13.70
N VAL C 641 -55.42 -105.66 -13.93
CA VAL C 641 -54.85 -107.00 -13.95
C VAL C 641 -54.08 -107.20 -15.25
N GLY C 642 -52.78 -107.47 -15.12
CA GLY C 642 -51.93 -107.66 -16.28
C GLY C 642 -51.15 -106.45 -16.72
N ARG C 643 -51.00 -105.45 -15.85
CA ARG C 643 -50.28 -104.23 -16.18
C ARG C 643 -49.07 -104.07 -15.26
N ILE C 644 -48.13 -103.24 -15.69
CA ILE C 644 -46.91 -102.97 -14.94
C ILE C 644 -47.07 -101.62 -14.25
N ASN C 645 -46.94 -101.62 -12.93
CA ASN C 645 -47.06 -100.39 -12.16
C ASN C 645 -45.81 -99.54 -12.29
N ALA C 646 -45.93 -98.27 -11.90
CA ALA C 646 -44.83 -97.32 -11.95
C ALA C 646 -44.32 -96.89 -10.59
N ASN C 647 -45.17 -96.85 -9.58
CA ASN C 647 -44.80 -96.45 -8.23
C ASN C 647 -44.99 -97.63 -7.27
N MET C 648 -44.45 -97.49 -6.07
CA MET C 648 -44.54 -98.51 -5.04
C MET C 648 -45.78 -98.28 -4.19
N ILE C 649 -46.51 -99.35 -3.91
CA ILE C 649 -47.73 -99.27 -3.11
C ILE C 649 -47.34 -99.44 -1.64
N LEU C 650 -47.73 -98.47 -0.82
CA LEU C 650 -47.44 -98.48 0.62
C LEU C 650 -48.74 -98.21 1.37
N PRO C 651 -49.55 -99.24 1.59
CA PRO C 651 -50.84 -99.03 2.26
C PRO C 651 -50.68 -98.92 3.77
N TYR C 652 -51.47 -98.03 4.36
CA TYR C 652 -51.52 -97.83 5.81
C TYR C 652 -52.93 -98.19 6.29
N PRO C 653 -53.10 -99.19 7.17
CA PRO C 653 -52.07 -100.07 7.72
C PRO C 653 -51.70 -101.20 6.75
N PRO C 654 -50.56 -101.87 6.97
CA PRO C 654 -49.56 -101.62 8.02
C PRO C 654 -48.57 -100.51 7.68
N GLY C 655 -47.37 -100.89 7.25
CA GLY C 655 -46.35 -99.92 6.87
C GLY C 655 -45.26 -100.55 6.03
N VAL C 656 -45.58 -101.62 5.32
CA VAL C 656 -44.62 -102.33 4.48
C VAL C 656 -45.06 -102.24 3.03
N PRO C 657 -44.14 -102.29 2.07
CA PRO C 657 -44.54 -102.23 0.66
C PRO C 657 -45.38 -103.43 0.26
N LEU C 658 -46.14 -103.24 -0.83
CA LEU C 658 -47.01 -104.29 -1.36
C LEU C 658 -46.58 -104.73 -2.75
N VAL C 659 -46.58 -103.83 -3.73
CA VAL C 659 -46.19 -104.13 -5.10
C VAL C 659 -45.00 -103.24 -5.45
N MET C 660 -43.92 -103.86 -5.90
CA MET C 660 -42.71 -103.12 -6.25
C MET C 660 -42.85 -102.54 -7.67
N PRO C 661 -42.24 -101.37 -7.90
CA PRO C 661 -42.30 -100.78 -9.26
C PRO C 661 -41.60 -101.64 -10.29
N GLY C 662 -42.38 -102.29 -11.15
CA GLY C 662 -41.83 -103.17 -12.17
C GLY C 662 -42.42 -104.56 -12.12
N GLU C 663 -43.49 -104.72 -11.34
CA GLU C 663 -44.16 -106.00 -11.19
C GLU C 663 -45.50 -105.99 -11.91
N MET C 664 -46.06 -107.19 -12.08
CA MET C 664 -47.34 -107.37 -12.77
C MET C 664 -48.24 -108.26 -11.93
N ILE C 665 -49.51 -107.89 -11.83
CA ILE C 665 -50.49 -108.66 -11.09
C ILE C 665 -51.16 -109.63 -12.05
N THR C 666 -50.84 -110.92 -11.94
CA THR C 666 -51.36 -111.97 -12.77
C THR C 666 -52.42 -112.76 -11.99
N GLU C 667 -52.51 -114.06 -12.23
CA GLU C 667 -53.48 -114.88 -11.51
C GLU C 667 -52.92 -115.42 -10.20
N GLU C 668 -51.61 -115.32 -10.01
CA GLU C 668 -51.00 -115.80 -8.77
C GLU C 668 -51.19 -114.80 -7.63
N SER C 669 -51.07 -113.52 -7.93
CA SER C 669 -51.23 -112.46 -6.92
C SER C 669 -52.65 -111.90 -6.90
N ARG C 670 -53.62 -112.80 -6.83
CA ARG C 670 -55.03 -112.40 -6.76
C ARG C 670 -55.39 -111.76 -5.42
N PRO C 671 -54.99 -112.32 -4.28
CA PRO C 671 -55.29 -111.65 -3.00
C PRO C 671 -54.61 -110.30 -2.85
N VAL C 672 -53.58 -110.01 -3.64
CA VAL C 672 -52.91 -108.71 -3.54
C VAL C 672 -53.85 -107.59 -3.98
N LEU C 673 -54.58 -107.80 -5.07
CA LEU C 673 -55.52 -106.79 -5.53
C LEU C 673 -56.72 -106.67 -4.62
N GLU C 674 -57.11 -107.78 -3.97
CA GLU C 674 -58.26 -107.74 -3.07
C GLU C 674 -57.96 -106.94 -1.81
N PHE C 675 -56.69 -106.82 -1.44
CA PHE C 675 -56.33 -106.04 -0.25
C PHE C 675 -56.48 -104.55 -0.50
N LEU C 676 -56.26 -104.10 -1.74
CA LEU C 676 -56.41 -102.68 -2.05
C LEU C 676 -57.88 -102.28 -2.18
N GLN C 677 -58.72 -103.18 -2.70
CA GLN C 677 -60.13 -102.87 -2.85
C GLN C 677 -60.87 -102.94 -1.53
N MET C 678 -60.32 -103.68 -0.55
CA MET C 678 -60.98 -103.78 0.75
C MET C 678 -60.77 -102.51 1.57
N LEU C 679 -59.60 -101.88 1.45
CA LEU C 679 -59.34 -100.66 2.20
C LEU C 679 -60.13 -99.48 1.66
N CYS C 680 -60.52 -99.52 0.38
CA CYS C 680 -61.28 -98.41 -0.19
C CYS C 680 -62.72 -98.40 0.28
N GLU C 681 -63.23 -99.52 0.79
CA GLU C 681 -64.60 -99.60 1.27
C GLU C 681 -64.69 -99.33 2.77
N ILE C 682 -63.76 -99.89 3.55
CA ILE C 682 -63.78 -99.71 4.99
C ILE C 682 -63.38 -98.29 5.38
N GLY C 683 -62.63 -97.59 4.53
CA GLY C 683 -62.20 -96.24 4.82
C GLY C 683 -62.95 -95.19 4.03
N ALA C 684 -64.28 -95.18 4.14
CA ALA C 684 -65.11 -94.22 3.43
C ALA C 684 -66.42 -93.98 4.16
N HIS C 685 -66.79 -94.88 5.06
CA HIS C 685 -68.03 -94.74 5.80
C HIS C 685 -67.91 -93.71 6.91
N TYR C 686 -66.89 -93.85 7.77
CA TYR C 686 -66.70 -92.94 8.88
C TYR C 686 -65.53 -92.00 8.61
N PRO C 687 -65.70 -90.69 8.78
CA PRO C 687 -64.60 -89.76 8.55
C PRO C 687 -63.47 -89.97 9.55
N GLY C 688 -62.30 -89.45 9.19
CA GLY C 688 -61.12 -89.56 10.01
C GLY C 688 -60.29 -90.81 9.75
N PHE C 689 -60.93 -91.93 9.45
CA PHE C 689 -60.23 -93.17 9.18
C PHE C 689 -60.23 -93.48 7.69
N GLU C 690 -59.81 -92.51 6.88
CA GLU C 690 -59.79 -92.71 5.43
C GLU C 690 -58.65 -93.63 5.03
N THR C 691 -58.71 -94.09 3.79
CA THR C 691 -57.68 -94.99 3.25
C THR C 691 -56.41 -94.20 2.95
N ASP C 692 -55.29 -94.67 3.49
CA ASP C 692 -53.98 -94.02 3.32
C ASP C 692 -53.07 -94.99 2.57
N ILE C 693 -52.91 -94.76 1.27
CA ILE C 693 -52.02 -95.57 0.43
C ILE C 693 -51.12 -94.61 -0.33
N HIS C 694 -49.80 -94.73 -0.12
CA HIS C 694 -48.83 -93.89 -0.81
C HIS C 694 -48.67 -94.41 -2.24
N GLY C 695 -49.63 -94.04 -3.09
CA GLY C 695 -49.62 -94.45 -4.47
C GLY C 695 -50.97 -94.28 -5.14
N ALA C 696 -52.05 -94.41 -4.37
CA ALA C 696 -53.41 -94.27 -4.86
C ALA C 696 -53.87 -92.84 -4.65
N TYR C 697 -54.33 -92.20 -5.72
CA TYR C 697 -54.80 -90.82 -5.68
C TYR C 697 -56.32 -90.80 -5.62
N ARG C 698 -56.86 -89.90 -4.80
CA ARG C 698 -58.30 -89.79 -4.63
C ARG C 698 -58.89 -88.87 -5.69
N GLN C 699 -59.95 -89.33 -6.34
CA GLN C 699 -60.61 -88.54 -7.38
C GLN C 699 -61.78 -87.75 -6.80
N ALA C 700 -62.90 -87.70 -7.54
CA ALA C 700 -64.08 -86.98 -7.09
C ALA C 700 -65.29 -87.90 -6.97
N ASP C 701 -65.10 -89.22 -7.05
CA ASP C 701 -66.19 -90.18 -6.93
C ASP C 701 -65.99 -91.23 -5.86
N GLY C 702 -64.75 -91.51 -5.45
CA GLY C 702 -64.49 -92.50 -4.43
C GLY C 702 -63.49 -93.55 -4.86
N ARG C 703 -63.48 -93.87 -6.15
CA ARG C 703 -62.56 -94.87 -6.67
C ARG C 703 -61.16 -94.26 -6.84
N TYR C 704 -60.16 -94.98 -6.36
CA TYR C 704 -58.77 -94.52 -6.44
C TYR C 704 -58.15 -94.94 -7.76
N THR C 705 -57.13 -94.18 -8.19
CA THR C 705 -56.42 -94.45 -9.43
C THR C 705 -54.96 -94.73 -9.14
N VAL C 706 -54.36 -95.57 -9.98
CA VAL C 706 -52.96 -95.94 -9.86
C VAL C 706 -52.22 -95.46 -11.10
N LYS C 707 -50.88 -95.47 -11.00
CA LYS C 707 -50.00 -95.04 -12.08
C LYS C 707 -49.32 -96.27 -12.67
N VAL C 708 -49.67 -96.60 -13.91
CA VAL C 708 -49.09 -97.74 -14.60
C VAL C 708 -48.32 -97.27 -15.82
N LEU C 709 -47.81 -98.22 -16.61
CA LEU C 709 -47.06 -97.92 -17.82
C LEU C 709 -47.91 -98.23 -19.05
N LYS C 710 -47.60 -97.55 -20.15
CA LYS C 710 -48.32 -97.77 -21.40
C LYS C 710 -47.91 -99.08 -22.04
N GLU C 711 -48.86 -99.72 -22.70
CA GLU C 711 -48.61 -100.99 -23.37
C GLU C 711 -47.92 -100.78 -24.72
N MET D 1 -21.93 -42.74 81.40
CA MET D 1 -23.04 -43.09 82.26
C MET D 1 -24.34 -43.19 81.46
N ASN D 2 -24.56 -44.34 80.84
CA ASN D 2 -25.75 -44.56 80.02
C ASN D 2 -26.02 -46.04 79.82
N VAL D 3 -25.89 -46.83 80.88
CA VAL D 3 -26.10 -48.27 80.84
C VAL D 3 -27.38 -48.58 81.61
N ILE D 4 -28.33 -49.24 80.95
CA ILE D 4 -29.60 -49.62 81.55
C ILE D 4 -29.68 -51.14 81.55
N ALA D 5 -29.92 -51.72 82.72
CA ALA D 5 -29.98 -53.17 82.90
C ALA D 5 -31.43 -53.62 83.00
N ILE D 6 -31.76 -54.70 82.31
CA ILE D 6 -33.09 -55.29 82.31
C ILE D 6 -32.94 -56.75 82.72
N LEU D 7 -33.30 -57.05 83.96
CA LEU D 7 -33.13 -58.38 84.53
C LEU D 7 -34.45 -59.14 84.57
N ASN D 8 -34.34 -60.47 84.48
CA ASN D 8 -35.45 -61.40 84.67
C ASN D 8 -36.46 -61.34 83.51
N HIS D 9 -36.65 -62.47 82.84
CA HIS D 9 -37.65 -62.61 81.78
C HIS D 9 -38.82 -63.42 82.33
N MET D 10 -39.98 -62.76 82.48
CA MET D 10 -41.14 -63.43 83.06
C MET D 10 -41.77 -64.44 82.12
N GLY D 11 -41.40 -64.44 80.84
CA GLY D 11 -41.92 -65.38 79.88
C GLY D 11 -43.24 -64.99 79.27
N VAL D 12 -44.00 -64.12 79.93
CA VAL D 12 -45.29 -63.66 79.43
C VAL D 12 -45.08 -62.62 78.34
N TYR D 13 -46.16 -62.10 77.78
CA TYR D 13 -46.08 -61.11 76.71
C TYR D 13 -46.48 -59.71 77.14
N PHE D 14 -47.36 -59.59 78.14
CA PHE D 14 -47.77 -58.27 78.61
C PHE D 14 -46.70 -57.58 79.43
N LYS D 15 -45.62 -58.28 79.78
CA LYS D 15 -44.49 -57.68 80.48
C LYS D 15 -43.27 -57.48 79.61
N GLU D 16 -43.07 -58.32 78.59
CA GLU D 16 -41.94 -58.19 77.70
C GLU D 16 -42.17 -57.21 76.57
N GLU D 17 -43.44 -56.97 76.19
CA GLU D 17 -43.76 -56.02 75.14
C GLU D 17 -43.43 -54.59 75.54
N PRO D 18 -43.75 -54.15 76.77
CA PRO D 18 -43.29 -52.82 77.20
C PRO D 18 -41.77 -52.72 77.25
N ILE D 19 -41.07 -53.83 77.47
CA ILE D 19 -39.61 -53.81 77.45
C ILE D 19 -39.11 -53.61 76.02
N ARG D 20 -39.76 -54.25 75.05
CA ARG D 20 -39.35 -54.07 73.66
C ARG D 20 -39.66 -52.65 73.17
N GLU D 21 -40.76 -52.06 73.65
CA GLU D 21 -41.08 -50.69 73.27
C GLU D 21 -40.12 -49.71 73.94
N LEU D 22 -39.67 -50.02 75.16
CA LEU D 22 -38.71 -49.16 75.84
C LEU D 22 -37.31 -49.32 75.27
N HIS D 23 -37.01 -50.46 74.63
CA HIS D 23 -35.70 -50.66 74.04
C HIS D 23 -35.45 -49.70 72.89
N ARG D 24 -36.49 -49.39 72.12
CA ARG D 24 -36.37 -48.46 70.99
C ARG D 24 -36.49 -47.00 71.42
N ALA D 25 -36.93 -46.73 72.64
CA ALA D 25 -37.09 -45.36 73.11
C ALA D 25 -35.86 -44.85 73.86
N LEU D 26 -35.16 -45.73 74.59
CA LEU D 26 -33.98 -45.29 75.33
C LEU D 26 -32.79 -45.09 74.43
N GLU D 27 -32.76 -45.74 73.26
CA GLU D 27 -31.65 -45.58 72.33
C GLU D 27 -31.68 -44.24 71.63
N ARG D 28 -32.83 -43.55 71.62
CA ARG D 28 -32.92 -42.24 70.99
C ARG D 28 -32.23 -41.15 71.79
N LEU D 29 -31.97 -41.40 73.08
CA LEU D 29 -31.30 -40.44 73.96
C LEU D 29 -29.93 -40.94 74.40
N ASN D 30 -29.31 -41.78 73.59
CA ASN D 30 -27.97 -42.33 73.86
C ASN D 30 -27.94 -43.08 75.18
N PHE D 31 -28.41 -44.33 75.16
CA PHE D 31 -28.36 -45.19 76.34
C PHE D 31 -28.11 -46.62 75.89
N GLN D 32 -27.15 -47.28 76.54
CA GLN D 32 -26.81 -48.66 76.24
C GLN D 32 -27.74 -49.59 77.01
N ILE D 33 -28.26 -50.60 76.32
CA ILE D 33 -29.19 -51.57 76.91
C ILE D 33 -28.48 -52.90 77.03
N VAL D 34 -28.48 -53.46 78.24
CA VAL D 34 -27.89 -54.76 78.51
C VAL D 34 -28.95 -55.68 79.10
N TYR D 35 -28.75 -56.98 78.93
CA TYR D 35 -29.70 -58.00 79.40
C TYR D 35 -28.93 -59.06 80.19
N PRO D 36 -28.84 -58.91 81.51
CA PRO D 36 -28.18 -59.93 82.33
C PRO D 36 -29.01 -61.20 82.41
N ASN D 37 -28.39 -62.23 82.97
CA ASN D 37 -29.03 -63.54 83.06
C ASN D 37 -29.69 -63.75 84.42
N ASP D 38 -28.96 -64.36 85.35
CA ASP D 38 -29.51 -64.69 86.66
C ASP D 38 -29.20 -63.57 87.64
N ARG D 39 -29.29 -63.85 88.95
CA ARG D 39 -29.04 -62.82 89.95
C ARG D 39 -27.56 -62.49 90.05
N ASP D 40 -26.69 -63.50 89.90
CA ASP D 40 -25.25 -63.25 89.95
C ASP D 40 -24.75 -62.49 88.73
N ASP D 41 -25.54 -62.45 87.65
CA ASP D 41 -25.13 -61.71 86.46
C ASP D 41 -25.24 -60.21 86.68
N LEU D 42 -26.31 -59.77 87.38
CA LEU D 42 -26.48 -58.35 87.64
C LEU D 42 -25.43 -57.83 88.61
N LEU D 43 -24.98 -58.67 89.55
CA LEU D 43 -23.99 -58.22 90.52
C LEU D 43 -22.64 -57.96 89.88
N LYS D 44 -22.35 -58.64 88.76
CA LYS D 44 -21.09 -58.42 88.06
C LYS D 44 -21.11 -57.19 87.15
N LEU D 45 -22.28 -56.61 86.90
CA LEU D 45 -22.40 -55.43 86.07
C LEU D 45 -22.36 -54.13 86.87
N ILE D 46 -22.03 -54.19 88.16
CA ILE D 46 -21.95 -53.02 89.02
C ILE D 46 -20.54 -52.80 89.55
N GLU D 47 -19.91 -53.87 90.06
CA GLU D 47 -18.55 -53.73 90.56
C GLU D 47 -17.55 -53.56 89.43
N ASN D 48 -17.72 -54.31 88.34
CA ASN D 48 -16.83 -54.21 87.19
C ASN D 48 -17.24 -53.11 86.22
N ASN D 49 -18.51 -52.68 86.26
CA ASN D 49 -19.01 -51.64 85.36
C ASN D 49 -19.59 -50.52 86.23
N ALA D 50 -18.86 -49.41 86.32
CA ALA D 50 -19.29 -48.27 87.11
C ALA D 50 -20.14 -47.28 86.33
N ARG D 51 -20.31 -47.46 85.02
CA ARG D 51 -21.09 -46.57 84.19
C ARG D 51 -22.55 -46.98 84.09
N LEU D 52 -23.07 -47.72 85.08
CA LEU D 52 -24.45 -48.17 85.08
C LEU D 52 -25.29 -47.25 85.96
N CYS D 53 -26.51 -46.96 85.51
CA CYS D 53 -27.39 -46.09 86.27
C CYS D 53 -28.85 -46.52 86.23
N GLY D 54 -29.16 -47.69 85.65
CA GLY D 54 -30.52 -48.15 85.58
C GLY D 54 -30.65 -49.66 85.69
N VAL D 55 -31.49 -50.12 86.62
CA VAL D 55 -31.72 -51.55 86.84
C VAL D 55 -33.22 -51.78 86.74
N ILE D 56 -33.64 -52.57 85.76
CA ILE D 56 -35.04 -52.90 85.54
C ILE D 56 -35.23 -54.38 85.88
N PHE D 57 -36.14 -54.66 86.81
CA PHE D 57 -36.42 -56.04 87.21
C PHE D 57 -37.84 -56.09 87.75
N ASP D 58 -38.35 -57.31 87.89
CA ASP D 58 -39.69 -57.53 88.41
C ASP D 58 -39.67 -57.47 89.94
N TRP D 59 -40.58 -56.68 90.51
CA TRP D 59 -40.63 -56.54 91.95
C TRP D 59 -41.18 -57.80 92.62
N ASP D 60 -42.05 -58.53 91.94
CA ASP D 60 -42.64 -59.76 92.49
C ASP D 60 -41.88 -61.00 92.03
N LYS D 61 -40.55 -60.97 92.18
CA LYS D 61 -39.72 -62.09 91.78
C LYS D 61 -38.46 -62.14 92.63
N TYR D 62 -37.83 -60.98 92.84
CA TYR D 62 -36.63 -60.86 93.67
C TYR D 62 -36.73 -59.56 94.47
N ASN D 63 -37.64 -59.54 95.45
CA ASN D 63 -37.83 -58.36 96.29
C ASN D 63 -36.89 -58.32 97.49
N LEU D 64 -36.22 -59.42 97.81
CA LEU D 64 -35.30 -59.47 98.93
C LEU D 64 -33.88 -59.89 98.55
N GLU D 65 -33.66 -60.32 97.30
CA GLU D 65 -32.33 -60.74 96.87
C GLU D 65 -31.59 -59.67 96.09
N LEU D 66 -32.27 -58.59 95.69
CA LEU D 66 -31.63 -57.51 94.93
C LEU D 66 -31.57 -56.20 95.70
N CYS D 67 -32.51 -55.96 96.61
CA CYS D 67 -32.51 -54.73 97.39
C CYS D 67 -31.52 -54.76 98.54
N GLU D 68 -30.84 -55.89 98.76
CA GLU D 68 -29.86 -56.02 99.84
C GLU D 68 -28.42 -55.98 99.35
N GLU D 69 -28.12 -56.67 98.24
CA GLU D 69 -26.76 -56.68 97.73
C GLU D 69 -26.41 -55.37 97.04
N ILE D 70 -27.37 -54.78 96.32
CA ILE D 70 -27.11 -53.51 95.64
C ILE D 70 -26.98 -52.37 96.65
N SER D 71 -27.76 -52.43 97.73
CA SER D 71 -27.69 -51.38 98.73
C SER D 71 -26.35 -51.35 99.45
N LYS D 72 -25.66 -52.49 99.52
CA LYS D 72 -24.36 -52.54 100.15
C LYS D 72 -23.27 -51.90 99.31
N MET D 73 -23.52 -51.69 98.01
CA MET D 73 -22.54 -51.06 97.14
C MET D 73 -22.90 -49.60 96.91
N ASN D 74 -23.88 -49.35 96.05
CA ASN D 74 -24.35 -47.99 95.75
C ASN D 74 -25.75 -47.82 96.32
N GLU D 75 -25.91 -46.83 97.18
CA GLU D 75 -27.21 -46.56 97.80
C GLU D 75 -28.08 -45.64 96.95
N ASN D 76 -27.48 -44.67 96.27
CA ASN D 76 -28.22 -43.73 95.44
C ASN D 76 -28.47 -44.25 94.04
N LEU D 77 -28.16 -45.51 93.77
CA LEU D 77 -28.36 -46.08 92.44
C LEU D 77 -29.86 -46.21 92.16
N PRO D 78 -30.37 -45.59 91.09
CA PRO D 78 -31.80 -45.71 90.80
C PRO D 78 -32.18 -47.14 90.42
N LEU D 79 -33.29 -47.61 91.00
CA LEU D 79 -33.80 -48.95 90.75
C LEU D 79 -35.15 -48.81 90.06
N TYR D 80 -35.19 -49.16 88.77
CA TYR D 80 -36.43 -49.06 87.99
C TYR D 80 -37.24 -50.35 88.09
N ALA D 81 -37.61 -50.68 89.32
CA ALA D 81 -38.38 -51.90 89.58
C ALA D 81 -39.83 -51.71 89.13
N PHE D 82 -40.39 -52.77 88.58
CA PHE D 82 -41.77 -52.77 88.08
C PHE D 82 -42.63 -53.59 89.04
N ALA D 83 -43.58 -52.92 89.69
CA ALA D 83 -44.48 -53.58 90.62
C ALA D 83 -45.74 -54.05 89.93
N ASN D 84 -46.47 -54.94 90.60
CA ASN D 84 -47.71 -55.49 90.10
C ASN D 84 -48.87 -55.05 90.99
N THR D 85 -50.01 -55.73 90.84
CA THR D 85 -51.19 -55.38 91.64
C THR D 85 -51.00 -55.76 93.10
N TYR D 86 -50.65 -57.01 93.36
CA TYR D 86 -50.44 -57.49 94.73
C TYR D 86 -48.95 -57.40 95.09
N SER D 87 -48.49 -56.16 95.22
CA SER D 87 -47.10 -55.86 95.57
C SER D 87 -47.05 -55.04 96.84
N THR D 88 -46.07 -55.33 97.69
CA THR D 88 -45.90 -54.62 98.95
C THR D 88 -44.43 -54.67 99.35
N LEU D 89 -44.10 -53.90 100.39
CA LEU D 89 -42.75 -53.85 100.89
C LEU D 89 -42.52 -54.94 101.94
N ASP D 90 -41.31 -54.98 102.50
CA ASP D 90 -40.94 -55.96 103.50
C ASP D 90 -40.45 -55.25 104.76
N VAL D 91 -40.56 -55.94 105.89
CA VAL D 91 -40.11 -55.36 107.16
C VAL D 91 -38.60 -55.20 107.17
N SER D 92 -37.88 -56.01 106.41
CA SER D 92 -36.43 -55.93 106.34
C SER D 92 -35.95 -54.88 105.33
N LEU D 93 -36.85 -54.17 104.68
CA LEU D 93 -36.51 -53.15 103.70
C LEU D 93 -36.64 -51.74 104.26
N ASN D 94 -36.52 -51.58 105.58
CA ASN D 94 -36.66 -50.27 106.21
C ASN D 94 -35.32 -49.57 106.39
N ASP D 95 -34.28 -50.31 106.80
CA ASP D 95 -32.96 -49.73 107.03
C ASP D 95 -32.05 -49.89 105.82
N LEU D 96 -32.58 -49.56 104.64
CA LEU D 96 -31.84 -49.66 103.38
C LEU D 96 -32.08 -48.39 102.57
N ARG D 97 -31.01 -47.70 102.23
CA ARG D 97 -31.10 -46.46 101.45
C ARG D 97 -31.09 -46.81 99.97
N LEU D 98 -32.25 -46.71 99.32
CA LEU D 98 -32.38 -47.00 97.90
C LEU D 98 -33.32 -45.98 97.27
N GLN D 99 -33.26 -45.91 95.93
CA GLN D 99 -34.11 -45.03 95.14
C GLN D 99 -34.85 -45.90 94.13
N ILE D 100 -36.05 -46.35 94.51
CA ILE D 100 -36.86 -47.24 93.69
C ILE D 100 -37.92 -46.41 92.98
N SER D 101 -37.99 -46.53 91.65
CA SER D 101 -38.97 -45.83 90.84
C SER D 101 -39.91 -46.87 90.23
N PHE D 102 -41.16 -46.86 90.67
CA PHE D 102 -42.14 -47.83 90.22
C PHE D 102 -42.78 -47.36 88.90
N PHE D 103 -43.22 -48.33 88.11
CA PHE D 103 -43.88 -48.06 86.84
C PHE D 103 -44.96 -49.12 86.62
N GLU D 104 -45.50 -49.17 85.41
CA GLU D 104 -46.53 -50.12 85.05
C GLU D 104 -46.21 -50.72 83.69
N TYR D 105 -47.13 -51.55 83.19
CA TYR D 105 -47.00 -52.20 81.88
C TYR D 105 -48.16 -51.73 81.01
N ALA D 106 -48.01 -50.54 80.44
CA ALA D 106 -49.04 -49.94 79.59
C ALA D 106 -48.48 -49.69 78.20
N LEU D 107 -49.28 -49.99 77.18
CA LEU D 107 -48.87 -49.77 75.81
C LEU D 107 -49.06 -48.32 75.40
N GLY D 108 -48.12 -47.81 74.59
CA GLY D 108 -48.16 -46.44 74.14
C GLY D 108 -47.55 -45.43 75.07
N ALA D 109 -47.43 -45.75 76.37
CA ALA D 109 -46.83 -44.84 77.34
C ALA D 109 -45.33 -45.04 77.49
N ALA D 110 -44.68 -45.74 76.54
CA ALA D 110 -43.25 -45.94 76.62
C ALA D 110 -42.46 -44.66 76.39
N GLU D 111 -43.04 -43.69 75.69
CA GLU D 111 -42.34 -42.43 75.46
C GLU D 111 -42.27 -41.60 76.75
N ASP D 112 -43.35 -41.61 77.55
CA ASP D 112 -43.34 -40.86 78.80
C ASP D 112 -42.40 -41.49 79.82
N ILE D 113 -42.19 -42.80 79.73
CA ILE D 113 -41.26 -43.47 80.65
C ILE D 113 -39.82 -43.08 80.33
N ALA D 114 -39.50 -42.92 79.05
CA ALA D 114 -38.14 -42.55 78.66
C ALA D 114 -37.78 -41.15 79.14
N ASN D 115 -38.77 -40.24 79.20
CA ASN D 115 -38.49 -38.89 79.70
C ASN D 115 -38.27 -38.89 81.20
N LYS D 116 -38.91 -39.81 81.93
CA LYS D 116 -38.71 -39.90 83.37
C LYS D 116 -37.36 -40.50 83.73
N ILE D 117 -36.84 -41.40 82.89
CA ILE D 117 -35.54 -42.00 83.15
C ILE D 117 -34.43 -40.99 82.92
N LYS D 118 -34.57 -40.14 81.90
CA LYS D 118 -33.55 -39.14 81.62
C LYS D 118 -33.47 -38.11 82.74
N GLN D 119 -34.62 -37.72 83.29
CA GLN D 119 -34.60 -36.76 84.40
C GLN D 119 -34.11 -37.41 85.68
N THR D 120 -34.45 -38.69 85.90
CA THR D 120 -33.98 -39.39 87.08
C THR D 120 -32.47 -39.59 87.02
N THR D 121 -31.94 -39.88 85.83
CA THR D 121 -30.49 -40.01 85.67
C THR D 121 -29.78 -38.68 85.96
N ASP D 122 -30.40 -37.57 85.56
CA ASP D 122 -29.81 -36.26 85.83
C ASP D 122 -29.81 -35.95 87.33
N GLU D 123 -30.78 -36.49 88.08
CA GLU D 123 -30.79 -36.29 89.52
C GLU D 123 -29.65 -37.03 90.20
N TYR D 124 -29.28 -38.21 89.69
CA TYR D 124 -28.16 -38.95 90.25
C TYR D 124 -26.84 -38.23 89.98
N ILE D 125 -26.71 -37.59 88.82
CA ILE D 125 -25.48 -36.86 88.50
C ILE D 125 -25.35 -35.62 89.37
N ASN D 126 -26.45 -34.90 89.57
CA ASN D 126 -26.43 -33.68 90.37
C ASN D 126 -26.25 -33.96 91.86
N THR D 127 -26.41 -35.22 92.30
CA THR D 127 -26.28 -35.58 93.71
C THR D 127 -24.87 -36.05 94.06
N ILE D 128 -24.30 -36.93 93.24
CA ILE D 128 -22.97 -37.46 93.53
C ILE D 128 -21.86 -36.44 93.25
N LEU D 129 -22.17 -35.35 92.54
CA LEU D 129 -21.12 -34.38 92.26
C LEU D 129 -21.20 -33.22 93.25
N PRO D 130 -20.05 -32.69 93.66
CA PRO D 130 -20.04 -31.55 94.59
C PRO D 130 -20.54 -30.29 93.89
N PRO D 131 -20.94 -29.27 94.67
CA PRO D 131 -21.45 -28.04 94.03
C PRO D 131 -20.37 -27.28 93.27
N LEU D 132 -19.09 -27.47 93.60
CA LEU D 132 -18.04 -26.80 92.86
C LEU D 132 -17.86 -27.41 91.47
N THR D 133 -17.92 -28.74 91.38
CA THR D 133 -17.83 -29.40 90.07
C THR D 133 -19.09 -29.15 89.24
N LYS D 134 -20.24 -29.07 89.89
CA LYS D 134 -21.49 -28.81 89.18
C LYS D 134 -21.45 -27.44 88.51
N ALA D 135 -20.89 -26.44 89.20
CA ALA D 135 -20.78 -25.10 88.62
C ALA D 135 -19.78 -25.05 87.47
N LEU D 136 -18.79 -25.94 87.46
CA LEU D 136 -17.81 -25.95 86.38
C LEU D 136 -18.40 -26.57 85.11
N PHE D 137 -19.16 -27.66 85.26
CA PHE D 137 -19.76 -28.29 84.09
C PHE D 137 -20.88 -27.45 83.50
N LYS D 138 -21.63 -26.72 84.34
CA LYS D 138 -22.70 -25.87 83.84
C LYS D 138 -22.14 -24.62 83.16
N TYR D 139 -20.98 -24.14 83.60
CA TYR D 139 -20.38 -22.96 82.99
C TYR D 139 -19.86 -23.25 81.59
N VAL D 140 -19.59 -24.51 81.25
CA VAL D 140 -19.09 -24.84 79.93
C VAL D 140 -20.23 -24.81 78.91
N ARG D 141 -21.40 -25.33 79.28
CA ARG D 141 -22.52 -25.43 78.36
C ARG D 141 -23.33 -24.14 78.29
N GLU D 142 -23.60 -23.50 79.43
CA GLU D 142 -24.44 -22.31 79.47
C GLU D 142 -23.70 -21.04 79.86
N GLY D 143 -22.60 -21.14 80.59
CA GLY D 143 -21.88 -19.96 81.02
C GLY D 143 -21.15 -19.31 79.85
N LYS D 144 -21.44 -18.04 79.60
CA LYS D 144 -20.80 -17.29 78.51
C LYS D 144 -20.45 -15.91 79.00
N TYR D 145 -19.14 -15.61 79.05
CA TYR D 145 -18.67 -14.31 79.48
C TYR D 145 -17.43 -13.95 78.67
N THR D 146 -17.36 -12.70 78.23
CA THR D 146 -16.26 -12.19 77.42
C THR D 146 -15.40 -11.24 78.24
N PHE D 147 -14.20 -10.97 77.72
CA PHE D 147 -13.23 -10.06 78.33
C PHE D 147 -12.87 -10.53 79.75
N CYS D 148 -12.12 -11.62 79.79
CA CYS D 148 -11.67 -12.21 81.05
C CYS D 148 -10.36 -12.94 80.81
N THR D 149 -9.80 -13.47 81.90
CA THR D 149 -8.56 -14.23 81.88
C THR D 149 -8.82 -15.73 81.93
N PRO D 150 -7.98 -16.55 81.31
CA PRO D 150 -6.80 -16.17 80.51
C PRO D 150 -7.16 -15.64 79.12
N GLY D 151 -6.15 -15.53 78.25
CA GLY D 151 -6.38 -14.99 76.92
C GLY D 151 -6.92 -15.98 75.91
N HIS D 152 -6.78 -17.27 76.17
CA HIS D 152 -7.30 -18.27 75.23
C HIS D 152 -8.82 -18.29 75.23
N MET D 153 -9.43 -18.20 76.41
CA MET D 153 -10.89 -18.15 76.58
C MET D 153 -11.56 -19.37 75.91
N GLY D 154 -11.27 -20.53 76.50
CA GLY D 154 -11.82 -21.77 75.98
C GLY D 154 -11.19 -22.29 74.72
N GLY D 155 -10.00 -21.81 74.37
CA GLY D 155 -9.33 -22.26 73.17
C GLY D 155 -9.64 -21.46 71.93
N THR D 156 -9.99 -20.18 72.08
CA THR D 156 -10.30 -19.37 70.91
C THR D 156 -9.02 -18.95 70.18
N ALA D 157 -7.98 -18.57 70.93
CA ALA D 157 -6.72 -18.16 70.31
C ALA D 157 -6.00 -19.32 69.63
N PHE D 158 -6.24 -20.56 70.07
CA PHE D 158 -5.60 -21.71 69.45
C PHE D 158 -6.15 -21.99 68.05
N GLN D 159 -7.37 -21.53 67.75
CA GLN D 159 -7.97 -21.76 66.45
C GLN D 159 -7.50 -20.76 65.40
N LYS D 160 -6.63 -19.82 65.76
CA LYS D 160 -6.12 -18.82 64.83
C LYS D 160 -4.67 -19.06 64.43
N SER D 161 -4.02 -20.10 64.99
CA SER D 161 -2.65 -20.41 64.66
C SER D 161 -2.53 -21.87 64.25
N PRO D 162 -1.68 -22.18 63.26
CA PRO D 162 -1.52 -23.58 62.86
C PRO D 162 -0.97 -24.47 63.97
N VAL D 163 -0.04 -23.95 64.77
CA VAL D 163 0.52 -24.73 65.86
C VAL D 163 -0.45 -24.85 67.04
N GLY D 164 -1.36 -23.88 67.20
CA GLY D 164 -2.31 -23.96 68.30
C GLY D 164 -3.42 -24.95 68.07
N SER D 165 -3.70 -25.29 66.81
CA SER D 165 -4.76 -26.26 66.52
C SER D 165 -4.36 -27.67 66.92
N LEU D 166 -3.07 -27.99 66.87
CA LEU D 166 -2.62 -29.32 67.27
C LEU D 166 -2.65 -29.50 68.78
N PHE D 167 -2.57 -28.41 69.54
CA PHE D 167 -2.60 -28.49 70.99
C PHE D 167 -4.04 -28.45 71.53
N TYR D 168 -4.97 -27.90 70.75
CA TYR D 168 -6.36 -27.84 71.18
C TYR D 168 -7.12 -29.11 70.83
N ASP D 169 -6.81 -29.72 69.70
CA ASP D 169 -7.48 -30.93 69.27
C ASP D 169 -7.01 -32.18 70.00
N PHE D 170 -5.89 -32.10 70.73
CA PHE D 170 -5.38 -33.26 71.45
C PHE D 170 -6.22 -33.54 72.70
N PHE D 171 -6.46 -32.52 73.51
CA PHE D 171 -7.24 -32.70 74.74
C PHE D 171 -8.72 -32.87 74.43
N GLY D 172 -9.40 -31.77 74.11
CA GLY D 172 -10.80 -31.81 73.79
C GLY D 172 -11.44 -30.44 73.87
N PRO D 173 -12.63 -30.30 73.25
CA PRO D 173 -13.32 -29.00 73.32
C PRO D 173 -13.73 -28.60 74.72
N ASN D 174 -14.15 -29.57 75.55
CA ASN D 174 -14.57 -29.28 76.92
C ASN D 174 -13.40 -29.12 77.88
N THR D 175 -12.17 -29.32 77.41
CA THR D 175 -11.01 -29.21 78.31
C THR D 175 -10.61 -27.74 78.51
N MET D 176 -10.47 -26.99 77.42
CA MET D 176 -10.04 -25.60 77.54
C MET D 176 -11.17 -24.68 78.01
N LYS D 177 -12.43 -25.09 77.81
CA LYS D 177 -13.55 -24.27 78.25
C LYS D 177 -13.65 -24.21 79.77
N SER D 178 -13.08 -25.20 80.48
CA SER D 178 -13.09 -25.20 81.93
C SER D 178 -11.89 -24.48 82.53
N ASP D 179 -10.90 -24.11 81.71
CA ASP D 179 -9.71 -23.40 82.18
C ASP D 179 -10.07 -21.92 82.33
N ILE D 180 -10.66 -21.58 83.46
CA ILE D 180 -11.07 -20.21 83.76
C ILE D 180 -10.41 -19.78 85.06
N SER D 181 -10.49 -18.48 85.33
CA SER D 181 -9.84 -17.91 86.51
C SER D 181 -10.86 -17.39 87.51
N ILE D 182 -10.49 -16.36 88.26
CA ILE D 182 -11.34 -15.80 89.30
C ILE D 182 -12.23 -14.68 88.75
N SER D 183 -12.36 -14.58 87.42
CA SER D 183 -13.20 -13.58 86.80
C SER D 183 -14.64 -14.06 86.59
N VAL D 184 -15.13 -14.95 87.44
CA VAL D 184 -16.47 -15.50 87.33
C VAL D 184 -17.21 -15.22 88.64
N SER D 185 -18.46 -14.77 88.52
CA SER D 185 -19.23 -14.42 89.72
C SER D 185 -19.98 -15.61 90.29
N GLU D 186 -20.50 -16.49 89.42
CA GLU D 186 -21.28 -17.64 89.86
C GLU D 186 -20.41 -18.81 90.30
N LEU D 187 -19.09 -18.66 90.30
CA LEU D 187 -18.19 -19.69 90.81
C LEU D 187 -17.32 -19.22 91.97
N GLY D 188 -17.29 -17.93 92.25
CA GLY D 188 -16.50 -17.44 93.37
C GLY D 188 -15.01 -17.43 93.08
N SER D 189 -14.25 -17.15 94.13
CA SER D 189 -12.79 -17.10 94.06
C SER D 189 -12.20 -17.97 95.16
N LEU D 190 -11.04 -18.56 94.85
CA LEU D 190 -10.37 -19.43 95.83
C LEU D 190 -9.73 -18.63 96.94
N LEU D 191 -9.18 -17.45 96.63
CA LEU D 191 -8.55 -16.63 97.66
C LEU D 191 -9.58 -16.01 98.60
N ASP D 192 -10.78 -15.71 98.09
CA ASP D 192 -11.83 -15.12 98.92
C ASP D 192 -12.48 -16.14 99.84
N HIS D 193 -12.45 -17.43 99.48
CA HIS D 193 -13.05 -18.50 100.28
C HIS D 193 -14.54 -18.25 100.51
N SER D 194 -15.24 -17.89 99.43
CA SER D 194 -16.66 -17.61 99.49
C SER D 194 -17.34 -18.25 98.29
N GLY D 195 -18.66 -18.39 98.39
CA GLY D 195 -19.45 -18.98 97.34
C GLY D 195 -19.26 -20.49 97.25
N PRO D 196 -19.11 -21.01 96.03
CA PRO D 196 -18.90 -22.45 95.87
C PRO D 196 -17.61 -22.94 96.52
N HIS D 197 -16.59 -22.09 96.63
CA HIS D 197 -15.34 -22.49 97.26
C HIS D 197 -15.49 -22.60 98.78
N LYS D 198 -16.46 -21.88 99.35
CA LYS D 198 -16.67 -21.97 100.80
C LYS D 198 -17.33 -23.29 101.18
N GLU D 199 -18.33 -23.72 100.42
CA GLU D 199 -19.00 -24.99 100.70
C GLU D 199 -18.13 -26.18 100.33
N ALA D 200 -17.15 -26.00 99.43
CA ALA D 200 -16.28 -27.10 99.06
C ALA D 200 -15.27 -27.41 100.17
N GLU D 201 -14.83 -26.40 100.90
CA GLU D 201 -13.88 -26.62 101.99
C GLU D 201 -14.55 -27.34 103.16
N GLN D 202 -15.82 -27.03 103.42
CA GLN D 202 -16.55 -27.71 104.48
C GLN D 202 -16.99 -29.11 104.09
N TYR D 203 -17.05 -29.41 102.79
CA TYR D 203 -17.45 -30.74 102.35
C TYR D 203 -16.29 -31.72 102.41
N ILE D 204 -15.08 -31.26 102.11
CA ILE D 204 -13.91 -32.14 102.15
C ILE D 204 -13.54 -32.48 103.59
N ALA D 205 -13.59 -31.47 104.48
CA ALA D 205 -13.24 -31.72 105.87
C ALA D 205 -14.27 -32.59 106.57
N ARG D 206 -15.53 -32.55 106.13
CA ARG D 206 -16.55 -33.36 106.75
C ARG D 206 -16.40 -34.84 106.37
N VAL D 207 -16.02 -35.10 105.12
CA VAL D 207 -15.84 -36.48 104.68
C VAL D 207 -14.56 -37.07 105.26
N PHE D 208 -13.47 -36.31 105.23
CA PHE D 208 -12.19 -36.77 105.76
C PHE D 208 -12.06 -36.57 107.27
N ASN D 209 -13.16 -36.28 107.97
CA ASN D 209 -13.17 -36.09 109.41
C ASN D 209 -12.21 -34.99 109.82
N ALA D 210 -12.60 -33.73 109.60
CA ALA D 210 -11.77 -32.59 109.95
C ALA D 210 -12.65 -31.38 110.19
N ASP D 211 -12.10 -30.40 110.91
CA ASP D 211 -12.84 -29.18 111.20
C ASP D 211 -12.75 -28.19 110.04
N ARG D 212 -11.56 -28.04 109.45
CA ARG D 212 -11.36 -27.13 108.33
CA ARG D 212 -11.36 -27.13 108.33
C ARG D 212 -10.23 -27.67 107.46
N SER D 213 -10.40 -27.51 106.15
CA SER D 213 -9.40 -27.99 105.20
C SER D 213 -9.42 -27.12 103.95
N TYR D 214 -8.25 -26.88 103.40
CA TYR D 214 -8.08 -26.08 102.20
C TYR D 214 -7.74 -26.99 101.01
N MET D 215 -7.46 -26.38 99.86
CA MET D 215 -7.14 -27.10 98.64
C MET D 215 -5.84 -26.52 98.07
N VAL D 216 -4.73 -27.21 98.31
CA VAL D 216 -3.44 -26.77 97.80
C VAL D 216 -3.35 -27.11 96.32
N THR D 217 -2.93 -26.12 95.51
CA THR D 217 -2.85 -26.28 94.07
C THR D 217 -1.40 -26.32 93.59
N ASN D 218 -0.49 -26.88 94.41
CA ASN D 218 0.91 -26.98 94.01
C ASN D 218 1.60 -28.16 94.68
N GLY D 219 0.89 -29.28 94.84
CA GLY D 219 1.49 -30.48 95.38
C GLY D 219 1.71 -30.41 96.88
N THR D 220 2.21 -31.52 97.42
CA THR D 220 2.49 -31.59 98.86
C THR D 220 3.73 -30.76 99.23
N SER D 221 4.65 -30.60 98.29
CA SER D 221 5.89 -29.85 98.57
C SER D 221 5.59 -28.41 98.97
N THR D 222 4.47 -27.86 98.50
CA THR D 222 4.10 -26.48 98.84
C THR D 222 3.30 -26.40 100.12
N ALA D 223 2.46 -27.40 100.41
CA ALA D 223 1.66 -27.38 101.62
C ALA D 223 2.52 -27.43 102.89
N ASN D 224 3.66 -28.11 102.82
CA ASN D 224 4.55 -28.17 103.97
C ASN D 224 5.24 -26.85 104.25
N LYS D 225 5.32 -25.96 103.26
CA LYS D 225 5.96 -24.66 103.47
C LYS D 225 4.98 -23.63 104.03
N ILE D 226 3.68 -23.83 103.83
CA ILE D 226 2.69 -22.90 104.37
C ILE D 226 2.47 -23.16 105.85
N VAL D 227 2.43 -24.43 106.25
CA VAL D 227 2.22 -24.77 107.65
C VAL D 227 3.43 -24.36 108.49
N GLY D 228 4.64 -24.52 107.94
CA GLY D 228 5.84 -24.18 108.65
C GLY D 228 6.02 -22.69 108.90
N MET D 229 5.22 -21.84 108.28
CA MET D 229 5.29 -20.40 108.46
C MET D 229 4.18 -19.86 109.35
N TYR D 230 3.51 -20.73 110.11
CA TYR D 230 2.43 -20.32 110.99
C TYR D 230 2.75 -20.53 112.46
N SER D 231 3.45 -21.59 112.81
CA SER D 231 3.81 -21.90 114.20
C SER D 231 5.32 -22.03 114.35
N ALA D 232 6.07 -21.19 113.63
CA ALA D 232 7.53 -21.21 113.69
C ALA D 232 8.06 -19.83 113.34
N PRO D 233 8.12 -18.91 114.32
CA PRO D 233 8.65 -17.58 114.06
C PRO D 233 10.13 -17.61 113.75
N ALA D 234 10.64 -16.47 113.30
CA ALA D 234 12.05 -16.34 112.98
C ALA D 234 12.87 -16.31 114.26
N GLY D 235 13.42 -17.46 114.65
CA GLY D 235 14.20 -17.58 115.85
C GLY D 235 13.64 -18.50 116.90
N SER D 236 12.78 -19.44 116.54
CA SER D 236 12.15 -20.37 117.46
C SER D 236 12.87 -21.72 117.37
N THR D 237 12.13 -22.81 117.57
CA THR D 237 12.70 -24.15 117.52
C THR D 237 11.64 -25.12 117.00
N ILE D 238 12.01 -25.91 115.99
CA ILE D 238 11.11 -26.89 115.41
C ILE D 238 11.69 -28.28 115.62
N LEU D 239 10.83 -29.28 115.55
CA LEU D 239 11.20 -30.69 115.73
C LEU D 239 10.87 -31.43 114.43
N ILE D 240 11.80 -31.38 113.48
CA ILE D 240 11.63 -32.03 112.19
C ILE D 240 12.25 -33.42 112.26
N ASP D 241 11.66 -34.36 111.51
CA ASP D 241 12.14 -35.72 111.48
C ASP D 241 13.38 -35.83 110.60
N ARG D 242 14.21 -36.83 110.89
CA ARG D 242 15.42 -37.03 110.11
C ARG D 242 15.10 -37.49 108.70
N ASN D 243 14.13 -38.40 108.55
CA ASN D 243 13.71 -38.89 107.24
C ASN D 243 12.73 -37.88 106.63
N CYS D 244 13.27 -36.75 106.23
CA CYS D 244 12.49 -35.65 105.67
C CYS D 244 12.54 -35.70 104.14
N HIS D 245 11.75 -34.82 103.53
CA HIS D 245 11.66 -34.70 102.08
C HIS D 245 12.52 -33.53 101.60
N LYS D 246 12.75 -33.51 100.29
CA LYS D 246 13.54 -32.43 99.69
C LYS D 246 12.91 -31.07 99.94
N SER D 247 11.57 -31.01 99.97
CA SER D 247 10.90 -29.74 100.24
C SER D 247 11.05 -29.33 101.70
N LEU D 248 11.14 -30.30 102.61
CA LEU D 248 11.30 -29.97 104.02
C LEU D 248 12.68 -29.39 104.31
N THR D 249 13.68 -29.74 103.50
CA THR D 249 15.01 -29.16 103.69
C THR D 249 15.04 -27.70 103.28
N HIS D 250 14.34 -27.35 102.20
CA HIS D 250 14.31 -25.95 101.76
C HIS D 250 13.58 -25.07 102.77
N LEU D 251 12.59 -25.61 103.48
CA LEU D 251 11.88 -24.83 104.48
C LEU D 251 12.80 -24.41 105.62
N MET D 252 13.73 -25.28 106.01
CA MET D 252 14.68 -24.93 107.06
C MET D 252 15.73 -23.94 106.58
N MET D 253 15.91 -23.79 105.27
CA MET D 253 16.88 -22.86 104.73
C MET D 253 16.30 -21.48 104.45
N MET D 254 14.97 -21.37 104.35
CA MET D 254 14.32 -20.09 104.12
C MET D 254 13.75 -19.46 105.38
N SER D 255 13.68 -20.20 106.49
CA SER D 255 13.16 -19.70 107.75
C SER D 255 14.25 -19.77 108.80
N ASP D 256 14.41 -18.69 109.56
CA ASP D 256 15.44 -18.61 110.60
C ASP D 256 14.93 -19.36 111.83
N VAL D 257 15.09 -20.68 111.78
CA VAL D 257 14.67 -21.56 112.88
C VAL D 257 15.85 -22.48 113.23
N THR D 258 15.74 -23.09 114.41
CA THR D 258 16.75 -24.02 114.91
C THR D 258 16.13 -25.42 115.00
N PRO D 259 16.28 -26.25 113.97
CA PRO D 259 15.67 -27.58 114.01
C PRO D 259 16.47 -28.55 114.87
N ILE D 260 15.77 -29.57 115.35
CA ILE D 260 16.36 -30.63 116.15
C ILE D 260 16.03 -31.95 115.47
N TYR D 261 17.04 -32.61 114.91
CA TYR D 261 16.84 -33.85 114.18
C TYR D 261 16.73 -35.03 115.13
N PHE D 262 15.81 -35.95 114.82
CA PHE D 262 15.60 -37.13 115.64
C PHE D 262 16.53 -38.25 115.19
N ARG D 263 16.37 -39.43 115.81
CA ARG D 263 17.17 -40.61 115.50
C ARG D 263 16.23 -41.79 115.35
N PRO D 264 15.63 -41.97 114.18
CA PRO D 264 14.72 -43.10 113.97
C PRO D 264 15.47 -44.41 113.86
N THR D 265 14.74 -45.50 114.10
CA THR D 265 15.32 -46.83 114.02
C THR D 265 15.47 -47.27 112.58
N ARG D 266 16.35 -48.24 112.37
CA ARG D 266 16.61 -48.77 111.04
C ARG D 266 17.28 -50.13 111.17
N ASN D 267 17.28 -50.88 110.08
CA ASN D 267 17.85 -52.21 109.99
C ASN D 267 19.02 -52.21 109.00
N ALA D 268 19.29 -53.36 108.37
CA ALA D 268 20.38 -53.48 107.42
C ALA D 268 19.91 -53.52 105.97
N TYR D 269 18.66 -53.88 105.71
CA TYR D 269 18.16 -53.95 104.34
C TYR D 269 17.91 -52.56 103.75
N GLY D 270 17.87 -51.52 104.58
CA GLY D 270 17.64 -50.17 104.12
C GLY D 270 16.26 -49.62 104.46
N ILE D 271 15.36 -50.43 104.98
CA ILE D 271 14.03 -49.99 105.34
C ILE D 271 14.11 -49.30 106.70
N LEU D 272 13.84 -47.99 106.71
CA LEU D 272 13.89 -47.23 107.96
C LEU D 272 12.70 -47.58 108.84
N GLY D 273 12.96 -47.79 110.13
CA GLY D 273 11.90 -48.11 111.07
C GLY D 273 11.08 -46.89 111.46
N GLY D 274 11.28 -46.41 112.68
CA GLY D 274 10.55 -45.25 113.16
C GLY D 274 11.22 -44.64 114.36
N ILE D 275 10.70 -43.50 114.78
CA ILE D 275 11.24 -42.79 115.94
C ILE D 275 10.82 -43.52 117.21
N PRO D 276 11.75 -43.86 118.09
CA PRO D 276 11.39 -44.56 119.33
C PRO D 276 10.53 -43.68 120.23
N GLN D 277 9.91 -44.31 121.22
CA GLN D 277 9.05 -43.60 122.16
C GLN D 277 9.86 -42.76 123.16
N SER D 278 11.17 -43.00 123.27
CA SER D 278 11.98 -42.24 124.20
C SER D 278 12.26 -40.82 123.72
N GLU D 279 12.24 -40.59 122.41
CA GLU D 279 12.49 -39.26 121.87
C GLU D 279 11.34 -38.30 122.13
N PHE D 280 10.13 -38.80 122.34
CA PHE D 280 8.97 -37.96 122.60
C PHE D 280 8.82 -37.58 124.06
N GLN D 281 9.75 -37.97 124.92
CA GLN D 281 9.66 -37.66 126.34
C GLN D 281 9.99 -36.19 126.58
N HIS D 282 9.75 -35.74 127.82
CA HIS D 282 10.02 -34.36 128.18
C HIS D 282 11.48 -34.16 128.58
N ALA D 283 12.12 -35.20 129.12
CA ALA D 283 13.52 -35.08 129.52
C ALA D 283 14.45 -35.25 128.34
N THR D 284 13.98 -35.88 127.25
CA THR D 284 14.83 -36.07 126.09
C THR D 284 14.88 -34.82 125.23
N ILE D 285 13.73 -34.16 125.03
CA ILE D 285 13.70 -32.95 124.21
C ILE D 285 14.39 -31.80 124.93
N ALA D 286 14.14 -31.64 126.23
CA ALA D 286 14.74 -30.55 126.98
C ALA D 286 16.26 -30.71 127.12
N LYS D 287 16.79 -31.92 126.97
CA LYS D 287 18.24 -32.11 127.07
C LYS D 287 18.96 -31.57 125.84
N ARG D 288 18.35 -31.70 124.67
CA ARG D 288 18.96 -31.22 123.43
C ARG D 288 18.82 -29.71 123.26
N VAL D 289 17.99 -29.05 124.07
CA VAL D 289 17.84 -27.60 123.94
C VAL D 289 19.08 -26.89 124.50
N LYS D 290 19.57 -27.33 125.66
CA LYS D 290 20.74 -26.70 126.25
C LYS D 290 22.01 -27.02 125.46
N GLU D 291 22.09 -28.22 124.89
CA GLU D 291 23.26 -28.61 124.13
C GLU D 291 23.35 -27.89 122.78
N THR D 292 22.21 -27.45 122.23
CA THR D 292 22.20 -26.76 120.96
C THR D 292 22.21 -25.26 121.19
N PRO D 293 23.24 -24.54 120.75
CA PRO D 293 23.25 -23.08 120.95
C PRO D 293 22.13 -22.40 120.17
N ASN D 294 21.60 -21.33 120.76
CA ASN D 294 20.51 -20.53 120.17
C ASN D 294 19.29 -21.42 119.87
N ALA D 295 18.68 -21.88 120.96
CA ALA D 295 17.51 -22.74 120.86
C ALA D 295 16.64 -22.55 122.10
N THR D 296 15.35 -22.30 121.90
CA THR D 296 14.39 -22.10 122.96
C THR D 296 13.50 -23.34 123.07
N TRP D 297 12.28 -23.17 123.57
CA TRP D 297 11.36 -24.28 123.69
C TRP D 297 10.74 -24.61 122.34
N PRO D 298 10.74 -25.87 121.92
CA PRO D 298 10.14 -26.23 120.61
C PRO D 298 8.64 -25.97 120.62
N VAL D 299 8.17 -25.26 119.60
CA VAL D 299 6.76 -24.93 119.45
C VAL D 299 6.12 -25.62 118.26
N HIS D 300 6.87 -26.44 117.52
CA HIS D 300 6.35 -27.15 116.37
C HIS D 300 7.12 -28.44 116.19
N ALA D 301 6.39 -29.51 115.85
CA ALA D 301 6.99 -30.84 115.64
C ALA D 301 6.53 -31.39 114.31
N VAL D 302 7.46 -31.98 113.56
CA VAL D 302 7.18 -32.56 112.25
C VAL D 302 7.49 -34.05 112.33
N ILE D 303 6.49 -34.89 112.12
CA ILE D 303 6.62 -36.34 112.15
C ILE D 303 6.13 -36.88 110.81
N THR D 304 7.03 -37.55 110.08
CA THR D 304 6.70 -38.12 108.78
C THR D 304 5.94 -39.42 109.00
N ASN D 305 4.62 -39.33 108.98
CA ASN D 305 3.74 -40.48 109.18
C ASN D 305 2.81 -40.59 107.98
N SER D 306 3.02 -41.60 107.16
CA SER D 306 4.06 -42.60 107.37
C SER D 306 5.32 -42.24 106.59
N THR D 307 6.31 -43.13 106.63
CA THR D 307 7.58 -42.90 105.96
C THR D 307 7.43 -43.19 104.47
N TYR D 308 8.55 -43.21 103.75
CA TYR D 308 8.51 -43.46 102.31
C TYR D 308 8.18 -44.91 102.00
N ASP D 309 8.58 -45.84 102.87
CA ASP D 309 8.31 -47.25 102.64
C ASP D 309 6.85 -47.58 102.93
N GLY D 310 6.40 -47.35 104.17
CA GLY D 310 5.04 -47.62 104.54
C GLY D 310 4.91 -48.23 105.92
N LEU D 311 5.27 -47.47 106.96
CA LEU D 311 5.19 -47.93 108.34
C LEU D 311 4.48 -46.86 109.16
N LEU D 312 3.26 -47.19 109.61
CA LEU D 312 2.48 -46.23 110.40
C LEU D 312 2.99 -46.17 111.83
N TYR D 313 2.62 -45.10 112.52
CA TYR D 313 2.99 -44.87 113.91
C TYR D 313 1.77 -45.03 114.80
N ASN D 314 1.94 -44.65 116.07
CA ASN D 314 0.88 -44.73 117.07
C ASN D 314 0.57 -43.30 117.53
N THR D 315 -0.47 -42.70 116.95
CA THR D 315 -0.85 -41.34 117.31
C THR D 315 -1.54 -41.28 118.67
N ASP D 316 -1.99 -42.42 119.20
CA ASP D 316 -2.63 -42.41 120.51
C ASP D 316 -1.61 -42.15 121.62
N PHE D 317 -0.33 -42.42 121.36
CA PHE D 317 0.73 -42.19 122.33
C PHE D 317 1.50 -40.89 122.07
N ILE D 318 1.51 -40.42 120.82
CA ILE D 318 2.23 -39.18 120.51
C ILE D 318 1.44 -37.96 120.99
N LYS D 319 0.11 -37.98 120.79
CA LYS D 319 -0.72 -36.86 121.18
C LYS D 319 -0.81 -36.67 122.70
N LYS D 320 -0.30 -37.62 123.48
CA LYS D 320 -0.34 -37.54 124.94
C LYS D 320 1.03 -37.30 125.56
N THR D 321 2.08 -37.91 125.02
CA THR D 321 3.42 -37.75 125.58
C THR D 321 4.15 -36.55 125.00
N LEU D 322 4.12 -36.38 123.68
CA LEU D 322 4.79 -35.26 123.03
C LEU D 322 4.09 -33.96 123.40
N ASP D 323 4.79 -33.08 124.12
CA ASP D 323 4.23 -31.82 124.58
C ASP D 323 4.55 -30.70 123.60
N VAL D 324 3.92 -30.79 122.43
CA VAL D 324 4.07 -29.79 121.37
C VAL D 324 2.68 -29.33 120.96
N LYS D 325 2.47 -28.01 120.98
CA LYS D 325 1.17 -27.45 120.65
C LYS D 325 0.85 -27.55 119.17
N SER D 326 1.85 -27.75 118.32
CA SER D 326 1.67 -27.84 116.87
C SER D 326 2.40 -29.08 116.36
N ILE D 327 1.71 -30.22 116.38
CA ILE D 327 2.26 -31.48 115.92
C ILE D 327 1.81 -31.71 114.48
N HIS D 328 2.77 -31.97 113.60
CA HIS D 328 2.51 -32.17 112.18
C HIS D 328 2.68 -33.63 111.82
N PHE D 329 1.83 -34.12 110.92
CA PHE D 329 1.89 -35.49 110.41
C PHE D 329 1.91 -35.44 108.89
N ASP D 330 3.08 -35.68 108.30
CA ASP D 330 3.21 -35.67 106.85
C ASP D 330 2.57 -36.90 106.25
N SER D 331 1.26 -36.85 106.02
CA SER D 331 0.52 -37.99 105.47
C SER D 331 0.51 -37.96 103.95
N ALA D 332 1.69 -37.88 103.35
CA ALA D 332 1.83 -37.84 101.90
C ALA D 332 1.75 -39.22 101.25
N TRP D 333 1.52 -40.28 102.03
CA TRP D 333 1.44 -41.62 101.47
C TRP D 333 0.29 -42.44 102.05
N VAL D 334 -0.56 -41.86 102.90
CA VAL D 334 -1.69 -42.58 103.47
C VAL D 334 -2.96 -41.74 103.36
N PRO D 335 -3.49 -41.51 102.15
CA PRO D 335 -4.73 -40.73 102.04
C PRO D 335 -5.97 -41.59 102.19
N TYR D 336 -5.96 -42.51 103.15
CA TYR D 336 -7.09 -43.42 103.31
C TYR D 336 -7.27 -43.93 104.73
N THR D 337 -6.57 -43.36 105.73
CA THR D 337 -6.66 -43.84 107.11
C THR D 337 -7.90 -43.23 107.77
N ASN D 338 -9.07 -43.61 107.25
CA ASN D 338 -10.34 -43.12 107.75
C ASN D 338 -11.49 -44.01 107.27
N PHE D 339 -11.43 -44.44 106.01
CA PHE D 339 -12.49 -45.23 105.40
C PHE D 339 -12.33 -46.73 105.64
N SER D 340 -11.75 -47.12 106.77
CA SER D 340 -11.57 -48.54 107.07
C SER D 340 -11.45 -48.71 108.57
N PRO D 341 -12.07 -49.75 109.16
CA PRO D 341 -11.99 -49.92 110.62
C PRO D 341 -10.63 -50.39 111.12
N ILE D 342 -9.73 -50.81 110.23
CA ILE D 342 -8.41 -51.28 110.63
C ILE D 342 -7.41 -50.14 110.54
N TYR D 343 -7.90 -48.90 110.52
CA TYR D 343 -7.06 -47.72 110.48
C TYR D 343 -7.56 -46.65 111.46
N GLU D 344 -8.21 -47.08 112.53
CA GLU D 344 -8.72 -46.17 113.55
C GLU D 344 -7.64 -45.87 114.57
N GLY D 345 -7.47 -44.59 114.90
CA GLY D 345 -6.46 -44.19 115.85
C GLY D 345 -5.03 -44.29 115.36
N LYS D 346 -4.82 -44.22 114.05
CA LYS D 346 -3.49 -44.32 113.48
C LYS D 346 -3.00 -43.02 112.86
N CYS D 347 -3.87 -42.03 112.67
CA CYS D 347 -3.52 -40.75 112.09
C CYS D 347 -3.97 -39.63 113.03
N GLY D 348 -3.78 -38.39 112.58
CA GLY D 348 -4.19 -37.25 113.40
C GLY D 348 -5.67 -36.94 113.32
N MET D 349 -6.30 -37.23 112.18
CA MET D 349 -7.73 -36.97 112.02
C MET D 349 -8.60 -37.95 112.78
N SER D 350 -8.13 -39.18 113.00
CA SER D 350 -8.89 -40.18 113.72
C SER D 350 -8.88 -39.86 115.22
N GLY D 351 -10.06 -39.67 115.79
CA GLY D 351 -10.17 -39.35 117.20
C GLY D 351 -10.93 -38.06 117.46
N GLY D 352 -10.34 -37.17 118.26
CA GLY D 352 -10.97 -35.91 118.58
C GLY D 352 -9.98 -34.77 118.69
N ARG D 353 -10.47 -33.59 119.07
CA ARG D 353 -9.62 -32.42 119.21
C ARG D 353 -8.84 -32.51 120.52
N VAL D 354 -7.52 -32.37 120.42
CA VAL D 354 -6.66 -32.41 121.60
C VAL D 354 -6.70 -31.05 122.28
N GLU D 355 -6.90 -31.06 123.60
CA GLU D 355 -6.98 -29.81 124.36
C GLU D 355 -5.62 -29.13 124.39
N GLY D 356 -5.56 -27.91 123.86
CA GLY D 356 -4.34 -27.14 123.85
C GLY D 356 -3.37 -27.48 122.73
N LYS D 357 -3.76 -28.33 121.80
CA LYS D 357 -2.89 -28.72 120.69
C LYS D 357 -3.67 -28.67 119.38
N VAL D 358 -2.93 -28.72 118.28
CA VAL D 358 -3.51 -28.71 116.94
C VAL D 358 -2.70 -29.65 116.06
N ILE D 359 -3.37 -30.32 115.13
CA ILE D 359 -2.75 -31.30 114.25
C ILE D 359 -2.80 -30.78 112.82
N TYR D 360 -1.65 -30.80 112.15
CA TYR D 360 -1.53 -30.40 110.76
C TYR D 360 -1.13 -31.61 109.93
N GLU D 361 -1.85 -31.82 108.81
CA GLU D 361 -1.58 -32.92 107.91
C GLU D 361 -1.63 -32.43 106.48
N THR D 362 -0.68 -32.88 105.67
CA THR D 362 -0.60 -32.53 104.25
C THR D 362 -0.86 -33.80 103.43
N GLN D 363 -2.11 -34.26 103.44
CA GLN D 363 -2.48 -35.46 102.71
C GLN D 363 -2.40 -35.20 101.21
N SER D 364 -1.64 -36.03 100.50
CA SER D 364 -1.50 -35.86 99.06
C SER D 364 -2.80 -36.22 98.36
N THR D 365 -2.94 -35.72 97.13
CA THR D 365 -4.15 -35.94 96.35
C THR D 365 -3.89 -36.71 95.06
N HIS D 366 -2.75 -36.50 94.41
CA HIS D 366 -2.46 -37.16 93.14
C HIS D 366 -1.46 -38.31 93.32
N LYS D 367 -1.00 -38.51 94.55
CA LYS D 367 0.02 -39.54 94.81
C LYS D 367 -0.56 -40.91 94.72
N LEU D 368 -1.54 -41.20 95.57
CA LEU D 368 -2.14 -42.53 95.61
C LEU D 368 -3.66 -42.49 95.49
N LEU D 369 -4.16 -41.59 94.65
CA LEU D 369 -5.59 -41.49 94.42
C LEU D 369 -5.89 -41.34 92.93
N ALA D 370 -6.66 -40.31 92.56
CA ALA D 370 -7.01 -40.09 91.16
C ALA D 370 -7.35 -38.61 90.99
N ALA D 371 -6.34 -37.82 90.58
CA ALA D 371 -6.52 -36.39 90.36
C ALA D 371 -5.33 -35.89 89.56
N PHE D 372 -5.44 -34.65 89.10
CA PHE D 372 -4.36 -34.02 88.36
C PHE D 372 -3.17 -33.73 89.28
N SER D 373 -2.02 -33.49 88.67
CA SER D 373 -0.81 -33.21 89.42
C SER D 373 -0.92 -31.85 90.11
N GLN D 374 0.02 -31.61 91.04
CA GLN D 374 0.07 -30.38 91.82
C GLN D 374 -1.24 -30.16 92.59
N ALA D 375 -1.49 -31.05 93.55
CA ALA D 375 -2.70 -31.00 94.36
C ALA D 375 -2.41 -31.58 95.74
N SER D 376 -2.86 -30.90 96.78
CA SER D 376 -2.67 -31.35 98.15
C SER D 376 -3.73 -30.72 99.03
N MET D 377 -3.71 -31.08 100.31
CA MET D 377 -4.68 -30.57 101.27
C MET D 377 -3.96 -30.20 102.56
N ILE D 378 -4.64 -29.40 103.39
CA ILE D 378 -4.13 -28.97 104.69
C ILE D 378 -5.23 -29.26 105.69
N HIS D 379 -5.06 -30.32 106.48
CA HIS D 379 -6.04 -30.71 107.49
C HIS D 379 -5.67 -30.08 108.82
N VAL D 380 -6.56 -29.24 109.35
CA VAL D 380 -6.35 -28.54 110.62
C VAL D 380 -7.37 -29.07 111.61
N LYS D 381 -6.89 -29.58 112.74
CA LYS D 381 -7.74 -30.13 113.80
C LYS D 381 -7.43 -29.36 115.09
N GLY D 382 -8.19 -28.31 115.35
CA GLY D 382 -7.99 -27.51 116.55
C GLY D 382 -8.61 -26.13 116.37
N ASP D 383 -8.14 -25.21 117.20
CA ASP D 383 -8.62 -23.83 117.19
C ASP D 383 -7.44 -22.92 116.82
N VAL D 384 -7.42 -22.48 115.56
CA VAL D 384 -6.36 -21.62 115.05
C VAL D 384 -6.99 -20.32 114.57
N ASN D 385 -6.14 -19.31 114.38
CA ASN D 385 -6.60 -18.01 113.91
C ASN D 385 -6.89 -18.06 112.42
N GLU D 386 -8.06 -17.54 112.03
CA GLU D 386 -8.44 -17.56 110.63
C GLU D 386 -7.81 -16.41 109.85
N GLU D 387 -7.70 -15.24 110.49
CA GLU D 387 -7.11 -14.08 109.81
C GLU D 387 -5.59 -14.17 109.71
N THR D 388 -4.96 -15.07 110.46
CA THR D 388 -3.51 -15.22 110.43
C THR D 388 -3.09 -16.36 109.50
N PHE D 389 -3.77 -17.49 109.57
CA PHE D 389 -3.42 -18.63 108.71
C PHE D 389 -3.76 -18.36 107.26
N ASN D 390 -4.72 -17.46 107.00
CA ASN D 390 -5.08 -17.15 105.62
C ASN D 390 -3.99 -16.36 104.91
N GLU D 391 -3.28 -15.49 105.63
CA GLU D 391 -2.21 -14.71 105.02
C GLU D 391 -1.04 -15.59 104.61
N ALA D 392 -0.81 -16.69 105.32
CA ALA D 392 0.28 -17.59 104.96
C ALA D 392 -0.04 -18.42 103.73
N TYR D 393 -1.33 -18.63 103.42
CA TYR D 393 -1.69 -19.41 102.25
C TYR D 393 -1.51 -18.61 100.96
N MET D 394 -1.72 -17.30 101.01
CA MET D 394 -1.56 -16.47 99.83
C MET D 394 -0.11 -16.23 99.46
N MET D 395 0.83 -16.50 100.37
CA MET D 395 2.25 -16.32 100.09
C MET D 395 2.81 -17.38 99.17
N HIS D 396 2.08 -18.48 98.94
CA HIS D 396 2.54 -19.54 98.04
C HIS D 396 1.50 -19.92 96.99
N THR D 397 0.29 -19.35 97.04
CA THR D 397 -0.76 -19.64 96.08
C THR D 397 -0.99 -18.41 95.21
N THR D 398 -1.02 -18.60 93.91
CA THR D 398 -1.22 -17.50 92.98
C THR D 398 -2.65 -16.96 93.10
N THR D 399 -2.85 -15.76 92.54
CA THR D 399 -4.16 -15.12 92.59
C THR D 399 -5.15 -15.74 91.61
N SER D 400 -4.67 -16.39 90.55
CA SER D 400 -5.52 -17.01 89.53
C SER D 400 -5.21 -18.50 89.50
N PRO D 401 -5.87 -19.29 90.36
CA PRO D 401 -5.63 -20.73 90.37
C PRO D 401 -6.24 -21.41 89.16
N HIS D 402 -5.88 -22.68 89.00
CA HIS D 402 -6.37 -23.51 87.90
C HIS D 402 -7.51 -24.38 88.41
N TYR D 403 -8.72 -24.13 87.92
CA TYR D 403 -9.90 -24.85 88.40
C TYR D 403 -9.91 -26.30 87.92
N GLY D 404 -9.13 -26.64 86.90
CA GLY D 404 -9.07 -28.02 86.46
C GLY D 404 -8.45 -28.95 87.49
N ILE D 405 -7.52 -28.44 88.29
CA ILE D 405 -6.93 -29.25 89.35
C ILE D 405 -7.79 -29.15 90.62
N VAL D 406 -8.40 -28.00 90.87
CA VAL D 406 -9.26 -27.84 92.04
C VAL D 406 -10.46 -28.77 91.95
N ALA D 407 -11.03 -28.91 90.75
CA ALA D 407 -12.17 -29.82 90.57
C ALA D 407 -11.76 -31.27 90.77
N SER D 408 -10.51 -31.61 90.49
CA SER D 408 -10.04 -32.98 90.71
C SER D 408 -9.63 -33.22 92.15
N THR D 409 -9.23 -32.16 92.87
CA THR D 409 -8.86 -32.31 94.27
C THR D 409 -10.07 -32.66 95.12
N GLU D 410 -11.18 -31.96 94.91
CA GLU D 410 -12.40 -32.28 95.64
C GLU D 410 -13.03 -33.57 95.14
N THR D 411 -12.73 -33.96 93.89
CA THR D 411 -13.26 -35.22 93.36
C THR D 411 -12.74 -36.41 94.14
N ALA D 412 -11.47 -36.37 94.56
CA ALA D 412 -10.91 -37.46 95.35
C ALA D 412 -11.64 -37.62 96.68
N ALA D 413 -12.16 -36.53 97.24
CA ALA D 413 -12.95 -36.63 98.46
C ALA D 413 -14.36 -37.13 98.21
N ALA D 414 -14.90 -36.93 97.00
CA ALA D 414 -16.22 -37.43 96.67
C ALA D 414 -16.22 -38.86 96.17
N MET D 415 -15.11 -39.31 95.58
CA MET D 415 -15.02 -40.69 95.12
C MET D 415 -14.88 -41.68 96.27
N MET D 416 -14.53 -41.21 97.47
CA MET D 416 -14.35 -42.08 98.62
C MET D 416 -15.55 -42.10 99.56
N LYS D 417 -16.50 -41.17 99.40
CA LYS D 417 -17.64 -41.12 100.29
C LYS D 417 -18.67 -42.17 99.92
N GLY D 418 -19.26 -42.79 100.94
CA GLY D 418 -20.27 -43.81 100.74
C GLY D 418 -19.69 -45.20 100.61
N ASN D 419 -20.59 -46.18 100.60
CA ASN D 419 -20.17 -47.58 100.46
C ASN D 419 -19.59 -47.88 99.09
N ALA D 420 -19.96 -47.12 98.06
CA ALA D 420 -19.39 -47.32 96.74
C ALA D 420 -17.93 -46.89 96.68
N GLY D 421 -17.50 -45.99 97.55
CA GLY D 421 -16.13 -45.56 97.58
C GLY D 421 -15.28 -46.37 98.55
N LYS D 422 -15.92 -46.90 99.60
CA LYS D 422 -15.20 -47.70 100.58
C LYS D 422 -14.76 -49.04 100.00
N ARG D 423 -15.37 -49.50 98.90
CA ARG D 423 -14.95 -50.75 98.29
C ARG D 423 -13.61 -50.62 97.58
N LEU D 424 -13.14 -49.40 97.34
CA LEU D 424 -11.83 -49.22 96.72
C LEU D 424 -10.71 -49.33 97.75
N ILE D 425 -10.98 -48.92 98.99
CA ILE D 425 -9.97 -49.07 100.05
C ILE D 425 -9.86 -50.54 100.45
N ASN D 426 -10.99 -51.17 100.76
CA ASN D 426 -10.97 -52.58 101.15
C ASN D 426 -10.63 -53.48 99.96
N GLY D 427 -10.96 -53.04 98.74
CA GLY D 427 -10.61 -53.83 97.57
C GLY D 427 -9.12 -53.87 97.30
N SER D 428 -8.44 -52.74 97.54
CA SER D 428 -6.99 -52.71 97.36
C SER D 428 -6.27 -53.50 98.44
N ILE D 429 -6.86 -53.61 99.63
CA ILE D 429 -6.25 -54.40 100.70
C ILE D 429 -6.40 -55.88 100.42
N GLU D 430 -7.59 -56.30 99.94
CA GLU D 430 -7.81 -57.71 99.63
C GLU D 430 -6.92 -58.16 98.47
N ARG D 431 -6.71 -57.29 97.48
CA ARG D 431 -5.82 -57.62 96.39
C ARG D 431 -4.36 -57.64 96.82
N ALA D 432 -4.02 -56.85 97.86
CA ALA D 432 -2.66 -56.85 98.36
C ALA D 432 -2.37 -58.09 99.21
N ILE D 433 -3.32 -58.47 100.07
CA ILE D 433 -3.14 -59.68 100.88
C ILE D 433 -3.12 -60.92 99.99
N LYS D 434 -3.95 -60.93 98.94
CA LYS D 434 -3.93 -62.05 98.01
C LYS D 434 -2.59 -62.16 97.29
N PHE D 435 -1.99 -61.02 96.95
CA PHE D 435 -0.66 -61.05 96.34
C PHE D 435 0.40 -61.49 97.32
N ARG D 436 0.21 -61.20 98.61
CA ARG D 436 1.17 -61.65 99.62
C ARG D 436 1.11 -63.17 99.82
N LYS D 437 -0.08 -63.76 99.74
CA LYS D 437 -0.21 -65.20 99.90
C LYS D 437 0.30 -65.97 98.68
N GLU D 438 0.25 -65.36 97.49
CA GLU D 438 0.73 -66.02 96.30
C GLU D 438 2.26 -66.12 96.27
N ILE D 439 2.95 -65.27 97.02
CA ILE D 439 4.41 -65.34 97.07
C ILE D 439 4.85 -66.50 97.96
N LYS D 440 4.21 -66.65 99.12
CA LYS D 440 4.56 -67.76 100.01
C LYS D 440 4.12 -69.10 99.43
N ARG D 441 3.09 -69.10 98.59
CA ARG D 441 2.63 -70.34 97.98
C ARG D 441 3.59 -70.80 96.89
N LEU D 442 4.14 -69.86 96.13
CA LEU D 442 5.08 -70.16 95.06
C LEU D 442 6.53 -70.20 95.53
N ARG D 443 6.75 -70.20 96.84
CA ARG D 443 8.10 -70.26 97.40
C ARG D 443 8.47 -71.65 97.89
N THR D 444 7.60 -72.29 98.66
CA THR D 444 7.88 -73.64 99.14
C THR D 444 7.68 -74.68 98.04
N GLU D 445 6.61 -74.54 97.24
CA GLU D 445 6.34 -75.50 96.18
C GLU D 445 7.36 -75.40 95.04
N SER D 446 8.06 -74.28 94.92
CA SER D 446 9.05 -74.13 93.86
C SER D 446 10.31 -74.93 94.19
N ASP D 447 11.15 -75.10 93.19
CA ASP D 447 12.42 -75.83 93.31
C ASP D 447 13.56 -74.85 93.09
N GLY D 448 13.98 -74.20 94.17
CA GLY D 448 15.07 -73.24 94.13
C GLY D 448 14.71 -72.00 94.91
N TRP D 449 15.45 -70.93 94.64
CA TRP D 449 15.22 -69.66 95.32
C TRP D 449 13.99 -68.96 94.77
N PHE D 450 13.40 -68.10 95.60
CA PHE D 450 12.21 -67.37 95.21
C PHE D 450 12.11 -66.11 96.07
N PHE D 451 11.38 -65.12 95.56
CA PHE D 451 11.24 -63.84 96.25
C PHE D 451 10.49 -64.03 97.56
N ASP D 452 10.71 -63.08 98.47
CA ASP D 452 10.09 -63.09 99.79
C ASP D 452 9.49 -61.72 100.08
N VAL D 453 8.36 -61.71 100.78
CA VAL D 453 7.67 -60.48 101.15
C VAL D 453 7.99 -60.16 102.60
N TRP D 454 8.38 -58.91 102.85
CA TRP D 454 8.71 -58.45 104.20
C TRP D 454 7.41 -58.39 105.01
N GLN D 455 7.01 -59.54 105.52
CA GLN D 455 5.76 -59.68 106.25
C GLN D 455 5.95 -60.70 107.36
N PRO D 456 5.13 -60.66 108.41
CA PRO D 456 5.22 -61.67 109.47
C PRO D 456 4.88 -63.06 108.94
N ASP D 457 5.17 -64.06 109.77
CA ASP D 457 4.92 -65.44 109.39
C ASP D 457 3.43 -65.79 109.38
N HIS D 458 2.60 -64.97 110.03
CA HIS D 458 1.15 -65.20 110.09
C HIS D 458 0.45 -64.00 109.48
N ILE D 459 -0.13 -64.19 108.29
CA ILE D 459 -0.81 -63.13 107.56
C ILE D 459 -2.27 -63.49 107.29
N ASP D 460 -2.85 -64.39 108.08
CA ASP D 460 -4.23 -64.79 107.88
C ASP D 460 -5.22 -63.69 108.23
N THR D 461 -4.88 -62.83 109.19
CA THR D 461 -5.76 -61.74 109.60
C THR D 461 -5.75 -60.63 108.54
N THR D 462 -6.74 -59.74 108.64
CA THR D 462 -6.89 -58.61 107.74
C THR D 462 -6.84 -57.33 108.57
N GLU D 463 -5.62 -56.90 108.88
CA GLU D 463 -5.38 -55.69 109.67
C GLU D 463 -3.92 -55.31 109.51
N CYS D 464 -3.51 -54.29 110.25
CA CYS D 464 -2.12 -53.84 110.23
C CYS D 464 -1.29 -54.71 111.17
N TRP D 465 -0.27 -55.37 110.63
CA TRP D 465 0.57 -56.25 111.43
C TRP D 465 1.47 -55.43 112.35
N PRO D 466 1.36 -55.56 113.66
CA PRO D 466 2.24 -54.79 114.55
C PRO D 466 3.65 -55.35 114.57
N LEU D 467 4.61 -54.46 114.83
CA LEU D 467 6.03 -54.82 114.90
C LEU D 467 6.35 -55.12 116.36
N ARG D 468 6.27 -56.40 116.72
CA ARG D 468 6.55 -56.82 118.09
C ARG D 468 8.06 -56.91 118.33
N SER D 469 8.43 -57.37 119.52
CA SER D 469 9.83 -57.52 119.89
C SER D 469 10.31 -58.96 119.85
N ASP D 470 9.41 -59.92 119.66
CA ASP D 470 9.75 -61.34 119.61
C ASP D 470 9.64 -61.90 118.19
N SER D 471 9.96 -61.09 117.19
CA SER D 471 9.88 -61.49 115.79
C SER D 471 11.22 -61.25 115.10
N THR D 472 11.44 -61.98 114.00
CA THR D 472 12.67 -61.87 113.23
C THR D 472 12.45 -61.40 111.81
N TRP D 473 11.21 -61.11 111.41
CA TRP D 473 10.95 -60.65 110.05
C TRP D 473 11.32 -59.18 109.87
N HIS D 474 11.09 -58.36 110.89
CA HIS D 474 11.39 -56.94 110.79
C HIS D 474 12.87 -56.64 111.01
N GLY D 475 13.50 -57.37 111.93
CA GLY D 475 14.93 -57.20 112.15
C GLY D 475 15.33 -55.87 112.74
N PHE D 476 14.53 -55.34 113.67
CA PHE D 476 14.83 -54.08 114.33
C PHE D 476 15.14 -54.38 115.80
N LYS D 477 16.42 -54.28 116.16
CA LYS D 477 16.85 -54.55 117.52
C LYS D 477 16.35 -53.45 118.46
N ASN D 478 15.71 -53.86 119.55
CA ASN D 478 15.17 -52.95 120.57
C ASN D 478 14.16 -51.99 119.93
N ILE D 479 12.96 -52.52 119.73
CA ILE D 479 11.87 -51.76 119.14
C ILE D 479 10.74 -51.65 120.15
N ASP D 480 10.01 -50.54 120.10
CA ASP D 480 8.91 -50.31 121.02
C ASP D 480 7.67 -51.06 120.54
N ASN D 481 7.06 -51.80 121.46
CA ASN D 481 5.87 -52.58 121.13
C ASN D 481 4.64 -51.67 121.04
N GLU D 482 3.73 -52.04 120.13
CA GLU D 482 2.50 -51.28 119.90
C GLU D 482 2.79 -49.82 119.55
N HIS D 483 3.75 -49.62 118.64
CA HIS D 483 4.12 -48.29 118.21
C HIS D 483 4.35 -48.25 116.71
N MET D 484 4.84 -49.36 116.15
CA MET D 484 5.12 -49.46 114.73
C MET D 484 4.21 -50.52 114.12
N TYR D 485 3.48 -50.13 113.08
CA TYR D 485 2.57 -51.03 112.37
C TYR D 485 3.05 -51.22 110.94
N LEU D 486 2.38 -52.12 110.22
CA LEU D 486 2.73 -52.47 108.85
C LEU D 486 1.57 -52.11 107.92
N ASP D 487 1.92 -51.53 106.77
CA ASP D 487 0.93 -51.17 105.76
C ASP D 487 0.68 -52.36 104.85
N PRO D 488 -0.54 -52.93 104.82
CA PRO D 488 -0.76 -54.11 103.97
C PRO D 488 -0.58 -53.85 102.49
N ILE D 489 -0.94 -52.66 102.01
CA ILE D 489 -0.83 -52.38 100.57
C ILE D 489 0.60 -52.13 100.14
N LYS D 490 1.51 -51.87 101.08
CA LYS D 490 2.92 -51.62 100.76
C LYS D 490 3.67 -52.93 100.82
N VAL D 491 3.53 -53.72 99.76
CA VAL D 491 4.19 -55.02 99.66
C VAL D 491 5.64 -54.77 99.26
N THR D 492 6.56 -54.98 100.20
CA THR D 492 7.99 -54.78 99.98
C THR D 492 8.64 -56.15 99.80
N LEU D 493 9.12 -56.42 98.59
CA LEU D 493 9.77 -57.69 98.31
C LEU D 493 11.17 -57.73 98.89
N LEU D 494 11.68 -58.93 99.07
CA LEU D 494 13.03 -59.16 99.62
C LEU D 494 13.75 -60.15 98.72
N THR D 495 14.70 -59.66 97.92
CA THR D 495 15.45 -60.55 97.06
C THR D 495 16.47 -61.34 97.88
N PRO D 496 16.73 -62.60 97.52
CA PRO D 496 17.70 -63.40 98.26
C PRO D 496 19.10 -62.80 98.16
N GLY D 497 19.88 -62.98 99.23
CA GLY D 497 21.24 -62.47 99.27
C GLY D 497 21.72 -62.21 100.68
N MET D 498 20.80 -62.04 101.61
CA MET D 498 21.12 -61.78 103.01
C MET D 498 20.39 -62.77 103.90
N GLU D 499 20.83 -62.83 105.16
CA GLU D 499 20.23 -63.72 106.14
C GLU D 499 19.23 -62.94 107.00
N LYS D 500 18.76 -63.58 108.08
CA LYS D 500 17.80 -62.95 108.98
C LYS D 500 18.48 -62.23 110.15
N ASP D 501 19.79 -62.37 110.30
CA ASP D 501 20.52 -61.72 111.39
C ASP D 501 21.13 -60.39 110.99
N GLY D 502 21.19 -60.08 109.69
CA GLY D 502 21.76 -58.84 109.22
C GLY D 502 23.12 -58.97 108.56
N THR D 503 23.61 -60.19 108.34
CA THR D 503 24.90 -60.40 107.72
C THR D 503 24.70 -60.65 106.22
N MET D 504 25.72 -61.18 105.55
CA MET D 504 25.67 -61.48 104.13
C MET D 504 25.63 -63.00 103.91
N SER D 505 25.53 -63.39 102.65
CA SER D 505 25.47 -64.81 102.30
C SER D 505 26.44 -65.12 101.17
N ASP D 506 26.17 -66.19 100.42
CA ASP D 506 27.01 -66.62 99.31
C ASP D 506 26.31 -66.58 97.97
N PHE D 507 25.01 -66.88 97.93
CA PHE D 507 24.23 -66.87 96.70
C PHE D 507 23.10 -65.86 96.83
N GLY D 508 23.03 -64.95 95.87
CA GLY D 508 21.99 -63.94 95.87
C GLY D 508 22.10 -63.06 94.65
N ILE D 509 21.00 -62.34 94.39
CA ILE D 509 20.89 -61.43 93.26
C ILE D 509 20.46 -60.07 93.79
N PRO D 510 21.20 -59.00 93.51
CA PRO D 510 20.79 -57.67 93.99
C PRO D 510 19.48 -57.22 93.34
N ALA D 511 18.80 -56.30 94.02
CA ALA D 511 17.54 -55.78 93.54
C ALA D 511 17.70 -54.78 92.39
N SER D 512 18.92 -54.31 92.12
CA SER D 512 19.13 -53.37 91.03
C SER D 512 18.97 -54.04 89.67
N ILE D 513 19.33 -55.32 89.56
CA ILE D 513 19.18 -56.02 88.29
C ILE D 513 17.71 -56.33 88.03
N VAL D 514 16.96 -56.69 89.07
CA VAL D 514 15.54 -57.00 88.91
C VAL D 514 14.76 -55.74 88.57
N ALA D 515 15.21 -54.58 89.05
CA ALA D 515 14.49 -53.34 88.77
C ALA D 515 14.49 -53.01 87.28
N LYS D 516 15.62 -53.25 86.60
CA LYS D 516 15.69 -53.00 85.17
C LYS D 516 15.01 -54.09 84.34
N TYR D 517 14.88 -55.30 84.90
CA TYR D 517 14.21 -56.36 84.17
C TYR D 517 12.71 -56.14 84.09
N LEU D 518 12.12 -55.53 85.12
CA LEU D 518 10.69 -55.25 85.11
C LEU D 518 10.34 -54.11 84.17
N ASP D 519 11.31 -53.24 83.84
CA ASP D 519 11.03 -52.10 82.96
C ASP D 519 10.77 -52.53 81.52
N GLU D 520 11.22 -53.72 81.13
CA GLU D 520 11.00 -54.17 79.76
C GLU D 520 9.52 -54.46 79.49
N HIS D 521 8.76 -54.78 80.53
CA HIS D 521 7.34 -55.04 80.38
C HIS D 521 6.46 -53.83 80.69
N GLY D 522 7.00 -52.82 81.36
CA GLY D 522 6.24 -51.63 81.70
C GLY D 522 6.00 -51.47 83.18
N ILE D 523 6.89 -52.01 83.99
CA ILE D 523 6.79 -51.94 85.45
C ILE D 523 8.05 -51.29 85.99
N VAL D 524 7.88 -50.16 86.67
CA VAL D 524 8.99 -49.40 87.25
C VAL D 524 8.94 -49.56 88.76
N VAL D 525 10.06 -49.99 89.35
CA VAL D 525 10.14 -50.17 90.79
C VAL D 525 10.16 -48.82 91.48
N GLU D 526 9.33 -48.67 92.52
CA GLU D 526 9.27 -47.40 93.24
C GLU D 526 10.55 -47.14 94.01
N LYS D 527 11.03 -48.13 94.77
CA LYS D 527 12.24 -48.00 95.55
C LYS D 527 13.06 -49.27 95.44
N THR D 528 14.31 -49.14 95.03
CA THR D 528 15.21 -50.28 94.88
C THR D 528 16.62 -49.86 95.26
N GLY D 529 17.50 -50.85 95.40
CA GLY D 529 18.87 -50.60 95.74
C GLY D 529 19.56 -51.82 96.31
N PRO D 530 19.55 -51.96 97.64
CA PRO D 530 20.18 -53.12 98.28
C PRO D 530 19.51 -54.43 97.94
N TYR D 531 18.52 -54.82 98.74
CA TYR D 531 17.80 -56.07 98.54
C TYR D 531 16.32 -55.89 98.89
N ASN D 532 15.69 -54.88 98.29
CA ASN D 532 14.28 -54.59 98.54
C ASN D 532 13.63 -54.10 97.25
N LEU D 533 12.32 -54.29 97.16
CA LEU D 533 11.52 -53.88 96.01
C LEU D 533 10.20 -53.34 96.52
N LEU D 534 10.01 -52.03 96.43
CA LEU D 534 8.80 -51.37 96.91
C LEU D 534 7.84 -51.12 95.74
N PHE D 535 6.56 -51.40 95.98
CA PHE D 535 5.52 -51.18 94.98
C PHE D 535 4.37 -50.40 95.61
N LEU D 536 3.47 -49.94 94.76
CA LEU D 536 2.31 -49.15 95.18
C LEU D 536 1.04 -49.88 94.76
N PHE D 537 0.28 -50.35 95.74
CA PHE D 537 -0.97 -51.06 95.51
C PHE D 537 -2.12 -50.18 96.00
N SER D 538 -2.29 -49.04 95.35
CA SER D 538 -3.34 -48.09 95.70
C SER D 538 -4.61 -48.43 94.93
N ILE D 539 -5.49 -47.44 94.75
CA ILE D 539 -6.74 -47.66 94.02
C ILE D 539 -6.55 -47.72 92.52
N GLY D 540 -5.40 -47.27 92.01
CA GLY D 540 -5.16 -47.31 90.58
C GLY D 540 -4.82 -48.68 90.04
N ILE D 541 -4.35 -49.59 90.90
CA ILE D 541 -4.01 -50.95 90.49
C ILE D 541 -5.26 -51.80 90.58
N ASP D 542 -5.71 -52.34 89.45
CA ASP D 542 -6.89 -53.18 89.40
C ASP D 542 -6.49 -54.63 89.64
N LYS D 543 -7.32 -55.57 89.21
CA LYS D 543 -7.02 -56.99 89.39
C LYS D 543 -6.11 -57.56 88.30
N THR D 544 -5.83 -56.78 87.25
CA THR D 544 -4.96 -57.22 86.17
C THR D 544 -3.53 -56.71 86.31
N LYS D 545 -3.34 -55.50 86.83
CA LYS D 545 -2.00 -54.97 87.02
C LYS D 545 -1.26 -55.66 88.16
N ALA D 546 -1.98 -56.30 89.09
CA ALA D 546 -1.34 -57.01 90.18
C ALA D 546 -0.93 -58.42 89.76
N LEU D 547 -1.73 -59.06 88.91
CA LEU D 547 -1.39 -60.41 88.44
C LEU D 547 -0.27 -60.37 87.42
N SER D 548 -0.12 -59.26 86.69
CA SER D 548 0.95 -59.15 85.71
C SER D 548 2.31 -59.01 86.39
N LEU D 549 2.34 -58.51 87.63
CA LEU D 549 3.61 -58.38 88.35
C LEU D 549 4.13 -59.73 88.78
N LEU D 550 3.24 -60.67 89.12
CA LEU D 550 3.68 -61.99 89.54
C LEU D 550 4.23 -62.79 88.36
N ARG D 551 3.65 -62.62 87.17
CA ARG D 551 4.13 -63.34 86.00
C ARG D 551 5.53 -62.89 85.60
N ALA D 552 5.84 -61.60 85.75
CA ALA D 552 7.16 -61.12 85.42
C ALA D 552 8.21 -61.60 86.41
N LEU D 553 7.82 -61.82 87.67
CA LEU D 553 8.76 -62.33 88.66
C LEU D 553 9.08 -63.80 88.42
N THR D 554 8.11 -64.58 87.96
CA THR D 554 8.36 -65.99 87.66
C THR D 554 9.23 -66.14 86.41
N ASP D 555 9.16 -65.17 85.48
CA ASP D 555 10.00 -65.22 84.29
C ASP D 555 11.46 -64.92 84.61
N PHE D 556 11.73 -64.19 85.69
CA PHE D 556 13.11 -63.91 86.06
C PHE D 556 13.80 -65.15 86.61
N LYS D 557 13.07 -66.01 87.32
CA LYS D 557 13.67 -67.25 87.81
C LYS D 557 13.93 -68.22 86.67
N ARG D 558 13.05 -68.26 85.67
CA ARG D 558 13.26 -69.15 84.54
C ARG D 558 14.45 -68.70 83.70
N ALA D 559 14.59 -67.40 83.46
CA ALA D 559 15.71 -66.90 82.67
C ALA D 559 17.04 -67.00 83.42
N PHE D 560 17.02 -67.03 84.75
CA PHE D 560 18.24 -67.14 85.52
C PHE D 560 18.67 -68.58 85.75
N ASP D 561 17.72 -69.50 85.89
CA ASP D 561 18.08 -70.90 86.09
C ASP D 561 18.61 -71.54 84.81
N LEU D 562 18.11 -71.12 83.65
CA LEU D 562 18.58 -71.64 82.38
C LEU D 562 19.86 -70.97 81.90
N ASN D 563 20.35 -69.97 82.62
CA ASN D 563 21.58 -69.25 82.29
C ASN D 563 21.51 -68.68 80.87
N LEU D 564 20.79 -67.58 80.71
CA LEU D 564 20.65 -66.92 79.41
C LEU D 564 21.64 -65.77 79.30
N ARG D 565 21.68 -65.17 78.12
CA ARG D 565 22.60 -64.07 77.85
C ARG D 565 21.95 -62.74 78.21
N VAL D 566 22.79 -61.71 78.31
CA VAL D 566 22.30 -60.37 78.64
C VAL D 566 21.59 -59.76 77.43
N LYS D 567 22.12 -60.00 76.22
CA LYS D 567 21.51 -59.45 75.02
C LYS D 567 20.14 -60.06 74.76
N ASN D 568 19.97 -61.35 75.08
CA ASN D 568 18.71 -62.04 74.92
C ASN D 568 17.85 -62.00 76.18
N MET D 569 17.90 -60.91 76.94
CA MET D 569 17.12 -60.78 78.16
C MET D 569 16.93 -59.32 78.54
N LEU D 570 18.02 -58.54 78.49
CA LEU D 570 18.00 -57.13 78.83
C LEU D 570 18.48 -56.33 77.62
N PRO D 571 17.58 -56.02 76.68
CA PRO D 571 17.99 -55.25 75.50
C PRO D 571 18.30 -53.79 75.80
N SER D 572 17.77 -53.24 76.90
CA SER D 572 18.06 -51.85 77.24
C SER D 572 19.46 -51.70 77.80
N LEU D 573 19.91 -52.65 78.61
CA LEU D 573 21.25 -52.58 79.18
C LEU D 573 22.31 -52.89 78.12
N TYR D 574 21.98 -53.70 77.12
CA TYR D 574 22.95 -54.03 76.08
C TYR D 574 23.25 -52.83 75.19
N ARG D 575 22.28 -51.94 75.00
CA ARG D 575 22.49 -50.77 74.15
C ARG D 575 23.38 -49.73 74.81
N GLU D 576 23.59 -49.80 76.13
CA GLU D 576 24.44 -48.83 76.80
C GLU D 576 25.90 -49.08 76.50
N ASP D 577 26.32 -50.35 76.45
CA ASP D 577 27.70 -50.71 76.15
C ASP D 577 27.72 -52.09 75.51
N PRO D 578 27.50 -52.15 74.18
CA PRO D 578 27.51 -53.46 73.51
C PRO D 578 28.86 -54.16 73.52
N GLU D 579 29.95 -53.41 73.67
CA GLU D 579 31.27 -54.04 73.66
C GLU D 579 31.55 -54.79 74.96
N PHE D 580 31.28 -54.16 76.10
CA PHE D 580 31.56 -54.80 77.38
C PHE D 580 30.55 -55.90 77.70
N TYR D 581 29.27 -55.66 77.41
CA TYR D 581 28.21 -56.64 77.66
C TYR D 581 28.00 -57.57 76.48
N GLU D 582 29.07 -58.04 75.85
CA GLU D 582 28.95 -58.96 74.70
C GLU D 582 28.89 -60.40 75.18
N ASN D 583 30.03 -60.93 75.64
CA ASN D 583 30.11 -62.31 76.13
C ASN D 583 29.80 -62.41 77.61
N MET D 584 28.68 -61.86 78.05
CA MET D 584 28.27 -61.90 79.45
C MET D 584 26.87 -62.49 79.56
N ARG D 585 26.68 -63.35 80.57
CA ARG D 585 25.42 -64.02 80.82
C ARG D 585 24.76 -63.43 82.06
N ILE D 586 23.56 -63.92 82.36
CA ILE D 586 22.82 -63.41 83.51
C ILE D 586 23.40 -63.94 84.82
N GLN D 587 24.08 -65.08 84.78
CA GLN D 587 24.66 -65.63 86.01
C GLN D 587 26.02 -65.03 86.31
N GLU D 588 26.77 -64.62 85.29
CA GLU D 588 28.08 -64.02 85.52
C GLU D 588 27.94 -62.61 86.10
N LEU D 589 26.91 -61.87 85.67
CA LEU D 589 26.72 -60.52 86.18
C LEU D 589 26.12 -60.53 87.58
N ALA D 590 25.28 -61.54 87.88
CA ALA D 590 24.63 -61.59 89.18
C ALA D 590 25.61 -62.03 90.28
N GLN D 591 26.66 -62.76 89.92
CA GLN D 591 27.61 -63.23 90.92
C GLN D 591 28.75 -62.25 91.13
N ASN D 592 29.12 -61.48 90.12
CA ASN D 592 30.22 -60.52 90.26
C ASN D 592 29.80 -59.33 91.11
N ILE D 593 28.54 -58.91 91.00
CA ILE D 593 28.06 -57.78 91.78
C ILE D 593 27.88 -58.18 93.24
N HIS D 594 27.45 -59.42 93.49
CA HIS D 594 27.24 -59.87 94.87
C HIS D 594 28.55 -59.94 95.64
N LYS D 595 29.66 -60.25 94.96
CA LYS D 595 30.94 -60.30 95.63
C LYS D 595 31.47 -58.90 95.97
N LEU D 596 31.07 -57.90 95.17
CA LEU D 596 31.52 -56.53 95.45
C LEU D 596 30.82 -55.96 96.68
N ILE D 597 29.59 -56.38 96.95
CA ILE D 597 28.88 -55.89 98.13
C ILE D 597 29.51 -56.47 99.40
N VAL D 598 29.91 -57.75 99.35
CA VAL D 598 30.53 -58.37 100.51
C VAL D 598 31.94 -57.83 100.72
N HIS D 599 32.66 -57.59 99.63
CA HIS D 599 34.03 -57.07 99.73
C HIS D 599 34.04 -55.66 100.30
N HIS D 600 33.25 -54.76 99.72
CA HIS D 600 33.19 -53.39 100.21
C HIS D 600 32.39 -53.26 101.50
N ASN D 601 31.64 -54.29 101.88
CA ASN D 601 30.85 -54.30 103.12
C ASN D 601 29.86 -53.15 103.12
N LEU D 602 28.71 -53.33 102.48
CA LEU D 602 27.70 -52.28 102.34
C LEU D 602 26.81 -52.17 103.58
N PRO D 603 26.27 -53.27 104.13
CA PRO D 603 25.37 -53.11 105.29
C PRO D 603 26.04 -52.49 106.51
N ASP D 604 27.35 -52.71 106.70
CA ASP D 604 28.03 -52.14 107.85
C ASP D 604 28.33 -50.66 107.67
N LEU D 605 28.75 -50.27 106.47
CA LEU D 605 29.05 -48.86 106.19
C LEU D 605 27.80 -48.01 106.02
N MET D 606 26.62 -48.62 105.92
CA MET D 606 25.38 -47.88 105.78
C MET D 606 24.63 -47.74 107.09
N TYR D 607 24.64 -48.77 107.93
CA TYR D 607 23.94 -48.70 109.21
C TYR D 607 24.63 -47.75 110.18
N ARG D 608 25.96 -47.67 110.11
CA ARG D 608 26.71 -46.79 111.00
C ARG D 608 26.79 -45.36 110.49
N ALA D 609 26.66 -45.15 109.18
CA ALA D 609 26.71 -43.80 108.64
C ALA D 609 25.43 -43.02 108.91
N PHE D 610 24.33 -43.70 109.23
CA PHE D 610 23.06 -43.05 109.52
C PHE D 610 22.78 -42.87 111.00
N GLU D 611 23.44 -43.66 111.86
CA GLU D 611 23.22 -43.54 113.29
CA GLU D 611 23.22 -43.54 113.29
C GLU D 611 23.91 -42.31 113.85
N VAL D 612 25.21 -42.18 113.61
CA VAL D 612 25.98 -41.03 114.10
C VAL D 612 25.65 -39.82 113.24
N LEU D 613 25.00 -38.83 113.85
CA LEU D 613 24.63 -37.63 113.12
C LEU D 613 25.80 -36.64 113.10
N PRO D 614 26.05 -36.00 111.97
CA PRO D 614 27.14 -35.01 111.90
C PRO D 614 26.86 -33.82 112.82
N THR D 615 27.94 -33.15 113.22
CA THR D 615 27.85 -32.00 114.10
C THR D 615 27.31 -30.80 113.32
N MET D 616 26.15 -30.29 113.73
CA MET D 616 25.54 -29.14 113.09
C MET D 616 26.12 -27.87 113.69
N VAL D 617 26.89 -27.13 112.90
CA VAL D 617 27.51 -25.91 113.39
C VAL D 617 26.51 -24.77 113.46
N MET D 618 25.96 -24.37 112.32
CA MET D 618 25.00 -23.28 112.25
C MET D 618 23.67 -23.79 111.72
N THR D 619 22.68 -22.91 111.76
CA THR D 619 21.34 -23.26 111.28
C THR D 619 21.34 -23.31 109.75
N PRO D 620 20.44 -24.11 109.16
CA PRO D 620 20.36 -24.15 107.69
C PRO D 620 19.98 -22.82 107.06
N TYR D 621 19.37 -21.91 107.82
CA TYR D 621 19.03 -20.59 107.26
C TYR D 621 20.28 -19.77 107.01
N ALA D 622 21.29 -19.90 107.88
CA ALA D 622 22.53 -19.15 107.70
C ALA D 622 23.41 -19.74 106.60
N ALA D 623 23.22 -21.00 106.25
CA ALA D 623 24.02 -21.61 105.20
C ALA D 623 23.63 -21.09 103.82
N PHE D 624 22.35 -20.76 103.62
CA PHE D 624 21.90 -20.22 102.34
C PHE D 624 22.27 -18.75 102.17
N GLN D 625 22.49 -18.03 103.28
CA GLN D 625 22.86 -16.64 103.18
C GLN D 625 24.27 -16.46 102.62
N LYS D 626 25.17 -17.38 102.92
CA LYS D 626 26.54 -17.31 102.40
C LYS D 626 26.61 -17.67 100.92
N GLU D 627 25.62 -18.39 100.39
CA GLU D 627 25.64 -18.77 98.99
C GLU D 627 25.23 -17.61 98.09
N LEU D 628 24.33 -16.75 98.55
CA LEU D 628 23.89 -15.61 97.74
C LEU D 628 25.00 -14.58 97.57
N HIS D 629 25.93 -14.50 98.52
CA HIS D 629 27.02 -13.55 98.44
C HIS D 629 28.19 -14.05 97.60
N GLY D 630 28.22 -15.33 97.25
CA GLY D 630 29.28 -15.87 96.44
C GLY D 630 30.46 -16.42 97.21
N MET D 631 30.21 -17.08 98.35
CA MET D 631 31.26 -17.67 99.18
C MET D 631 31.20 -19.19 99.15
N THR D 632 30.99 -19.77 97.96
CA THR D 632 30.91 -21.21 97.79
C THR D 632 32.04 -21.68 96.87
N GLU D 633 32.67 -22.78 97.24
CA GLU D 633 33.76 -23.36 96.47
C GLU D 633 33.54 -24.86 96.33
N GLU D 634 34.15 -25.43 95.29
CA GLU D 634 34.04 -26.84 94.98
C GLU D 634 35.34 -27.53 95.36
N VAL D 635 35.25 -28.51 96.26
CA VAL D 635 36.40 -29.27 96.74
C VAL D 635 36.18 -30.74 96.41
N TYR D 636 37.22 -31.54 96.63
CA TYR D 636 37.15 -32.96 96.37
C TYR D 636 36.40 -33.68 97.49
N LEU D 637 36.01 -34.92 97.21
CA LEU D 637 35.28 -35.71 98.20
C LEU D 637 36.22 -36.25 99.28
N ASP D 638 37.46 -36.55 98.91
CA ASP D 638 38.43 -37.08 99.86
C ASP D 638 39.06 -36.00 100.73
N GLU D 639 38.83 -34.72 100.42
CA GLU D 639 39.39 -33.60 101.17
C GLU D 639 38.24 -32.69 101.59
N MET D 640 37.55 -33.08 102.66
CA MET D 640 36.43 -32.28 103.15
C MET D 640 36.18 -32.44 104.64
N VAL D 641 37.11 -33.03 105.39
CA VAL D 641 36.91 -33.20 106.83
C VAL D 641 37.11 -31.86 107.52
N GLY D 642 36.05 -31.37 108.17
CA GLY D 642 36.10 -30.10 108.87
C GLY D 642 35.51 -28.93 108.12
N ARG D 643 34.78 -29.18 107.04
CA ARG D 643 34.17 -28.11 106.25
C ARG D 643 32.65 -28.17 106.38
N ILE D 644 32.00 -27.11 105.92
CA ILE D 644 30.55 -26.98 105.97
C ILE D 644 30.02 -27.10 104.54
N ASN D 645 29.17 -28.09 104.32
CA ASN D 645 28.59 -28.31 103.00
C ASN D 645 27.51 -27.28 102.71
N ALA D 646 27.22 -27.09 101.42
CA ALA D 646 26.21 -26.15 100.97
C ALA D 646 24.91 -26.80 100.54
N ASN D 647 24.95 -28.01 100.01
CA ASN D 647 23.78 -28.73 99.56
C ASN D 647 23.52 -29.93 100.46
N MET D 648 22.42 -30.62 100.20
CA MET D 648 22.04 -31.80 100.95
C MET D 648 22.41 -33.06 100.17
N ILE D 649 23.08 -33.99 100.85
CA ILE D 649 23.51 -35.23 100.22
C ILE D 649 22.36 -36.23 100.24
N LEU D 650 21.99 -36.73 99.08
CA LEU D 650 20.90 -37.70 98.93
C LEU D 650 21.41 -38.87 98.10
N PRO D 651 22.10 -39.82 98.71
CA PRO D 651 22.67 -40.94 97.96
C PRO D 651 21.63 -41.99 97.63
N TYR D 652 21.74 -42.54 96.41
CA TYR D 652 20.89 -43.62 95.94
C TYR D 652 21.76 -44.84 95.67
N PRO D 653 21.58 -45.96 96.38
CA PRO D 653 20.63 -46.15 97.49
C PRO D 653 21.17 -45.61 98.81
N PRO D 654 20.31 -45.40 99.82
CA PRO D 654 18.85 -45.60 99.80
C PRO D 654 18.08 -44.44 99.18
N GLY D 655 17.47 -43.61 100.01
CA GLY D 655 16.73 -42.46 99.54
C GLY D 655 16.48 -41.44 100.64
N VAL D 656 17.32 -41.45 101.66
CA VAL D 656 17.18 -40.54 102.79
C VAL D 656 18.37 -39.58 102.81
N PRO D 657 18.23 -38.37 103.34
CA PRO D 657 19.36 -37.44 103.39
C PRO D 657 20.47 -37.96 104.29
N LEU D 658 21.68 -37.46 104.04
CA LEU D 658 22.87 -37.84 104.80
C LEU D 658 23.43 -36.67 105.59
N VAL D 659 23.84 -35.60 104.91
CA VAL D 659 24.41 -34.41 105.55
C VAL D 659 23.52 -33.23 105.19
N MET D 660 23.01 -32.55 106.22
CA MET D 660 22.15 -31.40 106.00
C MET D 660 22.99 -30.16 105.63
N PRO D 661 22.43 -29.27 104.81
CA PRO D 661 23.17 -28.04 104.45
C PRO D 661 23.47 -27.17 105.66
N GLY D 662 24.68 -27.27 106.19
CA GLY D 662 25.07 -26.48 107.34
C GLY D 662 25.76 -27.28 108.42
N GLU D 663 26.02 -28.56 108.13
CA GLU D 663 26.68 -29.46 109.06
C GLU D 663 28.16 -29.57 108.74
N MET D 664 28.90 -30.18 109.67
CA MET D 664 30.34 -30.36 109.53
C MET D 664 30.69 -31.80 109.88
N ILE D 665 31.57 -32.40 109.06
CA ILE D 665 32.01 -33.77 109.29
C ILE D 665 33.34 -33.70 110.04
N THR D 666 33.31 -34.10 111.32
CA THR D 666 34.47 -34.09 112.19
C THR D 666 34.93 -35.53 112.43
N GLU D 667 35.64 -35.76 113.54
CA GLU D 667 36.14 -37.09 113.86
C GLU D 667 35.05 -38.02 114.36
N GLU D 668 33.92 -37.48 114.83
CA GLU D 668 32.84 -38.33 115.33
C GLU D 668 32.07 -38.96 114.19
N SER D 669 31.81 -38.21 113.13
CA SER D 669 31.05 -38.71 111.98
C SER D 669 32.01 -39.26 110.92
N ARG D 670 32.86 -40.18 111.35
CA ARG D 670 33.83 -40.83 110.46
C ARG D 670 33.16 -41.84 109.53
N PRO D 671 32.26 -42.71 110.01
CA PRO D 671 31.58 -43.62 109.07
C PRO D 671 30.69 -42.91 108.07
N VAL D 672 30.34 -41.65 108.31
CA VAL D 672 29.48 -40.92 107.37
C VAL D 672 30.24 -40.67 106.07
N LEU D 673 31.49 -40.25 106.16
CA LEU D 673 32.28 -40.00 104.96
C LEU D 673 32.67 -41.30 104.26
N GLU D 674 32.78 -42.39 105.01
CA GLU D 674 33.15 -43.67 104.41
C GLU D 674 32.03 -44.22 103.53
N PHE D 675 30.79 -43.82 103.78
CA PHE D 675 29.69 -44.29 102.95
C PHE D 675 29.71 -43.64 101.57
N LEU D 676 30.20 -42.40 101.47
CA LEU D 676 30.27 -41.73 100.17
C LEU D 676 31.42 -42.27 99.33
N GLN D 677 32.54 -42.59 99.96
CA GLN D 677 33.70 -43.11 99.21
C GLN D 677 33.50 -44.55 98.77
N MET D 678 32.63 -45.31 99.44
CA MET D 678 32.38 -46.69 99.06
C MET D 678 31.53 -46.78 97.80
N LEU D 679 30.56 -45.88 97.65
CA LEU D 679 29.70 -45.90 96.48
C LEU D 679 30.42 -45.46 95.22
N CYS D 680 31.49 -44.67 95.36
CA CYS D 680 32.23 -44.21 94.19
C CYS D 680 33.07 -45.31 93.56
N GLU D 681 33.36 -46.38 94.30
CA GLU D 681 34.16 -47.48 93.79
C GLU D 681 33.30 -48.61 93.25
N ILE D 682 32.21 -48.95 93.95
CA ILE D 682 31.33 -50.03 93.51
C ILE D 682 30.53 -49.64 92.27
N GLY D 683 30.34 -48.33 92.04
CA GLY D 683 29.59 -47.88 90.89
C GLY D 683 30.47 -47.27 89.82
N ALA D 684 31.45 -48.02 89.34
CA ALA D 684 32.35 -47.54 88.31
C ALA D 684 32.93 -48.69 87.48
N HIS D 685 32.86 -49.90 88.03
CA HIS D 685 33.39 -51.07 87.32
C HIS D 685 32.46 -51.49 86.18
N TYR D 686 31.18 -51.70 86.49
CA TYR D 686 30.22 -52.14 85.50
C TYR D 686 29.30 -50.99 85.10
N PRO D 687 29.12 -50.75 83.80
CA PRO D 687 28.24 -49.67 83.37
C PRO D 687 26.79 -49.93 83.76
N GLY D 688 26.00 -48.86 83.74
CA GLY D 688 24.60 -48.92 84.08
C GLY D 688 24.30 -48.72 85.56
N PHE D 689 25.14 -49.25 86.44
CA PHE D 689 24.93 -49.11 87.87
C PHE D 689 25.88 -48.05 88.44
N GLU D 690 25.84 -46.84 87.87
CA GLU D 690 26.70 -45.78 88.35
C GLU D 690 26.20 -45.23 89.68
N THR D 691 27.08 -44.47 90.34
CA THR D 691 26.75 -43.87 91.63
C THR D 691 25.81 -42.69 91.42
N ASP D 692 24.69 -42.67 92.15
CA ASP D 692 23.69 -41.62 92.03
C ASP D 692 23.59 -40.93 93.39
N ILE D 693 24.25 -39.79 93.52
CA ILE D 693 24.22 -38.97 94.73
C ILE D 693 23.86 -37.55 94.34
N HIS D 694 22.72 -37.06 94.83
CA HIS D 694 22.26 -35.71 94.54
C HIS D 694 23.11 -34.72 95.33
N GLY D 695 24.16 -34.21 94.69
CA GLY D 695 25.04 -33.26 95.34
C GLY D 695 26.49 -33.42 94.93
N ALA D 696 26.83 -34.57 94.37
CA ALA D 696 28.19 -34.87 93.93
C ALA D 696 28.25 -34.74 92.41
N TYR D 697 29.14 -33.87 91.93
CA TYR D 697 29.30 -33.65 90.49
C TYR D 697 30.39 -34.56 89.95
N ARG D 698 30.13 -35.16 88.78
CA ARG D 698 31.06 -36.07 88.14
C ARG D 698 32.04 -35.28 87.29
N GLN D 699 33.33 -35.56 87.46
CA GLN D 699 34.37 -34.87 86.70
C GLN D 699 34.81 -35.72 85.52
N ALA D 700 36.07 -35.58 85.10
CA ALA D 700 36.61 -36.33 83.98
C ALA D 700 37.60 -37.40 84.40
N ASP D 701 37.81 -37.59 85.71
CA ASP D 701 38.73 -38.60 86.20
C ASP D 701 38.06 -39.68 87.06
N GLY D 702 36.85 -39.44 87.54
CA GLY D 702 36.11 -40.41 88.34
C GLY D 702 35.81 -39.93 89.74
N ARG D 703 36.63 -39.03 90.28
CA ARG D 703 36.43 -38.52 91.62
C ARG D 703 35.34 -37.46 91.63
N TYR D 704 34.37 -37.62 92.51
CA TYR D 704 33.26 -36.67 92.63
C TYR D 704 33.67 -35.48 93.47
N THR D 705 33.11 -34.32 93.14
CA THR D 705 33.38 -33.07 93.83
C THR D 705 32.09 -32.52 94.42
N VAL D 706 32.20 -31.97 95.63
CA VAL D 706 31.06 -31.39 96.34
C VAL D 706 31.29 -29.89 96.50
N LYS D 707 30.21 -29.17 96.76
CA LYS D 707 30.25 -27.73 96.94
C LYS D 707 30.17 -27.41 98.43
N VAL D 708 31.19 -26.74 98.95
CA VAL D 708 31.24 -26.36 100.36
C VAL D 708 31.27 -24.84 100.47
N LEU D 709 31.46 -24.34 101.69
CA LEU D 709 31.53 -22.91 101.95
C LEU D 709 32.96 -22.49 102.18
N LYS D 710 33.26 -21.24 101.83
CA LYS D 710 34.60 -20.70 101.99
C LYS D 710 34.87 -20.38 103.46
N GLU D 711 36.11 -20.61 103.88
CA GLU D 711 36.51 -20.35 105.27
C GLU D 711 36.81 -18.87 105.47
N MET E 1 -56.46 -66.85 41.06
CA MET E 1 -55.99 -68.21 40.83
C MET E 1 -54.48 -68.23 40.62
N ASN E 2 -53.74 -68.29 41.73
CA ASN E 2 -52.28 -68.29 41.68
C ASN E 2 -51.69 -68.83 42.97
N VAL E 3 -52.28 -69.89 43.52
CA VAL E 3 -51.82 -70.50 44.76
C VAL E 3 -51.25 -71.87 44.43
N ILE E 4 -49.99 -72.08 44.81
CA ILE E 4 -49.28 -73.35 44.58
C ILE E 4 -48.96 -73.95 45.93
N ALA E 5 -49.39 -75.20 46.14
CA ALA E 5 -49.20 -75.90 47.40
C ALA E 5 -48.05 -76.90 47.27
N ILE E 6 -47.17 -76.91 48.27
CA ILE E 6 -46.04 -77.83 48.33
C ILE E 6 -46.16 -78.58 49.65
N LEU E 7 -46.68 -79.81 49.60
CA LEU E 7 -46.98 -80.60 50.79
C LEU E 7 -45.80 -81.50 51.15
N ASN E 8 -45.63 -81.70 52.46
CA ASN E 8 -44.67 -82.66 53.03
C ASN E 8 -43.22 -82.24 52.82
N HIS E 9 -42.32 -82.78 53.64
CA HIS E 9 -40.89 -82.53 53.56
C HIS E 9 -40.18 -83.86 53.74
N MET E 10 -39.46 -84.30 52.70
CA MET E 10 -38.79 -85.58 52.74
C MET E 10 -37.55 -85.57 53.64
N GLY E 11 -37.09 -84.39 54.05
CA GLY E 11 -35.93 -84.25 54.89
C GLY E 11 -34.59 -84.31 54.17
N VAL E 12 -34.57 -84.88 52.96
CA VAL E 12 -33.34 -84.97 52.18
C VAL E 12 -33.05 -83.62 51.52
N TYR E 13 -31.96 -83.54 50.78
CA TYR E 13 -31.56 -82.30 50.13
C TYR E 13 -31.76 -82.32 48.62
N PHE E 14 -31.69 -83.49 47.99
CA PHE E 14 -31.89 -83.57 46.54
C PHE E 14 -33.35 -83.40 46.14
N LYS E 15 -34.27 -83.37 47.10
CA LYS E 15 -35.68 -83.11 46.83
C LYS E 15 -36.14 -81.74 47.28
N GLU E 16 -35.52 -81.17 48.32
CA GLU E 16 -35.90 -79.84 48.79
C GLU E 16 -35.21 -78.71 48.03
N GLU E 17 -34.06 -78.99 47.42
CA GLU E 17 -33.34 -77.98 46.64
C GLU E 17 -34.11 -77.61 45.37
N PRO E 18 -34.68 -78.56 44.62
CA PRO E 18 -35.55 -78.16 43.50
C PRO E 18 -36.77 -77.38 43.94
N ILE E 19 -37.23 -77.60 45.18
CA ILE E 19 -38.36 -76.83 45.69
C ILE E 19 -37.95 -75.37 45.94
N ARG E 20 -36.74 -75.17 46.48
CA ARG E 20 -36.26 -73.81 46.71
C ARG E 20 -35.98 -73.08 45.40
N GLU E 21 -35.48 -73.78 44.39
CA GLU E 21 -35.25 -73.14 43.10
C GLU E 21 -36.57 -72.81 42.40
N LEU E 22 -37.58 -73.68 42.56
CA LEU E 22 -38.89 -73.40 41.99
C LEU E 22 -39.62 -72.31 42.76
N HIS E 23 -39.28 -72.10 44.03
CA HIS E 23 -39.92 -71.06 44.83
C HIS E 23 -39.60 -69.67 44.27
N ARG E 24 -38.38 -69.48 43.77
CA ARG E 24 -37.98 -68.19 43.21
C ARG E 24 -38.40 -68.02 41.75
N ALA E 25 -38.80 -69.10 41.08
CA ALA E 25 -39.20 -69.02 39.68
C ALA E 25 -40.70 -68.79 39.51
N LEU E 26 -41.52 -69.34 40.41
CA LEU E 26 -42.97 -69.16 40.30
C LEU E 26 -43.40 -67.77 40.73
N GLU E 27 -42.62 -67.11 41.58
CA GLU E 27 -42.97 -65.75 42.02
C GLU E 27 -42.75 -64.72 40.93
N ARG E 28 -41.96 -65.04 39.89
CA ARG E 28 -41.74 -64.10 38.80
C ARG E 28 -42.95 -63.98 37.89
N LEU E 29 -43.86 -64.95 37.93
CA LEU E 29 -45.07 -64.93 37.11
C LEU E 29 -46.33 -64.74 37.95
N ASN E 30 -46.19 -64.09 39.11
CA ASN E 30 -47.30 -63.81 40.02
C ASN E 30 -47.98 -65.09 40.48
N PHE E 31 -47.38 -65.78 41.45
CA PHE E 31 -47.96 -66.99 42.03
C PHE E 31 -47.64 -67.04 43.51
N GLN E 32 -48.66 -67.28 44.33
CA GLN E 32 -48.50 -67.38 45.77
C GLN E 32 -48.10 -68.81 46.13
N ILE E 33 -47.12 -68.92 47.03
CA ILE E 33 -46.58 -70.21 47.46
C ILE E 33 -47.01 -70.44 48.91
N VAL E 34 -47.60 -71.59 49.18
CA VAL E 34 -48.03 -71.97 50.52
C VAL E 34 -47.38 -73.30 50.90
N TYR E 35 -47.09 -73.46 52.18
CA TYR E 35 -46.44 -74.64 52.72
C TYR E 35 -47.37 -75.32 53.73
N PRO E 36 -48.21 -76.25 53.29
CA PRO E 36 -49.07 -76.96 54.24
C PRO E 36 -48.27 -77.92 55.10
N ASN E 37 -48.92 -78.40 56.16
CA ASN E 37 -48.28 -79.27 57.13
C ASN E 37 -48.53 -80.74 56.80
N ASP E 38 -49.50 -81.35 57.48
CA ASP E 38 -49.79 -82.77 57.33
C ASP E 38 -50.85 -82.98 56.25
N ARG E 39 -51.45 -84.17 56.22
CA ARG E 39 -52.47 -84.47 55.21
C ARG E 39 -53.73 -83.67 55.44
N ASP E 40 -54.11 -83.45 56.71
CA ASP E 40 -55.30 -82.67 57.01
C ASP E 40 -55.13 -81.20 56.68
N ASP E 41 -53.89 -80.73 56.52
CA ASP E 41 -53.65 -79.33 56.18
C ASP E 41 -53.99 -79.04 54.72
N LEU E 42 -53.63 -79.96 53.81
CA LEU E 42 -53.93 -79.77 52.40
C LEU E 42 -55.43 -79.84 52.13
N LEU E 43 -56.16 -80.65 52.90
CA LEU E 43 -57.60 -80.78 52.68
C LEU E 43 -58.34 -79.48 53.00
N LYS E 44 -57.80 -78.67 53.92
CA LYS E 44 -58.42 -77.41 54.27
C LYS E 44 -58.09 -76.29 53.29
N LEU E 45 -57.11 -76.50 52.41
CA LEU E 45 -56.73 -75.50 51.43
C LEU E 45 -57.53 -75.62 50.13
N ILE E 46 -58.48 -76.55 50.06
CA ILE E 46 -59.29 -76.75 48.87
C ILE E 46 -60.75 -76.35 49.10
N GLU E 47 -61.33 -76.79 50.22
CA GLU E 47 -62.71 -76.45 50.52
C GLU E 47 -62.84 -74.97 50.87
N ASN E 48 -61.89 -74.43 51.64
CA ASN E 48 -61.94 -73.03 52.02
C ASN E 48 -61.35 -72.14 50.94
N ASN E 49 -60.10 -72.40 50.55
CA ASN E 49 -59.44 -71.61 49.52
C ASN E 49 -59.80 -72.16 48.14
N ALA E 50 -60.38 -71.30 47.30
CA ALA E 50 -60.80 -71.69 45.96
C ALA E 50 -59.85 -71.21 44.87
N ARG E 51 -58.88 -70.36 45.20
CA ARG E 51 -57.92 -69.85 44.23
C ARG E 51 -56.66 -70.70 44.12
N LEU E 52 -56.76 -72.00 44.41
CA LEU E 52 -55.63 -72.91 44.36
C LEU E 52 -55.72 -73.76 43.10
N CYS E 53 -54.57 -74.00 42.47
CA CYS E 53 -54.51 -74.81 41.25
C CYS E 53 -53.29 -75.70 41.17
N GLY E 54 -52.36 -75.62 42.12
CA GLY E 54 -51.17 -76.45 42.09
C GLY E 54 -50.91 -77.16 43.39
N VAL E 55 -50.77 -78.48 43.33
CA VAL E 55 -50.51 -79.32 44.50
C VAL E 55 -49.23 -80.12 44.22
N ILE E 56 -48.17 -79.82 44.98
CA ILE E 56 -46.90 -80.49 44.84
C ILE E 56 -46.69 -81.38 46.05
N PHE E 57 -46.51 -82.68 45.81
CA PHE E 57 -46.29 -83.63 46.90
C PHE E 57 -45.49 -84.80 46.35
N ASP E 58 -44.90 -85.56 47.26
CA ASP E 58 -44.12 -86.74 46.88
C ASP E 58 -45.04 -87.89 46.50
N TRP E 59 -44.78 -88.49 45.34
CA TRP E 59 -45.62 -89.60 44.89
C TRP E 59 -45.38 -90.86 45.69
N ASP E 60 -44.16 -91.06 46.17
CA ASP E 60 -43.81 -92.25 46.96
C ASP E 60 -43.91 -91.98 48.45
N LYS E 61 -45.03 -91.37 48.87
CA LYS E 61 -45.26 -91.07 50.27
C LYS E 61 -46.75 -91.14 50.60
N TYR E 62 -47.58 -90.51 49.75
CA TYR E 62 -49.03 -90.53 49.90
C TYR E 62 -49.66 -90.70 48.51
N ASN E 63 -49.59 -91.92 47.99
CA ASN E 63 -50.14 -92.22 46.68
C ASN E 63 -51.60 -92.65 46.73
N LEU E 64 -52.15 -92.91 47.91
CA LEU E 64 -53.53 -93.31 48.06
C LEU E 64 -54.32 -92.47 49.04
N GLU E 65 -53.67 -91.67 49.89
CA GLU E 65 -54.39 -90.84 50.85
C GLU E 65 -54.67 -89.45 50.28
N LEU E 66 -54.09 -89.12 49.13
CA LEU E 66 -54.31 -87.82 48.50
C LEU E 66 -55.01 -87.93 47.15
N CYS E 67 -54.80 -89.03 46.41
CA CYS E 67 -55.45 -89.18 45.12
C CYS E 67 -56.90 -89.60 45.24
N GLU E 68 -57.40 -89.83 46.45
CA GLU E 68 -58.78 -90.21 46.69
C GLU E 68 -59.62 -89.08 47.27
N GLU E 69 -59.07 -88.31 48.21
CA GLU E 69 -59.81 -87.21 48.81
C GLU E 69 -59.90 -86.01 47.88
N ILE E 70 -58.84 -85.74 47.12
CA ILE E 70 -58.87 -84.62 46.18
C ILE E 70 -59.82 -84.91 45.03
N SER E 71 -59.89 -86.17 44.60
CA SER E 71 -60.80 -86.53 43.51
C SER E 71 -62.25 -86.37 43.91
N LYS E 72 -62.55 -86.43 45.21
CA LYS E 72 -63.92 -86.25 45.70
C LYS E 72 -64.32 -84.78 45.80
N MET E 73 -63.41 -83.85 45.53
CA MET E 73 -63.70 -82.42 45.60
C MET E 73 -63.54 -81.72 44.26
N ASN E 74 -62.58 -82.11 43.43
CA ASN E 74 -62.38 -81.49 42.14
C ASN E 74 -61.81 -82.54 41.18
N GLU E 75 -62.30 -82.52 39.94
CA GLU E 75 -61.87 -83.50 38.94
C GLU E 75 -60.71 -83.01 38.09
N ASN E 76 -60.78 -81.79 37.58
CA ASN E 76 -59.75 -81.24 36.70
C ASN E 76 -58.66 -80.50 37.46
N LEU E 77 -58.56 -80.68 38.76
CA LEU E 77 -57.54 -79.99 39.55
C LEU E 77 -56.17 -80.55 39.21
N PRO E 78 -55.23 -79.72 38.74
CA PRO E 78 -53.90 -80.24 38.41
C PRO E 78 -53.16 -80.71 39.66
N LEU E 79 -52.44 -81.82 39.51
CA LEU E 79 -51.65 -82.41 40.59
C LEU E 79 -50.21 -82.49 40.14
N TYR E 80 -49.36 -81.62 40.69
CA TYR E 80 -47.93 -81.57 40.33
C TYR E 80 -47.14 -82.52 41.24
N ALA E 81 -47.51 -83.79 41.19
CA ALA E 81 -46.84 -84.80 42.01
C ALA E 81 -45.49 -85.15 41.41
N PHE E 82 -44.48 -85.25 42.27
CA PHE E 82 -43.12 -85.59 41.87
C PHE E 82 -42.88 -87.06 42.14
N ALA E 83 -42.60 -87.82 41.08
CA ALA E 83 -42.36 -89.25 41.20
C ALA E 83 -40.87 -89.55 41.33
N ASN E 84 -40.56 -90.81 41.59
CA ASN E 84 -39.19 -91.29 41.73
C ASN E 84 -38.93 -92.40 40.73
N THR E 85 -37.84 -93.14 40.96
CA THR E 85 -37.48 -94.23 40.05
C THR E 85 -38.43 -95.41 40.20
N TYR E 86 -38.58 -95.92 41.41
CA TYR E 86 -39.47 -97.05 41.68
C TYR E 86 -40.86 -96.54 42.07
N SER E 87 -41.56 -96.01 41.06
CA SER E 87 -42.90 -95.48 41.22
C SER E 87 -43.84 -96.14 40.24
N THR E 88 -45.07 -96.36 40.67
CA THR E 88 -46.08 -96.99 39.83
C THR E 88 -47.46 -96.55 40.31
N LEU E 89 -48.48 -96.89 39.51
CA LEU E 89 -49.86 -96.57 39.84
C LEU E 89 -50.47 -97.67 40.69
N ASP E 90 -51.73 -97.45 41.09
CA ASP E 90 -52.46 -98.40 41.92
C ASP E 90 -53.72 -98.86 41.19
N VAL E 91 -54.18 -100.06 41.54
CA VAL E 91 -55.38 -100.60 40.91
C VAL E 91 -56.61 -99.81 41.31
N SER E 92 -56.58 -99.17 42.48
CA SER E 92 -57.69 -98.37 42.97
C SER E 92 -57.64 -96.92 42.48
N LEU E 93 -56.86 -96.64 41.43
CA LEU E 93 -56.72 -95.30 40.88
C LEU E 93 -57.11 -95.27 39.40
N ASN E 94 -58.04 -96.14 39.00
CA ASN E 94 -58.49 -96.21 37.62
C ASN E 94 -59.80 -95.48 37.38
N ASP E 95 -60.70 -95.47 38.36
CA ASP E 95 -62.00 -94.81 38.23
C ASP E 95 -62.03 -93.48 38.98
N LEU E 96 -60.98 -92.68 38.82
CA LEU E 96 -60.89 -91.38 39.46
C LEU E 96 -60.43 -90.35 38.45
N ARG E 97 -61.09 -89.19 38.44
CA ARG E 97 -60.76 -88.12 37.51
C ARG E 97 -59.70 -87.23 38.15
N LEU E 98 -58.46 -87.34 37.67
CA LEU E 98 -57.36 -86.56 38.19
C LEU E 98 -56.48 -86.08 37.03
N GLN E 99 -55.64 -85.10 37.33
CA GLN E 99 -54.69 -84.53 36.37
C GLN E 99 -53.32 -84.50 37.04
N ILE E 100 -52.55 -85.57 36.85
CA ILE E 100 -51.24 -85.72 37.46
C ILE E 100 -50.17 -85.32 36.46
N SER E 101 -49.28 -84.42 36.86
CA SER E 101 -48.17 -83.97 36.04
C SER E 101 -46.87 -84.40 36.71
N PHE E 102 -46.15 -85.31 36.07
CA PHE E 102 -44.92 -85.84 36.63
C PHE E 102 -43.74 -84.93 36.29
N PHE E 103 -42.76 -84.91 37.18
CA PHE E 103 -41.55 -84.12 36.99
C PHE E 103 -40.38 -84.88 37.61
N GLU E 104 -39.23 -84.23 37.70
CA GLU E 104 -38.03 -84.83 38.27
C GLU E 104 -37.40 -83.85 39.25
N TYR E 105 -36.23 -84.21 39.76
CA TYR E 105 -35.51 -83.36 40.71
C TYR E 105 -34.19 -82.88 40.10
N ALA E 106 -34.22 -82.52 38.82
CA ALA E 106 -33.03 -82.06 38.11
C ALA E 106 -32.75 -80.61 38.45
N LEU E 107 -31.47 -80.30 38.65
CA LEU E 107 -31.04 -78.95 38.97
C LEU E 107 -30.82 -78.14 37.70
N GLY E 108 -31.05 -76.84 37.80
CA GLY E 108 -30.90 -75.93 36.68
C GLY E 108 -32.10 -75.85 35.75
N ALA E 109 -32.96 -76.87 35.73
CA ALA E 109 -34.13 -76.89 34.88
C ALA E 109 -35.37 -76.32 35.56
N ALA E 110 -35.19 -75.51 36.61
CA ALA E 110 -36.33 -74.93 37.32
C ALA E 110 -37.07 -73.91 36.46
N GLU E 111 -36.39 -73.30 35.49
CA GLU E 111 -37.06 -72.33 34.62
C GLU E 111 -38.02 -73.02 33.66
N ASP E 112 -37.63 -74.19 33.14
CA ASP E 112 -38.50 -74.92 32.23
C ASP E 112 -39.72 -75.47 32.95
N ILE E 113 -39.60 -75.76 34.26
CA ILE E 113 -40.74 -76.26 35.01
C ILE E 113 -41.78 -75.16 35.21
N ALA E 114 -41.32 -73.92 35.41
CA ALA E 114 -42.26 -72.81 35.60
C ALA E 114 -43.07 -72.53 34.35
N ASN E 115 -42.48 -72.75 33.16
CA ASN E 115 -43.22 -72.55 31.93
C ASN E 115 -44.27 -73.63 31.72
N LYS E 116 -44.01 -74.84 32.22
CA LYS E 116 -44.99 -75.92 32.09
C LYS E 116 -46.16 -75.72 33.05
N ILE E 117 -45.92 -75.11 34.21
CA ILE E 117 -47.00 -74.86 35.16
C ILE E 117 -47.89 -73.73 34.66
N LYS E 118 -47.30 -72.71 34.05
CA LYS E 118 -48.08 -71.59 33.53
C LYS E 118 -48.98 -72.02 32.38
N GLN E 119 -48.48 -72.90 31.50
CA GLN E 119 -49.30 -73.37 30.40
C GLN E 119 -50.38 -74.33 30.90
N THR E 120 -50.06 -75.16 31.88
CA THR E 120 -51.06 -76.07 32.45
C THR E 120 -52.17 -75.28 33.15
N THR E 121 -51.81 -74.19 33.84
CA THR E 121 -52.83 -73.35 34.47
C THR E 121 -53.70 -72.68 33.43
N ASP E 122 -53.11 -72.25 32.31
CA ASP E 122 -53.89 -71.65 31.23
C ASP E 122 -54.85 -72.66 30.61
N GLU E 123 -54.42 -73.93 30.52
CA GLU E 123 -55.32 -74.97 30.01
C GLU E 123 -56.45 -75.27 30.99
N TYR E 124 -56.19 -75.10 32.29
CA TYR E 124 -57.24 -75.29 33.28
C TYR E 124 -58.31 -74.20 33.22
N ILE E 125 -57.91 -72.97 32.88
CA ILE E 125 -58.87 -71.88 32.78
C ILE E 125 -59.73 -72.04 31.53
N ASN E 126 -59.11 -72.44 30.42
CA ASN E 126 -59.83 -72.60 29.16
C ASN E 126 -60.69 -73.86 29.09
N THR E 127 -60.67 -74.69 30.13
CA THR E 127 -61.43 -75.92 30.16
C THR E 127 -62.66 -75.85 31.06
N ILE E 128 -62.49 -75.35 32.28
CA ILE E 128 -63.61 -75.26 33.21
C ILE E 128 -64.58 -74.15 32.84
N LEU E 129 -64.16 -73.21 31.99
CA LEU E 129 -65.06 -72.13 31.60
C LEU E 129 -65.78 -72.48 30.30
N PRO E 130 -67.03 -72.04 30.15
CA PRO E 130 -67.77 -72.31 28.92
C PRO E 130 -67.18 -71.54 27.75
N PRO E 131 -67.45 -71.96 26.51
CA PRO E 131 -66.88 -71.25 25.35
C PRO E 131 -67.42 -69.84 25.18
N LEU E 132 -68.61 -69.55 25.72
CA LEU E 132 -69.15 -68.19 25.61
C LEU E 132 -68.41 -67.24 26.54
N THR E 133 -68.15 -67.67 27.78
CA THR E 133 -67.41 -66.84 28.71
C THR E 133 -65.93 -66.76 28.33
N LYS E 134 -65.38 -67.85 27.81
CA LYS E 134 -63.98 -67.84 27.40
C LYS E 134 -63.75 -66.89 26.24
N ALA E 135 -64.70 -66.83 25.30
CA ALA E 135 -64.56 -65.91 24.17
C ALA E 135 -64.73 -64.46 24.60
N LEU E 136 -65.47 -64.21 25.68
CA LEU E 136 -65.65 -62.85 26.16
C LEU E 136 -64.39 -62.33 26.84
N PHE E 137 -63.70 -63.18 27.59
CA PHE E 137 -62.48 -62.75 28.26
C PHE E 137 -61.34 -62.56 27.26
N LYS E 138 -61.28 -63.39 26.21
CA LYS E 138 -60.24 -63.24 25.21
C LYS E 138 -60.49 -62.01 24.34
N TYR E 139 -61.75 -61.62 24.16
CA TYR E 139 -62.05 -60.43 23.35
C TYR E 139 -61.59 -59.16 24.04
N VAL E 140 -61.54 -59.15 25.37
CA VAL E 140 -61.10 -57.96 26.10
C VAL E 140 -59.61 -57.76 25.92
N ARG E 141 -58.81 -58.81 26.13
CA ARG E 141 -57.37 -58.70 25.96
C ARG E 141 -56.98 -58.58 24.49
N GLU E 142 -57.71 -59.27 23.62
CA GLU E 142 -57.45 -59.25 22.18
C GLU E 142 -58.73 -58.79 21.48
N GLY E 143 -58.82 -57.50 21.19
CA GLY E 143 -59.98 -56.94 20.54
C GLY E 143 -59.87 -55.44 20.33
N LYS E 144 -59.62 -55.04 19.09
CA LYS E 144 -59.50 -53.63 18.73
C LYS E 144 -60.51 -53.25 17.65
N TYR E 145 -61.73 -53.77 17.76
CA TYR E 145 -62.78 -53.44 16.79
C TYR E 145 -63.44 -52.13 17.16
N THR E 146 -63.38 -51.15 16.27
CA THR E 146 -63.96 -49.84 16.49
C THR E 146 -65.28 -49.70 15.75
N PHE E 147 -65.96 -48.58 15.99
CA PHE E 147 -67.24 -48.26 15.38
C PHE E 147 -68.28 -49.36 15.66
N CYS E 148 -68.49 -49.60 16.95
CA CYS E 148 -69.42 -50.63 17.40
C CYS E 148 -70.21 -50.10 18.58
N THR E 149 -71.36 -50.75 18.84
CA THR E 149 -72.26 -50.44 19.93
C THR E 149 -71.88 -51.25 21.17
N PRO E 150 -72.12 -50.72 22.39
CA PRO E 150 -72.68 -49.40 22.69
C PRO E 150 -71.71 -48.24 22.43
N GLY E 151 -72.13 -47.03 22.80
CA GLY E 151 -71.32 -45.85 22.53
C GLY E 151 -70.11 -45.69 23.44
N HIS E 152 -70.12 -46.34 24.61
CA HIS E 152 -68.99 -46.20 25.52
C HIS E 152 -67.74 -46.87 24.98
N MET E 153 -67.89 -48.04 24.34
CA MET E 153 -66.80 -48.77 23.72
C MET E 153 -65.66 -49.02 24.70
N GLY E 154 -65.99 -49.76 25.76
CA GLY E 154 -65.00 -50.08 26.78
C GLY E 154 -64.70 -48.96 27.73
N GLY E 155 -65.46 -47.87 27.69
CA GLY E 155 -65.23 -46.75 28.58
C GLY E 155 -64.38 -45.66 27.96
N THR E 156 -64.64 -45.35 26.68
CA THR E 156 -63.89 -44.31 26.00
C THR E 156 -64.44 -42.93 26.30
N ALA E 157 -65.77 -42.78 26.29
CA ALA E 157 -66.38 -41.49 26.55
C ALA E 157 -66.27 -41.07 28.01
N PHE E 158 -66.03 -42.03 28.92
CA PHE E 158 -65.88 -41.69 30.33
C PHE E 158 -64.57 -40.98 30.63
N GLN E 159 -63.56 -41.14 29.78
CA GLN E 159 -62.27 -40.49 29.99
C GLN E 159 -62.27 -39.03 29.58
N LYS E 160 -63.35 -38.54 28.96
CA LYS E 160 -63.43 -37.15 28.54
C LYS E 160 -64.26 -36.28 29.49
N SER E 161 -65.24 -36.86 30.17
CA SER E 161 -66.06 -36.09 31.09
C SER E 161 -65.54 -36.21 32.52
N PRO E 162 -65.51 -35.10 33.26
CA PRO E 162 -65.01 -35.18 34.65
C PRO E 162 -65.87 -36.07 35.54
N VAL E 163 -67.18 -36.08 35.34
CA VAL E 163 -68.06 -36.92 36.15
C VAL E 163 -68.01 -38.37 35.69
N GLY E 164 -67.67 -38.61 34.42
CA GLY E 164 -67.61 -39.97 33.91
C GLY E 164 -66.41 -40.76 34.40
N SER E 165 -65.37 -40.07 34.88
CA SER E 165 -64.19 -40.77 35.37
C SER E 165 -64.46 -41.46 36.71
N LEU E 166 -65.38 -40.92 37.51
CA LEU E 166 -65.69 -41.54 38.79
C LEU E 166 -66.50 -42.82 38.62
N PHE E 167 -67.28 -42.92 37.54
CA PHE E 167 -68.07 -44.12 37.30
C PHE E 167 -67.27 -45.21 36.60
N TYR E 168 -66.24 -44.84 35.86
CA TYR E 168 -65.42 -45.82 35.16
C TYR E 168 -64.37 -46.44 36.09
N ASP E 169 -63.87 -45.66 37.05
CA ASP E 169 -62.86 -46.15 37.98
C ASP E 169 -63.45 -46.97 39.13
N PHE E 170 -64.78 -47.02 39.24
CA PHE E 170 -65.40 -47.78 40.33
C PHE E 170 -65.41 -49.27 40.03
N PHE E 171 -65.91 -49.66 38.85
CA PHE E 171 -65.96 -51.06 38.47
C PHE E 171 -64.58 -51.58 38.10
N GLY E 172 -64.07 -51.13 36.96
CA GLY E 172 -62.76 -51.54 36.51
C GLY E 172 -62.62 -51.45 35.00
N PRO E 173 -61.37 -51.44 34.51
CA PRO E 173 -61.16 -51.38 33.05
C PRO E 173 -61.71 -52.58 32.32
N ASN E 174 -61.63 -53.77 32.91
CA ASN E 174 -62.12 -54.99 32.27
C ASN E 174 -63.63 -55.13 32.35
N THR E 175 -64.33 -54.27 33.10
CA THR E 175 -65.77 -54.38 33.22
C THR E 175 -66.47 -53.76 32.01
N MET E 176 -66.07 -52.54 31.62
CA MET E 176 -66.73 -51.88 30.50
C MET E 176 -66.32 -52.49 29.16
N LYS E 177 -65.14 -53.09 29.09
CA LYS E 177 -64.68 -53.71 27.84
C LYS E 177 -65.44 -54.99 27.53
N SER E 178 -66.01 -55.65 28.53
CA SER E 178 -66.78 -56.87 28.31
C SER E 178 -68.24 -56.61 28.00
N ASP E 179 -68.68 -55.35 28.03
CA ASP E 179 -70.07 -55.00 27.73
C ASP E 179 -70.17 -54.68 26.24
N ILE E 180 -70.32 -55.73 25.43
CA ILE E 180 -70.42 -55.58 23.99
C ILE E 180 -71.76 -56.12 23.53
N SER E 181 -72.22 -55.61 22.39
CA SER E 181 -73.50 -55.97 21.79
C SER E 181 -73.28 -57.10 20.77
N ILE E 182 -74.09 -57.14 19.73
CA ILE E 182 -74.00 -58.18 18.71
C ILE E 182 -73.16 -57.69 17.54
N SER E 183 -72.34 -56.66 17.78
CA SER E 183 -71.48 -56.10 16.75
C SER E 183 -70.15 -56.82 16.63
N VAL E 184 -70.09 -58.09 17.02
CA VAL E 184 -68.87 -58.89 16.97
C VAL E 184 -69.16 -60.15 16.16
N SER E 185 -68.26 -60.48 15.22
CA SER E 185 -68.48 -61.61 14.34
C SER E 185 -68.09 -62.93 15.00
N GLU E 186 -66.99 -62.96 15.74
CA GLU E 186 -66.50 -64.19 16.34
C GLU E 186 -67.22 -64.55 17.64
N LEU E 187 -68.29 -63.86 17.98
CA LEU E 187 -69.12 -64.21 19.14
C LEU E 187 -70.58 -64.47 18.80
N GLY E 188 -71.01 -64.15 17.58
CA GLY E 188 -72.38 -64.41 17.18
C GLY E 188 -73.38 -63.48 17.84
N SER E 189 -74.65 -63.81 17.67
CA SER E 189 -75.75 -63.05 18.22
C SER E 189 -76.67 -63.97 19.02
N LEU E 190 -77.33 -63.40 20.03
CA LEU E 190 -78.23 -64.18 20.86
C LEU E 190 -79.53 -64.50 20.13
N LEU E 191 -80.04 -63.56 19.34
CA LEU E 191 -81.29 -63.81 18.61
C LEU E 191 -81.07 -64.75 17.44
N ASP E 192 -79.85 -64.79 16.88
CA ASP E 192 -79.56 -65.67 15.76
C ASP E 192 -79.40 -67.13 16.19
N HIS E 193 -79.04 -67.38 17.45
CA HIS E 193 -78.86 -68.73 17.97
C HIS E 193 -77.83 -69.52 17.15
N SER E 194 -76.67 -68.90 16.94
CA SER E 194 -75.60 -69.51 16.17
C SER E 194 -74.26 -69.13 16.79
N GLY E 195 -73.23 -69.88 16.42
CA GLY E 195 -71.90 -69.65 16.92
C GLY E 195 -71.74 -70.06 18.37
N PRO E 196 -71.08 -69.22 19.17
CA PRO E 196 -70.92 -69.53 20.60
C PRO E 196 -72.25 -69.59 21.35
N HIS E 197 -73.25 -68.85 20.89
CA HIS E 197 -74.55 -68.89 21.56
C HIS E 197 -75.28 -70.21 21.30
N LYS E 198 -74.98 -70.87 20.18
CA LYS E 198 -75.62 -72.15 19.90
C LYS E 198 -75.08 -73.25 20.80
N GLU E 199 -73.76 -73.29 21.01
CA GLU E 199 -73.17 -74.28 21.90
C GLU E 199 -73.45 -73.98 23.36
N ALA E 200 -73.75 -72.72 23.70
CA ALA E 200 -74.03 -72.38 25.09
C ALA E 200 -75.42 -72.88 25.50
N GLU E 201 -76.38 -72.87 24.57
CA GLU E 201 -77.71 -73.34 24.89
C GLU E 201 -77.73 -74.85 25.08
N GLN E 202 -76.91 -75.58 24.32
CA GLN E 202 -76.82 -77.02 24.48
C GLN E 202 -75.99 -77.41 25.70
N TYR E 203 -75.14 -76.51 26.20
CA TYR E 203 -74.34 -76.82 27.38
C TYR E 203 -75.13 -76.63 28.67
N ILE E 204 -75.97 -75.60 28.73
CA ILE E 204 -76.77 -75.36 29.92
C ILE E 204 -77.83 -76.44 30.09
N ALA E 205 -78.45 -76.86 28.97
CA ALA E 205 -79.48 -77.90 29.05
C ALA E 205 -78.88 -79.25 29.44
N ARG E 206 -77.59 -79.48 29.13
CA ARG E 206 -76.96 -80.73 29.50
C ARG E 206 -76.61 -80.77 30.98
N VAL E 207 -76.27 -79.61 31.55
CA VAL E 207 -75.91 -79.55 32.97
C VAL E 207 -77.17 -79.70 33.83
N PHE E 208 -78.22 -78.93 33.50
CA PHE E 208 -79.47 -78.96 34.24
C PHE E 208 -80.42 -80.05 33.75
N ASN E 209 -79.92 -81.00 32.96
CA ASN E 209 -80.72 -82.11 32.44
C ASN E 209 -81.94 -81.61 31.67
N ALA E 210 -81.72 -81.18 30.42
CA ALA E 210 -82.79 -80.68 29.59
C ALA E 210 -82.40 -80.86 28.13
N ASP E 211 -83.37 -80.62 27.24
CA ASP E 211 -83.14 -80.73 25.81
C ASP E 211 -82.74 -79.39 25.19
N ARG E 212 -83.41 -78.31 25.57
CA ARG E 212 -83.10 -76.98 25.06
CA ARG E 212 -83.10 -76.98 25.06
C ARG E 212 -83.39 -75.95 26.14
N SER E 213 -82.58 -74.91 26.20
CA SER E 213 -82.75 -73.86 27.19
C SER E 213 -82.22 -72.55 26.64
N TYR E 214 -82.92 -71.46 26.95
CA TYR E 214 -82.54 -70.12 26.54
C TYR E 214 -81.98 -69.36 27.75
N MET E 215 -81.66 -68.09 27.53
CA MET E 215 -81.08 -67.22 28.57
C MET E 215 -81.85 -65.92 28.59
N VAL E 216 -82.80 -65.80 29.52
CA VAL E 216 -83.58 -64.59 29.69
C VAL E 216 -82.75 -63.57 30.44
N THR E 217 -82.72 -62.33 29.94
CA THR E 217 -81.92 -61.27 30.51
C THR E 217 -82.77 -60.23 31.24
N ASN E 218 -83.99 -60.61 31.65
CA ASN E 218 -84.86 -59.69 32.38
C ASN E 218 -85.53 -60.37 33.56
N GLY E 219 -84.80 -61.22 34.28
CA GLY E 219 -85.34 -61.87 35.47
C GLY E 219 -86.37 -62.93 35.15
N THR E 220 -86.85 -63.57 36.22
CA THR E 220 -87.86 -64.61 36.06
C THR E 220 -89.22 -64.01 35.73
N SER E 221 -89.48 -62.77 36.13
CA SER E 221 -90.77 -62.14 35.88
C SER E 221 -91.07 -62.03 34.40
N THR E 222 -90.03 -61.97 33.56
CA THR E 222 -90.22 -61.90 32.12
C THR E 222 -90.31 -63.27 31.46
N ALA E 223 -89.57 -64.26 32.00
CA ALA E 223 -89.58 -65.59 31.40
C ALA E 223 -90.95 -66.25 31.51
N ASN E 224 -91.74 -65.90 32.54
CA ASN E 224 -93.07 -66.48 32.69
C ASN E 224 -94.03 -65.99 31.62
N LYS E 225 -93.79 -64.83 31.03
CA LYS E 225 -94.65 -64.31 29.99
C LYS E 225 -94.34 -64.88 28.61
N ILE E 226 -93.15 -65.44 28.42
CA ILE E 226 -92.81 -66.04 27.13
C ILE E 226 -93.50 -67.39 26.98
N VAL E 227 -93.51 -68.20 28.04
CA VAL E 227 -94.15 -69.50 27.97
C VAL E 227 -95.67 -69.35 27.94
N GLY E 228 -96.20 -68.41 28.71
CA GLY E 228 -97.64 -68.23 28.76
C GLY E 228 -98.25 -67.78 27.44
N MET E 229 -97.47 -67.09 26.61
CA MET E 229 -97.92 -66.63 25.30
C MET E 229 -97.59 -67.63 24.19
N TYR E 230 -97.36 -68.90 24.54
CA TYR E 230 -97.05 -69.93 23.56
C TYR E 230 -98.09 -71.03 23.48
N SER E 231 -98.73 -71.38 24.59
CA SER E 231 -99.74 -72.43 24.64
C SER E 231 -101.04 -71.88 25.22
N ALA E 232 -101.40 -70.66 24.84
CA ALA E 232 -102.64 -70.03 25.31
C ALA E 232 -103.13 -69.05 24.27
N PRO E 233 -103.86 -69.52 23.27
CA PRO E 233 -104.39 -68.63 22.24
C PRO E 233 -105.45 -67.69 22.81
N ALA E 234 -105.93 -66.80 21.94
CA ALA E 234 -106.95 -65.84 22.33
C ALA E 234 -108.30 -66.56 22.48
N GLY E 235 -108.79 -66.60 23.71
CA GLY E 235 -110.04 -67.28 23.99
C GLY E 235 -109.92 -68.75 24.34
N SER E 236 -108.83 -69.16 24.98
CA SER E 236 -108.63 -70.55 25.34
C SER E 236 -108.92 -70.74 26.83
N THR E 237 -108.17 -71.62 27.50
CA THR E 237 -108.35 -71.89 28.92
C THR E 237 -107.04 -72.37 29.51
N ILE E 238 -106.61 -71.73 30.60
CA ILE E 238 -105.38 -72.10 31.29
C ILE E 238 -105.72 -72.48 32.72
N LEU E 239 -104.79 -73.21 33.34
CA LEU E 239 -104.93 -73.68 34.73
C LEU E 239 -103.82 -73.04 35.55
N ILE E 240 -104.01 -71.77 35.91
CA ILE E 240 -103.03 -71.03 36.69
C ILE E 240 -103.29 -71.28 38.17
N ASP E 241 -102.22 -71.27 38.95
CA ASP E 241 -102.32 -71.50 40.39
C ASP E 241 -102.78 -70.23 41.09
N ARG E 242 -103.42 -70.41 42.25
CA ARG E 242 -103.89 -69.25 43.01
C ARG E 242 -102.72 -68.47 43.61
N ASN E 243 -101.73 -69.17 44.17
CA ASN E 243 -100.54 -68.54 44.71
C ASN E 243 -99.62 -68.16 43.56
N CYS E 244 -99.96 -67.06 42.90
CA CYS E 244 -99.23 -66.57 41.74
C CYS E 244 -98.44 -65.31 42.09
N HIS E 245 -97.41 -65.06 41.30
CA HIS E 245 -96.57 -63.89 41.47
C HIS E 245 -97.19 -62.68 40.77
N LYS E 246 -96.65 -61.50 41.08
CA LYS E 246 -97.13 -60.28 40.44
C LYS E 246 -97.00 -60.34 38.92
N SER E 247 -95.94 -60.98 38.42
CA SER E 247 -95.78 -61.10 36.98
C SER E 247 -96.77 -62.10 36.39
N LEU E 248 -97.17 -63.12 37.16
CA LEU E 248 -98.14 -64.09 36.66
C LEU E 248 -99.52 -63.48 36.51
N THR E 249 -99.84 -62.47 37.31
CA THR E 249 -101.12 -61.78 37.16
C THR E 249 -101.15 -60.96 35.87
N HIS E 250 -100.04 -60.31 35.54
CA HIS E 250 -99.97 -59.54 34.29
C HIS E 250 -100.06 -60.42 33.06
N LEU E 251 -99.70 -61.71 33.17
CA LEU E 251 -99.84 -62.60 32.03
C LEU E 251 -101.31 -62.81 31.68
N MET E 252 -102.18 -62.88 32.68
CA MET E 252 -103.61 -62.99 32.45
C MET E 252 -104.23 -61.68 31.98
N MET E 253 -103.57 -60.56 32.25
CA MET E 253 -104.06 -59.25 31.84
C MET E 253 -103.58 -58.83 30.45
N MET E 254 -102.66 -59.59 29.85
CA MET E 254 -102.15 -59.29 28.52
C MET E 254 -102.60 -60.27 27.46
N SER E 255 -103.26 -61.36 27.84
CA SER E 255 -103.75 -62.36 26.90
C SER E 255 -105.21 -62.64 27.19
N ASP E 256 -106.03 -62.68 26.13
CA ASP E 256 -107.47 -62.93 26.27
C ASP E 256 -107.69 -64.43 26.47
N VAL E 257 -107.54 -64.87 27.71
CA VAL E 257 -107.72 -66.27 28.08
C VAL E 257 -108.71 -66.34 29.23
N THR E 258 -109.17 -67.57 29.51
CA THR E 258 -110.10 -67.84 30.61
C THR E 258 -109.40 -68.72 31.64
N PRO E 259 -108.79 -68.15 32.67
CA PRO E 259 -108.09 -68.96 33.66
C PRO E 259 -109.04 -69.61 34.65
N ILE E 260 -108.55 -70.68 35.27
CA ILE E 260 -109.28 -71.40 36.30
C ILE E 260 -108.39 -71.48 37.53
N TYR E 261 -108.80 -70.81 38.60
CA TYR E 261 -108.02 -70.75 39.82
C TYR E 261 -108.27 -71.98 40.68
N PHE E 262 -107.20 -72.49 41.29
CA PHE E 262 -107.30 -73.66 42.15
C PHE E 262 -107.60 -73.25 43.59
N ARG E 263 -107.53 -74.22 44.50
CA ARG E 263 -107.79 -74.00 45.92
C ARG E 263 -106.67 -74.67 46.72
N PRO E 264 -105.53 -74.02 46.86
CA PRO E 264 -104.43 -74.60 47.64
C PRO E 264 -104.79 -74.71 49.11
N THR E 265 -104.02 -75.55 49.81
CA THR E 265 -104.21 -75.76 51.24
C THR E 265 -103.40 -74.74 52.03
N ARG E 266 -103.81 -74.56 53.29
CA ARG E 266 -103.13 -73.62 54.18
C ARG E 266 -103.49 -73.95 55.61
N ASN E 267 -102.67 -73.45 56.53
CA ASN E 267 -102.83 -73.66 57.96
C ASN E 267 -103.26 -72.35 58.62
N ALA E 268 -102.92 -72.18 59.90
CA ALA E 268 -103.27 -70.97 60.64
C ALA E 268 -102.11 -70.01 60.80
N TYR E 269 -100.86 -70.50 60.74
CA TYR E 269 -99.70 -69.63 60.89
C TYR E 269 -99.44 -68.80 59.64
N GLY E 270 -100.02 -69.18 58.50
CA GLY E 270 -99.81 -68.47 57.25
C GLY E 270 -98.93 -69.17 56.25
N ILE E 271 -98.46 -70.38 56.56
CA ILE E 271 -97.60 -71.12 55.63
C ILE E 271 -98.46 -71.67 54.50
N LEU E 272 -98.12 -71.31 53.26
CA LEU E 272 -98.87 -71.75 52.10
C LEU E 272 -98.57 -73.23 51.83
N GLY E 273 -99.61 -74.05 51.84
CA GLY E 273 -99.46 -75.47 51.59
C GLY E 273 -99.29 -75.80 50.13
N GLY E 274 -100.27 -76.49 49.56
CA GLY E 274 -100.21 -76.87 48.16
C GLY E 274 -101.57 -77.28 47.65
N ILE E 275 -101.61 -77.58 46.35
CA ILE E 275 -102.85 -77.99 45.71
C ILE E 275 -103.08 -79.48 45.97
N PRO E 276 -104.25 -79.88 46.46
CA PRO E 276 -104.50 -81.30 46.70
C PRO E 276 -104.50 -82.10 45.41
N GLN E 277 -104.45 -83.43 45.57
CA GLN E 277 -104.44 -84.31 44.41
C GLN E 277 -105.82 -84.43 43.76
N SER E 278 -106.87 -83.99 44.44
CA SER E 278 -108.21 -84.08 43.88
C SER E 278 -108.44 -83.06 42.76
N GLU E 279 -107.72 -81.94 42.77
CA GLU E 279 -107.87 -80.93 41.75
C GLU E 279 -107.24 -81.32 40.42
N PHE E 280 -106.31 -82.28 40.43
CA PHE E 280 -105.66 -82.72 39.20
C PHE E 280 -106.42 -83.84 38.50
N GLN E 281 -107.59 -84.22 38.98
CA GLN E 281 -108.36 -85.28 38.36
C GLN E 281 -109.02 -84.79 37.07
N HIS E 282 -109.60 -85.73 36.33
CA HIS E 282 -110.26 -85.39 35.08
C HIS E 282 -111.69 -84.92 35.31
N ALA E 283 -112.36 -85.46 36.33
CA ALA E 283 -113.73 -85.04 36.61
C ALA E 283 -113.79 -83.71 37.33
N THR E 284 -112.70 -83.32 38.00
CA THR E 284 -112.68 -82.04 38.71
C THR E 284 -112.44 -80.88 37.76
N ILE E 285 -111.52 -81.04 36.81
CA ILE E 285 -111.22 -79.96 35.86
C ILE E 285 -112.38 -79.77 34.90
N ALA E 286 -112.95 -80.86 34.39
CA ALA E 286 -114.05 -80.77 33.46
C ALA E 286 -115.33 -80.22 34.08
N LYS E 287 -115.44 -80.28 35.41
CA LYS E 287 -116.62 -79.75 36.07
C LYS E 287 -116.63 -78.22 36.07
N ARG E 288 -115.45 -77.60 36.22
CA ARG E 288 -115.35 -76.15 36.24
C ARG E 288 -115.40 -75.54 34.84
N VAL E 289 -115.34 -76.35 33.78
CA VAL E 289 -115.41 -75.82 32.43
C VAL E 289 -116.83 -75.37 32.11
N LYS E 290 -117.82 -76.19 32.45
CA LYS E 290 -119.21 -75.83 32.17
C LYS E 290 -119.69 -74.70 33.07
N GLU E 291 -119.24 -74.68 34.33
CA GLU E 291 -119.67 -73.63 35.25
C GLU E 291 -119.10 -72.27 34.90
N THR E 292 -117.95 -72.22 34.22
CA THR E 292 -117.33 -70.97 33.84
C THR E 292 -117.75 -70.60 32.42
N PRO E 293 -118.44 -69.49 32.22
CA PRO E 293 -118.84 -69.11 30.86
C PRO E 293 -117.63 -68.80 30.00
N ASN E 294 -117.74 -69.15 28.71
CA ASN E 294 -116.68 -68.94 27.72
C ASN E 294 -115.37 -69.60 28.17
N ALA E 295 -115.40 -70.92 28.15
CA ALA E 295 -114.23 -71.72 28.55
C ALA E 295 -114.31 -73.06 27.84
N THR E 296 -113.21 -73.45 27.20
CA THR E 296 -113.08 -74.70 26.47
C THR E 296 -112.18 -75.66 27.27
N TRP E 297 -111.52 -76.57 26.58
CA TRP E 297 -110.63 -77.52 27.24
C TRP E 297 -109.32 -76.84 27.61
N PRO E 298 -108.85 -76.99 28.85
CA PRO E 298 -107.58 -76.37 29.24
C PRO E 298 -106.41 -76.95 28.46
N VAL E 299 -105.62 -76.08 27.84
CA VAL E 299 -104.46 -76.47 27.06
C VAL E 299 -103.15 -76.11 27.73
N HIS E 300 -103.20 -75.49 28.91
CA HIS E 300 -101.99 -75.10 29.61
C HIS E 300 -102.28 -75.07 31.11
N ALA E 301 -101.28 -75.41 31.91
CA ALA E 301 -101.40 -75.43 33.36
C ALA E 301 -100.16 -74.80 33.98
N VAL E 302 -100.38 -73.93 34.96
CA VAL E 302 -99.29 -73.24 35.65
C VAL E 302 -99.27 -73.72 37.09
N ILE E 303 -98.16 -74.33 37.49
CA ILE E 303 -97.98 -74.86 38.84
C ILE E 303 -96.77 -74.16 39.45
N THR E 304 -96.96 -73.56 40.62
CA THR E 304 -95.88 -72.85 41.32
C THR E 304 -95.18 -73.85 42.24
N ASN E 305 -94.10 -74.44 41.73
CA ASN E 305 -93.32 -75.44 42.46
C ASN E 305 -91.87 -74.95 42.54
N SER E 306 -91.45 -74.52 43.72
CA SER E 306 -92.29 -74.54 44.91
C SER E 306 -92.93 -73.17 45.14
N THR E 307 -93.65 -73.04 46.25
CA THR E 307 -94.34 -71.79 46.58
C THR E 307 -93.33 -70.79 47.15
N TYR E 308 -93.84 -69.69 47.71
CA TYR E 308 -92.96 -68.67 48.27
C TYR E 308 -92.32 -69.14 49.57
N ASP E 309 -93.00 -70.00 50.32
CA ASP E 309 -92.45 -70.50 51.58
C ASP E 309 -91.33 -71.51 51.33
N GLY E 310 -91.65 -72.59 50.63
CA GLY E 310 -90.66 -73.61 50.34
C GLY E 310 -91.16 -75.02 50.58
N LEU E 311 -92.18 -75.43 49.82
CA LEU E 311 -92.76 -76.76 49.94
C LEU E 311 -92.88 -77.35 48.54
N LEU E 312 -92.11 -78.39 48.27
CA LEU E 312 -92.13 -79.02 46.96
C LEU E 312 -93.37 -79.91 46.80
N TYR E 313 -93.62 -80.31 45.56
CA TYR E 313 -94.75 -81.16 45.21
C TYR E 313 -94.25 -82.55 44.83
N ASN E 314 -95.09 -83.29 44.12
CA ASN E 314 -94.77 -84.64 43.65
C ASN E 314 -95.04 -84.69 42.15
N THR E 315 -93.97 -84.51 41.36
CA THR E 315 -94.12 -84.52 39.91
C THR E 315 -94.34 -85.91 39.36
N ASP E 316 -94.10 -86.96 40.16
CA ASP E 316 -94.33 -88.33 39.69
C ASP E 316 -95.83 -88.62 39.57
N PHE E 317 -96.66 -87.87 40.29
CA PHE E 317 -98.11 -88.04 40.22
C PHE E 317 -98.80 -87.01 39.35
N ILE E 318 -98.20 -85.82 39.19
CA ILE E 318 -98.81 -84.79 38.36
C ILE E 318 -98.65 -85.12 36.88
N LYS E 319 -97.48 -85.63 36.50
CA LYS E 319 -97.20 -85.97 35.10
C LYS E 319 -97.94 -87.21 34.61
N LYS E 320 -98.88 -87.76 35.38
CA LYS E 320 -99.62 -88.94 34.95
C LYS E 320 -101.12 -88.71 35.10
N THR E 321 -101.51 -87.98 36.14
CA THR E 321 -102.92 -87.71 36.40
C THR E 321 -103.40 -86.45 35.70
N LEU E 322 -102.65 -85.37 35.78
CA LEU E 322 -103.01 -84.11 35.14
C LEU E 322 -102.93 -84.27 33.62
N ASP E 323 -104.07 -84.17 32.96
CA ASP E 323 -104.14 -84.34 31.50
C ASP E 323 -104.03 -82.98 30.81
N VAL E 324 -102.84 -82.40 30.89
CA VAL E 324 -102.54 -81.13 30.26
C VAL E 324 -101.29 -81.30 29.40
N LYS E 325 -101.40 -80.94 28.12
CA LYS E 325 -100.27 -81.10 27.20
C LYS E 325 -99.16 -80.09 27.44
N SER E 326 -99.42 -79.03 28.19
CA SER E 326 -98.42 -77.99 28.46
C SER E 326 -98.47 -77.68 29.96
N ILE E 327 -97.71 -78.44 30.75
CA ILE E 327 -97.64 -78.27 32.20
C ILE E 327 -96.42 -77.42 32.53
N HIS E 328 -96.62 -76.35 33.29
CA HIS E 328 -95.57 -75.43 33.66
C HIS E 328 -95.24 -75.57 35.14
N PHE E 329 -93.95 -75.49 35.46
CA PHE E 329 -93.47 -75.55 36.85
C PHE E 329 -92.64 -74.30 37.10
N ASP E 330 -93.22 -73.33 37.81
CA ASP E 330 -92.53 -72.09 38.14
C ASP E 330 -91.48 -72.38 39.21
N SER E 331 -90.30 -72.80 38.75
CA SER E 331 -89.21 -73.15 39.65
C SER E 331 -88.36 -71.93 39.98
N ALA E 332 -88.99 -70.88 40.51
CA ALA E 332 -88.30 -69.64 40.86
C ALA E 332 -87.68 -69.69 42.25
N TRP E 333 -87.63 -70.87 42.89
CA TRP E 333 -87.04 -70.98 44.21
C TRP E 333 -86.24 -72.25 44.43
N VAL E 334 -86.20 -73.16 43.46
CA VAL E 334 -85.44 -74.41 43.60
C VAL E 334 -84.58 -74.65 42.36
N PRO E 335 -83.54 -73.85 42.13
CA PRO E 335 -82.67 -74.09 40.97
C PRO E 335 -81.56 -75.09 41.26
N TYR E 336 -81.86 -76.10 42.07
CA TYR E 336 -80.84 -77.06 42.47
C TYR E 336 -81.36 -78.49 42.59
N THR E 337 -82.65 -78.74 42.34
CA THR E 337 -83.22 -80.08 42.49
C THR E 337 -82.76 -80.95 41.31
N ASN E 338 -81.49 -81.33 41.36
CA ASN E 338 -80.88 -82.15 40.32
C ASN E 338 -79.57 -82.76 40.80
N PHE E 339 -78.71 -81.93 41.39
CA PHE E 339 -77.39 -82.36 41.85
C PHE E 339 -77.42 -82.88 43.28
N SER E 340 -78.41 -83.70 43.62
CA SER E 340 -78.52 -84.26 44.96
C SER E 340 -79.42 -85.48 44.90
N PRO E 341 -79.06 -86.58 45.59
CA PRO E 341 -79.90 -87.78 45.54
C PRO E 341 -81.20 -87.66 46.32
N ILE E 342 -81.37 -86.61 47.12
CA ILE E 342 -82.59 -86.44 47.90
C ILE E 342 -83.53 -85.47 47.18
N TYR E 343 -83.30 -85.28 45.88
CA TYR E 343 -84.16 -84.43 45.06
C TYR E 343 -84.49 -85.08 43.72
N GLU E 344 -84.55 -86.41 43.67
CA GLU E 344 -84.87 -87.11 42.43
C GLU E 344 -86.38 -87.30 42.31
N GLY E 345 -86.92 -86.97 41.14
CA GLY E 345 -88.35 -87.10 40.92
C GLY E 345 -89.18 -86.06 41.61
N LYS E 346 -88.62 -84.87 41.86
CA LYS E 346 -89.33 -83.80 42.53
C LYS E 346 -89.61 -82.59 41.64
N CYS E 347 -88.95 -82.49 40.49
CA CYS E 347 -89.13 -81.37 39.57
C CYS E 347 -89.51 -81.92 38.19
N GLY E 348 -89.60 -81.00 37.22
CA GLY E 348 -89.96 -81.40 35.88
C GLY E 348 -88.81 -81.97 35.08
N MET E 349 -87.58 -81.54 35.38
CA MET E 349 -86.41 -82.04 34.66
C MET E 349 -86.00 -83.43 35.09
N SER E 350 -86.27 -83.80 36.35
CA SER E 350 -85.90 -85.12 36.85
C SER E 350 -86.83 -86.16 36.26
N GLY E 351 -86.26 -87.08 35.49
CA GLY E 351 -87.03 -88.13 34.85
C GLY E 351 -86.83 -88.20 33.35
N GLY E 352 -87.81 -88.76 32.63
CA GLY E 352 -87.74 -88.89 31.20
C GLY E 352 -88.72 -87.97 30.49
N ARG E 353 -88.75 -88.13 29.16
CA ARG E 353 -89.64 -87.33 28.33
C ARG E 353 -91.04 -87.90 28.35
N VAL E 354 -92.00 -87.09 28.76
CA VAL E 354 -93.40 -87.51 28.81
C VAL E 354 -93.99 -87.37 27.41
N GLU E 355 -94.55 -88.46 26.90
CA GLU E 355 -95.13 -88.45 25.56
C GLU E 355 -96.42 -87.64 25.54
N GLY E 356 -96.64 -86.93 24.44
CA GLY E 356 -97.82 -86.11 24.29
C GLY E 356 -97.90 -84.90 25.17
N LYS E 357 -96.86 -84.60 25.94
CA LYS E 357 -96.84 -83.45 26.85
C LYS E 357 -95.50 -82.75 26.74
N VAL E 358 -95.37 -81.66 27.50
CA VAL E 358 -94.13 -80.88 27.53
C VAL E 358 -94.07 -80.13 28.85
N ILE E 359 -92.88 -80.01 29.41
CA ILE E 359 -92.65 -79.39 30.70
C ILE E 359 -91.87 -78.09 30.50
N TYR E 360 -92.36 -77.01 31.10
CA TYR E 360 -91.70 -75.71 31.05
C TYR E 360 -91.32 -75.29 32.47
N GLU E 361 -90.11 -74.75 32.61
CA GLU E 361 -89.63 -74.28 33.90
C GLU E 361 -88.91 -72.94 33.71
N THR E 362 -89.03 -72.08 34.72
CA THR E 362 -88.38 -70.78 34.74
C THR E 362 -87.50 -70.71 35.99
N GLN E 363 -86.34 -71.35 35.92
CA GLN E 363 -85.43 -71.38 37.06
C GLN E 363 -84.77 -70.03 37.23
N SER E 364 -84.90 -69.44 38.42
CA SER E 364 -84.30 -68.16 38.72
C SER E 364 -82.80 -68.30 38.87
N THR E 365 -82.07 -67.25 38.46
CA THR E 365 -80.61 -67.24 38.53
C THR E 365 -80.08 -66.26 39.57
N HIS E 366 -80.66 -65.07 39.66
CA HIS E 366 -80.20 -64.07 40.62
C HIS E 366 -81.01 -64.11 41.91
N LYS E 367 -81.38 -65.32 42.32
CA LYS E 367 -82.18 -65.50 43.54
C LYS E 367 -81.43 -66.29 44.56
N LEU E 368 -81.08 -67.52 44.21
CA LEU E 368 -80.38 -68.40 45.15
C LEU E 368 -79.12 -69.01 44.53
N LEU E 369 -78.45 -68.24 43.68
CA LEU E 369 -77.22 -68.70 43.04
C LEU E 369 -76.12 -67.65 43.17
N ALA E 370 -75.40 -67.38 42.08
CA ALA E 370 -74.32 -66.41 42.10
C ALA E 370 -74.14 -65.87 40.68
N ALA E 371 -74.85 -64.79 40.38
CA ALA E 371 -74.78 -64.14 39.07
C ALA E 371 -75.38 -62.75 39.20
N PHE E 372 -75.29 -61.99 38.11
CA PHE E 372 -75.85 -60.65 38.08
C PHE E 372 -77.37 -60.71 38.08
N SER E 373 -77.99 -59.57 38.38
CA SER E 373 -79.44 -59.48 38.41
C SER E 373 -80.02 -59.55 37.01
N GLN E 374 -81.34 -59.76 36.94
CA GLN E 374 -82.08 -59.88 35.69
C GLN E 374 -81.51 -61.00 34.82
N ALA E 375 -81.72 -62.23 35.31
CA ALA E 375 -81.25 -63.42 34.62
C ALA E 375 -82.19 -64.57 34.92
N SER E 376 -82.61 -65.28 33.88
CA SER E 376 -83.52 -66.41 34.03
C SER E 376 -83.28 -67.39 32.90
N MET E 377 -83.95 -68.55 32.99
CA MET E 377 -83.82 -69.60 32.00
C MET E 377 -85.20 -70.14 31.66
N ILE E 378 -85.30 -70.80 30.51
CA ILE E 378 -86.53 -71.43 30.04
C ILE E 378 -86.18 -72.86 29.67
N HIS E 379 -86.49 -73.81 30.55
CA HIS E 379 -86.20 -75.22 30.32
C HIS E 379 -87.39 -75.88 29.63
N VAL E 380 -87.14 -76.49 28.47
CA VAL E 380 -88.16 -77.16 27.69
C VAL E 380 -87.84 -78.64 27.63
N LYS E 381 -88.79 -79.47 28.04
CA LYS E 381 -88.64 -80.93 28.05
C LYS E 381 -89.76 -81.52 27.21
N GLY E 382 -89.49 -81.76 25.94
CA GLY E 382 -90.47 -82.32 25.04
C GLY E 382 -90.11 -82.02 23.59
N ASP E 383 -91.11 -82.18 22.74
CA ASP E 383 -90.98 -81.94 21.30
C ASP E 383 -91.88 -80.77 20.93
N VAL E 384 -91.28 -79.59 20.78
CA VAL E 384 -92.00 -78.38 20.42
C VAL E 384 -91.44 -77.84 19.11
N ASN E 385 -92.18 -76.93 18.51
CA ASN E 385 -91.78 -76.31 17.24
C ASN E 385 -90.69 -75.28 17.51
N GLU E 386 -89.59 -75.37 16.75
CA GLU E 386 -88.49 -74.43 16.95
C GLU E 386 -88.75 -73.12 16.24
N GLU E 387 -89.42 -73.15 15.09
CA GLU E 387 -89.70 -71.93 14.34
C GLU E 387 -90.84 -71.13 14.98
N THR E 388 -91.61 -71.75 15.87
CA THR E 388 -92.72 -71.08 16.53
C THR E 388 -92.33 -70.54 17.91
N PHE E 389 -91.59 -71.34 18.69
CA PHE E 389 -91.19 -70.90 20.02
C PHE E 389 -90.13 -69.82 19.95
N ASN E 390 -89.41 -69.71 18.83
CA ASN E 390 -88.40 -68.67 18.69
C ASN E 390 -89.03 -67.29 18.56
N GLU E 391 -90.17 -67.19 17.88
CA GLU E 391 -90.83 -65.90 17.71
C GLU E 391 -91.37 -65.38 19.04
N ALA E 392 -91.76 -66.27 19.96
CA ALA E 392 -92.26 -65.82 21.25
C ALA E 392 -91.14 -65.34 22.16
N TYR E 393 -89.91 -65.82 21.93
CA TYR E 393 -88.79 -65.39 22.76
C TYR E 393 -88.32 -63.99 22.38
N MET E 394 -88.44 -63.62 21.11
CA MET E 394 -88.03 -62.29 20.66
C MET E 394 -89.02 -61.19 21.03
N MET E 395 -90.23 -61.56 21.47
CA MET E 395 -91.23 -60.58 21.88
C MET E 395 -90.99 -60.04 23.28
N HIS E 396 -89.97 -60.50 23.98
CA HIS E 396 -89.67 -60.02 25.32
C HIS E 396 -88.18 -59.79 25.56
N THR E 397 -87.32 -60.00 24.56
CA THR E 397 -85.89 -59.81 24.69
C THR E 397 -85.41 -58.82 23.63
N THR E 398 -84.62 -57.85 24.05
CA THR E 398 -84.13 -56.83 23.14
C THR E 398 -83.12 -57.43 22.16
N THR E 399 -82.81 -56.67 21.11
CA THR E 399 -81.87 -57.11 20.09
C THR E 399 -80.42 -56.91 20.50
N SER E 400 -80.16 -56.14 21.56
CA SER E 400 -78.80 -55.90 22.05
C SER E 400 -78.71 -56.40 23.48
N PRO E 401 -78.48 -57.69 23.68
CA PRO E 401 -78.41 -58.23 25.04
C PRO E 401 -77.12 -57.84 25.74
N HIS E 402 -77.22 -57.69 27.07
CA HIS E 402 -76.07 -57.34 27.89
C HIS E 402 -75.28 -58.61 28.19
N TYR E 403 -74.12 -58.75 27.53
CA TYR E 403 -73.32 -59.96 27.69
C TYR E 403 -72.70 -60.07 29.09
N GLY E 404 -72.66 -58.98 29.85
CA GLY E 404 -72.16 -59.07 31.22
C GLY E 404 -73.05 -59.92 32.11
N ILE E 405 -74.35 -59.93 31.83
CA ILE E 405 -75.27 -60.79 32.57
C ILE E 405 -75.39 -62.16 31.91
N VAL E 406 -75.32 -62.23 30.58
CA VAL E 406 -75.40 -63.50 29.87
C VAL E 406 -74.23 -64.39 30.26
N ALA E 407 -73.03 -63.81 30.39
CA ALA E 407 -71.87 -64.59 30.79
C ALA E 407 -72.01 -65.12 32.22
N SER E 408 -72.72 -64.39 33.08
CA SER E 408 -72.93 -64.84 34.44
C SER E 408 -74.07 -65.86 34.53
N THR E 409 -75.01 -65.81 33.59
CA THR E 409 -76.10 -66.77 33.58
C THR E 409 -75.60 -68.18 33.29
N GLU E 410 -74.71 -68.31 32.30
CA GLU E 410 -74.12 -69.61 32.00
C GLU E 410 -73.06 -69.99 33.02
N THR E 411 -72.45 -69.00 33.68
CA THR E 411 -71.45 -69.31 34.69
C THR E 411 -72.07 -70.02 35.88
N ALA E 412 -73.29 -69.65 36.26
CA ALA E 412 -73.97 -70.31 37.36
C ALA E 412 -74.21 -71.78 37.06
N ALA E 413 -74.41 -72.14 35.79
CA ALA E 413 -74.56 -73.54 35.42
C ALA E 413 -73.22 -74.25 35.34
N ALA E 414 -72.15 -73.52 35.01
CA ALA E 414 -70.82 -74.13 34.96
C ALA E 414 -70.26 -74.38 36.34
N MET E 415 -70.72 -73.63 37.34
CA MET E 415 -70.27 -73.82 38.71
C MET E 415 -70.91 -75.02 39.40
N MET E 416 -71.81 -75.73 38.70
CA MET E 416 -72.50 -76.87 39.29
C MET E 416 -71.93 -78.21 38.85
N LYS E 417 -71.27 -78.28 37.70
CA LYS E 417 -70.74 -79.53 37.20
C LYS E 417 -69.51 -79.95 37.99
N GLY E 418 -69.41 -81.25 38.27
CA GLY E 418 -68.28 -81.79 38.99
C GLY E 418 -68.51 -81.85 40.49
N ASN E 419 -67.50 -82.37 41.18
CA ASN E 419 -67.56 -82.46 42.64
C ASN E 419 -67.48 -81.09 43.31
N ALA E 420 -66.88 -80.11 42.65
CA ALA E 420 -66.81 -78.76 43.21
C ALA E 420 -68.16 -78.08 43.25
N GLY E 421 -69.10 -78.50 42.40
CA GLY E 421 -70.43 -77.92 42.39
C GLY E 421 -71.41 -78.71 43.25
N LYS E 422 -71.18 -80.01 43.38
CA LYS E 422 -72.06 -80.83 44.20
C LYS E 422 -71.91 -80.52 45.68
N ARG E 423 -70.73 -80.05 46.10
CA ARG E 423 -70.50 -79.68 47.48
C ARG E 423 -71.16 -78.35 47.85
N LEU E 424 -71.66 -77.60 46.87
CA LEU E 424 -72.33 -76.34 47.17
C LEU E 424 -73.78 -76.57 47.59
N ILE E 425 -74.47 -77.50 46.93
CA ILE E 425 -75.84 -77.82 47.31
C ILE E 425 -75.87 -78.61 48.60
N ASN E 426 -75.07 -79.68 48.68
CA ASN E 426 -75.02 -80.49 49.90
C ASN E 426 -74.39 -79.71 51.05
N GLY E 427 -73.51 -78.75 50.76
CA GLY E 427 -72.92 -77.96 51.83
C GLY E 427 -73.93 -77.03 52.48
N SER E 428 -74.86 -76.49 51.70
CA SER E 428 -75.89 -75.63 52.26
C SER E 428 -76.94 -76.44 53.02
N ILE E 429 -77.14 -77.69 52.65
CA ILE E 429 -78.09 -78.55 53.37
C ILE E 429 -77.52 -78.96 54.72
N GLU E 430 -76.23 -79.29 54.77
CA GLU E 430 -75.61 -79.67 56.03
C GLU E 430 -75.57 -78.49 56.99
N ARG E 431 -75.35 -77.28 56.47
CA ARG E 431 -75.37 -76.10 57.33
C ARG E 431 -76.79 -75.75 57.77
N ALA E 432 -77.79 -76.13 56.97
CA ALA E 432 -79.18 -75.86 57.35
C ALA E 432 -79.67 -76.84 58.41
N ILE E 433 -79.34 -78.13 58.24
CA ILE E 433 -79.73 -79.12 59.24
C ILE E 433 -79.03 -78.87 60.57
N LYS E 434 -77.77 -78.44 60.51
CA LYS E 434 -77.04 -78.12 61.73
C LYS E 434 -77.68 -76.93 62.45
N PHE E 435 -78.16 -75.94 61.69
CA PHE E 435 -78.85 -74.81 62.29
C PHE E 435 -80.19 -75.22 62.87
N ARG E 436 -80.84 -76.23 62.28
CA ARG E 436 -82.11 -76.71 62.83
C ARG E 436 -81.91 -77.42 64.16
N LYS E 437 -80.80 -78.14 64.29
CA LYS E 437 -80.52 -78.85 65.55
C LYS E 437 -80.09 -77.90 66.65
N GLU E 438 -79.47 -76.77 66.29
CA GLU E 438 -79.06 -75.80 67.31
C GLU E 438 -80.24 -75.08 67.94
N ILE E 439 -81.39 -75.02 67.26
CA ILE E 439 -82.57 -74.38 67.83
C ILE E 439 -83.22 -75.29 68.86
N LYS E 440 -83.37 -76.57 68.55
CA LYS E 440 -83.95 -77.52 69.50
C LYS E 440 -83.04 -77.76 70.68
N ARG E 441 -81.72 -77.61 70.49
CA ARG E 441 -80.79 -77.79 71.60
C ARG E 441 -80.85 -76.62 72.58
N LEU E 442 -81.01 -75.40 72.06
CA LEU E 442 -81.09 -74.20 72.88
C LEU E 442 -82.52 -73.89 73.32
N ARG E 443 -83.46 -74.81 73.12
CA ARG E 443 -84.84 -74.61 73.51
C ARG E 443 -85.17 -75.28 74.85
N THR E 444 -84.79 -76.55 75.01
CA THR E 444 -85.04 -77.24 76.27
C THR E 444 -84.07 -76.81 77.36
N GLU E 445 -82.79 -76.65 77.01
CA GLU E 445 -81.79 -76.25 77.99
C GLU E 445 -81.97 -74.82 78.46
N SER E 446 -82.67 -73.98 77.70
CA SER E 446 -82.89 -72.61 78.10
C SER E 446 -83.92 -72.52 79.21
N ASP E 447 -83.99 -71.35 79.85
CA ASP E 447 -84.92 -71.10 80.94
C ASP E 447 -85.88 -70.00 80.49
N GLY E 448 -86.98 -70.42 79.84
CA GLY E 448 -88.00 -69.52 79.35
C GLY E 448 -88.38 -69.87 77.94
N TRP E 449 -88.98 -68.90 77.25
CA TRP E 449 -89.42 -69.10 75.88
C TRP E 449 -88.24 -69.08 74.92
N PHE E 450 -88.42 -69.72 73.78
CA PHE E 450 -87.38 -69.76 72.76
C PHE E 450 -88.04 -70.05 71.41
N PHE E 451 -87.34 -69.67 70.35
CA PHE E 451 -87.87 -69.84 69.00
C PHE E 451 -87.99 -71.32 68.64
N ASP E 452 -88.86 -71.60 67.68
CA ASP E 452 -89.11 -72.96 67.22
C ASP E 452 -89.02 -73.02 65.71
N VAL E 453 -88.59 -74.17 65.20
CA VAL E 453 -88.45 -74.41 63.76
C VAL E 453 -89.60 -75.29 63.30
N TRP E 454 -90.28 -74.87 62.23
CA TRP E 454 -91.38 -75.64 61.65
C TRP E 454 -90.81 -76.88 60.98
N GLN E 455 -90.56 -77.91 61.80
CA GLN E 455 -89.95 -79.13 61.33
C GLN E 455 -90.53 -80.29 62.12
N PRO E 456 -90.47 -81.51 61.59
CA PRO E 456 -90.96 -82.68 62.35
C PRO E 456 -90.12 -82.92 63.59
N ASP E 457 -90.62 -83.81 64.45
CA ASP E 457 -89.93 -84.12 65.69
C ASP E 457 -88.65 -84.93 65.46
N HIS E 458 -88.53 -85.59 64.32
CA HIS E 458 -87.36 -86.40 63.98
C HIS E 458 -86.69 -85.80 62.75
N ILE E 459 -85.54 -85.16 62.95
CA ILE E 459 -84.80 -84.54 61.86
C ILE E 459 -83.41 -85.17 61.77
N ASP E 460 -83.29 -86.41 62.25
CA ASP E 460 -82.00 -87.09 62.22
C ASP E 460 -81.57 -87.44 60.80
N THR E 461 -82.53 -87.74 59.92
CA THR E 461 -82.20 -88.10 58.55
C THR E 461 -81.80 -86.86 57.75
N THR E 462 -81.24 -87.11 56.57
CA THR E 462 -80.79 -86.05 55.67
C THR E 462 -81.53 -86.23 54.34
N GLU E 463 -82.76 -85.71 54.29
CA GLU E 463 -83.60 -85.80 53.11
C GLU E 463 -84.76 -84.82 53.29
N CYS E 464 -85.69 -84.84 52.34
CA CYS E 464 -86.88 -83.99 52.41
C CYS E 464 -87.91 -84.64 53.31
N TRP E 465 -88.32 -83.93 54.35
CA TRP E 465 -89.29 -84.46 55.30
C TRP E 465 -90.69 -84.46 54.67
N PRO E 466 -91.32 -85.62 54.50
CA PRO E 466 -92.66 -85.64 53.91
C PRO E 466 -93.73 -85.18 54.90
N LEU E 467 -94.76 -84.54 54.34
CA LEU E 467 -95.88 -84.06 55.15
C LEU E 467 -96.94 -85.16 55.19
N ARG E 468 -96.85 -85.99 56.24
CA ARG E 468 -97.79 -87.09 56.41
C ARG E 468 -99.11 -86.59 56.97
N SER E 469 -100.02 -87.53 57.23
CA SER E 469 -101.34 -87.20 57.77
C SER E 469 -101.45 -87.49 59.26
N ASP E 470 -100.46 -88.16 59.85
CA ASP E 470 -100.48 -88.48 61.28
C ASP E 470 -99.50 -87.62 62.06
N SER E 471 -99.32 -86.37 61.65
CA SER E 471 -98.40 -85.44 62.30
C SER E 471 -99.16 -84.20 62.74
N THR E 472 -98.56 -83.46 63.67
CA THR E 472 -99.15 -82.23 64.19
C THR E 472 -98.28 -80.99 63.98
N TRP E 473 -97.11 -81.15 63.34
CA TRP E 473 -96.24 -79.99 63.13
C TRP E 473 -96.67 -79.17 61.91
N HIS E 474 -97.21 -79.82 60.88
CA HIS E 474 -97.62 -79.11 59.68
C HIS E 474 -98.96 -78.41 59.88
N GLY E 475 -99.88 -79.04 60.61
CA GLY E 475 -101.15 -78.41 60.91
C GLY E 475 -102.09 -78.25 59.74
N PHE E 476 -101.93 -79.05 58.69
CA PHE E 476 -102.80 -78.98 57.53
C PHE E 476 -103.93 -80.00 57.68
N LYS E 477 -105.17 -79.52 57.60
CA LYS E 477 -106.33 -80.38 57.75
C LYS E 477 -106.53 -81.19 56.47
N ASN E 478 -106.47 -82.53 56.60
CA ASN E 478 -106.65 -83.44 55.48
C ASN E 478 -105.66 -83.15 54.35
N ILE E 479 -104.42 -83.60 54.51
CA ILE E 479 -103.38 -83.41 53.51
C ILE E 479 -103.09 -84.75 52.84
N ASP E 480 -102.75 -84.69 51.56
CA ASP E 480 -102.44 -85.90 50.81
C ASP E 480 -101.06 -86.42 51.16
N ASN E 481 -100.95 -87.73 51.35
CA ASN E 481 -99.68 -88.35 51.69
C ASN E 481 -98.82 -88.52 50.44
N GLU E 482 -97.51 -88.41 50.65
CA GLU E 482 -96.52 -88.53 49.57
C GLU E 482 -96.80 -87.54 48.45
N HIS E 483 -97.12 -86.31 48.83
CA HIS E 483 -97.42 -85.24 47.87
C HIS E 483 -96.74 -83.93 48.22
N MET E 484 -96.62 -83.61 49.50
CA MET E 484 -96.01 -82.37 49.96
C MET E 484 -94.73 -82.69 50.73
N TYR E 485 -93.63 -82.08 50.32
CA TYR E 485 -92.33 -82.28 50.95
C TYR E 485 -91.84 -80.98 51.57
N LEU E 486 -90.84 -81.10 52.43
CA LEU E 486 -90.26 -79.97 53.14
C LEU E 486 -88.88 -79.65 52.60
N ASP E 487 -88.59 -78.36 52.43
CA ASP E 487 -87.30 -77.91 51.95
C ASP E 487 -86.35 -77.73 53.13
N PRO E 488 -85.26 -78.50 53.22
CA PRO E 488 -84.37 -78.36 54.39
C PRO E 488 -83.71 -76.99 54.49
N ILE E 489 -83.32 -76.40 53.36
CA ILE E 489 -82.63 -75.11 53.42
C ILE E 489 -83.58 -73.96 53.74
N LYS E 490 -84.89 -74.17 53.57
CA LYS E 490 -85.88 -73.14 53.88
C LYS E 490 -86.33 -73.33 55.34
N VAL E 491 -85.54 -72.77 56.25
CA VAL E 491 -85.82 -72.86 57.67
C VAL E 491 -86.90 -71.84 58.02
N THR E 492 -88.03 -72.33 58.55
CA THR E 492 -89.15 -71.48 58.93
C THR E 492 -89.19 -71.37 60.45
N LEU E 493 -88.82 -70.21 60.97
CA LEU E 493 -88.81 -69.99 62.42
C LEU E 493 -90.20 -69.58 62.89
N LEU E 494 -90.72 -70.30 63.88
CA LEU E 494 -92.03 -70.04 64.45
C LEU E 494 -91.86 -69.36 65.81
N THR E 495 -92.40 -68.15 65.94
CA THR E 495 -92.30 -67.43 67.20
C THR E 495 -93.42 -67.86 68.15
N PRO E 496 -93.14 -67.97 69.45
CA PRO E 496 -94.19 -68.36 70.40
C PRO E 496 -95.31 -67.33 70.44
N GLY E 497 -96.53 -67.81 70.26
CA GLY E 497 -97.70 -66.94 70.28
C GLY E 497 -99.00 -67.67 70.05
N MET E 498 -98.93 -68.84 69.43
CA MET E 498 -100.11 -69.66 69.14
C MET E 498 -99.90 -71.05 69.69
N GLU E 499 -100.99 -71.81 69.75
CA GLU E 499 -100.96 -73.17 70.25
C GLU E 499 -100.86 -74.16 69.08
N LYS E 500 -100.92 -75.45 69.40
CA LYS E 500 -100.83 -76.49 68.39
C LYS E 500 -102.18 -76.81 67.73
N ASP E 501 -103.27 -76.26 68.25
CA ASP E 501 -104.60 -76.52 67.69
C ASP E 501 -105.10 -75.41 66.78
N GLY E 502 -104.38 -74.29 66.71
CA GLY E 502 -104.78 -73.18 65.87
C GLY E 502 -105.38 -72.00 66.59
N THR E 503 -105.37 -71.99 67.91
CA THR E 503 -105.93 -70.89 68.69
C THR E 503 -104.82 -69.90 69.03
N MET E 504 -105.04 -69.05 70.04
CA MET E 504 -104.08 -68.06 70.47
C MET E 504 -103.57 -68.40 71.87
N SER E 505 -102.80 -67.49 72.45
CA SER E 505 -102.25 -67.68 73.78
C SER E 505 -102.13 -66.34 74.47
N ASP E 506 -101.89 -66.38 75.78
CA ASP E 506 -101.76 -65.16 76.56
C ASP E 506 -100.41 -64.49 76.31
N PHE E 507 -99.33 -65.25 76.44
CA PHE E 507 -97.97 -64.74 76.22
C PHE E 507 -97.55 -65.04 74.79
N GLY E 508 -97.29 -64.00 74.02
CA GLY E 508 -96.88 -64.17 72.64
C GLY E 508 -96.19 -62.94 72.12
N ILE E 509 -95.25 -63.14 71.20
CA ILE E 509 -94.48 -62.07 70.59
C ILE E 509 -94.65 -62.17 69.08
N PRO E 510 -95.18 -61.15 68.41
CA PRO E 510 -95.34 -61.22 66.95
C PRO E 510 -94.00 -61.27 66.24
N ALA E 511 -94.03 -61.78 65.01
CA ALA E 511 -92.83 -61.87 64.21
C ALA E 511 -92.42 -60.55 63.58
N SER E 512 -93.31 -59.56 63.58
CA SER E 512 -92.98 -58.25 63.02
C SER E 512 -92.01 -57.49 63.91
N ILE E 513 -92.05 -57.74 65.22
CA ILE E 513 -91.12 -57.06 66.13
C ILE E 513 -89.72 -57.64 66.00
N VAL E 514 -89.63 -58.96 65.85
CA VAL E 514 -88.32 -59.59 65.70
C VAL E 514 -87.68 -59.21 64.36
N ALA E 515 -88.50 -59.02 63.33
CA ALA E 515 -87.95 -58.66 62.02
C ALA E 515 -87.29 -57.28 62.05
N LYS E 516 -87.78 -56.37 62.87
CA LYS E 516 -87.17 -55.05 62.97
C LYS E 516 -85.87 -55.09 63.76
N TYR E 517 -85.74 -56.00 64.72
CA TYR E 517 -84.51 -56.10 65.49
C TYR E 517 -83.39 -56.74 64.69
N LEU E 518 -83.72 -57.64 63.75
CA LEU E 518 -82.69 -58.26 62.94
C LEU E 518 -82.09 -57.27 61.94
N ASP E 519 -82.87 -56.30 61.48
CA ASP E 519 -82.37 -55.32 60.52
C ASP E 519 -81.36 -54.36 61.16
N GLU E 520 -81.37 -54.25 62.50
CA GLU E 520 -80.43 -53.35 63.16
C GLU E 520 -78.99 -53.84 63.03
N HIS E 521 -78.76 -55.11 63.34
CA HIS E 521 -77.42 -55.68 63.22
C HIS E 521 -77.01 -55.89 61.77
N GLY E 522 -77.97 -56.12 60.88
CA GLY E 522 -77.68 -56.32 59.47
C GLY E 522 -78.20 -57.63 58.93
N ILE E 523 -79.46 -57.95 59.23
CA ILE E 523 -80.11 -59.17 58.77
C ILE E 523 -81.43 -58.77 58.11
N VAL E 524 -81.58 -59.10 56.84
CA VAL E 524 -82.79 -58.79 56.09
C VAL E 524 -83.73 -59.99 56.15
N VAL E 525 -84.96 -59.75 56.61
CA VAL E 525 -85.95 -60.81 56.72
C VAL E 525 -86.67 -60.98 55.40
N GLU E 526 -86.75 -62.22 54.91
CA GLU E 526 -87.41 -62.47 53.64
C GLU E 526 -88.92 -62.39 53.77
N LYS E 527 -89.49 -63.11 54.72
CA LYS E 527 -90.93 -63.13 54.95
C LYS E 527 -91.22 -62.99 56.43
N THR E 528 -92.18 -62.12 56.77
CA THR E 528 -92.58 -61.91 58.14
C THR E 528 -94.02 -61.44 58.17
N GLY E 529 -94.64 -61.54 59.35
CA GLY E 529 -96.01 -61.12 59.52
C GLY E 529 -96.60 -61.58 60.84
N PRO E 530 -97.44 -62.62 60.80
CA PRO E 530 -98.07 -63.11 62.03
C PRO E 530 -97.07 -63.70 63.02
N TYR E 531 -96.78 -64.99 62.87
CA TYR E 531 -95.87 -65.69 63.77
C TYR E 531 -94.99 -66.65 62.99
N ASN E 532 -94.29 -66.13 61.98
CA ASN E 532 -93.42 -66.94 61.15
C ASN E 532 -92.29 -66.08 60.60
N LEU E 533 -91.16 -66.73 60.31
CA LEU E 533 -89.99 -66.07 59.75
C LEU E 533 -89.35 -66.99 58.75
N LEU E 534 -89.04 -66.46 57.56
CA LEU E 534 -88.45 -67.22 56.48
C LEU E 534 -87.09 -66.62 56.11
N PHE E 535 -86.11 -67.50 55.88
CA PHE E 535 -84.77 -67.10 55.49
C PHE E 535 -84.33 -67.91 54.28
N LEU E 536 -83.26 -67.45 53.64
CA LEU E 536 -82.73 -68.07 52.43
C LEU E 536 -81.34 -68.61 52.74
N PHE E 537 -81.18 -69.93 52.66
CA PHE E 537 -79.91 -70.60 52.88
C PHE E 537 -79.46 -71.22 51.57
N SER E 538 -78.95 -70.38 50.68
CA SER E 538 -78.50 -70.82 49.36
C SER E 538 -77.01 -71.19 49.44
N ILE E 539 -76.35 -71.30 48.28
CA ILE E 539 -74.94 -71.64 48.27
C ILE E 539 -74.06 -70.48 48.69
N GLY E 540 -74.57 -69.25 48.63
CA GLY E 540 -73.80 -68.09 49.05
C GLY E 540 -73.73 -67.89 50.55
N ILE E 541 -74.62 -68.55 51.30
CA ILE E 541 -74.63 -68.43 52.76
C ILE E 541 -73.59 -69.41 53.30
N ASP E 542 -72.44 -68.89 53.72
CA ASP E 542 -71.37 -69.72 54.24
C ASP E 542 -71.59 -69.98 55.73
N LYS E 543 -70.54 -70.46 56.41
CA LYS E 543 -70.65 -70.75 57.84
C LYS E 543 -70.65 -69.47 58.67
N THR E 544 -70.19 -68.35 58.11
CA THR E 544 -70.20 -67.09 58.86
C THR E 544 -71.60 -66.49 58.88
N LYS E 545 -72.28 -66.46 57.74
CA LYS E 545 -73.62 -65.89 57.68
C LYS E 545 -74.64 -66.77 58.39
N ALA E 546 -74.38 -68.07 58.46
CA ALA E 546 -75.32 -68.97 59.13
C ALA E 546 -75.26 -68.81 60.65
N LEU E 547 -74.06 -68.72 61.21
CA LEU E 547 -73.90 -68.55 62.64
C LEU E 547 -74.23 -67.15 63.12
N SER E 548 -74.29 -66.17 62.21
CA SER E 548 -74.64 -64.81 62.60
C SER E 548 -76.12 -64.66 62.92
N LEU E 549 -76.96 -65.60 62.50
CA LEU E 549 -78.39 -65.51 62.79
C LEU E 549 -78.71 -66.05 64.18
N LEU E 550 -77.99 -67.07 64.63
CA LEU E 550 -78.25 -67.65 65.95
C LEU E 550 -77.86 -66.68 67.06
N ARG E 551 -76.77 -65.92 66.86
CA ARG E 551 -76.35 -64.97 67.87
C ARG E 551 -77.35 -63.82 68.00
N ALA E 552 -77.98 -63.43 66.90
CA ALA E 552 -78.97 -62.37 66.95
C ALA E 552 -80.27 -62.83 67.61
N LEU E 553 -80.56 -64.12 67.55
CA LEU E 553 -81.77 -64.64 68.19
C LEU E 553 -81.59 -64.75 69.70
N THR E 554 -80.37 -65.07 70.16
CA THR E 554 -80.12 -65.16 71.58
C THR E 554 -80.08 -63.79 72.23
N ASP E 555 -79.68 -62.75 71.48
CA ASP E 555 -79.66 -61.41 72.03
C ASP E 555 -81.05 -60.82 72.20
N PHE E 556 -82.03 -61.30 71.42
CA PHE E 556 -83.40 -60.81 71.58
C PHE E 556 -84.03 -61.32 72.86
N LYS E 557 -83.67 -62.53 73.30
CA LYS E 557 -84.21 -63.06 74.54
C LYS E 557 -83.61 -62.34 75.74
N ARG E 558 -82.33 -61.96 75.67
CA ARG E 558 -81.70 -61.25 76.76
C ARG E 558 -82.27 -59.85 76.93
N ALA E 559 -82.51 -59.15 75.82
CA ALA E 559 -83.06 -57.81 75.88
C ALA E 559 -84.53 -57.80 76.28
N PHE E 560 -85.25 -58.90 76.05
CA PHE E 560 -86.66 -58.98 76.41
C PHE E 560 -86.88 -59.44 77.85
N ASP E 561 -86.03 -60.34 78.35
CA ASP E 561 -86.19 -60.81 79.73
C ASP E 561 -85.79 -59.75 80.73
N LEU E 562 -84.78 -58.93 80.40
CA LEU E 562 -84.34 -57.87 81.29
C LEU E 562 -85.20 -56.62 81.22
N ASN E 563 -86.17 -56.60 80.29
CA ASN E 563 -87.08 -55.46 80.13
C ASN E 563 -86.31 -54.17 79.86
N LEU E 564 -85.82 -54.00 78.64
CA LEU E 564 -85.08 -52.80 78.25
C LEU E 564 -86.02 -51.81 77.56
N ARG E 565 -85.43 -50.68 77.17
CA ARG E 565 -86.17 -49.61 76.52
C ARG E 565 -86.08 -49.74 75.00
N VAL E 566 -87.02 -49.08 74.32
CA VAL E 566 -87.02 -49.11 72.85
C VAL E 566 -85.89 -48.26 72.29
N LYS E 567 -85.60 -47.13 72.94
CA LYS E 567 -84.52 -46.27 72.46
C LYS E 567 -83.17 -46.95 72.60
N ASN E 568 -82.98 -47.74 73.66
CA ASN E 568 -81.75 -48.48 73.89
C ASN E 568 -81.78 -49.88 73.29
N MET E 569 -82.46 -50.06 72.16
CA MET E 569 -82.55 -51.37 71.52
C MET E 569 -82.87 -51.21 70.03
N LEU E 570 -83.85 -50.36 69.72
CA LEU E 570 -84.27 -50.10 68.35
C LEU E 570 -84.08 -48.62 68.04
N PRO E 571 -82.88 -48.22 67.62
CA PRO E 571 -82.67 -46.79 67.31
C PRO E 571 -83.38 -46.34 66.04
N SER E 572 -83.66 -47.26 65.11
CA SER E 572 -84.34 -46.87 63.88
C SER E 572 -85.82 -46.62 64.13
N LEU E 573 -86.44 -47.42 65.01
CA LEU E 573 -87.86 -47.22 65.32
C LEU E 573 -88.07 -45.98 66.17
N TYR E 574 -87.08 -45.61 66.99
CA TYR E 574 -87.21 -44.43 67.83
C TYR E 574 -87.19 -43.14 67.01
N ARG E 575 -86.46 -43.14 65.89
CA ARG E 575 -86.39 -41.94 65.06
C ARG E 575 -87.67 -41.68 64.29
N GLU E 576 -88.56 -42.68 64.18
CA GLU E 576 -89.82 -42.47 63.47
C GLU E 576 -90.77 -41.60 64.29
N ASP E 577 -90.82 -41.80 65.60
CA ASP E 577 -91.68 -41.02 66.49
C ASP E 577 -91.06 -41.00 67.87
N PRO E 578 -90.13 -40.08 68.12
CA PRO E 578 -89.51 -40.02 69.46
C PRO E 578 -90.46 -39.63 70.57
N GLU E 579 -91.57 -38.95 70.25
CA GLU E 579 -92.49 -38.53 71.29
C GLU E 579 -93.34 -39.69 71.80
N PHE E 580 -93.88 -40.50 70.89
CA PHE E 580 -94.72 -41.62 71.31
C PHE E 580 -93.90 -42.76 71.90
N TYR E 581 -92.75 -43.07 71.31
CA TYR E 581 -91.88 -44.14 71.79
C TYR E 581 -90.85 -43.61 72.78
N GLU E 582 -91.31 -42.87 73.79
CA GLU E 582 -90.43 -42.29 74.80
C GLU E 582 -90.33 -43.20 76.01
N ASN E 583 -91.42 -43.29 76.79
CA ASN E 583 -91.46 -44.10 77.99
C ASN E 583 -91.94 -45.52 77.73
N MET E 584 -91.83 -46.01 76.49
CA MET E 584 -92.26 -47.36 76.15
C MET E 584 -91.08 -48.31 76.18
N ARG E 585 -91.29 -49.48 76.77
CA ARG E 585 -90.27 -50.52 76.89
C ARG E 585 -90.53 -51.62 75.88
N ILE E 586 -89.63 -52.61 75.87
CA ILE E 586 -89.76 -53.72 74.92
C ILE E 586 -90.86 -54.69 75.34
N GLN E 587 -91.20 -54.76 76.63
CA GLN E 587 -92.25 -55.66 77.07
C GLN E 587 -93.64 -55.04 76.92
N GLU E 588 -93.73 -53.70 76.95
CA GLU E 588 -95.02 -53.05 76.80
C GLU E 588 -95.51 -53.11 75.36
N LEU E 589 -94.60 -52.95 74.40
CA LEU E 589 -94.98 -52.99 72.99
C LEU E 589 -95.27 -54.41 72.52
N ALA E 590 -94.56 -55.41 73.06
CA ALA E 590 -94.79 -56.78 72.63
C ALA E 590 -96.12 -57.33 73.13
N GLN E 591 -96.62 -56.82 74.25
CA GLN E 591 -97.88 -57.29 74.80
C GLN E 591 -99.09 -56.55 74.24
N ASN E 592 -98.93 -55.27 73.89
CA ASN E 592 -100.06 -54.50 73.35
C ASN E 592 -100.42 -54.97 71.94
N ILE E 593 -99.43 -55.36 71.15
CA ILE E 593 -99.70 -55.83 69.80
C ILE E 593 -100.32 -57.22 69.83
N HIS E 594 -99.90 -58.06 70.79
CA HIS E 594 -100.44 -59.40 70.89
C HIS E 594 -101.92 -59.39 71.28
N LYS E 595 -102.34 -58.41 72.07
CA LYS E 595 -103.75 -58.33 72.45
C LYS E 595 -104.61 -57.85 71.28
N LEU E 596 -104.04 -57.08 70.35
CA LEU E 596 -104.80 -56.64 69.19
C LEU E 596 -105.07 -57.78 68.22
N ILE E 597 -104.18 -58.76 68.15
CA ILE E 597 -104.39 -59.90 67.26
C ILE E 597 -105.52 -60.78 67.80
N VAL E 598 -105.58 -60.97 69.11
CA VAL E 598 -106.63 -61.80 69.69
C VAL E 598 -107.97 -61.08 69.63
N HIS E 599 -107.97 -59.75 69.84
CA HIS E 599 -109.21 -59.00 69.81
C HIS E 599 -109.80 -58.96 68.41
N HIS E 600 -109.00 -58.59 67.42
CA HIS E 600 -109.47 -58.54 66.04
C HIS E 600 -109.60 -59.92 65.41
N ASN E 601 -109.03 -60.96 66.04
CA ASN E 601 -109.10 -62.33 65.55
C ASN E 601 -108.52 -62.43 64.15
N LEU E 602 -107.19 -62.55 64.05
CA LEU E 602 -106.50 -62.59 62.77
C LEU E 602 -106.49 -63.98 62.16
N PRO E 603 -106.14 -65.05 62.89
CA PRO E 603 -106.08 -66.38 62.25
C PRO E 603 -107.40 -66.85 61.70
N ASP E 604 -108.53 -66.45 62.30
CA ASP E 604 -109.82 -66.91 61.81
C ASP E 604 -110.27 -66.14 60.57
N LEU E 605 -110.04 -64.82 60.55
CA LEU E 605 -110.43 -64.02 59.40
C LEU E 605 -109.54 -64.28 58.19
N MET E 606 -108.25 -64.57 58.42
CA MET E 606 -107.33 -64.82 57.32
C MET E 606 -107.56 -66.19 56.68
N TYR E 607 -107.91 -67.20 57.49
CA TYR E 607 -108.11 -68.54 56.95
C TYR E 607 -109.40 -68.64 56.14
N ARG E 608 -110.41 -67.83 56.48
CA ARG E 608 -111.69 -67.86 55.80
C ARG E 608 -111.76 -66.90 54.61
N ALA E 609 -110.82 -65.96 54.51
CA ALA E 609 -110.80 -65.02 53.39
C ALA E 609 -110.01 -65.52 52.19
N PHE E 610 -109.32 -66.65 52.32
CA PHE E 610 -108.53 -67.20 51.22
C PHE E 610 -109.14 -68.43 50.59
N GLU E 611 -109.95 -69.19 51.34
CA GLU E 611 -110.57 -70.39 50.80
C GLU E 611 -111.73 -70.04 49.87
N VAL E 612 -112.60 -69.14 50.30
CA VAL E 612 -113.74 -68.72 49.49
C VAL E 612 -113.25 -67.77 48.40
N LEU E 613 -113.31 -68.23 47.15
CA LEU E 613 -112.85 -67.39 46.05
C LEU E 613 -113.97 -66.46 45.59
N PRO E 614 -113.65 -65.19 45.34
CA PRO E 614 -114.67 -64.25 44.86
C PRO E 614 -115.20 -64.64 43.49
N THR E 615 -116.40 -64.15 43.19
CA THR E 615 -117.05 -64.44 41.92
C THR E 615 -116.36 -63.68 40.80
N MET E 616 -115.80 -64.42 39.84
CA MET E 616 -115.12 -63.82 38.70
C MET E 616 -116.14 -63.55 37.60
N VAL E 617 -116.41 -62.27 37.35
CA VAL E 617 -117.40 -61.91 36.32
C VAL E 617 -116.81 -62.05 34.93
N MET E 618 -115.78 -61.26 34.63
CA MET E 618 -115.13 -61.27 33.32
C MET E 618 -113.69 -61.74 33.46
N THR E 619 -113.04 -61.91 32.32
CA THR E 619 -111.66 -62.35 32.30
C THR E 619 -110.74 -61.21 32.75
N PRO E 620 -109.58 -61.53 33.33
CA PRO E 620 -108.65 -60.47 33.74
C PRO E 620 -108.14 -59.63 32.59
N TYR E 621 -108.19 -60.13 31.35
CA TYR E 621 -107.75 -59.33 30.21
C TYR E 621 -108.73 -58.19 29.92
N ALA E 622 -110.02 -58.42 30.13
CA ALA E 622 -111.01 -57.39 29.88
C ALA E 622 -111.01 -56.31 30.95
N ALA E 623 -110.48 -56.61 32.14
CA ALA E 623 -110.43 -55.61 33.20
C ALA E 623 -109.40 -54.52 32.91
N PHE E 624 -108.29 -54.88 32.27
CA PHE E 624 -107.27 -53.89 31.94
C PHE E 624 -107.66 -53.06 30.73
N GLN E 625 -108.48 -53.60 29.84
CA GLN E 625 -108.89 -52.85 28.65
C GLN E 625 -109.83 -51.71 29.01
N LYS E 626 -110.70 -51.90 30.01
CA LYS E 626 -111.60 -50.84 30.42
C LYS E 626 -110.89 -49.73 31.18
N GLU E 627 -109.71 -50.01 31.74
CA GLU E 627 -108.97 -48.97 32.45
C GLU E 627 -108.32 -47.98 31.50
N LEU E 628 -107.91 -48.45 30.31
CA LEU E 628 -107.26 -47.55 29.35
C LEU E 628 -108.25 -46.56 28.75
N HIS E 629 -109.55 -46.91 28.72
CA HIS E 629 -110.54 -46.00 28.17
C HIS E 629 -110.82 -44.83 29.12
N GLY E 630 -110.63 -45.03 30.42
CA GLY E 630 -110.86 -43.99 31.39
C GLY E 630 -112.13 -44.15 32.22
N MET E 631 -112.69 -45.34 32.29
CA MET E 631 -113.90 -45.60 33.06
C MET E 631 -113.58 -46.16 34.44
N THR E 632 -112.66 -45.52 35.15
CA THR E 632 -112.25 -45.94 36.49
C THR E 632 -112.56 -44.84 37.49
N GLU E 633 -112.84 -45.26 38.73
CA GLU E 633 -113.14 -44.33 39.81
C GLU E 633 -112.56 -44.87 41.10
N GLU E 634 -112.36 -43.96 42.06
CA GLU E 634 -111.79 -44.29 43.36
C GLU E 634 -112.90 -44.21 44.40
N VAL E 635 -113.28 -45.36 44.96
CA VAL E 635 -114.32 -45.43 45.97
C VAL E 635 -113.68 -45.84 47.31
N TYR E 636 -114.48 -45.76 48.36
CA TYR E 636 -114.01 -46.12 49.69
C TYR E 636 -113.96 -47.64 49.86
N LEU E 637 -113.30 -48.08 50.93
CA LEU E 637 -113.18 -49.50 51.19
C LEU E 637 -114.49 -50.09 51.71
N ASP E 638 -115.25 -49.31 52.49
CA ASP E 638 -116.52 -49.78 53.02
C ASP E 638 -117.66 -49.73 52.02
N GLU E 639 -117.44 -49.16 50.84
CA GLU E 639 -118.47 -49.02 49.81
C GLU E 639 -117.93 -49.64 48.52
N MET E 640 -118.00 -50.98 48.44
CA MET E 640 -117.51 -51.66 47.25
C MET E 640 -118.14 -53.04 47.04
N VAL E 641 -119.21 -53.39 47.76
CA VAL E 641 -119.84 -54.69 47.59
C VAL E 641 -120.62 -54.70 46.28
N GLY E 642 -120.27 -55.63 45.39
CA GLY E 642 -120.93 -55.73 44.11
C GLY E 642 -120.27 -54.99 42.97
N ARG E 643 -119.02 -54.57 43.15
CA ARG E 643 -118.28 -53.83 42.13
C ARG E 643 -117.14 -54.69 41.60
N ILE E 644 -116.58 -54.25 40.47
CA ILE E 644 -115.46 -54.93 39.81
C ILE E 644 -114.21 -54.11 40.05
N ASN E 645 -113.22 -54.72 40.69
CA ASN E 645 -111.96 -54.04 40.96
C ASN E 645 -111.12 -53.92 39.70
N ALA E 646 -110.11 -53.06 39.76
CA ALA E 646 -109.20 -52.82 38.64
C ALA E 646 -107.80 -53.36 38.86
N ASN E 647 -107.30 -53.34 40.09
CA ASN E 647 -105.97 -53.83 40.41
C ASN E 647 -106.07 -55.07 41.28
N MET E 648 -104.91 -55.66 41.57
CA MET E 648 -104.83 -56.87 42.38
C MET E 648 -104.50 -56.51 43.82
N ILE E 649 -105.25 -57.09 44.76
CA ILE E 649 -105.04 -56.85 46.18
C ILE E 649 -103.96 -57.80 46.68
N LEU E 650 -102.89 -57.25 47.23
CA LEU E 650 -101.76 -58.02 47.74
C LEU E 650 -101.45 -57.54 49.16
N PRO E 651 -102.19 -58.03 50.16
CA PRO E 651 -101.97 -57.55 51.53
C PRO E 651 -100.75 -58.20 52.16
N TYR E 652 -100.04 -57.39 52.95
CA TYR E 652 -98.88 -57.84 53.71
C TYR E 652 -99.16 -57.67 55.20
N PRO E 653 -99.23 -58.73 56.00
CA PRO E 653 -99.11 -60.14 55.60
C PRO E 653 -100.41 -60.70 55.03
N PRO E 654 -100.36 -61.84 54.33
CA PRO E 654 -99.16 -62.63 53.99
C PRO E 654 -98.41 -62.10 52.76
N GLY E 655 -98.62 -62.74 51.62
CA GLY E 655 -97.98 -62.33 50.38
C GLY E 655 -98.63 -62.93 49.16
N VAL E 656 -99.86 -63.40 49.31
CA VAL E 656 -100.60 -64.02 48.22
C VAL E 656 -101.70 -63.08 47.76
N PRO E 657 -102.12 -63.13 46.50
CA PRO E 657 -103.21 -62.26 46.05
C PRO E 657 -104.52 -62.58 46.74
N LEU E 658 -105.38 -61.57 46.82
CA LEU E 658 -106.69 -61.71 47.45
C LEU E 658 -107.82 -61.65 46.42
N VAL E 659 -107.96 -60.54 45.71
CA VAL E 659 -108.98 -60.36 44.69
C VAL E 659 -108.29 -60.08 43.36
N MET E 660 -108.56 -60.92 42.37
CA MET E 660 -107.95 -60.74 41.05
C MET E 660 -108.62 -59.60 40.30
N PRO E 661 -107.85 -58.87 39.48
CA PRO E 661 -108.43 -57.77 38.70
C PRO E 661 -109.52 -58.24 37.74
N GLY E 662 -110.78 -58.04 38.11
CA GLY E 662 -111.89 -58.44 37.28
C GLY E 662 -112.94 -59.25 38.02
N GLU E 663 -112.72 -59.44 39.32
CA GLU E 663 -113.64 -60.20 40.15
C GLU E 663 -114.62 -59.26 40.85
N MET E 664 -115.63 -59.85 41.49
CA MET E 664 -116.67 -59.11 42.18
C MET E 664 -116.88 -59.72 43.56
N ILE E 665 -117.01 -58.86 44.57
CA ILE E 665 -117.26 -59.29 45.94
C ILE E 665 -118.76 -59.25 46.19
N THR E 666 -119.38 -60.42 46.28
CA THR E 666 -120.81 -60.55 46.49
C THR E 666 -121.07 -61.06 47.91
N GLU E 667 -122.20 -61.72 48.13
CA GLU E 667 -122.55 -62.23 49.44
C GLU E 667 -121.77 -63.49 49.81
N GLU E 668 -121.23 -64.21 48.81
CA GLU E 668 -120.48 -65.43 49.11
C GLU E 668 -119.12 -65.11 49.69
N SER E 669 -118.44 -64.09 49.15
CA SER E 669 -117.12 -63.70 49.63
C SER E 669 -117.20 -62.61 50.69
N ARG E 670 -117.96 -62.88 51.75
CA ARG E 670 -118.09 -61.90 52.84
C ARG E 670 -116.82 -61.83 53.70
N PRO E 671 -116.23 -62.95 54.15
CA PRO E 671 -114.99 -62.83 54.93
C PRO E 671 -113.83 -62.25 54.15
N VAL E 672 -113.91 -62.21 52.82
CA VAL E 672 -112.82 -61.64 52.03
C VAL E 672 -112.71 -60.14 52.27
N LEU E 673 -113.85 -59.44 52.29
CA LEU E 673 -113.83 -58.01 52.55
C LEU E 673 -113.50 -57.71 54.02
N GLU E 674 -113.85 -58.63 54.92
CA GLU E 674 -113.57 -58.39 56.34
C GLU E 674 -112.08 -58.44 56.64
N PHE E 675 -111.29 -59.11 55.78
CA PHE E 675 -109.85 -59.16 55.99
C PHE E 675 -109.18 -57.83 55.71
N LEU E 676 -109.74 -57.04 54.78
CA LEU E 676 -109.15 -55.75 54.46
C LEU E 676 -109.48 -54.71 55.53
N GLN E 677 -110.71 -54.75 56.07
CA GLN E 677 -111.10 -53.79 57.09
C GLN E 677 -110.43 -54.07 58.44
N MET E 678 -110.00 -55.31 58.67
CA MET E 678 -109.34 -55.64 59.93
C MET E 678 -107.92 -55.11 59.99
N LEU E 679 -107.21 -55.13 58.85
CA LEU E 679 -105.84 -54.63 58.84
C LEU E 679 -105.79 -53.12 58.92
N CYS E 680 -106.88 -52.43 58.55
CA CYS E 680 -106.89 -50.98 58.63
C CYS E 680 -107.03 -50.49 60.06
N GLU E 681 -107.57 -51.32 60.95
CA GLU E 681 -107.73 -50.95 62.35
C GLU E 681 -106.52 -51.34 63.19
N ILE E 682 -105.93 -52.51 62.92
CA ILE E 682 -104.78 -52.95 63.69
C ILE E 682 -103.50 -52.21 63.28
N GLY E 683 -103.46 -51.67 62.06
CA GLY E 683 -102.29 -50.96 61.59
C GLY E 683 -102.50 -49.46 61.50
N ALA E 684 -102.96 -48.86 62.60
CA ALA E 684 -103.19 -47.42 62.62
C ALA E 684 -103.02 -46.79 63.99
N HIS E 685 -102.70 -47.56 65.03
CA HIS E 685 -102.54 -47.02 66.38
C HIS E 685 -101.08 -46.79 66.75
N TYR E 686 -100.19 -47.72 66.39
CA TYR E 686 -98.77 -47.61 66.72
C TYR E 686 -97.97 -47.31 65.47
N PRO E 687 -97.12 -46.28 65.50
CA PRO E 687 -96.29 -45.97 64.33
C PRO E 687 -95.31 -47.10 64.03
N GLY E 688 -94.95 -47.20 62.74
CA GLY E 688 -94.04 -48.22 62.27
C GLY E 688 -94.71 -49.51 61.83
N PHE E 689 -95.89 -49.80 62.36
CA PHE E 689 -96.61 -51.01 61.98
C PHE E 689 -97.84 -50.67 61.15
N GLU E 690 -97.65 -49.85 60.12
CA GLU E 690 -98.77 -49.44 59.27
C GLU E 690 -99.20 -50.58 58.36
N THR E 691 -100.40 -50.45 57.81
CA THR E 691 -100.96 -51.45 56.92
C THR E 691 -100.32 -51.33 55.54
N ASP E 692 -99.81 -52.45 55.04
CA ASP E 692 -99.14 -52.50 53.74
C ASP E 692 -99.96 -53.39 52.81
N ILE E 693 -100.78 -52.79 51.96
CA ILE E 693 -101.58 -53.50 50.98
C ILE E 693 -101.34 -52.86 49.61
N HIS E 694 -100.81 -53.64 48.68
CA HIS E 694 -100.54 -53.14 47.33
C HIS E 694 -101.86 -52.99 46.59
N GLY E 695 -102.36 -51.76 46.52
CA GLY E 695 -103.61 -51.49 45.85
C GLY E 695 -104.48 -50.49 46.58
N ALA E 696 -104.28 -50.38 47.90
CA ALA E 696 -105.04 -49.47 48.73
C ALA E 696 -104.24 -48.18 48.92
N TYR E 697 -104.84 -47.06 48.51
CA TYR E 697 -104.19 -45.76 48.61
C TYR E 697 -104.59 -45.08 49.92
N ARG E 698 -103.61 -44.52 50.62
CA ARG E 698 -103.86 -43.86 51.89
C ARG E 698 -104.26 -42.41 51.66
N GLN E 699 -105.37 -41.99 52.28
CA GLN E 699 -105.85 -40.62 52.16
C GLN E 699 -105.36 -39.76 53.31
N ALA E 700 -106.16 -38.79 53.73
CA ALA E 700 -105.81 -37.90 54.82
C ALA E 700 -106.64 -38.15 56.08
N ASP E 701 -107.53 -39.15 56.08
CA ASP E 701 -108.36 -39.46 57.22
C ASP E 701 -108.10 -40.82 57.83
N GLY E 702 -107.50 -41.75 57.07
CA GLY E 702 -107.19 -43.10 57.55
C GLY E 702 -107.86 -44.19 56.74
N ARG E 703 -108.98 -43.88 56.10
CA ARG E 703 -109.70 -44.87 55.30
C ARG E 703 -109.03 -45.04 53.96
N TYR E 704 -108.70 -46.28 53.62
CA TYR E 704 -108.04 -46.58 52.34
C TYR E 704 -109.07 -46.63 51.22
N THR E 705 -108.65 -46.18 50.04
CA THR E 705 -109.50 -46.16 48.86
C THR E 705 -108.90 -47.03 47.78
N VAL E 706 -109.76 -47.73 47.04
CA VAL E 706 -109.35 -48.61 45.96
C VAL E 706 -109.91 -48.07 44.66
N LYS E 707 -109.33 -48.55 43.55
CA LYS E 707 -109.73 -48.14 42.21
C LYS E 707 -110.59 -49.24 41.59
N VAL E 708 -111.84 -48.91 41.29
CA VAL E 708 -112.77 -49.85 40.68
C VAL E 708 -113.17 -49.37 39.31
N LEU E 709 -114.08 -50.09 38.65
CA LEU E 709 -114.56 -49.74 37.33
C LEU E 709 -115.94 -49.10 37.43
N LYS E 710 -116.23 -48.21 36.48
CA LYS E 710 -117.52 -47.53 36.46
C LYS E 710 -118.61 -48.45 35.97
N GLU E 711 -119.84 -48.17 36.39
CA GLU E 711 -120.99 -48.97 35.99
C GLU E 711 -121.61 -48.45 34.70
N MET F 1 -2.93 -51.80 33.31
CA MET F 1 -3.31 -51.64 31.91
C MET F 1 -4.80 -51.90 31.72
N ASN F 2 -5.62 -50.87 31.96
CA ASN F 2 -7.06 -50.99 31.84
C ASN F 2 -7.72 -49.63 31.69
N VAL F 3 -7.13 -48.75 30.88
CA VAL F 3 -7.64 -47.40 30.67
C VAL F 3 -8.18 -47.33 29.24
N ILE F 4 -9.45 -46.96 29.11
CA ILE F 4 -10.12 -46.82 27.82
C ILE F 4 -10.53 -45.37 27.66
N ALA F 5 -10.13 -44.77 26.54
CA ALA F 5 -10.41 -43.36 26.26
C ALA F 5 -11.50 -43.24 25.20
N ILE F 6 -12.44 -42.34 25.44
CA ILE F 6 -13.54 -42.07 24.51
C ILE F 6 -13.50 -40.57 24.22
N LEU F 7 -12.94 -40.22 23.06
CA LEU F 7 -12.71 -38.83 22.70
C LEU F 7 -13.89 -38.27 21.90
N ASN F 8 -14.14 -36.97 22.10
CA ASN F 8 -15.10 -36.18 21.33
C ASN F 8 -16.54 -36.61 21.59
N HIS F 9 -17.48 -35.74 21.20
CA HIS F 9 -18.92 -36.00 21.33
C HIS F 9 -19.60 -35.48 20.07
N MET F 10 -20.22 -36.37 19.30
CA MET F 10 -20.85 -35.97 18.05
C MET F 10 -22.15 -35.20 18.26
N GLY F 11 -22.69 -35.20 19.49
CA GLY F 11 -23.91 -34.50 19.80
C GLY F 11 -25.18 -35.24 19.44
N VAL F 12 -25.10 -36.22 18.54
CA VAL F 12 -26.25 -37.00 18.14
C VAL F 12 -26.54 -38.06 19.21
N TYR F 13 -27.58 -38.86 18.99
CA TYR F 13 -27.97 -39.89 19.94
C TYR F 13 -27.65 -41.31 19.47
N PHE F 14 -27.63 -41.54 18.16
CA PHE F 14 -27.31 -42.88 17.66
C PHE F 14 -25.84 -43.22 17.78
N LYS F 15 -24.99 -42.26 18.15
CA LYS F 15 -23.58 -42.52 18.39
C LYS F 15 -23.20 -42.48 19.86
N GLU F 16 -23.91 -41.72 20.69
CA GLU F 16 -23.62 -41.65 22.10
C GLU F 16 -24.29 -42.76 22.91
N GLU F 17 -25.38 -43.32 22.41
CA GLU F 17 -26.06 -44.42 23.09
C GLU F 17 -25.22 -45.69 23.10
N PRO F 18 -24.57 -46.08 22.00
CA PRO F 18 -23.63 -47.21 22.09
C PRO F 18 -22.47 -46.95 23.02
N ILE F 19 -22.10 -45.69 23.23
CA ILE F 19 -21.04 -45.37 24.18
C ILE F 19 -21.52 -45.60 25.60
N ARG F 20 -22.77 -45.22 25.90
CA ARG F 20 -23.31 -45.44 27.23
C ARG F 20 -23.52 -46.91 27.52
N GLU F 21 -23.92 -47.70 26.52
CA GLU F 21 -24.07 -49.13 26.72
C GLU F 21 -22.73 -49.82 26.91
N LEU F 22 -21.70 -49.36 26.19
CA LEU F 22 -20.37 -49.90 26.36
C LEU F 22 -19.73 -49.46 27.67
N HIS F 23 -20.18 -48.33 28.24
CA HIS F 23 -19.63 -47.87 29.50
C HIS F 23 -19.95 -48.83 30.64
N ARG F 24 -21.14 -49.44 30.60
CA ARG F 24 -21.54 -50.40 31.63
C ARG F 24 -21.01 -51.80 31.37
N ALA F 25 -20.51 -52.07 30.16
CA ALA F 25 -19.99 -53.40 29.84
C ALA F 25 -18.50 -53.52 30.10
N LEU F 26 -17.73 -52.45 29.88
CA LEU F 26 -16.29 -52.50 30.10
C LEU F 26 -15.93 -52.50 31.58
N GLU F 27 -16.81 -51.96 32.43
CA GLU F 27 -16.54 -51.95 33.87
C GLU F 27 -16.70 -53.32 34.50
N ARG F 28 -17.38 -54.25 33.84
CA ARG F 28 -17.55 -55.60 34.39
C ARG F 28 -16.28 -56.42 34.27
N LEU F 29 -15.33 -56.02 33.41
CA LEU F 29 -14.08 -56.72 33.23
C LEU F 29 -12.89 -55.91 33.73
N ASN F 30 -13.13 -55.03 34.71
CA ASN F 30 -12.10 -54.19 35.31
C ASN F 30 -11.41 -53.31 34.27
N PHE F 31 -12.05 -52.20 33.91
CA PHE F 31 -11.47 -51.24 32.98
C PHE F 31 -11.87 -49.84 33.39
N GLN F 32 -10.90 -48.92 33.37
CA GLN F 32 -11.15 -47.53 33.72
C GLN F 32 -11.56 -46.75 32.48
N ILE F 33 -12.62 -45.96 32.60
CA ILE F 33 -13.17 -45.19 31.50
C ILE F 33 -12.85 -43.71 31.75
N VAL F 34 -12.25 -43.06 30.77
CA VAL F 34 -11.92 -41.64 30.85
C VAL F 34 -12.56 -40.92 29.67
N TYR F 35 -12.95 -39.66 29.90
CA TYR F 35 -13.61 -38.83 28.90
C TYR F 35 -12.75 -37.60 28.62
N PRO F 36 -11.83 -37.68 27.66
CA PRO F 36 -11.02 -36.50 27.32
C PRO F 36 -11.85 -35.44 26.61
N ASN F 37 -11.27 -34.24 26.52
CA ASN F 37 -11.96 -33.11 25.93
C ASN F 37 -11.63 -32.95 24.45
N ASP F 38 -10.70 -32.06 24.13
CA ASP F 38 -10.34 -31.73 22.76
C ASP F 38 -9.21 -32.65 22.30
N ARG F 39 -8.54 -32.27 21.20
CA ARG F 39 -7.46 -33.10 20.65
C ARG F 39 -6.23 -33.06 21.56
N ASP F 40 -5.97 -31.90 22.17
CA ASP F 40 -4.82 -31.78 23.07
C ASP F 40 -5.02 -32.55 24.37
N ASP F 41 -6.26 -32.92 24.69
CA ASP F 41 -6.52 -33.67 25.92
C ASP F 41 -6.10 -35.12 25.78
N LEU F 42 -6.36 -35.74 24.62
CA LEU F 42 -5.97 -37.13 24.41
C LEU F 42 -4.45 -37.29 24.34
N LEU F 43 -3.75 -36.27 23.84
CA LEU F 43 -2.30 -36.35 23.73
C LEU F 43 -1.63 -36.38 25.10
N LYS F 44 -2.26 -35.78 26.10
CA LYS F 44 -1.72 -35.79 27.46
C LYS F 44 -2.02 -37.07 28.21
N LEU F 45 -2.93 -37.90 27.71
CA LEU F 45 -3.28 -39.16 28.36
C LEU F 45 -2.43 -40.33 27.86
N ILE F 46 -1.39 -40.07 27.09
CA ILE F 46 -0.50 -41.10 26.56
C ILE F 46 0.92 -40.93 27.08
N GLU F 47 1.44 -39.69 27.01
CA GLU F 47 2.80 -39.44 27.50
C GLU F 47 2.86 -39.53 29.02
N ASN F 48 1.86 -38.99 29.70
CA ASN F 48 1.83 -39.02 31.16
C ASN F 48 1.20 -40.30 31.70
N ASN F 49 0.28 -40.91 30.96
CA ASN F 49 -0.39 -42.13 31.38
C ASN F 49 0.03 -43.25 30.44
N ALA F 50 0.85 -44.18 30.94
CA ALA F 50 1.34 -45.29 30.15
C ALA F 50 0.46 -46.53 30.24
N ARG F 51 -0.51 -46.56 31.16
CA ARG F 51 -1.41 -47.69 31.33
C ARG F 51 -2.65 -47.61 30.45
N LEU F 52 -2.55 -46.96 29.30
CA LEU F 52 -3.67 -46.82 28.39
C LEU F 52 -3.51 -47.76 27.20
N CYS F 53 -4.61 -48.37 26.77
CA CYS F 53 -4.58 -49.29 25.64
C CYS F 53 -5.85 -49.22 24.79
N GLY F 54 -6.71 -48.21 25.00
CA GLY F 54 -7.93 -48.10 24.22
C GLY F 54 -8.30 -46.67 23.91
N VAL F 55 -8.40 -46.34 22.63
CA VAL F 55 -8.75 -45.01 22.17
C VAL F 55 -9.97 -45.13 21.28
N ILE F 56 -11.08 -44.55 21.73
CA ILE F 56 -12.34 -44.56 20.98
C ILE F 56 -12.61 -43.15 20.50
N PHE F 57 -12.75 -42.98 19.19
CA PHE F 57 -13.04 -41.68 18.60
C PHE F 57 -13.77 -41.89 17.28
N ASP F 58 -14.36 -40.81 16.78
CA ASP F 58 -15.08 -40.85 15.52
C ASP F 58 -14.10 -40.80 14.35
N TRP F 59 -14.24 -41.73 13.41
CA TRP F 59 -13.34 -41.76 12.27
C TRP F 59 -13.63 -40.64 11.29
N ASP F 60 -14.88 -40.19 11.21
CA ASP F 60 -15.27 -39.11 10.30
C ASP F 60 -15.28 -37.75 11.01
N LYS F 61 -14.21 -37.47 11.76
CA LYS F 61 -14.09 -36.22 12.47
C LYS F 61 -12.64 -35.79 12.57
N TYR F 62 -11.75 -36.72 12.98
CA TYR F 62 -10.32 -36.47 13.08
C TYR F 62 -9.59 -37.70 12.52
N ASN F 63 -9.56 -37.82 11.20
CA ASN F 63 -8.90 -38.93 10.54
C ASN F 63 -7.44 -38.66 10.22
N LEU F 64 -6.97 -37.42 10.39
CA LEU F 64 -5.59 -37.07 10.13
C LEU F 64 -4.90 -36.35 11.28
N GLU F 65 -5.66 -35.81 12.25
CA GLU F 65 -5.05 -35.13 13.38
C GLU F 65 -4.76 -36.08 14.53
N LEU F 66 -5.27 -37.30 14.46
CA LEU F 66 -5.05 -38.30 15.51
C LEU F 66 -4.23 -39.48 15.04
N CYS F 67 -4.34 -39.86 13.76
CA CYS F 67 -3.58 -40.99 13.25
C CYS F 67 -2.12 -40.64 12.98
N GLU F 68 -1.73 -39.38 13.16
CA GLU F 68 -0.36 -38.94 12.95
C GLU F 68 0.39 -38.69 14.25
N GLU F 69 -0.27 -38.08 15.23
CA GLU F 69 0.39 -37.81 16.51
C GLU F 69 0.52 -39.07 17.36
N ILE F 70 -0.48 -39.95 17.32
CA ILE F 70 -0.41 -41.18 18.09
C ILE F 70 0.63 -42.12 17.50
N SER F 71 0.78 -42.12 16.18
CA SER F 71 1.78 -42.98 15.55
C SER F 71 3.20 -42.55 15.90
N LYS F 72 3.39 -41.27 16.28
CA LYS F 72 4.70 -40.78 16.68
C LYS F 72 5.04 -41.10 18.13
N MET F 73 4.12 -41.72 18.87
CA MET F 73 4.35 -42.09 20.26
C MET F 73 4.26 -43.58 20.53
N ASN F 74 3.40 -44.30 19.83
CA ASN F 74 3.27 -45.74 20.00
C ASN F 74 2.84 -46.36 18.68
N GLU F 75 3.40 -47.53 18.37
CA GLU F 75 3.10 -48.20 17.12
C GLU F 75 2.01 -49.24 17.24
N ASN F 76 2.02 -50.03 18.32
CA ASN F 76 1.06 -51.11 18.51
C ASN F 76 -0.12 -50.70 19.39
N LEU F 77 -0.33 -49.40 19.60
CA LEU F 77 -1.44 -48.94 20.43
C LEU F 77 -2.76 -49.19 19.72
N PRO F 78 -3.68 -49.96 20.32
CA PRO F 78 -4.97 -50.22 19.66
C PRO F 78 -5.78 -48.94 19.54
N LEU F 79 -6.40 -48.76 18.36
CA LEU F 79 -7.24 -47.60 18.07
C LEU F 79 -8.64 -48.11 17.77
N TYR F 80 -9.55 -47.97 18.74
CA TYR F 80 -10.92 -48.42 18.59
C TYR F 80 -11.78 -47.34 17.92
N ALA F 81 -11.37 -46.97 16.71
CA ALA F 81 -12.07 -45.95 15.96
C ALA F 81 -13.36 -46.50 15.38
N PHE F 82 -14.42 -45.69 15.45
CA PHE F 82 -15.74 -46.07 14.95
C PHE F 82 -15.96 -45.38 13.60
N ALA F 83 -16.11 -46.18 12.55
CA ALA F 83 -16.30 -45.65 11.21
C ALA F 83 -17.79 -45.54 10.89
N ASN F 84 -18.08 -44.93 9.75
CA ASN F 84 -19.46 -44.76 9.30
C ASN F 84 -19.66 -45.35 7.92
N THR F 85 -20.72 -44.94 7.23
CA THR F 85 -21.00 -45.47 5.90
C THR F 85 -20.01 -44.91 4.87
N TYR F 86 -19.90 -43.59 4.80
CA TYR F 86 -19.00 -42.93 3.85
C TYR F 86 -17.66 -42.64 4.54
N SER F 87 -16.89 -43.71 4.75
CA SER F 87 -15.59 -43.64 5.39
C SER F 87 -14.54 -44.28 4.50
N THR F 88 -13.35 -43.70 4.50
CA THR F 88 -12.24 -44.22 3.69
C THR F 88 -10.94 -43.80 4.33
N LEU F 89 -9.84 -44.36 3.81
CA LEU F 89 -8.51 -44.07 4.31
C LEU F 89 -7.93 -42.85 3.58
N ASP F 90 -6.70 -42.50 3.93
CA ASP F 90 -6.00 -41.38 3.34
C ASP F 90 -4.67 -41.84 2.74
N VAL F 91 -4.20 -41.10 1.74
CA VAL F 91 -2.94 -41.45 1.10
C VAL F 91 -1.77 -41.23 2.05
N SER F 92 -1.92 -40.33 3.02
CA SER F 92 -0.88 -40.05 3.99
C SER F 92 -0.94 -40.97 5.21
N LEU F 93 -1.64 -42.10 5.10
CA LEU F 93 -1.77 -43.05 6.20
C LEU F 93 -1.27 -44.44 5.80
N ASN F 94 -0.29 -44.49 4.91
CA ASN F 94 0.27 -45.75 4.43
C ASN F 94 1.58 -46.12 5.12
N ASP F 95 2.37 -45.13 5.51
CA ASP F 95 3.67 -45.37 6.16
C ASP F 95 3.59 -45.06 7.65
N LEU F 96 2.54 -45.54 8.31
CA LEU F 96 2.35 -45.33 9.74
C LEU F 96 1.94 -46.65 10.39
N ARG F 97 2.57 -46.98 11.51
CA ARG F 97 2.28 -48.21 12.24
C ARG F 97 1.15 -47.94 13.22
N LEU F 98 -0.04 -48.44 12.90
CA LEU F 98 -1.22 -48.25 13.74
C LEU F 98 -2.01 -49.55 13.79
N GLN F 99 -2.89 -49.63 14.78
CA GLN F 99 -3.77 -50.79 14.98
C GLN F 99 -5.20 -50.25 15.14
N ILE F 100 -5.92 -50.15 14.02
CA ILE F 100 -7.27 -49.61 14.00
C ILE F 100 -8.27 -50.75 13.98
N SER F 101 -9.23 -50.70 14.92
CA SER F 101 -10.28 -51.70 15.02
C SER F 101 -11.61 -51.02 14.73
N PHE F 102 -12.24 -51.38 13.62
CA PHE F 102 -13.49 -50.76 13.23
C PHE F 102 -14.68 -51.45 13.89
N PHE F 103 -15.74 -50.68 14.12
CA PHE F 103 -16.97 -51.20 14.72
C PHE F 103 -18.15 -50.46 14.09
N GLU F 104 -19.33 -50.66 14.67
CA GLU F 104 -20.56 -50.03 14.19
C GLU F 104 -21.30 -49.42 15.38
N TYR F 105 -22.48 -48.89 15.10
CA TYR F 105 -23.34 -48.28 16.12
C TYR F 105 -24.62 -49.09 16.24
N ALA F 106 -24.46 -50.38 16.54
CA ALA F 106 -25.58 -51.31 16.67
C ALA F 106 -25.97 -51.45 18.14
N LEU F 107 -27.27 -51.39 18.40
CA LEU F 107 -27.79 -51.53 19.75
C LEU F 107 -27.94 -53.00 20.12
N GLY F 108 -27.74 -53.29 21.41
CA GLY F 108 -27.83 -54.64 21.93
C GLY F 108 -26.58 -55.47 21.77
N ALA F 109 -25.69 -55.13 20.83
CA ALA F 109 -24.46 -55.86 20.60
C ALA F 109 -23.29 -55.31 21.42
N ALA F 110 -23.57 -54.56 22.48
CA ALA F 110 -22.50 -54.01 23.30
C ALA F 110 -21.75 -55.08 24.08
N GLU F 111 -22.38 -56.23 24.34
CA GLU F 111 -21.70 -57.31 25.04
C GLU F 111 -20.65 -57.96 24.15
N ASP F 112 -20.95 -58.13 22.86
CA ASP F 112 -19.99 -58.73 21.93
C ASP F 112 -18.81 -57.80 21.68
N ILE F 113 -19.02 -56.49 21.79
CA ILE F 113 -17.92 -55.55 21.61
C ILE F 113 -16.96 -55.62 22.78
N ALA F 114 -17.48 -55.81 23.99
CA ALA F 114 -16.63 -55.90 25.17
C ALA F 114 -15.74 -57.14 25.13
N ASN F 115 -16.22 -58.23 24.55
CA ASN F 115 -15.39 -59.43 24.44
C ASN F 115 -14.29 -59.25 23.41
N LYS F 116 -14.53 -58.45 22.37
CA LYS F 116 -13.52 -58.21 21.35
C LYS F 116 -12.42 -57.28 21.87
N ILE F 117 -12.77 -56.33 22.75
CA ILE F 117 -11.77 -55.43 23.30
C ILE F 117 -10.85 -56.18 24.28
N LYS F 118 -11.43 -57.08 25.07
CA LYS F 118 -10.62 -57.85 26.02
C LYS F 118 -9.68 -58.81 25.29
N GLN F 119 -10.14 -59.41 24.20
CA GLN F 119 -9.27 -60.31 23.43
C GLN F 119 -8.20 -59.52 22.68
N THR F 120 -8.55 -58.32 22.19
CA THR F 120 -7.56 -57.49 21.51
C THR F 120 -6.50 -56.99 22.50
N THR F 121 -6.92 -56.66 23.72
CA THR F 121 -5.96 -56.24 24.74
C THR F 121 -5.02 -57.38 25.10
N ASP F 122 -5.54 -58.60 25.15
CA ASP F 122 -4.69 -59.76 25.44
C ASP F 122 -3.67 -59.99 24.33
N GLU F 123 -4.03 -59.69 23.08
CA GLU F 123 -3.07 -59.80 21.99
C GLU F 123 -1.99 -58.75 22.08
N TYR F 124 -2.32 -57.56 22.61
CA TYR F 124 -1.32 -56.53 22.79
C TYR F 124 -0.32 -56.89 23.90
N ILE F 125 -0.79 -57.62 24.92
CA ILE F 125 0.11 -58.03 25.99
C ILE F 125 1.06 -59.12 25.52
N ASN F 126 0.55 -60.07 24.73
CA ASN F 126 1.35 -61.19 24.23
C ASN F 126 2.27 -60.79 23.08
N THR F 127 2.24 -59.53 22.64
CA THR F 127 3.06 -59.07 21.53
C THR F 127 4.23 -58.21 21.99
N ILE F 128 3.98 -57.22 22.84
CA ILE F 128 5.04 -56.33 23.30
C ILE F 128 5.95 -57.02 24.30
N LEU F 129 5.50 -58.11 24.93
CA LEU F 129 6.36 -58.79 25.89
C LEU F 129 7.23 -59.83 25.19
N PRO F 130 8.46 -59.99 25.63
CA PRO F 130 9.34 -61.00 25.02
C PRO F 130 8.87 -62.40 25.34
N PRO F 131 9.28 -63.40 24.57
CA PRO F 131 8.82 -64.78 24.84
C PRO F 131 9.32 -65.33 26.16
N LEU F 132 10.40 -64.79 26.72
CA LEU F 132 10.88 -65.27 28.01
C LEU F 132 10.03 -64.74 29.16
N THR F 133 9.67 -63.45 29.10
CA THR F 133 8.82 -62.89 30.15
C THR F 133 7.39 -63.36 30.01
N LYS F 134 6.91 -63.53 28.78
CA LYS F 134 5.55 -64.01 28.56
C LYS F 134 5.37 -65.44 29.07
N ALA F 135 6.39 -66.28 28.90
CA ALA F 135 6.31 -67.65 29.38
C ALA F 135 6.38 -67.71 30.90
N LEU F 136 7.04 -66.72 31.54
CA LEU F 136 7.12 -66.71 32.99
C LEU F 136 5.78 -66.31 33.61
N PHE F 137 5.07 -65.36 32.98
CA PHE F 137 3.78 -64.95 33.50
C PHE F 137 2.72 -66.02 33.29
N LYS F 138 2.81 -66.77 32.19
CA LYS F 138 1.85 -67.83 31.91
C LYS F 138 2.11 -69.07 32.77
N TYR F 139 3.36 -69.31 33.14
CA TYR F 139 3.69 -70.48 33.97
C TYR F 139 3.11 -70.37 35.38
N VAL F 140 2.87 -69.15 35.86
CA VAL F 140 2.33 -68.99 37.21
C VAL F 140 0.85 -69.37 37.25
N ARG F 141 0.10 -69.01 36.21
CA ARG F 141 -1.33 -69.27 36.19
C ARG F 141 -1.70 -70.66 35.72
N GLU F 142 -0.75 -71.42 35.18
CA GLU F 142 -1.05 -72.75 34.65
C GLU F 142 -0.07 -73.80 35.16
N GLY F 143 1.22 -73.53 35.02
CA GLY F 143 2.22 -74.50 35.43
C GLY F 143 2.24 -74.67 36.93
N LYS F 144 1.92 -75.89 37.42
CA LYS F 144 1.90 -76.20 38.85
C LYS F 144 2.59 -77.56 39.02
N TYR F 145 3.90 -77.56 38.85
CA TYR F 145 4.70 -78.76 39.00
C TYR F 145 5.17 -78.92 40.45
N THR F 146 5.30 -80.17 40.87
CA THR F 146 5.72 -80.50 42.23
C THR F 146 7.09 -81.17 42.22
N PHE F 147 7.70 -81.24 43.40
CA PHE F 147 9.01 -81.85 43.60
C PHE F 147 10.06 -81.17 42.71
N CYS F 148 10.25 -79.87 42.95
CA CYS F 148 11.20 -79.07 42.20
C CYS F 148 11.89 -78.11 43.16
N THR F 149 12.94 -77.44 42.65
CA THR F 149 13.72 -76.46 43.38
C THR F 149 13.27 -75.04 43.02
N PRO F 150 13.35 -74.08 43.95
CA PRO F 150 13.78 -74.22 45.34
C PRO F 150 12.76 -74.93 46.23
N GLY F 151 13.04 -74.96 47.54
CA GLY F 151 12.18 -75.68 48.47
C GLY F 151 10.91 -74.94 48.85
N HIS F 152 10.84 -73.63 48.60
CA HIS F 152 9.64 -72.89 48.95
C HIS F 152 8.47 -73.27 48.05
N MET F 153 8.74 -73.50 46.77
CA MET F 153 7.74 -73.95 45.80
C MET F 153 6.55 -72.99 45.74
N GLY F 154 6.84 -71.76 45.31
CA GLY F 154 5.82 -70.75 45.23
C GLY F 154 5.31 -70.23 46.55
N GLY F 155 6.09 -70.37 47.62
CA GLY F 155 5.67 -69.90 48.92
C GLY F 155 4.84 -70.88 49.71
N THR F 156 5.15 -72.18 49.62
CA THR F 156 4.38 -73.17 50.36
C THR F 156 4.91 -73.35 51.78
N ALA F 157 6.24 -73.37 51.95
CA ALA F 157 6.81 -73.55 53.28
C ALA F 157 6.60 -72.32 54.14
N PHE F 158 6.41 -71.14 53.53
CA PHE F 158 6.18 -69.93 54.30
C PHE F 158 4.78 -69.89 54.90
N GLN F 159 3.85 -70.71 54.40
CA GLN F 159 2.49 -70.74 54.92
C GLN F 159 2.33 -71.71 56.10
N LYS F 160 3.43 -72.27 56.59
CA LYS F 160 3.39 -73.20 57.71
C LYS F 160 4.15 -72.70 58.93
N SER F 161 4.68 -71.48 58.88
CA SER F 161 5.42 -70.91 60.00
C SER F 161 4.93 -69.49 60.26
N PRO F 162 4.81 -69.11 61.54
CA PRO F 162 4.37 -67.73 61.85
C PRO F 162 5.31 -66.67 61.33
N VAL F 163 6.61 -66.93 61.37
CA VAL F 163 7.57 -65.95 60.88
C VAL F 163 7.62 -65.94 59.35
N GLY F 164 7.27 -67.06 58.72
CA GLY F 164 7.28 -67.13 57.27
C GLY F 164 6.09 -66.45 56.60
N SER F 165 4.98 -66.30 57.33
CA SER F 165 3.81 -65.65 56.75
C SER F 165 4.02 -64.15 56.58
N LEU F 166 4.83 -63.54 57.45
CA LEU F 166 5.10 -62.12 57.32
C LEU F 166 5.98 -61.81 56.11
N PHE F 167 6.91 -62.71 55.78
CA PHE F 167 7.76 -62.53 54.61
C PHE F 167 7.04 -62.86 53.31
N TYR F 168 6.04 -63.73 53.36
CA TYR F 168 5.30 -64.08 52.14
C TYR F 168 4.26 -63.03 51.79
N ASP F 169 3.65 -62.39 52.80
CA ASP F 169 2.64 -61.38 52.56
C ASP F 169 3.22 -60.03 52.16
N PHE F 170 4.54 -59.85 52.27
CA PHE F 170 5.13 -58.58 51.90
C PHE F 170 5.21 -58.43 50.39
N PHE F 171 5.72 -59.45 49.70
CA PHE F 171 5.85 -59.40 48.24
C PHE F 171 4.50 -59.67 47.58
N GLY F 172 4.15 -60.94 47.41
CA GLY F 172 2.91 -61.31 46.79
C GLY F 172 2.90 -62.75 46.31
N PRO F 173 1.71 -63.30 46.03
CA PRO F 173 1.64 -64.68 45.54
C PRO F 173 2.33 -64.88 44.21
N ASN F 174 2.26 -63.89 43.31
CA ASN F 174 2.89 -64.02 42.01
C ASN F 174 4.40 -63.84 42.07
N THR F 175 4.92 -63.30 43.17
CA THR F 175 6.36 -63.09 43.30
C THR F 175 7.09 -64.40 43.61
N MET F 176 6.58 -65.18 44.55
CA MET F 176 7.24 -66.43 44.91
C MET F 176 7.07 -67.49 43.83
N LYS F 177 5.95 -67.48 43.13
CA LYS F 177 5.71 -68.47 42.07
C LYS F 177 6.53 -68.21 40.82
N SER F 178 7.15 -67.03 40.71
CA SER F 178 7.97 -66.71 39.54
C SER F 178 9.44 -67.06 39.74
N ASP F 179 9.84 -67.42 40.96
CA ASP F 179 11.22 -67.79 41.25
C ASP F 179 11.36 -69.29 41.02
N ILE F 180 11.75 -69.67 39.80
CA ILE F 180 11.93 -71.06 39.43
C ILE F 180 13.34 -71.25 38.89
N SER F 181 13.87 -72.45 39.09
CA SER F 181 15.20 -72.84 38.65
C SER F 181 15.13 -73.39 37.23
N ILE F 182 15.97 -74.38 36.92
CA ILE F 182 16.00 -74.98 35.60
C ILE F 182 15.19 -76.26 35.59
N SER F 183 14.31 -76.41 36.58
CA SER F 183 13.46 -77.58 36.72
C SER F 183 12.18 -77.48 35.91
N VAL F 184 12.16 -76.65 34.86
CA VAL F 184 10.99 -76.47 34.01
C VAL F 184 11.41 -76.73 32.57
N SER F 185 10.61 -77.55 31.88
CA SER F 185 10.94 -77.95 30.51
C SER F 185 10.47 -76.96 29.47
N GLU F 186 9.29 -76.35 29.67
CA GLU F 186 8.73 -75.43 28.69
C GLU F 186 9.33 -74.03 28.79
N LEU F 187 10.34 -73.81 29.61
CA LEU F 187 11.05 -72.54 29.66
C LEU F 187 12.54 -72.65 29.37
N GLY F 188 13.09 -73.86 29.29
CA GLY F 188 14.49 -74.03 28.99
C GLY F 188 15.40 -73.70 30.16
N SER F 189 16.70 -73.83 29.91
CA SER F 189 17.73 -73.58 30.90
C SER F 189 18.63 -72.45 30.41
N LEU F 190 19.08 -71.60 31.33
CA LEU F 190 19.95 -70.49 30.97
C LEU F 190 21.35 -70.98 30.63
N LEU F 191 21.83 -72.01 31.33
CA LEU F 191 23.16 -72.55 31.06
C LEU F 191 23.21 -73.27 29.71
N ASP F 192 22.07 -73.84 29.28
CA ASP F 192 22.05 -74.54 28.00
C ASP F 192 21.84 -73.58 26.83
N HIS F 193 21.23 -72.41 27.08
CA HIS F 193 20.99 -71.40 26.05
C HIS F 193 20.18 -71.98 24.89
N SER F 194 19.05 -72.60 25.23
CA SER F 194 18.18 -73.21 24.23
C SER F 194 16.72 -72.90 24.58
N GLY F 195 15.85 -73.05 23.58
CA GLY F 195 14.45 -72.80 23.76
C GLY F 195 14.15 -71.32 23.88
N PRO F 196 13.38 -70.95 24.92
CA PRO F 196 13.07 -69.53 25.13
C PRO F 196 14.30 -68.68 25.41
N HIS F 197 15.34 -69.26 26.00
CA HIS F 197 16.56 -68.51 26.28
C HIS F 197 17.36 -68.23 25.02
N LYS F 198 17.21 -69.05 23.99
CA LYS F 198 17.94 -68.81 22.74
C LYS F 198 17.38 -67.62 21.98
N GLU F 199 16.06 -67.53 21.87
CA GLU F 199 15.43 -66.41 21.20
C GLU F 199 15.48 -65.13 22.02
N ALA F 200 15.68 -65.23 23.34
CA ALA F 200 15.77 -64.04 24.18
C ALA F 200 17.08 -63.30 23.97
N GLU F 201 18.18 -64.04 23.78
CA GLU F 201 19.47 -63.40 23.55
C GLU F 201 19.53 -62.76 22.17
N GLN F 202 18.90 -63.37 21.18
CA GLN F 202 18.86 -62.80 19.84
C GLN F 202 17.91 -61.60 19.76
N TYR F 203 16.95 -61.50 20.68
CA TYR F 203 16.04 -60.36 20.66
C TYR F 203 16.71 -59.10 21.20
N ILE F 204 17.52 -59.24 22.25
CA ILE F 204 18.20 -58.08 22.82
C ILE F 204 19.29 -57.58 21.86
N ALA F 205 19.95 -58.49 21.14
CA ALA F 205 21.00 -58.08 20.22
C ALA F 205 20.43 -57.29 19.06
N ARG F 206 19.18 -57.56 18.68
CA ARG F 206 18.56 -56.82 17.58
C ARG F 206 18.10 -55.44 18.03
N VAL F 207 17.66 -55.31 19.29
CA VAL F 207 17.20 -54.02 19.79
C VAL F 207 18.38 -53.08 20.01
N PHE F 208 19.39 -53.55 20.73
CA PHE F 208 20.57 -52.75 21.02
C PHE F 208 21.61 -52.77 19.91
N ASN F 209 21.27 -53.35 18.75
CA ASN F 209 22.16 -53.43 17.60
C ASN F 209 23.46 -54.15 17.97
N ALA F 210 23.35 -55.47 18.07
CA ALA F 210 24.47 -56.32 18.44
C ALA F 210 24.32 -57.67 17.73
N ASP F 211 25.33 -58.52 17.91
CA ASP F 211 25.31 -59.84 17.29
C ASP F 211 24.57 -60.85 18.18
N ARG F 212 25.02 -61.01 19.42
CA ARG F 212 24.37 -61.95 20.34
CA ARG F 212 24.36 -61.95 20.35
C ARG F 212 24.59 -61.42 21.76
N SER F 213 23.66 -60.59 22.23
CA SER F 213 23.77 -60.03 23.57
C SER F 213 23.53 -61.10 24.63
N TYR F 214 24.17 -60.92 25.78
CA TYR F 214 24.07 -61.85 26.90
C TYR F 214 23.29 -61.22 28.04
N MET F 215 23.01 -62.04 29.06
CA MET F 215 22.28 -61.61 30.25
C MET F 215 23.03 -62.12 31.47
N VAL F 216 23.85 -61.26 32.07
CA VAL F 216 24.62 -61.63 33.25
C VAL F 216 23.72 -61.58 34.47
N THR F 217 23.72 -62.68 35.24
CA THR F 217 22.90 -62.79 36.45
C THR F 217 23.70 -62.54 37.72
N ASN F 218 24.76 -61.73 37.64
CA ASN F 218 25.57 -61.43 38.81
C ASN F 218 25.96 -59.95 38.87
N GLY F 219 25.74 -59.20 37.79
CA GLY F 219 26.05 -57.79 37.78
C GLY F 219 27.17 -57.44 36.83
N THR F 220 27.46 -56.14 36.78
CA THR F 220 28.52 -55.64 35.91
C THR F 220 29.91 -56.01 36.44
N SER F 221 30.07 -56.04 37.76
CA SER F 221 31.38 -56.36 38.34
C SER F 221 31.83 -57.78 37.97
N THR F 222 30.89 -58.68 37.71
CA THR F 222 31.21 -60.04 37.32
C THR F 222 31.45 -60.18 35.81
N ALA F 223 30.72 -59.42 35.00
CA ALA F 223 30.88 -59.52 33.55
C ALA F 223 32.26 -59.08 33.11
N ASN F 224 32.88 -58.14 33.83
CA ASN F 224 34.22 -57.69 33.48
C ASN F 224 35.28 -58.74 33.77
N LYS F 225 34.99 -59.70 34.66
CA LYS F 225 35.95 -60.74 34.98
C LYS F 225 35.89 -61.89 33.98
N ILE F 226 34.70 -62.20 33.45
CA ILE F 226 34.57 -63.28 32.49
C ILE F 226 35.19 -62.88 31.15
N VAL F 227 34.96 -61.64 30.72
CA VAL F 227 35.51 -61.17 29.45
C VAL F 227 37.02 -61.01 29.55
N GLY F 228 37.50 -60.57 30.72
CA GLY F 228 38.94 -60.36 30.89
C GLY F 228 39.74 -61.64 30.84
N MET F 229 39.15 -62.76 31.24
CA MET F 229 39.83 -64.04 31.21
C MET F 229 39.85 -64.67 29.83
N TYR F 230 39.25 -64.02 28.83
CA TYR F 230 39.21 -64.55 27.47
C TYR F 230 40.48 -64.20 26.72
N SER F 231 40.68 -62.92 26.42
CA SER F 231 41.84 -62.46 25.67
C SER F 231 43.04 -62.17 26.57
N ALA F 232 43.29 -63.04 27.56
CA ALA F 232 44.42 -62.88 28.46
C ALA F 232 44.83 -64.24 29.01
N PRO F 233 45.59 -65.02 28.24
CA PRO F 233 46.04 -66.32 28.73
C PRO F 233 47.03 -66.21 29.88
N ALA F 234 47.48 -67.36 30.40
CA ALA F 234 48.45 -67.38 31.50
C ALA F 234 49.81 -66.94 30.97
N GLY F 235 49.98 -65.63 30.87
CA GLY F 235 51.22 -65.08 30.37
C GLY F 235 51.04 -64.34 29.05
N SER F 236 50.49 -63.13 29.12
CA SER F 236 50.25 -62.32 27.93
C SER F 236 50.44 -60.85 28.30
N THR F 237 49.74 -59.97 27.61
CA THR F 237 49.82 -58.54 27.84
C THR F 237 48.50 -57.88 27.46
N ILE F 238 47.94 -57.10 28.38
CA ILE F 238 46.69 -56.40 28.16
C ILE F 238 46.93 -54.90 28.28
N LEU F 239 46.02 -54.13 27.69
CA LEU F 239 46.09 -52.67 27.69
C LEU F 239 44.89 -52.14 28.50
N ILE F 240 44.98 -52.25 29.82
CA ILE F 240 43.91 -51.79 30.70
C ILE F 240 44.04 -50.29 30.91
N ASP F 241 42.90 -49.62 31.06
CA ASP F 241 42.88 -48.18 31.27
C ASP F 241 43.22 -47.85 32.71
N ARG F 242 43.78 -46.64 32.91
CA ARG F 242 44.14 -46.21 34.26
C ARG F 242 42.90 -45.96 35.11
N ASN F 243 41.88 -45.31 34.54
CA ASN F 243 40.63 -45.05 35.24
C ASN F 243 39.80 -46.34 35.23
N CYS F 244 40.16 -47.25 36.13
CA CYS F 244 39.51 -48.54 36.25
C CYS F 244 38.61 -48.58 37.48
N HIS F 245 37.82 -49.65 37.57
CA HIS F 245 36.90 -49.86 38.67
C HIS F 245 37.48 -50.90 39.64
N LYS F 246 36.87 -50.97 40.82
CA LYS F 246 37.31 -51.94 41.83
C LYS F 246 37.22 -53.37 41.30
N SER F 247 36.22 -53.65 40.46
CA SER F 247 36.10 -54.99 39.88
C SER F 247 37.24 -55.30 38.91
N LEU F 248 37.74 -54.28 38.21
CA LEU F 248 38.84 -54.48 37.28
C LEU F 248 40.17 -54.71 38.00
N THR F 249 40.28 -54.30 39.27
CA THR F 249 41.51 -54.55 40.01
C THR F 249 41.67 -56.02 40.33
N HIS F 250 40.58 -56.68 40.73
CA HIS F 250 40.64 -58.11 41.02
C HIS F 250 40.88 -58.94 39.77
N LEU F 251 40.58 -58.40 38.58
CA LEU F 251 40.85 -59.13 37.35
C LEU F 251 42.34 -59.27 37.10
N MET F 252 43.11 -58.21 37.37
CA MET F 252 44.56 -58.27 37.20
C MET F 252 45.25 -59.08 38.30
N MET F 253 44.57 -59.30 39.43
CA MET F 253 45.14 -60.06 40.53
C MET F 253 44.83 -61.54 40.46
N MET F 254 43.97 -61.96 39.52
CA MET F 254 43.62 -63.36 39.35
C MET F 254 44.14 -63.95 38.05
N SER F 255 44.80 -63.16 37.21
CA SER F 255 45.34 -63.61 35.94
C SER F 255 46.80 -63.21 35.86
N ASP F 256 47.67 -64.17 35.53
CA ASP F 256 49.11 -63.93 35.43
C ASP F 256 49.39 -63.25 34.09
N VAL F 257 49.10 -61.95 34.05
CA VAL F 257 49.32 -61.13 32.86
C VAL F 257 50.12 -59.90 33.26
N THR F 258 50.61 -59.20 32.25
CA THR F 258 51.40 -57.97 32.43
C THR F 258 50.63 -56.82 31.82
N PRO F 259 49.83 -56.11 32.61
CA PRO F 259 49.05 -54.98 32.07
C PRO F 259 49.91 -53.75 31.85
N ILE F 260 49.45 -52.90 30.94
CA ILE F 260 50.08 -51.63 30.61
C ILE F 260 49.06 -50.52 30.85
N TYR F 261 49.41 -49.59 31.72
CA TYR F 261 48.52 -48.49 32.08
C TYR F 261 48.75 -47.29 31.17
N PHE F 262 47.66 -46.58 30.87
CA PHE F 262 47.72 -45.40 30.02
C PHE F 262 47.90 -44.15 30.87
N ARG F 263 47.82 -42.99 30.21
CA ARG F 263 47.97 -41.69 30.87
C ARG F 263 46.83 -40.79 30.41
N PRO F 264 45.65 -40.92 31.02
CA PRO F 264 44.52 -40.07 30.63
C PRO F 264 44.77 -38.61 31.00
N THR F 265 44.01 -37.73 30.36
CA THR F 265 44.10 -36.30 30.61
C THR F 265 43.19 -35.90 31.78
N ARG F 266 43.47 -34.74 32.35
CA ARG F 266 42.71 -34.23 33.48
C ARG F 266 42.96 -32.74 33.61
N ASN F 267 42.06 -32.06 34.32
CA ASN F 267 42.11 -30.64 34.56
C ASN F 267 42.44 -30.38 36.04
N ALA F 268 42.00 -29.25 36.57
CA ALA F 268 42.25 -28.90 37.96
C ALA F 268 41.06 -29.12 38.87
N TYR F 269 39.84 -29.10 38.32
CA TYR F 269 38.65 -29.31 39.14
C TYR F 269 38.47 -30.76 39.54
N GLY F 270 39.13 -31.69 38.86
CA GLY F 270 39.01 -33.11 39.15
C GLY F 270 38.23 -33.91 38.13
N ILE F 271 37.77 -33.28 37.05
CA ILE F 271 37.00 -33.99 36.03
C ILE F 271 37.96 -34.84 35.21
N LEU F 272 37.70 -36.14 35.14
CA LEU F 272 38.54 -37.05 34.40
C LEU F 272 38.33 -36.85 32.90
N GLY F 273 39.40 -36.51 32.19
CA GLY F 273 39.32 -36.31 30.76
C GLY F 273 39.28 -37.60 29.97
N GLY F 274 40.31 -37.84 29.16
CA GLY F 274 40.36 -39.04 28.36
C GLY F 274 41.78 -39.33 27.91
N ILE F 275 41.92 -40.45 27.20
CA ILE F 275 43.24 -40.86 26.70
C ILE F 275 43.50 -40.15 25.37
N PRO F 276 44.66 -39.51 25.21
CA PRO F 276 44.95 -38.83 23.95
C PRO F 276 45.08 -39.82 22.80
N GLN F 277 45.06 -39.27 21.58
CA GLN F 277 45.17 -40.09 20.39
C GLN F 277 46.59 -40.58 20.15
N SER F 278 47.57 -40.00 20.85
CA SER F 278 48.96 -40.43 20.65
C SER F 278 49.23 -41.79 21.30
N GLU F 279 48.43 -42.16 22.31
CA GLU F 279 48.62 -43.44 22.97
C GLU F 279 48.10 -44.61 22.16
N PHE F 280 47.21 -44.36 21.20
CA PHE F 280 46.66 -45.40 20.35
C PHE F 280 47.51 -45.71 19.13
N GLN F 281 48.65 -45.03 18.97
CA GLN F 281 49.51 -45.25 17.82
C GLN F 281 50.25 -46.58 17.95
N HIS F 282 50.94 -46.95 16.86
CA HIS F 282 51.67 -48.21 16.86
C HIS F 282 53.07 -48.06 17.46
N ALA F 283 53.71 -46.91 17.27
CA ALA F 283 55.04 -46.71 17.83
C ALA F 283 55.01 -46.44 19.33
N THR F 284 53.88 -45.93 19.84
CA THR F 284 53.78 -45.65 21.27
C THR F 284 53.59 -46.93 22.08
N ILE F 285 52.73 -47.84 21.59
CA ILE F 285 52.49 -49.08 22.31
C ILE F 285 53.71 -49.99 22.25
N ALA F 286 54.36 -50.07 21.08
CA ALA F 286 55.54 -50.92 20.94
C ALA F 286 56.73 -50.41 21.74
N LYS F 287 56.73 -49.13 22.09
CA LYS F 287 57.85 -48.59 22.87
C LYS F 287 57.79 -49.06 24.32
N ARG F 288 56.58 -49.20 24.87
CA ARG F 288 56.41 -49.64 26.25
C ARG F 288 56.56 -51.15 26.41
N VAL F 289 56.60 -51.90 25.31
CA VAL F 289 56.77 -53.35 25.42
C VAL F 289 58.19 -53.71 25.82
N LYS F 290 59.19 -53.06 25.19
CA LYS F 290 60.57 -53.35 25.54
C LYS F 290 60.94 -52.80 26.90
N GLU F 291 60.39 -51.65 27.29
CA GLU F 291 60.70 -51.06 28.58
C GLU F 291 60.11 -51.85 29.74
N THR F 292 59.02 -52.58 29.51
CA THR F 292 58.37 -53.38 30.55
C THR F 292 58.88 -54.81 30.48
N PRO F 293 59.58 -55.29 31.51
CA PRO F 293 60.06 -56.68 31.47
C PRO F 293 58.90 -57.67 31.47
N ASN F 294 59.13 -58.80 30.78
CA ASN F 294 58.15 -59.87 30.66
C ASN F 294 56.82 -59.36 30.08
N ALA F 295 56.89 -58.93 28.82
CA ALA F 295 55.72 -58.41 28.12
C ALA F 295 55.92 -58.61 26.63
N THR F 296 54.92 -59.19 25.97
CA THR F 296 54.93 -59.46 24.55
C THR F 296 53.98 -58.49 23.84
N TRP F 297 53.40 -58.92 22.72
CA TRP F 297 52.49 -58.07 21.97
C TRP F 297 51.13 -58.03 22.68
N PRO F 298 50.57 -56.85 22.92
CA PRO F 298 49.26 -56.78 23.58
C PRO F 298 48.17 -57.38 22.70
N VAL F 299 47.35 -58.24 23.31
CA VAL F 299 46.25 -58.91 22.62
C VAL F 299 44.89 -58.47 23.13
N HIS F 300 44.84 -57.53 24.07
CA HIS F 300 43.58 -57.05 24.60
C HIS F 300 43.75 -55.63 25.10
N ALA F 301 42.71 -54.81 24.90
CA ALA F 301 42.73 -53.42 25.33
C ALA F 301 41.43 -53.09 26.02
N VAL F 302 41.51 -52.44 27.18
CA VAL F 302 40.35 -52.05 27.97
C VAL F 302 40.24 -50.53 27.95
N ILE F 303 39.12 -50.03 27.44
CA ILE F 303 38.85 -48.61 27.35
C ILE F 303 37.57 -48.31 28.12
N THR F 304 37.66 -47.37 29.06
CA THR F 304 36.50 -47.00 29.89
C THR F 304 35.74 -45.90 29.16
N ASN F 305 34.75 -46.30 28.38
CA ASN F 305 33.91 -45.37 27.60
C ASN F 305 32.46 -45.59 28.01
N SER F 306 31.90 -44.62 28.73
CA SER F 306 32.63 -43.41 29.13
C SER F 306 33.18 -43.55 30.54
N THR F 307 33.80 -42.49 31.04
CA THR F 307 34.40 -42.48 32.37
C THR F 307 33.31 -42.32 33.42
N TYR F 308 33.72 -42.15 34.68
CA TYR F 308 32.74 -41.99 35.76
C TYR F 308 32.04 -40.64 35.69
N ASP F 309 32.72 -39.62 35.17
CA ASP F 309 32.11 -38.29 35.07
C ASP F 309 31.06 -38.25 33.97
N GLY F 310 31.46 -38.56 32.74
CA GLY F 310 30.54 -38.56 31.62
C GLY F 310 31.09 -37.86 30.39
N LEU F 311 32.15 -38.43 29.81
CA LEU F 311 32.78 -37.88 28.62
C LEU F 311 33.03 -39.02 27.63
N LEU F 312 32.29 -39.00 26.51
CA LEU F 312 32.43 -40.04 25.51
C LEU F 312 33.71 -39.84 24.69
N TYR F 313 34.05 -40.86 23.91
CA TYR F 313 35.23 -40.85 23.06
C TYR F 313 34.81 -40.84 21.59
N ASN F 314 35.74 -41.20 20.72
CA ASN F 314 35.51 -41.26 19.28
C ASN F 314 35.92 -42.66 18.81
N THR F 315 34.94 -43.54 18.64
CA THR F 315 35.21 -44.90 18.22
C THR F 315 35.53 -45.00 16.73
N ASP F 316 35.28 -43.93 15.97
CA ASP F 316 35.59 -43.95 14.54
C ASP F 316 37.09 -43.86 14.30
N PHE F 317 37.86 -43.42 15.30
CA PHE F 317 39.30 -43.32 15.19
C PHE F 317 40.03 -44.42 15.94
N ILE F 318 39.41 -44.97 16.99
CA ILE F 318 40.05 -46.05 17.75
C ILE F 318 39.97 -47.35 16.98
N LYS F 319 38.86 -47.60 16.28
CA LYS F 319 38.68 -48.84 15.54
C LYS F 319 39.48 -48.87 14.25
N LYS F 320 40.38 -47.91 14.02
CA LYS F 320 41.23 -47.87 12.84
C LYS F 320 42.70 -47.68 13.20
N THR F 321 42.98 -46.94 14.28
CA THR F 321 44.37 -46.70 14.68
C THR F 321 44.84 -47.73 15.70
N LEU F 322 44.04 -48.01 16.72
CA LEU F 322 44.40 -48.99 17.75
C LEU F 322 44.41 -50.38 17.13
N ASP F 323 45.59 -50.96 16.98
CA ASP F 323 45.74 -52.28 16.36
C ASP F 323 45.70 -53.36 17.45
N VAL F 324 44.51 -53.54 18.02
CA VAL F 324 44.26 -54.55 19.04
C VAL F 324 43.08 -55.37 18.58
N LYS F 325 43.26 -56.70 18.54
CA LYS F 325 42.22 -57.60 18.09
C LYS F 325 41.12 -57.81 19.12
N SER F 326 41.23 -57.23 20.31
CA SER F 326 40.22 -57.37 21.35
C SER F 326 40.15 -56.06 22.12
N ILE F 327 39.32 -55.14 21.64
CA ILE F 327 39.14 -53.83 22.24
C ILE F 327 37.88 -53.86 23.09
N HIS F 328 38.02 -53.46 24.36
CA HIS F 328 36.92 -53.46 25.32
C HIS F 328 36.44 -52.04 25.57
N PHE F 329 35.11 -51.89 25.62
CA PHE F 329 34.47 -50.60 25.92
C PHE F 329 33.58 -50.80 27.14
N ASP F 330 34.06 -50.36 28.30
CA ASP F 330 33.31 -50.47 29.55
C ASP F 330 32.18 -49.44 29.52
N SER F 331 31.07 -49.84 28.92
CA SER F 331 29.91 -48.96 28.79
C SER F 331 28.98 -49.11 29.98
N ALA F 332 29.53 -49.04 31.19
CA ALA F 332 28.74 -49.18 32.41
C ALA F 332 28.01 -47.91 32.80
N TRP F 333 28.00 -46.88 31.94
CA TRP F 333 27.32 -45.64 32.26
C TRP F 333 26.60 -45.02 31.07
N VAL F 334 26.61 -45.65 29.91
CA VAL F 334 25.92 -45.12 28.73
C VAL F 334 25.10 -46.21 28.05
N PRO F 335 24.01 -46.69 28.67
CA PRO F 335 23.16 -47.74 28.06
C PRO F 335 22.10 -47.15 27.13
N TYR F 336 22.49 -46.19 26.29
CA TYR F 336 21.50 -45.52 25.44
C TYR F 336 22.11 -44.94 24.17
N THR F 337 23.40 -45.12 23.91
CA THR F 337 24.06 -44.53 22.73
C THR F 337 23.70 -45.36 21.49
N ASN F 338 22.43 -45.26 21.11
CA ASN F 338 21.93 -45.99 19.94
C ASN F 338 20.60 -45.41 19.48
N PHE F 339 19.68 -45.18 20.41
CA PHE F 339 18.34 -44.70 20.10
C PHE F 339 18.27 -43.18 20.02
N SER F 340 19.26 -42.55 19.38
CA SER F 340 19.26 -41.09 19.24
C SER F 340 20.20 -40.72 18.11
N PRO F 341 19.84 -39.74 17.27
CA PRO F 341 20.74 -39.37 16.15
C PRO F 341 21.97 -38.61 16.59
N ILE F 342 22.06 -38.18 17.84
CA ILE F 342 23.22 -37.44 18.33
C ILE F 342 24.16 -38.40 19.07
N TYR F 343 24.02 -39.70 18.80
CA TYR F 343 24.89 -40.71 19.39
C TYR F 343 25.31 -41.75 18.36
N GLU F 344 25.49 -41.33 17.11
CA GLU F 344 25.90 -42.22 16.04
C GLU F 344 27.42 -42.20 15.91
N GLY F 345 28.03 -43.39 15.91
CA GLY F 345 29.47 -43.48 15.80
C GLY F 345 30.22 -43.08 17.06
N LYS F 346 29.64 -43.30 18.23
CA LYS F 346 30.26 -42.95 19.50
C LYS F 346 30.55 -44.13 20.40
N CYS F 347 29.96 -45.29 20.13
CA CYS F 347 30.17 -46.49 20.94
C CYS F 347 30.70 -47.61 20.04
N GLY F 348 30.75 -48.82 20.61
CA GLY F 348 31.24 -49.97 19.87
C GLY F 348 30.21 -50.64 18.99
N MET F 349 28.91 -50.45 19.30
CA MET F 349 27.86 -51.06 18.50
C MET F 349 27.49 -50.25 17.27
N SER F 350 27.68 -48.93 17.31
CA SER F 350 27.34 -48.08 16.18
C SER F 350 28.36 -48.29 15.07
N GLY F 351 27.89 -48.74 13.92
CA GLY F 351 28.76 -48.98 12.77
C GLY F 351 28.72 -50.41 12.28
N GLY F 352 29.71 -50.80 11.48
CA GLY F 352 29.78 -52.13 10.94
C GLY F 352 30.69 -53.04 11.76
N ARG F 353 30.86 -54.26 11.25
CA ARG F 353 31.70 -55.25 11.90
C ARG F 353 33.15 -55.07 11.47
N VAL F 354 34.01 -54.74 12.43
CA VAL F 354 35.43 -54.56 12.16
C VAL F 354 36.09 -55.91 11.95
N GLU F 355 36.72 -56.10 10.79
CA GLU F 355 37.36 -57.37 10.49
C GLU F 355 38.63 -57.54 11.31
N GLY F 356 38.91 -58.78 11.71
CA GLY F 356 40.10 -59.07 12.49
C GLY F 356 40.08 -58.57 13.92
N LYS F 357 38.96 -58.00 14.38
CA LYS F 357 38.86 -57.47 15.73
C LYS F 357 37.53 -57.89 16.33
N VAL F 358 37.31 -57.46 17.58
CA VAL F 358 36.07 -57.76 18.29
C VAL F 358 35.87 -56.69 19.35
N ILE F 359 34.61 -56.34 19.59
CA ILE F 359 34.23 -55.28 20.53
C ILE F 359 33.45 -55.91 21.68
N TYR F 360 33.87 -55.59 22.91
CA TYR F 360 33.18 -56.05 24.10
C TYR F 360 32.60 -54.86 24.85
N GLU F 361 31.36 -55.02 25.32
CA GLU F 361 30.68 -53.98 26.07
C GLU F 361 29.93 -54.60 27.25
N THR F 362 30.23 -54.13 28.45
CA THR F 362 29.57 -54.60 29.68
C THR F 362 28.63 -53.49 30.14
N GLN F 363 27.51 -53.35 29.45
CA GLN F 363 26.54 -52.31 29.79
C GLN F 363 25.80 -52.67 31.07
N SER F 364 25.82 -51.75 32.04
CA SER F 364 25.13 -51.96 33.30
C SER F 364 23.63 -51.85 33.09
N THR F 365 22.88 -52.79 33.68
CA THR F 365 21.43 -52.82 33.54
C THR F 365 20.71 -52.19 34.72
N HIS F 366 21.13 -52.47 35.95
CA HIS F 366 20.48 -51.91 37.13
C HIS F 366 21.17 -50.64 37.61
N LYS F 367 21.56 -49.79 36.65
CA LYS F 367 22.25 -48.54 36.99
C LYS F 367 21.47 -47.36 36.49
N LEU F 368 21.20 -47.35 35.19
CA LEU F 368 20.49 -46.22 34.57
C LEU F 368 19.29 -46.69 33.76
N LEU F 369 18.74 -47.86 34.11
CA LEU F 369 17.58 -48.38 33.42
C LEU F 369 16.48 -48.75 34.40
N ALA F 370 15.95 -49.96 34.30
CA ALA F 370 14.87 -50.40 35.19
C ALA F 370 14.87 -51.93 35.22
N ALA F 371 15.55 -52.49 36.22
CA ALA F 371 15.63 -53.94 36.39
C ALA F 371 16.14 -54.22 37.80
N PHE F 372 16.09 -55.49 38.19
CA PHE F 372 16.58 -55.90 39.48
C PHE F 372 18.12 -55.84 39.54
N SER F 373 18.65 -55.96 40.75
CA SER F 373 20.09 -55.91 40.94
C SER F 373 20.75 -57.16 40.34
N GLN F 374 22.09 -57.11 40.26
CA GLN F 374 22.89 -58.20 39.71
C GLN F 374 22.45 -58.54 38.28
N ALA F 375 22.46 -57.52 37.42
CA ALA F 375 22.06 -57.67 36.03
C ALA F 375 23.03 -56.91 35.14
N SER F 376 23.45 -57.54 34.04
CA SER F 376 24.36 -56.90 33.10
C SER F 376 24.22 -57.60 31.75
N MET F 377 24.86 -57.02 30.75
CA MET F 377 24.84 -57.56 29.40
C MET F 377 26.25 -57.58 28.83
N ILE F 378 26.45 -58.46 27.84
CA ILE F 378 27.73 -58.60 27.15
C ILE F 378 27.47 -58.47 25.66
N HIS F 379 27.98 -57.41 25.06
CA HIS F 379 27.79 -57.14 23.63
C HIS F 379 29.06 -57.53 22.88
N VAL F 380 28.94 -58.55 22.02
CA VAL F 380 30.06 -59.04 21.23
C VAL F 380 29.83 -58.64 19.78
N LYS F 381 30.83 -57.98 19.18
CA LYS F 381 30.76 -57.52 17.80
C LYS F 381 32.07 -57.92 17.11
N GLY F 382 32.07 -59.11 16.53
CA GLY F 382 33.26 -59.61 15.84
C GLY F 382 33.25 -61.12 15.79
N ASP F 383 34.45 -61.70 15.80
CA ASP F 383 34.65 -63.15 15.76
C ASP F 383 35.43 -63.58 16.98
N VAL F 384 34.86 -64.51 17.75
CA VAL F 384 35.50 -65.02 18.95
C VAL F 384 35.65 -66.53 18.83
N ASN F 385 36.19 -67.16 19.87
CA ASN F 385 36.35 -68.61 19.92
C ASN F 385 35.14 -69.23 20.60
N GLU F 386 34.62 -70.31 20.02
CA GLU F 386 33.42 -70.95 20.55
C GLU F 386 33.75 -71.81 21.76
N GLU F 387 34.85 -72.55 21.73
CA GLU F 387 35.24 -73.44 22.82
C GLU F 387 36.28 -72.79 23.72
N THR F 388 35.99 -71.57 24.19
CA THR F 388 36.90 -70.86 25.07
C THR F 388 36.14 -69.95 26.02
N PHE F 389 35.34 -69.02 25.46
CA PHE F 389 34.56 -68.11 26.29
C PHE F 389 33.39 -68.81 26.98
N ASN F 390 32.97 -69.97 26.48
CA ASN F 390 31.86 -70.68 27.11
C ASN F 390 32.26 -71.21 28.48
N GLU F 391 33.51 -71.68 28.63
CA GLU F 391 33.96 -72.19 29.91
C GLU F 391 34.15 -71.07 30.93
N ALA F 392 34.43 -69.85 30.47
CA ALA F 392 34.64 -68.73 31.39
C ALA F 392 33.34 -68.22 31.99
N TYR F 393 32.20 -68.46 31.35
CA TYR F 393 30.93 -67.98 31.88
C TYR F 393 30.38 -68.89 32.98
N MET F 394 30.63 -70.19 32.89
CA MET F 394 30.14 -71.12 33.90
C MET F 394 30.94 -71.07 35.20
N MET F 395 32.14 -70.48 35.18
CA MET F 395 32.97 -70.38 36.37
C MET F 395 32.50 -69.29 37.33
N HIS F 396 31.59 -68.41 36.90
CA HIS F 396 31.08 -67.34 37.75
C HIS F 396 29.57 -67.30 37.82
N THR F 397 28.87 -68.22 37.16
CA THR F 397 27.41 -68.28 37.18
C THR F 397 26.97 -69.63 37.73
N THR F 398 26.05 -69.60 38.69
CA THR F 398 25.56 -70.83 39.30
C THR F 398 24.70 -71.60 38.31
N THR F 399 24.44 -72.87 38.64
CA THR F 399 23.64 -73.73 37.79
C THR F 399 22.15 -73.45 37.89
N SER F 400 21.71 -72.76 38.95
CA SER F 400 20.30 -72.42 39.15
C SER F 400 20.18 -70.90 39.22
N PRO F 401 20.09 -70.23 38.07
CA PRO F 401 19.96 -68.78 38.08
C PRO F 401 18.58 -68.33 38.53
N HIS F 402 18.49 -67.05 38.86
CA HIS F 402 17.24 -66.43 39.31
C HIS F 402 16.56 -65.80 38.10
N TYR F 403 15.44 -66.38 37.67
CA TYR F 403 14.75 -65.88 36.49
C TYR F 403 14.06 -64.55 36.73
N GLY F 404 13.89 -64.14 37.98
CA GLY F 404 13.32 -62.83 38.26
C GLY F 404 14.19 -61.69 37.79
N ILE F 405 15.51 -61.90 37.77
CA ILE F 405 16.43 -60.88 37.27
C ILE F 405 16.52 -60.96 35.75
N VAL F 406 16.46 -62.17 35.19
CA VAL F 406 16.52 -62.33 33.74
C VAL F 406 15.29 -61.73 33.09
N ALA F 407 14.12 -61.88 33.72
CA ALA F 407 12.90 -61.30 33.16
C ALA F 407 12.94 -59.79 33.16
N SER F 408 13.61 -59.18 34.14
CA SER F 408 13.71 -57.73 34.18
C SER F 408 14.86 -57.21 33.32
N THR F 409 15.88 -58.05 33.09
CA THR F 409 16.99 -57.64 32.24
C THR F 409 16.54 -57.50 30.79
N GLU F 410 15.80 -58.48 30.29
CA GLU F 410 15.29 -58.39 28.93
C GLU F 410 14.15 -57.38 28.81
N THR F 411 13.47 -57.09 29.92
CA THR F 411 12.40 -56.10 29.91
C THR F 411 12.93 -54.71 29.56
N ALA F 412 14.11 -54.36 30.08
CA ALA F 412 14.69 -53.05 29.76
C ALA F 412 14.97 -52.92 28.27
N ALA F 413 15.33 -54.01 27.60
CA ALA F 413 15.54 -53.97 26.16
C ALA F 413 14.21 -53.87 25.42
N ALA F 414 13.14 -54.42 26.00
CA ALA F 414 11.83 -54.33 25.36
C ALA F 414 11.20 -52.95 25.56
N MET F 415 11.63 -52.22 26.58
CA MET F 415 11.11 -50.88 26.82
C MET F 415 11.73 -49.84 25.91
N MET F 416 12.68 -50.21 25.05
CA MET F 416 13.35 -49.27 24.17
C MET F 416 12.86 -49.33 22.73
N LYS F 417 12.22 -50.42 22.32
CA LYS F 417 11.75 -50.54 20.95
C LYS F 417 10.51 -49.70 20.72
N GLY F 418 10.44 -49.06 19.56
CA GLY F 418 9.29 -48.25 19.20
C GLY F 418 9.44 -46.80 19.64
N ASN F 419 8.41 -46.02 19.29
CA ASN F 419 8.40 -44.61 19.65
C ASN F 419 8.22 -44.40 21.15
N ALA F 420 7.61 -45.37 21.84
CA ALA F 420 7.45 -45.26 23.29
C ALA F 420 8.77 -45.36 24.03
N GLY F 421 9.78 -45.99 23.43
CA GLY F 421 11.09 -46.09 24.05
C GLY F 421 12.04 -45.00 23.61
N LYS F 422 11.86 -44.51 22.39
CA LYS F 422 12.72 -43.44 21.88
C LYS F 422 12.46 -42.12 22.62
N ARG F 423 11.24 -41.92 23.12
CA ARG F 423 10.93 -40.70 23.86
C ARG F 423 11.52 -40.71 25.26
N LEU F 424 12.02 -41.85 25.73
CA LEU F 424 12.64 -41.89 27.05
C LEU F 424 14.06 -41.35 27.03
N ILE F 425 14.81 -41.63 25.97
CA ILE F 425 16.16 -41.09 25.85
C ILE F 425 16.11 -39.60 25.49
N ASN F 426 15.32 -39.26 24.48
CA ASN F 426 15.19 -37.86 24.08
C ASN F 426 14.47 -37.04 25.14
N GLY F 427 13.59 -37.67 25.93
CA GLY F 427 12.92 -36.93 26.98
C GLY F 427 13.86 -36.54 28.11
N SER F 428 14.82 -37.40 28.43
CA SER F 428 15.79 -37.08 29.46
C SER F 428 16.79 -36.02 28.98
N ILE F 429 17.05 -35.98 27.67
CA ILE F 429 17.96 -34.97 27.13
C ILE F 429 17.30 -33.60 27.13
N GLU F 430 16.02 -33.53 26.77
CA GLU F 430 15.31 -32.25 26.78
C GLU F 430 15.16 -31.72 28.20
N ARG F 431 14.96 -32.60 29.17
CA ARG F 431 14.89 -32.16 30.56
C ARG F 431 16.26 -31.77 31.10
N ALA F 432 17.33 -32.33 30.53
CA ALA F 432 18.67 -31.97 30.96
C ALA F 432 19.10 -30.63 30.38
N ILE F 433 18.83 -30.40 29.10
CA ILE F 433 19.17 -29.12 28.47
C ILE F 433 18.37 -27.99 29.10
N LYS F 434 17.09 -28.25 29.42
CA LYS F 434 16.28 -27.25 30.10
C LYS F 434 16.83 -26.92 31.47
N PHE F 435 17.32 -27.93 32.19
CA PHE F 435 17.94 -27.68 33.49
C PHE F 435 19.25 -26.93 33.36
N ARG F 436 19.97 -27.13 32.24
CA ARG F 436 21.21 -26.39 32.03
C ARG F 436 20.93 -24.92 31.72
N LYS F 437 19.81 -24.63 31.05
CA LYS F 437 19.48 -23.24 30.74
C LYS F 437 18.94 -22.51 31.96
N GLU F 438 18.33 -23.23 32.89
CA GLU F 438 17.82 -22.59 34.10
C GLU F 438 18.93 -22.15 35.04
N ILE F 439 20.13 -22.74 34.92
CA ILE F 439 21.25 -22.32 35.76
C ILE F 439 21.83 -21.01 35.25
N LYS F 440 22.04 -20.90 33.93
CA LYS F 440 22.58 -19.66 33.38
C LYS F 440 21.57 -18.52 33.46
N ARG F 441 20.27 -18.83 33.49
CA ARG F 441 19.26 -17.79 33.60
C ARG F 441 19.19 -17.23 35.02
N LEU F 442 19.35 -18.10 36.02
CA LEU F 442 19.33 -17.68 37.42
C LEU F 442 20.70 -17.28 37.94
N ARG F 443 21.68 -17.10 37.05
CA ARG F 443 23.03 -16.70 37.44
C ARG F 443 23.26 -15.20 37.24
N THR F 444 22.92 -14.68 36.06
CA THR F 444 23.09 -13.26 35.80
C THR F 444 22.02 -12.42 36.48
N GLU F 445 20.77 -12.89 36.45
CA GLU F 445 19.67 -12.14 37.06
C GLU F 445 19.76 -12.12 38.59
N SER F 446 20.49 -13.07 39.18
CA SER F 446 20.63 -13.10 40.63
C SER F 446 21.58 -12.01 41.11
N ASP F 447 21.56 -11.76 42.41
CA ASP F 447 22.40 -10.74 43.04
C ASP F 447 23.35 -11.46 44.00
N GLY F 448 24.47 -11.91 43.46
CA GLY F 448 25.49 -12.59 44.24
C GLY F 448 26.01 -13.80 43.49
N TRP F 449 26.61 -14.72 44.23
CA TRP F 449 27.18 -15.93 43.65
C TRP F 449 26.07 -16.93 43.32
N PHE F 450 26.37 -17.80 42.37
CA PHE F 450 25.42 -18.83 41.94
C PHE F 450 26.20 -19.97 41.31
N PHE F 451 25.56 -21.14 41.29
CA PHE F 451 26.21 -22.33 40.74
C PHE F 451 26.43 -22.18 39.24
N ASP F 452 27.36 -22.97 38.71
CA ASP F 452 27.72 -22.96 37.31
C ASP F 452 27.76 -24.38 36.78
N VAL F 453 27.38 -24.54 35.52
CA VAL F 453 27.36 -25.83 34.85
C VAL F 453 28.56 -25.91 33.92
N TRP F 454 29.33 -27.00 34.03
CA TRP F 454 30.50 -27.23 33.19
C TRP F 454 30.03 -27.51 31.76
N GLN F 455 29.74 -26.44 31.03
CA GLN F 455 29.21 -26.54 29.69
C GLN F 455 29.76 -25.38 28.87
N PRO F 456 29.79 -25.52 27.54
CA PRO F 456 30.25 -24.41 26.69
C PRO F 456 29.33 -23.21 26.80
N ASP F 457 29.79 -22.08 26.23
CA ASP F 457 29.01 -20.85 26.27
C ASP F 457 27.79 -20.91 25.36
N HIS F 458 27.77 -21.82 24.38
CA HIS F 458 26.66 -21.95 23.44
C HIS F 458 26.07 -23.36 23.61
N ILE F 459 24.91 -23.43 24.24
CA ILE F 459 24.21 -24.70 24.44
C ILE F 459 22.88 -24.66 23.72
N ASP F 460 22.78 -23.81 22.69
CA ASP F 460 21.53 -23.68 21.94
C ASP F 460 21.22 -24.93 21.14
N THR F 461 22.24 -25.63 20.65
CA THR F 461 22.02 -26.83 19.87
C THR F 461 21.63 -28.00 20.77
N THR F 462 21.17 -29.08 20.15
CA THR F 462 20.75 -30.29 20.85
C THR F 462 21.60 -31.45 20.31
N GLU F 463 22.80 -31.59 20.85
CA GLU F 463 23.73 -32.64 20.46
C GLU F 463 24.84 -32.71 21.51
N CYS F 464 25.83 -33.55 21.25
CA CYS F 464 26.97 -33.69 22.14
C CYS F 464 27.97 -32.57 21.86
N TRP F 465 28.28 -31.80 22.89
CA TRP F 465 29.20 -30.67 22.73
C TRP F 465 30.64 -31.17 22.61
N PRO F 466 31.32 -30.93 21.50
CA PRO F 466 32.70 -31.40 21.37
C PRO F 466 33.66 -30.53 22.17
N LEU F 467 34.72 -31.16 22.66
CA LEU F 467 35.76 -30.48 23.43
C LEU F 467 36.84 -30.01 22.46
N ARG F 468 36.70 -28.78 21.98
CA ARG F 468 37.65 -28.22 21.03
C ARG F 468 38.91 -27.76 21.76
N SER F 469 39.84 -27.18 21.00
CA SER F 469 41.09 -26.68 21.55
C SER F 469 41.10 -25.17 21.74
N ASP F 470 40.10 -24.46 21.22
CA ASP F 470 40.02 -23.01 21.35
C ASP F 470 38.94 -22.59 22.36
N SER F 471 38.75 -23.40 23.41
CA SER F 471 37.76 -23.11 24.43
C SER F 471 38.45 -23.02 25.79
N THR F 472 37.74 -22.41 26.75
CA THR F 472 38.25 -22.24 28.10
C THR F 472 37.37 -22.89 29.16
N TRP F 473 36.27 -23.54 28.78
CA TRP F 473 35.39 -24.16 29.75
C TRP F 473 35.88 -25.53 30.19
N HIS F 474 36.51 -26.29 29.27
CA HIS F 474 36.99 -27.62 29.61
C HIS F 474 38.28 -27.56 30.42
N GLY F 475 39.16 -26.62 30.10
CA GLY F 475 40.38 -26.44 30.87
C GLY F 475 41.40 -27.54 30.72
N PHE F 476 41.35 -28.30 29.62
CA PHE F 476 42.31 -29.36 29.37
C PHE F 476 43.45 -28.84 28.51
N LYS F 477 44.68 -28.97 29.01
CA LYS F 477 45.86 -28.49 28.30
C LYS F 477 46.18 -29.44 27.14
N ASN F 478 46.15 -28.91 25.92
CA ASN F 478 46.44 -29.67 24.71
C ASN F 478 45.53 -30.89 24.59
N ILE F 479 44.29 -30.68 24.15
CA ILE F 479 43.33 -31.75 23.97
C ILE F 479 43.14 -31.99 22.48
N ASP F 480 42.89 -33.25 22.13
CA ASP F 480 42.69 -33.63 20.73
C ASP F 480 41.30 -33.21 20.26
N ASN F 481 41.24 -32.63 19.07
CA ASN F 481 39.96 -32.20 18.51
C ASN F 481 39.20 -33.39 17.92
N GLU F 482 37.88 -33.31 18.01
CA GLU F 482 36.99 -34.36 17.52
C GLU F 482 37.30 -35.71 18.15
N HIS F 483 37.56 -35.71 19.45
CA HIS F 483 37.88 -36.92 20.18
C HIS F 483 37.14 -37.03 21.51
N MET F 484 36.93 -35.91 22.20
CA MET F 484 36.24 -35.89 23.49
C MET F 484 34.92 -35.16 23.33
N TYR F 485 33.83 -35.80 23.73
CA TYR F 485 32.50 -35.24 23.65
C TYR F 485 31.91 -35.09 25.04
N LEU F 486 30.85 -34.29 25.13
CA LEU F 486 30.19 -34.01 26.40
C LEU F 486 28.85 -34.73 26.47
N ASP F 487 28.55 -35.28 27.65
CA ASP F 487 27.28 -35.97 27.86
C ASP F 487 26.23 -34.97 28.33
N PRO F 488 25.15 -34.76 27.56
CA PRO F 488 24.16 -33.74 27.98
C PRO F 488 23.45 -34.09 29.28
N ILE F 489 23.09 -35.37 29.48
CA ILE F 489 22.35 -35.73 30.67
C ILE F 489 23.22 -35.73 31.93
N LYS F 490 24.53 -35.75 31.77
CA LYS F 490 25.46 -35.72 32.91
C LYS F 490 25.79 -34.26 33.21
N VAL F 491 24.93 -33.63 34.00
CA VAL F 491 25.11 -32.23 34.38
C VAL F 491 26.19 -32.15 35.45
N THR F 492 27.26 -31.40 35.17
CA THR F 492 28.37 -31.22 36.09
C THR F 492 28.28 -29.82 36.68
N LEU F 493 27.88 -29.75 37.95
CA LEU F 493 27.76 -28.46 38.62
C LEU F 493 29.10 -28.04 39.21
N LEU F 494 29.52 -26.81 38.93
CA LEU F 494 30.78 -26.26 39.42
C LEU F 494 30.46 -25.18 40.45
N THR F 495 30.92 -25.41 41.69
CA THR F 495 30.70 -24.43 42.74
C THR F 495 31.76 -23.32 42.67
N PRO F 496 31.39 -22.07 42.94
CA PRO F 496 32.37 -20.99 42.91
C PRO F 496 33.44 -21.17 43.97
N GLY F 497 34.70 -21.14 43.53
CA GLY F 497 35.82 -21.30 44.43
C GLY F 497 37.16 -21.23 43.74
N MET F 498 37.18 -21.46 42.43
CA MET F 498 38.39 -21.41 41.64
C MET F 498 38.19 -20.48 40.45
N GLU F 499 39.32 -20.10 39.83
CA GLU F 499 39.29 -19.21 38.68
C GLU F 499 39.32 -20.02 37.39
N LYS F 500 39.39 -19.31 36.26
CA LYS F 500 39.42 -19.96 34.95
C LYS F 500 40.81 -20.39 34.53
N ASP F 501 41.85 -20.00 35.26
CA ASP F 501 43.22 -20.36 34.93
C ASP F 501 43.75 -21.53 35.74
N GLY F 502 43.00 -22.00 36.73
CA GLY F 502 43.43 -23.11 37.54
C GLY F 502 43.93 -22.76 38.92
N THR F 503 43.82 -21.50 39.34
CA THR F 503 44.28 -21.07 40.65
C THR F 503 43.11 -21.12 41.63
N MET F 504 43.23 -20.43 42.76
CA MET F 504 42.19 -20.38 43.78
C MET F 504 41.59 -18.98 43.85
N SER F 505 40.73 -18.77 44.85
CA SER F 505 40.08 -17.48 45.04
C SER F 505 39.88 -17.25 46.53
N ASP F 506 39.53 -16.01 46.88
CA ASP F 506 39.29 -15.66 48.27
C ASP F 506 37.95 -16.18 48.75
N PHE F 507 36.88 -15.90 48.00
CA PHE F 507 35.53 -16.33 48.35
C PHE F 507 35.25 -17.64 47.60
N GLY F 508 35.01 -18.70 48.34
CA GLY F 508 34.72 -19.99 47.74
C GLY F 508 34.02 -20.90 48.72
N ILE F 509 33.17 -21.77 48.19
CA ILE F 509 32.41 -22.73 48.98
C ILE F 509 32.70 -24.12 48.44
N PRO F 510 33.25 -25.04 49.24
CA PRO F 510 33.52 -26.39 48.75
C PRO F 510 32.24 -27.13 48.41
N ALA F 511 32.38 -28.14 47.55
CA ALA F 511 31.24 -28.95 47.14
C ALA F 511 30.84 -29.97 48.20
N SER F 512 31.71 -30.22 49.19
CA SER F 512 31.36 -31.18 50.24
C SER F 512 30.31 -30.63 51.19
N ILE F 513 30.26 -29.31 51.35
CA ILE F 513 29.25 -28.72 52.23
C ILE F 513 27.88 -28.75 51.56
N VAL F 514 27.83 -28.49 50.25
CA VAL F 514 26.56 -28.53 49.54
C VAL F 514 26.01 -29.94 49.46
N ALA F 515 26.90 -30.94 49.38
CA ALA F 515 26.46 -32.33 49.31
C ALA F 515 25.75 -32.76 50.59
N LYS F 516 26.14 -32.20 51.74
CA LYS F 516 25.48 -32.56 52.99
C LYS F 516 24.12 -31.88 53.12
N TYR F 517 23.94 -30.73 52.46
CA TYR F 517 22.65 -30.05 52.53
C TYR F 517 21.63 -30.72 51.62
N LEU F 518 22.06 -31.31 50.52
CA LEU F 518 21.13 -31.99 49.62
C LEU F 518 20.62 -33.30 50.22
N ASP F 519 21.41 -33.93 51.09
CA ASP F 519 21.00 -35.19 51.71
C ASP F 519 19.88 -34.98 52.74
N GLU F 520 19.71 -33.75 53.23
CA GLU F 520 18.66 -33.50 54.22
C GLU F 520 17.27 -33.64 53.60
N HIS F 521 17.12 -33.22 52.34
CA HIS F 521 15.84 -33.33 51.65
C HIS F 521 15.67 -34.65 50.92
N GLY F 522 16.69 -35.51 50.90
CA GLY F 522 16.62 -36.78 50.22
C GLY F 522 17.39 -36.88 48.92
N ILE F 523 18.16 -35.86 48.56
CA ILE F 523 18.92 -35.86 47.32
C ILE F 523 20.31 -36.42 47.61
N VAL F 524 20.62 -37.56 47.01
CA VAL F 524 21.91 -38.22 47.19
C VAL F 524 22.85 -37.77 46.09
N VAL F 525 24.00 -37.23 46.47
CA VAL F 525 24.97 -36.75 45.50
C VAL F 525 25.79 -37.94 44.98
N GLU F 526 25.91 -38.05 43.66
CA GLU F 526 26.65 -39.14 43.07
C GLU F 526 28.15 -38.97 43.26
N LYS F 527 28.68 -37.82 42.84
CA LYS F 527 30.10 -37.53 42.95
C LYS F 527 30.29 -36.14 43.53
N THR F 528 31.19 -36.03 44.51
CA THR F 528 31.47 -34.76 45.15
C THR F 528 32.90 -34.77 45.68
N GLY F 529 33.42 -33.59 45.95
CA GLY F 529 34.77 -33.45 46.46
C GLY F 529 35.23 -32.01 46.54
N PRO F 530 36.16 -31.63 45.65
CA PRO F 530 36.67 -30.26 45.66
C PRO F 530 35.63 -29.23 45.32
N TYR F 531 35.46 -28.94 44.03
CA TYR F 531 34.52 -27.93 43.56
C TYR F 531 33.78 -28.46 42.32
N ASN F 532 33.13 -29.62 42.47
CA ASN F 532 32.40 -30.22 41.37
C ASN F 532 31.30 -31.12 41.93
N LEU F 533 30.28 -31.34 41.10
CA LEU F 533 29.15 -32.20 41.45
C LEU F 533 28.77 -33.04 40.24
N LEU F 534 27.91 -34.03 40.47
CA LEU F 534 27.46 -34.93 39.42
C LEU F 534 26.13 -35.56 39.82
N PHE F 535 25.20 -35.62 38.86
CA PHE F 535 23.91 -36.23 39.08
C PHE F 535 23.59 -37.17 37.92
N LEU F 536 22.68 -38.12 38.17
CA LEU F 536 22.28 -39.12 37.20
C LEU F 536 20.89 -38.79 36.69
N PHE F 537 20.79 -38.39 35.43
CA PHE F 537 19.52 -38.07 34.78
C PHE F 537 19.25 -39.11 33.71
N SER F 538 18.78 -40.28 34.14
CA SER F 538 18.50 -41.39 33.24
C SER F 538 17.04 -41.31 32.79
N ILE F 539 16.50 -42.43 32.28
CA ILE F 539 15.10 -42.43 31.84
C ILE F 539 14.13 -42.49 33.01
N GLY F 540 14.58 -42.90 34.19
CA GLY F 540 13.71 -42.95 35.35
C GLY F 540 13.56 -41.64 36.09
N ILE F 541 14.29 -40.61 35.69
CA ILE F 541 14.21 -39.30 36.33
C ILE F 541 13.16 -38.49 35.57
N ASP F 542 11.99 -38.33 36.18
CA ASP F 542 10.91 -37.58 35.55
C ASP F 542 11.11 -36.09 35.79
N LYS F 543 10.10 -35.28 35.44
CA LYS F 543 10.17 -33.84 35.62
C LYS F 543 10.04 -33.42 37.08
N THR F 544 9.58 -34.30 37.96
CA THR F 544 9.46 -33.96 39.37
C THR F 544 10.84 -33.90 40.04
N LYS F 545 11.67 -34.92 39.79
CA LYS F 545 12.99 -34.95 40.39
C LYS F 545 13.93 -33.91 39.78
N ALA F 546 13.67 -33.48 38.54
CA ALA F 546 14.52 -32.47 37.93
C ALA F 546 14.24 -31.09 38.48
N LEU F 547 12.96 -30.75 38.68
CA LEU F 547 12.61 -29.44 39.22
C LEU F 547 12.86 -29.35 40.72
N SER F 548 12.86 -30.48 41.42
CA SER F 548 13.11 -30.47 42.86
C SER F 548 14.58 -30.22 43.18
N LEU F 549 15.49 -30.50 42.24
CA LEU F 549 16.90 -30.27 42.48
C LEU F 549 17.25 -28.78 42.44
N LEU F 550 16.61 -28.03 41.55
CA LEU F 550 16.88 -26.59 41.46
C LEU F 550 16.36 -25.86 42.69
N ARG F 551 15.23 -26.31 43.23
CA ARG F 551 14.67 -25.66 44.42
C ARG F 551 15.58 -25.86 45.63
N ALA F 552 16.25 -27.01 45.71
CA ALA F 552 17.18 -27.25 46.81
C ALA F 552 18.45 -26.45 46.66
N LEU F 553 18.80 -26.07 45.43
CA LEU F 553 19.98 -25.24 45.21
C LEU F 553 19.72 -23.78 45.52
N THR F 554 18.52 -23.30 45.23
CA THR F 554 18.18 -21.91 45.53
C THR F 554 18.03 -21.69 47.04
N ASP F 555 17.65 -22.72 47.78
CA ASP F 555 17.53 -22.60 49.23
C ASP F 555 18.88 -22.50 49.91
N PHE F 556 19.94 -23.02 49.28
CA PHE F 556 21.27 -22.93 49.87
C PHE F 556 21.82 -21.52 49.80
N LYS F 557 21.45 -20.75 48.77
CA LYS F 557 21.91 -19.37 48.67
C LYS F 557 21.20 -18.49 49.69
N ARG F 558 19.92 -18.76 49.95
CA ARG F 558 19.18 -17.96 50.92
C ARG F 558 19.69 -18.19 52.34
N ALA F 559 20.00 -19.46 52.68
CA ALA F 559 20.50 -19.76 54.01
C ALA F 559 21.93 -19.29 54.22
N PHE F 560 22.70 -19.13 53.14
CA PHE F 560 24.08 -18.67 53.26
C PHE F 560 24.20 -17.15 53.26
N ASP F 561 23.34 -16.45 52.51
CA ASP F 561 23.40 -15.00 52.48
C ASP F 561 22.88 -14.39 53.78
N LEU F 562 21.88 -15.02 54.40
CA LEU F 562 21.33 -14.52 55.65
C LEU F 562 22.16 -14.92 56.86
N ASN F 563 23.20 -15.74 56.67
CA ASN F 563 24.09 -16.19 57.74
C ASN F 563 23.30 -16.87 58.85
N LEU F 564 22.91 -18.13 58.63
CA LEU F 564 22.17 -18.91 59.60
C LEU F 564 23.11 -19.82 60.38
N ARG F 565 22.52 -20.57 61.31
CA ARG F 565 23.28 -21.47 62.17
C ARG F 565 23.31 -22.88 61.58
N VAL F 566 24.26 -23.68 62.04
CA VAL F 566 24.39 -25.05 61.57
C VAL F 566 23.27 -25.92 62.14
N LYS F 567 22.89 -25.68 63.40
CA LYS F 567 21.83 -26.46 64.02
C LYS F 567 20.48 -26.20 63.34
N ASN F 568 20.25 -24.96 62.90
CA ASN F 568 19.03 -24.59 62.20
C ASN F 568 19.15 -24.73 60.69
N MET F 569 19.91 -25.71 60.21
CA MET F 569 20.09 -25.92 58.78
C MET F 569 20.52 -27.34 58.49
N LEU F 570 21.50 -27.85 59.24
CA LEU F 570 22.02 -29.20 59.08
C LEU F 570 21.81 -29.97 60.38
N PRO F 571 20.64 -30.57 60.59
CA PRO F 571 20.41 -31.32 61.83
C PRO F 571 21.19 -32.62 61.90
N SER F 572 21.58 -33.20 60.77
CA SER F 572 22.36 -34.42 60.79
C SER F 572 23.80 -34.17 61.19
N LEU F 573 24.38 -33.06 60.73
CA LEU F 573 25.76 -32.73 61.11
C LEU F 573 25.85 -32.29 62.56
N TYR F 574 24.78 -31.70 63.10
CA TYR F 574 24.80 -31.26 64.49
C TYR F 574 24.80 -32.43 65.46
N ARG F 575 24.17 -33.55 65.08
CA ARG F 575 24.11 -34.71 65.96
C ARG F 575 25.45 -35.44 66.05
N GLU F 576 26.37 -35.17 65.12
CA GLU F 576 27.67 -35.83 65.16
C GLU F 576 28.53 -35.27 66.29
N ASP F 577 28.47 -33.96 66.51
CA ASP F 577 29.25 -33.30 67.57
C ASP F 577 28.53 -32.03 67.97
N PRO F 578 27.54 -32.13 68.87
CA PRO F 578 26.81 -30.92 69.30
C PRO F 578 27.67 -29.93 70.07
N GLU F 579 28.78 -30.37 70.67
CA GLU F 579 29.61 -29.45 71.45
C GLU F 579 30.44 -28.56 70.55
N PHE F 580 31.08 -29.13 69.53
CA PHE F 580 31.92 -28.34 68.64
C PHE F 580 31.09 -27.48 67.71
N TYR F 581 30.02 -28.03 67.15
CA TYR F 581 29.14 -27.29 66.24
C TYR F 581 28.01 -26.58 66.99
N GLU F 582 28.38 -25.83 68.03
CA GLU F 582 27.40 -25.09 68.84
C GLU F 582 27.24 -23.67 68.34
N ASN F 583 28.26 -22.84 68.55
CA ASN F 583 28.24 -21.44 68.15
C ASN F 583 28.80 -21.22 66.74
N MET F 584 28.78 -22.24 65.90
CA MET F 584 29.28 -22.13 64.54
C MET F 584 28.13 -21.87 63.57
N ARG F 585 28.34 -20.94 62.64
CA ARG F 585 27.35 -20.57 61.65
C ARG F 585 27.73 -21.18 60.29
N ILE F 586 26.86 -20.94 59.30
CA ILE F 586 27.10 -21.48 57.97
C ILE F 586 28.21 -20.72 57.23
N GLN F 587 28.45 -19.46 57.59
CA GLN F 587 29.50 -18.70 56.92
C GLN F 587 30.87 -18.94 57.55
N GLU F 588 30.91 -19.31 58.83
CA GLU F 588 32.19 -19.57 59.48
C GLU F 588 32.78 -20.90 59.01
N LEU F 589 31.95 -21.91 58.81
CA LEU F 589 32.44 -23.21 58.36
C LEU F 589 32.82 -23.19 56.89
N ALA F 590 32.11 -22.42 56.06
CA ALA F 590 32.41 -22.40 54.64
C ALA F 590 33.71 -21.66 54.35
N GLN F 591 34.12 -20.73 55.22
CA GLN F 591 35.35 -19.98 55.01
C GLN F 591 36.56 -20.66 55.62
N ASN F 592 36.39 -21.41 56.71
CA ASN F 592 37.52 -22.08 57.34
C ASN F 592 38.01 -23.25 56.49
N ILE F 593 37.09 -23.95 55.81
CA ILE F 593 37.49 -25.06 54.96
C ILE F 593 38.15 -24.56 53.69
N HIS F 594 37.68 -23.42 53.16
CA HIS F 594 38.25 -22.88 51.94
C HIS F 594 39.69 -22.42 52.15
N LYS F 595 40.03 -21.95 53.35
CA LYS F 595 41.40 -21.53 53.62
C LYS F 595 42.34 -22.73 53.76
N LEU F 596 41.81 -23.88 54.17
CA LEU F 596 42.65 -25.07 54.29
C LEU F 596 43.02 -25.63 52.92
N ILE F 597 42.17 -25.44 51.93
CA ILE F 597 42.49 -25.92 50.58
C ILE F 597 43.60 -25.08 49.96
N VAL F 598 43.57 -23.77 50.19
CA VAL F 598 44.60 -22.90 49.63
C VAL F 598 45.92 -23.09 50.38
N HIS F 599 45.85 -23.29 51.69
CA HIS F 599 47.07 -23.48 52.49
C HIS F 599 47.76 -24.78 52.12
N HIS F 600 47.02 -25.89 52.12
CA HIS F 600 47.61 -27.18 51.78
C HIS F 600 47.81 -27.34 50.28
N ASN F 601 47.25 -26.46 49.45
CA ASN F 601 47.40 -26.49 48.00
C ASN F 601 46.93 -27.83 47.44
N LEU F 602 45.62 -27.97 47.24
CA LEU F 602 45.03 -29.22 46.78
C LEU F 602 45.11 -29.37 45.26
N PRO F 603 44.74 -28.37 44.44
CA PRO F 603 44.77 -28.57 42.98
C PRO F 603 46.17 -28.86 42.44
N ASP F 604 47.22 -28.36 43.07
CA ASP F 604 48.57 -28.59 42.55
C ASP F 604 49.07 -29.97 42.95
N LEU F 605 48.80 -30.41 44.17
CA LEU F 605 49.26 -31.73 44.61
C LEU F 605 48.47 -32.84 43.94
N MET F 606 47.19 -32.62 43.65
CA MET F 606 46.37 -33.65 43.03
C MET F 606 46.69 -33.82 41.55
N TYR F 607 46.99 -32.72 40.85
CA TYR F 607 47.28 -32.81 39.42
C TYR F 607 48.64 -33.46 39.16
N ARG F 608 49.58 -33.32 40.08
CA ARG F 608 50.91 -33.88 39.90
C ARG F 608 51.05 -35.29 40.44
N ALA F 609 50.12 -35.74 41.28
CA ALA F 609 50.16 -37.08 41.84
C ALA F 609 49.48 -38.11 40.95
N PHE F 610 48.84 -37.68 39.86
CA PHE F 610 48.15 -38.61 38.96
C PHE F 610 48.85 -38.79 37.62
N GLU F 611 49.63 -37.80 37.17
CA GLU F 611 50.32 -37.92 35.89
C GLU F 611 51.52 -38.85 35.99
N VAL F 612 52.33 -38.69 37.03
CA VAL F 612 53.51 -39.54 37.22
C VAL F 612 53.04 -40.88 37.77
N LEU F 613 53.17 -41.93 36.97
CA LEU F 613 52.76 -43.25 37.39
C LEU F 613 53.88 -43.92 38.21
N PRO F 614 53.54 -44.56 39.33
CA PRO F 614 54.56 -45.24 40.12
C PRO F 614 55.19 -46.39 39.36
N THR F 615 56.41 -46.75 39.77
CA THR F 615 57.15 -47.83 39.13
C THR F 615 56.54 -49.17 39.51
N MET F 616 56.08 -49.93 38.52
CA MET F 616 55.50 -51.24 38.75
C MET F 616 56.61 -52.29 38.74
N VAL F 617 56.84 -52.91 39.90
CA VAL F 617 57.91 -53.89 40.01
C VAL F 617 57.45 -55.24 39.42
N MET F 618 56.44 -55.84 40.02
CA MET F 618 55.93 -57.14 39.58
C MET F 618 54.50 -57.00 39.11
N THR F 619 53.97 -58.09 38.57
CA THR F 619 52.60 -58.10 38.08
C THR F 619 51.62 -58.13 39.26
N PRO F 620 50.42 -57.59 39.07
CA PRO F 620 49.42 -57.64 40.17
C PRO F 620 49.03 -59.05 40.59
N TYR F 621 49.24 -60.05 39.72
CA TYR F 621 48.91 -61.42 40.10
C TYR F 621 49.88 -61.97 41.14
N ALA F 622 51.16 -61.59 41.05
CA ALA F 622 52.15 -62.07 42.01
C ALA F 622 52.01 -61.41 43.38
N ALA F 623 51.38 -60.24 43.45
CA ALA F 623 51.19 -59.57 44.74
C ALA F 623 50.15 -60.29 45.59
N PHE F 624 49.16 -60.91 44.96
CA PHE F 624 48.14 -61.63 45.71
C PHE F 624 48.63 -62.99 46.20
N GLN F 625 49.60 -63.58 45.50
CA GLN F 625 50.12 -64.87 45.92
C GLN F 625 50.91 -64.77 47.23
N LYS F 626 51.57 -63.64 47.47
CA LYS F 626 52.32 -63.45 48.70
C LYS F 626 51.43 -63.18 49.90
N GLU F 627 50.18 -62.74 49.66
CA GLU F 627 49.27 -62.45 50.76
C GLU F 627 48.68 -63.73 51.36
N LEU F 628 48.41 -64.73 50.53
CA LEU F 628 47.84 -65.97 51.04
C LEU F 628 48.85 -66.77 51.86
N HIS F 629 50.14 -66.60 51.57
CA HIS F 629 51.18 -67.31 52.30
C HIS F 629 51.52 -66.67 53.64
N GLY F 630 51.08 -65.43 53.87
CA GLY F 630 51.35 -64.77 55.14
C GLY F 630 52.63 -63.96 55.13
N MET F 631 52.79 -63.10 54.12
CA MET F 631 53.96 -62.25 53.98
C MET F 631 53.56 -60.79 53.87
N THR F 632 52.55 -60.37 54.64
CA THR F 632 52.06 -59.01 54.64
C THR F 632 52.25 -58.40 56.03
N GLU F 633 52.54 -57.10 56.05
CA GLU F 633 52.74 -56.36 57.29
C GLU F 633 52.11 -54.98 57.16
N GLU F 634 51.82 -54.39 58.31
CA GLU F 634 51.22 -53.06 58.38
C GLU F 634 52.26 -52.06 58.85
N VAL F 635 52.55 -51.06 58.01
CA VAL F 635 53.52 -50.02 58.31
C VAL F 635 52.80 -48.68 58.31
N TYR F 636 53.51 -47.65 58.76
CA TYR F 636 52.97 -46.31 58.82
C TYR F 636 52.95 -45.68 57.42
N LEU F 637 52.23 -44.56 57.31
CA LEU F 637 52.14 -43.87 56.03
C LEU F 637 53.42 -43.10 55.71
N ASP F 638 54.09 -42.56 56.73
CA ASP F 638 55.32 -41.81 56.53
C ASP F 638 56.54 -42.70 56.34
N GLU F 639 56.40 -44.02 56.49
CA GLU F 639 57.50 -44.97 56.35
C GLU F 639 57.08 -46.03 55.34
N MET F 640 57.21 -45.68 54.05
CA MET F 640 56.84 -46.64 53.01
C MET F 640 57.54 -46.37 51.69
N VAL F 641 58.55 -45.51 51.64
CA VAL F 641 59.24 -45.22 50.39
C VAL F 641 60.12 -46.41 50.02
N GLY F 642 59.87 -46.99 48.85
CA GLY F 642 60.63 -48.14 48.40
C GLY F 642 60.01 -49.49 48.71
N ARG F 643 58.74 -49.53 49.09
CA ARG F 643 58.06 -50.77 49.42
C ARG F 643 56.95 -51.05 48.40
N ILE F 644 56.48 -52.29 48.41
CA ILE F 644 55.44 -52.75 47.50
C ILE F 644 54.15 -52.88 48.29
N ASN F 645 53.12 -52.14 47.87
CA ASN F 645 51.83 -52.18 48.55
C ASN F 645 51.09 -53.46 48.21
N ALA F 646 50.07 -53.78 49.02
CA ALA F 646 49.26 -54.96 48.84
C ALA F 646 47.85 -54.68 48.34
N ASN F 647 47.27 -53.53 48.71
CA ASN F 647 45.92 -53.16 48.30
C ASN F 647 45.98 -51.99 47.34
N MET F 648 44.81 -51.59 46.86
CA MET F 648 44.67 -50.48 45.92
C MET F 648 44.20 -49.25 46.67
N ILE F 649 44.88 -48.13 46.45
CA ILE F 649 44.56 -46.87 47.10
C ILE F 649 43.49 -46.16 46.27
N LEU F 650 42.35 -45.86 46.90
CA LEU F 650 41.23 -45.19 46.24
C LEU F 650 40.80 -44.02 47.12
N PRO F 651 41.46 -42.87 46.99
CA PRO F 651 41.13 -41.73 47.85
C PRO F 651 39.87 -41.00 47.38
N TYR F 652 39.09 -40.55 48.35
CA TYR F 652 37.88 -39.77 48.10
C TYR F 652 38.05 -38.38 48.69
N PRO F 653 38.15 -37.31 47.89
CA PRO F 653 38.15 -37.31 46.41
C PRO F 653 39.53 -37.66 45.84
N PRO F 654 39.61 -38.01 44.54
CA PRO F 654 38.50 -38.16 43.59
C PRO F 654 37.84 -39.53 43.65
N GLY F 655 37.93 -40.29 42.55
CA GLY F 655 37.36 -41.62 42.50
C GLY F 655 38.15 -42.56 41.60
N VAL F 656 39.43 -42.25 41.40
CA VAL F 656 40.29 -43.06 40.55
C VAL F 656 41.38 -43.70 41.42
N PRO F 657 41.89 -44.88 41.05
CA PRO F 657 42.95 -45.49 41.85
C PRO F 657 44.23 -44.67 41.80
N LEU F 658 45.03 -44.83 42.85
CA LEU F 658 46.30 -44.11 42.98
C LEU F 658 47.50 -45.04 42.77
N VAL F 659 47.66 -46.04 43.64
CA VAL F 659 48.76 -47.00 43.55
C VAL F 659 48.16 -48.39 43.37
N MET F 660 48.56 -49.05 42.29
CA MET F 660 48.06 -50.38 42.00
C MET F 660 48.73 -51.41 42.90
N PRO F 661 48.01 -52.48 43.28
CA PRO F 661 48.62 -53.52 44.12
C PRO F 661 49.78 -54.22 43.44
N GLY F 662 51.00 -53.77 43.73
CA GLY F 662 52.19 -54.36 43.13
C GLY F 662 53.19 -53.33 42.65
N GLU F 663 52.92 -52.06 42.95
CA GLU F 663 53.79 -50.97 42.54
C GLU F 663 54.68 -50.52 43.70
N MET F 664 55.67 -49.69 43.38
CA MET F 664 56.62 -49.19 44.35
C MET F 664 56.75 -47.68 44.20
N ILE F 665 56.77 -46.97 45.33
CA ILE F 665 56.91 -45.52 45.33
C ILE F 665 58.38 -45.20 45.54
N THR F 666 59.05 -44.72 44.50
CA THR F 666 60.46 -44.39 44.51
C THR F 666 60.61 -42.86 44.48
N GLU F 667 61.76 -42.38 44.01
CA GLU F 667 62.02 -40.94 43.96
C GLU F 667 61.26 -40.26 42.83
N GLU F 668 60.83 -41.00 41.81
CA GLU F 668 60.10 -40.39 40.70
C GLU F 668 58.68 -40.03 41.09
N SER F 669 58.00 -40.92 41.83
CA SER F 669 56.63 -40.69 42.27
C SER F 669 56.58 -40.03 43.65
N ARG F 670 57.30 -38.92 43.80
CA ARG F 670 57.34 -38.19 45.05
C ARG F 670 56.02 -37.45 45.32
N PRO F 671 55.44 -36.74 44.34
CA PRO F 671 54.14 -36.09 44.60
C PRO F 671 53.02 -37.07 44.86
N VAL F 672 53.18 -38.35 44.51
CA VAL F 672 52.13 -39.33 44.76
C VAL F 672 51.96 -39.56 46.26
N LEU F 673 53.07 -39.68 46.99
CA LEU F 673 52.99 -39.87 48.43
C LEU F 673 52.53 -38.60 49.14
N GLU F 674 52.83 -37.43 48.57
CA GLU F 674 52.43 -36.17 49.19
C GLU F 674 50.92 -35.98 49.14
N PHE F 675 50.23 -36.64 48.21
CA PHE F 675 48.79 -36.51 48.14
C PHE F 675 48.09 -37.25 49.28
N LEU F 676 48.68 -38.33 49.77
CA LEU F 676 48.09 -39.07 50.88
C LEU F 676 48.29 -38.36 52.20
N GLN F 677 49.47 -37.75 52.41
CA GLN F 677 49.74 -37.04 53.65
C GLN F 677 48.99 -35.73 53.75
N MET F 678 48.59 -35.16 52.61
CA MET F 678 47.85 -33.89 52.63
C MET F 678 46.41 -34.10 53.08
N LEU F 679 45.80 -35.22 52.68
CA LEU F 679 44.41 -35.48 53.07
C LEU F 679 44.30 -35.86 54.54
N CYS F 680 45.38 -36.35 55.14
CA CYS F 680 45.35 -36.72 56.55
C CYS F 680 45.35 -35.51 57.46
N GLU F 681 45.84 -34.37 56.99
CA GLU F 681 45.88 -33.15 57.79
C GLU F 681 44.62 -32.30 57.61
N ILE F 682 44.10 -32.22 56.38
CA ILE F 682 42.91 -31.43 56.13
C ILE F 682 41.65 -32.14 56.63
N GLY F 683 41.68 -33.45 56.76
CA GLY F 683 40.51 -34.19 57.23
C GLY F 683 40.68 -34.72 58.64
N ALA F 684 41.05 -33.84 59.58
CA ALA F 684 41.22 -34.25 60.96
C ALA F 684 40.92 -33.16 61.98
N HIS F 685 40.57 -31.95 61.55
CA HIS F 685 40.28 -30.85 62.45
C HIS F 685 38.79 -30.65 62.70
N TYR F 686 37.96 -30.78 61.66
CA TYR F 686 36.52 -30.58 61.79
C TYR F 686 35.81 -31.91 61.65
N PRO F 687 34.93 -32.26 62.59
CA PRO F 687 34.18 -33.53 62.47
C PRO F 687 33.26 -33.53 61.27
N GLY F 688 33.01 -34.73 60.74
CA GLY F 688 32.16 -34.91 59.59
C GLY F 688 32.91 -34.90 58.26
N PHE F 689 34.06 -34.23 58.21
CA PHE F 689 34.85 -34.17 56.97
C PHE F 689 36.12 -35.00 57.11
N GLU F 690 35.99 -36.24 57.56
CA GLU F 690 37.15 -37.09 57.76
C GLU F 690 37.69 -37.57 56.42
N THR F 691 38.93 -38.06 56.45
CA THR F 691 39.58 -38.56 55.24
C THR F 691 39.05 -39.94 54.90
N ASP F 692 38.62 -40.11 53.65
CA ASP F 692 38.06 -41.37 53.16
C ASP F 692 38.97 -41.92 52.07
N ILE F 693 39.84 -42.86 52.45
CA ILE F 693 40.74 -43.52 51.51
C ILE F 693 40.60 -45.02 51.72
N HIS F 694 40.19 -45.73 50.66
CA HIS F 694 40.03 -47.18 50.72
C HIS F 694 41.40 -47.83 50.73
N GLY F 695 41.81 -48.33 51.90
CA GLY F 695 43.11 -48.97 52.04
C GLY F 695 43.89 -48.49 53.23
N ALA F 696 43.54 -47.31 53.74
CA ALA F 696 44.21 -46.71 54.89
C ALA F 696 43.38 -46.98 56.14
N TYR F 697 43.95 -47.71 57.08
CA TYR F 697 43.28 -48.05 58.33
C TYR F 697 43.55 -46.97 59.37
N ARG F 698 42.50 -46.56 60.07
CA ARG F 698 42.61 -45.52 61.10
C ARG F 698 42.99 -46.15 62.43
N GLN F 699 44.02 -45.60 63.07
CA GLN F 699 44.48 -46.11 64.36
C GLN F 699 43.87 -45.31 65.50
N ALA F 700 44.60 -45.16 66.60
CA ALA F 700 44.13 -44.42 67.76
C ALA F 700 44.86 -43.10 67.95
N ASP F 701 45.77 -42.74 67.05
CA ASP F 701 46.53 -41.50 67.15
C ASP F 701 46.27 -40.53 66.02
N GLY F 702 45.77 -41.00 64.87
CA GLY F 702 45.47 -40.15 63.73
C GLY F 702 46.23 -40.54 62.48
N ARG F 703 47.39 -41.18 62.63
CA ARG F 703 48.19 -41.59 61.49
C ARG F 703 47.63 -42.86 60.88
N TYR F 704 47.36 -42.82 59.57
CA TYR F 704 46.82 -43.97 58.87
C TYR F 704 47.93 -44.96 58.54
N THR F 705 47.59 -46.24 58.58
CA THR F 705 48.52 -47.33 58.29
C THR F 705 48.05 -48.12 57.08
N VAL F 706 48.99 -48.52 56.24
CA VAL F 706 48.69 -49.30 55.05
C VAL F 706 49.33 -50.67 55.18
N LYS F 707 48.85 -51.61 54.36
CA LYS F 707 49.35 -52.98 54.35
C LYS F 707 50.30 -53.16 53.17
N VAL F 708 51.55 -53.50 53.47
CA VAL F 708 52.56 -53.71 52.45
C VAL F 708 53.05 -55.15 52.50
N LEU F 709 54.01 -55.49 51.64
CA LEU F 709 54.57 -56.83 51.59
C LEU F 709 55.91 -56.88 52.33
N LYS F 710 56.22 -58.04 52.88
CA LYS F 710 57.47 -58.22 53.61
C LYS F 710 58.65 -58.32 52.65
N GLU F 711 59.82 -57.91 53.13
CA GLU F 711 61.04 -57.95 52.32
C GLU F 711 61.73 -59.30 52.46
N MET G 1 -35.90 -57.60 19.51
CA MET G 1 -36.94 -56.71 18.99
C MET G 1 -37.73 -56.09 20.14
N ASN G 2 -37.19 -55.00 20.69
CA ASN G 2 -37.83 -54.33 21.81
C ASN G 2 -37.32 -52.90 21.95
N VAL G 3 -37.15 -52.20 20.84
CA VAL G 3 -36.64 -50.82 20.83
C VAL G 3 -37.80 -49.90 20.47
N ILE G 4 -38.06 -48.92 21.31
CA ILE G 4 -39.11 -47.93 21.10
C ILE G 4 -38.47 -46.55 21.02
N ALA G 5 -38.75 -45.84 19.92
CA ALA G 5 -38.17 -44.52 19.68
C ALA G 5 -39.21 -43.44 19.97
N ILE G 6 -38.76 -42.38 20.63
CA ILE G 6 -39.60 -41.24 20.96
C ILE G 6 -38.93 -39.99 20.41
N LEU G 7 -39.44 -39.48 19.30
CA LEU G 7 -38.83 -38.35 18.61
C LEU G 7 -39.60 -37.06 18.89
N ASN G 8 -38.89 -35.94 18.79
CA ASN G 8 -39.45 -34.59 18.88
C ASN G 8 -39.95 -34.26 20.28
N HIS G 9 -39.24 -33.37 20.97
CA HIS G 9 -39.65 -32.86 22.27
C HIS G 9 -40.35 -31.53 22.07
N MET G 10 -41.67 -31.51 22.26
CA MET G 10 -42.46 -30.30 22.02
C MET G 10 -42.11 -29.17 22.96
N GLY G 11 -41.65 -29.47 24.19
CA GLY G 11 -41.35 -28.43 25.14
C GLY G 11 -42.48 -28.17 26.11
N VAL G 12 -43.70 -28.50 25.71
CA VAL G 12 -44.87 -28.34 26.55
C VAL G 12 -44.89 -29.44 27.59
N TYR G 13 -45.83 -29.37 28.53
CA TYR G 13 -45.92 -30.36 29.60
C TYR G 13 -47.06 -31.36 29.41
N PHE G 14 -48.15 -30.97 28.74
CA PHE G 14 -49.26 -31.89 28.55
C PHE G 14 -48.96 -32.97 27.50
N LYS G 15 -47.84 -32.85 26.79
CA LYS G 15 -47.42 -33.88 25.84
C LYS G 15 -46.23 -34.69 26.31
N GLU G 16 -45.37 -34.11 27.16
CA GLU G 16 -44.21 -34.82 27.68
C GLU G 16 -44.52 -35.65 28.92
N GLU G 17 -45.57 -35.33 29.64
CA GLU G 17 -45.97 -36.08 30.83
C GLU G 17 -46.47 -37.47 30.46
N PRO G 18 -47.31 -37.63 29.43
CA PRO G 18 -47.66 -39.00 29.00
C PRO G 18 -46.45 -39.79 28.50
N ILE G 19 -45.41 -39.12 28.02
CA ILE G 19 -44.20 -39.81 27.62
C ILE G 19 -43.46 -40.36 28.83
N ARG G 20 -43.41 -39.58 29.91
CA ARG G 20 -42.75 -40.04 31.13
C ARG G 20 -43.53 -41.17 31.79
N GLU G 21 -44.86 -41.13 31.73
CA GLU G 21 -45.65 -42.22 32.30
C GLU G 21 -45.51 -43.49 31.47
N LEU G 22 -45.40 -43.35 30.14
CA LEU G 22 -45.21 -44.50 29.28
C LEU G 22 -43.80 -45.08 29.40
N HIS G 23 -42.83 -44.27 29.82
CA HIS G 23 -41.47 -44.76 29.98
C HIS G 23 -41.38 -45.81 31.08
N ARG G 24 -42.14 -45.63 32.16
CA ARG G 24 -42.14 -46.59 33.26
C ARG G 24 -43.05 -47.79 33.01
N ALA G 25 -43.91 -47.73 32.00
CA ALA G 25 -44.83 -48.83 31.72
C ALA G 25 -44.28 -49.81 30.69
N LEU G 26 -43.52 -49.31 29.70
CA LEU G 26 -42.97 -50.19 28.67
C LEU G 26 -41.79 -51.01 29.20
N GLU G 27 -41.10 -50.52 30.24
CA GLU G 27 -39.98 -51.26 30.79
C GLU G 27 -40.42 -52.48 31.59
N ARG G 28 -41.69 -52.54 31.99
CA ARG G 28 -42.18 -53.71 32.73
C ARG G 28 -42.36 -54.93 31.83
N LEU G 29 -42.42 -54.73 30.51
CA LEU G 29 -42.57 -55.82 29.56
C LEU G 29 -41.34 -56.00 28.70
N ASN G 30 -40.17 -55.62 29.22
CA ASN G 30 -38.89 -55.73 28.53
C ASN G 30 -38.89 -54.98 27.21
N PHE G 31 -38.69 -53.66 27.27
CA PHE G 31 -38.60 -52.84 26.07
C PHE G 31 -37.59 -51.73 26.31
N GLN G 32 -36.70 -51.55 25.34
CA GLN G 32 -35.67 -50.51 25.42
C GLN G 32 -36.23 -49.20 24.88
N ILE G 33 -36.00 -48.11 25.61
CA ILE G 33 -36.50 -46.78 25.25
C ILE G 33 -35.33 -45.93 24.81
N VAL G 34 -35.42 -45.36 23.61
CA VAL G 34 -34.40 -44.47 23.07
C VAL G 34 -35.05 -43.13 22.74
N TYR G 35 -34.23 -42.08 22.74
CA TYR G 35 -34.69 -40.72 22.48
C TYR G 35 -33.81 -40.09 21.40
N PRO G 36 -34.22 -40.19 20.14
CA PRO G 36 -33.46 -39.54 19.07
C PRO G 36 -33.57 -38.03 19.14
N ASN G 37 -32.69 -37.36 18.38
CA ASN G 37 -32.63 -35.90 18.39
C ASN G 37 -33.47 -35.30 17.27
N ASP G 38 -32.85 -35.08 16.11
CA ASP G 38 -33.50 -34.44 14.98
C ASP G 38 -34.06 -35.50 14.03
N ARG G 39 -34.39 -35.08 12.81
CA ARG G 39 -34.96 -36.03 11.84
C ARG G 39 -33.92 -37.02 11.35
N ASP G 40 -32.68 -36.56 11.17
CA ASP G 40 -31.61 -37.46 10.72
C ASP G 40 -31.22 -38.46 11.81
N ASP G 41 -31.58 -38.22 13.07
CA ASP G 41 -31.26 -39.15 14.13
C ASP G 41 -32.14 -40.39 14.06
N LEU G 42 -33.43 -40.21 13.73
CA LEU G 42 -34.33 -41.35 13.63
C LEU G 42 -34.00 -42.23 12.43
N LEU G 43 -33.49 -41.63 11.35
CA LEU G 43 -33.15 -42.42 10.16
C LEU G 43 -31.97 -43.36 10.42
N LYS G 44 -31.07 -42.98 11.34
CA LYS G 44 -29.93 -43.81 11.66
C LYS G 44 -30.27 -44.93 12.63
N LEU G 45 -31.46 -44.91 13.24
CA LEU G 45 -31.88 -45.93 14.17
C LEU G 45 -32.67 -47.07 13.52
N ILE G 46 -32.71 -47.11 12.19
CA ILE G 46 -33.43 -48.13 11.45
C ILE G 46 -32.50 -48.93 10.54
N GLU G 47 -31.67 -48.24 9.77
CA GLU G 47 -30.74 -48.93 8.88
C GLU G 47 -29.66 -49.66 9.66
N ASN G 48 -29.17 -49.05 10.75
CA ASN G 48 -28.14 -49.69 11.55
C ASN G 48 -28.74 -50.56 12.65
N ASN G 49 -29.87 -50.15 13.22
CA ASN G 49 -30.54 -50.88 14.28
C ASN G 49 -31.77 -51.55 13.69
N ALA G 50 -31.71 -52.88 13.53
CA ALA G 50 -32.80 -53.65 12.95
C ALA G 50 -33.74 -54.22 14.00
N ARG G 51 -33.47 -53.99 15.29
CA ARG G 51 -34.31 -54.49 16.37
C ARG G 51 -35.32 -53.46 16.85
N LEU G 52 -35.71 -52.53 15.98
CA LEU G 52 -36.66 -51.48 16.33
C LEU G 52 -38.03 -51.81 15.77
N CYS G 53 -39.07 -51.51 16.55
CA CYS G 53 -40.44 -51.78 16.13
C CYS G 53 -41.44 -50.75 16.64
N GLY G 54 -40.97 -49.58 17.10
CA GLY G 54 -41.86 -48.56 17.59
C GLY G 54 -41.30 -47.16 17.47
N VAL G 55 -42.02 -46.30 16.76
CA VAL G 55 -41.60 -44.91 16.53
C VAL G 55 -42.70 -44.00 17.05
N ILE G 56 -42.38 -43.19 18.06
CA ILE G 56 -43.32 -42.25 18.65
C ILE G 56 -42.88 -40.84 18.26
N PHE G 57 -43.78 -40.10 17.61
CA PHE G 57 -43.48 -38.73 17.20
C PHE G 57 -44.78 -37.96 17.09
N ASP G 58 -44.65 -36.63 17.07
CA ASP G 58 -45.82 -35.76 16.95
C ASP G 58 -46.29 -35.72 15.51
N TRP G 59 -47.60 -35.95 15.32
CA TRP G 59 -48.14 -35.95 13.97
C TRP G 59 -48.24 -34.53 13.39
N ASP G 60 -48.41 -33.53 14.25
CA ASP G 60 -48.51 -32.14 13.81
C ASP G 60 -47.16 -31.43 13.90
N LYS G 61 -46.12 -32.06 13.34
CA LYS G 61 -44.78 -31.48 13.36
C LYS G 61 -43.98 -31.98 12.17
N TYR G 62 -44.01 -33.29 11.91
CA TYR G 62 -43.33 -33.90 10.78
C TYR G 62 -44.26 -34.96 10.17
N ASN G 63 -45.28 -34.49 9.45
CA ASN G 63 -46.25 -35.38 8.82
C ASN G 63 -45.85 -35.78 7.40
N LEU G 64 -44.83 -35.15 6.82
CA LEU G 64 -44.39 -35.48 5.48
C LEU G 64 -42.90 -35.80 5.39
N GLU G 65 -42.11 -35.45 6.41
CA GLU G 65 -40.68 -35.74 6.39
C GLU G 65 -40.33 -37.10 7.00
N LEU G 66 -41.28 -37.74 7.67
CA LEU G 66 -41.06 -39.05 8.29
C LEU G 66 -41.88 -40.16 7.67
N CYS G 67 -43.05 -39.86 7.11
CA CYS G 67 -43.90 -40.88 6.51
C CYS G 67 -43.43 -41.27 5.10
N GLU G 68 -42.38 -40.64 4.59
CA GLU G 68 -41.86 -40.94 3.26
C GLU G 68 -40.54 -41.70 3.30
N GLU G 69 -39.62 -41.31 4.19
CA GLU G 69 -38.34 -41.99 4.27
C GLU G 69 -38.46 -43.34 4.96
N ILE G 70 -39.33 -43.46 5.96
CA ILE G 70 -39.51 -44.73 6.65
C ILE G 70 -40.22 -45.73 5.75
N SER G 71 -41.14 -45.25 4.92
CA SER G 71 -41.87 -46.14 4.01
C SER G 71 -40.94 -46.73 2.96
N LYS G 72 -39.84 -46.05 2.64
CA LYS G 72 -38.90 -46.57 1.65
C LYS G 72 -38.00 -47.66 2.22
N MET G 73 -38.01 -47.87 3.54
CA MET G 73 -37.18 -48.90 4.15
C MET G 73 -38.04 -50.09 4.57
N ASN G 74 -38.90 -49.89 5.57
CA ASN G 74 -39.80 -50.92 6.07
C ASN G 74 -41.24 -50.49 5.88
N GLU G 75 -42.06 -51.38 5.34
CA GLU G 75 -43.46 -51.08 5.08
C GLU G 75 -44.36 -51.39 6.28
N ASN G 76 -44.19 -52.56 6.88
CA ASN G 76 -45.01 -52.99 8.00
C ASN G 76 -44.50 -52.48 9.34
N LEU G 77 -43.58 -51.52 9.34
CA LEU G 77 -43.05 -50.99 10.60
C LEU G 77 -44.12 -50.17 11.31
N PRO G 78 -44.48 -50.51 12.54
CA PRO G 78 -45.50 -49.74 13.26
C PRO G 78 -45.03 -48.32 13.55
N LEU G 79 -45.96 -47.38 13.45
CA LEU G 79 -45.70 -45.97 13.72
C LEU G 79 -46.67 -45.49 14.79
N TYR G 80 -46.16 -45.28 16.00
CA TYR G 80 -46.99 -44.83 17.12
C TYR G 80 -47.05 -43.30 17.17
N ALA G 81 -47.54 -42.73 16.08
CA ALA G 81 -47.67 -41.28 15.98
C ALA G 81 -48.81 -40.78 16.84
N PHE G 82 -48.60 -39.63 17.47
CA PHE G 82 -49.59 -39.01 18.34
C PHE G 82 -50.19 -37.80 17.62
N ALA G 83 -51.49 -37.85 17.35
CA ALA G 83 -52.19 -36.79 16.67
C ALA G 83 -52.83 -35.84 17.68
N ASN G 84 -53.34 -34.72 17.17
CA ASN G 84 -53.99 -33.73 18.01
C ASN G 84 -55.43 -33.48 17.56
N THR G 85 -56.00 -32.34 17.98
CA THR G 85 -57.37 -32.03 17.60
C THR G 85 -57.46 -31.67 16.12
N TYR G 86 -56.66 -30.71 15.67
CA TYR G 86 -56.65 -30.28 14.28
C TYR G 86 -55.56 -31.03 13.51
N SER G 87 -55.85 -32.31 13.25
CA SER G 87 -54.93 -33.19 12.54
C SER G 87 -55.66 -33.81 11.35
N THR G 88 -54.93 -33.98 10.25
CA THR G 88 -55.49 -34.57 9.04
C THR G 88 -54.37 -35.22 8.24
N LEU G 89 -54.77 -35.96 7.21
CA LEU G 89 -53.82 -36.64 6.35
C LEU G 89 -53.38 -35.72 5.21
N ASP G 90 -52.62 -36.28 4.27
CA ASP G 90 -52.12 -35.54 3.12
C ASP G 90 -52.43 -36.32 1.85
N VAL G 91 -52.54 -35.59 0.74
CA VAL G 91 -52.84 -36.23 -0.54
C VAL G 91 -51.64 -37.05 -1.03
N SER G 92 -50.44 -36.70 -0.60
CA SER G 92 -49.23 -37.43 -0.97
C SER G 92 -48.94 -38.61 -0.05
N LEU G 93 -49.89 -38.99 0.79
CA LEU G 93 -49.72 -40.11 1.73
C LEU G 93 -50.72 -41.23 1.45
N ASN G 94 -51.00 -41.49 0.16
CA ASN G 94 -51.96 -42.51 -0.22
C ASN G 94 -51.28 -43.76 -0.78
N ASP G 95 -50.20 -43.59 -1.53
CA ASP G 95 -49.48 -44.71 -2.14
C ASP G 95 -48.26 -45.10 -1.32
N LEU G 96 -48.43 -45.19 -0.01
CA LEU G 96 -47.34 -45.54 0.89
C LEU G 96 -47.83 -46.61 1.87
N ARG G 97 -47.04 -47.67 2.03
CA ARG G 97 -47.40 -48.77 2.93
C ARG G 97 -46.88 -48.44 4.32
N LEU G 98 -47.78 -48.05 5.22
CA LEU G 98 -47.43 -47.72 6.59
C LEU G 98 -48.45 -48.30 7.55
N GLN G 99 -48.09 -48.31 8.83
CA GLN G 99 -48.95 -48.81 9.90
C GLN G 99 -48.90 -47.78 11.02
N ILE G 100 -49.82 -46.81 10.98
CA ILE G 100 -49.86 -45.72 11.94
C ILE G 100 -50.93 -46.03 12.98
N SER G 101 -50.55 -45.95 14.26
CA SER G 101 -51.45 -46.17 15.38
C SER G 101 -51.57 -44.88 16.16
N PHE G 102 -52.73 -44.24 16.09
CA PHE G 102 -52.95 -42.97 16.75
C PHE G 102 -53.31 -43.19 18.23
N PHE G 103 -53.02 -42.18 19.04
CA PHE G 103 -53.33 -42.22 20.46
C PHE G 103 -53.70 -40.81 20.91
N GLU G 104 -53.76 -40.61 22.23
CA GLU G 104 -54.10 -39.32 22.81
C GLU G 104 -53.13 -39.02 23.94
N TYR G 105 -53.34 -37.89 24.61
CA TYR G 105 -52.54 -37.46 25.75
C TYR G 105 -53.43 -37.44 26.98
N ALA G 106 -53.73 -38.63 27.50
CA ALA G 106 -54.58 -38.79 28.67
C ALA G 106 -53.76 -39.32 29.84
N LEU G 107 -53.97 -38.74 31.02
CA LEU G 107 -53.26 -39.17 32.22
C LEU G 107 -53.93 -40.40 32.81
N GLY G 108 -53.12 -41.30 33.35
CA GLY G 108 -53.60 -42.52 33.95
C GLY G 108 -53.87 -43.65 32.98
N ALA G 109 -54.03 -43.35 31.69
CA ALA G 109 -54.30 -44.37 30.68
C ALA G 109 -53.02 -44.92 30.05
N ALA G 110 -51.86 -44.70 30.70
CA ALA G 110 -50.61 -45.21 30.16
C ALA G 110 -50.52 -46.74 30.24
N GLU G 111 -51.28 -47.36 31.14
CA GLU G 111 -51.25 -48.82 31.24
C GLU G 111 -51.96 -49.47 30.06
N ASP G 112 -53.09 -48.88 29.63
CA ASP G 112 -53.81 -49.43 28.49
C ASP G 112 -53.03 -49.24 27.19
N ILE G 113 -52.20 -48.21 27.11
CA ILE G 113 -51.39 -47.99 25.91
C ILE G 113 -50.30 -49.04 25.81
N ALA G 114 -49.72 -49.44 26.96
CA ALA G 114 -48.68 -50.44 26.95
C ALA G 114 -49.20 -51.80 26.49
N ASN G 115 -50.46 -52.12 26.79
CA ASN G 115 -51.03 -53.37 26.32
C ASN G 115 -51.29 -53.36 24.83
N LYS G 116 -51.58 -52.19 24.26
CA LYS G 116 -51.80 -52.09 22.82
C LYS G 116 -50.49 -52.17 22.04
N ILE G 117 -49.39 -51.68 22.61
CA ILE G 117 -48.10 -51.74 21.93
C ILE G 117 -47.60 -53.19 21.90
N LYS G 118 -47.78 -53.92 23.00
CA LYS G 118 -47.36 -55.31 23.03
C LYS G 118 -48.19 -56.17 22.07
N GLN G 119 -49.49 -55.86 21.94
CA GLN G 119 -50.33 -56.61 21.02
C GLN G 119 -49.98 -56.25 19.57
N THR G 120 -49.66 -54.99 19.31
CA THR G 120 -49.27 -54.60 17.95
C THR G 120 -47.92 -55.17 17.59
N THR G 121 -47.00 -55.25 18.55
CA THR G 121 -45.69 -55.83 18.29
C THR G 121 -45.80 -57.32 17.95
N ASP G 122 -46.73 -58.01 18.62
CA ASP G 122 -46.94 -59.43 18.32
C ASP G 122 -47.53 -59.62 16.92
N GLU G 123 -48.30 -58.65 16.44
CA GLU G 123 -48.84 -58.74 15.08
C GLU G 123 -47.75 -58.55 14.04
N TYR G 124 -46.73 -57.74 14.34
CA TYR G 124 -45.63 -57.57 13.41
C TYR G 124 -44.77 -58.83 13.33
N ILE G 125 -44.64 -59.56 14.45
CA ILE G 125 -43.86 -60.79 14.43
C ILE G 125 -44.60 -61.88 13.69
N ASN G 126 -45.92 -61.96 13.86
CA ASN G 126 -46.73 -62.99 13.20
C ASN G 126 -47.06 -62.65 11.75
N THR G 127 -46.43 -61.62 11.18
CA THR G 127 -46.65 -61.24 9.80
C THR G 127 -45.41 -61.36 8.94
N ILE G 128 -44.26 -60.88 9.41
CA ILE G 128 -43.02 -60.97 8.65
C ILE G 128 -42.42 -62.36 8.66
N LEU G 129 -42.95 -63.27 9.46
CA LEU G 129 -42.41 -64.63 9.52
C LEU G 129 -43.26 -65.58 8.68
N PRO G 130 -42.63 -66.55 8.01
CA PRO G 130 -43.40 -67.51 7.22
C PRO G 130 -44.18 -68.45 8.11
N PRO G 131 -45.20 -69.12 7.58
CA PRO G 131 -45.99 -70.03 8.42
C PRO G 131 -45.21 -71.25 8.88
N LEU G 132 -44.16 -71.64 8.15
CA LEU G 132 -43.36 -72.78 8.58
C LEU G 132 -42.52 -72.43 9.80
N THR G 133 -41.92 -71.24 9.81
CA THR G 133 -41.15 -70.81 10.97
C THR G 133 -42.07 -70.47 12.15
N LYS G 134 -43.26 -69.96 11.87
CA LYS G 134 -44.20 -69.64 12.95
C LYS G 134 -44.63 -70.91 13.68
N ALA G 135 -44.82 -72.01 12.95
CA ALA G 135 -45.20 -73.25 13.60
C ALA G 135 -44.03 -73.86 14.39
N LEU G 136 -42.80 -73.53 14.01
CA LEU G 136 -41.65 -74.04 14.74
C LEU G 136 -41.44 -73.31 16.06
N PHE G 137 -41.62 -71.99 16.07
CA PHE G 137 -41.47 -71.24 17.32
C PHE G 137 -42.61 -71.49 18.27
N LYS G 138 -43.82 -71.72 17.75
CA LYS G 138 -44.97 -71.99 18.61
C LYS G 138 -44.89 -73.37 19.25
N TYR G 139 -44.29 -74.34 18.55
CA TYR G 139 -44.17 -75.69 19.09
C TYR G 139 -43.16 -75.76 20.23
N VAL G 140 -42.24 -74.79 20.33
CA VAL G 140 -41.26 -74.81 21.39
C VAL G 140 -41.88 -74.36 22.71
N ARG G 141 -42.70 -73.32 22.66
CA ARG G 141 -43.29 -72.75 23.88
C ARG G 141 -44.58 -73.44 24.29
N GLU G 142 -45.22 -74.18 23.40
CA GLU G 142 -46.50 -74.82 23.72
C GLU G 142 -46.57 -76.30 23.38
N GLY G 143 -45.79 -76.79 22.41
CA GLY G 143 -45.86 -78.19 22.03
C GLY G 143 -45.25 -79.08 23.10
N LYS G 144 -46.02 -80.07 23.54
CA LYS G 144 -45.56 -81.02 24.55
C LYS G 144 -45.87 -82.46 24.14
N TYR G 145 -45.78 -82.75 22.85
CA TYR G 145 -46.05 -84.10 22.36
C TYR G 145 -44.87 -85.02 22.68
N THR G 146 -45.15 -86.07 23.45
CA THR G 146 -44.11 -87.02 23.84
C THR G 146 -44.06 -88.19 22.87
N PHE G 147 -43.04 -89.03 23.04
CA PHE G 147 -42.81 -90.22 22.21
C PHE G 147 -42.69 -89.84 20.73
N CYS G 148 -41.61 -89.10 20.44
CA CYS G 148 -41.33 -88.63 19.09
C CYS G 148 -39.84 -88.76 18.82
N THR G 149 -39.47 -88.50 17.57
CA THR G 149 -38.09 -88.54 17.09
C THR G 149 -37.56 -87.13 16.89
N PRO G 150 -36.25 -86.89 17.14
CA PRO G 150 -35.24 -87.85 17.60
C PRO G 150 -35.40 -88.23 19.08
N GLY G 151 -34.44 -89.01 19.59
CA GLY G 151 -34.52 -89.50 20.96
C GLY G 151 -34.22 -88.47 22.02
N HIS G 152 -33.50 -87.40 21.67
CA HIS G 152 -33.17 -86.39 22.67
C HIS G 152 -34.40 -85.61 23.11
N MET G 153 -35.28 -85.27 22.16
CA MET G 153 -36.55 -84.59 22.44
C MET G 153 -36.30 -83.28 23.19
N GLY G 154 -35.65 -82.36 22.49
CA GLY G 154 -35.34 -81.06 23.04
C GLY G 154 -34.20 -81.03 24.03
N GLY G 155 -33.46 -82.12 24.18
CA GLY G 155 -32.35 -82.18 25.09
C GLY G 155 -32.62 -82.87 26.41
N THR G 156 -33.49 -83.88 26.44
CA THR G 156 -33.77 -84.59 27.68
C THR G 156 -32.62 -85.54 28.04
N ALA G 157 -32.10 -86.26 27.06
CA ALA G 157 -31.01 -87.20 27.31
C ALA G 157 -29.71 -86.48 27.65
N PHE G 158 -29.54 -85.23 27.24
CA PHE G 158 -28.33 -84.49 27.57
C PHE G 158 -28.26 -84.09 29.03
N GLN G 159 -29.40 -84.05 29.73
CA GLN G 159 -29.43 -83.69 31.14
C GLN G 159 -29.12 -84.87 32.05
N LYS G 160 -28.83 -86.05 31.50
CA LYS G 160 -28.53 -87.23 32.29
C LYS G 160 -27.08 -87.68 32.14
N SER G 161 -26.33 -87.11 31.21
CA SER G 161 -24.94 -87.47 31.00
C SER G 161 -24.03 -86.28 31.30
N PRO G 162 -22.89 -86.51 31.96
CA PRO G 162 -21.98 -85.39 32.26
C PRO G 162 -21.42 -84.73 31.02
N VAL G 163 -21.11 -85.52 29.98
CA VAL G 163 -20.57 -84.94 28.75
C VAL G 163 -21.68 -84.32 27.91
N GLY G 164 -22.92 -84.78 28.07
CA GLY G 164 -24.02 -84.23 27.31
C GLY G 164 -24.48 -82.86 27.78
N SER G 165 -24.16 -82.50 29.03
CA SER G 165 -24.57 -81.19 29.53
C SER G 165 -23.72 -80.07 28.93
N LEU G 166 -22.48 -80.37 28.55
CA LEU G 166 -21.64 -79.33 27.96
C LEU G 166 -22.09 -78.99 26.55
N PHE G 167 -22.56 -79.97 25.80
CA PHE G 167 -23.04 -79.73 24.43
C PHE G 167 -24.42 -79.09 24.40
N TYR G 168 -25.22 -79.28 25.46
CA TYR G 168 -26.56 -78.71 25.47
C TYR G 168 -26.55 -77.28 25.99
N ASP G 169 -25.62 -76.95 26.89
CA ASP G 169 -25.54 -75.61 27.46
C ASP G 169 -24.82 -74.62 26.55
N PHE G 170 -24.21 -75.09 25.46
CA PHE G 170 -23.49 -74.18 24.57
C PHE G 170 -24.45 -73.46 23.64
N PHE G 171 -25.31 -74.20 22.93
CA PHE G 171 -26.25 -73.60 22.01
C PHE G 171 -27.37 -72.86 22.75
N GLY G 172 -28.20 -73.61 23.47
CA GLY G 172 -29.28 -73.03 24.21
C GLY G 172 -30.48 -73.96 24.33
N PRO G 173 -31.35 -73.69 25.30
CA PRO G 173 -32.53 -74.56 25.45
C PRO G 173 -33.47 -74.52 24.26
N ASN G 174 -33.64 -73.35 23.64
CA ASN G 174 -34.53 -73.23 22.49
C ASN G 174 -33.93 -73.81 21.21
N THR G 175 -32.66 -74.19 21.22
CA THR G 175 -32.03 -74.73 20.02
C THR G 175 -32.43 -76.19 19.80
N MET G 176 -32.33 -77.01 20.84
CA MET G 176 -32.64 -78.43 20.69
C MET G 176 -34.14 -78.69 20.65
N LYS G 177 -34.95 -77.79 21.22
CA LYS G 177 -36.39 -77.97 21.21
C LYS G 177 -36.98 -77.83 19.82
N SER G 178 -36.29 -77.12 18.92
CA SER G 178 -36.75 -76.95 17.54
C SER G 178 -36.29 -78.08 16.63
N ASP G 179 -35.54 -79.05 17.15
CA ASP G 179 -35.04 -80.17 16.37
C ASP G 179 -36.09 -81.29 16.43
N ILE G 180 -37.06 -81.23 15.51
CA ILE G 180 -38.14 -82.20 15.44
C ILE G 180 -38.19 -82.76 14.02
N SER G 181 -38.79 -83.95 13.90
CA SER G 181 -38.88 -84.62 12.62
C SER G 181 -40.30 -84.56 12.07
N ILE G 182 -40.75 -85.66 11.45
CA ILE G 182 -42.08 -85.71 10.85
C ILE G 182 -43.07 -86.32 11.83
N SER G 183 -42.68 -86.40 13.10
CA SER G 183 -43.54 -86.95 14.15
C SER G 183 -44.48 -85.90 14.74
N VAL G 184 -44.79 -84.85 14.00
CA VAL G 184 -45.65 -83.77 14.46
C VAL G 184 -46.81 -83.65 13.49
N SER G 185 -48.03 -83.54 14.02
CA SER G 185 -49.22 -83.51 13.17
C SER G 185 -49.51 -82.10 12.67
N GLU G 186 -49.32 -81.08 13.51
CA GLU G 186 -49.64 -79.70 13.14
C GLU G 186 -48.55 -79.04 12.31
N LEU G 187 -47.53 -79.78 11.88
CA LEU G 187 -46.51 -79.26 10.98
C LEU G 187 -46.37 -80.05 9.68
N GLY G 188 -47.00 -81.22 9.57
CA GLY G 188 -46.94 -81.97 8.34
C GLY G 188 -45.56 -82.61 8.12
N SER G 189 -45.34 -83.03 6.88
CA SER G 189 -44.10 -83.67 6.48
C SER G 189 -43.57 -83.01 5.21
N LEU G 190 -42.25 -83.01 5.07
CA LEU G 190 -41.62 -82.40 3.90
C LEU G 190 -41.81 -83.28 2.67
N LEU G 191 -41.77 -84.60 2.84
CA LEU G 191 -41.94 -85.49 1.69
C LEU G 191 -43.39 -85.55 1.24
N ASP G 192 -44.34 -85.30 2.14
CA ASP G 192 -45.76 -85.32 1.77
C ASP G 192 -46.19 -84.08 1.03
N HIS G 193 -45.46 -82.96 1.18
CA HIS G 193 -45.78 -81.70 0.51
C HIS G 193 -47.20 -81.24 0.85
N SER G 194 -47.52 -81.26 2.14
CA SER G 194 -48.84 -80.86 2.61
C SER G 194 -48.68 -80.06 3.90
N GLY G 195 -49.71 -79.30 4.23
CA GLY G 195 -49.73 -78.50 5.44
C GLY G 195 -48.83 -77.28 5.32
N PRO G 196 -48.08 -77.00 6.38
CA PRO G 196 -47.15 -75.85 6.33
C PRO G 196 -46.07 -75.99 5.28
N HIS G 197 -45.66 -77.22 4.94
CA HIS G 197 -44.65 -77.42 3.92
C HIS G 197 -45.19 -77.13 2.52
N LYS G 198 -46.50 -77.25 2.33
CA LYS G 198 -47.08 -76.94 1.02
C LYS G 198 -47.10 -75.44 0.76
N GLU G 199 -47.49 -74.64 1.77
CA GLU G 199 -47.50 -73.20 1.61
C GLU G 199 -46.10 -72.60 1.63
N ALA G 200 -45.12 -73.33 2.16
CA ALA G 200 -43.75 -72.81 2.18
C ALA G 200 -43.11 -72.86 0.80
N GLU G 201 -43.41 -73.90 0.02
CA GLU G 201 -42.86 -74.00 -1.32
C GLU G 201 -43.46 -72.98 -2.27
N GLN G 202 -44.72 -72.60 -2.04
CA GLN G 202 -45.35 -71.59 -2.89
C GLN G 202 -44.92 -70.19 -2.50
N TYR G 203 -44.49 -70.00 -1.26
CA TYR G 203 -44.03 -68.69 -0.82
C TYR G 203 -42.63 -68.37 -1.33
N ILE G 204 -41.77 -69.38 -1.46
CA ILE G 204 -40.42 -69.16 -1.94
C ILE G 204 -40.41 -68.93 -3.45
N ALA G 205 -41.19 -69.71 -4.19
CA ALA G 205 -41.22 -69.57 -5.64
C ALA G 205 -41.89 -68.26 -6.06
N ARG G 206 -42.80 -67.74 -5.25
CA ARG G 206 -43.46 -66.48 -5.59
C ARG G 206 -42.53 -65.29 -5.41
N VAL G 207 -41.72 -65.32 -4.35
CA VAL G 207 -40.78 -64.22 -4.12
C VAL G 207 -39.62 -64.28 -5.10
N PHE G 208 -39.07 -65.48 -5.32
CA PHE G 208 -37.96 -65.66 -6.25
C PHE G 208 -38.41 -65.77 -7.71
N ASN G 209 -39.69 -65.51 -8.00
CA ASN G 209 -40.24 -65.56 -9.34
C ASN G 209 -40.03 -66.95 -9.98
N ALA G 210 -40.86 -67.88 -9.51
CA ALA G 210 -40.79 -69.25 -9.99
C ALA G 210 -42.17 -69.90 -9.82
N ASP G 211 -42.33 -71.06 -10.45
CA ASP G 211 -43.58 -71.81 -10.38
C ASP G 211 -43.58 -72.81 -9.23
N ARG G 212 -42.54 -73.63 -9.14
CA ARG G 212 -42.43 -74.62 -8.08
CA ARG G 212 -42.43 -74.62 -8.08
C ARG G 212 -40.98 -74.73 -7.65
N SER G 213 -40.74 -74.73 -6.35
CA SER G 213 -39.40 -74.82 -5.79
C SER G 213 -39.41 -75.68 -4.54
N TYR G 214 -38.35 -76.46 -4.35
CA TYR G 214 -38.20 -77.32 -3.19
C TYR G 214 -37.15 -76.74 -2.25
N MET G 215 -36.82 -77.50 -1.20
CA MET G 215 -35.86 -77.09 -0.19
C MET G 215 -34.88 -78.24 0.03
N VAL G 216 -33.76 -78.20 -0.67
CA VAL G 216 -32.74 -79.24 -0.53
C VAL G 216 -31.97 -79.01 0.77
N THR G 217 -31.85 -80.06 1.57
CA THR G 217 -31.19 -80.00 2.87
C THR G 217 -29.87 -80.77 2.87
N ASN G 218 -29.06 -80.59 1.84
CA ASN G 218 -27.75 -81.23 1.75
C ASN G 218 -26.83 -80.43 0.83
N GLY G 219 -27.03 -79.12 0.80
CA GLY G 219 -26.18 -78.24 0.01
C GLY G 219 -26.50 -78.31 -1.47
N THR G 220 -25.79 -77.47 -2.23
CA THR G 220 -25.98 -77.42 -3.67
C THR G 220 -25.41 -78.66 -4.36
N SER G 221 -24.40 -79.28 -3.77
CA SER G 221 -23.77 -80.46 -4.37
C SER G 221 -24.78 -81.60 -4.56
N THR G 222 -25.80 -81.66 -3.71
CA THR G 222 -26.82 -82.69 -3.81
C THR G 222 -27.93 -82.31 -4.78
N ALA G 223 -28.29 -81.03 -4.85
CA ALA G 223 -29.37 -80.59 -5.72
C ALA G 223 -29.01 -80.78 -7.20
N ASN G 224 -27.72 -80.71 -7.55
CA ASN G 224 -27.32 -80.88 -8.94
C ASN G 224 -27.47 -82.32 -9.40
N LYS G 225 -27.40 -83.29 -8.49
CA LYS G 225 -27.55 -84.69 -8.88
C LYS G 225 -29.01 -85.11 -9.03
N ILE G 226 -29.94 -84.42 -8.35
CA ILE G 226 -31.35 -84.76 -8.49
C ILE G 226 -31.89 -84.30 -9.82
N VAL G 227 -31.53 -83.09 -10.26
CA VAL G 227 -32.02 -82.57 -11.54
C VAL G 227 -31.35 -83.30 -12.70
N GLY G 228 -30.06 -83.62 -12.56
CA GLY G 228 -29.34 -84.27 -13.64
C GLY G 228 -29.86 -85.66 -13.96
N MET G 229 -30.46 -86.33 -12.97
CA MET G 229 -31.02 -87.66 -13.16
C MET G 229 -32.49 -87.63 -13.57
N TYR G 230 -33.02 -86.45 -13.89
CA TYR G 230 -34.41 -86.33 -14.31
C TYR G 230 -34.60 -86.27 -15.82
N SER G 231 -33.62 -85.73 -16.54
CA SER G 231 -33.69 -85.60 -18.00
C SER G 231 -32.43 -86.18 -18.64
N ALA G 232 -32.03 -87.37 -18.21
CA ALA G 232 -30.83 -88.04 -18.74
C ALA G 232 -30.97 -89.53 -18.54
N PRO G 233 -31.65 -90.22 -19.46
CA PRO G 233 -31.78 -91.68 -19.34
C PRO G 233 -30.45 -92.38 -19.54
N ALA G 234 -30.47 -93.69 -19.29
CA ALA G 234 -29.28 -94.51 -19.45
C ALA G 234 -28.97 -94.67 -20.94
N GLY G 235 -27.93 -94.00 -21.42
CA GLY G 235 -27.55 -94.07 -22.81
C GLY G 235 -27.91 -92.86 -23.64
N SER G 236 -28.20 -91.71 -23.02
CA SER G 236 -28.56 -90.51 -23.76
C SER G 236 -27.35 -89.64 -24.02
N THR G 237 -27.53 -88.32 -23.92
CA THR G 237 -26.45 -87.37 -24.16
C THR G 237 -26.74 -86.09 -23.38
N ILE G 238 -25.76 -85.64 -22.59
CA ILE G 238 -25.88 -84.42 -21.82
C ILE G 238 -24.81 -83.43 -22.30
N LEU G 239 -25.05 -82.15 -22.00
CA LEU G 239 -24.16 -81.06 -22.38
C LEU G 239 -23.68 -80.39 -21.10
N ILE G 240 -22.67 -80.98 -20.47
CA ILE G 240 -22.10 -80.46 -19.23
C ILE G 240 -20.98 -79.49 -19.57
N ASP G 241 -20.83 -78.46 -18.74
CA ASP G 241 -19.79 -77.47 -18.95
C ASP G 241 -18.43 -78.00 -18.48
N ARG G 242 -17.37 -77.49 -19.10
CA ARG G 242 -16.03 -77.92 -18.71
C ARG G 242 -15.66 -77.42 -17.33
N ASN G 243 -16.02 -76.18 -17.01
CA ASN G 243 -15.77 -75.60 -15.69
C ASN G 243 -16.88 -76.04 -14.73
N CYS G 244 -16.85 -77.33 -14.41
CA CYS G 244 -17.86 -77.94 -13.55
C CYS G 244 -17.37 -77.99 -12.11
N HIS G 245 -18.17 -78.61 -11.25
CA HIS G 245 -17.87 -78.76 -9.83
C HIS G 245 -17.57 -80.22 -9.53
N LYS G 246 -17.01 -80.45 -8.33
CA LYS G 246 -16.70 -81.81 -7.90
C LYS G 246 -17.95 -82.68 -7.88
N SER G 247 -19.10 -82.12 -7.52
CA SER G 247 -20.33 -82.90 -7.52
C SER G 247 -20.84 -83.14 -8.93
N LEU G 248 -20.56 -82.22 -9.85
CA LEU G 248 -21.01 -82.39 -11.24
C LEU G 248 -20.25 -83.52 -11.93
N THR G 249 -19.01 -83.79 -11.50
CA THR G 249 -18.25 -84.88 -12.08
C THR G 249 -18.80 -86.23 -11.65
N HIS G 250 -19.19 -86.34 -10.38
CA HIS G 250 -19.75 -87.60 -9.88
C HIS G 250 -21.10 -87.91 -10.50
N LEU G 251 -21.82 -86.91 -10.99
CA LEU G 251 -23.09 -87.17 -11.67
C LEU G 251 -22.87 -87.95 -12.96
N MET G 252 -21.76 -87.67 -13.65
CA MET G 252 -21.44 -88.42 -14.87
C MET G 252 -20.95 -89.82 -14.56
N MET G 253 -20.54 -90.09 -13.32
CA MET G 253 -20.06 -91.41 -12.91
C MET G 253 -21.16 -92.25 -12.28
N MET G 254 -22.37 -91.71 -12.12
CA MET G 254 -23.49 -92.44 -11.55
C MET G 254 -24.56 -92.80 -12.56
N SER G 255 -24.55 -92.19 -13.75
CA SER G 255 -25.52 -92.47 -14.79
C SER G 255 -24.79 -92.75 -16.10
N ASP G 256 -25.25 -93.77 -16.83
CA ASP G 256 -24.64 -94.17 -18.09
C ASP G 256 -25.11 -93.19 -19.17
N VAL G 257 -24.39 -92.07 -19.27
CA VAL G 257 -24.69 -91.04 -20.26
C VAL G 257 -23.40 -90.71 -21.02
N THR G 258 -23.57 -90.02 -22.14
CA THR G 258 -22.45 -89.60 -22.98
C THR G 258 -22.33 -88.09 -22.94
N PRO G 259 -21.48 -87.52 -22.08
CA PRO G 259 -21.37 -86.06 -22.00
C PRO G 259 -20.54 -85.49 -23.13
N ILE G 260 -20.81 -84.22 -23.43
CA ILE G 260 -20.08 -83.46 -24.43
C ILE G 260 -19.58 -82.18 -23.78
N TYR G 261 -18.27 -82.04 -23.64
CA TYR G 261 -17.68 -80.90 -22.97
C TYR G 261 -17.56 -79.72 -23.93
N PHE G 262 -17.78 -78.52 -23.40
CA PHE G 262 -17.70 -77.30 -24.20
C PHE G 262 -16.27 -76.80 -24.23
N ARG G 263 -16.07 -75.60 -24.78
CA ARG G 263 -14.75 -74.96 -24.87
C ARG G 263 -14.85 -73.55 -24.33
N PRO G 264 -14.82 -73.39 -23.01
CA PRO G 264 -14.93 -72.04 -22.42
C PRO G 264 -13.70 -71.20 -22.75
N THR G 265 -13.89 -69.89 -22.62
CA THR G 265 -12.81 -68.93 -22.86
C THR G 265 -12.00 -68.72 -21.58
N ARG G 266 -10.75 -68.29 -21.77
CA ARG G 266 -9.85 -68.05 -20.65
C ARG G 266 -8.73 -67.13 -21.10
N ASN G 267 -8.08 -66.51 -20.12
CA ASN G 267 -6.98 -65.59 -20.33
C ASN G 267 -5.68 -66.22 -19.81
N ALA G 268 -4.75 -65.38 -19.35
CA ALA G 268 -3.47 -65.85 -18.83
C ALA G 268 -3.37 -65.77 -17.32
N TYR G 269 -4.19 -64.94 -16.67
CA TYR G 269 -4.15 -64.81 -15.22
C TYR G 269 -4.78 -65.99 -14.50
N GLY G 270 -5.57 -66.80 -15.21
CA GLY G 270 -6.24 -67.94 -14.62
C GLY G 270 -7.73 -67.78 -14.45
N ILE G 271 -8.28 -66.60 -14.76
CA ILE G 271 -9.71 -66.36 -14.63
C ILE G 271 -10.41 -66.91 -15.87
N LEU G 272 -11.26 -67.92 -15.66
CA LEU G 272 -11.98 -68.53 -16.77
C LEU G 272 -13.14 -67.62 -17.19
N GLY G 273 -13.32 -67.47 -18.50
CA GLY G 273 -14.39 -66.65 -19.03
C GLY G 273 -15.72 -67.37 -19.07
N GLY G 274 -16.25 -67.58 -20.28
CA GLY G 274 -17.51 -68.27 -20.42
C GLY G 274 -17.57 -69.02 -21.74
N ILE G 275 -18.71 -69.64 -21.98
CA ILE G 275 -18.91 -70.41 -23.21
C ILE G 275 -19.24 -69.45 -24.34
N PRO G 276 -18.54 -69.51 -25.48
CA PRO G 276 -18.84 -68.60 -26.59
C PRO G 276 -20.22 -68.88 -27.17
N GLN G 277 -20.69 -67.91 -27.96
CA GLN G 277 -22.00 -68.04 -28.59
C GLN G 277 -22.00 -69.04 -29.74
N SER G 278 -20.82 -69.41 -30.25
CA SER G 278 -20.76 -70.37 -31.35
C SER G 278 -21.02 -71.79 -30.90
N GLU G 279 -20.79 -72.10 -29.61
CA GLU G 279 -21.02 -73.45 -29.11
C GLU G 279 -22.50 -73.77 -28.95
N PHE G 280 -23.35 -72.75 -28.85
CA PHE G 280 -24.79 -72.97 -28.71
C PHE G 280 -25.50 -73.15 -30.04
N GLN G 281 -24.77 -73.14 -31.15
CA GLN G 281 -25.40 -73.28 -32.46
C GLN G 281 -25.85 -74.73 -32.69
N HIS G 282 -26.60 -74.92 -33.78
CA HIS G 282 -27.09 -76.25 -34.10
C HIS G 282 -26.07 -77.05 -34.89
N ALA G 283 -25.24 -76.38 -35.68
CA ALA G 283 -24.23 -77.08 -36.47
C ALA G 283 -23.01 -77.44 -35.62
N THR G 284 -22.82 -76.76 -34.48
CA THR G 284 -21.69 -77.06 -33.62
C THR G 284 -21.97 -78.25 -32.72
N ILE G 285 -23.18 -78.33 -32.17
CA ILE G 285 -23.52 -79.45 -31.28
C ILE G 285 -23.67 -80.74 -32.08
N ALA G 286 -24.34 -80.66 -33.24
CA ALA G 286 -24.55 -81.85 -34.05
C ALA G 286 -23.26 -82.40 -34.64
N LYS G 287 -22.22 -81.57 -34.76
CA LYS G 287 -20.95 -82.06 -35.30
C LYS G 287 -20.23 -82.96 -34.31
N ARG G 288 -20.33 -82.64 -33.01
CA ARG G 288 -19.68 -83.45 -31.99
C ARG G 288 -20.42 -84.74 -31.67
N VAL G 289 -21.66 -84.89 -32.15
CA VAL G 289 -22.41 -86.11 -31.89
C VAL G 289 -21.87 -87.26 -32.74
N LYS G 290 -21.60 -87.00 -34.01
CA LYS G 290 -21.09 -88.05 -34.88
C LYS G 290 -19.65 -88.42 -34.53
N GLU G 291 -18.83 -87.43 -34.13
CA GLU G 291 -17.45 -87.70 -33.79
C GLU G 291 -17.31 -88.50 -32.49
N THR G 292 -18.29 -88.40 -31.59
CA THR G 292 -18.25 -89.13 -30.33
C THR G 292 -18.99 -90.44 -30.48
N PRO G 293 -18.33 -91.59 -30.28
CA PRO G 293 -19.04 -92.86 -30.40
C PRO G 293 -20.11 -93.02 -29.32
N ASN G 294 -21.22 -93.64 -29.71
CA ASN G 294 -22.36 -93.89 -28.83
C ASN G 294 -22.88 -92.57 -28.22
N ALA G 295 -23.53 -91.79 -29.09
CA ALA G 295 -24.08 -90.51 -28.70
C ALA G 295 -25.28 -90.19 -29.57
N THR G 296 -26.39 -89.83 -28.95
CA THR G 296 -27.63 -89.49 -29.62
C THR G 296 -27.85 -87.97 -29.53
N TRP G 297 -29.09 -87.53 -29.61
CA TRP G 297 -29.40 -86.11 -29.51
C TRP G 297 -29.35 -85.66 -28.06
N PRO G 298 -28.66 -84.57 -27.75
CA PRO G 298 -28.59 -84.10 -26.36
C PRO G 298 -29.96 -83.65 -25.86
N VAL G 299 -30.36 -84.17 -24.71
CA VAL G 299 -31.64 -83.85 -24.10
C VAL G 299 -31.48 -83.02 -22.83
N HIS G 300 -30.26 -82.75 -22.39
CA HIS G 300 -30.02 -81.95 -21.19
C HIS G 300 -28.73 -81.18 -21.37
N ALA G 301 -28.70 -79.95 -20.83
CA ALA G 301 -27.53 -79.08 -20.93
C ALA G 301 -27.27 -78.44 -19.59
N VAL G 302 -26.04 -78.57 -19.10
CA VAL G 302 -25.61 -78.00 -17.83
C VAL G 302 -24.71 -76.80 -18.13
N ILE G 303 -25.14 -75.62 -17.70
CA ILE G 303 -24.41 -74.38 -17.92
C ILE G 303 -24.04 -73.79 -16.55
N THR G 304 -22.75 -73.51 -16.37
CA THR G 304 -22.25 -72.94 -15.11
C THR G 304 -22.38 -71.43 -15.18
N ASN G 305 -23.46 -70.91 -14.61
CA ASN G 305 -23.73 -69.47 -14.60
C ASN G 305 -24.19 -69.09 -13.19
N SER G 306 -23.33 -68.40 -12.45
CA SER G 306 -22.01 -67.99 -12.95
C SER G 306 -20.94 -69.00 -12.57
N THR G 307 -19.70 -68.70 -12.92
CA THR G 307 -18.58 -69.59 -12.64
C THR G 307 -18.10 -69.37 -11.20
N TYR G 308 -16.90 -69.87 -10.90
CA TYR G 308 -16.36 -69.72 -9.54
C TYR G 308 -15.89 -68.29 -9.28
N ASP G 309 -15.48 -67.57 -10.33
CA ASP G 309 -15.03 -66.19 -10.16
C ASP G 309 -16.18 -65.19 -10.12
N GLY G 310 -17.32 -65.53 -10.72
CA GLY G 310 -18.46 -64.64 -10.72
C GLY G 310 -18.59 -63.84 -12.00
N LEU G 311 -19.02 -64.50 -13.08
CA LEU G 311 -19.20 -63.87 -14.38
C LEU G 311 -20.54 -64.32 -14.95
N LEU G 312 -21.51 -63.40 -14.97
CA LEU G 312 -22.82 -63.72 -15.50
C LEU G 312 -22.78 -63.84 -17.02
N TYR G 313 -23.67 -64.67 -17.56
CA TYR G 313 -23.73 -64.88 -19.01
C TYR G 313 -24.86 -64.06 -19.62
N ASN G 314 -25.46 -64.57 -20.68
CA ASN G 314 -26.57 -63.90 -21.38
C ASN G 314 -27.66 -64.95 -21.62
N THR G 315 -28.63 -65.01 -20.71
CA THR G 315 -29.71 -65.99 -20.84
C THR G 315 -30.72 -65.59 -21.91
N ASP G 316 -30.69 -64.34 -22.37
CA ASP G 316 -31.62 -63.92 -23.42
C ASP G 316 -31.23 -64.49 -24.78
N PHE G 317 -30.00 -64.95 -24.92
CA PHE G 317 -29.53 -65.55 -26.16
C PHE G 317 -29.47 -67.07 -26.10
N ILE G 318 -29.30 -67.65 -24.91
CA ILE G 318 -29.24 -69.10 -24.79
C ILE G 318 -30.63 -69.71 -24.90
N LYS G 319 -31.65 -69.02 -24.37
CA LYS G 319 -33.01 -69.54 -24.40
C LYS G 319 -33.65 -69.46 -25.78
N LYS G 320 -32.90 -69.02 -26.80
CA LYS G 320 -33.39 -68.94 -28.17
C LYS G 320 -32.48 -69.69 -29.15
N THR G 321 -31.18 -69.76 -28.85
CA THR G 321 -30.26 -70.43 -29.75
C THR G 321 -30.03 -71.88 -29.35
N LEU G 322 -29.81 -72.13 -28.06
CA LEU G 322 -29.59 -73.49 -27.57
C LEU G 322 -30.88 -74.29 -27.68
N ASP G 323 -30.85 -75.36 -28.46
CA ASP G 323 -32.03 -76.19 -28.69
C ASP G 323 -32.00 -77.41 -27.77
N VAL G 324 -32.17 -77.14 -26.49
CA VAL G 324 -32.20 -78.17 -25.46
C VAL G 324 -33.49 -77.98 -24.65
N LYS G 325 -34.27 -79.05 -24.52
CA LYS G 325 -35.53 -78.97 -23.80
C LYS G 325 -35.34 -78.87 -22.30
N SER G 326 -34.17 -79.23 -21.78
CA SER G 326 -33.88 -79.18 -20.35
C SER G 326 -32.54 -78.46 -20.16
N ILE G 327 -32.60 -77.14 -20.07
CA ILE G 327 -31.41 -76.31 -19.88
C ILE G 327 -31.22 -76.05 -18.38
N HIS G 328 -30.04 -76.38 -17.87
CA HIS G 328 -29.74 -76.22 -16.46
C HIS G 328 -28.75 -75.07 -16.27
N PHE G 329 -28.95 -74.31 -15.19
CA PHE G 329 -28.07 -73.19 -14.83
C PHE G 329 -27.57 -73.40 -13.41
N ASP G 330 -26.25 -73.53 -13.27
CA ASP G 330 -25.63 -73.73 -11.96
C ASP G 330 -25.47 -72.37 -11.30
N SER G 331 -26.56 -71.89 -10.72
CA SER G 331 -26.60 -70.59 -10.05
C SER G 331 -26.22 -70.71 -8.58
N ALA G 332 -25.08 -71.35 -8.31
CA ALA G 332 -24.62 -71.55 -6.94
C ALA G 332 -23.90 -70.34 -6.37
N TRP G 333 -23.74 -69.27 -7.15
CA TRP G 333 -23.04 -68.08 -6.67
C TRP G 333 -23.85 -66.79 -6.84
N VAL G 334 -25.06 -66.84 -7.37
CA VAL G 334 -25.87 -65.64 -7.56
C VAL G 334 -27.28 -65.87 -7.04
N PRO G 335 -27.48 -65.98 -5.72
CA PRO G 335 -28.85 -66.14 -5.20
C PRO G 335 -29.54 -64.80 -4.98
N TYR G 336 -29.44 -63.90 -5.95
CA TYR G 336 -30.01 -62.56 -5.77
C TYR G 336 -30.33 -61.86 -7.08
N THR G 337 -30.21 -62.52 -8.23
CA THR G 337 -30.46 -61.89 -9.53
C THR G 337 -31.96 -61.77 -9.78
N ASN G 338 -32.61 -60.94 -8.96
CA ASN G 338 -34.05 -60.73 -9.05
C ASN G 338 -34.45 -59.48 -8.26
N PHE G 339 -33.77 -59.24 -7.14
CA PHE G 339 -34.09 -58.13 -6.25
C PHE G 339 -33.37 -56.84 -6.62
N SER G 340 -32.99 -56.68 -7.90
CA SER G 340 -32.29 -55.48 -8.33
C SER G 340 -32.56 -55.27 -9.81
N PRO G 341 -32.76 -54.02 -10.25
CA PRO G 341 -33.03 -53.78 -11.68
C PRO G 341 -31.81 -53.93 -12.57
N ILE G 342 -30.62 -54.14 -12.01
CA ILE G 342 -29.41 -54.28 -12.82
C ILE G 342 -29.11 -55.76 -13.03
N TYR G 343 -30.11 -56.62 -12.76
CA TYR G 343 -29.96 -58.05 -12.96
C TYR G 343 -31.14 -58.65 -13.73
N GLU G 344 -31.87 -57.84 -14.49
CA GLU G 344 -33.01 -58.35 -15.25
C GLU G 344 -32.52 -58.98 -16.56
N GLY G 345 -33.06 -60.16 -16.88
CA GLY G 345 -32.66 -60.85 -18.09
C GLY G 345 -31.28 -61.46 -18.05
N LYS G 346 -30.75 -61.72 -16.86
CA LYS G 346 -29.43 -62.31 -16.71
C LYS G 346 -29.45 -63.72 -16.16
N CYS G 347 -30.58 -64.20 -15.65
CA CYS G 347 -30.71 -65.54 -15.11
C CYS G 347 -31.85 -66.25 -15.82
N GLY G 348 -32.19 -67.44 -15.33
CA GLY G 348 -33.28 -68.21 -15.93
C GLY G 348 -34.65 -67.82 -15.41
N MET G 349 -34.74 -67.41 -14.15
CA MET G 349 -36.01 -67.01 -13.58
C MET G 349 -36.52 -65.67 -14.13
N SER G 350 -35.61 -64.80 -14.56
CA SER G 350 -36.00 -63.50 -15.09
C SER G 350 -36.59 -63.68 -16.48
N GLY G 351 -37.82 -63.20 -16.66
CA GLY G 351 -38.50 -63.31 -17.94
C GLY G 351 -39.80 -64.08 -17.86
N GLY G 352 -39.92 -65.13 -18.66
CA GLY G 352 -41.12 -65.94 -18.67
C GLY G 352 -40.85 -67.40 -18.98
N ARG G 353 -41.91 -68.19 -19.14
CA ARG G 353 -41.78 -69.60 -19.44
C ARG G 353 -41.48 -69.80 -20.93
N VAL G 354 -40.40 -70.53 -21.21
CA VAL G 354 -40.01 -70.81 -22.59
C VAL G 354 -40.90 -71.92 -23.13
N GLU G 355 -41.45 -71.71 -24.33
CA GLU G 355 -42.34 -72.68 -24.94
C GLU G 355 -41.56 -73.92 -25.35
N GLY G 356 -41.94 -75.07 -24.81
CA GLY G 356 -41.29 -76.32 -25.13
C GLY G 356 -40.00 -76.61 -24.40
N LYS G 357 -39.62 -75.76 -23.45
CA LYS G 357 -38.39 -75.94 -22.68
C LYS G 357 -38.68 -75.74 -21.21
N VAL G 358 -37.66 -76.00 -20.39
CA VAL G 358 -37.76 -75.83 -18.94
C VAL G 358 -36.40 -75.42 -18.42
N ILE G 359 -36.39 -74.56 -17.40
CA ILE G 359 -35.17 -74.01 -16.83
C ILE G 359 -35.03 -74.53 -15.41
N TYR G 360 -33.86 -75.08 -15.09
CA TYR G 360 -33.54 -75.56 -13.76
C TYR G 360 -32.39 -74.75 -13.18
N GLU G 361 -32.53 -74.34 -11.91
CA GLU G 361 -31.50 -73.59 -11.22
C GLU G 361 -31.35 -74.12 -9.81
N THR G 362 -30.10 -74.15 -9.34
CA THR G 362 -29.77 -74.60 -7.99
C THR G 362 -29.17 -73.42 -7.23
N GLN G 363 -30.02 -72.47 -6.84
CA GLN G 363 -29.57 -71.30 -6.11
C GLN G 363 -29.14 -71.70 -4.71
N SER G 364 -27.87 -71.48 -4.40
CA SER G 364 -27.35 -71.83 -3.08
C SER G 364 -27.92 -70.90 -2.02
N THR G 365 -28.16 -71.44 -0.82
CA THR G 365 -28.73 -70.68 0.27
C THR G 365 -27.72 -70.31 1.35
N HIS G 366 -26.78 -71.20 1.66
CA HIS G 366 -25.81 -70.94 2.71
C HIS G 366 -24.52 -70.32 2.18
N LYS G 367 -24.45 -70.12 0.87
CA LYS G 367 -23.22 -69.59 0.25
C LYS G 367 -23.10 -68.12 0.46
N LEU G 368 -23.94 -67.35 -0.21
CA LEU G 368 -23.85 -65.90 -0.14
C LEU G 368 -25.14 -65.25 0.39
N LEU G 369 -25.68 -65.84 1.46
CA LEU G 369 -26.88 -65.29 2.09
C LEU G 369 -26.75 -65.32 3.60
N ALA G 370 -27.77 -65.85 4.29
CA ALA G 370 -27.75 -65.91 5.75
C ALA G 370 -28.66 -67.08 6.18
N ALA G 371 -28.08 -68.26 6.28
CA ALA G 371 -28.80 -69.46 6.67
C ALA G 371 -27.81 -70.52 7.10
N PHE G 372 -28.33 -71.60 7.68
CA PHE G 372 -27.49 -72.70 8.10
C PHE G 372 -26.92 -73.43 6.88
N SER G 373 -25.83 -74.16 7.10
CA SER G 373 -25.17 -74.89 6.03
C SER G 373 -26.05 -76.02 5.53
N GLN G 374 -25.66 -76.60 4.39
CA GLN G 374 -26.38 -77.68 3.73
C GLN G 374 -27.82 -77.27 3.42
N ALA G 375 -27.95 -76.27 2.55
CA ALA G 375 -29.25 -75.75 2.15
C ALA G 375 -29.17 -75.33 0.69
N SER G 376 -30.14 -75.78 -0.11
CA SER G 376 -30.20 -75.45 -1.52
C SER G 376 -31.65 -75.46 -1.99
N MET G 377 -31.86 -74.99 -3.22
CA MET G 377 -33.18 -74.92 -3.80
C MET G 377 -33.14 -75.46 -5.23
N ILE G 378 -34.31 -75.82 -5.75
CA ILE G 378 -34.47 -76.31 -7.10
C ILE G 378 -35.57 -75.48 -7.74
N HIS G 379 -35.19 -74.52 -8.58
CA HIS G 379 -36.15 -73.65 -9.24
C HIS G 379 -36.55 -74.26 -10.58
N VAL G 380 -37.84 -74.58 -10.72
CA VAL G 380 -38.39 -75.19 -11.92
C VAL G 380 -39.27 -74.16 -12.61
N LYS G 381 -38.99 -73.91 -13.89
CA LYS G 381 -39.74 -72.95 -14.70
C LYS G 381 -40.17 -73.65 -15.99
N GLY G 382 -41.38 -74.22 -15.97
CA GLY G 382 -41.89 -74.91 -17.13
C GLY G 382 -43.01 -75.84 -16.74
N ASP G 383 -43.34 -76.75 -17.66
CA ASP G 383 -44.40 -77.73 -17.48
C ASP G 383 -43.75 -79.11 -17.35
N VAL G 384 -43.58 -79.56 -16.11
CA VAL G 384 -42.98 -80.85 -15.82
C VAL G 384 -43.98 -81.72 -15.07
N ASN G 385 -43.69 -83.01 -15.03
CA ASN G 385 -44.56 -83.96 -14.35
C ASN G 385 -44.31 -83.89 -12.85
N GLU G 386 -45.38 -83.65 -12.08
CA GLU G 386 -45.24 -83.54 -10.63
C GLU G 386 -45.06 -84.91 -9.99
N GLU G 387 -45.75 -85.93 -10.52
CA GLU G 387 -45.64 -87.27 -9.96
C GLU G 387 -44.32 -87.95 -10.32
N THR G 388 -43.57 -87.41 -11.27
CA THR G 388 -42.29 -87.98 -11.67
C THR G 388 -41.12 -87.26 -11.01
N PHE G 389 -41.17 -85.92 -10.96
CA PHE G 389 -40.07 -85.17 -10.36
C PHE G 389 -40.06 -85.33 -8.83
N ASN G 390 -41.20 -85.69 -8.24
CA ASN G 390 -41.24 -85.89 -6.79
C ASN G 390 -40.48 -87.14 -6.37
N GLU G 391 -40.54 -88.21 -7.17
CA GLU G 391 -39.83 -89.43 -6.84
C GLU G 391 -38.32 -89.24 -6.93
N ALA G 392 -37.85 -88.34 -7.78
CA ALA G 392 -36.41 -88.10 -7.90
C ALA G 392 -35.88 -87.29 -6.72
N TYR G 393 -36.74 -86.48 -6.09
CA TYR G 393 -36.30 -85.69 -4.95
C TYR G 393 -36.09 -86.55 -3.71
N MET G 394 -36.87 -87.62 -3.56
CA MET G 394 -36.74 -88.51 -2.42
C MET G 394 -35.57 -89.47 -2.53
N MET G 395 -34.90 -89.51 -3.68
CA MET G 395 -33.75 -90.40 -3.86
C MET G 395 -32.50 -89.91 -3.14
N HIS G 396 -32.48 -88.64 -2.71
CA HIS G 396 -31.32 -88.10 -2.00
C HIS G 396 -31.68 -87.34 -0.73
N THR G 397 -32.96 -87.30 -0.36
CA THR G 397 -33.40 -86.60 0.85
C THR G 397 -34.01 -87.61 1.80
N THR G 398 -33.57 -87.57 3.06
CA THR G 398 -34.08 -88.50 4.06
C THR G 398 -35.53 -88.19 4.42
N THR G 399 -36.18 -89.15 5.07
CA THR G 399 -37.56 -88.99 5.46
C THR G 399 -37.74 -88.11 6.69
N SER G 400 -36.66 -87.84 7.43
CA SER G 400 -36.68 -87.00 8.63
C SER G 400 -35.75 -85.82 8.41
N PRO G 401 -36.22 -84.76 7.74
CA PRO G 401 -35.35 -83.61 7.49
C PRO G 401 -35.12 -82.79 8.75
N HIS G 402 -34.04 -82.02 8.73
CA HIS G 402 -33.67 -81.15 9.85
C HIS G 402 -34.39 -79.81 9.67
N TYR G 403 -35.40 -79.57 10.51
CA TYR G 403 -36.19 -78.34 10.39
C TYR G 403 -35.41 -77.10 10.79
N GLY G 404 -34.28 -77.26 11.49
CA GLY G 404 -33.45 -76.10 11.80
C GLY G 404 -32.85 -75.46 10.57
N ILE G 405 -32.55 -76.28 9.55
CA ILE G 405 -32.03 -75.73 8.29
C ILE G 405 -33.19 -75.33 7.39
N VAL G 406 -34.30 -76.07 7.44
CA VAL G 406 -35.46 -75.73 6.61
C VAL G 406 -36.02 -74.37 7.01
N ALA G 407 -36.05 -74.07 8.31
CA ALA G 407 -36.54 -72.77 8.76
C ALA G 407 -35.64 -71.64 8.29
N SER G 408 -34.33 -71.89 8.20
CA SER G 408 -33.41 -70.86 7.72
C SER G 408 -33.39 -70.79 6.19
N THR G 409 -33.73 -71.89 5.52
CA THR G 409 -33.77 -71.88 4.06
C THR G 409 -34.89 -70.97 3.56
N GLU G 410 -36.08 -71.08 4.15
CA GLU G 410 -37.18 -70.19 3.78
C GLU G 410 -36.97 -68.78 4.32
N THR G 411 -36.16 -68.64 5.38
CA THR G 411 -35.89 -67.33 5.95
C THR G 411 -35.16 -66.44 4.95
N ALA G 412 -34.22 -67.00 4.18
CA ALA G 412 -33.51 -66.22 3.19
C ALA G 412 -34.44 -65.65 2.12
N ALA G 413 -35.52 -66.36 1.82
CA ALA G 413 -36.52 -65.86 0.88
C ALA G 413 -37.40 -64.78 1.50
N ALA G 414 -37.51 -64.74 2.82
CA ALA G 414 -38.31 -63.72 3.50
C ALA G 414 -37.49 -62.50 3.90
N MET G 415 -36.18 -62.67 4.12
CA MET G 415 -35.33 -61.54 4.47
C MET G 415 -35.11 -60.59 3.30
N MET G 416 -35.32 -61.07 2.06
CA MET G 416 -35.11 -60.24 0.88
C MET G 416 -36.40 -59.67 0.31
N LYS G 417 -37.56 -60.09 0.81
CA LYS G 417 -38.82 -59.58 0.30
C LYS G 417 -39.10 -58.18 0.83
N GLY G 418 -39.55 -57.30 -0.06
CA GLY G 418 -39.87 -55.94 0.31
C GLY G 418 -38.67 -55.02 0.20
N ASN G 419 -38.90 -53.76 0.58
CA ASN G 419 -37.83 -52.76 0.54
C ASN G 419 -36.79 -52.99 1.62
N ALA G 420 -37.13 -53.71 2.69
CA ALA G 420 -36.16 -53.99 3.74
C ALA G 420 -35.07 -54.95 3.27
N GLY G 421 -35.37 -55.81 2.30
CA GLY G 421 -34.39 -56.73 1.77
C GLY G 421 -33.64 -56.16 0.58
N LYS G 422 -34.25 -55.22 -0.13
CA LYS G 422 -33.58 -54.59 -1.27
C LYS G 422 -32.45 -53.68 -0.82
N ARG G 423 -32.49 -53.19 0.42
CA ARG G 423 -31.42 -52.36 0.93
C ARG G 423 -30.18 -53.17 1.29
N LEU G 424 -30.31 -54.50 1.38
CA LEU G 424 -29.17 -55.36 1.66
C LEU G 424 -28.48 -55.83 0.38
N ILE G 425 -29.26 -56.09 -0.68
CA ILE G 425 -28.67 -56.47 -1.95
C ILE G 425 -28.02 -55.27 -2.62
N ASN G 426 -28.77 -54.16 -2.73
CA ASN G 426 -28.22 -52.95 -3.31
C ASN G 426 -27.20 -52.30 -2.38
N GLY G 427 -27.31 -52.53 -1.07
CA GLY G 427 -26.35 -51.97 -0.15
C GLY G 427 -24.98 -52.63 -0.27
N SER G 428 -24.97 -53.95 -0.52
CA SER G 428 -23.70 -54.64 -0.72
C SER G 428 -23.05 -54.25 -2.04
N ILE G 429 -23.85 -53.87 -3.03
CA ILE G 429 -23.31 -53.41 -4.30
C ILE G 429 -22.68 -52.03 -4.15
N GLU G 430 -23.34 -51.14 -3.41
CA GLU G 430 -22.80 -49.81 -3.18
C GLU G 430 -21.52 -49.86 -2.36
N ARG G 431 -21.44 -50.80 -1.41
CA ARG G 431 -20.21 -50.95 -0.64
C ARG G 431 -19.11 -51.59 -1.47
N ALA G 432 -19.48 -52.37 -2.48
CA ALA G 432 -18.48 -52.98 -3.35
C ALA G 432 -17.93 -51.98 -4.36
N ILE G 433 -18.80 -51.15 -4.94
CA ILE G 433 -18.36 -50.13 -5.88
C ILE G 433 -17.52 -49.08 -5.17
N LYS G 434 -17.88 -48.75 -3.93
CA LYS G 434 -17.07 -47.80 -3.16
C LYS G 434 -15.68 -48.35 -2.89
N PHE G 435 -15.57 -49.66 -2.62
CA PHE G 435 -14.27 -50.27 -2.42
C PHE G 435 -13.46 -50.32 -3.71
N ARG G 436 -14.15 -50.39 -4.86
CA ARG G 436 -13.44 -50.38 -6.13
C ARG G 436 -12.83 -49.02 -6.42
N LYS G 437 -13.50 -47.95 -6.01
CA LYS G 437 -12.98 -46.60 -6.23
C LYS G 437 -11.87 -46.26 -5.25
N GLU G 438 -11.84 -46.90 -4.08
CA GLU G 438 -10.79 -46.63 -3.12
C GLU G 438 -9.46 -47.25 -3.54
N ILE G 439 -9.50 -48.24 -4.43
CA ILE G 439 -8.27 -48.85 -4.92
C ILE G 439 -7.61 -47.97 -5.98
N LYS G 440 -8.41 -47.46 -6.92
CA LYS G 440 -7.86 -46.58 -7.95
C LYS G 440 -7.44 -45.23 -7.38
N ARG G 441 -8.04 -44.81 -6.27
CA ARG G 441 -7.65 -43.55 -5.65
C ARG G 441 -6.31 -43.68 -4.93
N LEU G 442 -6.04 -44.84 -4.32
CA LEU G 442 -4.80 -45.09 -3.62
C LEU G 442 -3.74 -45.72 -4.51
N ARG G 443 -3.93 -45.70 -5.83
CA ARG G 443 -2.97 -46.26 -6.77
C ARG G 443 -2.14 -45.18 -7.46
N THR G 444 -2.79 -44.15 -7.98
CA THR G 444 -2.06 -43.07 -8.63
C THR G 444 -1.41 -42.15 -7.60
N GLU G 445 -2.12 -41.85 -6.51
CA GLU G 445 -1.58 -40.98 -5.48
C GLU G 445 -0.45 -41.63 -4.70
N SER G 446 -0.35 -42.96 -4.71
CA SER G 446 0.70 -43.64 -3.99
C SER G 446 2.04 -43.49 -4.72
N ASP G 447 3.12 -43.78 -4.00
CA ASP G 447 4.48 -43.69 -4.52
C ASP G 447 5.05 -45.09 -4.60
N GLY G 448 4.73 -45.79 -5.68
CA GLY G 448 5.21 -47.13 -5.92
C GLY G 448 4.09 -48.00 -6.47
N TRP G 449 4.28 -49.31 -6.36
CA TRP G 449 3.30 -50.26 -6.84
C TRP G 449 2.10 -50.33 -5.89
N PHE G 450 0.96 -50.75 -6.45
CA PHE G 450 -0.26 -50.88 -5.66
C PHE G 450 -1.16 -51.88 -6.36
N PHE G 451 -2.09 -52.45 -5.58
CA PHE G 451 -3.00 -53.45 -6.11
C PHE G 451 -3.93 -52.84 -7.16
N ASP G 452 -4.43 -53.71 -8.04
CA ASP G 452 -5.33 -53.30 -9.12
C ASP G 452 -6.54 -54.21 -9.13
N VAL G 453 -7.71 -53.61 -9.37
CA VAL G 453 -8.97 -54.34 -9.42
C VAL G 453 -9.28 -54.68 -10.88
N TRP G 454 -9.62 -55.94 -11.13
CA TRP G 454 -9.97 -56.41 -12.47
C TRP G 454 -11.30 -55.79 -12.87
N GLN G 455 -11.23 -54.55 -13.33
CA GLN G 455 -12.41 -53.76 -13.68
C GLN G 455 -12.05 -52.86 -14.85
N PRO G 456 -13.05 -52.39 -15.60
CA PRO G 456 -12.77 -51.43 -16.68
C PRO G 456 -12.24 -50.12 -16.14
N ASP G 457 -11.77 -49.28 -17.07
CA ASP G 457 -11.22 -47.99 -16.68
C ASP G 457 -12.30 -47.02 -16.22
N HIS G 458 -13.54 -47.22 -16.66
CA HIS G 458 -14.66 -46.36 -16.30
C HIS G 458 -15.62 -47.18 -15.44
N ILE G 459 -15.69 -46.84 -14.15
CA ILE G 459 -16.56 -47.54 -13.21
C ILE G 459 -17.52 -46.55 -12.58
N ASP G 460 -17.83 -45.47 -13.29
CA ASP G 460 -18.71 -44.42 -12.78
C ASP G 460 -20.18 -44.78 -13.01
N THR G 461 -20.57 -46.00 -12.67
CA THR G 461 -21.94 -46.44 -12.84
C THR G 461 -22.24 -47.54 -11.83
N THR G 462 -23.53 -47.84 -11.67
CA THR G 462 -24.00 -48.86 -10.75
C THR G 462 -24.77 -49.89 -11.58
N GLU G 463 -24.04 -50.79 -12.22
CA GLU G 463 -24.62 -51.84 -13.06
C GLU G 463 -23.54 -52.87 -13.34
N CYS G 464 -23.87 -53.84 -14.18
CA CYS G 464 -22.93 -54.88 -14.58
C CYS G 464 -22.12 -54.39 -15.78
N TRP G 465 -20.81 -54.28 -15.60
CA TRP G 465 -19.94 -53.80 -16.67
C TRP G 465 -19.80 -54.87 -17.75
N PRO G 466 -20.22 -54.61 -18.98
CA PRO G 466 -20.10 -55.62 -20.04
C PRO G 466 -18.66 -55.75 -20.51
N LEU G 467 -18.33 -56.94 -20.99
CA LEU G 467 -16.98 -57.23 -21.51
C LEU G 467 -17.02 -57.03 -23.01
N ARG G 468 -16.63 -55.83 -23.45
CA ARG G 468 -16.63 -55.50 -24.86
C ARG G 468 -15.42 -56.11 -25.56
N SER G 469 -15.31 -55.82 -26.86
CA SER G 469 -14.20 -56.32 -27.66
C SER G 469 -13.10 -55.28 -27.86
N ASP G 470 -13.31 -54.05 -27.42
CA ASP G 470 -12.32 -52.98 -27.55
C ASP G 470 -11.72 -52.58 -26.21
N SER G 471 -11.48 -53.54 -25.33
CA SER G 471 -10.92 -53.30 -24.01
C SER G 471 -9.74 -54.23 -23.76
N THR G 472 -8.86 -53.80 -22.86
CA THR G 472 -7.67 -54.56 -22.51
C THR G 472 -7.62 -54.97 -21.04
N TRP G 473 -8.66 -54.66 -20.26
CA TRP G 473 -8.65 -55.01 -18.84
C TRP G 473 -8.98 -56.48 -18.63
N HIS G 474 -9.84 -57.06 -19.48
CA HIS G 474 -10.24 -58.45 -19.35
C HIS G 474 -9.27 -59.41 -20.03
N GLY G 475 -8.72 -59.02 -21.17
CA GLY G 475 -7.74 -59.85 -21.86
C GLY G 475 -8.27 -61.14 -22.41
N PHE G 476 -9.47 -61.12 -23.01
CA PHE G 476 -10.09 -62.30 -23.60
C PHE G 476 -10.22 -62.05 -25.11
N LYS G 477 -9.33 -62.65 -25.89
CA LYS G 477 -9.37 -62.47 -27.33
C LYS G 477 -10.53 -63.25 -27.93
N ASN G 478 -11.04 -62.73 -29.05
CA ASN G 478 -12.17 -63.33 -29.76
C ASN G 478 -13.39 -63.49 -28.85
N ILE G 479 -13.65 -62.45 -28.05
CA ILE G 479 -14.76 -62.47 -27.11
C ILE G 479 -16.01 -61.95 -27.82
N ASP G 480 -17.16 -62.47 -27.40
CA ASP G 480 -18.45 -62.08 -27.99
C ASP G 480 -19.04 -60.92 -27.19
N ASN G 481 -19.54 -59.92 -27.90
CA ASN G 481 -20.12 -58.76 -27.25
C ASN G 481 -21.53 -59.08 -26.74
N GLU G 482 -21.90 -58.42 -25.63
CA GLU G 482 -23.21 -58.60 -25.01
C GLU G 482 -23.45 -60.06 -24.65
N HIS G 483 -22.47 -60.66 -23.97
CA HIS G 483 -22.57 -62.06 -23.57
C HIS G 483 -21.86 -62.30 -22.24
N MET G 484 -20.81 -61.53 -21.98
CA MET G 484 -20.02 -61.64 -20.76
C MET G 484 -20.32 -60.44 -19.87
N TYR G 485 -20.74 -60.71 -18.63
CA TYR G 485 -21.07 -59.68 -17.66
C TYR G 485 -20.09 -59.75 -16.50
N LEU G 486 -20.13 -58.72 -15.65
CA LEU G 486 -19.24 -58.60 -14.50
C LEU G 486 -20.07 -58.39 -13.24
N ASP G 487 -19.70 -59.11 -12.18
CA ASP G 487 -20.38 -59.00 -10.90
C ASP G 487 -19.71 -57.93 -10.06
N PRO G 488 -20.40 -56.84 -9.72
CA PRO G 488 -19.75 -55.77 -8.96
C PRO G 488 -19.29 -56.18 -7.56
N ILE G 489 -19.92 -57.19 -6.97
CA ILE G 489 -19.58 -57.60 -5.61
C ILE G 489 -18.49 -58.67 -5.65
N LYS G 490 -17.93 -58.91 -6.83
CA LYS G 490 -16.85 -59.87 -7.01
C LYS G 490 -15.59 -59.14 -7.42
N VAL G 491 -14.97 -58.49 -6.44
CA VAL G 491 -13.73 -57.73 -6.67
C VAL G 491 -12.57 -58.71 -6.75
N THR G 492 -11.85 -58.69 -7.87
CA THR G 492 -10.71 -59.55 -8.10
C THR G 492 -9.45 -58.69 -8.14
N LEU G 493 -8.66 -58.73 -7.07
CA LEU G 493 -7.45 -57.94 -6.99
C LEU G 493 -6.36 -58.58 -7.84
N LEU G 494 -5.79 -57.79 -8.76
CA LEU G 494 -4.73 -58.26 -9.65
C LEU G 494 -3.39 -57.74 -9.12
N THR G 495 -2.59 -58.64 -8.56
CA THR G 495 -1.29 -58.26 -8.04
C THR G 495 -0.31 -57.99 -9.19
N PRO G 496 0.57 -57.00 -9.03
CA PRO G 496 1.54 -56.69 -10.09
C PRO G 496 2.49 -57.85 -10.33
N GLY G 497 2.90 -58.01 -11.58
CA GLY G 497 3.81 -59.08 -11.96
C GLY G 497 3.71 -59.45 -13.42
N MET G 498 2.60 -59.09 -14.06
CA MET G 498 2.37 -59.39 -15.46
C MET G 498 1.97 -58.11 -16.20
N GLU G 499 2.10 -58.16 -17.52
CA GLU G 499 1.76 -57.02 -18.36
C GLU G 499 0.30 -57.14 -18.82
N LYS G 500 -0.11 -56.24 -19.71
CA LYS G 500 -1.48 -56.25 -20.24
C LYS G 500 -1.63 -57.10 -21.49
N ASP G 501 -0.53 -57.61 -22.05
CA ASP G 501 -0.58 -58.44 -23.24
C ASP G 501 -0.56 -59.94 -22.94
N GLY G 502 -0.31 -60.32 -21.69
CA GLY G 502 -0.28 -61.72 -21.30
C GLY G 502 1.11 -62.29 -21.07
N THR G 503 2.15 -61.47 -21.13
CA THR G 503 3.51 -61.93 -20.91
C THR G 503 3.88 -61.72 -19.44
N MET G 504 5.17 -61.75 -19.13
CA MET G 504 5.68 -61.57 -17.78
C MET G 504 6.42 -60.25 -17.66
N SER G 505 6.74 -59.89 -16.42
CA SER G 505 7.46 -58.65 -16.15
C SER G 505 8.75 -58.92 -15.40
N ASP G 506 9.31 -57.89 -14.77
CA ASP G 506 10.55 -58.01 -14.01
C ASP G 506 10.36 -57.84 -12.51
N PHE G 507 9.39 -57.01 -12.09
CA PHE G 507 9.12 -56.75 -10.68
C PHE G 507 7.68 -57.11 -10.39
N GLY G 508 7.47 -57.98 -9.40
CA GLY G 508 6.13 -58.38 -9.03
C GLY G 508 6.18 -59.31 -7.84
N ILE G 509 5.02 -59.44 -7.20
CA ILE G 509 4.84 -60.28 -6.03
C ILE G 509 3.70 -61.25 -6.31
N PRO G 510 3.91 -62.56 -6.18
CA PRO G 510 2.81 -63.50 -6.42
C PRO G 510 1.70 -63.35 -5.40
N ALA G 511 0.52 -63.86 -5.77
CA ALA G 511 -0.65 -63.78 -4.90
C ALA G 511 -0.62 -64.81 -3.78
N SER G 512 0.28 -65.80 -3.84
CA SER G 512 0.35 -66.81 -2.79
C SER G 512 0.95 -66.24 -1.51
N ILE G 513 1.86 -65.27 -1.63
CA ILE G 513 2.45 -64.67 -0.44
C ILE G 513 1.45 -63.75 0.25
N VAL G 514 0.65 -63.01 -0.53
CA VAL G 514 -0.33 -62.10 0.05
C VAL G 514 -1.45 -62.88 0.73
N ALA G 515 -1.75 -64.10 0.24
CA ALA G 515 -2.82 -64.88 0.84
C ALA G 515 -2.49 -65.27 2.28
N LYS G 516 -1.23 -65.57 2.56
CA LYS G 516 -0.83 -65.92 3.93
C LYS G 516 -0.63 -64.69 4.80
N TYR G 517 -0.37 -63.53 4.22
CA TYR G 517 -0.22 -62.32 5.02
C TYR G 517 -1.57 -61.85 5.56
N LEU G 518 -2.64 -62.06 4.80
CA LEU G 518 -3.97 -61.69 5.27
C LEU G 518 -4.51 -62.64 6.32
N ASP G 519 -3.97 -63.86 6.40
CA ASP G 519 -4.45 -64.83 7.37
C ASP G 519 -4.08 -64.46 8.80
N GLU G 520 -3.04 -63.64 8.99
CA GLU G 520 -2.64 -63.25 10.34
C GLU G 520 -3.69 -62.36 11.00
N HIS G 521 -4.44 -61.59 10.21
CA HIS G 521 -5.48 -60.72 10.75
C HIS G 521 -6.87 -61.36 10.70
N GLY G 522 -7.01 -62.52 10.06
CA GLY G 522 -8.31 -63.17 9.99
C GLY G 522 -8.99 -63.01 8.66
N ILE G 523 -8.21 -62.99 7.58
CA ILE G 523 -8.73 -62.83 6.22
C ILE G 523 -8.18 -63.96 5.37
N VAL G 524 -9.07 -64.79 4.82
CA VAL G 524 -8.69 -65.92 3.98
C VAL G 524 -9.14 -65.61 2.56
N VAL G 525 -8.20 -65.69 1.62
CA VAL G 525 -8.51 -65.42 0.22
C VAL G 525 -9.33 -66.56 -0.35
N GLU G 526 -10.41 -66.21 -1.05
CA GLU G 526 -11.28 -67.23 -1.63
C GLU G 526 -10.59 -67.99 -2.75
N LYS G 527 -9.86 -67.29 -3.61
CA LYS G 527 -9.14 -67.91 -4.72
C LYS G 527 -7.82 -67.19 -4.92
N THR G 528 -6.72 -67.92 -4.78
CA THR G 528 -5.38 -67.36 -4.96
C THR G 528 -4.52 -68.37 -5.70
N GLY G 529 -3.36 -67.89 -6.17
CA GLY G 529 -2.44 -68.75 -6.89
C GLY G 529 -1.51 -67.95 -7.79
N PRO G 530 -1.94 -67.72 -9.04
CA PRO G 530 -1.12 -66.95 -9.98
C PRO G 530 -0.94 -65.50 -9.55
N TYR G 531 -1.84 -64.63 -10.01
CA TYR G 531 -1.78 -63.21 -9.70
C TYR G 531 -3.19 -62.65 -9.54
N ASN G 532 -4.04 -63.33 -8.77
CA ASN G 532 -5.41 -62.91 -8.55
C ASN G 532 -5.78 -63.10 -7.09
N LEU G 533 -6.73 -62.29 -6.63
CA LEU G 533 -7.22 -62.34 -5.25
C LEU G 533 -8.73 -62.15 -5.29
N LEU G 534 -9.47 -63.25 -5.15
CA LEU G 534 -10.92 -63.21 -5.20
C LEU G 534 -11.49 -63.07 -3.79
N PHE G 535 -12.49 -62.19 -3.65
CA PHE G 535 -13.16 -61.96 -2.38
C PHE G 535 -14.67 -61.99 -2.60
N LEU G 536 -15.40 -62.21 -1.51
CA LEU G 536 -16.85 -62.29 -1.52
C LEU G 536 -17.43 -61.11 -0.76
N PHE G 537 -18.16 -60.25 -1.46
CA PHE G 537 -18.79 -59.08 -0.86
C PHE G 537 -20.31 -59.27 -0.88
N SER G 538 -20.77 -60.26 -0.13
CA SER G 538 -22.20 -60.56 -0.06
C SER G 538 -22.88 -59.69 1.00
N ILE G 539 -24.05 -60.14 1.48
CA ILE G 539 -24.77 -59.38 2.49
C ILE G 539 -24.13 -59.50 3.87
N GLY G 540 -23.26 -60.49 4.07
CA GLY G 540 -22.60 -60.64 5.36
C GLY G 540 -21.44 -59.69 5.59
N ILE G 541 -20.97 -59.03 4.53
CA ILE G 541 -19.87 -58.08 4.63
C ILE G 541 -20.47 -56.68 4.83
N ASP G 542 -20.38 -56.16 6.04
CA ASP G 542 -20.91 -54.85 6.37
C ASP G 542 -19.84 -53.80 6.11
N LYS G 543 -20.02 -52.59 6.64
CA LYS G 543 -19.04 -51.53 6.46
C LYS G 543 -17.79 -51.76 7.30
N THR G 544 -17.87 -52.59 8.33
CA THR G 544 -16.70 -52.87 9.15
C THR G 544 -15.80 -53.90 8.47
N LYS G 545 -16.38 -54.98 7.94
CA LYS G 545 -15.60 -56.02 7.28
C LYS G 545 -15.04 -55.56 5.95
N ALA G 546 -15.64 -54.52 5.34
CA ALA G 546 -15.13 -54.02 4.06
C ALA G 546 -13.95 -53.09 4.25
N LEU G 547 -14.03 -52.18 5.23
CA LEU G 547 -12.93 -51.25 5.47
C LEU G 547 -11.74 -51.93 6.13
N SER G 548 -11.95 -53.06 6.80
CA SER G 548 -10.83 -53.77 7.42
C SER G 548 -9.95 -54.45 6.38
N LEU G 549 -10.47 -54.69 5.18
CA LEU G 549 -9.69 -55.32 4.13
C LEU G 549 -8.73 -54.32 3.48
N LEU G 550 -9.14 -53.06 3.37
CA LEU G 550 -8.28 -52.05 2.75
C LEU G 550 -7.09 -51.71 3.66
N ARG G 551 -7.30 -51.73 4.98
CA ARG G 551 -6.21 -51.42 5.89
C ARG G 551 -5.12 -52.49 5.87
N ALA G 552 -5.50 -53.76 5.70
CA ALA G 552 -4.51 -54.82 5.63
C ALA G 552 -3.72 -54.78 4.33
N LEU G 553 -4.31 -54.26 3.26
CA LEU G 553 -3.60 -54.14 2.00
C LEU G 553 -2.55 -53.04 2.04
N THR G 554 -2.83 -51.95 2.75
CA THR G 554 -1.86 -50.87 2.87
C THR G 554 -0.69 -51.27 3.76
N ASP G 555 -0.91 -52.19 4.71
CA ASP G 555 0.17 -52.65 5.57
C ASP G 555 1.15 -53.55 4.83
N PHE G 556 0.72 -54.22 3.76
CA PHE G 556 1.62 -55.07 3.01
C PHE G 556 2.61 -54.24 2.19
N LYS G 557 2.19 -53.08 1.71
CA LYS G 557 3.10 -52.22 0.96
C LYS G 557 4.14 -51.58 1.88
N ARG G 558 3.74 -51.23 3.10
CA ARG G 558 4.67 -50.63 4.05
C ARG G 558 5.71 -51.64 4.52
N ALA G 559 5.28 -52.88 4.77
CA ALA G 559 6.21 -53.90 5.23
C ALA G 559 7.14 -54.39 4.11
N PHE G 560 6.74 -54.22 2.85
CA PHE G 560 7.57 -54.64 1.74
C PHE G 560 8.54 -53.56 1.28
N ASP G 561 8.13 -52.29 1.36
CA ASP G 561 9.02 -51.21 0.94
C ASP G 561 10.15 -51.00 1.94
N LEU G 562 9.90 -51.25 3.21
CA LEU G 562 10.93 -51.11 4.24
C LEU G 562 11.84 -52.33 4.34
N ASN G 563 11.56 -53.39 3.58
CA ASN G 563 12.36 -54.60 3.58
C ASN G 563 12.48 -55.20 4.98
N LEU G 564 11.42 -55.84 5.44
CA LEU G 564 11.39 -56.46 6.76
C LEU G 564 11.71 -57.95 6.66
N ARG G 565 11.88 -58.58 7.82
CA ARG G 565 12.21 -59.99 7.88
C ARG G 565 10.93 -60.84 7.85
N VAL G 566 11.12 -62.13 7.58
CA VAL G 566 9.98 -63.04 7.53
C VAL G 566 9.48 -63.35 8.93
N LYS G 567 10.40 -63.49 9.89
CA LYS G 567 10.00 -63.79 11.27
C LYS G 567 9.22 -62.64 11.88
N ASN G 568 9.58 -61.40 11.53
CA ASN G 568 8.91 -60.21 12.04
C ASN G 568 7.76 -59.75 11.12
N MET G 569 7.13 -60.67 10.41
CA MET G 569 6.04 -60.33 9.51
C MET G 569 5.08 -61.50 9.31
N LEU G 570 5.63 -62.70 9.10
CA LEU G 570 4.85 -63.92 8.90
C LEU G 570 5.24 -64.93 9.96
N PRO G 571 4.63 -64.86 11.15
CA PRO G 571 4.95 -65.83 12.20
C PRO G 571 4.44 -67.24 11.92
N SER G 572 3.38 -67.38 11.12
CA SER G 572 2.86 -68.72 10.82
C SER G 572 3.79 -69.45 9.85
N LEU G 573 4.38 -68.73 8.90
CA LEU G 573 5.29 -69.37 7.95
C LEU G 573 6.64 -69.68 8.60
N TYR G 574 7.04 -68.89 9.59
CA TYR G 574 8.31 -69.13 10.25
C TYR G 574 8.29 -70.40 11.10
N ARG G 575 7.12 -70.76 11.64
CA ARG G 575 7.03 -71.96 12.46
C ARG G 575 7.08 -73.24 11.64
N GLU G 576 6.89 -73.16 10.32
CA GLU G 576 6.93 -74.35 9.48
C GLU G 576 8.37 -74.84 9.30
N ASP G 577 9.31 -73.92 9.13
CA ASP G 577 10.72 -74.27 8.97
C ASP G 577 11.58 -73.12 9.48
N PRO G 578 11.82 -73.07 10.78
CA PRO G 578 12.64 -71.97 11.33
C PRO G 578 14.09 -71.99 10.86
N GLU G 579 14.60 -73.14 10.43
CA GLU G 579 16.00 -73.19 10.00
C GLU G 579 16.19 -72.57 8.63
N PHE G 580 15.32 -72.91 7.67
CA PHE G 580 15.46 -72.38 6.31
C PHE G 580 15.04 -70.91 6.25
N TYR G 581 13.95 -70.55 6.91
CA TYR G 581 13.45 -69.17 6.92
C TYR G 581 14.06 -68.34 8.04
N GLU G 582 15.36 -68.45 8.25
CA GLU G 582 16.04 -67.68 9.30
C GLU G 582 16.53 -66.34 8.76
N ASN G 583 17.57 -66.36 7.94
CA ASN G 583 18.13 -65.15 7.34
C ASN G 583 17.47 -64.79 6.03
N MET G 584 16.15 -64.74 5.99
CA MET G 584 15.39 -64.40 4.80
C MET G 584 14.47 -63.21 5.07
N ARG G 585 14.40 -62.30 4.12
CA ARG G 585 13.57 -61.10 4.21
C ARG G 585 12.37 -61.24 3.28
N ILE G 586 11.51 -60.22 3.32
CA ILE G 586 10.30 -60.24 2.49
C ILE G 586 10.64 -59.94 1.03
N GLN G 587 11.74 -59.24 0.76
CA GLN G 587 12.12 -58.94 -0.61
C GLN G 587 12.87 -60.09 -1.26
N GLU G 588 13.62 -60.88 -0.48
CA GLU G 588 14.35 -62.00 -1.05
C GLU G 588 13.41 -63.13 -1.44
N LEU G 589 12.34 -63.34 -0.67
CA LEU G 589 11.39 -64.40 -0.99
C LEU G 589 10.48 -64.00 -2.14
N ALA G 590 10.17 -62.70 -2.25
CA ALA G 590 9.26 -62.25 -3.30
C ALA G 590 9.95 -62.24 -4.66
N GLN G 591 11.27 -62.11 -4.69
CA GLN G 591 11.99 -62.08 -5.96
C GLN G 591 12.41 -63.46 -6.44
N ASN G 592 12.68 -64.39 -5.51
CA ASN G 592 13.10 -65.72 -5.90
C ASN G 592 11.93 -66.50 -6.50
N ILE G 593 10.72 -66.29 -5.99
CA ILE G 593 9.56 -67.00 -6.52
C ILE G 593 9.17 -66.45 -7.88
N HIS G 594 9.31 -65.13 -8.09
CA HIS G 594 8.97 -64.53 -9.38
C HIS G 594 9.88 -65.02 -10.49
N LYS G 595 11.14 -65.33 -10.17
CA LYS G 595 12.05 -65.83 -11.20
C LYS G 595 11.74 -67.28 -11.56
N LEU G 596 11.17 -68.05 -10.63
CA LEU G 596 10.81 -69.43 -10.93
C LEU G 596 9.61 -69.51 -11.85
N ILE G 597 8.71 -68.52 -11.78
CA ILE G 597 7.55 -68.51 -12.67
C ILE G 597 7.97 -68.21 -14.10
N VAL G 598 8.91 -67.27 -14.26
CA VAL G 598 9.39 -66.92 -15.59
C VAL G 598 10.25 -68.05 -16.17
N HIS G 599 11.05 -68.70 -15.32
CA HIS G 599 11.91 -69.77 -15.79
C HIS G 599 11.09 -70.98 -16.23
N HIS G 600 10.18 -71.45 -15.38
CA HIS G 600 9.34 -72.59 -15.72
C HIS G 600 8.23 -72.23 -16.69
N ASN G 601 7.99 -70.94 -16.92
CA ASN G 601 6.96 -70.47 -17.85
C ASN G 601 5.59 -71.01 -17.47
N LEU G 602 4.95 -70.38 -16.51
CA LEU G 602 3.65 -70.83 -15.99
C LEU G 602 2.48 -70.41 -16.88
N PRO G 603 2.39 -69.14 -17.32
CA PRO G 603 1.23 -68.76 -18.13
C PRO G 603 1.11 -69.51 -19.45
N ASP G 604 2.23 -69.97 -20.01
CA ASP G 604 2.18 -70.70 -21.28
C ASP G 604 1.84 -72.17 -21.08
N LEU G 605 2.37 -72.78 -20.02
CA LEU G 605 2.07 -74.18 -19.76
C LEU G 605 0.71 -74.38 -19.12
N MET G 606 0.00 -73.30 -18.81
CA MET G 606 -1.35 -73.39 -18.24
C MET G 606 -2.43 -73.03 -19.25
N TYR G 607 -2.15 -72.07 -20.14
CA TYR G 607 -3.14 -71.69 -21.14
C TYR G 607 -3.28 -72.75 -22.22
N ARG G 608 -2.14 -73.31 -22.68
CA ARG G 608 -2.19 -74.33 -23.72
C ARG G 608 -2.66 -75.67 -23.17
N ALA G 609 -2.47 -75.91 -21.87
CA ALA G 609 -2.91 -77.18 -21.29
C ALA G 609 -4.43 -77.21 -21.12
N PHE G 610 -5.03 -76.08 -20.73
CA PHE G 610 -6.47 -76.03 -20.54
C PHE G 610 -7.22 -75.92 -21.85
N GLU G 611 -6.54 -75.50 -22.93
CA GLU G 611 -7.22 -75.35 -24.22
CA GLU G 611 -7.22 -75.35 -24.22
C GLU G 611 -7.50 -76.73 -24.84
N VAL G 612 -6.47 -77.56 -24.95
CA VAL G 612 -6.65 -78.88 -25.53
C VAL G 612 -7.34 -79.80 -24.53
N LEU G 613 -8.01 -80.82 -25.05
CA LEU G 613 -8.73 -81.78 -24.23
C LEU G 613 -8.24 -83.20 -24.52
N PRO G 614 -8.00 -84.00 -23.49
CA PRO G 614 -7.55 -85.38 -23.72
C PRO G 614 -8.61 -86.20 -24.45
N THR G 615 -8.14 -87.26 -25.10
CA THR G 615 -9.03 -88.14 -25.85
C THR G 615 -9.88 -88.97 -24.89
N MET G 616 -11.18 -88.73 -24.88
CA MET G 616 -12.10 -89.48 -24.02
C MET G 616 -12.41 -90.81 -24.67
N VAL G 617 -11.90 -91.89 -24.09
CA VAL G 617 -12.11 -93.23 -24.65
C VAL G 617 -13.52 -93.73 -24.33
N MET G 618 -13.83 -93.85 -23.05
CA MET G 618 -15.13 -94.35 -22.60
C MET G 618 -15.84 -93.28 -21.77
N THR G 619 -17.10 -93.56 -21.45
CA THR G 619 -17.88 -92.64 -20.65
C THR G 619 -17.40 -92.65 -19.20
N PRO G 620 -17.59 -91.55 -18.47
CA PRO G 620 -17.19 -91.53 -17.06
C PRO G 620 -17.90 -92.56 -16.20
N TYR G 621 -19.08 -93.03 -16.61
CA TYR G 621 -19.77 -94.05 -15.84
C TYR G 621 -19.08 -95.40 -15.97
N ALA G 622 -18.49 -95.69 -17.13
CA ALA G 622 -17.80 -96.96 -17.32
C ALA G 622 -16.47 -97.02 -16.58
N ALA G 623 -15.84 -95.88 -16.31
CA ALA G 623 -14.58 -95.87 -15.59
C ALA G 623 -14.76 -96.26 -14.12
N PHE G 624 -15.90 -95.90 -13.54
CA PHE G 624 -16.16 -96.25 -12.14
C PHE G 624 -16.50 -97.73 -11.98
N GLN G 625 -17.00 -98.38 -13.03
CA GLN G 625 -17.34 -99.80 -12.92
C GLN G 625 -16.08 -100.66 -12.83
N LYS G 626 -15.01 -100.26 -13.52
CA LYS G 626 -13.76 -101.01 -13.47
C LYS G 626 -13.03 -100.82 -12.15
N GLU G 627 -13.30 -99.72 -11.44
CA GLU G 627 -12.64 -99.49 -10.15
C GLU G 627 -13.21 -100.38 -9.05
N LEU G 628 -14.51 -100.68 -9.12
CA LEU G 628 -15.12 -101.52 -8.08
C LEU G 628 -14.64 -102.96 -8.17
N HIS G 629 -14.28 -103.42 -9.37
CA HIS G 629 -13.80 -104.78 -9.55
C HIS G 629 -12.35 -104.98 -9.14
N GLY G 630 -11.62 -103.90 -8.86
CA GLY G 630 -10.24 -104.01 -8.44
C GLY G 630 -9.23 -103.98 -9.57
N MET G 631 -9.56 -103.38 -10.70
CA MET G 631 -8.65 -103.29 -11.85
C MET G 631 -7.96 -101.94 -11.90
N THR G 632 -7.45 -101.49 -10.76
CA THR G 632 -6.75 -100.21 -10.66
C THR G 632 -5.30 -100.45 -10.22
N GLU G 633 -4.44 -99.50 -10.59
CA GLU G 633 -3.03 -99.59 -10.23
C GLU G 633 -2.47 -98.18 -10.12
N GLU G 634 -1.38 -98.05 -9.37
CA GLU G 634 -0.70 -96.79 -9.15
C GLU G 634 0.58 -96.75 -9.97
N VAL G 635 0.67 -95.79 -10.88
CA VAL G 635 1.84 -95.61 -11.73
C VAL G 635 2.44 -94.23 -11.47
N TYR G 636 3.62 -94.01 -12.04
CA TYR G 636 4.31 -92.75 -11.87
C TYR G 636 3.67 -91.67 -12.75
N LEU G 637 4.05 -90.42 -12.47
CA LEU G 637 3.52 -89.29 -13.25
C LEU G 637 4.21 -89.19 -14.60
N ASP G 638 5.49 -89.58 -14.67
CA ASP G 638 6.23 -89.51 -15.93
C ASP G 638 5.94 -90.68 -16.85
N GLU G 639 5.26 -91.72 -16.36
CA GLU G 639 4.95 -92.91 -17.14
C GLU G 639 3.45 -93.11 -17.12
N MET G 640 2.75 -92.38 -18.00
CA MET G 640 1.29 -92.48 -18.05
C MET G 640 0.71 -92.10 -19.41
N VAL G 641 1.53 -91.95 -20.45
CA VAL G 641 1.00 -91.58 -21.76
C VAL G 641 0.33 -92.80 -22.39
N GLY G 642 -0.97 -92.66 -22.68
CA GLY G 642 -1.73 -93.75 -23.26
C GLY G 642 -2.51 -94.59 -22.28
N ARG G 643 -2.76 -94.09 -21.08
CA ARG G 643 -3.49 -94.82 -20.06
C ARG G 643 -4.76 -94.07 -19.69
N ILE G 644 -5.71 -94.79 -19.10
CA ILE G 644 -6.99 -94.24 -18.69
C ILE G 644 -6.94 -93.99 -17.18
N ASN G 645 -7.13 -92.73 -16.79
CA ASN G 645 -7.11 -92.38 -15.38
C ASN G 645 -8.38 -92.84 -14.69
N ALA G 646 -8.33 -92.89 -13.35
CA ALA G 646 -9.46 -93.32 -12.54
C ALA G 646 -10.11 -92.19 -11.76
N ASN G 647 -9.36 -91.15 -11.40
CA ASN G 647 -9.87 -90.02 -10.64
C ASN G 647 -9.73 -88.74 -11.45
N MET G 648 -10.31 -87.67 -10.93
CA MET G 648 -10.28 -86.37 -11.57
C MET G 648 -9.13 -85.53 -11.01
N ILE G 649 -8.33 -84.96 -11.91
CA ILE G 649 -7.19 -84.14 -11.51
C ILE G 649 -7.69 -82.72 -11.25
N LEU G 650 -7.39 -82.20 -10.06
CA LEU G 650 -7.80 -80.86 -9.65
C LEU G 650 -6.58 -80.15 -9.08
N PRO G 651 -5.74 -79.57 -9.94
CA PRO G 651 -4.52 -78.92 -9.46
C PRO G 651 -4.79 -77.53 -8.89
N TYR G 652 -4.08 -77.21 -7.82
CA TYR G 652 -4.16 -75.90 -7.19
C TYR G 652 -2.78 -75.24 -7.27
N PRO G 653 -2.64 -74.09 -7.95
CA PRO G 653 -3.68 -73.36 -8.70
C PRO G 653 -3.92 -73.96 -10.08
N PRO G 654 -5.05 -73.61 -10.72
CA PRO G 654 -6.14 -72.75 -10.23
C PRO G 654 -7.14 -73.49 -9.33
N GLY G 655 -8.29 -73.86 -9.89
CA GLY G 655 -9.30 -74.59 -9.15
C GLY G 655 -10.31 -75.26 -10.06
N VAL G 656 -9.90 -75.54 -11.30
CA VAL G 656 -10.78 -76.17 -12.28
C VAL G 656 -10.23 -77.56 -12.61
N PRO G 657 -11.07 -78.51 -13.01
CA PRO G 657 -10.57 -79.84 -13.35
C PRO G 657 -9.66 -79.81 -14.58
N LEU G 658 -8.82 -80.84 -14.68
CA LEU G 658 -7.89 -80.97 -15.79
C LEU G 658 -8.20 -82.19 -16.65
N VAL G 659 -8.16 -83.38 -16.08
CA VAL G 659 -8.44 -84.62 -16.80
C VAL G 659 -9.63 -85.30 -16.13
N MET G 660 -10.68 -85.56 -16.91
CA MET G 660 -11.87 -86.21 -16.39
C MET G 660 -11.65 -87.71 -16.26
N PRO G 661 -12.25 -88.34 -15.24
CA PRO G 661 -12.10 -89.79 -15.07
C PRO G 661 -12.66 -90.57 -16.24
N GLY G 662 -11.78 -91.11 -17.08
CA GLY G 662 -12.20 -91.88 -18.23
C GLY G 662 -11.58 -91.40 -19.53
N GLU G 663 -10.62 -90.49 -19.42
CA GLU G 663 -9.93 -89.93 -20.58
C GLU G 663 -8.54 -90.54 -20.72
N MET G 664 -7.93 -90.30 -21.88
CA MET G 664 -6.60 -90.81 -22.18
C MET G 664 -5.74 -89.68 -22.72
N ILE G 665 -4.49 -89.63 -22.28
CA ILE G 665 -3.54 -88.62 -22.75
C ILE G 665 -2.76 -89.21 -23.92
N THR G 666 -3.05 -88.71 -25.12
CA THR G 666 -2.41 -89.14 -26.36
C THR G 666 -1.39 -88.08 -26.79
N GLU G 667 -1.24 -87.90 -28.10
CA GLU G 667 -0.29 -86.91 -28.60
C GLU G 667 -0.93 -85.54 -28.75
N GLU G 668 -2.26 -85.46 -28.66
CA GLU G 668 -2.94 -84.18 -28.78
C GLU G 668 -2.87 -83.39 -27.47
N SER G 669 -3.03 -84.07 -26.35
CA SER G 669 -3.00 -83.42 -25.03
C SER G 669 -1.61 -83.48 -24.41
N ARG G 670 -0.60 -83.09 -25.19
CA ARG G 670 0.78 -83.07 -24.71
C ARG G 670 1.01 -81.98 -23.67
N PRO G 671 0.54 -80.73 -23.87
CA PRO G 671 0.73 -79.73 -22.82
C PRO G 671 -0.01 -80.04 -21.53
N VAL G 672 -0.98 -80.95 -21.55
CA VAL G 672 -1.69 -81.31 -20.32
C VAL G 672 -0.77 -82.01 -19.35
N LEU G 673 0.05 -82.94 -19.85
CA LEU G 673 0.99 -83.63 -18.97
C LEU G 673 2.13 -82.71 -18.52
N GLU G 674 2.51 -81.72 -19.34
CA GLU G 674 3.57 -80.81 -18.97
C GLU G 674 3.15 -79.88 -17.83
N PHE G 675 1.83 -79.65 -17.69
CA PHE G 675 1.37 -78.79 -16.60
C PHE G 675 1.48 -79.48 -15.25
N LEU G 676 1.35 -80.80 -15.21
CA LEU G 676 1.47 -81.54 -13.96
C LEU G 676 2.93 -81.66 -13.52
N GLN G 677 3.84 -81.85 -14.47
CA GLN G 677 5.25 -81.98 -14.14
C GLN G 677 5.88 -80.64 -13.76
N MET G 678 5.31 -79.53 -14.21
CA MET G 678 5.87 -78.23 -13.87
C MET G 678 5.55 -77.84 -12.43
N LEU G 679 4.36 -78.23 -11.94
CA LEU G 679 3.99 -77.89 -10.58
C LEU G 679 4.78 -78.72 -9.56
N CYS G 680 5.23 -79.92 -9.96
CA CYS G 680 6.00 -80.76 -9.05
C CYS G 680 7.40 -80.25 -8.82
N GLU G 681 7.92 -79.40 -9.70
CA GLU G 681 9.26 -78.84 -9.55
C GLU G 681 9.25 -77.49 -8.83
N ILE G 682 8.28 -76.63 -9.18
CA ILE G 682 8.21 -75.31 -8.55
C ILE G 682 7.72 -75.41 -7.11
N GLY G 683 7.00 -76.48 -6.76
CA GLY G 683 6.50 -76.64 -5.41
C GLY G 683 7.28 -77.66 -4.61
N ALA G 684 8.59 -77.47 -4.50
CA ALA G 684 9.44 -78.39 -3.75
C ALA G 684 10.68 -77.69 -3.22
N HIS G 685 11.00 -76.52 -3.79
CA HIS G 685 12.18 -75.78 -3.36
C HIS G 685 11.93 -75.05 -2.05
N TYR G 686 10.85 -74.27 -1.98
CA TYR G 686 10.55 -73.51 -0.77
C TYR G 686 9.37 -74.13 -0.04
N PRO G 687 9.50 -74.36 1.26
CA PRO G 687 8.38 -74.94 2.01
C PRO G 687 7.18 -73.99 2.05
N GLY G 688 6.02 -74.57 2.36
CA GLY G 688 4.77 -73.84 2.43
C GLY G 688 4.02 -73.75 1.12
N PHE G 689 4.72 -73.66 0.00
CA PHE G 689 4.08 -73.58 -1.30
C PHE G 689 4.21 -74.90 -2.05
N GLU G 690 3.82 -75.99 -1.40
CA GLU G 690 3.92 -77.31 -2.02
C GLU G 690 2.83 -77.47 -3.09
N THR G 691 3.00 -78.52 -3.89
CA THR G 691 2.05 -78.80 -4.96
C THR G 691 0.78 -79.41 -4.37
N ASP G 692 -0.37 -78.84 -4.73
CA ASP G 692 -1.67 -79.30 -4.24
C ASP G 692 -2.49 -79.77 -5.43
N ILE G 693 -2.52 -81.09 -5.63
CA ILE G 693 -3.30 -81.70 -6.70
C ILE G 693 -4.16 -82.80 -6.08
N HIS G 694 -5.47 -82.63 -6.13
CA HIS G 694 -6.42 -83.62 -5.60
C HIS G 694 -6.45 -84.82 -6.54
N GLY G 695 -5.51 -85.74 -6.32
CA GLY G 695 -5.40 -86.93 -7.14
C GLY G 695 -4.00 -87.47 -7.23
N ALA G 696 -3.02 -86.62 -6.88
CA ALA G 696 -1.60 -87.01 -6.91
C ALA G 696 -1.15 -87.29 -5.49
N TYR G 697 -0.74 -88.52 -5.23
CA TYR G 697 -0.29 -88.92 -3.90
C TYR G 697 1.21 -88.68 -3.77
N ARG G 698 1.62 -88.15 -2.63
CA ARG G 698 3.03 -87.86 -2.38
C ARG G 698 3.73 -89.08 -1.80
N GLN G 699 4.87 -89.44 -2.39
CA GLN G 699 5.64 -90.59 -1.93
C GLN G 699 6.75 -90.15 -0.99
N ALA G 700 7.86 -90.89 -0.99
CA ALA G 700 9.00 -90.59 -0.14
C ALA G 700 10.21 -90.08 -0.91
N ASP G 701 10.07 -89.83 -2.21
CA ASP G 701 11.16 -89.33 -3.04
C ASP G 701 10.89 -88.00 -3.71
N GLY G 702 9.62 -87.63 -3.91
CA GLY G 702 9.30 -86.38 -4.55
C GLY G 702 8.36 -86.53 -5.74
N ARG G 703 8.47 -87.66 -6.43
CA ARG G 703 7.63 -87.92 -7.59
C ARG G 703 6.24 -88.36 -7.15
N TYR G 704 5.22 -87.75 -7.73
CA TYR G 704 3.84 -88.06 -7.40
C TYR G 704 3.34 -89.23 -8.24
N THR G 705 2.34 -89.94 -7.71
CA THR G 705 1.75 -91.09 -8.37
C THR G 705 0.28 -90.83 -8.65
N VAL G 706 -0.22 -91.38 -9.75
CA VAL G 706 -1.61 -91.24 -10.14
C VAL G 706 -2.27 -92.61 -10.11
N LYS G 707 -3.61 -92.60 -10.14
CA LYS G 707 -4.41 -93.81 -10.12
C LYS G 707 -4.99 -94.03 -11.51
N VAL G 708 -4.53 -95.08 -12.18
CA VAL G 708 -5.01 -95.42 -13.52
C VAL G 708 -5.70 -96.77 -13.49
N LEU G 709 -6.08 -97.27 -14.67
CA LEU G 709 -6.75 -98.56 -14.78
C LEU G 709 -5.83 -99.58 -15.41
N LYS G 710 -6.06 -100.85 -15.08
CA LYS G 710 -5.25 -101.93 -15.61
C LYS G 710 -5.56 -102.17 -17.09
N GLU G 711 -4.54 -102.52 -17.85
CA GLU G 711 -4.69 -102.78 -19.27
C GLU G 711 -5.27 -104.17 -19.51
N MET H 1 -59.51 -39.73 39.93
CA MET H 1 -59.67 -38.33 40.28
C MET H 1 -58.72 -37.94 41.41
N ASN H 2 -57.48 -37.62 41.06
CA ASN H 2 -56.47 -37.25 42.03
C ASN H 2 -55.33 -36.49 41.39
N VAL H 3 -55.64 -35.57 40.49
CA VAL H 3 -54.66 -34.76 39.77
C VAL H 3 -54.74 -33.34 40.29
N ILE H 4 -53.61 -32.82 40.77
CA ILE H 4 -53.51 -31.45 41.28
C ILE H 4 -52.53 -30.69 40.40
N ALA H 5 -52.97 -29.55 39.89
CA ALA H 5 -52.16 -28.71 39.00
C ALA H 5 -51.59 -27.53 39.75
N ILE H 6 -50.32 -27.23 39.48
CA ILE H 6 -49.63 -26.09 40.08
C ILE H 6 -49.04 -25.27 38.94
N LEU H 7 -49.65 -24.12 38.65
CA LEU H 7 -49.27 -23.29 37.53
C LEU H 7 -48.51 -22.06 38.01
N ASN H 8 -47.57 -21.60 37.17
CA ASN H 8 -46.83 -20.35 37.35
C ASN H 8 -45.84 -20.42 38.50
N HIS H 9 -44.58 -20.10 38.22
CA HIS H 9 -43.53 -20.03 39.22
C HIS H 9 -43.19 -18.55 39.45
N MET H 10 -43.44 -18.06 40.67
CA MET H 10 -43.21 -16.66 40.96
C MET H 10 -41.74 -16.31 41.07
N GLY H 11 -40.86 -17.31 41.16
CA GLY H 11 -39.44 -17.09 41.26
C GLY H 11 -38.93 -16.80 42.66
N VAL H 12 -39.81 -16.34 43.54
CA VAL H 12 -39.42 -16.03 44.92
C VAL H 12 -39.32 -17.32 45.72
N TYR H 13 -38.94 -17.21 46.99
CA TYR H 13 -38.78 -18.38 47.85
C TYR H 13 -39.90 -18.54 48.86
N PHE H 14 -40.53 -17.45 49.29
CA PHE H 14 -41.62 -17.55 50.26
C PHE H 14 -42.91 -18.07 49.65
N LYS H 15 -42.96 -18.24 48.32
CA LYS H 15 -44.11 -18.83 47.65
C LYS H 15 -43.85 -20.22 47.10
N GLU H 16 -42.62 -20.52 46.67
CA GLU H 16 -42.30 -21.84 46.15
C GLU H 16 -42.02 -22.86 47.25
N GLU H 17 -41.64 -22.41 48.44
CA GLU H 17 -41.36 -23.31 49.54
C GLU H 17 -42.64 -23.99 50.04
N PRO H 18 -43.76 -23.28 50.21
CA PRO H 18 -45.00 -23.99 50.55
C PRO H 18 -45.47 -24.93 49.46
N ILE H 19 -45.07 -24.71 48.21
CA ILE H 19 -45.43 -25.62 47.13
C ILE H 19 -44.67 -26.94 47.29
N ARG H 20 -43.38 -26.87 47.63
CA ARG H 20 -42.61 -28.09 47.85
C ARG H 20 -43.05 -28.82 49.11
N GLU H 21 -43.46 -28.08 50.14
CA GLU H 21 -43.95 -28.72 51.35
C GLU H 21 -45.29 -29.41 51.11
N LEU H 22 -46.14 -28.80 50.29
CA LEU H 22 -47.42 -29.42 49.95
C LEU H 22 -47.25 -30.59 48.98
N HIS H 23 -46.15 -30.62 48.22
CA HIS H 23 -45.91 -31.72 47.30
C HIS H 23 -45.70 -33.03 48.05
N ARG H 24 -45.07 -32.97 49.22
CA ARG H 24 -44.83 -34.16 50.01
C ARG H 24 -46.02 -34.55 50.88
N ALA H 25 -47.00 -33.66 51.05
CA ALA H 25 -48.17 -33.95 51.87
C ALA H 25 -49.33 -34.50 51.07
N LEU H 26 -49.50 -34.07 49.82
CA LEU H 26 -50.60 -34.55 48.99
C LEU H 26 -50.36 -35.98 48.50
N GLU H 27 -49.09 -36.39 48.39
CA GLU H 27 -48.79 -37.74 47.93
C GLU H 27 -49.11 -38.80 48.99
N ARG H 28 -49.24 -38.40 50.26
CA ARG H 28 -49.57 -39.35 51.31
C ARG H 28 -51.03 -39.78 51.25
N LEU H 29 -51.89 -39.03 50.55
CA LEU H 29 -53.30 -39.36 50.40
C LEU H 29 -53.64 -39.74 48.96
N ASN H 30 -52.66 -40.25 48.22
CA ASN H 30 -52.84 -40.69 46.83
C ASN H 30 -53.33 -39.54 45.95
N PHE H 31 -52.41 -38.67 45.53
CA PHE H 31 -52.73 -37.57 44.64
C PHE H 31 -51.56 -37.34 43.69
N GLN H 32 -51.85 -37.24 42.41
CA GLN H 32 -50.84 -36.98 41.39
C GLN H 32 -50.62 -35.48 41.24
N ILE H 33 -49.35 -35.08 41.18
CA ILE H 33 -48.98 -33.68 41.08
C ILE H 33 -48.40 -33.42 39.69
N VAL H 34 -48.93 -32.41 39.01
CA VAL H 34 -48.46 -32.02 37.68
C VAL H 34 -48.04 -30.56 37.73
N TYR H 35 -47.20 -30.16 36.78
CA TYR H 35 -46.67 -28.80 36.70
C TYR H 35 -46.76 -28.32 35.25
N PRO H 36 -47.83 -27.62 34.91
CA PRO H 36 -47.95 -27.08 33.55
C PRO H 36 -46.99 -25.91 33.34
N ASN H 37 -46.89 -25.49 32.08
CA ASN H 37 -45.96 -24.43 31.69
C ASN H 37 -46.63 -23.07 31.71
N ASP H 38 -47.16 -22.64 30.57
CA ASP H 38 -47.75 -21.32 30.42
C ASP H 38 -49.27 -21.41 30.62
N ARG H 39 -50.00 -20.39 30.17
CA ARG H 39 -51.46 -20.39 30.35
C ARG H 39 -52.13 -21.42 29.44
N ASP H 40 -51.62 -21.58 28.22
CA ASP H 40 -52.19 -22.55 27.30
C ASP H 40 -51.92 -23.98 27.73
N ASP H 41 -50.96 -24.20 28.62
CA ASP H 41 -50.68 -25.55 29.09
C ASP H 41 -51.76 -26.03 30.05
N LEU H 42 -52.25 -25.14 30.92
CA LEU H 42 -53.30 -25.52 31.86
C LEU H 42 -54.61 -25.81 31.14
N LEU H 43 -54.88 -25.12 30.03
CA LEU H 43 -56.13 -25.35 29.31
C LEU H 43 -56.15 -26.73 28.65
N LYS H 44 -54.99 -27.29 28.34
CA LYS H 44 -54.91 -28.62 27.74
C LYS H 44 -54.99 -29.74 28.77
N LEU H 45 -54.97 -29.41 30.06
CA LEU H 45 -55.04 -30.40 31.12
C LEU H 45 -56.45 -30.58 31.67
N ILE H 46 -57.45 -29.98 31.04
CA ILE H 46 -58.84 -30.08 31.47
C ILE H 46 -59.70 -30.77 30.41
N GLU H 47 -59.59 -30.36 29.15
CA GLU H 47 -60.39 -30.98 28.10
C GLU H 47 -59.88 -32.38 27.78
N ASN H 48 -58.56 -32.58 27.78
CA ASN H 48 -58.00 -33.90 27.49
C ASN H 48 -57.94 -34.77 28.74
N ASN H 49 -57.63 -34.16 29.89
CA ASN H 49 -57.53 -34.88 31.16
C ASN H 49 -58.75 -34.54 32.00
N ALA H 50 -59.65 -35.51 32.16
CA ALA H 50 -60.88 -35.32 32.93
C ALA H 50 -60.75 -35.76 34.38
N ARG H 51 -59.59 -36.29 34.78
CA ARG H 51 -59.37 -36.73 36.15
C ARG H 51 -58.71 -35.67 37.02
N LEU H 52 -58.87 -34.40 36.67
CA LEU H 52 -58.27 -33.30 37.41
C LEU H 52 -59.33 -32.66 38.30
N CYS H 53 -58.91 -32.27 39.52
CA CYS H 53 -59.84 -31.64 40.46
C CYS H 53 -59.18 -30.55 41.31
N GLY H 54 -57.98 -30.11 40.96
CA GLY H 54 -57.31 -29.09 41.73
C GLY H 54 -56.34 -28.26 40.91
N VAL H 55 -56.51 -26.95 40.92
CA VAL H 55 -55.65 -26.02 40.18
C VAL H 55 -55.09 -25.01 41.18
N ILE H 56 -53.76 -24.95 41.27
CA ILE H 56 -53.08 -24.03 42.18
C ILE H 56 -52.35 -23.00 41.33
N PHE H 57 -52.69 -21.73 41.51
CA PHE H 57 -52.06 -20.65 40.77
C PHE H 57 -52.09 -19.39 41.63
N ASP H 58 -51.24 -18.43 41.24
CA ASP H 58 -51.17 -17.16 41.96
C ASP H 58 -52.34 -16.27 41.58
N TRP H 59 -53.01 -15.70 42.59
CA TRP H 59 -54.15 -14.84 42.31
C TRP H 59 -53.71 -13.48 41.77
N ASP H 60 -52.53 -13.01 42.17
CA ASP H 60 -52.03 -11.72 41.71
C ASP H 60 -51.10 -11.87 40.52
N LYS H 61 -51.54 -12.65 39.52
CA LYS H 61 -50.75 -12.86 38.31
C LYS H 61 -51.66 -13.09 37.11
N TYR H 62 -52.68 -13.94 37.27
CA TYR H 62 -53.66 -14.22 36.24
C TYR H 62 -55.04 -14.32 36.89
N ASN H 63 -55.59 -13.16 37.27
CA ASN H 63 -56.91 -13.10 37.89
C ASN H 63 -58.05 -13.03 36.88
N LEU H 64 -57.76 -12.73 35.61
CA LEU H 64 -58.78 -12.65 34.59
C LEU H 64 -58.57 -13.60 33.42
N GLU H 65 -57.35 -14.09 33.20
CA GLU H 65 -57.08 -15.01 32.10
C GLU H 65 -57.43 -16.45 32.41
N LEU H 66 -57.48 -16.83 33.69
CA LEU H 66 -57.79 -18.20 34.09
C LEU H 66 -59.19 -18.38 34.65
N CYS H 67 -59.76 -17.34 35.27
CA CYS H 67 -61.10 -17.44 35.85
C CYS H 67 -62.21 -17.34 34.83
N GLU H 68 -61.89 -17.21 33.54
CA GLU H 68 -62.89 -17.11 32.48
C GLU H 68 -62.90 -18.31 31.55
N GLU H 69 -61.72 -18.80 31.14
CA GLU H 69 -61.68 -19.95 30.24
C GLU H 69 -62.02 -21.25 30.96
N ILE H 70 -61.68 -21.36 32.24
CA ILE H 70 -61.99 -22.57 32.99
C ILE H 70 -63.49 -22.63 33.30
N SER H 71 -64.11 -21.49 33.58
CA SER H 71 -65.54 -21.48 33.88
C SER H 71 -66.38 -21.88 32.68
N LYS H 72 -65.87 -21.67 31.47
CA LYS H 72 -66.61 -22.06 30.27
C LYS H 72 -66.66 -23.57 30.07
N MET H 73 -65.77 -24.31 30.73
CA MET H 73 -65.77 -25.77 30.63
C MET H 73 -66.42 -26.39 31.85
N ASN H 74 -65.70 -26.44 32.96
CA ASN H 74 -66.20 -26.99 34.21
C ASN H 74 -66.46 -25.84 35.18
N GLU H 75 -67.70 -25.75 35.68
CA GLU H 75 -68.05 -24.66 36.60
C GLU H 75 -67.78 -25.05 38.04
N ASN H 76 -68.03 -26.31 38.41
CA ASN H 76 -67.83 -26.78 39.77
C ASN H 76 -66.39 -27.19 40.05
N LEU H 77 -65.47 -26.93 39.13
CA LEU H 77 -64.08 -27.31 39.34
C LEU H 77 -63.45 -26.46 40.43
N PRO H 78 -62.93 -27.05 41.51
CA PRO H 78 -62.30 -26.24 42.56
C PRO H 78 -61.05 -25.55 42.06
N LEU H 79 -60.84 -24.32 42.55
CA LEU H 79 -59.68 -23.51 42.19
C LEU H 79 -58.95 -23.13 43.48
N TYR H 80 -57.75 -23.68 43.67
CA TYR H 80 -56.96 -23.41 44.87
C TYR H 80 -56.02 -22.22 44.62
N ALA H 81 -56.64 -21.09 44.32
CA ALA H 81 -55.90 -19.86 44.06
C ALA H 81 -55.34 -19.29 45.36
N PHE H 82 -54.07 -18.91 45.33
CA PHE H 82 -53.39 -18.35 46.50
C PHE H 82 -53.33 -16.83 46.35
N ALA H 83 -54.01 -16.12 47.24
CA ALA H 83 -54.04 -14.67 47.22
C ALA H 83 -52.88 -14.10 48.03
N ASN H 84 -52.77 -12.78 48.04
CA ASN H 84 -51.72 -12.09 48.78
C ASN H 84 -52.36 -11.04 49.68
N THR H 85 -51.58 -10.02 50.05
CA THR H 85 -52.11 -8.96 50.91
C THR H 85 -53.02 -8.03 50.14
N TYR H 86 -52.50 -7.41 49.07
CA TYR H 86 -53.28 -6.50 48.24
C TYR H 86 -53.93 -7.29 47.11
N SER H 87 -55.02 -7.97 47.46
CA SER H 87 -55.76 -8.79 46.50
C SER H 87 -57.24 -8.44 46.59
N THR H 88 -57.91 -8.48 45.44
CA THR H 88 -59.33 -8.16 45.37
C THR H 88 -59.92 -8.87 44.15
N LEU H 89 -61.25 -8.81 44.05
CA LEU H 89 -61.97 -9.42 42.95
C LEU H 89 -62.07 -8.45 41.78
N ASP H 90 -62.88 -8.81 40.79
CA ASP H 90 -63.09 -7.98 39.61
C ASP H 90 -64.58 -7.91 39.30
N VAL H 91 -64.98 -6.81 38.64
CA VAL H 91 -66.37 -6.62 38.30
C VAL H 91 -66.81 -7.61 37.23
N SER H 92 -65.88 -8.10 36.42
CA SER H 92 -66.17 -9.06 35.36
C SER H 92 -66.12 -10.50 35.85
N LEU H 93 -66.08 -10.72 37.17
CA LEU H 93 -66.03 -12.05 37.75
C LEU H 93 -67.23 -12.31 38.65
N ASN H 94 -68.37 -11.70 38.33
CA ASN H 94 -69.59 -11.85 39.11
C ASN H 94 -70.54 -12.90 38.55
N ASP H 95 -70.67 -12.98 37.22
CA ASP H 95 -71.55 -13.94 36.57
C ASP H 95 -70.81 -15.18 36.10
N LEU H 96 -69.95 -15.73 36.95
CA LEU H 96 -69.17 -16.93 36.63
C LEU H 96 -69.23 -17.90 37.78
N ARG H 97 -69.62 -19.14 37.50
CA ARG H 97 -69.71 -20.18 38.53
C ARG H 97 -68.32 -20.75 38.78
N LEU H 98 -67.74 -20.41 39.93
CA LEU H 98 -66.40 -20.86 40.28
C LEU H 98 -66.39 -21.27 41.75
N GLN H 99 -65.29 -21.92 42.15
CA GLN H 99 -65.07 -22.37 43.52
C GLN H 99 -63.62 -22.03 43.87
N ILE H 100 -63.41 -20.85 44.44
CA ILE H 100 -62.08 -20.35 44.78
C ILE H 100 -61.84 -20.58 46.26
N SER H 101 -60.71 -21.21 46.58
CA SER H 101 -60.31 -21.48 47.96
C SER H 101 -59.03 -20.71 48.24
N PHE H 102 -59.10 -19.74 49.15
CA PHE H 102 -57.98 -18.89 49.47
C PHE H 102 -57.11 -19.53 50.56
N PHE H 103 -55.80 -19.37 50.43
CA PHE H 103 -54.85 -19.89 51.41
C PHE H 103 -53.68 -18.92 51.52
N GLU H 104 -52.76 -19.22 52.42
CA GLU H 104 -51.58 -18.41 52.67
C GLU H 104 -50.32 -19.22 52.39
N TYR H 105 -49.16 -18.61 52.66
CA TYR H 105 -47.89 -19.27 52.47
C TYR H 105 -47.19 -19.48 53.80
N ALA H 106 -47.94 -19.90 54.81
CA ALA H 106 -47.41 -20.14 56.14
C ALA H 106 -46.63 -21.44 56.18
N LEU H 107 -45.46 -21.43 56.80
CA LEU H 107 -44.64 -22.63 56.91
C LEU H 107 -45.13 -23.51 58.04
N GLY H 108 -45.01 -24.83 57.84
CA GLY H 108 -45.44 -25.79 58.82
C GLY H 108 -46.91 -26.14 58.79
N ALA H 109 -47.75 -25.29 58.19
CA ALA H 109 -49.18 -25.54 58.08
C ALA H 109 -49.56 -26.30 56.83
N ALA H 110 -48.61 -26.97 56.17
CA ALA H 110 -48.91 -27.72 54.97
C ALA H 110 -49.75 -28.95 55.26
N GLU H 111 -49.72 -29.46 56.48
CA GLU H 111 -50.53 -30.63 56.83
C GLU H 111 -52.02 -30.26 56.91
N ASP H 112 -52.32 -29.08 57.48
CA ASP H 112 -53.70 -28.65 57.58
C ASP H 112 -54.28 -28.31 56.21
N ILE H 113 -53.44 -27.89 55.26
CA ILE H 113 -53.92 -27.58 53.91
C ILE H 113 -54.29 -28.86 53.19
N ALA H 114 -53.53 -29.93 53.41
CA ALA H 114 -53.83 -31.21 52.75
C ALA H 114 -55.16 -31.78 53.21
N ASN H 115 -55.54 -31.55 54.47
CA ASN H 115 -56.83 -32.03 54.95
C ASN H 115 -57.99 -31.25 54.35
N LYS H 116 -57.77 -29.96 54.06
CA LYS H 116 -58.82 -29.14 53.45
C LYS H 116 -59.01 -29.48 51.97
N ILE H 117 -57.94 -29.90 51.28
CA ILE H 117 -58.07 -30.28 49.88
C ILE H 117 -58.82 -31.59 49.75
N LYS H 118 -58.54 -32.54 50.65
CA LYS H 118 -59.26 -33.82 50.61
C LYS H 118 -60.73 -33.64 50.94
N GLN H 119 -61.05 -32.74 51.87
CA GLN H 119 -62.45 -32.47 52.20
C GLN H 119 -63.15 -31.74 51.06
N THR H 120 -62.45 -30.83 50.39
CA THR H 120 -63.03 -30.12 49.25
C THR H 120 -63.22 -31.07 48.06
N THR H 121 -62.28 -31.99 47.87
CA THR H 121 -62.43 -32.97 46.79
C THR H 121 -63.62 -33.88 47.03
N ASP H 122 -63.87 -34.25 48.29
CA ASP H 122 -65.03 -35.07 48.61
C ASP H 122 -66.33 -34.33 48.35
N GLU H 123 -66.33 -33.00 48.50
CA GLU H 123 -67.52 -32.22 48.20
C GLU H 123 -67.80 -32.17 46.70
N TYR H 124 -66.75 -32.17 45.87
CA TYR H 124 -66.95 -32.20 44.43
C TYR H 124 -67.51 -33.53 43.95
N ILE H 125 -67.14 -34.63 44.63
CA ILE H 125 -67.67 -35.94 44.26
C ILE H 125 -69.13 -36.06 44.67
N ASN H 126 -69.47 -35.54 45.85
CA ASN H 126 -70.83 -35.62 46.37
C ASN H 126 -71.76 -34.55 45.79
N THR H 127 -71.35 -33.88 44.71
CA THR H 127 -72.16 -32.84 44.08
C THR H 127 -72.48 -33.16 42.63
N ILE H 128 -71.47 -33.54 41.83
CA ILE H 128 -71.69 -33.86 40.43
C ILE H 128 -72.35 -35.21 40.23
N LEU H 129 -72.47 -36.02 41.27
CA LEU H 129 -73.10 -37.33 41.14
C LEU H 129 -74.56 -37.26 41.59
N PRO H 130 -75.44 -38.02 40.94
CA PRO H 130 -76.85 -38.03 41.33
C PRO H 130 -77.04 -38.73 42.66
N PRO H 131 -78.16 -38.48 43.35
CA PRO H 131 -78.36 -39.12 44.66
C PRO H 131 -78.54 -40.62 44.57
N LEU H 132 -78.99 -41.14 43.42
CA LEU H 132 -79.14 -42.58 43.27
C LEU H 132 -77.78 -43.27 43.19
N THR H 133 -76.85 -42.69 42.44
CA THR H 133 -75.51 -43.26 42.36
C THR H 133 -74.74 -43.04 43.66
N LYS H 134 -75.00 -41.94 44.36
CA LYS H 134 -74.32 -41.69 45.64
C LYS H 134 -74.68 -42.76 46.67
N ALA H 135 -75.93 -43.21 46.67
CA ALA H 135 -76.33 -44.26 47.61
C ALA H 135 -75.73 -45.61 47.23
N LEU H 136 -75.37 -45.79 45.97
CA LEU H 136 -74.76 -47.06 45.55
C LEU H 136 -73.30 -47.14 45.93
N PHE H 137 -72.57 -46.02 45.82
CA PHE H 137 -71.15 -46.02 46.17
C PHE H 137 -70.97 -46.08 47.69
N LYS H 138 -71.85 -45.44 48.46
CA LYS H 138 -71.74 -45.46 49.90
C LYS H 138 -72.12 -46.81 50.49
N TYR H 139 -73.03 -47.53 49.84
CA TYR H 139 -73.44 -48.85 50.34
C TYR H 139 -72.33 -49.87 50.21
N VAL H 140 -71.45 -49.71 49.22
CA VAL H 140 -70.33 -50.64 49.05
C VAL H 140 -69.29 -50.44 50.14
N ARG H 141 -68.91 -49.18 50.40
CA ARG H 141 -67.93 -48.91 51.43
C ARG H 141 -68.50 -49.07 52.83
N GLU H 142 -69.79 -48.81 53.00
CA GLU H 142 -70.46 -48.93 54.30
C GLU H 142 -71.71 -49.78 54.10
N GLY H 143 -71.63 -51.05 54.49
CA GLY H 143 -72.75 -51.96 54.36
C GLY H 143 -72.47 -53.34 54.90
N LYS H 144 -73.15 -53.72 55.97
CA LYS H 144 -73.00 -55.02 56.60
C LYS H 144 -74.36 -55.69 56.78
N TYR H 145 -75.11 -55.80 55.70
CA TYR H 145 -76.43 -56.42 55.71
C TYR H 145 -76.32 -57.84 55.17
N THR H 146 -76.72 -58.81 55.99
CA THR H 146 -76.69 -60.21 55.62
C THR H 146 -78.08 -60.70 55.23
N PHE H 147 -78.10 -61.89 54.64
CA PHE H 147 -79.35 -62.54 54.19
C PHE H 147 -80.10 -61.64 53.21
N CYS H 148 -79.43 -61.26 52.14
CA CYS H 148 -80.00 -60.40 51.11
C CYS H 148 -79.89 -61.08 49.75
N THR H 149 -80.53 -60.46 48.74
CA THR H 149 -80.54 -60.94 47.38
C THR H 149 -79.66 -60.05 46.49
N PRO H 150 -78.99 -60.61 45.48
CA PRO H 150 -78.97 -62.04 45.11
C PRO H 150 -78.13 -62.90 46.06
N GLY H 151 -77.93 -64.16 45.70
CA GLY H 151 -77.22 -65.09 46.55
C GLY H 151 -75.72 -64.87 46.62
N HIS H 152 -75.15 -64.17 45.64
CA HIS H 152 -73.70 -63.93 45.65
C HIS H 152 -73.32 -62.96 46.75
N MET H 153 -74.10 -61.89 46.93
CA MET H 153 -73.89 -60.90 47.98
C MET H 153 -72.48 -60.31 47.90
N GLY H 154 -72.20 -59.68 46.75
CA GLY H 154 -70.90 -59.07 46.54
C GLY H 154 -69.79 -60.03 46.19
N GLY H 155 -70.11 -61.29 45.92
CA GLY H 155 -69.12 -62.28 45.56
C GLY H 155 -68.72 -63.24 46.65
N THR H 156 -69.64 -63.63 47.53
CA THR H 156 -69.31 -64.57 48.58
C THR H 156 -69.25 -66.00 48.07
N ALA H 157 -70.22 -66.39 47.23
CA ALA H 157 -70.24 -67.75 46.69
C ALA H 157 -69.13 -68.00 45.69
N PHE H 158 -68.57 -66.94 45.08
CA PHE H 158 -67.50 -67.12 44.12
C PHE H 158 -66.17 -67.48 44.78
N GLN H 159 -66.02 -67.21 46.07
CA GLN H 159 -64.80 -67.53 46.80
C GLN H 159 -64.78 -68.96 47.33
N LYS H 160 -65.78 -69.78 46.99
CA LYS H 160 -65.84 -71.16 47.45
C LYS H 160 -65.61 -72.18 46.35
N SER H 161 -65.82 -71.79 45.08
CA SER H 161 -65.63 -72.71 43.96
C SER H 161 -64.41 -72.30 43.14
N PRO H 162 -63.62 -73.26 42.66
CA PRO H 162 -62.44 -72.89 41.85
C PRO H 162 -62.80 -72.20 40.54
N VAL H 163 -63.91 -72.59 39.91
CA VAL H 163 -64.32 -71.97 38.66
C VAL H 163 -64.94 -70.60 38.92
N GLY H 164 -65.52 -70.40 40.11
CA GLY H 164 -66.13 -69.12 40.43
C GLY H 164 -65.16 -68.01 40.74
N SER H 165 -63.93 -68.35 41.13
CA SER H 165 -62.95 -67.31 41.44
C SER H 165 -62.44 -66.61 40.20
N LEU H 166 -62.51 -67.28 39.04
CA LEU H 166 -62.04 -66.66 37.81
C LEU H 166 -63.01 -65.60 37.30
N PHE H 167 -64.31 -65.75 37.60
CA PHE H 167 -65.29 -64.77 37.17
C PHE H 167 -65.36 -63.58 38.11
N TYR H 168 -64.93 -63.76 39.37
CA TYR H 168 -64.96 -62.65 40.32
C TYR H 168 -63.70 -61.80 40.24
N ASP H 169 -62.58 -62.41 39.88
CA ASP H 169 -61.31 -61.69 39.78
C ASP H 169 -61.17 -60.93 38.47
N PHE H 170 -62.09 -61.11 37.52
CA PHE H 170 -62.00 -60.41 36.23
C PHE H 170 -62.51 -58.98 36.35
N PHE H 171 -63.72 -58.81 36.87
CA PHE H 171 -64.31 -57.49 37.01
C PHE H 171 -63.64 -56.71 38.14
N GLY H 172 -63.98 -57.03 39.38
CA GLY H 172 -63.41 -56.36 40.53
C GLY H 172 -64.25 -56.53 41.78
N PRO H 173 -63.66 -56.26 42.94
CA PRO H 173 -64.42 -56.38 44.19
C PRO H 173 -65.60 -55.41 44.28
N ASN H 174 -65.43 -54.20 43.75
CA ASN H 174 -66.50 -53.20 43.79
C ASN H 174 -67.58 -53.43 42.76
N THR H 175 -67.39 -54.38 41.84
CA THR H 175 -68.38 -54.64 40.80
C THR H 175 -69.55 -55.45 41.33
N MET H 176 -69.26 -56.56 42.01
CA MET H 176 -70.31 -57.43 42.52
C MET H 176 -71.00 -56.85 43.75
N LYS H 177 -70.31 -55.99 44.49
CA LYS H 177 -70.91 -55.38 45.68
C LYS H 177 -71.97 -54.34 45.34
N SER H 178 -71.95 -53.81 44.12
CA SER H 178 -72.93 -52.82 43.68
C SER H 178 -74.15 -53.45 43.02
N ASP H 179 -74.21 -54.78 42.97
CA ASP H 179 -75.34 -55.49 42.35
C ASP H 179 -76.25 -55.98 43.46
N ILE H 180 -77.12 -55.09 43.93
CA ILE H 180 -78.07 -55.41 44.99
C ILE H 180 -79.48 -55.19 44.46
N SER H 181 -80.46 -55.69 45.21
CA SER H 181 -81.85 -55.63 44.78
C SER H 181 -82.64 -54.60 45.59
N ILE H 182 -83.96 -54.77 45.64
CA ILE H 182 -84.84 -53.83 46.31
C ILE H 182 -84.99 -54.15 47.80
N SER H 183 -84.10 -55.00 48.34
CA SER H 183 -84.13 -55.35 49.75
C SER H 183 -83.34 -54.39 50.62
N VAL H 184 -83.23 -53.13 50.20
CA VAL H 184 -82.47 -52.11 50.93
C VAL H 184 -83.42 -50.96 51.25
N SER H 185 -83.35 -50.48 52.49
CA SER H 185 -84.26 -49.41 52.93
C SER H 185 -83.75 -48.04 52.51
N GLU H 186 -82.45 -47.79 52.63
CA GLU H 186 -81.87 -46.50 52.31
C GLU H 186 -81.65 -46.28 50.82
N LEU H 187 -82.08 -47.21 49.97
CA LEU H 187 -82.04 -47.04 48.53
C LEU H 187 -83.40 -47.12 47.86
N GLY H 188 -84.43 -47.57 48.57
CA GLY H 188 -85.76 -47.64 47.99
C GLY H 188 -85.90 -48.76 46.97
N SER H 189 -87.02 -48.69 46.25
CA SER H 189 -87.35 -49.68 45.22
C SER H 189 -87.73 -48.97 43.94
N LEU H 190 -87.46 -49.62 42.81
CA LEU H 190 -87.78 -49.03 41.52
C LEU H 190 -89.28 -49.10 41.22
N LEU H 191 -89.93 -50.20 41.62
CA LEU H 191 -91.36 -50.32 41.37
C LEU H 191 -92.17 -49.41 42.30
N ASP H 192 -91.66 -49.14 43.50
CA ASP H 192 -92.36 -48.28 44.44
C ASP H 192 -92.23 -46.80 44.07
N HIS H 193 -91.18 -46.42 43.35
CA HIS H 193 -90.95 -45.03 42.94
C HIS H 193 -90.90 -44.10 44.14
N SER H 194 -90.05 -44.43 45.10
CA SER H 194 -89.89 -43.64 46.31
C SER H 194 -88.42 -43.62 46.71
N GLY H 195 -88.06 -42.61 47.51
CA GLY H 195 -86.71 -42.47 47.98
C GLY H 195 -85.78 -41.97 46.89
N PRO H 196 -84.60 -42.61 46.77
CA PRO H 196 -83.67 -42.20 45.72
C PRO H 196 -84.21 -42.41 44.32
N HIS H 197 -85.10 -43.39 44.12
CA HIS H 197 -85.66 -43.61 42.79
C HIS H 197 -86.68 -42.53 42.43
N LYS H 198 -87.28 -41.88 43.42
CA LYS H 198 -88.24 -40.82 43.13
C LYS H 198 -87.53 -39.56 42.64
N GLU H 199 -86.41 -39.20 43.27
CA GLU H 199 -85.66 -38.03 42.84
C GLU H 199 -84.93 -38.26 41.52
N ALA H 200 -84.72 -39.51 41.13
CA ALA H 200 -84.05 -39.79 39.86
C ALA H 200 -84.95 -39.50 38.67
N GLU H 201 -86.26 -39.69 38.83
CA GLU H 201 -87.18 -39.41 37.73
C GLU H 201 -87.35 -37.91 37.50
N GLN H 202 -87.22 -37.11 38.56
CA GLN H 202 -87.34 -35.66 38.41
C GLN H 202 -86.03 -35.01 37.98
N TYR H 203 -84.90 -35.71 38.17
CA TYR H 203 -83.62 -35.16 37.75
C TYR H 203 -83.36 -35.41 36.28
N ILE H 204 -83.85 -36.52 35.73
CA ILE H 204 -83.65 -36.82 34.32
C ILE H 204 -84.63 -36.02 33.47
N ALA H 205 -85.88 -35.90 33.92
CA ALA H 205 -86.88 -35.16 33.16
C ALA H 205 -86.59 -33.66 33.14
N ARG H 206 -85.88 -33.16 34.15
CA ARG H 206 -85.57 -31.74 34.18
C ARG H 206 -84.41 -31.41 33.23
N VAL H 207 -83.41 -32.28 33.17
CA VAL H 207 -82.27 -32.04 32.28
C VAL H 207 -82.67 -32.27 30.82
N PHE H 208 -83.36 -33.38 30.55
CA PHE H 208 -83.80 -33.70 29.19
C PHE H 208 -85.07 -32.97 28.78
N ASN H 209 -85.56 -32.03 29.61
CA ASN H 209 -86.76 -31.26 29.34
C ASN H 209 -87.97 -32.19 29.13
N ALA H 210 -88.47 -32.70 30.26
CA ALA H 210 -89.62 -33.60 30.25
C ALA H 210 -90.37 -33.45 31.56
N ASP H 211 -91.48 -34.18 31.67
CA ASP H 211 -92.30 -34.15 32.87
C ASP H 211 -92.29 -35.45 33.65
N ARG H 212 -92.10 -36.58 32.97
CA ARG H 212 -92.08 -37.89 33.64
CA ARG H 212 -92.08 -37.89 33.64
C ARG H 212 -91.18 -38.81 32.83
N SER H 213 -89.95 -39.02 33.32
CA SER H 213 -88.98 -39.87 32.65
C SER H 213 -88.68 -41.08 33.53
N TYR H 214 -88.88 -42.27 32.99
CA TYR H 214 -88.62 -43.51 33.70
C TYR H 214 -87.29 -44.09 33.24
N MET H 215 -86.96 -45.28 33.74
CA MET H 215 -85.70 -45.95 33.42
C MET H 215 -86.01 -47.41 33.05
N VAL H 216 -85.98 -47.70 31.76
CA VAL H 216 -86.25 -49.05 31.26
C VAL H 216 -84.96 -49.86 31.32
N THR H 217 -85.04 -51.05 31.91
CA THR H 217 -83.88 -51.92 32.06
C THR H 217 -83.93 -53.13 31.14
N ASN H 218 -84.32 -52.94 29.88
CA ASN H 218 -84.38 -54.03 28.90
C ASN H 218 -84.22 -53.46 27.50
N GLY H 219 -83.49 -52.37 27.37
CA GLY H 219 -83.22 -51.78 26.07
C GLY H 219 -84.41 -51.00 25.53
N THR H 220 -84.18 -50.41 24.35
CA THR H 220 -85.23 -49.63 23.71
C THR H 220 -86.32 -50.52 23.12
N SER H 221 -85.97 -51.75 22.75
CA SER H 221 -86.95 -52.66 22.16
C SER H 221 -88.12 -52.93 23.10
N THR H 222 -87.88 -52.90 24.41
CA THR H 222 -88.94 -53.10 25.39
C THR H 222 -89.70 -51.83 25.69
N ALA H 223 -89.04 -50.67 25.67
CA ALA H 223 -89.71 -49.41 25.97
C ALA H 223 -90.77 -49.06 24.92
N ASN H 224 -90.58 -49.51 23.68
CA ASN H 224 -91.57 -49.23 22.65
C ASN H 224 -92.87 -50.01 22.88
N LYS H 225 -92.79 -51.18 23.52
CA LYS H 225 -93.97 -51.97 23.80
C LYS H 225 -94.81 -51.41 24.94
N ILE H 226 -94.20 -50.66 25.85
CA ILE H 226 -94.94 -50.06 26.95
C ILE H 226 -95.81 -48.91 26.45
N VAL H 227 -95.29 -48.14 25.49
CA VAL H 227 -96.04 -47.01 24.94
C VAL H 227 -97.26 -47.51 24.16
N GLY H 228 -97.08 -48.55 23.34
CA GLY H 228 -98.18 -49.08 22.56
C GLY H 228 -99.27 -49.74 23.36
N MET H 229 -98.97 -50.16 24.59
CA MET H 229 -99.94 -50.81 25.46
C MET H 229 -100.52 -49.83 26.48
N TYR H 230 -100.91 -48.64 26.01
CA TYR H 230 -101.46 -47.63 26.89
C TYR H 230 -102.50 -46.78 26.16
N SER H 231 -102.26 -46.51 24.88
CA SER H 231 -103.15 -45.70 24.06
C SER H 231 -103.58 -46.47 22.81
N ALA H 232 -103.89 -47.75 22.99
CA ALA H 232 -104.33 -48.61 21.87
C ALA H 232 -105.25 -49.69 22.41
N PRO H 233 -106.53 -49.40 22.57
CA PRO H 233 -107.47 -50.42 23.06
C PRO H 233 -107.67 -51.55 22.07
N ALA H 234 -108.43 -52.57 22.46
CA ALA H 234 -108.68 -53.71 21.58
C ALA H 234 -109.61 -53.29 20.45
N GLY H 235 -109.20 -53.59 19.21
CA GLY H 235 -109.99 -53.21 18.06
C GLY H 235 -109.94 -51.74 17.71
N SER H 236 -108.90 -51.04 18.13
CA SER H 236 -108.77 -49.61 17.84
C SER H 236 -108.03 -49.39 16.53
N THR H 237 -107.28 -48.30 16.44
CA THR H 237 -106.52 -47.97 15.23
C THR H 237 -105.29 -47.17 15.62
N ILE H 238 -104.13 -47.61 15.13
CA ILE H 238 -102.87 -46.94 15.39
C ILE H 238 -102.25 -46.53 14.05
N LEU H 239 -101.38 -45.54 14.11
CA LEU H 239 -100.68 -45.01 12.94
C LEU H 239 -99.19 -45.30 13.09
N ILE H 240 -98.80 -46.52 12.74
CA ILE H 240 -97.41 -46.95 12.84
C ILE H 240 -96.70 -46.66 11.54
N ASP H 241 -95.41 -46.34 11.63
CA ASP H 241 -94.62 -46.05 10.44
C ASP H 241 -94.23 -47.34 9.73
N ARG H 242 -94.01 -47.22 8.42
CA ARG H 242 -93.63 -48.39 7.62
C ARG H 242 -92.22 -48.88 7.99
N ASN H 243 -91.27 -47.94 8.09
CA ASN H 243 -89.90 -48.28 8.47
C ASN H 243 -89.83 -48.44 9.98
N CYS H 244 -90.35 -49.56 10.45
CA CYS H 244 -90.41 -49.87 11.88
C CYS H 244 -89.34 -50.88 12.26
N HIS H 245 -89.02 -50.89 13.54
CA HIS H 245 -88.03 -51.81 14.09
C HIS H 245 -88.65 -53.19 14.32
N LYS H 246 -87.79 -54.19 14.54
CA LYS H 246 -88.27 -55.54 14.79
C LYS H 246 -89.17 -55.60 16.02
N SER H 247 -88.88 -54.79 17.05
CA SER H 247 -89.71 -54.77 18.23
C SER H 247 -91.06 -54.11 17.96
N LEU H 248 -91.10 -53.15 17.02
CA LEU H 248 -92.35 -52.49 16.70
C LEU H 248 -93.31 -53.43 15.97
N THR H 249 -92.77 -54.42 15.26
CA THR H 249 -93.63 -55.40 14.58
C THR H 249 -94.31 -56.31 15.60
N HIS H 250 -93.57 -56.73 16.63
CA HIS H 250 -94.16 -57.58 17.67
C HIS H 250 -95.21 -56.86 18.49
N LEU H 251 -95.16 -55.52 18.54
CA LEU H 251 -96.20 -54.77 19.24
C LEU H 251 -97.55 -54.92 18.55
N MET H 252 -97.55 -54.96 17.23
CA MET H 252 -98.79 -55.16 16.49
C MET H 252 -99.29 -56.60 16.59
N MET H 253 -98.41 -57.55 16.89
CA MET H 253 -98.78 -58.94 17.02
C MET H 253 -99.20 -59.32 18.44
N MET H 254 -99.10 -58.39 19.39
CA MET H 254 -99.49 -58.65 20.77
C MET H 254 -100.72 -57.86 21.20
N SER H 255 -101.23 -56.97 20.36
CA SER H 255 -102.41 -56.18 20.68
C SER H 255 -103.37 -56.22 19.50
N ASP H 256 -104.65 -56.48 19.78
CA ASP H 256 -105.68 -56.57 18.74
C ASP H 256 -106.05 -55.15 18.30
N VAL H 257 -105.22 -54.60 17.41
CA VAL H 257 -105.43 -53.26 16.87
C VAL H 257 -105.38 -53.34 15.34
N THR H 258 -105.82 -52.26 14.71
CA THR H 258 -105.84 -52.14 13.24
C THR H 258 -104.86 -51.06 12.83
N PRO H 259 -103.62 -51.41 12.51
CA PRO H 259 -102.63 -50.39 12.13
C PRO H 259 -102.82 -49.91 10.70
N ILE H 260 -102.33 -48.69 10.45
CA ILE H 260 -102.34 -48.08 9.13
C ILE H 260 -100.91 -47.75 8.76
N TYR H 261 -100.41 -48.40 7.70
CA TYR H 261 -99.03 -48.22 7.28
C TYR H 261 -98.91 -47.06 6.32
N PHE H 262 -97.89 -46.22 6.55
CA PHE H 262 -97.65 -45.06 5.72
C PHE H 262 -96.77 -45.43 4.53
N ARG H 263 -96.42 -44.43 3.72
CA ARG H 263 -95.59 -44.61 2.53
C ARG H 263 -94.48 -43.56 2.55
N PRO H 264 -93.40 -43.82 3.29
CA PRO H 264 -92.29 -42.86 3.34
C PRO H 264 -91.60 -42.74 1.99
N THR H 265 -90.90 -41.62 1.82
CA THR H 265 -90.16 -41.37 0.59
C THR H 265 -88.88 -42.20 0.56
N ARG H 266 -88.37 -42.42 -0.64
CA ARG H 266 -87.15 -43.19 -0.83
C ARG H 266 -86.53 -42.83 -2.17
N ASN H 267 -85.25 -43.16 -2.31
CA ASN H 267 -84.47 -42.91 -3.51
C ASN H 267 -84.04 -44.25 -4.12
N ALA H 268 -82.90 -44.25 -4.82
CA ALA H 268 -82.38 -45.45 -5.45
C ALA H 268 -81.20 -46.07 -4.72
N TYR H 269 -80.52 -45.32 -3.86
CA TYR H 269 -79.38 -45.84 -3.12
C TYR H 269 -79.78 -46.67 -1.91
N GLY H 270 -81.06 -46.73 -1.58
CA GLY H 270 -81.53 -47.48 -0.44
C GLY H 270 -81.77 -46.66 0.82
N ILE H 271 -81.47 -45.37 0.80
CA ILE H 271 -81.66 -44.51 1.96
C ILE H 271 -83.11 -44.02 1.97
N LEU H 272 -83.89 -44.53 2.92
CA LEU H 272 -85.29 -44.14 3.03
C LEU H 272 -85.42 -42.74 3.59
N GLY H 273 -86.29 -41.94 2.98
CA GLY H 273 -86.51 -40.58 3.43
C GLY H 273 -87.39 -40.49 4.65
N GLY H 274 -88.58 -39.89 4.50
CA GLY H 274 -89.50 -39.74 5.60
C GLY H 274 -90.93 -39.68 5.10
N ILE H 275 -91.85 -39.59 6.04
CA ILE H 275 -93.27 -39.53 5.70
C ILE H 275 -93.60 -38.14 5.16
N PRO H 276 -94.23 -38.03 3.99
CA PRO H 276 -94.57 -36.71 3.46
C PRO H 276 -95.59 -36.00 4.33
N GLN H 277 -95.71 -34.69 4.10
CA GLN H 277 -96.65 -33.87 4.86
C GLN H 277 -98.09 -34.13 4.45
N SER H 278 -98.32 -34.72 3.28
CA SER H 278 -99.69 -34.97 2.84
C SER H 278 -100.32 -36.12 3.61
N GLU H 279 -99.50 -37.00 4.19
CA GLU H 279 -100.05 -38.13 4.95
C GLU H 279 -100.57 -37.68 6.31
N PHE H 280 -100.11 -36.54 6.81
CA PHE H 280 -100.55 -36.03 8.10
C PHE H 280 -101.84 -35.22 8.01
N GLN H 281 -102.40 -35.07 6.83
CA GLN H 281 -103.63 -34.29 6.67
C GLN H 281 -104.82 -35.06 7.21
N HIS H 282 -105.96 -34.35 7.30
CA HIS H 282 -107.18 -34.99 7.80
C HIS H 282 -107.92 -35.72 6.68
N ALA H 283 -107.66 -35.33 5.42
CA ALA H 283 -108.33 -35.99 4.31
C ALA H 283 -107.64 -37.28 3.90
N THR H 284 -106.36 -37.45 4.29
CA THR H 284 -105.64 -38.66 3.94
C THR H 284 -105.85 -39.75 4.99
N ILE H 285 -105.83 -39.38 6.27
CA ILE H 285 -106.02 -40.37 7.33
C ILE H 285 -107.44 -40.91 7.33
N ALA H 286 -108.43 -40.03 7.18
CA ALA H 286 -109.83 -40.47 7.17
C ALA H 286 -110.18 -41.26 5.91
N LYS H 287 -109.37 -41.16 4.86
CA LYS H 287 -109.65 -41.92 3.64
C LYS H 287 -109.31 -43.38 3.81
N ARG H 288 -108.22 -43.69 4.52
CA ARG H 288 -107.80 -45.06 4.73
C ARG H 288 -108.61 -45.78 5.80
N VAL H 289 -109.40 -45.05 6.59
CA VAL H 289 -110.21 -45.70 7.62
C VAL H 289 -111.38 -46.45 7.00
N LYS H 290 -112.07 -45.81 6.04
CA LYS H 290 -113.21 -46.46 5.40
C LYS H 290 -112.76 -47.60 4.50
N GLU H 291 -111.59 -47.47 3.88
CA GLU H 291 -111.10 -48.52 2.99
C GLU H 291 -110.61 -49.74 3.75
N THR H 292 -110.20 -49.58 5.01
CA THR H 292 -109.72 -50.70 5.82
C THR H 292 -110.86 -51.22 6.67
N PRO H 293 -111.27 -52.48 6.53
CA PRO H 293 -112.34 -53.01 7.37
C PRO H 293 -111.93 -53.08 8.83
N ASN H 294 -112.92 -52.84 9.70
CA ASN H 294 -112.74 -52.87 11.15
C ASN H 294 -111.64 -51.88 11.58
N ALA H 295 -111.99 -50.60 11.44
CA ALA H 295 -111.07 -49.52 11.80
C ALA H 295 -111.88 -48.30 12.21
N THR H 296 -111.54 -47.73 13.36
CA THR H 296 -112.20 -46.56 13.91
C THR H 296 -111.26 -45.35 13.76
N TRP H 297 -111.40 -44.37 14.64
CA TRP H 297 -110.55 -43.18 14.59
C TRP H 297 -109.19 -43.49 15.20
N PRO H 298 -108.09 -43.15 14.53
CA PRO H 298 -106.76 -43.42 15.09
C PRO H 298 -106.53 -42.61 16.36
N VAL H 299 -106.15 -43.30 17.43
CA VAL H 299 -105.89 -42.67 18.72
C VAL H 299 -104.41 -42.64 19.07
N HIS H 300 -103.55 -43.32 18.31
CA HIS H 300 -102.13 -43.34 18.57
C HIS H 300 -101.37 -43.32 17.26
N ALA H 301 -100.23 -42.62 17.24
CA ALA H 301 -99.41 -42.49 16.05
C ALA H 301 -97.96 -42.77 16.40
N VAL H 302 -97.32 -43.64 15.63
CA VAL H 302 -95.92 -44.00 15.84
C VAL H 302 -95.11 -43.43 14.69
N ILE H 303 -94.21 -42.49 15.00
CA ILE H 303 -93.37 -41.83 14.02
C ILE H 303 -91.92 -42.16 14.35
N THR H 304 -91.20 -42.69 13.37
CA THR H 304 -89.79 -43.05 13.54
C THR H 304 -88.94 -41.83 13.23
N ASN H 305 -88.56 -41.10 14.28
CA ASN H 305 -87.76 -39.88 14.16
C ASN H 305 -86.63 -39.97 15.18
N SER H 306 -85.41 -40.19 14.70
CA SER H 306 -85.14 -40.35 13.27
C SER H 306 -85.16 -41.81 12.86
N THR H 307 -84.87 -42.07 11.60
CA THR H 307 -84.86 -43.43 11.06
C THR H 307 -83.54 -44.11 11.40
N TYR H 308 -83.26 -45.23 10.71
CA TYR H 308 -82.03 -45.96 10.97
C TYR H 308 -80.82 -45.25 10.39
N ASP H 309 -81.01 -44.44 9.34
CA ASP H 309 -79.90 -43.73 8.73
C ASP H 309 -79.61 -42.41 9.44
N GLY H 310 -80.61 -41.82 10.08
CA GLY H 310 -80.41 -40.56 10.78
C GLY H 310 -80.92 -39.37 10.01
N LEU H 311 -82.24 -39.24 9.89
CA LEU H 311 -82.87 -38.13 9.17
C LEU H 311 -83.97 -37.56 10.07
N LEU H 312 -83.72 -36.37 10.61
CA LEU H 312 -84.71 -35.72 11.48
C LEU H 312 -85.89 -35.20 10.66
N TYR H 313 -87.05 -35.13 11.30
CA TYR H 313 -88.26 -34.65 10.67
C TYR H 313 -88.51 -33.20 11.08
N ASN H 314 -89.78 -32.78 11.09
CA ASN H 314 -90.18 -31.43 11.47
C ASN H 314 -91.34 -31.56 12.45
N THR H 315 -91.03 -31.50 13.74
CA THR H 315 -92.07 -31.62 14.76
C THR H 315 -92.90 -30.36 14.89
N ASP H 316 -92.44 -29.24 14.32
CA ASP H 316 -93.22 -28.01 14.39
C ASP H 316 -94.46 -28.08 13.51
N PHE H 317 -94.44 -28.93 12.49
CA PHE H 317 -95.59 -29.10 11.60
C PHE H 317 -96.43 -30.32 11.95
N ILE H 318 -95.82 -31.35 12.56
CA ILE H 318 -96.58 -32.54 12.91
C ILE H 318 -97.48 -32.27 14.10
N LYS H 319 -96.99 -31.53 15.10
CA LYS H 319 -97.76 -31.22 16.30
C LYS H 319 -98.90 -30.24 16.07
N LYS H 320 -99.23 -29.89 14.82
CA LYS H 320 -100.32 -28.96 14.55
C LYS H 320 -101.27 -29.53 13.50
N THR H 321 -100.72 -30.28 12.55
CA THR H 321 -101.52 -30.87 11.48
C THR H 321 -102.03 -32.26 11.85
N LEU H 322 -101.16 -33.10 12.40
CA LEU H 322 -101.55 -34.46 12.80
C LEU H 322 -102.49 -34.39 13.99
N ASP H 323 -103.72 -34.86 13.81
CA ASP H 323 -104.74 -34.81 14.86
C ASP H 323 -104.78 -36.15 15.59
N VAL H 324 -103.73 -36.40 16.36
CA VAL H 324 -103.60 -37.60 17.18
C VAL H 324 -103.27 -37.19 18.60
N LYS H 325 -104.07 -37.66 19.56
CA LYS H 325 -103.87 -37.29 20.96
C LYS H 325 -102.66 -37.97 21.57
N SER H 326 -102.13 -39.03 20.94
CA SER H 326 -100.99 -39.78 21.45
C SER H 326 -99.99 -39.95 20.30
N ILE H 327 -99.14 -38.94 20.10
CA ILE H 327 -98.13 -38.97 19.06
C ILE H 327 -96.83 -39.46 19.66
N HIS H 328 -96.27 -40.52 19.08
CA HIS H 328 -95.04 -41.13 19.57
C HIS H 328 -93.91 -40.84 18.61
N PHE H 329 -92.72 -40.57 19.17
CA PHE H 329 -91.51 -40.30 18.40
C PHE H 329 -90.45 -41.30 18.81
N ASP H 330 -90.10 -42.20 17.89
CA ASP H 330 -89.09 -43.23 18.15
C ASP H 330 -87.71 -42.58 18.03
N SER H 331 -87.29 -41.92 19.12
CA SER H 331 -86.00 -41.24 19.18
C SER H 331 -84.89 -42.16 19.67
N ALA H 332 -84.77 -43.32 19.02
CA ALA H 332 -83.76 -44.30 19.40
C ALA H 332 -82.39 -44.01 18.81
N TRP H 333 -82.23 -42.91 18.07
CA TRP H 333 -80.96 -42.56 17.47
C TRP H 333 -80.55 -41.11 17.70
N VAL H 334 -81.33 -40.33 18.43
CA VAL H 334 -80.99 -38.93 18.70
C VAL H 334 -81.18 -38.62 20.18
N PRO H 335 -80.35 -39.18 21.07
CA PRO H 335 -80.49 -38.85 22.49
C PRO H 335 -79.74 -37.58 22.88
N TYR H 336 -79.84 -36.55 22.04
CA TYR H 336 -79.09 -35.31 22.31
C TYR H 336 -79.74 -34.07 21.72
N THR H 337 -80.97 -34.14 21.21
CA THR H 337 -81.63 -33.00 20.59
C THR H 337 -82.18 -32.05 21.66
N ASN H 338 -81.27 -31.48 22.43
CA ASN H 338 -81.61 -30.55 23.49
C ASN H 338 -80.38 -29.77 23.94
N PHE H 339 -79.21 -30.42 23.92
CA PHE H 339 -77.98 -29.83 24.37
C PHE H 339 -77.25 -29.05 23.28
N SER H 340 -77.97 -28.58 22.26
CA SER H 340 -77.36 -27.84 21.17
C SER H 340 -78.41 -26.93 20.56
N PRO H 341 -78.05 -25.68 20.21
CA PRO H 341 -79.05 -24.77 19.63
C PRO H 341 -79.45 -25.09 18.20
N ILE H 342 -78.74 -26.00 17.53
CA ILE H 342 -79.06 -26.35 16.15
C ILE H 342 -80.00 -27.55 16.13
N TYR H 343 -80.61 -27.84 17.28
CA TYR H 343 -81.57 -28.93 17.39
C TYR H 343 -82.85 -28.49 18.09
N GLU H 344 -83.17 -27.19 18.06
CA GLU H 344 -84.37 -26.69 18.70
C GLU H 344 -85.57 -26.86 17.77
N GLY H 345 -86.68 -27.36 18.32
CA GLY H 345 -87.86 -27.57 17.53
C GLY H 345 -87.78 -28.72 16.54
N LYS H 346 -86.91 -29.68 16.79
CA LYS H 346 -86.75 -30.83 15.89
C LYS H 346 -87.21 -32.14 16.50
N CYS H 347 -87.47 -32.19 17.80
CA CYS H 347 -87.92 -33.39 18.48
C CYS H 347 -89.19 -33.08 19.26
N GLY H 348 -89.71 -34.09 19.96
CA GLY H 348 -90.93 -33.91 20.73
C GLY H 348 -90.70 -33.18 22.04
N MET H 349 -89.54 -33.37 22.67
CA MET H 349 -89.24 -32.71 23.93
C MET H 349 -88.95 -31.23 23.76
N SER H 350 -88.53 -30.81 22.57
CA SER H 350 -88.22 -29.40 22.34
C SER H 350 -89.51 -28.60 22.20
N GLY H 351 -89.60 -27.52 22.95
CA GLY H 351 -90.79 -26.67 22.91
C GLY H 351 -91.58 -26.69 24.20
N GLY H 352 -92.90 -26.74 24.07
CA GLY H 352 -93.78 -26.77 25.23
C GLY H 352 -94.75 -27.94 25.22
N ARG H 353 -95.81 -27.82 26.00
CA ARG H 353 -96.83 -28.87 26.08
C ARG H 353 -97.96 -28.57 25.10
N VAL H 354 -98.26 -29.53 24.24
CA VAL H 354 -99.33 -29.38 23.26
C VAL H 354 -100.67 -29.58 23.96
N GLU H 355 -101.60 -28.65 23.74
CA GLU H 355 -102.91 -28.71 24.37
C GLU H 355 -103.71 -29.87 23.78
N GLY H 356 -104.13 -30.79 24.65
CA GLY H 356 -104.93 -31.93 24.22
C GLY H 356 -104.15 -33.08 23.64
N LYS H 357 -102.82 -33.03 23.66
CA LYS H 357 -102.00 -34.09 23.11
C LYS H 357 -100.88 -34.41 24.08
N VAL H 358 -100.24 -35.56 23.86
CA VAL H 358 -99.13 -36.02 24.69
C VAL H 358 -98.05 -36.58 23.78
N ILE H 359 -96.80 -36.44 24.22
CA ILE H 359 -95.64 -36.88 23.45
C ILE H 359 -94.95 -37.99 24.23
N TYR H 360 -94.81 -39.16 23.60
CA TYR H 360 -94.11 -40.30 24.18
C TYR H 360 -92.88 -40.62 23.33
N GLU H 361 -91.73 -40.70 23.98
CA GLU H 361 -90.47 -40.99 23.31
C GLU H 361 -89.72 -42.08 24.06
N THR H 362 -89.01 -42.90 23.31
CA THR H 362 -88.18 -43.99 23.85
C THR H 362 -86.73 -43.73 23.46
N GLN H 363 -86.12 -42.73 24.10
CA GLN H 363 -84.73 -42.39 23.79
C GLN H 363 -83.79 -43.49 24.27
N SER H 364 -82.93 -43.96 23.37
CA SER H 364 -81.99 -45.02 23.72
C SER H 364 -80.89 -44.48 24.63
N THR H 365 -80.16 -45.40 25.24
CA THR H 365 -79.07 -45.06 26.15
C THR H 365 -77.76 -45.76 25.79
N HIS H 366 -77.81 -47.05 25.48
CA HIS H 366 -76.60 -47.79 25.12
C HIS H 366 -76.41 -47.83 23.62
N LYS H 367 -76.70 -46.72 22.95
CA LYS H 367 -76.57 -46.64 21.49
C LYS H 367 -75.55 -45.63 21.11
N LEU H 368 -75.75 -44.39 21.53
CA LEU H 368 -74.85 -43.31 21.16
C LEU H 368 -74.44 -42.47 22.38
N LEU H 369 -74.37 -43.12 23.54
CA LEU H 369 -73.99 -42.44 24.77
C LEU H 369 -72.85 -43.18 25.47
N ALA H 370 -73.00 -43.42 26.77
CA ALA H 370 -71.97 -44.11 27.55
C ALA H 370 -72.64 -44.72 28.79
N ALA H 371 -73.11 -45.95 28.64
CA ALA H 371 -73.74 -46.67 29.74
C ALA H 371 -73.79 -48.16 29.39
N PHE H 372 -74.22 -48.96 30.36
CA PHE H 372 -74.34 -50.39 30.14
C PHE H 372 -75.47 -50.69 29.16
N SER H 373 -75.45 -51.92 28.63
CA SER H 373 -76.46 -52.34 27.68
C SER H 373 -77.81 -52.53 28.38
N GLN H 374 -78.85 -52.65 27.57
CA GLN H 374 -80.23 -52.82 28.03
C GLN H 374 -80.64 -51.67 28.96
N ALA H 375 -80.75 -50.47 28.38
CA ALA H 375 -81.12 -49.28 29.10
C ALA H 375 -81.89 -48.35 28.17
N SER H 376 -83.03 -47.85 28.65
CA SER H 376 -83.86 -46.95 27.85
C SER H 376 -84.65 -46.05 28.80
N MET H 377 -85.37 -45.11 28.20
CA MET H 377 -86.17 -44.14 28.96
C MET H 377 -87.54 -43.99 28.30
N ILE H 378 -88.48 -43.48 29.08
CA ILE H 378 -89.84 -43.22 28.61
C ILE H 378 -90.16 -41.78 28.98
N HIS H 379 -90.15 -40.88 27.99
CA HIS H 379 -90.42 -39.47 28.22
C HIS H 379 -91.91 -39.19 28.03
N VAL H 380 -92.49 -38.52 29.02
CA VAL H 380 -93.91 -38.17 29.01
C VAL H 380 -94.02 -36.66 29.03
N LYS H 381 -94.67 -36.09 28.02
CA LYS H 381 -94.87 -34.64 27.91
C LYS H 381 -96.37 -34.39 27.78
N GLY H 382 -97.02 -34.18 28.90
CA GLY H 382 -98.45 -33.93 28.91
C GLY H 382 -99.05 -34.26 30.27
N ASP H 383 -100.38 -34.17 30.32
CA ASP H 383 -101.15 -34.44 31.53
C ASP H 383 -101.86 -35.78 31.35
N VAL H 384 -101.24 -36.85 31.88
CA VAL H 384 -101.80 -38.18 31.79
C VAL H 384 -102.04 -38.72 33.20
N ASN H 385 -102.57 -39.93 33.28
CA ASN H 385 -102.84 -40.57 34.57
C ASN H 385 -101.60 -41.31 35.04
N GLU H 386 -101.24 -41.11 36.32
CA GLU H 386 -100.07 -41.76 36.87
C GLU H 386 -100.37 -43.19 37.33
N GLU H 387 -101.55 -43.40 37.93
CA GLU H 387 -101.90 -44.73 38.41
C GLU H 387 -102.22 -45.68 37.27
N THR H 388 -102.57 -45.15 36.10
CA THR H 388 -102.89 -46.01 34.96
C THR H 388 -101.63 -46.40 34.20
N PHE H 389 -100.73 -45.44 33.97
CA PHE H 389 -99.50 -45.73 33.24
C PHE H 389 -98.51 -46.54 34.07
N ASN H 390 -98.64 -46.52 35.40
CA ASN H 390 -97.75 -47.31 36.24
C ASN H 390 -97.99 -48.80 36.08
N GLU H 391 -99.24 -49.21 35.89
CA GLU H 391 -99.54 -50.62 35.72
C GLU H 391 -98.97 -51.19 34.42
N ALA H 392 -98.85 -50.34 33.39
CA ALA H 392 -98.28 -50.79 32.12
C ALA H 392 -96.77 -50.93 32.19
N TYR H 393 -96.11 -50.18 33.07
CA TYR H 393 -94.66 -50.26 33.18
C TYR H 393 -94.23 -51.53 33.92
N MET H 394 -95.04 -52.01 34.86
CA MET H 394 -94.72 -53.22 35.61
C MET H 394 -94.94 -54.50 34.79
N MET H 395 -95.60 -54.42 33.65
CA MET H 395 -95.83 -55.58 32.81
C MET H 395 -94.61 -55.95 31.95
N HIS H 396 -93.54 -55.16 32.02
CA HIS H 396 -92.34 -55.45 31.25
C HIS H 396 -91.05 -55.28 32.05
N THR H 397 -91.13 -54.95 33.33
CA THR H 397 -89.96 -54.77 34.18
C THR H 397 -90.05 -55.72 35.37
N THR H 398 -88.95 -56.44 35.62
CA THR H 398 -88.93 -57.40 36.72
C THR H 398 -88.96 -56.66 38.07
N THR H 399 -89.29 -57.42 39.12
CA THR H 399 -89.37 -56.85 40.46
C THR H 399 -88.01 -56.63 41.09
N SER H 400 -86.95 -57.26 40.55
CA SER H 400 -85.59 -57.13 41.06
C SER H 400 -84.72 -56.54 39.95
N PRO H 401 -84.71 -55.21 39.81
CA PRO H 401 -83.90 -54.59 38.75
C PRO H 401 -82.42 -54.64 39.08
N HIS H 402 -81.60 -54.52 38.02
CA HIS H 402 -80.15 -54.53 38.15
C HIS H 402 -79.69 -53.08 38.34
N TYR H 403 -79.22 -52.77 39.54
CA TYR H 403 -78.81 -51.41 39.86
C TYR H 403 -77.53 -51.00 39.12
N GLY H 404 -76.75 -51.96 38.62
CA GLY H 404 -75.58 -51.61 37.85
C GLY H 404 -75.91 -50.90 36.55
N ILE H 405 -77.05 -51.23 35.95
CA ILE H 405 -77.50 -50.55 34.74
C ILE H 405 -78.32 -49.31 35.07
N VAL H 406 -79.11 -49.35 36.15
CA VAL H 406 -79.91 -48.18 36.54
C VAL H 406 -79.01 -47.02 36.91
N ALA H 407 -77.89 -47.30 37.59
CA ALA H 407 -76.96 -46.23 37.95
C ALA H 407 -76.31 -45.62 36.71
N SER H 408 -76.05 -46.44 35.68
CA SER H 408 -75.48 -45.92 34.44
C SER H 408 -76.51 -45.22 33.57
N THR H 409 -77.80 -45.53 33.73
CA THR H 409 -78.83 -44.85 32.95
C THR H 409 -78.95 -43.39 33.36
N GLU H 410 -79.00 -43.12 34.66
CA GLU H 410 -79.04 -41.74 35.14
C GLU H 410 -77.69 -41.06 34.97
N THR H 411 -76.61 -41.83 34.92
CA THR H 411 -75.28 -41.25 34.72
C THR H 411 -75.17 -40.59 33.36
N ALA H 412 -75.78 -41.19 32.33
CA ALA H 412 -75.75 -40.58 31.00
C ALA H 412 -76.48 -39.24 30.99
N ALA H 413 -77.49 -39.07 31.84
CA ALA H 413 -78.17 -37.78 31.94
C ALA H 413 -77.37 -36.78 32.76
N ALA H 414 -76.48 -37.26 33.63
CA ALA H 414 -75.64 -36.37 34.42
C ALA H 414 -74.36 -35.98 33.69
N MET H 415 -73.86 -36.86 32.80
CA MET H 415 -72.67 -36.55 32.05
C MET H 415 -72.91 -35.49 30.99
N MET H 416 -74.16 -35.23 30.64
CA MET H 416 -74.49 -34.24 29.62
C MET H 416 -74.90 -32.89 30.22
N LYS H 417 -75.18 -32.82 31.51
CA LYS H 417 -75.60 -31.57 32.13
C LYS H 417 -74.40 -30.65 32.33
N GLY H 418 -74.63 -29.36 32.10
CA GLY H 418 -73.60 -28.36 32.26
C GLY H 418 -72.79 -28.14 31.00
N ASN H 419 -71.93 -27.12 31.07
CA ASN H 419 -71.08 -26.79 29.92
C ASN H 419 -70.03 -27.88 29.68
N ALA H 420 -69.64 -28.61 30.72
CA ALA H 420 -68.67 -29.69 30.55
C ALA H 420 -69.26 -30.85 29.78
N GLY H 421 -70.58 -31.02 29.78
CA GLY H 421 -71.23 -32.08 29.04
C GLY H 421 -71.64 -31.65 27.64
N LYS H 422 -71.92 -30.36 27.48
CA LYS H 422 -72.31 -29.83 26.17
C LYS H 422 -71.15 -29.83 25.19
N ARG H 423 -69.90 -29.86 25.67
CA ARG H 423 -68.75 -29.90 24.78
C ARG H 423 -68.62 -31.24 24.07
N LEU H 424 -69.25 -32.29 24.60
CA LEU H 424 -69.19 -33.60 23.94
C LEU H 424 -70.11 -33.65 22.73
N ILE H 425 -71.26 -32.96 22.80
CA ILE H 425 -72.16 -32.90 21.66
C ILE H 425 -71.58 -32.01 20.56
N ASN H 426 -71.16 -30.80 20.93
CA ASN H 426 -70.56 -29.90 19.95
C ASN H 426 -69.21 -30.42 19.46
N GLY H 427 -68.47 -31.14 20.32
CA GLY H 427 -67.21 -31.70 19.89
C GLY H 427 -67.39 -32.82 18.89
N SER H 428 -68.45 -33.61 19.04
CA SER H 428 -68.73 -34.67 18.08
C SER H 428 -69.21 -34.10 16.74
N ILE H 429 -69.85 -32.93 16.76
CA ILE H 429 -70.28 -32.31 15.52
C ILE H 429 -69.10 -31.69 14.78
N GLU H 430 -68.19 -31.04 15.52
CA GLU H 430 -67.01 -30.45 14.89
C GLU H 430 -66.10 -31.53 14.30
N ARG H 431 -65.99 -32.67 14.96
CA ARG H 431 -65.20 -33.77 14.41
C ARG H 431 -65.90 -34.42 13.22
N ALA H 432 -67.23 -34.35 13.18
CA ALA H 432 -67.97 -34.88 12.05
C ALA H 432 -67.88 -33.98 10.83
N ILE H 433 -67.99 -32.66 11.04
CA ILE H 433 -67.88 -31.72 9.92
C ILE H 433 -66.45 -31.73 9.38
N LYS H 434 -65.46 -31.85 10.26
CA LYS H 434 -64.07 -31.93 9.82
C LYS H 434 -63.83 -33.18 8.98
N PHE H 435 -64.46 -34.30 9.36
CA PHE H 435 -64.33 -35.52 8.57
C PHE H 435 -65.04 -35.39 7.24
N ARG H 436 -66.11 -34.59 7.17
CA ARG H 436 -66.79 -34.39 5.90
C ARG H 436 -65.96 -33.54 4.94
N LYS H 437 -65.21 -32.58 5.46
CA LYS H 437 -64.36 -31.75 4.61
C LYS H 437 -63.12 -32.48 4.13
N GLU H 438 -62.64 -33.45 4.90
CA GLU H 438 -61.47 -34.22 4.49
C GLU H 438 -61.77 -35.16 3.33
N ILE H 439 -63.03 -35.55 3.14
CA ILE H 439 -63.39 -36.41 2.01
C ILE H 439 -63.39 -35.61 0.71
N LYS H 440 -63.97 -34.42 0.72
CA LYS H 440 -63.99 -33.59 -0.48
C LYS H 440 -62.59 -33.06 -0.81
N ARG H 441 -61.73 -32.92 0.19
CA ARG H 441 -60.37 -32.44 -0.05
C ARG H 441 -59.53 -33.54 -0.70
N LEU H 442 -59.71 -34.78 -0.29
CA LEU H 442 -58.98 -35.92 -0.83
C LEU H 442 -59.65 -36.53 -2.04
N ARG H 443 -60.66 -35.86 -2.61
CA ARG H 443 -61.38 -36.35 -3.79
C ARG H 443 -60.91 -35.66 -5.06
N THR H 444 -60.85 -34.32 -5.06
CA THR H 444 -60.41 -33.60 -6.24
C THR H 444 -58.89 -33.67 -6.41
N GLU H 445 -58.15 -33.55 -5.31
CA GLU H 445 -56.69 -33.59 -5.39
C GLU H 445 -56.16 -34.98 -5.72
N SER H 446 -56.96 -36.02 -5.50
CA SER H 446 -56.52 -37.37 -5.80
C SER H 446 -56.56 -37.61 -7.31
N ASP H 447 -55.93 -38.71 -7.72
CA ASP H 447 -55.85 -39.11 -9.12
C ASP H 447 -56.59 -40.43 -9.29
N GLY H 448 -57.90 -40.34 -9.46
CA GLY H 448 -58.74 -41.49 -9.64
C GLY H 448 -60.02 -41.34 -8.86
N TRP H 449 -60.72 -42.47 -8.67
CA TRP H 449 -61.97 -42.46 -7.94
C TRP H 449 -61.74 -42.31 -6.44
N PHE H 450 -62.75 -41.82 -5.74
CA PHE H 450 -62.67 -41.63 -4.31
C PHE H 450 -64.08 -41.62 -3.74
N PHE H 451 -64.17 -41.89 -2.43
CA PHE H 451 -65.47 -41.95 -1.77
C PHE H 451 -66.13 -40.58 -1.75
N ASP H 452 -67.46 -40.59 -1.61
CA ASP H 452 -68.25 -39.37 -1.58
C ASP H 452 -69.20 -39.41 -0.39
N VAL H 453 -69.42 -38.25 0.21
CA VAL H 453 -70.29 -38.11 1.37
C VAL H 453 -71.64 -37.57 0.91
N TRP H 454 -72.72 -38.23 1.33
CA TRP H 454 -74.08 -37.81 1.00
C TRP H 454 -74.38 -36.52 1.75
N GLN H 455 -73.91 -35.40 1.19
CA GLN H 455 -74.04 -34.09 1.81
C GLN H 455 -74.25 -33.07 0.73
N PRO H 456 -74.85 -31.91 1.06
CA PRO H 456 -75.00 -30.85 0.07
C PRO H 456 -73.66 -30.31 -0.39
N ASP H 457 -73.71 -29.49 -1.44
CA ASP H 457 -72.50 -28.89 -1.99
C ASP H 457 -71.91 -27.82 -1.09
N HIS H 458 -72.71 -27.26 -0.18
CA HIS H 458 -72.25 -26.21 0.74
C HIS H 458 -72.39 -26.74 2.16
N ILE H 459 -71.26 -27.04 2.80
CA ILE H 459 -71.23 -27.56 4.15
C ILE H 459 -70.43 -26.65 5.09
N ASP H 460 -70.34 -25.36 4.76
CA ASP H 460 -69.57 -24.43 5.59
C ASP H 460 -70.27 -24.12 6.90
N THR H 461 -71.60 -24.12 6.92
CA THR H 461 -72.34 -23.82 8.14
C THR H 461 -72.27 -24.98 9.11
N THR H 462 -72.67 -24.71 10.36
CA THR H 462 -72.69 -25.71 11.43
C THR H 462 -74.13 -25.82 11.93
N GLU H 463 -74.92 -26.61 11.21
CA GLU H 463 -76.33 -26.83 11.55
C GLU H 463 -76.81 -28.04 10.75
N CYS H 464 -78.10 -28.33 10.87
CA CYS H 464 -78.71 -29.42 10.14
C CYS H 464 -79.07 -28.96 8.73
N TRP H 465 -78.50 -29.62 7.73
CA TRP H 465 -78.74 -29.25 6.34
C TRP H 465 -80.15 -29.67 5.92
N PRO H 466 -81.02 -28.73 5.56
CA PRO H 466 -82.37 -29.12 5.14
C PRO H 466 -82.37 -29.73 3.74
N LEU H 467 -83.38 -30.57 3.49
CA LEU H 467 -83.53 -31.23 2.20
C LEU H 467 -84.49 -30.39 1.36
N ARG H 468 -83.92 -29.52 0.53
CA ARG H 468 -84.73 -28.65 -0.32
C ARG H 468 -85.24 -29.41 -1.54
N SER H 469 -85.96 -28.71 -2.41
CA SER H 469 -86.50 -29.29 -3.62
C SER H 469 -85.69 -28.96 -4.87
N ASP H 470 -84.73 -28.04 -4.78
CA ASP H 470 -83.90 -27.65 -5.90
C ASP H 470 -82.47 -28.18 -5.77
N SER H 471 -82.32 -29.38 -5.20
CA SER H 471 -81.02 -30.01 -5.01
C SER H 471 -80.99 -31.36 -5.69
N THR H 472 -79.78 -31.85 -5.95
CA THR H 472 -79.59 -33.13 -6.61
C THR H 472 -78.81 -34.12 -5.76
N TRP H 473 -78.36 -33.73 -4.56
CA TRP H 473 -77.60 -34.64 -3.72
C TRP H 473 -78.49 -35.65 -3.01
N HIS H 474 -79.72 -35.26 -2.65
CA HIS H 474 -80.61 -36.17 -1.96
C HIS H 474 -81.32 -37.12 -2.93
N GLY H 475 -81.66 -36.62 -4.12
CA GLY H 475 -82.28 -37.45 -5.14
C GLY H 475 -83.71 -37.84 -4.88
N PHE H 476 -84.32 -37.36 -3.81
CA PHE H 476 -85.70 -37.70 -3.51
C PHE H 476 -86.64 -36.92 -4.43
N LYS H 477 -87.40 -37.64 -5.25
CA LYS H 477 -88.32 -36.99 -6.18
C LYS H 477 -89.54 -36.47 -5.44
N ASN H 478 -89.86 -35.20 -5.67
CA ASN H 478 -91.01 -34.54 -5.04
C ASN H 478 -90.93 -34.61 -3.53
N ILE H 479 -90.06 -33.80 -2.94
CA ILE H 479 -89.88 -33.77 -1.49
C ILE H 479 -90.38 -32.43 -0.96
N ASP H 480 -90.92 -32.44 0.25
CA ASP H 480 -91.44 -31.23 0.87
C ASP H 480 -90.30 -30.42 1.48
N ASN H 481 -90.40 -29.09 1.33
CA ASN H 481 -89.39 -28.19 1.86
C ASN H 481 -89.60 -27.97 3.35
N GLU H 482 -88.49 -27.80 4.07
CA GLU H 482 -88.50 -27.56 5.51
C GLU H 482 -89.22 -28.69 6.25
N HIS H 483 -88.89 -29.93 5.87
CA HIS H 483 -89.51 -31.10 6.49
C HIS H 483 -88.46 -32.14 6.84
N MET H 484 -87.55 -32.40 5.91
CA MET H 484 -86.49 -33.38 6.11
C MET H 484 -85.19 -32.68 6.46
N TYR H 485 -84.52 -33.15 7.50
CA TYR H 485 -83.26 -32.60 7.98
C TYR H 485 -82.15 -33.61 7.81
N LEU H 486 -80.93 -33.23 8.17
CA LEU H 486 -79.76 -34.06 8.04
C LEU H 486 -78.97 -34.05 9.35
N ASP H 487 -78.52 -35.23 9.78
CA ASP H 487 -77.73 -35.36 10.99
C ASP H 487 -76.25 -35.22 10.65
N PRO H 488 -75.55 -34.20 11.14
CA PRO H 488 -74.13 -34.04 10.77
C PRO H 488 -73.24 -35.17 11.25
N ILE H 489 -73.60 -35.86 12.33
CA ILE H 489 -72.76 -36.91 12.88
C ILE H 489 -73.10 -38.25 12.24
N LYS H 490 -73.95 -38.21 11.21
CA LYS H 490 -74.34 -39.41 10.47
C LYS H 490 -73.80 -39.28 9.05
N VAL H 491 -72.51 -39.56 8.89
CA VAL H 491 -71.85 -39.47 7.59
C VAL H 491 -72.14 -40.75 6.81
N THR H 492 -72.73 -40.62 5.63
CA THR H 492 -73.06 -41.74 4.77
C THR H 492 -72.14 -41.70 3.55
N LEU H 493 -71.17 -42.61 3.51
CA LEU H 493 -70.22 -42.67 2.41
C LEU H 493 -70.86 -43.35 1.20
N LEU H 494 -70.93 -42.63 0.09
CA LEU H 494 -71.51 -43.14 -1.16
C LEU H 494 -70.38 -43.65 -2.03
N THR H 495 -70.30 -44.97 -2.21
CA THR H 495 -69.26 -45.55 -3.05
C THR H 495 -69.61 -45.35 -4.52
N PRO H 496 -68.61 -45.12 -5.38
CA PRO H 496 -68.90 -44.93 -6.80
C PRO H 496 -69.50 -46.18 -7.42
N GLY H 497 -70.37 -45.97 -8.41
CA GLY H 497 -71.02 -47.07 -9.09
C GLY H 497 -72.34 -46.68 -9.73
N MET H 498 -72.89 -45.54 -9.30
CA MET H 498 -74.15 -45.05 -9.83
C MET H 498 -74.01 -43.58 -10.19
N GLU H 499 -74.91 -43.12 -11.04
CA GLU H 499 -74.92 -41.73 -11.50
C GLU H 499 -75.79 -40.88 -10.59
N LYS H 500 -75.96 -39.61 -10.97
CA LYS H 500 -76.77 -38.68 -10.20
C LYS H 500 -78.22 -38.64 -10.66
N ASP H 501 -78.56 -39.35 -11.74
CA ASP H 501 -79.93 -39.37 -12.25
C ASP H 501 -80.71 -40.61 -11.82
N GLY H 502 -80.05 -41.59 -11.20
CA GLY H 502 -80.72 -42.79 -10.75
C GLY H 502 -80.40 -44.04 -11.56
N THR H 503 -79.61 -43.91 -12.63
CA THR H 503 -79.25 -45.05 -13.45
C THR H 503 -77.97 -45.69 -12.92
N MET H 504 -77.39 -46.59 -13.72
CA MET H 504 -76.16 -47.29 -13.35
C MET H 504 -74.99 -46.76 -14.17
N SER H 505 -73.78 -47.06 -13.69
CA SER H 505 -72.55 -46.65 -14.33
C SER H 505 -71.83 -47.87 -14.90
N ASP H 506 -70.58 -47.65 -15.32
CA ASP H 506 -69.76 -48.73 -15.89
C ASP H 506 -68.62 -49.15 -14.96
N PHE H 507 -68.10 -48.23 -14.15
CA PHE H 507 -67.01 -48.52 -13.23
C PHE H 507 -67.46 -48.18 -11.81
N GLY H 508 -67.38 -49.16 -10.92
CA GLY H 508 -67.78 -48.96 -9.55
C GLY H 508 -67.49 -50.20 -8.73
N ILE H 509 -67.44 -49.99 -7.41
CA ILE H 509 -67.17 -51.05 -6.44
C ILE H 509 -68.33 -51.07 -5.46
N PRO H 510 -68.99 -52.21 -5.25
CA PRO H 510 -70.08 -52.27 -4.28
C PRO H 510 -69.59 -52.03 -2.86
N ALA H 511 -70.53 -51.65 -2.00
CA ALA H 511 -70.22 -51.40 -0.59
C ALA H 511 -70.05 -52.66 0.23
N SER H 512 -70.41 -53.83 -0.32
CA SER H 512 -70.25 -55.07 0.43
C SER H 512 -68.79 -55.49 0.53
N ILE H 513 -67.98 -55.19 -0.48
CA ILE H 513 -66.57 -55.54 -0.43
C ILE H 513 -65.83 -54.62 0.54
N VAL H 514 -66.18 -53.34 0.55
CA VAL H 514 -65.53 -52.41 1.46
C VAL H 514 -65.90 -52.70 2.91
N ALA H 515 -67.11 -53.25 3.13
CA ALA H 515 -67.54 -53.55 4.50
C ALA H 515 -66.66 -54.62 5.13
N LYS H 516 -66.27 -55.63 4.36
CA LYS H 516 -65.41 -56.68 4.88
C LYS H 516 -63.94 -56.27 4.93
N TYR H 517 -63.53 -55.30 4.12
CA TYR H 517 -62.15 -54.83 4.17
C TYR H 517 -61.86 -54.01 5.42
N LEU H 518 -62.86 -53.26 5.90
CA LEU H 518 -62.67 -52.47 7.11
C LEU H 518 -62.64 -53.33 8.36
N ASP H 519 -63.22 -54.53 8.32
CA ASP H 519 -63.24 -55.40 9.49
C ASP H 519 -61.86 -55.99 9.78
N GLU H 520 -60.97 -56.02 8.80
CA GLU H 520 -59.63 -56.57 9.03
C GLU H 520 -58.84 -55.70 10.00
N HIS H 521 -59.01 -54.39 9.93
CA HIS H 521 -58.33 -53.47 10.84
C HIS H 521 -59.11 -53.21 12.11
N GLY H 522 -60.39 -53.54 12.15
CA GLY H 522 -61.21 -53.34 13.33
C GLY H 522 -62.25 -52.26 13.18
N ILE H 523 -62.93 -52.24 12.03
CA ILE H 523 -63.97 -51.27 11.73
C ILE H 523 -65.17 -52.03 11.19
N VAL H 524 -66.29 -51.98 11.92
CA VAL H 524 -67.51 -52.67 11.53
C VAL H 524 -68.48 -51.64 10.96
N VAL H 525 -68.95 -51.88 9.73
CA VAL H 525 -69.88 -50.96 9.10
C VAL H 525 -71.26 -51.14 9.69
N GLU H 526 -71.91 -50.02 10.04
CA GLU H 526 -73.25 -50.10 10.64
C GLU H 526 -74.28 -50.56 9.62
N LYS H 527 -74.28 -49.95 8.44
CA LYS H 527 -75.24 -50.29 7.39
C LYS H 527 -74.51 -50.31 6.05
N THR H 528 -74.64 -51.43 5.33
CA THR H 528 -74.03 -51.58 4.02
C THR H 528 -74.93 -52.43 3.14
N GLY H 529 -74.63 -52.42 1.84
CA GLY H 529 -75.40 -53.18 0.88
C GLY H 529 -75.20 -52.69 -0.53
N PRO H 530 -76.07 -51.78 -0.99
CA PRO H 530 -75.96 -51.25 -2.36
C PRO H 530 -74.69 -50.44 -2.57
N TYR H 531 -74.77 -49.13 -2.31
CA TYR H 531 -73.63 -48.23 -2.49
C TYR H 531 -73.65 -47.17 -1.40
N ASN H 532 -73.74 -47.60 -0.15
CA ASN H 532 -73.75 -46.69 0.99
C ASN H 532 -72.97 -47.29 2.15
N LEU H 533 -72.45 -46.42 3.00
CA LEU H 533 -71.69 -46.82 4.18
C LEU H 533 -72.06 -45.89 5.32
N LEU H 534 -72.81 -46.42 6.28
CA LEU H 534 -73.28 -45.64 7.43
C LEU H 534 -72.36 -45.87 8.62
N PHE H 535 -72.04 -44.79 9.33
CA PHE H 535 -71.21 -44.84 10.51
C PHE H 535 -71.87 -44.05 11.64
N LEU H 536 -71.28 -44.15 12.83
CA LEU H 536 -71.80 -43.49 14.03
C LEU H 536 -70.71 -42.62 14.63
N PHE H 537 -70.96 -41.33 14.70
CA PHE H 537 -70.02 -40.37 15.28
C PHE H 537 -70.62 -39.80 16.56
N SER H 538 -70.69 -40.63 17.59
CA SER H 538 -71.25 -40.23 18.87
C SER H 538 -70.15 -39.66 19.75
N ILE H 539 -70.37 -39.62 21.07
CA ILE H 539 -69.37 -39.10 21.99
C ILE H 539 -68.24 -40.10 22.21
N GLY H 540 -68.46 -41.37 21.88
CA GLY H 540 -67.41 -42.37 22.04
C GLY H 540 -66.33 -42.32 20.99
N ILE H 541 -66.61 -41.76 19.82
CA ILE H 541 -65.63 -41.63 18.75
C ILE H 541 -64.83 -40.36 19.02
N ASP H 542 -63.62 -40.51 19.55
CA ASP H 542 -62.76 -39.38 19.87
C ASP H 542 -61.95 -39.00 18.62
N LYS H 543 -60.89 -38.20 18.80
CA LYS H 543 -60.07 -37.80 17.67
C LYS H 543 -59.20 -38.96 17.15
N THR H 544 -59.00 -39.99 17.95
CA THR H 544 -58.22 -41.14 17.50
C THR H 544 -59.06 -42.07 16.63
N LYS H 545 -60.28 -42.38 17.08
CA LYS H 545 -61.15 -43.26 16.31
C LYS H 545 -61.66 -42.61 15.03
N ALA H 546 -61.69 -41.28 14.97
CA ALA H 546 -62.16 -40.61 13.76
C ALA H 546 -61.08 -40.58 12.68
N LEU H 547 -59.83 -40.31 13.07
CA LEU H 547 -58.74 -40.28 12.09
C LEU H 547 -58.35 -41.66 11.62
N SER H 548 -58.65 -42.71 12.40
CA SER H 548 -58.31 -44.06 11.99
C SER H 548 -59.23 -44.57 10.87
N LEU H 549 -60.40 -43.95 10.70
CA LEU H 549 -61.31 -44.37 9.65
C LEU H 549 -60.85 -43.87 8.28
N LEU H 550 -60.32 -42.65 8.22
CA LEU H 550 -59.86 -42.12 6.94
C LEU H 550 -58.62 -42.84 6.45
N ARG H 551 -57.75 -43.28 7.37
CA ARG H 551 -56.55 -44.00 6.97
C ARG H 551 -56.89 -45.36 6.36
N ALA H 552 -57.94 -46.00 6.87
CA ALA H 552 -58.36 -47.28 6.31
C ALA H 552 -59.02 -47.11 4.94
N LEU H 553 -59.59 -45.94 4.67
CA LEU H 553 -60.21 -45.71 3.37
C LEU H 553 -59.16 -45.45 2.30
N THR H 554 -58.05 -44.80 2.67
CA THR H 554 -56.99 -44.55 1.70
C THR H 554 -56.24 -45.82 1.34
N ASP H 555 -56.21 -46.79 2.26
CA ASP H 555 -55.54 -48.06 1.98
C ASP H 555 -56.32 -48.92 0.99
N PHE H 556 -57.64 -48.72 0.89
CA PHE H 556 -58.43 -49.48 -0.07
C PHE H 556 -58.18 -49.02 -1.50
N LYS H 557 -57.95 -47.72 -1.70
CA LYS H 557 -57.66 -47.21 -3.04
C LYS H 557 -56.28 -47.66 -3.50
N ARG H 558 -55.31 -47.73 -2.58
CA ARG H 558 -53.97 -48.17 -2.95
C ARG H 558 -53.95 -49.64 -3.32
N ALA H 559 -54.66 -50.48 -2.56
CA ALA H 559 -54.69 -51.91 -2.86
C ALA H 559 -55.48 -52.23 -4.11
N PHE H 560 -56.44 -51.37 -4.49
CA PHE H 560 -57.24 -51.60 -5.69
C PHE H 560 -56.57 -51.09 -6.95
N ASP H 561 -55.84 -49.98 -6.86
CA ASP H 561 -55.17 -49.44 -8.04
C ASP H 561 -53.98 -50.30 -8.44
N LEU H 562 -53.28 -50.88 -7.47
CA LEU H 562 -52.13 -51.74 -7.75
C LEU H 562 -52.53 -53.16 -8.15
N ASN H 563 -53.83 -53.48 -8.09
CA ASN H 563 -54.33 -54.81 -8.45
C ASN H 563 -53.65 -55.90 -7.64
N LEU H 564 -54.07 -56.06 -6.39
CA LEU H 564 -53.51 -57.07 -5.50
C LEU H 564 -54.42 -58.30 -5.47
N ARG H 565 -53.92 -59.35 -4.83
CA ARG H 565 -54.66 -60.59 -4.73
C ARG H 565 -55.60 -60.58 -3.53
N VAL H 566 -56.57 -61.49 -3.55
CA VAL H 566 -57.53 -61.57 -2.45
C VAL H 566 -56.87 -62.15 -1.21
N LYS H 567 -55.98 -63.13 -1.39
CA LYS H 567 -55.30 -63.74 -0.24
C LYS H 567 -54.39 -62.74 0.45
N ASN H 568 -53.76 -61.85 -0.31
CA ASN H 568 -52.88 -60.81 0.25
C ASN H 568 -53.63 -59.51 0.50
N MET H 569 -54.89 -59.57 0.93
CA MET H 569 -55.69 -58.39 1.19
C MET H 569 -56.86 -58.70 2.10
N LEU H 570 -57.54 -59.81 1.83
CA LEU H 570 -58.70 -60.26 2.61
C LEU H 570 -58.44 -61.68 3.10
N PRO H 571 -57.71 -61.84 4.21
CA PRO H 571 -57.45 -63.19 4.72
C PRO H 571 -58.67 -63.87 5.31
N SER H 572 -59.67 -63.11 5.76
CA SER H 572 -60.87 -63.74 6.31
C SER H 572 -61.74 -64.33 5.21
N LEU H 573 -61.85 -63.65 4.07
CA LEU H 573 -62.63 -64.18 2.97
C LEU H 573 -61.94 -65.36 2.30
N TYR H 574 -60.61 -65.40 2.33
CA TYR H 574 -59.87 -66.51 1.73
C TYR H 574 -60.07 -67.81 2.50
N ARG H 575 -60.28 -67.72 3.83
CA ARG H 575 -60.47 -68.93 4.62
C ARG H 575 -61.84 -69.55 4.42
N GLU H 576 -62.78 -68.82 3.84
CA GLU H 576 -64.11 -69.38 3.59
C GLU H 576 -64.09 -70.38 2.45
N ASP H 577 -63.32 -70.08 1.40
CA ASP H 577 -63.22 -70.98 0.25
C ASP H 577 -61.87 -70.74 -0.43
N PRO H 578 -60.82 -71.39 0.06
CA PRO H 578 -59.50 -71.20 -0.55
C PRO H 578 -59.40 -71.72 -1.97
N GLU H 579 -60.25 -72.66 -2.37
CA GLU H 579 -60.15 -73.21 -3.72
C GLU H 579 -60.72 -72.25 -4.75
N PHE H 580 -61.88 -71.66 -4.48
CA PHE H 580 -62.48 -70.74 -5.44
C PHE H 580 -61.76 -69.39 -5.47
N TYR H 581 -61.36 -68.89 -4.30
CA TYR H 581 -60.66 -67.61 -4.21
C TYR H 581 -59.15 -67.79 -4.26
N GLU H 582 -58.69 -68.62 -5.19
CA GLU H 582 -57.25 -68.89 -5.35
C GLU H 582 -56.64 -67.89 -6.32
N ASN H 583 -56.93 -68.05 -7.61
CA ASN H 583 -56.41 -67.18 -8.65
C ASN H 583 -57.31 -65.99 -8.94
N MET H 584 -57.83 -65.34 -7.91
CA MET H 584 -58.71 -64.19 -8.06
C MET H 584 -58.07 -62.97 -7.43
N ARG H 585 -58.17 -61.82 -8.11
CA ARG H 585 -57.60 -60.57 -7.64
C ARG H 585 -58.73 -59.63 -7.19
N ILE H 586 -58.32 -58.46 -6.70
CA ILE H 586 -59.30 -57.49 -6.20
C ILE H 586 -60.04 -56.79 -7.34
N GLN H 587 -59.44 -56.70 -8.52
CA GLN H 587 -60.12 -56.05 -9.64
C GLN H 587 -61.08 -57.00 -10.35
N GLU H 588 -60.79 -58.30 -10.34
CA GLU H 588 -61.69 -59.26 -10.98
C GLU H 588 -62.97 -59.46 -10.18
N LEU H 589 -62.89 -59.41 -8.85
CA LEU H 589 -64.07 -59.60 -8.02
C LEU H 589 -64.98 -58.37 -8.03
N ALA H 590 -64.40 -57.17 -8.06
CA ALA H 590 -65.22 -55.96 -8.02
C ALA H 590 -65.96 -55.73 -9.35
N GLN H 591 -65.38 -56.19 -10.46
CA GLN H 591 -66.03 -56.00 -11.75
C GLN H 591 -67.10 -57.04 -12.03
N ASN H 592 -66.91 -58.27 -11.53
CA ASN H 592 -67.90 -59.31 -11.78
C ASN H 592 -69.18 -59.06 -10.98
N ILE H 593 -69.06 -58.50 -9.78
CA ILE H 593 -70.24 -58.21 -8.97
C ILE H 593 -70.99 -57.00 -9.51
N HIS H 594 -70.26 -56.01 -10.04
CA HIS H 594 -70.91 -54.82 -10.58
C HIS H 594 -71.74 -55.13 -11.81
N LYS H 595 -71.34 -56.14 -12.60
CA LYS H 595 -72.13 -56.51 -13.77
C LYS H 595 -73.39 -57.27 -13.39
N LEU H 596 -73.38 -57.94 -12.24
CA LEU H 596 -74.57 -58.67 -11.80
C LEU H 596 -75.66 -57.72 -11.32
N ILE H 597 -75.28 -56.56 -10.78
CA ILE H 597 -76.28 -55.60 -10.34
C ILE H 597 -76.99 -54.97 -11.53
N VAL H 598 -76.25 -54.67 -12.59
CA VAL H 598 -76.85 -54.09 -13.78
C VAL H 598 -77.70 -55.12 -14.52
N HIS H 599 -77.23 -56.37 -14.55
CA HIS H 599 -77.97 -57.43 -15.25
C HIS H 599 -79.28 -57.73 -14.55
N HIS H 600 -79.23 -57.97 -13.23
CA HIS H 600 -80.44 -58.25 -12.48
C HIS H 600 -81.27 -57.02 -12.20
N ASN H 601 -80.73 -55.82 -12.43
CA ASN H 601 -81.43 -54.56 -12.23
C ASN H 601 -81.91 -54.43 -10.78
N LEU H 602 -81.03 -53.99 -9.90
CA LEU H 602 -81.33 -53.88 -8.47
C LEU H 602 -82.08 -52.59 -8.12
N PRO H 603 -81.62 -51.41 -8.58
CA PRO H 603 -82.33 -50.19 -8.18
C PRO H 603 -83.78 -50.12 -8.63
N ASP H 604 -84.12 -50.74 -9.76
CA ASP H 604 -85.50 -50.69 -10.23
C ASP H 604 -86.39 -51.67 -9.49
N LEU H 605 -85.87 -52.88 -9.20
CA LEU H 605 -86.66 -53.88 -8.48
C LEU H 605 -86.76 -53.57 -6.99
N MET H 606 -85.96 -52.62 -6.49
CA MET H 606 -86.02 -52.24 -5.08
C MET H 606 -86.87 -51.00 -4.86
N TYR H 607 -86.84 -50.04 -5.79
CA TYR H 607 -87.63 -48.84 -5.64
C TYR H 607 -89.12 -49.09 -5.86
N ARG H 608 -89.46 -50.13 -6.63
CA ARG H 608 -90.86 -50.44 -6.90
C ARG H 608 -91.43 -51.47 -5.95
N ALA H 609 -90.59 -52.23 -5.25
CA ALA H 609 -91.10 -53.25 -4.33
C ALA H 609 -91.49 -52.63 -2.98
N PHE H 610 -90.59 -51.85 -2.38
CA PHE H 610 -90.86 -51.23 -1.09
C PHE H 610 -91.82 -50.05 -1.18
N GLU H 611 -92.13 -49.59 -2.38
CA GLU H 611 -93.05 -48.45 -2.54
C GLU H 611 -94.49 -48.86 -2.30
N VAL H 612 -94.98 -49.84 -3.07
CA VAL H 612 -96.35 -50.29 -2.91
C VAL H 612 -96.49 -51.11 -1.63
N LEU H 613 -97.73 -51.26 -1.18
CA LEU H 613 -98.04 -52.01 0.02
C LEU H 613 -98.91 -53.21 -0.32
N PRO H 614 -98.54 -54.41 0.11
CA PRO H 614 -99.37 -55.59 -0.17
C PRO H 614 -100.73 -55.50 0.51
N THR H 615 -101.65 -56.31 0.02
CA THR H 615 -103.01 -56.33 0.56
C THR H 615 -103.00 -56.97 1.94
N MET H 616 -103.40 -56.21 2.96
CA MET H 616 -103.46 -56.71 4.32
C MET H 616 -104.83 -57.31 4.56
N VAL H 617 -104.89 -58.64 4.70
CA VAL H 617 -106.16 -59.33 4.90
C VAL H 617 -106.65 -59.15 6.33
N MET H 618 -105.88 -59.64 7.30
CA MET H 618 -106.24 -59.58 8.70
C MET H 618 -105.22 -58.76 9.47
N THR H 619 -105.53 -58.51 10.74
CA THR H 619 -104.63 -57.74 11.59
C THR H 619 -103.42 -58.59 11.97
N PRO H 620 -102.28 -57.95 12.26
CA PRO H 620 -101.09 -58.72 12.67
C PRO H 620 -101.30 -59.51 13.95
N TYR H 621 -102.25 -59.11 14.80
CA TYR H 621 -102.50 -59.87 16.02
C TYR H 621 -103.17 -61.20 15.71
N ALA H 622 -104.00 -61.25 14.66
CA ALA H 622 -104.67 -62.48 14.28
C ALA H 622 -103.73 -63.46 13.59
N ALA H 623 -102.63 -62.98 13.01
CA ALA H 623 -101.69 -63.88 12.35
C ALA H 623 -100.91 -64.72 13.35
N PHE H 624 -100.60 -64.16 14.52
CA PHE H 624 -99.88 -64.90 15.54
C PHE H 624 -100.76 -65.91 16.26
N GLN H 625 -102.07 -65.68 16.32
CA GLN H 625 -102.96 -66.62 16.99
C GLN H 625 -103.09 -67.92 16.21
N LYS H 626 -103.08 -67.83 14.87
CA LYS H 626 -103.15 -69.04 14.05
C LYS H 626 -101.88 -69.85 14.10
N GLU H 627 -100.74 -69.21 14.38
CA GLU H 627 -99.48 -69.96 14.46
C GLU H 627 -99.39 -70.80 15.72
N LEU H 628 -100.04 -70.35 16.81
CA LEU H 628 -99.98 -71.10 18.06
C LEU H 628 -100.79 -72.39 17.98
N HIS H 629 -101.82 -72.42 17.13
CA HIS H 629 -102.63 -73.63 17.00
C HIS H 629 -101.90 -74.72 16.23
N GLY H 630 -100.98 -74.34 15.35
CA GLY H 630 -100.24 -75.31 14.56
C GLY H 630 -100.64 -75.41 13.11
N MET H 631 -101.33 -74.41 12.57
CA MET H 631 -101.77 -74.42 11.17
C MET H 631 -100.78 -73.68 10.28
N THR H 632 -99.50 -73.99 10.40
CA THR H 632 -98.45 -73.36 9.62
C THR H 632 -97.75 -74.40 8.76
N GLU H 633 -97.40 -74.02 7.54
CA GLU H 633 -96.72 -74.91 6.61
C GLU H 633 -95.57 -74.16 5.95
N GLU H 634 -94.62 -74.92 5.42
CA GLU H 634 -93.44 -74.36 4.76
C GLU H 634 -93.59 -74.60 3.26
N VAL H 635 -93.74 -73.51 2.51
CA VAL H 635 -93.89 -73.58 1.06
C VAL H 635 -92.67 -72.92 0.41
N TYR H 636 -92.53 -73.12 -0.90
CA TYR H 636 -91.43 -72.55 -1.64
C TYR H 636 -91.66 -71.06 -1.89
N LEU H 637 -90.60 -70.39 -2.37
CA LEU H 637 -90.71 -68.96 -2.66
C LEU H 637 -91.50 -68.70 -3.92
N ASP H 638 -91.41 -69.59 -4.91
CA ASP H 638 -92.13 -69.45 -6.16
C ASP H 638 -93.58 -69.90 -6.07
N GLU H 639 -94.01 -70.44 -4.94
CA GLU H 639 -95.37 -70.92 -4.75
C GLU H 639 -95.95 -70.25 -3.50
N MET H 640 -96.24 -68.95 -3.60
CA MET H 640 -96.80 -68.23 -2.46
C MET H 640 -97.70 -67.08 -2.89
N VAL H 641 -98.09 -66.98 -4.15
CA VAL H 641 -98.96 -65.89 -4.61
C VAL H 641 -100.38 -66.16 -4.12
N GLY H 642 -100.88 -65.30 -3.25
CA GLY H 642 -102.22 -65.45 -2.70
C GLY H 642 -102.29 -66.07 -1.32
N ARG H 643 -101.16 -66.24 -0.64
CA ARG H 643 -101.13 -66.83 0.69
C ARG H 643 -100.85 -65.76 1.73
N ILE H 644 -101.03 -66.13 2.99
CA ILE H 644 -100.81 -65.23 4.13
C ILE H 644 -99.56 -65.67 4.86
N ASN H 645 -98.59 -64.77 4.96
CA ASN H 645 -97.34 -65.08 5.65
C ASN H 645 -97.54 -65.03 7.17
N ALA H 646 -96.54 -65.53 7.89
CA ALA H 646 -96.55 -65.55 9.35
C ALA H 646 -95.45 -64.74 9.99
N ASN H 647 -94.32 -64.57 9.31
CA ASN H 647 -93.20 -63.81 9.84
C ASN H 647 -92.97 -62.57 8.97
N MET H 648 -92.18 -61.64 9.51
CA MET H 648 -91.87 -60.41 8.79
C MET H 648 -90.61 -60.59 7.96
N ILE H 649 -90.66 -60.17 6.70
CA ILE H 649 -89.53 -60.28 5.79
C ILE H 649 -88.64 -59.06 5.98
N LEU H 650 -87.38 -59.30 6.37
CA LEU H 650 -86.39 -58.24 6.60
C LEU H 650 -85.17 -58.55 5.73
N PRO H 651 -85.20 -58.16 4.46
CA PRO H 651 -84.10 -58.49 3.56
C PRO H 651 -82.89 -57.57 3.75
N TYR H 652 -81.70 -58.16 3.69
CA TYR H 652 -80.44 -57.43 3.75
C TYR H 652 -79.72 -57.60 2.42
N PRO H 653 -79.48 -56.53 1.65
CA PRO H 653 -79.86 -55.14 1.89
C PRO H 653 -81.33 -54.87 1.53
N PRO H 654 -81.89 -53.73 1.97
CA PRO H 654 -81.28 -52.70 2.81
C PRO H 654 -81.36 -53.01 4.31
N GLY H 655 -82.57 -53.17 4.83
CA GLY H 655 -82.75 -53.43 6.25
C GLY H 655 -84.09 -52.93 6.76
N VAL H 656 -85.06 -52.79 5.85
CA VAL H 656 -86.40 -52.32 6.21
C VAL H 656 -87.39 -53.44 5.96
N PRO H 657 -88.51 -53.48 6.68
CA PRO H 657 -89.48 -54.55 6.46
C PRO H 657 -90.11 -54.46 5.07
N LEU H 658 -90.47 -55.63 4.54
CA LEU H 658 -91.09 -55.73 3.22
C LEU H 658 -92.53 -56.21 3.32
N VAL H 659 -92.77 -57.36 3.95
CA VAL H 659 -94.11 -57.92 4.11
C VAL H 659 -94.38 -58.09 5.60
N MET H 660 -95.45 -57.48 6.07
CA MET H 660 -95.81 -57.60 7.47
C MET H 660 -96.50 -58.93 7.75
N PRO H 661 -96.31 -59.49 8.95
CA PRO H 661 -96.94 -60.77 9.29
C PRO H 661 -98.46 -60.71 9.24
N GLY H 662 -99.05 -61.29 8.20
CA GLY H 662 -100.50 -61.31 8.04
C GLY H 662 -101.00 -60.76 6.72
N GLU H 663 -100.14 -60.28 5.84
CA GLU H 663 -100.56 -59.72 4.56
C GLU H 663 -100.59 -60.80 3.49
N MET H 664 -101.06 -60.43 2.30
CA MET H 664 -101.18 -61.34 1.18
C MET H 664 -100.60 -60.69 -0.07
N ILE H 665 -99.86 -61.47 -0.85
CA ILE H 665 -99.27 -61.00 -2.09
C ILE H 665 -100.17 -61.41 -3.24
N THR H 666 -100.86 -60.44 -3.85
CA THR H 666 -101.78 -60.72 -4.94
C THR H 666 -101.22 -60.22 -6.26
N GLU H 667 -102.08 -59.68 -7.12
CA GLU H 667 -101.63 -59.18 -8.42
C GLU H 667 -101.15 -57.74 -8.33
N GLU H 668 -101.55 -57.01 -7.29
CA GLU H 668 -101.11 -55.63 -7.15
C GLU H 668 -99.66 -55.54 -6.70
N SER H 669 -99.25 -56.43 -5.80
CA SER H 669 -97.88 -56.44 -5.28
C SER H 669 -97.00 -57.43 -6.04
N ARG H 670 -96.88 -57.25 -7.35
CA ARG H 670 -96.03 -58.13 -8.14
C ARG H 670 -94.55 -57.80 -7.99
N PRO H 671 -94.11 -56.54 -8.06
CA PRO H 671 -92.68 -56.27 -7.84
C PRO H 671 -92.19 -56.61 -6.44
N VAL H 672 -93.10 -56.79 -5.48
CA VAL H 672 -92.68 -57.14 -4.12
C VAL H 672 -92.07 -58.53 -4.10
N LEU H 673 -92.73 -59.50 -4.77
CA LEU H 673 -92.18 -60.85 -4.83
C LEU H 673 -90.97 -60.91 -5.76
N GLU H 674 -90.88 -60.02 -6.75
CA GLU H 674 -89.75 -60.03 -7.66
C GLU H 674 -88.46 -59.62 -6.95
N PHE H 675 -88.56 -58.82 -5.89
CA PHE H 675 -87.37 -58.41 -5.16
C PHE H 675 -86.77 -59.56 -4.37
N LEU H 676 -87.60 -60.50 -3.90
CA LEU H 676 -87.10 -61.63 -3.14
C LEU H 676 -86.44 -62.67 -4.05
N GLN H 677 -86.97 -62.86 -5.26
CA GLN H 677 -86.39 -63.82 -6.19
C GLN H 677 -85.10 -63.31 -6.82
N MET H 678 -84.90 -61.98 -6.86
CA MET H 678 -83.69 -61.44 -7.45
C MET H 678 -82.49 -61.63 -6.53
N LEU H 679 -82.71 -61.51 -5.21
CA LEU H 679 -81.61 -61.68 -4.27
C LEU H 679 -81.17 -63.13 -4.15
N CYS H 680 -82.04 -64.09 -4.47
CA CYS H 680 -81.67 -65.50 -4.38
C CYS H 680 -80.71 -65.91 -5.49
N GLU H 681 -80.69 -65.18 -6.60
CA GLU H 681 -79.80 -65.49 -7.73
C GLU H 681 -78.47 -64.75 -7.65
N ILE H 682 -78.48 -63.48 -7.26
CA ILE H 682 -77.25 -62.71 -7.19
C ILE H 682 -76.39 -63.14 -6.01
N GLY H 683 -76.98 -63.74 -4.98
CA GLY H 683 -76.23 -64.19 -3.83
C GLY H 683 -76.08 -65.69 -3.75
N ALA H 684 -75.50 -66.30 -4.78
CA ALA H 684 -75.32 -67.74 -4.81
C ALA H 684 -74.13 -68.12 -5.70
N HIS H 685 -73.67 -67.18 -6.52
CA HIS H 685 -72.55 -67.45 -7.41
C HIS H 685 -71.21 -67.34 -6.69
N TYR H 686 -71.03 -66.27 -5.92
CA TYR H 686 -69.77 -66.06 -5.20
C TYR H 686 -69.99 -66.25 -3.71
N PRO H 687 -69.18 -67.07 -3.06
CA PRO H 687 -69.32 -67.26 -1.61
C PRO H 687 -69.02 -65.98 -0.85
N GLY H 688 -69.53 -65.92 0.38
CA GLY H 688 -69.36 -64.78 1.25
C GLY H 688 -70.46 -63.74 1.14
N PHE H 689 -71.01 -63.55 -0.07
CA PHE H 689 -72.09 -62.59 -0.26
C PHE H 689 -73.41 -63.30 -0.46
N GLU H 690 -73.77 -64.19 0.46
CA GLU H 690 -75.02 -64.93 0.35
C GLU H 690 -76.20 -64.03 0.66
N THR H 691 -77.39 -64.52 0.31
CA THR H 691 -78.62 -63.77 0.56
C THR H 691 -79.00 -63.85 2.03
N ASP H 692 -79.20 -62.70 2.66
CA ASP H 692 -79.56 -62.60 4.07
C ASP H 692 -80.94 -61.99 4.18
N ILE H 693 -81.95 -62.84 4.37
CA ILE H 693 -83.34 -62.40 4.54
C ILE H 693 -83.88 -63.07 5.78
N HIS H 694 -84.28 -62.26 6.77
CA HIS H 694 -84.83 -62.78 8.02
C HIS H 694 -86.23 -63.31 7.76
N GLY H 695 -86.35 -64.62 7.62
CA GLY H 695 -87.63 -65.24 7.36
C GLY H 695 -87.54 -66.39 6.37
N ALA H 696 -86.59 -66.30 5.43
CA ALA H 696 -86.39 -67.34 4.44
C ALA H 696 -85.39 -68.37 4.96
N TYR H 697 -85.76 -69.64 4.90
CA TYR H 697 -84.93 -70.73 5.37
C TYR H 697 -84.22 -71.39 4.19
N ARG H 698 -82.92 -71.61 4.34
CA ARG H 698 -82.12 -72.21 3.28
C ARG H 698 -82.22 -73.73 3.34
N GLN H 699 -82.50 -74.36 2.20
CA GLN H 699 -82.61 -75.81 2.13
C GLN H 699 -81.30 -76.43 1.65
N ALA H 700 -81.40 -77.55 0.94
CA ALA H 700 -80.23 -78.25 0.43
C ALA H 700 -80.08 -78.14 -1.08
N ASP H 701 -80.95 -77.36 -1.74
CA ASP H 701 -80.89 -77.18 -3.19
C ASP H 701 -80.64 -75.75 -3.62
N GLY H 702 -80.95 -74.76 -2.77
CA GLY H 702 -80.74 -73.36 -3.06
C GLY H 702 -82.00 -72.53 -2.98
N ARG H 703 -83.16 -73.14 -3.18
CA ARG H 703 -84.42 -72.42 -3.12
C ARG H 703 -84.83 -72.19 -1.67
N TYR H 704 -85.11 -70.93 -1.33
CA TYR H 704 -85.51 -70.56 0.01
C TYR H 704 -86.99 -70.84 0.22
N THR H 705 -87.33 -71.26 1.45
CA THR H 705 -88.69 -71.58 1.82
C THR H 705 -89.16 -70.65 2.94
N VAL H 706 -90.43 -70.25 2.88
CA VAL H 706 -91.02 -69.37 3.87
C VAL H 706 -92.13 -70.12 4.59
N LYS H 707 -92.53 -69.59 5.74
CA LYS H 707 -93.58 -70.17 6.57
C LYS H 707 -94.86 -69.37 6.40
N VAL H 708 -95.92 -70.02 5.91
CA VAL H 708 -97.19 -69.36 5.69
C VAL H 708 -98.26 -70.04 6.55
N LEU H 709 -99.51 -69.64 6.38
CA LEU H 709 -100.62 -70.20 7.13
C LEU H 709 -101.42 -71.16 6.24
N LYS H 710 -102.00 -72.17 6.87
CA LYS H 710 -102.78 -73.16 6.13
C LYS H 710 -104.14 -72.58 5.75
N GLU H 711 -104.65 -73.03 4.60
CA GLU H 711 -105.94 -72.57 4.12
C GLU H 711 -107.09 -73.34 4.76
N MET I 1 -41.28 -23.04 66.44
CA MET I 1 -40.20 -22.06 66.44
C MET I 1 -38.87 -22.73 66.17
N ASN I 2 -38.55 -22.95 64.89
CA ASN I 2 -37.31 -23.60 64.51
C ASN I 2 -36.95 -23.29 63.06
N VAL I 3 -37.17 -22.05 62.63
CA VAL I 3 -36.87 -21.62 61.26
C VAL I 3 -35.67 -20.70 61.30
N ILE I 4 -34.63 -21.05 60.55
CA ILE I 4 -33.40 -20.26 60.46
C ILE I 4 -33.27 -19.76 59.03
N ALA I 5 -33.14 -18.46 58.88
CA ALA I 5 -33.04 -17.82 57.57
C ALA I 5 -31.58 -17.50 57.25
N ILE I 6 -31.17 -17.81 56.02
CA ILE I 6 -29.82 -17.54 55.54
C ILE I 6 -29.94 -16.72 54.27
N LEU I 7 -29.67 -15.41 54.37
CA LEU I 7 -29.86 -14.48 53.27
C LEU I 7 -28.51 -14.12 52.66
N ASN I 8 -28.56 -13.77 51.36
CA ASN I 8 -27.42 -13.24 50.60
C ASN I 8 -26.34 -14.28 50.37
N HIS I 9 -26.11 -14.62 49.10
CA HIS I 9 -25.04 -15.53 48.70
C HIS I 9 -23.90 -14.68 48.17
N MET I 10 -22.77 -14.68 48.89
CA MET I 10 -21.63 -13.84 48.51
C MET I 10 -20.90 -14.39 47.29
N GLY I 11 -21.17 -15.63 46.89
CA GLY I 11 -20.54 -16.23 45.74
C GLY I 11 -19.19 -16.85 46.00
N VAL I 12 -18.50 -16.42 47.06
CA VAL I 12 -17.19 -16.96 47.41
C VAL I 12 -17.37 -18.33 48.07
N TYR I 13 -16.26 -18.96 48.44
CA TYR I 13 -16.30 -20.29 49.04
C TYR I 13 -15.99 -20.27 50.53
N PHE I 14 -15.19 -19.31 51.00
CA PHE I 14 -14.87 -19.24 52.43
C PHE I 14 -16.04 -18.73 53.27
N LYS I 15 -17.12 -18.26 52.63
CA LYS I 15 -18.31 -17.84 53.35
C LYS I 15 -19.48 -18.80 53.20
N GLU I 16 -19.53 -19.56 52.09
CA GLU I 16 -20.61 -20.51 51.88
C GLU I 16 -20.33 -21.88 52.47
N GLU I 17 -19.05 -22.23 52.65
CA GLU I 17 -18.68 -23.51 53.25
C GLU I 17 -19.07 -23.58 54.72
N PRO I 18 -18.85 -22.53 55.53
CA PRO I 18 -19.39 -22.56 56.90
C PRO I 18 -20.91 -22.64 56.94
N ILE I 19 -21.59 -22.14 55.91
CA ILE I 19 -23.04 -22.27 55.85
C ILE I 19 -23.44 -23.70 55.57
N ARG I 20 -22.71 -24.39 54.70
CA ARG I 20 -23.01 -25.79 54.42
C ARG I 20 -22.71 -26.67 55.63
N GLU I 21 -21.66 -26.33 56.39
CA GLU I 21 -21.36 -27.09 57.61
C GLU I 21 -22.40 -26.83 58.69
N LEU I 22 -22.91 -25.59 58.77
CA LEU I 22 -23.95 -25.27 59.73
C LEU I 22 -25.30 -25.85 59.33
N HIS I 23 -25.51 -26.12 58.03
CA HIS I 23 -26.77 -26.70 57.59
C HIS I 23 -26.96 -28.12 58.13
N ARG I 24 -25.87 -28.88 58.24
CA ARG I 24 -25.93 -30.23 58.77
C ARG I 24 -25.90 -30.29 60.29
N ALA I 25 -25.54 -29.18 60.95
CA ALA I 25 -25.47 -29.17 62.40
C ALA I 25 -26.76 -28.70 63.06
N LEU I 26 -27.48 -27.76 62.43
CA LEU I 26 -28.73 -27.28 63.01
C LEU I 26 -29.86 -28.28 62.85
N GLU I 27 -29.78 -29.17 61.86
CA GLU I 27 -30.83 -30.16 61.67
C GLU I 27 -30.78 -31.25 62.73
N ARG I 28 -29.66 -31.40 63.43
CA ARG I 28 -29.57 -32.41 64.48
C ARG I 28 -30.36 -32.03 65.72
N LEU I 29 -30.71 -30.75 65.88
CA LEU I 29 -31.49 -30.28 67.01
C LEU I 29 -32.87 -29.79 66.59
N ASN I 30 -33.40 -30.35 65.49
CA ASN I 30 -34.72 -30.02 64.97
C ASN I 30 -34.83 -28.53 64.65
N PHE I 31 -34.30 -28.13 63.49
CA PHE I 31 -34.40 -26.75 63.03
C PHE I 31 -34.54 -26.75 61.52
N GLN I 32 -35.54 -26.01 61.02
CA GLN I 32 -35.77 -25.89 59.59
C GLN I 32 -34.91 -24.78 59.01
N ILE I 33 -34.28 -25.06 57.87
CA ILE I 33 -33.38 -24.12 57.20
C ILE I 33 -34.07 -23.61 55.94
N VAL I 34 -34.15 -22.29 55.81
CA VAL I 34 -34.73 -21.66 54.63
C VAL I 34 -33.69 -20.74 54.01
N TYR I 35 -33.83 -20.52 52.69
CA TYR I 35 -32.90 -19.70 51.92
C TYR I 35 -33.69 -18.68 51.12
N PRO I 36 -33.88 -17.47 51.66
CA PRO I 36 -34.56 -16.42 50.91
C PRO I 36 -33.71 -15.91 49.76
N ASN I 37 -34.34 -15.11 48.90
CA ASN I 37 -33.69 -14.58 47.72
C ASN I 37 -33.12 -13.19 47.95
N ASP I 38 -33.90 -12.17 47.62
CA ASP I 38 -33.45 -10.78 47.72
C ASP I 38 -33.87 -10.21 49.08
N ARG I 39 -33.85 -8.88 49.21
CA ARG I 39 -34.22 -8.26 50.47
C ARG I 39 -35.71 -8.36 50.73
N ASP I 40 -36.53 -8.25 49.69
CA ASP I 40 -37.98 -8.37 49.85
C ASP I 40 -38.40 -9.79 50.19
N ASP I 41 -37.54 -10.78 49.95
CA ASP I 41 -37.88 -12.16 50.29
C ASP I 41 -37.83 -12.39 51.79
N LEU I 42 -36.83 -11.81 52.46
CA LEU I 42 -36.73 -11.96 53.92
C LEU I 42 -37.86 -11.24 54.63
N LEU I 43 -38.35 -10.13 54.08
CA LEU I 43 -39.42 -9.39 54.71
C LEU I 43 -40.72 -10.18 54.73
N LYS I 44 -40.93 -11.05 53.74
CA LYS I 44 -42.13 -11.87 53.69
C LYS I 44 -42.06 -13.09 54.61
N LEU I 45 -40.87 -13.41 55.13
CA LEU I 45 -40.71 -14.55 56.02
C LEU I 45 -40.91 -14.19 57.49
N ILE I 46 -41.29 -12.95 57.79
CA ILE I 46 -41.51 -12.51 59.16
C ILE I 46 -42.96 -12.16 59.43
N GLU I 47 -43.58 -11.38 58.54
CA GLU I 47 -44.98 -11.02 58.74
C GLU I 47 -45.91 -12.21 58.54
N ASN I 48 -45.59 -13.08 57.56
CA ASN I 48 -46.42 -14.25 57.31
C ASN I 48 -45.99 -15.41 58.20
N ASN I 49 -44.71 -15.75 58.20
CA ASN I 49 -44.18 -16.84 59.01
C ASN I 49 -43.81 -16.32 60.39
N ALA I 50 -44.47 -16.84 61.42
CA ALA I 50 -44.23 -16.43 62.79
C ALA I 50 -43.33 -17.39 63.56
N ARG I 51 -42.96 -18.52 62.97
CA ARG I 51 -42.10 -19.50 63.63
C ARG I 51 -40.63 -19.30 63.31
N LEU I 52 -40.22 -18.09 62.98
CA LEU I 52 -38.83 -17.79 62.64
C LEU I 52 -38.13 -17.16 63.83
N CYS I 53 -36.87 -17.54 64.03
CA CYS I 53 -36.08 -17.01 65.14
C CYS I 53 -34.61 -16.79 64.79
N GLY I 54 -34.20 -17.04 63.55
CA GLY I 54 -32.81 -16.84 63.17
C GLY I 54 -32.65 -16.25 61.79
N VAL I 55 -31.91 -15.16 61.69
CA VAL I 55 -31.66 -14.47 60.43
C VAL I 55 -30.15 -14.37 60.25
N ILE I 56 -29.63 -15.08 59.24
CA ILE I 56 -28.20 -15.08 58.93
C ILE I 56 -28.00 -14.30 57.65
N PHE I 57 -27.16 -13.27 57.71
CA PHE I 57 -26.87 -12.44 56.55
C PHE I 57 -25.50 -11.79 56.73
N ASP I 58 -24.96 -11.31 55.62
CA ASP I 58 -23.66 -10.65 55.64
C ASP I 58 -23.80 -9.23 56.17
N TRP I 59 -22.96 -8.88 57.15
CA TRP I 59 -23.03 -7.55 57.74
C TRP I 59 -22.49 -6.49 56.80
N ASP I 60 -21.54 -6.84 55.94
CA ASP I 60 -20.95 -5.90 54.99
C ASP I 60 -21.63 -5.98 53.63
N LYS I 61 -22.97 -5.96 53.63
CA LYS I 61 -23.73 -6.03 52.39
C LYS I 61 -25.05 -5.29 52.54
N TYR I 62 -25.74 -5.49 53.67
CA TYR I 62 -26.99 -4.82 53.98
C TYR I 62 -27.01 -4.47 55.48
N ASN I 63 -26.20 -3.48 55.84
CA ASN I 63 -26.11 -3.04 57.23
C ASN I 63 -27.15 -1.98 57.59
N LEU I 64 -27.83 -1.41 56.61
CA LEU I 64 -28.84 -0.38 56.85
C LEU I 64 -30.20 -0.71 56.25
N GLU I 65 -30.29 -1.74 55.40
CA GLU I 65 -31.56 -2.12 54.79
C GLU I 65 -32.27 -3.25 55.52
N LEU I 66 -31.61 -3.90 56.47
CA LEU I 66 -32.22 -5.00 57.22
C LEU I 66 -32.38 -4.69 58.70
N CYS I 67 -31.50 -3.85 59.27
CA CYS I 67 -31.61 -3.51 60.69
C CYS I 67 -32.67 -2.47 60.96
N GLU I 68 -33.35 -1.95 59.93
CA GLU I 68 -34.40 -0.95 60.11
C GLU I 68 -35.79 -1.51 59.89
N GLU I 69 -35.99 -2.35 58.87
CA GLU I 69 -37.30 -2.91 58.61
C GLU I 69 -37.65 -4.00 59.62
N ILE I 70 -36.65 -4.80 60.02
CA ILE I 70 -36.91 -5.86 61.00
C ILE I 70 -37.16 -5.27 62.39
N SER I 71 -36.46 -4.18 62.72
CA SER I 71 -36.64 -3.55 64.03
C SER I 71 -38.03 -2.97 64.19
N LYS I 72 -38.68 -2.58 63.09
CA LYS I 72 -40.03 -2.04 63.16
C LYS I 72 -41.07 -3.12 63.42
N MET I 73 -40.71 -4.40 63.23
CA MET I 73 -41.64 -5.49 63.48
C MET I 73 -41.34 -6.15 64.83
N ASN I 74 -40.29 -6.97 64.87
CA ASN I 74 -39.87 -7.65 66.09
C ASN I 74 -38.52 -7.09 66.51
N GLU I 75 -38.46 -6.52 67.71
CA GLU I 75 -37.23 -5.94 68.24
C GLU I 75 -36.32 -6.97 68.89
N ASN I 76 -36.90 -7.94 69.60
CA ASN I 76 -36.12 -8.96 70.29
C ASN I 76 -35.76 -10.14 69.38
N LEU I 77 -35.99 -10.03 68.09
CA LEU I 77 -35.66 -11.11 67.16
C LEU I 77 -34.14 -11.23 67.03
N PRO I 78 -33.56 -12.39 67.34
CA PRO I 78 -32.11 -12.54 67.22
C PRO I 78 -31.65 -12.44 65.77
N LEU I 79 -30.60 -11.66 65.55
CA LEU I 79 -30.01 -11.46 64.23
C LEU I 79 -28.62 -12.09 64.23
N TYR I 80 -28.47 -13.19 63.49
CA TYR I 80 -27.19 -13.90 63.41
C TYR I 80 -26.36 -13.36 62.25
N ALA I 81 -26.06 -12.07 62.32
CA ALA I 81 -25.28 -11.42 61.29
C ALA I 81 -23.80 -11.78 61.43
N PHE I 82 -23.16 -12.03 60.28
CA PHE I 82 -21.75 -12.39 60.23
C PHE I 82 -20.94 -11.17 59.80
N ALA I 83 -20.04 -10.72 60.67
CA ALA I 83 -19.21 -9.57 60.39
C ALA I 83 -17.88 -9.99 59.78
N ASN I 84 -17.17 -9.03 59.21
CA ASN I 84 -15.88 -9.24 58.59
C ASN I 84 -14.81 -8.47 59.35
N THR I 85 -13.64 -8.31 58.74
CA THR I 85 -12.55 -7.60 59.37
C THR I 85 -12.83 -6.10 59.45
N TYR I 86 -13.14 -5.49 58.30
CA TYR I 86 -13.43 -4.05 58.24
C TYR I 86 -14.94 -3.84 58.36
N SER I 87 -15.45 -4.10 59.57
CA SER I 87 -16.85 -3.95 59.88
C SER I 87 -17.03 -2.98 61.04
N THR I 88 -18.06 -2.16 60.96
CA THR I 88 -18.35 -1.17 62.00
C THR I 88 -19.83 -0.88 62.02
N LEU I 89 -20.26 -0.12 63.03
CA LEU I 89 -21.65 0.25 63.17
C LEU I 89 -21.93 1.58 62.48
N ASP I 90 -23.21 1.97 62.47
CA ASP I 90 -23.66 3.20 61.86
C ASP I 90 -24.27 4.13 62.92
N VAL I 91 -24.22 5.43 62.64
CA VAL I 91 -24.77 6.40 63.57
C VAL I 91 -26.28 6.29 63.65
N SER I 92 -26.92 5.79 62.59
CA SER I 92 -28.37 5.62 62.57
C SER I 92 -28.82 4.31 63.21
N LEU I 93 -27.90 3.51 63.74
CA LEU I 93 -28.22 2.24 64.37
C LEU I 93 -28.18 2.32 65.89
N ASN I 94 -28.32 3.52 66.45
CA ASN I 94 -28.27 3.70 67.90
C ASN I 94 -29.65 3.59 68.55
N ASP I 95 -30.67 4.16 67.92
CA ASP I 95 -32.04 4.13 68.43
C ASP I 95 -32.84 2.96 67.87
N LEU I 96 -32.25 1.77 67.84
CA LEU I 96 -32.92 0.57 67.33
C LEU I 96 -32.65 -0.58 68.29
N ARG I 97 -33.72 -1.19 68.79
CA ARG I 97 -33.61 -2.30 69.73
C ARG I 97 -33.50 -3.60 68.94
N LEU I 98 -32.30 -4.18 68.91
CA LEU I 98 -32.05 -5.43 68.20
C LEU I 98 -31.10 -6.29 69.01
N GLN I 99 -31.02 -7.57 68.63
CA GLN I 99 -30.14 -8.54 69.28
C GLN I 99 -29.28 -9.17 68.19
N ILE I 100 -28.11 -8.58 67.95
CA ILE I 100 -27.19 -9.02 66.91
C ILE I 100 -26.12 -9.90 67.54
N SER I 101 -25.95 -11.10 67.00
CA SER I 101 -24.95 -12.05 67.46
C SER I 101 -23.91 -12.22 66.38
N PHE I 102 -22.69 -11.73 66.63
CA PHE I 102 -21.63 -11.79 65.64
C PHE I 102 -20.92 -13.14 65.69
N PHE I 103 -20.41 -13.57 64.54
CA PHE I 103 -19.67 -14.82 64.43
C PHE I 103 -18.55 -14.62 63.41
N GLU I 104 -17.93 -15.72 63.01
CA GLU I 104 -16.84 -15.69 62.03
C GLU I 104 -17.07 -16.80 61.01
N TYR I 105 -16.07 -16.98 60.14
CA TYR I 105 -16.10 -18.01 59.10
C TYR I 105 -14.92 -18.94 59.35
N ALA I 106 -15.04 -19.79 60.37
CA ALA I 106 -13.99 -20.73 60.75
C ALA I 106 -14.47 -22.16 60.50
N LEU I 107 -13.59 -22.98 59.95
CA LEU I 107 -13.90 -24.38 59.67
C LEU I 107 -13.69 -25.23 60.92
N GLY I 108 -14.53 -26.25 61.06
CA GLY I 108 -14.48 -27.14 62.20
C GLY I 108 -15.22 -26.67 63.43
N ALA I 109 -15.44 -25.36 63.57
CA ALA I 109 -16.15 -24.80 64.72
C ALA I 109 -17.66 -24.69 64.47
N ALA I 110 -18.20 -25.42 63.48
CA ALA I 110 -19.62 -25.36 63.21
C ALA I 110 -20.45 -25.99 64.31
N GLU I 111 -19.87 -26.93 65.08
CA GLU I 111 -20.62 -27.55 66.17
C GLU I 111 -20.80 -26.59 67.33
N ASP I 112 -19.78 -25.77 67.62
CA ASP I 112 -19.91 -24.79 68.70
C ASP I 112 -20.89 -23.68 68.35
N ILE I 113 -21.05 -23.38 67.07
CA ILE I 113 -22.00 -22.35 66.65
C ILE I 113 -23.44 -22.85 66.85
N ALA I 114 -23.67 -24.14 66.62
CA ALA I 114 -25.01 -24.68 66.80
C ALA I 114 -25.43 -24.67 68.26
N ASN I 115 -24.49 -24.84 69.18
CA ASN I 115 -24.82 -24.79 70.60
C ASN I 115 -25.12 -23.36 71.04
N LYS I 116 -24.51 -22.36 70.39
CA LYS I 116 -24.79 -20.98 70.75
C LYS I 116 -26.15 -20.53 70.25
N ILE I 117 -26.62 -21.09 69.12
CA ILE I 117 -27.93 -20.72 68.60
C ILE I 117 -29.04 -21.33 69.43
N LYS I 118 -28.82 -22.56 69.92
CA LYS I 118 -29.84 -23.21 70.73
C LYS I 118 -30.05 -22.49 72.06
N GLN I 119 -28.96 -22.02 72.68
CA GLN I 119 -29.10 -21.29 73.93
C GLN I 119 -29.66 -19.89 73.70
N THR I 120 -29.30 -19.27 72.57
CA THR I 120 -29.85 -17.96 72.25
C THR I 120 -31.34 -18.04 71.96
N THR I 121 -31.78 -19.11 71.29
CA THR I 121 -33.21 -19.29 71.04
C THR I 121 -33.97 -19.51 72.34
N ASP I 122 -33.36 -20.22 73.29
CA ASP I 122 -34.00 -20.41 74.60
C ASP I 122 -34.13 -19.10 75.36
N GLU I 123 -33.19 -18.16 75.15
CA GLU I 123 -33.30 -16.86 75.79
C GLU I 123 -34.44 -16.04 75.21
N TYR I 124 -34.72 -16.21 73.91
CA TYR I 124 -35.84 -15.51 73.29
C TYR I 124 -37.17 -16.05 73.79
N ILE I 125 -37.25 -17.35 74.05
CA ILE I 125 -38.50 -17.94 74.55
C ILE I 125 -38.75 -17.48 75.98
N ASN I 126 -37.71 -17.44 76.81
CA ASN I 126 -37.84 -17.02 78.20
C ASN I 126 -38.11 -15.53 78.37
N THR I 127 -37.93 -14.74 77.32
CA THR I 127 -38.14 -13.29 77.38
C THR I 127 -39.55 -12.89 76.94
N ILE I 128 -40.01 -13.41 75.81
CA ILE I 128 -41.33 -13.05 75.29
C ILE I 128 -42.47 -13.70 76.06
N LEU I 129 -42.17 -14.62 76.97
CA LEU I 129 -43.25 -15.25 77.71
C LEU I 129 -43.31 -14.71 79.14
N PRO I 130 -44.51 -14.57 79.70
CA PRO I 130 -44.63 -14.08 81.08
C PRO I 130 -44.14 -15.11 82.07
N PRO I 131 -43.80 -14.70 83.30
CA PRO I 131 -43.30 -15.69 84.27
C PRO I 131 -44.34 -16.71 84.70
N LEU I 132 -45.63 -16.39 84.61
CA LEU I 132 -46.65 -17.38 84.96
C LEU I 132 -46.71 -18.50 83.93
N THR I 133 -46.58 -18.16 82.65
CA THR I 133 -46.56 -19.19 81.62
C THR I 133 -45.27 -19.99 81.65
N LYS I 134 -44.15 -19.34 82.01
CA LYS I 134 -42.88 -20.05 82.11
C LYS I 134 -42.93 -21.12 83.20
N ALA I 135 -43.59 -20.83 84.32
CA ALA I 135 -43.71 -21.81 85.39
C ALA I 135 -44.62 -22.96 84.99
N LEU I 136 -45.58 -22.72 84.09
CA LEU I 136 -46.46 -23.78 83.65
C LEU I 136 -45.76 -24.74 82.69
N PHE I 137 -44.95 -24.21 81.78
CA PHE I 137 -44.22 -25.08 80.85
C PHE I 137 -43.11 -25.84 81.54
N LYS I 138 -42.50 -25.26 82.57
CA LYS I 138 -41.42 -25.95 83.29
C LYS I 138 -41.97 -27.05 84.19
N TYR I 139 -43.18 -26.86 84.73
CA TYR I 139 -43.78 -27.86 85.60
C TYR I 139 -44.17 -29.14 84.85
N VAL I 140 -44.39 -29.04 83.53
CA VAL I 140 -44.77 -30.22 82.76
C VAL I 140 -43.56 -31.12 82.51
N ARG I 141 -42.40 -30.51 82.20
CA ARG I 141 -41.21 -31.28 81.89
C ARG I 141 -40.42 -31.72 83.12
N GLU I 142 -40.36 -30.87 84.14
CA GLU I 142 -39.57 -31.17 85.32
C GLU I 142 -40.37 -31.29 86.62
N GLY I 143 -41.50 -30.59 86.73
CA GLY I 143 -42.28 -30.63 87.95
C GLY I 143 -42.98 -31.97 88.10
N LYS I 144 -42.75 -32.64 89.23
CA LYS I 144 -43.37 -33.93 89.51
C LYS I 144 -43.84 -33.93 90.95
N TYR I 145 -45.17 -33.92 91.15
CA TYR I 145 -45.76 -33.94 92.48
C TYR I 145 -47.03 -34.77 92.44
N THR I 146 -47.12 -35.75 93.32
CA THR I 146 -48.26 -36.65 93.38
C THR I 146 -49.20 -36.25 94.52
N PHE I 147 -50.39 -36.87 94.52
CA PHE I 147 -51.41 -36.65 95.53
C PHE I 147 -51.82 -35.17 95.57
N CYS I 148 -52.41 -34.73 94.46
CA CYS I 148 -52.86 -33.35 94.34
C CYS I 148 -53.99 -33.28 93.32
N THR I 149 -54.89 -32.35 93.52
CA THR I 149 -56.01 -32.16 92.61
C THR I 149 -55.52 -31.55 91.30
N PRO I 150 -56.21 -31.83 90.18
CA PRO I 150 -57.40 -32.68 90.02
C PRO I 150 -57.10 -34.17 90.11
N GLY I 151 -58.11 -35.00 89.91
CA GLY I 151 -57.95 -36.44 90.03
C GLY I 151 -57.27 -37.10 88.84
N HIS I 152 -57.32 -36.47 87.66
CA HIS I 152 -56.69 -37.08 86.49
C HIS I 152 -55.17 -37.08 86.61
N MET I 153 -54.60 -36.01 87.16
CA MET I 153 -53.17 -35.90 87.41
C MET I 153 -52.37 -36.09 86.11
N GLY I 154 -52.60 -35.18 85.17
CA GLY I 154 -51.91 -35.23 83.89
C GLY I 154 -52.45 -36.25 82.92
N GLY I 155 -53.50 -36.98 83.27
CA GLY I 155 -54.07 -37.97 82.38
C GLY I 155 -53.71 -39.40 82.78
N THR I 156 -53.65 -39.64 84.10
CA THR I 156 -53.33 -40.99 84.59
C THR I 156 -54.55 -41.89 84.54
N ALA I 157 -55.71 -41.39 84.96
CA ALA I 157 -56.92 -42.21 84.97
C ALA I 157 -57.43 -42.51 83.57
N PHE I 158 -57.05 -41.70 82.57
CA PHE I 158 -57.49 -41.94 81.21
C PHE I 158 -56.79 -43.14 80.58
N GLN I 159 -55.64 -43.55 81.09
CA GLN I 159 -54.91 -44.69 80.57
C GLN I 159 -55.48 -46.03 81.04
N LYS I 160 -56.47 -46.02 81.92
CA LYS I 160 -57.07 -47.25 82.42
C LYS I 160 -58.45 -47.54 81.84
N SER I 161 -59.20 -46.51 81.47
CA SER I 161 -60.52 -46.73 80.90
C SER I 161 -60.44 -46.73 79.37
N PRO I 162 -61.17 -47.66 78.72
CA PRO I 162 -61.14 -47.68 77.25
C PRO I 162 -61.68 -46.42 76.61
N VAL I 163 -62.75 -45.85 77.18
CA VAL I 163 -63.32 -44.64 76.63
C VAL I 163 -62.46 -43.42 76.95
N GLY I 164 -61.69 -43.49 78.05
CA GLY I 164 -60.84 -42.39 78.44
C GLY I 164 -59.62 -42.22 77.56
N SER I 165 -59.22 -43.26 76.83
CA SER I 165 -58.04 -43.16 75.97
C SER I 165 -58.34 -42.32 74.73
N LEU I 166 -59.60 -42.25 74.32
CA LEU I 166 -59.94 -41.45 73.14
C LEU I 166 -59.99 -39.96 73.48
N PHE I 167 -60.25 -39.64 74.75
CA PHE I 167 -60.31 -38.23 75.15
C PHE I 167 -58.94 -37.69 75.51
N TYR I 168 -58.00 -38.57 75.86
CA TYR I 168 -56.64 -38.13 76.20
C TYR I 168 -55.77 -38.00 74.95
N ASP I 169 -55.99 -38.85 73.95
CA ASP I 169 -55.21 -38.80 72.73
C ASP I 169 -55.70 -37.75 71.74
N PHE I 170 -56.80 -37.07 72.04
CA PHE I 170 -57.31 -36.04 71.14
C PHE I 170 -56.56 -34.73 71.32
N PHE I 171 -56.46 -34.25 72.56
CA PHE I 171 -55.78 -33.00 72.85
C PHE I 171 -54.27 -33.18 72.76
N GLY I 172 -53.69 -33.92 73.69
CA GLY I 172 -52.26 -34.17 73.71
C GLY I 172 -51.74 -34.42 75.11
N PRO I 173 -50.54 -35.01 75.20
CA PRO I 173 -49.96 -35.27 76.52
C PRO I 173 -49.68 -34.01 77.31
N ASN I 174 -49.25 -32.93 76.64
CA ASN I 174 -48.93 -31.69 77.32
C ASN I 174 -50.17 -30.89 77.71
N THR I 175 -51.36 -31.31 77.29
CA THR I 175 -52.57 -30.57 77.59
C THR I 175 -53.07 -30.89 79.00
N MET I 176 -53.18 -32.17 79.33
CA MET I 176 -53.68 -32.55 80.64
C MET I 176 -52.66 -32.33 81.75
N LYS I 177 -51.37 -32.33 81.41
CA LYS I 177 -50.33 -32.11 82.42
C LYS I 177 -50.28 -30.65 82.88
N SER I 178 -50.81 -29.72 82.09
CA SER I 178 -50.81 -28.31 82.44
C SER I 178 -52.06 -27.89 83.21
N ASP I 179 -53.00 -28.81 83.42
CA ASP I 179 -54.24 -28.51 84.15
C ASP I 179 -54.05 -28.96 85.59
N ILE I 180 -53.43 -28.08 86.40
CA ILE I 180 -53.19 -28.34 87.80
C ILE I 180 -53.90 -27.29 88.63
N SER I 181 -53.87 -27.48 89.95
CA SER I 181 -54.57 -26.58 90.86
C SER I 181 -53.59 -25.73 91.66
N ILE I 182 -54.04 -25.26 92.83
CA ILE I 182 -53.23 -24.39 93.67
C ILE I 182 -52.39 -25.18 94.67
N SER I 183 -52.26 -26.49 94.46
CA SER I 183 -51.47 -27.36 95.35
C SER I 183 -50.00 -27.38 94.98
N VAL I 184 -49.48 -26.33 94.38
CA VAL I 184 -48.08 -26.24 93.96
C VAL I 184 -47.45 -25.05 94.64
N SER I 185 -46.23 -25.23 95.17
CA SER I 185 -45.57 -24.17 95.91
C SER I 185 -44.90 -23.17 94.97
N GLU I 186 -44.24 -23.64 93.92
CA GLU I 186 -43.52 -22.77 93.00
C GLU I 186 -44.41 -22.10 91.98
N LEU I 187 -45.74 -22.24 92.09
CA LEU I 187 -46.67 -21.53 91.23
C LEU I 187 -47.66 -20.65 92.00
N GLY I 188 -47.78 -20.82 93.31
CA GLY I 188 -48.66 -19.99 94.09
C GLY I 188 -50.13 -20.31 93.87
N SER I 189 -50.97 -19.41 94.36
CA SER I 189 -52.41 -19.53 94.24
C SER I 189 -53.00 -18.24 93.70
N LEU I 190 -54.12 -18.37 92.97
CA LEU I 190 -54.76 -17.20 92.40
C LEU I 190 -55.49 -16.39 93.47
N LEU I 191 -56.09 -17.07 94.44
CA LEU I 191 -56.82 -16.36 95.49
C LEU I 191 -55.87 -15.68 96.48
N ASP I 192 -54.66 -16.23 96.64
CA ASP I 192 -53.69 -15.64 97.55
C ASP I 192 -53.02 -14.39 96.98
N HIS I 193 -53.00 -14.25 95.65
CA HIS I 193 -52.40 -13.09 94.99
C HIS I 193 -50.93 -12.92 95.38
N SER I 194 -50.20 -14.03 95.34
CA SER I 194 -48.78 -14.04 95.70
C SER I 194 -48.03 -14.94 94.74
N GLY I 195 -46.71 -14.77 94.71
CA GLY I 195 -45.85 -15.55 93.85
C GLY I 195 -45.98 -15.15 92.39
N PRO I 196 -46.05 -16.15 91.50
CA PRO I 196 -46.20 -15.83 90.07
C PRO I 196 -47.50 -15.11 89.75
N HIS I 197 -48.56 -15.33 90.54
CA HIS I 197 -49.82 -14.65 90.29
C HIS I 197 -49.77 -13.17 90.67
N LYS I 198 -48.86 -12.81 91.58
CA LYS I 198 -48.74 -11.41 91.96
C LYS I 198 -48.07 -10.59 90.86
N GLU I 199 -47.00 -11.12 90.26
CA GLU I 199 -46.33 -10.41 89.18
C GLU I 199 -47.13 -10.45 87.89
N ALA I 200 -48.04 -11.42 87.74
CA ALA I 200 -48.85 -11.49 86.53
C ALA I 200 -49.92 -10.40 86.51
N GLU I 201 -50.46 -10.05 87.68
CA GLU I 201 -51.47 -8.99 87.74
C GLU I 201 -50.86 -7.63 87.47
N GLN I 202 -49.63 -7.39 87.90
CA GLN I 202 -48.96 -6.12 87.64
C GLN I 202 -48.43 -6.02 86.22
N TYR I 203 -48.25 -7.15 85.54
CA TYR I 203 -47.76 -7.12 84.16
C TYR I 203 -48.89 -6.85 83.17
N ILE I 204 -50.09 -7.37 83.44
CA ILE I 204 -51.21 -7.15 82.55
C ILE I 204 -51.70 -5.70 82.65
N ALA I 205 -51.77 -5.17 83.87
CA ALA I 205 -52.23 -3.79 84.04
C ALA I 205 -51.23 -2.78 83.49
N ARG I 206 -49.93 -3.13 83.47
CA ARG I 206 -48.93 -2.22 82.94
C ARG I 206 -49.01 -2.14 81.42
N VAL I 207 -49.28 -3.26 80.76
CA VAL I 207 -49.37 -3.26 79.31
C VAL I 207 -50.67 -2.61 78.85
N PHE I 208 -51.79 -2.93 79.51
CA PHE I 208 -53.09 -2.36 79.17
C PHE I 208 -53.33 -1.01 79.83
N ASN I 209 -52.28 -0.39 80.39
CA ASN I 209 -52.38 0.92 81.03
C ASN I 209 -53.42 0.90 82.15
N ALA I 210 -53.06 0.31 83.29
CA ALA I 210 -53.96 0.23 84.43
C ALA I 210 -53.15 0.09 85.71
N ASP I 211 -53.80 0.30 86.84
CA ASP I 211 -53.16 0.18 88.14
C ASP I 211 -53.22 -1.24 88.69
N ARG I 212 -54.35 -1.91 88.53
CA ARG I 212 -54.52 -3.28 89.02
CA ARG I 212 -54.52 -3.27 89.01
C ARG I 212 -55.54 -3.99 88.14
N SER I 213 -55.30 -5.28 87.89
CA SER I 213 -56.18 -6.07 87.06
C SER I 213 -56.13 -7.52 87.50
N TYR I 214 -57.28 -8.19 87.49
CA TYR I 214 -57.40 -9.58 87.84
C TYR I 214 -57.63 -10.42 86.59
N MET I 215 -57.92 -11.70 86.78
CA MET I 215 -58.13 -12.65 85.68
C MET I 215 -59.38 -13.47 85.98
N VAL I 216 -60.50 -13.07 85.42
CA VAL I 216 -61.76 -13.79 85.61
C VAL I 216 -61.78 -15.00 84.68
N THR I 217 -62.08 -16.16 85.23
CA THR I 217 -62.09 -17.42 84.49
C THR I 217 -63.52 -17.90 84.23
N ASN I 218 -64.44 -16.97 83.98
CA ASN I 218 -65.82 -17.34 83.66
C ASN I 218 -66.46 -16.33 82.70
N GLY I 219 -65.70 -15.81 81.75
CA GLY I 219 -66.23 -14.89 80.76
C GLY I 219 -66.50 -13.51 81.33
N THR I 220 -66.92 -12.62 80.43
CA THR I 220 -67.23 -11.25 80.83
C THR I 220 -68.53 -11.18 81.60
N SER I 221 -69.47 -12.09 81.33
CA SER I 221 -70.77 -12.06 82.00
C SER I 221 -70.64 -12.21 83.51
N THR I 222 -69.57 -12.86 83.97
CA THR I 222 -69.35 -13.06 85.40
C THR I 222 -68.63 -11.86 86.03
N ALA I 223 -67.72 -11.23 85.29
CA ALA I 223 -66.96 -10.10 85.83
C ALA I 223 -67.84 -8.90 86.10
N ASN I 224 -68.98 -8.78 85.41
CA ASN I 224 -69.86 -7.65 85.62
C ASN I 224 -70.60 -7.72 86.95
N LYS I 225 -70.70 -8.93 87.54
CA LYS I 225 -71.38 -9.06 88.83
C LYS I 225 -70.46 -8.83 90.00
N ILE I 226 -69.14 -8.93 89.81
CA ILE I 226 -68.21 -8.67 90.90
C ILE I 226 -68.10 -7.17 91.17
N VAL I 227 -68.03 -6.36 90.10
CA VAL I 227 -67.92 -4.92 90.28
C VAL I 227 -69.27 -4.33 90.68
N GLY I 228 -70.37 -4.90 90.18
CA GLY I 228 -71.69 -4.35 90.49
C GLY I 228 -72.04 -4.47 91.96
N MET I 229 -71.38 -5.37 92.67
CA MET I 229 -71.59 -5.56 94.11
C MET I 229 -70.50 -4.90 94.94
N TYR I 230 -69.81 -3.90 94.41
CA TYR I 230 -68.76 -3.20 95.15
C TYR I 230 -69.13 -1.76 95.50
N SER I 231 -70.00 -1.13 94.71
CA SER I 231 -70.41 0.25 94.96
C SER I 231 -71.92 0.39 94.75
N ALA I 232 -72.69 -0.54 95.30
CA ALA I 232 -74.15 -0.53 95.17
C ALA I 232 -74.76 -1.24 96.37
N PRO I 233 -74.95 -0.53 97.48
CA PRO I 233 -75.57 -1.15 98.66
C PRO I 233 -77.02 -1.50 98.41
N ALA I 234 -77.59 -2.22 99.37
CA ALA I 234 -78.99 -2.63 99.28
C ALA I 234 -79.88 -1.42 99.48
N GLY I 235 -80.78 -1.17 98.52
CA GLY I 235 -81.67 -0.03 98.58
C GLY I 235 -81.09 1.25 98.03
N SER I 236 -79.96 1.19 97.33
CA SER I 236 -79.34 2.38 96.77
C SER I 236 -79.91 2.70 95.40
N THR I 237 -79.07 3.21 94.49
CA THR I 237 -79.50 3.57 93.15
C THR I 237 -78.33 3.40 92.19
N ILE I 238 -78.58 2.69 91.08
CA ILE I 238 -77.58 2.47 90.06
C ILE I 238 -78.08 3.05 88.75
N LEU I 239 -77.14 3.31 87.85
CA LEU I 239 -77.43 3.89 86.53
C LEU I 239 -76.95 2.90 85.47
N ILE I 240 -77.82 1.96 85.10
CA ILE I 240 -77.50 0.95 84.10
C ILE I 240 -78.11 1.36 82.77
N ASP I 241 -77.43 0.99 81.69
CA ASP I 241 -77.92 1.32 80.35
C ASP I 241 -79.10 0.43 79.97
N ARG I 242 -79.93 0.93 79.06
CA ARG I 242 -81.09 0.16 78.60
C ARG I 242 -80.66 -1.06 77.79
N ASN I 243 -79.68 -0.89 76.91
CA ASN I 243 -79.16 -1.99 76.10
C ASN I 243 -78.12 -2.76 76.91
N CYS I 244 -78.63 -3.49 77.91
CA CYS I 244 -77.79 -4.26 78.82
C CYS I 244 -77.71 -5.71 78.38
N HIS I 245 -76.69 -6.40 78.87
CA HIS I 245 -76.48 -7.81 78.58
C HIS I 245 -77.39 -8.68 79.44
N LYS I 246 -77.51 -9.95 79.04
CA LYS I 246 -78.33 -10.89 79.80
C LYS I 246 -77.85 -11.03 81.24
N SER I 247 -76.54 -10.97 81.46
CA SER I 247 -76.01 -11.08 82.82
C SER I 247 -76.22 -9.80 83.62
N LEU I 248 -76.31 -8.65 82.95
CA LEU I 248 -76.53 -7.40 83.67
C LEU I 248 -77.93 -7.34 84.27
N THR I 249 -78.91 -7.98 83.63
CA THR I 249 -80.25 -8.01 84.19
C THR I 249 -80.33 -8.91 85.42
N HIS I 250 -79.62 -10.04 85.39
CA HIS I 250 -79.63 -10.95 86.53
C HIS I 250 -78.96 -10.32 87.75
N LEU I 251 -78.01 -9.41 87.54
CA LEU I 251 -77.37 -8.73 88.67
C LEU I 251 -78.37 -7.86 89.42
N MET I 252 -79.29 -7.21 88.69
CA MET I 252 -80.32 -6.42 89.34
C MET I 252 -81.39 -7.27 89.99
N MET I 253 -81.56 -8.52 89.54
CA MET I 253 -82.56 -9.40 90.11
C MET I 253 -82.09 -10.03 91.43
N MET I 254 -80.79 -10.06 91.69
CA MET I 254 -80.25 -10.61 92.92
C MET I 254 -79.72 -9.55 93.87
N SER I 255 -79.96 -8.27 93.58
CA SER I 255 -79.51 -7.17 94.42
C SER I 255 -80.67 -6.19 94.61
N ASP I 256 -80.98 -5.89 95.87
CA ASP I 256 -82.09 -4.98 96.20
C ASP I 256 -81.62 -3.55 95.93
N VAL I 257 -81.68 -3.16 94.66
CA VAL I 257 -81.30 -1.83 94.23
C VAL I 257 -82.43 -1.24 93.39
N THR I 258 -82.37 0.08 93.19
CA THR I 258 -83.34 0.82 92.41
C THR I 258 -82.66 1.39 91.18
N PRO I 259 -82.67 0.68 90.05
CA PRO I 259 -81.99 1.19 88.85
C PRO I 259 -82.82 2.25 88.14
N ILE I 260 -82.11 3.04 87.34
CA ILE I 260 -82.71 4.08 86.50
C ILE I 260 -82.26 3.82 85.07
N TYR I 261 -83.19 3.40 84.22
CA TYR I 261 -82.86 3.07 82.84
C TYR I 261 -82.80 4.33 81.99
N PHE I 262 -81.79 4.39 81.12
CA PHE I 262 -81.61 5.54 80.24
C PHE I 262 -82.45 5.37 78.98
N ARG I 263 -82.33 6.32 78.06
CA ARG I 263 -83.06 6.32 76.79
C ARG I 263 -82.06 6.58 75.67
N PRO I 264 -81.36 5.55 75.21
CA PRO I 264 -80.39 5.75 74.12
C PRO I 264 -81.08 5.98 72.79
N THR I 265 -80.34 6.62 71.89
CA THR I 265 -80.86 6.91 70.56
C THR I 265 -80.90 5.65 69.71
N ARG I 266 -81.73 5.69 68.67
CA ARG I 266 -81.89 4.56 67.77
C ARG I 266 -82.53 5.04 66.47
N ASN I 267 -82.40 4.23 65.43
CA ASN I 267 -82.92 4.52 64.11
C ASN I 267 -84.00 3.49 63.75
N ALA I 268 -84.17 3.21 62.46
CA ALA I 268 -85.17 2.25 62.00
C ALA I 268 -84.58 0.94 61.52
N TYR I 269 -83.31 0.90 61.15
CA TYR I 269 -82.69 -0.33 60.69
C TYR I 269 -82.44 -1.32 61.82
N GLY I 270 -82.45 -0.87 63.07
CA GLY I 270 -82.21 -1.71 64.22
C GLY I 270 -80.89 -1.46 64.92
N ILE I 271 -80.02 -0.63 64.36
CA ILE I 271 -78.74 -0.31 64.97
C ILE I 271 -78.97 0.74 66.05
N LEU I 272 -78.78 0.36 67.32
CA LEU I 272 -78.98 1.29 68.41
C LEU I 272 -77.84 2.31 68.46
N GLY I 273 -78.19 3.58 68.64
CA GLY I 273 -77.20 4.63 68.70
C GLY I 273 -76.46 4.67 70.03
N GLY I 274 -76.77 5.67 70.85
CA GLY I 274 -76.13 5.80 72.14
C GLY I 274 -76.90 6.74 73.04
N ILE I 275 -76.46 6.81 74.29
CA ILE I 275 -77.10 7.68 75.27
C ILE I 275 -76.74 9.13 74.98
N PRO I 276 -77.71 10.02 74.85
CA PRO I 276 -77.40 11.43 74.58
C PRO I 276 -76.66 12.07 75.74
N GLN I 277 -76.10 13.25 75.47
CA GLN I 277 -75.35 13.98 76.49
C GLN I 277 -76.27 14.62 77.53
N SER I 278 -77.58 14.69 77.26
CA SER I 278 -78.50 15.30 78.21
C SER I 278 -78.78 14.41 79.41
N GLU I 279 -78.66 13.09 79.25
CA GLU I 279 -78.92 12.16 80.35
C GLU I 279 -77.81 12.19 81.40
N PHE I 280 -76.62 12.64 81.05
CA PHE I 280 -75.51 12.70 81.99
C PHE I 280 -75.47 13.98 82.80
N GLN I 281 -76.48 14.85 82.64
CA GLN I 281 -76.50 16.11 83.37
C GLN I 281 -76.89 15.88 84.83
N HIS I 282 -76.75 16.92 85.64
CA HIS I 282 -77.09 16.83 87.06
C HIS I 282 -78.59 17.06 87.29
N ALA I 283 -79.22 17.87 86.44
CA ALA I 283 -80.65 18.13 86.60
C ALA I 283 -81.49 17.02 86.00
N THR I 284 -80.92 16.22 85.10
CA THR I 284 -81.69 15.13 84.50
C THR I 284 -81.72 13.90 85.41
N ILE I 285 -80.59 13.58 86.04
CA ILE I 285 -80.54 12.42 86.92
C ILE I 285 -81.31 12.69 88.21
N ALA I 286 -81.14 13.87 88.78
CA ALA I 286 -81.82 14.21 90.03
C ALA I 286 -83.33 14.31 89.86
N LYS I 287 -83.82 14.52 88.63
CA LYS I 287 -85.26 14.61 88.41
C LYS I 287 -85.93 13.25 88.50
N ARG I 288 -85.26 12.21 88.02
CA ARG I 288 -85.82 10.86 88.05
C ARG I 288 -85.72 10.20 89.43
N VAL I 289 -84.96 10.80 90.35
CA VAL I 289 -84.84 10.22 91.69
C VAL I 289 -86.12 10.45 92.49
N LYS I 290 -86.66 11.68 92.42
CA LYS I 290 -87.88 11.97 93.16
C LYS I 290 -89.09 11.28 92.55
N GLU I 291 -89.13 11.15 91.23
CA GLU I 291 -90.27 10.50 90.57
C GLU I 291 -90.31 9.00 90.83
N THR I 292 -89.17 8.38 91.11
CA THR I 292 -89.12 6.95 91.38
C THR I 292 -89.16 6.71 92.88
N PRO I 293 -90.17 6.00 93.39
CA PRO I 293 -90.22 5.74 94.84
C PRO I 293 -89.06 4.87 95.29
N ASN I 294 -88.58 5.15 96.51
CA ASN I 294 -87.47 4.42 97.14
C ASN I 294 -86.23 4.48 96.25
N ALA I 295 -85.64 5.68 96.20
CA ALA I 295 -84.45 5.92 95.40
C ALA I 295 -83.64 7.04 96.05
N THR I 296 -82.35 6.80 96.24
CA THR I 296 -81.43 7.75 96.83
C THR I 296 -80.52 8.31 95.73
N TRP I 297 -79.34 8.78 96.12
CA TRP I 297 -78.40 9.33 95.15
C TRP I 297 -77.68 8.20 94.41
N PRO I 298 -77.61 8.23 93.08
CA PRO I 298 -76.91 7.17 92.35
C PRO I 298 -75.42 7.15 92.69
N VAL I 299 -74.94 6.00 93.14
CA VAL I 299 -73.54 5.80 93.51
C VAL I 299 -72.81 4.89 92.56
N HIS I 300 -73.44 4.47 91.46
CA HIS I 300 -72.80 3.60 90.48
C HIS I 300 -73.48 3.79 89.13
N ALA I 301 -72.67 3.82 88.08
CA ALA I 301 -73.17 3.99 86.71
C ALA I 301 -72.61 2.90 85.83
N VAL I 302 -73.44 2.37 84.95
CA VAL I 302 -73.07 1.31 84.02
C VAL I 302 -73.33 1.81 82.60
N ILE I 303 -72.27 1.93 81.80
CA ILE I 303 -72.37 2.38 80.42
C ILE I 303 -71.76 1.31 79.54
N THR I 304 -72.57 0.79 78.61
CA THR I 304 -72.12 -0.26 77.69
C THR I 304 -71.35 0.39 76.56
N ASN I 305 -70.03 0.46 76.72
CA ASN I 305 -69.13 1.05 75.74
C ASN I 305 -68.10 0.01 75.33
N SER I 306 -68.21 -0.50 74.11
CA SER I 306 -69.26 -0.08 73.18
C SER I 306 -70.45 -1.02 73.25
N THR I 307 -71.45 -0.76 72.39
CA THR I 307 -72.66 -1.56 72.38
C THR I 307 -72.41 -2.87 71.65
N TYR I 308 -73.49 -3.59 71.31
CA TYR I 308 -73.35 -4.87 70.64
C TYR I 308 -72.91 -4.69 69.18
N ASP I 309 -73.35 -3.60 68.54
CA ASP I 309 -72.98 -3.36 67.15
C ASP I 309 -71.54 -2.90 67.03
N GLY I 310 -71.21 -1.77 67.65
CA GLY I 310 -69.86 -1.25 67.60
C GLY I 310 -69.81 0.26 67.43
N LEU I 311 -70.30 0.98 68.44
CA LEU I 311 -70.32 2.44 68.41
C LEU I 311 -69.70 2.95 69.71
N LEU I 312 -68.55 3.59 69.60
CA LEU I 312 -67.86 4.11 70.78
C LEU I 312 -68.49 5.41 71.25
N TYR I 313 -68.20 5.75 72.51
CA TYR I 313 -68.70 6.96 73.14
C TYR I 313 -67.55 7.95 73.32
N ASN I 314 -67.82 9.02 74.06
CA ASN I 314 -66.85 10.06 74.35
C ASN I 314 -66.60 10.06 75.86
N THR I 315 -65.53 9.36 76.27
CA THR I 315 -65.20 9.29 77.69
C THR I 315 -64.64 10.60 78.23
N ASP I 316 -64.15 11.48 77.35
CA ASP I 316 -63.65 12.77 77.82
C ASP I 316 -64.75 13.68 78.34
N PHE I 317 -65.99 13.46 77.91
CA PHE I 317 -67.13 14.24 78.39
C PHE I 317 -67.91 13.55 79.50
N ILE I 318 -67.86 12.21 79.56
CA ILE I 318 -68.59 11.50 80.60
C ILE I 318 -67.86 11.59 81.93
N LYS I 319 -66.53 11.49 81.92
CA LYS I 319 -65.75 11.55 83.15
C LYS I 319 -65.77 12.92 83.80
N LYS I 320 -66.29 13.94 83.13
CA LYS I 320 -66.37 15.29 83.67
C LYS I 320 -67.78 15.73 84.03
N THR I 321 -68.77 15.37 83.20
CA THR I 321 -70.15 15.78 83.44
C THR I 321 -70.87 14.81 84.37
N LEU I 322 -70.76 13.51 84.12
CA LEU I 322 -71.43 12.51 84.95
C LEU I 322 -70.80 12.50 86.35
N ASP I 323 -71.59 12.88 87.35
CA ASP I 323 -71.10 12.96 88.73
C ASP I 323 -71.40 11.65 89.46
N VAL I 324 -70.69 10.61 89.06
CA VAL I 324 -70.80 9.29 89.67
C VAL I 324 -69.41 8.83 90.07
N LYS I 325 -69.26 8.45 91.34
CA LYS I 325 -67.95 8.03 91.85
C LYS I 325 -67.52 6.67 91.33
N SER I 326 -68.45 5.89 90.79
CA SER I 326 -68.15 4.55 90.26
C SER I 326 -68.79 4.42 88.88
N ILE I 327 -68.04 4.81 87.85
CA ILE I 327 -68.50 4.73 86.47
C ILE I 327 -67.90 3.48 85.84
N HIS I 328 -68.77 2.64 85.27
CA HIS I 328 -68.36 1.38 84.66
C HIS I 328 -68.49 1.45 83.15
N PHE I 329 -67.56 0.82 82.44
CA PHE I 329 -67.56 0.74 80.99
C PHE I 329 -67.42 -0.72 80.59
N ASP I 330 -68.52 -1.31 80.13
CA ASP I 330 -68.52 -2.72 79.70
C ASP I 330 -67.81 -2.79 78.35
N SER I 331 -66.49 -2.92 78.41
CA SER I 331 -65.67 -2.96 77.20
C SER I 331 -65.51 -4.40 76.71
N ALA I 332 -66.62 -5.10 76.52
CA ALA I 332 -66.57 -6.48 76.06
C ALA I 332 -66.32 -6.61 74.57
N TRP I 333 -66.39 -5.51 73.81
CA TRP I 333 -66.18 -5.56 72.38
C TRP I 333 -65.01 -4.71 71.89
N VAL I 334 -64.27 -4.06 72.80
CA VAL I 334 -63.14 -3.24 72.40
C VAL I 334 -61.92 -3.56 73.26
N PRO I 335 -61.30 -4.74 73.10
CA PRO I 335 -60.10 -5.05 73.89
C PRO I 335 -58.82 -4.56 73.23
N TYR I 336 -58.89 -3.42 72.54
CA TYR I 336 -57.71 -2.94 71.84
C TYR I 336 -57.61 -1.42 71.79
N THR I 337 -58.41 -0.68 72.57
CA THR I 337 -58.38 0.78 72.54
C THR I 337 -57.22 1.27 73.40
N ASN I 338 -56.01 0.99 72.92
CA ASN I 338 -54.78 1.37 73.62
C ASN I 338 -53.58 1.28 72.69
N PHE I 339 -53.53 0.21 71.88
CA PHE I 339 -52.39 -0.04 71.00
C PHE I 339 -52.52 0.65 69.65
N SER I 340 -53.22 1.79 69.59
CA SER I 340 -53.39 2.51 68.34
C SER I 340 -53.62 3.98 68.65
N PRO I 341 -53.01 4.90 67.89
CA PRO I 341 -53.20 6.33 68.17
C PRO I 341 -54.58 6.86 67.79
N ILE I 342 -55.39 6.10 67.05
CA ILE I 342 -56.71 6.56 66.65
C ILE I 342 -57.74 6.08 67.64
N TYR I 343 -57.30 5.70 68.84
CA TYR I 343 -58.19 5.27 69.92
C TYR I 343 -57.82 5.91 71.25
N GLU I 344 -57.19 7.08 71.23
CA GLU I 344 -56.81 7.76 72.45
C GLU I 344 -57.98 8.60 72.98
N GLY I 345 -58.23 8.49 74.28
CA GLY I 345 -59.31 9.23 74.89
C GLY I 345 -60.70 8.68 74.59
N LYS I 346 -60.80 7.46 74.07
CA LYS I 346 -62.07 6.85 73.74
C LYS I 346 -62.54 5.82 74.75
N CYS I 347 -61.68 5.42 75.69
CA CYS I 347 -62.06 4.44 76.70
C CYS I 347 -61.75 4.95 78.10
N GLY I 348 -61.89 4.10 79.11
CA GLY I 348 -61.63 4.52 80.48
C GLY I 348 -60.16 4.46 80.84
N MET I 349 -59.41 3.52 80.28
CA MET I 349 -57.99 3.40 80.59
C MET I 349 -57.16 4.51 79.96
N SER I 350 -57.59 5.06 78.84
CA SER I 350 -56.84 6.13 78.17
C SER I 350 -57.01 7.42 78.94
N GLY I 351 -55.89 8.03 79.32
CA GLY I 351 -55.93 9.28 80.07
C GLY I 351 -55.25 9.17 81.42
N GLY I 352 -55.93 9.62 82.47
CA GLY I 352 -55.37 9.57 83.81
C GLY I 352 -56.40 9.23 84.87
N ARG I 353 -55.99 9.29 86.14
CA ARG I 353 -56.90 8.99 87.25
C ARG I 353 -57.78 10.20 87.54
N VAL I 354 -59.09 9.98 87.55
CA VAL I 354 -60.04 11.05 87.84
C VAL I 354 -60.07 11.28 89.35
N GLU I 355 -59.96 12.54 89.76
CA GLU I 355 -59.96 12.88 91.17
C GLU I 355 -61.32 12.63 91.79
N GLY I 356 -61.38 11.73 92.77
CA GLY I 356 -62.62 11.42 93.45
C GLY I 356 -63.50 10.41 92.77
N LYS I 357 -63.05 9.82 91.66
CA LYS I 357 -63.83 8.82 90.92
C LYS I 357 -62.93 7.64 90.58
N VAL I 358 -63.54 6.60 90.01
CA VAL I 358 -62.83 5.39 89.62
C VAL I 358 -63.57 4.77 88.44
N ILE I 359 -62.79 4.20 87.52
CA ILE I 359 -63.33 3.62 86.29
C ILE I 359 -63.12 2.11 86.33
N TYR I 360 -64.18 1.37 86.04
CA TYR I 360 -64.14 -0.08 85.98
C TYR I 360 -64.43 -0.55 84.56
N GLU I 361 -63.68 -1.55 84.10
CA GLU I 361 -63.87 -2.12 82.78
C GLU I 361 -63.74 -3.64 82.85
N THR I 362 -64.53 -4.32 82.02
CA THR I 362 -64.50 -5.78 81.91
C THR I 362 -64.16 -6.13 80.48
N GLN I 363 -62.90 -5.92 80.11
CA GLN I 363 -62.46 -6.21 78.76
C GLN I 363 -62.43 -7.72 78.52
N SER I 364 -63.11 -8.17 77.48
CA SER I 364 -63.15 -9.59 77.17
C SER I 364 -61.80 -10.06 76.64
N THR I 365 -61.59 -11.38 76.67
CA THR I 365 -60.34 -11.99 76.24
C THR I 365 -60.53 -12.98 75.11
N HIS I 366 -61.62 -13.73 75.11
CA HIS I 366 -61.87 -14.74 74.09
C HIS I 366 -62.83 -14.24 73.02
N LYS I 367 -63.17 -12.96 73.07
CA LYS I 367 -64.13 -12.38 72.11
C LYS I 367 -63.44 -12.01 70.84
N LEU I 368 -62.61 -10.98 70.87
CA LEU I 368 -61.94 -10.49 69.68
C LEU I 368 -60.43 -10.56 69.79
N LEU I 369 -59.93 -11.64 70.40
CA LEU I 369 -58.48 -11.84 70.55
C LEU I 369 -58.11 -13.27 70.19
N ALA I 370 -57.31 -13.91 71.05
CA ALA I 370 -56.87 -15.29 70.78
C ALA I 370 -56.55 -15.94 72.13
N ALA I 371 -57.56 -16.59 72.72
CA ALA I 371 -57.40 -17.26 73.99
C ALA I 371 -58.57 -18.22 74.17
N PHE I 372 -58.47 -19.06 75.20
CA PHE I 372 -59.54 -19.99 75.51
C PHE I 372 -60.79 -19.25 75.99
N SER I 373 -61.94 -19.91 75.85
CA SER I 373 -63.20 -19.31 76.24
C SER I 373 -63.27 -19.15 77.76
N GLN I 374 -64.27 -18.38 78.21
CA GLN I 374 -64.49 -18.08 79.62
C GLN I 374 -63.26 -17.42 80.24
N ALA I 375 -62.95 -16.22 79.74
CA ALA I 375 -61.81 -15.45 80.20
C ALA I 375 -62.13 -13.97 80.11
N SER I 376 -61.90 -13.24 81.19
CA SER I 376 -62.17 -11.81 81.25
C SER I 376 -61.18 -11.15 82.21
N MET I 377 -61.27 -9.82 82.28
CA MET I 377 -60.41 -9.03 83.14
C MET I 377 -61.24 -7.98 83.87
N ILE I 378 -60.64 -7.38 84.89
CA ILE I 378 -61.26 -6.32 85.67
C ILE I 378 -60.24 -5.18 85.76
N HIS I 379 -60.42 -4.15 84.95
CA HIS I 379 -59.50 -3.01 84.93
C HIS I 379 -59.99 -1.96 85.91
N VAL I 380 -59.16 -1.62 86.88
CA VAL I 380 -59.48 -0.64 87.91
C VAL I 380 -58.52 0.52 87.77
N LYS I 381 -59.05 1.74 87.66
CA LYS I 381 -58.27 2.96 87.52
C LYS I 381 -58.71 3.93 88.62
N GLY I 382 -58.03 3.88 89.74
CA GLY I 382 -58.35 4.76 90.85
C GLY I 382 -57.82 4.19 92.15
N ASP I 383 -58.26 4.81 93.25
CA ASP I 383 -57.86 4.41 94.60
C ASP I 383 -58.99 3.60 95.21
N VAL I 384 -58.80 2.28 95.27
CA VAL I 384 -59.80 1.37 95.82
C VAL I 384 -59.17 0.62 96.99
N ASN I 385 -60.03 0.02 97.81
CA ASN I 385 -59.59 -0.74 98.96
C ASN I 385 -59.16 -2.14 98.54
N GLU I 386 -57.98 -2.57 98.99
CA GLU I 386 -57.48 -3.89 98.63
C GLU I 386 -58.12 -4.97 99.49
N GLU I 387 -58.37 -4.67 100.77
CA GLU I 387 -58.97 -5.65 101.67
C GLU I 387 -60.47 -5.81 101.45
N THR I 388 -61.10 -4.94 100.66
CA THR I 388 -62.53 -5.01 100.39
C THR I 388 -62.83 -5.58 99.02
N PHE I 389 -62.14 -5.10 97.99
CA PHE I 389 -62.38 -5.59 96.63
C PHE I 389 -61.92 -7.03 96.43
N ASN I 390 -60.98 -7.49 97.25
CA ASN I 390 -60.50 -8.87 97.13
C ASN I 390 -61.58 -9.87 97.55
N GLU I 391 -62.37 -9.52 98.57
CA GLU I 391 -63.42 -10.43 99.02
C GLU I 391 -64.54 -10.56 97.98
N ALA I 392 -64.75 -9.52 97.18
CA ALA I 392 -65.79 -9.60 96.15
C ALA I 392 -65.35 -10.45 94.97
N TYR I 393 -64.04 -10.56 94.74
CA TYR I 393 -63.55 -11.38 93.63
C TYR I 393 -63.72 -12.87 93.92
N MET I 394 -63.62 -13.27 95.19
CA MET I 394 -63.77 -14.66 95.56
C MET I 394 -65.22 -15.11 95.60
N MET I 395 -66.18 -14.20 95.44
CA MET I 395 -67.59 -14.56 95.46
C MET I 395 -68.06 -15.20 94.15
N HIS I 396 -67.22 -15.20 93.11
CA HIS I 396 -67.59 -15.81 91.84
C HIS I 396 -66.46 -16.62 91.22
N THR I 397 -65.31 -16.77 91.88
CA THR I 397 -64.18 -17.53 91.37
C THR I 397 -63.90 -18.68 92.32
N THR I 398 -63.80 -19.89 91.78
CA THR I 398 -63.53 -21.06 92.60
C THR I 398 -62.10 -21.04 93.12
N THR I 399 -61.83 -21.90 94.11
CA THR I 399 -60.51 -22.00 94.71
C THR I 399 -59.52 -22.77 93.84
N SER I 400 -59.98 -23.49 92.82
CA SER I 400 -59.13 -24.25 91.92
C SER I 400 -59.33 -23.72 90.51
N PRO I 401 -58.63 -22.65 90.13
CA PRO I 401 -58.79 -22.09 88.79
C PRO I 401 -58.12 -22.96 87.74
N HIS I 402 -58.69 -22.93 86.54
CA HIS I 402 -58.15 -23.68 85.41
C HIS I 402 -56.97 -22.90 84.82
N TYR I 403 -55.76 -23.41 85.04
CA TYR I 403 -54.56 -22.70 84.58
C TYR I 403 -54.44 -22.69 83.07
N GLY I 404 -55.14 -23.58 82.36
CA GLY I 404 -55.11 -23.55 80.91
C GLY I 404 -55.74 -22.29 80.35
N ILE I 405 -56.74 -21.75 81.04
CA ILE I 405 -57.34 -20.49 80.62
C ILE I 405 -56.60 -19.29 81.21
N VAL I 406 -56.08 -19.42 82.43
CA VAL I 406 -55.32 -18.34 83.05
C VAL I 406 -54.06 -18.04 82.25
N ALA I 407 -53.38 -19.08 81.75
CA ALA I 407 -52.19 -18.87 80.95
C ALA I 407 -52.53 -18.20 79.62
N SER I 408 -53.71 -18.48 79.08
CA SER I 408 -54.12 -17.85 77.83
C SER I 408 -54.64 -16.43 78.05
N THR I 409 -55.15 -16.14 79.24
CA THR I 409 -55.62 -14.78 79.53
C THR I 409 -54.45 -13.80 79.58
N GLU I 410 -53.37 -14.18 80.26
CA GLU I 410 -52.19 -13.32 80.30
C GLU I 410 -51.44 -13.34 78.97
N THR I 411 -51.60 -14.41 78.18
CA THR I 411 -50.95 -14.48 76.88
C THR I 411 -51.49 -13.40 75.95
N ALA I 412 -52.80 -13.15 76.00
CA ALA I 412 -53.39 -12.11 75.16
C ALA I 412 -52.82 -10.74 75.49
N ALA I 413 -52.43 -10.50 76.74
CA ALA I 413 -51.78 -9.24 77.09
C ALA I 413 -50.33 -9.21 76.65
N ALA I 414 -49.70 -10.37 76.48
CA ALA I 414 -48.32 -10.45 76.03
C ALA I 414 -48.20 -10.48 74.51
N MET I 415 -49.21 -11.00 73.81
CA MET I 415 -49.19 -11.02 72.36
C MET I 415 -49.38 -9.64 71.75
N MET I 416 -49.88 -8.68 72.53
CA MET I 416 -50.13 -7.33 72.03
C MET I 416 -49.02 -6.35 72.37
N LYS I 417 -48.12 -6.70 73.28
CA LYS I 417 -47.06 -5.79 73.68
C LYS I 417 -45.97 -5.72 72.61
N GLY I 418 -45.48 -4.51 72.37
CA GLY I 418 -44.43 -4.31 71.39
C GLY I 418 -44.96 -4.05 69.99
N ASN I 419 -44.02 -3.74 69.09
CA ASN I 419 -44.40 -3.49 67.70
C ASN I 419 -44.87 -4.74 66.98
N ALA I 420 -44.45 -5.93 67.44
CA ALA I 420 -44.92 -7.17 66.84
C ALA I 420 -46.39 -7.43 67.14
N GLY I 421 -46.92 -6.86 68.23
CA GLY I 421 -48.32 -7.02 68.55
C GLY I 421 -49.18 -5.91 68.00
N LYS I 422 -48.60 -4.71 67.84
CA LYS I 422 -49.34 -3.58 67.30
C LYS I 422 -49.68 -3.78 65.82
N ARG I 423 -48.97 -4.66 65.12
CA ARG I 423 -49.29 -4.92 63.72
C ARG I 423 -50.57 -5.72 63.55
N LEU I 424 -51.08 -6.32 64.62
CA LEU I 424 -52.34 -7.05 64.53
C LEU I 424 -53.54 -6.13 64.68
N ILE I 425 -53.41 -5.08 65.48
CA ILE I 425 -54.50 -4.11 65.60
C ILE I 425 -54.59 -3.26 64.33
N ASN I 426 -53.47 -2.68 63.90
CA ASN I 426 -53.47 -1.89 62.68
C ASN I 426 -53.67 -2.75 61.45
N GLY I 427 -53.26 -4.02 61.50
CA GLY I 427 -53.47 -4.91 60.37
C GLY I 427 -54.93 -5.26 60.17
N SER I 428 -55.68 -5.42 61.26
CA SER I 428 -57.11 -5.69 61.15
C SER I 428 -57.88 -4.47 60.69
N ILE I 429 -57.39 -3.27 60.99
CA ILE I 429 -58.05 -2.05 60.54
C ILE I 429 -57.82 -1.84 59.04
N GLU I 430 -56.60 -2.11 58.57
CA GLU I 430 -56.31 -1.95 57.15
C GLU I 430 -57.08 -2.97 56.32
N ARG I 431 -57.28 -4.18 56.86
CA ARG I 431 -58.09 -5.17 56.15
C ARG I 431 -59.57 -4.82 56.20
N ALA I 432 -60.00 -4.09 57.24
CA ALA I 432 -61.39 -3.67 57.33
C ALA I 432 -61.68 -2.51 56.39
N ILE I 433 -60.77 -1.54 56.32
CA ILE I 433 -60.96 -0.41 55.41
C ILE I 433 -60.88 -0.88 53.96
N LYS I 434 -60.00 -1.83 53.66
CA LYS I 434 -59.91 -2.38 52.31
C LYS I 434 -61.20 -3.09 51.93
N PHE I 435 -61.81 -3.81 52.88
CA PHE I 435 -63.09 -4.47 52.60
C PHE I 435 -64.21 -3.45 52.41
N ARG I 436 -64.12 -2.30 53.09
CA ARG I 436 -65.13 -1.26 52.91
C ARG I 436 -65.04 -0.60 51.53
N LYS I 437 -63.83 -0.47 51.00
CA LYS I 437 -63.66 0.13 49.68
C LYS I 437 -64.04 -0.82 48.56
N GLU I 438 -63.92 -2.13 48.79
CA GLU I 438 -64.30 -3.10 47.77
C GLU I 438 -65.81 -3.19 47.58
N ILE I 439 -66.59 -2.78 48.59
CA ILE I 439 -68.04 -2.81 48.44
C ILE I 439 -68.51 -1.64 47.57
N LYS I 440 -67.97 -0.45 47.82
CA LYS I 440 -68.36 0.71 47.01
C LYS I 440 -67.81 0.60 45.59
N ARG I 441 -66.72 -0.14 45.40
CA ARG I 441 -66.17 -0.31 44.05
C ARG I 441 -67.01 -1.27 43.23
N LEU I 442 -67.55 -2.32 43.86
CA LEU I 442 -68.39 -3.29 43.20
C LEU I 442 -69.87 -2.92 43.23
N ARG I 443 -70.20 -1.69 43.61
CA ARG I 443 -71.58 -1.23 43.66
C ARG I 443 -71.94 -0.37 42.46
N THR I 444 -71.12 0.63 42.13
CA THR I 444 -71.40 1.48 40.98
C THR I 444 -71.08 0.77 39.67
N GLU I 445 -69.95 0.04 39.62
CA GLU I 445 -69.57 -0.66 38.41
C GLU I 445 -70.49 -1.83 38.09
N SER I 446 -71.22 -2.34 39.08
CA SER I 446 -72.13 -3.46 38.85
C SER I 446 -73.38 -2.98 38.12
N ASP I 447 -74.15 -3.94 37.61
CA ASP I 447 -75.38 -3.68 36.87
C ASP I 447 -76.54 -4.26 37.68
N GLY I 448 -77.08 -3.46 38.60
CA GLY I 448 -78.19 -3.87 39.44
C GLY I 448 -77.94 -3.48 40.88
N TRP I 449 -78.69 -4.12 41.77
CA TRP I 449 -78.56 -3.84 43.19
C TRP I 449 -77.30 -4.49 43.76
N PHE I 450 -76.82 -3.92 44.86
CA PHE I 450 -75.62 -4.44 45.51
C PHE I 450 -75.65 -4.01 46.98
N PHE I 451 -74.92 -4.75 47.80
CA PHE I 451 -74.87 -4.48 49.23
C PHE I 451 -74.22 -3.13 49.51
N ASP I 452 -74.54 -2.58 50.68
CA ASP I 452 -74.02 -1.28 51.10
C ASP I 452 -73.49 -1.39 52.52
N VAL I 453 -72.42 -0.65 52.79
CA VAL I 453 -71.79 -0.63 54.11
C VAL I 453 -72.25 0.62 54.84
N TRP I 454 -72.69 0.44 56.10
CA TRP I 454 -73.14 1.55 56.93
C TRP I 454 -71.92 2.40 57.30
N GLN I 455 -71.52 3.27 56.38
CA GLN I 455 -70.33 4.09 56.53
C GLN I 455 -70.59 5.45 55.89
N PRO I 456 -69.85 6.47 56.28
CA PRO I 456 -70.00 7.79 55.64
C PRO I 456 -69.59 7.74 54.18
N ASP I 457 -69.90 8.83 53.47
CA ASP I 457 -69.56 8.90 52.06
C ASP I 457 -68.07 9.07 51.83
N HIS I 458 -67.35 9.60 52.82
CA HIS I 458 -65.91 9.81 52.73
C HIS I 458 -65.22 8.87 53.72
N ILE I 459 -64.57 7.83 53.19
CA ILE I 459 -63.87 6.86 54.01
C ILE I 459 -62.40 6.84 53.63
N ASP I 460 -61.91 7.95 53.10
CA ASP I 460 -60.52 8.07 52.67
C ASP I 460 -59.59 8.44 53.81
N THR I 461 -59.75 7.77 54.95
CA THR I 461 -58.93 8.01 56.12
C THR I 461 -58.89 6.74 56.97
N THR I 462 -57.95 6.72 57.91
CA THR I 462 -57.76 5.60 58.83
C THR I 462 -57.96 6.12 60.25
N GLU I 463 -59.22 6.21 60.67
CA GLU I 463 -59.57 6.69 62.00
C GLU I 463 -61.03 6.32 62.25
N CYS I 464 -61.56 6.77 63.38
CA CYS I 464 -62.95 6.53 63.74
C CYS I 464 -63.81 7.64 63.17
N TRP I 465 -64.77 7.27 62.33
CA TRP I 465 -65.64 8.26 61.69
C TRP I 465 -66.64 8.80 62.70
N PRO I 466 -66.62 10.09 62.99
CA PRO I 466 -67.58 10.64 63.96
C PRO I 466 -68.98 10.74 63.36
N LEU I 467 -69.98 10.64 64.23
CA LEU I 467 -71.38 10.74 63.82
C LEU I 467 -71.81 12.19 63.97
N ARG I 468 -71.73 12.93 62.87
CA ARG I 468 -72.09 14.34 62.87
C ARG I 468 -73.61 14.50 62.77
N SER I 469 -74.07 15.75 62.68
CA SER I 469 -75.48 16.06 62.57
C SER I 469 -75.90 16.43 61.15
N ASP I 470 -74.96 16.61 60.23
CA ASP I 470 -75.25 16.98 58.86
C ASP I 470 -75.01 15.82 57.90
N SER I 471 -75.29 14.60 58.33
CA SER I 471 -75.09 13.41 57.52
C SER I 471 -76.38 12.60 57.47
N THR I 472 -76.49 11.75 56.44
CA THR I 472 -77.66 10.92 56.24
C THR I 472 -77.35 9.43 56.27
N TRP I 473 -76.09 9.04 56.47
CA TRP I 473 -75.75 7.63 56.51
C TRP I 473 -76.14 6.98 57.83
N HIS I 474 -76.02 7.72 58.93
CA HIS I 474 -76.35 7.15 60.24
C HIS I 474 -77.86 7.17 60.49
N GLY I 475 -78.55 8.21 60.05
CA GLY I 475 -79.99 8.28 60.19
C GLY I 475 -80.47 8.42 61.62
N PHE I 476 -79.74 9.14 62.45
CA PHE I 476 -80.12 9.39 63.84
C PHE I 476 -80.54 10.85 63.97
N LYS I 477 -81.82 11.09 64.19
CA LYS I 477 -82.33 12.45 64.30
C LYS I 477 -81.93 13.05 65.64
N ASN I 478 -81.42 14.29 65.59
CA ASN I 478 -80.99 15.02 66.79
C ASN I 478 -79.95 14.22 67.57
N ILE I 479 -78.74 14.12 67.02
CA ILE I 479 -77.65 13.40 67.67
C ILE I 479 -76.60 14.41 68.13
N ASP I 480 -75.95 14.09 69.24
CA ASP I 480 -74.92 14.96 69.80
C ASP I 480 -73.63 14.82 69.00
N ASN I 481 -73.06 15.96 68.63
CA ASN I 481 -71.82 15.96 67.86
C ASN I 481 -70.62 15.68 68.77
N GLU I 482 -69.63 14.99 68.21
CA GLU I 482 -68.41 14.61 68.92
C GLU I 482 -68.73 13.81 70.18
N HIS I 483 -69.62 12.83 70.05
CA HIS I 483 -70.00 11.98 71.16
C HIS I 483 -70.12 10.53 70.72
N MET I 484 -70.53 10.31 69.49
CA MET I 484 -70.69 8.97 68.92
C MET I 484 -69.70 8.78 67.80
N TYR I 485 -68.89 7.72 67.89
CA TYR I 485 -67.89 7.39 66.89
C TYR I 485 -68.25 6.06 66.23
N LEU I 486 -67.47 5.69 65.23
CA LEU I 486 -67.69 4.47 64.46
C LEU I 486 -66.48 3.55 64.57
N ASP I 487 -66.74 2.27 64.74
CA ASP I 487 -65.67 1.27 64.81
C ASP I 487 -65.34 0.79 63.41
N PRO I 488 -64.12 1.02 62.92
CA PRO I 488 -63.80 0.59 61.54
C PRO I 488 -63.89 -0.91 61.32
N ILE I 489 -63.55 -1.72 62.33
CA ILE I 489 -63.59 -3.17 62.16
C ILE I 489 -64.99 -3.75 62.22
N LYS I 490 -65.98 -2.97 62.67
CA LYS I 490 -67.36 -3.43 62.76
C LYS I 490 -68.10 -3.01 61.50
N VAL I 491 -67.89 -3.78 60.43
CA VAL I 491 -68.53 -3.50 59.15
C VAL I 491 -69.95 -4.06 59.18
N THR I 492 -70.94 -3.18 59.01
CA THR I 492 -72.35 -3.57 59.01
C THR I 492 -72.88 -3.43 57.60
N LEU I 493 -73.21 -4.56 56.98
CA LEU I 493 -73.73 -4.56 55.61
C LEU I 493 -75.22 -4.25 55.62
N LEU I 494 -75.62 -3.22 54.89
CA LEU I 494 -77.01 -2.80 54.77
C LEU I 494 -77.59 -3.38 53.49
N THR I 495 -78.50 -4.34 53.64
CA THR I 495 -79.12 -4.95 52.48
C THR I 495 -80.17 -4.01 51.88
N PRO I 496 -80.33 -3.98 50.56
CA PRO I 496 -81.34 -3.11 49.96
C PRO I 496 -82.74 -3.51 50.37
N GLY I 497 -83.60 -2.50 50.52
CA GLY I 497 -84.98 -2.72 50.91
C GLY I 497 -85.62 -1.51 51.55
N MET I 498 -84.80 -0.59 52.04
CA MET I 498 -85.27 0.62 52.69
C MET I 498 -84.59 1.84 52.06
N GLU I 499 -85.11 3.02 52.41
CA GLU I 499 -84.57 4.27 51.89
C GLU I 499 -83.67 4.91 52.94
N LYS I 500 -83.25 6.15 52.69
CA LYS I 500 -82.40 6.88 53.63
C LYS I 500 -83.18 7.71 54.63
N ASP I 501 -84.50 7.82 54.47
CA ASP I 501 -85.33 8.61 55.38
C ASP I 501 -85.96 7.77 56.49
N GLY I 502 -85.91 6.45 56.38
CA GLY I 502 -86.49 5.57 57.38
C GLY I 502 -87.79 4.91 56.99
N THR I 503 -88.22 5.05 55.74
CA THR I 503 -89.45 4.44 55.27
C THR I 503 -89.13 3.11 54.58
N MET I 504 -90.07 2.57 53.81
CA MET I 504 -89.91 1.31 53.10
C MET I 504 -89.81 1.59 51.60
N SER I 505 -89.58 0.52 50.85
CA SER I 505 -89.46 0.62 49.39
C SER I 505 -90.32 -0.42 48.70
N ASP I 506 -89.98 -0.76 47.46
CA ASP I 506 -90.71 -1.75 46.67
C ASP I 506 -89.89 -2.98 46.33
N PHE I 507 -88.59 -2.85 46.14
CA PHE I 507 -87.71 -3.96 45.80
C PHE I 507 -86.63 -4.09 46.87
N GLY I 508 -86.50 -5.27 47.43
CA GLY I 508 -85.51 -5.50 48.45
C GLY I 508 -85.55 -6.94 48.93
N ILE I 509 -84.46 -7.35 49.55
CA ILE I 509 -84.29 -8.70 50.09
C ILE I 509 -83.96 -8.58 51.56
N PRO I 510 -84.71 -9.22 52.45
CA PRO I 510 -84.39 -9.15 53.88
C PRO I 510 -83.05 -9.80 54.20
N ALA I 511 -82.49 -9.41 55.34
CA ALA I 511 -81.21 -9.95 55.79
C ALA I 511 -81.32 -11.36 56.35
N SER I 512 -82.53 -11.84 56.64
CA SER I 512 -82.68 -13.19 57.17
C SER I 512 -82.38 -14.26 56.12
N ILE I 513 -82.72 -14.01 54.86
CA ILE I 513 -82.43 -14.97 53.80
C ILE I 513 -80.93 -15.02 53.52
N VAL I 514 -80.27 -13.86 53.55
CA VAL I 514 -78.83 -13.82 53.30
C VAL I 514 -78.07 -14.50 54.45
N ALA I 515 -78.61 -14.45 55.66
CA ALA I 515 -77.92 -15.05 56.80
C ALA I 515 -77.81 -16.56 56.65
N LYS I 516 -78.85 -17.20 56.11
CA LYS I 516 -78.81 -18.64 55.90
C LYS I 516 -78.03 -19.04 54.64
N TYR I 517 -77.94 -18.14 53.66
CA TYR I 517 -77.18 -18.46 52.46
C TYR I 517 -75.68 -18.49 52.74
N LEU I 518 -75.20 -17.63 53.64
CA LEU I 518 -73.79 -17.61 53.99
C LEU I 518 -73.38 -18.83 54.81
N ASP I 519 -74.33 -19.46 55.50
CA ASP I 519 -74.01 -20.62 56.32
C ASP I 519 -73.68 -21.85 55.49
N GLU I 520 -74.12 -21.89 54.22
CA GLU I 520 -73.82 -23.04 53.37
C GLU I 520 -72.33 -23.14 53.06
N HIS I 521 -71.64 -22.00 52.95
CA HIS I 521 -70.21 -21.99 52.68
C HIS I 521 -69.37 -21.95 53.95
N GLY I 522 -69.97 -21.60 55.08
CA GLY I 522 -69.25 -21.56 56.34
C GLY I 522 -69.08 -20.16 56.88
N ILE I 523 -70.13 -19.35 56.80
CA ILE I 523 -70.12 -17.97 57.29
C ILE I 523 -71.40 -17.76 58.10
N VAL I 524 -71.24 -17.47 59.39
CA VAL I 524 -72.37 -17.24 60.29
C VAL I 524 -72.44 -15.75 60.60
N VAL I 525 -73.60 -15.14 60.34
CA VAL I 525 -73.79 -13.73 60.61
C VAL I 525 -73.93 -13.51 62.10
N GLU I 526 -73.21 -12.52 62.64
CA GLU I 526 -73.25 -12.26 64.06
C GLU I 526 -74.60 -11.68 64.47
N LYS I 527 -75.08 -10.66 63.75
CA LYS I 527 -76.36 -10.03 64.04
C LYS I 527 -77.12 -9.82 62.74
N THR I 528 -78.32 -10.38 62.67
CA THR I 528 -79.17 -10.25 61.49
C THR I 528 -80.62 -10.11 61.91
N GLY I 529 -81.47 -9.73 60.97
CA GLY I 529 -82.87 -9.56 61.23
C GLY I 529 -83.55 -8.66 60.21
N PRO I 530 -83.59 -7.36 60.48
CA PRO I 530 -84.23 -6.42 59.55
C PRO I 530 -83.50 -6.31 58.22
N TYR I 531 -82.53 -5.40 58.14
CA TYR I 531 -81.77 -5.16 56.93
C TYR I 531 -80.32 -4.82 57.28
N ASN I 532 -79.73 -5.61 58.17
CA ASN I 532 -78.35 -5.39 58.60
C ASN I 532 -77.62 -6.71 58.68
N LEU I 533 -76.30 -6.65 58.52
CA LEU I 533 -75.43 -7.83 58.59
C LEU I 533 -74.15 -7.44 59.32
N LEU I 534 -74.02 -7.87 60.57
CA LEU I 534 -72.88 -7.55 61.39
C LEU I 534 -71.87 -8.68 61.37
N PHE I 535 -70.58 -8.32 61.25
CA PHE I 535 -69.49 -9.27 61.23
C PHE I 535 -68.44 -8.85 62.25
N LEU I 536 -67.33 -9.59 62.27
CA LEU I 536 -66.24 -9.34 63.20
C LEU I 536 -64.92 -9.41 62.44
N PHE I 537 -64.19 -8.30 62.42
CA PHE I 537 -62.88 -8.23 61.77
C PHE I 537 -61.81 -8.02 62.83
N SER I 538 -61.59 -9.05 63.63
CA SER I 538 -60.60 -8.99 64.70
C SER I 538 -59.26 -9.50 64.18
N ILE I 539 -58.39 -9.97 65.06
CA ILE I 539 -57.09 -10.48 64.64
C ILE I 539 -57.18 -11.88 64.05
N GLY I 540 -58.29 -12.58 64.25
CA GLY I 540 -58.43 -13.92 63.70
C GLY I 540 -58.66 -13.93 62.20
N ILE I 541 -59.35 -12.92 61.67
CA ILE I 541 -59.61 -12.83 60.24
C ILE I 541 -58.33 -12.35 59.55
N ASP I 542 -57.69 -13.22 58.80
CA ASP I 542 -56.45 -12.90 58.11
C ASP I 542 -56.77 -12.28 56.75
N LYS I 543 -55.85 -12.37 55.80
CA LYS I 543 -56.05 -11.80 54.47
C LYS I 543 -56.84 -12.73 53.56
N THR I 544 -57.13 -13.95 53.99
CA THR I 544 -57.89 -14.90 53.17
C THR I 544 -59.33 -15.06 53.63
N LYS I 545 -59.60 -14.94 54.93
CA LYS I 545 -60.96 -15.07 55.42
C LYS I 545 -61.82 -13.87 55.02
N ALA I 546 -61.21 -12.69 54.87
CA ALA I 546 -61.97 -11.52 54.47
C ALA I 546 -62.32 -11.56 52.98
N LEU I 547 -61.46 -12.17 52.15
CA LEU I 547 -61.74 -12.24 50.72
C LEU I 547 -62.82 -13.28 50.43
N SER I 548 -62.96 -14.29 51.29
CA SER I 548 -64.00 -15.29 51.08
C SER I 548 -65.39 -14.75 51.34
N LEU I 549 -65.51 -13.70 52.16
CA LEU I 549 -66.82 -13.11 52.42
C LEU I 549 -67.33 -12.33 51.22
N LEU I 550 -66.43 -11.66 50.49
CA LEU I 550 -66.83 -10.89 49.32
C LEU I 550 -67.27 -11.81 48.18
N ARG I 551 -66.61 -12.97 48.04
CA ARG I 551 -66.98 -13.90 46.98
C ARG I 551 -68.36 -14.50 47.21
N ALA I 552 -68.73 -14.74 48.47
CA ALA I 552 -70.06 -15.28 48.76
C ALA I 552 -71.15 -14.24 48.52
N LEU I 553 -70.82 -12.95 48.67
CA LEU I 553 -71.80 -11.90 48.41
C LEU I 553 -72.07 -11.75 46.92
N THR I 554 -71.03 -11.91 46.09
CA THR I 554 -71.23 -11.82 44.64
C THR I 554 -72.00 -13.02 44.10
N ASP I 555 -71.90 -14.17 44.77
CA ASP I 555 -72.65 -15.34 44.33
C ASP I 555 -74.13 -15.23 44.65
N PHE I 556 -74.50 -14.44 45.66
CA PHE I 556 -75.92 -14.26 45.97
C PHE I 556 -76.62 -13.41 44.92
N LYS I 557 -75.91 -12.43 44.36
CA LYS I 557 -76.48 -11.61 43.29
C LYS I 557 -76.64 -12.41 42.01
N ARG I 558 -75.69 -13.30 41.73
CA ARG I 558 -75.77 -14.12 40.52
C ARG I 558 -76.92 -15.12 40.61
N ALA I 559 -77.09 -15.75 41.78
CA ALA I 559 -78.15 -16.73 41.95
C ALA I 559 -79.54 -16.08 42.01
N PHE I 560 -79.61 -14.80 42.38
CA PHE I 560 -80.89 -14.11 42.44
C PHE I 560 -81.30 -13.48 41.12
N ASP I 561 -80.33 -12.99 40.33
CA ASP I 561 -80.65 -12.40 39.05
C ASP I 561 -81.07 -13.46 38.03
N LEU I 562 -80.48 -14.65 38.10
CA LEU I 562 -80.82 -15.73 37.19
C LEU I 562 -82.10 -16.47 37.61
N ASN I 563 -82.66 -16.14 38.77
CA ASN I 563 -83.88 -16.76 39.27
C ASN I 563 -83.73 -18.27 39.38
N LEU I 564 -83.04 -18.73 40.41
CA LEU I 564 -82.84 -20.16 40.65
C LEU I 564 -83.85 -20.68 41.65
N ARG I 565 -83.83 -22.00 41.86
CA ARG I 565 -84.75 -22.64 42.76
C ARG I 565 -84.17 -22.69 44.18
N VAL I 566 -85.05 -22.94 45.15
CA VAL I 566 -84.62 -23.02 46.55
C VAL I 566 -83.84 -24.31 46.79
N LYS I 567 -84.27 -25.41 46.17
CA LYS I 567 -83.58 -26.68 46.35
C LYS I 567 -82.17 -26.65 45.78
N ASN I 568 -81.98 -25.95 44.66
CA ASN I 568 -80.68 -25.81 44.03
C ASN I 568 -79.93 -24.57 44.51
N MET I 569 -80.09 -24.19 45.76
CA MET I 569 -79.43 -23.00 46.30
C MET I 569 -79.32 -23.08 47.82
N LEU I 570 -80.42 -23.47 48.47
CA LEU I 570 -80.48 -23.58 49.93
C LEU I 570 -80.90 -25.00 50.28
N PRO I 571 -79.94 -25.94 50.33
CA PRO I 571 -80.29 -27.33 50.68
C PRO I 571 -80.67 -27.51 52.13
N SER I 572 -80.23 -26.64 53.03
CA SER I 572 -80.59 -26.76 54.44
C SER I 572 -82.03 -26.35 54.68
N LEU I 573 -82.49 -25.30 54.00
CA LEU I 573 -83.87 -24.86 54.17
C LEU I 573 -84.84 -25.83 53.49
N TYR I 574 -84.41 -26.51 52.44
CA TYR I 574 -85.29 -27.45 51.75
C TYR I 574 -85.56 -28.69 52.59
N ARG I 575 -84.62 -29.08 53.45
CA ARG I 575 -84.81 -30.27 54.28
C ARG I 575 -85.78 -30.02 55.44
N GLU I 576 -86.07 -28.75 55.74
CA GLU I 576 -87.00 -28.46 56.83
C GLU I 576 -88.44 -28.76 56.42
N ASP I 577 -88.79 -28.44 55.18
CA ASP I 577 -90.14 -28.69 54.66
C ASP I 577 -90.07 -28.88 53.16
N PRO I 578 -89.75 -30.09 52.70
CA PRO I 578 -89.66 -30.33 51.25
C PRO I 578 -90.98 -30.19 50.52
N GLU I 579 -92.11 -30.35 51.21
CA GLU I 579 -93.41 -30.25 50.54
C GLU I 579 -93.77 -28.81 50.21
N PHE I 580 -93.59 -27.90 51.17
CA PHE I 580 -93.93 -26.50 50.94
C PHE I 580 -92.91 -25.81 50.05
N TYR I 581 -91.62 -26.07 50.27
CA TYR I 581 -90.56 -25.46 49.47
C TYR I 581 -90.21 -26.29 48.23
N GLU I 582 -91.22 -26.79 47.53
CA GLU I 582 -90.99 -27.60 46.32
C GLU I 582 -90.92 -26.71 45.09
N ASN I 583 -92.06 -26.19 44.65
CA ASN I 583 -92.14 -25.31 43.50
C ASN I 583 -91.94 -23.84 43.86
N MET I 584 -90.89 -23.52 44.59
CA MET I 584 -90.59 -22.16 45.00
C MET I 584 -89.19 -21.78 44.54
N ARG I 585 -89.05 -20.55 44.04
CA ARG I 585 -87.78 -20.03 43.56
C ARG I 585 -87.25 -18.98 44.53
N ILE I 586 -86.04 -18.48 44.25
CA ILE I 586 -85.41 -17.49 45.13
C ILE I 586 -86.07 -16.13 44.99
N GLN I 587 -86.69 -15.82 43.85
CA GLN I 587 -87.33 -14.52 43.68
C GLN I 587 -88.74 -14.50 44.27
N GLU I 588 -89.43 -15.64 44.29
CA GLU I 588 -90.77 -15.68 44.86
C GLU I 588 -90.72 -15.56 46.38
N LEU I 589 -89.70 -16.15 47.00
CA LEU I 589 -89.59 -16.08 48.46
C LEU I 589 -89.09 -14.71 48.91
N ALA I 590 -88.26 -14.06 48.10
CA ALA I 590 -87.71 -12.76 48.48
C ALA I 590 -88.75 -11.65 48.34
N GLN I 591 -89.76 -11.83 47.48
CA GLN I 591 -90.76 -10.80 47.29
C GLN I 591 -91.94 -10.96 48.24
N ASN I 592 -92.27 -12.20 48.62
CA ASN I 592 -93.40 -12.42 49.52
C ASN I 592 -93.08 -11.95 50.93
N ILE I 593 -91.84 -12.13 51.37
CA ILE I 593 -91.46 -11.70 52.71
C ILE I 593 -91.37 -10.18 52.78
N HIS I 594 -90.92 -9.54 51.71
CA HIS I 594 -90.80 -8.08 51.71
C HIS I 594 -92.17 -7.40 51.80
N LYS I 595 -93.21 -8.03 51.24
CA LYS I 595 -94.54 -7.45 51.33
C LYS I 595 -95.14 -7.60 52.71
N LEU I 596 -94.72 -8.63 53.46
CA LEU I 596 -95.22 -8.82 54.81
C LEU I 596 -94.65 -7.78 55.77
N ILE I 597 -93.42 -7.32 55.52
CA ILE I 597 -92.83 -6.30 56.38
C ILE I 597 -93.53 -4.96 56.18
N VAL I 598 -93.88 -4.63 54.94
CA VAL I 598 -94.58 -3.37 54.67
C VAL I 598 -96.01 -3.44 55.17
N HIS I 599 -96.65 -4.60 55.03
CA HIS I 599 -98.04 -4.74 55.47
C HIS I 599 -98.15 -4.64 56.99
N HIS I 600 -97.33 -5.43 57.71
CA HIS I 600 -97.36 -5.38 59.16
C HIS I 600 -96.66 -4.15 59.73
N ASN I 601 -95.91 -3.41 58.91
CA ASN I 601 -95.22 -2.20 59.31
C ASN I 601 -94.27 -2.48 60.48
N LEU I 602 -93.07 -2.96 60.17
CA LEU I 602 -92.09 -3.35 61.17
C LEU I 602 -91.31 -2.16 61.71
N PRO I 603 -90.77 -1.27 60.88
CA PRO I 603 -89.98 -0.15 61.43
C PRO I 603 -90.76 0.77 62.35
N ASP I 604 -92.08 0.91 62.15
CA ASP I 604 -92.86 1.79 63.00
C ASP I 604 -93.23 1.13 64.31
N LEU I 605 -93.54 -0.17 64.28
CA LEU I 605 -93.88 -0.89 65.51
C LEU I 605 -92.66 -1.24 66.35
N MET I 606 -91.45 -1.01 65.82
CA MET I 606 -90.23 -1.29 66.56
C MET I 606 -89.59 -0.03 67.13
N TYR I 607 -89.64 1.09 66.39
CA TYR I 607 -89.04 2.32 66.89
C TYR I 607 -89.85 2.91 68.04
N ARG I 608 -91.17 2.71 68.02
CA ARG I 608 -92.01 3.25 69.08
C ARG I 608 -92.08 2.31 70.28
N ALA I 609 -91.86 1.02 70.08
CA ALA I 609 -91.90 0.07 71.19
C ALA I 609 -90.65 0.15 72.06
N PHE I 610 -89.57 0.74 71.55
CA PHE I 610 -88.34 0.87 72.32
C PHE I 610 -88.17 2.23 72.96
N GLU I 611 -88.85 3.26 72.44
CA GLU I 611 -88.73 4.60 73.02
CA GLU I 611 -88.74 4.60 73.02
C GLU I 611 -89.53 4.71 74.31
N VAL I 612 -90.81 4.39 74.28
CA VAL I 612 -91.66 4.46 75.46
C VAL I 612 -91.31 3.31 76.38
N LEU I 613 -90.82 3.64 77.58
CA LEU I 613 -90.45 2.60 78.54
C LEU I 613 -91.66 2.21 79.39
N PRO I 614 -91.85 0.91 79.64
CA PRO I 614 -92.97 0.47 80.46
C PRO I 614 -92.84 0.97 81.89
N THR I 615 -93.99 1.04 82.57
CA THR I 615 -94.03 1.52 83.94
C THR I 615 -93.44 0.49 84.88
N MET I 616 -92.34 0.84 85.56
CA MET I 616 -91.68 -0.06 86.50
C MET I 616 -92.33 0.13 87.87
N VAL I 617 -93.09 -0.88 88.30
CA VAL I 617 -93.78 -0.80 89.59
C VAL I 617 -92.80 -1.03 90.74
N MET I 618 -92.20 -2.22 90.78
CA MET I 618 -91.27 -2.59 91.83
C MET I 618 -89.89 -2.81 91.25
N THR I 619 -88.92 -2.99 92.14
CA THR I 619 -87.54 -3.23 91.72
C THR I 619 -87.40 -4.63 91.13
N PRO I 620 -86.45 -4.85 90.23
CA PRO I 620 -86.24 -6.19 89.68
C PRO I 620 -85.88 -7.23 90.72
N TYR I 621 -85.38 -6.82 91.89
CA TYR I 621 -85.06 -7.78 92.94
C TYR I 621 -86.33 -8.41 93.53
N ALA I 622 -87.37 -7.60 93.74
CA ALA I 622 -88.61 -8.12 94.29
C ALA I 622 -89.38 -8.98 93.30
N ALA I 623 -89.10 -8.84 92.00
CA ALA I 623 -89.80 -9.65 91.01
C ALA I 623 -89.31 -11.09 91.02
N PHE I 624 -88.03 -11.32 91.34
CA PHE I 624 -87.48 -12.66 91.38
C PHE I 624 -87.73 -13.35 92.72
N GLN I 625 -87.83 -12.60 93.80
CA GLN I 625 -88.07 -13.20 95.11
C GLN I 625 -89.49 -13.78 95.19
N LYS I 626 -90.47 -13.08 94.62
CA LYS I 626 -91.84 -13.58 94.61
C LYS I 626 -92.00 -14.76 93.65
N GLU I 627 -91.13 -14.88 92.64
CA GLU I 627 -91.21 -16.00 91.72
C GLU I 627 -90.77 -17.31 92.37
N LEU I 628 -89.84 -17.24 93.33
CA LEU I 628 -89.34 -18.44 93.98
C LEU I 628 -90.39 -19.07 94.91
N HIS I 629 -91.33 -18.28 95.41
CA HIS I 629 -92.36 -18.80 96.31
C HIS I 629 -93.40 -19.65 95.57
N GLY I 630 -93.49 -19.53 94.25
CA GLY I 630 -94.46 -20.29 93.49
C GLY I 630 -95.74 -19.56 93.13
N MET I 631 -95.75 -18.23 93.25
CA MET I 631 -96.94 -17.44 92.94
C MET I 631 -96.90 -16.91 91.51
N THR I 632 -96.64 -17.79 90.55
CA THR I 632 -96.58 -17.45 89.14
C THR I 632 -97.61 -18.23 88.36
N GLU I 633 -98.03 -17.65 87.23
CA GLU I 633 -99.02 -18.29 86.36
C GLU I 633 -98.66 -18.00 84.91
N GLU I 634 -99.18 -18.84 84.02
CA GLU I 634 -98.94 -18.73 82.59
C GLU I 634 -100.20 -18.20 81.92
N VAL I 635 -100.14 -16.96 81.43
CA VAL I 635 -101.27 -16.33 80.76
C VAL I 635 -100.94 -16.16 79.29
N TYR I 636 -101.94 -15.80 78.51
CA TYR I 636 -101.76 -15.59 77.08
C TYR I 636 -101.09 -14.25 76.81
N LEU I 637 -100.59 -14.10 75.57
CA LEU I 637 -99.92 -12.87 75.20
C LEU I 637 -100.92 -11.73 74.98
N ASP I 638 -102.12 -12.05 74.48
CA ASP I 638 -103.13 -11.03 74.23
C ASP I 638 -103.86 -10.59 75.49
N GLU I 639 -103.66 -11.29 76.61
CA GLU I 639 -104.32 -10.96 77.88
C GLU I 639 -103.23 -10.78 78.93
N MET I 640 -102.63 -9.59 78.94
CA MET I 640 -101.58 -9.31 79.92
C MET I 640 -101.46 -7.82 80.24
N VAL I 641 -102.40 -6.98 79.83
CA VAL I 641 -102.32 -5.55 80.12
C VAL I 641 -102.63 -5.32 81.60
N GLY I 642 -101.66 -4.74 82.31
CA GLY I 642 -101.82 -4.46 83.72
C GLY I 642 -101.22 -5.48 84.66
N ARG I 643 -100.42 -6.42 84.15
CA ARG I 643 -99.79 -7.45 84.96
C ARG I 643 -98.30 -7.20 85.06
N ILE I 644 -97.66 -7.92 85.98
CA ILE I 644 -96.22 -7.80 86.21
C ILE I 644 -95.56 -9.08 85.71
N ASN I 645 -94.63 -8.93 84.77
CA ASN I 645 -93.92 -10.06 84.21
C ASN I 645 -92.87 -10.57 85.19
N ALA I 646 -92.44 -11.82 84.97
CA ALA I 646 -91.43 -12.46 85.80
C ALA I 646 -90.07 -12.58 85.14
N ASN I 647 -90.04 -12.77 83.83
CA ASN I 647 -88.80 -12.89 83.07
C ASN I 647 -88.60 -11.67 82.19
N MET I 648 -87.47 -11.63 81.50
CA MET I 648 -87.12 -10.55 80.61
C MET I 648 -87.39 -10.95 79.17
N ILE I 649 -88.03 -10.06 78.40
CA ILE I 649 -88.36 -10.31 77.01
C ILE I 649 -87.18 -9.90 76.15
N LEU I 650 -86.64 -10.86 75.38
CA LEU I 650 -85.51 -10.62 74.48
C LEU I 650 -85.92 -11.05 73.08
N PRO I 651 -86.62 -10.19 72.35
CA PRO I 651 -87.10 -10.58 71.02
C PRO I 651 -86.01 -10.49 69.97
N TYR I 652 -86.04 -11.45 69.04
CA TYR I 652 -85.13 -11.47 67.90
C TYR I 652 -85.95 -11.33 66.62
N PRO I 653 -85.69 -10.32 65.78
CA PRO I 653 -84.70 -9.25 65.93
C PRO I 653 -85.20 -8.11 66.83
N PRO I 654 -84.30 -7.23 67.29
CA PRO I 654 -82.85 -7.24 67.08
C PRO I 654 -82.08 -8.08 68.11
N GLY I 655 -82.34 -7.84 69.40
CA GLY I 655 -81.65 -8.55 70.45
C GLY I 655 -81.42 -7.69 71.68
N VAL I 656 -82.34 -6.76 71.93
CA VAL I 656 -82.24 -5.87 73.08
C VAL I 656 -83.40 -6.17 74.03
N PRO I 657 -83.23 -5.95 75.33
CA PRO I 657 -84.34 -6.21 76.26
C PRO I 657 -85.52 -5.28 75.99
N LEU I 658 -86.72 -5.84 76.11
CA LEU I 658 -87.96 -5.10 75.89
C LEU I 658 -88.65 -4.73 77.20
N VAL I 659 -89.03 -5.73 77.99
CA VAL I 659 -89.70 -5.52 79.27
C VAL I 659 -88.83 -6.14 80.36
N MET I 660 -88.41 -5.31 81.32
CA MET I 660 -87.58 -5.79 82.40
C MET I 660 -88.41 -6.60 83.40
N PRO I 661 -87.79 -7.60 84.05
CA PRO I 661 -88.53 -8.39 85.05
C PRO I 661 -89.02 -7.55 86.21
N GLY I 662 -90.31 -7.21 86.21
CA GLY I 662 -90.90 -6.38 87.25
C GLY I 662 -91.65 -5.17 86.75
N GLU I 663 -91.75 -4.95 85.45
CA GLU I 663 -92.45 -3.81 84.90
C GLU I 663 -93.88 -4.18 84.52
N MET I 664 -94.73 -3.16 84.45
CA MET I 664 -96.14 -3.33 84.12
C MET I 664 -96.45 -2.60 82.82
N ILE I 665 -97.19 -3.27 81.94
CA ILE I 665 -97.61 -2.70 80.66
C ILE I 665 -98.99 -2.09 80.86
N THR I 666 -99.06 -0.76 80.87
CA THR I 666 -100.29 -0.02 81.07
C THR I 666 -100.71 0.63 79.76
N GLU I 667 -101.48 1.72 79.83
CA GLU I 667 -101.95 2.40 78.63
C GLU I 667 -100.85 3.23 77.96
N GLU I 668 -99.78 3.55 78.69
CA GLU I 668 -98.72 4.35 78.10
C GLU I 668 -97.83 3.51 77.19
N SER I 669 -97.52 2.28 77.60
CA SER I 669 -96.66 1.39 76.81
C SER I 669 -97.51 0.48 75.92
N ARG I 670 -98.37 1.12 75.13
CA ARG I 670 -99.24 0.42 74.19
C ARG I 670 -98.46 -0.11 72.98
N PRO I 671 -97.58 0.68 72.36
CA PRO I 671 -96.80 0.13 71.23
C PRO I 671 -95.85 -0.98 71.64
N VAL I 672 -95.55 -1.11 72.94
CA VAL I 672 -94.65 -2.16 73.39
C VAL I 672 -95.29 -3.54 73.20
N LEU I 673 -96.56 -3.67 73.55
CA LEU I 673 -97.26 -4.95 73.38
C LEU I 673 -97.54 -5.22 71.91
N GLU I 674 -97.69 -4.18 71.09
CA GLU I 674 -97.97 -4.38 69.68
C GLU I 674 -96.78 -4.99 68.95
N PHE I 675 -95.57 -4.80 69.47
CA PHE I 675 -94.38 -5.37 68.84
C PHE I 675 -94.33 -6.88 69.03
N LEU I 676 -94.85 -7.39 70.14
CA LEU I 676 -94.85 -8.83 70.37
C LEU I 676 -95.92 -9.54 69.55
N GLN I 677 -97.07 -8.90 69.37
CA GLN I 677 -98.14 -9.51 68.58
C GLN I 677 -97.86 -9.48 67.09
N MET I 678 -97.01 -8.56 66.63
CA MET I 678 -96.70 -8.47 65.21
C MET I 678 -95.76 -9.59 64.79
N LEU I 679 -94.82 -9.96 65.67
CA LEU I 679 -93.87 -11.03 65.34
C LEU I 679 -94.53 -12.40 65.34
N CYS I 680 -95.64 -12.57 66.06
CA CYS I 680 -96.32 -13.87 66.09
C CYS I 680 -97.06 -14.17 64.80
N GLU I 681 -97.34 -13.15 63.98
CA GLU I 681 -98.04 -13.36 62.72
C GLU I 681 -97.09 -13.46 61.54
N ILE I 682 -96.04 -12.63 61.52
CA ILE I 682 -95.09 -12.65 60.41
C ILE I 682 -94.22 -13.90 60.46
N GLY I 683 -94.06 -14.51 61.63
CA GLY I 683 -93.25 -15.70 61.75
C GLY I 683 -94.06 -16.96 61.96
N ALA I 684 -94.98 -17.25 61.03
CA ALA I 684 -95.82 -18.43 61.14
C ALA I 684 -96.29 -18.89 59.76
N HIS I 685 -96.23 -17.99 58.77
CA HIS I 685 -96.65 -18.34 57.42
C HIS I 685 -95.62 -19.23 56.73
N TYR I 686 -94.37 -18.78 56.69
CA TYR I 686 -93.31 -19.52 56.03
C TYR I 686 -92.41 -20.21 57.05
N PRO I 687 -92.15 -21.50 56.89
CA PRO I 687 -91.27 -22.19 57.85
C PRO I 687 -89.85 -21.64 57.80
N GLY I 688 -89.09 -21.95 58.85
CA GLY I 688 -87.72 -21.52 58.98
C GLY I 688 -87.54 -20.16 59.63
N PHE I 689 -88.42 -19.22 59.35
CA PHE I 689 -88.33 -17.89 59.94
C PHE I 689 -89.34 -17.73 61.08
N GLU I 690 -89.30 -18.64 62.05
CA GLU I 690 -90.22 -18.58 63.17
C GLU I 690 -89.84 -17.46 64.12
N THR I 691 -90.79 -17.11 65.00
CA THR I 691 -90.57 -16.05 65.98
C THR I 691 -89.66 -16.57 67.09
N ASP I 692 -88.60 -15.83 67.37
CA ASP I 692 -87.62 -16.21 68.40
C ASP I 692 -87.62 -15.12 69.46
N ILE I 693 -88.30 -15.38 70.58
CA ILE I 693 -88.37 -14.47 71.70
C ILE I 693 -88.02 -15.25 72.97
N HIS I 694 -86.95 -14.83 73.65
CA HIS I 694 -86.51 -15.49 74.89
C HIS I 694 -87.45 -15.09 76.02
N GLY I 695 -88.59 -15.76 76.07
CA GLY I 695 -89.59 -15.49 77.09
C GLY I 695 -90.96 -16.01 76.74
N ALA I 696 -91.23 -16.14 75.44
CA ALA I 696 -92.52 -16.64 74.96
C ALA I 696 -92.39 -18.11 74.60
N TYR I 697 -93.27 -18.93 75.16
CA TYR I 697 -93.28 -20.37 74.91
C TYR I 697 -94.34 -20.71 73.88
N ARG I 698 -94.01 -21.63 72.98
CA ARG I 698 -94.95 -22.04 71.93
C ARG I 698 -95.83 -23.17 72.43
N GLN I 699 -97.14 -23.03 72.23
CA GLN I 699 -98.09 -24.06 72.64
C GLN I 699 -98.40 -25.01 71.49
N ALA I 700 -99.67 -25.41 71.38
CA ALA I 700 -100.10 -26.31 70.32
C ALA I 700 -101.11 -25.67 69.37
N ASP I 701 -101.37 -24.37 69.51
CA ASP I 701 -102.31 -23.67 68.64
C ASP I 701 -101.72 -22.46 67.94
N GLY I 702 -100.52 -22.02 68.33
CA GLY I 702 -99.85 -20.88 67.71
C GLY I 702 -99.70 -19.69 68.61
N ARG I 703 -100.58 -19.50 69.59
CA ARG I 703 -100.51 -18.34 70.47
C ARG I 703 -99.46 -18.59 71.55
N TYR I 704 -98.54 -17.64 71.71
CA TYR I 704 -97.49 -17.73 72.71
C TYR I 704 -98.03 -17.33 74.08
N THR I 705 -97.47 -17.97 75.11
CA THR I 705 -97.86 -17.71 76.49
C THR I 705 -96.65 -17.22 77.28
N VAL I 706 -96.89 -16.26 78.16
CA VAL I 706 -95.85 -15.68 79.01
C VAL I 706 -96.15 -16.02 80.45
N LYS I 707 -95.13 -15.87 81.31
CA LYS I 707 -95.25 -16.14 82.73
C LYS I 707 -95.27 -14.82 83.50
N VAL I 708 -96.35 -14.59 84.23
CA VAL I 708 -96.50 -13.37 85.01
C VAL I 708 -96.62 -13.74 86.49
N LEU I 709 -96.91 -12.74 87.33
CA LEU I 709 -97.06 -12.94 88.76
C LEU I 709 -98.54 -12.92 89.15
N LYS I 710 -98.86 -13.69 90.19
CA LYS I 710 -100.24 -13.75 90.66
C LYS I 710 -100.61 -12.47 91.42
N GLU I 711 -101.88 -12.09 91.30
CA GLU I 711 -102.38 -10.89 91.97
C GLU I 711 -102.74 -11.18 93.42
N MET J 1 -6.05 -30.25 62.19
CA MET J 1 -5.17 -30.04 61.04
C MET J 1 -5.39 -31.14 60.00
N ASN J 2 -6.38 -30.93 59.14
CA ASN J 2 -6.71 -31.90 58.10
C ASN J 2 -7.51 -31.25 56.97
N VAL J 3 -7.10 -30.06 56.54
CA VAL J 3 -7.78 -29.33 55.48
C VAL J 3 -6.83 -29.23 54.29
N ILE J 4 -7.29 -29.69 53.13
CA ILE J 4 -6.52 -29.66 51.90
C ILE J 4 -7.25 -28.77 50.91
N ALA J 5 -6.54 -27.80 50.35
CA ALA J 5 -7.09 -26.83 49.41
C ALA J 5 -6.67 -27.18 47.99
N ILE J 6 -7.62 -27.12 47.07
CA ILE J 6 -7.38 -27.39 45.65
C ILE J 6 -7.87 -26.17 44.87
N LEU J 7 -6.94 -25.34 44.42
CA LEU J 7 -7.25 -24.08 43.77
C LEU J 7 -7.08 -24.20 42.26
N ASN J 8 -7.84 -23.39 41.53
CA ASN J 8 -7.72 -23.22 40.08
C ASN J 8 -8.17 -24.45 39.32
N HIS J 9 -9.27 -24.34 38.57
CA HIS J 9 -9.76 -25.39 37.70
C HIS J 9 -9.27 -25.09 36.28
N MET J 10 -8.41 -25.96 35.76
CA MET J 10 -7.83 -25.73 34.42
C MET J 10 -8.83 -25.98 33.31
N GLY J 11 -9.96 -26.63 33.61
CA GLY J 11 -10.98 -26.90 32.62
C GLY J 11 -10.75 -28.15 31.79
N VAL J 12 -9.51 -28.63 31.73
CA VAL J 12 -9.18 -29.83 30.97
C VAL J 12 -9.58 -31.06 31.76
N TYR J 13 -9.31 -32.24 31.22
CA TYR J 13 -9.67 -33.50 31.88
C TYR J 13 -8.46 -34.27 32.40
N PHE J 14 -7.29 -34.12 31.78
CA PHE J 14 -6.10 -34.82 32.25
C PHE J 14 -5.53 -34.21 33.53
N LYS J 15 -6.05 -33.07 33.97
CA LYS J 15 -5.64 -32.47 35.24
C LYS J 15 -6.70 -32.57 36.32
N GLU J 16 -7.98 -32.56 35.96
CA GLU J 16 -9.06 -32.66 36.93
C GLU J 16 -9.35 -34.10 37.36
N GLU J 17 -9.03 -35.08 36.50
CA GLU J 17 -9.25 -36.48 36.84
C GLU J 17 -8.34 -36.94 37.98
N PRO J 18 -7.04 -36.58 37.97
CA PRO J 18 -6.22 -36.90 39.16
C PRO J 18 -6.71 -36.20 40.43
N ILE J 19 -7.38 -35.06 40.29
CA ILE J 19 -7.96 -34.40 41.46
C ILE J 19 -9.14 -35.19 42.00
N ARG J 20 -9.96 -35.73 41.10
CA ARG J 20 -11.10 -36.54 41.55
C ARG J 20 -10.64 -37.86 42.18
N GLU J 21 -9.57 -38.45 41.65
CA GLU J 21 -9.04 -39.68 42.24
C GLU J 21 -8.40 -39.40 43.60
N LEU J 22 -7.73 -38.27 43.74
CA LEU J 22 -7.14 -37.89 45.02
C LEU J 22 -8.20 -37.47 46.03
N HIS J 23 -9.37 -37.01 45.55
CA HIS J 23 -10.43 -36.62 46.47
C HIS J 23 -10.95 -37.81 47.25
N ARG J 24 -11.02 -38.98 46.63
CA ARG J 24 -11.50 -40.19 47.30
C ARG J 24 -10.40 -40.87 48.11
N ALA J 25 -9.14 -40.51 47.90
CA ALA J 25 -8.03 -41.14 48.63
C ALA J 25 -7.67 -40.39 49.90
N LEU J 26 -7.78 -39.06 49.90
CA LEU J 26 -7.45 -38.28 51.09
C LEU J 26 -8.51 -38.40 52.17
N GLU J 27 -9.76 -38.71 51.79
CA GLU J 27 -10.82 -38.85 52.78
C GLU J 27 -10.69 -40.15 53.58
N ARG J 28 -9.92 -41.12 53.08
CA ARG J 28 -9.74 -42.37 53.82
C ARG J 28 -8.84 -42.20 55.03
N LEU J 29 -8.03 -41.14 55.08
CA LEU J 29 -7.13 -40.87 56.19
C LEU J 29 -7.58 -39.64 56.99
N ASN J 30 -8.87 -39.35 56.98
CA ASN J 30 -9.46 -38.22 57.70
C ASN J 30 -8.84 -36.90 57.27
N PHE J 31 -9.31 -36.37 56.14
CA PHE J 31 -8.86 -35.08 55.64
C PHE J 31 -10.02 -34.36 54.96
N GLN J 32 -10.20 -33.09 55.30
CA GLN J 32 -11.26 -32.28 54.72
C GLN J 32 -10.76 -31.64 53.42
N ILE J 33 -11.59 -31.68 52.39
CA ILE J 33 -11.25 -31.14 51.08
C ILE J 33 -12.09 -29.89 50.84
N VAL J 34 -11.44 -28.79 50.48
CA VAL J 34 -12.10 -27.53 50.18
C VAL J 34 -11.73 -27.10 48.77
N TYR J 35 -12.66 -26.43 48.10
CA TYR J 35 -12.49 -25.96 46.72
C TYR J 35 -12.59 -24.44 46.69
N PRO J 36 -11.47 -23.73 46.85
CA PRO J 36 -11.51 -22.27 46.75
C PRO J 36 -11.77 -21.81 45.33
N ASN J 37 -12.16 -20.53 45.21
CA ASN J 37 -12.51 -19.96 43.92
C ASN J 37 -11.33 -19.29 43.24
N ASP J 38 -11.16 -18.00 43.49
CA ASP J 38 -10.12 -17.21 42.84
C ASP J 38 -8.90 -17.10 43.78
N ARG J 39 -8.02 -16.13 43.50
CA ARG J 39 -6.83 -15.97 44.31
C ARG J 39 -7.17 -15.41 45.70
N ASP J 40 -8.14 -14.50 45.77
CA ASP J 40 -8.55 -13.95 47.05
C ASP J 40 -9.27 -14.96 47.92
N ASP J 41 -9.77 -16.05 47.33
CA ASP J 41 -10.44 -17.08 48.11
C ASP J 41 -9.45 -17.89 48.93
N LEU J 42 -8.29 -18.21 48.35
CA LEU J 42 -7.28 -18.98 49.07
C LEU J 42 -6.66 -18.17 50.20
N LEU J 43 -6.54 -16.85 50.03
CA LEU J 43 -5.95 -16.01 51.07
C LEU J 43 -6.82 -15.97 52.33
N LYS J 44 -8.14 -16.09 52.17
CA LYS J 44 -9.05 -16.10 53.30
C LYS J 44 -9.10 -17.44 54.02
N LEU J 45 -8.53 -18.49 53.44
CA LEU J 45 -8.52 -19.82 54.04
C LEU J 45 -7.28 -20.07 54.89
N ILE J 46 -6.44 -19.05 55.10
CA ILE J 46 -5.22 -19.18 55.89
C ILE J 46 -5.27 -18.31 57.13
N GLU J 47 -5.65 -17.04 56.98
CA GLU J 47 -5.72 -16.15 58.13
C GLU J 47 -6.88 -16.52 59.05
N ASN J 48 -8.03 -16.88 58.48
CA ASN J 48 -9.18 -17.26 59.28
C ASN J 48 -9.11 -18.74 59.67
N ASN J 49 -8.90 -19.62 58.69
CA ASN J 49 -8.80 -21.05 58.93
C ASN J 49 -7.34 -21.43 59.18
N ALA J 50 -7.05 -21.89 60.38
CA ALA J 50 -5.70 -22.27 60.77
C ALA J 50 -5.44 -23.76 60.70
N ARG J 51 -6.46 -24.58 60.43
CA ARG J 51 -6.32 -26.01 60.33
C ARG J 51 -5.99 -26.49 58.92
N LEU J 52 -5.45 -25.61 58.08
CA LEU J 52 -5.10 -25.96 56.72
C LEU J 52 -3.63 -26.37 56.64
N CYS J 53 -3.35 -27.39 55.85
CA CYS J 53 -1.99 -27.88 55.68
C CYS J 53 -1.64 -28.27 54.25
N GLY J 54 -2.56 -28.13 53.31
CA GLY J 54 -2.29 -28.49 51.93
C GLY J 54 -2.86 -27.51 50.93
N VAL J 55 -2.01 -27.02 50.02
CA VAL J 55 -2.41 -26.07 48.99
C VAL J 55 -2.05 -26.68 47.64
N ILE J 56 -3.07 -27.05 46.87
CA ILE J 56 -2.89 -27.65 45.55
C ILE J 56 -3.33 -26.64 44.51
N PHE J 57 -2.43 -26.29 43.60
CA PHE J 57 -2.73 -25.34 42.55
C PHE J 57 -1.80 -25.61 41.37
N ASP J 58 -2.14 -25.05 40.22
CA ASP J 58 -1.34 -25.21 39.01
C ASP J 58 -0.13 -24.29 39.06
N TRP J 59 1.05 -24.87 38.84
CA TRP J 59 2.28 -24.09 38.88
C TRP J 59 2.40 -23.15 37.67
N ASP J 60 1.82 -23.54 36.54
CA ASP J 60 1.86 -22.73 35.33
C ASP J 60 0.61 -21.87 35.18
N LYS J 61 0.21 -21.21 36.26
CA LYS J 61 -0.98 -20.36 36.24
C LYS J 61 -0.80 -19.20 37.21
N TYR J 62 -0.33 -19.49 38.43
CA TYR J 62 -0.07 -18.47 39.45
C TYR J 62 1.22 -18.84 40.18
N ASN J 63 2.36 -18.56 39.53
CA ASN J 63 3.66 -18.85 40.10
C ASN J 63 4.24 -17.67 40.88
N LEU J 64 3.65 -16.49 40.78
CA LEU J 64 4.12 -15.31 41.49
C LEU J 64 3.06 -14.64 42.35
N GLU J 65 1.78 -14.96 42.17
CA GLU J 65 0.72 -14.37 42.96
C GLU J 65 0.39 -15.18 44.21
N LEU J 66 0.88 -16.42 44.30
CA LEU J 66 0.62 -17.27 45.46
C LEU J 66 1.87 -17.59 46.26
N CYS J 67 3.04 -17.60 45.64
CA CYS J 67 4.28 -17.90 46.33
C CYS J 67 4.82 -16.71 47.12
N GLU J 68 4.15 -15.57 47.07
CA GLU J 68 4.59 -14.36 47.78
C GLU J 68 3.68 -13.99 48.94
N GLU J 69 2.36 -14.06 48.75
CA GLU J 69 1.44 -13.71 49.82
C GLU J 69 1.39 -14.78 50.90
N ILE J 70 1.51 -16.04 50.53
CA ILE J 70 1.50 -17.11 51.52
C ILE J 70 2.79 -17.11 52.32
N SER J 71 3.92 -16.78 51.68
CA SER J 71 5.19 -16.75 52.39
C SER J 71 5.23 -15.65 53.45
N LYS J 72 4.47 -14.57 53.24
CA LYS J 72 4.44 -13.50 54.23
C LYS J 72 3.69 -13.90 55.50
N MET J 73 2.75 -14.84 55.40
CA MET J 73 2.00 -15.29 56.57
C MET J 73 2.68 -16.50 57.20
N ASN J 74 2.44 -17.68 56.61
CA ASN J 74 3.02 -18.93 57.09
C ASN J 74 4.22 -19.27 56.20
N GLU J 75 5.41 -19.19 56.77
CA GLU J 75 6.64 -19.46 56.03
C GLU J 75 7.01 -20.94 56.00
N ASN J 76 6.16 -21.81 56.56
CA ASN J 76 6.44 -23.24 56.59
C ASN J 76 5.27 -24.07 56.08
N LEU J 77 4.27 -23.45 55.47
CA LEU J 77 3.10 -24.18 54.97
C LEU J 77 3.49 -25.02 53.77
N PRO J 78 3.29 -26.33 53.79
CA PRO J 78 3.65 -27.16 52.63
C PRO J 78 2.77 -26.82 51.42
N LEU J 79 3.42 -26.60 50.28
CA LEU J 79 2.73 -26.26 49.04
C LEU J 79 2.74 -27.50 48.14
N TYR J 80 1.56 -28.04 47.85
CA TYR J 80 1.43 -29.21 46.98
C TYR J 80 1.11 -28.78 45.55
N ALA J 81 1.95 -27.88 45.03
CA ALA J 81 1.76 -27.36 43.69
C ALA J 81 2.11 -28.43 42.65
N PHE J 82 1.29 -28.51 41.61
CA PHE J 82 1.49 -29.47 40.53
C PHE J 82 2.17 -28.75 39.36
N ALA J 83 3.34 -29.22 38.98
CA ALA J 83 4.09 -28.63 37.87
C ALA J 83 3.80 -29.36 36.57
N ASN J 84 4.26 -28.77 35.47
CA ASN J 84 4.08 -29.33 34.13
C ASN J 84 5.45 -29.56 33.50
N THR J 85 5.45 -29.80 32.19
CA THR J 85 6.71 -30.05 31.48
C THR J 85 7.52 -28.76 31.34
N TYR J 86 6.92 -27.72 30.79
CA TYR J 86 7.61 -26.44 30.61
C TYR J 86 7.37 -25.55 31.84
N SER J 87 7.98 -25.97 32.94
CA SER J 87 7.87 -25.25 34.21
C SER J 87 9.27 -24.90 34.70
N THR J 88 9.38 -23.73 35.33
CA THR J 88 10.67 -23.26 35.85
C THR J 88 10.39 -22.32 37.01
N LEU J 89 11.46 -21.97 37.72
CA LEU J 89 11.38 -21.06 38.86
C LEU J 89 11.56 -19.61 38.39
N ASP J 90 11.42 -18.70 39.35
CA ASP J 90 11.56 -17.27 39.10
C ASP J 90 12.71 -16.70 39.93
N VAL J 91 13.31 -15.62 39.42
CA VAL J 91 14.43 -15.01 40.13
C VAL J 91 13.97 -14.33 41.40
N SER J 92 12.70 -13.92 41.45
CA SER J 92 12.13 -13.28 42.62
C SER J 92 11.58 -14.26 43.64
N LEU J 93 11.88 -15.55 43.49
CA LEU J 93 11.41 -16.59 44.40
C LEU J 93 12.58 -17.29 45.11
N ASN J 94 13.67 -16.55 45.35
CA ASN J 94 14.85 -17.11 46.00
C ASN J 94 14.97 -16.74 47.47
N ASP J 95 14.41 -15.60 47.87
CA ASP J 95 14.48 -15.14 49.26
C ASP J 95 13.13 -15.30 49.96
N LEU J 96 12.48 -16.44 49.77
CA LEU J 96 11.19 -16.72 50.37
C LEU J 96 11.20 -18.11 50.98
N ARG J 97 10.70 -18.23 52.20
CA ARG J 97 10.65 -19.51 52.90
C ARG J 97 9.38 -20.25 52.50
N LEU J 98 9.52 -21.29 51.69
CA LEU J 98 8.39 -22.09 51.22
C LEU J 98 8.75 -23.56 51.27
N GLN J 99 7.75 -24.40 51.05
CA GLN J 99 7.90 -25.86 51.01
C GLN J 99 7.04 -26.38 49.86
N ILE J 100 7.62 -26.40 48.66
CA ILE J 100 6.90 -26.81 47.46
C ILE J 100 7.15 -28.29 47.22
N SER J 101 6.06 -29.05 47.06
CA SER J 101 6.13 -30.48 46.78
C SER J 101 5.61 -30.70 45.36
N PHE J 102 6.52 -31.03 44.45
CA PHE J 102 6.15 -31.23 43.05
C PHE J 102 5.56 -32.61 42.84
N PHE J 103 4.60 -32.70 41.93
CA PHE J 103 3.96 -33.95 41.57
C PHE J 103 3.67 -33.93 40.07
N GLU J 104 2.96 -34.97 39.60
CA GLU J 104 2.60 -35.08 38.20
C GLU J 104 1.12 -35.46 38.10
N TYR J 105 0.65 -35.59 36.87
CA TYR J 105 -0.74 -35.97 36.58
C TYR J 105 -0.71 -37.37 35.98
N ALA J 106 -0.73 -38.38 36.83
CA ALA J 106 -0.71 -39.78 36.42
C ALA J 106 -1.91 -40.51 37.00
N LEU J 107 -2.48 -41.42 36.20
CA LEU J 107 -3.62 -42.19 36.64
C LEU J 107 -3.16 -43.46 37.37
N GLY J 108 -3.92 -43.83 38.40
CA GLY J 108 -3.60 -45.00 39.19
C GLY J 108 -2.61 -44.77 40.32
N ALA J 109 -1.80 -43.71 40.25
CA ALA J 109 -0.82 -43.40 41.28
C ALA J 109 -1.37 -42.47 42.34
N ALA J 110 -2.70 -42.35 42.45
CA ALA J 110 -3.29 -41.49 43.46
C ALA J 110 -3.10 -42.05 44.88
N GLU J 111 -2.92 -43.36 45.01
CA GLU J 111 -2.72 -43.93 46.34
C GLU J 111 -1.33 -43.59 46.88
N ASP J 112 -0.32 -43.60 46.02
CA ASP J 112 1.03 -43.26 46.47
C ASP J 112 1.15 -41.79 46.82
N ILE J 113 0.34 -40.93 46.19
CA ILE J 113 0.38 -39.50 46.52
C ILE J 113 -0.21 -39.25 47.91
N ALA J 114 -1.25 -40.00 48.27
CA ALA J 114 -1.86 -39.84 49.58
C ALA J 114 -0.91 -40.22 50.71
N ASN J 115 -0.05 -41.21 50.47
CA ASN J 115 0.92 -41.59 51.49
C ASN J 115 2.02 -40.56 51.64
N LYS J 116 2.35 -39.84 50.57
CA LYS J 116 3.37 -38.80 50.65
C LYS J 116 2.85 -37.54 51.34
N ILE J 117 1.56 -37.24 51.20
CA ILE J 117 0.99 -36.07 51.87
C ILE J 117 0.91 -36.30 53.37
N LYS J 118 0.53 -37.51 53.79
CA LYS J 118 0.46 -37.81 55.21
C LYS J 118 1.84 -37.79 55.85
N GLN J 119 2.86 -38.25 55.14
CA GLN J 119 4.22 -38.20 55.67
C GLN J 119 4.76 -36.77 55.70
N THR J 120 4.40 -35.96 54.69
CA THR J 120 4.84 -34.57 54.67
C THR J 120 4.13 -33.77 55.77
N THR J 121 2.86 -34.07 56.01
CA THR J 121 2.14 -33.37 57.08
C THR J 121 2.73 -33.68 58.44
N ASP J 122 3.15 -34.94 58.65
CA ASP J 122 3.79 -35.30 59.92
C ASP J 122 5.13 -34.59 60.10
N GLU J 123 5.82 -34.28 59.01
CA GLU J 123 7.06 -33.52 59.12
C GLU J 123 6.79 -32.08 59.56
N TYR J 124 5.66 -31.51 59.14
CA TYR J 124 5.29 -30.18 59.59
C TYR J 124 4.88 -30.16 61.06
N ILE J 125 4.32 -31.27 61.55
CA ILE J 125 3.93 -31.34 62.95
C ILE J 125 5.15 -31.43 63.85
N ASN J 126 6.15 -32.23 63.46
CA ASN J 126 7.35 -32.39 64.26
C ASN J 126 8.28 -31.18 64.18
N THR J 127 7.98 -30.20 63.31
CA THR J 127 8.81 -29.01 63.17
C THR J 127 8.28 -27.83 63.99
N ILE J 128 6.97 -27.56 63.90
CA ILE J 128 6.39 -26.43 64.63
C ILE J 128 6.21 -26.70 66.11
N LEU J 129 6.36 -27.95 66.55
CA LEU J 129 6.18 -28.23 67.97
C LEU J 129 7.53 -28.28 68.68
N PRO J 130 7.61 -27.77 69.89
CA PRO J 130 8.87 -27.81 70.64
C PRO J 130 9.20 -29.23 71.07
N PRO J 131 10.46 -29.51 71.41
CA PRO J 131 10.82 -30.87 71.82
C PRO J 131 10.18 -31.30 73.14
N LEU J 132 9.82 -30.35 74.01
CA LEU J 132 9.16 -30.72 75.26
C LEU J 132 7.73 -31.19 75.01
N THR J 133 7.01 -30.51 74.10
CA THR J 133 5.65 -30.93 73.77
C THR J 133 5.66 -32.21 72.93
N LYS J 134 6.66 -32.38 72.07
CA LYS J 134 6.75 -33.59 71.26
C LYS J 134 6.92 -34.83 72.12
N ALA J 135 7.70 -34.72 73.20
CA ALA J 135 7.89 -35.85 74.10
C ALA J 135 6.65 -36.16 74.92
N LEU J 136 5.73 -35.21 75.04
CA LEU J 136 4.50 -35.45 75.80
C LEU J 136 3.44 -36.12 74.94
N PHE J 137 3.31 -35.72 73.68
CA PHE J 137 2.32 -36.34 72.80
C PHE J 137 2.74 -37.75 72.40
N LYS J 138 4.04 -37.98 72.20
CA LYS J 138 4.51 -39.31 71.83
C LYS J 138 4.41 -40.28 73.00
N TYR J 139 4.53 -39.79 74.23
CA TYR J 139 4.44 -40.65 75.40
C TYR J 139 3.03 -41.17 75.62
N VAL J 140 2.02 -40.51 75.08
CA VAL J 140 0.64 -40.96 75.26
C VAL J 140 0.33 -42.17 74.39
N ARG J 141 0.82 -42.15 73.14
CA ARG J 141 0.50 -43.22 72.20
C ARG J 141 1.45 -44.41 72.29
N GLU J 142 2.64 -44.23 72.83
CA GLU J 142 3.60 -45.33 72.90
C GLU J 142 4.16 -45.56 74.29
N GLY J 143 4.38 -44.51 75.07
CA GLY J 143 4.95 -44.67 76.40
C GLY J 143 3.94 -45.27 77.35
N LYS J 144 4.29 -46.41 77.94
CA LYS J 144 3.42 -47.08 78.91
C LYS J 144 4.28 -47.58 80.06
N TYR J 145 4.18 -46.92 81.21
CA TYR J 145 4.93 -47.29 82.40
C TYR J 145 3.99 -47.30 83.59
N THR J 146 3.85 -48.47 84.22
CA THR J 146 2.97 -48.64 85.36
C THR J 146 3.75 -48.48 86.66
N PHE J 147 3.01 -48.43 87.77
CA PHE J 147 3.58 -48.30 89.11
C PHE J 147 4.42 -47.02 89.22
N CYS J 148 3.83 -45.90 88.82
CA CYS J 148 4.51 -44.62 88.86
C CYS J 148 3.53 -43.55 89.34
N THR J 149 4.00 -42.30 89.40
CA THR J 149 3.22 -41.15 89.79
C THR J 149 2.78 -40.35 88.56
N PRO J 150 1.58 -39.75 88.58
CA PRO J 150 0.59 -39.77 89.66
C PRO J 150 -0.11 -41.11 89.82
N GLY J 151 -1.04 -41.19 90.78
CA GLY J 151 -1.70 -42.45 91.08
C GLY J 151 -2.87 -42.78 90.19
N HIS J 152 -3.38 -41.81 89.42
CA HIS J 152 -4.51 -42.09 88.54
C HIS J 152 -4.13 -43.00 87.39
N MET J 153 -2.88 -42.92 86.93
CA MET J 153 -2.35 -43.78 85.87
C MET J 153 -3.19 -43.68 84.60
N GLY J 154 -3.25 -42.47 84.07
CA GLY J 154 -4.03 -42.23 82.86
C GLY J 154 -5.53 -42.36 83.04
N GLY J 155 -6.02 -42.13 84.25
CA GLY J 155 -7.44 -42.25 84.51
C GLY J 155 -7.92 -43.67 84.72
N THR J 156 -7.10 -44.52 85.35
CA THR J 156 -7.49 -45.91 85.58
C THR J 156 -8.45 -46.03 86.76
N ALA J 157 -8.19 -45.29 87.84
CA ALA J 157 -9.05 -45.36 89.02
C ALA J 157 -10.42 -44.76 88.78
N PHE J 158 -10.57 -43.91 87.76
CA PHE J 158 -11.87 -43.31 87.47
C PHE J 158 -12.85 -44.31 86.87
N GLN J 159 -12.35 -45.40 86.29
CA GLN J 159 -13.22 -46.41 85.69
C GLN J 159 -13.79 -47.40 86.71
N LYS J 160 -13.43 -47.26 87.98
CA LYS J 160 -13.93 -48.15 89.02
C LYS J 160 -15.04 -47.53 89.87
N SER J 161 -15.06 -46.21 90.00
CA SER J 161 -16.09 -45.53 90.78
C SER J 161 -17.15 -44.93 89.87
N PRO J 162 -18.42 -45.01 90.26
CA PRO J 162 -19.48 -44.44 89.40
C PRO J 162 -19.36 -42.93 89.24
N VAL J 163 -18.92 -42.21 90.28
CA VAL J 163 -18.78 -40.77 90.19
C VAL J 163 -17.51 -40.40 89.43
N GLY J 164 -16.50 -41.29 89.43
CA GLY J 164 -15.26 -40.99 88.73
C GLY J 164 -15.36 -41.07 87.23
N SER J 165 -16.34 -41.80 86.70
CA SER J 165 -16.48 -41.92 85.26
C SER J 165 -16.99 -40.63 84.64
N LEU J 166 -17.74 -39.83 85.40
CA LEU J 166 -18.25 -38.56 84.87
C LEU J 166 -17.14 -37.52 84.74
N PHE J 167 -16.12 -37.58 85.60
CA PHE J 167 -15.03 -36.63 85.53
C PHE J 167 -13.99 -37.04 84.49
N TYR J 168 -13.90 -38.33 84.18
CA TYR J 168 -12.94 -38.80 83.18
C TYR J 168 -13.45 -38.59 81.76
N ASP J 169 -14.77 -38.70 81.57
CA ASP J 169 -15.35 -38.53 80.24
C ASP J 169 -15.53 -37.06 79.86
N PHE J 170 -15.30 -36.13 80.79
CA PHE J 170 -15.46 -34.72 80.49
C PHE J 170 -14.28 -34.19 79.68
N PHE J 171 -13.06 -34.43 80.16
CA PHE J 171 -11.87 -33.96 79.45
C PHE J 171 -11.54 -34.83 78.25
N GLY J 172 -11.16 -36.09 78.50
CA GLY J 172 -10.84 -37.01 77.44
C GLY J 172 -9.75 -37.98 77.84
N PRO J 173 -9.64 -39.08 77.09
CA PRO J 173 -8.58 -40.07 77.40
C PRO J 173 -7.18 -39.52 77.24
N ASN J 174 -6.95 -38.66 76.26
CA ASN J 174 -5.63 -38.09 76.03
C ASN J 174 -5.26 -37.01 77.04
N THR J 175 -6.22 -36.52 77.83
CA THR J 175 -5.93 -35.50 78.82
C THR J 175 -5.26 -36.09 80.05
N MET J 176 -5.80 -37.20 80.57
CA MET J 176 -5.23 -37.81 81.76
C MET J 176 -3.90 -38.50 81.48
N LYS J 177 -3.74 -39.04 80.27
CA LYS J 177 -2.49 -39.72 79.92
C LYS J 177 -1.34 -38.76 79.76
N SER J 178 -1.61 -37.48 79.53
CA SER J 178 -0.57 -36.47 79.38
C SER J 178 -0.22 -35.78 80.69
N ASP J 179 -0.73 -36.28 81.82
CA ASP J 179 -0.47 -35.70 83.14
C ASP J 179 0.42 -36.69 83.90
N ILE J 180 1.73 -36.56 83.72
CA ILE J 180 2.70 -37.42 84.37
C ILE J 180 3.64 -36.58 85.23
N SER J 181 4.55 -37.24 85.94
CA SER J 181 5.49 -36.54 86.81
C SER J 181 6.92 -36.73 86.33
N ILE J 182 7.86 -36.82 87.27
CA ILE J 182 9.27 -36.96 86.94
C ILE J 182 9.67 -38.43 86.98
N SER J 183 8.68 -39.31 86.90
CA SER J 183 8.90 -40.75 86.93
C SER J 183 9.20 -41.31 85.54
N VAL J 184 9.53 -40.46 84.57
CA VAL J 184 9.83 -40.88 83.21
C VAL J 184 11.25 -40.42 82.87
N SER J 185 12.05 -41.31 82.29
CA SER J 185 13.44 -41.02 82.01
C SER J 185 13.63 -40.24 80.71
N GLU J 186 12.90 -40.57 79.66
CA GLU J 186 13.07 -39.93 78.36
C GLU J 186 12.39 -38.57 78.26
N LEU J 187 11.91 -38.01 79.37
CA LEU J 187 11.36 -36.67 79.39
C LEU J 187 12.07 -35.72 80.34
N GLY J 188 12.99 -36.21 81.17
CA GLY J 188 13.73 -35.35 82.07
C GLY J 188 12.89 -34.87 83.24
N SER J 189 13.49 -33.95 84.00
CA SER J 189 12.85 -33.36 85.17
C SER J 189 13.03 -31.85 85.14
N LEU J 190 12.09 -31.15 85.77
CA LEU J 190 12.16 -29.69 85.81
C LEU J 190 13.22 -29.20 86.79
N LEU J 191 13.36 -29.89 87.93
CA LEU J 191 14.36 -29.47 88.91
C LEU J 191 15.77 -29.78 88.44
N ASP J 192 15.95 -30.85 87.66
CA ASP J 192 17.27 -31.21 87.16
C ASP J 192 17.70 -30.35 85.97
N HIS J 193 16.74 -29.80 85.22
CA HIS J 193 17.03 -28.95 84.06
C HIS J 193 17.91 -29.68 83.04
N SER J 194 17.50 -30.90 82.70
CA SER J 194 18.23 -31.73 81.75
C SER J 194 17.24 -32.39 80.79
N GLY J 195 17.76 -32.80 79.63
CA GLY J 195 16.96 -33.44 78.62
C GLY J 195 16.07 -32.47 77.89
N PRO J 196 14.79 -32.83 77.72
CA PRO J 196 13.85 -31.92 77.06
C PRO J 196 13.63 -30.62 77.82
N HIS J 197 13.76 -30.64 79.15
CA HIS J 197 13.59 -29.41 79.92
C HIS J 197 14.77 -28.47 79.73
N LYS J 198 15.95 -29.00 79.40
CA LYS J 198 17.11 -28.15 79.18
C LYS J 198 16.99 -27.37 77.88
N GLU J 199 16.49 -28.02 76.82
CA GLU J 199 16.30 -27.35 75.55
C GLU J 199 15.13 -26.37 75.58
N ALA J 200 14.21 -26.53 76.53
CA ALA J 200 13.09 -25.61 76.63
C ALA J 200 13.51 -24.25 77.14
N GLU J 201 14.54 -24.19 77.99
CA GLU J 201 15.00 -22.91 78.50
C GLU J 201 15.74 -22.11 77.42
N GLN J 202 16.36 -22.79 76.47
CA GLN J 202 17.06 -22.10 75.40
C GLN J 202 16.12 -21.74 74.25
N TYR J 203 15.02 -22.48 74.10
CA TYR J 203 14.08 -22.18 73.03
C TYR J 203 13.20 -20.99 73.37
N ILE J 204 12.97 -20.73 74.66
CA ILE J 204 12.15 -19.59 75.06
C ILE J 204 12.99 -18.33 75.16
N ALA J 205 14.20 -18.44 75.70
CA ALA J 205 15.06 -17.27 75.85
C ALA J 205 15.55 -16.75 74.50
N ARG J 206 15.60 -17.61 73.48
CA ARG J 206 16.04 -17.17 72.17
C ARG J 206 14.93 -16.43 71.43
N VAL J 207 13.69 -16.89 71.55
CA VAL J 207 12.58 -16.23 70.88
C VAL J 207 12.22 -14.93 71.58
N PHE J 208 12.12 -14.96 72.91
CA PHE J 208 11.80 -13.78 73.69
C PHE J 208 13.00 -12.88 73.95
N ASN J 209 14.16 -13.18 73.34
CA ASN J 209 15.39 -12.39 73.50
C ASN J 209 15.79 -12.31 74.97
N ALA J 210 16.36 -13.42 75.44
CA ALA J 210 16.81 -13.52 76.83
C ALA J 210 18.00 -14.47 76.89
N ASP J 211 18.57 -14.59 78.09
CA ASP J 211 19.71 -15.46 78.31
C ASP J 211 19.39 -16.67 79.18
N ARG J 212 18.42 -16.56 80.07
CA ARG J 212 18.04 -17.67 80.95
CA ARG J 212 18.04 -17.67 80.95
C ARG J 212 16.58 -17.49 81.34
N SER J 213 15.69 -18.19 80.65
CA SER J 213 14.25 -18.12 80.90
C SER J 213 13.78 -19.44 81.51
N TYR J 214 13.03 -19.35 82.59
CA TYR J 214 12.50 -20.51 83.29
C TYR J 214 10.99 -20.59 83.07
N MET J 215 10.38 -21.60 83.69
CA MET J 215 8.94 -21.84 83.57
C MET J 215 8.38 -22.07 84.98
N VAL J 216 7.79 -21.02 85.54
CA VAL J 216 7.20 -21.10 86.87
C VAL J 216 5.84 -21.79 86.78
N THR J 217 5.63 -22.78 87.65
CA THR J 217 4.40 -23.56 87.66
C THR J 217 3.46 -23.16 88.80
N ASN J 218 3.56 -21.91 89.27
CA ASN J 218 2.70 -21.44 90.35
C ASN J 218 2.29 -19.99 90.09
N GLY J 219 2.05 -19.66 88.83
CA GLY J 219 1.60 -18.33 88.47
C GLY J 219 2.70 -17.28 88.58
N THR J 220 2.31 -16.03 88.31
CA THR J 220 3.24 -14.92 88.37
C THR J 220 3.49 -14.47 89.82
N SER J 221 2.50 -14.65 90.69
CA SER J 221 2.64 -14.22 92.08
C SER J 221 3.78 -14.93 92.78
N THR J 222 4.12 -16.14 92.35
CA THR J 222 5.23 -16.87 92.95
C THR J 222 6.57 -16.47 92.36
N ALA J 223 6.61 -16.13 91.07
CA ALA J 223 7.86 -15.75 90.43
C ALA J 223 8.42 -14.45 90.99
N ASN J 224 7.56 -13.58 91.52
CA ASN J 224 8.03 -12.33 92.10
C ASN J 224 8.77 -12.54 93.42
N LYS J 225 8.56 -13.68 94.08
CA LYS J 225 9.24 -13.97 95.33
C LYS J 225 10.57 -14.70 95.14
N ILE J 226 10.79 -15.31 93.97
CA ILE J 226 12.05 -15.99 93.72
C ILE J 226 13.17 -14.98 93.50
N VAL J 227 12.89 -13.90 92.76
CA VAL J 227 13.90 -12.88 92.51
C VAL J 227 14.20 -12.11 93.80
N GLY J 228 13.18 -11.88 94.63
CA GLY J 228 13.41 -11.16 95.87
C GLY J 228 14.27 -11.91 96.86
N MET J 229 14.30 -13.24 96.75
CA MET J 229 15.12 -14.06 97.63
C MET J 229 16.49 -14.37 97.03
N TYR J 230 17.00 -13.52 96.14
CA TYR J 230 18.29 -13.72 95.51
C TYR J 230 19.19 -12.49 95.63
N SER J 231 18.69 -11.32 95.24
CA SER J 231 19.46 -10.07 95.30
C SER J 231 19.04 -9.20 96.47
N ALA J 232 18.65 -9.82 97.59
CA ALA J 232 18.22 -9.08 98.78
C ALA J 232 18.50 -9.93 100.01
N PRO J 233 19.72 -9.86 100.54
CA PRO J 233 20.04 -10.64 101.74
C PRO J 233 19.26 -10.13 102.95
N ALA J 234 19.34 -10.92 104.03
CA ALA J 234 18.65 -10.57 105.28
C ALA J 234 19.31 -9.38 105.93
N GLY J 235 18.96 -8.17 105.50
CA GLY J 235 19.53 -6.96 106.07
C GLY J 235 20.06 -6.02 105.00
N SER J 236 19.41 -5.98 103.85
CA SER J 236 19.84 -5.12 102.75
C SER J 236 18.85 -3.98 102.54
N THR J 237 18.73 -3.52 101.30
CA THR J 237 17.82 -2.42 100.97
C THR J 237 17.32 -2.61 99.54
N ILE J 238 16.00 -2.59 99.36
CA ILE J 238 15.38 -2.75 98.05
C ILE J 238 14.62 -1.48 97.70
N LEU J 239 14.42 -1.28 96.41
CA LEU J 239 13.70 -0.12 95.87
C LEU J 239 12.41 -0.63 95.22
N ILE J 240 11.39 -0.87 96.03
CA ILE J 240 10.12 -1.37 95.53
C ILE J 240 9.24 -0.18 95.15
N ASP J 241 8.41 -0.39 94.13
CA ASP J 241 7.50 0.65 93.65
C ASP J 241 6.29 0.75 94.58
N ARG J 242 5.70 1.95 94.61
CA ARG J 242 4.52 2.16 95.46
C ARG J 242 3.33 1.40 94.92
N ASN J 243 3.13 1.39 93.60
CA ASN J 243 2.03 0.65 92.98
C ASN J 243 2.46 -0.81 92.81
N CYS J 244 2.48 -1.52 93.94
CA CYS J 244 2.88 -2.91 93.98
C CYS J 244 1.67 -3.83 94.09
N HIS J 245 1.80 -5.03 93.54
CA HIS J 245 0.75 -6.02 93.59
C HIS J 245 0.70 -6.67 94.98
N LYS J 246 -0.40 -7.40 95.23
CA LYS J 246 -0.55 -8.09 96.51
C LYS J 246 0.57 -9.08 96.75
N SER J 247 1.09 -9.70 95.68
CA SER J 247 2.20 -10.63 95.84
C SER J 247 3.49 -9.91 96.22
N LEU J 248 3.66 -8.67 95.74
CA LEU J 248 4.87 -7.92 96.08
C LEU J 248 4.86 -7.47 97.54
N THR J 249 3.67 -7.34 98.13
CA THR J 249 3.59 -6.96 99.54
C THR J 249 4.07 -8.08 100.45
N HIS J 250 3.73 -9.33 100.11
CA HIS J 250 4.16 -10.46 100.92
C HIS J 250 5.66 -10.68 100.83
N LEU J 251 6.29 -10.21 99.75
CA LEU J 251 7.74 -10.34 99.63
C LEU J 251 8.46 -9.48 100.67
N MET J 252 7.91 -8.31 100.99
CA MET J 252 8.49 -7.46 102.01
C MET J 252 8.24 -7.99 103.42
N MET J 253 7.26 -8.86 103.59
CA MET J 253 6.95 -9.45 104.89
C MET J 253 7.63 -10.79 105.12
N MET J 254 8.38 -11.29 104.12
CA MET J 254 9.09 -12.56 104.25
C MET J 254 10.60 -12.40 104.24
N SER J 255 11.12 -11.21 103.97
CA SER J 255 12.55 -10.95 103.95
C SER J 255 12.85 -9.75 104.82
N ASP J 256 13.86 -9.87 105.68
CA ASP J 256 14.26 -8.79 106.58
C ASP J 256 15.06 -7.76 105.79
N VAL J 257 14.34 -6.93 105.04
CA VAL J 257 14.93 -5.88 104.23
C VAL J 257 14.25 -4.56 104.57
N THR J 258 14.87 -3.48 104.11
CA THR J 258 14.34 -2.13 104.32
C THR J 258 13.92 -1.53 102.98
N PRO J 259 12.64 -1.63 102.61
CA PRO J 259 12.21 -1.09 101.32
C PRO J 259 12.08 0.42 101.34
N ILE J 260 12.23 1.02 100.16
CA ILE J 260 12.08 2.46 99.97
C ILE J 260 10.99 2.68 98.93
N TYR J 261 9.88 3.27 99.36
CA TYR J 261 8.74 3.48 98.50
C TYR J 261 8.91 4.77 97.69
N PHE J 262 8.50 4.72 96.43
CA PHE J 262 8.59 5.87 95.54
C PHE J 262 7.30 6.68 95.59
N ARG J 263 7.22 7.71 94.74
CA ARG J 263 6.06 8.59 94.67
C ARG J 263 5.67 8.75 93.20
N PRO J 264 4.91 7.80 92.65
CA PRO J 264 4.48 7.90 91.26
C PRO J 264 3.50 9.05 91.06
N THR J 265 3.32 9.42 89.80
CA THR J 265 2.41 10.50 89.44
C THR J 265 1.00 9.96 89.20
N ARG J 266 0.03 10.86 89.29
CA ARG J 266 -1.37 10.48 89.08
C ARG J 266 -2.14 11.72 88.67
N ASN J 267 -3.36 11.50 88.17
CA ASN J 267 -4.26 12.54 87.73
C ASN J 267 -5.47 12.61 88.66
N ALA J 268 -6.63 13.00 88.15
CA ALA J 268 -7.84 13.09 88.94
C ALA J 268 -8.82 11.96 88.68
N TYR J 269 -8.75 11.31 87.52
CA TYR J 269 -9.66 10.21 87.20
C TYR J 269 -9.28 8.91 87.91
N GLY J 270 -8.05 8.82 88.43
CA GLY J 270 -7.59 7.63 89.10
C GLY J 270 -6.51 6.85 88.37
N ILE J 271 -6.17 7.25 87.15
CA ILE J 271 -5.14 6.56 86.38
C ILE J 271 -3.78 7.02 86.85
N LEU J 272 -3.00 6.10 87.44
CA LEU J 272 -1.67 6.44 87.92
C LEU J 272 -0.71 6.60 86.76
N GLY J 273 0.09 7.66 86.80
CA GLY J 273 1.07 7.92 85.77
C GLY J 273 2.29 7.02 85.89
N GLY J 274 3.41 7.59 86.34
CA GLY J 274 4.62 6.83 86.49
C GLY J 274 5.60 7.54 87.41
N ILE J 275 6.72 6.89 87.64
CA ILE J 275 7.77 7.45 88.50
C ILE J 275 8.53 8.52 87.72
N PRO J 276 8.66 9.73 88.25
CA PRO J 276 9.40 10.78 87.53
C PRO J 276 10.88 10.42 87.39
N GLN J 277 11.53 11.14 86.48
CA GLN J 277 12.96 10.91 86.24
C GLN J 277 13.83 11.45 87.37
N SER J 278 13.29 12.31 88.22
CA SER J 278 14.07 12.87 89.32
C SER J 278 14.30 11.84 90.43
N GLU J 279 13.43 10.83 90.52
CA GLU J 279 13.60 9.81 91.54
C GLU J 279 14.72 8.83 91.23
N PHE J 280 15.10 8.70 89.96
CA PHE J 280 16.16 7.79 89.56
C PHE J 280 17.55 8.41 89.68
N GLN J 281 17.64 9.67 90.09
CA GLN J 281 18.94 10.31 90.22
C GLN J 281 19.68 9.79 91.44
N HIS J 282 20.98 10.10 91.51
CA HIS J 282 21.81 9.65 92.62
C HIS J 282 21.60 10.50 93.87
N ALA J 283 21.23 11.77 93.70
CA ALA J 283 21.02 12.63 94.86
C ALA J 283 19.70 12.34 95.55
N THR J 284 18.71 11.82 94.81
CA THR J 284 17.42 11.53 95.40
C THR J 284 17.44 10.21 96.18
N ILE J 285 18.11 9.19 95.63
CA ILE J 285 18.18 7.90 96.31
C ILE J 285 19.01 8.00 97.57
N ALA J 286 20.17 8.68 97.50
CA ALA J 286 21.04 8.80 98.65
C ALA J 286 20.44 9.69 99.74
N LYS J 287 19.44 10.51 99.40
CA LYS J 287 18.82 11.38 100.40
C LYS J 287 17.91 10.58 101.33
N ARG J 288 17.19 9.60 100.77
CA ARG J 288 16.26 8.80 101.57
C ARG J 288 16.97 7.73 102.39
N VAL J 289 18.25 7.46 102.13
CA VAL J 289 18.96 6.46 102.91
C VAL J 289 19.28 6.98 104.31
N LYS J 290 19.75 8.22 104.40
CA LYS J 290 20.06 8.79 105.71
C LYS J 290 18.80 9.06 106.51
N GLU J 291 17.71 9.43 105.85
CA GLU J 291 16.46 9.71 106.54
C GLU J 291 15.78 8.44 107.05
N THR J 292 16.05 7.29 106.44
CA THR J 292 15.46 6.04 106.87
C THR J 292 16.40 5.31 107.81
N PRO J 293 16.02 5.09 109.06
CA PRO J 293 16.92 4.37 109.98
C PRO J 293 17.12 2.92 109.53
N ASN J 294 18.34 2.43 109.75
CA ASN J 294 18.74 1.06 109.40
C ASN J 294 18.51 0.80 107.91
N ALA J 295 19.33 1.47 107.10
CA ALA J 295 19.26 1.34 105.66
C ALA J 295 20.63 1.67 105.07
N THR J 296 21.11 0.79 104.19
CA THR J 296 22.39 0.93 103.53
C THR J 296 22.16 1.27 102.06
N TRP J 297 23.12 0.92 101.19
CA TRP J 297 22.99 1.20 99.77
C TRP J 297 22.02 0.21 99.13
N PRO J 298 21.03 0.68 98.37
CA PRO J 298 20.08 -0.25 97.73
C PRO J 298 20.78 -1.12 96.70
N VAL J 299 20.49 -2.42 96.76
CA VAL J 299 21.07 -3.39 95.83
C VAL J 299 20.05 -3.99 94.88
N HIS J 300 18.77 -3.66 95.04
CA HIS J 300 17.73 -4.20 94.17
C HIS J 300 16.65 -3.14 93.99
N ALA J 301 16.06 -3.11 92.79
CA ALA J 301 15.01 -2.16 92.45
C ALA J 301 13.86 -2.90 91.78
N VAL J 302 12.64 -2.60 92.20
CA VAL J 302 11.43 -3.22 91.66
C VAL J 302 10.62 -2.14 90.95
N ILE J 303 10.50 -2.25 89.63
CA ILE J 303 9.76 -1.29 88.82
C ILE J 303 8.62 -2.05 88.15
N THR J 304 7.39 -1.57 88.34
CA THR J 304 6.21 -2.19 87.76
C THR J 304 5.99 -1.61 86.37
N ASN J 305 6.54 -2.29 85.37
CA ASN J 305 6.46 -1.87 83.97
C ASN J 305 5.81 -3.00 83.17
N SER J 306 4.56 -2.78 82.74
CA SER J 306 3.86 -1.52 83.00
C SER J 306 2.96 -1.65 84.23
N THR J 307 2.17 -0.61 84.48
CA THR J 307 1.27 -0.59 85.63
C THR J 307 0.03 -1.43 85.34
N TYR J 308 -0.98 -1.31 86.21
CA TYR J 308 -2.20 -2.09 86.02
C TYR J 308 -3.03 -1.56 84.87
N ASP J 309 -2.97 -0.26 84.60
CA ASP J 309 -3.75 0.32 83.51
C ASP J 309 -3.11 0.01 82.16
N GLY J 310 -1.89 0.48 81.94
CA GLY J 310 -1.20 0.23 80.68
C GLY J 310 -0.38 1.41 80.21
N LEU J 311 0.66 1.77 80.97
CA LEU J 311 1.54 2.88 80.63
C LEU J 311 2.97 2.40 80.71
N LEU J 312 3.62 2.25 79.56
CA LEU J 312 5.00 1.77 79.53
C LEU J 312 5.96 2.88 79.95
N TYR J 313 7.16 2.47 80.33
CA TYR J 313 8.22 3.38 80.75
C TYR J 313 9.31 3.45 79.69
N ASN J 314 10.34 4.23 79.98
CA ASN J 314 11.48 4.41 79.09
C ASN J 314 12.68 3.71 79.71
N THR J 315 12.93 2.47 79.27
CA THR J 315 14.05 1.71 79.80
C THR J 315 15.39 2.20 79.27
N ASP J 316 15.40 3.01 78.22
CA ASP J 316 16.65 3.54 77.71
C ASP J 316 17.26 4.57 78.66
N PHE J 317 16.44 5.18 79.51
CA PHE J 317 16.91 6.15 80.49
C PHE J 317 17.05 5.56 81.89
N ILE J 318 16.30 4.52 82.21
CA ILE J 318 16.39 3.91 83.54
C ILE J 318 17.66 3.08 83.67
N LYS J 319 18.01 2.32 82.62
CA LYS J 319 19.19 1.47 82.65
C LYS J 319 20.49 2.27 82.67
N LYS J 320 20.44 3.58 82.49
CA LYS J 320 21.63 4.43 82.50
C LYS J 320 21.72 5.33 83.72
N THR J 321 20.59 5.86 84.19
CA THR J 321 20.59 6.76 85.34
C THR J 321 20.47 6.01 86.66
N LEU J 322 19.53 5.07 86.74
CA LEU J 322 19.34 4.29 87.96
C LEU J 322 20.55 3.39 88.19
N ASP J 323 21.28 3.65 89.27
CA ASP J 323 22.49 2.89 89.59
C ASP J 323 22.16 1.74 90.53
N VAL J 324 21.47 0.75 89.97
CA VAL J 324 21.09 -0.46 90.70
C VAL J 324 21.55 -1.66 89.90
N LYS J 325 22.32 -2.55 90.54
CA LYS J 325 22.85 -3.72 89.84
C LYS J 325 21.79 -4.76 89.55
N SER J 326 20.63 -4.71 90.22
CA SER J 326 19.55 -5.67 90.04
C SER J 326 18.25 -4.89 89.87
N ILE J 327 17.94 -4.53 88.63
CA ILE J 327 16.72 -3.80 88.29
C ILE J 327 15.68 -4.79 87.79
N HIS J 328 14.50 -4.78 88.42
CA HIS J 328 13.42 -5.68 88.07
C HIS J 328 12.33 -4.94 87.31
N PHE J 329 11.74 -5.61 86.33
CA PHE J 329 10.64 -5.06 85.54
C PHE J 329 9.48 -6.05 85.59
N ASP J 330 8.48 -5.74 86.42
CA ASP J 330 7.30 -6.60 86.58
C ASP J 330 6.45 -6.48 85.31
N SER J 331 6.79 -7.28 84.31
CA SER J 331 6.08 -7.27 83.04
C SER J 331 4.89 -8.22 83.08
N ALA J 332 3.97 -8.01 84.03
CA ALA J 332 2.80 -8.86 84.18
C ALA J 332 1.66 -8.47 83.26
N TRP J 333 1.88 -7.55 82.32
CA TRP J 333 0.81 -7.11 81.42
C TRP J 333 1.29 -6.85 80.00
N VAL J 334 2.58 -6.98 79.71
CA VAL J 334 3.10 -6.74 78.36
C VAL J 334 4.01 -7.89 77.93
N PRO J 335 3.47 -9.10 77.70
CA PRO J 335 4.34 -10.20 77.24
C PRO J 335 4.48 -10.23 75.73
N TYR J 336 4.64 -9.05 75.10
CA TYR J 336 4.72 -8.97 73.65
C TYR J 336 5.62 -7.84 73.17
N THR J 337 6.32 -7.14 74.06
CA THR J 337 7.17 -6.02 73.67
C THR J 337 8.48 -6.51 73.06
N ASN J 338 8.35 -7.18 71.90
CA ASN J 338 9.49 -7.74 71.20
C ASN J 338 9.10 -8.11 69.77
N PHE J 339 7.86 -8.56 69.59
CA PHE J 339 7.37 -9.00 68.29
C PHE J 339 6.78 -7.85 67.47
N SER J 340 7.27 -6.63 67.65
CA SER J 340 6.78 -5.48 66.91
C SER J 340 7.83 -4.38 66.95
N PRO J 341 8.05 -3.68 65.84
CA PRO J 341 9.07 -2.62 65.81
C PRO J 341 8.68 -1.36 66.59
N ILE J 342 7.43 -1.24 67.02
CA ILE J 342 6.98 -0.06 67.75
C ILE J 342 7.10 -0.31 69.24
N TYR J 343 7.86 -1.34 69.62
CA TYR J 343 8.10 -1.67 71.03
C TYR J 343 9.58 -1.90 71.32
N GLU J 344 10.47 -1.32 70.51
CA GLU J 344 11.90 -1.50 70.72
C GLU J 344 12.40 -0.52 71.77
N GLY J 345 13.18 -1.03 72.72
CA GLY J 345 13.72 -0.20 73.78
C GLY J 345 12.70 0.26 74.80
N LYS J 346 11.68 -0.55 75.06
CA LYS J 346 10.64 -0.21 76.03
C LYS J 346 10.59 -1.16 77.21
N CYS J 347 11.27 -2.31 77.14
CA CYS J 347 11.28 -3.29 78.22
C CYS J 347 12.73 -3.58 78.59
N GLY J 348 12.91 -4.59 79.45
CA GLY J 348 14.25 -4.97 79.87
C GLY J 348 14.96 -5.90 78.91
N MET J 349 14.19 -6.71 78.17
CA MET J 349 14.79 -7.64 77.22
C MET J 349 15.23 -6.96 75.93
N SER J 350 14.65 -5.83 75.58
CA SER J 350 15.00 -5.12 74.36
C SER J 350 16.36 -4.45 74.53
N GLY J 351 17.26 -4.68 73.57
CA GLY J 351 18.59 -4.11 73.62
C GLY J 351 19.67 -5.12 73.90
N GLY J 352 20.73 -4.70 74.60
CA GLY J 352 21.82 -5.59 74.93
C GLY J 352 22.03 -5.75 76.41
N ARG J 353 23.07 -6.48 76.79
CA ARG J 353 23.38 -6.71 78.19
C ARG J 353 24.06 -5.48 78.80
N VAL J 354 23.49 -4.98 79.89
CA VAL J 354 24.05 -3.81 80.57
C VAL J 354 25.27 -4.24 81.37
N GLU J 355 26.37 -3.50 81.21
CA GLU J 355 27.62 -3.82 81.90
C GLU J 355 27.47 -3.58 83.40
N GLY J 356 27.54 -4.65 84.18
CA GLY J 356 27.45 -4.54 85.63
C GLY J 356 26.05 -4.56 86.20
N LYS J 357 25.04 -4.85 85.38
CA LYS J 357 23.66 -4.89 85.85
C LYS J 357 22.97 -6.12 85.29
N VAL J 358 21.88 -6.51 85.95
CA VAL J 358 21.08 -7.66 85.56
C VAL J 358 19.61 -7.26 85.59
N ILE J 359 18.82 -7.83 84.69
CA ILE J 359 17.41 -7.51 84.54
C ILE J 359 16.59 -8.77 84.82
N TYR J 360 15.61 -8.65 85.71
CA TYR J 360 14.69 -9.73 86.03
C TYR J 360 13.28 -9.33 85.65
N GLU J 361 12.57 -10.22 84.96
CA GLU J 361 11.20 -9.96 84.53
C GLU J 361 10.34 -11.18 84.82
N THR J 362 9.09 -10.94 85.22
CA THR J 362 8.12 -11.99 85.52
C THR J 362 6.95 -11.81 84.55
N GLN J 363 7.13 -12.28 83.32
CA GLN J 363 6.10 -12.14 82.31
C GLN J 363 4.95 -13.11 82.59
N SER J 364 3.74 -12.58 82.74
CA SER J 364 2.57 -13.40 83.00
C SER J 364 2.16 -14.15 81.74
N THR J 365 1.95 -15.46 81.86
CA THR J 365 1.56 -16.30 80.74
C THR J 365 0.06 -16.54 80.67
N HIS J 366 -0.58 -16.82 81.79
CA HIS J 366 -2.02 -17.07 81.81
C HIS J 366 -2.82 -15.79 82.02
N LYS J 367 -2.37 -14.70 81.42
CA LYS J 367 -3.04 -13.40 81.56
C LYS J 367 -3.50 -12.90 80.24
N LEU J 368 -2.56 -12.78 79.29
CA LEU J 368 -2.88 -12.24 77.97
C LEU J 368 -2.35 -13.15 76.86
N LEU J 369 -2.19 -14.43 77.16
CA LEU J 369 -1.72 -15.41 76.19
C LEU J 369 -2.62 -16.65 76.25
N ALA J 370 -2.32 -17.62 75.39
CA ALA J 370 -3.11 -18.84 75.27
C ALA J 370 -2.34 -19.98 75.93
N ALA J 371 -2.62 -20.22 77.21
CA ALA J 371 -1.99 -21.30 77.96
C ALA J 371 -2.83 -21.58 79.20
N PHE J 372 -2.47 -22.66 79.89
CA PHE J 372 -3.15 -23.02 81.12
C PHE J 372 -2.77 -22.06 82.25
N SER J 373 -3.52 -22.14 83.33
CA SER J 373 -3.29 -21.26 84.48
C SER J 373 -2.03 -21.70 85.22
N GLN J 374 -1.59 -20.84 86.15
CA GLN J 374 -0.40 -21.08 86.98
C GLN J 374 0.84 -21.30 86.11
N ALA J 375 1.15 -20.29 85.29
CA ALA J 375 2.31 -20.34 84.39
C ALA J 375 2.96 -18.97 84.36
N SER J 376 4.29 -18.95 84.52
CA SER J 376 5.04 -17.71 84.50
C SER J 376 6.46 -18.00 84.03
N MET J 377 7.21 -16.93 83.79
CA MET J 377 8.58 -17.03 83.32
C MET J 377 9.47 -16.07 84.12
N ILE J 378 10.75 -16.41 84.17
CA ILE J 378 11.76 -15.59 84.84
C ILE J 378 12.87 -15.34 83.82
N HIS J 379 12.89 -14.14 83.25
CA HIS J 379 13.90 -13.77 82.25
C HIS J 379 15.10 -13.15 82.94
N VAL J 380 16.28 -13.70 82.67
CA VAL J 380 17.52 -13.24 83.26
C VAL J 380 18.40 -12.69 82.14
N LYS J 381 18.78 -11.43 82.25
CA LYS J 381 19.62 -10.75 81.28
C LYS J 381 20.86 -10.23 81.99
N GLY J 382 21.92 -11.03 82.01
CA GLY J 382 23.15 -10.64 82.66
C GLY J 382 24.00 -11.86 82.95
N ASP J 383 24.91 -11.70 83.90
CA ASP J 383 25.83 -12.76 84.33
C ASP J 383 25.56 -13.08 85.80
N VAL J 384 24.82 -14.16 86.04
CA VAL J 384 24.46 -14.58 87.38
C VAL J 384 25.05 -15.98 87.62
N ASN J 385 25.05 -16.37 88.89
CA ASN J 385 25.57 -17.69 89.27
C ASN J 385 24.52 -18.75 89.00
N GLU J 386 24.93 -19.83 88.32
CA GLU J 386 24.01 -20.91 88.00
C GLU J 386 23.75 -21.81 89.20
N GLU J 387 24.79 -22.07 90.00
CA GLU J 387 24.63 -22.94 91.17
C GLU J 387 24.00 -22.22 92.36
N THR J 388 23.68 -20.93 92.23
CA THR J 388 23.06 -20.17 93.31
C THR J 388 21.63 -19.77 92.99
N PHE J 389 21.38 -19.28 91.77
CA PHE J 389 20.03 -18.88 91.41
C PHE J 389 19.11 -20.08 91.21
N ASN J 390 19.68 -21.25 90.90
CA ASN J 390 18.86 -22.45 90.73
C ASN J 390 18.31 -22.94 92.07
N GLU J 391 19.04 -22.73 93.15
CA GLU J 391 18.56 -23.17 94.46
C GLU J 391 17.34 -22.38 94.91
N ALA J 392 17.22 -21.12 94.49
CA ALA J 392 16.06 -20.32 94.87
C ALA J 392 14.83 -20.71 94.07
N TYR J 393 15.01 -21.31 92.90
CA TYR J 393 13.88 -21.72 92.09
C TYR J 393 13.23 -22.99 92.63
N MET J 394 14.04 -23.91 93.17
CA MET J 394 13.51 -25.15 93.72
C MET J 394 12.81 -24.96 95.05
N MET J 395 12.98 -23.81 95.71
CA MET J 395 12.33 -23.54 96.98
C MET J 395 10.89 -23.07 96.82
N HIS J 396 10.39 -22.98 95.59
CA HIS J 396 9.00 -22.57 95.37
C HIS J 396 8.29 -23.43 94.33
N THR J 397 8.92 -24.49 93.84
CA THR J 397 8.33 -25.37 92.85
C THR J 397 8.35 -26.80 93.38
N THR J 398 7.22 -27.49 93.25
CA THR J 398 7.12 -28.86 93.74
C THR J 398 8.03 -29.79 92.92
N THR J 399 8.28 -30.97 93.49
CA THR J 399 9.15 -31.95 92.85
C THR J 399 8.47 -32.65 91.68
N SER J 400 7.13 -32.65 91.62
CA SER J 400 6.38 -33.27 90.54
C SER J 400 5.57 -32.18 89.83
N PRO J 401 6.17 -31.49 88.87
CA PRO J 401 5.46 -30.42 88.16
C PRO J 401 4.42 -30.98 87.21
N HIS J 402 3.34 -30.22 87.03
CA HIS J 402 2.27 -30.60 86.13
C HIS J 402 2.69 -30.29 84.70
N TYR J 403 2.99 -31.34 83.92
CA TYR J 403 3.48 -31.14 82.56
C TYR J 403 2.41 -30.59 81.63
N GLY J 404 1.14 -30.68 82.00
CA GLY J 404 0.09 -30.08 81.19
C GLY J 404 0.19 -28.57 81.12
N ILE J 405 0.71 -27.95 82.18
CA ILE J 405 0.94 -26.51 82.19
C ILE J 405 2.31 -26.16 81.64
N VAL J 406 3.31 -27.00 81.90
CA VAL J 406 4.65 -26.75 81.39
C VAL J 406 4.66 -26.80 79.86
N ALA J 407 3.94 -27.76 79.28
CA ALA J 407 3.87 -27.86 77.83
C ALA J 407 3.17 -26.64 77.22
N SER J 408 2.17 -26.09 77.91
CA SER J 408 1.49 -24.89 77.42
C SER J 408 2.29 -23.63 77.66
N THR J 409 3.22 -23.63 78.62
CA THR J 409 4.04 -22.46 78.86
C THR J 409 4.99 -22.22 77.69
N GLU J 410 5.66 -23.27 77.22
CA GLU J 410 6.53 -23.13 76.05
C GLU J 410 5.71 -23.00 74.77
N THR J 411 4.46 -23.49 74.78
CA THR J 411 3.61 -23.36 73.60
C THR J 411 3.32 -21.91 73.29
N ALA J 412 3.13 -21.08 74.33
CA ALA J 412 2.90 -19.65 74.11
C ALA J 412 4.09 -18.99 73.43
N ALA J 413 5.31 -19.48 73.69
CA ALA J 413 6.48 -18.97 73.01
C ALA J 413 6.61 -19.53 71.59
N ALA J 414 6.02 -20.70 71.34
CA ALA J 414 6.06 -21.28 70.00
C ALA J 414 4.97 -20.72 69.10
N MET J 415 3.83 -20.31 69.67
CA MET J 415 2.76 -19.73 68.88
C MET J 415 3.12 -18.34 68.36
N MET J 416 4.11 -17.68 68.97
CA MET J 416 4.51 -16.34 68.56
C MET J 416 5.72 -16.33 67.64
N LYS J 417 6.41 -17.47 67.49
CA LYS J 417 7.59 -17.53 66.63
C LYS J 417 7.18 -17.65 65.17
N GLY J 418 7.89 -16.92 64.32
CA GLY J 418 7.65 -16.95 62.89
C GLY J 418 6.80 -15.78 62.42
N ASN J 419 6.61 -15.72 61.10
CA ASN J 419 5.80 -14.65 60.52
C ASN J 419 4.32 -14.83 60.84
N ALA J 420 3.86 -16.07 61.02
CA ALA J 420 2.47 -16.30 61.36
C ALA J 420 2.18 -15.92 62.80
N GLY J 421 3.17 -16.01 63.69
CA GLY J 421 2.96 -15.63 65.08
C GLY J 421 2.97 -14.14 65.31
N LYS J 422 3.72 -13.39 64.50
CA LYS J 422 3.77 -11.94 64.66
C LYS J 422 2.50 -11.27 64.16
N ARG J 423 1.66 -11.98 63.39
CA ARG J 423 0.42 -11.39 62.90
C ARG J 423 -0.61 -11.21 64.00
N LEU J 424 -0.50 -11.96 65.10
CA LEU J 424 -1.44 -11.80 66.20
C LEU J 424 -1.15 -10.56 67.02
N ILE J 425 0.12 -10.15 67.12
CA ILE J 425 0.45 -8.94 67.85
C ILE J 425 0.04 -7.71 67.05
N ASN J 426 0.42 -7.65 65.78
CA ASN J 426 0.03 -6.53 64.93
C ASN J 426 -1.46 -6.54 64.64
N GLY J 427 -2.07 -7.73 64.61
CA GLY J 427 -3.51 -7.81 64.37
C GLY J 427 -4.31 -7.28 65.54
N SER J 428 -3.83 -7.52 66.77
CA SER J 428 -4.52 -7.00 67.95
C SER J 428 -4.38 -5.49 68.06
N ILE J 429 -3.28 -4.93 67.56
CA ILE J 429 -3.09 -3.48 67.59
C ILE J 429 -3.99 -2.81 66.55
N GLU J 430 -4.11 -3.40 65.36
CA GLU J 430 -4.97 -2.84 64.33
C GLU J 430 -6.43 -2.90 64.75
N ARG J 431 -6.83 -3.96 65.44
CA ARG J 431 -8.20 -4.05 65.94
C ARG J 431 -8.44 -3.10 67.09
N ALA J 432 -7.40 -2.76 67.85
CA ALA J 432 -7.54 -1.82 68.96
C ALA J 432 -7.63 -0.39 68.46
N ILE J 433 -6.81 -0.03 67.47
CA ILE J 433 -6.86 1.32 66.90
C ILE J 433 -8.16 1.52 66.15
N LYS J 434 -8.65 0.48 65.47
CA LYS J 434 -9.93 0.57 64.78
C LYS J 434 -11.07 0.82 65.76
N PHE J 435 -11.02 0.17 66.93
CA PHE J 435 -12.04 0.40 67.95
C PHE J 435 -11.93 1.80 68.53
N ARG J 436 -10.73 2.37 68.58
CA ARG J 436 -10.56 3.72 69.07
C ARG J 436 -11.15 4.76 68.12
N LYS J 437 -11.04 4.52 66.81
CA LYS J 437 -11.60 5.45 65.84
C LYS J 437 -13.12 5.35 65.75
N GLU J 438 -13.69 4.20 66.11
CA GLU J 438 -15.14 4.05 66.08
C GLU J 438 -15.81 4.82 67.21
N ILE J 439 -15.06 5.13 68.28
CA ILE J 439 -15.62 5.90 69.37
C ILE J 439 -15.69 7.37 69.01
N LYS J 440 -14.62 7.91 68.42
CA LYS J 440 -14.63 9.31 68.00
C LYS J 440 -15.58 9.55 66.84
N ARG J 441 -15.84 8.52 66.03
CA ARG J 441 -16.76 8.68 64.91
C ARG J 441 -18.20 8.72 65.40
N LEU J 442 -18.53 7.92 66.41
CA LEU J 442 -19.87 7.88 66.97
C LEU J 442 -20.08 8.87 68.10
N ARG J 443 -19.18 9.84 68.26
CA ARG J 443 -19.28 10.86 69.30
C ARG J 443 -19.75 12.20 68.74
N THR J 444 -19.16 12.67 67.65
CA THR J 444 -19.57 13.93 67.06
C THR J 444 -20.85 13.77 66.24
N GLU J 445 -20.96 12.68 65.48
CA GLU J 445 -22.15 12.45 64.67
C GLU J 445 -23.38 12.14 65.50
N SER J 446 -23.20 11.68 66.74
CA SER J 446 -24.33 11.36 67.60
C SER J 446 -24.95 12.65 68.16
N ASP J 447 -26.13 12.49 68.74
CA ASP J 447 -26.89 13.60 69.33
C ASP J 447 -27.02 13.33 70.83
N GLY J 448 -26.12 13.92 71.62
CA GLY J 448 -26.12 13.77 73.05
C GLY J 448 -24.75 13.35 73.55
N TRP J 449 -24.72 12.85 74.77
CA TRP J 449 -23.47 12.41 75.39
C TRP J 449 -23.03 11.07 74.80
N PHE J 450 -21.73 10.82 74.86
CA PHE J 450 -21.15 9.59 74.35
C PHE J 450 -19.82 9.34 75.04
N PHE J 451 -19.41 8.07 75.06
CA PHE J 451 -18.18 7.69 75.73
C PHE J 451 -16.97 8.29 75.02
N ASP J 452 -15.87 8.39 75.76
CA ASP J 452 -14.62 8.95 75.25
C ASP J 452 -13.47 8.03 75.62
N VAL J 453 -12.49 7.95 74.74
CA VAL J 453 -11.31 7.11 74.93
C VAL J 453 -10.15 8.01 75.35
N TRP J 454 -9.46 7.62 76.43
CA TRP J 454 -8.32 8.36 76.94
C TRP J 454 -7.16 8.22 75.96
N GLN J 455 -7.19 9.05 74.92
CA GLN J 455 -6.22 9.00 73.85
C GLN J 455 -5.97 10.42 73.36
N PRO J 456 -4.82 10.67 72.73
CA PRO J 456 -4.56 12.01 72.17
C PRO J 456 -5.54 12.33 71.04
N ASP J 457 -5.51 13.60 70.63
CA ASP J 457 -6.39 14.06 69.56
C ASP J 457 -5.98 13.50 68.19
N HIS J 458 -4.74 13.06 68.03
CA HIS J 458 -4.24 12.52 66.77
C HIS J 458 -3.84 11.07 67.00
N ILE J 459 -4.62 10.14 66.45
CA ILE J 459 -4.35 8.72 66.59
C ILE J 459 -4.18 8.08 65.22
N ASP J 460 -3.80 8.91 64.23
CA ASP J 460 -3.62 8.39 62.88
C ASP J 460 -2.40 7.49 62.76
N THR J 461 -1.39 7.72 63.59
CA THR J 461 -0.18 6.90 63.56
C THR J 461 -0.44 5.55 64.24
N THR J 462 0.46 4.61 63.97
CA THR J 462 0.39 3.26 64.54
C THR J 462 1.66 3.04 65.38
N GLU J 463 1.64 3.55 66.59
CA GLU J 463 2.77 3.42 67.52
C GLU J 463 2.27 3.78 68.92
N CYS J 464 3.20 3.83 69.87
CA CYS J 464 2.88 4.20 71.23
C CYS J 464 2.82 5.72 71.35
N TRP J 465 1.69 6.24 71.77
CA TRP J 465 1.52 7.69 71.89
C TRP J 465 2.28 8.20 73.11
N PRO J 466 3.27 9.08 72.93
CA PRO J 466 4.00 9.60 74.09
C PRO J 466 3.18 10.63 74.86
N LEU J 467 3.47 10.73 76.15
CA LEU J 467 2.80 11.69 77.03
C LEU J 467 3.65 12.94 77.11
N ARG J 468 3.36 13.90 76.22
CA ARG J 468 4.10 15.15 76.18
C ARG J 468 3.65 16.08 77.30
N SER J 469 4.27 17.25 77.37
CA SER J 469 3.96 18.24 78.37
C SER J 469 3.01 19.34 77.88
N ASP J 470 2.75 19.40 76.57
CA ASP J 470 1.87 20.41 75.99
C ASP J 470 0.54 19.81 75.56
N SER J 471 0.04 18.81 76.29
CA SER J 471 -1.22 18.16 75.99
C SER J 471 -2.16 18.26 77.18
N THR J 472 -3.44 18.05 76.92
CA THR J 472 -4.47 18.11 77.94
C THR J 472 -5.27 16.82 78.08
N TRP J 473 -4.96 15.80 77.28
CA TRP J 473 -5.69 14.54 77.38
C TRP J 473 -5.22 13.69 78.55
N HIS J 474 -3.93 13.73 78.88
CA HIS J 474 -3.41 12.91 79.96
C HIS J 474 -3.72 13.52 81.32
N GLY J 475 -3.66 14.85 81.44
CA GLY J 475 -3.98 15.52 82.67
C GLY J 475 -3.02 15.27 83.81
N PHE J 476 -1.73 15.15 83.51
CA PHE J 476 -0.70 14.96 84.53
C PHE J 476 0.12 16.24 84.63
N LYS J 477 0.14 16.83 85.82
CA LYS J 477 0.86 18.08 86.04
C LYS J 477 2.35 17.81 86.18
N ASN J 478 3.16 18.55 85.42
CA ASN J 478 4.61 18.43 85.44
C ASN J 478 5.05 17.00 85.15
N ILE J 479 4.89 16.55 83.91
CA ILE J 479 5.28 15.21 83.50
C ILE J 479 6.53 15.32 82.63
N ASP J 480 7.38 14.31 82.73
CA ASP J 480 8.62 14.29 81.97
C ASP J 480 8.35 13.86 80.53
N ASN J 481 9.03 14.51 79.60
CA ASN J 481 8.86 14.21 78.18
C ASN J 481 9.71 13.00 77.80
N GLU J 482 9.20 12.22 76.84
CA GLU J 482 9.88 11.02 76.35
C GLU J 482 10.18 10.04 77.48
N HIS J 483 9.21 9.86 78.36
CA HIS J 483 9.35 8.95 79.50
C HIS J 483 8.14 8.06 79.70
N MET J 484 6.94 8.56 79.43
CA MET J 484 5.71 7.80 79.59
C MET J 484 5.05 7.61 78.23
N TYR J 485 4.74 6.37 77.91
CA TYR J 485 4.10 6.01 76.64
C TYR J 485 2.72 5.43 76.91
N LEU J 486 1.96 5.25 75.84
CA LEU J 486 0.59 4.75 75.90
C LEU J 486 0.50 3.40 75.22
N ASP J 487 -0.23 2.47 75.84
CA ASP J 487 -0.43 1.14 75.28
C ASP J 487 -1.65 1.17 74.36
N PRO J 488 -1.49 0.91 73.06
CA PRO J 488 -2.66 0.97 72.15
C PRO J 488 -3.73 -0.05 72.47
N ILE J 489 -3.35 -1.24 72.93
CA ILE J 489 -4.34 -2.28 73.20
C ILE J 489 -5.12 -2.02 74.49
N LYS J 490 -4.63 -1.14 75.36
CA LYS J 490 -5.30 -0.82 76.62
C LYS J 490 -6.23 0.37 76.39
N VAL J 491 -7.38 0.08 75.81
CA VAL J 491 -8.38 1.12 75.52
C VAL J 491 -9.09 1.46 76.84
N THR J 492 -8.76 2.63 77.39
CA THR J 492 -9.34 3.10 78.64
C THR J 492 -10.44 4.11 78.32
N LEU J 493 -11.69 3.75 78.62
CA LEU J 493 -12.81 4.63 78.36
C LEU J 493 -12.91 5.71 79.43
N LEU J 494 -13.62 6.78 79.09
CA LEU J 494 -13.84 7.91 80.00
C LEU J 494 -15.31 8.29 79.93
N THR J 495 -16.06 7.95 80.98
CA THR J 495 -17.47 8.30 81.03
C THR J 495 -17.63 9.79 81.33
N PRO J 496 -18.60 10.45 80.70
CA PRO J 496 -18.80 11.88 80.95
C PRO J 496 -19.23 12.13 82.39
N GLY J 497 -18.46 12.98 83.09
CA GLY J 497 -18.75 13.30 84.46
C GLY J 497 -17.83 14.37 85.03
N MET J 498 -16.66 14.51 84.44
CA MET J 498 -15.67 15.50 84.87
C MET J 498 -15.24 16.36 83.70
N GLU J 499 -14.62 17.49 84.01
CA GLU J 499 -14.14 18.42 83.00
C GLU J 499 -12.69 18.09 82.66
N LYS J 500 -12.04 18.98 81.90
CA LYS J 500 -10.65 18.79 81.50
C LYS J 500 -9.67 19.44 82.46
N ASP J 501 -10.14 20.25 83.41
CA ASP J 501 -9.27 20.91 84.39
C ASP J 501 -9.17 20.15 85.70
N GLY J 502 -9.94 19.08 85.87
CA GLY J 502 -9.91 18.30 87.09
C GLY J 502 -11.05 18.53 88.05
N THR J 503 -12.05 19.32 87.67
CA THR J 503 -13.19 19.60 88.53
C THR J 503 -14.31 18.60 88.23
N MET J 504 -15.55 18.96 88.55
CA MET J 504 -16.70 18.11 88.33
C MET J 504 -17.64 18.76 87.32
N SER J 505 -18.79 18.12 87.10
CA SER J 505 -19.79 18.61 86.18
C SER J 505 -21.17 18.33 86.73
N ASP J 506 -22.19 18.94 86.12
CA ASP J 506 -23.56 18.73 86.56
C ASP J 506 -24.10 17.39 86.09
N PHE J 507 -24.00 17.12 84.80
CA PHE J 507 -24.46 15.85 84.22
C PHE J 507 -23.31 14.87 84.21
N GLY J 508 -23.41 13.83 85.02
CA GLY J 508 -22.37 12.82 85.11
C GLY J 508 -22.94 11.45 85.37
N ILE J 509 -22.30 10.44 84.80
CA ILE J 509 -22.70 9.05 84.94
C ILE J 509 -21.51 8.27 85.49
N PRO J 510 -21.59 7.72 86.69
CA PRO J 510 -20.47 6.95 87.24
C PRO J 510 -20.22 5.69 86.44
N ALA J 511 -18.99 5.18 86.56
CA ALA J 511 -18.60 3.96 85.87
C ALA J 511 -19.06 2.69 86.57
N SER J 512 -19.58 2.80 87.79
CA SER J 512 -20.06 1.62 88.49
C SER J 512 -21.36 1.10 87.91
N ILE J 513 -22.21 1.99 87.40
CA ILE J 513 -23.47 1.56 86.79
C ILE J 513 -23.22 0.90 85.45
N VAL J 514 -22.28 1.45 84.67
CA VAL J 514 -21.97 0.87 83.37
C VAL J 514 -21.26 -0.48 83.53
N ALA J 515 -20.52 -0.66 84.62
CA ALA J 515 -19.81 -1.91 84.83
C ALA J 515 -20.77 -3.08 84.99
N LYS J 516 -21.86 -2.88 85.75
CA LYS J 516 -22.85 -3.94 85.94
C LYS J 516 -23.74 -4.12 84.72
N TYR J 517 -23.88 -3.10 83.87
CA TYR J 517 -24.69 -3.23 82.68
C TYR J 517 -24.01 -4.10 81.62
N LEU J 518 -22.68 -4.07 81.56
CA LEU J 518 -21.97 -4.90 80.60
C LEU J 518 -21.96 -6.36 81.01
N ASP J 519 -22.10 -6.64 82.30
CA ASP J 519 -22.10 -8.03 82.77
C ASP J 519 -23.37 -8.76 82.38
N GLU J 520 -24.45 -8.04 82.07
CA GLU J 520 -25.70 -8.70 81.69
C GLU J 520 -25.56 -9.40 80.35
N HIS J 521 -24.90 -8.76 79.37
CA HIS J 521 -24.71 -9.38 78.07
C HIS J 521 -23.56 -10.39 78.08
N GLY J 522 -22.61 -10.22 78.98
CA GLY J 522 -21.49 -11.14 79.07
C GLY J 522 -20.14 -10.47 78.90
N ILE J 523 -20.03 -9.22 79.34
CA ILE J 523 -18.80 -8.45 79.27
C ILE J 523 -18.33 -8.15 80.69
N VAL J 524 -17.16 -8.65 81.04
CA VAL J 524 -16.59 -8.45 82.37
C VAL J 524 -15.64 -7.27 82.33
N VAL J 525 -15.90 -6.27 83.17
CA VAL J 525 -15.06 -5.08 83.24
C VAL J 525 -13.83 -5.38 84.07
N GLU J 526 -12.65 -5.06 83.53
CA GLU J 526 -11.41 -5.34 84.25
C GLU J 526 -11.22 -4.37 85.41
N LYS J 527 -11.32 -3.07 85.14
CA LYS J 527 -11.16 -2.05 86.16
C LYS J 527 -12.25 -0.99 86.01
N THR J 528 -12.86 -0.62 87.14
CA THR J 528 -13.90 0.38 87.16
C THR J 528 -13.94 1.04 88.52
N GLY J 529 -14.62 2.19 88.59
CA GLY J 529 -14.74 2.93 89.82
C GLY J 529 -15.25 4.34 89.61
N PRO J 530 -14.35 5.31 89.55
CA PRO J 530 -14.76 6.71 89.37
C PRO J 530 -15.41 6.95 88.01
N TYR J 531 -14.61 7.28 87.01
CA TYR J 531 -15.10 7.58 85.66
C TYR J 531 -14.11 7.02 84.63
N ASN J 532 -13.87 5.72 84.71
CA ASN J 532 -12.96 5.07 83.77
C ASN J 532 -13.36 3.60 83.62
N LEU J 533 -12.99 3.02 82.48
CA LEU J 533 -13.26 1.62 82.18
C LEU J 533 -12.07 1.03 81.44
N LEU J 534 -11.49 -0.02 82.00
CA LEU J 534 -10.33 -0.67 81.43
C LEU J 534 -10.71 -2.04 80.87
N PHE J 535 -10.17 -2.37 79.70
CA PHE J 535 -10.43 -3.64 79.05
C PHE J 535 -9.10 -4.29 78.67
N LEU J 536 -9.19 -5.48 78.08
CA LEU J 536 -8.02 -6.24 77.68
C LEU J 536 -8.19 -6.71 76.24
N PHE J 537 -7.34 -6.23 75.35
CA PHE J 537 -7.36 -6.60 73.93
C PHE J 537 -6.06 -7.35 73.63
N SER J 538 -6.06 -8.64 73.97
CA SER J 538 -4.89 -9.49 73.76
C SER J 538 -5.01 -10.20 72.41
N ILE J 539 -4.27 -11.29 72.24
CA ILE J 539 -4.32 -12.04 70.98
C ILE J 539 -5.59 -12.86 70.88
N GLY J 540 -6.23 -13.18 72.00
CA GLY J 540 -7.46 -13.96 71.98
C GLY J 540 -8.70 -13.18 71.65
N ILE J 541 -8.61 -11.86 71.56
CA ILE J 541 -9.76 -11.01 71.23
C ILE J 541 -9.81 -10.88 69.72
N ASP J 542 -10.70 -11.62 69.07
CA ASP J 542 -10.83 -11.60 67.62
C ASP J 542 -11.73 -10.44 67.21
N LYS J 543 -12.17 -10.46 65.94
CA LYS J 543 -13.04 -9.40 65.44
C LYS J 543 -14.46 -9.50 66.00
N THR J 544 -14.85 -10.67 66.50
CA THR J 544 -16.19 -10.82 67.09
C THR J 544 -16.25 -10.23 68.49
N LYS J 545 -15.25 -10.52 69.33
CA LYS J 545 -15.24 -10.00 70.68
C LYS J 545 -15.00 -8.49 70.72
N ALA J 546 -14.33 -7.93 69.72
CA ALA J 546 -14.08 -6.50 69.69
C ALA J 546 -15.33 -5.72 69.30
N LEU J 547 -16.06 -6.19 68.29
CA LEU J 547 -17.27 -5.51 67.86
C LEU J 547 -18.43 -5.70 68.83
N SER J 548 -18.37 -6.73 69.68
CA SER J 548 -19.45 -6.96 70.64
C SER J 548 -19.44 -5.93 71.77
N LEU J 549 -18.31 -5.24 71.99
CA LEU J 549 -18.25 -4.24 73.04
C LEU J 549 -18.90 -2.93 72.61
N LEU J 550 -18.75 -2.56 71.34
CA LEU J 550 -19.35 -1.33 70.85
C LEU J 550 -20.87 -1.41 70.79
N ARG J 551 -21.41 -2.60 70.48
CA ARG J 551 -22.86 -2.75 70.42
C ARG J 551 -23.49 -2.60 71.80
N ALA J 552 -22.80 -3.05 72.85
CA ALA J 552 -23.32 -2.91 74.20
C ALA J 552 -23.24 -1.46 74.68
N LEU J 553 -22.29 -0.68 74.15
CA LEU J 553 -22.18 0.72 74.56
C LEU J 553 -23.26 1.57 73.91
N THR J 554 -23.63 1.26 72.67
CA THR J 554 -24.69 2.01 72.00
C THR J 554 -26.05 1.70 72.61
N ASP J 555 -26.23 0.50 73.14
CA ASP J 555 -27.50 0.15 73.77
C ASP J 555 -27.69 0.85 75.12
N PHE J 556 -26.59 1.24 75.78
CA PHE J 556 -26.72 1.95 77.04
C PHE J 556 -27.21 3.37 76.86
N LYS J 557 -26.86 4.00 75.73
CA LYS J 557 -27.34 5.36 75.47
C LYS J 557 -28.83 5.36 75.13
N ARG J 558 -29.29 4.34 74.39
CA ARG J 558 -30.70 4.27 74.04
C ARG J 558 -31.57 3.98 75.26
N ALA J 559 -31.09 3.11 76.16
CA ALA J 559 -31.85 2.80 77.36
C ALA J 559 -31.84 3.93 78.38
N PHE J 560 -30.86 4.83 78.29
CA PHE J 560 -30.78 5.95 79.22
C PHE J 560 -31.49 7.19 78.71
N ASP J 561 -31.49 7.42 77.40
CA ASP J 561 -32.18 8.59 76.86
C ASP J 561 -33.69 8.44 76.91
N LEU J 562 -34.19 7.21 76.78
CA LEU J 562 -35.62 6.95 76.86
C LEU J 562 -36.13 6.87 78.29
N ASN J 563 -35.25 6.94 79.28
CA ASN J 563 -35.61 6.89 80.69
C ASN J 563 -36.38 5.62 81.01
N LEU J 564 -35.68 4.50 81.11
CA LEU J 564 -36.30 3.22 81.42
C LEU J 564 -36.19 2.93 82.91
N ARG J 565 -36.77 1.80 83.31
CA ARG J 565 -36.78 1.39 84.71
C ARG J 565 -35.58 0.50 85.00
N VAL J 566 -35.32 0.31 86.30
CA VAL J 566 -34.19 -0.52 86.72
C VAL J 566 -34.52 -1.99 86.53
N LYS J 567 -35.77 -2.38 86.81
CA LYS J 567 -36.16 -3.78 86.66
C LYS J 567 -36.14 -4.21 85.19
N ASN J 568 -36.49 -3.30 84.29
CA ASN J 568 -36.49 -3.57 82.85
C ASN J 568 -35.17 -3.22 82.19
N MET J 569 -34.05 -3.34 82.91
CA MET J 569 -32.75 -3.01 82.35
C MET J 569 -31.64 -3.75 83.09
N LEU J 570 -31.69 -3.75 84.42
CA LEU J 570 -30.70 -4.41 85.27
C LEU J 570 -31.41 -5.42 86.15
N PRO J 571 -31.62 -6.64 85.65
CA PRO J 571 -32.31 -7.65 86.47
C PRO J 571 -31.47 -8.18 87.62
N SER J 572 -30.14 -8.13 87.51
CA SER J 572 -29.29 -8.62 88.60
C SER J 572 -29.31 -7.66 89.78
N LEU J 573 -29.35 -6.35 89.52
CA LEU J 573 -29.39 -5.38 90.61
C LEU J 573 -30.77 -5.35 91.28
N TYR J 574 -31.83 -5.65 90.53
CA TYR J 574 -33.17 -5.65 91.10
C TYR J 574 -33.37 -6.79 92.08
N ARG J 575 -32.71 -7.93 91.86
CA ARG J 575 -32.85 -9.06 92.75
C ARG J 575 -32.14 -8.86 94.09
N GLU J 576 -31.24 -7.88 94.17
CA GLU J 576 -30.54 -7.63 95.43
C GLU J 576 -31.45 -6.96 96.45
N ASP J 577 -32.31 -6.05 96.00
CA ASP J 577 -33.25 -5.36 96.88
C ASP J 577 -34.45 -4.92 96.06
N PRO J 578 -35.43 -5.82 95.86
CA PRO J 578 -36.61 -5.46 95.07
C PRO J 578 -37.47 -4.38 95.71
N GLU J 579 -37.40 -4.21 97.04
CA GLU J 579 -38.24 -3.22 97.70
C GLU J 579 -37.71 -1.81 97.46
N PHE J 580 -36.40 -1.61 97.60
CA PHE J 580 -35.82 -0.28 97.41
C PHE J 580 -35.77 0.11 95.94
N TYR J 581 -35.46 -0.84 95.06
CA TYR J 581 -35.38 -0.58 93.62
C TYR J 581 -36.70 -0.83 92.92
N GLU J 582 -37.82 -0.49 93.55
CA GLU J 582 -39.13 -0.70 92.93
C GLU J 582 -39.47 0.46 92.00
N ASN J 583 -39.79 1.62 92.57
CA ASN J 583 -40.15 2.80 91.79
C ASN J 583 -38.93 3.67 91.52
N MET J 584 -37.93 3.11 90.85
CA MET J 584 -36.70 3.81 90.52
C MET J 584 -36.37 3.59 89.05
N ARG J 585 -35.97 4.67 88.38
CA ARG J 585 -35.61 4.63 86.97
C ARG J 585 -34.09 4.73 86.81
N ILE J 586 -33.63 4.63 85.56
CA ILE J 586 -32.21 4.68 85.29
C ILE J 586 -31.66 6.11 85.37
N GLN J 587 -32.51 7.12 85.18
CA GLN J 587 -32.05 8.50 85.26
C GLN J 587 -32.03 9.01 86.70
N GLU J 588 -32.89 8.48 87.56
CA GLU J 588 -32.91 8.92 88.96
C GLU J 588 -31.71 8.39 89.72
N LEU J 589 -31.30 7.16 89.43
CA LEU J 589 -30.14 6.59 90.13
C LEU J 589 -28.83 7.14 89.60
N ALA J 590 -28.79 7.50 88.31
CA ALA J 590 -27.56 8.01 87.72
C ALA J 590 -27.26 9.44 88.17
N GLN J 591 -28.29 10.18 88.60
CA GLN J 591 -28.09 11.55 89.05
C GLN J 591 -27.88 11.66 90.55
N ASN J 592 -28.48 10.76 91.34
CA ASN J 592 -28.31 10.82 92.79
C ASN J 592 -26.91 10.43 93.21
N ILE J 593 -26.29 9.49 92.50
CA ILE J 593 -24.94 9.07 92.85
C ILE J 593 -23.93 10.15 92.47
N HIS J 594 -24.17 10.84 91.36
CA HIS J 594 -23.25 11.89 90.92
C HIS J 594 -23.23 13.06 91.89
N LYS J 595 -24.37 13.34 92.55
CA LYS J 595 -24.40 14.43 93.51
C LYS J 595 -23.65 14.09 94.79
N LEU J 596 -23.56 12.79 95.13
CA LEU J 596 -22.83 12.39 96.32
C LEU J 596 -21.33 12.50 96.12
N ILE J 597 -20.86 12.36 94.88
CA ILE J 597 -19.43 12.48 94.61
C ILE J 597 -18.98 13.94 94.75
N VAL J 598 -19.81 14.88 94.29
CA VAL J 598 -19.47 16.29 94.41
C VAL J 598 -19.58 16.74 95.86
N HIS J 599 -20.58 16.22 96.59
CA HIS J 599 -20.76 16.61 97.98
C HIS J 599 -19.62 16.11 98.85
N HIS J 600 -19.28 14.82 98.75
CA HIS J 600 -18.19 14.27 99.53
C HIS J 600 -16.82 14.63 98.96
N ASN J 601 -16.76 15.18 97.75
CA ASN J 601 -15.51 15.59 97.12
C ASN J 601 -14.54 14.42 97.00
N LEU J 602 -14.71 13.60 95.96
CA LEU J 602 -13.90 12.40 95.77
C LEU J 602 -12.56 12.71 95.10
N PRO J 603 -12.51 13.48 94.00
CA PRO J 603 -11.20 13.70 93.35
C PRO J 603 -10.18 14.41 94.23
N ASP J 604 -10.62 15.25 95.17
CA ASP J 604 -9.67 15.95 96.02
C ASP J 604 -9.18 15.06 97.16
N LEU J 605 -10.07 14.27 97.75
CA LEU J 605 -9.68 13.40 98.85
C LEU J 605 -8.90 12.17 98.36
N MET J 606 -8.95 11.88 97.06
CA MET J 606 -8.22 10.74 96.51
C MET J 606 -6.85 11.15 95.98
N TYR J 607 -6.73 12.35 95.42
CA TYR J 607 -5.45 12.80 94.89
C TYR J 607 -4.47 13.10 96.02
N ARG J 608 -4.96 13.65 97.14
CA ARG J 608 -4.10 13.98 98.26
C ARG J 608 -3.86 12.81 99.20
N ALA J 609 -4.52 11.67 98.97
CA ALA J 609 -4.33 10.50 99.81
C ALA J 609 -3.16 9.63 99.38
N PHE J 610 -2.45 10.01 98.33
CA PHE J 610 -1.31 9.24 97.84
C PHE J 610 -0.05 10.06 97.62
N GLU J 611 -0.13 11.39 97.62
CA GLU J 611 1.05 12.21 97.41
C GLU J 611 2.00 12.15 98.61
N VAL J 612 1.47 11.90 99.80
CA VAL J 612 2.27 11.82 101.00
C VAL J 612 2.35 10.36 101.44
N LEU J 613 3.41 10.02 102.17
CA LEU J 613 3.62 8.68 102.66
C LEU J 613 3.56 8.68 104.18
N PRO J 614 2.84 7.74 104.79
CA PRO J 614 2.78 7.69 106.26
C PRO J 614 4.14 7.38 106.86
N THR J 615 4.28 7.70 108.15
CA THR J 615 5.53 7.49 108.87
C THR J 615 5.74 5.99 109.08
N MET J 616 6.69 5.41 108.36
CA MET J 616 7.01 4.00 108.48
C MET J 616 7.85 3.79 109.73
N VAL J 617 7.25 3.18 110.76
CA VAL J 617 7.97 2.97 112.01
C VAL J 617 8.96 1.82 111.86
N MET J 618 8.45 0.63 111.57
CA MET J 618 9.27 -0.56 111.42
C MET J 618 9.12 -1.13 110.01
N THR J 619 9.98 -2.10 109.70
CA THR J 619 9.94 -2.74 108.40
C THR J 619 8.72 -3.67 108.31
N PRO J 620 8.22 -3.89 107.09
CA PRO J 620 7.08 -4.82 106.94
C PRO J 620 7.38 -6.24 107.38
N TYR J 621 8.64 -6.65 107.41
CA TYR J 621 8.98 -7.98 107.89
C TYR J 621 8.76 -8.11 109.39
N ALA J 622 9.01 -7.05 110.16
CA ALA J 622 8.80 -7.09 111.60
C ALA J 622 7.33 -7.07 111.98
N ALA J 623 6.45 -6.58 111.10
CA ALA J 623 5.02 -6.56 111.41
C ALA J 623 4.42 -7.96 111.36
N PHE J 624 5.02 -8.85 110.55
CA PHE J 624 4.49 -10.21 110.46
C PHE J 624 4.89 -11.05 111.67
N GLN J 625 5.98 -10.67 112.36
CA GLN J 625 6.40 -11.41 113.55
C GLN J 625 5.46 -11.18 114.72
N LYS J 626 4.90 -9.98 114.85
CA LYS J 626 4.00 -9.69 115.95
C LYS J 626 2.62 -10.32 115.76
N GLU J 627 2.28 -10.72 114.54
CA GLU J 627 0.98 -11.35 114.29
C GLU J 627 0.98 -12.80 114.71
N LEU J 628 2.11 -13.50 114.56
CA LEU J 628 2.17 -14.91 114.94
C LEU J 628 2.19 -15.08 116.44
N HIS J 629 2.73 -14.10 117.18
CA HIS J 629 2.79 -14.18 118.63
C HIS J 629 1.48 -13.83 119.32
N GLY J 630 0.52 -13.27 118.59
CA GLY J 630 -0.75 -12.91 119.18
C GLY J 630 -0.82 -11.53 119.77
N MET J 631 -0.18 -10.54 119.16
CA MET J 631 -0.17 -9.16 119.63
C MET J 631 -0.94 -8.25 118.69
N THR J 632 -2.08 -8.72 118.18
CA THR J 632 -2.91 -7.96 117.26
C THR J 632 -4.28 -7.72 117.90
N GLU J 633 -4.85 -6.55 117.64
CA GLU J 633 -6.17 -6.19 118.16
C GLU J 633 -6.96 -5.51 117.06
N GLU J 634 -8.29 -5.51 117.25
CA GLU J 634 -9.22 -4.92 116.29
C GLU J 634 -9.79 -3.63 116.89
N VAL J 635 -9.53 -2.51 116.22
CA VAL J 635 -10.02 -1.21 116.66
C VAL J 635 -10.91 -0.63 115.58
N TYR J 636 -11.61 0.44 115.92
CA TYR J 636 -12.51 1.11 115.00
C TYR J 636 -11.71 1.96 114.00
N LEU J 637 -12.41 2.43 112.97
CA LEU J 637 -11.75 3.26 111.96
C LEU J 637 -11.47 4.67 112.48
N ASP J 638 -12.36 5.20 113.32
CA ASP J 638 -12.18 6.53 113.88
C ASP J 638 -11.23 6.56 115.07
N GLU J 639 -10.73 5.41 115.51
CA GLU J 639 -9.81 5.32 116.65
C GLU J 639 -8.55 4.57 116.20
N MET J 640 -7.75 5.23 115.36
CA MET J 640 -6.51 4.61 114.88
C MET J 640 -5.42 5.63 114.60
N VAL J 641 -5.55 6.87 115.05
CA VAL J 641 -4.50 7.87 114.81
C VAL J 641 -3.33 7.60 115.73
N GLY J 642 -2.19 7.25 115.14
CA GLY J 642 -0.99 6.95 115.90
C GLY J 642 -0.74 5.49 116.17
N ARG J 643 -1.34 4.59 115.40
CA ARG J 643 -1.16 3.16 115.57
C ARG J 643 -0.51 2.54 114.33
N ILE J 644 0.00 1.33 114.50
CA ILE J 644 0.67 0.60 113.43
C ILE J 644 -0.29 -0.47 112.92
N ASN J 645 -0.58 -0.41 111.62
CA ASN J 645 -1.49 -1.38 111.00
C ASN J 645 -0.78 -2.72 110.80
N ALA J 646 -1.57 -3.75 110.53
CA ALA J 646 -1.06 -5.09 110.29
C ALA J 646 -1.29 -5.60 108.87
N ASN J 647 -2.35 -5.16 108.21
CA ASN J 647 -2.68 -5.58 106.86
C ASN J 647 -2.53 -4.40 105.92
N MET J 648 -2.57 -4.69 104.62
CA MET J 648 -2.44 -3.68 103.58
C MET J 648 -3.82 -3.22 103.13
N ILE J 649 -4.02 -1.91 103.11
CA ILE J 649 -5.29 -1.31 102.70
C ILE J 649 -5.34 -1.24 101.17
N LEU J 650 -6.38 -1.82 100.59
CA LEU J 650 -6.57 -1.84 99.14
C LEU J 650 -8.00 -1.43 98.84
N PRO J 651 -8.29 -0.13 98.78
CA PRO J 651 -9.66 0.33 98.56
C PRO J 651 -10.08 0.22 97.11
N TYR J 652 -11.33 -0.17 96.90
CA TYR J 652 -11.93 -0.24 95.58
C TYR J 652 -13.11 0.72 95.50
N PRO J 653 -13.04 1.82 94.75
CA PRO J 653 -11.88 2.27 93.96
C PRO J 653 -10.81 2.94 94.81
N PRO J 654 -9.58 3.07 94.29
CA PRO J 654 -9.10 2.61 92.97
C PRO J 654 -8.69 1.14 92.95
N GLY J 655 -7.38 0.88 92.90
CA GLY J 655 -6.88 -0.48 92.90
C GLY J 655 -5.41 -0.54 93.29
N VAL J 656 -4.94 0.47 94.01
CA VAL J 656 -3.55 0.55 94.43
C VAL J 656 -3.50 0.54 95.95
N PRO J 657 -2.41 0.06 96.56
CA PRO J 657 -2.32 0.05 98.02
C PRO J 657 -2.33 1.46 98.59
N LEU J 658 -2.85 1.59 99.80
CA LEU J 658 -2.93 2.88 100.49
C LEU J 658 -1.92 2.97 101.63
N VAL J 659 -2.06 2.11 102.64
CA VAL J 659 -1.17 2.09 103.80
C VAL J 659 -0.50 0.72 103.84
N MET J 660 0.84 0.73 103.86
CA MET J 660 1.59 -0.51 103.90
C MET J 660 1.60 -1.09 105.31
N PRO J 661 1.61 -2.43 105.43
CA PRO J 661 1.65 -3.05 106.77
C PRO J 661 2.93 -2.71 107.52
N GLY J 662 2.80 -1.89 108.56
CA GLY J 662 3.95 -1.50 109.36
C GLY J 662 4.13 0.00 109.43
N GLU J 663 3.17 0.75 108.90
CA GLU J 663 3.21 2.21 108.89
C GLU J 663 2.29 2.78 109.95
N MET J 664 2.51 4.06 110.28
CA MET J 664 1.74 4.76 111.29
C MET J 664 1.14 6.02 110.67
N ILE J 665 -0.14 6.27 110.95
CA ILE J 665 -0.83 7.46 110.46
C ILE J 665 -0.77 8.51 111.55
N THR J 666 0.03 9.55 111.32
CA THR J 666 0.24 10.64 112.26
C THR J 666 -0.50 11.88 111.74
N GLU J 667 -0.01 13.07 112.09
CA GLU J 667 -0.63 14.31 111.65
C GLU J 667 -0.23 14.69 110.23
N GLU J 668 0.83 14.09 109.70
CA GLU J 668 1.25 14.42 108.34
C GLU J 668 0.36 13.75 107.30
N SER J 669 -0.02 12.50 107.54
CA SER J 669 -0.87 11.75 106.61
C SER J 669 -2.35 11.86 106.99
N ARG J 670 -2.83 13.08 107.15
CA ARG J 670 -4.22 13.34 107.49
C ARG J 670 -5.15 13.05 106.31
N PRO J 671 -4.84 13.53 105.08
CA PRO J 671 -5.73 13.18 103.95
C PRO J 671 -5.76 11.70 103.64
N VAL J 672 -4.77 10.92 104.09
CA VAL J 672 -4.78 9.49 103.83
C VAL J 672 -5.89 8.82 104.62
N LEU J 673 -6.07 9.21 105.89
CA LEU J 673 -7.13 8.63 106.71
C LEU J 673 -8.51 9.12 106.28
N GLU J 674 -8.59 10.34 105.73
CA GLU J 674 -9.87 10.89 105.30
C GLU J 674 -10.44 10.15 104.10
N PHE J 675 -9.60 9.47 103.31
CA PHE J 675 -10.10 8.74 102.15
C PHE J 675 -10.87 7.49 102.58
N LEU J 676 -10.52 6.91 103.73
CA LEU J 676 -11.21 5.72 104.21
C LEU J 676 -12.59 6.07 104.79
N GLN J 677 -12.68 7.20 105.49
CA GLN J 677 -13.96 7.59 106.08
C GLN J 677 -14.94 8.13 105.04
N MET J 678 -14.45 8.61 103.90
CA MET J 678 -15.34 9.13 102.87
C MET J 678 -16.06 8.00 102.15
N LEU J 679 -15.38 6.87 101.92
CA LEU J 679 -16.00 5.75 101.24
C LEU J 679 -17.03 5.04 102.11
N CYS J 680 -16.92 5.15 103.43
CA CYS J 680 -17.89 4.51 104.32
C CYS J 680 -19.24 5.20 104.32
N GLU J 681 -19.30 6.47 103.90
CA GLU J 681 -20.56 7.21 103.85
C GLU J 681 -21.20 7.16 102.48
N ILE J 682 -20.40 7.27 101.41
CA ILE J 682 -20.97 7.21 100.06
C ILE J 682 -21.37 5.79 99.67
N GLY J 683 -20.78 4.77 100.29
CA GLY J 683 -21.11 3.40 99.98
C GLY J 683 -21.98 2.74 101.03
N ALA J 684 -23.08 3.40 101.41
CA ALA J 684 -23.98 2.86 102.42
C ALA J 684 -25.42 3.31 102.22
N HIS J 685 -25.76 3.91 101.08
CA HIS J 685 -27.12 4.37 100.82
C HIS J 685 -27.77 3.70 99.61
N TYR J 686 -27.04 2.83 98.89
CA TYR J 686 -27.58 2.14 97.73
C TYR J 686 -26.99 0.74 97.69
N PRO J 687 -27.82 -0.30 97.68
CA PRO J 687 -27.29 -1.67 97.61
C PRO J 687 -26.56 -1.91 96.31
N GLY J 688 -25.57 -2.81 96.37
CA GLY J 688 -24.75 -3.15 95.23
C GLY J 688 -23.49 -2.31 95.08
N PHE J 689 -23.52 -1.06 95.53
CA PHE J 689 -22.35 -0.19 95.46
C PHE J 689 -21.74 0.03 96.83
N GLU J 690 -21.57 -1.06 97.59
CA GLU J 690 -21.02 -0.96 98.93
C GLU J 690 -19.51 -0.68 98.87
N THR J 691 -18.96 -0.28 100.02
CA THR J 691 -17.54 0.01 100.12
C THR J 691 -16.73 -1.28 100.13
N ASP J 692 -15.77 -1.37 99.23
CA ASP J 692 -14.92 -2.56 99.09
C ASP J 692 -13.49 -2.15 99.42
N ILE J 693 -13.04 -2.44 100.64
CA ILE J 693 -11.68 -2.16 101.08
C ILE J 693 -11.12 -3.44 101.68
N HIS J 694 -10.05 -3.96 101.08
CA HIS J 694 -9.40 -5.17 101.56
C HIS J 694 -8.65 -4.86 102.85
N GLY J 695 -9.21 -5.28 103.98
CA GLY J 695 -8.59 -5.01 105.27
C GLY J 695 -9.59 -4.58 106.33
N ALA J 696 -10.63 -3.87 105.90
CA ALA J 696 -11.67 -3.39 106.81
C ALA J 696 -12.80 -4.41 106.87
N TYR J 697 -13.14 -4.83 108.08
CA TYR J 697 -14.20 -5.81 108.30
C TYR J 697 -15.50 -5.11 108.64
N ARG J 698 -16.60 -5.58 108.07
CA ARG J 698 -17.91 -4.97 108.30
C ARG J 698 -18.55 -5.58 109.54
N GLN J 699 -19.05 -4.72 110.43
CA GLN J 699 -19.68 -5.17 111.65
C GLN J 699 -21.20 -5.21 111.49
N ALA J 700 -21.93 -5.01 112.58
CA ALA J 700 -23.38 -5.03 112.56
C ALA J 700 -24.00 -3.65 112.72
N ASP J 701 -23.18 -2.59 112.70
CA ASP J 701 -23.68 -1.22 112.84
C ASP J 701 -23.34 -0.33 111.65
N GLY J 702 -22.32 -0.66 110.87
CA GLY J 702 -21.91 0.10 109.71
C GLY J 702 -20.48 0.58 109.76
N ARG J 703 -19.93 0.75 110.96
CA ARG J 703 -18.55 1.21 111.10
C ARG J 703 -17.58 0.07 110.85
N TYR J 704 -16.63 0.28 109.95
CA TYR J 704 -15.64 -0.73 109.63
C TYR J 704 -14.53 -0.74 110.67
N THR J 705 -14.00 -1.93 110.94
CA THR J 705 -12.93 -2.11 111.92
C THR J 705 -11.70 -2.68 111.23
N VAL J 706 -10.53 -2.21 111.66
CA VAL J 706 -9.26 -2.66 111.12
C VAL J 706 -8.48 -3.36 112.21
N LYS J 707 -7.46 -4.13 111.80
CA LYS J 707 -6.62 -4.89 112.71
C LYS J 707 -5.27 -4.19 112.83
N VAL J 708 -4.94 -3.76 114.06
CA VAL J 708 -3.66 -3.09 114.31
C VAL J 708 -2.85 -3.90 115.31
N LEU J 709 -1.70 -3.37 115.71
CA LEU J 709 -0.83 -4.04 116.66
C LEU J 709 -1.02 -3.46 118.06
N LYS J 710 -0.75 -4.29 119.06
CA LYS J 710 -0.89 -3.88 120.45
C LYS J 710 0.24 -2.93 120.85
N GLU J 711 -0.09 -1.98 121.71
CA GLU J 711 0.89 -1.00 122.19
C GLU J 711 1.78 -1.60 123.27
N MET K 1 14.02 55.27 -62.05
CA MET K 1 13.19 55.61 -63.20
C MET K 1 11.73 55.77 -62.80
N ASN K 2 11.38 56.96 -62.33
CA ASN K 2 10.02 57.24 -61.89
C ASN K 2 9.75 58.74 -61.85
N VAL K 3 10.20 59.47 -62.86
CA VAL K 3 10.02 60.91 -62.95
C VAL K 3 9.03 61.20 -64.06
N ILE K 4 7.95 61.90 -63.72
CA ILE K 4 6.92 62.29 -64.67
C ILE K 4 6.89 63.81 -64.75
N ALA K 5 6.97 64.34 -65.97
CA ALA K 5 7.01 65.77 -66.20
C ALA K 5 5.67 66.24 -66.77
N ILE K 6 5.17 67.36 -66.24
CA ILE K 6 3.91 67.97 -66.69
C ILE K 6 4.25 69.40 -67.07
N LEU K 7 4.39 69.66 -68.36
CA LEU K 7 4.84 70.96 -68.86
C LEU K 7 3.66 71.86 -69.18
N ASN K 8 3.85 73.16 -68.96
CA ASN K 8 2.92 74.21 -69.35
C ASN K 8 1.62 74.19 -68.55
N HIS K 9 0.87 75.29 -68.61
CA HIS K 9 -0.42 75.41 -67.94
C HIS K 9 -1.35 76.18 -68.87
N MET K 10 -2.44 75.51 -69.29
CA MET K 10 -3.35 76.13 -70.23
C MET K 10 -4.21 77.21 -69.59
N GLY K 11 -4.24 77.29 -68.26
CA GLY K 11 -5.01 78.28 -67.55
C GLY K 11 -6.48 77.93 -67.35
N VAL K 12 -7.00 77.02 -68.17
CA VAL K 12 -8.40 76.60 -68.06
C VAL K 12 -8.53 75.61 -66.91
N TYR K 13 -9.75 75.12 -66.68
CA TYR K 13 -10.01 74.19 -65.59
C TYR K 13 -10.29 72.76 -66.07
N PHE K 14 -10.83 72.60 -67.28
CA PHE K 14 -11.10 71.26 -67.79
C PHE K 14 -9.83 70.52 -68.22
N LYS K 15 -8.69 71.20 -68.24
CA LYS K 15 -7.42 70.56 -68.55
C LYS K 15 -6.50 70.41 -67.33
N GLU K 16 -6.63 71.29 -66.34
CA GLU K 16 -5.81 71.21 -65.13
C GLU K 16 -6.40 70.28 -64.08
N GLU K 17 -7.71 70.05 -64.10
CA GLU K 17 -8.35 69.15 -63.17
C GLU K 17 -7.94 67.69 -63.39
N PRO K 18 -7.89 67.20 -64.65
CA PRO K 18 -7.33 65.86 -64.85
C PRO K 18 -5.87 65.75 -64.44
N ILE K 19 -5.12 66.85 -64.46
CA ILE K 19 -3.74 66.82 -64.00
C ILE K 19 -3.69 66.66 -62.48
N ARG K 20 -4.58 67.34 -61.76
CA ARG K 20 -4.62 67.20 -60.31
C ARG K 20 -5.10 65.81 -59.89
N GLU K 21 -6.04 65.22 -60.62
CA GLU K 21 -6.49 63.88 -60.30
C GLU K 21 -5.41 62.85 -60.60
N LEU K 22 -4.65 63.06 -61.67
CA LEU K 22 -3.54 62.16 -61.99
C LEU K 22 -2.37 62.34 -61.05
N HIS K 23 -2.25 63.52 -60.42
CA HIS K 23 -1.16 63.75 -59.47
C HIS K 23 -1.28 62.84 -58.26
N ARG K 24 -2.51 62.58 -57.81
CA ARG K 24 -2.74 61.72 -56.66
C ARG K 24 -2.74 60.24 -57.02
N ALA K 25 -2.82 59.91 -58.30
CA ALA K 25 -2.84 58.51 -58.73
C ALA K 25 -1.45 57.97 -59.06
N LEU K 26 -0.57 58.82 -59.60
CA LEU K 26 0.78 58.36 -59.94
C LEU K 26 1.65 58.19 -58.70
N GLU K 27 1.34 58.90 -57.61
CA GLU K 27 2.12 58.76 -56.39
C GLU K 27 1.85 57.45 -55.68
N ARG K 28 0.74 56.77 -55.97
CA ARG K 28 0.45 55.50 -55.33
C ARG K 28 1.31 54.37 -55.88
N LEU K 29 1.93 54.55 -57.05
CA LEU K 29 2.78 53.54 -57.65
C LEU K 29 4.25 53.98 -57.69
N ASN K 30 4.64 54.84 -56.73
CA ASN K 30 6.01 55.33 -56.61
C ASN K 30 6.46 56.04 -57.88
N PHE K 31 6.06 57.31 -58.03
CA PHE K 31 6.48 58.13 -59.16
C PHE K 31 6.66 59.56 -58.70
N GLN K 32 7.75 60.18 -59.13
CA GLN K 32 8.04 61.56 -58.79
C GLN K 32 7.41 62.49 -59.83
N ILE K 33 6.73 63.53 -59.35
CA ILE K 33 6.05 64.49 -60.21
C ILE K 33 6.81 65.80 -60.17
N VAL K 34 7.15 66.33 -61.35
CA VAL K 34 7.85 67.60 -61.48
C VAL K 34 7.04 68.52 -62.37
N TYR K 35 7.12 69.82 -62.07
CA TYR K 35 6.38 70.86 -62.79
C TYR K 35 7.37 71.82 -63.44
N PRO K 36 7.80 71.55 -64.67
CA PRO K 36 8.70 72.48 -65.35
C PRO K 36 7.98 73.76 -65.74
N ASN K 37 8.79 74.76 -66.12
CA ASN K 37 8.27 76.08 -66.46
C ASN K 37 8.04 76.22 -67.96
N ASP K 38 8.99 76.85 -68.65
CA ASP K 38 8.87 77.12 -70.08
C ASP K 38 9.46 75.97 -70.89
N ARG K 39 9.73 76.22 -72.17
CA ARG K 39 10.27 75.16 -73.03
C ARG K 39 11.70 74.83 -72.66
N ASP K 40 12.48 75.83 -72.26
CA ASP K 40 13.87 75.59 -71.87
C ASP K 40 13.98 74.84 -70.55
N ASP K 41 12.90 74.79 -69.77
CA ASP K 41 12.93 74.08 -68.50
C ASP K 41 12.86 72.57 -68.70
N LEU K 42 12.03 72.11 -69.65
CA LEU K 42 11.92 70.69 -69.91
C LEU K 42 13.19 70.13 -70.55
N LEU K 43 13.90 70.95 -71.33
CA LEU K 43 15.12 70.47 -71.97
C LEU K 43 16.22 70.20 -70.95
N LYS K 44 16.21 70.89 -69.81
CA LYS K 44 17.20 70.67 -68.77
C LYS K 44 16.86 69.47 -67.89
N LEU K 45 15.65 68.95 -67.96
CA LEU K 45 15.24 67.79 -67.17
C LEU K 45 15.49 66.46 -67.88
N ILE K 46 16.20 66.48 -69.01
CA ILE K 46 16.50 65.28 -69.77
C ILE K 46 18.01 65.04 -69.84
N GLU K 47 18.78 66.08 -70.16
CA GLU K 47 20.22 65.93 -70.24
C GLU K 47 20.84 65.74 -68.86
N ASN K 48 20.35 66.50 -67.87
CA ASN K 48 20.86 66.39 -66.51
C ASN K 48 20.18 65.31 -65.70
N ASN K 49 18.91 65.02 -66.00
CA ASN K 49 18.14 64.00 -65.30
C ASN K 49 17.86 62.85 -66.27
N ALA K 50 18.52 61.71 -66.05
CA ALA K 50 18.36 60.55 -66.92
C ALA K 50 17.27 59.60 -66.44
N ARG K 51 16.76 59.79 -65.22
CA ARG K 51 15.73 58.92 -64.66
C ARG K 51 14.31 59.38 -65.01
N LEU K 52 14.14 60.03 -66.15
CA LEU K 52 12.84 60.53 -66.58
C LEU K 52 12.29 59.66 -67.69
N CYS K 53 10.98 59.39 -67.63
CA CYS K 53 10.34 58.56 -68.64
C CYS K 53 8.92 59.00 -68.95
N GLY K 54 8.50 60.18 -68.50
CA GLY K 54 7.15 60.66 -68.76
C GLY K 54 7.09 62.17 -68.98
N VAL K 55 6.61 62.57 -70.16
CA VAL K 55 6.50 63.97 -70.52
C VAL K 55 5.04 64.23 -70.87
N ILE K 56 4.37 65.07 -70.07
CA ILE K 56 2.98 65.44 -70.28
C ILE K 56 2.93 66.89 -70.70
N PHE K 57 2.35 67.16 -71.86
CA PHE K 57 2.23 68.52 -72.37
C PHE K 57 1.03 68.59 -73.30
N ASP K 58 0.61 69.81 -73.60
CA ASP K 58 -0.52 70.03 -74.50
C ASP K 58 -0.08 69.89 -75.95
N TRP K 59 -0.80 69.07 -76.71
CA TRP K 59 -0.45 68.86 -78.11
C TRP K 59 -0.77 70.08 -78.97
N ASP K 60 -1.78 70.84 -78.59
CA ASP K 60 -2.18 72.04 -79.34
C ASP K 60 -1.56 73.31 -78.75
N LYS K 61 -0.26 73.25 -78.48
CA LYS K 61 0.46 74.39 -77.92
C LYS K 61 1.91 74.40 -78.41
N TYR K 62 2.59 73.26 -78.32
CA TYR K 62 3.96 73.10 -78.79
C TYR K 62 4.08 71.75 -79.51
N ASN K 63 3.56 71.71 -80.73
CA ASN K 63 3.60 70.49 -81.54
C ASN K 63 4.86 70.37 -82.39
N LEU K 64 5.66 71.43 -82.48
CA LEU K 64 6.89 71.42 -83.26
C LEU K 64 8.12 71.85 -82.49
N GLU K 65 7.95 72.53 -81.34
CA GLU K 65 9.12 72.96 -80.57
C GLU K 65 9.55 71.90 -79.55
N LEU K 66 8.73 70.87 -79.35
CA LEU K 66 9.07 69.80 -78.42
C LEU K 66 9.29 68.46 -79.11
N CYS K 67 8.61 68.20 -80.22
CA CYS K 67 8.78 66.93 -80.92
C CYS K 67 10.07 66.89 -81.74
N GLU K 68 10.81 67.98 -81.79
CA GLU K 68 12.07 68.05 -82.53
C GLU K 68 13.29 68.02 -81.61
N GLU K 69 13.26 68.73 -80.49
CA GLU K 69 14.40 68.75 -79.58
C GLU K 69 14.49 67.46 -78.77
N ILE K 70 13.35 66.88 -78.38
CA ILE K 70 13.37 65.63 -77.63
C ILE K 70 13.83 64.48 -78.52
N SER K 71 13.46 64.51 -79.80
CA SER K 71 13.88 63.46 -80.72
C SER K 71 15.38 63.47 -80.94
N LYS K 72 16.03 64.62 -80.74
CA LYS K 72 17.48 64.72 -80.89
C LYS K 72 18.24 64.24 -79.67
N MET K 73 17.54 63.85 -78.59
CA MET K 73 18.17 63.36 -77.38
C MET K 73 17.79 61.93 -77.02
N ASN K 74 16.56 61.50 -77.30
CA ASN K 74 16.13 60.14 -77.01
C ASN K 74 15.08 59.75 -78.04
N GLU K 75 15.15 58.49 -78.48
CA GLU K 75 14.24 57.99 -79.50
C GLU K 75 13.04 57.26 -78.92
N ASN K 76 13.23 56.48 -77.86
CA ASN K 76 12.17 55.69 -77.26
C ASN K 76 11.56 56.35 -76.03
N LEU K 77 11.80 57.63 -75.82
CA LEU K 77 11.26 58.33 -74.66
C LEU K 77 9.75 58.48 -74.80
N PRO K 78 8.95 57.95 -73.87
CA PRO K 78 7.49 58.09 -73.98
C PRO K 78 7.06 59.54 -73.86
N LEU K 79 6.13 59.94 -74.71
CA LEU K 79 5.58 61.30 -74.72
C LEU K 79 4.09 61.20 -74.45
N TYR K 80 3.69 61.53 -73.22
CA TYR K 80 2.28 61.46 -72.82
C TYR K 80 1.58 62.78 -73.17
N ALA K 81 1.58 63.09 -74.46
CA ALA K 81 0.95 64.30 -74.96
C ALA K 81 -0.56 64.15 -74.97
N PHE K 82 -1.26 65.21 -74.54
CA PHE K 82 -2.71 65.23 -74.49
C PHE K 82 -3.23 66.02 -75.69
N ALA K 83 -3.97 65.35 -76.56
CA ALA K 83 -4.51 65.98 -77.76
C ALA K 83 -5.92 66.50 -77.50
N ASN K 84 -6.45 67.24 -78.48
CA ASN K 84 -7.79 67.80 -78.38
C ASN K 84 -8.65 67.35 -79.55
N THR K 85 -9.74 68.07 -79.81
CA THR K 85 -10.63 67.71 -80.91
C THR K 85 -10.00 68.03 -82.26
N TYR K 86 -9.57 69.29 -82.44
CA TYR K 86 -8.94 69.71 -83.70
C TYR K 86 -7.42 69.61 -83.58
N SER K 87 -6.95 68.36 -83.61
CA SER K 87 -5.53 68.05 -83.52
C SER K 87 -5.12 67.19 -84.70
N THR K 88 -3.90 67.43 -85.19
CA THR K 88 -3.37 66.68 -86.32
C THR K 88 -1.85 66.69 -86.25
N LEU K 89 -1.23 65.88 -87.11
CA LEU K 89 0.21 65.78 -87.17
C LEU K 89 0.78 66.83 -88.13
N ASP K 90 2.10 66.82 -88.28
CA ASP K 90 2.79 67.75 -89.16
C ASP K 90 3.63 66.97 -90.17
N VAL K 91 3.87 67.62 -91.32
CA VAL K 91 4.65 66.97 -92.37
C VAL K 91 6.10 66.82 -91.95
N SER K 92 6.57 67.68 -91.04
CA SER K 92 7.95 67.61 -90.55
C SER K 92 8.10 66.68 -89.35
N LEU K 93 7.13 65.79 -89.13
CA LEU K 93 7.17 64.85 -88.01
C LEU K 93 7.09 63.41 -88.49
N ASN K 94 7.61 63.14 -89.69
CA ASN K 94 7.59 61.80 -90.28
C ASN K 94 8.90 61.06 -90.12
N ASP K 95 10.03 61.77 -90.11
CA ASP K 95 11.35 61.16 -89.98
C ASP K 95 11.93 61.39 -88.59
N LEU K 96 11.12 61.18 -87.56
CA LEU K 96 11.54 61.35 -86.18
C LEU K 96 11.07 60.16 -85.36
N ARG K 97 11.96 59.62 -84.53
CA ARG K 97 11.66 58.47 -83.68
C ARG K 97 11.09 58.98 -82.37
N LEU K 98 9.78 58.84 -82.19
CA LEU K 98 9.11 59.29 -80.98
C LEU K 98 8.07 58.25 -80.56
N GLN K 99 7.64 58.34 -79.31
CA GLN K 99 6.63 57.47 -78.74
C GLN K 99 5.58 58.36 -78.08
N ILE K 100 4.53 58.70 -78.84
CA ILE K 100 3.47 59.60 -78.39
C ILE K 100 2.28 58.77 -77.95
N SER K 101 1.80 59.02 -76.73
CA SER K 101 0.63 58.34 -76.18
C SER K 101 -0.47 59.37 -75.98
N PHE K 102 -1.54 59.25 -76.76
CA PHE K 102 -2.64 60.21 -76.69
C PHE K 102 -3.63 59.82 -75.58
N PHE K 103 -4.28 60.83 -75.02
CA PHE K 103 -5.27 60.64 -73.97
C PHE K 103 -6.35 61.70 -74.15
N GLU K 104 -7.24 61.79 -73.16
CA GLU K 104 -8.33 62.75 -73.17
C GLU K 104 -8.39 63.47 -71.83
N TYR K 105 -9.39 64.32 -71.66
CA TYR K 105 -9.60 65.07 -70.43
C TYR K 105 -10.91 64.64 -69.79
N ALA K 106 -11.00 63.34 -69.50
CA ALA K 106 -12.19 62.75 -68.91
C ALA K 106 -12.02 62.64 -67.40
N LEU K 107 -13.06 63.02 -66.66
CA LEU K 107 -13.05 62.95 -65.21
C LEU K 107 -13.44 61.56 -64.74
N GLY K 108 -12.86 61.16 -63.61
CA GLY K 108 -13.10 59.86 -63.03
C GLY K 108 -12.28 58.73 -63.60
N ALA K 109 -11.75 58.87 -64.82
CA ALA K 109 -10.94 57.85 -65.45
C ALA K 109 -9.45 58.02 -65.18
N ALA K 110 -9.10 58.77 -64.12
CA ALA K 110 -7.69 58.96 -63.80
C ALA K 110 -7.02 57.68 -63.31
N GLU K 111 -7.80 56.73 -62.77
CA GLU K 111 -7.22 55.47 -62.33
C GLU K 111 -6.80 54.61 -63.51
N ASP K 112 -7.61 54.60 -64.57
CA ASP K 112 -7.25 53.82 -65.76
C ASP K 112 -6.06 54.40 -66.48
N ILE K 113 -5.85 55.71 -66.38
CA ILE K 113 -4.69 56.35 -67.01
C ILE K 113 -3.41 55.95 -66.28
N ALA K 114 -3.47 55.83 -64.96
CA ALA K 114 -2.29 55.46 -64.18
C ALA K 114 -1.84 54.04 -64.50
N ASN K 115 -2.79 53.13 -64.78
CA ASN K 115 -2.41 51.76 -65.14
C ASN K 115 -1.78 51.70 -66.52
N LYS K 116 -2.19 52.59 -67.43
CA LYS K 116 -1.59 52.61 -68.77
C LYS K 116 -0.18 53.17 -68.75
N ILE K 117 0.10 54.13 -67.86
CA ILE K 117 1.45 54.70 -67.77
C ILE K 117 2.41 53.68 -67.18
N LYS K 118 1.96 52.92 -66.17
CA LYS K 118 2.83 51.91 -65.56
C LYS K 118 3.13 50.78 -66.54
N GLN K 119 2.14 50.39 -67.35
CA GLN K 119 2.38 49.34 -68.34
C GLN K 119 3.25 49.84 -69.48
N THR K 120 3.09 51.11 -69.87
CA THR K 120 3.94 51.68 -70.91
C THR K 120 5.38 51.82 -70.42
N THR K 121 5.56 52.19 -69.15
CA THR K 121 6.91 52.28 -68.60
C THR K 121 7.57 50.91 -68.55
N ASP K 122 6.80 49.86 -68.25
CA ASP K 122 7.35 48.51 -68.25
C ASP K 122 7.77 48.07 -69.64
N GLU K 123 7.05 48.53 -70.68
CA GLU K 123 7.46 48.22 -72.05
C GLU K 123 8.75 48.95 -72.42
N TYR K 124 8.96 50.15 -71.87
CA TYR K 124 10.21 50.86 -72.13
C TYR K 124 11.40 50.17 -71.47
N ILE K 125 11.19 49.54 -70.32
CA ILE K 125 12.28 48.85 -69.64
C ILE K 125 12.64 47.57 -70.38
N ASN K 126 11.63 46.84 -70.86
CA ASN K 126 11.85 45.59 -71.56
C ASN K 126 12.33 45.77 -73.00
N THR K 127 12.48 47.01 -73.46
CA THR K 127 12.92 47.30 -74.83
C THR K 127 14.36 47.78 -74.89
N ILE K 128 14.72 48.76 -74.06
CA ILE K 128 16.08 49.30 -74.08
C ILE K 128 17.09 48.34 -73.47
N LEU K 129 16.62 47.39 -72.66
CA LEU K 129 17.57 46.45 -72.06
C LEU K 129 17.79 45.25 -72.98
N PRO K 130 19.00 44.73 -73.04
CA PRO K 130 19.28 43.55 -73.88
C PRO K 130 18.59 42.32 -73.32
N PRO K 131 18.38 41.28 -74.14
CA PRO K 131 17.70 40.08 -73.65
C PRO K 131 18.49 39.31 -72.60
N LEU K 132 19.82 39.53 -72.51
CA LEU K 132 20.60 38.85 -71.48
C LEU K 132 20.43 39.53 -70.13
N THR K 133 20.47 40.86 -70.10
CA THR K 133 20.28 41.59 -68.85
C THR K 133 18.82 41.52 -68.39
N LYS K 134 17.88 41.57 -69.34
CA LYS K 134 16.46 41.49 -68.98
C LYS K 134 16.13 40.13 -68.38
N ALA K 135 16.74 39.06 -68.88
CA ALA K 135 16.48 37.74 -68.32
C ALA K 135 17.09 37.58 -66.94
N LEU K 136 18.17 38.30 -66.65
CA LEU K 136 18.79 38.22 -65.33
C LEU K 136 17.96 38.94 -64.28
N PHE K 137 17.36 40.07 -64.65
CA PHE K 137 16.51 40.80 -63.71
C PHE K 137 15.20 40.07 -63.46
N LYS K 138 14.68 39.38 -64.47
CA LYS K 138 13.42 38.64 -64.30
C LYS K 138 13.64 37.34 -63.53
N TYR K 139 14.83 36.73 -63.64
CA TYR K 139 15.12 35.50 -62.94
C TYR K 139 15.16 35.68 -61.43
N VAL K 140 15.46 36.88 -60.95
CA VAL K 140 15.53 37.12 -59.51
C VAL K 140 14.14 37.15 -58.90
N ARG K 141 13.16 37.74 -59.60
CA ARG K 141 11.82 37.88 -59.05
C ARG K 141 10.93 36.66 -59.29
N GLU K 142 11.38 35.71 -60.10
CA GLU K 142 10.56 34.54 -60.41
C GLU K 142 11.34 33.24 -60.24
N GLY K 143 12.51 33.16 -60.87
CA GLY K 143 13.29 31.94 -60.82
C GLY K 143 13.82 31.68 -59.43
N LYS K 144 13.39 30.59 -58.81
CA LYS K 144 13.82 30.20 -57.45
C LYS K 144 14.13 28.70 -57.47
N TYR K 145 15.23 28.35 -58.13
CA TYR K 145 15.68 26.97 -58.23
C TYR K 145 16.59 26.62 -57.05
N THR K 146 16.53 25.36 -56.65
CA THR K 146 17.32 24.85 -55.53
C THR K 146 18.35 23.85 -56.04
N PHE K 147 19.30 23.54 -55.16
CA PHE K 147 20.38 22.59 -55.44
C PHE K 147 21.16 23.01 -56.68
N CYS K 148 21.76 24.20 -56.61
CA CYS K 148 22.53 24.77 -57.70
C CYS K 148 23.76 25.46 -57.14
N THR K 149 24.67 25.86 -58.03
CA THR K 149 25.89 26.58 -57.70
C THR K 149 25.72 28.07 -57.95
N PRO K 150 26.39 28.93 -57.16
CA PRO K 150 27.27 28.62 -56.04
C PRO K 150 26.53 28.15 -54.79
N GLY K 151 27.28 27.96 -53.69
CA GLY K 151 26.69 27.45 -52.47
C GLY K 151 25.90 28.46 -51.67
N HIS K 152 26.10 29.76 -51.92
CA HIS K 152 25.35 30.76 -51.17
C HIS K 152 23.88 30.76 -51.54
N MET K 153 23.57 30.53 -52.82
CA MET K 153 22.20 30.42 -53.33
C MET K 153 21.38 31.66 -52.97
N GLY K 154 21.81 32.78 -53.56
CA GLY K 154 21.14 34.05 -53.32
C GLY K 154 21.34 34.62 -51.94
N GLY K 155 22.38 34.21 -51.24
CA GLY K 155 22.63 34.71 -49.90
C GLY K 155 21.94 33.95 -48.80
N THR K 156 21.80 32.63 -48.93
CA THR K 156 21.15 31.84 -47.90
C THR K 156 22.11 31.45 -46.79
N ALA K 157 23.34 31.06 -47.15
CA ALA K 157 24.31 30.67 -46.14
C ALA K 157 24.77 31.86 -45.31
N PHE K 158 24.70 33.06 -45.85
CA PHE K 158 25.10 34.25 -45.11
C PHE K 158 24.10 34.63 -44.02
N GLN K 159 22.88 34.12 -44.11
CA GLN K 159 21.85 34.41 -43.10
C GLN K 159 21.90 33.47 -41.91
N LYS K 160 22.92 32.61 -41.82
CA LYS K 160 23.06 31.68 -40.72
C LYS K 160 24.33 31.90 -39.90
N SER K 161 25.11 32.92 -40.22
CA SER K 161 26.34 33.23 -39.50
C SER K 161 26.38 34.70 -39.15
N PRO K 162 26.86 35.04 -37.94
CA PRO K 162 26.93 36.47 -37.58
C PRO K 162 27.86 37.28 -38.47
N VAL K 163 28.98 36.69 -38.90
CA VAL K 163 29.90 37.40 -39.76
C VAL K 163 29.36 37.47 -41.19
N GLY K 164 28.53 36.49 -41.59
CA GLY K 164 27.97 36.50 -42.93
C GLY K 164 26.84 37.49 -43.13
N SER K 165 26.17 37.91 -42.05
CA SER K 165 25.08 38.88 -42.18
C SER K 165 25.61 40.27 -42.52
N LEU K 166 26.82 40.60 -42.06
CA LEU K 166 27.40 41.91 -42.36
C LEU K 166 27.79 42.02 -43.83
N PHE K 167 28.25 40.93 -44.42
CA PHE K 167 28.62 40.93 -45.83
C PHE K 167 27.40 40.88 -46.76
N TYR K 168 26.29 40.31 -46.30
CA TYR K 168 25.09 40.23 -47.12
C TYR K 168 24.31 41.55 -47.10
N ASP K 169 24.33 42.26 -45.97
CA ASP K 169 23.61 43.53 -45.86
C ASP K 169 24.33 44.68 -46.52
N PHE K 170 25.60 44.50 -46.93
CA PHE K 170 26.33 45.59 -47.57
C PHE K 170 25.87 45.80 -49.00
N PHE K 171 25.80 44.72 -49.78
CA PHE K 171 25.37 44.81 -51.17
C PHE K 171 23.86 44.94 -51.27
N GLY K 172 23.15 43.82 -51.22
CA GLY K 172 21.70 43.83 -51.30
C GLY K 172 21.14 42.47 -51.66
N PRO K 173 19.84 42.29 -51.44
CA PRO K 173 19.22 41.00 -51.79
C PRO K 173 19.26 40.70 -53.28
N ASN K 174 19.12 41.72 -54.13
CA ASN K 174 19.16 41.49 -55.58
C ASN K 174 20.57 41.25 -56.08
N THR K 175 21.60 41.58 -55.30
CA THR K 175 22.97 41.38 -55.75
C THR K 175 23.38 39.91 -55.66
N MET K 176 23.08 39.25 -54.55
CA MET K 176 23.47 37.85 -54.39
C MET K 176 22.62 36.93 -55.27
N LYS K 177 21.36 37.28 -55.51
CA LYS K 177 20.49 36.46 -56.34
C LYS K 177 20.81 36.57 -57.82
N SER K 178 21.65 37.52 -58.23
CA SER K 178 22.02 37.67 -59.63
C SER K 178 23.31 36.94 -59.98
N ASP K 179 24.01 36.39 -58.99
CA ASP K 179 25.26 35.66 -59.23
C ASP K 179 24.90 34.19 -59.41
N ILE K 180 24.69 33.79 -60.66
CA ILE K 180 24.34 32.41 -60.99
C ILE K 180 25.33 31.89 -62.02
N SER K 181 25.55 30.58 -61.98
CA SER K 181 26.46 29.88 -62.87
C SER K 181 25.70 29.45 -64.14
N ILE K 182 26.05 28.29 -64.68
CA ILE K 182 25.40 27.77 -65.89
C ILE K 182 24.34 26.75 -65.50
N SER K 183 23.90 26.80 -64.25
CA SER K 183 22.89 25.88 -63.74
C SER K 183 21.47 26.36 -64.02
N VAL K 184 21.29 27.23 -65.00
CA VAL K 184 19.98 27.76 -65.36
C VAL K 184 19.74 27.47 -66.83
N SER K 185 18.57 26.93 -67.15
CA SER K 185 18.24 26.53 -68.52
C SER K 185 17.72 27.69 -69.36
N GLU K 186 16.92 28.58 -68.78
CA GLU K 186 16.32 29.67 -69.53
C GLU K 186 17.26 30.85 -69.73
N LEU K 187 18.55 30.71 -69.38
CA LEU K 187 19.54 31.75 -69.64
C LEU K 187 20.72 31.26 -70.47
N GLY K 188 20.83 29.97 -70.73
CA GLY K 188 21.92 29.45 -71.55
C GLY K 188 23.25 29.44 -70.81
N SER K 189 24.29 29.10 -71.58
CA SER K 189 25.64 29.02 -71.06
C SER K 189 26.56 29.87 -71.93
N LEU K 190 27.57 30.48 -71.29
CA LEU K 190 28.51 31.32 -72.02
C LEU K 190 29.46 30.48 -72.88
N LEU K 191 29.87 29.32 -72.36
CA LEU K 191 30.77 28.46 -73.12
C LEU K 191 30.05 27.78 -74.28
N ASP K 192 28.76 27.52 -74.14
CA ASP K 192 28.00 26.88 -75.21
C ASP K 192 27.63 27.85 -76.33
N HIS K 193 27.57 29.15 -76.03
CA HIS K 193 27.24 30.18 -77.02
C HIS K 193 25.88 29.90 -77.67
N SER K 194 24.87 29.75 -76.84
CA SER K 194 23.51 29.48 -77.30
C SER K 194 22.52 30.18 -76.39
N GLY K 195 21.29 30.34 -76.90
CA GLY K 195 20.24 30.99 -76.16
C GLY K 195 20.44 32.49 -76.06
N PRO K 196 20.25 33.05 -74.86
CA PRO K 196 20.48 34.48 -74.67
C PRO K 196 21.91 34.90 -74.92
N HIS K 197 22.88 34.01 -74.70
CA HIS K 197 24.28 34.35 -74.95
C HIS K 197 24.58 34.44 -76.45
N LYS K 198 23.81 33.73 -77.27
CA LYS K 198 24.01 33.79 -78.71
C LYS K 198 23.55 35.12 -79.28
N GLU K 199 22.39 35.60 -78.85
CA GLU K 199 21.89 36.90 -79.32
C GLU K 199 22.65 38.06 -78.70
N ALA K 200 23.32 37.84 -77.57
CA ALA K 200 24.09 38.92 -76.94
C ALA K 200 25.36 39.21 -77.72
N GLU K 201 25.98 38.18 -78.29
CA GLU K 201 27.20 38.40 -79.06
C GLU K 201 26.90 39.11 -80.38
N GLN K 202 25.76 38.80 -81.00
CA GLN K 202 25.37 39.49 -82.23
C GLN K 202 24.85 40.89 -81.98
N TYR K 203 24.40 41.18 -80.76
CA TYR K 203 23.91 42.52 -80.45
C TYR K 203 25.06 43.51 -80.24
N ILE K 204 26.14 43.06 -79.59
CA ILE K 204 27.27 43.94 -79.35
C ILE K 204 28.01 44.22 -80.65
N ALA K 205 28.16 43.21 -81.51
CA ALA K 205 28.85 43.41 -82.77
C ALA K 205 28.07 44.31 -83.71
N ARG K 206 26.74 44.34 -83.59
CA ARG K 206 25.94 45.20 -84.46
C ARG K 206 26.00 46.65 -84.00
N VAL K 207 26.08 46.88 -82.68
CA VAL K 207 26.16 48.24 -82.18
C VAL K 207 27.54 48.84 -82.43
N PHE K 208 28.59 48.07 -82.14
CA PHE K 208 29.97 48.51 -82.33
C PHE K 208 30.47 48.29 -83.76
N ASN K 209 29.57 47.97 -84.69
CA ASN K 209 29.91 47.75 -86.09
C ASN K 209 30.97 46.65 -86.24
N ALA K 210 30.55 45.40 -86.09
CA ALA K 210 31.47 44.27 -86.20
C ALA K 210 30.68 43.04 -86.64
N ASP K 211 31.43 42.00 -87.03
CA ASP K 211 30.79 40.76 -87.44
C ASP K 211 30.53 39.83 -86.26
N ARG K 212 31.46 39.77 -85.31
CA ARG K 212 31.30 38.92 -84.14
CA ARG K 212 31.29 38.93 -84.13
C ARG K 212 32.07 39.54 -82.98
N SER K 213 31.44 39.58 -81.81
CA SER K 213 32.05 40.14 -80.61
C SER K 213 31.90 39.17 -79.46
N TYR K 214 32.93 39.10 -78.62
CA TYR K 214 32.95 38.24 -77.45
C TYR K 214 32.87 39.07 -76.18
N MET K 215 32.74 38.36 -75.05
CA MET K 215 32.64 38.99 -73.73
C MET K 215 33.62 38.27 -72.80
N VAL K 216 34.86 38.75 -72.76
CA VAL K 216 35.88 38.14 -71.92
C VAL K 216 35.59 38.47 -70.46
N THR K 217 35.60 37.44 -69.61
CA THR K 217 35.32 37.60 -68.19
C THR K 217 36.58 37.66 -67.34
N ASN K 218 37.74 37.96 -67.97
CA ASN K 218 38.99 38.02 -67.23
C ASN K 218 39.83 39.22 -67.66
N GLY K 219 39.20 40.36 -67.91
CA GLY K 219 39.93 41.57 -68.24
C GLY K 219 40.52 41.56 -69.64
N THR K 220 41.17 42.67 -69.98
CA THR K 220 41.79 42.79 -71.29
C THR K 220 43.10 42.00 -71.38
N SER K 221 43.77 41.81 -70.23
CA SER K 221 45.04 41.09 -70.24
C SER K 221 44.87 39.65 -70.72
N THR K 222 43.67 39.08 -70.57
CA THR K 222 43.39 37.73 -71.04
C THR K 222 43.01 37.70 -72.52
N ALA K 223 42.27 38.71 -72.98
CA ALA K 223 41.85 38.73 -74.38
C ALA K 223 43.04 38.87 -75.32
N ASN K 224 44.09 39.57 -74.90
CA ASN K 224 45.27 39.71 -75.74
C ASN K 224 46.07 38.42 -75.85
N LYS K 225 45.94 37.51 -74.88
CA LYS K 225 46.66 36.25 -74.94
C LYS K 225 45.93 35.20 -75.77
N ILE K 226 44.60 35.35 -75.92
CA ILE K 226 43.84 34.39 -76.70
C ILE K 226 44.07 34.61 -78.19
N VAL K 227 44.18 35.87 -78.61
CA VAL K 227 44.41 36.17 -80.02
C VAL K 227 45.80 35.70 -80.44
N GLY K 228 46.79 35.85 -79.57
CA GLY K 228 48.14 35.43 -79.89
C GLY K 228 48.31 33.93 -80.05
N MET K 229 47.41 33.15 -79.46
CA MET K 229 47.45 31.69 -79.55
C MET K 229 46.68 31.15 -80.74
N TYR K 230 46.26 32.01 -81.67
CA TYR K 230 45.51 31.61 -82.84
C TYR K 230 46.32 31.74 -84.12
N SER K 231 46.71 32.96 -84.49
CA SER K 231 47.48 33.21 -85.70
C SER K 231 48.99 33.15 -85.45
N ALA K 232 49.45 32.27 -84.57
CA ALA K 232 50.88 32.13 -84.30
C ALA K 232 51.14 30.71 -83.81
N PRO K 233 51.32 29.77 -84.74
CA PRO K 233 51.61 28.39 -84.33
C PRO K 233 52.97 28.28 -83.66
N ALA K 234 53.24 27.09 -83.13
CA ALA K 234 54.49 26.79 -82.44
C ALA K 234 55.61 26.77 -83.47
N GLY K 235 56.19 27.95 -83.70
CA GLY K 235 57.27 28.09 -84.67
C GLY K 235 56.91 29.00 -85.83
N SER K 236 56.51 30.23 -85.52
CA SER K 236 56.11 31.18 -86.54
C SER K 236 56.83 32.51 -86.36
N THR K 237 56.18 33.60 -86.78
CA THR K 237 56.76 34.94 -86.68
C THR K 237 55.63 35.95 -86.55
N ILE K 238 55.72 36.81 -85.53
CA ILE K 238 54.73 37.84 -85.29
C ILE K 238 55.41 39.21 -85.37
N LEU K 239 54.59 40.23 -85.61
CA LEU K 239 55.05 41.61 -85.72
C LEU K 239 54.44 42.41 -84.56
N ILE K 240 55.00 42.22 -83.37
CA ILE K 240 54.51 42.90 -82.19
C ILE K 240 55.11 44.29 -82.11
N ASP K 241 54.35 45.24 -81.57
CA ASP K 241 54.80 46.61 -81.44
C ASP K 241 55.75 46.76 -80.26
N ARG K 242 56.63 47.74 -80.34
CA ARG K 242 57.58 47.99 -79.25
C ARG K 242 56.87 48.51 -78.02
N ASN K 243 55.94 49.45 -78.19
CA ASN K 243 55.17 50.00 -77.08
C ASN K 243 54.07 49.00 -76.71
N CYS K 244 54.49 47.96 -75.99
CA CYS K 244 53.60 46.90 -75.56
C CYS K 244 53.29 47.01 -74.08
N HIS K 245 52.29 46.25 -73.65
CA HIS K 245 51.86 46.23 -72.26
C HIS K 245 52.43 45.00 -71.56
N LYS K 246 52.34 45.01 -70.22
CA LYS K 246 52.82 43.88 -69.43
C LYS K 246 52.12 42.58 -69.82
N SER K 247 50.86 42.66 -70.22
CA SER K 247 50.14 41.46 -70.65
C SER K 247 50.69 40.92 -71.97
N LEU K 248 51.14 41.79 -72.85
CA LEU K 248 51.70 41.35 -74.13
C LEU K 248 53.07 40.71 -73.97
N THR K 249 53.77 40.99 -72.87
CA THR K 249 55.07 40.37 -72.64
C THR K 249 54.94 38.89 -72.34
N HIS K 250 53.94 38.52 -71.53
CA HIS K 250 53.72 37.12 -71.21
C HIS K 250 53.25 36.31 -72.42
N LEU K 251 52.66 36.97 -73.42
CA LEU K 251 52.25 36.26 -74.62
C LEU K 251 53.46 35.74 -75.41
N MET K 252 54.52 36.53 -75.47
CA MET K 252 55.74 36.12 -76.16
C MET K 252 56.53 35.08 -75.37
N MET K 253 56.24 34.90 -74.08
CA MET K 253 56.93 33.93 -73.25
C MET K 253 56.20 32.61 -73.14
N MET K 254 54.99 32.50 -73.68
CA MET K 254 54.22 31.26 -73.65
C MET K 254 54.13 30.55 -74.98
N SER K 255 54.41 31.25 -76.09
CA SER K 255 54.37 30.66 -77.43
C SER K 255 55.77 30.71 -78.03
N ASP K 256 56.17 29.60 -78.67
CA ASP K 256 57.49 29.49 -79.28
C ASP K 256 57.43 30.18 -80.65
N VAL K 257 57.46 31.50 -80.62
CA VAL K 257 57.42 32.32 -81.82
C VAL K 257 58.61 33.26 -81.82
N THR K 258 58.86 33.88 -82.97
CA THR K 258 59.96 34.83 -83.14
C THR K 258 59.38 36.21 -83.42
N PRO K 259 59.24 37.07 -82.41
CA PRO K 259 58.68 38.40 -82.64
C PRO K 259 59.69 39.34 -83.27
N ILE K 260 59.16 40.34 -83.97
CA ILE K 260 59.96 41.39 -84.60
C ILE K 260 59.47 42.72 -84.07
N TYR K 261 60.35 43.44 -83.38
CA TYR K 261 60.00 44.71 -82.77
C TYR K 261 60.20 45.85 -83.76
N PHE K 262 59.33 46.85 -83.69
CA PHE K 262 59.39 48.00 -84.57
C PHE K 262 60.22 49.12 -83.93
N ARG K 263 60.20 50.29 -84.55
CA ARG K 263 60.92 51.47 -84.06
C ARG K 263 59.98 52.66 -84.11
N PRO K 264 59.14 52.83 -83.09
CA PRO K 264 58.23 53.97 -83.07
C PRO K 264 58.98 55.28 -82.90
N THR K 265 58.30 56.37 -83.25
CA THR K 265 58.86 57.70 -83.13
C THR K 265 58.60 58.27 -81.74
N ARG K 266 59.41 59.27 -81.38
CA ARG K 266 59.29 59.91 -80.08
C ARG K 266 59.98 61.27 -80.13
N ASN K 267 59.63 62.12 -79.17
CA ASN K 267 60.17 63.46 -79.05
C ASN K 267 61.07 63.53 -77.81
N ALA K 268 61.20 64.73 -77.23
CA ALA K 268 62.04 64.93 -76.05
C ALA K 268 61.24 64.98 -74.75
N TYR K 269 59.95 65.33 -74.81
CA TYR K 269 59.12 65.39 -73.62
C TYR K 269 58.67 64.02 -73.14
N GLY K 270 58.90 62.96 -73.91
CA GLY K 270 58.50 61.62 -73.54
C GLY K 270 57.20 61.15 -74.13
N ILE K 271 56.57 61.94 -74.99
CA ILE K 271 55.30 61.55 -75.62
C ILE K 271 55.59 60.50 -76.68
N LEU K 272 54.96 59.34 -76.55
CA LEU K 272 55.16 58.26 -77.50
C LEU K 272 54.45 58.58 -78.81
N GLY K 273 55.22 58.65 -79.89
CA GLY K 273 54.66 58.94 -81.20
C GLY K 273 53.98 57.74 -81.84
N GLY K 274 54.52 57.28 -82.95
CA GLY K 274 53.95 56.15 -83.66
C GLY K 274 54.95 55.52 -84.60
N ILE K 275 54.52 54.43 -85.22
CA ILE K 275 55.39 53.71 -86.16
C ILE K 275 55.32 54.40 -87.52
N PRO K 276 56.44 54.72 -88.13
CA PRO K 276 56.42 55.38 -89.45
C PRO K 276 55.83 54.46 -90.51
N GLN K 277 55.48 55.07 -91.65
CA GLN K 277 54.92 54.31 -92.76
C GLN K 277 55.96 53.48 -93.50
N SER K 278 57.24 53.74 -93.26
CA SER K 278 58.27 52.97 -93.94
C SER K 278 58.41 51.57 -93.37
N GLU K 279 58.01 51.36 -92.11
CA GLU K 279 58.10 50.05 -91.50
C GLU K 279 57.01 49.10 -92.00
N PHE K 280 55.94 49.62 -92.57
CA PHE K 280 54.84 48.80 -93.08
C PHE K 280 55.05 48.35 -94.53
N GLN K 281 56.19 48.69 -95.13
CA GLN K 281 56.45 48.32 -96.51
C GLN K 281 56.79 46.83 -96.61
N HIS K 282 56.88 46.35 -97.84
CA HIS K 282 57.19 44.94 -98.07
C HIS K 282 58.70 44.68 -98.05
N ALA K 283 59.49 45.66 -98.49
CA ALA K 283 60.94 45.49 -98.50
C ALA K 283 61.54 45.69 -97.12
N THR K 284 60.82 46.37 -96.22
CA THR K 284 61.35 46.59 -94.87
C THR K 284 61.12 45.36 -93.99
N ILE K 285 59.95 44.75 -94.09
CA ILE K 285 59.65 43.57 -93.26
C ILE K 285 60.48 42.38 -93.72
N ALA K 286 60.59 42.18 -95.04
CA ALA K 286 61.35 41.05 -95.56
C ALA K 286 62.85 41.19 -95.30
N LYS K 287 63.34 42.40 -95.04
CA LYS K 287 64.76 42.58 -94.78
C LYS K 287 65.14 42.07 -93.40
N ARG K 288 64.25 42.24 -92.42
CA ARG K 288 64.51 41.78 -91.06
C ARG K 288 64.31 40.28 -90.89
N VAL K 289 63.73 39.60 -91.88
CA VAL K 289 63.52 38.16 -91.76
C VAL K 289 64.84 37.42 -91.91
N LYS K 290 65.65 37.79 -92.91
CA LYS K 290 66.93 37.12 -93.11
C LYS K 290 67.92 37.49 -92.01
N GLU K 291 67.85 38.71 -91.49
CA GLU K 291 68.76 39.14 -90.43
C GLU K 291 68.45 38.47 -89.10
N THR K 292 67.21 38.04 -88.87
CA THR K 292 66.83 37.41 -87.63
C THR K 292 66.88 35.90 -87.80
N PRO K 293 67.73 35.19 -87.07
CA PRO K 293 67.77 33.73 -87.20
C PRO K 293 66.47 33.09 -86.72
N ASN K 294 66.11 32.00 -87.40
CA ASN K 294 64.90 31.23 -87.11
C ASN K 294 63.65 32.12 -87.17
N ALA K 295 63.35 32.57 -88.39
CA ALA K 295 62.21 33.43 -88.64
C ALA K 295 61.76 33.24 -90.07
N THR K 296 60.46 33.01 -90.26
CA THR K 296 59.85 32.80 -91.57
C THR K 296 59.02 34.03 -91.93
N TRP K 297 57.97 33.84 -92.72
CA TRP K 297 57.11 34.95 -93.12
C TRP K 297 56.18 35.32 -91.97
N PRO K 298 56.10 36.59 -91.58
CA PRO K 298 55.19 36.98 -90.50
C PRO K 298 53.74 36.77 -90.89
N VAL K 299 52.99 36.11 -90.02
CA VAL K 299 51.57 35.83 -90.24
C VAL K 299 50.68 36.57 -89.27
N HIS K 300 51.24 37.40 -88.40
CA HIS K 300 50.46 38.14 -87.43
C HIS K 300 51.19 39.44 -87.09
N ALA K 301 50.42 40.51 -86.86
CA ALA K 301 50.98 41.80 -86.53
C ALA K 301 50.18 42.41 -85.39
N VAL K 302 50.88 42.98 -84.41
CA VAL K 302 50.26 43.61 -83.24
C VAL K 302 50.58 45.10 -83.29
N ILE K 303 49.56 45.93 -83.36
CA ILE K 303 49.70 47.38 -83.41
C ILE K 303 48.95 47.98 -82.24
N THR K 304 49.63 48.79 -81.43
CA THR K 304 49.03 49.43 -80.26
C THR K 304 48.36 50.73 -80.72
N ASN K 305 47.07 50.62 -81.05
CA ASN K 305 46.27 51.76 -81.52
C ASN K 305 45.08 51.92 -80.60
N SER K 306 45.10 52.98 -79.77
CA SER K 306 46.20 53.93 -79.76
C SER K 306 47.20 53.59 -78.65
N THR K 307 48.19 54.46 -78.47
CA THR K 307 49.22 54.25 -77.46
C THR K 307 48.68 54.64 -76.09
N TYR K 308 49.56 54.63 -75.09
CA TYR K 308 49.13 54.97 -73.73
C TYR K 308 48.84 56.46 -73.59
N ASP K 309 49.51 57.30 -74.38
CA ASP K 309 49.29 58.73 -74.30
C ASP K 309 47.96 59.11 -74.96
N GLY K 310 47.76 58.73 -76.21
CA GLY K 310 46.53 59.04 -76.91
C GLY K 310 46.76 59.63 -78.28
N LEU K 311 47.32 58.84 -79.20
CA LEU K 311 47.59 59.27 -80.56
C LEU K 311 47.13 58.17 -81.51
N LEU K 312 46.07 58.44 -82.27
CA LEU K 312 45.53 57.46 -83.19
C LEU K 312 46.41 57.37 -84.44
N TYR K 313 46.17 56.31 -85.23
CA TYR K 313 46.89 56.06 -86.46
C TYR K 313 45.96 56.26 -87.66
N ASN K 314 46.39 55.76 -88.82
CA ASN K 314 45.62 55.85 -90.05
C ASN K 314 45.44 54.43 -90.58
N THR K 315 44.28 53.84 -90.30
CA THR K 315 44.00 52.48 -90.74
C THR K 315 43.71 52.37 -92.23
N ASP K 316 43.44 53.49 -92.90
CA ASP K 316 43.19 53.46 -94.35
C ASP K 316 44.46 53.14 -95.13
N PHE K 317 45.64 53.42 -94.58
CA PHE K 317 46.91 53.13 -95.23
C PHE K 317 47.54 51.85 -94.73
N ILE K 318 47.25 51.43 -93.49
CA ILE K 318 47.83 50.20 -92.96
C ILE K 318 47.14 48.98 -93.56
N LYS K 319 45.83 49.05 -93.74
CA LYS K 319 45.07 47.92 -94.28
C LYS K 319 45.31 47.71 -95.77
N LYS K 320 46.20 48.46 -96.41
CA LYS K 320 46.47 48.31 -97.82
C LYS K 320 47.96 48.04 -98.07
N THR K 321 48.81 48.65 -97.25
CA THR K 321 50.26 48.49 -97.40
C THR K 321 50.80 47.32 -96.59
N LEU K 322 50.40 47.22 -95.32
CA LEU K 322 50.86 46.13 -94.45
C LEU K 322 50.25 44.82 -94.94
N ASP K 323 51.10 43.94 -95.49
CA ASP K 323 50.64 42.66 -96.03
C ASP K 323 50.69 41.59 -94.95
N VAL K 324 49.76 41.72 -94.00
CA VAL K 324 49.61 40.77 -92.90
C VAL K 324 48.17 40.33 -92.85
N LYS K 325 47.94 39.02 -92.90
CA LYS K 325 46.59 38.47 -92.89
C LYS K 325 45.93 38.54 -91.52
N SER K 326 46.68 38.86 -90.46
CA SER K 326 46.14 38.94 -89.10
C SER K 326 46.73 40.19 -88.44
N ILE K 327 46.09 41.33 -88.66
CA ILE K 327 46.52 42.60 -88.09
C ILE K 327 45.71 42.86 -86.84
N HIS K 328 46.39 43.15 -85.73
CA HIS K 328 45.76 43.37 -84.45
C HIS K 328 45.88 44.85 -84.06
N PHE K 329 44.79 45.40 -83.55
CA PHE K 329 44.76 46.79 -83.06
C PHE K 329 44.34 46.76 -81.60
N ASP K 330 45.30 46.92 -80.69
CA ASP K 330 45.04 46.92 -79.26
C ASP K 330 44.33 48.22 -78.89
N SER K 331 43.00 48.20 -79.02
CA SER K 331 42.17 49.36 -78.72
C SER K 331 41.75 49.39 -77.26
N ALA K 332 42.73 49.28 -76.36
CA ALA K 332 42.47 49.28 -74.93
C ALA K 332 42.29 50.68 -74.35
N TRP K 333 42.21 51.71 -75.19
CA TRP K 333 42.05 53.07 -74.70
C TRP K 333 41.13 53.93 -75.55
N VAL K 334 40.53 53.39 -76.60
CA VAL K 334 39.62 54.15 -77.45
C VAL K 334 38.35 53.36 -77.72
N PRO K 335 37.48 53.14 -76.70
CA PRO K 335 36.22 52.41 -76.91
C PRO K 335 35.09 53.31 -77.41
N TYR K 336 35.40 54.18 -78.36
CA TYR K 336 34.40 55.13 -78.84
C TYR K 336 34.62 55.58 -80.27
N THR K 337 35.64 55.09 -80.97
CA THR K 337 35.90 55.51 -82.35
C THR K 337 34.90 54.91 -83.32
N ASN K 338 33.63 55.31 -83.21
CA ASN K 338 32.59 54.79 -84.08
C ASN K 338 31.36 55.70 -84.05
N PHE K 339 30.97 56.15 -82.87
CA PHE K 339 29.77 56.97 -82.69
C PHE K 339 30.07 58.46 -82.84
N SER K 340 30.90 58.84 -83.81
CA SER K 340 31.22 60.25 -84.02
C SER K 340 31.74 60.42 -85.44
N PRO K 341 31.37 61.50 -86.14
CA PRO K 341 31.85 61.68 -87.52
C PRO K 341 33.31 62.06 -87.61
N ILE K 342 33.96 62.42 -86.50
CA ILE K 342 35.36 62.80 -86.52
C ILE K 342 36.23 61.60 -86.14
N TYR K 343 35.66 60.40 -86.26
CA TYR K 343 36.37 59.16 -85.98
C TYR K 343 36.09 58.10 -87.04
N GLU K 344 35.86 58.53 -88.28
CA GLU K 344 35.58 57.61 -89.37
C GLU K 344 36.87 57.23 -90.08
N GLY K 345 37.10 55.94 -90.27
CA GLY K 345 38.30 55.48 -90.92
C GLY K 345 39.55 55.60 -90.08
N LYS K 346 39.42 55.54 -88.76
CA LYS K 346 40.55 55.66 -87.86
C LYS K 346 40.84 54.40 -87.06
N CYS K 347 39.92 53.45 -87.02
CA CYS K 347 40.10 52.20 -86.30
C CYS K 347 39.91 51.02 -87.25
N GLY K 348 40.02 49.81 -86.69
CA GLY K 348 39.86 48.61 -87.51
C GLY K 348 38.43 48.29 -87.84
N MET K 349 37.48 48.73 -87.01
CA MET K 349 36.08 48.46 -87.26
C MET K 349 35.44 49.43 -88.24
N SER K 350 36.01 50.64 -88.38
CA SER K 350 35.47 51.63 -89.30
C SER K 350 35.86 51.27 -90.73
N GLY K 351 34.87 50.95 -91.56
CA GLY K 351 35.09 50.59 -92.94
C GLY K 351 34.39 49.28 -93.30
N GLY K 352 34.90 48.63 -94.34
CA GLY K 352 34.36 47.38 -94.81
C GLY K 352 35.26 46.20 -94.52
N ARG K 353 34.85 45.05 -95.04
CA ARG K 353 35.61 43.82 -94.85
C ARG K 353 36.76 43.75 -95.84
N VAL K 354 37.98 43.60 -95.32
CA VAL K 354 39.18 43.50 -96.14
C VAL K 354 39.37 42.04 -96.54
N GLU K 355 39.47 41.79 -97.84
CA GLU K 355 39.64 40.43 -98.33
C GLU K 355 41.04 39.92 -98.00
N GLY K 356 41.11 38.64 -97.65
CA GLY K 356 42.37 38.01 -97.31
C GLY K 356 42.99 38.45 -96.00
N LYS K 357 42.32 39.32 -95.25
CA LYS K 357 42.85 39.82 -93.98
C LYS K 357 41.72 39.83 -92.95
N VAL K 358 42.11 40.11 -91.71
CA VAL K 358 41.16 40.16 -90.60
C VAL K 358 41.74 41.06 -89.53
N ILE K 359 40.87 41.76 -88.80
CA ILE K 359 41.26 42.71 -87.78
C ILE K 359 40.82 42.18 -86.42
N TYR K 360 41.76 42.11 -85.48
CA TYR K 360 41.50 41.70 -84.11
C TYR K 360 41.65 42.90 -83.19
N GLU K 361 40.66 43.12 -82.32
CA GLU K 361 40.69 44.23 -81.38
C GLU K 361 40.26 43.73 -80.01
N THR K 362 40.94 44.21 -78.97
CA THR K 362 40.64 43.86 -77.59
C THR K 362 40.30 45.16 -76.85
N GLN K 363 39.08 45.64 -77.06
CA GLN K 363 38.65 46.89 -76.44
C GLN K 363 38.38 46.67 -74.96
N SER K 364 39.02 47.49 -74.12
CA SER K 364 38.83 47.40 -72.68
C SER K 364 37.46 47.96 -72.30
N THR K 365 36.77 47.27 -71.41
CA THR K 365 35.43 47.66 -70.99
C THR K 365 35.42 48.41 -69.65
N HIS K 366 36.17 47.94 -68.66
CA HIS K 366 36.21 48.58 -67.36
C HIS K 366 37.33 49.59 -67.26
N LYS K 367 37.55 50.35 -68.33
CA LYS K 367 38.62 51.36 -68.35
C LYS K 367 38.06 52.72 -68.56
N LEU K 368 37.36 52.91 -69.68
CA LEU K 368 36.80 54.21 -70.01
C LEU K 368 35.32 54.12 -70.34
N LEU K 369 34.62 53.19 -69.68
CA LEU K 369 33.19 53.02 -69.90
C LEU K 369 32.45 52.95 -68.56
N ALA K 370 31.60 51.94 -68.39
CA ALA K 370 30.83 51.78 -67.16
C ALA K 370 30.42 50.31 -67.04
N ALA K 371 31.25 49.54 -66.34
CA ALA K 371 30.97 48.12 -66.12
C ALA K 371 31.88 47.63 -65.00
N PHE K 372 31.63 46.39 -64.55
CA PHE K 372 32.44 45.80 -63.51
C PHE K 372 33.83 45.44 -64.06
N SER K 373 34.74 45.15 -63.14
CA SER K 373 36.10 44.79 -63.51
C SER K 373 36.12 43.41 -64.19
N GLN K 374 37.30 43.07 -64.74
CA GLN K 374 37.50 41.80 -65.44
C GLN K 374 36.51 41.63 -66.59
N ALA K 375 36.54 42.60 -67.51
CA ALA K 375 35.66 42.61 -68.67
C ALA K 375 36.42 43.08 -69.90
N SER K 376 36.18 42.43 -71.03
CA SER K 376 36.83 42.79 -72.28
C SER K 376 36.00 42.25 -73.44
N MET K 377 36.38 42.65 -74.64
CA MET K 377 35.69 42.24 -75.85
C MET K 377 36.71 41.81 -76.90
N ILE K 378 36.25 41.02 -77.87
CA ILE K 378 37.08 40.55 -78.96
C ILE K 378 36.34 40.87 -80.26
N HIS K 379 36.81 41.87 -80.98
CA HIS K 379 36.19 42.31 -82.23
C HIS K 379 36.92 41.65 -83.40
N VAL K 380 36.20 40.88 -84.20
CA VAL K 380 36.75 40.17 -85.35
C VAL K 380 36.02 40.65 -86.59
N LYS K 381 36.76 41.17 -87.56
CA LYS K 381 36.21 41.67 -88.82
C LYS K 381 36.81 40.84 -89.96
N GLY K 382 36.12 39.77 -90.33
CA GLY K 382 36.58 38.91 -91.39
C GLY K 382 36.04 37.50 -91.20
N ASP K 383 36.46 36.62 -92.11
CA ASP K 383 36.06 35.22 -92.09
C ASP K 383 37.19 34.40 -91.47
N VAL K 384 36.99 33.97 -90.22
CA VAL K 384 37.97 33.17 -89.51
C VAL K 384 37.36 31.82 -89.14
N ASN K 385 38.07 31.06 -88.32
CA ASN K 385 37.63 29.74 -87.86
C ASN K 385 37.36 29.83 -86.37
N GLU K 386 36.08 29.93 -86.01
CA GLU K 386 35.69 30.00 -84.61
C GLU K 386 35.96 28.69 -83.87
N GLU K 387 35.94 27.56 -84.58
CA GLU K 387 36.18 26.27 -83.94
C GLU K 387 37.59 26.16 -83.38
N THR K 388 38.53 26.96 -83.88
CA THR K 388 39.90 26.97 -83.38
C THR K 388 40.17 28.10 -82.39
N PHE K 389 39.62 29.29 -82.66
CA PHE K 389 39.85 30.42 -81.76
C PHE K 389 39.12 30.26 -80.44
N ASN K 390 37.98 29.58 -80.43
CA ASN K 390 37.22 29.39 -79.20
C ASN K 390 37.90 28.38 -78.28
N GLU K 391 38.77 27.53 -78.82
CA GLU K 391 39.48 26.56 -77.97
C GLU K 391 40.40 27.27 -76.98
N ALA K 392 41.04 28.36 -77.41
CA ALA K 392 41.88 29.13 -76.51
C ALA K 392 41.06 29.98 -75.55
N TYR K 393 39.81 30.31 -75.91
CA TYR K 393 38.97 31.09 -75.01
C TYR K 393 38.49 30.28 -73.83
N MET K 394 38.22 28.98 -74.04
CA MET K 394 37.77 28.12 -72.96
C MET K 394 38.89 27.70 -72.02
N MET K 395 40.14 27.73 -72.49
CA MET K 395 41.27 27.37 -71.65
C MET K 395 41.67 28.47 -70.68
N HIS K 396 41.25 29.71 -70.93
CA HIS K 396 41.53 30.82 -70.04
C HIS K 396 40.31 31.33 -69.29
N THR K 397 39.15 30.68 -69.47
CA THR K 397 37.92 31.07 -68.80
C THR K 397 37.30 29.85 -68.15
N THR K 398 36.90 29.99 -66.89
CA THR K 398 36.30 28.89 -66.16
C THR K 398 34.95 28.52 -66.74
N THR K 399 34.46 27.34 -66.35
CA THR K 399 33.18 26.83 -66.84
C THR K 399 31.98 27.53 -66.20
N SER K 400 32.18 28.25 -65.09
CA SER K 400 31.11 28.96 -64.40
C SER K 400 31.45 30.45 -64.38
N PRO K 401 31.12 31.18 -65.45
CA PRO K 401 31.44 32.60 -65.49
C PRO K 401 30.50 33.40 -64.59
N HIS K 402 30.98 34.57 -64.19
CA HIS K 402 30.21 35.47 -63.33
C HIS K 402 29.32 36.34 -64.22
N TYR K 403 28.01 36.10 -64.17
CA TYR K 403 27.08 36.83 -65.02
C TYR K 403 26.91 38.28 -64.61
N GLY K 404 27.34 38.64 -63.40
CA GLY K 404 27.28 40.03 -63.00
C GLY K 404 28.19 40.93 -63.81
N ILE K 405 29.31 40.38 -64.29
CA ILE K 405 30.20 41.14 -65.15
C ILE K 405 29.72 41.10 -66.60
N VAL K 406 29.18 39.95 -67.03
CA VAL K 406 28.67 39.84 -68.40
C VAL K 406 27.48 40.76 -68.61
N ALA K 407 26.62 40.88 -67.60
CA ALA K 407 25.46 41.77 -67.72
C ALA K 407 25.87 43.23 -67.82
N SER K 408 27.00 43.60 -67.19
CA SER K 408 27.48 44.96 -67.28
C SER K 408 28.32 45.19 -68.54
N THR K 409 28.92 44.12 -69.08
CA THR K 409 29.70 44.27 -70.30
C THR K 409 28.80 44.60 -71.49
N GLU K 410 27.68 43.88 -71.63
CA GLU K 410 26.74 44.18 -72.71
C GLU K 410 25.98 45.48 -72.43
N THR K 411 25.87 45.88 -71.16
CA THR K 411 25.18 47.12 -70.83
C THR K 411 25.92 48.32 -71.41
N ALA K 412 27.26 48.27 -71.40
CA ALA K 412 28.03 49.38 -71.97
C ALA K 412 27.77 49.54 -73.47
N ALA K 413 27.47 48.43 -74.16
CA ALA K 413 27.14 48.53 -75.59
C ALA K 413 25.72 49.03 -75.80
N ALA K 414 24.82 48.79 -74.83
CA ALA K 414 23.45 49.28 -74.96
C ALA K 414 23.33 50.75 -74.58
N MET K 415 24.28 51.28 -73.82
CA MET K 415 24.25 52.68 -73.44
C MET K 415 24.72 53.60 -74.57
N MET K 416 25.16 53.05 -75.69
CA MET K 416 25.66 53.84 -76.80
C MET K 416 24.66 54.00 -77.94
N LYS K 417 23.64 53.14 -78.01
CA LYS K 417 22.68 53.20 -79.09
C LYS K 417 21.72 54.37 -78.89
N GLY K 418 21.41 55.05 -80.00
CA GLY K 418 20.49 56.17 -79.96
C GLY K 418 21.17 57.49 -79.66
N ASN K 419 20.34 58.54 -79.64
CA ASN K 419 20.86 59.88 -79.35
C ASN K 419 21.29 60.02 -77.89
N ALA K 420 20.76 59.20 -76.99
CA ALA K 420 21.18 59.26 -75.59
C ALA K 420 22.61 58.78 -75.39
N GLY K 421 23.13 57.96 -76.30
CA GLY K 421 24.49 57.48 -76.21
C GLY K 421 25.46 58.30 -77.03
N LYS K 422 24.97 58.89 -78.11
CA LYS K 422 25.84 59.72 -78.96
C LYS K 422 26.24 61.01 -78.27
N ARG K 423 25.39 61.51 -77.35
CA ARG K 423 25.71 62.71 -76.61
C ARG K 423 26.76 62.49 -75.53
N LEU K 424 27.09 61.23 -75.22
CA LEU K 424 28.11 60.95 -74.23
C LEU K 424 29.51 61.11 -74.82
N ILE K 425 29.70 60.68 -76.07
CA ILE K 425 31.01 60.85 -76.72
C ILE K 425 31.21 62.32 -77.11
N ASN K 426 30.22 62.91 -77.77
CA ASN K 426 30.34 64.31 -78.17
C ASN K 426 30.32 65.24 -76.95
N GLY K 427 29.67 64.83 -75.87
CA GLY K 427 29.67 65.65 -74.67
C GLY K 427 31.03 65.72 -74.01
N SER K 428 31.78 64.61 -74.03
CA SER K 428 33.12 64.61 -73.46
C SER K 428 34.09 65.37 -74.34
N ILE K 429 33.84 65.43 -75.65
CA ILE K 429 34.72 66.18 -76.55
C ILE K 429 34.50 67.68 -76.37
N GLU K 430 33.24 68.10 -76.22
CA GLU K 430 32.96 69.52 -76.01
C GLU K 430 33.52 70.00 -74.68
N ARG K 431 33.47 69.14 -73.65
CA ARG K 431 34.05 69.51 -72.36
C ARG K 431 35.58 69.50 -72.41
N ALA K 432 36.16 68.70 -73.30
CA ALA K 432 37.61 68.66 -73.44
C ALA K 432 38.13 69.87 -74.21
N ILE K 433 37.46 70.23 -75.30
CA ILE K 433 37.88 71.41 -76.06
C ILE K 433 37.70 72.67 -75.24
N LYS K 434 36.62 72.74 -74.45
CA LYS K 434 36.42 73.89 -73.58
C LYS K 434 37.53 73.98 -72.53
N PHE K 435 37.96 72.84 -72.00
CA PHE K 435 39.06 72.84 -71.04
C PHE K 435 40.37 73.23 -71.70
N ARG K 436 40.55 72.90 -72.98
CA ARG K 436 41.76 73.28 -73.69
C ARG K 436 41.80 74.79 -73.94
N LYS K 437 40.64 75.40 -74.16
CA LYS K 437 40.60 76.84 -74.40
C LYS K 437 40.77 77.63 -73.12
N GLU K 438 40.39 77.05 -71.98
CA GLU K 438 40.57 77.73 -70.70
C GLU K 438 42.02 77.81 -70.28
N ILE K 439 42.88 76.93 -70.81
CA ILE K 439 44.30 76.98 -70.48
C ILE K 439 44.98 78.12 -71.24
N LYS K 440 44.69 78.24 -72.53
CA LYS K 440 45.30 79.32 -73.32
C LYS K 440 44.75 80.68 -72.93
N ARG K 441 43.52 80.72 -72.39
CA ARG K 441 42.95 81.99 -71.97
C ARG K 441 43.57 82.47 -70.67
N LEU K 442 43.86 81.54 -69.75
CA LEU K 442 44.47 81.87 -68.47
C LEU K 442 46.00 81.85 -68.53
N ARG K 443 46.58 81.81 -69.72
CA ARG K 443 48.03 81.82 -69.90
C ARG K 443 48.56 83.20 -70.26
N THR K 444 47.94 83.86 -71.24
CA THR K 444 48.39 85.20 -71.62
C THR K 444 47.91 86.25 -70.63
N GLU K 445 46.67 86.14 -70.16
CA GLU K 445 46.14 87.12 -69.21
C GLU K 445 46.80 87.03 -67.85
N SER K 446 47.41 85.90 -67.52
CA SER K 446 48.07 85.74 -66.23
C SER K 446 49.38 86.52 -66.21
N ASP K 447 49.92 86.69 -65.00
CA ASP K 447 51.18 87.41 -64.79
C ASP K 447 52.20 86.42 -64.23
N GLY K 448 52.87 85.70 -65.13
CA GLY K 448 53.87 84.73 -64.76
C GLY K 448 53.72 83.47 -65.58
N TRP K 449 54.30 82.39 -65.07
CA TRP K 449 54.25 81.11 -65.76
C TRP K 449 52.88 80.46 -65.60
N PHE K 450 52.54 79.59 -66.54
CA PHE K 450 51.28 78.88 -66.52
C PHE K 450 51.41 77.60 -67.33
N PHE K 451 50.53 76.64 -67.05
CA PHE K 451 50.56 75.36 -67.73
C PHE K 451 50.24 75.51 -69.22
N ASP K 452 50.67 74.53 -69.99
CA ASP K 452 50.44 74.52 -71.44
C ASP K 452 49.89 73.17 -71.86
N VAL K 453 49.06 73.19 -72.89
CA VAL K 453 48.43 71.98 -73.43
C VAL K 453 49.13 71.64 -74.74
N TRP K 454 49.54 70.38 -74.88
CA TRP K 454 50.21 69.90 -76.09
C TRP K 454 49.17 69.82 -77.21
N GLN K 455 48.94 70.97 -77.83
CA GLN K 455 47.92 71.11 -78.86
C GLN K 455 48.42 72.11 -79.89
N PRO K 456 47.91 72.04 -81.13
CA PRO K 456 48.30 73.04 -82.14
C PRO K 456 47.84 74.44 -81.76
N ASP K 457 48.34 75.42 -82.52
CA ASP K 457 47.99 76.81 -82.25
C ASP K 457 46.55 77.14 -82.63
N HIS K 458 45.93 76.33 -83.48
CA HIS K 458 44.55 76.53 -83.92
C HIS K 458 43.71 75.34 -83.48
N ILE K 459 42.89 75.54 -82.44
CA ILE K 459 42.02 74.50 -81.93
C ILE K 459 40.57 74.94 -82.10
N ASP K 460 40.32 75.83 -83.05
CA ASP K 460 38.97 76.33 -83.28
C ASP K 460 38.05 75.26 -83.85
N THR K 461 38.59 74.33 -84.64
CA THR K 461 37.78 73.27 -85.22
C THR K 461 37.46 72.20 -84.17
N THR K 462 36.54 71.32 -84.52
CA THR K 462 36.10 70.23 -83.65
C THR K 462 36.33 68.92 -84.40
N GLU K 463 37.56 68.44 -84.35
CA GLU K 463 37.95 67.20 -85.02
C GLU K 463 39.31 66.77 -84.45
N CYS K 464 39.87 65.72 -85.03
CA CYS K 464 41.19 65.24 -84.63
C CYS K 464 42.27 66.06 -85.32
N TRP K 465 43.13 66.68 -84.52
CA TRP K 465 44.19 67.53 -85.07
C TRP K 465 45.28 66.67 -85.69
N PRO K 466 45.54 66.77 -87.00
CA PRO K 466 46.60 65.96 -87.61
C PRO K 466 47.98 66.48 -87.27
N LEU K 467 48.93 65.56 -87.20
CA LEU K 467 50.32 65.89 -86.91
C LEU K 467 51.04 66.10 -88.24
N ARG K 468 51.07 67.35 -88.70
CA ARG K 468 51.70 67.68 -89.96
C ARG K 468 53.22 67.76 -89.79
N SER K 469 53.91 68.10 -90.87
CA SER K 469 55.36 68.22 -90.87
C SER K 469 55.84 69.67 -90.78
N ASP K 470 54.95 70.64 -90.91
CA ASP K 470 55.31 72.05 -90.85
C ASP K 470 54.86 72.68 -89.53
N SER K 471 54.87 71.92 -88.45
CA SER K 471 54.47 72.40 -87.13
C SER K 471 55.60 72.22 -86.13
N THR K 472 55.50 72.94 -85.02
CA THR K 472 56.51 72.90 -83.96
C THR K 472 55.95 72.46 -82.63
N TRP K 473 54.65 72.14 -82.54
CA TRP K 473 54.06 71.73 -81.27
C TRP K 473 54.30 70.25 -80.99
N HIS K 474 54.32 69.41 -82.03
CA HIS K 474 54.51 67.98 -81.82
C HIS K 474 55.97 67.65 -81.57
N GLY K 475 56.89 68.34 -82.24
CA GLY K 475 58.30 68.14 -82.00
C GLY K 475 58.87 66.82 -82.47
N PHE K 476 58.19 66.15 -83.41
CA PHE K 476 58.66 64.90 -83.95
C PHE K 476 59.49 65.14 -85.20
N LYS K 477 60.73 64.66 -85.20
CA LYS K 477 61.63 64.84 -86.32
C LYS K 477 61.23 63.91 -87.46
N ASN K 478 60.88 64.50 -88.61
CA ASN K 478 60.49 63.74 -89.80
C ASN K 478 59.31 62.82 -89.51
N ILE K 479 58.10 63.38 -89.46
CA ILE K 479 56.89 62.61 -89.20
C ILE K 479 56.10 62.51 -90.50
N ASP K 480 55.40 61.39 -90.67
CA ASP K 480 54.60 61.16 -91.86
C ASP K 480 53.30 61.95 -91.79
N ASN K 481 52.96 62.61 -92.89
CA ASN K 481 51.73 63.39 -92.95
C ASN K 481 50.51 62.48 -93.14
N GLU K 482 49.40 62.90 -92.54
CA GLU K 482 48.13 62.16 -92.61
C GLU K 482 48.30 60.73 -92.08
N HIS K 483 49.00 60.60 -90.96
CA HIS K 483 49.25 59.31 -90.35
C HIS K 483 49.05 59.32 -88.85
N MET K 484 49.42 60.41 -88.17
CA MET K 484 49.28 60.54 -86.73
C MET K 484 48.24 61.61 -86.41
N TYR K 485 47.26 61.27 -85.60
CA TYR K 485 46.20 62.17 -85.21
C TYR K 485 46.24 62.41 -83.71
N LEU K 486 45.56 63.47 -83.27
CA LEU K 486 45.52 63.85 -81.87
C LEU K 486 44.17 63.52 -81.26
N ASP K 487 44.20 63.02 -80.03
CA ASP K 487 42.97 62.68 -79.31
C ASP K 487 42.49 63.90 -78.54
N PRO K 488 41.31 64.44 -78.85
CA PRO K 488 40.85 65.65 -78.14
C PRO K 488 40.61 65.44 -76.65
N ILE K 489 40.03 64.29 -76.26
CA ILE K 489 39.71 64.08 -74.86
C ILE K 489 40.96 63.77 -74.03
N LYS K 490 42.06 63.38 -74.67
CA LYS K 490 43.31 63.10 -73.96
C LYS K 490 44.11 64.39 -73.88
N VAL K 491 43.86 65.18 -72.84
CA VAL K 491 44.56 66.43 -72.64
C VAL K 491 45.92 66.15 -72.01
N THR K 492 46.99 66.57 -72.69
CA THR K 492 48.35 66.38 -72.22
C THR K 492 48.89 67.73 -71.77
N LEU K 493 49.01 67.90 -70.45
CA LEU K 493 49.51 69.15 -69.90
C LEU K 493 51.03 69.16 -69.89
N LEU K 494 51.60 70.25 -70.40
CA LEU K 494 53.05 70.43 -70.46
C LEU K 494 53.46 71.48 -69.45
N THR K 495 54.29 71.10 -68.48
CA THR K 495 54.75 72.05 -67.48
C THR K 495 55.95 72.83 -68.00
N PRO K 496 56.06 74.11 -67.68
CA PRO K 496 57.20 74.90 -68.14
C PRO K 496 58.51 74.38 -67.56
N GLY K 497 59.47 74.09 -68.43
CA GLY K 497 60.75 73.59 -68.01
C GLY K 497 61.71 73.34 -69.16
N MET K 498 61.17 73.19 -70.36
CA MET K 498 61.96 72.94 -71.55
C MET K 498 61.59 73.96 -72.63
N GLU K 499 62.45 74.05 -73.65
CA GLU K 499 62.24 74.97 -74.75
C GLU K 499 61.55 74.26 -75.91
N LYS K 500 61.38 74.98 -77.02
CA LYS K 500 60.73 74.42 -78.20
C LYS K 500 61.70 73.66 -79.10
N ASP K 501 63.00 73.71 -78.84
CA ASP K 501 63.99 73.02 -79.64
C ASP K 501 64.45 71.70 -79.03
N GLY K 502 64.04 71.39 -77.80
CA GLY K 502 64.42 70.16 -77.15
C GLY K 502 65.49 70.29 -76.09
N THR K 503 65.87 71.51 -75.73
CA THR K 503 66.89 71.73 -74.72
C THR K 503 66.22 71.94 -73.36
N MET K 504 66.93 72.53 -72.40
CA MET K 504 66.41 72.79 -71.08
C MET K 504 66.28 74.30 -70.85
N SER K 505 65.96 74.67 -69.62
CA SER K 505 65.80 76.08 -69.27
C SER K 505 66.24 76.28 -67.82
N ASP K 506 66.39 77.55 -67.44
CA ASP K 506 66.81 77.88 -66.07
C ASP K 506 65.65 77.70 -65.10
N PHE K 507 64.50 78.31 -65.40
CA PHE K 507 63.32 78.22 -64.56
C PHE K 507 62.44 77.09 -65.07
N GLY K 508 62.21 76.09 -64.22
CA GLY K 508 61.39 74.96 -64.60
C GLY K 508 60.90 74.22 -63.39
N ILE K 509 59.71 73.64 -63.50
CA ILE K 509 59.07 72.88 -62.44
C ILE K 509 58.74 71.50 -62.98
N PRO K 510 59.29 70.43 -62.41
CA PRO K 510 58.98 69.08 -62.90
C PRO K 510 57.52 68.72 -62.69
N ALA K 511 57.05 67.76 -63.48
CA ALA K 511 55.67 67.29 -63.37
C ALA K 511 55.45 66.36 -62.19
N SER K 512 56.51 65.85 -61.58
CA SER K 512 56.35 64.97 -60.44
C SER K 512 55.92 65.72 -59.18
N ILE K 513 56.29 67.00 -59.08
CA ILE K 513 55.89 67.80 -57.93
C ILE K 513 54.41 68.16 -58.02
N VAL K 514 53.94 68.51 -59.22
CA VAL K 514 52.54 68.84 -59.41
C VAL K 514 51.65 67.63 -59.19
N ALA K 515 52.14 66.43 -59.55
CA ALA K 515 51.35 65.22 -59.38
C ALA K 515 51.09 64.93 -57.91
N LYS K 516 52.01 65.29 -57.02
CA LYS K 516 51.80 65.06 -55.60
C LYS K 516 50.83 66.07 -55.00
N TYR K 517 50.72 67.27 -55.61
CA TYR K 517 49.78 68.27 -55.10
C TYR K 517 48.35 67.95 -55.50
N LEU K 518 48.17 67.31 -56.66
CA LEU K 518 46.82 66.96 -57.10
C LEU K 518 46.24 65.81 -56.29
N ASP K 519 47.10 64.95 -55.74
CA ASP K 519 46.63 63.82 -54.95
C ASP K 519 46.09 64.25 -53.59
N GLU K 520 46.45 65.46 -53.13
CA GLU K 520 45.96 65.93 -51.84
C GLU K 520 44.46 66.20 -51.88
N HIS K 521 43.96 66.71 -53.00
CA HIS K 521 42.54 66.99 -53.16
C HIS K 521 41.75 65.81 -53.71
N GLY K 522 42.43 64.71 -54.06
CA GLY K 522 41.76 63.54 -54.60
C GLY K 522 41.92 63.31 -56.09
N ILE K 523 42.74 64.10 -56.76
CA ILE K 523 42.95 63.96 -58.20
C ILE K 523 44.14 63.04 -58.43
N VAL K 524 43.88 61.88 -59.03
CA VAL K 524 44.92 60.90 -59.31
C VAL K 524 45.45 61.14 -60.72
N VAL K 525 46.77 61.35 -60.83
CA VAL K 525 47.39 61.59 -62.12
C VAL K 525 47.58 60.26 -62.84
N GLU K 526 47.15 60.21 -64.10
CA GLU K 526 47.28 58.98 -64.88
C GLU K 526 48.73 58.73 -65.27
N LYS K 527 49.39 59.72 -65.87
CA LYS K 527 50.77 59.58 -66.31
C LYS K 527 51.53 60.84 -65.93
N THR K 528 52.72 60.65 -65.35
CA THR K 528 53.57 61.78 -64.96
C THR K 528 55.03 61.34 -65.05
N GLY K 529 55.91 62.33 -65.06
CA GLY K 529 57.33 62.07 -65.13
C GLY K 529 58.15 63.34 -65.30
N PRO K 530 58.77 63.50 -66.47
CA PRO K 530 59.60 64.69 -66.71
C PRO K 530 58.80 65.99 -66.70
N TYR K 531 58.24 66.36 -67.85
CA TYR K 531 57.48 67.60 -67.99
C TYR K 531 56.23 67.35 -68.82
N ASN K 532 55.42 66.39 -68.40
CA ASN K 532 54.20 66.05 -69.10
C ASN K 532 53.20 65.44 -68.14
N LEU K 533 51.92 65.49 -68.53
CA LEU K 533 50.83 64.93 -67.73
C LEU K 533 49.85 64.22 -68.64
N LEU K 534 48.83 63.63 -68.04
CA LEU K 534 47.79 62.93 -68.77
C LEU K 534 46.58 62.73 -67.87
N PHE K 535 45.39 62.92 -68.44
CA PHE K 535 44.14 62.73 -67.72
C PHE K 535 43.16 61.99 -68.61
N LEU K 536 42.24 61.26 -67.98
CA LEU K 536 41.24 60.46 -68.68
C LEU K 536 39.91 61.18 -68.63
N PHE K 537 39.44 61.66 -69.78
CA PHE K 537 38.16 62.35 -69.91
C PHE K 537 37.24 61.47 -70.75
N SER K 538 36.68 60.45 -70.12
CA SER K 538 35.79 59.51 -70.80
C SER K 538 34.34 60.00 -70.65
N ILE K 539 33.37 59.10 -70.84
CA ILE K 539 31.96 59.48 -70.72
C ILE K 539 31.53 59.63 -69.27
N GLY K 540 32.29 59.06 -68.33
CA GLY K 540 31.95 59.17 -66.92
C GLY K 540 32.44 60.43 -66.25
N ILE K 541 33.18 61.27 -66.96
CA ILE K 541 33.71 62.51 -66.41
C ILE K 541 32.72 63.62 -66.76
N ASP K 542 31.96 64.06 -65.76
CA ASP K 542 30.95 65.10 -65.96
C ASP K 542 31.62 66.47 -65.89
N LYS K 543 30.81 67.53 -65.87
CA LYS K 543 31.34 68.89 -65.82
C LYS K 543 31.89 69.25 -64.44
N THR K 544 31.57 68.48 -63.41
CA THR K 544 32.09 68.76 -62.08
C THR K 544 33.57 68.42 -61.98
N LYS K 545 33.94 67.22 -62.47
CA LYS K 545 35.33 66.80 -62.42
C LYS K 545 36.22 67.58 -63.39
N ALA K 546 35.64 68.13 -64.45
CA ALA K 546 36.42 68.91 -65.40
C ALA K 546 36.76 70.30 -64.86
N LEU K 547 35.79 70.95 -64.20
CA LEU K 547 36.04 72.26 -63.64
C LEU K 547 36.85 72.21 -62.35
N SER K 548 36.80 71.08 -61.63
CA SER K 548 37.59 70.94 -60.42
C SER K 548 39.07 70.77 -60.69
N LEU K 549 39.45 70.32 -61.88
CA LEU K 549 40.86 70.14 -62.20
C LEU K 549 41.54 71.48 -62.45
N LEU K 550 40.84 72.43 -63.07
CA LEU K 550 41.43 73.73 -63.33
C LEU K 550 41.64 74.52 -62.04
N ARG K 551 40.72 74.37 -61.08
CA ARG K 551 40.85 75.07 -59.82
C ARG K 551 42.06 74.57 -59.03
N ALA K 552 42.36 73.27 -59.14
CA ALA K 552 43.53 72.73 -58.46
C ALA K 552 44.82 73.18 -59.13
N LEU K 553 44.77 73.52 -60.42
CA LEU K 553 45.96 73.99 -61.11
C LEU K 553 46.24 75.46 -60.80
N THR K 554 45.19 76.27 -60.64
CA THR K 554 45.39 77.68 -60.30
C THR K 554 45.88 77.84 -58.87
N ASP K 555 45.53 76.91 -57.98
CA ASP K 555 46.01 76.99 -56.60
C ASP K 555 47.49 76.67 -56.48
N PHE K 556 48.05 75.93 -57.45
CA PHE K 556 49.48 75.62 -57.41
C PHE K 556 50.33 76.85 -57.75
N LYS K 557 49.81 77.73 -58.61
CA LYS K 557 50.55 78.94 -58.95
C LYS K 557 50.55 79.93 -57.79
N ARG K 558 49.43 80.00 -57.05
CA ARG K 558 49.36 80.91 -55.91
C ARG K 558 50.28 80.46 -54.78
N ALA K 559 50.34 79.16 -54.51
CA ALA K 559 51.21 78.65 -53.45
C ALA K 559 52.69 78.71 -53.83
N PHE K 560 53.01 78.72 -55.12
CA PHE K 560 54.39 78.78 -55.56
C PHE K 560 54.90 80.21 -55.69
N ASP K 561 54.05 81.14 -56.09
CA ASP K 561 54.49 82.53 -56.21
C ASP K 561 54.68 83.19 -54.85
N LEU K 562 53.85 82.83 -53.87
CA LEU K 562 53.98 83.38 -52.53
C LEU K 562 55.06 82.71 -51.70
N ASN K 563 55.69 81.65 -52.23
CA ASN K 563 56.75 80.93 -51.54
C ASN K 563 56.29 80.41 -50.19
N LEU K 564 55.52 79.33 -50.18
CA LEU K 564 55.02 78.72 -48.97
C LEU K 564 55.91 77.56 -48.55
N ARG K 565 55.54 76.94 -47.42
CA ARG K 565 56.29 75.82 -46.88
C ARG K 565 55.70 74.49 -47.36
N VAL K 566 56.52 73.44 -47.24
CA VAL K 566 56.08 72.11 -47.65
C VAL K 566 55.07 71.55 -46.66
N LYS K 567 55.28 71.81 -45.36
CA LYS K 567 54.35 71.31 -44.35
C LYS K 567 52.99 71.96 -44.49
N ASN K 568 52.94 73.24 -44.87
CA ASN K 568 51.70 73.96 -45.07
C ASN K 568 51.20 73.88 -46.51
N MET K 569 51.42 72.76 -47.18
CA MET K 569 50.98 72.59 -48.56
C MET K 569 50.87 71.11 -48.92
N LEU K 570 51.88 70.32 -48.56
CA LEU K 570 51.93 68.89 -48.84
C LEU K 570 52.04 68.15 -47.51
N PRO K 571 50.90 67.86 -46.86
CA PRO K 571 50.98 67.14 -45.58
C PRO K 571 51.35 65.68 -45.74
N SER K 572 51.10 65.08 -46.91
CA SER K 572 51.47 63.68 -47.10
C SER K 572 52.97 63.52 -47.29
N LEU K 573 53.61 64.46 -48.00
CA LEU K 573 55.05 64.38 -48.19
C LEU K 573 55.80 64.70 -46.90
N TYR K 574 55.22 65.53 -46.03
CA TYR K 574 55.89 65.87 -44.78
C TYR K 574 55.93 64.69 -43.83
N ARG K 575 54.93 63.81 -43.87
CA ARG K 575 54.90 62.67 -42.98
C ARG K 575 55.92 61.60 -43.36
N GLU K 576 56.46 61.65 -44.58
CA GLU K 576 57.45 60.67 -44.99
C GLU K 576 58.79 60.92 -44.31
N ASP K 577 59.18 62.18 -44.16
CA ASP K 577 60.44 62.55 -43.50
C ASP K 577 60.29 63.94 -42.92
N PRO K 578 59.73 64.06 -41.71
CA PRO K 578 59.57 65.39 -41.10
C PRO K 578 60.88 66.07 -40.78
N GLU K 579 61.98 65.32 -40.61
CA GLU K 579 63.25 65.94 -40.25
C GLU K 579 63.90 66.62 -41.45
N PHE K 580 63.93 65.94 -42.60
CA PHE K 580 64.55 66.53 -43.78
C PHE K 580 63.68 67.64 -44.38
N TYR K 581 62.37 67.43 -44.45
CA TYR K 581 61.46 68.42 -45.01
C TYR K 581 60.93 69.37 -43.92
N GLU K 582 61.85 69.95 -43.15
CA GLU K 582 61.48 70.86 -42.06
C GLU K 582 61.54 72.31 -42.54
N ASN K 583 62.75 72.82 -42.78
CA ASN K 583 62.95 74.20 -43.22
C ASN K 583 62.97 74.32 -44.74
N MET K 584 62.35 73.39 -45.46
CA MET K 584 62.32 73.44 -46.91
C MET K 584 61.00 74.05 -47.39
N ARG K 585 61.10 74.94 -48.37
CA ARG K 585 59.94 75.62 -48.93
C ARG K 585 59.60 75.01 -50.29
N ILE K 586 58.53 75.52 -50.90
CA ILE K 586 58.09 75.01 -52.20
C ILE K 586 58.99 75.49 -53.34
N GLN K 587 59.68 76.61 -53.16
CA GLN K 587 60.56 77.11 -54.22
C GLN K 587 61.95 76.47 -54.14
N GLU K 588 62.37 76.03 -52.96
CA GLU K 588 63.68 75.40 -52.83
C GLU K 588 63.67 73.99 -53.41
N LEU K 589 62.58 73.26 -53.22
CA LEU K 589 62.50 71.89 -53.75
C LEU K 589 62.29 71.88 -55.26
N ALA K 590 61.56 72.86 -55.79
CA ALA K 590 61.29 72.90 -57.22
C ALA K 590 62.54 73.26 -58.03
N GLN K 591 63.47 74.00 -57.43
CA GLN K 591 64.68 74.41 -58.13
C GLN K 591 65.81 73.39 -57.99
N ASN K 592 65.86 72.66 -56.87
CA ASN K 592 66.93 71.67 -56.69
C ASN K 592 66.72 70.47 -57.59
N ILE K 593 65.47 70.08 -57.83
CA ILE K 593 65.20 68.94 -58.70
C ILE K 593 65.44 69.32 -60.16
N HIS K 594 65.13 70.57 -60.53
CA HIS K 594 65.34 71.00 -61.91
C HIS K 594 66.81 71.05 -62.28
N LYS K 595 67.68 71.35 -61.31
CA LYS K 595 69.11 71.37 -61.60
C LYS K 595 69.67 69.97 -61.77
N LEU K 596 69.05 68.97 -61.12
CA LEU K 596 69.52 67.59 -61.27
C LEU K 596 69.19 67.03 -62.65
N ILE K 597 68.11 67.50 -63.26
CA ILE K 597 67.75 67.03 -64.60
C ILE K 597 68.73 67.57 -65.63
N VAL K 598 69.14 68.83 -65.48
CA VAL K 598 70.08 69.42 -66.42
C VAL K 598 71.47 68.83 -66.22
N HIS K 599 71.85 68.58 -64.97
CA HIS K 599 73.19 68.03 -64.69
C HIS K 599 73.32 66.61 -65.21
N HIS K 600 72.36 65.75 -64.88
CA HIS K 600 72.39 64.37 -65.35
C HIS K 600 71.96 64.23 -66.80
N ASN K 601 71.39 65.28 -67.39
CA ASN K 601 70.97 65.28 -68.78
C ASN K 601 69.97 64.15 -69.06
N LEU K 602 68.70 64.39 -68.76
CA LEU K 602 67.65 63.38 -68.90
C LEU K 602 67.13 63.29 -70.33
N PRO K 603 66.77 64.40 -71.00
CA PRO K 603 66.19 64.26 -72.35
C PRO K 603 67.14 63.63 -73.36
N ASP K 604 68.45 63.81 -73.20
CA ASP K 604 69.38 63.24 -74.17
C ASP K 604 69.62 61.76 -73.92
N LEU K 605 69.73 61.35 -72.66
CA LEU K 605 69.94 59.94 -72.36
C LEU K 605 68.70 59.11 -72.61
N MET K 606 67.51 59.70 -72.43
CA MET K 606 66.27 58.96 -72.64
C MET K 606 65.95 58.80 -74.12
N TYR K 607 66.25 59.80 -74.94
CA TYR K 607 65.95 59.71 -76.36
C TYR K 607 66.87 58.74 -77.09
N ARG K 608 68.10 58.57 -76.61
CA ARG K 608 69.06 57.69 -77.24
C ARG K 608 69.01 56.27 -76.70
N ALA K 609 68.35 56.04 -75.57
CA ALA K 609 68.24 54.70 -75.01
C ALA K 609 67.03 53.93 -75.52
N PHE K 610 66.16 54.57 -76.30
CA PHE K 610 64.97 53.91 -76.83
C PHE K 610 65.03 53.64 -78.32
N GLU K 611 65.82 54.40 -79.08
CA GLU K 611 65.92 54.17 -80.51
C GLU K 611 66.77 52.95 -80.83
N VAL K 612 67.92 52.83 -80.18
CA VAL K 612 68.81 51.69 -80.40
C VAL K 612 68.25 50.49 -79.64
N LEU K 613 67.78 49.49 -80.38
CA LEU K 613 67.23 48.31 -79.75
C LEU K 613 68.34 47.32 -79.39
N PRO K 614 68.29 46.73 -78.19
CA PRO K 614 69.33 45.76 -77.82
C PRO K 614 69.27 44.52 -78.71
N THR K 615 70.41 43.82 -78.76
CA THR K 615 70.53 42.62 -79.58
C THR K 615 69.76 41.47 -78.92
N MET K 616 68.78 40.94 -79.63
CA MET K 616 67.98 39.83 -79.13
C MET K 616 68.66 38.52 -79.50
N VAL K 617 69.15 37.80 -78.49
CA VAL K 617 69.86 36.54 -78.73
C VAL K 617 68.87 35.42 -79.04
N MET K 618 68.02 35.10 -78.07
CA MET K 618 67.04 34.03 -78.20
C MET K 618 65.63 34.59 -78.10
N THR K 619 64.65 33.74 -78.38
CA THR K 619 63.25 34.13 -78.30
C THR K 619 62.82 34.26 -76.84
N PRO K 620 61.83 35.11 -76.56
CA PRO K 620 61.34 35.23 -75.17
C PRO K 620 60.77 33.94 -74.60
N TYR K 621 60.36 33.00 -75.47
CA TYR K 621 59.85 31.73 -74.96
C TYR K 621 60.95 30.87 -74.35
N ALA K 622 62.16 30.94 -74.90
CA ALA K 622 63.27 30.16 -74.37
C ALA K 622 63.79 30.71 -73.05
N ALA K 623 63.57 32.00 -72.78
CA ALA K 623 64.04 32.57 -71.52
C ALA K 623 63.19 32.10 -70.34
N PHE K 624 61.92 31.77 -70.58
CA PHE K 624 61.06 31.30 -69.51
C PHE K 624 61.32 29.84 -69.16
N GLN K 625 61.81 29.06 -70.12
CA GLN K 625 62.09 27.65 -69.85
C GLN K 625 63.32 27.49 -68.97
N LYS K 626 64.29 28.41 -69.09
CA LYS K 626 65.48 28.34 -68.26
C LYS K 626 65.25 28.88 -66.86
N GLU K 627 64.10 29.52 -66.62
CA GLU K 627 63.79 30.04 -65.29
C GLU K 627 63.15 28.98 -64.40
N LEU K 628 62.35 28.08 -64.98
CA LEU K 628 61.71 27.05 -64.20
C LEU K 628 62.69 25.98 -63.75
N HIS K 629 63.78 25.78 -64.50
CA HIS K 629 64.78 24.78 -64.14
C HIS K 629 65.71 25.25 -63.02
N GLY K 630 65.71 26.55 -62.72
CA GLY K 630 66.55 27.06 -61.66
C GLY K 630 67.94 27.45 -62.13
N MET K 631 68.01 28.24 -63.21
CA MET K 631 69.27 28.71 -63.76
C MET K 631 69.27 30.22 -63.88
N THR K 632 68.74 30.91 -62.87
CA THR K 632 68.67 32.36 -62.84
C THR K 632 69.48 32.90 -61.67
N GLU K 633 69.98 34.12 -61.84
CA GLU K 633 70.77 34.77 -60.80
C GLU K 633 70.70 36.28 -61.01
N GLU K 634 71.02 37.02 -59.95
CA GLU K 634 71.01 38.47 -59.97
C GLU K 634 72.42 39.01 -59.91
N VAL K 635 72.70 40.03 -60.73
CA VAL K 635 74.00 40.67 -60.78
C VAL K 635 73.81 42.17 -60.56
N TYR K 636 74.92 42.87 -60.38
CA TYR K 636 74.88 44.30 -60.15
C TYR K 636 74.55 45.05 -61.44
N LEU K 637 74.13 46.30 -61.28
CA LEU K 637 73.79 47.12 -62.44
C LEU K 637 75.02 47.53 -63.23
N ASP K 638 76.14 47.77 -62.55
CA ASP K 638 77.37 48.15 -63.23
C ASP K 638 78.13 46.96 -63.82
N GLU K 639 77.71 45.72 -63.52
CA GLU K 639 78.36 44.51 -64.01
C GLU K 639 77.30 43.64 -64.67
N MET K 640 76.97 43.98 -65.93
CA MET K 640 75.97 43.20 -66.65
C MET K 640 76.09 43.32 -68.16
N VAL K 641 77.18 43.87 -68.70
CA VAL K 641 77.33 44.00 -70.14
C VAL K 641 77.64 42.64 -70.73
N GLY K 642 76.78 42.17 -71.63
CA GLY K 642 76.97 40.88 -72.26
C GLY K 642 76.18 39.74 -71.65
N ARG K 643 75.21 40.05 -70.79
CA ARG K 643 74.40 39.03 -70.14
C ARG K 643 72.95 39.13 -70.60
N ILE K 644 72.26 38.00 -70.59
CA ILE K 644 70.86 37.93 -71.02
C ILE K 644 69.98 38.12 -69.80
N ASN K 645 69.11 39.13 -69.85
CA ASN K 645 68.21 39.40 -68.74
C ASN K 645 67.05 38.40 -68.74
N ALA K 646 66.38 38.31 -67.59
CA ALA K 646 65.25 37.40 -67.43
C ALA K 646 63.92 38.10 -67.29
N ASN K 647 63.89 39.34 -66.80
CA ASN K 647 62.66 40.09 -66.63
C ASN K 647 62.63 41.26 -67.61
N MET K 648 61.51 41.98 -67.62
CA MET K 648 61.31 43.11 -68.50
C MET K 648 61.48 44.41 -67.70
N ILE K 649 62.36 45.27 -68.18
CA ILE K 649 62.64 46.54 -67.51
C ILE K 649 61.56 47.54 -67.90
N LEU K 650 60.88 48.10 -66.90
CA LEU K 650 59.81 49.08 -67.11
C LEU K 650 60.07 50.27 -66.20
N PRO K 651 60.92 51.20 -66.62
CA PRO K 651 61.25 52.34 -65.76
C PRO K 651 60.15 53.39 -65.75
N TYR K 652 59.95 54.00 -64.58
CA TYR K 652 58.99 55.08 -64.40
C TYR K 652 59.73 56.34 -63.99
N PRO K 653 59.80 57.38 -64.84
CA PRO K 653 59.26 57.46 -66.21
C PRO K 653 60.18 56.77 -67.22
N PRO K 654 59.66 56.48 -68.43
CA PRO K 654 58.29 56.69 -68.90
C PRO K 654 57.35 55.55 -68.53
N GLY K 655 56.80 54.86 -69.54
CA GLY K 655 55.92 53.75 -69.31
C GLY K 655 56.03 52.68 -70.39
N VAL K 656 57.18 52.64 -71.06
CA VAL K 656 57.41 51.67 -72.13
C VAL K 656 58.51 50.72 -71.71
N PRO K 657 58.52 49.47 -72.19
CA PRO K 657 59.59 48.55 -71.81
C PRO K 657 60.93 49.00 -72.38
N LEU K 658 61.99 48.58 -71.70
CA LEU K 658 63.36 48.90 -72.10
C LEU K 658 64.09 47.71 -72.70
N VAL K 659 64.28 46.64 -71.91
CA VAL K 659 64.96 45.44 -72.36
C VAL K 659 63.99 44.28 -72.23
N MET K 660 63.75 43.59 -73.35
CA MET K 660 62.84 42.46 -73.36
C MET K 660 63.50 41.23 -72.73
N PRO K 661 62.71 40.38 -72.05
CA PRO K 661 63.28 39.17 -71.45
C PRO K 661 63.88 38.23 -72.48
N GLY K 662 65.18 38.33 -72.71
CA GLY K 662 65.85 37.48 -73.68
C GLY K 662 66.82 38.25 -74.56
N GLU K 663 67.09 39.50 -74.22
CA GLU K 663 67.99 40.35 -74.97
C GLU K 663 69.33 40.49 -74.26
N MET K 664 70.32 40.97 -74.99
CA MET K 664 71.68 41.15 -74.48
C MET K 664 72.13 42.58 -74.73
N ILE K 665 72.75 43.19 -73.72
CA ILE K 665 73.26 44.55 -73.83
C ILE K 665 74.73 44.46 -74.20
N THR K 666 75.06 44.84 -75.44
CA THR K 666 76.41 44.80 -75.95
C THR K 666 76.95 46.22 -76.15
N GLU K 667 77.90 46.37 -77.06
CA GLU K 667 78.50 47.68 -77.32
C GLU K 667 77.58 48.60 -78.12
N GLU K 668 76.63 48.04 -78.86
CA GLU K 668 75.72 48.87 -79.65
C GLU K 668 74.71 49.59 -78.76
N SER K 669 74.18 48.90 -77.76
CA SER K 669 73.20 49.47 -76.84
C SER K 669 73.88 50.06 -75.60
N ARG K 670 74.83 50.98 -75.83
CA ARG K 670 75.52 51.61 -74.71
C ARG K 670 74.64 52.65 -74.01
N PRO K 671 73.94 53.56 -74.70
CA PRO K 671 73.07 54.49 -73.98
C PRO K 671 71.91 53.82 -73.27
N VAL K 672 71.59 52.57 -73.60
CA VAL K 672 70.50 51.88 -72.92
C VAL K 672 70.85 51.62 -71.46
N LEU K 673 72.09 51.18 -71.20
CA LEU K 673 72.50 50.94 -69.83
C LEU K 673 72.70 52.25 -69.07
N GLU K 674 73.06 53.33 -69.78
CA GLU K 674 73.27 54.61 -69.12
C GLU K 674 71.97 55.20 -68.60
N PHE K 675 70.83 54.79 -69.18
CA PHE K 675 69.55 55.29 -68.70
C PHE K 675 69.17 54.72 -67.34
N LEU K 676 69.60 53.49 -67.06
CA LEU K 676 69.30 52.89 -65.76
C LEU K 676 70.19 53.45 -64.66
N GLN K 677 71.46 53.70 -64.97
CA GLN K 677 72.37 54.25 -63.96
C GLN K 677 72.09 55.71 -63.66
N MET K 678 71.43 56.43 -64.58
CA MET K 678 71.12 57.83 -64.33
C MET K 678 69.96 57.99 -63.37
N LEU K 679 68.97 57.08 -63.44
CA LEU K 679 67.83 57.16 -62.54
C LEU K 679 68.18 56.76 -61.12
N CYS K 680 69.23 55.94 -60.95
CA CYS K 680 69.64 55.52 -59.62
C CYS K 680 70.31 56.64 -58.84
N GLU K 681 70.86 57.64 -59.52
CA GLU K 681 71.52 58.76 -58.85
C GLU K 681 70.57 59.92 -58.58
N ILE K 682 69.66 60.20 -59.52
CA ILE K 682 68.71 61.30 -59.34
C ILE K 682 67.60 60.94 -58.36
N GLY K 683 67.32 59.65 -58.18
CA GLY K 683 66.27 59.23 -57.27
C GLY K 683 66.81 58.60 -56.00
N ALA K 684 67.73 59.29 -55.32
CA ALA K 684 68.29 58.76 -54.09
C ALA K 684 68.71 59.84 -53.10
N HIS K 685 68.55 61.12 -53.42
CA HIS K 685 68.94 62.21 -52.52
C HIS K 685 67.76 62.79 -51.75
N TYR K 686 66.61 62.95 -52.39
CA TYR K 686 65.43 63.52 -51.74
C TYR K 686 64.38 62.43 -51.53
N PRO K 687 63.87 62.29 -50.32
CA PRO K 687 62.83 61.28 -50.07
C PRO K 687 61.55 61.59 -50.84
N GLY K 688 60.81 60.54 -51.16
CA GLY K 688 59.58 60.65 -51.90
C GLY K 688 59.73 60.54 -53.41
N PHE K 689 60.91 60.87 -53.93
CA PHE K 689 61.15 60.79 -55.37
C PHE K 689 62.11 59.64 -55.69
N GLU K 690 61.82 58.46 -55.15
CA GLU K 690 62.68 57.31 -55.38
C GLU K 690 62.51 56.78 -56.80
N THR K 691 63.49 55.99 -57.23
CA THR K 691 63.47 55.41 -58.57
C THR K 691 62.53 54.21 -58.60
N ASP K 692 61.61 54.21 -59.58
CA ASP K 692 60.61 53.16 -59.72
C ASP K 692 60.87 52.45 -61.05
N ILE K 693 61.52 51.29 -60.97
CA ILE K 693 61.80 50.46 -62.14
C ILE K 693 61.33 49.04 -61.83
N HIS K 694 60.38 48.54 -62.63
CA HIS K 694 59.87 47.18 -62.45
C HIS K 694 60.91 46.19 -62.93
N GLY K 695 61.56 45.51 -61.98
CA GLY K 695 62.57 44.53 -62.32
C GLY K 695 63.88 44.76 -61.60
N ALA K 696 64.07 45.96 -61.07
CA ALA K 696 65.28 46.32 -60.34
C ALA K 696 64.98 46.28 -58.85
N TYR K 697 65.53 45.27 -58.17
CA TYR K 697 65.31 45.12 -56.74
C TYR K 697 66.22 46.06 -55.96
N ARG K 698 65.68 46.66 -54.90
CA ARG K 698 66.42 47.58 -54.06
C ARG K 698 67.13 46.83 -52.95
N GLN K 699 68.42 47.10 -52.78
CA GLN K 699 69.21 46.44 -51.76
C GLN K 699 69.32 47.32 -50.51
N ALA K 700 70.49 47.32 -49.88
CA ALA K 700 70.72 48.12 -48.68
C ALA K 700 71.75 49.24 -48.90
N ASP K 701 72.48 49.23 -50.01
CA ASP K 701 73.48 50.25 -50.28
C ASP K 701 73.02 51.28 -51.31
N GLY K 702 71.96 50.99 -52.07
CA GLY K 702 71.45 51.88 -53.08
C GLY K 702 71.66 51.43 -54.50
N ARG K 703 72.38 50.33 -54.72
CA ARG K 703 72.63 49.81 -56.06
C ARG K 703 71.58 48.77 -56.41
N TYR K 704 70.82 49.03 -57.47
CA TYR K 704 69.78 48.11 -57.90
C TYR K 704 70.39 46.92 -58.63
N THR K 705 69.83 45.74 -58.39
CA THR K 705 70.30 44.50 -58.99
C THR K 705 69.18 43.88 -59.82
N VAL K 706 69.49 43.52 -61.06
CA VAL K 706 68.54 42.89 -61.97
C VAL K 706 68.86 41.40 -62.07
N LYS K 707 67.83 40.62 -62.41
CA LYS K 707 67.97 39.19 -62.52
C LYS K 707 68.36 38.80 -63.95
N VAL K 708 69.46 38.05 -64.07
CA VAL K 708 69.94 37.61 -65.38
C VAL K 708 69.93 36.09 -65.43
N LEU K 709 70.50 35.53 -66.50
CA LEU K 709 70.59 34.09 -66.67
C LEU K 709 72.02 33.61 -66.48
N LYS K 710 72.16 32.36 -66.04
CA LYS K 710 73.48 31.80 -65.82
C LYS K 710 74.14 31.43 -67.14
N GLU K 711 75.47 31.47 -67.14
CA GLU K 711 76.24 31.14 -68.34
C GLU K 711 76.55 29.65 -68.40
N MET L 1 -21.96 59.31 -62.06
CA MET L 1 -22.84 60.47 -62.19
C MET L 1 -22.94 61.22 -60.86
N ASN L 2 -21.96 62.09 -60.61
CA ASN L 2 -21.93 62.86 -59.38
C ASN L 2 -21.02 64.09 -59.51
N VAL L 3 -21.11 64.77 -60.64
CA VAL L 3 -20.30 65.95 -60.92
C VAL L 3 -21.22 67.17 -60.86
N ILE L 4 -20.86 68.15 -60.04
CA ILE L 4 -21.60 69.39 -59.88
C ILE L 4 -20.70 70.54 -60.28
N ALA L 5 -21.16 71.36 -61.22
CA ALA L 5 -20.40 72.48 -61.74
C ALA L 5 -20.91 73.79 -61.14
N ILE L 6 -19.99 74.66 -60.76
CA ILE L 6 -20.30 75.96 -60.18
C ILE L 6 -19.56 77.01 -61.02
N LEU L 7 -20.29 77.70 -61.88
CA LEU L 7 -19.73 78.66 -62.82
C LEU L 7 -19.96 80.09 -62.33
N ASN L 8 -19.06 80.97 -62.75
CA ASN L 8 -19.16 82.42 -62.52
C ASN L 8 -18.98 82.80 -61.06
N HIS L 9 -17.86 83.44 -60.74
CA HIS L 9 -17.59 83.96 -59.40
C HIS L 9 -17.93 85.44 -59.41
N MET L 10 -19.02 85.80 -58.72
CA MET L 10 -19.49 87.18 -58.71
C MET L 10 -18.52 88.14 -58.03
N GLY L 11 -17.73 87.66 -57.07
CA GLY L 11 -16.81 88.52 -56.35
C GLY L 11 -17.39 89.03 -55.04
N VAL L 12 -18.71 89.05 -54.94
CA VAL L 12 -19.38 89.48 -53.72
C VAL L 12 -19.31 88.37 -52.69
N TYR L 13 -19.77 88.64 -51.47
CA TYR L 13 -19.72 87.65 -50.40
C TYR L 13 -21.06 87.01 -50.10
N PHE L 14 -22.17 87.72 -50.31
CA PHE L 14 -23.48 87.14 -50.03
C PHE L 14 -23.90 86.09 -51.05
N LYS L 15 -23.14 85.92 -52.14
CA LYS L 15 -23.41 84.88 -53.11
C LYS L 15 -22.38 83.75 -53.09
N GLU L 16 -21.15 84.03 -52.66
CA GLU L 16 -20.11 83.01 -52.59
C GLU L 16 -20.14 82.23 -51.27
N GLU L 17 -20.73 82.79 -50.22
CA GLU L 17 -20.83 82.09 -48.94
C GLU L 17 -21.79 80.92 -49.02
N PRO L 18 -22.97 81.05 -49.65
CA PRO L 18 -23.80 79.84 -49.85
C PRO L 18 -23.13 78.79 -50.70
N ILE L 19 -22.21 79.18 -51.58
CA ILE L 19 -21.47 78.21 -52.39
C ILE L 19 -20.51 77.42 -51.50
N ARG L 20 -19.85 78.10 -50.57
CA ARG L 20 -18.93 77.41 -49.67
C ARG L 20 -19.67 76.48 -48.70
N GLU L 21 -20.86 76.89 -48.26
CA GLU L 21 -21.64 76.02 -47.37
C GLU L 21 -22.18 74.82 -48.13
N LEU L 22 -22.54 75.00 -49.40
CA LEU L 22 -23.01 73.87 -50.21
C LEU L 22 -21.87 72.94 -50.60
N HIS L 23 -20.63 73.43 -50.62
CA HIS L 23 -19.49 72.59 -50.96
C HIS L 23 -19.29 71.49 -49.92
N ARG L 24 -19.51 71.81 -48.65
CA ARG L 24 -19.34 70.83 -47.58
C ARG L 24 -20.57 69.94 -47.40
N ALA L 25 -21.71 70.27 -48.01
CA ALA L 25 -22.91 69.48 -47.87
C ALA L 25 -23.07 68.45 -48.98
N LEU L 26 -22.65 68.78 -50.20
CA LEU L 26 -22.77 67.83 -51.31
C LEU L 26 -21.76 66.71 -51.23
N GLU L 27 -20.63 66.94 -50.55
CA GLU L 27 -19.61 65.89 -50.43
C GLU L 27 -20.04 64.79 -49.46
N ARG L 28 -21.02 65.06 -48.60
CA ARG L 28 -21.50 64.03 -47.67
C ARG L 28 -22.33 62.96 -48.37
N LEU L 29 -22.82 63.23 -49.58
CA LEU L 29 -23.61 62.27 -50.34
C LEU L 29 -22.88 61.82 -51.60
N ASN L 30 -21.54 61.84 -51.57
CA ASN L 30 -20.71 61.41 -52.69
C ASN L 30 -21.01 62.21 -53.96
N PHE L 31 -20.45 63.43 -54.04
CA PHE L 31 -20.61 64.26 -55.22
C PHE L 31 -19.32 65.04 -55.44
N GLN L 32 -18.84 65.03 -56.68
CA GLN L 32 -17.63 65.75 -57.06
C GLN L 32 -17.97 67.19 -57.42
N ILE L 33 -17.20 68.13 -56.88
CA ILE L 33 -17.42 69.56 -57.09
C ILE L 33 -16.31 70.09 -57.99
N VAL L 34 -16.71 70.73 -59.09
CA VAL L 34 -15.76 71.34 -60.02
C VAL L 34 -16.10 72.82 -60.16
N TYR L 35 -15.10 73.61 -60.53
CA TYR L 35 -15.23 75.06 -60.67
C TYR L 35 -14.69 75.48 -62.02
N PRO L 36 -15.55 75.57 -63.04
CA PRO L 36 -15.11 76.04 -64.35
C PRO L 36 -14.77 77.53 -64.32
N ASN L 37 -14.11 77.98 -65.39
CA ASN L 37 -13.66 79.36 -65.48
C ASN L 37 -14.66 80.22 -66.23
N ASP L 38 -14.48 80.34 -67.55
CA ASP L 38 -15.31 81.19 -68.39
C ASP L 38 -16.46 80.37 -68.99
N ARG L 39 -17.10 80.92 -70.02
CA ARG L 39 -18.22 80.22 -70.64
C ARG L 39 -17.75 79.01 -71.44
N ASP L 40 -16.59 79.12 -72.10
CA ASP L 40 -16.06 78.00 -72.86
C ASP L 40 -15.57 76.87 -71.97
N ASP L 41 -15.35 77.14 -70.68
CA ASP L 41 -14.91 76.09 -69.76
C ASP L 41 -16.06 75.15 -69.43
N LEU L 42 -17.28 75.68 -69.26
CA LEU L 42 -18.42 74.84 -68.95
C LEU L 42 -18.81 73.97 -70.13
N LEU L 43 -18.60 74.46 -71.36
CA LEU L 43 -18.97 73.68 -72.54
C LEU L 43 -18.07 72.45 -72.70
N LYS L 44 -16.83 72.51 -72.22
CA LYS L 44 -15.92 71.38 -72.30
C LYS L 44 -16.15 70.34 -71.21
N LEU L 45 -16.99 70.66 -70.21
CA LEU L 45 -17.28 69.73 -69.13
C LEU L 45 -18.53 68.90 -69.38
N ILE L 46 -19.07 68.93 -70.59
CA ILE L 46 -20.28 68.19 -70.94
C ILE L 46 -20.01 67.22 -72.09
N GLU L 47 -19.37 67.70 -73.16
CA GLU L 47 -19.07 66.83 -74.29
C GLU L 47 -18.01 65.80 -73.94
N ASN L 48 -17.01 66.20 -73.16
CA ASN L 48 -15.96 65.27 -72.76
C ASN L 48 -16.31 64.53 -71.48
N ASN L 49 -16.98 65.20 -70.55
CA ASN L 49 -17.38 64.61 -69.27
C ASN L 49 -18.87 64.33 -69.32
N ALA L 50 -19.24 63.05 -69.42
CA ALA L 50 -20.63 62.64 -69.50
C ALA L 50 -21.22 62.28 -68.14
N ARG L 51 -20.44 62.36 -67.06
CA ARG L 51 -20.91 62.05 -65.72
C ARG L 51 -21.33 63.29 -64.95
N LEU L 52 -21.77 64.33 -65.66
CA LEU L 52 -22.19 65.58 -65.04
C LEU L 52 -23.70 65.66 -65.03
N CYS L 53 -24.26 66.17 -63.92
CA CYS L 53 -25.70 66.31 -63.79
C CYS L 53 -26.10 67.55 -63.00
N GLY L 54 -25.21 68.52 -62.80
CA GLY L 54 -25.53 69.71 -62.05
C GLY L 54 -24.70 70.91 -62.46
N VAL L 55 -25.38 71.97 -62.89
CA VAL L 55 -24.72 73.21 -63.34
C VAL L 55 -25.26 74.35 -62.49
N ILE L 56 -24.38 74.99 -61.72
CA ILE L 56 -24.74 76.12 -60.87
C ILE L 56 -24.11 77.37 -61.46
N PHE L 57 -24.94 78.36 -61.77
CA PHE L 57 -24.47 79.61 -62.34
C PHE L 57 -25.47 80.71 -61.99
N ASP L 58 -25.00 81.96 -62.12
CA ASP L 58 -25.83 83.11 -61.84
C ASP L 58 -26.80 83.36 -62.99
N TRP L 59 -28.08 83.50 -62.67
CA TRP L 59 -29.08 83.73 -63.71
C TRP L 59 -28.99 85.14 -64.29
N ASP L 60 -28.56 86.10 -63.48
CA ASP L 60 -28.44 87.50 -63.93
C ASP L 60 -27.02 87.81 -64.39
N LYS L 61 -26.48 86.96 -65.26
CA LYS L 61 -25.13 87.15 -65.79
C LYS L 61 -24.99 86.52 -67.16
N TYR L 62 -25.48 85.28 -67.31
CA TYR L 62 -25.47 84.57 -68.59
C TYR L 62 -26.80 83.83 -68.74
N ASN L 63 -27.85 84.60 -69.04
CA ASN L 63 -29.19 84.04 -69.22
C ASN L 63 -29.48 83.62 -70.65
N LEU L 64 -28.62 83.99 -71.61
CA LEU L 64 -28.82 83.63 -73.00
C LEU L 64 -27.63 82.92 -73.63
N GLU L 65 -26.45 82.99 -73.01
CA GLU L 65 -25.26 82.33 -73.55
C GLU L 65 -25.09 80.90 -73.04
N LEU L 66 -25.85 80.50 -72.03
CA LEU L 66 -25.77 79.16 -71.47
C LEU L 66 -27.03 78.34 -71.68
N CYS L 67 -28.20 78.98 -71.76
CA CYS L 67 -29.46 78.25 -71.95
C CYS L 67 -29.68 77.83 -73.40
N GLU L 68 -28.77 78.18 -74.32
CA GLU L 68 -28.89 77.82 -75.72
C GLU L 68 -27.91 76.73 -76.14
N GLU L 69 -26.66 76.81 -75.69
CA GLU L 69 -25.67 75.81 -76.06
C GLU L 69 -25.89 74.50 -75.31
N ILE L 70 -26.31 74.57 -74.04
CA ILE L 70 -26.54 73.36 -73.27
C ILE L 70 -27.79 72.64 -73.78
N SER L 71 -28.80 73.40 -74.23
CA SER L 71 -30.02 72.78 -74.75
C SER L 71 -29.75 72.02 -76.04
N LYS L 72 -28.72 72.39 -76.78
CA LYS L 72 -28.38 71.69 -78.02
C LYS L 72 -27.68 70.36 -77.78
N MET L 73 -27.24 70.10 -76.55
CA MET L 73 -26.56 68.86 -76.23
C MET L 73 -27.48 67.92 -75.46
N ASN L 74 -27.82 68.29 -74.22
CA ASN L 74 -28.69 67.50 -73.37
C ASN L 74 -29.92 68.33 -73.03
N GLU L 75 -31.10 67.72 -73.17
CA GLU L 75 -32.36 68.40 -72.89
C GLU L 75 -32.79 68.28 -71.43
N ASN L 76 -32.72 67.07 -70.87
CA ASN L 76 -33.14 66.81 -69.50
C ASN L 76 -32.04 67.11 -68.48
N LEU L 77 -30.97 67.77 -68.88
CA LEU L 77 -29.88 68.08 -67.96
C LEU L 77 -30.34 69.11 -66.93
N PRO L 78 -30.28 68.81 -65.64
CA PRO L 78 -30.71 69.79 -64.64
C PRO L 78 -29.81 71.00 -64.62
N LEU L 79 -30.41 72.17 -64.41
CA LEU L 79 -29.70 73.44 -64.34
C LEU L 79 -30.03 74.10 -63.01
N TYR L 80 -29.06 74.11 -62.09
CA TYR L 80 -29.25 74.70 -60.76
C TYR L 80 -28.88 76.18 -60.78
N ALA L 81 -29.58 76.92 -61.63
CA ALA L 81 -29.33 78.36 -61.75
C ALA L 81 -29.89 79.11 -60.55
N PHE L 82 -29.15 80.12 -60.11
CA PHE L 82 -29.54 80.93 -58.97
C PHE L 82 -30.01 82.29 -59.47
N ALA L 83 -31.28 82.60 -59.23
CA ALA L 83 -31.87 83.86 -59.65
C ALA L 83 -31.80 84.89 -58.52
N ASN L 84 -32.15 86.12 -58.86
CA ASN L 84 -32.14 87.22 -57.89
C ASN L 84 -33.51 87.86 -57.78
N THR L 85 -33.56 89.08 -57.24
CA THR L 85 -34.83 89.77 -57.09
C THR L 85 -35.38 90.23 -58.44
N TYR L 86 -34.56 90.95 -59.20
CA TYR L 86 -34.98 91.45 -60.52
C TYR L 86 -34.50 90.47 -61.61
N SER L 87 -35.19 89.33 -61.66
CA SER L 87 -34.89 88.28 -62.62
C SER L 87 -36.15 87.95 -63.41
N THR L 88 -35.97 87.64 -64.69
CA THR L 88 -37.07 87.31 -65.57
C THR L 88 -36.57 86.41 -66.69
N LEU L 89 -37.51 85.87 -67.46
CA LEU L 89 -37.17 85.01 -68.58
C LEU L 89 -36.98 85.84 -69.86
N ASP L 90 -36.80 85.15 -70.97
CA ASP L 90 -36.59 85.78 -72.26
C ASP L 90 -37.54 85.17 -73.29
N VAL L 91 -37.87 85.98 -74.31
CA VAL L 91 -38.78 85.50 -75.35
C VAL L 91 -38.13 84.42 -76.19
N SER L 92 -36.81 84.40 -76.27
CA SER L 92 -36.07 83.40 -77.03
C SER L 92 -35.79 82.14 -76.23
N LEU L 93 -36.42 81.98 -75.06
CA LEU L 93 -36.22 80.82 -74.21
C LEU L 93 -37.51 80.03 -74.04
N ASN L 94 -38.32 79.91 -75.11
CA ASN L 94 -39.58 79.20 -75.04
C ASN L 94 -39.53 77.86 -75.75
N ASP L 95 -38.80 77.77 -76.86
CA ASP L 95 -38.70 76.54 -77.63
C ASP L 95 -37.41 75.80 -77.32
N LEU L 96 -37.09 75.68 -76.03
CA LEU L 96 -35.88 75.00 -75.59
C LEU L 96 -36.23 74.05 -74.46
N ARG L 97 -35.76 72.80 -74.54
CA ARG L 97 -36.03 71.81 -73.52
C ARG L 97 -34.96 71.90 -72.44
N LEU L 98 -35.32 72.46 -71.29
CA LEU L 98 -34.39 72.62 -70.18
C LEU L 98 -35.09 72.28 -68.88
N GLN L 99 -34.29 72.09 -67.83
CA GLN L 99 -34.80 71.79 -66.48
C GLN L 99 -34.05 72.71 -65.52
N ILE L 100 -34.61 73.89 -65.27
CA ILE L 100 -34.00 74.91 -64.42
C ILE L 100 -34.63 74.84 -63.04
N SER L 101 -33.79 74.74 -62.01
CA SER L 101 -34.23 74.70 -60.62
C SER L 101 -33.69 75.94 -59.91
N PHE L 102 -34.58 76.87 -59.58
CA PHE L 102 -34.18 78.11 -58.94
C PHE L 102 -34.00 77.92 -57.44
N PHE L 103 -33.17 78.77 -56.84
CA PHE L 103 -32.91 78.74 -55.42
C PHE L 103 -32.68 80.16 -54.94
N GLU L 104 -32.20 80.31 -53.71
CA GLU L 104 -31.93 81.61 -53.11
C GLU L 104 -30.56 81.57 -52.45
N TYR L 105 -30.19 82.68 -51.81
CA TYR L 105 -28.93 82.82 -51.09
C TYR L 105 -29.26 83.00 -49.61
N ALA L 106 -29.64 81.91 -48.95
CA ALA L 106 -29.99 81.92 -47.55
C ALA L 106 -28.98 81.13 -46.74
N LEU L 107 -28.57 81.68 -45.60
CA LEU L 107 -27.60 81.02 -44.74
C LEU L 107 -28.30 79.98 -43.87
N GLY L 108 -27.61 78.86 -43.63
CA GLY L 108 -28.15 77.79 -42.83
C GLY L 108 -29.06 76.82 -43.56
N ALA L 109 -29.61 77.23 -44.71
CA ALA L 109 -30.50 76.37 -45.49
C ALA L 109 -29.74 75.54 -46.52
N ALA L 110 -28.42 75.39 -46.38
CA ALA L 110 -27.65 74.59 -47.32
C ALA L 110 -27.94 73.11 -47.20
N GLU L 111 -28.45 72.66 -46.05
CA GLU L 111 -28.78 71.25 -45.88
C GLU L 111 -30.02 70.88 -46.67
N ASP L 112 -31.03 71.77 -46.68
CA ASP L 112 -32.25 71.49 -47.43
C ASP L 112 -32.00 71.53 -48.94
N ILE L 113 -31.01 72.31 -49.37
CA ILE L 113 -30.70 72.37 -50.81
C ILE L 113 -30.04 71.07 -51.25
N ALA L 114 -29.21 70.47 -50.38
CA ALA L 114 -28.55 69.22 -50.73
C ALA L 114 -29.55 68.07 -50.89
N ASN L 115 -30.64 68.10 -50.12
CA ASN L 115 -31.67 67.07 -50.27
C ASN L 115 -32.46 67.23 -51.56
N LYS L 116 -32.61 68.46 -52.04
CA LYS L 116 -33.32 68.70 -53.29
C LYS L 116 -32.48 68.32 -54.50
N ILE L 117 -31.16 68.47 -54.41
CA ILE L 117 -30.29 68.09 -55.53
C ILE L 117 -30.25 66.57 -55.67
N LYS L 118 -30.19 65.86 -54.54
CA LYS L 118 -30.18 64.40 -54.59
C LYS L 118 -31.51 63.86 -55.12
N GLN L 119 -32.62 64.50 -54.76
CA GLN L 119 -33.91 64.06 -55.27
C GLN L 119 -34.06 64.39 -56.75
N THR L 120 -33.53 65.53 -57.19
CA THR L 120 -33.59 65.88 -58.60
C THR L 120 -32.68 64.98 -59.43
N THR L 121 -31.52 64.61 -58.88
CA THR L 121 -30.62 63.71 -59.58
C THR L 121 -31.25 62.33 -59.78
N ASP L 122 -32.00 61.86 -58.77
CA ASP L 122 -32.69 60.58 -58.90
C ASP L 122 -33.78 60.63 -59.95
N GLU L 123 -34.39 61.80 -60.16
CA GLU L 123 -35.41 61.94 -61.20
C GLU L 123 -34.78 61.87 -62.59
N TYR L 124 -33.55 62.37 -62.75
CA TYR L 124 -32.87 62.29 -64.03
C TYR L 124 -32.48 60.85 -64.36
N ILE L 125 -32.15 60.05 -63.35
CA ILE L 125 -31.78 58.66 -63.58
C ILE L 125 -33.02 57.84 -63.94
N ASN L 126 -34.15 58.11 -63.28
CA ASN L 126 -35.39 57.39 -63.52
C ASN L 126 -36.14 57.88 -64.75
N THR L 127 -35.52 58.72 -65.57
CA THR L 127 -36.14 59.24 -66.79
C THR L 127 -35.39 58.82 -68.05
N ILE L 128 -34.06 58.96 -68.06
CA ILE L 128 -33.27 58.58 -69.23
C ILE L 128 -33.11 57.08 -69.38
N LEU L 129 -33.52 56.30 -68.38
CA LEU L 129 -33.39 54.85 -68.47
C LEU L 129 -34.71 54.21 -68.86
N PRO L 130 -34.68 53.15 -69.67
CA PRO L 130 -35.91 52.47 -70.07
C PRO L 130 -36.52 51.73 -68.89
N PRO L 131 -37.82 51.39 -68.97
CA PRO L 131 -38.43 50.67 -67.83
C PRO L 131 -37.90 49.27 -67.65
N LEU L 132 -37.36 48.64 -68.69
CA LEU L 132 -36.78 47.31 -68.53
C LEU L 132 -35.48 47.36 -67.74
N THR L 133 -34.63 48.34 -68.02
CA THR L 133 -33.39 48.49 -67.26
C THR L 133 -33.67 48.99 -65.85
N LYS L 134 -34.70 49.83 -65.68
CA LYS L 134 -35.04 50.33 -64.35
C LYS L 134 -35.48 49.19 -63.44
N ALA L 135 -36.22 48.21 -63.98
CA ALA L 135 -36.65 47.07 -63.17
C ALA L 135 -35.49 46.15 -62.86
N LEU L 136 -34.43 46.16 -63.69
CA LEU L 136 -33.28 45.31 -63.43
C LEU L 136 -32.40 45.88 -62.31
N PHE L 137 -32.20 47.20 -62.31
CA PHE L 137 -31.39 47.82 -61.26
C PHE L 137 -32.12 47.83 -59.92
N LYS L 138 -33.45 47.95 -59.94
CA LYS L 138 -34.21 47.96 -58.70
C LYS L 138 -34.27 46.58 -58.06
N TYR L 139 -34.27 45.52 -58.89
CA TYR L 139 -34.31 44.17 -58.36
C TYR L 139 -33.01 43.76 -57.68
N VAL L 140 -31.90 44.43 -57.99
CA VAL L 140 -30.62 44.09 -57.38
C VAL L 140 -30.56 44.63 -55.95
N ARG L 141 -31.03 45.85 -55.74
CA ARG L 141 -30.94 46.49 -54.43
C ARG L 141 -32.11 46.15 -53.51
N GLU L 142 -33.23 45.66 -54.05
CA GLU L 142 -34.40 45.38 -53.25
C GLU L 142 -34.99 43.99 -53.46
N GLY L 143 -34.81 43.36 -54.62
CA GLY L 143 -35.38 42.06 -54.87
C GLY L 143 -34.68 40.98 -54.06
N LYS L 144 -35.46 40.19 -53.32
CA LYS L 144 -34.93 39.11 -52.50
C LYS L 144 -35.75 37.83 -52.69
N TYR L 145 -36.23 37.60 -53.91
CA TYR L 145 -37.02 36.40 -54.19
C TYR L 145 -36.09 35.18 -54.28
N THR L 146 -36.33 34.21 -53.41
CA THR L 146 -35.52 33.00 -53.39
C THR L 146 -36.16 31.91 -54.25
N PHE L 147 -35.42 30.81 -54.42
CA PHE L 147 -35.85 29.66 -55.21
C PHE L 147 -36.19 30.07 -56.65
N CYS L 148 -35.16 30.50 -57.36
CA CYS L 148 -35.28 30.95 -58.74
C CYS L 148 -34.10 30.44 -59.54
N THR L 149 -34.17 30.65 -60.87
CA THR L 149 -33.14 30.28 -61.81
C THR L 149 -32.35 31.50 -62.27
N PRO L 150 -31.05 31.37 -62.55
CA PRO L 150 -30.24 30.15 -62.45
C PRO L 150 -29.92 29.73 -61.02
N GLY L 151 -29.09 28.71 -60.86
CA GLY L 151 -28.78 28.18 -59.54
C GLY L 151 -27.83 29.03 -58.73
N HIS L 152 -27.03 29.89 -59.38
CA HIS L 152 -26.09 30.71 -58.64
C HIS L 152 -26.81 31.77 -57.81
N MET L 153 -27.87 32.38 -58.37
CA MET L 153 -28.69 33.36 -57.68
C MET L 153 -27.85 34.52 -57.14
N GLY L 154 -27.28 35.27 -58.10
CA GLY L 154 -26.45 36.41 -57.76
C GLY L 154 -25.07 36.08 -57.27
N GLY L 155 -24.65 34.82 -57.35
CA GLY L 155 -23.33 34.42 -56.92
C GLY L 155 -23.25 33.75 -55.57
N THR L 156 -24.29 33.02 -55.16
CA THR L 156 -24.26 32.35 -53.87
C THR L 156 -23.38 31.10 -53.92
N ALA L 157 -23.47 30.32 -54.99
CA ALA L 157 -22.66 29.12 -55.12
C ALA L 157 -21.19 29.44 -55.33
N PHE L 158 -20.86 30.63 -55.83
CA PHE L 158 -19.46 31.00 -56.04
C PHE L 158 -18.75 31.28 -54.73
N GLN L 159 -19.48 31.58 -53.66
CA GLN L 159 -18.88 31.85 -52.36
C GLN L 159 -18.57 30.59 -51.57
N LYS L 160 -18.85 29.41 -52.13
CA LYS L 160 -18.58 28.16 -51.45
C LYS L 160 -17.48 27.34 -52.11
N SER L 161 -17.01 27.74 -53.29
CA SER L 161 -15.96 27.02 -53.98
C SER L 161 -14.71 27.89 -54.11
N PRO L 162 -13.52 27.33 -53.91
CA PRO L 162 -12.30 28.14 -54.04
C PRO L 162 -12.09 28.69 -55.44
N VAL L 163 -12.42 27.92 -56.47
CA VAL L 163 -12.25 28.39 -57.84
C VAL L 163 -13.39 29.34 -58.22
N GLY L 164 -14.55 29.21 -57.59
CA GLY L 164 -15.66 30.09 -57.90
C GLY L 164 -15.52 31.49 -57.37
N SER L 165 -14.67 31.68 -56.36
CA SER L 165 -14.49 33.03 -55.81
C SER L 165 -13.67 33.91 -56.73
N LEU L 166 -12.79 33.32 -57.55
CA LEU L 166 -11.99 34.11 -58.48
C LEU L 166 -12.83 34.65 -59.62
N PHE L 167 -13.80 33.86 -60.09
CA PHE L 167 -14.66 34.30 -61.17
C PHE L 167 -15.74 35.28 -60.71
N TYR L 168 -16.10 35.26 -59.43
CA TYR L 168 -17.12 36.18 -58.94
C TYR L 168 -16.53 37.52 -58.55
N ASP L 169 -15.28 37.54 -58.08
CA ASP L 169 -14.63 38.77 -57.66
C ASP L 169 -14.07 39.58 -58.82
N PHE L 170 -14.06 39.03 -60.03
CA PHE L 170 -13.53 39.75 -61.17
C PHE L 170 -14.54 40.76 -61.72
N PHE L 171 -15.76 40.31 -62.00
CA PHE L 171 -16.78 41.20 -62.54
C PHE L 171 -17.28 42.16 -61.47
N GLY L 172 -17.96 41.63 -60.45
CA GLY L 172 -18.49 42.44 -59.39
C GLY L 172 -19.74 41.85 -58.78
N PRO L 173 -20.08 42.29 -57.56
CA PRO L 173 -21.31 41.77 -56.93
C PRO L 173 -22.58 42.13 -57.69
N ASN L 174 -22.65 43.33 -58.26
CA ASN L 174 -23.84 43.75 -58.99
C ASN L 174 -23.94 43.09 -60.36
N THR L 175 -22.91 42.40 -60.82
CA THR L 175 -22.96 41.77 -62.13
C THR L 175 -23.78 40.49 -62.11
N MET L 176 -23.52 39.61 -61.15
CA MET L 176 -24.23 38.35 -61.08
C MET L 176 -25.65 38.50 -60.54
N LYS L 177 -25.91 39.55 -59.76
CA LYS L 177 -27.25 39.75 -59.21
C LYS L 177 -28.26 40.13 -60.29
N SER L 178 -27.80 40.68 -61.42
CA SER L 178 -28.67 41.03 -62.53
C SER L 178 -28.91 39.87 -63.48
N ASP L 179 -28.31 38.71 -63.23
CA ASP L 179 -28.47 37.54 -64.08
C ASP L 179 -29.67 36.75 -63.58
N ILE L 180 -30.86 37.12 -64.05
CA ILE L 180 -32.10 36.47 -63.67
C ILE L 180 -32.83 36.03 -64.92
N SER L 181 -33.72 35.05 -64.75
CA SER L 181 -34.48 34.50 -65.87
C SER L 181 -35.93 34.96 -65.84
N ILE L 182 -36.86 34.08 -66.18
CA ILE L 182 -38.28 34.42 -66.24
C ILE L 182 -38.95 34.03 -64.92
N SER L 183 -38.15 33.79 -63.89
CA SER L 183 -38.66 33.44 -62.58
C SER L 183 -38.99 34.66 -61.72
N VAL L 184 -39.24 35.80 -62.34
CA VAL L 184 -39.56 37.05 -61.65
C VAL L 184 -40.93 37.53 -62.12
N SER L 185 -41.77 37.92 -61.17
CA SER L 185 -43.13 38.33 -61.50
C SER L 185 -43.20 39.78 -61.94
N GLU L 186 -42.45 40.66 -61.29
CA GLU L 186 -42.49 42.09 -61.58
C GLU L 186 -41.65 42.48 -62.80
N LEU L 187 -41.12 41.52 -63.55
CA LEU L 187 -40.41 41.79 -64.79
C LEU L 187 -40.99 41.08 -66.00
N GLY L 188 -41.91 40.14 -65.81
CA GLY L 188 -42.51 39.45 -66.93
C GLY L 188 -41.56 38.48 -67.61
N SER L 189 -41.95 38.08 -68.82
CA SER L 189 -41.16 37.16 -69.63
C SER L 189 -40.99 37.71 -71.03
N LEU L 190 -39.87 37.37 -71.65
CA LEU L 190 -39.60 37.85 -73.00
C LEU L 190 -40.46 37.13 -74.03
N LEU L 191 -40.72 35.84 -73.81
CA LEU L 191 -41.55 35.07 -74.76
C LEU L 191 -43.02 35.44 -74.64
N ASP L 192 -43.45 35.89 -73.46
CA ASP L 192 -44.84 36.26 -73.26
C ASP L 192 -45.19 37.63 -73.85
N HIS L 193 -44.18 38.49 -74.04
CA HIS L 193 -44.38 39.82 -74.61
C HIS L 193 -45.37 40.63 -73.79
N SER L 194 -45.18 40.63 -72.47
CA SER L 194 -46.06 41.34 -71.56
C SER L 194 -45.22 41.99 -70.46
N GLY L 195 -45.82 42.98 -69.81
CA GLY L 195 -45.15 43.70 -68.74
C GLY L 195 -44.08 44.63 -69.25
N PRO L 196 -42.93 44.65 -68.57
CA PRO L 196 -41.81 45.50 -69.03
C PRO L 196 -41.30 45.13 -70.40
N HIS L 197 -41.40 43.86 -70.80
CA HIS L 197 -40.93 43.45 -72.12
C HIS L 197 -41.85 43.96 -73.22
N LYS L 198 -43.12 44.20 -72.90
CA LYS L 198 -44.05 44.72 -73.90
C LYS L 198 -43.77 46.18 -74.21
N GLU L 199 -43.51 47.00 -73.18
CA GLU L 199 -43.20 48.40 -73.39
C GLU L 199 -41.78 48.60 -73.94
N ALA L 200 -40.91 47.61 -73.78
CA ALA L 200 -39.55 47.74 -74.30
C ALA L 200 -39.52 47.59 -75.82
N GLU L 201 -40.37 46.71 -76.37
CA GLU L 201 -40.40 46.53 -77.82
C GLU L 201 -41.02 47.74 -78.52
N GLN L 202 -41.96 48.42 -77.85
CA GLN L 202 -42.57 49.61 -78.45
C GLN L 202 -41.65 50.83 -78.33
N TYR L 203 -40.75 50.82 -77.35
CA TYR L 203 -39.82 51.94 -77.18
C TYR L 203 -38.69 51.89 -78.20
N ILE L 204 -38.25 50.69 -78.60
CA ILE L 204 -37.17 50.57 -79.57
C ILE L 204 -37.68 50.87 -80.98
N ALA L 205 -38.87 50.37 -81.32
CA ALA L 205 -39.41 50.60 -82.65
C ALA L 205 -39.80 52.07 -82.86
N ARG L 206 -40.16 52.77 -81.78
CA ARG L 206 -40.54 54.17 -81.92
C ARG L 206 -39.31 55.05 -82.17
N VAL L 207 -38.20 54.74 -81.52
CA VAL L 207 -36.98 55.52 -81.71
C VAL L 207 -36.34 55.20 -83.05
N PHE L 208 -36.27 53.92 -83.41
CA PHE L 208 -35.68 53.48 -84.67
C PHE L 208 -36.66 53.57 -85.84
N ASN L 209 -37.80 54.24 -85.65
CA ASN L 209 -38.81 54.40 -86.70
C ASN L 209 -39.26 53.04 -87.23
N ALA L 210 -40.07 52.32 -86.45
CA ALA L 210 -40.57 51.03 -86.85
C ALA L 210 -41.89 50.76 -86.16
N ASP L 211 -42.59 49.72 -86.62
CA ASP L 211 -43.87 49.34 -86.04
C ASP L 211 -43.71 48.31 -84.93
N ARG L 212 -42.97 47.24 -85.19
CA ARG L 212 -42.74 46.20 -84.20
CA ARG L 212 -42.74 46.20 -84.19
C ARG L 212 -41.32 45.68 -84.35
N SER L 213 -40.62 45.54 -83.22
CA SER L 213 -39.25 45.07 -83.21
C SER L 213 -39.02 44.18 -82.00
N TYR L 214 -38.22 43.14 -82.18
CA TYR L 214 -37.88 42.20 -81.13
C TYR L 214 -36.44 42.42 -80.68
N MET L 215 -35.95 41.56 -79.80
CA MET L 215 -34.60 41.63 -79.24
C MET L 215 -33.97 40.25 -79.35
N VAL L 216 -33.22 40.02 -80.43
CA VAL L 216 -32.54 38.75 -80.63
C VAL L 216 -31.31 38.69 -79.73
N THR L 217 -31.19 37.60 -78.97
CA THR L 217 -30.10 37.42 -78.03
C THR L 217 -29.13 36.32 -78.48
N ASN L 218 -28.76 36.33 -79.76
CA ASN L 218 -27.80 35.36 -80.29
C ASN L 218 -27.11 35.94 -81.52
N GLY L 219 -26.95 37.26 -81.55
CA GLY L 219 -26.27 37.92 -82.65
C GLY L 219 -27.12 38.01 -83.90
N THR L 220 -26.55 38.67 -84.91
CA THR L 220 -27.26 38.85 -86.18
C THR L 220 -27.34 37.54 -86.95
N SER L 221 -26.39 36.63 -86.76
CA SER L 221 -26.38 35.37 -87.49
C SER L 221 -27.64 34.56 -87.23
N THR L 222 -28.24 34.71 -86.05
CA THR L 222 -29.47 34.00 -85.71
C THR L 222 -30.72 34.72 -86.21
N ALA L 223 -30.70 36.06 -86.20
CA ALA L 223 -31.88 36.81 -86.62
C ALA L 223 -32.17 36.62 -88.12
N ASN L 224 -31.14 36.36 -88.92
CA ASN L 224 -31.35 36.16 -90.35
C ASN L 224 -32.05 34.84 -90.65
N LYS L 225 -31.91 33.84 -89.78
CA LYS L 225 -32.56 32.55 -90.00
C LYS L 225 -34.03 32.55 -89.57
N ILE L 226 -34.41 33.43 -88.64
CA ILE L 226 -35.80 33.49 -88.21
C ILE L 226 -36.67 34.15 -89.27
N VAL L 227 -36.18 35.24 -89.88
CA VAL L 227 -36.96 35.94 -90.90
C VAL L 227 -37.00 35.13 -92.19
N GLY L 228 -35.89 34.47 -92.53
CA GLY L 228 -35.84 33.70 -93.76
C GLY L 228 -36.78 32.52 -93.79
N MET L 229 -37.13 31.99 -92.62
CA MET L 229 -38.06 30.87 -92.50
C MET L 229 -39.51 31.32 -92.33
N TYR L 230 -39.78 32.61 -92.49
CA TYR L 230 -41.14 33.13 -92.35
C TYR L 230 -41.85 33.32 -93.68
N SER L 231 -41.12 33.62 -94.76
CA SER L 231 -41.68 33.82 -96.07
C SER L 231 -40.97 32.97 -97.11
N ALA L 232 -40.77 31.69 -96.80
CA ALA L 232 -40.10 30.76 -97.71
C ALA L 232 -40.55 29.35 -97.40
N PRO L 233 -41.67 28.92 -97.94
CA PRO L 233 -42.14 27.55 -97.71
C PRO L 233 -41.23 26.52 -98.35
N ALA L 234 -41.50 25.25 -98.05
CA ALA L 234 -40.71 24.16 -98.62
C ALA L 234 -41.06 23.99 -100.09
N GLY L 235 -40.14 24.39 -100.96
CA GLY L 235 -40.33 24.30 -102.39
C GLY L 235 -40.65 25.61 -103.09
N SER L 236 -40.36 26.75 -102.47
CA SER L 236 -40.64 28.04 -103.07
C SER L 236 -39.42 28.57 -103.81
N THR L 237 -39.19 29.88 -103.73
CA THR L 237 -38.07 30.51 -104.41
C THR L 237 -37.68 31.78 -103.65
N ILE L 238 -36.40 31.91 -103.32
CA ILE L 238 -35.89 33.08 -102.63
C ILE L 238 -34.86 33.76 -103.52
N LEU L 239 -34.62 35.04 -103.22
CA LEU L 239 -33.67 35.87 -103.96
C LEU L 239 -32.58 36.32 -103.00
N ILE L 240 -31.62 35.44 -102.76
CA ILE L 240 -30.51 35.73 -101.86
C ILE L 240 -29.38 36.38 -102.66
N ASP L 241 -28.65 37.28 -102.01
CA ASP L 241 -27.54 37.97 -102.63
C ASP L 241 -26.31 37.06 -102.68
N ARG L 242 -25.46 37.30 -103.68
CA ARG L 242 -24.25 36.50 -103.81
C ARG L 242 -23.26 36.81 -102.69
N ASN L 243 -23.12 38.09 -102.33
CA ASN L 243 -22.24 38.50 -101.24
C ASN L 243 -22.98 38.32 -99.92
N CYS L 244 -23.20 37.06 -99.55
CA CYS L 244 -23.92 36.70 -98.35
C CYS L 244 -22.96 36.44 -97.20
N HIS L 245 -23.51 36.00 -96.07
CA HIS L 245 -22.75 35.71 -94.87
C HIS L 245 -22.76 34.21 -94.62
N LYS L 246 -21.87 33.77 -93.72
CA LYS L 246 -21.80 32.36 -93.35
C LYS L 246 -23.13 31.85 -92.82
N SER L 247 -23.86 32.68 -92.08
CA SER L 247 -25.17 32.26 -91.57
C SER L 247 -26.21 32.25 -92.68
N LEU L 248 -26.08 33.11 -93.68
CA LEU L 248 -27.04 33.13 -94.78
C LEU L 248 -26.92 31.89 -95.66
N THR L 249 -25.73 31.28 -95.71
CA THR L 249 -25.57 30.05 -96.48
C THR L 249 -26.26 28.87 -95.79
N HIS L 250 -26.16 28.80 -94.46
CA HIS L 250 -26.81 27.72 -93.73
C HIS L 250 -28.33 27.80 -93.77
N LEU L 251 -28.88 29.00 -94.01
CA LEU L 251 -30.33 29.13 -94.14
C LEU L 251 -30.83 28.38 -95.38
N MET L 252 -30.04 28.39 -96.45
CA MET L 252 -30.41 27.65 -97.66
C MET L 252 -30.24 26.15 -97.48
N MET L 253 -29.48 25.73 -96.48
CA MET L 253 -29.26 24.31 -96.20
C MET L 253 -30.23 23.75 -95.16
N MET L 254 -31.09 24.59 -94.59
CA MET L 254 -32.06 24.15 -93.60
C MET L 254 -33.49 24.16 -94.12
N SER L 255 -33.75 24.80 -95.25
CA SER L 255 -35.08 24.86 -95.83
C SER L 255 -35.01 24.46 -97.30
N ASP L 256 -35.97 23.64 -97.73
CA ASP L 256 -36.02 23.16 -99.12
C ASP L 256 -36.57 24.29 -100.00
N VAL L 257 -35.68 25.17 -100.42
CA VAL L 257 -36.03 26.30 -101.27
C VAL L 257 -35.09 26.31 -102.47
N THR L 258 -35.48 27.08 -103.49
CA THR L 258 -34.68 27.23 -104.70
C THR L 258 -34.16 28.66 -104.80
N PRO L 259 -32.92 28.92 -104.36
CA PRO L 259 -32.40 30.28 -104.39
C PRO L 259 -31.94 30.68 -105.80
N ILE L 260 -31.96 31.99 -106.03
CA ILE L 260 -31.48 32.58 -107.27
C ILE L 260 -30.45 33.64 -106.92
N TYR L 261 -29.19 33.41 -107.30
CA TYR L 261 -28.11 34.31 -106.97
C TYR L 261 -28.05 35.47 -107.97
N PHE L 262 -27.72 36.64 -107.46
CA PHE L 262 -27.62 37.84 -108.29
C PHE L 262 -26.22 37.94 -108.88
N ARG L 263 -25.93 39.07 -109.54
CA ARG L 263 -24.63 39.32 -110.15
C ARG L 263 -24.13 40.69 -109.69
N PRO L 264 -23.57 40.76 -108.49
CA PRO L 264 -23.08 42.05 -107.99
C PRO L 264 -21.89 42.55 -108.79
N THR L 265 -21.65 43.86 -108.68
CA THR L 265 -20.53 44.49 -109.36
C THR L 265 -19.28 44.42 -108.50
N ARG L 266 -18.13 44.51 -109.16
CA ARG L 266 -16.85 44.43 -108.47
C ARG L 266 -15.77 45.04 -109.37
N ASN L 267 -14.65 45.41 -108.74
CA ASN L 267 -13.52 46.01 -109.40
C ASN L 267 -12.34 45.03 -109.36
N ALA L 268 -11.11 45.56 -109.34
CA ALA L 268 -9.91 44.73 -109.31
C ALA L 268 -9.24 44.70 -107.95
N TYR L 269 -9.49 45.69 -107.09
CA TYR L 269 -8.89 45.73 -105.76
C TYR L 269 -9.51 44.75 -104.79
N GLY L 270 -10.68 44.19 -105.12
CA GLY L 270 -11.36 43.25 -104.25
C GLY L 270 -12.56 43.82 -103.53
N ILE L 271 -12.84 45.11 -103.69
CA ILE L 271 -13.99 45.75 -103.04
C ILE L 271 -15.23 45.47 -103.88
N LEU L 272 -16.15 44.70 -103.33
CA LEU L 272 -17.38 44.37 -104.05
C LEU L 272 -18.33 45.55 -104.07
N GLY L 273 -18.93 45.81 -105.22
CA GLY L 273 -19.87 46.90 -105.36
C GLY L 273 -21.25 46.56 -104.85
N GLY L 274 -22.23 46.56 -105.75
CA GLY L 274 -23.60 46.26 -105.37
C GLY L 274 -24.34 45.62 -106.52
N ILE L 275 -25.61 45.32 -106.26
CA ILE L 275 -26.46 44.71 -107.28
C ILE L 275 -26.92 45.79 -108.27
N PRO L 276 -26.74 45.60 -109.57
CA PRO L 276 -27.18 46.61 -110.53
C PRO L 276 -28.70 46.76 -110.52
N GLN L 277 -29.15 47.87 -111.12
CA GLN L 277 -30.57 48.15 -111.19
C GLN L 277 -31.29 47.27 -112.21
N SER L 278 -30.54 46.63 -113.11
CA SER L 278 -31.17 45.76 -114.11
C SER L 278 -31.62 44.43 -113.51
N GLU L 279 -31.01 44.00 -112.40
CA GLU L 279 -31.39 42.74 -111.80
C GLU L 279 -32.73 42.80 -111.06
N PHE L 280 -33.18 44.00 -110.70
CA PHE L 280 -34.45 44.17 -110.01
C PHE L 280 -35.64 44.25 -110.96
N GLN L 281 -35.41 44.14 -112.27
CA GLN L 281 -36.49 44.24 -113.24
C GLN L 281 -37.37 42.98 -113.20
N HIS L 282 -38.49 43.05 -113.91
CA HIS L 282 -39.41 41.92 -113.95
C HIS L 282 -39.01 40.91 -115.03
N ALA L 283 -38.40 41.39 -116.11
CA ALA L 283 -37.98 40.48 -117.18
C ALA L 283 -36.68 39.77 -116.83
N THR L 284 -35.90 40.31 -115.89
CA THR L 284 -34.65 39.67 -115.50
C THR L 284 -34.88 38.54 -114.51
N ILE L 285 -35.77 38.76 -113.52
CA ILE L 285 -36.03 37.73 -112.52
C ILE L 285 -36.81 36.58 -113.13
N ALA L 286 -37.82 36.89 -113.96
CA ALA L 286 -38.63 35.84 -114.57
C ALA L 286 -37.87 35.00 -115.57
N LYS L 287 -36.76 35.53 -116.11
CA LYS L 287 -35.97 34.76 -117.07
C LYS L 287 -35.21 33.65 -116.38
N ARG L 288 -34.72 33.89 -115.16
CA ARG L 288 -33.97 32.90 -114.41
C ARG L 288 -34.86 31.84 -113.78
N VAL L 289 -36.18 32.05 -113.75
CA VAL L 289 -37.07 31.06 -113.15
C VAL L 289 -37.22 29.86 -114.06
N LYS L 290 -37.40 30.10 -115.37
CA LYS L 290 -37.55 29.00 -116.31
C LYS L 290 -36.24 28.24 -116.51
N GLU L 291 -35.10 28.95 -116.50
CA GLU L 291 -33.82 28.30 -116.69
C GLU L 291 -33.42 27.43 -115.50
N THR L 292 -33.93 27.73 -114.30
CA THR L 292 -33.60 26.95 -113.12
C THR L 292 -34.67 25.89 -112.90
N PRO L 293 -34.33 24.61 -112.91
CA PRO L 293 -35.35 23.57 -112.69
C PRO L 293 -35.93 23.66 -111.28
N ASN L 294 -37.22 23.38 -111.18
CA ASN L 294 -37.97 23.40 -109.91
C ASN L 294 -37.84 24.77 -109.24
N ALA L 295 -38.54 25.74 -109.83
CA ALA L 295 -38.53 27.11 -109.33
C ALA L 295 -39.84 27.78 -109.71
N THR L 296 -40.49 28.39 -108.72
CA THR L 296 -41.75 29.10 -108.91
C THR L 296 -41.49 30.61 -108.81
N TRP L 297 -42.52 31.37 -108.44
CA TRP L 297 -42.37 32.81 -108.32
C TRP L 297 -41.65 33.15 -107.02
N PRO L 298 -40.63 34.00 -107.05
CA PRO L 298 -39.92 34.36 -105.82
C PRO L 298 -40.83 35.13 -104.87
N VAL L 299 -40.89 34.67 -103.61
CA VAL L 299 -41.70 35.29 -102.58
C VAL L 299 -40.86 35.98 -101.51
N HIS L 300 -39.53 35.89 -101.59
CA HIS L 300 -38.66 36.52 -100.62
C HIS L 300 -37.37 36.93 -101.30
N ALA L 301 -36.82 38.07 -100.89
CA ALA L 301 -35.59 38.60 -101.46
C ALA L 301 -34.67 39.08 -100.35
N VAL L 302 -33.43 38.60 -100.37
CA VAL L 302 -32.41 38.97 -99.38
C VAL L 302 -31.41 39.89 -100.06
N ILE L 303 -31.30 41.12 -99.57
CA ILE L 303 -30.41 42.13 -100.11
C ILE L 303 -29.41 42.51 -99.03
N THR L 304 -28.12 42.43 -99.36
CA THR L 304 -27.05 42.77 -98.41
C THR L 304 -26.79 44.27 -98.51
N ASN L 305 -27.40 45.02 -97.60
CA ASN L 305 -27.25 46.48 -97.54
C ASN L 305 -27.04 46.88 -96.09
N SER L 306 -25.81 47.28 -95.76
CA SER L 306 -24.73 47.35 -96.71
C SER L 306 -23.90 46.07 -96.72
N THR L 307 -22.84 46.06 -97.51
CA THR L 307 -21.97 44.90 -97.64
C THR L 307 -20.96 44.88 -96.50
N TYR L 308 -19.89 44.10 -96.65
CA TYR L 308 -18.87 44.01 -95.60
C TYR L 308 -17.99 45.26 -95.57
N ASP L 309 -17.82 45.93 -96.71
CA ASP L 309 -17.00 47.13 -96.78
C ASP L 309 -17.76 48.40 -96.44
N GLY L 310 -19.09 48.36 -96.42
CA GLY L 310 -19.88 49.53 -96.09
C GLY L 310 -20.23 50.38 -97.30
N LEU L 311 -21.18 49.91 -98.10
CA LEU L 311 -21.64 50.62 -99.29
C LEU L 311 -23.16 50.58 -99.31
N LEU L 312 -23.79 51.72 -99.03
CA LEU L 312 -25.24 51.79 -99.02
C LEU L 312 -25.80 51.75 -100.44
N TYR L 313 -27.02 51.24 -100.57
CA TYR L 313 -27.66 51.13 -101.87
C TYR L 313 -28.68 52.26 -102.06
N ASN L 314 -29.74 51.99 -102.83
CA ASN L 314 -30.79 52.96 -103.09
C ASN L 314 -32.14 52.25 -102.84
N THR L 315 -32.66 52.41 -101.62
CA THR L 315 -33.93 51.78 -101.27
C THR L 315 -35.13 52.48 -101.89
N ASP L 316 -34.94 53.71 -102.40
CA ASP L 316 -36.04 54.41 -103.03
C ASP L 316 -36.37 53.83 -104.39
N PHE L 317 -35.45 53.07 -104.98
CA PHE L 317 -35.67 52.43 -106.27
C PHE L 317 -36.01 50.95 -106.16
N ILE L 318 -35.57 50.29 -105.09
CA ILE L 318 -35.86 48.87 -104.92
C ILE L 318 -37.30 48.67 -104.47
N LYS L 319 -37.81 49.57 -103.63
CA LYS L 319 -39.17 49.45 -103.11
C LYS L 319 -40.23 49.77 -104.16
N LYS L 320 -39.84 50.05 -105.39
CA LYS L 320 -40.78 50.32 -106.48
C LYS L 320 -40.55 49.42 -107.68
N THR L 321 -39.30 48.98 -107.90
CA THR L 321 -39.00 48.13 -109.05
C THR L 321 -39.04 46.66 -108.68
N LEU L 322 -38.42 46.28 -107.56
CA LEU L 322 -38.41 44.90 -107.13
C LEU L 322 -39.80 44.48 -106.69
N ASP L 323 -40.36 43.49 -107.38
CA ASP L 323 -41.72 43.02 -107.10
C ASP L 323 -41.67 41.78 -106.20
N VAL L 324 -41.26 42.02 -104.94
CA VAL L 324 -41.19 40.98 -103.92
C VAL L 324 -41.96 41.46 -102.71
N LYS L 325 -42.90 40.64 -102.23
CA LYS L 325 -43.72 41.02 -101.10
C LYS L 325 -42.96 40.99 -99.79
N SER L 326 -41.82 40.29 -99.72
CA SER L 326 -41.01 40.18 -98.52
C SER L 326 -39.57 40.51 -98.88
N ILE L 327 -39.22 41.79 -98.85
CA ILE L 327 -37.87 42.25 -99.17
C ILE L 327 -37.08 42.36 -97.87
N HIS L 328 -35.93 41.72 -97.83
CA HIS L 328 -35.07 41.70 -96.64
C HIS L 328 -33.82 42.53 -96.90
N PHE L 329 -33.38 43.26 -95.88
CA PHE L 329 -32.17 44.07 -95.94
C PHE L 329 -31.25 43.66 -94.81
N ASP L 330 -30.06 43.18 -95.16
CA ASP L 330 -29.07 42.75 -94.17
C ASP L 330 -28.31 43.98 -93.68
N SER L 331 -28.94 44.71 -92.76
CA SER L 331 -28.36 45.93 -92.20
C SER L 331 -27.50 45.63 -90.97
N ALA L 332 -26.57 44.69 -91.13
CA ALA L 332 -25.69 44.31 -90.03
C ALA L 332 -24.51 45.25 -89.83
N TRP L 333 -24.37 46.28 -90.67
CA TRP L 333 -23.26 47.21 -90.55
C TRP L 333 -23.68 48.67 -90.48
N VAL L 334 -24.97 48.98 -90.52
CA VAL L 334 -25.44 50.36 -90.45
C VAL L 334 -26.56 50.50 -89.43
N PRO L 335 -26.28 50.37 -88.12
CA PRO L 335 -27.33 50.55 -87.12
C PRO L 335 -27.49 52.00 -86.72
N TYR L 336 -27.53 52.91 -87.70
CA TYR L 336 -27.60 54.33 -87.39
C TYR L 336 -28.19 55.17 -88.53
N THR L 337 -28.70 54.56 -89.60
CA THR L 337 -29.24 55.31 -90.73
C THR L 337 -30.64 55.85 -90.40
N ASN L 338 -30.68 56.76 -89.44
CA ASN L 338 -31.94 57.36 -88.99
C ASN L 338 -31.66 58.61 -88.17
N PHE L 339 -30.56 58.61 -87.41
CA PHE L 339 -30.22 59.71 -86.52
C PHE L 339 -29.38 60.78 -87.22
N SER L 340 -29.48 60.90 -88.54
CA SER L 340 -28.70 61.90 -89.27
C SER L 340 -29.44 62.26 -90.55
N PRO L 341 -29.45 63.52 -90.95
CA PRO L 341 -30.16 63.91 -92.18
C PRO L 341 -29.46 63.48 -93.47
N ILE L 342 -28.24 62.94 -93.39
CA ILE L 342 -27.52 62.52 -94.57
C ILE L 342 -27.73 61.04 -94.79
N TYR L 343 -28.74 60.46 -94.14
CA TYR L 343 -29.08 59.06 -94.30
C TYR L 343 -30.57 58.84 -94.54
N GLU L 344 -31.30 59.85 -95.00
CA GLU L 344 -32.72 59.70 -95.26
C GLU L 344 -32.95 59.03 -96.61
N GLY L 345 -33.86 58.06 -96.64
CA GLY L 345 -34.15 57.36 -97.87
C GLY L 345 -33.08 56.39 -98.32
N LYS L 346 -32.22 55.94 -97.41
CA LYS L 346 -31.15 55.02 -97.74
C LYS L 346 -31.34 53.62 -97.16
N CYS L 347 -32.29 53.45 -96.23
CA CYS L 347 -32.56 52.16 -95.62
C CYS L 347 -34.04 51.82 -95.80
N GLY L 348 -34.47 50.75 -95.14
CA GLY L 348 -35.87 50.35 -95.23
C GLY L 348 -36.78 51.07 -94.26
N MET L 349 -36.28 51.42 -93.08
CA MET L 349 -37.08 52.12 -92.08
C MET L 349 -37.36 53.56 -92.48
N SER L 350 -36.49 54.19 -93.27
CA SER L 350 -36.69 55.57 -93.69
C SER L 350 -37.79 55.62 -94.74
N GLY L 351 -38.82 56.43 -94.48
CA GLY L 351 -39.93 56.56 -95.41
C GLY L 351 -41.25 56.16 -94.80
N GLY L 352 -41.95 55.22 -95.44
CA GLY L 352 -43.23 54.75 -94.94
C GLY L 352 -43.50 53.30 -95.25
N ARG L 353 -44.72 52.84 -94.96
CA ARG L 353 -45.09 51.46 -95.21
C ARG L 353 -45.44 51.27 -96.68
N VAL L 354 -44.79 50.29 -97.32
CA VAL L 354 -45.04 50.00 -98.72
C VAL L 354 -46.34 49.20 -98.84
N GLU L 355 -47.21 49.63 -99.74
CA GLU L 355 -48.50 48.96 -99.92
C GLU L 355 -48.29 47.58 -100.54
N GLY L 356 -48.74 46.54 -99.82
CA GLY L 356 -48.62 45.19 -100.31
C GLY L 356 -47.27 44.52 -100.09
N LYS L 357 -46.34 45.18 -99.40
CA LYS L 357 -45.02 44.63 -99.15
C LYS L 357 -44.66 44.83 -97.68
N VAL L 358 -43.53 44.26 -97.30
CA VAL L 358 -43.03 44.38 -95.93
C VAL L 358 -41.50 44.37 -95.98
N ILE L 359 -40.89 45.15 -95.10
CA ILE L 359 -39.44 45.32 -95.05
C ILE L 359 -38.91 44.70 -93.77
N TYR L 360 -37.91 43.85 -93.89
CA TYR L 360 -37.25 43.22 -92.74
C TYR L 360 -35.79 43.66 -92.69
N GLU L 361 -35.34 44.02 -91.49
CA GLU L 361 -33.96 44.44 -91.27
C GLU L 361 -33.43 43.80 -90.00
N THR L 362 -32.16 43.41 -90.04
CA THR L 362 -31.48 42.81 -88.90
C THR L 362 -30.34 43.74 -88.47
N GLN L 363 -30.70 44.86 -87.86
CA GLN L 363 -29.70 45.84 -87.41
C GLN L 363 -28.90 45.26 -86.25
N SER L 364 -27.59 45.10 -86.45
CA SER L 364 -26.73 44.56 -85.42
C SER L 364 -26.60 45.56 -84.27
N THR L 365 -26.49 45.03 -83.05
CA THR L 365 -26.38 45.85 -81.85
C THR L 365 -24.98 45.88 -81.26
N HIS L 366 -24.28 44.75 -81.29
CA HIS L 366 -22.94 44.67 -80.69
C HIS L 366 -21.83 44.96 -81.70
N LYS L 367 -22.21 45.22 -82.95
CA LYS L 367 -21.22 45.42 -84.00
C LYS L 367 -20.63 46.79 -83.93
N LEU L 368 -21.43 47.80 -84.28
CA LEU L 368 -20.92 49.18 -84.32
C LEU L 368 -21.68 50.10 -83.38
N LEU L 369 -21.94 49.64 -82.16
CA LEU L 369 -22.61 50.45 -81.15
C LEU L 369 -21.93 50.30 -79.80
N ALA L 370 -22.72 50.02 -78.75
CA ALA L 370 -22.18 49.87 -77.41
C ALA L 370 -23.13 48.98 -76.61
N ALA L 371 -22.89 47.68 -76.68
CA ALA L 371 -23.71 46.70 -75.97
C ALA L 371 -22.95 45.39 -75.89
N PHE L 372 -23.49 44.46 -75.10
CA PHE L 372 -22.89 43.14 -74.99
C PHE L 372 -23.03 42.36 -76.29
N SER L 373 -22.17 41.35 -76.44
CA SER L 373 -22.19 40.54 -77.65
C SER L 373 -23.47 39.70 -77.72
N GLN L 374 -23.70 39.11 -78.89
CA GLN L 374 -24.88 38.30 -79.17
C GLN L 374 -26.17 39.10 -78.93
N ALA L 375 -26.34 40.14 -79.74
CA ALA L 375 -27.51 41.02 -79.65
C ALA L 375 -27.87 41.48 -81.05
N SER L 376 -29.15 41.36 -81.40
CA SER L 376 -29.65 41.76 -82.72
C SER L 376 -31.11 42.17 -82.60
N MET L 377 -31.63 42.74 -83.67
CA MET L 377 -33.01 43.19 -83.72
C MET L 377 -33.65 42.75 -85.02
N ILE L 378 -34.98 42.74 -85.04
CA ILE L 378 -35.77 42.38 -86.21
C ILE L 378 -36.77 43.52 -86.43
N HIS L 379 -36.48 44.38 -87.39
CA HIS L 379 -37.35 45.52 -87.69
C HIS L 379 -38.38 45.11 -88.74
N VAL L 380 -39.65 45.15 -88.37
CA VAL L 380 -40.75 44.77 -89.24
C VAL L 380 -41.52 46.04 -89.60
N LYS L 381 -41.69 46.28 -90.90
CA LYS L 381 -42.40 47.46 -91.42
C LYS L 381 -43.46 46.96 -92.40
N GLY L 382 -44.67 46.73 -91.91
CA GLY L 382 -45.75 46.27 -92.75
C GLY L 382 -46.85 45.65 -91.91
N ASP L 383 -47.73 44.92 -92.60
CA ASP L 383 -48.86 44.25 -91.97
C ASP L 383 -48.61 42.75 -92.02
N VAL L 384 -48.11 42.19 -90.92
CA VAL L 384 -47.81 40.77 -90.82
C VAL L 384 -48.66 40.17 -89.69
N ASN L 385 -48.74 38.85 -89.70
CA ASN L 385 -49.50 38.13 -88.68
C ASN L 385 -48.69 38.06 -87.39
N GLU L 386 -49.29 38.53 -86.30
CA GLU L 386 -48.60 38.51 -85.01
C GLU L 386 -48.57 37.10 -84.42
N GLU L 387 -49.65 36.35 -84.60
CA GLU L 387 -49.71 35.00 -84.04
C GLU L 387 -48.85 34.01 -84.83
N THR L 388 -48.39 34.39 -86.03
CA THR L 388 -47.57 33.51 -86.85
C THR L 388 -46.08 33.85 -86.72
N PHE L 389 -45.75 35.14 -86.73
CA PHE L 389 -44.35 35.55 -86.62
C PHE L 389 -43.80 35.30 -85.22
N ASN L 390 -44.68 35.23 -84.22
CA ASN L 390 -44.23 34.98 -82.85
C ASN L 390 -43.73 33.55 -82.69
N GLU L 391 -44.38 32.59 -83.35
CA GLU L 391 -43.95 31.19 -83.24
C GLU L 391 -42.60 30.97 -83.90
N ALA L 392 -42.26 31.77 -84.92
CA ALA L 392 -40.97 31.60 -85.58
C ALA L 392 -39.84 32.18 -84.73
N TYR L 393 -40.14 33.16 -83.87
CA TYR L 393 -39.09 33.73 -83.03
C TYR L 393 -38.68 32.78 -81.91
N MET L 394 -39.61 31.96 -81.43
CA MET L 394 -39.29 31.01 -80.36
C MET L 394 -38.56 29.78 -80.86
N MET L 395 -38.41 29.61 -82.17
CA MET L 395 -37.70 28.47 -82.72
C MET L 395 -36.19 28.57 -82.56
N HIS L 396 -35.66 29.75 -82.23
CA HIS L 396 -34.23 29.91 -82.05
C HIS L 396 -33.87 30.68 -80.78
N THR L 397 -34.84 31.05 -79.94
CA THR L 397 -34.59 31.76 -78.71
C THR L 397 -35.05 30.90 -77.54
N THR L 398 -34.17 30.76 -76.54
CA THR L 398 -34.48 29.94 -75.38
C THR L 398 -35.55 30.61 -74.52
N THR L 399 -36.15 29.82 -73.62
CA THR L 399 -37.18 30.33 -72.74
C THR L 399 -36.64 31.15 -71.58
N SER L 400 -35.33 31.09 -71.33
CA SER L 400 -34.67 31.84 -70.26
C SER L 400 -33.61 32.74 -70.88
N PRO L 401 -33.99 33.91 -71.37
CA PRO L 401 -33.01 34.81 -71.99
C PRO L 401 -32.11 35.45 -70.96
N HIS L 402 -30.96 35.92 -71.42
CA HIS L 402 -29.98 36.59 -70.58
C HIS L 402 -30.31 38.08 -70.54
N TYR L 403 -30.83 38.54 -69.39
CA TYR L 403 -31.25 39.94 -69.27
C TYR L 403 -30.07 40.90 -69.27
N GLY L 404 -28.85 40.41 -69.03
CA GLY L 404 -27.69 41.29 -69.12
C GLY L 404 -27.44 41.80 -70.52
N ILE L 405 -27.77 40.99 -71.53
CA ILE L 405 -27.65 41.45 -72.91
C ILE L 405 -28.91 42.19 -73.35
N VAL L 406 -30.07 41.79 -72.84
CA VAL L 406 -31.32 42.46 -73.18
C VAL L 406 -31.30 43.91 -72.68
N ALA L 407 -30.75 44.12 -71.49
CA ALA L 407 -30.67 45.48 -70.94
C ALA L 407 -29.74 46.36 -71.78
N SER L 408 -28.68 45.77 -72.35
CA SER L 408 -27.78 46.54 -73.20
C SER L 408 -28.31 46.67 -74.61
N THR L 409 -29.16 45.75 -75.05
CA THR L 409 -29.76 45.86 -76.39
C THR L 409 -30.69 47.05 -76.48
N GLU L 410 -31.54 47.23 -75.48
CA GLU L 410 -32.42 48.41 -75.45
C GLU L 410 -31.64 49.67 -75.10
N THR L 411 -30.50 49.52 -74.43
CA THR L 411 -29.69 50.69 -74.08
C THR L 411 -29.18 51.41 -75.33
N ALA L 412 -28.80 50.65 -76.36
CA ALA L 412 -28.32 51.26 -77.60
C ALA L 412 -29.40 52.12 -78.25
N ALA L 413 -30.67 51.74 -78.08
CA ALA L 413 -31.76 52.54 -78.60
C ALA L 413 -32.02 53.79 -77.76
N ALA L 414 -31.61 53.78 -76.49
CA ALA L 414 -31.79 54.95 -75.62
C ALA L 414 -30.58 55.87 -75.63
N MET L 415 -29.39 55.34 -75.91
CA MET L 415 -28.19 56.19 -75.97
C MET L 415 -28.20 57.11 -77.19
N MET L 416 -28.97 56.78 -78.22
CA MET L 416 -29.01 57.58 -79.44
C MET L 416 -30.21 58.51 -79.51
N LYS L 417 -31.15 58.39 -78.59
CA LYS L 417 -32.34 59.24 -78.61
C LYS L 417 -32.01 60.63 -78.09
N GLY L 418 -32.51 61.64 -78.79
CA GLY L 418 -32.28 63.02 -78.40
C GLY L 418 -31.01 63.59 -79.00
N ASN L 419 -30.73 64.84 -78.63
CA ASN L 419 -29.53 65.52 -79.12
C ASN L 419 -28.25 64.96 -78.51
N ALA L 420 -28.36 64.30 -77.36
CA ALA L 420 -27.17 63.70 -76.73
C ALA L 420 -26.64 62.51 -77.53
N GLY L 421 -27.51 61.82 -78.27
CA GLY L 421 -27.08 60.70 -79.08
C GLY L 421 -26.71 61.11 -80.49
N LYS L 422 -27.27 62.23 -80.95
CA LYS L 422 -26.94 62.71 -82.29
C LYS L 422 -25.52 63.26 -82.36
N ARG L 423 -24.96 63.67 -81.22
CA ARG L 423 -23.59 64.15 -81.21
C ARG L 423 -22.57 63.02 -81.30
N LEU L 424 -23.01 61.77 -81.09
CA LEU L 424 -22.12 60.62 -81.23
C LEU L 424 -22.13 60.06 -82.64
N ILE L 425 -23.28 60.06 -83.31
CA ILE L 425 -23.34 59.61 -84.68
C ILE L 425 -22.69 60.64 -85.61
N ASN L 426 -23.11 61.90 -85.49
CA ASN L 426 -22.51 62.95 -86.30
C ASN L 426 -21.08 63.26 -85.86
N GLY L 427 -20.76 63.01 -84.59
CA GLY L 427 -19.40 63.22 -84.13
C GLY L 427 -18.42 62.23 -84.72
N SER L 428 -18.85 60.97 -84.89
CA SER L 428 -17.99 59.97 -85.51
C SER L 428 -17.81 60.25 -87.00
N ILE L 429 -18.79 60.89 -87.64
CA ILE L 429 -18.65 61.24 -89.05
C ILE L 429 -17.68 62.39 -89.22
N GLU L 430 -17.74 63.39 -88.33
CA GLU L 430 -16.82 64.51 -88.40
C GLU L 430 -15.39 64.07 -88.12
N ARG L 431 -15.21 63.11 -87.21
CA ARG L 431 -13.87 62.58 -86.96
C ARG L 431 -13.38 61.71 -88.11
N ALA L 432 -14.30 61.11 -88.87
CA ALA L 432 -13.91 60.31 -90.02
C ALA L 432 -13.54 61.18 -91.21
N ILE L 433 -14.31 62.25 -91.46
CA ILE L 433 -13.99 63.16 -92.55
C ILE L 433 -12.69 63.90 -92.27
N LYS L 434 -12.45 64.25 -91.00
CA LYS L 434 -11.19 64.90 -90.64
C LYS L 434 -10.01 63.98 -90.88
N PHE L 435 -10.17 62.69 -90.61
CA PHE L 435 -9.10 61.73 -90.88
C PHE L 435 -8.88 61.55 -92.38
N ARG L 436 -9.94 61.71 -93.17
CA ARG L 436 -9.79 61.60 -94.63
C ARG L 436 -8.99 62.76 -95.20
N LYS L 437 -9.15 63.95 -94.62
CA LYS L 437 -8.41 65.12 -95.09
C LYS L 437 -6.96 65.10 -94.63
N GLU L 438 -6.67 64.41 -93.52
CA GLU L 438 -5.29 64.34 -93.04
C GLU L 438 -4.45 63.41 -93.89
N ILE L 439 -5.09 62.52 -94.66
CA ILE L 439 -4.33 61.62 -95.54
C ILE L 439 -3.92 62.35 -96.80
N LYS L 440 -4.84 63.11 -97.40
CA LYS L 440 -4.51 63.86 -98.61
C LYS L 440 -3.55 65.00 -98.31
N ARG L 441 -3.56 65.51 -97.09
CA ARG L 441 -2.63 66.58 -96.72
C ARG L 441 -1.22 66.07 -96.57
N LEU L 442 -1.06 64.85 -96.03
CA LEU L 442 0.24 64.23 -95.85
C LEU L 442 0.68 63.39 -97.03
N ARG L 443 0.00 63.53 -98.18
CA ARG L 443 0.36 62.79 -99.39
C ARG L 443 1.12 63.64 -100.39
N THR L 444 0.63 64.84 -100.69
CA THR L 444 1.32 65.71 -101.62
C THR L 444 2.53 66.37 -100.96
N GLU L 445 2.39 66.78 -99.70
CA GLU L 445 3.49 67.42 -99.00
C GLU L 445 4.62 66.45 -98.66
N SER L 446 4.34 65.14 -98.64
CA SER L 446 5.36 64.16 -98.34
C SER L 446 6.31 64.00 -99.53
N ASP L 447 7.46 63.39 -99.25
CA ASP L 447 8.49 63.14 -100.25
C ASP L 447 8.60 61.63 -100.47
N GLY L 448 7.72 61.11 -101.31
CA GLY L 448 7.69 59.71 -101.63
C GLY L 448 6.26 59.20 -101.68
N TRP L 449 6.12 57.89 -101.57
CA TRP L 449 4.81 57.27 -101.60
C TRP L 449 4.09 57.47 -100.27
N PHE L 450 2.76 57.39 -100.34
CA PHE L 450 1.94 57.55 -99.15
C PHE L 450 0.59 56.87 -99.39
N PHE L 451 -0.08 56.53 -98.30
CA PHE L 451 -1.36 55.84 -98.38
C PHE L 451 -2.42 56.73 -99.02
N ASP L 452 -3.42 56.09 -99.61
CA ASP L 452 -4.51 56.78 -100.29
C ASP L 452 -5.84 56.24 -99.79
N VAL L 453 -6.81 57.14 -99.62
CA VAL L 453 -8.14 56.78 -99.15
C VAL L 453 -9.05 56.60 -100.36
N TRP L 454 -9.79 55.50 -100.39
CA TRP L 454 -10.74 55.21 -101.47
C TRP L 454 -11.90 56.19 -101.36
N GLN L 455 -11.68 57.39 -101.89
CA GLN L 455 -12.64 58.47 -101.81
C GLN L 455 -12.52 59.33 -103.07
N PRO L 456 -13.56 60.07 -103.42
CA PRO L 456 -13.47 60.97 -104.57
C PRO L 456 -12.44 62.08 -104.34
N ASP L 457 -12.14 62.80 -105.42
CA ASP L 457 -11.15 63.87 -105.34
C ASP L 457 -11.68 65.07 -104.55
N HIS L 458 -13.00 65.24 -104.50
CA HIS L 458 -13.63 66.35 -103.78
C HIS L 458 -14.37 65.78 -102.58
N ILE L 459 -13.86 66.04 -101.38
CA ILE L 459 -14.47 65.56 -100.15
C ILE L 459 -14.80 66.74 -99.25
N ASP L 460 -15.05 67.90 -99.85
CA ASP L 460 -15.36 69.11 -99.10
C ASP L 460 -16.84 69.19 -98.75
N THR L 461 -17.39 68.10 -98.22
CA THR L 461 -18.78 68.05 -97.82
C THR L 461 -18.97 67.02 -96.73
N THR L 462 -20.12 67.07 -96.07
CA THR L 462 -20.48 66.16 -94.99
C THR L 462 -21.75 65.42 -95.40
N GLU L 463 -21.60 64.40 -96.23
CA GLU L 463 -22.70 63.59 -96.72
C GLU L 463 -22.13 62.32 -97.33
N CYS L 464 -23.00 61.52 -97.94
CA CYS L 464 -22.60 60.29 -98.60
C CYS L 464 -22.22 60.59 -100.04
N TRP L 465 -20.97 60.33 -100.38
CA TRP L 465 -20.47 60.61 -101.73
C TRP L 465 -21.05 59.61 -102.71
N PRO L 466 -21.82 60.05 -103.71
CA PRO L 466 -22.39 59.10 -104.68
C PRO L 466 -21.33 58.60 -105.64
N LEU L 467 -21.55 57.39 -106.15
CA LEU L 467 -20.64 56.77 -107.11
C LEU L 467 -21.17 57.06 -108.51
N ARG L 468 -20.66 58.13 -109.13
CA ARG L 468 -21.08 58.53 -110.45
C ARG L 468 -20.42 57.65 -111.51
N SER L 469 -20.71 57.95 -112.78
CA SER L 469 -20.14 57.21 -113.90
C SER L 469 -18.98 57.94 -114.56
N ASP L 470 -18.69 59.17 -114.15
CA ASP L 470 -17.58 59.95 -114.72
C ASP L 470 -16.44 60.11 -113.72
N SER L 471 -16.16 59.07 -112.94
CA SER L 471 -15.10 59.09 -111.95
C SER L 471 -14.20 57.86 -112.11
N THR L 472 -12.97 57.99 -111.62
CA THR L 472 -11.99 56.92 -111.70
C THR L 472 -11.51 56.44 -110.34
N TRP L 473 -12.04 56.98 -109.24
CA TRP L 473 -11.61 56.55 -107.92
C TRP L 473 -12.22 55.20 -107.53
N HIS L 474 -13.45 54.94 -107.97
CA HIS L 474 -14.14 53.70 -107.62
C HIS L 474 -13.78 52.55 -108.57
N GLY L 475 -13.63 52.85 -109.85
CA GLY L 475 -13.23 51.83 -110.81
C GLY L 475 -14.27 50.75 -111.06
N PHE L 476 -15.54 51.12 -111.12
CA PHE L 476 -16.63 50.18 -111.39
C PHE L 476 -17.25 50.56 -112.73
N LYS L 477 -16.92 49.79 -113.77
CA LYS L 477 -17.45 50.05 -115.09
C LYS L 477 -18.92 49.64 -115.18
N ASN L 478 -19.66 50.34 -116.04
CA ASN L 478 -21.09 50.11 -116.25
C ASN L 478 -21.86 50.23 -114.93
N ILE L 479 -21.53 51.24 -114.15
CA ILE L 479 -22.17 51.48 -112.86
C ILE L 479 -23.39 52.37 -113.08
N ASP L 480 -24.41 52.16 -112.25
CA ASP L 480 -25.64 52.93 -112.34
C ASP L 480 -25.55 54.16 -111.43
N ASN L 481 -25.96 55.30 -111.98
CA ASN L 481 -25.93 56.55 -111.23
C ASN L 481 -27.08 56.59 -110.22
N GLU L 482 -26.82 57.28 -109.10
CA GLU L 482 -27.80 57.43 -108.02
C GLU L 482 -28.25 56.06 -107.49
N HIS L 483 -27.27 55.24 -107.13
CA HIS L 483 -27.55 53.91 -106.60
C HIS L 483 -26.51 53.51 -105.55
N MET L 484 -25.24 53.54 -105.95
CA MET L 484 -24.14 53.19 -105.06
C MET L 484 -23.75 54.42 -104.23
N TYR L 485 -23.72 54.24 -102.91
CA TYR L 485 -23.35 55.30 -101.99
C TYR L 485 -22.05 54.95 -101.29
N LEU L 486 -21.57 55.87 -100.45
CA LEU L 486 -20.32 55.70 -99.72
C LEU L 486 -20.54 56.03 -98.26
N ASP L 487 -19.96 55.21 -97.38
CA ASP L 487 -20.06 55.43 -95.94
C ASP L 487 -18.86 56.23 -95.47
N PRO L 488 -19.05 57.45 -94.95
CA PRO L 488 -17.90 58.27 -94.56
C PRO L 488 -17.09 57.67 -93.42
N ILE L 489 -17.69 56.84 -92.58
CA ILE L 489 -16.99 56.27 -91.42
C ILE L 489 -16.32 54.96 -91.82
N LYS L 490 -16.33 54.64 -93.10
CA LYS L 490 -15.70 53.43 -93.62
C LYS L 490 -14.54 53.83 -94.52
N VAL L 491 -13.44 54.23 -93.89
CA VAL L 491 -12.24 54.64 -94.61
C VAL L 491 -11.50 53.39 -95.07
N THR L 492 -11.28 53.28 -96.38
CA THR L 492 -10.59 52.15 -96.99
C THR L 492 -9.26 52.65 -97.55
N LEU L 493 -8.17 52.34 -96.86
CA LEU L 493 -6.85 52.77 -97.29
C LEU L 493 -6.37 51.91 -98.45
N LEU L 494 -6.01 52.56 -99.55
CA LEU L 494 -5.53 51.87 -100.74
C LEU L 494 -4.01 51.99 -100.79
N THR L 495 -3.32 50.87 -100.53
CA THR L 495 -1.86 50.86 -100.56
C THR L 495 -1.37 50.93 -102.01
N PRO L 496 -0.26 51.64 -102.24
CA PRO L 496 0.28 51.74 -103.60
C PRO L 496 0.73 50.37 -104.12
N GLY L 497 0.59 50.18 -105.43
CA GLY L 497 0.96 48.93 -106.06
C GLY L 497 0.22 48.67 -107.35
N MET L 498 -0.91 49.36 -107.54
CA MET L 498 -1.72 49.20 -108.74
C MET L 498 -2.01 50.57 -109.33
N GLU L 499 -2.42 50.57 -110.60
CA GLU L 499 -2.73 51.80 -111.32
C GLU L 499 -4.22 52.10 -111.19
N LYS L 500 -4.69 53.13 -111.89
CA LYS L 500 -6.09 53.51 -111.87
C LYS L 500 -6.93 52.80 -112.92
N ASP L 501 -6.30 52.05 -113.83
CA ASP L 501 -7.01 51.33 -114.87
C ASP L 501 -7.28 49.86 -114.51
N GLY L 502 -6.69 49.36 -113.43
CA GLY L 502 -6.89 47.99 -113.02
C GLY L 502 -5.74 47.06 -113.29
N THR L 503 -4.61 47.56 -113.78
CA THR L 503 -3.45 46.74 -114.07
C THR L 503 -2.51 46.76 -112.86
N MET L 504 -1.26 46.36 -113.07
CA MET L 504 -0.26 46.34 -112.01
C MET L 504 0.80 47.40 -112.26
N SER L 505 1.65 47.59 -111.25
CA SER L 505 2.72 48.58 -111.34
C SER L 505 4.08 47.93 -111.12
N ASP L 506 5.09 48.73 -110.80
CA ASP L 506 6.44 48.24 -110.55
C ASP L 506 6.89 48.39 -109.11
N PHE L 507 6.41 49.42 -108.40
CA PHE L 507 6.78 49.66 -107.01
C PHE L 507 5.51 49.69 -106.17
N GLY L 508 5.47 48.86 -105.14
CA GLY L 508 4.30 48.81 -104.26
C GLY L 508 4.54 47.84 -103.13
N ILE L 509 3.73 48.00 -102.09
CA ILE L 509 3.78 47.16 -100.90
C ILE L 509 2.40 46.56 -100.68
N PRO L 510 2.28 45.24 -100.57
CA PRO L 510 0.97 44.63 -100.33
C PRO L 510 0.41 45.02 -98.97
N ALA L 511 -0.91 44.87 -98.84
CA ALA L 511 -1.60 45.22 -97.60
C ALA L 511 -1.43 44.15 -96.53
N SER L 512 -0.92 42.97 -96.86
CA SER L 512 -0.73 41.92 -95.86
C SER L 512 0.43 42.24 -94.93
N ILE L 513 1.45 42.93 -95.44
CA ILE L 513 2.59 43.29 -94.60
C ILE L 513 2.21 44.41 -93.63
N VAL L 514 1.42 45.37 -94.09
CA VAL L 514 0.99 46.47 -93.24
C VAL L 514 0.06 45.99 -92.13
N ALA L 515 -0.72 44.93 -92.41
CA ALA L 515 -1.66 44.42 -91.41
C ALA L 515 -0.93 43.88 -90.19
N LYS L 516 0.22 43.24 -90.38
CA LYS L 516 0.99 42.73 -89.26
C LYS L 516 1.83 43.80 -88.58
N TYR L 517 2.16 44.89 -89.29
CA TYR L 517 2.91 45.97 -88.67
C TYR L 517 2.06 46.75 -87.68
N LEU L 518 0.76 46.87 -87.96
CA LEU L 518 -0.15 47.57 -87.06
C LEU L 518 -0.48 46.74 -85.83
N ASP L 519 -0.30 45.42 -85.89
CA ASP L 519 -0.62 44.56 -84.75
C ASP L 519 0.35 44.74 -83.60
N GLU L 520 1.56 45.24 -83.86
CA GLU L 520 2.52 45.44 -82.79
C GLU L 520 2.09 46.53 -81.82
N HIS L 521 1.34 47.51 -82.31
CA HIS L 521 0.85 48.60 -81.48
C HIS L 521 -0.57 48.37 -80.95
N GLY L 522 -1.26 47.34 -81.43
CA GLY L 522 -2.60 47.04 -80.98
C GLY L 522 -3.67 47.47 -81.96
N ILE L 523 -3.38 47.33 -83.25
CA ILE L 523 -4.31 47.70 -84.31
C ILE L 523 -4.44 46.50 -85.25
N VAL L 524 -5.66 45.98 -85.38
CA VAL L 524 -5.96 44.84 -86.24
C VAL L 524 -6.81 45.32 -87.40
N VAL L 525 -6.35 45.05 -88.62
CA VAL L 525 -7.08 45.47 -89.81
C VAL L 525 -8.33 44.62 -89.96
N GLU L 526 -9.46 45.28 -90.23
CA GLU L 526 -10.71 44.56 -90.38
C GLU L 526 -10.73 43.70 -91.64
N LYS L 527 -10.22 44.23 -92.74
CA LYS L 527 -10.18 43.51 -94.00
C LYS L 527 -8.89 43.87 -94.73
N THR L 528 -8.05 42.86 -94.99
CA THR L 528 -6.80 43.06 -95.69
C THR L 528 -6.57 41.88 -96.64
N GLY L 529 -5.60 42.06 -97.54
CA GLY L 529 -5.27 41.04 -98.51
C GLY L 529 -4.58 41.59 -99.72
N PRO L 530 -5.36 42.00 -100.73
CA PRO L 530 -4.77 42.57 -101.96
C PRO L 530 -4.07 43.89 -101.71
N TYR L 531 -4.80 44.99 -101.84
CA TYR L 531 -4.25 46.34 -101.64
C TYR L 531 -5.28 47.24 -101.01
N ASN L 532 -5.93 46.76 -99.94
CA ASN L 532 -6.94 47.53 -99.24
C ASN L 532 -6.78 47.36 -97.73
N LEU L 533 -7.22 48.37 -96.99
CA LEU L 533 -7.15 48.38 -95.53
C LEU L 533 -8.46 48.97 -95.00
N LEU L 534 -9.34 48.10 -94.52
CA LEU L 534 -10.64 48.54 -94.02
C LEU L 534 -10.59 48.76 -92.51
N PHE L 535 -11.19 49.85 -92.06
CA PHE L 535 -11.25 50.19 -90.65
C PHE L 535 -12.69 50.57 -90.28
N LEU L 536 -12.98 50.49 -88.99
CA LEU L 536 -14.30 50.78 -88.46
C LEU L 536 -14.23 52.04 -87.61
N PHE L 537 -14.92 53.10 -88.02
CA PHE L 537 -14.94 54.35 -87.28
C PHE L 537 -16.32 54.61 -86.71
N SER L 538 -16.78 53.76 -85.80
CA SER L 538 -18.09 53.91 -85.18
C SER L 538 -18.02 54.85 -83.99
N ILE L 539 -18.97 54.72 -83.06
CA ILE L 539 -18.99 55.57 -81.88
C ILE L 539 -17.92 55.16 -80.87
N GLY L 540 -17.37 53.95 -80.98
CA GLY L 540 -16.34 53.52 -80.07
C GLY L 540 -14.97 54.12 -80.33
N ILE L 541 -14.77 54.72 -81.50
CA ILE L 541 -13.50 55.34 -81.84
C ILE L 541 -13.59 56.82 -81.51
N ASP L 542 -12.90 57.25 -80.46
CA ASP L 542 -12.90 58.63 -80.02
C ASP L 542 -11.76 59.38 -80.73
N LYS L 543 -11.41 60.56 -80.21
CA LYS L 543 -10.32 61.32 -80.81
C LYS L 543 -8.96 60.73 -80.50
N THR L 544 -8.86 59.89 -79.46
CA THR L 544 -7.58 59.25 -79.14
C THR L 544 -7.32 58.06 -80.05
N LYS L 545 -8.32 57.21 -80.25
CA LYS L 545 -8.16 56.03 -81.11
C LYS L 545 -8.05 56.40 -82.57
N ALA L 546 -8.53 57.59 -82.97
CA ALA L 546 -8.42 58.00 -84.36
C ALA L 546 -7.06 58.58 -84.69
N LEU L 547 -6.51 59.42 -83.80
CA LEU L 547 -5.20 60.00 -84.04
C LEU L 547 -4.08 58.99 -83.84
N SER L 548 -4.31 57.92 -83.09
CA SER L 548 -3.28 56.90 -82.90
C SER L 548 -3.07 56.08 -84.16
N LEU L 549 -4.05 56.04 -85.06
CA LEU L 549 -3.91 55.29 -86.30
C LEU L 549 -3.05 56.02 -87.30
N LEU L 550 -3.12 57.36 -87.32
CA LEU L 550 -2.31 58.13 -88.27
C LEU L 550 -0.83 58.08 -87.90
N ARG L 551 -0.52 58.05 -86.61
CA ARG L 551 0.88 58.01 -86.18
C ARG L 551 1.54 56.69 -86.56
N ALA L 552 0.79 55.58 -86.50
CA ALA L 552 1.36 54.29 -86.88
C ALA L 552 1.59 54.19 -88.38
N LEU L 553 0.80 54.91 -89.18
CA LEU L 553 0.99 54.90 -90.63
C LEU L 553 2.23 55.67 -91.04
N THR L 554 2.54 56.77 -90.33
CA THR L 554 3.74 57.53 -90.64
C THR L 554 5.00 56.79 -90.24
N ASP L 555 4.91 55.91 -89.24
CA ASP L 555 6.08 55.13 -88.82
C ASP L 555 6.43 54.04 -89.82
N PHE L 556 5.45 53.57 -90.61
CA PHE L 556 5.74 52.55 -91.61
C PHE L 556 6.53 53.12 -92.78
N LYS L 557 6.29 54.38 -93.13
CA LYS L 557 7.05 55.01 -94.21
C LYS L 557 8.48 55.29 -93.79
N ARG L 558 8.68 55.68 -92.51
CA ARG L 558 10.03 55.95 -92.02
C ARG L 558 10.85 54.67 -91.93
N ALA L 559 10.24 53.58 -91.48
CA ALA L 559 10.96 52.32 -91.35
C ALA L 559 11.23 51.67 -92.70
N PHE L 560 10.45 52.00 -93.73
CA PHE L 560 10.65 51.43 -95.05
C PHE L 560 11.62 52.24 -95.90
N ASP L 561 11.64 53.57 -95.74
CA ASP L 561 12.55 54.39 -96.52
C ASP L 561 13.99 54.24 -96.03
N LEU L 562 14.19 53.99 -94.74
CA LEU L 562 15.52 53.79 -94.19
C LEU L 562 16.04 52.37 -94.37
N ASN L 563 15.21 51.47 -94.91
CA ASN L 563 15.59 50.08 -95.15
C ASN L 563 16.07 49.41 -93.87
N LEU L 564 15.13 49.04 -93.01
CA LEU L 564 15.44 48.38 -91.75
C LEU L 564 15.29 46.87 -91.89
N ARG L 565 15.70 46.16 -90.84
CA ARG L 565 15.63 44.71 -90.83
C ARG L 565 14.27 44.24 -90.33
N VAL L 566 13.98 42.96 -90.59
CA VAL L 566 12.71 42.39 -90.15
C VAL L 566 12.71 42.15 -88.66
N LYS L 567 13.84 41.71 -88.10
CA LYS L 567 13.93 41.46 -86.67
C LYS L 567 13.78 42.74 -85.87
N ASN L 568 14.29 43.86 -86.40
CA ASN L 568 14.20 45.16 -85.73
C ASN L 568 12.97 45.96 -86.17
N MET L 569 11.88 45.28 -86.54
CA MET L 569 10.67 45.96 -86.99
C MET L 569 9.45 45.10 -86.75
N LEU L 570 9.54 43.80 -87.07
CA LEU L 570 8.43 42.85 -86.91
C LEU L 570 8.92 41.72 -86.01
N PRO L 571 8.84 41.88 -84.69
CA PRO L 571 9.27 40.80 -83.79
C PRO L 571 8.33 39.60 -83.79
N SER L 572 7.05 39.80 -84.11
CA SER L 572 6.12 38.67 -84.13
C SER L 572 6.37 37.76 -85.33
N LEU L 573 6.73 38.35 -86.48
CA LEU L 573 7.01 37.55 -87.66
C LEU L 573 8.36 36.86 -87.55
N TYR L 574 9.31 37.45 -86.83
CA TYR L 574 10.62 36.84 -86.68
C TYR L 574 10.58 35.58 -85.83
N ARG L 575 9.65 35.51 -84.88
CA ARG L 575 9.55 34.33 -84.00
C ARG L 575 8.94 33.14 -84.71
N GLU L 576 8.29 33.34 -85.87
CA GLU L 576 7.71 32.23 -86.60
C GLU L 576 8.77 31.38 -87.28
N ASP L 577 9.80 32.02 -87.83
CA ASP L 577 10.89 31.31 -88.51
C ASP L 577 12.14 32.17 -88.42
N PRO L 578 12.87 32.08 -87.30
CA PRO L 578 14.10 32.88 -87.17
C PRO L 578 15.20 32.50 -88.15
N GLU L 579 15.18 31.29 -88.68
CA GLU L 579 16.24 30.87 -89.60
C GLU L 579 16.06 31.50 -90.98
N PHE L 580 14.84 31.46 -91.51
CA PHE L 580 14.60 32.01 -92.84
C PHE L 580 14.59 33.53 -92.82
N TYR L 581 13.97 34.14 -91.82
CA TYR L 581 13.90 35.60 -91.70
C TYR L 581 15.09 36.17 -90.94
N GLU L 582 16.30 35.71 -91.24
CA GLU L 582 17.50 36.21 -90.56
C GLU L 582 18.08 37.40 -91.31
N ASN L 583 18.70 37.13 -92.46
CA ASN L 583 19.30 38.18 -93.29
C ASN L 583 18.31 38.77 -94.28
N MET L 584 17.13 39.19 -93.81
CA MET L 584 16.10 39.78 -94.65
C MET L 584 15.72 41.14 -94.12
N ARG L 585 15.53 42.10 -95.02
CA ARG L 585 15.16 43.47 -94.68
C ARG L 585 13.71 43.72 -95.09
N ILE L 586 13.23 44.93 -94.78
CA ILE L 586 11.85 45.26 -95.09
C ILE L 586 11.67 45.55 -96.58
N GLN L 587 12.74 45.94 -97.27
CA GLN L 587 12.63 46.20 -98.70
C GLN L 587 12.76 44.93 -99.53
N GLU L 588 13.50 43.94 -99.04
CA GLU L 588 13.63 42.68 -99.78
C GLU L 588 12.34 41.87 -99.73
N LEU L 589 11.63 41.91 -98.61
CA LEU L 589 10.38 41.17 -98.48
C LEU L 589 9.24 41.87 -99.23
N ALA L 590 9.28 43.19 -99.28
CA ALA L 590 8.20 43.94 -99.94
C ALA L 590 8.30 43.83 -101.46
N GLN L 591 9.50 43.60 -102.00
CA GLN L 591 9.66 43.51 -103.44
C GLN L 591 9.47 42.10 -103.96
N ASN L 592 9.82 41.09 -103.15
CA ASN L 592 9.68 39.71 -103.60
C ASN L 592 8.22 39.30 -103.68
N ILE L 593 7.39 39.80 -102.76
CA ILE L 593 5.97 39.46 -102.77
C ILE L 593 5.26 40.17 -103.92
N HIS L 594 5.67 41.41 -104.23
CA HIS L 594 5.04 42.15 -105.32
C HIS L 594 5.29 41.49 -106.67
N LYS L 595 6.45 40.84 -106.84
CA LYS L 595 6.73 40.17 -108.10
C LYS L 595 5.92 38.89 -108.24
N LEU L 596 5.57 38.25 -107.13
CA LEU L 596 4.77 37.03 -107.19
C LEU L 596 3.33 37.33 -107.59
N ILE L 597 2.83 38.51 -107.24
CA ILE L 597 1.47 38.88 -107.62
C ILE L 597 1.39 39.14 -109.12
N VAL L 598 2.41 39.79 -109.67
CA VAL L 598 2.42 40.07 -111.11
C VAL L 598 2.66 38.79 -111.90
N HIS L 599 3.52 37.91 -111.39
CA HIS L 599 3.82 36.66 -112.09
C HIS L 599 2.60 35.75 -112.13
N HIS L 600 1.99 35.49 -110.96
CA HIS L 600 0.80 34.65 -110.90
C HIS L 600 -0.45 35.34 -111.40
N ASN L 601 -0.40 36.67 -111.60
CA ASN L 601 -1.53 37.44 -112.10
C ASN L 601 -2.75 37.27 -111.20
N LEU L 602 -2.79 38.00 -110.08
CA LEU L 602 -3.86 37.88 -109.10
C LEU L 602 -5.12 38.65 -109.51
N PRO L 603 -5.03 39.91 -109.94
CA PRO L 603 -6.26 40.65 -110.27
C PRO L 603 -7.06 40.03 -111.41
N ASP L 604 -6.41 39.31 -112.33
CA ASP L 604 -7.13 38.70 -113.44
C ASP L 604 -7.75 37.37 -113.05
N LEU L 605 -7.05 36.57 -112.24
CA LEU L 605 -7.58 35.28 -111.82
C LEU L 605 -8.61 35.43 -110.70
N MET L 606 -8.83 36.65 -110.20
CA MET L 606 -9.82 36.88 -109.17
C MET L 606 -11.08 37.57 -109.71
N TYR L 607 -10.91 38.47 -110.68
CA TYR L 607 -12.06 39.16 -111.26
C TYR L 607 -12.86 38.22 -112.15
N ARG L 608 -12.18 37.42 -112.96
CA ARG L 608 -12.89 36.50 -113.85
C ARG L 608 -13.46 35.31 -113.10
N ALA L 609 -12.88 34.96 -111.95
CA ALA L 609 -13.39 33.83 -111.18
C ALA L 609 -14.67 34.20 -110.45
N PHE L 610 -14.75 35.42 -109.91
CA PHE L 610 -15.95 35.84 -109.20
C PHE L 610 -17.08 36.23 -110.14
N GLU L 611 -16.78 36.52 -111.41
CA GLU L 611 -17.82 36.90 -112.36
CA GLU L 611 -17.82 36.90 -112.36
C GLU L 611 -18.67 35.69 -112.75
N VAL L 612 -18.03 34.62 -113.21
CA VAL L 612 -18.76 33.42 -113.60
C VAL L 612 -19.24 32.67 -112.37
N LEU L 613 -20.31 31.90 -112.54
CA LEU L 613 -20.90 31.12 -111.46
C LEU L 613 -20.95 29.65 -111.84
N PRO L 614 -20.56 28.76 -110.94
CA PRO L 614 -20.62 27.32 -111.24
C PRO L 614 -22.05 26.86 -111.47
N THR L 615 -22.18 25.75 -112.19
CA THR L 615 -23.49 25.18 -112.51
C THR L 615 -24.10 24.56 -111.26
N MET L 616 -25.18 25.14 -110.77
CA MET L 616 -25.87 24.63 -109.59
C MET L 616 -26.75 23.46 -110.00
N VAL L 617 -26.37 22.25 -109.59
CA VAL L 617 -27.13 21.06 -109.96
C VAL L 617 -28.39 20.94 -109.11
N MET L 618 -28.22 20.83 -107.80
CA MET L 618 -29.33 20.68 -106.88
C MET L 618 -29.35 21.85 -105.90
N THR L 619 -30.42 21.90 -105.10
CA THR L 619 -30.57 22.95 -104.12
C THR L 619 -29.61 22.73 -102.96
N PRO L 620 -29.20 23.81 -102.28
CA PRO L 620 -28.30 23.64 -101.12
C PRO L 620 -28.89 22.79 -100.01
N TYR L 621 -30.22 22.69 -99.91
CA TYR L 621 -30.82 21.84 -98.89
C TYR L 621 -30.62 20.37 -99.19
N ALA L 622 -30.61 19.99 -100.47
CA ALA L 622 -30.41 18.60 -100.84
C ALA L 622 -28.97 18.14 -100.67
N ALA L 623 -28.00 19.06 -100.70
CA ALA L 623 -26.61 18.68 -100.52
C ALA L 623 -26.32 18.28 -99.07
N PHE L 624 -27.01 18.90 -98.12
CA PHE L 624 -26.82 18.55 -96.71
C PHE L 624 -27.45 17.22 -96.35
N GLN L 625 -28.47 16.78 -97.10
CA GLN L 625 -29.11 15.50 -96.80
C GLN L 625 -28.18 14.34 -97.14
N LYS L 626 -27.39 14.47 -98.21
CA LYS L 626 -26.47 13.41 -98.59
C LYS L 626 -25.27 13.32 -97.65
N GLU L 627 -24.94 14.41 -96.95
CA GLU L 627 -23.82 14.39 -96.02
C GLU L 627 -24.15 13.62 -94.74
N LEU L 628 -25.40 13.69 -94.29
CA LEU L 628 -25.77 12.99 -93.06
C LEU L 628 -25.78 11.48 -93.26
N HIS L 629 -26.03 11.01 -94.48
CA HIS L 629 -26.04 9.57 -94.75
C HIS L 629 -24.66 8.97 -94.91
N GLY L 630 -23.61 9.80 -94.97
CA GLY L 630 -22.26 9.30 -95.11
C GLY L 630 -21.78 9.13 -96.53
N MET L 631 -22.34 9.85 -97.48
CA MET L 631 -21.94 9.75 -98.90
C MET L 631 -20.98 10.87 -99.28
N THR L 632 -19.97 11.10 -98.44
CA THR L 632 -18.98 12.13 -98.68
C THR L 632 -17.60 11.50 -98.80
N GLU L 633 -16.71 12.19 -99.53
CA GLU L 633 -15.36 11.71 -99.72
C GLU L 633 -14.44 12.90 -99.91
N GLU L 634 -13.15 12.70 -99.63
CA GLU L 634 -12.13 13.73 -99.75
C GLU L 634 -11.29 13.46 -100.99
N VAL L 635 -11.30 14.41 -101.92
CA VAL L 635 -10.54 14.31 -103.15
C VAL L 635 -9.54 15.45 -103.21
N TYR L 636 -8.64 15.38 -104.20
CA TYR L 636 -7.63 16.42 -104.37
C TYR L 636 -8.23 17.66 -105.00
N LEU L 637 -7.46 18.76 -104.94
CA LEU L 637 -7.92 20.01 -105.52
C LEU L 637 -7.79 20.00 -107.05
N ASP L 638 -6.79 19.30 -107.57
CA ASP L 638 -6.59 19.23 -109.01
C ASP L 638 -7.50 18.23 -109.70
N GLU L 639 -8.19 17.38 -108.93
CA GLU L 639 -9.09 16.36 -109.47
C GLU L 639 -10.48 16.58 -108.87
N MET L 640 -11.22 17.51 -109.47
CA MET L 640 -12.56 17.81 -108.96
C MET L 640 -13.48 18.41 -110.02
N VAL L 641 -13.12 18.39 -111.30
CA VAL L 641 -13.97 18.96 -112.33
C VAL L 641 -15.14 18.00 -112.58
N GLY L 642 -16.36 18.50 -112.38
CA GLY L 642 -17.55 17.69 -112.57
C GLY L 642 -18.10 17.03 -111.33
N ARG L 643 -17.73 17.52 -110.14
CA ARG L 643 -18.18 16.95 -108.89
C ARG L 643 -18.97 18.00 -108.11
N ILE L 644 -19.79 17.53 -107.17
CA ILE L 644 -20.62 18.38 -106.33
C ILE L 644 -19.93 18.53 -104.97
N ASN L 645 -19.61 19.76 -104.59
CA ASN L 645 -18.97 20.02 -103.32
C ASN L 645 -19.97 19.87 -102.17
N ALA L 646 -19.43 19.75 -100.96
CA ALA L 646 -20.24 19.61 -99.76
C ALA L 646 -20.22 20.81 -98.84
N ASN L 647 -19.13 21.60 -98.87
CA ASN L 647 -18.99 22.77 -98.02
C ASN L 647 -18.83 24.02 -98.90
N MET L 648 -18.86 25.18 -98.25
CA MET L 648 -18.72 26.46 -98.93
C MET L 648 -17.28 26.92 -98.88
N ILE L 649 -16.75 27.30 -100.04
CA ILE L 649 -15.37 27.76 -100.16
C ILE L 649 -15.33 29.24 -99.80
N LEU L 650 -14.48 29.59 -98.84
CA LEU L 650 -14.32 30.97 -98.37
C LEU L 650 -12.83 31.30 -98.35
N PRO L 651 -12.27 31.68 -99.50
CA PRO L 651 -10.83 31.95 -99.55
C PRO L 651 -10.48 33.32 -99.00
N TYR L 652 -9.35 33.38 -98.30
CA TYR L 652 -8.82 34.62 -97.75
C TYR L 652 -7.47 34.90 -98.38
N PRO L 653 -7.28 36.00 -99.13
CA PRO L 653 -8.27 37.03 -99.45
C PRO L 653 -9.18 36.60 -100.62
N PRO L 654 -10.33 37.27 -100.80
CA PRO L 654 -10.88 38.36 -99.98
C PRO L 654 -11.62 37.85 -98.73
N GLY L 655 -12.95 37.81 -98.81
CA GLY L 655 -13.75 37.34 -97.69
C GLY L 655 -15.17 37.00 -98.11
N VAL L 656 -15.37 36.74 -99.40
CA VAL L 656 -16.68 36.42 -99.94
C VAL L 656 -16.70 34.97 -100.38
N PRO L 657 -17.86 34.31 -100.37
CA PRO L 657 -17.92 32.90 -100.80
C PRO L 657 -17.57 32.76 -102.28
N LEU L 658 -17.12 31.55 -102.64
CA LEU L 658 -16.75 31.24 -104.01
C LEU L 658 -17.68 30.19 -104.62
N VAL L 659 -17.75 29.00 -104.04
CA VAL L 659 -18.60 27.92 -104.54
C VAL L 659 -19.59 27.56 -103.44
N MET L 660 -20.87 27.62 -103.76
CA MET L 660 -21.91 27.29 -102.79
C MET L 660 -22.07 25.78 -102.67
N PRO L 661 -22.40 25.29 -101.46
CA PRO L 661 -22.59 23.84 -101.29
C PRO L 661 -23.73 23.30 -102.12
N GLY L 662 -23.41 22.59 -103.20
CA GLY L 662 -24.42 22.02 -104.07
C GLY L 662 -24.23 22.38 -105.53
N GLU L 663 -23.09 23.00 -105.84
CA GLU L 663 -22.77 23.42 -107.20
C GLU L 663 -21.75 22.47 -107.82
N MET L 664 -21.58 22.60 -109.13
CA MET L 664 -20.66 21.76 -109.89
C MET L 664 -19.80 22.65 -110.77
N ILE L 665 -18.51 22.33 -110.84
CA ILE L 665 -17.57 23.08 -111.68
C ILE L 665 -17.49 22.36 -113.03
N THR L 666 -18.05 22.99 -114.06
CA THR L 666 -18.07 22.46 -115.41
C THR L 666 -17.06 23.23 -116.27
N GLU L 667 -17.36 23.43 -117.54
CA GLU L 667 -16.44 24.15 -118.41
C GLU L 667 -16.69 25.66 -118.37
N GLU L 668 -17.82 26.08 -117.80
CA GLU L 668 -18.13 27.51 -117.72
C GLU L 668 -17.36 28.18 -116.58
N SER L 669 -17.26 27.51 -115.44
CA SER L 669 -16.56 28.05 -114.27
C SER L 669 -15.11 27.58 -114.22
N ARG L 670 -14.40 27.74 -115.34
CA ARG L 670 -13.00 27.35 -115.42
C ARG L 670 -12.10 28.29 -114.60
N PRO L 671 -12.26 29.62 -114.68
CA PRO L 671 -11.42 30.48 -113.83
C PRO L 671 -11.67 30.31 -112.34
N VAL L 672 -12.79 29.70 -111.95
CA VAL L 672 -13.06 29.48 -110.53
C VAL L 672 -12.05 28.50 -109.94
N LEU L 673 -11.76 27.42 -110.66
CA LEU L 673 -10.78 26.45 -110.18
C LEU L 673 -9.37 27.01 -110.22
N GLU L 674 -9.08 27.89 -111.19
CA GLU L 674 -7.74 28.46 -111.28
C GLU L 674 -7.45 29.41 -110.13
N PHE L 675 -8.49 29.99 -109.52
CA PHE L 675 -8.27 30.88 -108.38
C PHE L 675 -7.84 30.11 -107.13
N LEU L 676 -8.30 28.87 -106.98
CA LEU L 676 -7.91 28.06 -105.83
C LEU L 676 -6.50 27.53 -105.96
N GLN L 677 -6.10 27.15 -107.18
CA GLN L 677 -4.75 26.63 -107.40
C GLN L 677 -3.69 27.72 -107.36
N MET L 678 -4.07 28.98 -107.62
CA MET L 678 -3.09 30.06 -107.58
C MET L 678 -2.73 30.43 -106.15
N LEU L 679 -3.69 30.36 -105.23
CA LEU L 679 -3.42 30.70 -103.84
C LEU L 679 -2.57 29.64 -103.16
N CYS L 680 -2.63 28.39 -103.63
CA CYS L 680 -1.85 27.33 -103.03
C CYS L 680 -0.37 27.43 -103.37
N GLU L 681 -0.02 28.15 -104.43
CA GLU L 681 1.37 28.32 -104.83
C GLU L 681 1.99 29.58 -104.24
N ILE L 682 1.25 30.69 -104.23
CA ILE L 682 1.77 31.94 -103.69
C ILE L 682 1.86 31.90 -102.18
N GLY L 683 1.06 31.04 -101.53
CA GLY L 683 1.09 30.96 -100.08
C GLY L 683 1.80 29.71 -99.57
N ALA L 684 3.06 29.54 -99.97
CA ALA L 684 3.84 28.39 -99.55
C ALA L 684 5.34 28.70 -99.58
N HIS L 685 5.71 29.76 -100.29
CA HIS L 685 7.13 30.14 -100.38
C HIS L 685 7.60 30.83 -99.10
N TYR L 686 6.88 31.87 -98.68
CA TYR L 686 7.26 32.63 -97.49
C TYR L 686 6.33 32.31 -96.33
N PRO L 687 6.87 31.98 -95.16
CA PRO L 687 6.01 31.68 -94.01
C PRO L 687 5.21 32.91 -93.58
N GLY L 688 4.15 32.65 -92.82
CA GLY L 688 3.27 33.68 -92.32
C GLY L 688 2.13 34.04 -93.26
N PHE L 689 2.36 34.00 -94.57
CA PHE L 689 1.31 34.32 -95.54
C PHE L 689 0.80 33.06 -96.20
N GLU L 690 0.40 32.08 -95.40
CA GLU L 690 -0.10 30.83 -95.93
C GLU L 690 -1.51 31.01 -96.49
N THR L 691 -1.95 30.01 -97.25
CA THR L 691 -3.27 30.04 -97.87
C THR L 691 -4.34 29.75 -96.81
N ASP L 692 -5.34 30.63 -96.74
CA ASP L 692 -6.42 30.52 -95.77
C ASP L 692 -7.73 30.35 -96.53
N ILE L 693 -8.19 29.10 -96.65
CA ILE L 693 -9.45 28.79 -97.31
C ILE L 693 -10.27 27.93 -96.36
N HIS L 694 -11.42 28.45 -95.92
CA HIS L 694 -12.30 27.73 -95.01
C HIS L 694 -13.01 26.63 -95.81
N GLY L 695 -12.35 25.48 -95.90
CA GLY L 695 -12.89 24.36 -96.64
C GLY L 695 -11.81 23.46 -97.22
N ALA L 696 -10.59 23.99 -97.32
CA ALA L 696 -9.45 23.25 -97.85
C ALA L 696 -8.58 22.78 -96.69
N TYR L 697 -8.46 21.47 -96.54
CA TYR L 697 -7.66 20.88 -95.47
C TYR L 697 -6.22 20.71 -95.93
N ARG L 698 -5.29 21.05 -95.05
CA ARG L 698 -3.87 20.94 -95.38
C ARG L 698 -3.36 19.54 -95.04
N GLN L 699 -2.66 18.92 -95.99
CA GLN L 699 -2.12 17.58 -95.79
C GLN L 699 -0.66 17.65 -95.37
N ALA L 700 0.12 16.65 -95.76
CA ALA L 700 1.54 16.58 -95.41
C ALA L 700 2.45 16.79 -96.61
N ASP L 701 1.90 17.14 -97.78
CA ASP L 701 2.70 17.36 -98.97
C ASP L 701 2.55 18.76 -99.56
N GLY L 702 1.46 19.46 -99.29
CA GLY L 702 1.26 20.80 -99.82
C GLY L 702 -0.04 20.96 -100.56
N ARG L 703 -0.52 19.88 -101.18
CA ARG L 703 -1.77 19.91 -101.93
C ARG L 703 -2.95 19.85 -100.96
N TYR L 704 -3.92 20.74 -101.15
CA TYR L 704 -5.10 20.80 -100.30
C TYR L 704 -6.17 19.85 -100.83
N THR L 705 -7.05 19.41 -99.93
CA THR L 705 -8.14 18.50 -100.27
C THR L 705 -9.47 19.16 -99.96
N VAL L 706 -10.48 18.83 -100.77
CA VAL L 706 -11.82 19.36 -100.61
C VAL L 706 -12.76 18.22 -100.26
N LYS L 707 -13.95 18.58 -99.80
CA LYS L 707 -14.99 17.64 -99.40
C LYS L 707 -16.09 17.65 -100.45
N VAL L 708 -16.21 16.55 -101.20
CA VAL L 708 -17.23 16.43 -102.23
C VAL L 708 -18.20 15.32 -101.88
N LEU L 709 -19.11 15.00 -102.78
CA LEU L 709 -20.10 13.95 -102.57
C LEU L 709 -19.79 12.75 -103.46
N LYS L 710 -20.21 11.58 -103.00
CA LYS L 710 -19.98 10.35 -103.74
C LYS L 710 -20.89 10.28 -104.96
N GLU L 711 -20.35 9.71 -106.04
CA GLU L 711 -21.10 9.57 -107.28
C GLU L 711 -22.07 8.41 -107.22
N MET M 1 -30.39 81.74 -35.22
CA MET M 1 -30.01 83.11 -34.91
C MET M 1 -28.64 83.15 -34.24
N ASN M 2 -27.59 83.16 -35.06
CA ASN M 2 -26.22 83.18 -34.55
C ASN M 2 -25.24 83.65 -35.63
N VAL M 3 -25.62 84.67 -36.38
CA VAL M 3 -24.80 85.22 -37.46
C VAL M 3 -24.30 86.58 -37.03
N ILE M 4 -22.97 86.75 -37.05
CA ILE M 4 -22.33 88.00 -36.68
C ILE M 4 -21.58 88.53 -37.90
N ALA M 5 -21.85 89.78 -38.27
CA ALA M 5 -21.26 90.39 -39.44
C ALA M 5 -20.14 91.35 -39.03
N ILE M 6 -19.04 91.32 -39.77
CA ILE M 6 -17.88 92.18 -39.53
C ILE M 6 -17.58 92.87 -40.86
N LEU M 7 -17.92 94.16 -40.96
CA LEU M 7 -17.78 94.93 -42.18
C LEU M 7 -16.59 95.87 -42.09
N ASN M 8 -15.97 96.11 -43.25
CA ASN M 8 -14.90 97.10 -43.42
C ASN M 8 -13.60 96.71 -42.73
N HIS M 9 -12.51 96.70 -43.48
CA HIS M 9 -11.18 96.43 -42.95
C HIS M 9 -10.40 97.74 -42.95
N MET M 10 -10.03 98.21 -41.76
CA MET M 10 -9.34 99.49 -41.64
C MET M 10 -7.90 99.41 -42.12
N GLY M 11 -7.35 98.21 -42.31
CA GLY M 11 -6.00 98.03 -42.77
C GLY M 11 -4.94 98.11 -41.69
N VAL M 12 -5.25 98.73 -40.56
CA VAL M 12 -4.31 98.85 -39.45
C VAL M 12 -4.27 97.54 -38.69
N TYR M 13 -3.42 97.48 -37.65
CA TYR M 13 -3.28 96.26 -36.87
C TYR M 13 -3.93 96.35 -35.50
N PHE M 14 -4.04 97.55 -34.91
CA PHE M 14 -4.66 97.69 -33.61
C PHE M 14 -6.17 97.57 -33.66
N LYS M 15 -6.76 97.49 -34.85
CA LYS M 15 -8.20 97.27 -35.00
C LYS M 15 -8.55 95.90 -35.54
N GLU M 16 -7.70 95.31 -36.38
CA GLU M 16 -7.97 93.98 -36.92
C GLU M 16 -7.57 92.86 -35.96
N GLU M 17 -6.67 93.12 -35.03
CA GLU M 17 -6.26 92.12 -34.06
C GLU M 17 -7.38 91.78 -33.08
N PRO M 18 -8.12 92.76 -32.54
CA PRO M 18 -9.28 92.40 -31.72
C PRO M 18 -10.36 91.67 -32.50
N ILE M 19 -10.41 91.86 -33.82
CA ILE M 19 -11.38 91.12 -34.63
C ILE M 19 -11.01 89.65 -34.70
N ARG M 20 -9.73 89.35 -34.87
CA ARG M 20 -9.29 87.96 -34.90
C ARG M 20 -9.39 87.30 -33.53
N GLU M 21 -9.17 88.06 -32.46
CA GLU M 21 -9.31 87.51 -31.11
C GLU M 21 -10.78 87.22 -30.80
N LEU M 22 -11.68 88.09 -31.28
CA LEU M 22 -13.11 87.86 -31.07
C LEU M 22 -13.63 86.74 -31.97
N HIS M 23 -12.96 86.46 -33.08
CA HIS M 23 -13.39 85.38 -33.97
C HIS M 23 -13.28 84.02 -33.28
N ARG M 24 -12.26 83.85 -32.44
CA ARG M 24 -12.06 82.59 -31.73
C ARG M 24 -12.90 82.50 -30.46
N ALA M 25 -13.46 83.61 -29.99
CA ALA M 25 -14.26 83.59 -28.77
C ALA M 25 -15.75 83.42 -29.04
N LEU M 26 -16.25 83.95 -30.16
CA LEU M 26 -17.67 83.82 -30.48
C LEU M 26 -18.02 82.41 -30.95
N GLU M 27 -17.05 81.68 -31.51
CA GLU M 27 -17.32 80.33 -31.97
C GLU M 27 -17.49 79.35 -30.82
N ARG M 28 -17.02 79.70 -29.61
CA ARG M 28 -17.18 78.81 -28.47
C ARG M 28 -18.61 78.79 -27.96
N LEU M 29 -19.43 79.77 -28.32
CA LEU M 29 -20.82 79.85 -27.91
C LEU M 29 -21.77 79.66 -29.08
N ASN M 30 -21.32 78.93 -30.11
CA ASN M 30 -22.12 78.65 -31.31
C ASN M 30 -22.57 79.93 -32.00
N PHE M 31 -21.69 80.54 -32.78
CA PHE M 31 -22.01 81.73 -33.54
C PHE M 31 -21.27 81.70 -34.87
N GLN M 32 -21.99 81.94 -35.96
CA GLN M 32 -21.41 81.97 -37.29
C GLN M 32 -20.86 83.36 -37.58
N ILE M 33 -19.65 83.41 -38.15
CA ILE M 33 -18.97 84.66 -38.46
C ILE M 33 -18.92 84.83 -39.96
N VAL M 34 -19.38 85.98 -40.45
CA VAL M 34 -19.36 86.30 -41.87
C VAL M 34 -18.58 87.59 -42.07
N TYR M 35 -18.08 87.79 -43.29
CA TYR M 35 -17.27 88.96 -43.63
C TYR M 35 -17.77 89.53 -44.96
N PRO M 36 -18.67 90.52 -44.92
CA PRO M 36 -19.14 91.15 -46.15
C PRO M 36 -18.05 92.01 -46.77
N ASN M 37 -18.33 92.46 -48.00
CA ASN M 37 -17.36 93.24 -48.76
C ASN M 37 -17.58 94.75 -48.57
N ASP M 38 -18.37 95.35 -49.45
CA ASP M 38 -18.59 96.79 -49.43
C ASP M 38 -19.88 97.10 -48.66
N ARG M 39 -20.43 98.30 -48.86
CA ARG M 39 -21.65 98.69 -48.15
C ARG M 39 -22.86 97.93 -48.68
N ASP M 40 -22.92 97.70 -49.99
CA ASP M 40 -24.03 96.98 -50.58
C ASP M 40 -24.02 95.50 -50.20
N ASP M 41 -22.89 94.99 -49.73
CA ASP M 41 -22.82 93.58 -49.33
C ASP M 41 -23.54 93.36 -48.00
N LEU M 42 -23.41 94.30 -47.07
CA LEU M 42 -24.09 94.17 -45.79
C LEU M 42 -25.61 94.28 -45.94
N LEU M 43 -26.08 95.08 -46.90
CA LEU M 43 -27.51 95.23 -47.09
C LEU M 43 -28.15 93.95 -47.60
N LYS M 44 -27.39 93.11 -48.30
CA LYS M 44 -27.91 91.85 -48.81
C LYS M 44 -27.89 90.74 -47.78
N LEU M 45 -27.30 90.98 -46.61
CA LEU M 45 -27.22 89.99 -45.54
C LEU M 45 -28.32 90.15 -44.50
N ILE M 46 -29.28 91.03 -44.74
CA ILE M 46 -30.38 91.30 -43.81
C ILE M 46 -31.72 90.91 -44.42
N GLU M 47 -31.99 91.36 -45.65
CA GLU M 47 -33.26 91.03 -46.29
C GLU M 47 -33.31 89.56 -46.70
N ASN M 48 -32.20 89.02 -47.20
CA ASN M 48 -32.16 87.62 -47.60
C ASN M 48 -31.88 86.70 -46.42
N ASN M 49 -31.00 87.12 -45.51
CA ASN M 49 -30.62 86.35 -44.34
C ASN M 49 -31.31 86.95 -43.12
N ALA M 50 -32.29 86.25 -42.58
CA ALA M 50 -33.04 86.72 -41.43
C ALA M 50 -32.49 86.19 -40.10
N ARG M 51 -31.47 85.35 -40.14
CA ARG M 51 -30.87 84.78 -38.92
C ARG M 51 -29.67 85.59 -38.44
N LEU M 52 -29.61 86.87 -38.77
CA LEU M 52 -28.51 87.73 -38.36
C LEU M 52 -28.92 88.57 -37.17
N CYS M 53 -27.99 88.77 -36.22
CA CYS M 53 -28.29 89.57 -35.03
C CYS M 53 -27.10 90.39 -34.56
N GLY M 54 -26.04 90.51 -35.35
CA GLY M 54 -24.88 91.28 -34.95
C GLY M 54 -24.10 91.86 -36.13
N VAL M 55 -23.90 93.17 -36.12
CA VAL M 55 -23.18 93.87 -37.17
C VAL M 55 -22.03 94.64 -36.52
N ILE M 56 -20.80 94.33 -36.93
CA ILE M 56 -19.61 94.98 -36.41
C ILE M 56 -19.00 95.81 -37.53
N PHE M 57 -18.88 97.12 -37.29
CA PHE M 57 -18.32 98.03 -38.27
C PHE M 57 -17.69 99.21 -37.54
N ASP M 58 -16.82 99.92 -38.26
CA ASP M 58 -16.14 101.08 -37.69
C ASP M 58 -17.09 102.28 -37.65
N TRP M 59 -17.14 102.94 -36.50
CA TRP M 59 -18.02 104.11 -36.36
C TRP M 59 -17.49 105.31 -37.10
N ASP M 60 -16.16 105.44 -37.20
CA ASP M 60 -15.53 106.57 -37.89
C ASP M 60 -15.20 106.23 -39.34
N LYS M 61 -16.18 105.66 -40.05
CA LYS M 61 -15.99 105.30 -41.44
C LYS M 61 -17.30 105.39 -42.20
N TYR M 62 -18.38 104.84 -41.62
CA TYR M 62 -19.72 104.90 -42.20
C TYR M 62 -20.72 105.15 -41.07
N ASN M 63 -20.76 106.37 -40.57
CA ASN M 63 -21.67 106.76 -39.50
C ASN M 63 -23.04 107.19 -40.01
N LEU M 64 -23.18 107.46 -41.30
CA LEU M 64 -24.45 107.88 -41.88
C LEU M 64 -24.97 106.96 -42.98
N GLU M 65 -24.11 106.17 -43.61
CA GLU M 65 -24.53 105.28 -44.69
C GLU M 65 -25.11 103.96 -44.19
N LEU M 66 -24.77 103.56 -42.97
CA LEU M 66 -25.26 102.30 -42.41
C LEU M 66 -26.34 102.47 -41.36
N CYS M 67 -26.33 103.59 -40.63
CA CYS M 67 -27.32 103.82 -39.58
C CYS M 67 -28.67 104.27 -40.11
N GLU M 68 -28.84 104.38 -41.43
CA GLU M 68 -30.09 104.79 -42.04
C GLU M 68 -30.78 103.70 -42.82
N GLU M 69 -30.02 102.94 -43.63
CA GLU M 69 -30.63 101.87 -44.42
C GLU M 69 -31.01 100.67 -43.54
N ILE M 70 -30.25 100.40 -42.49
CA ILE M 70 -30.57 99.28 -41.61
C ILE M 70 -31.80 99.61 -40.76
N SER M 71 -31.95 100.86 -40.33
CA SER M 71 -33.08 101.25 -39.51
C SER M 71 -34.40 101.15 -40.28
N LYS M 72 -34.34 101.26 -41.61
CA LYS M 72 -35.55 101.16 -42.42
C LYS M 72 -36.08 99.74 -42.49
N MET M 73 -35.24 98.74 -42.19
CA MET M 73 -35.67 97.35 -42.21
C MET M 73 -35.96 96.86 -40.79
N ASN M 74 -34.92 96.56 -40.04
CA ASN M 74 -35.03 96.10 -38.65
C ASN M 74 -34.59 97.22 -37.73
N GLU M 75 -35.47 97.63 -36.81
CA GLU M 75 -35.14 98.70 -35.88
C GLU M 75 -34.46 98.18 -34.62
N ASN M 76 -34.89 97.02 -34.13
CA ASN M 76 -34.32 96.43 -32.92
C ASN M 76 -33.05 95.64 -33.18
N LEU M 77 -32.51 95.70 -34.39
CA LEU M 77 -31.30 94.94 -34.71
C LEU M 77 -30.11 95.53 -33.98
N PRO M 78 -29.40 94.76 -33.15
CA PRO M 78 -28.23 95.32 -32.45
C PRO M 78 -27.11 95.67 -33.42
N LEU M 79 -26.42 96.76 -33.12
CA LEU M 79 -25.30 97.25 -33.93
C LEU M 79 -24.07 97.35 -33.04
N TYR M 80 -23.09 96.49 -33.28
CA TYR M 80 -21.86 96.47 -32.49
C TYR M 80 -20.81 97.38 -33.13
N ALA M 81 -21.16 98.66 -33.23
CA ALA M 81 -20.27 99.65 -33.82
C ALA M 81 -19.13 99.98 -32.86
N PHE M 82 -17.91 100.00 -33.39
CA PHE M 82 -16.72 100.30 -32.60
C PHE M 82 -16.32 101.75 -32.84
N ALA M 83 -16.39 102.56 -31.79
CA ALA M 83 -16.04 103.97 -31.88
C ALA M 83 -14.54 104.16 -31.59
N ASN M 84 -14.09 105.40 -31.71
CA ASN M 84 -12.69 105.74 -31.47
C ASN M 84 -12.65 106.87 -30.44
N THR M 85 -11.54 107.61 -30.43
CA THR M 85 -11.39 108.72 -29.50
C THR M 85 -12.24 109.91 -29.92
N TYR M 86 -12.01 110.42 -31.13
CA TYR M 86 -12.77 111.56 -31.66
C TYR M 86 -13.98 111.03 -32.41
N SER M 87 -15.01 110.65 -31.65
CA SER M 87 -16.25 110.13 -32.20
C SER M 87 -17.43 110.85 -31.59
N THR M 88 -18.47 111.06 -32.40
CA THR M 88 -19.68 111.74 -31.94
C THR M 88 -20.84 111.30 -32.80
N LEU M 89 -22.04 111.71 -32.40
CA LEU M 89 -23.25 111.38 -33.12
C LEU M 89 -23.52 112.40 -34.22
N ASP M 90 -24.72 112.34 -34.79
CA ASP M 90 -25.13 113.23 -35.86
C ASP M 90 -26.54 113.74 -35.59
N VAL M 91 -26.84 114.93 -36.10
CA VAL M 91 -28.17 115.51 -35.90
C VAL M 91 -29.22 114.73 -36.68
N SER M 92 -28.83 114.06 -37.75
CA SER M 92 -29.74 113.27 -38.56
C SER M 92 -29.91 111.84 -38.05
N LEU M 93 -29.43 111.55 -36.85
CA LEU M 93 -29.52 110.22 -36.25
C LEU M 93 -30.33 110.25 -34.95
N ASN M 94 -31.28 111.16 -34.85
CA ASN M 94 -32.11 111.30 -33.66
C ASN M 94 -33.45 110.58 -33.77
N ASP M 95 -34.08 110.61 -34.94
CA ASP M 95 -35.37 109.97 -35.16
C ASP M 95 -35.22 108.60 -35.81
N LEU M 96 -34.29 107.78 -35.31
CA LEU M 96 -34.06 106.45 -35.84
C LEU M 96 -33.93 105.46 -34.69
N ARG M 97 -34.71 104.39 -34.74
CA ARG M 97 -34.69 103.36 -33.71
C ARG M 97 -33.51 102.43 -33.97
N LEU M 98 -32.47 102.53 -33.14
CA LEU M 98 -31.27 101.71 -33.29
C LEU M 98 -30.82 101.23 -31.92
N GLN M 99 -29.87 100.29 -31.94
CA GLN M 99 -29.28 99.73 -30.72
C GLN M 99 -27.77 99.64 -30.96
N ILE M 100 -27.05 100.70 -30.59
CA ILE M 100 -25.61 100.80 -30.80
C ILE M 100 -24.89 100.43 -29.50
N SER M 101 -23.95 99.50 -29.60
CA SER M 101 -23.15 99.06 -28.47
C SER M 101 -21.69 99.45 -28.73
N PHE M 102 -21.16 100.34 -27.90
CA PHE M 102 -19.80 100.84 -28.08
C PHE M 102 -18.81 99.95 -27.35
N PHE M 103 -17.65 99.74 -27.98
CA PHE M 103 -16.58 98.94 -27.42
C PHE M 103 -15.24 99.55 -27.81
N GLU M 104 -14.17 98.96 -27.30
CA GLU M 104 -12.81 99.41 -27.55
C GLU M 104 -12.01 98.31 -28.24
N TYR M 105 -10.73 98.58 -28.49
CA TYR M 105 -9.84 97.60 -29.11
C TYR M 105 -8.78 97.15 -28.12
N ALA M 106 -9.18 96.88 -26.89
CA ALA M 106 -8.26 96.44 -25.84
C ALA M 106 -7.92 94.97 -26.04
N LEU M 107 -6.64 94.64 -25.91
CA LEU M 107 -6.19 93.27 -26.05
C LEU M 107 -6.44 92.48 -24.77
N GLY M 108 -6.75 91.20 -24.93
CA GLY M 108 -7.03 90.33 -23.80
C GLY M 108 -8.44 90.40 -23.27
N ALA M 109 -9.18 91.46 -23.55
CA ALA M 109 -10.55 91.62 -23.09
C ALA M 109 -11.57 91.06 -24.08
N ALA M 110 -11.15 90.20 -25.00
CA ALA M 110 -12.08 89.62 -25.96
C ALA M 110 -13.05 88.64 -25.31
N GLU M 111 -12.70 88.08 -24.16
CA GLU M 111 -13.60 87.16 -23.47
C GLU M 111 -14.77 87.91 -22.85
N ASP M 112 -14.51 89.10 -22.28
CA ASP M 112 -15.59 89.88 -21.69
C ASP M 112 -16.53 90.43 -22.76
N ILE M 113 -16.02 90.67 -23.97
CA ILE M 113 -16.88 91.16 -25.05
C ILE M 113 -17.83 90.06 -25.51
N ALA M 114 -17.37 88.81 -25.53
CA ALA M 114 -18.21 87.71 -25.97
C ALA M 114 -19.38 87.49 -25.01
N ASN M 115 -19.18 87.74 -23.72
CA ASN M 115 -20.27 87.59 -22.76
C ASN M 115 -21.31 88.71 -22.92
N LYS M 116 -20.88 89.90 -23.34
CA LYS M 116 -21.82 90.99 -23.55
C LYS M 116 -22.63 90.80 -24.83
N ILE M 117 -22.06 90.15 -25.84
CA ILE M 117 -22.80 89.90 -27.06
C ILE M 117 -23.87 88.84 -26.83
N LYS M 118 -23.55 87.81 -26.05
CA LYS M 118 -24.53 86.77 -25.75
C LYS M 118 -25.67 87.32 -24.90
N GLN M 119 -25.35 88.23 -23.97
CA GLN M 119 -26.40 88.84 -23.16
C GLN M 119 -27.25 89.79 -23.98
N THR M 120 -26.63 90.52 -24.92
CA THR M 120 -27.40 91.41 -25.79
C THR M 120 -28.26 90.62 -26.75
N THR M 121 -27.76 89.48 -27.25
CA THR M 121 -28.55 88.65 -28.14
C THR M 121 -29.77 88.07 -27.41
N ASP M 122 -29.61 87.72 -26.14
CA ASP M 122 -30.73 87.23 -25.36
C ASP M 122 -31.79 88.30 -25.15
N GLU M 123 -31.37 89.58 -25.09
CA GLU M 123 -32.34 90.67 -24.95
C GLU M 123 -33.14 90.86 -26.23
N TYR M 124 -32.52 90.63 -27.40
CA TYR M 124 -33.25 90.73 -28.65
C TYR M 124 -34.28 89.62 -28.81
N ILE M 125 -34.00 88.44 -28.26
CA ILE M 125 -34.95 87.34 -28.34
C ILE M 125 -36.13 87.59 -27.40
N ASN M 126 -35.85 88.12 -26.21
CA ASN M 126 -36.88 88.39 -25.21
C ASN M 126 -37.62 89.70 -25.46
N THR M 127 -37.48 90.29 -26.64
CA THR M 127 -38.17 91.53 -26.97
C THR M 127 -39.08 91.39 -28.18
N ILE M 128 -38.59 90.80 -29.28
CA ILE M 128 -39.40 90.62 -30.47
C ILE M 128 -40.42 89.52 -30.34
N LEU M 129 -40.36 88.71 -29.29
CA LEU M 129 -41.31 87.63 -29.10
C LEU M 129 -42.42 88.05 -28.14
N PRO M 130 -43.65 87.60 -28.37
CA PRO M 130 -44.75 87.95 -27.48
C PRO M 130 -44.61 87.26 -26.14
N PRO M 131 -45.27 87.77 -25.09
CA PRO M 131 -45.12 87.13 -23.77
C PRO M 131 -45.73 85.74 -23.70
N LEU M 132 -46.71 85.42 -24.57
CA LEU M 132 -47.29 84.08 -24.57
C LEU M 132 -46.30 83.07 -25.12
N THR M 133 -45.60 83.41 -26.20
CA THR M 133 -44.59 82.51 -26.75
C THR M 133 -43.36 82.44 -25.85
N LYS M 134 -43.02 83.53 -25.16
CA LYS M 134 -41.89 83.52 -24.25
C LYS M 134 -42.09 82.54 -23.11
N ALA M 135 -43.32 82.43 -22.61
CA ALA M 135 -43.60 81.50 -21.53
C ALA M 135 -43.58 80.05 -22.03
N LEU M 136 -43.79 79.84 -23.33
CA LEU M 136 -43.76 78.48 -23.88
C LEU M 136 -42.32 77.99 -24.07
N PHE M 137 -41.42 78.87 -24.52
CA PHE M 137 -40.04 78.48 -24.72
C PHE M 137 -39.31 78.28 -23.39
N LYS M 138 -39.64 79.10 -22.38
CA LYS M 138 -38.99 78.97 -21.08
C LYS M 138 -39.47 77.74 -20.32
N TYR M 139 -40.72 77.33 -20.54
CA TYR M 139 -41.25 76.15 -19.85
C TYR M 139 -40.58 74.87 -20.33
N VAL M 140 -40.13 74.84 -21.59
CA VAL M 140 -39.47 73.65 -22.12
C VAL M 140 -38.08 73.51 -21.51
N ARG M 141 -37.31 74.60 -21.49
CA ARG M 141 -35.97 74.55 -20.93
C ARG M 141 -35.99 74.47 -19.41
N GLU M 142 -36.99 75.06 -18.77
CA GLU M 142 -37.13 75.05 -17.32
C GLU M 142 -38.54 74.58 -16.97
N GLY M 143 -38.67 73.32 -16.59
CA GLY M 143 -39.96 72.76 -16.23
C GLY M 143 -39.88 71.32 -15.77
N LYS M 144 -40.18 71.08 -14.49
CA LYS M 144 -40.16 69.75 -13.90
C LYS M 144 -41.47 69.47 -13.18
N TYR M 145 -42.58 69.62 -13.90
CA TYR M 145 -43.91 69.38 -13.36
C TYR M 145 -44.40 68.03 -13.81
N THR M 146 -44.70 67.15 -12.86
CA THR M 146 -45.18 65.80 -13.14
C THR M 146 -46.69 65.73 -12.96
N PHE M 147 -47.27 64.62 -13.43
CA PHE M 147 -48.70 64.36 -13.34
C PHE M 147 -49.51 65.48 -14.00
N CYS M 148 -49.21 65.71 -15.28
CA CYS M 148 -49.88 66.75 -16.06
C CYS M 148 -50.48 66.14 -17.32
N THR M 149 -51.25 66.98 -18.04
CA THR M 149 -51.90 66.59 -19.28
C THR M 149 -51.22 67.26 -20.47
N PRO M 150 -51.16 66.59 -21.63
CA PRO M 150 -51.66 65.24 -21.90
C PRO M 150 -50.80 64.13 -21.29
N GLY M 151 -51.10 62.87 -21.65
CA GLY M 151 -50.39 61.75 -21.07
C GLY M 151 -48.98 61.56 -21.59
N HIS M 152 -48.65 62.13 -22.74
CA HIS M 152 -47.31 61.96 -23.29
C HIS M 152 -46.29 62.74 -22.47
N MET M 153 -46.64 63.97 -22.06
CA MET M 153 -45.78 64.81 -21.23
C MET M 153 -44.40 65.01 -21.87
N GLY M 154 -44.42 65.59 -23.07
CA GLY M 154 -43.18 65.84 -23.78
C GLY M 154 -42.58 64.64 -24.47
N GLY M 155 -43.31 63.54 -24.54
CA GLY M 155 -42.84 62.34 -25.20
C GLY M 155 -42.33 61.24 -24.28
N THR M 156 -42.93 61.07 -23.10
CA THR M 156 -42.48 60.01 -22.19
C THR M 156 -43.01 58.65 -22.62
N ALA M 157 -44.28 58.58 -23.02
CA ALA M 157 -44.87 57.31 -23.42
C ALA M 157 -44.33 56.82 -24.76
N PHE M 158 -43.79 57.72 -25.58
CA PHE M 158 -43.24 57.32 -26.88
C PHE M 158 -41.92 56.58 -26.75
N GLN M 159 -41.23 56.72 -25.62
CA GLN M 159 -39.95 56.05 -25.40
C GLN M 159 -40.12 54.64 -24.84
N LYS M 160 -41.36 54.14 -24.73
CA LYS M 160 -41.61 52.81 -24.21
C LYS M 160 -42.10 51.82 -25.26
N SER M 161 -42.66 52.32 -26.37
CA SER M 161 -43.15 51.45 -27.43
C SER M 161 -42.28 51.57 -28.67
N PRO M 162 -42.01 50.46 -29.36
CA PRO M 162 -41.18 50.53 -30.58
C PRO M 162 -41.80 51.37 -31.68
N VAL M 163 -43.13 51.31 -31.83
CA VAL M 163 -43.79 52.10 -32.87
C VAL M 163 -43.88 53.57 -32.46
N GLY M 164 -43.88 53.84 -31.15
CA GLY M 164 -43.96 55.22 -30.69
C GLY M 164 -42.69 56.01 -30.83
N SER M 165 -41.54 55.34 -30.92
CA SER M 165 -40.27 56.05 -31.05
C SER M 165 -40.11 56.65 -32.44
N LEU M 166 -40.78 56.09 -33.45
CA LEU M 166 -40.67 56.63 -34.80
C LEU M 166 -41.43 57.95 -34.94
N PHE M 167 -42.51 58.13 -34.17
CA PHE M 167 -43.28 59.36 -34.26
C PHE M 167 -42.66 60.47 -33.43
N TYR M 168 -41.86 60.12 -32.41
CA TYR M 168 -41.23 61.14 -31.58
C TYR M 168 -39.91 61.62 -32.17
N ASP M 169 -39.21 60.75 -32.90
CA ASP M 169 -37.94 61.11 -33.51
C ASP M 169 -38.10 61.87 -34.82
N PHE M 170 -39.33 62.00 -35.34
CA PHE M 170 -39.54 62.71 -36.60
C PHE M 170 -39.57 64.22 -36.37
N PHE M 171 -40.39 64.69 -35.43
CA PHE M 171 -40.51 66.10 -35.16
C PHE M 171 -39.28 66.62 -34.41
N GLY M 172 -39.20 66.33 -33.12
CA GLY M 172 -38.08 66.76 -32.32
C GLY M 172 -38.40 66.75 -30.83
N PRO M 173 -37.36 66.79 -29.99
CA PRO M 173 -37.60 66.81 -28.54
C PRO M 173 -38.35 68.05 -28.08
N ASN M 174 -38.08 69.21 -28.68
CA ASN M 174 -38.74 70.45 -28.29
C ASN M 174 -40.16 70.57 -28.84
N THR M 175 -40.58 69.66 -29.70
CA THR M 175 -41.92 69.75 -30.28
C THR M 175 -42.98 69.24 -29.29
N MET M 176 -42.76 68.05 -28.72
CA MET M 176 -43.74 67.48 -27.81
C MET M 176 -43.72 68.16 -26.44
N LYS M 177 -42.60 68.77 -26.06
CA LYS M 177 -42.52 69.43 -24.77
C LYS M 177 -43.31 70.74 -24.74
N SER M 178 -43.61 71.31 -25.90
CA SER M 178 -44.38 72.54 -25.99
C SER M 178 -45.87 72.31 -26.11
N ASP M 179 -46.32 71.06 -26.06
CA ASP M 179 -47.73 70.70 -26.18
C ASP M 179 -48.26 70.42 -24.78
N ILE M 180 -48.61 71.48 -24.05
CA ILE M 180 -49.13 71.39 -22.70
C ILE M 180 -50.53 71.99 -22.68
N SER M 181 -51.25 71.73 -21.58
CA SER M 181 -52.62 72.19 -21.45
C SER M 181 -52.75 73.35 -20.47
N ILE M 182 -53.94 73.54 -19.92
CA ILE M 182 -54.21 74.65 -19.01
C ILE M 182 -53.87 74.29 -17.57
N SER M 183 -53.11 73.21 -17.35
CA SER M 183 -52.70 72.80 -16.02
C SER M 183 -51.41 73.47 -15.57
N VAL M 184 -51.13 74.67 -16.05
CA VAL M 184 -49.92 75.40 -15.72
C VAL M 184 -50.31 76.75 -15.13
N SER M 185 -49.66 77.13 -14.03
CA SER M 185 -50.01 78.38 -13.36
C SER M 185 -49.35 79.58 -14.00
N GLU M 186 -48.08 79.46 -14.39
CA GLU M 186 -47.34 80.57 -14.97
C GLU M 186 -47.66 80.80 -16.45
N LEU M 187 -48.61 80.06 -17.02
CA LEU M 187 -49.06 80.30 -18.38
C LEU M 187 -50.55 80.62 -18.49
N GLY M 188 -51.32 80.43 -17.42
CA GLY M 188 -52.73 80.76 -17.44
C GLY M 188 -53.54 79.77 -18.26
N SER M 189 -54.78 80.17 -18.52
CA SER M 189 -55.73 79.37 -19.29
C SER M 189 -56.36 80.23 -20.37
N LEU M 190 -56.72 79.58 -21.49
CA LEU M 190 -57.33 80.30 -22.59
C LEU M 190 -58.79 80.66 -22.29
N LEU M 191 -59.51 79.76 -21.63
CA LEU M 191 -60.90 80.04 -21.31
C LEU M 191 -61.03 81.08 -20.20
N ASP M 192 -60.05 81.13 -19.28
CA ASP M 192 -60.09 82.11 -18.21
C ASP M 192 -59.72 83.51 -18.66
N HIS M 193 -58.95 83.63 -19.75
CA HIS M 193 -58.53 84.93 -20.30
C HIS M 193 -57.79 85.75 -19.25
N SER M 194 -56.75 85.15 -18.66
CA SER M 194 -55.94 85.80 -17.65
C SER M 194 -54.49 85.40 -17.83
N GLY M 195 -53.60 86.22 -17.28
CA GLY M 195 -52.17 85.99 -17.37
C GLY M 195 -51.63 86.27 -18.75
N PRO M 196 -50.81 85.34 -19.27
CA PRO M 196 -50.26 85.54 -20.63
C PRO M 196 -51.33 85.57 -21.70
N HIS M 197 -52.45 84.87 -21.50
CA HIS M 197 -53.52 84.88 -22.50
C HIS M 197 -54.27 86.21 -22.52
N LYS M 198 -54.24 86.95 -21.40
CA LYS M 198 -54.91 88.23 -21.37
C LYS M 198 -54.14 89.29 -22.14
N GLU M 199 -52.81 89.29 -22.01
CA GLU M 199 -51.99 90.24 -22.75
C GLU M 199 -51.91 89.91 -24.24
N ALA M 200 -52.20 88.65 -24.61
CA ALA M 200 -52.16 88.28 -26.02
C ALA M 200 -53.33 88.87 -26.80
N GLU M 201 -54.48 89.03 -26.15
CA GLU M 201 -55.64 89.61 -26.83
C GLU M 201 -55.47 91.11 -27.05
N GLN M 202 -54.74 91.79 -26.17
CA GLN M 202 -54.51 93.22 -26.34
C GLN M 202 -53.35 93.50 -27.26
N TYR M 203 -52.46 92.53 -27.48
CA TYR M 203 -51.33 92.73 -28.37
C TYR M 203 -51.73 92.51 -29.83
N ILE M 204 -52.66 91.59 -30.08
CA ILE M 204 -53.10 91.33 -31.45
C ILE M 204 -54.08 92.41 -31.92
N ALA M 205 -54.98 92.83 -31.03
CA ALA M 205 -55.95 93.86 -31.40
C ALA M 205 -55.30 95.22 -31.60
N ARG M 206 -54.16 95.46 -30.96
CA ARG M 206 -53.48 96.74 -31.13
C ARG M 206 -52.73 96.80 -32.45
N VAL M 207 -52.10 95.69 -32.86
CA VAL M 207 -51.37 95.67 -34.12
C VAL M 207 -52.32 95.63 -35.30
N PHE M 208 -53.35 94.77 -35.23
CA PHE M 208 -54.33 94.64 -36.30
C PHE M 208 -55.42 95.71 -36.23
N ASN M 209 -55.29 96.69 -35.34
CA ASN M 209 -56.25 97.78 -35.17
C ASN M 209 -57.65 97.23 -34.87
N ALA M 210 -57.80 96.81 -33.61
CA ALA M 210 -59.06 96.25 -33.14
C ALA M 210 -59.18 96.53 -31.65
N ASP M 211 -60.32 96.11 -31.09
CA ASP M 211 -60.60 96.30 -29.67
C ASP M 211 -60.65 95.00 -28.88
N ARG M 212 -61.03 93.90 -29.52
CA ARG M 212 -61.11 92.60 -28.84
CA ARG M 212 -61.11 92.60 -28.84
C ARG M 212 -60.87 91.53 -29.88
N SER M 213 -59.66 90.96 -29.88
CA SER M 213 -59.28 89.92 -30.82
C SER M 213 -59.00 88.63 -30.06
N TYR M 214 -59.72 87.57 -30.41
CA TYR M 214 -59.55 86.26 -29.79
C TYR M 214 -58.68 85.38 -30.69
N MET M 215 -58.53 84.12 -30.30
CA MET M 215 -57.72 83.15 -31.03
C MET M 215 -58.53 81.86 -31.17
N VAL M 216 -59.06 81.64 -32.37
CA VAL M 216 -59.84 80.44 -32.65
C VAL M 216 -58.90 79.31 -33.03
N THR M 217 -59.07 78.15 -32.39
CA THR M 217 -58.23 76.99 -32.64
C THR M 217 -58.95 75.89 -33.40
N ASN M 218 -59.71 76.25 -34.43
CA ASN M 218 -60.42 75.28 -35.26
C ASN M 218 -60.66 75.85 -36.65
N GLY M 219 -59.76 76.71 -37.10
CA GLY M 219 -59.85 77.28 -38.43
C GLY M 219 -60.91 78.38 -38.53
N THR M 220 -60.99 78.95 -39.74
CA THR M 220 -61.95 80.02 -39.98
C THR M 220 -63.38 79.48 -40.06
N SER M 221 -63.54 78.22 -40.48
CA SER M 221 -64.88 77.65 -40.61
C SER M 221 -65.63 77.64 -39.28
N THR M 222 -64.91 77.55 -38.16
CA THR M 222 -65.54 77.58 -36.84
C THR M 222 -65.76 79.00 -36.35
N ALA M 223 -64.87 79.93 -36.68
CA ALA M 223 -65.02 81.30 -36.21
C ALA M 223 -66.25 81.98 -36.80
N ASN M 224 -66.68 81.56 -37.99
CA ASN M 224 -67.88 82.16 -38.58
C ASN M 224 -69.14 81.74 -37.85
N LYS M 225 -69.13 80.56 -37.22
CA LYS M 225 -70.30 80.11 -36.48
C LYS M 225 -70.46 80.81 -35.14
N ILE M 226 -69.37 81.33 -34.57
CA ILE M 226 -69.46 82.05 -33.30
C ILE M 226 -70.10 83.41 -33.51
N VAL M 227 -69.80 84.07 -34.63
CA VAL M 227 -70.38 85.37 -34.90
C VAL M 227 -71.88 85.27 -35.14
N GLY M 228 -72.30 84.26 -35.90
CA GLY M 228 -73.72 84.09 -36.19
C GLY M 228 -74.56 83.69 -35.00
N MET M 229 -73.95 83.15 -33.96
CA MET M 229 -74.65 82.74 -32.75
C MET M 229 -74.51 83.78 -31.64
N TYR M 230 -74.71 85.05 -31.99
CA TYR M 230 -74.60 86.14 -31.02
C TYR M 230 -75.56 87.26 -31.36
N SER M 231 -75.76 87.53 -32.65
CA SER M 231 -76.65 88.59 -33.12
C SER M 231 -77.71 88.03 -34.06
N ALA M 232 -78.25 86.87 -33.73
CA ALA M 232 -79.29 86.24 -34.54
C ALA M 232 -80.19 85.40 -33.63
N PRO M 233 -81.19 86.03 -33.01
CA PRO M 233 -82.12 85.27 -32.15
C PRO M 233 -82.97 84.29 -32.93
N ALA M 234 -83.77 83.49 -32.23
CA ALA M 234 -84.63 82.52 -32.88
C ALA M 234 -85.77 83.23 -33.61
N GLY M 235 -85.95 82.91 -34.89
CA GLY M 235 -86.99 83.54 -35.67
C GLY M 235 -86.68 84.96 -36.09
N SER M 236 -85.41 85.33 -36.14
CA SER M 236 -85.02 86.68 -36.53
C SER M 236 -84.79 86.77 -38.04
N THR M 237 -83.87 87.62 -38.46
CA THR M 237 -83.57 87.80 -39.87
C THR M 237 -82.12 88.21 -40.03
N ILE M 238 -81.39 87.50 -40.89
CA ILE M 238 -79.99 87.79 -41.17
C ILE M 238 -79.84 88.09 -42.66
N LEU M 239 -78.77 88.81 -42.99
CA LEU M 239 -78.46 89.20 -44.36
C LEU M 239 -77.15 88.51 -44.75
N ILE M 240 -77.27 87.25 -45.16
CA ILE M 240 -76.11 86.45 -45.57
C ILE M 240 -75.91 86.62 -47.07
N ASP M 241 -74.65 86.57 -47.49
CA ASP M 241 -74.31 86.70 -48.90
C ASP M 241 -74.59 85.40 -49.64
N ARG M 242 -74.86 85.51 -50.94
CA ARG M 242 -75.13 84.34 -51.75
C ARG M 242 -73.88 83.48 -51.92
N ASN M 243 -72.75 84.11 -52.24
CA ASN M 243 -71.48 83.40 -52.40
C ASN M 243 -70.88 83.15 -51.01
N CYS M 244 -71.46 82.17 -50.31
CA CYS M 244 -71.08 81.82 -48.96
C CYS M 244 -70.25 80.54 -48.95
N HIS M 245 -69.48 80.37 -47.89
CA HIS M 245 -68.64 79.19 -47.71
C HIS M 245 -69.49 78.03 -47.19
N LYS M 246 -68.91 76.82 -47.26
CA LYS M 246 -69.60 75.63 -46.77
C LYS M 246 -69.94 75.75 -45.29
N SER M 247 -69.08 76.39 -44.50
CA SER M 247 -69.37 76.57 -43.08
C SER M 247 -70.48 77.59 -42.87
N LEU M 248 -70.62 78.57 -43.76
CA LEU M 248 -71.68 79.56 -43.63
C LEU M 248 -73.04 78.96 -43.90
N THR M 249 -73.11 77.89 -44.70
CA THR M 249 -74.38 77.23 -44.94
C THR M 249 -74.86 76.47 -43.71
N HIS M 250 -73.92 75.81 -43.01
CA HIS M 250 -74.27 75.10 -41.78
C HIS M 250 -74.71 76.04 -40.66
N LEU M 251 -74.29 77.30 -40.71
CA LEU M 251 -74.74 78.26 -39.71
C LEU M 251 -76.23 78.52 -39.82
N MET M 252 -76.75 78.55 -41.05
CA MET M 252 -78.18 78.73 -41.25
C MET M 252 -78.97 77.48 -40.89
N MET M 253 -78.33 76.31 -40.90
CA MET M 253 -78.98 75.06 -40.56
C MET M 253 -78.92 74.74 -39.07
N MET M 254 -78.22 75.55 -38.27
CA MET M 254 -78.11 75.34 -36.84
C MET M 254 -78.83 76.40 -36.02
N SER M 255 -79.37 77.43 -36.65
CA SER M 255 -80.09 78.51 -35.96
C SER M 255 -81.39 78.78 -36.69
N ASP M 256 -82.48 78.86 -35.93
CA ASP M 256 -83.81 79.11 -36.50
C ASP M 256 -83.92 80.60 -36.83
N VAL M 257 -83.39 80.96 -38.00
CA VAL M 257 -83.41 82.32 -38.50
C VAL M 257 -83.97 82.32 -39.92
N THR M 258 -84.31 83.52 -40.40
CA THR M 258 -84.84 83.71 -41.75
C THR M 258 -83.83 84.51 -42.56
N PRO M 259 -82.95 83.86 -43.31
CA PRO M 259 -81.94 84.59 -44.08
C PRO M 259 -82.53 85.18 -45.36
N ILE M 260 -81.86 86.23 -45.84
CA ILE M 260 -82.21 86.90 -47.09
C ILE M 260 -80.98 86.84 -47.99
N TYR M 261 -81.11 86.15 -49.12
CA TYR M 261 -80.00 85.97 -50.04
C TYR M 261 -79.93 87.13 -51.03
N PHE M 262 -78.72 87.62 -51.25
CA PHE M 262 -78.51 88.73 -52.18
C PHE M 262 -78.28 88.20 -53.59
N ARG M 263 -78.01 89.11 -54.53
CA ARG M 263 -77.77 88.78 -55.93
C ARG M 263 -76.50 89.49 -56.38
N PRO M 264 -75.33 88.91 -56.10
CA PRO M 264 -74.08 89.53 -56.52
C PRO M 264 -73.93 89.53 -58.03
N THR M 265 -73.09 90.43 -58.51
CA THR M 265 -72.83 90.54 -59.94
C THR M 265 -71.92 89.41 -60.40
N ARG M 266 -71.97 89.13 -61.70
CA ARG M 266 -71.18 88.06 -62.28
C ARG M 266 -71.03 88.31 -63.78
N ASN M 267 -70.04 87.66 -64.37
CA ASN M 267 -69.72 87.76 -65.79
C ASN M 267 -69.94 86.40 -66.45
N ALA M 268 -69.19 86.12 -67.51
CA ALA M 268 -69.32 84.86 -68.23
C ALA M 268 -68.16 83.90 -67.98
N TYR M 269 -67.02 84.39 -67.48
CA TYR M 269 -65.88 83.53 -67.20
C TYR M 269 -65.99 82.78 -65.89
N GLY M 270 -67.02 83.05 -65.08
CA GLY M 270 -67.20 82.40 -63.81
C GLY M 270 -66.71 83.18 -62.61
N ILE M 271 -66.11 84.35 -62.82
CA ILE M 271 -65.61 85.18 -61.72
C ILE M 271 -66.76 86.02 -61.18
N LEU M 272 -67.24 85.70 -59.99
CA LEU M 272 -68.34 86.43 -59.39
C LEU M 272 -67.86 87.78 -58.88
N GLY M 273 -68.64 88.82 -59.15
CA GLY M 273 -68.30 90.16 -58.72
C GLY M 273 -68.60 90.41 -57.26
N GLY M 274 -69.54 91.32 -56.99
CA GLY M 274 -69.91 91.65 -55.62
C GLY M 274 -71.35 92.12 -55.56
N ILE M 275 -71.78 92.40 -54.34
CA ILE M 275 -73.17 92.86 -54.13
C ILE M 275 -73.28 94.31 -54.59
N PRO M 276 -74.25 94.65 -55.43
CA PRO M 276 -74.40 96.04 -55.88
C PRO M 276 -74.78 96.96 -54.72
N GLN M 277 -74.60 98.26 -54.96
CA GLN M 277 -74.93 99.25 -53.93
C GLN M 277 -76.44 99.43 -53.76
N SER M 278 -77.24 98.99 -54.73
CA SER M 278 -78.69 99.13 -54.60
C SER M 278 -79.27 98.16 -53.60
N GLU M 279 -78.56 97.06 -53.32
CA GLU M 279 -79.06 96.09 -52.35
C GLU M 279 -78.90 96.57 -50.92
N PHE M 280 -77.99 97.52 -50.69
CA PHE M 280 -77.76 98.06 -49.35
C PHE M 280 -78.71 99.19 -49.00
N GLN M 281 -79.62 99.56 -49.89
CA GLN M 281 -80.55 100.64 -49.61
C GLN M 281 -81.62 100.19 -48.62
N HIS M 282 -82.40 101.17 -48.14
CA HIS M 282 -83.47 100.86 -47.19
C HIS M 282 -84.74 100.42 -47.91
N ALA M 283 -84.88 100.79 -49.18
CA ALA M 283 -86.07 100.40 -49.93
C ALA M 283 -85.95 98.99 -50.49
N THR M 284 -84.72 98.47 -50.61
CA THR M 284 -84.54 97.12 -51.15
C THR M 284 -84.62 96.08 -50.04
N ILE M 285 -84.02 96.36 -48.88
CA ILE M 285 -84.05 95.40 -47.78
C ILE M 285 -85.46 95.26 -47.22
N ALA M 286 -86.16 96.38 -47.02
CA ALA M 286 -87.51 96.34 -46.48
C ALA M 286 -88.52 95.74 -47.47
N LYS M 287 -88.18 95.67 -48.75
CA LYS M 287 -89.09 95.09 -49.73
C LYS M 287 -89.12 93.58 -49.63
N ARG M 288 -87.96 92.95 -49.36
CA ARG M 288 -87.88 91.50 -49.26
C ARG M 288 -88.39 90.97 -47.93
N VAL M 289 -88.60 91.84 -46.94
CA VAL M 289 -89.09 91.38 -45.64
C VAL M 289 -90.57 91.02 -45.73
N LYS M 290 -91.37 91.86 -46.40
CA LYS M 290 -92.80 91.58 -46.52
C LYS M 290 -93.05 90.42 -47.46
N GLU M 291 -92.21 90.26 -48.50
CA GLU M 291 -92.39 89.17 -49.44
C GLU M 291 -92.00 87.82 -48.85
N THR M 292 -91.12 87.79 -47.85
CA THR M 292 -90.70 86.54 -47.23
C THR M 292 -91.51 86.31 -45.98
N PRO M 293 -92.27 85.21 -45.90
CA PRO M 293 -93.05 84.94 -44.69
C PRO M 293 -92.15 84.69 -43.48
N ASN M 294 -92.63 85.13 -42.32
CA ASN M 294 -91.93 84.98 -41.04
C ASN M 294 -90.54 85.61 -41.12
N ALA M 295 -90.54 86.95 -41.18
CA ALA M 295 -89.31 87.72 -41.25
C ALA M 295 -89.55 89.08 -40.64
N THR M 296 -88.66 89.48 -39.72
CA THR M 296 -88.71 90.75 -39.03
C THR M 296 -87.63 91.67 -39.59
N TRP M 297 -87.15 92.60 -38.77
CA TRP M 297 -86.10 93.51 -39.21
C TRP M 297 -84.75 92.82 -39.14
N PRO M 298 -83.93 92.90 -40.19
CA PRO M 298 -82.62 92.24 -40.16
C PRO M 298 -81.71 92.89 -39.12
N VAL M 299 -81.16 92.06 -38.23
CA VAL M 299 -80.27 92.53 -37.18
C VAL M 299 -78.82 92.14 -37.40
N HIS M 300 -78.53 91.29 -38.39
CA HIS M 300 -77.17 90.88 -38.69
C HIS M 300 -77.00 90.78 -40.19
N ALA M 301 -75.81 91.14 -40.68
CA ALA M 301 -75.49 91.10 -42.10
C ALA M 301 -74.14 90.43 -42.30
N VAL M 302 -74.09 89.46 -43.20
CA VAL M 302 -72.87 88.73 -43.52
C VAL M 302 -72.43 89.13 -44.92
N ILE M 303 -71.26 89.76 -45.01
CA ILE M 303 -70.71 90.23 -46.29
C ILE M 303 -69.39 89.51 -46.52
N THR M 304 -69.26 88.85 -47.66
CA THR M 304 -68.05 88.11 -48.02
C THR M 304 -67.08 89.08 -48.69
N ASN M 305 -66.16 89.62 -47.89
CA ASN M 305 -65.17 90.58 -48.36
C ASN M 305 -63.81 90.15 -47.84
N SER M 306 -62.96 89.64 -48.72
CA SER M 306 -63.29 89.49 -50.13
C SER M 306 -63.85 88.11 -50.44
N THR M 307 -64.13 87.85 -51.71
CA THR M 307 -64.70 86.58 -52.13
C THR M 307 -63.59 85.53 -52.28
N TYR M 308 -63.90 84.44 -52.98
CA TYR M 308 -62.91 83.38 -53.16
C TYR M 308 -61.84 83.76 -54.17
N ASP M 309 -62.17 84.65 -55.11
CA ASP M 309 -61.21 85.08 -56.12
C ASP M 309 -60.36 86.25 -55.67
N GLY M 310 -60.81 87.02 -54.68
CA GLY M 310 -60.06 88.15 -54.19
C GLY M 310 -60.49 89.47 -54.79
N LEU M 311 -61.68 89.95 -54.40
CA LEU M 311 -62.22 91.21 -54.88
C LEU M 311 -62.71 92.01 -53.69
N LEU M 312 -61.99 93.07 -53.34
CA LEU M 312 -62.36 93.90 -52.21
C LEU M 312 -63.57 94.77 -52.57
N TYR M 313 -64.34 95.12 -51.55
CA TYR M 313 -65.53 95.93 -51.70
C TYR M 313 -65.21 97.38 -51.31
N ASN M 314 -66.22 98.12 -50.84
CA ASN M 314 -66.07 99.50 -50.42
C ASN M 314 -66.77 99.65 -49.07
N THR M 315 -66.00 99.54 -47.99
CA THR M 315 -66.56 99.64 -46.65
C THR M 315 -66.92 101.07 -46.28
N ASP M 316 -66.42 102.06 -47.02
CA ASP M 316 -66.75 103.45 -46.73
C ASP M 316 -68.20 103.76 -47.09
N PHE M 317 -68.80 102.99 -48.00
CA PHE M 317 -70.20 103.19 -48.37
C PHE M 317 -71.13 102.22 -47.67
N ILE M 318 -70.62 101.05 -47.25
CA ILE M 318 -71.47 100.07 -46.57
C ILE M 318 -71.75 100.52 -45.14
N LYS M 319 -70.74 101.06 -44.46
CA LYS M 319 -70.88 101.50 -43.07
C LYS M 319 -71.70 102.77 -42.92
N LYS M 320 -72.40 103.24 -43.96
CA LYS M 320 -73.22 104.44 -43.85
C LYS M 320 -74.61 104.21 -44.43
N THR M 321 -74.68 103.39 -45.49
CA THR M 321 -75.96 103.10 -46.15
C THR M 321 -76.64 101.88 -45.54
N LEU M 322 -75.89 100.80 -45.31
CA LEU M 322 -76.45 99.59 -44.73
C LEU M 322 -76.81 99.85 -43.27
N ASP M 323 -78.10 99.72 -42.95
CA ASP M 323 -78.59 99.99 -41.59
C ASP M 323 -78.71 98.67 -40.82
N VAL M 324 -77.55 98.11 -40.50
CA VAL M 324 -77.46 96.88 -39.73
C VAL M 324 -76.51 97.11 -38.56
N LYS M 325 -76.99 96.81 -37.35
CA LYS M 325 -76.18 97.04 -36.16
C LYS M 325 -75.06 96.02 -36.01
N SER M 326 -75.12 94.90 -36.73
CA SER M 326 -74.12 93.84 -36.66
C SER M 326 -73.71 93.47 -38.08
N ILE M 327 -72.77 94.23 -38.64
CA ILE M 327 -72.27 93.99 -39.99
C ILE M 327 -71.02 93.13 -39.90
N HIS M 328 -71.03 91.98 -40.58
CA HIS M 328 -69.92 91.04 -40.56
C HIS M 328 -69.19 91.07 -41.90
N PHE M 329 -67.86 90.99 -41.83
CA PHE M 329 -67.01 90.96 -43.02
C PHE M 329 -66.18 89.69 -42.99
N ASP M 330 -66.46 88.78 -43.92
CA ASP M 330 -65.74 87.51 -44.01
C ASP M 330 -64.38 87.77 -44.67
N SER M 331 -63.44 88.22 -43.86
CA SER M 331 -62.09 88.54 -44.33
C SER M 331 -61.18 87.32 -44.25
N ALA M 332 -61.61 86.22 -44.83
CA ALA M 332 -60.84 84.97 -44.81
C ALA M 332 -59.77 84.91 -45.89
N TRP M 333 -59.61 85.98 -46.68
CA TRP M 333 -58.61 86.00 -47.74
C TRP M 333 -57.77 87.26 -47.77
N VAL M 334 -57.98 88.19 -46.84
CA VAL M 334 -57.20 89.43 -46.79
C VAL M 334 -56.73 89.70 -45.37
N PRO M 335 -55.80 88.90 -44.83
CA PRO M 335 -55.30 89.17 -43.48
C PRO M 335 -54.16 90.18 -43.46
N TYR M 336 -54.28 91.24 -44.26
CA TYR M 336 -53.19 92.20 -44.36
C TYR M 336 -53.65 93.61 -44.74
N THR M 337 -54.96 93.89 -44.73
CA THR M 337 -55.47 95.20 -45.11
C THR M 337 -55.29 96.21 -43.98
N ASN M 338 -54.03 96.47 -43.64
CA ASN M 338 -53.69 97.40 -42.56
C ASN M 338 -52.22 97.79 -42.65
N PHE M 339 -51.38 96.86 -43.09
CA PHE M 339 -49.94 97.08 -43.16
C PHE M 339 -49.50 97.69 -44.49
N SER M 340 -50.40 98.37 -45.19
CA SER M 340 -50.07 98.99 -46.47
C SER M 340 -50.99 100.18 -46.69
N PRO M 341 -50.47 101.30 -47.21
CA PRO M 341 -51.32 102.48 -47.42
C PRO M 341 -52.29 102.36 -48.57
N ILE M 342 -52.17 101.33 -49.41
CA ILE M 342 -53.07 101.15 -50.55
C ILE M 342 -54.24 100.26 -50.15
N TYR M 343 -54.42 100.07 -48.83
CA TYR M 343 -55.54 99.28 -48.32
C TYR M 343 -56.28 100.01 -47.21
N GLU M 344 -56.22 101.34 -47.19
CA GLU M 344 -56.91 102.11 -46.17
C GLU M 344 -58.37 102.33 -46.56
N GLY M 345 -59.27 102.10 -45.61
CA GLY M 345 -60.68 102.27 -45.88
C GLY M 345 -61.29 101.20 -46.76
N LYS M 346 -60.69 100.02 -46.81
CA LYS M 346 -61.19 98.92 -47.64
C LYS M 346 -61.72 97.76 -46.83
N CYS M 347 -61.47 97.70 -45.53
CA CYS M 347 -61.95 96.63 -44.67
C CYS M 347 -62.70 97.24 -43.49
N GLY M 348 -63.16 96.35 -42.59
CA GLY M 348 -63.89 96.82 -41.43
C GLY M 348 -63.01 97.39 -40.33
N MET M 349 -61.79 96.86 -40.19
CA MET M 349 -60.88 97.34 -39.17
C MET M 349 -60.28 98.71 -39.51
N SER M 350 -60.24 99.07 -40.79
CA SER M 350 -59.68 100.35 -41.21
C SER M 350 -60.65 101.47 -40.89
N GLY M 351 -60.16 102.51 -40.21
CA GLY M 351 -60.99 103.64 -39.85
C GLY M 351 -61.22 103.76 -38.36
N GLY M 352 -62.45 104.08 -37.97
CA GLY M 352 -62.80 104.21 -36.57
C GLY M 352 -63.97 103.36 -36.16
N ARG M 353 -64.60 103.70 -35.03
CA ARG M 353 -65.75 102.97 -34.52
C ARG M 353 -67.03 103.61 -35.02
N VAL M 354 -67.89 102.81 -35.65
CA VAL M 354 -69.17 103.31 -36.16
C VAL M 354 -70.14 103.44 -35.00
N GLU M 355 -70.80 104.59 -34.90
CA GLU M 355 -71.74 104.85 -33.82
C GLU M 355 -72.98 103.98 -33.99
N GLY M 356 -73.28 103.15 -32.99
CA GLY M 356 -74.45 102.31 -33.02
C GLY M 356 -74.30 101.01 -33.79
N LYS M 357 -73.10 100.72 -34.29
CA LYS M 357 -72.85 99.50 -35.05
C LYS M 357 -71.59 98.83 -34.55
N VAL M 358 -71.40 97.57 -34.94
CA VAL M 358 -70.24 96.79 -34.56
C VAL M 358 -69.77 96.00 -35.78
N ILE M 359 -68.47 95.78 -35.86
CA ILE M 359 -67.85 95.08 -36.98
C ILE M 359 -67.24 93.79 -36.47
N TYR M 360 -67.66 92.66 -37.04
CA TYR M 360 -67.13 91.35 -36.70
C TYR M 360 -66.45 90.76 -37.93
N GLU M 361 -65.20 90.33 -37.76
CA GLU M 361 -64.42 89.75 -38.84
C GLU M 361 -63.76 88.46 -38.37
N THR M 362 -63.64 87.51 -39.29
CA THR M 362 -63.00 86.23 -39.04
C THR M 362 -61.79 86.10 -39.96
N GLN M 363 -60.74 86.85 -39.66
CA GLN M 363 -59.54 86.82 -40.49
C GLN M 363 -58.82 85.49 -40.34
N SER M 364 -58.52 84.86 -41.47
CA SER M 364 -57.84 83.58 -41.45
C SER M 364 -56.38 83.75 -41.06
N THR M 365 -55.74 82.63 -40.70
CA THR M 365 -54.34 82.62 -40.29
C THR M 365 -53.51 81.62 -41.08
N HIS M 366 -54.01 80.41 -41.29
CA HIS M 366 -53.28 79.39 -42.02
C HIS M 366 -53.68 79.38 -43.49
N LYS M 367 -53.90 80.57 -44.06
CA LYS M 367 -54.31 80.68 -45.47
C LYS M 367 -53.27 81.40 -46.25
N LEU M 368 -52.97 82.64 -45.86
CA LEU M 368 -52.01 83.45 -46.59
C LEU M 368 -50.97 84.07 -45.65
N LEU M 369 -50.64 83.36 -44.58
CA LEU M 369 -49.65 83.85 -43.63
C LEU M 369 -48.58 82.79 -43.36
N ALA M 370 -48.28 82.54 -42.09
CA ALA M 370 -47.26 81.55 -41.73
C ALA M 370 -47.55 81.07 -40.30
N ALA M 371 -48.36 80.02 -40.19
CA ALA M 371 -48.71 79.44 -38.90
C ALA M 371 -49.28 78.05 -39.14
N PHE M 372 -49.51 77.34 -38.03
CA PHE M 372 -50.08 76.01 -38.11
C PHE M 372 -51.53 76.07 -38.57
N SER M 373 -52.05 74.92 -39.01
CA SER M 373 -53.41 74.84 -39.49
C SER M 373 -54.39 74.98 -38.32
N GLN M 374 -55.67 75.19 -38.67
CA GLN M 374 -56.75 75.38 -37.71
C GLN M 374 -56.44 76.54 -36.76
N ALA M 375 -56.45 77.75 -37.33
CA ALA M 375 -56.18 78.97 -36.58
C ALA M 375 -56.96 80.12 -37.19
N SER M 376 -57.66 80.87 -36.35
CA SER M 376 -58.46 82.00 -36.82
C SER M 376 -58.56 83.03 -35.70
N MET M 377 -59.17 84.17 -36.02
CA MET M 377 -59.33 85.26 -35.07
C MET M 377 -60.75 85.80 -35.18
N ILE M 378 -61.17 86.51 -34.12
CA ILE M 378 -62.47 87.16 -34.06
C ILE M 378 -62.22 88.61 -33.67
N HIS M 379 -62.34 89.51 -34.64
CA HIS M 379 -62.11 90.94 -34.41
C HIS M 379 -63.42 91.61 -34.02
N VAL M 380 -63.39 92.37 -32.92
CA VAL M 380 -64.55 93.08 -32.42
C VAL M 380 -64.23 94.58 -32.43
N LYS M 381 -65.04 95.34 -33.15
CA LYS M 381 -64.87 96.79 -33.27
C LYS M 381 -66.18 97.44 -32.83
N GLY M 382 -66.29 97.75 -31.55
CA GLY M 382 -67.48 98.36 -31.02
C GLY M 382 -67.59 98.15 -29.52
N ASP M 383 -68.73 98.58 -28.98
CA ASP M 383 -69.02 98.47 -27.55
C ASP M 383 -70.07 97.39 -27.37
N VAL M 384 -69.62 96.18 -27.05
CA VAL M 384 -70.51 95.04 -26.84
C VAL M 384 -70.33 94.51 -25.43
N ASN M 385 -71.09 93.47 -25.08
CA ASN M 385 -71.02 92.87 -23.76
C ASN M 385 -69.92 91.80 -23.75
N GLU M 386 -69.06 91.86 -22.73
CA GLU M 386 -67.97 90.89 -22.62
C GLU M 386 -68.45 89.58 -22.01
N GLU M 387 -69.33 89.65 -21.02
CA GLU M 387 -69.84 88.44 -20.37
C GLU M 387 -70.79 87.66 -21.26
N THR M 388 -71.45 88.32 -22.21
CA THR M 388 -72.38 87.62 -23.10
C THR M 388 -71.66 86.93 -24.25
N PHE M 389 -70.72 87.63 -24.88
CA PHE M 389 -69.99 87.05 -26.01
C PHE M 389 -69.02 85.96 -25.57
N ASN M 390 -68.60 85.97 -24.31
CA ASN M 390 -67.69 84.94 -23.83
C ASN M 390 -68.36 83.57 -23.79
N GLU M 391 -69.66 83.53 -23.49
CA GLU M 391 -70.36 82.25 -23.45
C GLU M 391 -70.50 81.63 -24.83
N ALA M 392 -70.56 82.47 -25.87
CA ALA M 392 -70.68 81.95 -27.23
C ALA M 392 -69.35 81.41 -27.74
N TYR M 393 -68.22 81.91 -27.22
CA TYR M 393 -66.92 81.43 -27.65
C TYR M 393 -66.60 80.05 -27.07
N MET M 394 -67.08 79.76 -25.87
CA MET M 394 -66.83 78.47 -25.24
C MET M 394 -67.67 77.34 -25.82
N MET M 395 -68.68 77.66 -26.63
CA MET M 395 -69.51 76.64 -27.26
C MET M 395 -68.86 76.02 -28.49
N HIS M 396 -67.67 76.48 -28.88
CA HIS M 396 -66.98 75.91 -30.02
C HIS M 396 -65.49 75.69 -29.78
N THR M 397 -64.98 75.96 -28.58
CA THR M 397 -63.58 75.78 -28.25
C THR M 397 -63.47 74.82 -27.07
N THR M 398 -62.60 73.81 -27.20
CA THR M 398 -62.41 72.83 -26.15
C THR M 398 -61.74 73.48 -24.93
N THR M 399 -61.83 72.78 -23.80
CA THR M 399 -61.25 73.28 -22.56
C THR M 399 -59.74 73.09 -22.50
N SER M 400 -59.18 72.23 -23.36
CA SER M 400 -57.74 71.96 -23.41
C SER M 400 -57.23 72.36 -24.79
N PRO M 401 -56.91 73.63 -24.99
CA PRO M 401 -56.43 74.06 -26.31
C PRO M 401 -55.01 73.60 -26.57
N HIS M 402 -54.65 73.55 -27.86
CA HIS M 402 -53.32 73.15 -28.28
C HIS M 402 -52.45 74.40 -28.37
N TYR M 403 -51.49 74.51 -27.44
CA TYR M 403 -50.64 75.70 -27.38
C TYR M 403 -49.68 75.79 -28.56
N GLY M 404 -49.45 74.69 -29.27
CA GLY M 404 -48.60 74.75 -30.45
C GLY M 404 -49.19 75.59 -31.57
N ILE M 405 -50.52 75.61 -31.67
CA ILE M 405 -51.18 76.45 -32.66
C ILE M 405 -51.46 77.85 -32.11
N VAL M 406 -51.75 77.95 -30.81
CA VAL M 406 -52.01 79.26 -30.20
C VAL M 406 -50.76 80.13 -30.28
N ALA M 407 -49.58 79.53 -30.04
CA ALA M 407 -48.33 80.28 -30.13
C ALA M 407 -48.06 80.76 -31.54
N SER M 408 -48.44 79.97 -32.55
CA SER M 408 -48.27 80.37 -33.94
C SER M 408 -49.32 81.38 -34.39
N THR M 409 -50.48 81.40 -33.74
CA THR M 409 -51.50 82.38 -34.10
C THR M 409 -51.06 83.80 -33.76
N GLU M 410 -50.55 83.99 -32.55
CA GLU M 410 -50.04 85.30 -32.17
C GLU M 410 -48.71 85.61 -32.87
N THR M 411 -47.98 84.57 -33.28
CA THR M 411 -46.73 84.79 -34.00
C THR M 411 -46.97 85.48 -35.34
N ALA M 412 -48.05 85.12 -36.03
CA ALA M 412 -48.37 85.77 -37.30
C ALA M 412 -48.65 87.26 -37.11
N ALA M 413 -49.19 87.64 -35.95
CA ALA M 413 -49.41 89.05 -35.67
C ALA M 413 -48.12 89.76 -35.27
N ALA M 414 -47.13 89.01 -34.78
CA ALA M 414 -45.85 89.61 -34.41
C ALA M 414 -44.89 89.66 -35.59
N MET M 415 -45.02 88.74 -36.54
CA MET M 415 -44.15 88.76 -37.71
C MET M 415 -44.47 89.90 -38.66
N MET M 416 -45.65 90.51 -38.53
CA MET M 416 -46.06 91.61 -39.39
C MET M 416 -45.84 92.98 -38.77
N LYS M 417 -45.58 93.04 -37.46
CA LYS M 417 -45.38 94.32 -36.80
C LYS M 417 -44.00 94.88 -37.11
N GLY M 418 -43.94 96.20 -37.31
CA GLY M 418 -42.69 96.87 -37.60
C GLY M 418 -42.39 96.94 -39.09
N ASN M 419 -41.33 97.68 -39.40
CA ASN M 419 -40.92 97.83 -40.79
C ASN M 419 -40.37 96.52 -41.36
N ALA M 420 -39.83 95.65 -40.50
CA ALA M 420 -39.34 94.37 -40.96
C ALA M 420 -40.46 93.44 -41.40
N GLY M 421 -41.67 93.64 -40.89
CA GLY M 421 -42.80 92.83 -41.28
C GLY M 421 -43.57 93.43 -42.44
N LYS M 422 -43.55 94.76 -42.55
CA LYS M 422 -44.24 95.43 -43.63
C LYS M 422 -43.59 95.18 -44.99
N ARG M 423 -42.31 94.80 -45.00
CA ARG M 423 -41.63 94.49 -46.26
C ARG M 423 -42.14 93.21 -46.90
N LEU M 424 -42.78 92.34 -46.12
CA LEU M 424 -43.33 91.10 -46.68
C LEU M 424 -44.63 91.37 -47.44
N ILE M 425 -45.43 92.34 -46.99
CA ILE M 425 -46.64 92.70 -47.71
C ILE M 425 -46.29 93.45 -48.98
N ASN M 426 -45.46 94.48 -48.87
CA ASN M 426 -45.05 95.24 -50.05
C ASN M 426 -44.18 94.41 -50.98
N GLY M 427 -43.40 93.48 -50.43
CA GLY M 427 -42.60 92.61 -51.26
C GLY M 427 -43.43 91.64 -52.07
N SER M 428 -44.53 91.16 -51.49
CA SER M 428 -45.43 90.27 -52.22
C SER M 428 -46.20 91.01 -53.30
N ILE M 429 -46.44 92.31 -53.11
CA ILE M 429 -47.13 93.10 -54.13
C ILE M 429 -46.20 93.41 -55.28
N GLU M 430 -44.94 93.74 -54.98
CA GLU M 430 -43.97 94.03 -56.04
C GLU M 430 -43.68 92.80 -56.87
N ARG M 431 -43.63 91.62 -56.23
CA ARG M 431 -43.44 90.38 -56.99
C ARG M 431 -44.68 90.02 -57.78
N ALA M 432 -45.85 90.45 -57.33
CA ALA M 432 -47.08 90.18 -58.07
C ALA M 432 -47.22 91.10 -59.28
N ILE M 433 -46.90 92.39 -59.11
CA ILE M 433 -46.96 93.32 -60.23
C ILE M 433 -45.90 92.96 -61.27
N LYS M 434 -44.71 92.52 -60.83
CA LYS M 434 -43.68 92.10 -61.76
C LYS M 434 -44.12 90.88 -62.56
N PHE M 435 -44.83 89.95 -61.91
CA PHE M 435 -45.34 88.79 -62.62
C PHE M 435 -46.45 89.18 -63.60
N ARG M 436 -47.20 90.23 -63.30
CA ARG M 436 -48.23 90.69 -64.22
C ARG M 436 -47.63 91.32 -65.47
N LYS M 437 -46.49 92.02 -65.32
CA LYS M 437 -45.85 92.64 -66.47
C LYS M 437 -45.13 91.62 -67.35
N GLU M 438 -44.67 90.51 -66.77
CA GLU M 438 -44.00 89.49 -67.54
C GLU M 438 -44.96 88.73 -68.46
N ILE M 439 -46.25 88.70 -68.12
CA ILE M 439 -47.22 88.04 -68.98
C ILE M 439 -47.50 88.87 -70.24
N LYS M 440 -47.70 90.17 -70.07
CA LYS M 440 -47.93 91.04 -71.22
C LYS M 440 -46.68 91.19 -72.08
N ARG M 441 -45.50 91.04 -71.48
CA ARG M 441 -44.27 91.14 -72.25
C ARG M 441 -44.05 89.90 -73.11
N LEU M 442 -44.39 88.73 -72.59
CA LEU M 442 -44.25 87.47 -73.31
C LEU M 442 -45.47 87.14 -74.15
N ARG M 443 -46.40 88.08 -74.32
CA ARG M 443 -47.60 87.86 -75.12
C ARG M 443 -47.50 88.48 -76.51
N THR M 444 -47.07 89.73 -76.60
CA THR M 444 -46.93 90.38 -77.90
C THR M 444 -45.68 89.92 -78.62
N GLU M 445 -44.57 89.77 -77.89
CA GLU M 445 -43.31 89.34 -78.52
C GLU M 445 -43.35 87.89 -78.94
N SER M 446 -44.25 87.08 -78.38
CA SER M 446 -44.34 85.69 -78.76
C SER M 446 -45.00 85.54 -80.12
N ASP M 447 -44.90 84.34 -80.68
CA ASP M 447 -45.47 84.00 -81.99
C ASP M 447 -46.54 82.94 -81.79
N GLY M 448 -47.74 83.40 -81.46
CA GLY M 448 -48.87 82.53 -81.24
C GLY M 448 -49.67 82.97 -80.05
N TRP M 449 -50.51 82.07 -79.55
CA TRP M 449 -51.35 82.37 -78.40
C TRP M 449 -50.53 82.37 -77.11
N PHE M 450 -51.04 83.08 -76.11
CA PHE M 450 -50.38 83.16 -74.82
C PHE M 450 -51.41 83.52 -73.76
N PHE M 451 -51.08 83.21 -72.51
CA PHE M 451 -51.99 83.46 -71.41
C PHE M 451 -52.20 84.96 -71.22
N ASP M 452 -53.33 85.30 -70.58
CA ASP M 452 -53.68 86.68 -70.31
C ASP M 452 -54.08 86.83 -68.85
N VAL M 453 -53.74 87.98 -68.28
CA VAL M 453 -54.04 88.29 -66.89
C VAL M 453 -55.27 89.19 -66.83
N TRP M 454 -56.24 88.84 -66.00
CA TRP M 454 -57.45 89.62 -65.82
C TRP M 454 -57.09 90.91 -65.07
N GLN M 455 -56.59 91.88 -65.83
CA GLN M 455 -56.11 93.13 -65.28
C GLN M 455 -56.43 94.25 -66.26
N PRO M 456 -56.53 95.49 -65.79
CA PRO M 456 -56.75 96.62 -66.70
C PRO M 456 -55.58 96.80 -67.66
N ASP M 457 -55.81 97.66 -68.65
CA ASP M 457 -54.78 97.93 -69.65
C ASP M 457 -53.63 98.74 -69.10
N HIS M 458 -53.83 99.46 -67.99
CA HIS M 458 -52.81 100.29 -67.37
C HIS M 458 -52.53 99.75 -65.97
N ILE M 459 -51.38 99.11 -65.80
CA ILE M 459 -50.97 98.53 -64.53
C ILE M 459 -49.68 99.15 -64.01
N ASP M 460 -49.37 100.37 -64.42
CA ASP M 460 -48.14 101.02 -64.00
C ASP M 460 -48.17 101.44 -62.54
N THR M 461 -49.34 101.79 -62.00
CA THR M 461 -49.44 102.22 -60.62
C THR M 461 -49.33 101.02 -59.68
N THR M 462 -49.15 101.33 -58.39
CA THR M 462 -49.03 100.31 -57.34
C THR M 462 -50.15 100.56 -56.33
N GLU M 463 -51.33 100.05 -56.64
CA GLU M 463 -52.51 100.20 -55.80
C GLU M 463 -53.57 99.22 -56.29
N CYS M 464 -54.74 99.28 -55.67
CA CYS M 464 -55.85 98.43 -56.07
C CYS M 464 -56.57 99.05 -57.27
N TRP M 465 -56.63 98.31 -58.37
CA TRP M 465 -57.26 98.81 -59.58
C TRP M 465 -58.78 98.80 -59.42
N PRO M 466 -59.44 99.96 -59.48
CA PRO M 466 -60.90 99.97 -59.33
C PRO M 466 -61.59 99.47 -60.59
N LEU M 467 -62.80 98.94 -60.40
CA LEU M 467 -63.60 98.42 -61.51
C LEU M 467 -64.55 99.53 -61.96
N ARG M 468 -64.14 100.26 -62.99
CA ARG M 468 -64.92 101.36 -63.52
C ARG M 468 -66.04 100.83 -64.40
N SER M 469 -66.82 101.75 -64.97
CA SER M 469 -67.91 101.41 -65.86
C SER M 469 -67.58 101.56 -67.33
N ASP M 470 -66.45 102.19 -67.65
CA ASP M 470 -66.02 102.40 -69.04
C ASP M 470 -64.85 101.49 -69.41
N SER M 471 -64.83 100.27 -68.89
CA SER M 471 -63.78 99.31 -69.17
C SER M 471 -64.38 98.03 -69.74
N THR M 472 -63.53 97.25 -70.41
CA THR M 472 -63.94 96.00 -71.02
C THR M 472 -63.20 94.80 -70.48
N TRP M 473 -62.26 94.98 -69.55
CA TRP M 473 -61.51 93.86 -69.02
C TRP M 473 -62.31 93.09 -67.97
N HIS M 474 -63.14 93.78 -67.21
CA HIS M 474 -63.93 93.11 -66.17
C HIS M 474 -65.18 92.45 -66.76
N GLY M 475 -65.79 93.07 -67.77
CA GLY M 475 -66.94 92.50 -68.44
C GLY M 475 -68.23 92.50 -67.63
N PHE M 476 -68.23 93.06 -66.43
CA PHE M 476 -69.43 93.09 -65.60
C PHE M 476 -70.40 94.13 -66.16
N LYS M 477 -71.58 93.69 -66.59
CA LYS M 477 -72.57 94.59 -67.14
C LYS M 477 -73.25 95.37 -66.02
N ASN M 478 -73.25 96.69 -66.14
CA ASN M 478 -73.85 97.60 -65.16
C ASN M 478 -73.24 97.38 -63.77
N ILE M 479 -72.07 97.98 -63.58
CA ILE M 479 -71.33 97.91 -62.34
C ILE M 479 -71.21 99.30 -61.74
N ASP M 480 -71.21 99.35 -60.41
CA ASP M 480 -71.12 100.63 -59.71
C ASP M 480 -69.67 101.08 -59.62
N ASN M 481 -69.45 102.38 -59.82
CA ASN M 481 -68.10 102.92 -59.77
C ASN M 481 -67.66 103.12 -58.31
N GLU M 482 -66.35 102.95 -58.09
CA GLU M 482 -65.75 103.09 -56.77
C GLU M 482 -66.40 102.14 -55.76
N HIS M 483 -66.62 100.90 -56.17
CA HIS M 483 -67.25 99.91 -55.31
C HIS M 483 -66.47 98.60 -55.32
N MET M 484 -66.08 98.15 -56.51
CA MET M 484 -65.33 96.90 -56.67
C MET M 484 -63.85 97.23 -56.87
N TYR M 485 -62.99 96.53 -56.13
CA TYR M 485 -61.56 96.71 -56.19
C TYR M 485 -60.90 95.43 -56.72
N LEU M 486 -59.58 95.47 -56.86
CA LEU M 486 -58.81 94.36 -57.38
C LEU M 486 -57.62 94.09 -56.46
N ASP M 487 -57.37 92.81 -56.18
CA ASP M 487 -56.25 92.42 -55.34
C ASP M 487 -55.03 92.15 -56.23
N PRO M 488 -53.95 92.92 -56.08
CA PRO M 488 -52.79 92.71 -56.98
C PRO M 488 -52.12 91.36 -56.81
N ILE M 489 -52.22 90.74 -55.63
CA ILE M 489 -51.55 89.47 -55.37
C ILE M 489 -52.46 88.32 -55.77
N LYS M 490 -53.60 88.63 -56.40
CA LYS M 490 -54.54 87.63 -56.87
C LYS M 490 -54.57 87.70 -58.40
N VAL M 491 -53.57 87.09 -59.02
CA VAL M 491 -53.46 87.07 -60.47
C VAL M 491 -54.35 85.96 -61.02
N THR M 492 -55.28 86.32 -61.90
CA THR M 492 -56.20 85.37 -62.52
C THR M 492 -55.82 85.22 -63.99
N LEU M 493 -55.23 84.08 -64.33
CA LEU M 493 -54.81 83.83 -65.70
C LEU M 493 -56.00 83.40 -66.54
N LEU M 494 -56.31 84.18 -67.57
CA LEU M 494 -57.42 83.90 -68.47
C LEU M 494 -56.89 83.16 -69.69
N THR M 495 -57.24 81.89 -69.81
CA THR M 495 -56.80 81.10 -70.95
C THR M 495 -57.61 81.47 -72.19
N PRO M 496 -56.98 81.47 -73.36
CA PRO M 496 -57.71 81.81 -74.60
C PRO M 496 -58.82 80.79 -74.89
N GLY M 497 -59.90 81.29 -75.47
CA GLY M 497 -61.03 80.44 -75.81
C GLY M 497 -62.33 81.20 -75.92
N MET M 498 -62.37 82.42 -75.38
CA MET M 498 -63.55 83.27 -75.42
C MET M 498 -63.17 84.66 -75.89
N GLU M 499 -64.18 85.39 -76.37
CA GLU M 499 -63.96 86.74 -76.86
C GLU M 499 -64.18 87.75 -75.73
N LYS M 500 -64.11 89.03 -76.08
CA LYS M 500 -64.29 90.11 -75.11
C LYS M 500 -65.74 90.57 -74.99
N ASP M 501 -66.65 90.03 -75.82
CA ASP M 501 -68.05 90.41 -75.77
C ASP M 501 -68.91 89.41 -75.01
N GLY M 502 -68.37 88.26 -74.65
CA GLY M 502 -69.11 87.24 -73.92
C GLY M 502 -69.47 86.01 -74.71
N THR M 503 -69.13 85.98 -76.01
CA THR M 503 -69.44 84.83 -76.85
C THR M 503 -68.28 83.83 -76.81
N MET M 504 -68.30 82.86 -77.71
CA MET M 504 -67.26 81.85 -77.79
C MET M 504 -66.39 82.08 -79.02
N SER M 505 -65.22 81.44 -79.02
CA SER M 505 -64.26 81.54 -80.10
C SER M 505 -64.16 80.20 -80.83
N ASP M 506 -63.16 80.09 -81.70
CA ASP M 506 -62.93 78.87 -82.48
C ASP M 506 -61.70 78.11 -82.03
N PHE M 507 -60.68 78.81 -81.53
CA PHE M 507 -59.44 78.19 -81.07
C PHE M 507 -59.22 78.56 -79.61
N GLY M 508 -59.07 77.54 -78.76
CA GLY M 508 -58.86 77.77 -77.35
C GLY M 508 -58.62 76.46 -76.64
N ILE M 509 -58.02 76.58 -75.45
CA ILE M 509 -57.70 75.43 -74.60
C ILE M 509 -58.36 75.67 -73.25
N PRO M 510 -59.17 74.74 -72.76
CA PRO M 510 -59.80 74.93 -71.44
C PRO M 510 -58.76 74.94 -70.33
N ALA M 511 -59.17 75.51 -69.19
CA ALA M 511 -58.30 75.61 -68.03
C ALA M 511 -58.18 74.30 -67.27
N SER M 512 -59.01 73.30 -67.58
CA SER M 512 -58.92 72.02 -66.88
C SER M 512 -57.70 71.22 -67.31
N ILE M 513 -57.29 71.35 -68.57
CA ILE M 513 -56.12 70.62 -69.04
C ILE M 513 -54.85 71.26 -68.47
N VAL M 514 -54.81 72.59 -68.38
CA VAL M 514 -53.64 73.26 -67.84
C VAL M 514 -53.51 73.00 -66.35
N ALA M 515 -54.64 72.79 -65.65
CA ALA M 515 -54.58 72.54 -64.22
C ALA M 515 -53.86 71.24 -63.90
N LYS M 516 -54.08 70.20 -64.71
CA LYS M 516 -53.40 68.93 -64.49
C LYS M 516 -51.97 68.93 -65.02
N TYR M 517 -51.65 69.81 -65.98
CA TYR M 517 -50.28 69.87 -66.49
C TYR M 517 -49.34 70.52 -65.48
N LEU M 518 -49.84 71.48 -64.70
CA LEU M 518 -49.00 72.12 -63.69
C LEU M 518 -48.74 71.21 -62.49
N ASP M 519 -49.59 70.22 -62.26
CA ASP M 519 -49.40 69.31 -61.13
C ASP M 519 -48.22 68.37 -61.34
N GLU M 520 -47.80 68.16 -62.59
CA GLU M 520 -46.67 67.26 -62.86
C GLU M 520 -45.37 67.82 -62.30
N HIS M 521 -45.19 69.15 -62.35
CA HIS M 521 -43.99 69.78 -61.82
C HIS M 521 -44.12 70.17 -60.36
N GLY M 522 -45.34 70.21 -59.83
CA GLY M 522 -45.56 70.56 -58.44
C GLY M 522 -46.25 71.89 -58.25
N ILE M 523 -47.29 72.14 -59.05
CA ILE M 523 -48.06 73.38 -58.99
C ILE M 523 -49.54 72.99 -58.99
N VAL M 524 -50.24 73.31 -57.90
CA VAL M 524 -51.65 73.00 -57.76
C VAL M 524 -52.45 74.28 -57.98
N VAL M 525 -53.39 74.24 -58.92
CA VAL M 525 -54.21 75.41 -59.21
C VAL M 525 -55.26 75.56 -58.13
N GLU M 526 -55.41 76.79 -57.61
CA GLU M 526 -56.39 77.05 -56.56
C GLU M 526 -57.82 76.93 -57.09
N LYS M 527 -58.10 77.60 -58.21
CA LYS M 527 -59.44 77.57 -58.80
C LYS M 527 -59.31 77.43 -60.31
N THR M 528 -60.00 76.44 -60.87
CA THR M 528 -59.99 76.20 -62.31
C THR M 528 -61.35 75.67 -62.73
N GLY M 529 -61.57 75.68 -64.05
CA GLY M 529 -62.81 75.20 -64.61
C GLY M 529 -63.03 75.70 -66.03
N PRO M 530 -63.73 76.84 -66.16
CA PRO M 530 -64.00 77.38 -67.50
C PRO M 530 -62.74 77.83 -68.22
N TYR M 531 -62.35 79.09 -68.01
CA TYR M 531 -61.17 79.66 -68.67
C TYR M 531 -60.49 80.63 -67.71
N ASN M 532 -60.21 80.17 -66.49
CA ASN M 532 -59.55 80.99 -65.48
C ASN M 532 -58.59 80.14 -64.67
N LEU M 533 -57.57 80.80 -64.12
CA LEU M 533 -56.56 80.14 -63.29
C LEU M 533 -56.22 81.06 -62.13
N LEU M 534 -56.66 80.70 -60.93
CA LEU M 534 -56.43 81.50 -59.74
C LEU M 534 -55.22 80.97 -58.97
N PHE M 535 -54.39 81.90 -58.50
CA PHE M 535 -53.21 81.57 -57.72
C PHE M 535 -53.15 82.44 -56.49
N LEU M 536 -52.21 82.11 -55.59
CA LEU M 536 -52.04 82.82 -54.33
C LEU M 536 -50.61 83.33 -54.23
N PHE M 537 -50.45 84.64 -54.14
CA PHE M 537 -49.15 85.28 -54.02
C PHE M 537 -49.03 85.93 -52.64
N SER M 538 -48.93 85.09 -51.63
CA SER M 538 -48.84 85.55 -50.24
C SER M 538 -47.38 85.75 -49.87
N ILE M 539 -47.08 85.79 -48.57
CA ILE M 539 -45.70 85.97 -48.12
C ILE M 539 -44.88 84.69 -48.29
N GLY M 540 -45.54 83.54 -48.44
CA GLY M 540 -44.82 82.30 -48.62
C GLY M 540 -44.23 82.12 -50.01
N ILE M 541 -44.79 82.79 -51.01
CA ILE M 541 -44.29 82.71 -52.38
C ILE M 541 -43.14 83.71 -52.50
N ASP M 542 -41.91 83.19 -52.46
CA ASP M 542 -40.73 84.04 -52.56
C ASP M 542 -40.37 84.25 -54.03
N LYS M 543 -39.15 84.73 -54.32
CA LYS M 543 -38.75 84.94 -55.70
C LYS M 543 -38.49 83.63 -56.44
N THR M 544 -38.28 82.54 -55.72
CA THR M 544 -38.06 81.24 -56.36
C THR M 544 -39.39 80.63 -56.80
N LYS M 545 -40.39 80.65 -55.92
CA LYS M 545 -41.69 80.07 -56.25
C LYS M 545 -42.44 80.90 -57.28
N ALA M 546 -42.14 82.19 -57.40
CA ALA M 546 -42.83 83.03 -58.37
C ALA M 546 -42.27 82.83 -59.78
N LEU M 547 -40.95 82.73 -59.91
CA LEU M 547 -40.34 82.52 -61.22
C LEU M 547 -40.55 81.10 -61.73
N SER M 548 -40.79 80.14 -60.84
CA SER M 548 -41.02 78.77 -61.27
C SER M 548 -42.39 78.59 -61.93
N LEU M 549 -43.33 79.50 -61.68
CA LEU M 549 -44.65 79.40 -62.30
C LEU M 549 -44.63 79.83 -63.75
N LEU M 550 -43.84 80.86 -64.08
CA LEU M 550 -43.77 81.33 -65.46
C LEU M 550 -43.05 80.32 -66.34
N ARG M 551 -42.06 79.62 -65.80
CA ARG M 551 -41.34 78.62 -66.58
C ARG M 551 -42.23 77.45 -66.94
N ALA M 552 -43.15 77.08 -66.04
CA ALA M 552 -44.08 75.99 -66.34
C ALA M 552 -45.13 76.41 -67.36
N LEU M 553 -45.42 77.70 -67.45
CA LEU M 553 -46.40 78.17 -68.44
C LEU M 553 -45.80 78.18 -69.84
N THR M 554 -44.50 78.50 -69.95
CA THR M 554 -43.85 78.51 -71.26
C THR M 554 -43.67 77.10 -71.80
N ASP M 555 -43.56 76.10 -70.92
CA ASP M 555 -43.41 74.72 -71.36
C ASP M 555 -44.71 74.16 -71.94
N PHE M 556 -45.87 74.71 -71.55
CA PHE M 556 -47.13 74.23 -72.09
C PHE M 556 -47.33 74.70 -73.53
N LYS M 557 -46.85 75.89 -73.87
CA LYS M 557 -46.96 76.37 -75.24
C LYS M 557 -46.04 75.60 -76.18
N ARG M 558 -44.85 75.23 -75.68
CA ARG M 558 -43.91 74.47 -76.50
C ARG M 558 -44.43 73.05 -76.78
N ALA M 559 -45.00 72.40 -75.77
CA ALA M 559 -45.51 71.05 -75.94
C ALA M 559 -46.79 71.02 -76.78
N PHE M 560 -47.54 72.13 -76.83
CA PHE M 560 -48.76 72.18 -77.62
C PHE M 560 -48.51 72.57 -79.06
N ASP M 561 -47.54 73.44 -79.32
CA ASP M 561 -47.24 73.84 -80.70
C ASP M 561 -46.56 72.71 -81.47
N LEU M 562 -45.73 71.91 -80.80
CA LEU M 562 -45.06 70.79 -81.46
C LEU M 562 -45.94 69.56 -81.59
N ASN M 563 -47.15 69.59 -81.03
CA ASN M 563 -48.10 68.48 -81.10
C ASN M 563 -47.48 67.20 -80.55
N LEU M 564 -47.42 67.08 -79.22
CA LEU M 564 -46.86 65.92 -78.56
C LEU M 564 -47.99 64.98 -78.13
N ARG M 565 -47.59 63.80 -77.67
CA ARG M 565 -48.54 62.80 -77.23
C ARG M 565 -48.92 63.00 -75.77
N VAL M 566 -50.03 62.38 -75.37
CA VAL M 566 -50.48 62.50 -73.99
C VAL M 566 -49.58 61.70 -73.05
N LYS M 567 -49.12 60.53 -73.51
CA LYS M 567 -48.26 59.70 -72.67
C LYS M 567 -46.92 60.38 -72.43
N ASN M 568 -46.40 61.10 -73.41
CA ASN M 568 -45.15 61.84 -73.29
C ASN M 568 -45.36 63.28 -72.84
N MET M 569 -46.33 63.53 -71.97
CA MET M 569 -46.62 64.87 -71.49
C MET M 569 -47.40 64.84 -70.18
N LEU M 570 -48.41 63.96 -70.12
CA LEU M 570 -49.26 63.80 -68.93
C LEU M 570 -49.22 62.34 -68.51
N PRO M 571 -48.21 61.94 -67.75
CA PRO M 571 -48.14 60.54 -67.31
C PRO M 571 -49.19 60.18 -66.26
N SER M 572 -49.70 61.15 -65.51
CA SER M 572 -50.72 60.85 -64.52
C SER M 572 -52.07 60.56 -65.17
N LEU M 573 -52.41 61.32 -66.22
CA LEU M 573 -53.67 61.07 -66.92
C LEU M 573 -53.62 59.79 -67.73
N TYR M 574 -52.44 59.39 -68.19
CA TYR M 574 -52.31 58.15 -68.97
C TYR M 574 -52.54 56.92 -68.11
N ARG M 575 -52.20 56.99 -66.83
CA ARG M 575 -52.39 55.84 -65.95
C ARG M 575 -53.86 55.62 -65.58
N GLU M 576 -54.72 56.61 -65.81
CA GLU M 576 -56.14 56.43 -65.49
C GLU M 576 -56.82 55.53 -66.52
N ASP M 577 -56.47 55.66 -67.79
CA ASP M 577 -57.04 54.84 -68.86
C ASP M 577 -56.05 54.74 -69.99
N PRO M 578 -55.10 53.81 -69.90
CA PRO M 578 -54.10 53.66 -70.98
C PRO M 578 -54.68 53.21 -72.30
N GLU M 579 -55.84 52.56 -72.30
CA GLU M 579 -56.43 52.08 -73.55
C GLU M 579 -57.05 53.22 -74.35
N PHE M 580 -57.82 54.09 -73.69
CA PHE M 580 -58.48 55.18 -74.40
C PHE M 580 -57.49 56.28 -74.76
N TYR M 581 -56.55 56.60 -73.86
CA TYR M 581 -55.56 57.64 -74.11
C TYR M 581 -54.28 57.06 -74.72
N GLU M 582 -54.45 56.18 -75.70
CA GLU M 582 -53.30 55.55 -76.38
C GLU M 582 -52.85 56.39 -77.57
N ASN M 583 -53.65 56.39 -78.64
CA ASN M 583 -53.34 57.14 -79.85
C ASN M 583 -53.93 58.55 -79.84
N MET M 584 -53.82 59.26 -78.72
CA MET M 584 -54.34 60.61 -78.59
C MET M 584 -53.21 61.58 -78.31
N ARG M 585 -53.25 62.74 -78.96
CA ARG M 585 -52.25 63.78 -78.82
C ARG M 585 -52.81 64.94 -78.02
N ILE M 586 -51.96 65.94 -77.77
CA ILE M 586 -52.37 67.11 -77.00
C ILE M 586 -53.27 68.04 -77.80
N GLN M 587 -53.16 68.03 -79.13
CA GLN M 587 -54.01 68.89 -79.95
C GLN M 587 -55.38 68.28 -80.20
N GLU M 588 -55.48 66.94 -80.22
CA GLU M 588 -56.77 66.30 -80.42
C GLU M 588 -57.65 66.41 -79.19
N LEU M 589 -57.07 66.36 -78.00
CA LEU M 589 -57.85 66.46 -76.77
C LEU M 589 -58.32 67.89 -76.50
N ALA M 590 -57.50 68.89 -76.82
CA ALA M 590 -57.89 70.27 -76.54
C ALA M 590 -58.98 70.75 -77.49
N GLN M 591 -59.02 70.22 -78.72
CA GLN M 591 -60.02 70.65 -79.69
C GLN M 591 -61.36 69.95 -79.48
N ASN M 592 -61.34 68.69 -79.02
CA ASN M 592 -62.60 67.97 -78.82
C ASN M 592 -63.36 68.52 -77.61
N ILE M 593 -62.64 68.96 -76.58
CA ILE M 593 -63.31 69.50 -75.41
C ILE M 593 -63.84 70.90 -75.69
N HIS M 594 -63.13 71.68 -76.50
CA HIS M 594 -63.59 73.03 -76.81
C HIS M 594 -64.88 73.02 -77.61
N LYS M 595 -65.09 72.00 -78.45
CA LYS M 595 -66.32 71.91 -79.22
C LYS M 595 -67.50 71.50 -78.34
N LEU M 596 -67.24 70.78 -77.25
CA LEU M 596 -68.33 70.38 -76.36
C LEU M 596 -68.86 71.56 -75.56
N ILE M 597 -68.01 72.54 -75.26
CA ILE M 597 -68.46 73.72 -74.52
C ILE M 597 -69.38 74.58 -75.39
N VAL M 598 -69.04 74.71 -76.67
CA VAL M 598 -69.87 75.51 -77.58
C VAL M 598 -71.17 74.78 -77.88
N HIS M 599 -71.11 73.45 -78.02
CA HIS M 599 -72.31 72.68 -78.33
C HIS M 599 -73.29 72.70 -77.17
N HIS M 600 -72.82 72.38 -75.96
CA HIS M 600 -73.68 72.40 -74.79
C HIS M 600 -73.97 73.80 -74.27
N ASN M 601 -73.25 74.81 -74.77
CA ASN M 601 -73.47 76.21 -74.38
C ASN M 601 -73.31 76.38 -72.88
N LEU M 602 -72.07 76.51 -72.41
CA LEU M 602 -71.78 76.62 -70.98
C LEU M 602 -71.96 78.05 -70.46
N PRO M 603 -71.42 79.09 -71.11
CA PRO M 603 -71.56 80.44 -70.54
C PRO M 603 -73.00 80.91 -70.40
N ASP M 604 -73.90 80.47 -71.30
CA ASP M 604 -75.28 80.91 -71.22
C ASP M 604 -76.05 80.16 -70.13
N LEU M 605 -75.81 78.86 -69.99
CA LEU M 605 -76.50 78.07 -68.98
C LEU M 605 -75.95 78.31 -67.58
N MET M 606 -74.80 78.98 -67.46
CA MET M 606 -74.22 79.28 -66.17
C MET M 606 -74.55 80.69 -65.70
N TYR M 607 -74.62 81.65 -66.64
CA TYR M 607 -74.93 83.02 -66.26
C TYR M 607 -76.41 83.17 -65.89
N ARG M 608 -77.28 82.33 -66.41
CA ARG M 608 -78.70 82.41 -66.13
C ARG M 608 -79.14 81.52 -64.98
N ALA M 609 -78.32 80.53 -64.59
CA ALA M 609 -78.70 79.64 -63.49
C ALA M 609 -78.37 80.26 -62.15
N PHE M 610 -77.14 80.73 -61.96
CA PHE M 610 -76.72 81.33 -60.70
C PHE M 610 -77.28 82.72 -60.49
N GLU M 611 -77.90 83.33 -61.50
CA GLU M 611 -78.45 84.68 -61.36
C GLU M 611 -79.76 84.66 -60.57
N VAL M 612 -80.74 83.88 -61.05
CA VAL M 612 -82.03 83.81 -60.37
C VAL M 612 -81.89 82.98 -59.09
N LEU M 613 -82.86 83.16 -58.19
CA LEU M 613 -82.88 82.46 -56.92
C LEU M 613 -84.10 81.56 -56.85
N PRO M 614 -83.94 80.27 -56.53
CA PRO M 614 -85.10 79.39 -56.42
C PRO M 614 -86.01 79.80 -55.28
N THR M 615 -87.24 79.29 -55.34
CA THR M 615 -88.24 79.61 -54.33
C THR M 615 -87.89 78.91 -53.01
N MET M 616 -87.65 79.70 -51.97
CA MET M 616 -87.32 79.16 -50.65
C MET M 616 -88.61 78.93 -49.88
N VAL M 617 -88.96 77.67 -49.66
CA VAL M 617 -90.19 77.34 -48.96
C VAL M 617 -90.05 77.57 -47.46
N MET M 618 -89.14 76.84 -46.83
CA MET M 618 -88.92 76.91 -45.40
C MET M 618 -87.49 77.38 -45.12
N THR M 619 -87.23 77.63 -43.84
CA THR M 619 -85.91 78.08 -43.43
C THR M 619 -84.91 76.92 -43.49
N PRO M 620 -83.63 77.20 -43.69
CA PRO M 620 -82.62 76.12 -43.72
C PRO M 620 -82.53 75.35 -42.41
N TYR M 621 -82.94 75.95 -41.29
CA TYR M 621 -82.92 75.22 -40.02
C TYR M 621 -83.97 74.12 -39.99
N ALA M 622 -85.12 74.36 -40.63
CA ALA M 622 -86.18 73.35 -40.65
C ALA M 622 -85.87 72.21 -41.60
N ALA M 623 -84.99 72.41 -42.58
CA ALA M 623 -84.65 71.34 -43.50
C ALA M 623 -83.79 70.27 -42.83
N PHE M 624 -82.94 70.67 -41.87
CA PHE M 624 -82.11 69.69 -41.17
C PHE M 624 -82.90 68.93 -40.12
N GLN M 625 -83.99 69.50 -39.61
CA GLN M 625 -84.79 68.80 -38.61
C GLN M 625 -85.55 67.63 -39.23
N LYS M 626 -86.02 67.78 -40.46
CA LYS M 626 -86.71 66.69 -41.14
C LYS M 626 -85.78 65.57 -41.53
N GLU M 627 -84.49 65.85 -41.72
CA GLU M 627 -83.54 64.81 -42.08
C GLU M 627 -83.22 63.91 -40.90
N LEU M 628 -83.25 64.45 -39.68
CA LEU M 628 -82.93 63.64 -38.50
C LEU M 628 -84.03 62.63 -38.20
N HIS M 629 -85.27 62.92 -38.59
CA HIS M 629 -86.36 61.98 -38.34
C HIS M 629 -86.30 60.79 -39.27
N GLY M 630 -85.72 60.94 -40.45
CA GLY M 630 -85.62 59.87 -41.41
C GLY M 630 -86.54 59.95 -42.59
N MET M 631 -87.10 61.12 -42.89
CA MET M 631 -88.01 61.30 -44.03
C MET M 631 -87.27 61.81 -45.25
N THR M 632 -86.18 61.15 -45.61
CA THR M 632 -85.37 61.52 -46.76
C THR M 632 -85.35 60.36 -47.76
N GLU M 633 -85.41 60.71 -49.04
CA GLU M 633 -85.39 59.72 -50.11
C GLU M 633 -84.42 60.18 -51.20
N GLU M 634 -83.97 59.22 -52.00
CA GLU M 634 -83.03 59.46 -53.09
C GLU M 634 -83.79 59.36 -54.42
N VAL M 635 -83.92 60.49 -55.10
CA VAL M 635 -84.61 60.54 -56.39
C VAL M 635 -83.60 60.89 -57.47
N TYR M 636 -84.03 60.73 -58.72
CA TYR M 636 -83.17 61.02 -59.86
C TYR M 636 -83.07 62.53 -60.09
N LEU M 637 -82.13 62.91 -60.96
CA LEU M 637 -81.95 64.33 -61.26
C LEU M 637 -83.07 64.86 -62.14
N ASP M 638 -83.59 64.04 -63.05
CA ASP M 638 -84.66 64.44 -63.94
C ASP M 638 -86.03 64.38 -63.30
N GLU M 639 -86.13 63.92 -62.04
CA GLU M 639 -87.40 63.81 -61.33
C GLU M 639 -87.26 64.54 -59.99
N MET M 640 -87.20 65.88 -60.05
CA MET M 640 -87.09 66.66 -58.83
C MET M 640 -87.73 68.04 -58.94
N VAL M 641 -88.53 68.31 -59.96
CA VAL M 641 -89.17 69.61 -60.12
C VAL M 641 -90.32 69.70 -59.11
N GLY M 642 -90.21 70.62 -58.17
CA GLY M 642 -91.22 70.80 -57.15
C GLY M 642 -90.93 70.14 -55.82
N ARG M 643 -89.73 69.65 -55.60
CA ARG M 643 -89.34 69.00 -54.35
C ARG M 643 -88.42 69.90 -53.55
N ILE M 644 -88.20 69.51 -52.30
CA ILE M 644 -87.35 70.27 -51.38
C ILE M 644 -86.08 69.46 -51.15
N ASN M 645 -84.94 70.06 -51.46
CA ASN M 645 -83.65 69.40 -51.28
C ASN M 645 -83.24 69.41 -49.81
N ALA M 646 -82.22 68.63 -49.49
CA ALA M 646 -81.69 68.53 -48.14
C ALA M 646 -80.25 68.99 -48.00
N ASN M 647 -79.46 68.88 -49.07
CA ASN M 647 -78.05 69.29 -49.05
C ASN M 647 -77.84 70.46 -50.00
N MET M 648 -76.70 71.12 -49.85
CA MET M 648 -76.36 72.25 -50.70
C MET M 648 -75.60 71.78 -51.94
N ILE M 649 -76.01 72.27 -53.10
CA ILE M 649 -75.39 71.91 -54.36
C ILE M 649 -74.19 72.83 -54.59
N LEU M 650 -73.00 72.24 -54.70
CA LEU M 650 -71.75 72.98 -54.91
C LEU M 650 -71.08 72.41 -56.15
N PRO M 651 -71.49 72.85 -57.34
CA PRO M 651 -70.93 72.28 -58.57
C PRO M 651 -69.55 72.83 -58.89
N TYR M 652 -68.69 71.95 -59.38
CA TYR M 652 -67.35 72.31 -59.84
C TYR M 652 -67.25 72.03 -61.33
N PRO M 653 -67.04 73.03 -62.20
CA PRO M 653 -66.92 74.46 -61.90
C PRO M 653 -68.28 75.13 -61.69
N PRO M 654 -68.31 76.35 -61.13
CA PRO M 654 -67.17 77.14 -60.64
C PRO M 654 -66.74 76.78 -59.22
N GLY M 655 -67.67 76.91 -58.27
CA GLY M 655 -67.37 76.65 -56.87
C GLY M 655 -68.22 77.46 -55.92
N VAL M 656 -69.38 77.90 -56.40
CA VAL M 656 -70.30 78.69 -55.59
C VAL M 656 -71.59 77.89 -55.38
N PRO M 657 -72.31 78.12 -54.29
CA PRO M 657 -73.56 77.38 -54.06
C PRO M 657 -74.60 77.70 -55.12
N LEU M 658 -75.43 76.71 -55.41
CA LEU M 658 -76.51 76.84 -56.38
C LEU M 658 -77.88 76.75 -55.73
N VAL M 659 -78.16 75.69 -54.99
CA VAL M 659 -79.44 75.49 -54.31
C VAL M 659 -79.17 75.32 -52.83
N MET M 660 -79.78 76.17 -52.02
CA MET M 660 -79.60 76.09 -50.57
C MET M 660 -80.45 74.97 -49.99
N PRO M 661 -79.99 74.32 -48.92
CA PRO M 661 -80.77 73.23 -48.30
C PRO M 661 -82.12 73.71 -47.78
N GLY M 662 -83.19 73.36 -48.49
CA GLY M 662 -84.53 73.74 -48.09
C GLY M 662 -85.33 74.48 -49.15
N GLU M 663 -84.77 74.75 -50.31
CA GLU M 663 -85.47 75.47 -51.37
C GLU M 663 -86.20 74.50 -52.29
N MET M 664 -86.96 75.05 -53.22
CA MET M 664 -87.74 74.27 -54.18
C MET M 664 -87.51 74.80 -55.58
N ILE M 665 -87.37 73.90 -56.54
CA ILE M 665 -87.18 74.27 -57.94
C ILE M 665 -88.54 74.16 -58.63
N THR M 666 -89.10 75.32 -58.98
CA THR M 666 -90.41 75.35 -59.64
C THR M 666 -90.27 75.75 -61.11
N GLU M 667 -91.22 76.56 -61.59
CA GLU M 667 -91.18 76.98 -62.99
C GLU M 667 -90.34 78.24 -63.17
N GLU M 668 -90.09 78.98 -62.09
CA GLU M 668 -89.28 80.19 -62.20
C GLU M 668 -87.80 79.86 -62.34
N SER M 669 -87.34 78.85 -61.62
CA SER M 669 -85.93 78.44 -61.65
C SER M 669 -85.70 77.29 -62.63
N ARG M 670 -86.05 77.51 -63.90
CA ARG M 670 -85.83 76.47 -64.90
C ARG M 670 -84.37 76.37 -65.34
N PRO M 671 -83.66 77.48 -65.64
CA PRO M 671 -82.24 77.35 -65.99
C PRO M 671 -81.37 76.82 -64.87
N VAL M 672 -81.86 76.83 -63.62
CA VAL M 672 -81.07 76.31 -62.51
C VAL M 672 -80.90 74.80 -62.65
N LEU M 673 -81.99 74.10 -62.96
CA LEU M 673 -81.90 72.64 -63.16
C LEU M 673 -81.18 72.30 -64.47
N GLU M 674 -81.25 73.20 -65.46
CA GLU M 674 -80.58 72.93 -66.73
C GLU M 674 -79.06 72.95 -66.59
N PHE M 675 -78.53 73.68 -65.61
CA PHE M 675 -77.09 73.71 -65.40
C PHE M 675 -76.58 72.40 -64.83
N LEU M 676 -77.39 71.70 -64.04
CA LEU M 676 -76.96 70.43 -63.47
C LEU M 676 -76.99 69.31 -64.51
N GLN M 677 -77.98 69.33 -65.41
CA GLN M 677 -78.07 68.30 -66.43
C GLN M 677 -77.03 68.49 -67.53
N MET M 678 -76.52 69.70 -67.71
CA MET M 678 -75.52 69.93 -68.74
C MET M 678 -74.16 69.38 -68.33
N LEU M 679 -73.82 69.47 -67.05
CA LEU M 679 -72.54 68.97 -66.57
C LEU M 679 -72.49 67.45 -66.56
N CYS M 680 -73.64 66.78 -66.47
CA CYS M 680 -73.66 65.32 -66.46
C CYS M 680 -73.35 64.73 -67.82
N GLU M 681 -73.54 65.49 -68.90
CA GLU M 681 -73.27 65.01 -70.25
C GLU M 681 -71.87 65.36 -70.73
N ILE M 682 -71.38 66.57 -70.43
CA ILE M 682 -70.05 66.96 -70.87
C ILE M 682 -68.96 66.25 -70.08
N GLY M 683 -69.26 65.78 -68.86
CA GLY M 683 -68.28 65.09 -68.05
C GLY M 683 -68.53 63.60 -67.96
N ALA M 684 -68.56 62.92 -69.10
CA ALA M 684 -68.80 61.48 -69.13
C ALA M 684 -68.18 60.85 -70.37
N HIS M 685 -67.83 61.68 -71.36
CA HIS M 685 -67.25 61.16 -72.60
C HIS M 685 -65.76 60.87 -72.42
N TYR M 686 -65.01 61.82 -71.85
CA TYR M 686 -63.58 61.65 -71.67
C TYR M 686 -63.26 61.45 -70.20
N PRO M 687 -62.53 60.39 -69.85
CA PRO M 687 -62.17 60.17 -68.45
C PRO M 687 -61.25 61.28 -67.93
N GLY M 688 -61.23 61.41 -66.61
CA GLY M 688 -60.43 62.42 -65.93
C GLY M 688 -61.15 63.72 -65.67
N PHE M 689 -62.05 64.11 -66.58
CA PHE M 689 -62.82 65.33 -66.42
C PHE M 689 -64.27 65.01 -66.06
N GLU M 690 -64.48 64.20 -65.03
CA GLU M 690 -65.81 63.82 -64.62
C GLU M 690 -66.51 64.99 -63.93
N THR M 691 -67.83 64.85 -63.78
CA THR M 691 -68.62 65.89 -63.14
C THR M 691 -68.43 65.84 -61.62
N ASP M 692 -68.07 66.97 -61.03
CA ASP M 692 -67.82 67.08 -59.59
C ASP M 692 -68.85 68.04 -59.00
N ILE M 693 -69.90 67.48 -58.41
CA ILE M 693 -70.95 68.27 -57.75
C ILE M 693 -71.14 67.71 -56.35
N HIS M 694 -70.89 68.54 -55.34
CA HIS M 694 -71.05 68.12 -53.94
C HIS M 694 -72.53 68.01 -53.63
N GLY M 695 -73.04 66.78 -53.65
CA GLY M 695 -74.45 66.54 -53.37
C GLY M 695 -75.05 65.46 -54.26
N ALA M 696 -74.54 65.35 -55.48
CA ALA M 696 -75.02 64.34 -56.42
C ALA M 696 -74.21 63.05 -56.26
N TYR M 697 -74.91 61.94 -56.10
CA TYR M 697 -74.28 60.63 -55.93
C TYR M 697 -74.27 59.89 -57.25
N ARG M 698 -73.12 59.31 -57.60
CA ARG M 698 -72.98 58.57 -58.85
C ARG M 698 -73.45 57.13 -58.67
N GLN M 699 -74.29 56.67 -59.58
CA GLN M 699 -74.82 55.31 -59.53
C GLN M 699 -74.01 54.39 -60.43
N ALA M 700 -74.66 53.37 -60.99
CA ALA M 700 -74.01 52.41 -61.87
C ALA M 700 -74.42 52.57 -63.32
N ASP M 701 -75.22 53.57 -63.65
CA ASP M 701 -75.67 53.81 -65.02
C ASP M 701 -75.22 55.15 -65.59
N GLY M 702 -74.91 56.13 -64.74
CA GLY M 702 -74.46 57.44 -65.16
C GLY M 702 -75.32 58.58 -64.65
N ARG M 703 -76.59 58.30 -64.37
CA ARG M 703 -77.49 59.34 -63.88
C ARG M 703 -77.24 59.60 -62.40
N TYR M 704 -77.02 60.86 -62.05
CA TYR M 704 -76.77 61.24 -60.67
C TYR M 704 -78.08 61.35 -59.90
N THR M 705 -78.03 60.99 -58.63
CA THR M 705 -79.19 61.02 -57.74
C THR M 705 -78.92 61.98 -56.58
N VAL M 706 -79.96 62.72 -56.19
CA VAL M 706 -79.87 63.67 -55.09
C VAL M 706 -80.79 63.20 -53.97
N LYS M 707 -80.57 63.76 -52.78
CA LYS M 707 -81.34 63.43 -51.60
C LYS M 707 -82.32 64.56 -51.31
N VAL M 708 -83.62 64.24 -51.32
CA VAL M 708 -84.66 65.23 -51.07
C VAL M 708 -85.46 64.82 -49.84
N LEU M 709 -86.52 65.56 -49.54
CA LEU M 709 -87.38 65.28 -48.41
C LEU M 709 -88.68 64.62 -48.89
N LYS M 710 -89.22 63.76 -48.03
CA LYS M 710 -90.47 63.06 -48.36
C LYS M 710 -91.66 64.01 -48.23
N GLU M 711 -92.66 63.78 -49.06
CA GLU M 711 -93.87 64.59 -49.06
C GLU M 711 -94.85 64.11 -47.99
N MET N 1 0.26 91.44 -18.47
CA MET N 1 1.48 92.10 -18.94
C MET N 1 2.39 91.10 -19.65
N ASN N 2 2.13 90.89 -20.95
CA ASN N 2 2.91 89.94 -21.73
C ASN N 2 2.76 90.22 -23.22
N VAL N 3 2.74 91.49 -23.61
CA VAL N 3 2.60 91.90 -25.00
C VAL N 3 3.93 92.46 -25.47
N ILE N 4 4.48 91.89 -26.54
CA ILE N 4 5.74 92.31 -27.12
C ILE N 4 5.46 92.83 -28.52
N ALA N 5 5.86 94.08 -28.79
CA ALA N 5 5.64 94.72 -30.07
C ALA N 5 6.89 94.66 -30.93
N ILE N 6 6.71 94.32 -32.21
CA ILE N 6 7.79 94.24 -33.17
C ILE N 6 7.43 95.14 -34.34
N LEU N 7 8.05 96.31 -34.41
CA LEU N 7 7.73 97.32 -35.42
C LEU N 7 8.78 97.33 -36.52
N ASN N 8 8.34 97.75 -37.72
CA ASN N 8 9.21 98.00 -38.87
C ASN N 8 9.80 96.73 -39.44
N HIS N 9 9.44 96.40 -40.67
CA HIS N 9 10.00 95.27 -41.41
C HIS N 9 11.04 95.80 -42.37
N MET N 10 12.31 95.46 -42.14
CA MET N 10 13.38 95.98 -42.96
C MET N 10 13.43 95.33 -44.33
N GLY N 11 12.71 94.22 -44.54
CA GLY N 11 12.66 93.53 -45.81
C GLY N 11 13.81 92.57 -46.05
N VAL N 12 14.92 92.73 -45.34
CA VAL N 12 16.07 91.84 -45.48
C VAL N 12 15.80 90.55 -44.73
N TYR N 13 16.75 89.61 -44.79
CA TYR N 13 16.59 88.32 -44.14
C TYR N 13 17.43 88.17 -42.87
N PHE N 14 18.57 88.85 -42.79
CA PHE N 14 19.40 88.75 -41.60
C PHE N 14 18.83 89.51 -40.41
N LYS N 15 17.77 90.30 -40.62
CA LYS N 15 17.09 90.97 -39.52
C LYS N 15 15.73 90.37 -39.18
N GLU N 16 15.07 89.73 -40.13
CA GLU N 16 13.77 89.11 -39.87
C GLU N 16 13.89 87.68 -39.36
N GLU N 17 14.98 86.99 -39.66
CA GLU N 17 15.19 85.63 -39.18
C GLU N 17 15.38 85.59 -37.66
N PRO N 18 16.17 86.49 -37.06
CA PRO N 18 16.19 86.53 -35.59
C PRO N 18 14.85 86.86 -34.97
N ILE N 19 13.99 87.59 -35.69
CA ILE N 19 12.65 87.86 -35.19
C ILE N 19 11.80 86.60 -35.21
N ARG N 20 11.94 85.78 -36.27
CA ARG N 20 11.19 84.53 -36.34
C ARG N 20 11.68 83.54 -35.28
N GLU N 21 12.98 83.55 -34.99
CA GLU N 21 13.50 82.68 -33.95
C GLU N 21 13.06 83.15 -32.57
N LEU N 22 12.96 84.46 -32.37
CA LEU N 22 12.49 85.01 -31.11
C LEU N 22 10.99 84.82 -30.93
N HIS N 23 10.24 84.70 -32.03
CA HIS N 23 8.80 84.49 -31.94
C HIS N 23 8.47 83.16 -31.29
N ARG N 24 9.27 82.13 -31.56
CA ARG N 24 9.04 80.81 -30.99
C ARG N 24 9.63 80.66 -29.59
N ALA N 25 10.49 81.59 -29.16
CA ALA N 25 11.11 81.51 -27.85
C ALA N 25 10.33 82.27 -26.79
N LEU N 26 9.72 83.40 -27.14
CA LEU N 26 8.96 84.18 -26.16
C LEU N 26 7.63 83.53 -25.82
N GLU N 27 7.08 82.71 -26.72
CA GLU N 27 5.81 82.04 -26.44
C GLU N 27 5.96 80.92 -25.43
N ARG N 28 7.18 80.43 -25.20
CA ARG N 28 7.39 79.38 -24.21
C ARG N 28 7.25 79.90 -22.78
N LEU N 29 7.34 81.21 -22.57
CA LEU N 29 7.22 81.81 -21.26
C LEU N 29 5.95 82.68 -21.15
N ASN N 30 4.93 82.34 -21.94
CA ASN N 30 3.65 83.05 -21.94
C ASN N 30 3.83 84.52 -22.28
N PHE N 31 3.97 84.84 -23.57
CA PHE N 31 4.09 86.21 -24.03
C PHE N 31 3.39 86.33 -25.37
N GLN N 32 2.52 87.34 -25.50
CA GLN N 32 1.80 87.59 -26.74
C GLN N 32 2.65 88.46 -27.66
N ILE N 33 2.70 88.09 -28.94
CA ILE N 33 3.49 88.79 -29.94
C ILE N 33 2.55 89.53 -30.88
N VAL N 34 2.78 90.82 -31.04
CA VAL N 34 1.98 91.66 -31.94
C VAL N 34 2.92 92.29 -32.97
N TYR N 35 2.36 92.60 -34.13
CA TYR N 35 3.11 93.18 -35.24
C TYR N 35 2.40 94.42 -35.74
N PRO N 36 2.75 95.60 -35.24
CA PRO N 36 2.15 96.84 -35.73
C PRO N 36 2.60 97.17 -37.14
N ASN N 37 1.93 98.15 -37.73
CA ASN N 37 2.22 98.55 -39.11
C ASN N 37 3.18 99.73 -39.17
N ASP N 38 2.64 100.94 -39.24
CA ASP N 38 3.44 102.14 -39.39
C ASP N 38 3.74 102.74 -38.01
N ARG N 39 4.16 104.00 -37.97
CA ARG N 39 4.48 104.63 -36.69
C ARG N 39 3.23 104.91 -35.88
N ASP N 40 2.14 105.30 -36.55
CA ASP N 40 0.89 105.57 -35.84
C ASP N 40 0.26 104.29 -35.30
N ASP N 41 0.66 103.13 -35.79
CA ASP N 41 0.12 101.87 -35.28
C ASP N 41 0.67 101.56 -33.90
N LEU N 42 1.96 101.81 -33.68
CA LEU N 42 2.56 101.55 -32.37
C LEU N 42 2.02 102.52 -31.31
N LEU N 43 1.68 103.74 -31.70
CA LEU N 43 1.17 104.71 -30.74
C LEU N 43 -0.19 104.30 -30.20
N LYS N 44 -0.98 103.57 -30.99
CA LYS N 44 -2.29 103.10 -30.54
C LYS N 44 -2.20 101.86 -29.66
N LEU N 45 -1.05 101.21 -29.60
CA LEU N 45 -0.86 100.02 -28.78
C LEU N 45 -0.39 100.34 -27.36
N ILE N 46 -0.29 101.62 -27.01
CA ILE N 46 0.16 102.03 -25.69
C ILE N 46 -0.94 102.74 -24.91
N GLU N 47 -1.61 103.70 -25.53
CA GLU N 47 -2.68 104.42 -24.84
C GLU N 47 -3.89 103.52 -24.62
N ASN N 48 -4.21 102.66 -25.59
CA ASN N 48 -5.35 101.77 -25.44
C ASN N 48 -4.96 100.49 -24.73
N ASN N 49 -3.90 99.82 -25.19
CA ASN N 49 -3.43 98.59 -24.59
C ASN N 49 -2.44 98.91 -23.48
N ALA N 50 -2.79 98.52 -22.24
CA ALA N 50 -1.94 98.79 -21.09
C ALA N 50 -1.10 97.59 -20.67
N ARG N 51 -1.31 96.42 -21.29
CA ARG N 51 -0.56 95.22 -20.95
C ARG N 51 0.67 95.03 -21.82
N LEU N 52 1.24 96.11 -22.34
CA LEU N 52 2.42 96.03 -23.19
C LEU N 52 3.65 96.39 -22.39
N CYS N 53 4.75 95.67 -22.66
CA CYS N 53 6.01 95.92 -21.97
C CYS N 53 7.23 95.75 -22.85
N GLY N 54 7.07 95.47 -24.14
CA GLY N 54 8.21 95.29 -25.03
C GLY N 54 7.99 95.90 -26.40
N VAL N 55 8.91 96.76 -26.82
CA VAL N 55 8.83 97.42 -28.12
C VAL N 55 10.14 97.12 -28.86
N ILE N 56 10.02 96.36 -29.95
CA ILE N 56 11.16 95.98 -30.78
C ILE N 56 11.08 96.76 -32.09
N PHE N 57 12.13 97.52 -32.40
CA PHE N 57 12.16 98.30 -33.62
C PHE N 57 13.62 98.54 -34.01
N ASP N 58 13.82 98.92 -35.26
CA ASP N 58 15.15 99.20 -35.78
C ASP N 58 15.61 100.58 -35.30
N TRP N 59 16.82 100.63 -34.73
CA TRP N 59 17.33 101.90 -34.23
C TRP N 59 17.74 102.83 -35.37
N ASP N 60 18.17 102.28 -36.50
CA ASP N 60 18.58 103.09 -37.65
C ASP N 60 17.44 103.26 -38.64
N LYS N 61 16.27 103.64 -38.14
CA LYS N 61 15.11 103.85 -39.00
C LYS N 61 14.19 104.90 -38.39
N TYR N 62 13.95 104.83 -37.08
CA TYR N 62 13.13 105.80 -36.35
C TYR N 62 13.78 106.05 -34.99
N ASN N 63 14.91 106.77 -35.00
CA ASN N 63 15.62 107.09 -33.77
C ASN N 63 15.13 108.37 -33.12
N LEU N 64 14.31 109.16 -33.80
CA LEU N 64 13.78 110.40 -33.24
C LEU N 64 12.26 110.49 -33.28
N GLU N 65 11.58 109.57 -33.96
CA GLU N 65 10.12 109.58 -34.03
C GLU N 65 9.46 108.64 -33.03
N LEU N 66 10.23 107.78 -32.36
CA LEU N 66 9.68 106.86 -31.38
C LEU N 66 10.18 107.11 -29.97
N CYS N 67 11.40 107.65 -29.82
CA CYS N 67 11.93 107.93 -28.49
C CYS N 67 11.37 109.21 -27.88
N GLU N 68 10.52 109.94 -28.60
CA GLU N 68 9.92 111.18 -28.12
C GLU N 68 8.46 111.03 -27.75
N GLU N 69 7.68 110.32 -28.58
CA GLU N 69 6.25 110.15 -28.29
C GLU N 69 6.03 109.15 -27.16
N ILE N 70 6.85 108.08 -27.13
CA ILE N 70 6.72 107.09 -26.07
C ILE N 70 7.19 107.65 -24.73
N SER N 71 8.22 108.49 -24.75
CA SER N 71 8.72 109.07 -23.50
C SER N 71 7.70 109.99 -22.86
N LYS N 72 6.81 110.60 -23.66
CA LYS N 72 5.79 111.48 -23.10
C LYS N 72 4.68 110.70 -22.40
N MET N 73 4.58 109.39 -22.65
CA MET N 73 3.56 108.57 -22.01
C MET N 73 4.17 107.79 -20.84
N ASN N 74 4.88 106.71 -21.15
CA ASN N 74 5.54 105.88 -20.15
C ASN N 74 7.04 106.03 -20.30
N GLU N 75 7.70 106.50 -19.23
CA GLU N 75 9.14 106.71 -19.26
C GLU N 75 9.92 105.43 -18.93
N ASN N 76 9.40 104.61 -18.01
CA ASN N 76 10.07 103.38 -17.61
C ASN N 76 9.76 102.21 -18.53
N LEU N 77 9.08 102.44 -19.65
CA LEU N 77 8.74 101.36 -20.57
C LEU N 77 10.00 100.85 -21.25
N PRO N 78 10.32 99.55 -21.12
CA PRO N 78 11.52 99.03 -21.77
C PRO N 78 11.41 99.09 -23.29
N LEU N 79 12.47 99.56 -23.94
CA LEU N 79 12.54 99.67 -25.39
C LEU N 79 13.60 98.68 -25.88
N TYR N 80 13.16 97.63 -26.57
CA TYR N 80 14.07 96.61 -27.08
C TYR N 80 14.52 96.96 -28.50
N ALA N 81 15.16 98.12 -28.61
CA ALA N 81 15.64 98.60 -29.90
C ALA N 81 16.90 97.84 -30.31
N PHE N 82 16.97 97.49 -31.60
CA PHE N 82 18.11 96.77 -32.15
C PHE N 82 18.99 97.74 -32.92
N ALA N 83 20.23 97.89 -32.48
CA ALA N 83 21.17 98.79 -33.12
C ALA N 83 22.01 98.06 -34.16
N ASN N 84 22.67 98.83 -35.00
CA ASN N 84 23.53 98.31 -36.06
C ASN N 84 24.98 98.72 -35.79
N THR N 85 25.82 98.59 -36.82
CA THR N 85 27.22 98.95 -36.67
C THR N 85 27.40 100.46 -36.58
N TYR N 86 26.86 101.20 -37.55
CA TYR N 86 26.97 102.66 -37.58
C TYR N 86 25.73 103.27 -36.90
N SER N 87 25.67 103.08 -35.59
CA SER N 87 24.57 103.58 -34.77
C SER N 87 25.12 104.50 -33.69
N THR N 88 24.40 105.58 -33.41
CA THR N 88 24.80 106.55 -32.40
C THR N 88 23.56 107.22 -31.84
N LEU N 89 23.77 108.01 -30.80
CA LEU N 89 22.70 108.74 -30.15
C LEU N 89 22.55 110.13 -30.75
N ASP N 90 21.52 110.85 -30.30
CA ASP N 90 21.23 112.19 -30.77
C ASP N 90 21.33 113.18 -29.61
N VAL N 91 21.62 114.44 -29.95
CA VAL N 91 21.75 115.47 -28.93
C VAL N 91 20.39 115.76 -28.28
N SER N 92 19.30 115.51 -28.99
CA SER N 92 17.97 115.74 -28.46
C SER N 92 17.45 114.57 -27.64
N LEU N 93 18.26 113.52 -27.45
CA LEU N 93 17.87 112.36 -26.67
C LEU N 93 18.49 112.34 -25.27
N ASN N 94 18.92 113.50 -24.77
CA ASN N 94 19.54 113.57 -23.46
C ASN N 94 18.54 113.80 -22.34
N ASP N 95 17.55 114.66 -22.57
CA ASP N 95 16.52 114.97 -21.57
C ASP N 95 15.29 114.10 -21.72
N LEU N 96 15.48 112.79 -21.91
CA LEU N 96 14.38 111.85 -22.07
C LEU N 96 14.66 110.62 -21.23
N ARG N 97 13.74 110.30 -20.33
CA ARG N 97 13.89 109.14 -19.43
C ARG N 97 13.34 107.91 -20.15
N LEU N 98 14.23 107.03 -20.59
CA LEU N 98 13.85 105.81 -21.27
C LEU N 98 14.77 104.67 -20.83
N GLN N 99 14.36 103.45 -21.15
CA GLN N 99 15.11 102.23 -20.83
C GLN N 99 15.30 101.46 -22.13
N ILE N 100 16.41 101.72 -22.82
CA ILE N 100 16.70 101.11 -24.11
C ILE N 100 17.65 99.94 -23.88
N SER N 101 17.28 98.77 -24.38
CA SER N 101 18.09 97.56 -24.27
C SER N 101 18.56 97.18 -25.67
N PHE N 102 19.86 97.32 -25.92
CA PHE N 102 20.40 97.02 -27.24
C PHE N 102 20.69 95.53 -27.38
N PHE N 103 20.60 95.04 -28.62
CA PHE N 103 20.87 93.65 -28.93
C PHE N 103 21.54 93.59 -30.31
N GLU N 104 21.64 92.39 -30.85
CA GLU N 104 22.25 92.17 -32.16
C GLU N 104 21.36 91.23 -32.97
N TYR N 105 21.87 90.83 -34.14
CA TYR N 105 21.17 89.91 -35.04
C TYR N 105 22.06 88.67 -35.20
N ALA N 106 22.11 87.84 -34.17
CA ALA N 106 22.92 86.64 -34.16
C ALA N 106 22.02 85.40 -34.13
N LEU N 107 22.38 84.40 -34.93
CA LEU N 107 21.62 83.16 -35.00
C LEU N 107 22.05 82.22 -33.88
N GLY N 108 21.08 81.45 -33.37
CA GLY N 108 21.32 80.52 -32.30
C GLY N 108 21.25 81.11 -30.90
N ALA N 109 21.46 82.42 -30.75
CA ALA N 109 21.40 83.08 -29.46
C ALA N 109 20.01 83.61 -29.13
N ALA N 110 18.98 83.11 -29.80
CA ALA N 110 17.62 83.57 -29.52
C ALA N 110 17.13 83.11 -28.15
N GLU N 111 17.68 82.01 -27.61
CA GLU N 111 17.27 81.56 -26.28
C GLU N 111 17.80 82.48 -25.20
N ASP N 112 19.03 82.98 -25.36
CA ASP N 112 19.59 83.88 -24.36
C ASP N 112 18.89 85.24 -24.38
N ILE N 113 18.34 85.64 -25.52
CA ILE N 113 17.61 86.91 -25.59
C ILE N 113 16.29 86.81 -24.83
N ALA N 114 15.64 85.64 -24.90
CA ALA N 114 14.37 85.46 -24.20
C ALA N 114 14.56 85.52 -22.68
N ASN N 115 15.70 85.05 -22.18
CA ASN N 115 15.95 85.11 -20.75
C ASN N 115 16.24 86.54 -20.30
N LYS N 116 16.80 87.37 -21.18
CA LYS N 116 17.07 88.76 -20.83
C LYS N 116 15.79 89.58 -20.80
N ILE N 117 14.81 89.23 -21.63
CA ILE N 117 13.55 89.97 -21.65
C ILE N 117 12.71 89.63 -20.42
N LYS N 118 12.75 88.37 -19.99
CA LYS N 118 11.98 87.96 -18.81
C LYS N 118 12.49 88.65 -17.55
N GLN N 119 13.81 88.77 -17.41
CA GLN N 119 14.36 89.45 -16.23
C GLN N 119 14.15 90.95 -16.32
N THR N 120 14.22 91.52 -17.53
CA THR N 120 13.96 92.94 -17.69
C THR N 120 12.50 93.28 -17.39
N THR N 121 11.57 92.40 -17.79
CA THR N 121 10.16 92.62 -17.48
C THR N 121 9.92 92.55 -15.97
N ASP N 122 10.63 91.66 -15.28
CA ASP N 122 10.50 91.56 -13.83
C ASP N 122 11.02 92.82 -13.14
N GLU N 123 12.03 93.48 -13.73
CA GLU N 123 12.52 94.73 -13.17
C GLU N 123 11.53 95.86 -13.33
N TYR N 124 10.74 95.84 -14.41
CA TYR N 124 9.71 96.84 -14.60
C TYR N 124 8.56 96.66 -13.61
N ILE N 125 8.24 95.41 -13.27
CA ILE N 125 7.17 95.16 -12.30
C ILE N 125 7.60 95.59 -10.90
N ASN N 126 8.85 95.31 -10.54
CA ASN N 126 9.37 95.66 -9.23
C ASN N 126 9.59 97.16 -9.05
N THR N 127 9.58 97.94 -10.14
CA THR N 127 9.80 99.38 -10.07
C THR N 127 8.50 100.17 -9.97
N ILE N 128 7.52 99.85 -10.81
CA ILE N 128 6.25 100.58 -10.81
C ILE N 128 5.35 100.22 -9.63
N LEU N 129 5.72 99.20 -8.86
CA LEU N 129 4.87 98.84 -7.72
C LEU N 129 5.50 99.30 -6.41
N PRO N 130 4.69 99.72 -5.45
CA PRO N 130 5.23 100.16 -4.16
C PRO N 130 5.76 98.97 -3.38
N PRO N 131 6.63 99.21 -2.39
CA PRO N 131 7.19 98.09 -1.62
C PRO N 131 6.16 97.36 -0.77
N LEU N 132 5.05 98.02 -0.40
CA LEU N 132 4.02 97.32 0.37
C LEU N 132 3.27 96.31 -0.50
N THR N 133 2.99 96.68 -1.75
CA THR N 133 2.35 95.74 -2.67
C THR N 133 3.30 94.63 -3.07
N LYS N 134 4.60 94.92 -3.20
CA LYS N 134 5.57 93.89 -3.54
C LYS N 134 5.65 92.82 -2.46
N ALA N 135 5.56 93.22 -1.20
CA ALA N 135 5.60 92.24 -0.11
C ALA N 135 4.33 91.40 -0.07
N LEU N 136 3.21 91.94 -0.55
CA LEU N 136 1.96 91.18 -0.58
C LEU N 136 1.96 90.13 -1.67
N PHE N 137 2.49 90.46 -2.84
CA PHE N 137 2.54 89.50 -3.94
C PHE N 137 3.59 88.42 -3.68
N LYS N 138 4.68 88.75 -2.98
CA LYS N 138 5.71 87.77 -2.70
C LYS N 138 5.28 86.82 -1.59
N TYR N 139 4.45 87.28 -0.65
CA TYR N 139 3.98 86.43 0.44
C TYR N 139 3.00 85.36 -0.05
N VAL N 140 2.34 85.58 -1.18
CA VAL N 140 1.40 84.58 -1.70
C VAL N 140 2.14 83.42 -2.34
N ARG N 141 3.20 83.70 -3.07
CA ARG N 141 3.93 82.66 -3.79
C ARG N 141 4.99 81.96 -2.92
N GLU N 142 5.65 82.70 -2.04
CA GLU N 142 6.73 82.13 -1.23
C GLU N 142 6.47 82.17 0.26
N GLY N 143 5.70 83.13 0.76
CA GLY N 143 5.45 83.24 2.18
C GLY N 143 4.53 82.14 2.67
N LYS N 144 4.97 81.37 3.66
CA LYS N 144 4.18 80.27 4.22
C LYS N 144 4.31 80.32 5.73
N TYR N 145 3.22 80.68 6.41
CA TYR N 145 3.19 80.75 7.86
C TYR N 145 1.82 80.29 8.34
N THR N 146 1.81 79.32 9.25
CA THR N 146 0.57 78.76 9.80
C THR N 146 0.28 79.35 11.17
N PHE N 147 -0.93 79.06 11.66
CA PHE N 147 -1.40 79.51 12.97
C PHE N 147 -1.35 81.03 13.09
N CYS N 148 -2.17 81.67 12.26
CA CYS N 148 -2.25 83.12 12.23
C CYS N 148 -3.61 83.54 11.71
N THR N 149 -4.09 84.69 12.19
CA THR N 149 -5.37 85.21 11.76
C THR N 149 -5.26 85.73 10.32
N PRO N 150 -6.38 85.71 9.57
CA PRO N 150 -7.72 85.22 9.92
C PRO N 150 -7.81 83.70 9.96
N GLY N 151 -9.02 83.19 10.21
CA GLY N 151 -9.21 81.75 10.33
C GLY N 151 -9.23 81.00 9.02
N HIS N 152 -9.56 81.68 7.91
CA HIS N 152 -9.60 80.99 6.62
C HIS N 152 -8.21 80.58 6.16
N MET N 153 -7.21 81.43 6.39
CA MET N 153 -5.82 81.14 6.08
C MET N 153 -5.65 80.81 4.58
N GLY N 154 -5.96 81.80 3.75
CA GLY N 154 -5.85 81.64 2.32
C GLY N 154 -6.97 80.85 1.67
N GLY N 155 -7.96 80.41 2.44
CA GLY N 155 -9.07 79.65 1.88
C GLY N 155 -8.98 78.17 2.20
N THR N 156 -8.49 77.84 3.39
CA THR N 156 -8.39 76.44 3.79
C THR N 156 -9.73 75.89 4.27
N ALA N 157 -10.47 76.66 5.07
CA ALA N 157 -11.75 76.21 5.57
C ALA N 157 -12.82 76.13 4.48
N PHE N 158 -12.64 76.86 3.38
CA PHE N 158 -13.61 76.81 2.30
C PHE N 158 -13.56 75.52 1.52
N GLN N 159 -12.45 74.78 1.59
CA GLN N 159 -12.32 73.52 0.88
C GLN N 159 -12.99 72.36 1.59
N LYS N 160 -13.54 72.58 2.80
CA LYS N 160 -14.21 71.54 3.55
C LYS N 160 -15.73 71.66 3.54
N SER N 161 -16.26 72.88 3.43
CA SER N 161 -17.70 73.05 3.42
C SER N 161 -18.21 73.11 1.97
N PRO N 162 -19.35 72.45 1.69
CA PRO N 162 -19.88 72.49 0.32
C PRO N 162 -20.27 73.89 -0.13
N VAL N 163 -20.85 74.70 0.77
CA VAL N 163 -21.24 76.05 0.40
C VAL N 163 -20.02 76.96 0.32
N GLY N 164 -18.94 76.62 1.05
CA GLY N 164 -17.74 77.44 1.02
C GLY N 164 -16.94 77.32 -0.25
N SER N 165 -17.15 76.25 -1.03
CA SER N 165 -16.41 76.08 -2.27
C SER N 165 -16.91 77.03 -3.35
N LEU N 166 -18.17 77.47 -3.26
CA LEU N 166 -18.69 78.39 -4.26
C LEU N 166 -18.22 79.82 -4.01
N PHE N 167 -17.88 80.13 -2.75
CA PHE N 167 -17.40 81.48 -2.43
C PHE N 167 -15.89 81.61 -2.65
N TYR N 168 -15.17 80.49 -2.64
CA TYR N 168 -13.72 80.53 -2.85
C TYR N 168 -13.38 80.49 -4.34
N ASP N 169 -14.19 79.79 -5.14
CA ASP N 169 -13.95 79.69 -6.57
C ASP N 169 -14.45 80.89 -7.35
N PHE N 170 -15.15 81.82 -6.69
CA PHE N 170 -15.66 83.00 -7.40
C PHE N 170 -14.58 84.05 -7.58
N PHE N 171 -13.89 84.41 -6.49
CA PHE N 171 -12.84 85.41 -6.55
C PHE N 171 -11.59 84.83 -7.20
N GLY N 172 -10.92 83.91 -6.50
CA GLY N 172 -9.72 83.31 -7.02
C GLY N 172 -8.79 82.84 -5.91
N PRO N 173 -7.86 81.94 -6.24
CA PRO N 173 -6.91 81.46 -5.23
C PRO N 173 -6.01 82.56 -4.67
N ASN N 174 -5.61 83.51 -5.51
CA ASN N 174 -4.74 84.59 -5.06
C ASN N 174 -5.47 85.68 -4.29
N THR N 175 -6.80 85.62 -4.21
CA THR N 175 -7.57 86.63 -3.51
C THR N 175 -7.55 86.39 -2.00
N MET N 176 -7.87 85.16 -1.57
CA MET N 176 -7.93 84.86 -0.15
C MET N 176 -6.54 84.74 0.46
N LYS N 177 -5.53 84.41 -0.34
CA LYS N 177 -4.17 84.29 0.19
C LYS N 177 -3.56 85.64 0.52
N SER N 178 -4.07 86.72 -0.07
CA SER N 178 -3.55 88.07 0.19
C SER N 178 -4.26 88.76 1.35
N ASP N 179 -5.27 88.12 1.95
CA ASP N 179 -6.01 88.70 3.07
C ASP N 179 -5.41 88.15 4.37
N ILE N 180 -4.33 88.78 4.83
CA ILE N 180 -3.65 88.38 6.05
C ILE N 180 -3.68 89.54 7.03
N SER N 181 -3.22 89.28 8.25
CA SER N 181 -3.25 90.28 9.31
C SER N 181 -1.86 90.80 9.63
N ILE N 182 -1.68 91.30 10.85
CA ILE N 182 -0.41 91.88 11.27
C ILE N 182 0.49 90.83 11.94
N SER N 183 0.18 89.54 11.76
CA SER N 183 0.98 88.46 12.33
C SER N 183 2.14 88.05 11.43
N VAL N 184 2.66 88.97 10.62
CA VAL N 184 3.75 88.69 9.70
C VAL N 184 4.90 89.64 10.03
N SER N 185 6.12 89.10 10.07
CA SER N 185 7.28 89.91 10.44
C SER N 185 7.79 90.75 9.27
N GLU N 186 7.85 90.17 8.07
CA GLU N 186 8.38 90.86 6.91
C GLU N 186 7.38 91.81 6.26
N LEU N 187 6.22 92.02 6.87
CA LEU N 187 5.25 93.00 6.40
C LEU N 187 4.90 94.06 7.43
N GLY N 188 5.25 93.86 8.70
CA GLY N 188 4.99 94.86 9.71
C GLY N 188 3.51 94.95 10.07
N SER N 189 3.19 96.02 10.80
CA SER N 189 1.83 96.30 11.24
C SER N 189 1.45 97.72 10.89
N LEU N 190 0.16 97.94 10.65
CA LEU N 190 -0.32 99.27 10.30
C LEU N 190 -0.34 100.19 11.51
N LEU N 191 -0.69 99.64 12.69
CA LEU N 191 -0.74 100.47 13.89
C LEU N 191 0.66 100.81 14.40
N ASP N 192 1.64 99.95 14.13
CA ASP N 192 3.00 100.20 14.58
C ASP N 192 3.71 101.25 13.73
N HIS N 193 3.28 101.46 12.48
CA HIS N 193 3.86 102.45 11.59
C HIS N 193 5.36 102.19 11.38
N SER N 194 5.70 100.93 11.13
CA SER N 194 7.08 100.52 10.93
C SER N 194 7.15 99.51 9.80
N GLY N 195 8.35 99.33 9.27
CA GLY N 195 8.57 98.39 8.19
C GLY N 195 8.02 98.89 6.87
N PRO N 196 7.36 98.00 6.13
CA PRO N 196 6.77 98.42 4.84
C PRO N 196 5.68 99.47 5.00
N HIS N 197 4.99 99.50 6.14
CA HIS N 197 3.96 100.51 6.34
C HIS N 197 4.55 101.89 6.60
N LYS N 198 5.79 101.95 7.08
CA LYS N 198 6.42 103.25 7.31
C LYS N 198 6.81 103.92 6.00
N GLU N 199 7.40 103.15 5.08
CA GLU N 199 7.77 103.70 3.77
C GLU N 199 6.56 103.95 2.89
N ALA N 200 5.43 103.27 3.15
CA ALA N 200 4.24 103.49 2.34
C ALA N 200 3.59 104.83 2.67
N GLU N 201 3.64 105.25 3.93
CA GLU N 201 3.06 106.53 4.32
C GLU N 201 3.85 107.70 3.76
N GLN N 202 5.18 107.57 3.68
CA GLN N 202 6.02 108.63 3.12
C GLN N 202 5.97 108.66 1.61
N TYR N 203 5.57 107.56 0.96
CA TYR N 203 5.49 107.53 -0.49
C TYR N 203 4.19 108.15 -1.00
N ILE N 204 3.09 107.95 -0.27
CA ILE N 204 1.82 108.53 -0.69
C ILE N 204 1.81 110.03 -0.49
N ALA N 205 2.36 110.50 0.64
CA ALA N 205 2.39 111.93 0.90
C ALA N 205 3.34 112.67 -0.04
N ARG N 206 4.37 111.98 -0.52
CA ARG N 206 5.31 112.62 -1.44
C ARG N 206 4.69 112.81 -2.82
N VAL N 207 3.90 111.83 -3.27
CA VAL N 207 3.27 111.93 -4.58
C VAL N 207 2.13 112.94 -4.55
N PHE N 208 1.30 112.90 -3.51
CA PHE N 208 0.18 113.82 -3.36
C PHE N 208 0.57 115.14 -2.73
N ASN N 209 1.88 115.43 -2.64
CA ASN N 209 2.39 116.68 -2.07
C ASN N 209 1.89 116.88 -0.65
N ALA N 210 2.47 116.14 0.30
CA ALA N 210 2.08 116.25 1.70
C ALA N 210 3.24 115.82 2.57
N ASP N 211 3.15 116.15 3.87
CA ASP N 211 4.18 115.79 4.82
C ASP N 211 3.95 114.41 5.43
N ARG N 212 2.70 114.08 5.75
CA ARG N 212 2.37 112.79 6.33
CA ARG N 212 2.38 112.78 6.33
C ARG N 212 0.95 112.42 5.95
N SER N 213 0.72 111.13 5.70
CA SER N 213 -0.60 110.64 5.31
C SER N 213 -0.77 109.21 5.78
N TYR N 214 -1.97 108.89 6.22
CA TYR N 214 -2.33 107.55 6.68
C TYR N 214 -3.22 106.87 5.64
N MET N 215 -3.75 105.71 6.00
CA MET N 215 -4.61 104.92 5.11
C MET N 215 -5.82 104.44 5.92
N VAL N 216 -6.93 105.17 5.79
CA VAL N 216 -8.16 104.80 6.48
C VAL N 216 -8.86 103.70 5.70
N THR N 217 -9.22 102.62 6.38
CA THR N 217 -9.85 101.46 5.77
C THR N 217 -11.34 101.39 6.09
N ASN N 218 -12.00 102.56 6.14
CA ASN N 218 -13.44 102.59 6.39
C ASN N 218 -14.11 103.78 5.70
N GLY N 219 -13.64 104.13 4.50
CA GLY N 219 -14.25 105.21 3.75
C GLY N 219 -13.90 106.58 4.30
N THR N 220 -14.35 107.60 3.58
CA THR N 220 -14.11 108.97 3.98
C THR N 220 -14.96 109.36 5.19
N SER N 221 -16.14 108.75 5.34
CA SER N 221 -17.03 109.09 6.44
C SER N 221 -16.39 108.83 7.80
N THR N 222 -15.44 107.89 7.87
CA THR N 222 -14.77 107.57 9.11
C THR N 222 -13.56 108.48 9.36
N ALA N 223 -12.87 108.88 8.30
CA ALA N 223 -11.69 109.72 8.47
C ALA N 223 -12.05 111.11 8.98
N ASN N 224 -13.28 111.57 8.75
CA ASN N 224 -13.69 112.89 9.22
C ASN N 224 -13.85 112.94 10.73
N LYS N 225 -14.05 111.79 11.38
CA LYS N 225 -14.20 111.76 12.83
C LYS N 225 -12.87 111.67 13.57
N ILE N 226 -11.80 111.23 12.89
CA ILE N 226 -10.50 111.18 13.53
C ILE N 226 -9.90 112.57 13.67
N VAL N 227 -10.02 113.38 12.61
CA VAL N 227 -9.48 114.73 12.65
C VAL N 227 -10.35 115.65 13.49
N GLY N 228 -11.67 115.43 13.48
CA GLY N 228 -12.57 116.29 14.23
C GLY N 228 -12.36 116.19 15.73
N MET N 229 -11.76 115.10 16.19
CA MET N 229 -11.46 114.91 17.61
C MET N 229 -10.00 115.18 17.94
N TYR N 230 -9.32 116.00 17.13
CA TYR N 230 -7.92 116.35 17.38
C TYR N 230 -7.72 117.81 17.76
N SER N 231 -8.62 118.70 17.32
CA SER N 231 -8.53 120.12 17.65
C SER N 231 -9.90 120.67 18.00
N ALA N 232 -10.62 119.96 18.86
CA ALA N 232 -11.96 120.37 19.29
C ALA N 232 -12.25 119.78 20.66
N PRO N 233 -11.81 120.46 21.72
CA PRO N 233 -12.07 119.96 23.08
C PRO N 233 -13.55 120.03 23.42
N ALA N 234 -13.88 119.43 24.56
CA ALA N 234 -15.26 119.43 25.03
C ALA N 234 -15.66 120.83 25.48
N GLY N 235 -16.75 121.35 24.92
CA GLY N 235 -17.21 122.69 25.25
C GLY N 235 -16.56 123.79 24.45
N SER N 236 -15.84 123.46 23.37
CA SER N 236 -15.17 124.48 22.56
C SER N 236 -16.11 125.01 21.49
N THR N 237 -15.57 125.32 20.31
CA THR N 237 -16.36 125.86 19.21
C THR N 237 -15.75 125.43 17.90
N ILE N 238 -16.56 124.87 17.01
CA ILE N 238 -16.12 124.45 15.69
C ILE N 238 -16.90 125.22 14.63
N LEU N 239 -16.34 125.26 13.43
CA LEU N 239 -16.94 125.96 12.29
C LEU N 239 -17.18 124.94 11.17
N ILE N 240 -18.33 124.29 11.23
CA ILE N 240 -18.71 123.28 10.24
C ILE N 240 -19.64 123.93 9.21
N ASP N 241 -19.55 123.43 7.98
CA ASP N 241 -20.40 123.96 6.90
C ASP N 241 -21.82 123.44 7.05
N ARG N 242 -22.77 124.20 6.50
CA ARG N 242 -24.17 123.79 6.56
C ARG N 242 -24.43 122.56 5.72
N ASN N 243 -23.85 122.50 4.51
CA ASN N 243 -24.00 121.35 3.62
C ASN N 243 -22.98 120.28 4.03
N CYS N 244 -23.24 119.67 5.17
CA CYS N 244 -22.36 118.66 5.74
C CYS N 244 -22.84 117.26 5.37
N HIS N 245 -21.95 116.29 5.50
CA HIS N 245 -22.25 114.90 5.21
C HIS N 245 -22.97 114.25 6.39
N LYS N 246 -23.56 113.08 6.14
CA LYS N 246 -24.25 112.36 7.20
C LYS N 246 -23.33 112.01 8.36
N SER N 247 -22.06 111.71 8.07
CA SER N 247 -21.11 111.38 9.13
C SER N 247 -20.66 112.63 9.88
N LEU N 248 -20.67 113.80 9.24
CA LEU N 248 -20.26 115.02 9.92
C LEU N 248 -21.26 115.43 11.00
N THR N 249 -22.54 115.10 10.81
CA THR N 249 -23.53 115.41 11.84
C THR N 249 -23.37 114.50 13.04
N HIS N 250 -23.06 113.22 12.81
CA HIS N 250 -22.87 112.30 13.92
C HIS N 250 -21.65 112.65 14.77
N LEU N 251 -20.65 113.28 14.16
CA LEU N 251 -19.47 113.70 14.93
C LEU N 251 -19.84 114.77 15.95
N MET N 252 -20.76 115.67 15.60
CA MET N 252 -21.21 116.69 16.54
C MET N 252 -22.15 116.11 17.60
N MET N 253 -22.80 114.98 17.30
CA MET N 253 -23.70 114.37 18.27
C MET N 253 -22.98 113.57 19.33
N MET N 254 -21.72 113.18 19.08
CA MET N 254 -20.93 112.43 20.05
C MET N 254 -19.82 113.27 20.67
N SER N 255 -19.79 114.57 20.42
CA SER N 255 -18.78 115.47 20.97
C SER N 255 -19.48 116.70 21.53
N ASP N 256 -19.20 117.01 22.79
CA ASP N 256 -19.80 118.16 23.46
C ASP N 256 -19.11 119.43 22.97
N VAL N 257 -19.54 119.89 21.80
CA VAL N 257 -19.00 121.09 21.18
C VAL N 257 -20.16 122.01 20.81
N THR N 258 -19.82 123.27 20.53
CA THR N 258 -20.79 124.29 20.14
C THR N 258 -20.49 124.72 18.70
N PRO N 259 -21.12 124.10 17.70
CA PRO N 259 -20.85 124.46 16.31
C PRO N 259 -21.55 125.74 15.91
N ILE N 260 -21.01 126.36 14.85
CA ILE N 260 -21.58 127.57 14.26
C ILE N 260 -21.79 127.28 12.78
N TYR N 261 -23.04 127.17 12.36
CA TYR N 261 -23.36 126.84 10.98
C TYR N 261 -23.29 128.08 10.10
N PHE N 262 -22.71 127.92 8.92
CA PHE N 262 -22.58 129.02 7.97
C PHE N 262 -23.85 129.15 7.13
N ARG N 263 -23.82 130.09 6.18
CA ARG N 263 -24.95 130.34 5.29
C ARG N 263 -24.42 130.40 3.86
N PRO N 264 -24.25 129.24 3.21
CA PRO N 264 -23.75 129.23 1.84
C PRO N 264 -24.80 129.71 0.86
N THR N 265 -24.32 130.17 -0.29
CA THR N 265 -25.19 130.67 -1.34
C THR N 265 -25.90 129.51 -2.04
N ARG N 266 -27.02 129.84 -2.69
CA ARG N 266 -27.81 128.84 -3.40
C ARG N 266 -28.72 129.55 -4.39
N ASN N 267 -29.23 128.79 -5.35
CA ASN N 267 -30.12 129.29 -6.39
C ASN N 267 -31.48 128.61 -6.26
N ALA N 268 -32.18 128.44 -7.38
CA ALA N 268 -33.50 127.81 -7.37
C ALA N 268 -33.52 126.41 -7.96
N TYR N 269 -32.53 126.06 -8.79
CA TYR N 269 -32.47 124.73 -9.38
C TYR N 269 -32.06 123.65 -8.38
N GLY N 270 -31.55 124.02 -7.21
CA GLY N 270 -31.12 123.08 -6.20
C GLY N 270 -29.62 122.94 -6.08
N ILE N 271 -28.85 123.56 -6.97
CA ILE N 271 -27.39 123.49 -6.92
C ILE N 271 -26.90 124.50 -5.89
N LEU N 272 -26.36 124.00 -4.78
CA LEU N 272 -25.86 124.88 -3.74
C LEU N 272 -24.56 125.53 -4.17
N GLY N 273 -24.45 126.85 -3.95
CA GLY N 273 -23.26 127.58 -4.31
C GLY N 273 -22.10 127.35 -3.36
N GLY N 274 -21.78 128.35 -2.55
CA GLY N 274 -20.69 128.23 -1.60
C GLY N 274 -20.79 129.28 -0.53
N ILE N 275 -19.89 129.17 0.45
CA ILE N 275 -19.88 130.13 1.56
C ILE N 275 -19.28 131.45 1.07
N PRO N 276 -19.95 132.58 1.28
CA PRO N 276 -19.39 133.87 0.84
C PRO N 276 -18.12 134.21 1.60
N GLN N 277 -17.41 135.21 1.07
CA GLN N 277 -16.17 135.65 1.70
C GLN N 277 -16.42 136.46 2.97
N SER N 278 -17.65 136.90 3.20
CA SER N 278 -17.95 137.69 4.40
C SER N 278 -17.99 136.83 5.66
N GLU N 279 -18.30 135.54 5.53
CA GLU N 279 -18.37 134.67 6.71
C GLU N 279 -16.99 134.34 7.26
N PHE N 280 -15.93 134.46 6.45
CA PHE N 280 -14.58 134.16 6.91
C PHE N 280 -13.90 135.35 7.58
N GLN N 281 -14.61 136.46 7.76
CA GLN N 281 -14.02 137.64 8.38
C GLN N 281 -13.88 137.43 9.89
N HIS N 282 -13.16 138.37 10.53
CA HIS N 282 -12.96 138.29 11.97
C HIS N 282 -14.13 138.90 12.73
N ALA N 283 -14.80 139.90 12.14
CA ALA N 283 -15.93 140.52 12.82
C ALA N 283 -17.21 139.71 12.64
N THR N 284 -17.26 138.84 11.63
CA THR N 284 -18.45 138.02 11.43
C THR N 284 -18.46 136.82 12.35
N ILE N 285 -17.31 136.16 12.52
CA ILE N 285 -17.25 134.98 13.38
C ILE N 285 -17.37 135.37 14.85
N ALA N 286 -16.69 136.44 15.25
CA ALA N 286 -16.74 136.88 16.64
C ALA N 286 -18.11 137.39 17.06
N LYS N 287 -18.94 137.80 16.09
CA LYS N 287 -20.28 138.29 16.42
C LYS N 287 -21.20 137.14 16.84
N ARG N 288 -21.09 135.99 16.19
CA ARG N 288 -21.92 134.85 16.50
C ARG N 288 -21.49 134.11 17.77
N VAL N 289 -20.31 134.42 18.30
CA VAL N 289 -19.85 133.77 19.53
C VAL N 289 -20.62 134.30 20.74
N LYS N 290 -20.81 135.61 20.82
CA LYS N 290 -21.53 136.19 21.94
C LYS N 290 -23.02 135.89 21.88
N GLU N 291 -23.59 135.84 20.67
CA GLU N 291 -25.02 135.56 20.53
C GLU N 291 -25.36 134.11 20.86
N THR N 292 -24.41 133.19 20.73
CA THR N 292 -24.65 131.79 21.04
C THR N 292 -24.18 131.49 22.45
N PRO N 293 -25.07 131.05 23.34
CA PRO N 293 -24.64 130.73 24.71
C PRO N 293 -23.67 129.56 24.74
N ASN N 294 -22.72 129.63 25.67
CA ASN N 294 -21.69 128.61 25.86
C ASN N 294 -20.90 128.38 24.57
N ALA N 295 -20.09 129.37 24.24
CA ALA N 295 -19.27 129.33 23.04
C ALA N 295 -18.01 130.16 23.27
N THR N 296 -16.85 129.56 22.98
CA THR N 296 -15.56 130.19 23.13
C THR N 296 -15.01 130.55 21.74
N TRP N 297 -13.70 130.66 21.62
CA TRP N 297 -13.08 130.99 20.34
C TRP N 297 -13.03 129.74 19.46
N PRO N 298 -13.45 129.85 18.19
CA PRO N 298 -13.40 128.67 17.31
C PRO N 298 -11.96 128.23 17.07
N VAL N 299 -11.68 126.95 17.36
CA VAL N 299 -10.35 126.38 17.18
C VAL N 299 -10.31 125.35 16.07
N HIS N 300 -11.39 125.18 15.31
CA HIS N 300 -11.43 124.23 14.22
C HIS N 300 -12.49 124.66 13.22
N ALA N 301 -12.17 124.53 11.93
CA ALA N 301 -13.07 124.91 10.86
C ALA N 301 -13.20 123.75 9.88
N VAL N 302 -14.42 123.51 9.41
CA VAL N 302 -14.72 122.45 8.45
C VAL N 302 -15.35 123.07 7.23
N ILE N 303 -14.67 122.96 6.08
CA ILE N 303 -15.15 123.50 4.82
C ILE N 303 -15.26 122.36 3.82
N THR N 304 -16.46 122.12 3.30
CA THR N 304 -16.70 121.05 2.34
C THR N 304 -16.26 121.53 0.96
N ASN N 305 -15.01 121.21 0.61
CA ASN N 305 -14.42 121.60 -0.66
C ASN N 305 -13.93 120.35 -1.36
N SER N 306 -14.61 119.95 -2.43
CA SER N 306 -15.78 120.66 -2.93
C SER N 306 -17.07 120.08 -2.36
N THR N 307 -18.20 120.63 -2.79
CA THR N 307 -19.50 120.19 -2.31
C THR N 307 -19.91 118.88 -3.01
N TYR N 308 -21.17 118.51 -2.87
CA TYR N 308 -21.64 117.27 -3.49
C TYR N 308 -21.76 117.40 -5.00
N ASP N 309 -22.08 118.59 -5.50
CA ASP N 309 -22.21 118.77 -6.94
C ASP N 309 -20.85 118.86 -7.62
N GLY N 310 -20.00 119.78 -7.16
CA GLY N 310 -18.67 119.95 -7.73
C GLY N 310 -18.32 121.39 -8.00
N LEU N 311 -18.18 122.18 -6.92
CA LEU N 311 -17.83 123.59 -7.02
C LEU N 311 -16.66 123.85 -6.09
N LEU N 312 -15.49 124.17 -6.66
CA LEU N 312 -14.31 124.43 -5.86
C LEU N 312 -14.35 125.84 -5.27
N TYR N 313 -13.54 126.04 -4.24
CA TYR N 313 -13.42 127.32 -3.55
C TYR N 313 -12.08 127.96 -3.88
N ASN N 314 -11.74 128.99 -3.12
CA ASN N 314 -10.48 129.73 -3.27
C ASN N 314 -9.69 129.57 -1.98
N THR N 315 -8.78 128.61 -1.97
CA THR N 315 -7.97 128.35 -0.79
C THR N 315 -6.91 129.43 -0.56
N ASP N 316 -6.58 130.21 -1.60
CA ASP N 316 -5.61 131.29 -1.43
C ASP N 316 -6.16 132.43 -0.57
N PHE N 317 -7.48 132.58 -0.49
CA PHE N 317 -8.10 133.61 0.34
C PHE N 317 -8.56 133.09 1.69
N ILE N 318 -8.85 131.79 1.80
CA ILE N 318 -9.30 131.24 3.07
C ILE N 318 -8.12 131.06 4.03
N LYS N 319 -6.98 130.61 3.52
CA LYS N 319 -5.80 130.38 4.36
C LYS N 319 -5.20 131.66 4.90
N LYS N 320 -5.65 132.83 4.43
CA LYS N 320 -5.15 134.12 4.88
C LYS N 320 -6.15 134.90 5.71
N THR N 321 -7.42 134.86 5.35
CA THR N 321 -8.45 135.62 6.06
C THR N 321 -9.01 134.83 7.26
N LEU N 322 -9.35 133.57 7.05
CA LEU N 322 -9.90 132.74 8.12
C LEU N 322 -8.82 132.48 9.17
N ASP N 323 -9.03 133.00 10.38
CA ASP N 323 -8.05 132.87 11.46
C ASP N 323 -8.40 131.66 12.32
N VAL N 324 -8.21 130.48 11.73
CA VAL N 324 -8.43 129.21 12.40
C VAL N 324 -7.17 128.37 12.28
N LYS N 325 -6.66 127.89 13.42
CA LYS N 325 -5.42 127.12 13.42
C LYS N 325 -5.60 125.72 12.85
N SER N 326 -6.84 125.24 12.74
CA SER N 326 -7.13 123.90 12.22
C SER N 326 -8.25 124.03 11.19
N ILE N 327 -7.87 124.25 9.94
CA ILE N 327 -8.82 124.37 8.83
C ILE N 327 -8.87 123.04 8.08
N HIS N 328 -10.08 122.50 7.93
CA HIS N 328 -10.29 121.21 7.28
C HIS N 328 -10.95 121.40 5.93
N PHE N 329 -10.56 120.58 4.96
CA PHE N 329 -11.14 120.59 3.62
C PHE N 329 -11.56 119.18 3.27
N ASP N 330 -12.87 118.92 3.29
CA ASP N 330 -13.42 117.60 2.97
C ASP N 330 -13.31 117.40 1.46
N SER N 331 -12.15 116.93 1.02
CA SER N 331 -11.89 116.73 -0.40
C SER N 331 -12.31 115.32 -0.84
N ALA N 332 -13.56 114.96 -0.56
CA ALA N 332 -14.06 113.64 -0.92
C ALA N 332 -14.44 113.52 -2.39
N TRP N 333 -14.48 114.64 -3.12
CA TRP N 333 -14.85 114.61 -4.53
C TRP N 333 -13.77 115.15 -5.47
N VAL N 334 -12.60 115.51 -4.95
CA VAL N 334 -11.52 116.03 -5.78
C VAL N 334 -10.19 115.34 -5.42
N PRO N 335 -10.03 114.06 -5.74
CA PRO N 335 -8.76 113.38 -5.44
C PRO N 335 -7.73 113.55 -6.55
N TYR N 336 -7.74 114.70 -7.23
CA TYR N 336 -6.85 114.89 -8.36
C TYR N 336 -6.36 116.33 -8.52
N THR N 337 -6.58 117.21 -7.53
CA THR N 337 -6.17 118.61 -7.64
C THR N 337 -4.67 118.73 -7.31
N ASN N 338 -3.86 118.14 -8.21
CA ASN N 338 -2.41 118.16 -8.04
C ASN N 338 -1.72 117.80 -9.36
N PHE N 339 -2.28 116.80 -10.07
CA PHE N 339 -1.68 116.30 -11.31
C PHE N 339 -2.12 117.08 -12.54
N SER N 340 -2.44 118.37 -12.40
CA SER N 340 -2.87 119.17 -13.53
C SER N 340 -2.57 120.63 -13.24
N PRO N 341 -2.07 121.39 -14.22
CA PRO N 341 -1.74 122.80 -13.96
C PRO N 341 -2.96 123.70 -13.82
N ILE N 342 -4.15 123.22 -14.14
CA ILE N 342 -5.36 124.04 -14.04
C ILE N 342 -6.03 123.81 -12.69
N TYR N 343 -5.28 123.26 -11.73
CA TYR N 343 -5.78 123.04 -10.39
C TYR N 343 -4.80 123.48 -9.32
N GLU N 344 -3.90 124.41 -9.66
CA GLU N 344 -2.92 124.90 -8.69
C GLU N 344 -3.55 125.99 -7.82
N GLY N 345 -3.30 125.90 -6.51
CA GLY N 345 -3.85 126.87 -5.59
C GLY N 345 -5.32 126.72 -5.31
N LYS N 346 -5.92 125.60 -5.69
CA LYS N 346 -7.35 125.37 -5.48
C LYS N 346 -7.65 124.44 -4.32
N CYS N 347 -6.63 123.77 -3.75
CA CYS N 347 -6.84 122.88 -2.62
C CYS N 347 -5.92 123.24 -1.47
N GLY N 348 -5.89 122.40 -0.44
CA GLY N 348 -5.03 122.65 0.71
C GLY N 348 -3.61 122.18 0.51
N MET N 349 -3.43 121.11 -0.27
CA MET N 349 -2.09 120.59 -0.52
C MET N 349 -1.28 121.46 -1.47
N SER N 350 -1.94 122.18 -2.37
CA SER N 350 -1.25 123.05 -3.32
C SER N 350 -0.75 124.29 -2.61
N GLY N 351 0.55 124.57 -2.71
CA GLY N 351 1.13 125.73 -2.07
C GLY N 351 2.22 125.37 -1.08
N GLY N 352 2.12 125.92 0.13
CA GLY N 352 3.10 125.65 1.16
C GLY N 352 2.51 125.54 2.55
N ARG N 353 3.36 125.41 3.57
CA ARG N 353 2.90 125.31 4.94
C ARG N 353 2.55 126.70 5.48
N VAL N 354 1.34 126.84 6.00
CA VAL N 354 0.89 128.10 6.57
C VAL N 354 1.49 128.24 7.97
N GLU N 355 2.08 129.40 8.24
CA GLU N 355 2.72 129.66 9.52
C GLU N 355 1.67 129.74 10.62
N GLY N 356 1.75 128.83 11.59
CA GLY N 356 0.83 128.83 12.71
C GLY N 356 -0.48 128.13 12.46
N LYS N 357 -0.66 127.52 11.30
CA LYS N 357 -1.90 126.83 10.96
C LYS N 357 -1.57 125.46 10.37
N VAL N 358 -2.60 124.66 10.14
CA VAL N 358 -2.44 123.32 9.57
C VAL N 358 -3.70 122.99 8.79
N ILE N 359 -3.52 122.28 7.67
CA ILE N 359 -4.61 121.93 6.77
C ILE N 359 -4.81 120.42 6.82
N TYR N 360 -6.08 120.01 6.98
CA TYR N 360 -6.45 118.60 6.99
C TYR N 360 -7.38 118.30 5.81
N GLU N 361 -7.14 117.17 5.16
CA GLU N 361 -7.96 116.75 4.03
C GLU N 361 -8.23 115.25 4.13
N THR N 362 -9.41 114.84 3.70
CA THR N 362 -9.83 113.44 3.68
C THR N 362 -10.16 113.08 2.24
N GLN N 363 -9.13 112.97 1.40
CA GLN N 363 -9.32 112.64 -0.01
C GLN N 363 -9.79 111.20 -0.14
N SER N 364 -10.92 111.02 -0.83
CA SER N 364 -11.45 109.68 -1.03
C SER N 364 -10.59 108.89 -1.99
N THR N 365 -10.74 107.56 -1.97
CA THR N 365 -9.95 106.67 -2.81
C THR N 365 -10.81 105.82 -3.73
N HIS N 366 -11.98 105.39 -3.28
CA HIS N 366 -12.86 104.54 -4.08
C HIS N 366 -13.97 105.34 -4.74
N LYS N 367 -13.91 106.66 -4.63
CA LYS N 367 -14.96 107.52 -5.20
C LYS N 367 -14.74 107.76 -6.65
N LEU N 368 -13.71 108.54 -6.97
CA LEU N 368 -13.44 108.89 -8.36
C LEU N 368 -12.07 108.41 -8.82
N LEU N 369 -11.69 107.20 -8.39
CA LEU N 369 -10.42 106.62 -8.79
C LEU N 369 -10.60 105.16 -9.18
N ALA N 370 -9.73 104.28 -8.66
CA ALA N 370 -9.82 102.86 -8.99
C ALA N 370 -9.20 102.08 -7.83
N ALA N 371 -10.05 101.69 -6.88
CA ALA N 371 -9.61 100.92 -5.72
C ALA N 371 -10.85 100.30 -5.06
N PHE N 372 -10.59 99.42 -4.10
CA PHE N 372 -11.67 98.79 -3.36
C PHE N 372 -12.39 99.82 -2.49
N SER N 373 -13.64 99.50 -2.15
CA SER N 373 -14.46 100.39 -1.34
C SER N 373 -13.90 100.48 0.08
N GLN N 374 -14.40 101.47 0.82
CA GLN N 374 -13.99 101.74 2.19
C GLN N 374 -12.48 102.00 2.26
N ALA N 375 -12.07 103.09 1.62
CA ALA N 375 -10.67 103.50 1.58
C ALA N 375 -10.60 105.02 1.54
N SER N 376 -9.78 105.59 2.42
CA SER N 376 -9.63 107.04 2.50
C SER N 376 -8.22 107.37 2.98
N MET N 377 -7.91 108.66 3.01
CA MET N 377 -6.61 109.15 3.44
C MET N 377 -6.79 110.34 4.36
N ILE N 378 -5.71 110.70 5.05
CA ILE N 378 -5.68 111.85 5.95
C ILE N 378 -4.44 112.65 5.59
N HIS N 379 -4.63 113.74 4.84
CA HIS N 379 -3.52 114.60 4.43
C HIS N 379 -3.30 115.69 5.45
N VAL N 380 -2.10 115.73 6.03
CA VAL N 380 -1.74 116.71 7.05
C VAL N 380 -0.62 117.58 6.49
N LYS N 381 -0.81 118.88 6.53
CA LYS N 381 0.17 119.86 6.03
C LYS N 381 0.44 120.85 7.16
N GLY N 382 1.46 120.57 7.95
CA GLY N 382 1.83 121.43 9.05
C GLY N 382 2.63 120.68 10.09
N ASP N 383 2.83 121.33 11.22
CA ASP N 383 3.58 120.78 12.35
C ASP N 383 2.59 120.26 13.38
N VAL N 384 2.42 118.94 13.44
CA VAL N 384 1.51 118.30 14.37
C VAL N 384 2.31 117.35 15.26
N ASN N 385 1.69 116.95 16.37
CA ASN N 385 2.32 116.04 17.31
C ASN N 385 2.16 114.61 16.83
N GLU N 386 3.26 113.85 16.82
CA GLU N 386 3.21 112.46 16.38
C GLU N 386 2.67 111.55 17.48
N GLU N 387 3.02 111.84 18.73
CA GLU N 387 2.56 111.01 19.84
C GLU N 387 1.11 111.27 20.21
N THR N 388 0.49 112.32 19.67
CA THR N 388 -0.90 112.65 19.97
C THR N 388 -1.85 112.26 18.84
N PHE N 389 -1.49 112.59 17.59
CA PHE N 389 -2.34 112.26 16.46
C PHE N 389 -2.40 110.76 16.18
N ASN N 390 -1.38 110.01 16.61
CA ASN N 390 -1.38 108.57 16.39
C ASN N 390 -2.43 107.87 17.25
N GLU N 391 -2.67 108.37 18.46
CA GLU N 391 -3.67 107.76 19.33
C GLU N 391 -5.08 107.98 18.80
N ALA N 392 -5.30 109.08 18.08
CA ALA N 392 -6.63 109.35 17.52
C ALA N 392 -6.91 108.47 16.31
N TYR N 393 -5.86 108.03 15.61
CA TYR N 393 -6.08 107.17 14.44
C TYR N 393 -6.50 105.77 14.85
N MET N 394 -6.05 105.29 16.01
CA MET N 394 -6.42 103.96 16.48
C MET N 394 -7.82 103.92 17.10
N MET N 395 -8.47 105.07 17.26
CA MET N 395 -9.81 105.10 17.83
C MET N 395 -10.89 104.68 16.83
N HIS N 396 -10.54 104.51 15.55
CA HIS N 396 -11.51 104.09 14.55
C HIS N 396 -10.97 103.04 13.59
N THR N 397 -9.74 102.57 13.78
CA THR N 397 -9.14 101.55 12.92
C THR N 397 -8.83 100.31 13.76
N THR N 398 -9.27 99.15 13.28
CA THR N 398 -9.05 97.91 14.00
C THR N 398 -7.58 97.51 13.95
N THR N 399 -7.21 96.55 14.80
CA THR N 399 -5.83 96.08 14.86
C THR N 399 -5.48 95.13 13.72
N SER N 400 -6.48 94.61 13.00
CA SER N 400 -6.26 93.69 11.88
C SER N 400 -6.84 94.33 10.62
N PRO N 401 -6.07 95.19 9.96
CA PRO N 401 -6.57 95.84 8.74
C PRO N 401 -6.61 94.89 7.57
N HIS N 402 -7.55 95.13 6.66
CA HIS N 402 -7.69 94.33 5.45
C HIS N 402 -6.66 94.80 4.43
N TYR N 403 -5.63 93.97 4.20
CA TYR N 403 -4.57 94.35 3.29
C TYR N 403 -5.01 94.41 1.83
N GLY N 404 -6.14 93.77 1.49
CA GLY N 404 -6.66 93.88 0.15
C GLY N 404 -7.09 95.29 -0.21
N ILE N 405 -7.57 96.04 0.78
CA ILE N 405 -7.93 97.43 0.55
C ILE N 405 -6.72 98.36 0.75
N VAL N 406 -5.83 98.03 1.69
CA VAL N 406 -4.64 98.84 1.92
C VAL N 406 -3.75 98.84 0.69
N ALA N 407 -3.62 97.67 0.04
CA ALA N 407 -2.80 97.60 -1.17
C ALA N 407 -3.42 98.40 -2.30
N SER N 408 -4.75 98.48 -2.34
CA SER N 408 -5.42 99.26 -3.38
C SER N 408 -5.41 100.76 -3.05
N THR N 409 -5.33 101.11 -1.77
CA THR N 409 -5.27 102.52 -1.40
C THR N 409 -3.95 103.15 -1.85
N GLU N 410 -2.84 102.45 -1.62
CA GLU N 410 -1.55 102.97 -2.08
C GLU N 410 -1.40 102.82 -3.58
N THR N 411 -2.12 101.88 -4.20
CA THR N 411 -2.05 101.71 -5.64
C THR N 411 -2.60 102.94 -6.35
N ALA N 412 -3.68 103.54 -5.81
CA ALA N 412 -4.24 104.74 -6.42
C ALA N 412 -3.24 105.89 -6.42
N ALA N 413 -2.36 105.94 -5.42
CA ALA N 413 -1.31 106.96 -5.40
C ALA N 413 -0.18 106.63 -6.37
N ALA N 414 0.01 105.35 -6.69
CA ALA N 414 1.04 104.93 -7.63
C ALA N 414 0.56 104.96 -9.07
N MET N 415 -0.73 104.77 -9.31
CA MET N 415 -1.26 104.81 -10.66
C MET N 415 -1.29 106.22 -11.22
N MET N 416 -1.19 107.25 -10.36
CA MET N 416 -1.24 108.63 -10.80
C MET N 416 0.14 109.26 -10.96
N LYS N 417 1.18 108.63 -10.44
CA LYS N 417 2.52 109.20 -10.53
C LYS N 417 3.10 109.03 -11.92
N GLY N 418 3.77 110.08 -12.40
CA GLY N 418 4.40 110.04 -13.71
C GLY N 418 3.46 110.51 -14.82
N ASN N 419 4.04 110.60 -16.02
CA ASN N 419 3.26 111.01 -17.17
C ASN N 419 2.22 109.97 -17.59
N ALA N 420 2.45 108.69 -17.26
CA ALA N 420 1.48 107.66 -17.57
C ALA N 420 0.21 107.79 -16.73
N GLY N 421 0.30 108.43 -15.57
CA GLY N 421 -0.85 108.63 -14.72
C GLY N 421 -1.53 109.96 -14.97
N LYS N 422 -0.75 110.96 -15.40
CA LYS N 422 -1.31 112.27 -15.69
C LYS N 422 -2.22 112.26 -16.91
N ARG N 423 -2.09 111.26 -17.78
CA ARG N 423 -2.97 111.17 -18.94
C ARG N 423 -4.39 110.76 -18.57
N LEU N 424 -4.60 110.26 -17.36
CA LEU N 424 -5.95 109.89 -16.93
C LEU N 424 -6.70 111.10 -16.39
N ILE N 425 -6.00 112.04 -15.75
CA ILE N 425 -6.65 113.26 -15.28
C ILE N 425 -6.99 114.16 -16.46
N ASN N 426 -6.00 114.43 -17.32
CA ASN N 426 -6.25 115.26 -18.49
C ASN N 426 -7.13 114.55 -19.51
N GLY N 427 -7.09 113.22 -19.55
CA GLY N 427 -7.95 112.48 -20.46
C GLY N 427 -9.41 112.56 -20.07
N SER N 428 -9.70 112.55 -18.77
CA SER N 428 -11.08 112.68 -18.32
C SER N 428 -11.62 114.08 -18.53
N ILE N 429 -10.73 115.09 -18.50
CA ILE N 429 -11.17 116.46 -18.74
C ILE N 429 -11.47 116.68 -20.21
N GLU N 430 -10.63 116.13 -21.09
CA GLU N 430 -10.87 116.26 -22.53
C GLU N 430 -12.15 115.54 -22.94
N ARG N 431 -12.44 114.40 -22.32
CA ARG N 431 -13.69 113.71 -22.61
C ARG N 431 -14.89 114.44 -22.02
N ALA N 432 -14.68 115.20 -20.94
CA ALA N 432 -15.77 115.97 -20.36
C ALA N 432 -16.08 117.22 -21.18
N ILE N 433 -15.04 117.92 -21.64
CA ILE N 433 -15.24 119.09 -22.47
C ILE N 433 -15.84 118.70 -23.81
N LYS N 434 -15.43 117.56 -24.36
CA LYS N 434 -16.02 117.09 -25.61
C LYS N 434 -17.49 116.77 -25.45
N PHE N 435 -17.86 116.20 -24.30
CA PHE N 435 -19.27 115.92 -24.04
C PHE N 435 -20.06 117.21 -23.84
N ARG N 436 -19.43 118.26 -23.31
CA ARG N 436 -20.11 119.53 -23.14
C ARG N 436 -20.37 120.22 -24.49
N LYS N 437 -19.46 120.05 -25.45
CA LYS N 437 -19.64 120.65 -26.75
C LYS N 437 -20.66 119.90 -27.60
N GLU N 438 -20.82 118.60 -27.37
CA GLU N 438 -21.81 117.82 -28.11
C GLU N 438 -23.23 118.15 -27.72
N ILE N 439 -23.44 118.70 -26.51
CA ILE N 439 -24.79 119.08 -26.10
C ILE N 439 -25.22 120.37 -26.78
N LYS N 440 -24.33 121.36 -26.82
CA LYS N 440 -24.66 122.61 -27.49
C LYS N 440 -24.75 122.45 -29.00
N ARG N 441 -24.04 121.45 -29.56
CA ARG N 441 -24.11 121.22 -30.99
C ARG N 441 -25.43 120.56 -31.38
N LEU N 442 -25.95 119.67 -30.54
CA LEU N 442 -27.21 118.99 -30.79
C LEU N 442 -28.41 119.74 -30.23
N ARG N 443 -28.22 120.99 -29.81
CA ARG N 443 -29.30 121.81 -29.27
C ARG N 443 -29.85 122.80 -30.29
N THR N 444 -28.98 123.55 -30.95
CA THR N 444 -29.43 124.51 -31.95
C THR N 444 -29.82 123.81 -33.25
N GLU N 445 -29.04 122.80 -33.68
CA GLU N 445 -29.35 122.09 -34.91
C GLU N 445 -30.61 121.23 -34.80
N SER N 446 -31.02 120.88 -33.58
CA SER N 446 -32.21 120.07 -33.40
C SER N 446 -33.46 120.91 -33.62
N ASP N 447 -34.59 120.22 -33.75
CA ASP N 447 -35.89 120.85 -33.98
C ASP N 447 -36.78 120.54 -32.77
N GLY N 448 -36.69 121.40 -31.75
CA GLY N 448 -37.46 121.27 -30.54
C GLY N 448 -36.60 121.49 -29.33
N TRP N 449 -37.09 121.04 -28.18
CA TRP N 449 -36.37 121.20 -26.92
C TRP N 449 -35.21 120.21 -26.84
N PHE N 450 -34.21 120.56 -26.04
CA PHE N 450 -33.04 119.71 -25.86
C PHE N 450 -32.41 120.05 -24.51
N PHE N 451 -31.65 119.08 -23.99
CA PHE N 451 -31.01 119.26 -22.70
C PHE N 451 -29.95 120.37 -22.75
N ASP N 452 -29.65 120.92 -21.58
CA ASP N 452 -28.68 122.00 -21.46
C ASP N 452 -27.70 121.68 -20.33
N VAL N 453 -26.45 122.10 -20.52
CA VAL N 453 -25.39 121.87 -19.56
C VAL N 453 -25.18 123.16 -18.77
N TRP N 454 -25.15 123.04 -17.43
CA TRP N 454 -24.93 124.18 -16.55
C TRP N 454 -23.47 124.64 -16.71
N GLN N 455 -23.24 125.42 -17.76
CA GLN N 455 -21.91 125.88 -18.12
C GLN N 455 -22.02 127.29 -18.69
N PRO N 456 -20.93 128.06 -18.66
CA PRO N 456 -20.96 129.40 -19.26
C PRO N 456 -21.16 129.31 -20.77
N ASP N 457 -21.41 130.48 -21.37
CA ASP N 457 -21.63 130.54 -22.81
C ASP N 457 -20.33 130.31 -23.59
N HIS N 458 -19.19 130.58 -22.96
CA HIS N 458 -17.89 130.40 -23.60
C HIS N 458 -17.16 129.26 -22.90
N ILE N 459 -17.07 128.11 -23.58
CA ILE N 459 -16.40 126.94 -23.03
C ILE N 459 -15.25 126.54 -23.95
N ASP N 460 -14.71 127.51 -24.68
CA ASP N 460 -13.61 127.27 -25.62
C ASP N 460 -12.25 127.32 -24.92
N THR N 461 -12.15 126.65 -23.77
CA THR N 461 -10.91 126.60 -23.02
C THR N 461 -10.89 125.33 -22.17
N THR N 462 -9.71 125.00 -21.67
CA THR N 462 -9.50 123.82 -20.83
C THR N 462 -8.99 124.30 -19.46
N GLU N 463 -9.93 124.70 -18.61
CA GLU N 463 -9.62 125.19 -17.27
C GLU N 463 -10.91 125.20 -16.47
N CYS N 464 -10.82 125.72 -15.25
CA CYS N 464 -11.98 125.84 -14.37
C CYS N 464 -12.67 127.18 -14.63
N TRP N 465 -13.94 127.13 -15.03
CA TRP N 465 -14.68 128.33 -15.34
C TRP N 465 -15.04 129.07 -14.06
N PRO N 466 -14.58 130.30 -13.85
CA PRO N 466 -14.92 131.03 -12.63
C PRO N 466 -16.36 131.53 -12.66
N LEU N 467 -16.94 131.67 -11.47
CA LEU N 467 -18.31 132.16 -11.33
C LEU N 467 -18.24 133.67 -11.11
N ARG N 468 -18.38 134.42 -12.20
CA ARG N 468 -18.32 135.87 -12.14
C ARG N 468 -19.66 136.43 -11.67
N SER N 469 -19.76 137.76 -11.65
CA SER N 469 -20.97 138.44 -11.24
C SER N 469 -21.79 139.00 -12.40
N ASP N 470 -21.24 138.97 -13.62
CA ASP N 470 -21.92 139.48 -14.81
C ASP N 470 -22.38 138.35 -15.72
N SER N 471 -22.79 137.22 -15.15
CA SER N 471 -23.25 136.07 -15.91
C SER N 471 -24.62 135.64 -15.43
N THR N 472 -25.34 134.91 -16.29
CA THR N 472 -26.68 134.43 -15.99
C THR N 472 -26.79 132.92 -16.01
N TRP N 473 -25.70 132.20 -16.27
CA TRP N 473 -25.76 130.74 -16.29
C TRP N 473 -25.79 130.15 -14.89
N HIS N 474 -25.07 130.77 -13.95
CA HIS N 474 -25.02 130.24 -12.59
C HIS N 474 -26.25 130.65 -11.78
N GLY N 475 -26.75 131.86 -12.00
CA GLY N 475 -27.96 132.30 -11.32
C GLY N 475 -27.82 132.49 -9.82
N PHE N 476 -26.65 132.96 -9.36
CA PHE N 476 -26.42 133.22 -7.95
C PHE N 476 -26.33 134.74 -7.76
N LYS N 477 -27.33 135.30 -7.07
CA LYS N 477 -27.36 136.74 -6.85
C LYS N 477 -26.34 137.14 -5.80
N ASN N 478 -25.58 138.20 -6.09
CA ASN N 478 -24.55 138.71 -5.20
C ASN N 478 -23.55 137.62 -4.83
N ILE N 479 -22.70 137.23 -5.78
CA ILE N 479 -21.69 136.20 -5.56
C ILE N 479 -20.32 136.87 -5.57
N ASP N 480 -19.41 136.32 -4.77
CA ASP N 480 -18.06 136.85 -4.69
C ASP N 480 -17.25 136.41 -5.90
N ASN N 481 -16.57 137.37 -6.53
CA ASN N 481 -15.76 137.08 -7.71
C ASN N 481 -14.44 136.43 -7.30
N GLU N 482 -13.95 135.53 -8.17
CA GLU N 482 -12.70 134.80 -7.94
C GLU N 482 -12.73 134.05 -6.61
N HIS N 483 -13.84 133.36 -6.36
CA HIS N 483 -13.99 132.57 -5.13
C HIS N 483 -14.65 131.23 -5.42
N MET N 484 -15.55 131.21 -6.40
CA MET N 484 -16.26 129.99 -6.79
C MET N 484 -15.86 129.61 -8.20
N TYR N 485 -15.40 128.37 -8.36
CA TYR N 485 -14.98 127.83 -9.65
C TYR N 485 -15.92 126.71 -10.07
N LEU N 486 -15.66 126.16 -11.25
CA LEU N 486 -16.47 125.10 -11.83
C LEU N 486 -15.60 123.89 -12.13
N ASP N 487 -16.12 122.70 -11.82
CA ASP N 487 -15.41 121.45 -12.10
C ASP N 487 -15.77 120.98 -13.50
N PRO N 488 -14.82 120.89 -14.43
CA PRO N 488 -15.17 120.47 -15.80
C PRO N 488 -15.73 119.06 -15.89
N ILE N 489 -15.27 118.14 -15.04
CA ILE N 489 -15.76 116.76 -15.11
C ILE N 489 -17.14 116.59 -14.50
N LYS N 490 -17.62 117.57 -13.72
CA LYS N 490 -18.93 117.49 -13.10
C LYS N 490 -19.94 118.19 -14.01
N VAL N 491 -20.42 117.44 -15.00
CA VAL N 491 -21.39 117.96 -15.95
C VAL N 491 -22.79 117.82 -15.36
N THR N 492 -23.48 118.94 -15.21
CA THR N 492 -24.84 118.97 -14.65
C THR N 492 -25.81 119.30 -15.77
N LEU N 493 -26.63 118.32 -16.16
CA LEU N 493 -27.60 118.52 -17.23
C LEU N 493 -28.85 119.20 -16.68
N LEU N 494 -29.17 120.37 -17.23
CA LEU N 494 -30.34 121.14 -16.83
C LEU N 494 -31.48 120.81 -17.77
N THR N 495 -32.51 120.14 -17.25
CA THR N 495 -33.67 119.78 -18.07
C THR N 495 -34.56 121.01 -18.27
N PRO N 496 -35.19 121.14 -19.43
CA PRO N 496 -36.08 122.28 -19.66
C PRO N 496 -37.27 122.26 -18.74
N GLY N 497 -37.71 123.44 -18.33
CA GLY N 497 -38.85 123.58 -17.44
C GLY N 497 -38.85 124.89 -16.67
N MET N 498 -37.69 125.52 -16.57
CA MET N 498 -37.55 126.79 -15.86
C MET N 498 -36.86 127.80 -16.76
N GLU N 499 -36.86 129.05 -16.31
CA GLU N 499 -36.24 130.14 -17.05
C GLU N 499 -34.88 130.47 -16.45
N LYS N 500 -34.25 131.55 -16.90
CA LYS N 500 -32.96 131.97 -16.41
C LYS N 500 -33.05 132.93 -15.23
N ASP N 501 -34.24 133.39 -14.88
CA ASP N 501 -34.42 134.32 -13.77
C ASP N 501 -34.79 133.63 -12.47
N GLY N 502 -35.14 132.35 -12.51
CA GLY N 502 -35.51 131.61 -11.32
C GLY N 502 -36.99 131.34 -11.16
N THR N 503 -37.81 131.66 -12.17
CA THR N 503 -39.24 131.44 -12.10
C THR N 503 -39.58 130.12 -12.79
N MET N 504 -40.85 129.88 -13.10
CA MET N 504 -41.30 128.67 -13.76
C MET N 504 -41.72 128.98 -15.20
N SER N 505 -42.09 127.94 -15.93
CA SER N 505 -42.50 128.09 -17.31
C SER N 505 -43.80 127.36 -17.59
N ASP N 506 -44.04 127.00 -18.84
CA ASP N 506 -45.26 126.30 -19.25
C ASP N 506 -45.00 124.91 -19.80
N PHE N 507 -43.88 124.70 -20.48
CA PHE N 507 -43.53 123.40 -21.06
C PHE N 507 -42.20 122.94 -20.47
N GLY N 508 -42.20 121.73 -19.94
CA GLY N 508 -40.99 121.19 -19.36
C GLY N 508 -41.24 119.78 -18.83
N ILE N 509 -40.13 119.06 -18.63
CA ILE N 509 -40.16 117.70 -18.13
C ILE N 509 -39.27 117.63 -16.90
N PRO N 510 -39.78 117.17 -15.76
CA PRO N 510 -38.92 117.08 -14.57
C PRO N 510 -37.80 116.07 -14.75
N ALA N 511 -36.77 116.22 -13.91
CA ALA N 511 -35.62 115.33 -13.97
C ALA N 511 -35.87 113.97 -13.31
N SER N 512 -36.98 113.83 -12.57
CA SER N 512 -37.26 112.55 -11.95
C SER N 512 -37.69 111.50 -12.96
N ILE N 513 -38.38 111.90 -14.02
CA ILE N 513 -38.79 110.96 -15.06
C ILE N 513 -37.59 110.51 -15.89
N VAL N 514 -36.67 111.44 -16.18
CA VAL N 514 -35.49 111.10 -16.96
C VAL N 514 -34.57 110.19 -16.16
N ALA N 515 -34.55 110.33 -14.83
CA ALA N 515 -33.68 109.50 -14.01
C ALA N 515 -34.05 108.03 -14.10
N LYS N 516 -35.34 107.72 -14.17
CA LYS N 516 -35.78 106.34 -14.30
C LYS N 516 -35.68 105.81 -15.73
N TYR N 517 -35.72 106.70 -16.72
CA TYR N 517 -35.58 106.25 -18.11
C TYR N 517 -34.16 105.82 -18.41
N LEU N 518 -33.17 106.47 -17.80
CA LEU N 518 -31.78 106.08 -18.02
C LEU N 518 -31.43 104.75 -17.35
N ASP N 519 -32.18 104.36 -16.31
CA ASP N 519 -31.89 103.11 -15.62
C ASP N 519 -32.25 101.89 -16.45
N GLU N 520 -33.12 102.04 -17.46
CA GLU N 520 -33.49 100.90 -18.29
C GLU N 520 -32.32 100.43 -19.13
N HIS N 521 -31.45 101.35 -19.56
CA HIS N 521 -30.27 100.98 -20.35
C HIS N 521 -29.04 100.73 -19.49
N GLY N 522 -29.05 101.16 -18.23
CA GLY N 522 -27.92 100.94 -17.35
C GLY N 522 -27.19 102.21 -16.98
N ILE N 523 -27.95 103.27 -16.69
CA ILE N 523 -27.39 104.56 -16.31
C ILE N 523 -28.15 105.07 -15.10
N VAL N 524 -27.45 105.24 -13.98
CA VAL N 524 -28.04 105.70 -12.74
C VAL N 524 -27.58 107.14 -12.49
N VAL N 525 -28.55 108.04 -12.33
CA VAL N 525 -28.24 109.45 -12.09
C VAL N 525 -27.74 109.61 -10.66
N GLU N 526 -26.63 110.34 -10.50
CA GLU N 526 -26.05 110.53 -9.17
C GLU N 526 -26.94 111.42 -8.31
N LYS N 527 -27.38 112.56 -8.85
CA LYS N 527 -28.23 113.50 -8.12
C LYS N 527 -29.34 113.98 -9.06
N THR N 528 -30.58 113.79 -8.65
CA THR N 528 -31.73 114.21 -9.44
C THR N 528 -32.82 114.71 -8.50
N GLY N 529 -33.82 115.37 -9.08
CA GLY N 529 -34.93 115.89 -8.32
C GLY N 529 -35.67 116.98 -9.06
N PRO N 530 -35.25 118.24 -8.86
CA PRO N 530 -35.91 119.36 -9.52
C PRO N 530 -35.73 119.34 -11.04
N TYR N 531 -34.67 119.97 -11.53
CA TYR N 531 -34.38 120.04 -12.96
C TYR N 531 -32.88 119.97 -13.19
N ASN N 532 -32.23 118.99 -12.56
CA ASN N 532 -30.79 118.82 -12.69
C ASN N 532 -30.47 117.34 -12.81
N LEU N 533 -29.33 117.05 -13.45
CA LEU N 533 -28.86 115.68 -13.65
C LEU N 533 -27.35 115.67 -13.46
N LEU N 534 -26.89 115.12 -12.34
CA LEU N 534 -25.47 115.07 -12.02
C LEU N 534 -24.90 113.71 -12.39
N PHE N 535 -23.71 113.73 -12.99
CA PHE N 535 -23.00 112.52 -13.40
C PHE N 535 -21.56 112.60 -12.88
N LEU N 536 -20.77 111.58 -13.22
CA LEU N 536 -19.38 111.49 -12.78
C LEU N 536 -18.52 111.11 -13.98
N PHE N 537 -17.58 111.98 -14.34
CA PHE N 537 -16.65 111.75 -15.44
C PHE N 537 -15.23 111.61 -14.87
N SER N 538 -15.01 110.51 -14.16
CA SER N 538 -13.72 110.23 -13.54
C SER N 538 -12.87 109.42 -14.50
N ILE N 539 -11.90 108.66 -13.97
CA ILE N 539 -11.03 107.86 -14.82
C ILE N 539 -11.71 106.56 -15.26
N GLY N 540 -12.82 106.18 -14.64
CA GLY N 540 -13.51 104.97 -15.03
C GLY N 540 -14.28 105.09 -16.32
N ILE N 541 -14.83 106.27 -16.60
CA ILE N 541 -15.57 106.51 -17.84
C ILE N 541 -14.56 106.67 -18.96
N ASP N 542 -14.51 105.69 -19.87
CA ASP N 542 -13.58 105.71 -20.98
C ASP N 542 -14.19 106.48 -22.14
N LYS N 543 -13.76 106.19 -23.37
CA LYS N 543 -14.30 106.87 -24.54
C LYS N 543 -15.59 106.26 -25.05
N THR N 544 -16.01 105.12 -24.50
CA THR N 544 -17.25 104.47 -24.91
C THR N 544 -18.40 104.68 -23.94
N LYS N 545 -18.12 104.79 -22.64
CA LYS N 545 -19.18 105.01 -21.67
C LYS N 545 -19.77 106.41 -21.78
N ALA N 546 -18.96 107.39 -22.21
CA ALA N 546 -19.46 108.74 -22.37
C ALA N 546 -20.34 108.88 -23.61
N LEU N 547 -20.06 108.10 -24.65
CA LEU N 547 -20.88 108.17 -25.86
C LEU N 547 -22.23 107.48 -25.67
N SER N 548 -22.30 106.50 -24.75
CA SER N 548 -23.57 105.83 -24.50
C SER N 548 -24.56 106.72 -23.77
N LEU N 549 -24.08 107.72 -23.02
CA LEU N 549 -24.98 108.62 -22.32
C LEU N 549 -25.67 109.58 -23.29
N LEU N 550 -24.96 110.01 -24.34
CA LEU N 550 -25.57 110.92 -25.31
C LEU N 550 -26.62 110.22 -26.15
N ARG N 551 -26.41 108.94 -26.46
CA ARG N 551 -27.39 108.20 -27.25
C ARG N 551 -28.68 107.99 -26.49
N ALA N 552 -28.60 107.79 -25.18
CA ALA N 552 -29.81 107.61 -24.38
C ALA N 552 -30.59 108.92 -24.25
N LEU N 553 -29.89 110.06 -24.29
CA LEU N 553 -30.58 111.35 -24.23
C LEU N 553 -31.34 111.65 -25.51
N THR N 554 -30.78 111.25 -26.66
CA THR N 554 -31.47 111.47 -27.93
C THR N 554 -32.68 110.56 -28.07
N ASP N 555 -32.65 109.39 -27.43
CA ASP N 555 -33.80 108.48 -27.49
C ASP N 555 -34.97 108.98 -26.64
N PHE N 556 -34.70 109.77 -25.61
CA PHE N 556 -35.79 110.31 -24.80
C PHE N 556 -36.57 111.38 -25.56
N LYS N 557 -35.88 112.16 -26.39
CA LYS N 557 -36.58 113.16 -27.20
C LYS N 557 -37.41 112.50 -28.29
N ARG N 558 -36.92 111.40 -28.86
CA ARG N 558 -37.67 110.71 -29.90
C ARG N 558 -38.92 110.04 -29.33
N ALA N 559 -38.80 109.41 -28.15
CA ALA N 559 -39.94 108.76 -27.54
C ALA N 559 -40.97 109.75 -27.01
N PHE N 560 -40.55 110.97 -26.70
CA PHE N 560 -41.47 111.98 -26.19
C PHE N 560 -42.16 112.76 -27.30
N ASP N 561 -41.47 113.01 -28.42
CA ASP N 561 -42.09 113.75 -29.52
C ASP N 561 -43.12 112.89 -30.25
N LEU N 562 -42.88 111.59 -30.35
CA LEU N 562 -43.82 110.68 -31.01
C LEU N 562 -44.99 110.30 -30.11
N ASN N 563 -44.97 110.70 -28.83
CA ASN N 563 -46.02 110.40 -27.87
C ASN N 563 -46.26 108.91 -27.74
N LEU N 564 -45.38 108.23 -27.02
CA LEU N 564 -45.50 106.79 -26.80
C LEU N 564 -46.17 106.51 -25.46
N ARG N 565 -46.42 105.23 -25.21
CA ARG N 565 -47.07 104.80 -23.99
C ARG N 565 -46.03 104.53 -22.89
N VAL N 566 -46.53 104.46 -21.66
CA VAL N 566 -45.64 104.20 -20.53
C VAL N 566 -45.20 102.74 -20.52
N LYS N 567 -46.11 101.84 -20.88
CA LYS N 567 -45.77 100.41 -20.89
C LYS N 567 -44.73 100.10 -21.96
N ASN N 568 -44.80 100.78 -23.09
CA ASN N 568 -43.85 100.59 -24.18
C ASN N 568 -42.67 101.56 -24.10
N MET N 569 -42.23 101.90 -22.89
CA MET N 569 -41.12 102.83 -22.71
C MET N 569 -40.47 102.64 -21.35
N LEU N 570 -41.30 102.53 -20.29
CA LEU N 570 -40.85 102.36 -18.92
C LEU N 570 -41.46 101.08 -18.36
N PRO N 571 -40.85 99.93 -18.62
CA PRO N 571 -41.41 98.67 -18.10
C PRO N 571 -41.24 98.52 -16.60
N SER N 572 -40.27 99.19 -15.99
CA SER N 572 -40.09 99.08 -14.55
C SER N 572 -41.17 99.85 -13.79
N LEU N 573 -41.54 101.02 -14.31
CA LEU N 573 -42.59 101.81 -13.66
C LEU N 573 -43.97 101.19 -13.85
N TYR N 574 -44.16 100.46 -14.96
CA TYR N 574 -45.45 99.84 -15.22
C TYR N 574 -45.71 98.67 -14.27
N ARG N 575 -44.66 97.99 -13.81
CA ARG N 575 -44.84 96.87 -12.91
C ARG N 575 -45.19 97.30 -11.49
N GLU N 576 -44.99 98.58 -11.16
CA GLU N 576 -45.33 99.05 -9.82
C GLU N 576 -46.83 99.17 -9.64
N ASP N 577 -47.54 99.64 -10.66
CA ASP N 577 -49.00 99.78 -10.62
C ASP N 577 -49.54 99.65 -12.03
N PRO N 578 -49.76 98.42 -12.51
CA PRO N 578 -50.29 98.24 -13.87
C PRO N 578 -51.70 98.78 -14.06
N GLU N 579 -52.49 98.90 -12.98
CA GLU N 579 -53.86 99.39 -13.13
C GLU N 579 -53.91 100.88 -13.38
N PHE N 580 -53.14 101.66 -12.59
CA PHE N 580 -53.17 103.11 -12.74
C PHE N 580 -52.41 103.56 -14.00
N TYR N 581 -51.27 102.94 -14.27
CA TYR N 581 -50.45 103.28 -15.44
C TYR N 581 -50.84 102.47 -16.67
N GLU N 582 -52.13 102.29 -16.91
CA GLU N 582 -52.59 101.52 -18.07
C GLU N 582 -52.75 102.43 -19.29
N ASN N 583 -53.79 103.26 -19.28
CA ASN N 583 -54.06 104.20 -20.38
C ASN N 583 -53.35 105.53 -20.18
N MET N 584 -52.05 105.52 -19.93
CA MET N 584 -51.26 106.72 -19.73
C MET N 584 -50.08 106.73 -20.71
N ARG N 585 -49.82 107.91 -21.28
CA ARG N 585 -48.73 108.09 -22.23
C ARG N 585 -47.61 108.88 -21.58
N ILE N 586 -46.54 109.10 -22.35
CA ILE N 586 -45.38 109.82 -21.82
C ILE N 586 -45.64 111.32 -21.77
N GLN N 587 -46.57 111.82 -22.60
CA GLN N 587 -46.86 113.24 -22.60
C GLN N 587 -47.88 113.61 -21.52
N GLU N 588 -48.78 112.69 -21.18
CA GLU N 588 -49.77 112.97 -20.14
C GLU N 588 -49.12 112.99 -18.76
N LEU N 589 -48.12 112.13 -18.54
CA LEU N 589 -47.45 112.10 -17.23
C LEU N 589 -46.48 113.26 -17.09
N ALA N 590 -45.87 113.70 -18.19
CA ALA N 590 -44.89 114.78 -18.12
C ALA N 590 -45.56 116.14 -17.91
N GLN N 591 -46.83 116.28 -18.32
CA GLN N 591 -47.51 117.55 -18.17
C GLN N 591 -48.24 117.66 -16.84
N ASN N 592 -48.72 116.55 -16.30
CA ASN N 592 -49.45 116.59 -15.03
C ASN N 592 -48.52 116.87 -13.87
N ILE N 593 -47.29 116.35 -13.92
CA ILE N 593 -46.33 116.59 -12.85
C ILE N 593 -45.81 118.02 -12.89
N HIS N 594 -45.63 118.58 -14.10
CA HIS N 594 -45.15 119.95 -14.20
C HIS N 594 -46.14 120.96 -13.65
N LYS N 595 -47.44 120.67 -13.74
CA LYS N 595 -48.44 121.58 -13.19
C LYS N 595 -48.48 121.51 -11.67
N LEU N 596 -48.11 120.37 -11.09
CA LEU N 596 -48.09 120.26 -9.63
C LEU N 596 -46.95 121.05 -9.02
N ILE N 597 -45.83 121.18 -9.73
CA ILE N 597 -44.70 121.95 -9.22
C ILE N 597 -45.04 123.44 -9.21
N VAL N 598 -45.73 123.92 -10.24
CA VAL N 598 -46.11 125.32 -10.30
C VAL N 598 -47.21 125.62 -9.30
N HIS N 599 -48.15 124.68 -9.12
CA HIS N 599 -49.25 124.90 -8.18
C HIS N 599 -48.74 124.94 -6.73
N HIS N 600 -47.96 123.93 -6.34
CA HIS N 600 -47.42 123.90 -4.99
C HIS N 600 -46.26 124.87 -4.79
N ASN N 601 -45.70 125.42 -5.88
CA ASN N 601 -44.61 126.38 -5.83
C ASN N 601 -43.41 125.79 -5.09
N LEU N 602 -42.59 125.01 -5.80
CA LEU N 602 -41.44 124.32 -5.23
C LEU N 602 -40.22 125.24 -5.09
N PRO N 603 -39.82 126.00 -6.11
CA PRO N 603 -38.61 126.82 -5.95
C PRO N 603 -38.71 127.87 -4.86
N ASP N 604 -39.92 128.37 -4.57
CA ASP N 604 -40.06 129.39 -3.53
C ASP N 604 -40.07 128.77 -2.14
N LEU N 605 -40.70 127.61 -1.97
CA LEU N 605 -40.74 126.96 -0.67
C LEU N 605 -39.43 126.25 -0.34
N MET N 606 -38.51 126.16 -1.29
CA MET N 606 -37.21 125.52 -1.05
C MET N 606 -36.10 126.53 -0.84
N TYR N 607 -36.12 127.65 -1.56
CA TYR N 607 -35.07 128.66 -1.40
C TYR N 607 -35.19 129.37 -0.05
N ARG N 608 -36.42 129.53 0.44
CA ARG N 608 -36.62 130.22 1.72
C ARG N 608 -36.48 129.27 2.90
N ALA N 609 -36.71 127.97 2.70
CA ALA N 609 -36.58 127.02 3.78
C ALA N 609 -35.12 126.71 4.11
N PHE N 610 -34.19 127.02 3.21
CA PHE N 610 -32.78 126.77 3.44
C PHE N 610 -32.02 128.00 3.91
N GLU N 611 -32.54 129.20 3.62
CA GLU N 611 -31.87 130.42 4.03
CA GLU N 611 -31.87 130.42 4.03
C GLU N 611 -32.04 130.68 5.53
N VAL N 612 -33.29 130.71 5.99
CA VAL N 612 -33.57 130.95 7.41
C VAL N 612 -33.22 129.69 8.20
N LEU N 613 -32.25 129.81 9.10
CA LEU N 613 -31.84 128.67 9.90
C LEU N 613 -32.69 128.57 11.16
N PRO N 614 -33.11 127.35 11.52
CA PRO N 614 -33.91 127.19 12.74
C PRO N 614 -33.13 127.57 13.99
N THR N 615 -33.87 127.90 15.03
CA THR N 615 -33.26 128.30 16.30
C THR N 615 -32.66 127.09 17.00
N MET N 616 -31.35 127.10 17.19
CA MET N 616 -30.65 126.01 17.86
C MET N 616 -30.65 126.28 19.36
N VAL N 617 -31.43 125.50 20.11
CA VAL N 617 -31.54 125.69 21.54
C VAL N 617 -30.30 125.15 22.25
N MET N 618 -30.07 123.84 22.13
CA MET N 618 -28.95 123.17 22.77
C MET N 618 -28.00 122.62 21.71
N THR N 619 -26.86 122.13 22.19
CA THR N 619 -25.87 121.56 21.29
C THR N 619 -26.34 120.21 20.77
N PRO N 620 -25.88 119.79 19.60
CA PRO N 620 -26.27 118.47 19.07
C PRO N 620 -25.83 117.32 19.96
N TYR N 621 -24.85 117.51 20.83
CA TYR N 621 -24.42 116.45 21.73
C TYR N 621 -25.49 116.15 22.77
N ALA N 622 -26.12 117.20 23.33
CA ALA N 622 -27.15 117.00 24.34
C ALA N 622 -28.43 116.44 23.75
N ALA N 623 -28.64 116.57 22.44
CA ALA N 623 -29.85 116.02 21.83
C ALA N 623 -29.81 114.51 21.73
N PHE N 624 -28.61 113.94 21.56
CA PHE N 624 -28.47 112.49 21.47
C PHE N 624 -28.38 111.82 22.83
N GLN N 625 -27.85 112.52 23.84
CA GLN N 625 -27.74 111.93 25.16
C GLN N 625 -29.11 111.75 25.80
N LYS N 626 -30.01 112.72 25.60
CA LYS N 626 -31.36 112.59 26.13
C LYS N 626 -32.19 111.56 25.37
N GLU N 627 -31.82 111.28 24.12
CA GLU N 627 -32.55 110.26 23.36
C GLU N 627 -32.27 108.86 23.88
N LEU N 628 -31.05 108.62 24.40
CA LEU N 628 -30.70 107.29 24.89
C LEU N 628 -31.44 106.93 26.16
N HIS N 629 -31.87 107.91 26.95
CA HIS N 629 -32.59 107.63 28.19
C HIS N 629 -34.01 107.13 27.95
N GLY N 630 -34.57 107.34 26.75
CA GLY N 630 -35.91 106.92 26.45
C GLY N 630 -36.98 107.98 26.57
N MET N 631 -36.60 109.25 26.61
CA MET N 631 -37.56 110.36 26.72
C MET N 631 -37.92 110.94 25.36
N THR N 632 -38.29 110.06 24.43
CA THR N 632 -38.66 110.46 23.07
C THR N 632 -40.09 110.03 22.78
N GLU N 633 -40.73 110.75 21.87
CA GLU N 633 -42.11 110.45 21.47
C GLU N 633 -42.26 110.72 19.99
N GLU N 634 -43.27 110.09 19.40
CA GLU N 634 -43.57 110.21 17.97
C GLU N 634 -44.80 111.10 17.81
N VAL N 635 -44.61 112.30 17.26
CA VAL N 635 -45.69 113.24 17.04
C VAL N 635 -45.90 113.40 15.54
N TYR N 636 -46.99 114.06 15.18
CA TYR N 636 -47.31 114.29 13.79
C TYR N 636 -46.46 115.41 13.21
N LEU N 637 -46.44 115.49 11.87
CA LEU N 637 -45.66 116.52 11.20
C LEU N 637 -46.31 117.89 11.32
N ASP N 638 -47.65 117.94 11.33
CA ASP N 638 -48.37 119.20 11.42
C ASP N 638 -48.42 119.75 12.83
N GLU N 639 -48.02 118.97 13.84
CA GLU N 639 -48.03 119.39 15.24
C GLU N 639 -46.62 119.21 15.80
N MET N 640 -45.76 120.19 15.51
CA MET N 640 -44.38 120.13 16.00
C MET N 640 -43.76 121.51 16.17
N VAL N 641 -44.52 122.59 16.12
CA VAL N 641 -43.96 123.93 16.28
C VAL N 641 -43.60 124.15 17.74
N GLY N 642 -42.33 124.41 18.01
CA GLY N 642 -41.86 124.65 19.36
C GLY N 642 -41.25 123.44 20.05
N ARG N 643 -40.99 122.37 19.33
CA ARG N 643 -40.40 121.16 19.90
C ARG N 643 -38.97 120.99 19.40
N ILE N 644 -38.25 120.08 20.06
CA ILE N 644 -36.86 119.79 19.73
C ILE N 644 -36.81 118.42 19.07
N ASN N 645 -36.30 118.37 17.84
CA ASN N 645 -36.20 117.12 17.11
C ASN N 645 -35.03 116.29 17.64
N ALA N 646 -35.07 114.99 17.35
CA ALA N 646 -34.04 114.06 17.78
C ALA N 646 -33.11 113.62 16.66
N ASN N 647 -33.62 113.51 15.43
CA ASN N 647 -32.83 113.09 14.29
C ASN N 647 -32.65 114.26 13.32
N MET N 648 -31.90 114.02 12.26
CA MET N 648 -31.63 115.03 11.23
C MET N 648 -32.54 114.79 10.03
N ILE N 649 -33.14 115.86 9.52
CA ILE N 649 -34.02 115.78 8.38
C ILE N 649 -33.20 115.90 7.10
N LEU N 650 -33.26 114.87 6.25
CA LEU N 650 -32.54 114.83 4.99
C LEU N 650 -33.55 114.61 3.86
N PRO N 651 -34.22 115.67 3.41
CA PRO N 651 -35.26 115.50 2.38
C PRO N 651 -34.66 115.35 0.99
N TYR N 652 -35.30 114.49 0.19
CA TYR N 652 -34.93 114.28 -1.20
C TYR N 652 -36.10 114.72 -2.08
N PRO N 653 -35.91 115.66 -3.01
CA PRO N 653 -34.69 116.41 -3.30
C PRO N 653 -34.49 117.59 -2.34
N PRO N 654 -33.28 118.17 -2.31
CA PRO N 654 -32.07 117.78 -3.06
C PRO N 654 -31.23 116.72 -2.35
N GLY N 655 -30.92 116.94 -1.07
CA GLY N 655 -30.10 116.01 -0.32
C GLY N 655 -29.21 116.71 0.68
N VAL N 656 -29.67 117.84 1.22
CA VAL N 656 -28.91 118.60 2.20
C VAL N 656 -29.65 118.57 3.53
N PRO N 657 -28.95 118.68 4.65
CA PRO N 657 -29.65 118.68 5.96
C PRO N 657 -30.55 119.90 6.10
N LEU N 658 -31.72 119.67 6.69
CA LEU N 658 -32.70 120.73 6.92
C LEU N 658 -32.71 121.19 8.37
N VAL N 659 -33.04 120.29 9.30
CA VAL N 659 -33.09 120.60 10.72
C VAL N 659 -32.06 119.72 11.43
N MET N 660 -31.12 120.35 12.11
CA MET N 660 -30.10 119.60 12.84
C MET N 660 -30.67 119.00 14.11
N PRO N 661 -30.15 117.83 14.54
CA PRO N 661 -30.65 117.22 15.78
C PRO N 661 -30.40 118.10 17.00
N GLY N 662 -31.46 118.77 17.45
CA GLY N 662 -31.37 119.67 18.60
C GLY N 662 -31.89 121.06 18.35
N GLU N 663 -32.42 121.37 17.17
CA GLU N 663 -32.94 122.69 16.86
C GLU N 663 -34.45 122.74 17.08
N MET N 664 -34.96 123.95 17.28
CA MET N 664 -36.37 124.19 17.51
C MET N 664 -36.95 125.04 16.40
N ILE N 665 -38.11 124.65 15.89
CA ILE N 665 -38.81 125.38 14.84
C ILE N 665 -39.79 126.32 15.52
N THR N 666 -39.50 127.62 15.48
CA THR N 666 -40.31 128.66 16.10
C THR N 666 -41.00 129.47 14.99
N GLU N 667 -41.37 130.71 15.30
CA GLU N 667 -42.04 131.56 14.33
C GLU N 667 -41.11 132.09 13.25
N GLU N 668 -39.79 132.08 13.51
CA GLU N 668 -38.86 132.59 12.51
C GLU N 668 -38.64 131.59 11.38
N SER N 669 -38.54 130.31 11.71
CA SER N 669 -38.32 129.27 10.71
C SER N 669 -39.66 128.67 10.24
N ARG N 670 -40.54 129.56 9.81
CA ARG N 670 -41.86 129.16 9.31
C ARG N 670 -41.77 128.51 7.92
N PRO N 671 -41.01 129.07 6.97
CA PRO N 671 -40.89 128.39 5.67
C PRO N 671 -40.18 127.05 5.75
N VAL N 672 -39.46 126.77 6.84
CA VAL N 672 -38.79 125.49 6.97
C VAL N 672 -39.79 124.35 7.11
N LEU N 673 -40.82 124.55 7.93
CA LEU N 673 -41.85 123.52 8.09
C LEU N 673 -42.74 123.41 6.86
N GLU N 674 -42.89 124.49 6.11
CA GLU N 674 -43.72 124.45 4.90
C GLU N 674 -43.10 123.59 3.82
N PHE N 675 -41.79 123.42 3.84
CA PHE N 675 -41.13 122.58 2.83
C PHE N 675 -41.42 121.10 3.07
N LEU N 676 -41.59 120.69 4.33
CA LEU N 676 -41.89 119.29 4.62
C LEU N 676 -43.34 118.95 4.30
N GLN N 677 -44.26 119.88 4.53
CA GLN N 677 -45.66 119.63 4.24
C GLN N 677 -45.97 119.66 2.75
N MET N 678 -45.14 120.35 1.96
CA MET N 678 -45.39 120.41 0.52
C MET N 678 -45.01 119.11 -0.16
N LEU N 679 -43.94 118.45 0.31
CA LEU N 679 -43.52 117.19 -0.29
C LEU N 679 -44.47 116.04 0.03
N CYS N 680 -45.23 116.15 1.13
CA CYS N 680 -46.17 115.09 1.48
C CYS N 680 -47.39 115.06 0.58
N GLU N 681 -47.68 116.15 -0.13
CA GLU N 681 -48.83 116.22 -1.01
C GLU N 681 -48.45 115.94 -2.46
N ILE N 682 -47.31 116.45 -2.92
CA ILE N 682 -46.90 116.24 -4.30
C ILE N 682 -46.43 114.80 -4.53
N GLY N 683 -46.03 114.10 -3.47
CA GLY N 683 -45.58 112.73 -3.60
C GLY N 683 -46.56 111.72 -3.03
N ALA N 684 -47.79 111.75 -3.52
CA ALA N 684 -48.83 110.83 -3.04
C ALA N 684 -49.88 110.59 -4.11
N HIS N 685 -49.95 111.49 -5.10
CA HIS N 685 -50.94 111.34 -6.17
C HIS N 685 -50.53 110.25 -7.15
N TYR N 686 -49.31 110.33 -7.68
CA TYR N 686 -48.82 109.38 -8.67
C TYR N 686 -47.83 108.43 -8.01
N PRO N 687 -47.99 107.12 -8.19
CA PRO N 687 -47.04 106.17 -7.61
C PRO N 687 -45.65 106.31 -8.22
N GLY N 688 -44.67 105.77 -7.52
CA GLY N 688 -43.29 105.80 -7.94
C GLY N 688 -42.52 107.02 -7.48
N PHE N 689 -43.16 108.19 -7.44
CA PHE N 689 -42.50 109.41 -7.00
C PHE N 689 -42.92 109.77 -5.59
N GLU N 690 -42.76 108.83 -4.65
CA GLU N 690 -43.14 109.07 -3.27
C GLU N 690 -42.14 110.00 -2.60
N THR N 691 -42.55 110.54 -1.45
CA THR N 691 -41.70 111.44 -0.68
C THR N 691 -40.62 110.63 0.03
N ASP N 692 -39.36 111.04 -0.14
CA ASP N 692 -38.21 110.36 0.45
C ASP N 692 -37.52 111.35 1.39
N ILE N 693 -37.79 111.22 2.69
CA ILE N 693 -37.17 112.06 3.71
C ILE N 693 -36.60 111.14 4.78
N HIS N 694 -35.28 111.23 4.99
CA HIS N 694 -34.59 110.41 5.99
C HIS N 694 -34.89 110.98 7.38
N GLY N 695 -36.07 110.65 7.90
CA GLY N 695 -36.48 111.13 9.20
C GLY N 695 -37.98 111.02 9.42
N ALA N 696 -38.74 111.02 8.34
CA ALA N 696 -40.19 110.92 8.40
C ALA N 696 -40.62 109.50 8.10
N TYR N 697 -41.42 108.92 8.98
CA TYR N 697 -41.91 107.56 8.84
C TYR N 697 -43.34 107.56 8.31
N ARG N 698 -43.62 106.64 7.40
CA ARG N 698 -44.94 106.55 6.79
C ARG N 698 -45.85 105.66 7.65
N GLN N 699 -47.04 106.15 7.95
CA GLN N 699 -48.00 105.40 8.74
C GLN N 699 -48.97 104.63 7.86
N ALA N 700 -50.24 104.60 8.24
CA ALA N 700 -51.27 103.90 7.48
C ALA N 700 -52.34 104.84 6.94
N ASP N 701 -52.18 106.16 7.10
CA ASP N 701 -53.15 107.13 6.62
C ASP N 701 -52.56 108.17 5.68
N GLY N 702 -51.24 108.26 5.57
CA GLY N 702 -50.58 109.19 4.68
C GLY N 702 -49.77 110.26 5.39
N ARG N 703 -50.14 110.63 6.62
CA ARG N 703 -49.43 111.67 7.35
C ARG N 703 -48.16 111.09 7.96
N TYR N 704 -47.04 111.75 7.71
CA TYR N 704 -45.75 111.32 8.24
C TYR N 704 -45.59 111.77 9.70
N THR N 705 -44.89 110.96 10.47
CA THR N 705 -44.65 111.23 11.88
C THR N 705 -43.15 111.34 12.13
N VAL N 706 -42.76 112.28 12.98
CA VAL N 706 -41.37 112.51 13.33
C VAL N 706 -41.17 112.19 14.81
N LYS N 707 -39.92 112.02 15.20
CA LYS N 707 -39.55 111.70 16.57
C LYS N 707 -38.94 112.93 17.23
N VAL N 708 -39.55 113.41 18.30
CA VAL N 708 -39.06 114.58 19.02
C VAL N 708 -38.70 114.18 20.45
N LEU N 709 -38.38 115.16 21.28
CA LEU N 709 -38.03 114.93 22.67
C LEU N 709 -39.18 115.33 23.58
N LYS N 710 -39.28 114.64 24.71
CA LYS N 710 -40.34 114.92 25.67
C LYS N 710 -40.04 116.20 26.44
N GLU N 711 -41.10 116.91 26.79
CA GLU N 711 -40.98 118.17 27.53
C GLU N 711 -40.82 117.91 29.03
N MET O 1 27.94 75.27 -35.32
CA MET O 1 28.35 75.29 -36.72
C MET O 1 27.47 74.35 -37.54
N ASN O 2 26.32 74.87 -37.98
CA ASN O 2 25.38 74.07 -38.77
C ASN O 2 24.42 74.97 -39.54
N VAL O 3 24.94 76.03 -40.14
CA VAL O 3 24.13 76.99 -40.91
C VAL O 3 24.55 76.88 -42.37
N ILE O 4 23.58 76.64 -43.25
CA ILE O 4 23.80 76.52 -44.68
C ILE O 4 23.03 77.63 -45.37
N ALA O 5 23.72 78.40 -46.21
CA ALA O 5 23.12 79.53 -46.92
C ALA O 5 22.87 79.16 -48.37
N ILE O 6 21.69 79.52 -48.87
CA ILE O 6 21.30 79.27 -50.25
C ILE O 6 20.90 80.61 -50.85
N LEU O 7 21.78 81.19 -51.67
CA LEU O 7 21.59 82.52 -52.22
C LEU O 7 21.15 82.44 -53.67
N ASN O 8 20.41 83.47 -54.11
CA ASN O 8 20.02 83.68 -55.50
C ASN O 8 19.00 82.65 -55.98
N HIS O 9 17.78 83.09 -56.26
CA HIS O 9 16.74 82.26 -56.83
C HIS O 9 16.71 82.49 -58.34
N MET O 10 17.05 81.46 -59.10
CA MET O 10 17.11 81.60 -60.55
C MET O 10 15.74 81.69 -61.20
N GLY O 11 14.68 81.36 -60.47
CA GLY O 11 13.32 81.41 -60.97
C GLY O 11 12.88 80.19 -61.77
N VAL O 12 13.84 79.40 -62.26
CA VAL O 12 13.51 78.21 -63.02
C VAL O 12 13.13 77.08 -62.07
N TYR O 13 12.84 75.90 -62.61
CA TYR O 13 12.43 74.76 -61.81
C TYR O 13 13.49 73.67 -61.74
N PHE O 14 14.34 73.53 -62.75
CA PHE O 14 15.38 72.52 -62.73
C PHE O 14 16.52 72.86 -61.79
N LYS O 15 16.54 74.08 -61.24
CA LYS O 15 17.54 74.48 -60.26
C LYS O 15 16.99 74.62 -58.85
N GLU O 16 15.72 74.97 -58.71
CA GLU O 16 15.10 75.12 -57.39
C GLU O 16 14.60 73.80 -56.82
N GLU O 17 14.30 72.82 -57.67
CA GLU O 17 13.85 71.51 -57.20
C GLU O 17 14.96 70.76 -56.48
N PRO O 18 16.21 70.74 -56.97
CA PRO O 18 17.28 70.15 -56.17
C PRO O 18 17.52 70.88 -54.85
N ILE O 19 17.19 72.17 -54.79
CA ILE O 19 17.31 72.90 -53.54
C ILE O 19 16.26 72.43 -52.54
N ARG O 20 15.03 72.18 -53.03
CA ARG O 20 13.98 71.69 -52.15
C ARG O 20 14.26 70.27 -51.68
N GLU O 21 14.87 69.44 -52.54
CA GLU O 21 15.23 68.09 -52.13
C GLU O 21 16.39 68.11 -51.15
N LEU O 22 17.34 69.03 -51.32
CA LEU O 22 18.44 69.17 -50.38
C LEU O 22 18.00 69.80 -49.07
N HIS O 23 16.91 70.57 -49.09
CA HIS O 23 16.41 71.18 -47.86
C HIS O 23 15.93 70.14 -46.87
N ARG O 24 15.32 69.06 -47.36
CA ARG O 24 14.83 67.99 -46.50
C ARG O 24 15.92 66.99 -46.14
N ALA O 25 17.06 67.01 -46.83
CA ALA O 25 18.15 66.08 -46.54
C ALA O 25 19.15 66.62 -45.54
N LEU O 26 19.41 67.93 -45.56
CA LEU O 26 20.36 68.52 -44.63
C LEU O 26 19.79 68.62 -43.22
N GLU O 27 18.46 68.69 -43.09
CA GLU O 27 17.86 68.78 -41.76
C GLU O 27 17.93 67.47 -41.00
N ARG O 28 18.16 66.35 -41.70
CA ARG O 28 18.27 65.06 -41.02
C ARG O 28 19.57 64.91 -40.24
N LEU O 29 20.58 65.71 -40.57
CA LEU O 29 21.86 65.67 -39.89
C LEU O 29 22.11 66.93 -39.05
N ASN O 30 21.02 67.55 -38.58
CA ASN O 30 21.09 68.75 -37.75
C ASN O 30 21.82 69.89 -38.46
N PHE O 31 21.14 70.59 -39.35
CA PHE O 31 21.69 71.74 -40.06
C PHE O 31 20.60 72.77 -40.28
N GLN O 32 20.90 74.02 -39.96
CA GLN O 32 19.96 75.11 -40.15
C GLN O 32 20.10 75.66 -41.57
N ILE O 33 18.96 75.92 -42.21
CA ILE O 33 18.91 76.42 -43.58
C ILE O 33 18.40 77.86 -43.56
N VAL O 34 19.15 78.75 -44.19
CA VAL O 34 18.78 80.16 -44.28
C VAL O 34 18.71 80.55 -45.75
N TYR O 35 17.80 81.49 -46.05
CA TYR O 35 17.56 81.96 -47.41
C TYR O 35 17.88 83.45 -47.48
N PRO O 36 19.11 83.83 -47.80
CA PRO O 36 19.44 85.25 -47.95
C PRO O 36 18.79 85.84 -49.20
N ASN O 37 18.74 87.17 -49.23
CA ASN O 37 18.09 87.89 -50.32
C ASN O 37 19.07 88.25 -51.43
N ASP O 38 19.67 89.44 -51.34
CA ASP O 38 20.56 89.94 -52.36
C ASP O 38 22.02 89.68 -51.97
N ARG O 39 22.95 90.39 -52.61
CA ARG O 39 24.36 90.18 -52.31
C ARG O 39 24.72 90.73 -50.93
N ASP O 40 24.13 91.86 -50.55
CA ASP O 40 24.41 92.44 -49.24
C ASP O 40 23.82 91.61 -48.11
N ASP O 41 22.87 90.72 -48.41
CA ASP O 41 22.29 89.88 -47.38
C ASP O 41 23.26 88.78 -46.96
N LEU O 42 23.99 88.20 -47.92
CA LEU O 42 24.94 87.15 -47.58
C LEU O 42 26.13 87.70 -46.82
N LEU O 43 26.52 88.95 -47.08
CA LEU O 43 27.67 89.54 -46.39
C LEU O 43 27.38 89.75 -44.91
N LYS O 44 26.12 89.98 -44.55
CA LYS O 44 25.75 90.17 -43.15
C LYS O 44 25.62 88.84 -42.40
N LEU O 45 25.61 87.72 -43.10
CA LEU O 45 25.49 86.41 -42.48
C LEU O 45 26.84 85.79 -42.13
N ILE O 46 27.94 86.52 -42.32
CA ILE O 46 29.29 86.03 -42.05
C ILE O 46 29.94 86.81 -40.92
N GLU O 47 29.89 88.14 -40.99
CA GLU O 47 30.50 88.96 -39.94
C GLU O 47 29.73 88.86 -38.64
N ASN O 48 28.39 88.86 -38.72
CA ASN O 48 27.57 88.74 -37.52
C ASN O 48 27.38 87.29 -37.11
N ASN O 49 26.96 86.45 -38.05
CA ASN O 49 26.76 85.03 -37.78
C ASN O 49 28.04 84.26 -38.08
N ALA O 50 28.63 83.67 -37.05
CA ALA O 50 29.87 82.93 -37.19
C ALA O 50 29.68 81.42 -37.28
N ARG O 51 28.44 80.94 -37.10
CA ARG O 51 28.14 79.51 -37.15
C ARG O 51 27.78 79.04 -38.56
N LEU O 52 28.18 79.80 -39.59
CA LEU O 52 27.87 79.43 -40.96
C LEU O 52 29.04 78.66 -41.57
N CYS O 53 28.71 77.63 -42.36
CA CYS O 53 29.73 76.80 -42.99
C CYS O 53 29.39 76.41 -44.42
N GLY O 54 28.25 76.85 -44.96
CA GLY O 54 27.88 76.50 -46.32
C GLY O 54 27.26 77.66 -47.08
N VAL O 55 27.80 77.94 -48.26
CA VAL O 55 27.32 79.02 -49.11
C VAL O 55 26.96 78.41 -50.46
N ILE O 56 25.67 78.37 -50.78
CA ILE O 56 25.17 77.82 -52.03
C ILE O 56 24.66 78.97 -52.88
N PHE O 57 25.21 79.11 -54.07
CA PHE O 57 24.80 80.16 -55.00
C PHE O 57 25.11 79.71 -56.42
N ASP O 58 24.53 80.42 -57.38
CA ASP O 58 24.73 80.10 -58.79
C ASP O 58 26.07 80.65 -59.25
N TRP O 59 26.88 79.80 -59.87
CA TRP O 59 28.19 80.22 -60.33
C TRP O 59 28.09 81.15 -61.54
N ASP O 60 27.05 80.99 -62.35
CA ASP O 60 26.86 81.83 -63.54
C ASP O 60 25.91 82.99 -63.25
N LYS O 61 26.14 83.68 -62.13
CA LYS O 61 25.32 84.82 -61.75
C LYS O 61 26.15 85.84 -60.98
N TYR O 62 26.95 85.37 -60.02
CA TYR O 62 27.83 86.22 -59.22
C TYR O 62 29.16 85.47 -59.02
N ASN O 63 30.00 85.47 -60.06
CA ASN O 63 31.29 84.82 -60.01
C ASN O 63 32.42 85.75 -59.57
N LEU O 64 32.17 87.06 -59.50
CA LEU O 64 33.17 88.02 -59.09
C LEU O 64 32.74 88.90 -57.93
N GLU O 65 31.45 88.94 -57.60
CA GLU O 65 30.97 89.76 -56.49
C GLU O 65 30.93 89.01 -55.17
N LEU O 66 31.05 87.68 -55.20
CA LEU O 66 31.04 86.86 -54.00
C LEU O 66 32.35 86.17 -53.70
N CYS O 67 33.16 85.89 -54.72
CA CYS O 67 34.44 85.22 -54.52
C CYS O 67 35.54 86.18 -54.07
N GLU O 68 35.24 87.46 -53.93
CA GLU O 68 36.21 88.46 -53.50
C GLU O 68 35.95 89.01 -52.11
N GLU O 69 34.68 89.30 -51.78
CA GLU O 69 34.37 89.84 -50.46
C GLU O 69 34.46 88.77 -49.38
N ILE O 70 34.07 87.53 -49.72
CA ILE O 70 34.15 86.45 -48.73
C ILE O 70 35.60 86.05 -48.47
N SER O 71 36.44 86.11 -49.51
CA SER O 71 37.84 85.76 -49.34
C SER O 71 38.58 86.75 -48.44
N LYS O 72 38.11 88.00 -48.39
CA LYS O 72 38.75 88.98 -47.52
C LYS O 72 38.46 88.73 -46.05
N MET O 73 37.33 88.09 -45.74
CA MET O 73 36.99 87.80 -44.35
C MET O 73 37.49 86.41 -43.97
N ASN O 74 36.75 85.36 -44.35
CA ASN O 74 37.11 83.98 -44.06
C ASN O 74 37.74 83.39 -45.31
N GLU O 75 39.04 83.12 -45.25
CA GLU O 75 39.77 82.57 -46.38
C GLU O 75 39.69 81.04 -46.46
N ASN O 76 38.92 80.40 -45.59
CA ASN O 76 38.79 78.95 -45.58
C ASN O 76 37.34 78.49 -45.57
N LEU O 77 36.39 79.39 -45.78
CA LEU O 77 34.97 79.03 -45.76
C LEU O 77 34.64 78.18 -46.98
N PRO O 78 34.12 76.97 -46.82
CA PRO O 78 33.77 76.15 -47.99
C PRO O 78 32.63 76.77 -48.78
N LEU O 79 32.82 76.87 -50.10
CA LEU O 79 31.84 77.45 -51.00
C LEU O 79 31.18 76.31 -51.78
N TYR O 80 29.88 76.13 -51.57
CA TYR O 80 29.12 75.09 -52.25
C TYR O 80 28.41 75.67 -53.48
N ALA O 81 29.20 76.33 -54.32
CA ALA O 81 28.66 76.95 -55.53
C ALA O 81 28.30 75.89 -56.56
N PHE O 82 27.16 76.08 -57.21
CA PHE O 82 26.68 75.16 -58.24
C PHE O 82 27.01 75.74 -59.61
N ALA O 83 27.80 74.99 -60.38
CA ALA O 83 28.21 75.42 -61.71
C ALA O 83 27.25 74.86 -62.77
N ASN O 84 27.40 75.37 -63.99
CA ASN O 84 26.60 74.95 -65.13
C ASN O 84 27.50 74.39 -66.21
N THR O 85 26.94 74.23 -67.42
CA THR O 85 27.71 73.70 -68.53
C THR O 85 28.74 74.72 -69.04
N TYR O 86 28.28 75.92 -69.37
CA TYR O 86 29.16 76.97 -69.87
C TYR O 86 29.65 77.82 -68.70
N SER O 87 30.51 77.20 -67.88
CA SER O 87 31.08 77.84 -66.70
C SER O 87 32.60 77.78 -66.79
N THR O 88 33.25 78.84 -66.33
CA THR O 88 34.70 78.92 -66.34
C THR O 88 35.16 79.84 -65.23
N LEU O 89 36.47 79.85 -64.99
CA LEU O 89 37.07 80.68 -63.96
C LEU O 89 37.44 82.05 -64.53
N ASP O 90 37.93 82.92 -63.64
CA ASP O 90 38.33 84.26 -64.01
C ASP O 90 39.82 84.45 -63.70
N VAL O 91 40.45 85.36 -64.45
CA VAL O 91 41.88 85.61 -64.26
C VAL O 91 42.12 86.33 -62.94
N SER O 92 41.13 87.06 -62.43
CA SER O 92 41.25 87.77 -61.17
C SER O 92 40.88 86.90 -59.97
N LEU O 93 40.75 85.60 -60.16
CA LEU O 93 40.39 84.67 -59.08
C LEU O 93 41.50 83.65 -58.84
N ASN O 94 42.76 84.05 -59.05
CA ASN O 94 43.89 83.16 -58.87
C ASN O 94 44.65 83.40 -57.58
N ASP O 95 44.62 84.62 -57.06
CA ASP O 95 45.32 84.97 -55.82
C ASP O 95 44.36 85.15 -54.66
N LEU O 96 43.40 84.23 -54.53
CA LEU O 96 42.40 84.29 -53.47
C LEU O 96 42.27 82.90 -52.84
N ARG O 97 42.25 82.86 -51.52
CA ARG O 97 42.14 81.60 -50.79
C ARG O 97 40.65 81.26 -50.63
N LEU O 98 40.20 80.26 -51.38
CA LEU O 98 38.81 79.83 -51.34
C LEU O 98 38.75 78.31 -51.36
N GLN O 99 37.55 77.79 -51.14
CA GLN O 99 37.28 76.34 -51.15
C GLN O 99 35.95 76.14 -51.87
N ILE O 100 35.99 76.03 -53.19
CA ILE O 100 34.79 75.89 -54.01
C ILE O 100 34.52 74.42 -54.25
N SER O 101 33.30 73.98 -53.93
CA SER O 101 32.86 72.60 -54.15
C SER O 101 31.82 72.61 -55.25
N PHE O 102 32.18 72.10 -56.42
CA PHE O 102 31.28 72.08 -57.56
C PHE O 102 30.30 70.92 -57.46
N PHE O 103 29.08 71.15 -57.95
CA PHE O 103 28.04 70.12 -57.97
C PHE O 103 27.23 70.31 -59.24
N GLU O 104 26.14 69.54 -59.36
CA GLU O 104 25.26 69.60 -60.51
C GLU O 104 23.82 69.63 -60.03
N TYR O 105 22.89 69.71 -60.97
CA TYR O 105 21.46 69.73 -60.70
C TYR O 105 20.86 68.41 -61.19
N ALA O 106 20.90 67.40 -60.33
CA ALA O 106 20.39 66.07 -60.65
C ALA O 106 19.35 65.66 -59.63
N LEU O 107 18.31 64.98 -60.09
CA LEU O 107 17.23 64.52 -59.22
C LEU O 107 17.58 63.15 -58.66
N GLY O 108 17.21 62.93 -57.39
CA GLY O 108 17.47 61.68 -56.71
C GLY O 108 18.83 61.58 -56.07
N ALA O 109 19.80 62.38 -56.49
CA ALA O 109 21.15 62.35 -55.93
C ALA O 109 21.31 63.34 -54.77
N ALA O 110 20.21 63.81 -54.19
CA ALA O 110 20.30 64.73 -53.07
C ALA O 110 20.85 64.07 -51.81
N GLU O 111 20.71 62.75 -51.68
CA GLU O 111 21.23 62.07 -50.50
C GLU O 111 22.75 62.00 -50.54
N ASP O 112 23.33 61.77 -51.72
CA ASP O 112 24.79 61.71 -51.84
C ASP O 112 25.42 63.07 -51.63
N ILE O 113 24.70 64.15 -51.94
CA ILE O 113 25.23 65.49 -51.74
C ILE O 113 25.31 65.81 -50.25
N ALA O 114 24.32 65.35 -49.49
CA ALA O 114 24.32 65.61 -48.04
C ALA O 114 25.48 64.92 -47.34
N ASN O 115 25.89 63.74 -47.84
CA ASN O 115 27.03 63.06 -47.24
C ASN O 115 28.34 63.76 -47.56
N LYS O 116 28.42 64.42 -48.72
CA LYS O 116 29.63 65.14 -49.08
C LYS O 116 29.78 66.44 -48.32
N ILE O 117 28.66 67.09 -47.98
CA ILE O 117 28.72 68.33 -47.21
C ILE O 117 29.16 68.06 -45.78
N LYS O 118 28.66 66.97 -45.19
CA LYS O 118 29.04 66.61 -43.83
C LYS O 118 30.52 66.24 -43.75
N GLN O 119 31.04 65.57 -44.78
CA GLN O 119 32.44 65.21 -44.80
C GLN O 119 33.32 66.44 -45.05
N THR O 120 32.84 67.36 -45.89
CA THR O 120 33.60 68.58 -46.15
C THR O 120 33.60 69.49 -44.92
N THR O 121 32.49 69.53 -44.18
CA THR O 121 32.43 70.34 -42.97
C THR O 121 33.39 69.81 -41.91
N ASP O 122 33.51 68.48 -41.82
CA ASP O 122 34.45 67.89 -40.86
C ASP O 122 35.89 68.21 -41.23
N GLU O 123 36.18 68.38 -42.53
CA GLU O 123 37.53 68.77 -42.94
C GLU O 123 37.84 70.19 -42.50
N TYR O 124 36.83 71.06 -42.48
CA TYR O 124 37.03 72.43 -42.00
C TYR O 124 37.22 72.47 -40.50
N ILE O 125 36.62 71.52 -39.77
CA ILE O 125 36.77 71.48 -38.32
C ILE O 125 38.18 71.03 -37.95
N ASN O 126 38.70 70.01 -38.65
CA ASN O 126 40.03 69.49 -38.35
C ASN O 126 41.14 70.41 -38.84
N THR O 127 40.81 71.48 -39.58
CA THR O 127 41.81 72.41 -40.08
C THR O 127 41.97 73.63 -39.20
N ILE O 128 40.86 74.25 -38.79
CA ILE O 128 40.91 75.46 -37.96
C ILE O 128 41.24 75.16 -36.50
N LEU O 129 41.20 73.90 -36.09
CA LEU O 129 41.51 73.60 -34.70
C LEU O 129 42.96 73.15 -34.56
N PRO O 130 43.63 73.56 -33.48
CA PRO O 130 45.02 73.14 -33.26
C PRO O 130 45.09 71.67 -32.91
N PRO O 131 46.25 71.03 -33.07
CA PRO O 131 46.36 69.60 -32.73
C PRO O 131 46.17 69.30 -31.26
N LEU O 132 46.43 70.26 -30.37
CA LEU O 132 46.23 70.01 -28.95
C LEU O 132 44.74 69.96 -28.62
N THR O 133 43.95 70.85 -29.22
CA THR O 133 42.50 70.83 -28.99
C THR O 133 41.85 69.65 -29.70
N LYS O 134 42.37 69.26 -30.86
CA LYS O 134 41.81 68.12 -31.59
C LYS O 134 41.96 66.84 -30.79
N ALA O 135 43.08 66.67 -30.09
CA ALA O 135 43.29 65.48 -29.27
C ALA O 135 42.41 65.47 -28.03
N LEU O 136 41.89 66.63 -27.62
CA LEU O 136 41.03 66.69 -26.44
C LEU O 136 39.59 66.37 -26.79
N PHE O 137 39.11 66.87 -27.93
CA PHE O 137 37.74 66.58 -28.34
C PHE O 137 37.57 65.13 -28.80
N LYS O 138 38.58 64.58 -29.46
CA LYS O 138 38.50 63.19 -29.91
C LYS O 138 38.58 62.21 -28.74
N TYR O 139 39.30 62.59 -27.68
CA TYR O 139 39.42 61.72 -26.51
C TYR O 139 38.11 61.58 -25.74
N VAL O 140 37.19 62.53 -25.91
CA VAL O 140 35.92 62.46 -25.18
C VAL O 140 35.00 61.43 -25.81
N ARG O 141 34.96 61.38 -27.15
CA ARG O 141 34.03 60.49 -27.85
C ARG O 141 34.59 59.08 -28.06
N GLU O 142 35.89 58.90 -28.01
CA GLU O 142 36.48 57.59 -28.26
C GLU O 142 37.43 57.13 -27.16
N GLY O 143 38.22 58.05 -26.59
CA GLY O 143 39.17 57.67 -25.56
C GLY O 143 38.48 57.31 -24.27
N LYS O 144 38.69 56.08 -23.78
CA LYS O 144 38.11 55.62 -22.53
C LYS O 144 39.18 54.85 -21.77
N TYR O 145 39.70 55.45 -20.70
CA TYR O 145 40.73 54.83 -19.87
C TYR O 145 40.34 55.00 -18.41
N THR O 146 40.12 53.89 -17.72
CA THR O 146 39.73 53.89 -16.32
C THR O 146 40.96 53.77 -15.42
N PHE O 147 40.73 53.95 -14.12
CA PHE O 147 41.77 53.87 -13.10
C PHE O 147 42.90 54.85 -13.38
N CYS O 148 42.54 56.12 -13.59
CA CYS O 148 43.50 57.17 -13.88
C CYS O 148 43.10 58.43 -13.12
N THR O 149 43.87 59.49 -13.31
CA THR O 149 43.63 60.79 -12.71
C THR O 149 43.00 61.74 -13.73
N PRO O 150 42.11 62.65 -13.30
CA PRO O 150 41.62 62.84 -11.93
C PRO O 150 40.70 61.73 -11.44
N GLY O 151 40.23 61.85 -10.19
CA GLY O 151 39.41 60.80 -9.59
C GLY O 151 37.95 60.84 -9.96
N HIS O 152 37.47 61.95 -10.53
CA HIS O 152 36.07 62.03 -10.90
C HIS O 152 35.72 61.11 -12.06
N MET O 153 36.69 60.88 -12.96
CA MET O 153 36.52 59.97 -14.10
C MET O 153 35.32 60.36 -14.96
N GLY O 154 35.39 61.58 -15.50
CA GLY O 154 34.31 62.08 -16.33
C GLY O 154 33.02 62.35 -15.59
N GLY O 155 33.10 62.63 -14.30
CA GLY O 155 31.90 62.88 -13.52
C GLY O 155 31.17 61.63 -13.06
N THR O 156 31.91 60.56 -12.75
CA THR O 156 31.28 59.33 -12.32
C THR O 156 30.84 59.40 -10.85
N ALA O 157 31.67 59.98 -9.99
CA ALA O 157 31.34 60.08 -8.58
C ALA O 157 30.20 61.05 -8.31
N PHE O 158 29.91 61.96 -9.24
CA PHE O 158 28.81 62.90 -9.05
C PHE O 158 27.45 62.23 -9.19
N GLN O 159 27.38 61.08 -9.85
CA GLN O 159 26.11 60.37 -10.03
C GLN O 159 25.73 59.53 -8.82
N LYS O 160 26.55 59.49 -7.78
CA LYS O 160 26.26 58.71 -6.58
C LYS O 160 25.77 59.55 -5.42
N SER O 161 26.15 60.84 -5.36
CA SER O 161 25.73 61.72 -4.29
C SER O 161 24.60 62.63 -4.75
N PRO O 162 23.59 62.88 -3.91
CA PRO O 162 22.50 63.76 -4.33
C PRO O 162 22.94 65.18 -4.61
N VAL O 163 23.92 65.68 -3.86
CA VAL O 163 24.40 67.05 -4.07
C VAL O 163 25.34 67.11 -5.27
N GLY O 164 25.99 65.99 -5.61
CA GLY O 164 26.90 65.98 -6.73
C GLY O 164 26.23 66.01 -8.08
N SER O 165 24.96 65.59 -8.15
CA SER O 165 24.26 65.60 -9.43
C SER O 165 23.92 67.02 -9.88
N LEU O 166 23.76 67.95 -8.93
CA LEU O 166 23.46 69.32 -9.30
C LEU O 166 24.67 70.03 -9.89
N PHE O 167 25.87 69.65 -9.47
CA PHE O 167 27.09 70.27 -10.01
C PHE O 167 27.49 69.66 -11.35
N TYR O 168 27.11 68.41 -11.60
CA TYR O 168 27.46 67.76 -12.85
C TYR O 168 26.53 68.18 -13.98
N ASP O 169 25.25 68.42 -13.67
CA ASP O 169 24.29 68.83 -14.68
C ASP O 169 24.37 70.30 -15.04
N PHE O 170 25.18 71.08 -14.32
CA PHE O 170 25.31 72.51 -14.62
C PHE O 170 26.19 72.74 -15.83
N PHE O 171 27.39 72.15 -15.84
CA PHE O 171 28.30 72.32 -16.96
C PHE O 171 27.90 71.46 -18.15
N GLY O 172 28.00 70.14 -18.00
CA GLY O 172 27.63 69.22 -19.05
C GLY O 172 28.50 67.97 -19.05
N PRO O 173 28.01 66.91 -19.71
CA PRO O 173 28.80 65.68 -19.77
C PRO O 173 30.13 65.83 -20.48
N ASN O 174 30.19 66.66 -21.53
CA ASN O 174 31.43 66.86 -22.26
C ASN O 174 32.42 67.74 -21.52
N THR O 175 32.00 68.43 -20.45
CA THR O 175 32.92 69.28 -19.71
C THR O 175 33.81 68.47 -18.79
N MET O 176 33.23 67.51 -18.05
CA MET O 176 34.02 66.72 -17.13
C MET O 176 34.90 65.71 -17.86
N LYS O 177 34.45 65.20 -19.00
CA LYS O 177 35.24 64.24 -19.75
C LYS O 177 36.47 64.86 -20.39
N SER O 178 36.48 66.18 -20.58
CA SER O 178 37.62 66.88 -21.16
C SER O 178 38.60 67.38 -20.11
N ASP O 179 38.45 66.97 -18.86
CA ASP O 179 39.34 67.39 -17.76
C ASP O 179 40.13 66.15 -17.34
N ILE O 180 41.27 65.94 -18.01
CA ILE O 180 42.14 64.80 -17.73
C ILE O 180 43.52 65.32 -17.34
N SER O 181 44.42 64.40 -16.98
CA SER O 181 45.76 64.78 -16.57
C SER O 181 46.80 64.24 -17.55
N ILE O 182 47.97 63.84 -17.03
CA ILE O 182 49.06 63.36 -17.86
C ILE O 182 49.03 61.83 -17.90
N SER O 183 47.88 61.25 -17.54
CA SER O 183 47.71 59.80 -17.53
C SER O 183 47.29 59.25 -18.89
N VAL O 184 47.45 60.04 -19.96
CA VAL O 184 47.10 59.63 -21.31
C VAL O 184 48.34 59.71 -22.18
N SER O 185 48.59 58.67 -22.97
CA SER O 185 49.79 58.59 -23.77
C SER O 185 49.69 59.36 -25.09
N GLU O 186 48.55 59.29 -25.77
CA GLU O 186 48.38 59.94 -27.07
C GLU O 186 48.11 61.43 -26.97
N LEU O 187 48.26 62.04 -25.79
CA LEU O 187 48.14 63.48 -25.65
C LEU O 187 49.38 64.15 -25.08
N GLY O 188 50.38 63.38 -24.64
CA GLY O 188 51.60 63.96 -24.13
C GLY O 188 51.43 64.59 -22.76
N SER O 189 52.49 65.27 -22.33
CA SER O 189 52.53 65.94 -21.04
C SER O 189 53.08 67.35 -21.22
N LEU O 190 52.67 68.24 -20.32
CA LEU O 190 53.15 69.63 -20.38
C LEU O 190 54.59 69.76 -19.90
N LEU O 191 54.95 68.99 -18.87
CA LEU O 191 56.32 69.07 -18.36
C LEU O 191 57.31 68.41 -19.31
N ASP O 192 56.89 67.38 -20.04
CA ASP O 192 57.78 66.72 -20.99
C ASP O 192 57.94 67.50 -22.29
N HIS O 193 56.96 68.32 -22.66
CA HIS O 193 57.00 69.12 -23.88
C HIS O 193 57.20 68.24 -25.11
N SER O 194 56.37 67.19 -25.20
CA SER O 194 56.44 66.25 -26.32
C SER O 194 55.03 65.94 -26.80
N GLY O 195 54.95 65.46 -28.04
CA GLY O 195 53.68 65.12 -28.64
C GLY O 195 52.87 66.34 -29.02
N PRO O 196 51.59 66.33 -28.68
CA PRO O 196 50.74 67.50 -28.99
C PRO O 196 51.18 68.76 -28.28
N HIS O 197 51.79 68.64 -27.10
CA HIS O 197 52.26 69.83 -26.38
C HIS O 197 53.50 70.43 -27.05
N LYS O 198 54.27 69.61 -27.77
CA LYS O 198 55.45 70.14 -28.45
C LYS O 198 55.06 70.99 -29.67
N GLU O 199 54.04 70.55 -30.41
CA GLU O 199 53.57 71.32 -31.56
C GLU O 199 52.81 72.57 -31.14
N ALA O 200 52.31 72.61 -29.90
CA ALA O 200 51.60 73.79 -29.43
C ALA O 200 52.53 74.97 -29.20
N GLU O 201 53.78 74.70 -28.80
CA GLU O 201 54.73 75.78 -28.56
C GLU O 201 55.19 76.40 -29.88
N GLN O 202 55.20 75.63 -30.97
CA GLN O 202 55.60 76.17 -32.26
C GLN O 202 54.43 76.83 -32.99
N TYR O 203 53.20 76.42 -32.67
CA TYR O 203 52.04 77.02 -33.32
C TYR O 203 51.71 78.39 -32.74
N ILE O 204 52.07 78.63 -31.47
CA ILE O 204 51.80 79.93 -30.85
C ILE O 204 52.93 80.91 -31.14
N ALA O 205 54.17 80.44 -31.10
CA ALA O 205 55.30 81.32 -31.35
C ALA O 205 55.37 81.77 -32.80
N ARG O 206 54.79 80.98 -33.72
CA ARG O 206 54.81 81.36 -35.13
C ARG O 206 53.75 82.41 -35.43
N VAL O 207 52.57 82.29 -34.82
CA VAL O 207 51.50 83.26 -35.06
C VAL O 207 51.80 84.58 -34.34
N PHE O 208 52.21 84.50 -33.08
CA PHE O 208 52.54 85.68 -32.29
C PHE O 208 53.95 86.21 -32.55
N ASN O 209 54.65 85.64 -33.54
CA ASN O 209 56.01 86.06 -33.90
C ASN O 209 56.95 85.95 -32.70
N ALA O 210 57.33 84.71 -32.42
CA ALA O 210 58.23 84.41 -31.30
C ALA O 210 59.05 83.18 -31.64
N ASP O 211 59.98 82.84 -30.75
CA ASP O 211 60.84 81.68 -30.92
C ASP O 211 60.55 80.56 -29.93
N ARG O 212 60.06 80.88 -28.74
CA ARG O 212 59.75 79.86 -27.74
CA ARG O 212 59.75 79.86 -27.74
C ARG O 212 58.66 80.41 -26.84
N SER O 213 57.41 80.01 -27.10
CA SER O 213 56.26 80.45 -26.32
C SER O 213 55.71 79.28 -25.52
N TYR O 214 55.49 79.51 -24.23
CA TYR O 214 54.96 78.50 -23.33
C TYR O 214 53.52 78.84 -22.95
N MET O 215 52.94 78.00 -22.09
CA MET O 215 51.55 78.15 -21.65
C MET O 215 51.52 78.02 -20.13
N VAL O 216 51.50 79.15 -19.44
CA VAL O 216 51.47 79.16 -17.98
C VAL O 216 50.04 78.87 -17.52
N THR O 217 49.91 77.93 -16.59
CA THR O 217 48.60 77.50 -16.07
C THR O 217 48.33 78.07 -14.69
N ASN O 218 48.92 79.23 -14.36
CA ASN O 218 48.69 79.86 -13.06
C ASN O 218 48.62 81.37 -13.22
N GLY O 219 48.03 81.83 -14.31
CA GLY O 219 47.84 83.25 -14.54
C GLY O 219 49.14 83.95 -14.90
N THR O 220 49.03 85.27 -15.08
CA THR O 220 50.18 86.09 -15.43
C THR O 220 51.06 86.37 -14.22
N SER O 221 50.47 86.42 -13.01
CA SER O 221 51.24 86.72 -11.82
C SER O 221 52.33 85.69 -11.56
N THR O 222 52.13 84.45 -12.03
CA THR O 222 53.15 83.42 -11.85
C THR O 222 54.22 83.48 -12.92
N ALA O 223 53.86 83.88 -14.15
CA ALA O 223 54.83 83.94 -15.23
C ALA O 223 55.89 85.00 -14.99
N ASN O 224 55.55 86.04 -14.22
CA ASN O 224 56.53 87.09 -13.92
C ASN O 224 57.62 86.62 -12.98
N LYS O 225 57.38 85.54 -12.24
CA LYS O 225 58.38 85.00 -11.32
C LYS O 225 59.29 83.96 -11.96
N ILE O 226 58.88 83.38 -13.08
CA ILE O 226 59.72 82.40 -13.76
C ILE O 226 60.90 83.08 -14.44
N VAL O 227 60.65 84.23 -15.07
CA VAL O 227 61.74 84.96 -15.73
C VAL O 227 62.70 85.54 -14.71
N GLY O 228 62.17 86.00 -13.57
CA GLY O 228 63.03 86.56 -12.54
C GLY O 228 63.96 85.56 -11.90
N MET O 229 63.60 84.27 -11.94
CA MET O 229 64.43 83.21 -11.40
C MET O 229 65.34 82.58 -12.46
N TYR O 230 65.67 83.31 -13.52
CA TYR O 230 66.53 82.81 -14.57
C TYR O 230 67.70 83.74 -14.87
N SER O 231 67.43 85.02 -15.10
CA SER O 231 68.46 86.01 -15.40
C SER O 231 68.77 86.89 -14.21
N ALA O 232 68.68 86.35 -13.00
CA ALA O 232 68.96 87.11 -11.78
C ALA O 232 69.43 86.14 -10.71
N PRO O 233 70.73 85.85 -10.67
CA PRO O 233 71.26 84.95 -9.64
C PRO O 233 71.16 85.58 -8.25
N ALA O 234 71.43 84.76 -7.24
CA ALA O 234 71.39 85.20 -5.86
C ALA O 234 72.55 86.14 -5.55
N GLY O 235 72.38 87.42 -5.88
CA GLY O 235 73.42 88.39 -5.65
C GLY O 235 73.76 89.21 -6.88
N SER O 236 72.75 89.50 -7.70
CA SER O 236 72.94 90.26 -8.93
C SER O 236 72.29 91.64 -8.80
N THR O 237 71.84 92.19 -9.93
CA THR O 237 71.20 93.50 -9.96
C THR O 237 70.18 93.52 -11.08
N ILE O 238 68.95 93.92 -10.75
CA ILE O 238 67.87 94.00 -11.72
C ILE O 238 67.39 95.44 -11.82
N LEU O 239 66.78 95.76 -12.95
CA LEU O 239 66.24 97.09 -13.23
C LEU O 239 64.73 96.98 -13.33
N ILE O 240 64.07 96.99 -12.17
CA ILE O 240 62.62 96.89 -12.13
C ILE O 240 62.00 98.27 -12.21
N ASP O 241 60.83 98.35 -12.84
CA ASP O 241 60.14 99.62 -12.98
C ASP O 241 59.44 100.00 -11.68
N ARG O 242 59.26 101.30 -11.49
CA ARG O 242 58.59 101.79 -10.28
C ARG O 242 57.11 101.40 -10.27
N ASN O 243 56.44 101.53 -11.41
CA ASN O 243 55.04 101.14 -11.54
C ASN O 243 54.95 99.64 -11.77
N CYS O 244 55.19 98.89 -10.70
CA CYS O 244 55.19 97.43 -10.74
C CYS O 244 53.92 96.87 -10.13
N HIS O 245 53.50 95.72 -10.64
CA HIS O 245 52.32 95.04 -10.14
C HIS O 245 52.63 94.35 -8.81
N LYS O 246 51.56 93.94 -8.12
CA LYS O 246 51.72 93.24 -6.85
C LYS O 246 52.54 91.97 -6.99
N SER O 247 52.44 91.29 -8.14
CA SER O 247 53.23 90.09 -8.37
C SER O 247 54.71 90.42 -8.55
N LEU O 248 55.02 91.59 -9.11
CA LEU O 248 56.42 91.97 -9.29
C LEU O 248 57.08 92.33 -7.96
N THR O 249 56.28 92.73 -6.97
CA THR O 249 56.84 93.05 -5.66
C THR O 249 57.30 91.78 -4.95
N HIS O 250 56.54 90.69 -5.06
CA HIS O 250 56.92 89.44 -4.42
C HIS O 250 58.17 88.84 -5.06
N LEU O 251 58.45 89.18 -6.32
CA LEU O 251 59.65 88.68 -6.97
C LEU O 251 60.90 89.25 -6.32
N MET O 252 60.84 90.51 -5.88
CA MET O 252 61.98 91.11 -5.19
C MET O 252 62.15 90.58 -3.78
N MET O 253 61.11 90.00 -3.20
CA MET O 253 61.16 89.45 -1.85
C MET O 253 61.50 87.96 -1.84
N MET O 254 61.65 87.34 -2.99
CA MET O 254 61.98 85.92 -3.08
C MET O 254 63.36 85.66 -3.66
N SER O 255 64.04 86.69 -4.18
CA SER O 255 65.37 86.55 -4.75
C SER O 255 66.29 87.58 -4.12
N ASP O 256 67.49 87.15 -3.71
CA ASP O 256 68.46 88.02 -3.08
C ASP O 256 69.15 88.85 -4.16
N VAL O 257 68.45 89.88 -4.64
CA VAL O 257 68.95 90.77 -5.67
C VAL O 257 68.84 92.21 -5.17
N THR O 258 69.50 93.12 -5.88
CA THR O 258 69.47 94.54 -5.56
C THR O 258 68.75 95.29 -6.67
N PRO O 259 67.46 95.56 -6.54
CA PRO O 259 66.73 96.27 -7.59
C PRO O 259 67.03 97.76 -7.59
N ILE O 260 66.89 98.35 -8.77
CA ILE O 260 67.07 99.79 -8.98
C ILE O 260 65.77 100.35 -9.53
N TYR O 261 65.11 101.20 -8.75
CA TYR O 261 63.83 101.76 -9.13
C TYR O 261 64.02 102.99 -10.01
N PHE O 262 63.17 103.12 -11.02
CA PHE O 262 63.22 104.24 -11.94
C PHE O 262 62.32 105.37 -11.44
N ARG O 263 62.20 106.43 -12.24
CA ARG O 263 61.38 107.60 -11.92
C ARG O 263 60.52 107.93 -13.14
N PRO O 264 59.39 107.25 -13.31
CA PRO O 264 58.51 107.55 -14.43
C PRO O 264 57.88 108.92 -14.31
N THR O 265 57.34 109.41 -15.43
CA THR O 265 56.69 110.70 -15.47
C THR O 265 55.21 110.57 -15.14
N ARG O 266 54.61 111.69 -14.73
CA ARG O 266 53.20 111.72 -14.38
C ARG O 266 52.69 113.15 -14.53
N ASN O 267 51.37 113.28 -14.52
CA ASN O 267 50.68 114.55 -14.64
C ASN O 267 49.97 114.88 -13.32
N ALA O 268 48.86 115.61 -13.40
CA ALA O 268 48.10 115.98 -12.21
C ALA O 268 46.83 115.15 -12.02
N TYR O 269 46.29 114.58 -13.10
CA TYR O 269 45.07 113.78 -13.00
C TYR O 269 45.33 112.39 -12.45
N GLY O 270 46.58 111.96 -12.38
CA GLY O 270 46.93 110.63 -11.87
C GLY O 270 47.38 109.65 -12.93
N ILE O 271 47.35 110.02 -14.21
CA ILE O 271 47.78 109.14 -15.28
C ILE O 271 49.31 109.19 -15.37
N LEU O 272 49.96 108.06 -15.06
CA LEU O 272 51.40 107.99 -15.13
C LEU O 272 51.87 107.95 -16.57
N GLY O 273 52.88 108.76 -16.89
CA GLY O 273 53.43 108.78 -18.23
C GLY O 273 54.31 107.59 -18.52
N GLY O 274 55.62 107.81 -18.56
CA GLY O 274 56.55 106.74 -18.84
C GLY O 274 57.95 107.11 -18.38
N ILE O 275 58.86 106.17 -18.57
CA ILE O 275 60.26 106.38 -18.20
C ILE O 275 60.93 107.23 -19.27
N PRO O 276 61.58 108.35 -18.90
CA PRO O 276 62.24 109.19 -19.90
C PRO O 276 63.39 108.46 -20.57
N GLN O 277 63.83 109.01 -21.71
CA GLN O 277 64.93 108.42 -22.44
C GLN O 277 66.28 108.65 -21.77
N SER O 278 66.35 109.57 -20.82
CA SER O 278 67.61 109.84 -20.14
C SER O 278 67.96 108.73 -19.14
N GLU O 279 66.95 107.99 -18.67
CA GLU O 279 67.21 106.91 -17.72
C GLU O 279 67.82 105.68 -18.39
N PHE O 280 67.64 105.53 -19.70
CA PHE O 280 68.19 104.38 -20.42
C PHE O 280 69.63 104.59 -20.85
N GLN O 281 70.21 105.76 -20.58
CA GLN O 281 71.59 106.03 -20.99
C GLN O 281 72.56 105.25 -20.11
N HIS O 282 73.82 105.20 -20.57
CA HIS O 282 74.85 104.48 -19.83
C HIS O 282 75.37 105.29 -18.64
N ALA O 283 75.32 106.62 -18.72
CA ALA O 283 75.81 107.44 -17.62
C ALA O 283 74.81 107.49 -16.47
N THR O 284 73.52 107.29 -16.75
CA THR O 284 72.51 107.32 -15.70
C THR O 284 72.48 106.01 -14.92
N ILE O 285 72.59 104.87 -15.62
CA ILE O 285 72.56 103.59 -14.95
C ILE O 285 73.80 103.38 -14.10
N ALA O 286 74.97 103.73 -14.64
CA ALA O 286 76.22 103.55 -13.90
C ALA O 286 76.33 104.51 -12.72
N LYS O 287 75.55 105.58 -12.70
CA LYS O 287 75.61 106.52 -11.58
C LYS O 287 74.92 105.96 -10.35
N ARG O 288 73.81 105.25 -10.53
CA ARG O 288 73.08 104.67 -9.42
C ARG O 288 73.73 103.42 -8.86
N VAL O 289 74.70 102.83 -9.57
CA VAL O 289 75.35 101.62 -9.07
C VAL O 289 76.29 101.97 -7.92
N LYS O 290 77.08 103.03 -8.07
CA LYS O 290 78.02 103.42 -7.01
C LYS O 290 77.27 103.98 -5.81
N GLU O 291 76.15 104.66 -6.04
CA GLU O 291 75.38 105.22 -4.94
C GLU O 291 74.63 104.17 -4.14
N THR O 292 74.33 103.02 -4.74
CA THR O 292 73.62 101.95 -4.06
C THR O 292 74.61 100.95 -3.51
N PRO O 293 74.69 100.75 -2.20
CA PRO O 293 75.64 99.77 -1.65
C PRO O 293 75.26 98.36 -2.06
N ASN O 294 76.30 97.54 -2.29
CA ASN O 294 76.14 96.14 -2.69
C ASN O 294 75.31 96.03 -3.97
N ALA O 295 75.91 96.51 -5.06
CA ALA O 295 75.28 96.48 -6.37
C ALA O 295 76.35 96.45 -7.44
N THR O 296 76.20 95.53 -8.39
CA THR O 296 77.13 95.35 -9.49
C THR O 296 76.47 95.82 -10.79
N TRP O 297 76.89 95.27 -11.92
CA TRP O 297 76.32 95.66 -13.20
C TRP O 297 74.94 95.00 -13.38
N PRO O 298 73.91 95.76 -13.73
CA PRO O 298 72.59 95.15 -13.92
C PRO O 298 72.57 94.19 -15.08
N VAL O 299 71.99 93.02 -14.86
CA VAL O 299 71.90 91.98 -15.88
C VAL O 299 70.47 91.73 -16.34
N HIS O 300 69.48 92.38 -15.72
CA HIS O 300 68.09 92.19 -16.11
C HIS O 300 67.35 93.50 -15.93
N ALA O 301 66.38 93.76 -16.82
CA ALA O 301 65.58 94.97 -16.79
C ALA O 301 64.11 94.60 -16.93
N VAL O 302 63.26 95.21 -16.11
CA VAL O 302 61.82 94.97 -16.13
C VAL O 302 61.14 96.26 -16.53
N ILE O 303 60.50 96.26 -17.70
CA ILE O 303 59.78 97.42 -18.21
C ILE O 303 58.31 97.04 -18.36
N THR O 304 57.44 97.82 -17.74
CA THR O 304 56.00 97.57 -17.79
C THR O 304 55.44 98.26 -19.03
N ASN O 305 55.37 97.51 -20.14
CA ASN O 305 54.88 98.01 -21.42
C ASN O 305 53.71 97.14 -21.84
N SER O 306 52.50 97.70 -21.80
CA SER O 306 52.30 99.08 -21.36
C SER O 306 51.93 99.13 -19.89
N THR O 307 51.59 100.33 -19.40
CA THR O 307 51.24 100.52 -17.99
C THR O 307 49.81 100.05 -17.75
N TYR O 308 49.27 100.39 -16.58
CA TYR O 308 47.91 99.97 -16.24
C TYR O 308 46.87 100.75 -17.03
N ASP O 309 47.16 102.01 -17.36
CA ASP O 309 46.20 102.82 -18.13
C ASP O 309 46.20 102.42 -19.60
N GLY O 310 47.35 102.52 -20.26
CA GLY O 310 47.44 102.17 -21.66
C GLY O 310 48.29 103.12 -22.46
N LEU O 311 49.59 103.16 -22.18
CA LEU O 311 50.53 104.03 -22.87
C LEU O 311 51.73 103.19 -23.32
N LEU O 312 51.82 102.93 -24.62
CA LEU O 312 52.91 102.13 -25.15
C LEU O 312 54.21 102.93 -25.18
N TYR O 313 55.32 102.20 -25.26
CA TYR O 313 56.65 102.77 -25.32
C TYR O 313 57.23 102.61 -26.73
N ASN O 314 58.48 103.03 -26.89
CA ASN O 314 59.19 102.95 -28.16
C ASN O 314 60.29 101.91 -28.00
N THR O 315 60.03 100.69 -28.44
CA THR O 315 61.02 99.62 -28.34
C THR O 315 62.15 99.77 -29.34
N ASP O 316 61.97 100.59 -30.37
CA ASP O 316 63.03 100.82 -31.35
C ASP O 316 64.20 101.60 -30.75
N PHE O 317 63.96 102.36 -29.68
CA PHE O 317 65.01 103.11 -29.00
C PHE O 317 65.51 102.44 -27.74
N ILE O 318 64.68 101.62 -27.09
CA ILE O 318 65.10 100.95 -25.86
C ILE O 318 66.04 99.79 -26.19
N LYS O 319 65.74 99.04 -27.24
CA LYS O 319 66.57 97.89 -27.60
C LYS O 319 67.95 98.29 -28.11
N LYS O 320 68.19 99.58 -28.35
CA LYS O 320 69.48 100.07 -28.83
C LYS O 320 70.26 100.84 -27.79
N THR O 321 69.58 101.64 -26.96
CA THR O 321 70.26 102.43 -25.94
C THR O 321 70.45 101.67 -24.63
N LEU O 322 69.40 101.02 -24.15
CA LEU O 322 69.46 100.25 -22.91
C LEU O 322 70.38 99.05 -23.10
N ASP O 323 71.51 99.03 -22.40
CA ASP O 323 72.50 97.96 -22.53
C ASP O 323 72.25 96.89 -21.46
N VAL O 324 71.16 96.16 -21.66
CA VAL O 324 70.77 95.06 -20.78
C VAL O 324 70.55 93.83 -21.64
N LYS O 325 71.23 92.73 -21.28
CA LYS O 325 71.13 91.51 -22.06
C LYS O 325 69.79 90.80 -21.88
N SER O 326 69.04 91.14 -20.83
CA SER O 326 67.75 90.51 -20.54
C SER O 326 66.74 91.61 -20.25
N ILE O 327 66.09 92.11 -21.29
CA ILE O 327 65.09 93.16 -21.18
C ILE O 327 63.71 92.52 -21.20
N HIS O 328 62.91 92.81 -20.18
CA HIS O 328 61.57 92.24 -20.04
C HIS O 328 60.52 93.30 -20.36
N PHE O 329 59.45 92.87 -21.02
CA PHE O 329 58.32 93.73 -21.37
C PHE O 329 57.05 93.09 -20.83
N ASP O 330 56.56 93.61 -19.71
CA ASP O 330 55.34 93.10 -19.06
C ASP O 330 54.14 93.51 -19.91
N SER O 331 53.85 92.70 -20.93
CA SER O 331 52.75 92.98 -21.84
C SER O 331 51.44 92.37 -21.30
N ALA O 332 51.04 92.76 -20.10
CA ALA O 332 49.84 92.25 -19.47
C ALA O 332 48.58 92.98 -19.91
N TRP O 333 48.67 93.87 -20.90
CA TRP O 333 47.51 94.61 -21.37
C TRP O 333 47.48 94.82 -22.88
N VAL O 334 48.47 94.35 -23.62
CA VAL O 334 48.49 94.52 -25.08
C VAL O 334 48.82 93.20 -25.76
N PRO O 335 47.93 92.19 -25.71
CA PRO O 335 48.21 90.93 -26.40
C PRO O 335 47.78 90.95 -27.86
N TYR O 336 47.99 92.07 -28.53
CA TYR O 336 47.53 92.21 -29.91
C TYR O 336 48.44 93.07 -30.77
N THR O 337 49.59 93.51 -30.24
CA THR O 337 50.50 94.39 -30.98
C THR O 337 51.30 93.60 -32.01
N ASN O 338 50.57 93.06 -32.99
CA ASN O 338 51.17 92.25 -34.05
C ASN O 338 50.19 92.08 -35.21
N PHE O 339 48.90 91.97 -34.88
CA PHE O 339 47.85 91.77 -35.88
C PHE O 339 47.33 93.06 -36.47
N SER O 340 48.17 94.10 -36.56
CA SER O 340 47.76 95.38 -37.11
C SER O 340 48.99 96.15 -37.53
N PRO O 341 48.97 96.83 -38.68
CA PRO O 341 50.15 97.57 -39.14
C PRO O 341 50.43 98.84 -38.35
N ILE O 342 49.52 99.27 -37.48
CA ILE O 342 49.72 100.49 -36.70
C ILE O 342 50.32 100.13 -35.34
N TYR O 343 50.86 98.92 -35.23
CA TYR O 343 51.51 98.47 -34.01
C TYR O 343 52.86 97.82 -34.29
N GLU O 344 53.50 98.18 -35.39
CA GLU O 344 54.80 97.62 -35.73
C GLU O 344 55.91 98.37 -35.01
N GLY O 345 56.83 97.62 -34.41
CA GLY O 345 57.92 98.21 -33.67
C GLY O 345 57.53 98.86 -32.37
N LYS O 346 56.50 98.35 -31.70
CA LYS O 346 56.05 98.89 -30.43
C LYS O 346 56.18 97.92 -29.27
N CYS O 347 56.44 96.65 -29.54
CA CYS O 347 56.59 95.63 -28.51
C CYS O 347 57.93 94.93 -28.69
N GLY O 348 58.17 93.89 -27.88
CA GLY O 348 59.41 93.15 -27.98
C GLY O 348 59.43 92.11 -29.07
N MET O 349 58.26 91.59 -29.44
CA MET O 349 58.17 90.58 -30.49
C MET O 349 58.26 91.18 -31.88
N SER O 350 57.91 92.45 -32.04
CA SER O 350 57.96 93.09 -33.35
C SER O 350 59.41 93.37 -33.74
N GLY O 351 59.77 92.96 -34.95
CA GLY O 351 61.13 93.16 -35.44
C GLY O 351 61.92 91.88 -35.54
N GLY O 352 63.23 91.97 -35.31
CA GLY O 352 64.09 90.79 -35.37
C GLY O 352 64.79 90.50 -34.06
N ARG O 353 65.66 89.49 -34.07
CA ARG O 353 66.40 89.12 -32.87
C ARG O 353 67.56 90.08 -32.65
N VAL O 354 67.61 90.66 -31.45
CA VAL O 354 68.67 91.60 -31.09
C VAL O 354 69.94 90.81 -30.79
N GLU O 355 71.05 91.24 -31.38
CA GLU O 355 72.32 90.56 -31.20
C GLU O 355 72.82 90.75 -29.78
N GLY O 356 72.90 89.65 -29.02
CA GLY O 356 73.39 89.70 -27.66
C GLY O 356 72.37 90.03 -26.61
N LYS O 357 71.07 90.07 -26.95
CA LYS O 357 70.02 90.38 -26.00
C LYS O 357 68.87 89.41 -26.19
N VAL O 358 68.05 89.29 -25.15
CA VAL O 358 66.88 88.42 -25.15
C VAL O 358 65.70 89.20 -24.59
N ILE O 359 64.50 88.91 -25.09
CA ILE O 359 63.29 89.61 -24.70
C ILE O 359 62.33 88.61 -24.08
N TYR O 360 61.82 88.94 -22.89
CA TYR O 360 60.83 88.12 -22.20
C TYR O 360 59.55 88.92 -22.03
N GLU O 361 58.42 88.29 -22.36
CA GLU O 361 57.12 88.93 -22.25
C GLU O 361 56.14 87.96 -21.60
N THR O 362 55.25 88.51 -20.77
CA THR O 362 54.22 87.75 -20.07
C THR O 362 52.86 88.28 -20.53
N GLN O 363 52.43 87.86 -21.71
CA GLN O 363 51.17 88.32 -22.26
C GLN O 363 50.00 87.67 -21.52
N SER O 364 49.13 88.50 -20.95
CA SER O 364 47.97 88.01 -20.23
C SER O 364 46.93 87.48 -21.21
N THR O 365 46.43 86.27 -20.94
CA THR O 365 45.44 85.63 -21.79
C THR O 365 44.02 85.81 -21.28
N HIS O 366 43.80 85.66 -19.97
CA HIS O 366 42.46 85.79 -19.40
C HIS O 366 42.18 87.22 -18.96
N LYS O 367 42.65 88.18 -19.75
CA LYS O 367 42.45 89.61 -19.45
C LYS O 367 41.68 90.28 -20.53
N LEU O 368 42.19 90.20 -21.75
CA LEU O 368 41.55 90.86 -22.88
C LEU O 368 41.36 89.92 -24.07
N LEU O 369 41.27 88.62 -23.78
CA LEU O 369 41.06 87.60 -24.81
C LEU O 369 39.95 86.67 -24.35
N ALA O 370 39.64 85.68 -25.20
CA ALA O 370 38.56 84.73 -24.95
C ALA O 370 39.18 83.39 -24.55
N ALA O 371 39.34 83.17 -23.26
CA ALA O 371 39.90 81.92 -22.75
C ALA O 371 39.55 81.81 -21.27
N PHE O 372 39.83 80.64 -20.71
CA PHE O 372 39.59 80.42 -19.28
C PHE O 372 40.62 81.18 -18.44
N SER O 373 40.34 81.24 -17.15
CA SER O 373 41.22 81.96 -16.23
C SER O 373 42.50 81.15 -15.99
N GLN O 374 43.47 81.81 -15.36
CA GLN O 374 44.76 81.22 -15.03
C GLN O 374 45.47 80.72 -16.29
N ALA O 375 45.72 81.65 -17.22
CA ALA O 375 46.39 81.33 -18.47
C ALA O 375 47.33 82.48 -18.83
N SER O 376 48.57 82.14 -19.18
CA SER O 376 49.56 83.14 -19.55
C SER O 376 50.57 82.49 -20.50
N MET O 377 51.43 83.33 -21.06
CA MET O 377 52.44 82.89 -22.00
C MET O 377 53.78 83.52 -21.66
N ILE O 378 54.86 82.86 -22.07
CA ILE O 378 56.22 83.34 -21.88
C ILE O 378 56.88 83.35 -23.26
N HIS O 379 57.01 84.52 -23.86
CA HIS O 379 57.62 84.66 -25.18
C HIS O 379 59.12 84.89 -25.02
N VAL O 380 59.92 84.05 -25.69
CA VAL O 380 61.37 84.14 -25.63
C VAL O 380 61.86 84.49 -27.03
N LYS O 381 62.59 85.60 -27.14
CA LYS O 381 63.15 86.07 -28.41
C LYS O 381 64.66 86.21 -28.23
N GLY O 382 65.38 85.15 -28.57
CA GLY O 382 66.82 85.16 -28.45
C GLY O 382 67.36 83.73 -28.44
N ASP O 383 68.57 83.59 -27.91
CA ASP O 383 69.25 82.31 -27.81
C ASP O 383 69.48 82.01 -26.34
N VAL O 384 68.63 81.14 -25.78
CA VAL O 384 68.71 80.76 -24.38
C VAL O 384 68.94 79.25 -24.30
N ASN O 385 69.31 78.79 -23.10
CA ASN O 385 69.56 77.37 -22.88
C ASN O 385 68.24 76.64 -22.68
N GLU O 386 68.07 75.54 -23.41
CA GLU O 386 66.83 74.77 -23.30
C GLU O 386 66.81 73.91 -22.04
N GLU O 387 67.95 73.32 -21.68
CA GLU O 387 68.04 72.47 -20.50
C GLU O 387 68.12 73.27 -19.20
N THR O 388 68.13 74.59 -19.26
CA THR O 388 68.20 75.44 -18.08
C THR O 388 66.91 76.22 -17.85
N PHE O 389 66.36 76.83 -18.91
CA PHE O 389 65.13 77.60 -18.75
C PHE O 389 63.93 76.70 -18.52
N ASN O 390 64.00 75.45 -18.95
CA ASN O 390 62.89 74.53 -18.74
C ASN O 390 62.76 74.13 -17.27
N GLU O 391 63.88 74.06 -16.55
CA GLU O 391 63.83 73.70 -15.14
C GLU O 391 63.13 74.77 -14.30
N ALA O 392 63.21 76.04 -14.72
CA ALA O 392 62.54 77.09 -13.98
C ALA O 392 61.05 77.09 -14.23
N TYR O 393 60.61 76.54 -15.35
CA TYR O 393 59.17 76.49 -15.64
C TYR O 393 58.47 75.41 -14.83
N MET O 394 59.14 74.27 -14.60
CA MET O 394 58.54 73.20 -13.82
C MET O 394 58.48 73.50 -12.33
N MET O 395 59.19 74.51 -11.85
CA MET O 395 59.17 74.89 -10.45
C MET O 395 57.95 75.73 -10.08
N HIS O 396 57.06 76.03 -11.03
CA HIS O 396 55.86 76.80 -10.74
C HIS O 396 54.61 76.22 -11.39
N THR O 397 54.71 75.05 -12.01
CA THR O 397 53.57 74.41 -12.66
C THR O 397 53.40 73.01 -12.09
N THR O 398 52.17 72.65 -11.76
CA THR O 398 51.89 71.34 -11.20
C THR O 398 52.13 70.24 -12.23
N THR O 399 52.25 69.01 -11.74
CA THR O 399 52.52 67.88 -12.62
C THR O 399 51.29 67.45 -13.40
N SER O 400 50.09 67.82 -12.95
CA SER O 400 48.84 67.48 -13.62
C SER O 400 48.15 68.78 -14.04
N PRO O 401 48.51 69.33 -15.20
CA PRO O 401 47.89 70.58 -15.64
C PRO O 401 46.47 70.38 -16.10
N HIS O 402 45.65 71.41 -15.89
CA HIS O 402 44.25 71.39 -16.31
C HIS O 402 44.18 71.65 -17.80
N TYR O 403 43.86 70.60 -18.58
CA TYR O 403 43.84 70.74 -20.04
C TYR O 403 42.68 71.60 -20.52
N GLY O 404 41.67 71.84 -19.69
CA GLY O 404 40.61 72.74 -20.08
C GLY O 404 41.07 74.17 -20.25
N ILE O 405 42.11 74.57 -19.52
CA ILE O 405 42.69 75.90 -19.66
C ILE O 405 43.79 75.89 -20.71
N VAL O 406 44.54 74.80 -20.80
CA VAL O 406 45.62 74.71 -21.80
C VAL O 406 45.04 74.74 -23.20
N ALA O 407 43.91 74.05 -23.42
CA ALA O 407 43.28 74.05 -24.73
C ALA O 407 42.75 75.43 -25.09
N SER O 408 42.27 76.20 -24.10
CA SER O 408 41.81 77.56 -24.36
C SER O 408 42.96 78.55 -24.51
N THR O 409 44.13 78.24 -23.98
CA THR O 409 45.28 79.13 -24.13
C THR O 409 45.74 79.18 -25.58
N GLU O 410 45.88 78.02 -26.22
CA GLU O 410 46.23 77.97 -27.63
C GLU O 410 45.06 78.39 -28.51
N THR O 411 43.83 78.26 -28.01
CA THR O 411 42.66 78.68 -28.78
C THR O 411 42.68 80.17 -29.03
N ALA O 412 43.13 80.96 -28.05
CA ALA O 412 43.22 82.39 -28.24
C ALA O 412 44.21 82.75 -29.35
N ALA O 413 45.25 81.94 -29.54
CA ALA O 413 46.16 82.16 -30.64
C ALA O 413 45.59 81.66 -31.98
N ALA O 414 44.66 80.71 -31.93
CA ALA O 414 44.04 80.21 -33.14
C ALA O 414 42.88 81.09 -33.60
N MET O 415 42.20 81.75 -32.66
CA MET O 415 41.11 82.65 -33.02
C MET O 415 41.60 83.91 -33.70
N MET O 416 42.89 84.25 -33.55
CA MET O 416 43.46 85.45 -34.16
C MET O 416 44.17 85.19 -35.46
N LYS O 417 44.42 83.93 -35.80
CA LYS O 417 45.13 83.59 -37.03
C LYS O 417 44.19 83.65 -38.23
N GLY O 418 44.69 84.22 -39.32
CA GLY O 418 43.92 84.34 -40.55
C GLY O 418 43.32 85.71 -40.72
N ASN O 419 42.67 85.89 -41.87
CA ASN O 419 42.01 87.16 -42.17
C ASN O 419 40.78 87.38 -41.30
N ALA O 420 40.11 86.29 -40.90
CA ALA O 420 38.94 86.43 -40.04
C ALA O 420 39.33 86.80 -38.62
N GLY O 421 40.52 86.40 -38.17
CA GLY O 421 40.96 86.74 -36.83
C GLY O 421 41.44 88.16 -36.69
N LYS O 422 42.02 88.73 -37.77
CA LYS O 422 42.50 90.10 -37.71
C LYS O 422 41.37 91.12 -37.74
N ARG O 423 40.15 90.70 -38.10
CA ARG O 423 39.02 91.62 -38.11
C ARG O 423 38.58 92.02 -36.71
N LEU O 424 38.88 91.20 -35.70
CA LEU O 424 38.51 91.54 -34.34
C LEU O 424 39.42 92.62 -33.75
N ILE O 425 40.68 92.67 -34.16
CA ILE O 425 41.58 93.70 -33.68
C ILE O 425 41.24 95.04 -34.32
N ASN O 426 41.12 95.06 -35.65
CA ASN O 426 40.75 96.30 -36.34
C ASN O 426 39.31 96.70 -36.05
N GLY O 427 38.44 95.72 -35.79
CA GLY O 427 37.06 96.05 -35.46
C GLY O 427 36.93 96.71 -34.10
N SER O 428 37.75 96.28 -33.13
CA SER O 428 37.72 96.90 -31.82
C SER O 428 38.31 98.31 -31.85
N ILE O 429 39.24 98.57 -32.75
CA ILE O 429 39.80 99.92 -32.87
C ILE O 429 38.80 100.85 -33.53
N GLU O 430 38.09 100.39 -34.56
CA GLU O 430 37.09 101.22 -35.21
C GLU O 430 35.93 101.53 -34.27
N ARG O 431 35.56 100.58 -33.42
CA ARG O 431 34.50 100.84 -32.44
C ARG O 431 34.98 101.76 -31.33
N ALA O 432 36.28 101.75 -31.04
CA ALA O 432 36.82 102.64 -30.02
C ALA O 432 36.94 104.07 -30.53
N ILE O 433 37.40 104.24 -31.77
CA ILE O 433 37.51 105.58 -32.35
C ILE O 433 36.12 106.18 -32.56
N LYS O 434 35.15 105.34 -32.94
CA LYS O 434 33.78 105.82 -33.11
C LYS O 434 33.20 106.30 -31.78
N PHE O 435 33.51 105.60 -30.68
CA PHE O 435 33.06 106.04 -29.38
C PHE O 435 33.76 107.33 -28.94
N ARG O 436 34.99 107.54 -29.39
CA ARG O 436 35.69 108.78 -29.07
C ARG O 436 35.09 109.98 -29.78
N LYS O 437 34.62 109.79 -31.02
CA LYS O 437 34.01 110.89 -31.76
C LYS O 437 32.61 111.21 -31.25
N GLU O 438 31.92 110.23 -30.65
CA GLU O 438 30.59 110.48 -30.12
C GLU O 438 30.64 111.34 -28.86
N ILE O 439 31.78 111.38 -28.17
CA ILE O 439 31.91 112.20 -26.99
C ILE O 439 32.10 113.67 -27.38
N LYS O 440 32.97 113.93 -28.36
CA LYS O 440 33.19 115.30 -28.81
C LYS O 440 31.97 115.85 -29.54
N ARG O 441 31.16 114.97 -30.14
CA ARG O 441 29.96 115.45 -30.83
C ARG O 441 28.87 115.84 -29.85
N LEU O 442 28.75 115.11 -28.74
CA LEU O 442 27.76 115.38 -27.71
C LEU O 442 28.28 116.34 -26.64
N ARG O 443 29.40 117.02 -26.89
CA ARG O 443 29.97 117.97 -25.95
C ARG O 443 29.69 119.42 -26.35
N THR O 444 29.95 119.77 -27.61
CA THR O 444 29.69 121.12 -28.07
C THR O 444 28.21 121.35 -28.34
N GLU O 445 27.53 120.37 -28.93
CA GLU O 445 26.10 120.52 -29.22
C GLU O 445 25.25 120.51 -27.97
N SER O 446 25.75 119.94 -26.87
CA SER O 446 24.99 119.90 -25.63
C SER O 446 24.99 121.26 -24.95
N ASP O 447 24.12 121.42 -23.95
CA ASP O 447 23.98 122.64 -23.19
C ASP O 447 24.35 122.35 -21.74
N GLY O 448 25.61 122.62 -21.38
CA GLY O 448 26.11 122.40 -20.05
C GLY O 448 27.39 121.60 -20.08
N TRP O 449 27.75 121.05 -18.93
CA TRP O 449 28.97 120.25 -18.81
C TRP O 449 28.78 118.88 -19.45
N PHE O 450 29.90 118.29 -19.87
CA PHE O 450 29.87 116.97 -20.50
C PHE O 450 31.24 116.34 -20.34
N PHE O 451 31.28 115.02 -20.41
CA PHE O 451 32.52 114.28 -20.24
C PHE O 451 33.49 114.57 -21.38
N ASP O 452 34.77 114.33 -21.11
CA ASP O 452 35.83 114.56 -22.09
C ASP O 452 36.75 113.35 -22.13
N VAL O 453 37.26 113.05 -23.32
CA VAL O 453 38.15 111.92 -23.55
C VAL O 453 39.58 112.44 -23.63
N TRP O 454 40.49 111.82 -22.88
CA TRP O 454 41.90 112.19 -22.88
C TRP O 454 42.51 111.81 -24.22
N GLN O 455 42.31 112.67 -25.20
CA GLN O 455 42.76 112.41 -26.57
C GLN O 455 43.18 113.74 -27.18
N PRO O 456 44.03 113.71 -28.21
CA PRO O 456 44.40 114.95 -28.90
C PRO O 456 43.21 115.59 -29.59
N ASP O 457 43.42 116.83 -30.06
CA ASP O 457 42.35 117.55 -30.74
C ASP O 457 42.04 116.99 -32.12
N HIS O 458 42.97 116.25 -32.71
CA HIS O 458 42.78 115.65 -34.04
C HIS O 458 42.84 114.14 -33.90
N ILE O 459 41.70 113.49 -34.07
CA ILE O 459 41.60 112.04 -33.96
C ILE O 459 41.07 111.46 -35.27
N ASP O 460 41.25 112.20 -36.36
CA ASP O 460 40.75 111.74 -37.65
C ASP O 460 41.55 110.54 -38.17
N THR O 461 42.83 110.44 -37.80
CA THR O 461 43.66 109.33 -38.24
C THR O 461 43.33 108.07 -37.44
N THR O 462 43.77 106.93 -37.97
CA THR O 462 43.56 105.63 -37.36
C THR O 462 44.94 105.03 -37.07
N GLU O 463 45.52 105.45 -35.94
CA GLU O 463 46.83 104.98 -35.51
C GLU O 463 47.02 105.38 -34.06
N CYS O 464 48.21 105.13 -33.53
CA CYS O 464 48.54 105.50 -32.16
C CYS O 464 48.95 106.97 -32.12
N TRP O 465 48.24 107.76 -31.32
CA TRP O 465 48.53 109.18 -31.22
C TRP O 465 49.79 109.41 -30.41
N PRO O 466 50.84 109.99 -30.99
CA PRO O 466 52.07 110.23 -30.22
C PRO O 466 51.91 111.40 -29.27
N LEU O 467 52.68 111.35 -28.19
CA LEU O 467 52.67 112.41 -27.17
C LEU O 467 53.79 113.38 -27.49
N ARG O 468 53.46 114.43 -28.24
CA ARG O 468 54.43 115.44 -28.63
C ARG O 468 54.71 116.38 -27.47
N SER O 469 55.60 117.35 -27.72
CA SER O 469 55.97 118.34 -26.72
C SER O 469 55.25 119.66 -26.88
N ASP O 470 54.54 119.86 -27.99
CA ASP O 470 53.80 121.09 -28.25
C ASP O 470 52.30 120.91 -28.11
N SER O 471 51.88 120.05 -27.19
CA SER O 471 50.47 119.77 -26.97
C SER O 471 50.11 120.05 -25.51
N THR O 472 48.81 120.21 -25.26
CA THR O 472 48.30 120.50 -23.92
C THR O 472 47.31 119.46 -23.43
N TRP O 473 47.00 118.43 -24.23
CA TRP O 473 46.05 117.41 -23.80
C TRP O 473 46.68 116.40 -22.85
N HIS O 474 47.96 116.08 -23.04
CA HIS O 474 48.60 115.09 -22.19
C HIS O 474 49.01 115.69 -20.84
N GLY O 475 49.47 116.94 -20.84
CA GLY O 475 49.81 117.60 -19.59
C GLY O 475 51.04 117.05 -18.90
N PHE O 476 52.04 116.62 -19.66
CA PHE O 476 53.28 116.09 -19.10
C PHE O 476 54.40 117.10 -19.38
N LYS O 477 55.03 117.60 -18.31
CA LYS O 477 56.08 118.60 -18.45
C LYS O 477 57.38 117.92 -18.87
N ASN O 478 58.01 118.46 -19.91
CA ASN O 478 59.28 117.94 -20.44
C ASN O 478 59.17 116.47 -20.79
N ILE O 479 58.43 116.15 -21.86
CA ILE O 479 58.26 114.78 -22.30
C ILE O 479 59.06 114.59 -23.58
N ASP O 480 59.59 113.38 -23.76
CA ASP O 480 60.39 113.06 -24.93
C ASP O 480 59.50 112.80 -26.14
N ASN O 481 59.92 113.31 -27.29
CA ASN O 481 59.16 113.13 -28.52
C ASN O 481 59.44 111.76 -29.12
N GLU O 482 58.41 111.20 -29.77
CA GLU O 482 58.50 109.89 -30.42
C GLU O 482 58.93 108.81 -29.43
N HIS O 483 58.37 108.85 -28.24
CA HIS O 483 58.67 107.88 -27.20
C HIS O 483 57.42 107.35 -26.51
N MET O 484 56.39 108.17 -26.33
CA MET O 484 55.16 107.76 -25.68
C MET O 484 54.02 107.82 -26.68
N TYR O 485 53.27 106.73 -26.80
CA TYR O 485 52.14 106.63 -27.69
C TYR O 485 50.85 106.44 -26.90
N LEU O 486 49.73 106.51 -27.61
CA LEU O 486 48.41 106.38 -27.01
C LEU O 486 47.70 105.14 -27.54
N ASP O 487 47.04 104.42 -26.64
CA ASP O 487 46.29 103.22 -27.02
C ASP O 487 44.88 103.63 -27.42
N PRO O 488 44.46 103.41 -28.66
CA PRO O 488 43.10 103.83 -29.06
C PRO O 488 41.99 103.11 -28.31
N ILE O 489 42.18 101.84 -27.96
CA ILE O 489 41.12 101.10 -27.29
C ILE O 489 40.99 101.49 -25.81
N LYS O 490 42.00 102.16 -25.24
CA LYS O 490 41.95 102.57 -23.84
C LYS O 490 41.39 103.98 -23.76
N VAL O 491 40.07 104.07 -23.85
CA VAL O 491 39.37 105.35 -23.78
C VAL O 491 39.35 105.80 -22.33
N THR O 492 40.16 106.81 -22.01
CA THR O 492 40.26 107.36 -20.66
C THR O 492 39.43 108.63 -20.60
N LEU O 493 38.34 108.59 -19.82
CA LEU O 493 37.47 109.75 -19.68
C LEU O 493 38.07 110.75 -18.70
N LEU O 494 37.61 111.99 -18.82
CA LEU O 494 38.06 113.09 -17.95
C LEU O 494 36.83 113.85 -17.48
N THR O 495 36.47 113.67 -16.21
CA THR O 495 35.32 114.39 -15.66
C THR O 495 35.69 115.85 -15.40
N PRO O 496 34.77 116.78 -15.67
CA PRO O 496 35.07 118.20 -15.42
C PRO O 496 35.30 118.47 -13.94
N GLY O 497 36.47 119.03 -13.64
CA GLY O 497 36.82 119.34 -12.26
C GLY O 497 38.12 120.10 -12.14
N MET O 498 39.00 119.96 -13.14
CA MET O 498 40.29 120.63 -13.15
C MET O 498 40.46 121.40 -14.45
N GLU O 499 41.44 122.29 -14.45
CA GLU O 499 41.73 123.12 -15.62
C GLU O 499 42.80 122.43 -16.47
N LYS O 500 43.32 123.15 -17.46
CA LYS O 500 44.36 122.61 -18.34
C LYS O 500 45.76 122.93 -17.86
N ASP O 501 45.92 123.78 -16.85
CA ASP O 501 47.22 124.13 -16.31
C ASP O 501 47.61 123.30 -15.09
N GLY O 502 46.70 122.46 -14.58
CA GLY O 502 46.98 121.64 -13.43
C GLY O 502 46.40 122.12 -12.12
N THR O 503 45.58 123.16 -12.14
CA THR O 503 44.97 123.70 -10.93
C THR O 503 43.59 123.05 -10.73
N MET O 504 42.72 123.71 -9.97
CA MET O 504 41.38 123.21 -9.70
C MET O 504 40.35 124.15 -10.31
N SER O 505 39.07 123.86 -10.04
CA SER O 505 37.97 124.65 -10.56
C SER O 505 36.87 124.72 -9.50
N ASP O 506 35.91 125.61 -9.72
CA ASP O 506 34.81 125.77 -8.79
C ASP O 506 33.79 124.64 -8.95
N PHE O 507 33.32 124.41 -10.17
CA PHE O 507 32.34 123.35 -10.45
C PHE O 507 33.10 122.10 -10.86
N GLY O 508 33.04 121.08 -10.01
CA GLY O 508 33.72 119.83 -10.28
C GLY O 508 32.94 118.65 -9.75
N ILE O 509 33.03 117.53 -10.45
CA ILE O 509 32.35 116.30 -10.09
C ILE O 509 33.39 115.19 -9.99
N PRO O 510 33.62 114.62 -8.82
CA PRO O 510 34.62 113.55 -8.70
C PRO O 510 34.20 112.31 -9.46
N ALA O 511 35.19 111.49 -9.78
CA ALA O 511 34.96 110.25 -10.51
C ALA O 511 34.46 109.12 -9.62
N SER O 512 34.50 109.30 -8.30
CA SER O 512 34.02 108.24 -7.40
C SER O 512 32.51 108.12 -7.43
N ILE O 513 31.80 109.23 -7.63
CA ILE O 513 30.35 109.19 -7.70
C ILE O 513 29.89 108.56 -9.02
N VAL O 514 30.58 108.88 -10.11
CA VAL O 514 30.22 108.31 -11.41
C VAL O 514 30.53 106.82 -11.44
N ALA O 515 31.56 106.38 -10.70
CA ALA O 515 31.92 104.97 -10.71
C ALA O 515 30.82 104.10 -10.13
N LYS O 516 30.21 104.55 -9.03
CA LYS O 516 29.11 103.79 -8.43
C LYS O 516 27.80 103.92 -9.20
N TYR O 517 27.65 104.99 -9.99
CA TYR O 517 26.43 105.14 -10.78
C TYR O 517 26.40 104.19 -11.96
N LEU O 518 27.57 103.85 -12.53
CA LEU O 518 27.61 102.93 -13.65
C LEU O 518 27.38 101.49 -13.20
N ASP O 519 27.66 101.19 -11.92
CA ASP O 519 27.46 99.84 -11.42
C ASP O 519 25.99 99.49 -11.25
N GLU O 520 25.11 100.49 -11.18
CA GLU O 520 23.69 100.22 -11.03
C GLU O 520 23.11 99.57 -12.29
N HIS O 521 23.50 100.07 -13.46
CA HIS O 521 23.01 99.50 -14.70
C HIS O 521 23.76 98.23 -15.09
N GLY O 522 24.99 98.07 -14.61
CA GLY O 522 25.76 96.87 -14.91
C GLY O 522 27.07 97.17 -15.61
N ILE O 523 27.69 98.30 -15.29
CA ILE O 523 28.97 98.71 -15.88
C ILE O 523 29.99 98.80 -14.75
N VAL O 524 31.03 97.98 -14.84
CA VAL O 524 32.09 97.95 -13.84
C VAL O 524 33.24 98.83 -14.30
N VAL O 525 33.59 99.82 -13.48
CA VAL O 525 34.68 100.73 -13.80
C VAL O 525 36.01 100.06 -13.47
N GLU O 526 36.94 100.08 -14.43
CA GLU O 526 38.24 99.44 -14.22
C GLU O 526 39.10 100.26 -13.27
N LYS O 527 39.24 101.56 -13.53
CA LYS O 527 40.05 102.44 -12.69
C LYS O 527 39.31 103.75 -12.49
N THR O 528 39.29 104.23 -11.25
CA THR O 528 38.63 105.48 -10.91
C THR O 528 39.30 106.06 -9.66
N GLY O 529 39.04 107.34 -9.42
CA GLY O 529 39.59 108.03 -8.27
C GLY O 529 39.41 109.52 -8.34
N PRO O 530 40.46 110.24 -8.78
CA PRO O 530 40.38 111.70 -8.85
C PRO O 530 39.37 112.18 -9.87
N TYR O 531 39.80 112.34 -11.13
CA TYR O 531 38.96 112.84 -12.20
C TYR O 531 39.29 112.09 -13.50
N ASN O 532 39.19 110.76 -13.45
CA ASN O 532 39.48 109.94 -14.63
C ASN O 532 38.71 108.64 -14.53
N LEU O 533 38.45 108.03 -15.69
CA LEU O 533 37.74 106.77 -15.78
C LEU O 533 38.38 105.92 -16.87
N LEU O 534 38.72 104.68 -16.53
CA LEU O 534 39.36 103.76 -17.46
C LEU O 534 38.43 102.59 -17.77
N PHE O 535 38.40 102.19 -19.04
CA PHE O 535 37.58 101.08 -19.49
C PHE O 535 38.43 100.12 -20.31
N LEU O 536 37.81 99.04 -20.78
CA LEU O 536 38.49 98.01 -21.55
C LEU O 536 37.66 97.70 -22.79
N PHE O 537 38.21 97.99 -23.96
CA PHE O 537 37.57 97.71 -25.24
C PHE O 537 38.39 96.65 -25.97
N SER O 538 38.19 95.40 -25.58
CA SER O 538 38.92 94.29 -26.17
C SER O 538 38.11 93.70 -27.33
N ILE O 539 38.41 92.46 -27.72
CA ILE O 539 37.68 91.84 -28.81
C ILE O 539 36.30 91.38 -28.39
N GLY O 540 36.08 91.20 -27.09
CA GLY O 540 34.78 90.78 -26.59
C GLY O 540 33.75 91.88 -26.47
N ILE O 541 34.15 93.14 -26.67
CA ILE O 541 33.24 94.27 -26.57
C ILE O 541 32.68 94.50 -27.97
N ASP O 542 31.45 94.05 -28.19
CA ASP O 542 30.79 94.18 -29.48
C ASP O 542 30.13 95.57 -29.60
N LYS O 543 29.26 95.74 -30.59
CA LYS O 543 28.59 97.01 -30.78
C LYS O 543 27.52 97.27 -29.73
N THR O 544 27.04 96.22 -29.05
CA THR O 544 26.05 96.41 -28.00
C THR O 544 26.67 96.92 -26.72
N LYS O 545 27.79 96.32 -26.30
CA LYS O 545 28.46 96.75 -25.08
C LYS O 545 29.09 98.12 -25.21
N ALA O 546 29.46 98.54 -26.42
CA ALA O 546 30.06 99.85 -26.62
C ALA O 546 29.01 100.96 -26.55
N LEU O 547 27.86 100.75 -27.18
CA LEU O 547 26.80 101.76 -27.16
C LEU O 547 26.09 101.84 -25.82
N SER O 548 26.18 100.79 -24.99
CA SER O 548 25.54 100.81 -23.69
C SER O 548 26.25 101.73 -22.70
N LEU O 549 27.50 102.07 -22.96
CA LEU O 549 28.23 102.97 -22.06
C LEU O 549 27.84 104.42 -22.29
N LEU O 550 27.60 104.81 -23.54
CA LEU O 550 27.21 106.19 -23.83
C LEU O 550 25.83 106.52 -23.30
N ARG O 551 24.90 105.54 -23.32
CA ARG O 551 23.56 105.78 -22.83
C ARG O 551 23.56 106.03 -21.32
N ALA O 552 24.45 105.35 -20.60
CA ALA O 552 24.53 105.55 -19.15
C ALA O 552 25.17 106.89 -18.81
N LEU O 553 26.03 107.41 -19.69
CA LEU O 553 26.66 108.71 -19.44
C LEU O 553 25.68 109.85 -19.68
N THR O 554 24.80 109.71 -20.68
CA THR O 554 23.81 110.76 -20.93
C THR O 554 22.75 110.80 -19.84
N ASP O 555 22.46 109.66 -19.20
CA ASP O 555 21.49 109.63 -18.12
C ASP O 555 22.02 110.28 -16.85
N PHE O 556 23.34 110.33 -16.68
CA PHE O 556 23.90 110.97 -15.50
C PHE O 556 23.78 112.49 -15.56
N LYS O 557 23.83 113.06 -16.76
CA LYS O 557 23.67 114.50 -16.90
C LYS O 557 22.22 114.93 -16.66
N ARG O 558 21.27 114.12 -17.11
CA ARG O 558 19.86 114.44 -16.90
C ARG O 558 19.48 114.34 -15.43
N ALA O 559 20.00 113.32 -14.74
CA ALA O 559 19.70 113.16 -13.32
C ALA O 559 20.40 114.18 -12.44
N PHE O 560 21.47 114.80 -12.94
CA PHE O 560 22.20 115.80 -12.17
C PHE O 560 21.71 117.21 -12.44
N ASP O 561 21.28 117.50 -13.66
CA ASP O 561 20.79 118.84 -13.98
C ASP O 561 19.42 119.09 -13.33
N LEU O 562 18.59 118.07 -13.21
CA LEU O 562 17.29 118.20 -12.58
C LEU O 562 17.35 118.17 -11.06
N ASN O 563 18.53 117.95 -10.48
CA ASN O 563 18.74 117.92 -9.04
C ASN O 563 17.83 116.89 -8.38
N LEU O 564 18.18 115.61 -8.50
CA LEU O 564 17.41 114.54 -7.91
C LEU O 564 17.98 114.15 -6.55
N ARG O 565 17.31 113.20 -5.91
CA ARG O 565 17.73 112.72 -4.59
C ARG O 565 18.66 111.53 -4.72
N VAL O 566 19.34 111.22 -3.61
CA VAL O 566 20.26 110.09 -3.60
C VAL O 566 19.50 108.77 -3.58
N LYS O 567 18.40 108.71 -2.83
CA LYS O 567 17.62 107.48 -2.75
C LYS O 567 16.97 107.15 -4.09
N ASN O 568 16.56 108.18 -4.84
CA ASN O 568 15.95 107.98 -6.15
C ASN O 568 16.97 108.00 -7.28
N MET O 569 18.19 107.55 -7.03
CA MET O 569 19.23 107.54 -8.06
C MET O 569 20.29 106.49 -7.75
N LEU O 570 20.74 106.44 -6.51
CA LEU O 570 21.77 105.49 -6.06
C LEU O 570 21.19 104.66 -4.92
N PRO O 571 20.49 103.57 -5.23
CA PRO O 571 19.92 102.73 -4.16
C PRO O 571 20.96 101.94 -3.39
N SER O 572 22.10 101.63 -4.00
CA SER O 572 23.13 100.88 -3.28
C SER O 572 23.82 101.74 -2.23
N LEU O 573 24.03 103.03 -2.53
CA LEU O 573 24.66 103.91 -1.56
C LEU O 573 23.71 104.27 -0.43
N TYR O 574 22.41 104.31 -0.70
CA TYR O 574 21.45 104.65 0.34
C TYR O 574 21.33 103.55 1.38
N ARG O 575 21.53 102.29 0.98
CA ARG O 575 21.42 101.19 1.93
C ARG O 575 22.61 101.11 2.88
N GLU O 576 23.70 101.81 2.56
CA GLU O 576 24.87 101.79 3.44
C GLU O 576 24.62 102.62 4.70
N ASP O 577 23.95 103.77 4.56
CA ASP O 577 23.62 104.63 5.70
C ASP O 577 22.37 105.42 5.36
N PRO O 578 21.19 104.82 5.60
CA PRO O 578 19.94 105.54 5.30
C PRO O 578 19.71 106.77 6.15
N GLU O 579 20.32 106.84 7.34
CA GLU O 579 20.09 107.99 8.21
C GLU O 579 20.85 109.22 7.71
N PHE O 580 22.11 109.04 7.34
CA PHE O 580 22.91 110.18 6.88
C PHE O 580 22.51 110.62 5.48
N TYR O 581 22.20 109.67 4.60
CA TYR O 581 21.80 109.97 3.23
C TYR O 581 20.30 110.13 3.09
N GLU O 582 19.63 110.72 4.08
CA GLU O 582 18.18 110.91 4.02
C GLU O 582 17.83 112.16 3.22
N ASN O 583 18.08 113.33 3.81
CA ASN O 583 17.78 114.61 3.15
C ASN O 583 19.00 115.14 2.40
N MET O 584 19.48 114.37 1.43
CA MET O 584 20.63 114.73 0.63
C MET O 584 20.32 114.50 -0.85
N ARG O 585 20.71 115.46 -1.68
CA ARG O 585 20.48 115.41 -3.12
C ARG O 585 21.80 115.11 -3.84
N ILE O 586 21.70 114.95 -5.16
CA ILE O 586 22.88 114.64 -5.96
C ILE O 586 23.77 115.85 -6.16
N GLN O 587 23.23 117.06 -6.06
CA GLN O 587 24.05 118.26 -6.23
C GLN O 587 24.74 118.67 -4.95
N GLU O 588 24.15 118.35 -3.79
CA GLU O 588 24.78 118.70 -2.52
C GLU O 588 25.99 117.83 -2.24
N LEU O 589 25.92 116.54 -2.61
CA LEU O 589 27.04 115.65 -2.36
C LEU O 589 28.16 115.86 -3.38
N ALA O 590 27.80 116.27 -4.60
CA ALA O 590 28.81 116.46 -5.63
C ALA O 590 29.63 117.72 -5.40
N GLN O 591 29.09 118.69 -4.66
CA GLN O 591 29.79 119.93 -4.39
C GLN O 591 30.58 119.90 -3.09
N ASN O 592 30.10 119.15 -2.10
CA ASN O 592 30.81 119.10 -0.81
C ASN O 592 32.11 118.31 -0.93
N ILE O 593 32.14 117.28 -1.77
CA ILE O 593 33.36 116.48 -1.94
C ILE O 593 34.40 117.28 -2.72
N HIS O 594 33.95 118.07 -3.70
CA HIS O 594 34.89 118.86 -4.51
C HIS O 594 35.59 119.93 -3.68
N LYS O 595 34.91 120.46 -2.67
CA LYS O 595 35.53 121.47 -1.81
C LYS O 595 36.59 120.86 -0.90
N LEU O 596 36.43 119.58 -0.55
CA LEU O 596 37.42 118.92 0.30
C LEU O 596 38.71 118.65 -0.47
N ILE O 597 38.62 118.44 -1.78
CA ILE O 597 39.81 118.20 -2.57
C ILE O 597 40.66 119.47 -2.69
N VAL O 598 40.00 120.61 -2.85
CA VAL O 598 40.73 121.88 -2.95
C VAL O 598 41.30 122.26 -1.58
N HIS O 599 40.55 121.99 -0.51
CA HIS O 599 41.01 122.34 0.82
C HIS O 599 42.23 121.51 1.23
N HIS O 600 42.14 120.18 1.07
CA HIS O 600 43.26 119.31 1.41
C HIS O 600 44.35 119.32 0.35
N ASN O 601 44.09 119.90 -0.82
CA ASN O 601 45.07 120.00 -1.90
C ASN O 601 45.58 118.62 -2.31
N LEU O 602 44.81 117.93 -3.16
CA LEU O 602 45.13 116.57 -3.59
C LEU O 602 46.16 116.54 -4.73
N PRO O 603 45.99 117.32 -5.80
CA PRO O 603 46.96 117.22 -6.91
C PRO O 603 48.39 117.58 -6.52
N ASP O 604 48.58 118.45 -5.53
CA ASP O 604 49.93 118.82 -5.14
C ASP O 604 50.56 117.78 -4.22
N LEU O 605 49.78 117.23 -3.29
CA LEU O 605 50.31 116.22 -2.38
C LEU O 605 50.48 114.86 -3.06
N MET O 606 49.86 114.66 -4.22
CA MET O 606 50.00 113.41 -4.95
C MET O 606 51.12 113.45 -5.98
N TYR O 607 51.34 114.61 -6.61
CA TYR O 607 52.40 114.73 -7.60
C TYR O 607 53.79 114.70 -6.94
N ARG O 608 53.91 115.29 -5.76
CA ARG O 608 55.19 115.31 -5.06
C ARG O 608 55.43 114.07 -4.21
N ALA O 609 54.47 113.16 -4.13
CA ALA O 609 54.64 111.95 -3.35
C ALA O 609 55.27 110.82 -4.14
N PHE O 610 55.61 111.04 -5.41
CA PHE O 610 56.23 110.02 -6.25
C PHE O 610 57.48 110.49 -6.98
N GLU O 611 57.76 111.79 -7.01
CA GLU O 611 58.95 112.27 -7.70
C GLU O 611 60.23 111.90 -6.95
N VAL O 612 60.14 111.74 -5.62
CA VAL O 612 61.28 111.37 -4.81
C VAL O 612 61.12 109.93 -4.36
N LEU O 613 62.25 109.28 -4.07
CA LEU O 613 62.27 107.90 -3.62
C LEU O 613 62.78 107.83 -2.19
N PRO O 614 62.12 107.10 -1.30
CA PRO O 614 62.61 106.98 0.08
C PRO O 614 63.96 106.28 0.15
N THR O 615 64.64 106.49 1.25
CA THR O 615 65.97 105.90 1.46
C THR O 615 65.83 104.40 1.66
N MET O 616 66.25 103.62 0.66
CA MET O 616 66.20 102.17 0.73
C MET O 616 67.35 101.68 1.58
N VAL O 617 67.05 101.21 2.79
CA VAL O 617 68.10 100.74 3.69
C VAL O 617 68.61 99.37 3.24
N MET O 618 67.73 98.38 3.21
CA MET O 618 68.09 97.01 2.83
C MET O 618 67.27 96.59 1.62
N THR O 619 67.65 95.44 1.06
CA THR O 619 66.95 94.90 -0.09
C THR O 619 65.59 94.35 0.33
N PRO O 620 64.62 94.33 -0.59
CA PRO O 620 63.30 93.76 -0.26
C PRO O 620 63.36 92.29 0.13
N TYR O 621 64.38 91.55 -0.31
CA TYR O 621 64.49 90.15 0.08
C TYR O 621 64.84 89.99 1.56
N ALA O 622 65.62 90.92 2.11
CA ALA O 622 65.98 90.87 3.52
C ALA O 622 64.82 91.25 4.44
N ALA O 623 63.84 92.00 3.93
CA ALA O 623 62.70 92.39 4.76
C ALA O 623 61.77 91.21 4.99
N PHE O 624 61.75 90.23 4.08
CA PHE O 624 60.89 89.07 4.27
C PHE O 624 61.47 88.10 5.29
N GLN O 625 62.80 88.14 5.50
CA GLN O 625 63.42 87.25 6.46
C GLN O 625 63.09 87.65 7.89
N LYS O 626 62.97 88.95 8.15
CA LYS O 626 62.66 89.42 9.50
C LYS O 626 61.20 89.19 9.88
N GLU O 627 60.33 88.97 8.89
CA GLU O 627 58.92 88.73 9.20
C GLU O 627 58.68 87.30 9.67
N LEU O 628 59.43 86.34 9.13
CA LEU O 628 59.25 84.95 9.54
C LEU O 628 59.80 84.69 10.92
N HIS O 629 60.81 85.45 11.35
CA HIS O 629 61.40 85.28 12.67
C HIS O 629 60.59 85.93 13.78
N GLY O 630 59.61 86.76 13.45
CA GLY O 630 58.80 87.42 14.45
C GLY O 630 59.34 88.73 14.95
N MET O 631 59.95 89.54 14.07
CA MET O 631 60.50 90.84 14.44
C MET O 631 59.70 91.98 13.82
N THR O 632 58.37 91.85 13.81
CA THR O 632 57.49 92.86 13.25
C THR O 632 56.58 93.40 14.34
N GLU O 633 56.29 94.71 14.25
CA GLU O 633 55.43 95.38 15.20
C GLU O 633 54.48 96.30 14.45
N GLU O 634 53.39 96.67 15.11
CA GLU O 634 52.37 97.54 14.54
C GLU O 634 52.44 98.90 15.25
N VAL O 635 52.71 99.94 14.48
CA VAL O 635 52.80 101.31 15.00
C VAL O 635 51.75 102.16 14.29
N TYR O 636 51.55 103.36 14.82
CA TYR O 636 50.58 104.28 14.26
C TYR O 636 51.14 104.95 13.00
N LEU O 637 50.26 105.65 12.28
CA LEU O 637 50.67 106.32 11.06
C LEU O 637 51.49 107.57 11.36
N ASP O 638 51.19 108.27 12.45
CA ASP O 638 51.91 109.48 12.82
C ASP O 638 53.21 109.18 13.56
N GLU O 639 53.51 107.92 13.84
CA GLU O 639 54.72 107.52 14.55
C GLU O 639 55.47 106.49 13.71
N MET O 640 56.04 106.96 12.59
CA MET O 640 56.79 106.05 11.71
C MET O 640 57.93 106.74 10.99
N VAL O 641 58.33 107.95 11.38
CA VAL O 641 59.42 108.65 10.71
C VAL O 641 60.74 108.02 11.13
N GLY O 642 61.43 107.41 10.18
CA GLY O 642 62.70 106.76 10.45
C GLY O 642 62.63 105.27 10.69
N ARG O 643 61.57 104.60 10.24
CA ARG O 643 61.40 103.17 10.42
C ARG O 643 61.35 102.48 9.06
N ILE O 644 61.54 101.16 9.08
CA ILE O 644 61.53 100.34 7.88
C ILE O 644 60.20 99.61 7.82
N ASN O 645 59.47 99.81 6.73
CA ASN O 645 58.18 99.16 6.55
C ASN O 645 58.36 97.69 6.16
N ALA O 646 57.28 96.93 6.27
CA ALA O 646 57.28 95.51 5.93
C ALA O 646 56.40 95.17 4.74
N ASN O 647 55.33 95.91 4.50
CA ASN O 647 54.43 95.66 3.38
C ASN O 647 54.51 96.81 2.39
N MET O 648 53.93 96.60 1.22
CA MET O 648 53.92 97.59 0.15
C MET O 648 52.65 98.43 0.24
N ILE O 649 52.80 99.75 0.20
CA ILE O 649 51.68 100.67 0.28
C ILE O 649 51.09 100.85 -1.11
N LEU O 650 49.78 100.59 -1.24
CA LEU O 650 49.07 100.71 -2.50
C LEU O 650 47.79 101.51 -2.25
N PRO O 651 47.88 102.84 -2.25
CA PRO O 651 46.71 103.67 -1.94
C PRO O 651 45.76 103.77 -3.12
N TYR O 652 44.46 103.72 -2.82
CA TYR O 652 43.41 103.89 -3.81
C TYR O 652 42.61 105.13 -3.48
N PRO O 653 42.69 106.21 -4.28
CA PRO O 653 43.50 106.38 -5.48
C PRO O 653 44.96 106.70 -5.16
N PRO O 654 45.88 106.53 -6.13
CA PRO O 654 45.66 106.00 -7.48
C PRO O 654 45.67 104.48 -7.54
N GLY O 655 46.68 103.91 -8.20
CA GLY O 655 46.80 102.47 -8.29
C GLY O 655 48.23 102.01 -8.49
N VAL O 656 49.18 102.78 -7.96
CA VAL O 656 50.60 102.47 -8.08
C VAL O 656 51.21 102.35 -6.70
N PRO O 657 52.28 101.57 -6.52
CA PRO O 657 52.90 101.46 -5.20
C PRO O 657 53.51 102.78 -4.76
N LEU O 658 53.54 102.98 -3.43
CA LEU O 658 54.08 104.20 -2.85
C LEU O 658 55.43 103.96 -2.17
N VAL O 659 55.46 103.11 -1.14
CA VAL O 659 56.67 102.79 -0.41
C VAL O 659 56.93 101.29 -0.55
N MET O 660 58.11 100.94 -1.03
CA MET O 660 58.46 99.54 -1.22
C MET O 660 58.84 98.89 0.11
N PRO O 661 58.53 97.60 0.29
CA PRO O 661 58.90 96.92 1.54
C PRO O 661 60.41 96.86 1.75
N GLY O 662 60.90 97.64 2.70
CA GLY O 662 62.33 97.67 2.99
C GLY O 662 62.93 99.05 2.91
N GLU O 663 62.08 100.06 2.74
CA GLU O 663 62.51 101.45 2.64
C GLU O 663 62.24 102.19 3.94
N MET O 664 62.90 103.34 4.09
CA MET O 664 62.78 104.18 5.27
C MET O 664 62.36 105.58 4.86
N ILE O 665 61.41 106.14 5.59
CA ILE O 665 60.92 107.49 5.33
C ILE O 665 61.67 108.44 6.26
N THR O 666 62.58 109.23 5.69
CA THR O 666 63.41 110.18 6.42
C THR O 666 62.89 111.59 6.15
N GLU O 667 63.78 112.58 6.24
CA GLU O 667 63.39 113.97 5.99
C GLU O 667 63.31 114.31 4.51
N GLU O 668 63.90 113.47 3.64
CA GLU O 668 63.85 113.75 2.21
C GLU O 668 62.48 113.40 1.63
N SER O 669 61.90 112.29 2.06
CA SER O 669 60.59 111.85 1.56
C SER O 669 59.46 112.33 2.47
N ARG O 670 59.43 113.63 2.73
CA ARG O 670 58.38 114.23 3.55
C ARG O 670 57.03 114.28 2.82
N PRO O 671 56.98 114.71 1.56
CA PRO O 671 55.68 114.67 0.86
C PRO O 671 55.12 113.27 0.66
N VAL O 672 55.96 112.24 0.75
CA VAL O 672 55.48 110.88 0.59
C VAL O 672 54.61 110.48 1.78
N LEU O 673 55.03 110.85 2.99
CA LEU O 673 54.24 110.53 4.18
C LEU O 673 52.99 111.39 4.27
N GLU O 674 53.05 112.61 3.73
CA GLU O 674 51.89 113.51 3.79
C GLU O 674 50.74 113.02 2.93
N PHE O 675 51.00 112.19 1.92
CA PHE O 675 49.92 111.67 1.08
C PHE O 675 49.07 110.66 1.83
N LEU O 676 49.66 109.95 2.80
CA LEU O 676 48.90 108.96 3.56
C LEU O 676 48.00 109.63 4.60
N GLN O 677 48.48 110.71 5.22
CA GLN O 677 47.68 111.40 6.23
C GLN O 677 46.56 112.23 5.60
N MET O 678 46.69 112.62 4.34
CA MET O 678 45.65 113.42 3.70
C MET O 678 44.44 112.56 3.36
N LEU O 679 44.66 111.31 2.96
CA LEU O 679 43.54 110.44 2.63
C LEU O 679 42.76 109.98 3.85
N CYS O 680 43.39 110.00 5.03
CA CYS O 680 42.70 109.58 6.25
C CYS O 680 41.68 110.62 6.71
N GLU O 681 41.83 111.87 6.29
CA GLU O 681 40.89 112.92 6.68
C GLU O 681 39.78 113.12 5.66
N ILE O 682 40.11 113.07 4.36
CA ILE O 682 39.10 113.24 3.33
C ILE O 682 38.21 112.01 3.20
N GLY O 683 38.69 110.83 3.60
CA GLY O 683 37.91 109.62 3.52
C GLY O 683 37.37 109.16 4.85
N ALA O 684 36.71 110.08 5.58
CA ALA O 684 36.14 109.74 6.88
C ALA O 684 34.91 110.58 7.22
N HIS O 685 34.34 111.30 6.25
CA HIS O 685 33.17 112.12 6.50
C HIS O 685 31.96 111.71 5.67
N TYR O 686 32.10 110.73 4.78
CA TYR O 686 31.00 110.27 3.94
C TYR O 686 31.12 108.77 3.75
N PRO O 687 30.11 107.99 4.11
CA PRO O 687 30.18 106.54 3.92
C PRO O 687 30.27 106.17 2.46
N GLY O 688 30.93 105.05 2.19
CA GLY O 688 31.13 104.56 0.84
C GLY O 688 32.42 105.03 0.18
N PHE O 689 32.91 106.22 0.55
CA PHE O 689 34.14 106.74 -0.02
C PHE O 689 35.26 106.72 1.02
N GLU O 690 35.40 105.59 1.72
CA GLU O 690 36.43 105.46 2.74
C GLU O 690 37.81 105.34 2.10
N THR O 691 38.84 105.50 2.93
CA THR O 691 40.22 105.40 2.47
C THR O 691 40.58 103.94 2.25
N ASP O 692 41.08 103.63 1.04
CA ASP O 692 41.46 102.27 0.66
C ASP O 692 42.96 102.25 0.40
N ILE O 693 43.73 101.79 1.37
CA ILE O 693 45.18 101.67 1.25
C ILE O 693 45.57 100.25 1.67
N HIS O 694 46.15 99.50 0.74
CA HIS O 694 46.58 98.13 1.01
C HIS O 694 47.82 98.17 1.89
N GLY O 695 47.63 97.87 3.18
CA GLY O 695 48.74 97.88 4.12
C GLY O 695 48.37 98.51 5.45
N ALA O 696 47.48 99.49 5.41
CA ALA O 696 47.03 100.18 6.62
C ALA O 696 45.77 99.50 7.16
N TYR O 697 45.82 99.13 8.44
CA TYR O 697 44.70 98.45 9.08
C TYR O 697 43.87 99.47 9.86
N ARG O 698 42.54 99.34 9.76
CA ARG O 698 41.63 100.25 10.44
C ARG O 698 41.37 99.78 11.86
N GLN O 699 41.49 100.69 12.82
CA GLN O 699 41.27 100.36 14.22
C GLN O 699 39.85 100.75 14.64
N ALA O 700 39.68 101.06 15.93
CA ALA O 700 38.37 101.44 16.45
C ALA O 700 38.26 102.94 16.76
N ASP O 701 39.26 103.73 16.37
CA ASP O 701 39.23 105.17 16.61
C ASP O 701 39.32 106.00 15.34
N GLY O 702 39.86 105.44 14.25
CA GLY O 702 39.98 106.13 12.98
C GLY O 702 41.40 106.21 12.46
N ARG O 703 42.38 106.16 13.35
CA ARG O 703 43.78 106.22 12.95
C ARG O 703 44.25 104.88 12.42
N TYR O 704 44.80 104.87 11.21
CA TYR O 704 45.29 103.66 10.58
C TYR O 704 46.66 103.29 11.14
N THR O 705 46.91 102.00 11.25
CA THR O 705 48.18 101.47 11.76
C THR O 705 48.86 100.63 10.69
N VAL O 706 50.18 100.74 10.62
CA VAL O 706 50.99 99.99 9.66
C VAL O 706 51.90 99.05 10.42
N LYS O 707 52.43 98.07 9.69
CA LYS O 707 53.32 97.06 10.25
C LYS O 707 54.75 97.36 9.82
N VAL O 708 55.62 97.61 10.80
CA VAL O 708 57.03 97.90 10.53
C VAL O 708 57.90 96.85 11.18
N LEU O 709 59.21 97.03 11.10
CA LEU O 709 60.17 96.10 11.68
C LEU O 709 60.68 96.64 13.02
N LYS O 710 61.09 95.71 13.88
CA LYS O 710 61.59 96.08 15.20
C LYS O 710 63.00 96.66 15.09
N GLU O 711 63.29 97.61 15.96
CA GLU O 711 64.59 98.27 15.97
C GLU O 711 65.64 97.40 16.67
N MET P 1 -34.55 54.78 -33.89
CA MET P 1 -34.59 53.36 -34.20
C MET P 1 -33.33 52.94 -34.97
N ASN P 2 -32.27 52.63 -34.21
CA ASN P 2 -31.00 52.23 -34.81
C ASN P 2 -30.12 51.48 -33.81
N VAL P 3 -30.73 50.59 -33.02
CA VAL P 3 -30.03 49.81 -32.01
C VAL P 3 -30.00 48.36 -32.47
N ILE P 4 -28.80 47.80 -32.60
CA ILE P 4 -28.61 46.41 -32.99
C ILE P 4 -27.98 45.66 -31.83
N ALA P 5 -28.61 44.57 -31.41
CA ALA P 5 -28.15 43.77 -30.28
C ALA P 5 -27.46 42.51 -30.78
N ILE P 6 -26.30 42.20 -30.18
CA ILE P 6 -25.53 41.01 -30.50
C ILE P 6 -25.33 40.25 -29.19
N LEU P 7 -26.15 39.22 -28.98
CA LEU P 7 -26.17 38.49 -27.73
C LEU P 7 -25.23 37.29 -27.78
N ASN P 8 -24.64 36.98 -26.61
CA ASN P 8 -23.83 35.79 -26.39
C ASN P 8 -22.51 35.81 -27.16
N HIS P 9 -21.57 34.96 -26.73
CA HIS P 9 -20.26 34.83 -27.37
C HIS P 9 -19.92 33.35 -27.40
N MET P 10 -19.79 32.79 -28.61
CA MET P 10 -19.52 31.37 -28.75
C MET P 10 -18.08 31.01 -28.39
N GLY P 11 -17.20 32.00 -28.26
CA GLY P 11 -15.82 31.76 -27.91
C GLY P 11 -14.93 31.39 -29.09
N VAL P 12 -15.50 30.91 -30.17
CA VAL P 12 -14.75 30.53 -31.36
C VAL P 12 -14.38 31.78 -32.15
N TYR P 13 -13.66 31.60 -33.25
CA TYR P 13 -13.22 32.72 -34.07
C TYR P 13 -13.97 32.84 -35.39
N PHE P 14 -14.46 31.73 -35.94
CA PHE P 14 -15.20 31.79 -37.19
C PHE P 14 -16.60 32.37 -37.02
N LYS P 15 -17.06 32.59 -35.79
CA LYS P 15 -18.33 33.23 -35.53
C LYS P 15 -18.20 34.66 -35.01
N GLU P 16 -17.12 34.98 -34.32
CA GLU P 16 -16.90 36.33 -33.80
C GLU P 16 -16.27 37.27 -34.82
N GLU P 17 -15.56 36.73 -35.81
CA GLU P 17 -14.95 37.55 -36.86
C GLU P 17 -16.02 38.18 -37.75
N PRO P 18 -17.05 37.46 -38.19
CA PRO P 18 -18.13 38.15 -38.92
C PRO P 18 -18.85 39.20 -38.08
N ILE P 19 -18.85 39.05 -36.76
CA ILE P 19 -19.44 40.07 -35.90
C ILE P 19 -18.59 41.33 -35.90
N ARG P 20 -17.27 41.17 -35.87
CA ARG P 20 -16.38 42.34 -35.91
C ARG P 20 -16.43 43.04 -37.26
N GLU P 21 -16.57 42.29 -38.35
CA GLU P 21 -16.68 42.90 -39.66
C GLU P 21 -18.02 43.62 -39.83
N LEU P 22 -19.08 43.05 -39.27
CA LEU P 22 -20.38 43.71 -39.30
C LEU P 22 -20.46 44.91 -38.37
N HIS P 23 -19.60 44.94 -37.34
CA HIS P 23 -19.60 46.07 -36.41
C HIS P 23 -19.16 47.35 -37.12
N ARG P 24 -18.21 47.23 -38.06
CA ARG P 24 -17.72 48.40 -38.80
C ARG P 24 -18.59 48.74 -40.00
N ALA P 25 -19.50 47.86 -40.41
CA ALA P 25 -20.36 48.12 -41.55
C ALA P 25 -21.69 48.76 -41.15
N LEU P 26 -22.23 48.39 -39.99
CA LEU P 26 -23.50 48.96 -39.55
C LEU P 26 -23.34 50.40 -39.07
N GLU P 27 -22.15 50.78 -38.61
CA GLU P 27 -21.93 52.14 -38.15
C GLU P 27 -21.87 53.14 -39.29
N ARG P 28 -21.65 52.68 -40.52
CA ARG P 28 -21.61 53.58 -41.67
C ARG P 28 -22.99 54.08 -42.06
N LEU P 29 -24.06 53.39 -41.64
CA LEU P 29 -25.42 53.78 -41.94
C LEU P 29 -26.17 54.25 -40.68
N ASN P 30 -25.44 54.78 -39.71
CA ASN P 30 -26.00 55.29 -38.46
C ASN P 30 -26.78 54.21 -37.71
N PHE P 31 -26.06 53.35 -37.00
CA PHE P 31 -26.68 52.30 -36.18
C PHE P 31 -25.85 52.09 -34.93
N GLN P 32 -26.52 52.08 -33.78
CA GLN P 32 -25.86 51.86 -32.50
C GLN P 32 -25.74 50.37 -32.25
N ILE P 33 -24.57 49.94 -31.78
CA ILE P 33 -24.28 48.54 -31.51
C ILE P 33 -24.17 48.35 -29.99
N VAL P 34 -24.92 47.39 -29.47
CA VAL P 34 -24.89 47.07 -28.05
C VAL P 34 -24.53 45.60 -27.87
N TYR P 35 -23.83 45.30 -26.78
CA TYR P 35 -23.36 43.95 -26.46
C TYR P 35 -23.99 43.50 -25.15
N PRO P 36 -25.15 42.86 -25.19
CA PRO P 36 -25.75 42.35 -23.95
C PRO P 36 -24.97 41.16 -23.39
N ASN P 37 -25.29 40.83 -22.15
CA ASN P 37 -24.58 39.76 -21.45
C ASN P 37 -25.32 38.43 -21.58
N ASP P 38 -26.08 38.06 -20.56
CA ASP P 38 -26.78 36.78 -20.50
C ASP P 38 -28.19 36.92 -21.09
N ARG P 39 -29.05 35.95 -20.82
CA ARG P 39 -30.41 35.99 -21.37
C ARG P 39 -31.23 37.09 -20.72
N ASP P 40 -31.03 37.34 -19.42
CA ASP P 40 -31.77 38.39 -18.73
C ASP P 40 -31.34 39.78 -19.18
N ASP P 41 -30.18 39.91 -19.82
CA ASP P 41 -29.72 41.20 -20.30
C ASP P 41 -30.49 41.64 -21.53
N LEU P 42 -30.76 40.71 -22.46
CA LEU P 42 -31.50 41.05 -23.66
C LEU P 42 -32.96 41.40 -23.36
N LEU P 43 -33.53 40.78 -22.32
CA LEU P 43 -34.92 41.06 -21.97
C LEU P 43 -35.10 42.49 -21.46
N LYS P 44 -34.07 43.06 -20.85
CA LYS P 44 -34.14 44.43 -20.37
C LYS P 44 -33.92 45.47 -21.45
N LEU P 45 -33.44 45.06 -22.63
CA LEU P 45 -33.21 45.97 -23.74
C LEU P 45 -34.43 46.13 -24.63
N ILE P 46 -35.55 45.51 -24.29
CA ILE P 46 -36.77 45.59 -25.07
C ILE P 46 -37.86 46.36 -24.32
N GLU P 47 -38.09 46.03 -23.04
CA GLU P 47 -39.11 46.72 -22.26
C GLU P 47 -38.68 48.15 -21.97
N ASN P 48 -37.41 48.37 -21.65
CA ASN P 48 -36.93 49.71 -21.35
C ASN P 48 -36.57 50.47 -22.63
N ASN P 49 -35.69 49.90 -23.44
CA ASN P 49 -35.28 50.54 -24.69
C ASN P 49 -36.27 50.19 -25.79
N ALA P 50 -36.86 51.21 -26.39
CA ALA P 50 -37.85 51.03 -27.46
C ALA P 50 -37.29 51.28 -28.85
N ARG P 51 -36.07 51.82 -28.95
CA ARG P 51 -35.45 52.11 -30.24
C ARG P 51 -34.61 50.95 -30.77
N LEU P 52 -34.94 49.72 -30.39
CA LEU P 52 -34.20 48.54 -30.83
C LEU P 52 -34.98 47.82 -31.91
N CYS P 53 -34.27 47.31 -32.91
CA CYS P 53 -34.89 46.60 -34.01
C CYS P 53 -34.08 45.40 -34.50
N GLY P 54 -32.87 45.18 -33.98
CA GLY P 54 -32.05 44.07 -34.41
C GLY P 54 -31.52 43.23 -33.27
N VAL P 55 -31.78 41.93 -33.31
CA VAL P 55 -31.33 41.00 -32.29
C VAL P 55 -30.52 39.91 -32.98
N ILE P 56 -29.22 39.87 -32.69
CA ILE P 56 -28.31 38.88 -33.27
C ILE P 56 -27.91 37.90 -32.18
N PHE P 57 -28.20 36.62 -32.40
CA PHE P 57 -27.85 35.59 -31.43
C PHE P 57 -27.67 34.27 -32.18
N ASP P 58 -27.00 33.33 -31.52
CA ASP P 58 -26.76 32.02 -32.10
C ASP P 58 -28.04 31.18 -32.04
N TRP P 59 -28.41 30.59 -33.18
CA TRP P 59 -29.62 29.78 -33.22
C TRP P 59 -29.44 28.45 -32.50
N ASP P 60 -28.23 27.91 -32.51
CA ASP P 60 -27.95 26.63 -31.86
C ASP P 60 -27.40 26.84 -30.44
N LYS P 61 -28.08 27.69 -29.66
CA LYS P 61 -27.67 27.97 -28.29
C LYS P 61 -28.88 28.28 -27.43
N TYR P 62 -29.77 29.15 -27.93
CA TYR P 62 -31.00 29.52 -27.24
C TYR P 62 -32.12 29.61 -28.28
N ASN P 63 -32.60 28.44 -28.74
CA ASN P 63 -33.66 28.36 -29.72
C ASN P 63 -35.05 28.34 -29.10
N LEU P 64 -35.15 28.18 -27.78
CA LEU P 64 -36.43 28.16 -27.10
C LEU P 64 -36.54 29.12 -25.93
N GLU P 65 -35.42 29.69 -25.47
CA GLU P 65 -35.47 30.63 -24.36
C GLU P 65 -35.55 32.07 -24.83
N LEU P 66 -35.41 32.31 -26.14
CA LEU P 66 -35.49 33.64 -26.72
C LEU P 66 -36.65 33.80 -27.70
N CYS P 67 -37.03 32.72 -28.38
CA CYS P 67 -38.14 32.80 -29.33
C CYS P 67 -39.49 32.78 -28.65
N GLU P 68 -39.53 32.64 -27.32
CA GLU P 68 -40.76 32.63 -26.56
C GLU P 68 -40.98 33.91 -25.76
N GLU P 69 -39.93 34.45 -25.14
CA GLU P 69 -40.08 35.67 -24.36
C GLU P 69 -40.19 36.90 -25.26
N ILE P 70 -39.45 36.93 -26.37
CA ILE P 70 -39.53 38.06 -27.29
C ILE P 70 -40.88 38.10 -27.98
N SER P 71 -41.44 36.93 -28.28
CA SER P 71 -42.76 36.88 -28.93
C SER P 71 -43.86 37.40 -28.02
N LYS P 72 -43.66 37.36 -26.71
CA LYS P 72 -44.63 37.87 -25.75
C LYS P 72 -44.55 39.39 -25.58
N MET P 73 -43.59 40.05 -26.22
CA MET P 73 -43.44 41.50 -26.13
C MET P 73 -43.62 42.22 -27.45
N ASN P 74 -43.18 41.61 -28.56
CA ASN P 74 -43.33 42.22 -29.88
C ASN P 74 -43.47 41.12 -30.92
N GLU P 75 -44.37 41.33 -31.88
CA GLU P 75 -44.63 40.34 -32.91
C GLU P 75 -43.79 40.53 -34.16
N ASN P 76 -43.70 41.76 -34.67
CA ASN P 76 -42.98 42.05 -35.90
C ASN P 76 -41.53 42.45 -35.66
N LEU P 77 -41.00 42.16 -34.48
CA LEU P 77 -39.61 42.51 -34.17
C LEU P 77 -38.66 41.63 -34.97
N PRO P 78 -37.79 42.19 -35.81
CA PRO P 78 -36.86 41.36 -36.58
C PRO P 78 -35.88 40.63 -35.68
N LEU P 79 -35.59 39.38 -36.03
CA LEU P 79 -34.65 38.54 -35.30
C LEU P 79 -33.56 38.10 -36.26
N TYR P 80 -32.36 38.69 -36.11
CA TYR P 80 -31.23 38.36 -36.98
C TYR P 80 -30.43 37.19 -36.41
N ALA P 81 -31.12 36.08 -36.23
CA ALA P 81 -30.49 34.88 -35.68
C ALA P 81 -29.61 34.21 -36.72
N PHE P 82 -28.42 33.79 -36.29
CA PHE P 82 -27.46 33.13 -37.17
C PHE P 82 -27.55 31.62 -36.93
N ALA P 83 -27.90 30.88 -37.97
CA ALA P 83 -28.03 29.43 -37.88
C ALA P 83 -26.73 28.74 -38.30
N ASN P 84 -26.71 27.42 -38.12
CA ASN P 84 -25.57 26.60 -38.47
C ASN P 84 -26.01 25.50 -39.44
N THR P 85 -25.16 24.49 -39.61
CA THR P 85 -25.48 23.40 -40.52
C THR P 85 -26.58 22.52 -39.96
N TYR P 86 -26.39 22.00 -38.74
CA TYR P 86 -27.39 21.13 -38.11
C TYR P 86 -28.33 21.98 -37.25
N SER P 87 -29.19 22.72 -37.96
CA SER P 87 -30.17 23.59 -37.33
C SER P 87 -31.56 23.26 -37.85
N THR P 88 -32.55 23.36 -36.97
CA THR P 88 -33.93 23.07 -37.33
C THR P 88 -34.86 23.83 -36.39
N LEU P 89 -36.15 23.81 -36.73
CA LEU P 89 -37.16 24.49 -35.92
C LEU P 89 -37.67 23.55 -34.83
N ASP P 90 -38.58 24.07 -34.01
CA ASP P 90 -39.17 23.31 -32.92
C ASP P 90 -40.68 23.24 -33.09
N VAL P 91 -41.29 22.20 -32.53
CA VAL P 91 -42.74 22.03 -32.64
C VAL P 91 -43.46 23.10 -31.83
N SER P 92 -42.82 23.65 -30.80
CA SER P 92 -43.40 24.69 -29.97
C SER P 92 -43.15 26.10 -30.53
N LEU P 93 -42.79 26.21 -31.80
CA LEU P 93 -42.51 27.49 -32.43
C LEU P 93 -43.41 27.71 -33.65
N ASN P 94 -44.60 27.14 -33.63
CA ASN P 94 -45.55 27.27 -34.75
C ASN P 94 -46.61 28.34 -34.50
N ASP P 95 -47.02 28.55 -33.26
CA ASP P 95 -48.05 29.53 -32.93
C ASP P 95 -47.44 30.77 -32.29
N LEU P 96 -46.35 31.27 -32.87
CA LEU P 96 -45.67 32.46 -32.38
C LEU P 96 -45.36 33.38 -33.54
N ARG P 97 -45.65 34.67 -33.37
CA ARG P 97 -45.42 35.67 -34.40
C ARG P 97 -44.00 36.20 -34.26
N LEU P 98 -43.11 35.78 -35.17
CA LEU P 98 -41.72 36.20 -35.15
C LEU P 98 -41.26 36.50 -36.57
N GLN P 99 -40.13 37.20 -36.67
CA GLN P 99 -39.51 37.55 -37.95
C GLN P 99 -38.04 37.18 -37.85
N ILE P 100 -37.71 35.95 -38.26
CA ILE P 100 -36.35 35.42 -38.17
C ILE P 100 -35.68 35.57 -39.53
N SER P 101 -34.49 36.17 -39.53
CA SER P 101 -33.70 36.36 -40.74
C SER P 101 -32.41 35.56 -40.60
N PHE P 102 -32.27 34.52 -41.40
CA PHE P 102 -31.10 33.65 -41.32
C PHE P 102 -29.94 34.22 -42.13
N PHE P 103 -28.73 33.94 -41.67
CA PHE P 103 -27.52 34.37 -42.35
C PHE P 103 -26.45 33.29 -42.18
N GLU P 104 -25.22 33.61 -42.57
CA GLU P 104 -24.10 32.68 -42.45
C GLU P 104 -22.91 33.41 -41.84
N TYR P 105 -21.78 32.72 -41.79
CA TYR P 105 -20.55 33.28 -41.23
C TYR P 105 -19.49 33.43 -42.31
N ALA P 106 -19.90 33.84 -43.51
CA ALA P 106 -18.99 34.00 -44.63
C ALA P 106 -18.22 35.31 -44.50
N LEU P 107 -16.92 35.25 -44.82
CA LEU P 107 -16.06 36.42 -44.76
C LEU P 107 -16.13 37.21 -46.06
N GLY P 108 -15.94 38.52 -45.95
CA GLY P 108 -16.00 39.40 -47.10
C GLY P 108 -17.38 39.86 -47.51
N ALA P 109 -18.42 39.11 -47.15
CA ALA P 109 -19.80 39.46 -47.49
C ALA P 109 -20.48 40.29 -46.42
N ALA P 110 -19.71 40.97 -45.56
CA ALA P 110 -20.30 41.80 -44.51
C ALA P 110 -20.99 43.03 -45.07
N GLU P 111 -20.60 43.48 -46.27
CA GLU P 111 -21.26 44.64 -46.86
C GLU P 111 -22.65 44.28 -47.35
N ASP P 112 -22.82 43.08 -47.91
CA ASP P 112 -24.14 42.66 -48.39
C ASP P 112 -25.10 42.42 -47.23
N ILE P 113 -24.57 42.04 -46.07
CA ILE P 113 -25.43 41.82 -44.90
C ILE P 113 -25.98 43.15 -44.39
N ALA P 114 -25.17 44.21 -44.43
CA ALA P 114 -25.62 45.52 -43.97
C ALA P 114 -26.74 46.07 -44.84
N ASN P 115 -26.73 45.77 -46.15
CA ASN P 115 -27.80 46.23 -47.02
C ASN P 115 -29.09 45.48 -46.75
N LYS P 116 -29.00 44.22 -46.32
CA LYS P 116 -30.21 43.46 -46.02
C LYS P 116 -30.83 43.91 -44.70
N ILE P 117 -30.01 44.37 -43.75
CA ILE P 117 -30.55 44.85 -42.48
C ILE P 117 -31.22 46.20 -42.66
N LYS P 118 -30.65 47.06 -43.51
CA LYS P 118 -31.23 48.37 -43.74
C LYS P 118 -32.59 48.26 -44.45
N GLN P 119 -32.71 47.33 -45.41
CA GLN P 119 -33.98 47.14 -46.09
C GLN P 119 -35.00 46.50 -45.18
N THR P 120 -34.57 45.56 -44.34
CA THR P 120 -35.48 44.93 -43.38
C THR P 120 -36.00 45.94 -42.36
N THR P 121 -35.13 46.85 -41.92
CA THR P 121 -35.56 47.90 -41.00
C THR P 121 -36.54 48.85 -41.67
N ASP P 122 -36.34 49.14 -42.95
CA ASP P 122 -37.26 50.00 -43.68
C ASP P 122 -38.62 49.32 -43.84
N GLU P 123 -38.62 47.99 -44.01
CA GLU P 123 -39.88 47.27 -44.09
C GLU P 123 -40.59 47.23 -42.74
N TYR P 124 -39.84 47.26 -41.65
CA TYR P 124 -40.44 47.29 -40.33
C TYR P 124 -41.11 48.63 -40.05
N ILE P 125 -40.56 49.72 -40.57
CA ILE P 125 -41.16 51.03 -40.36
C ILE P 125 -42.43 51.18 -41.18
N ASN P 126 -42.42 50.69 -42.42
CA ASN P 126 -43.56 50.80 -43.31
C ASN P 126 -44.69 49.83 -42.97
N THR P 127 -44.50 48.96 -41.99
CA THR P 127 -45.51 47.98 -41.60
C THR P 127 -46.23 48.34 -40.31
N ILE P 128 -45.49 48.70 -39.26
CA ILE P 128 -46.11 49.03 -37.99
C ILE P 128 -46.81 50.39 -38.04
N LEU P 129 -46.51 51.22 -39.02
CA LEU P 129 -47.15 52.52 -39.10
C LEU P 129 -48.38 52.45 -40.01
N PRO P 130 -49.43 53.22 -39.71
CA PRO P 130 -50.62 53.23 -40.55
C PRO P 130 -50.33 53.87 -41.89
N PRO P 131 -51.15 53.60 -42.91
CA PRO P 131 -50.88 54.19 -44.24
C PRO P 131 -51.06 55.71 -44.27
N LEU P 132 -51.82 56.28 -43.34
CA LEU P 132 -51.98 57.74 -43.31
C LEU P 132 -50.72 58.40 -42.78
N THR P 133 -50.14 57.85 -41.70
CA THR P 133 -48.90 58.40 -41.17
C THR P 133 -47.72 58.11 -42.08
N LYS P 134 -47.71 56.93 -42.71
CA LYS P 134 -46.63 56.58 -43.62
C LYS P 134 -46.61 57.49 -44.84
N ALA P 135 -47.79 57.87 -45.35
CA ALA P 135 -47.85 58.77 -46.49
C ALA P 135 -47.45 60.19 -46.11
N LEU P 136 -47.62 60.56 -44.84
CA LEU P 136 -47.24 61.91 -44.41
C LEU P 136 -45.73 62.03 -44.27
N PHE P 137 -45.06 60.98 -43.78
CA PHE P 137 -43.61 61.02 -43.67
C PHE P 137 -42.93 60.96 -45.02
N LYS P 138 -43.49 60.20 -45.96
CA LYS P 138 -42.91 60.13 -47.30
C LYS P 138 -43.12 61.42 -48.08
N TYR P 139 -44.20 62.15 -47.78
CA TYR P 139 -44.46 63.40 -48.48
C TYR P 139 -43.45 64.49 -48.08
N VAL P 140 -42.90 64.39 -46.87
CA VAL P 140 -41.91 65.38 -46.43
C VAL P 140 -40.60 65.19 -47.17
N ARG P 141 -40.10 63.95 -47.21
CA ARG P 141 -38.85 63.68 -47.92
C ARG P 141 -39.04 63.77 -49.43
N GLU P 142 -40.19 63.34 -49.94
CA GLU P 142 -40.51 63.37 -51.36
C GLU P 142 -41.78 64.19 -51.54
N GLY P 143 -41.60 65.47 -51.89
CA GLY P 143 -42.73 66.36 -52.08
C GLY P 143 -42.31 67.78 -52.38
N LYS P 144 -42.46 68.18 -53.65
CA LYS P 144 -42.10 69.53 -54.09
C LYS P 144 -43.30 70.24 -54.71
N TYR P 145 -44.49 70.05 -54.14
CA TYR P 145 -45.69 70.70 -54.65
C TYR P 145 -45.78 72.12 -54.12
N THR P 146 -45.80 73.08 -55.02
CA THR P 146 -45.87 74.50 -54.67
C THR P 146 -47.30 75.02 -54.87
N PHE P 147 -47.49 76.27 -54.45
CA PHE P 147 -48.79 76.95 -54.55
C PHE P 147 -49.88 76.17 -53.84
N CYS P 148 -49.66 75.91 -52.55
CA CYS P 148 -50.60 75.15 -51.73
C CYS P 148 -50.71 75.81 -50.36
N THR P 149 -51.80 75.46 -49.66
CA THR P 149 -52.10 75.95 -48.32
C THR P 149 -51.53 74.99 -47.27
N PRO P 150 -51.12 75.50 -46.09
CA PRO P 150 -51.15 76.91 -45.66
C PRO P 150 -50.08 77.76 -46.33
N GLY P 151 -49.97 79.03 -45.90
CA GLY P 151 -49.05 79.96 -46.52
C GLY P 151 -47.60 79.75 -46.14
N HIS P 152 -47.34 79.06 -45.03
CA HIS P 152 -45.95 78.85 -44.61
C HIS P 152 -45.22 77.89 -45.56
N MET P 153 -45.91 76.85 -46.02
CA MET P 153 -45.38 75.89 -46.98
C MET P 153 -44.07 75.28 -46.48
N GLY P 154 -44.17 74.59 -45.35
CA GLY P 154 -42.99 73.97 -44.76
C GLY P 154 -42.05 74.91 -44.05
N GLY P 155 -42.46 76.17 -43.85
CA GLY P 155 -41.61 77.14 -43.18
C GLY P 155 -40.80 77.99 -44.13
N THR P 156 -41.43 78.43 -45.23
CA THR P 156 -40.73 79.26 -46.19
C THR P 156 -40.75 80.73 -45.78
N ALA P 157 -41.89 81.23 -45.31
CA ALA P 157 -41.98 82.63 -44.90
C ALA P 157 -41.22 82.91 -43.62
N PHE P 158 -40.92 81.88 -42.82
CA PHE P 158 -40.17 82.08 -41.58
C PHE P 158 -38.70 82.40 -41.83
N GLN P 159 -38.17 82.02 -42.99
CA GLN P 159 -36.78 82.28 -43.32
C GLN P 159 -36.54 83.72 -43.78
N LYS P 160 -37.60 84.51 -43.98
CA LYS P 160 -37.46 85.89 -44.41
C LYS P 160 -37.60 86.89 -43.26
N SER P 161 -38.37 86.56 -42.23
CA SER P 161 -38.53 87.48 -41.10
C SER P 161 -37.56 87.14 -39.98
N PRO P 162 -36.96 88.16 -39.36
CA PRO P 162 -36.03 87.88 -38.26
C PRO P 162 -36.68 87.22 -37.06
N VAL P 163 -37.93 87.56 -36.76
CA VAL P 163 -38.62 86.95 -35.63
C VAL P 163 -39.15 85.56 -36.01
N GLY P 164 -39.39 85.32 -37.30
CA GLY P 164 -39.88 84.01 -37.72
C GLY P 164 -38.85 82.91 -37.68
N SER P 165 -37.57 83.26 -37.66
CA SER P 165 -36.52 82.24 -37.62
C SER P 165 -36.44 81.58 -36.24
N LEU P 166 -36.82 82.30 -35.19
CA LEU P 166 -36.78 81.73 -33.85
C LEU P 166 -37.90 80.72 -33.63
N PHE P 167 -39.02 80.89 -34.34
CA PHE P 167 -40.14 79.96 -34.18
C PHE P 167 -39.98 78.73 -35.07
N TYR P 168 -39.24 78.86 -36.18
CA TYR P 168 -39.05 77.72 -37.07
C TYR P 168 -37.94 76.80 -36.58
N ASP P 169 -36.92 77.36 -35.92
CA ASP P 169 -35.81 76.56 -35.40
C ASP P 169 -36.12 75.89 -34.08
N PHE P 170 -37.27 76.18 -33.48
CA PHE P 170 -37.62 75.56 -32.20
C PHE P 170 -38.13 74.14 -32.40
N PHE P 171 -39.13 73.97 -33.27
CA PHE P 171 -39.70 72.65 -33.52
C PHE P 171 -38.75 71.81 -34.37
N GLY P 172 -38.60 72.16 -35.64
CA GLY P 172 -37.72 71.44 -36.53
C GLY P 172 -38.14 71.57 -37.98
N PRO P 173 -37.22 71.27 -38.90
CA PRO P 173 -37.57 71.36 -40.33
C PRO P 173 -38.67 70.38 -40.74
N ASN P 174 -38.69 69.18 -40.16
CA ASN P 174 -39.70 68.19 -40.50
C ASN P 174 -41.05 68.45 -39.86
N THR P 175 -41.13 69.42 -38.95
CA THR P 175 -42.40 69.71 -38.28
C THR P 175 -43.32 70.55 -39.17
N MET P 176 -42.78 71.63 -39.75
CA MET P 176 -43.61 72.51 -40.58
C MET P 176 -43.91 71.88 -41.92
N LYS P 177 -43.04 70.99 -42.41
CA LYS P 177 -43.28 70.35 -43.70
C LYS P 177 -44.42 69.34 -43.64
N SER P 178 -44.72 68.81 -42.46
CA SER P 178 -45.81 67.84 -42.31
C SER P 178 -47.16 68.50 -42.06
N ASP P 179 -47.20 69.83 -41.94
CA ASP P 179 -48.45 70.55 -41.70
C ASP P 179 -49.01 70.97 -43.06
N ILE P 180 -49.73 70.05 -43.70
CA ILE P 180 -50.32 70.29 -45.01
C ILE P 180 -51.84 70.16 -44.89
N SER P 181 -52.54 70.84 -45.80
CA SER P 181 -53.99 70.87 -45.85
C SER P 181 -54.47 69.78 -46.81
N ILE P 182 -55.60 70.02 -47.48
CA ILE P 182 -56.18 69.04 -48.39
C ILE P 182 -55.75 69.36 -49.82
N SER P 183 -54.66 70.10 -49.96
CA SER P 183 -54.13 70.48 -51.27
C SER P 183 -53.19 69.43 -51.84
N VAL P 184 -53.33 68.17 -51.44
CA VAL P 184 -52.49 67.08 -51.90
C VAL P 184 -53.39 65.99 -52.47
N SER P 185 -53.03 65.48 -53.65
CA SER P 185 -53.87 64.50 -54.33
C SER P 185 -53.63 63.08 -53.79
N GLU P 186 -52.37 62.73 -53.53
CA GLU P 186 -52.04 61.38 -53.09
C GLU P 186 -52.29 61.14 -51.60
N LEU P 187 -52.93 62.09 -50.91
CA LEU P 187 -53.33 61.91 -49.51
C LEU P 187 -54.82 62.07 -49.27
N GLY P 188 -55.57 62.56 -50.25
CA GLY P 188 -57.00 62.70 -50.09
C GLY P 188 -57.39 63.83 -49.14
N SER P 189 -58.67 63.85 -48.80
CA SER P 189 -59.23 64.86 -47.92
C SER P 189 -59.99 64.18 -46.79
N LEU P 190 -60.05 64.85 -45.64
CA LEU P 190 -60.74 64.29 -44.48
C LEU P 190 -62.25 64.37 -44.65
N LEU P 191 -62.76 65.46 -45.23
CA LEU P 191 -64.20 65.60 -45.44
C LEU P 191 -64.70 64.69 -46.56
N ASP P 192 -63.84 64.35 -47.52
CA ASP P 192 -64.25 63.49 -48.62
C ASP P 192 -64.33 62.03 -48.21
N HIS P 193 -63.60 61.62 -47.17
CA HIS P 193 -63.61 60.24 -46.68
C HIS P 193 -63.22 59.26 -47.78
N SER P 194 -62.10 59.56 -48.45
CA SER P 194 -61.61 58.72 -49.53
C SER P 194 -60.09 58.69 -49.48
N GLY P 195 -59.51 57.70 -50.17
CA GLY P 195 -58.09 57.54 -50.22
C GLY P 195 -57.51 57.03 -48.92
N PRO P 196 -56.40 57.62 -48.48
CA PRO P 196 -55.80 57.20 -47.20
C PRO P 196 -56.70 57.46 -46.01
N HIS P 197 -57.58 58.46 -46.09
CA HIS P 197 -58.48 58.73 -44.98
C HIS P 197 -59.58 57.68 -44.87
N LYS P 198 -59.91 57.02 -45.99
CA LYS P 198 -60.93 55.98 -45.94
C LYS P 198 -60.41 54.73 -45.24
N GLU P 199 -59.18 54.33 -45.54
CA GLU P 199 -58.59 53.16 -44.89
C GLU P 199 -58.20 53.44 -43.45
N ALA P 200 -57.99 54.72 -43.10
CA ALA P 200 -57.64 55.05 -41.72
C ALA P 200 -58.84 54.93 -40.79
N GLU P 201 -60.04 55.24 -41.29
CA GLU P 201 -61.23 55.13 -40.46
C GLU P 201 -61.58 53.66 -40.20
N GLN P 202 -61.32 52.79 -41.18
CA GLN P 202 -61.57 51.37 -40.98
C GLN P 202 -60.49 50.69 -40.15
N TYR P 203 -59.30 51.32 -40.05
CA TYR P 203 -58.23 50.74 -39.25
C TYR P 203 -58.40 51.07 -37.77
N ILE P 204 -58.85 52.28 -37.46
CA ILE P 204 -59.04 52.67 -36.06
C ILE P 204 -60.21 51.90 -35.45
N ALA P 205 -61.28 51.72 -36.22
CA ALA P 205 -62.44 50.99 -35.70
C ALA P 205 -62.13 49.51 -35.50
N ARG P 206 -61.17 48.96 -36.26
CA ARG P 206 -60.81 47.57 -36.09
C ARG P 206 -59.95 47.36 -34.85
N VAL P 207 -59.11 48.34 -34.52
CA VAL P 207 -58.26 48.23 -33.35
C VAL P 207 -59.09 48.38 -32.07
N PHE P 208 -59.94 49.41 -32.02
CA PHE P 208 -60.77 49.68 -30.85
C PHE P 208 -62.09 48.92 -30.90
N ASN P 209 -62.21 47.91 -31.77
CA ASN P 209 -63.40 47.09 -31.88
C ASN P 209 -64.64 47.94 -32.17
N ALA P 210 -64.80 48.36 -33.42
CA ALA P 210 -65.94 49.18 -33.81
C ALA P 210 -66.18 48.99 -35.30
N ASP P 211 -67.32 49.52 -35.77
CA ASP P 211 -67.68 49.43 -37.18
C ASP P 211 -67.19 50.64 -37.96
N ARG P 212 -67.35 51.84 -37.42
CA ARG P 212 -66.92 53.06 -38.09
CA ARG P 212 -66.91 53.06 -38.09
C ARG P 212 -66.49 54.08 -37.03
N SER P 213 -65.47 54.86 -37.33
CA SER P 213 -64.96 55.86 -36.41
C SER P 213 -64.35 57.01 -37.19
N TYR P 214 -64.56 58.22 -36.70
CA TYR P 214 -64.02 59.43 -37.29
C TYR P 214 -62.86 59.94 -36.43
N MET P 215 -62.32 61.10 -36.82
CA MET P 215 -61.18 61.71 -36.12
C MET P 215 -61.50 63.18 -35.88
N VAL P 216 -61.96 63.50 -34.67
CA VAL P 216 -62.27 64.86 -34.28
C VAL P 216 -60.97 65.58 -33.95
N THR P 217 -60.79 66.79 -34.50
CA THR P 217 -59.58 67.57 -34.32
C THR P 217 -59.78 68.75 -33.38
N ASN P 218 -60.81 68.68 -32.52
CA ASN P 218 -61.06 69.77 -31.57
C ASN P 218 -61.39 69.22 -30.18
N GLY P 219 -60.70 68.17 -29.75
CA GLY P 219 -60.89 67.63 -28.42
C GLY P 219 -62.23 66.91 -28.27
N THR P 220 -62.42 66.36 -27.07
CA THR P 220 -63.66 65.64 -26.77
C THR P 220 -64.83 66.61 -26.60
N SER P 221 -64.56 67.85 -26.20
CA SER P 221 -65.64 68.81 -25.98
C SER P 221 -66.43 69.08 -27.24
N THR P 222 -65.82 68.90 -28.42
CA THR P 222 -66.51 69.10 -29.68
C THR P 222 -67.19 67.84 -30.19
N ALA P 223 -66.61 66.66 -29.92
CA ALA P 223 -67.21 65.42 -30.38
C ALA P 223 -68.56 65.15 -29.72
N ASN P 224 -68.77 65.64 -28.51
CA ASN P 224 -70.05 65.43 -27.83
C ASN P 224 -71.17 66.21 -28.48
N LYS P 225 -70.86 67.30 -29.18
CA LYS P 225 -71.90 68.09 -29.84
C LYS P 225 -72.29 67.52 -31.20
N ILE P 226 -71.45 66.69 -31.81
CA ILE P 226 -71.79 66.08 -33.08
C ILE P 226 -72.82 64.98 -32.90
N VAL P 227 -72.66 64.16 -31.87
CA VAL P 227 -73.60 63.08 -31.63
C VAL P 227 -74.91 63.62 -31.08
N GLY P 228 -74.85 64.64 -30.23
CA GLY P 228 -76.06 65.20 -29.64
C GLY P 228 -76.97 65.85 -30.65
N MET P 229 -76.40 66.36 -31.76
CA MET P 229 -77.18 66.99 -32.82
C MET P 229 -77.56 66.01 -33.91
N TYR P 230 -77.57 64.71 -33.62
CA TYR P 230 -77.94 63.69 -34.59
C TYR P 230 -79.20 62.91 -34.21
N SER P 231 -79.43 62.69 -32.92
CA SER P 231 -80.59 61.95 -32.43
C SER P 231 -81.38 62.78 -31.43
N ALA P 232 -81.52 64.08 -31.71
CA ALA P 232 -82.26 64.99 -30.84
C ALA P 232 -82.82 66.14 -31.68
N PRO P 233 -83.97 65.93 -32.31
CA PRO P 233 -84.59 66.99 -33.10
C PRO P 233 -85.07 68.14 -32.22
N ALA P 234 -85.57 69.18 -32.89
CA ALA P 234 -86.09 70.35 -32.19
C ALA P 234 -87.41 70.01 -31.51
N GLY P 235 -87.41 70.03 -30.18
CA GLY P 235 -88.59 69.69 -29.41
C GLY P 235 -88.75 68.24 -29.06
N SER P 236 -87.64 67.51 -28.86
CA SER P 236 -87.70 66.09 -28.53
C SER P 236 -87.44 65.92 -27.03
N THR P 237 -86.76 64.84 -26.66
CA THR P 237 -86.46 64.54 -25.26
C THR P 237 -85.20 63.70 -25.19
N ILE P 238 -84.25 64.13 -24.36
CA ILE P 238 -83.00 63.41 -24.18
C ILE P 238 -82.85 63.05 -22.70
N LEU P 239 -81.99 62.07 -22.43
CA LEU P 239 -81.72 61.59 -21.08
C LEU P 239 -80.25 61.85 -20.77
N ILE P 240 -79.95 63.10 -20.44
CA ILE P 240 -78.58 63.51 -20.12
C ILE P 240 -78.32 63.27 -18.65
N ASP P 241 -77.07 62.94 -18.32
CA ASP P 241 -76.69 62.68 -16.94
C ASP P 241 -76.49 63.99 -16.19
N ARG P 242 -76.68 63.93 -14.87
CA ARG P 242 -76.49 65.12 -14.05
C ARG P 242 -75.02 65.52 -13.98
N ASN P 243 -74.13 64.56 -13.80
CA ASN P 243 -72.69 64.82 -13.77
C ASN P 243 -72.21 65.00 -15.21
N CYS P 244 -72.46 66.19 -15.75
CA CYS P 244 -72.13 66.52 -17.12
C CYS P 244 -70.95 67.50 -17.16
N HIS P 245 -70.26 67.49 -18.30
CA HIS P 245 -69.13 68.39 -18.52
C HIS P 245 -69.62 69.75 -19.00
N LYS P 246 -68.72 70.73 -18.99
CA LYS P 246 -69.04 72.06 -19.46
C LYS P 246 -69.52 72.05 -20.91
N SER P 247 -68.95 71.17 -21.74
CA SER P 247 -69.38 71.09 -23.13
C SER P 247 -70.75 70.43 -23.24
N LEU P 248 -71.09 69.52 -22.32
CA LEU P 248 -72.39 68.88 -22.36
C LEU P 248 -73.52 69.84 -22.03
N THR P 249 -73.23 70.86 -21.21
CA THR P 249 -74.23 71.88 -20.91
C THR P 249 -74.52 72.74 -22.13
N HIS P 250 -73.49 73.08 -22.90
CA HIS P 250 -73.68 73.86 -24.11
C HIS P 250 -74.47 73.11 -25.17
N LEU P 251 -74.45 71.78 -25.14
CA LEU P 251 -75.26 71.01 -26.08
C LEU P 251 -76.74 71.22 -25.85
N MET P 252 -77.15 71.34 -24.59
CA MET P 252 -78.54 71.63 -24.27
C MET P 252 -78.91 73.08 -24.53
N MET P 253 -77.92 73.98 -24.59
CA MET P 253 -78.16 75.39 -24.85
C MET P 253 -78.14 75.73 -26.34
N MET P 254 -77.77 74.79 -27.19
CA MET P 254 -77.73 75.01 -28.63
C MET P 254 -78.79 74.25 -29.40
N SER P 255 -79.54 73.35 -28.73
CA SER P 255 -80.59 72.58 -29.37
C SER P 255 -81.86 72.69 -28.53
N ASP P 256 -82.99 72.93 -29.20
CA ASP P 256 -84.27 73.06 -28.52
C ASP P 256 -84.80 71.67 -28.18
N VAL P 257 -84.31 71.14 -27.05
CA VAL P 257 -84.71 69.83 -26.58
C VAL P 257 -85.18 69.96 -25.13
N THR P 258 -85.80 68.88 -24.63
CA THR P 258 -86.29 68.81 -23.26
C THR P 258 -85.52 67.72 -22.52
N PRO P 259 -84.44 68.06 -21.83
CA PRO P 259 -83.66 67.03 -21.13
C PRO P 259 -84.30 66.61 -19.82
N ILE P 260 -83.93 65.41 -19.38
CA ILE P 260 -84.38 64.85 -18.12
C ILE P 260 -83.15 64.46 -17.31
N TYR P 261 -82.92 65.17 -16.20
CA TYR P 261 -81.75 64.95 -15.37
C TYR P 261 -81.98 63.79 -14.42
N PHE P 262 -80.94 62.98 -14.21
CA PHE P 262 -81.01 61.83 -13.33
C PHE P 262 -80.63 62.24 -11.90
N ARG P 263 -80.49 61.24 -11.03
CA ARG P 263 -80.12 61.44 -9.63
C ARG P 263 -79.01 60.45 -9.27
N PRO P 264 -77.77 60.78 -9.61
CA PRO P 264 -76.66 59.87 -9.26
C PRO P 264 -76.45 59.79 -7.76
N THR P 265 -75.74 58.74 -7.36
CA THR P 265 -75.43 58.51 -5.95
C THR P 265 -74.14 59.22 -5.57
N ARG P 266 -73.98 59.44 -4.26
CA ARG P 266 -72.80 60.11 -3.74
C ARG P 266 -72.68 59.80 -2.25
N ASN P 267 -71.48 60.01 -1.73
CA ASN P 267 -71.14 59.77 -0.33
C ASN P 267 -70.89 61.11 0.36
N ALA P 268 -70.09 61.10 1.43
CA ALA P 268 -69.78 62.31 2.18
C ALA P 268 -68.44 62.91 1.82
N TYR P 269 -67.51 62.10 1.29
CA TYR P 269 -66.19 62.60 0.92
C TYR P 269 -66.19 63.36 -0.41
N GLY P 270 -67.31 63.34 -1.14
CA GLY P 270 -67.40 64.02 -2.42
C GLY P 270 -67.17 63.14 -3.63
N ILE P 271 -66.96 61.85 -3.45
CA ILE P 271 -66.74 60.95 -4.58
C ILE P 271 -68.06 60.72 -5.30
N LEU P 272 -68.10 61.04 -6.59
CA LEU P 272 -69.30 60.89 -7.39
C LEU P 272 -69.54 59.41 -7.68
N GLY P 273 -70.68 58.89 -7.23
CA GLY P 273 -71.01 57.49 -7.45
C GLY P 273 -71.51 57.22 -8.85
N GLY P 274 -72.78 56.85 -8.97
CA GLY P 274 -73.35 56.56 -10.26
C GLY P 274 -74.86 56.54 -10.21
N ILE P 275 -75.47 56.35 -11.37
CA ILE P 275 -76.92 56.31 -11.48
C ILE P 275 -77.41 54.93 -11.07
N PRO P 276 -78.38 54.82 -10.15
CA PRO P 276 -78.89 53.50 -9.76
C PRO P 276 -79.59 52.81 -10.92
N GLN P 277 -79.82 51.51 -10.73
CA GLN P 277 -80.50 50.70 -11.74
C GLN P 277 -81.98 50.99 -11.83
N SER P 278 -82.56 51.65 -10.83
CA SER P 278 -83.99 51.95 -10.85
C SER P 278 -84.34 53.05 -11.84
N GLU P 279 -83.39 53.95 -12.15
CA GLU P 279 -83.65 55.02 -13.10
C GLU P 279 -83.69 54.55 -14.54
N PHE P 280 -83.13 53.38 -14.84
CA PHE P 280 -83.12 52.84 -16.19
C PHE P 280 -84.36 52.01 -16.51
N GLN P 281 -85.32 51.94 -15.59
CA GLN P 281 -86.51 51.15 -15.82
C GLN P 281 -87.46 51.87 -16.79
N HIS P 282 -88.50 51.16 -17.20
CA HIS P 282 -89.47 51.73 -18.13
C HIS P 282 -90.53 52.56 -17.41
N ALA P 283 -90.87 52.17 -16.17
CA ALA P 283 -91.88 52.92 -15.42
C ALA P 283 -91.30 54.18 -14.80
N THR P 284 -89.97 54.22 -14.62
CA THR P 284 -89.34 55.41 -14.03
C THR P 284 -89.18 56.52 -15.07
N ILE P 285 -88.76 56.16 -16.29
CA ILE P 285 -88.56 57.17 -17.32
C ILE P 285 -89.89 57.72 -17.79
N ALA P 286 -90.89 56.85 -17.99
CA ALA P 286 -92.20 57.29 -18.45
C ALA P 286 -92.94 58.13 -17.40
N LYS P 287 -92.55 58.03 -16.13
CA LYS P 287 -93.22 58.83 -15.10
C LYS P 287 -92.81 60.29 -15.19
N ARG P 288 -91.55 60.56 -15.52
CA ARG P 288 -91.05 61.92 -15.63
C ARG P 288 -91.46 62.60 -16.93
N VAL P 289 -92.03 61.86 -17.88
CA VAL P 289 -92.46 62.47 -19.14
C VAL P 289 -93.72 63.30 -18.92
N LYS P 290 -94.69 62.76 -18.20
CA LYS P 290 -95.93 63.49 -17.96
C LYS P 290 -95.71 64.66 -16.99
N GLU P 291 -94.83 64.49 -16.00
CA GLU P 291 -94.58 65.56 -15.04
C GLU P 291 -93.84 66.74 -15.66
N THR P 292 -93.06 66.51 -16.72
CA THR P 292 -92.32 67.58 -17.37
C THR P 292 -93.13 68.11 -18.54
N PRO P 293 -93.52 69.38 -18.52
CA PRO P 293 -94.29 69.93 -19.65
C PRO P 293 -93.46 69.95 -20.93
N ASN P 294 -94.12 69.71 -22.06
CA ASN P 294 -93.50 69.69 -23.38
C ASN P 294 -92.36 68.68 -23.42
N ALA P 295 -92.74 67.40 -23.35
CA ALA P 295 -91.78 66.31 -23.39
C ALA P 295 -92.46 65.07 -23.94
N THR P 296 -91.84 64.44 -24.93
CA THR P 296 -92.33 63.25 -25.58
C THR P 296 -91.49 62.05 -25.14
N TRP P 297 -91.41 61.02 -25.98
CA TRP P 297 -90.63 59.83 -25.66
C TRP P 297 -89.15 60.12 -25.83
N PRO P 298 -88.30 59.77 -24.86
CA PRO P 298 -86.86 60.02 -25.01
C PRO P 298 -86.27 59.18 -26.14
N VAL P 299 -85.58 59.84 -27.06
CA VAL P 299 -84.95 59.19 -28.20
C VAL P 299 -83.44 59.16 -28.10
N HIS P 300 -82.87 59.69 -27.02
CA HIS P 300 -81.43 59.71 -26.84
C HIS P 300 -81.12 59.73 -25.34
N ALA P 301 -80.02 59.08 -24.97
CA ALA P 301 -79.59 59.02 -23.59
C ALA P 301 -78.09 59.26 -23.51
N VAL P 302 -77.66 60.10 -22.57
CA VAL P 302 -76.26 60.45 -22.38
C VAL P 302 -75.82 59.89 -21.02
N ILE P 303 -74.86 58.99 -21.04
CA ILE P 303 -74.32 58.37 -19.83
C ILE P 303 -72.83 58.67 -19.77
N THR P 304 -72.39 59.24 -18.65
CA THR P 304 -70.98 59.60 -18.45
C THR P 304 -70.28 58.40 -17.82
N ASN P 305 -69.69 57.55 -18.67
CA ASN P 305 -68.99 56.35 -18.24
C ASN P 305 -67.55 56.43 -18.74
N SER P 306 -66.61 56.64 -17.83
CA SER P 306 -66.92 56.81 -16.42
C SER P 306 -67.02 58.28 -16.04
N THR P 307 -67.19 58.54 -14.74
CA THR P 307 -67.33 59.90 -14.25
C THR P 307 -65.96 60.57 -14.17
N TYR P 308 -65.90 61.73 -13.51
CA TYR P 308 -64.63 62.44 -13.39
C TYR P 308 -63.68 61.76 -12.43
N ASP P 309 -64.22 61.06 -11.41
CA ASP P 309 -63.37 60.37 -10.45
C ASP P 309 -62.78 59.09 -11.05
N GLY P 310 -63.62 58.20 -11.54
CA GLY P 310 -63.16 56.96 -12.13
C GLY P 310 -63.90 55.74 -11.62
N LEU P 311 -65.20 55.65 -11.91
CA LEU P 311 -66.04 54.53 -11.50
C LEU P 311 -66.84 54.06 -12.70
N LEU P 312 -66.53 52.86 -13.19
CA LEU P 312 -67.22 52.33 -14.35
C LEU P 312 -68.61 51.83 -13.97
N TYR P 313 -69.42 51.57 -15.00
CA TYR P 313 -70.78 51.08 -14.85
C TYR P 313 -70.86 49.63 -15.31
N ASN P 314 -72.07 49.18 -15.63
CA ASN P 314 -72.32 47.81 -16.10
C ASN P 314 -73.13 47.92 -17.39
N THR P 315 -72.44 47.84 -18.52
CA THR P 315 -73.12 47.94 -19.81
C THR P 315 -73.90 46.69 -20.16
N ASP P 316 -73.66 45.58 -19.45
CA ASP P 316 -74.42 44.36 -19.71
C ASP P 316 -75.86 44.48 -19.24
N PHE P 317 -76.13 45.39 -18.32
CA PHE P 317 -77.48 45.62 -17.81
C PHE P 317 -78.14 46.86 -18.41
N ILE P 318 -77.35 47.85 -18.84
CA ILE P 318 -77.92 49.05 -19.43
C ILE P 318 -78.42 48.77 -20.84
N LYS P 319 -77.67 47.99 -21.62
CA LYS P 319 -78.04 47.66 -23.00
C LYS P 319 -79.22 46.70 -23.10
N LYS P 320 -79.91 46.38 -22.01
CA LYS P 320 -81.05 45.47 -22.07
C LYS P 320 -82.26 46.08 -21.37
N THR P 321 -82.02 46.84 -20.30
CA THR P 321 -83.10 47.45 -19.54
C THR P 321 -83.45 48.84 -20.08
N LEU P 322 -82.44 49.67 -20.35
CA LEU P 322 -82.67 51.02 -20.87
C LEU P 322 -83.21 50.92 -22.29
N ASP P 323 -84.46 51.36 -22.49
CA ASP P 323 -85.10 51.30 -23.80
C ASP P 323 -84.92 52.61 -24.55
N VAL P 324 -83.67 52.84 -24.95
CA VAL P 324 -83.29 54.02 -25.73
C VAL P 324 -82.56 53.57 -26.97
N LYS P 325 -83.03 54.01 -28.14
CA LYS P 325 -82.43 53.60 -29.41
C LYS P 325 -81.08 54.26 -29.66
N SER P 326 -80.74 55.32 -28.92
CA SER P 326 -79.47 56.03 -29.09
C SER P 326 -78.87 56.26 -27.72
N ILE P 327 -78.10 55.29 -27.23
CA ILE P 327 -77.45 55.35 -25.93
C ILE P 327 -76.02 55.82 -26.13
N HIS P 328 -75.63 56.86 -25.41
CA HIS P 328 -74.30 57.44 -25.51
C HIS P 328 -73.50 57.14 -24.26
N PHE P 329 -72.21 56.85 -24.44
CA PHE P 329 -71.27 56.58 -23.35
C PHE P 329 -70.10 57.54 -23.48
N ASP P 330 -70.09 58.60 -22.67
CA ASP P 330 -69.02 59.59 -22.69
C ASP P 330 -67.77 58.97 -22.09
N SER P 331 -67.00 58.28 -22.94
CA SER P 331 -65.79 57.60 -22.50
C SER P 331 -64.59 58.53 -22.58
N ALA P 332 -64.68 59.67 -21.91
CA ALA P 332 -63.59 60.66 -21.91
C ALA P 332 -62.52 60.37 -20.86
N TRP P 333 -62.56 59.19 -20.22
CA TRP P 333 -61.56 58.85 -19.22
C TRP P 333 -61.12 57.39 -19.26
N VAL P 334 -61.70 56.57 -20.13
CA VAL P 334 -61.32 55.16 -20.21
C VAL P 334 -61.08 54.76 -21.68
N PRO P 335 -60.01 55.26 -22.32
CA PRO P 335 -59.75 54.86 -23.70
C PRO P 335 -58.92 53.59 -23.80
N TYR P 336 -59.15 52.65 -22.88
CA TYR P 336 -58.36 51.43 -22.84
C TYR P 336 -59.17 50.19 -22.46
N THR P 337 -60.47 50.31 -22.18
CA THR P 337 -61.28 49.17 -21.77
C THR P 337 -61.55 48.27 -22.97
N ASN P 338 -60.51 47.56 -23.40
CA ASN P 338 -60.58 46.67 -24.54
C ASN P 338 -59.40 45.70 -24.56
N PHE P 339 -58.20 46.23 -24.38
CA PHE P 339 -56.96 45.44 -24.43
C PHE P 339 -56.59 44.87 -23.07
N SER P 340 -57.57 44.34 -22.33
CA SER P 340 -57.31 43.74 -21.03
C SER P 340 -58.46 42.81 -20.67
N PRO P 341 -58.18 41.63 -20.11
CA PRO P 341 -59.28 40.71 -19.79
C PRO P 341 -60.10 41.14 -18.58
N ILE P 342 -59.66 42.15 -17.83
CA ILE P 342 -60.40 42.59 -16.65
C ILE P 342 -61.24 43.81 -17.02
N TYR P 343 -61.49 44.00 -18.31
CA TYR P 343 -62.33 45.10 -18.80
C TYR P 343 -63.30 44.63 -19.88
N GLU P 344 -63.73 43.37 -19.83
CA GLU P 344 -64.66 42.85 -20.82
C GLU P 344 -66.09 43.08 -20.35
N GLY P 345 -66.92 43.61 -21.24
CA GLY P 345 -68.31 43.87 -20.90
C GLY P 345 -68.51 45.06 -20.00
N LYS P 346 -67.61 46.04 -20.05
CA LYS P 346 -67.70 47.23 -19.22
C LYS P 346 -67.94 48.51 -20.00
N CYS P 347 -67.76 48.50 -21.32
CA CYS P 347 -67.96 49.67 -22.17
C CYS P 347 -68.97 49.33 -23.26
N GLY P 348 -69.17 50.28 -24.17
CA GLY P 348 -70.11 50.08 -25.26
C GLY P 348 -69.53 49.26 -26.40
N MET P 349 -68.22 49.33 -26.62
CA MET P 349 -67.59 48.57 -27.70
C MET P 349 -67.44 47.09 -27.37
N SER P 350 -67.30 46.75 -26.08
CA SER P 350 -67.14 45.36 -25.68
C SER P 350 -68.46 44.62 -25.83
N GLY P 351 -68.50 43.63 -26.72
CA GLY P 351 -69.71 42.86 -26.96
C GLY P 351 -70.11 42.82 -28.42
N GLY P 352 -71.40 42.58 -28.68
CA GLY P 352 -71.92 42.52 -30.02
C GLY P 352 -72.81 43.70 -30.36
N ARG P 353 -73.38 43.64 -31.56
CA ARG P 353 -74.26 44.69 -32.04
C ARG P 353 -75.65 44.52 -31.47
N VAL P 354 -76.13 45.54 -30.75
CA VAL P 354 -77.47 45.51 -30.17
C VAL P 354 -78.48 45.88 -31.25
N GLU P 355 -79.46 45.00 -31.45
CA GLU P 355 -80.47 45.25 -32.47
C GLU P 355 -81.41 46.38 -32.04
N GLY P 356 -81.82 47.18 -33.02
CA GLY P 356 -82.72 48.29 -32.76
C GLY P 356 -82.12 49.43 -31.97
N LYS P 357 -80.82 49.39 -31.67
CA LYS P 357 -80.17 50.44 -30.89
C LYS P 357 -78.83 50.76 -31.54
N VAL P 358 -78.12 51.73 -30.96
CA VAL P 358 -76.80 52.14 -31.43
C VAL P 358 -76.06 52.78 -30.27
N ILE P 359 -74.76 52.55 -30.21
CA ILE P 359 -73.90 53.02 -29.12
C ILE P 359 -72.94 54.06 -29.68
N TYR P 360 -72.86 55.20 -29.00
CA TYR P 360 -71.94 56.28 -29.36
C TYR P 360 -70.95 56.50 -28.22
N GLU P 361 -69.68 56.69 -28.58
CA GLU P 361 -68.64 56.94 -27.60
C GLU P 361 -67.71 58.03 -28.11
N THR P 362 -67.21 58.84 -27.18
CA THR P 362 -66.27 59.93 -27.48
C THR P 362 -65.01 59.68 -26.65
N GLN P 363 -64.18 58.76 -27.12
CA GLN P 363 -62.95 58.42 -26.42
C GLN P 363 -61.93 59.55 -26.58
N SER P 364 -61.44 60.07 -25.45
CA SER P 364 -60.46 61.14 -25.48
C SER P 364 -59.10 60.59 -25.89
N THR P 365 -58.33 61.42 -26.60
CA THR P 365 -57.01 61.03 -27.09
C THR P 365 -55.88 61.77 -26.38
N HIS P 366 -56.03 63.07 -26.15
CA HIS P 366 -55.00 63.85 -25.49
C HIS P 366 -55.24 63.95 -23.99
N LYS P 367 -55.74 62.86 -23.40
CA LYS P 367 -56.04 62.84 -21.96
C LYS P 367 -55.20 61.82 -21.27
N LEU P 368 -55.35 60.57 -21.65
CA LEU P 368 -54.62 59.48 -21.00
C LEU P 368 -53.90 58.60 -22.02
N LEU P 369 -53.42 59.20 -23.10
CA LEU P 369 -52.69 58.47 -24.12
C LEU P 369 -51.39 59.18 -24.47
N ALA P 370 -51.09 59.30 -25.77
CA ALA P 370 -49.86 59.95 -26.21
C ALA P 370 -50.09 60.50 -27.63
N ALA P 371 -50.55 61.74 -27.69
CA ALA P 371 -50.80 62.41 -28.96
C ALA P 371 -50.91 63.91 -28.70
N PHE P 372 -51.04 64.67 -29.77
CA PHE P 372 -51.18 66.12 -29.65
C PHE P 372 -52.55 66.47 -29.08
N SER P 373 -52.68 67.72 -28.63
CA SER P 373 -53.92 68.19 -28.05
C SER P 373 -54.99 68.36 -29.13
N GLN P 374 -56.23 68.50 -28.68
CA GLN P 374 -57.40 68.66 -29.54
C GLN P 374 -57.53 67.47 -30.50
N ALA P 375 -57.85 66.32 -29.91
CA ALA P 375 -58.02 65.09 -30.68
C ALA P 375 -59.04 64.21 -29.97
N SER P 376 -60.01 63.71 -30.74
CA SER P 376 -61.05 62.86 -30.20
C SER P 376 -61.53 61.90 -31.29
N MET P 377 -62.40 60.97 -30.88
CA MET P 377 -62.96 59.98 -31.79
C MET P 377 -64.45 59.85 -31.55
N ILE P 378 -65.14 59.31 -32.54
CA ILE P 378 -66.59 59.06 -32.48
C ILE P 378 -66.80 57.60 -32.88
N HIS P 379 -67.00 56.73 -31.89
CA HIS P 379 -67.20 55.31 -32.15
C HIS P 379 -68.69 55.04 -32.30
N VAL P 380 -69.07 54.43 -33.43
CA VAL P 380 -70.46 54.12 -33.74
C VAL P 380 -70.59 52.60 -33.82
N LYS P 381 -71.50 52.03 -33.05
CA LYS P 381 -71.76 50.60 -33.02
C LYS P 381 -73.23 50.38 -33.34
N GLY P 382 -73.53 50.13 -34.61
CA GLY P 382 -74.89 49.92 -35.03
C GLY P 382 -75.04 50.18 -36.52
N ASP P 383 -76.29 50.35 -36.92
CA ASP P 383 -76.65 50.62 -38.32
C ASP P 383 -77.28 52.01 -38.39
N VAL P 384 -76.48 52.99 -38.81
CA VAL P 384 -76.93 54.36 -38.94
C VAL P 384 -76.78 54.81 -40.39
N ASN P 385 -77.42 55.92 -40.71
CA ASN P 385 -77.38 56.47 -42.07
C ASN P 385 -76.03 57.14 -42.29
N GLU P 386 -75.37 56.82 -43.40
CA GLU P 386 -74.06 57.41 -43.69
C GLU P 386 -74.21 58.78 -44.31
N GLU P 387 -75.26 58.99 -45.12
CA GLU P 387 -75.44 60.29 -45.76
C GLU P 387 -76.00 61.32 -44.79
N THR P 388 -76.51 60.89 -43.64
CA THR P 388 -77.07 61.79 -42.66
C THR P 388 -76.06 62.13 -41.55
N PHE P 389 -75.34 61.12 -41.08
CA PHE P 389 -74.36 61.36 -40.02
C PHE P 389 -73.15 62.13 -40.53
N ASN P 390 -72.89 62.09 -41.85
CA ASN P 390 -71.77 62.82 -42.41
C ASN P 390 -72.01 64.34 -42.37
N GLU P 391 -73.26 64.76 -42.58
CA GLU P 391 -73.56 66.20 -42.54
C GLU P 391 -73.39 66.78 -41.15
N ALA P 392 -73.63 65.97 -40.11
CA ALA P 392 -73.47 66.47 -38.74
C ALA P 392 -72.00 66.57 -38.35
N TYR P 393 -71.13 65.79 -39.00
CA TYR P 393 -69.71 65.86 -38.69
C TYR P 393 -69.05 67.11 -39.28
N MET P 394 -69.54 67.57 -40.44
CA MET P 394 -68.99 68.76 -41.08
C MET P 394 -69.43 70.05 -40.42
N MET P 395 -70.43 70.01 -39.53
CA MET P 395 -70.90 71.20 -38.84
C MET P 395 -70.02 71.58 -37.66
N HIS P 396 -68.97 70.82 -37.37
CA HIS P 396 -68.06 71.13 -36.28
C HIS P 396 -66.60 70.93 -36.63
N THR P 397 -66.27 70.55 -37.86
CA THR P 397 -64.90 70.35 -38.28
C THR P 397 -64.61 71.23 -39.49
N THR P 398 -63.48 71.93 -39.46
CA THR P 398 -63.13 72.83 -40.55
C THR P 398 -62.75 72.04 -41.80
N THR P 399 -62.68 72.75 -42.92
CA THR P 399 -62.35 72.12 -44.20
C THR P 399 -60.86 71.89 -44.38
N SER P 400 -60.01 72.50 -43.54
CA SER P 400 -58.57 72.35 -43.61
C SER P 400 -58.09 71.76 -42.28
N PRO P 401 -58.15 70.45 -42.13
CA PRO P 401 -57.72 69.84 -40.86
C PRO P 401 -56.20 69.84 -40.72
N HIS P 402 -55.76 69.92 -39.47
CA HIS P 402 -54.34 69.90 -39.16
C HIS P 402 -53.86 68.46 -39.12
N TYR P 403 -53.11 68.05 -40.15
CA TYR P 403 -52.67 66.65 -40.24
C TYR P 403 -51.62 66.31 -39.18
N GLY P 404 -51.00 67.30 -38.56
CA GLY P 404 -50.08 67.01 -37.48
C GLY P 404 -50.76 66.38 -36.28
N ILE P 405 -52.02 66.74 -36.03
CA ILE P 405 -52.79 66.12 -34.96
C ILE P 405 -53.52 64.87 -35.45
N VAL P 406 -53.97 64.86 -36.70
CA VAL P 406 -54.65 63.69 -37.26
C VAL P 406 -53.71 62.50 -37.29
N ALA P 407 -52.44 62.73 -37.66
CA ALA P 407 -51.47 61.64 -37.69
C ALA P 407 -51.20 61.10 -36.28
N SER P 408 -51.29 61.95 -35.26
CA SER P 408 -51.10 61.49 -33.89
C SER P 408 -52.34 60.82 -33.33
N THR P 409 -53.52 61.17 -33.85
CA THR P 409 -54.75 60.54 -33.38
C THR P 409 -54.79 59.06 -33.77
N GLU P 410 -54.41 58.75 -35.02
CA GLU P 410 -54.36 57.36 -35.45
C GLU P 410 -53.13 56.65 -34.88
N THR P 411 -52.08 57.40 -34.56
CA THR P 411 -50.89 56.79 -33.98
C THR P 411 -51.19 56.20 -32.61
N ALA P 412 -52.02 56.87 -31.82
CA ALA P 412 -52.39 56.35 -30.51
C ALA P 412 -53.11 55.02 -30.62
N ALA P 413 -53.87 54.81 -31.69
CA ALA P 413 -54.52 53.52 -31.90
C ALA P 413 -53.54 52.48 -32.46
N ALA P 414 -52.52 52.91 -33.20
CA ALA P 414 -51.53 51.97 -33.72
C ALA P 414 -50.58 51.50 -32.63
N MET P 415 -50.40 52.28 -31.58
CA MET P 415 -49.54 51.91 -30.47
C MET P 415 -50.18 50.89 -29.53
N MET P 416 -51.43 50.49 -29.79
CA MET P 416 -52.13 49.54 -28.93
C MET P 416 -52.15 48.12 -29.48
N LYS P 417 -52.02 47.96 -30.79
CA LYS P 417 -52.06 46.62 -31.39
C LYS P 417 -50.79 45.85 -31.11
N GLY P 418 -50.95 44.56 -30.81
CA GLY P 418 -49.82 43.70 -30.53
C GLY P 418 -49.47 43.62 -29.06
N ASN P 419 -48.45 42.81 -28.77
CA ASN P 419 -47.99 42.66 -27.41
C ASN P 419 -47.30 43.91 -26.89
N ALA P 420 -46.75 44.74 -27.78
CA ALA P 420 -46.10 45.98 -27.36
C ALA P 420 -47.11 47.00 -26.84
N GLY P 421 -48.38 46.90 -27.25
CA GLY P 421 -49.40 47.80 -26.79
C GLY P 421 -50.15 47.27 -25.59
N LYS P 422 -50.26 45.95 -25.48
CA LYS P 422 -50.95 45.35 -24.35
C LYS P 422 -50.17 45.53 -23.06
N ARG P 423 -48.84 45.64 -23.14
CA ARG P 423 -48.02 45.87 -21.96
C ARG P 423 -48.11 47.29 -21.44
N LEU P 424 -48.72 48.21 -22.21
CA LEU P 424 -48.86 49.58 -21.74
C LEU P 424 -50.04 49.72 -20.80
N ILE P 425 -51.15 49.04 -21.09
CA ILE P 425 -52.32 49.10 -20.21
C ILE P 425 -52.06 48.26 -18.95
N ASN P 426 -51.60 47.02 -19.13
CA ASN P 426 -51.32 46.17 -17.98
C ASN P 426 -50.12 46.68 -17.19
N GLY P 427 -49.19 47.39 -17.84
CA GLY P 427 -48.06 47.93 -17.12
C GLY P 427 -48.46 49.06 -16.18
N SER P 428 -49.42 49.87 -16.59
CA SER P 428 -49.90 50.94 -15.72
C SER P 428 -50.75 50.40 -14.58
N ILE P 429 -51.41 49.26 -14.78
CA ILE P 429 -52.20 48.67 -13.72
C ILE P 429 -51.30 48.05 -12.65
N GLU P 430 -50.24 47.37 -13.08
CA GLU P 430 -49.30 46.77 -12.12
C GLU P 430 -48.58 47.84 -11.32
N ARG P 431 -48.28 48.98 -11.94
CA ARG P 431 -47.65 50.07 -11.21
C ARG P 431 -48.64 50.77 -10.28
N ALA P 432 -49.94 50.72 -10.62
CA ALA P 432 -50.95 51.32 -9.77
C ALA P 432 -51.25 50.45 -8.55
N ILE P 433 -51.36 49.13 -8.75
CA ILE P 433 -51.61 48.23 -7.63
C ILE P 433 -50.41 48.21 -6.69
N LYS P 434 -49.20 48.29 -7.24
CA LYS P 434 -48.01 48.34 -6.39
C LYS P 434 -47.99 49.62 -5.56
N PHE P 435 -48.43 50.74 -6.14
CA PHE P 435 -48.51 51.98 -5.38
C PHE P 435 -49.60 51.91 -4.31
N ARG P 436 -50.67 51.15 -4.56
CA ARG P 436 -51.72 51.01 -3.56
C ARG P 436 -51.24 50.20 -2.36
N LYS P 437 -50.38 49.19 -2.61
CA LYS P 437 -49.86 48.37 -1.52
C LYS P 437 -48.81 49.11 -0.72
N GLU P 438 -48.09 50.05 -1.34
CA GLU P 438 -47.08 50.83 -0.61
C GLU P 438 -47.70 51.80 0.38
N ILE P 439 -48.96 52.20 0.17
CA ILE P 439 -49.61 53.10 1.11
C ILE P 439 -50.05 52.35 2.36
N LYS P 440 -50.64 51.16 2.20
CA LYS P 440 -51.05 50.37 3.35
C LYS P 440 -49.86 49.82 4.12
N ARG P 441 -48.73 49.62 3.44
CA ARG P 441 -47.54 49.13 4.12
C ARG P 441 -46.90 50.22 4.98
N LEU P 442 -46.91 51.46 4.49
CA LEU P 442 -46.35 52.60 5.22
C LEU P 442 -47.36 53.27 6.15
N ARG P 443 -48.52 52.64 6.37
CA ARG P 443 -49.55 53.18 7.25
C ARG P 443 -49.51 52.56 8.63
N THR P 444 -49.45 51.22 8.72
CA THR P 444 -49.40 50.56 10.01
C THR P 444 -48.00 50.64 10.63
N GLU P 445 -46.96 50.49 9.81
CA GLU P 445 -45.60 50.54 10.32
C GLU P 445 -45.19 51.94 10.75
N SER P 446 -45.87 52.97 10.26
CA SER P 446 -45.55 54.33 10.64
C SER P 446 -46.02 54.62 12.06
N ASP P 447 -45.53 55.74 12.61
CA ASP P 447 -45.87 56.18 13.96
C ASP P 447 -46.61 57.52 13.84
N GLY P 448 -47.92 57.44 13.67
CA GLY P 448 -48.76 58.61 13.56
C GLY P 448 -49.75 58.46 12.42
N TRP P 449 -50.27 59.59 11.95
CA TRP P 449 -51.23 59.59 10.87
C TRP P 449 -50.54 59.35 9.54
N PHE P 450 -51.31 58.84 8.57
CA PHE P 450 -50.78 58.57 7.24
C PHE P 450 -51.95 58.54 6.27
N PHE P 451 -51.63 58.78 4.99
CA PHE P 451 -52.65 58.83 3.96
C PHE P 451 -53.30 57.46 3.75
N ASP P 452 -54.51 57.48 3.21
CA ASP P 452 -55.27 56.26 2.96
C ASP P 452 -55.78 56.26 1.52
N VAL P 453 -55.90 55.07 0.96
CA VAL P 453 -56.38 54.88 -0.41
C VAL P 453 -57.80 54.37 -0.37
N TRP P 454 -58.69 55.01 -1.12
CA TRP P 454 -60.10 54.60 -1.20
C TRP P 454 -60.18 53.29 -1.98
N GLN P 455 -59.93 52.20 -1.27
CA GLN P 455 -59.89 50.87 -1.85
C GLN P 455 -60.42 49.87 -0.84
N PRO P 456 -60.90 48.72 -1.29
CA PRO P 456 -61.34 47.69 -0.35
C PRO P 456 -60.19 47.16 0.50
N ASP P 457 -60.56 46.39 1.53
CA ASP P 457 -59.56 45.83 2.44
C ASP P 457 -58.74 44.73 1.78
N HIS P 458 -59.25 44.12 0.72
CA HIS P 458 -58.54 43.04 0.01
C HIS P 458 -58.25 43.51 -1.41
N ILE P 459 -56.99 43.80 -1.69
CA ILE P 459 -56.57 44.26 -3.02
C ILE P 459 -55.55 43.29 -3.60
N ASP P 460 -55.60 42.03 -3.12
CA ASP P 460 -54.64 41.04 -3.61
C ASP P 460 -54.90 40.66 -5.06
N THR P 461 -56.15 40.68 -5.50
CA THR P 461 -56.48 40.31 -6.86
C THR P 461 -56.10 41.44 -7.82
N THR P 462 -56.11 41.12 -9.11
CA THR P 462 -55.76 42.06 -10.17
C THR P 462 -56.98 42.16 -11.11
N GLU P 463 -57.93 42.99 -10.72
CA GLU P 463 -59.16 43.20 -11.50
C GLU P 463 -59.85 44.44 -10.95
N CYS P 464 -61.03 44.73 -11.47
CA CYS P 464 -61.83 45.86 -11.01
C CYS P 464 -62.58 45.46 -9.75
N TRP P 465 -62.37 46.20 -8.68
CA TRP P 465 -63.02 45.90 -7.40
C TRP P 465 -64.48 46.31 -7.45
N PRO P 466 -65.42 45.38 -7.31
CA PRO P 466 -66.84 45.75 -7.35
C PRO P 466 -67.28 46.43 -6.06
N LEU P 467 -68.24 47.34 -6.20
CA LEU P 467 -68.81 48.06 -5.07
C LEU P 467 -70.01 47.29 -4.56
N ARG P 468 -69.77 46.41 -3.59
CA ARG P 468 -70.83 45.59 -3.02
C ARG P 468 -71.66 46.40 -2.03
N SER P 469 -72.63 45.74 -1.40
CA SER P 469 -73.49 46.37 -0.42
C SER P 469 -73.11 46.05 1.02
N ASP P 470 -72.19 45.10 1.23
CA ASP P 470 -71.75 44.71 2.57
C ASP P 470 -70.34 45.24 2.88
N SER P 471 -70.01 46.41 2.36
CA SER P 471 -68.70 47.02 2.57
C SER P 471 -68.88 48.40 3.20
N THR P 472 -67.79 48.91 3.79
CA THR P 472 -67.78 50.21 4.43
C THR P 472 -66.77 51.17 3.84
N TRP P 473 -66.02 50.76 2.82
CA TRP P 473 -65.02 51.64 2.22
C TRP P 473 -65.63 52.61 1.22
N HIS P 474 -66.67 52.18 0.50
CA HIS P 474 -67.30 53.05 -0.49
C HIS P 474 -68.23 54.08 0.17
N GLY P 475 -68.92 53.67 1.22
CA GLY P 475 -69.78 54.60 1.95
C GLY P 475 -71.00 55.07 1.22
N PHE P 476 -71.47 54.32 0.22
CA PHE P 476 -72.67 54.68 -0.52
C PHE P 476 -73.89 54.00 0.09
N LYS P 477 -74.87 54.79 0.47
CA LYS P 477 -76.08 54.27 1.09
C LYS P 477 -76.96 53.61 0.02
N ASN P 478 -77.22 52.31 0.19
CA ASN P 478 -78.05 51.53 -0.73
C ASN P 478 -77.52 51.61 -2.16
N ILE P 479 -76.48 50.84 -2.46
CA ILE P 479 -75.89 50.80 -3.78
C ILE P 479 -76.24 49.47 -4.44
N ASP P 480 -76.41 49.50 -5.76
CA ASP P 480 -76.75 48.30 -6.52
C ASP P 480 -75.53 47.41 -6.68
N ASN P 481 -75.72 46.11 -6.46
CA ASN P 481 -74.64 45.15 -6.60
C ASN P 481 -74.38 44.83 -8.07
N GLU P 482 -73.11 44.56 -8.38
CA GLU P 482 -72.68 44.25 -9.74
C GLU P 482 -73.07 45.34 -10.73
N HIS P 483 -72.90 46.59 -10.32
CA HIS P 483 -73.23 47.74 -11.14
C HIS P 483 -72.15 48.81 -11.14
N MET P 484 -71.47 49.02 -10.02
CA MET P 484 -70.42 50.02 -9.90
C MET P 484 -69.09 49.32 -9.65
N TYR P 485 -68.10 49.64 -10.48
CA TYR P 485 -66.77 49.05 -10.38
C TYR P 485 -65.75 50.13 -10.06
N LEU P 486 -64.57 49.69 -9.64
CA LEU P 486 -63.49 50.60 -9.26
C LEU P 486 -62.38 50.56 -10.31
N ASP P 487 -61.84 51.74 -10.63
CA ASP P 487 -60.75 51.84 -11.59
C ASP P 487 -59.42 51.68 -10.86
N PRO P 488 -58.63 50.65 -11.16
CA PRO P 488 -57.36 50.46 -10.43
C PRO P 488 -56.38 51.59 -10.64
N ILE P 489 -56.24 52.11 -11.86
CA ILE P 489 -55.27 53.16 -12.14
C ILE P 489 -55.68 54.51 -11.57
N LYS P 490 -56.95 54.68 -11.20
CA LYS P 490 -57.43 55.93 -10.60
C LYS P 490 -57.33 55.80 -9.08
N VAL P 491 -56.13 56.05 -8.56
CA VAL P 491 -55.88 55.97 -7.13
C VAL P 491 -56.44 57.21 -6.46
N THR P 492 -57.36 57.02 -5.51
CA THR P 492 -58.00 58.11 -4.78
C THR P 492 -57.44 58.14 -3.37
N LEU P 493 -56.62 59.14 -3.08
CA LEU P 493 -56.02 59.30 -1.76
C LEU P 493 -56.98 60.03 -0.83
N LEU P 494 -57.21 59.45 0.34
CA LEU P 494 -58.10 60.02 1.35
C LEU P 494 -57.27 60.56 2.50
N THR P 495 -57.36 61.86 2.74
CA THR P 495 -56.61 62.45 3.84
C THR P 495 -57.36 62.27 5.16
N PRO P 496 -56.66 62.00 6.25
CA PRO P 496 -57.32 61.85 7.55
C PRO P 496 -58.01 63.14 7.98
N GLY P 497 -59.30 63.02 8.27
CA GLY P 497 -60.08 64.19 8.70
C GLY P 497 -61.51 63.85 9.03
N MET P 498 -62.01 62.74 8.49
CA MET P 498 -63.38 62.29 8.72
C MET P 498 -63.37 60.86 9.22
N GLU P 499 -64.53 60.42 9.73
CA GLU P 499 -64.68 59.07 10.24
C GLU P 499 -65.29 58.17 9.17
N LYS P 500 -65.58 56.92 9.56
CA LYS P 500 -66.17 55.95 8.64
C LYS P 500 -67.68 56.04 8.56
N ASP P 501 -68.32 56.83 9.42
CA ASP P 501 -69.76 56.97 9.43
C ASP P 501 -70.25 58.23 8.71
N GLY P 502 -69.34 59.12 8.31
CA GLY P 502 -69.71 60.33 7.62
C GLY P 502 -69.66 61.60 8.46
N THR P 503 -69.15 61.52 9.68
CA THR P 503 -69.06 62.68 10.56
C THR P 503 -67.67 63.32 10.40
N MET P 504 -67.27 64.14 11.37
CA MET P 504 -65.98 64.82 11.35
C MET P 504 -65.09 64.27 12.47
N SER P 505 -63.94 64.90 12.66
CA SER P 505 -63.01 64.50 13.69
C SER P 505 -62.28 65.73 14.22
N ASP P 506 -61.58 65.55 15.34
CA ASP P 506 -60.85 66.65 15.94
C ASP P 506 -59.56 66.94 15.17
N PHE P 507 -58.76 65.92 14.92
CA PHE P 507 -57.50 66.05 14.18
C PHE P 507 -57.75 65.72 12.72
N GLY P 508 -57.52 66.70 11.84
CA GLY P 508 -57.73 66.50 10.43
C GLY P 508 -56.98 67.54 9.62
N ILE P 509 -56.55 67.13 8.43
CA ILE P 509 -55.80 67.99 7.51
C ILE P 509 -56.56 68.02 6.19
N PRO P 510 -57.01 69.18 5.72
CA PRO P 510 -57.72 69.23 4.43
C PRO P 510 -56.80 68.87 3.27
N ALA P 511 -57.44 68.45 2.18
CA ALA P 511 -56.70 68.08 0.98
C ALA P 511 -56.22 69.29 0.18
N SER P 512 -56.74 70.48 0.47
CA SER P 512 -56.31 71.67 -0.26
C SER P 512 -54.91 72.10 0.16
N ILE P 513 -54.51 71.81 1.40
CA ILE P 513 -53.17 72.16 1.85
C ILE P 513 -52.14 71.23 1.24
N VAL P 514 -52.45 69.94 1.14
CA VAL P 514 -51.53 68.99 0.54
C VAL P 514 -51.36 69.25 -0.95
N ALA P 515 -52.43 69.71 -1.62
CA ALA P 515 -52.35 69.99 -3.05
C ALA P 515 -51.38 71.12 -3.36
N LYS P 516 -51.26 72.10 -2.46
CA LYS P 516 -50.31 73.19 -2.66
C LYS P 516 -48.87 72.76 -2.44
N TYR P 517 -48.65 71.80 -1.53
CA TYR P 517 -47.30 71.31 -1.28
C TYR P 517 -46.78 70.45 -2.42
N LEU P 518 -47.66 69.73 -3.11
CA LEU P 518 -47.22 68.89 -4.22
C LEU P 518 -46.80 69.74 -5.42
N ASP P 519 -47.42 70.91 -5.60
CA ASP P 519 -47.05 71.77 -6.73
C ASP P 519 -45.68 72.39 -6.57
N GLU P 520 -45.14 72.43 -5.34
CA GLU P 520 -43.81 73.00 -5.12
C GLU P 520 -42.73 72.15 -5.77
N HIS P 521 -42.75 70.84 -5.49
CA HIS P 521 -41.76 69.94 -6.08
C HIS P 521 -42.00 69.71 -7.57
N GLY P 522 -43.25 69.81 -8.01
CA GLY P 522 -43.57 69.61 -9.41
C GLY P 522 -44.60 68.52 -9.64
N ILE P 523 -45.68 68.54 -8.87
CA ILE P 523 -46.76 67.57 -9.00
C ILE P 523 -48.07 68.34 -9.13
N VAL P 524 -48.78 68.11 -10.23
CA VAL P 524 -50.05 68.78 -10.48
C VAL P 524 -51.18 67.89 -10.00
N VAL P 525 -52.03 68.42 -9.13
CA VAL P 525 -53.15 67.65 -8.60
C VAL P 525 -54.33 67.76 -9.55
N GLU P 526 -54.92 66.62 -9.89
CA GLU P 526 -56.05 66.62 -10.81
C GLU P 526 -57.32 67.12 -10.12
N LYS P 527 -57.66 66.55 -8.97
CA LYS P 527 -58.85 66.95 -8.22
C LYS P 527 -58.51 67.06 -6.74
N THR P 528 -58.98 68.12 -6.12
CA THR P 528 -58.77 68.34 -4.69
C THR P 528 -59.90 69.19 -4.15
N GLY P 529 -60.04 69.17 -2.82
CA GLY P 529 -61.08 69.92 -2.16
C GLY P 529 -61.21 69.57 -0.69
N PRO P 530 -62.26 68.81 -0.35
CA PRO P 530 -62.48 68.44 1.05
C PRO P 530 -61.39 67.55 1.62
N TYR P 531 -61.54 66.24 1.47
CA TYR P 531 -60.60 65.27 2.00
C TYR P 531 -60.38 64.14 0.99
N ASN P 532 -60.02 64.51 -0.24
CA ASN P 532 -59.79 63.53 -1.29
C ASN P 532 -58.81 64.09 -2.30
N LEU P 533 -58.13 63.17 -3.00
CA LEU P 533 -57.17 63.53 -4.04
C LEU P 533 -57.31 62.57 -5.20
N LEU P 534 -57.00 63.04 -6.40
CA LEU P 534 -57.11 62.25 -7.62
C LEU P 534 -55.87 62.43 -8.47
N PHE P 535 -55.36 61.33 -9.01
CA PHE P 535 -54.19 61.34 -9.88
C PHE P 535 -54.46 60.48 -11.10
N LEU P 536 -53.69 60.73 -12.15
CA LEU P 536 -53.82 60.05 -13.43
C LEU P 536 -52.63 59.13 -13.64
N PHE P 537 -52.88 57.83 -13.68
CA PHE P 537 -51.84 56.82 -13.91
C PHE P 537 -52.11 56.17 -15.27
N SER P 538 -51.79 56.90 -16.34
CA SER P 538 -52.00 56.42 -17.69
C SER P 538 -50.77 55.66 -18.17
N ILE P 539 -50.64 55.45 -19.48
CA ILE P 539 -49.48 54.74 -20.00
C ILE P 539 -48.23 55.60 -20.01
N GLY P 540 -48.38 56.93 -19.93
CA GLY P 540 -47.22 57.81 -19.90
C GLY P 540 -46.55 57.90 -18.55
N ILE P 541 -47.22 57.47 -17.48
CA ILE P 541 -46.66 57.50 -16.13
C ILE P 541 -45.80 56.25 -15.97
N ASP P 542 -44.48 56.41 -16.04
CA ASP P 542 -43.56 55.30 -15.92
C ASP P 542 -43.25 55.03 -14.45
N LYS P 543 -42.21 54.25 -14.19
CA LYS P 543 -41.83 53.93 -12.81
C LYS P 543 -41.18 55.11 -12.11
N THR P 544 -40.68 56.09 -12.85
CA THR P 544 -40.07 57.27 -12.23
C THR P 544 -41.14 58.23 -11.71
N LYS P 545 -42.16 58.50 -12.51
CA LYS P 545 -43.22 59.41 -12.08
C LYS P 545 -44.09 58.81 -11.00
N ALA P 546 -44.20 57.47 -10.96
CA ALA P 546 -45.02 56.83 -9.95
C ALA P 546 -44.35 56.87 -8.58
N LEU P 547 -43.04 56.61 -8.53
CA LEU P 547 -42.32 56.65 -7.25
C LEU P 547 -42.06 58.07 -6.76
N SER P 548 -42.20 59.07 -7.64
CA SER P 548 -41.98 60.45 -7.22
C SER P 548 -43.13 60.98 -6.37
N LEU P 549 -44.29 60.32 -6.39
CA LEU P 549 -45.42 60.77 -5.59
C LEU P 549 -45.33 60.27 -4.15
N LEU P 550 -44.80 59.06 -3.96
CA LEU P 550 -44.69 58.52 -2.60
C LEU P 550 -43.66 59.29 -1.78
N ARG P 551 -42.57 59.73 -2.41
CA ARG P 551 -41.56 60.48 -1.69
C ARG P 551 -42.08 61.84 -1.25
N ALA P 552 -42.96 62.44 -2.06
CA ALA P 552 -43.53 63.74 -1.69
C ALA P 552 -44.55 63.60 -0.56
N LEU P 553 -45.19 62.44 -0.45
CA LEU P 553 -46.14 62.23 0.63
C LEU P 553 -45.44 62.00 1.97
N THR P 554 -44.28 61.33 1.94
CA THR P 554 -43.55 61.11 3.18
C THR P 554 -42.90 62.38 3.69
N ASP P 555 -42.55 63.30 2.78
CA ASP P 555 -41.95 64.56 3.21
C ASP P 555 -42.97 65.49 3.87
N PHE P 556 -44.26 65.34 3.54
CA PHE P 556 -45.28 66.17 4.18
C PHE P 556 -45.50 65.77 5.63
N LYS P 557 -45.34 64.50 5.96
CA LYS P 557 -45.48 64.06 7.35
C LYS P 557 -44.31 64.53 8.20
N ARG P 558 -43.11 64.55 7.62
CA ARG P 558 -41.94 65.00 8.35
C ARG P 558 -42.01 66.49 8.65
N ALA P 559 -42.45 67.30 7.67
CA ALA P 559 -42.56 68.73 7.87
C ALA P 559 -43.71 69.11 8.79
N PHE P 560 -44.72 68.26 8.91
CA PHE P 560 -45.86 68.55 9.77
C PHE P 560 -45.64 68.08 11.21
N ASP P 561 -44.94 66.96 11.40
CA ASP P 561 -44.68 66.47 12.76
C ASP P 561 -43.66 67.33 13.48
N LEU P 562 -42.67 67.86 12.76
CA LEU P 562 -41.66 68.71 13.36
C LEU P 562 -42.12 70.16 13.54
N ASN P 563 -43.32 70.49 13.05
CA ASN P 563 -43.89 71.84 13.18
C ASN P 563 -42.95 72.89 12.58
N LEU P 564 -42.94 72.99 11.27
CA LEU P 564 -42.11 73.96 10.56
C LEU P 564 -42.92 75.20 10.21
N ARG P 565 -42.25 76.15 9.57
CA ARG P 565 -42.87 77.41 9.19
C ARG P 565 -43.40 77.34 7.76
N VAL P 566 -44.30 78.27 7.44
CA VAL P 566 -44.87 78.32 6.10
C VAL P 566 -43.85 78.87 5.11
N LYS P 567 -43.04 79.84 5.53
CA LYS P 567 -42.03 80.41 4.64
C LYS P 567 -40.96 79.38 4.30
N ASN P 568 -40.61 78.51 5.25
CA ASN P 568 -39.63 77.45 5.03
C ASN P 568 -40.26 76.16 4.57
N MET P 569 -41.33 76.22 3.78
CA MET P 569 -42.01 75.03 3.29
C MET P 569 -42.81 75.34 2.04
N LEU P 570 -43.56 76.44 2.06
CA LEU P 570 -44.40 76.87 0.95
C LEU P 570 -43.94 78.26 0.50
N PRO P 571 -42.93 78.36 -0.35
CA PRO P 571 -42.48 79.69 -0.80
C PRO P 571 -43.46 80.37 -1.73
N SER P 572 -44.31 79.62 -2.42
CA SER P 572 -45.27 80.24 -3.33
C SER P 572 -46.42 80.87 -2.54
N LEU P 573 -46.86 80.22 -1.47
CA LEU P 573 -47.93 80.77 -0.66
C LEU P 573 -47.46 81.98 0.15
N TYR P 574 -46.18 82.02 0.51
CA TYR P 574 -45.66 83.15 1.28
C TYR P 574 -45.61 84.43 0.44
N ARG P 575 -45.39 84.30 -0.87
CA ARG P 575 -45.31 85.48 -1.73
C ARG P 575 -46.68 86.11 -1.96
N GLU P 576 -47.77 85.39 -1.68
CA GLU P 576 -49.09 85.97 -1.88
C GLU P 576 -49.40 87.02 -0.81
N ASP P 577 -48.99 86.77 0.43
CA ASP P 577 -49.22 87.70 1.54
C ASP P 577 -48.14 87.48 2.58
N PRO P 578 -46.97 88.10 2.42
CA PRO P 578 -45.90 87.92 3.41
C PRO P 578 -46.22 88.49 4.78
N GLU P 579 -47.14 89.45 4.87
CA GLU P 579 -47.45 90.06 6.16
C GLU P 579 -48.32 89.13 7.01
N PHE P 580 -49.36 88.55 6.41
CA PHE P 580 -50.25 87.68 7.17
C PHE P 580 -49.60 86.33 7.47
N TYR P 581 -48.89 85.76 6.50
CA TYR P 581 -48.23 84.47 6.69
C TYR P 581 -46.79 84.65 7.18
N GLU P 582 -46.64 85.43 8.25
CA GLU P 582 -45.31 85.70 8.82
C GLU P 582 -45.02 84.73 9.96
N ASN P 583 -45.71 84.89 11.09
CA ASN P 583 -45.51 84.06 12.26
C ASN P 583 -46.43 82.84 12.27
N MET P 584 -46.92 82.40 11.12
CA MET P 584 -47.79 81.24 11.02
C MET P 584 -46.98 80.00 10.67
N ARG P 585 -47.26 78.90 11.35
CA ARG P 585 -46.59 77.62 11.13
C ARG P 585 -47.51 76.69 10.36
N ILE P 586 -46.98 75.49 10.06
CA ILE P 586 -47.75 74.52 9.29
C ILE P 586 -48.82 73.85 10.14
N GLN P 587 -48.67 73.81 11.47
CA GLN P 587 -49.68 73.21 12.32
C GLN P 587 -50.79 74.18 12.67
N GLU P 588 -50.50 75.48 12.67
CA GLU P 588 -51.53 76.47 12.99
C GLU P 588 -52.52 76.63 11.83
N LEU P 589 -52.03 76.59 10.59
CA LEU P 589 -52.90 76.72 9.43
C LEU P 589 -53.73 75.46 9.18
N ALA P 590 -53.17 74.29 9.47
CA ALA P 590 -53.89 73.04 9.23
C ALA P 590 -55.04 72.86 10.22
N GLN P 591 -54.91 73.43 11.42
CA GLN P 591 -55.95 73.27 12.44
C GLN P 591 -57.04 74.35 12.33
N ASN P 592 -56.68 75.56 11.88
CA ASN P 592 -57.68 76.61 11.77
C ASN P 592 -58.65 76.34 10.63
N ILE P 593 -58.18 75.74 9.54
CA ILE P 593 -59.06 75.43 8.42
C ILE P 593 -59.97 74.26 8.76
N HIS P 594 -59.46 73.30 9.53
CA HIS P 594 -60.27 72.14 9.90
C HIS P 594 -61.42 72.53 10.81
N LYS P 595 -61.23 73.55 11.65
CA LYS P 595 -62.32 73.99 12.52
C LYS P 595 -63.40 74.73 11.75
N LEU P 596 -63.04 75.37 10.63
CA LEU P 596 -64.03 76.07 9.83
C LEU P 596 -64.94 75.11 9.10
N ILE P 597 -64.44 73.92 8.75
CA ILE P 597 -65.27 72.92 8.07
C ILE P 597 -66.31 72.35 9.02
N VAL P 598 -65.92 72.11 10.28
CA VAL P 598 -66.86 71.58 11.26
C VAL P 598 -67.87 72.63 11.66
N HIS P 599 -67.43 73.89 11.79
CA HIS P 599 -68.34 74.95 12.19
C HIS P 599 -69.38 75.23 11.11
N HIS P 600 -68.94 75.41 9.87
CA HIS P 600 -69.87 75.66 8.77
C HIS P 600 -70.58 74.41 8.31
N ASN P 601 -70.14 73.22 8.74
CA ASN P 601 -70.74 71.94 8.38
C ASN P 601 -70.78 71.76 6.87
N LEU P 602 -69.67 71.31 6.29
CA LEU P 602 -69.54 71.15 4.84
C LEU P 602 -70.14 69.83 4.34
N PRO P 603 -69.84 68.67 4.95
CA PRO P 603 -70.38 67.42 4.41
C PRO P 603 -71.89 67.35 4.42
N ASP P 604 -72.56 68.01 5.37
CA ASP P 604 -74.01 67.94 5.42
C ASP P 604 -74.66 68.88 4.41
N LEU P 605 -74.11 70.08 4.24
CA LEU P 605 -74.68 71.02 3.28
C LEU P 605 -74.39 70.61 1.84
N MET P 606 -73.28 69.93 1.60
CA MET P 606 -72.93 69.52 0.24
C MET P 606 -73.75 68.30 -0.19
N TYR P 607 -74.05 67.40 0.75
CA TYR P 607 -74.79 66.19 0.41
C TYR P 607 -76.27 66.49 0.15
N ARG P 608 -76.80 67.53 0.80
CA ARG P 608 -78.21 67.87 0.63
C ARG P 608 -78.45 68.88 -0.48
N ALA P 609 -77.41 69.52 -1.01
CA ALA P 609 -77.55 70.49 -2.08
C ALA P 609 -77.45 69.86 -3.46
N PHE P 610 -77.08 68.58 -3.55
CA PHE P 610 -76.93 67.90 -4.83
C PHE P 610 -78.04 66.90 -5.11
N GLU P 611 -78.68 66.36 -4.07
CA GLU P 611 -79.75 65.40 -4.28
C GLU P 611 -81.04 66.09 -4.71
N VAL P 612 -81.41 67.18 -4.04
CA VAL P 612 -82.61 67.92 -4.36
C VAL P 612 -82.34 68.75 -5.61
N LEU P 613 -83.00 68.41 -6.72
CA LEU P 613 -82.79 69.15 -7.96
C LEU P 613 -83.69 70.37 -8.01
N PRO P 614 -83.16 71.52 -8.44
CA PRO P 614 -83.99 72.73 -8.54
C PRO P 614 -85.10 72.56 -9.58
N THR P 615 -86.14 73.38 -9.44
CA THR P 615 -87.27 73.34 -10.34
C THR P 615 -86.88 73.94 -11.69
N MET P 616 -86.94 73.14 -12.75
CA MET P 616 -86.60 73.59 -14.09
C MET P 616 -87.85 74.18 -14.73
N VAL P 617 -87.85 75.50 -14.94
CA VAL P 617 -89.00 76.17 -15.53
C VAL P 617 -89.04 75.95 -17.03
N MET P 618 -88.04 76.45 -17.75
CA MET P 618 -87.96 76.34 -19.20
C MET P 618 -86.76 75.49 -19.59
N THR P 619 -86.66 75.22 -20.88
CA THR P 619 -85.56 74.43 -21.39
C THR P 619 -84.27 75.26 -21.38
N PRO P 620 -83.11 74.60 -21.27
CA PRO P 620 -81.83 75.34 -21.29
C PRO P 620 -81.60 76.08 -22.60
N TYR P 621 -82.25 75.68 -23.69
CA TYR P 621 -82.07 76.39 -24.96
C TYR P 621 -82.73 77.76 -24.91
N ALA P 622 -83.87 77.87 -24.23
CA ALA P 622 -84.57 79.15 -24.14
C ALA P 622 -83.86 80.13 -23.20
N ALA P 623 -83.02 79.64 -22.29
CA ALA P 623 -82.31 80.53 -21.38
C ALA P 623 -81.22 81.31 -22.10
N PHE P 624 -80.57 80.70 -23.09
CA PHE P 624 -79.52 81.39 -23.83
C PHE P 624 -80.09 82.37 -24.85
N GLN P 625 -81.32 82.11 -25.34
CA GLN P 625 -81.92 83.01 -26.32
C GLN P 625 -82.31 84.34 -25.69
N LYS P 626 -82.74 84.33 -24.43
CA LYS P 626 -83.11 85.57 -23.75
C LYS P 626 -81.90 86.41 -23.40
N GLU P 627 -80.71 85.80 -23.30
CA GLU P 627 -79.51 86.56 -22.98
C GLU P 627 -79.03 87.39 -24.17
N LEU P 628 -79.24 86.90 -25.39
CA LEU P 628 -78.80 87.63 -26.57
C LEU P 628 -79.64 88.88 -26.80
N HIS P 629 -80.88 88.89 -26.32
CA HIS P 629 -81.73 90.07 -26.50
C HIS P 629 -81.30 91.21 -25.58
N GLY P 630 -80.69 90.90 -24.45
CA GLY P 630 -80.25 91.91 -23.51
C GLY P 630 -81.09 92.06 -22.26
N MET P 631 -81.89 91.05 -21.91
CA MET P 631 -82.75 91.09 -20.73
C MET P 631 -82.09 90.38 -19.54
N THR P 632 -80.83 90.72 -19.27
CA THR P 632 -80.08 90.14 -18.17
C THR P 632 -79.67 91.22 -17.18
N GLU P 633 -79.58 90.83 -15.91
CA GLU P 633 -79.19 91.74 -14.85
C GLU P 633 -78.32 90.99 -13.84
N GLU P 634 -77.54 91.76 -13.08
CA GLU P 634 -76.64 91.22 -12.07
C GLU P 634 -77.21 91.55 -10.70
N VAL P 635 -77.64 90.51 -9.98
CA VAL P 635 -78.20 90.67 -8.65
C VAL P 635 -77.25 90.03 -7.63
N TYR P 636 -77.53 90.26 -6.36
CA TYR P 636 -76.71 89.72 -5.30
C TYR P 636 -77.01 88.24 -5.08
N LEU P 637 -76.14 87.58 -4.32
CA LEU P 637 -76.32 86.15 -4.04
C LEU P 637 -77.44 85.92 -3.03
N ASP P 638 -77.61 86.83 -2.08
CA ASP P 638 -78.66 86.69 -1.07
C ASP P 638 -80.04 87.10 -1.57
N GLU P 639 -80.13 87.65 -2.77
CA GLU P 639 -81.40 88.11 -3.35
C GLU P 639 -81.57 87.44 -4.70
N MET P 640 -82.03 86.18 -4.68
CA MET P 640 -82.22 85.46 -5.94
C MET P 640 -83.23 84.32 -5.82
N VAL P 641 -84.00 84.24 -4.73
CA VAL P 641 -84.98 83.16 -4.57
C VAL P 641 -86.16 83.43 -5.49
N GLY P 642 -86.44 82.50 -6.40
CA GLY P 642 -87.54 82.64 -7.33
C GLY P 642 -87.17 83.24 -8.67
N ARG P 643 -85.89 83.29 -9.00
CA ARG P 643 -85.43 83.86 -10.27
C ARG P 643 -84.83 82.77 -11.14
N ILE P 644 -84.66 83.10 -12.42
CA ILE P 644 -84.09 82.18 -13.40
C ILE P 644 -82.67 82.62 -13.71
N ASN P 645 -81.72 81.73 -13.47
CA ASN P 645 -80.31 82.03 -13.72
C ASN P 645 -80.02 81.98 -15.22
N ALA P 646 -78.86 82.53 -15.58
CA ALA P 646 -78.43 82.58 -16.97
C ALA P 646 -77.25 81.66 -17.27
N ASN P 647 -76.33 81.49 -16.33
CA ASN P 647 -75.15 80.65 -16.50
C ASN P 647 -75.26 79.42 -15.60
N MET P 648 -74.29 78.52 -15.74
CA MET P 648 -74.25 77.29 -14.95
C MET P 648 -73.30 77.47 -13.77
N ILE P 649 -73.78 77.08 -12.58
CA ILE P 649 -72.99 77.18 -11.36
C ILE P 649 -72.12 75.94 -11.25
N LEU P 650 -70.80 76.15 -11.17
CA LEU P 650 -69.82 75.07 -11.08
C LEU P 650 -68.89 75.38 -9.90
N PRO P 651 -69.29 75.05 -8.68
CA PRO P 651 -68.47 75.37 -7.51
C PRO P 651 -67.32 74.38 -7.33
N TYR P 652 -66.17 74.93 -6.95
CA TYR P 652 -64.98 74.13 -6.66
C TYR P 652 -64.62 74.32 -5.19
N PRO P 653 -64.66 73.26 -4.35
CA PRO P 653 -65.05 71.89 -4.69
C PRO P 653 -66.57 71.71 -4.68
N PRO P 654 -67.09 70.63 -5.28
CA PRO P 654 -66.36 69.59 -6.03
C PRO P 654 -66.03 69.97 -7.47
N GLY P 655 -66.80 69.45 -8.42
CA GLY P 655 -66.59 69.77 -9.82
C GLY P 655 -67.79 69.43 -10.68
N VAL P 656 -68.95 69.30 -10.06
CA VAL P 656 -70.19 68.96 -10.76
C VAL P 656 -71.09 70.20 -10.81
N PRO P 657 -71.94 70.33 -11.81
CA PRO P 657 -72.84 71.49 -11.88
C PRO P 657 -73.82 71.49 -10.72
N LEU P 658 -74.31 72.69 -10.39
CA LEU P 658 -75.27 72.88 -9.30
C LEU P 658 -76.65 73.28 -9.83
N VAL P 659 -76.73 74.43 -10.50
CA VAL P 659 -77.98 74.94 -11.06
C VAL P 659 -77.79 75.10 -12.56
N MET P 660 -78.63 74.42 -13.34
CA MET P 660 -78.53 74.49 -14.78
C MET P 660 -79.09 75.83 -15.29
N PRO P 661 -78.53 76.35 -16.39
CA PRO P 661 -79.04 77.61 -16.94
C PRO P 661 -80.49 77.51 -17.40
N GLY P 662 -81.42 78.02 -16.58
CA GLY P 662 -82.82 77.97 -16.91
C GLY P 662 -83.68 77.44 -15.78
N GLU P 663 -83.05 77.12 -14.66
CA GLU P 663 -83.76 76.60 -13.50
C GLU P 663 -84.11 77.73 -12.54
N MET P 664 -84.93 77.40 -11.54
CA MET P 664 -85.39 78.36 -10.54
C MET P 664 -85.23 77.76 -9.15
N ILE P 665 -84.73 78.55 -8.21
CA ILE P 665 -84.55 78.13 -6.84
C ILE P 665 -85.77 78.57 -6.04
N THR P 666 -86.60 77.60 -5.65
CA THR P 666 -87.83 77.85 -4.92
C THR P 666 -87.66 77.35 -3.47
N GLU P 667 -88.76 77.00 -2.81
CA GLU P 667 -88.70 76.53 -1.43
C GLU P 667 -88.22 75.09 -1.33
N GLU P 668 -88.31 74.31 -2.41
CA GLU P 668 -87.87 72.92 -2.36
C GLU P 668 -86.35 72.83 -2.35
N SER P 669 -85.68 73.65 -3.15
CA SER P 669 -84.21 73.65 -3.24
C SER P 669 -83.59 74.66 -2.29
N ARG P 670 -83.94 74.55 -1.00
CA ARG P 670 -83.37 75.46 0.00
C ARG P 670 -81.93 75.14 0.32
N PRO P 671 -81.52 73.89 0.57
CA PRO P 671 -80.10 73.62 0.81
C PRO P 671 -79.20 73.91 -0.38
N VAL P 672 -79.77 74.04 -1.59
CA VAL P 672 -78.96 74.34 -2.75
C VAL P 672 -78.37 75.74 -2.64
N LEU P 673 -79.17 76.71 -2.24
CA LEU P 673 -78.66 78.08 -2.08
C LEU P 673 -77.75 78.21 -0.87
N GLU P 674 -77.95 77.37 0.15
CA GLU P 674 -77.11 77.43 1.34
C GLU P 674 -75.69 76.96 1.06
N PHE P 675 -75.50 76.17 0.01
CA PHE P 675 -74.16 75.71 -0.33
C PHE P 675 -73.31 76.83 -0.93
N LEU P 676 -73.95 77.78 -1.62
CA LEU P 676 -73.20 78.89 -2.20
C LEU P 676 -72.81 79.93 -1.15
N GLN P 677 -73.70 80.19 -0.19
CA GLN P 677 -73.40 81.16 0.86
C GLN P 677 -72.38 80.63 1.86
N MET P 678 -72.24 79.31 1.98
CA MET P 678 -71.28 78.74 2.92
C MET P 678 -69.85 78.88 2.40
N LEU P 679 -69.66 78.73 1.09
CA LEU P 679 -68.31 78.84 0.53
C LEU P 679 -67.83 80.28 0.52
N CYS P 680 -68.75 81.24 0.54
CA CYS P 680 -68.34 82.65 0.53
C CYS P 680 -67.78 83.07 1.89
N GLU P 681 -68.15 82.37 2.96
CA GLU P 681 -67.67 82.70 4.30
C GLU P 681 -66.39 81.95 4.64
N ILE P 682 -66.28 80.69 4.24
CA ILE P 682 -65.08 79.91 4.53
C ILE P 682 -63.92 80.30 3.63
N GLY P 683 -64.19 80.87 2.46
CA GLY P 683 -63.13 81.27 1.55
C GLY P 683 -62.96 82.77 1.47
N ALA P 684 -62.78 83.41 2.61
CA ALA P 684 -62.59 84.86 2.65
C ALA P 684 -61.76 85.34 3.82
N HIS P 685 -61.30 84.47 4.71
CA HIS P 685 -60.50 84.87 5.87
C HIS P 685 -59.00 84.67 5.64
N TYR P 686 -58.60 83.57 5.02
CA TYR P 686 -57.19 83.28 4.79
C TYR P 686 -56.86 83.43 3.32
N PRO P 687 -55.80 84.16 2.98
CA PRO P 687 -55.43 84.30 1.56
C PRO P 687 -55.00 82.98 0.97
N GLY P 688 -55.18 82.85 -0.35
CA GLY P 688 -54.84 81.65 -1.08
C GLY P 688 -55.95 80.63 -1.17
N PHE P 689 -56.88 80.61 -0.21
CA PHE P 689 -57.98 79.66 -0.23
C PHE P 689 -59.29 80.37 -0.56
N GLU P 690 -59.30 81.17 -1.62
CA GLU P 690 -60.49 81.90 -2.00
C GLU P 690 -61.52 80.97 -2.62
N THR P 691 -62.76 81.46 -2.68
CA THR P 691 -63.86 80.69 -3.24
C THR P 691 -63.78 80.70 -4.77
N ASP P 692 -63.82 79.52 -5.37
CA ASP P 692 -63.74 79.36 -6.82
C ASP P 692 -65.05 78.76 -7.32
N ILE P 693 -65.93 79.61 -7.83
CA ILE P 693 -67.20 79.19 -8.39
C ILE P 693 -67.33 79.82 -9.78
N HIS P 694 -67.41 78.97 -10.81
CA HIS P 694 -67.54 79.44 -12.18
C HIS P 694 -68.95 79.99 -12.40
N GLY P 695 -69.09 81.31 -12.29
CA GLY P 695 -70.38 81.94 -12.47
C GLY P 695 -70.61 83.10 -11.52
N ALA P 696 -69.92 83.09 -10.38
CA ALA P 696 -70.03 84.14 -9.38
C ALA P 696 -68.91 85.15 -9.59
N TYR P 697 -69.28 86.41 -9.79
CA TYR P 697 -68.32 87.48 -10.01
C TYR P 697 -68.00 88.16 -8.69
N ARG P 698 -66.71 88.40 -8.44
CA ARG P 698 -66.28 89.04 -7.21
C ARG P 698 -66.33 90.55 -7.35
N GLN P 699 -66.95 91.21 -6.37
CA GLN P 699 -67.07 92.67 -6.39
C GLN P 699 -65.96 93.30 -5.55
N ALA P 700 -66.26 94.43 -4.91
CA ALA P 700 -65.30 95.13 -4.08
C ALA P 700 -65.63 95.06 -2.59
N ASP P 701 -66.67 94.33 -2.21
CA ASP P 701 -67.07 94.20 -0.81
C ASP P 701 -66.97 92.77 -0.28
N GLY P 702 -66.98 91.77 -1.15
CA GLY P 702 -66.89 90.37 -0.76
C GLY P 702 -68.08 89.54 -1.19
N ARG P 703 -69.23 90.17 -1.38
CA ARG P 703 -70.43 89.46 -1.79
C ARG P 703 -70.39 89.18 -3.29
N TYR P 704 -70.56 87.91 -3.65
CA TYR P 704 -70.55 87.53 -5.06
C TYR P 704 -71.89 87.81 -5.71
N THR P 705 -71.84 88.20 -6.99
CA THR P 705 -73.04 88.52 -7.75
C THR P 705 -73.15 87.58 -8.94
N VAL P 706 -74.38 87.17 -9.25
CA VAL P 706 -74.66 86.28 -10.36
C VAL P 706 -75.50 87.01 -11.39
N LYS P 707 -75.52 86.46 -12.61
CA LYS P 707 -76.28 87.03 -13.71
C LYS P 707 -77.57 86.24 -13.89
N VAL P 708 -78.70 86.91 -13.74
CA VAL P 708 -80.01 86.28 -13.90
C VAL P 708 -80.76 86.94 -15.04
N LEU P 709 -82.00 86.51 -15.26
CA LEU P 709 -82.84 87.05 -16.32
C LEU P 709 -83.85 88.03 -15.74
N LYS P 710 -84.22 89.02 -16.55
CA LYS P 710 -85.18 90.03 -16.12
C LYS P 710 -86.59 89.45 -16.12
N GLU P 711 -87.45 90.03 -15.29
CA GLU P 711 -88.84 89.59 -15.17
C GLU P 711 -89.72 90.33 -16.17
N MET Q 1 -9.93 36.20 -52.86
CA MET Q 1 -8.92 35.23 -52.47
C MET Q 1 -7.71 35.92 -51.84
N ASN Q 2 -7.80 36.21 -50.54
CA ASN Q 2 -6.71 36.88 -49.83
C ASN Q 2 -6.83 36.68 -48.33
N VAL Q 3 -7.14 35.46 -47.90
CA VAL Q 3 -7.31 35.13 -46.49
C VAL Q 3 -6.17 34.18 -46.09
N ILE Q 4 -5.43 34.56 -45.06
CA ILE Q 4 -4.31 33.76 -44.55
C ILE Q 4 -4.64 33.36 -43.12
N ALA Q 5 -4.61 32.05 -42.85
CA ALA Q 5 -4.93 31.51 -41.55
C ALA Q 5 -3.65 31.17 -40.78
N ILE Q 6 -3.63 31.52 -39.50
CA ILE Q 6 -2.50 31.25 -38.63
C ILE Q 6 -3.03 30.51 -37.41
N LEU Q 7 -2.81 29.20 -37.37
CA LEU Q 7 -3.35 28.33 -36.33
C LEU Q 7 -2.27 28.00 -35.30
N ASN Q 8 -2.72 27.73 -34.07
CA ASN Q 8 -1.89 27.25 -32.98
C ASN Q 8 -0.92 28.31 -32.47
N HIS Q 9 -1.12 28.76 -31.23
CA HIS Q 9 -0.22 29.69 -30.58
C HIS Q 9 0.64 28.91 -29.60
N MET Q 10 1.92 28.74 -29.95
CA MET Q 10 2.83 27.93 -29.15
C MET Q 10 3.09 28.50 -27.76
N GLY Q 11 2.99 29.81 -27.59
CA GLY Q 11 3.25 30.43 -26.30
C GLY Q 11 4.66 30.94 -26.17
N VAL Q 12 5.58 30.40 -26.97
CA VAL Q 12 6.97 30.83 -26.97
C VAL Q 12 7.08 32.15 -27.73
N TYR Q 13 8.26 32.76 -27.72
CA TYR Q 13 8.47 34.03 -28.38
C TYR Q 13 9.22 33.93 -29.70
N PHE Q 14 10.10 32.93 -29.84
CA PHE Q 14 10.86 32.79 -31.08
C PHE Q 14 10.02 32.27 -32.23
N LYS Q 15 8.78 31.84 -31.97
CA LYS Q 15 7.86 31.42 -33.02
C LYS Q 15 6.73 32.41 -33.28
N GLU Q 16 6.36 33.20 -32.27
CA GLU Q 16 5.29 34.19 -32.44
C GLU Q 16 5.80 35.52 -32.98
N GLU Q 17 7.09 35.81 -32.83
CA GLU Q 17 7.67 37.04 -33.34
C GLU Q 17 7.69 37.05 -34.88
N PRO Q 18 8.09 35.96 -35.55
CA PRO Q 18 7.96 35.93 -37.01
C PRO Q 18 6.52 36.04 -37.49
N ILE Q 19 5.55 35.63 -36.66
CA ILE Q 19 4.15 35.78 -37.03
C ILE Q 19 3.75 37.25 -36.99
N ARG Q 20 4.23 37.99 -35.99
CA ARG Q 20 3.92 39.42 -35.90
C ARG Q 20 4.59 40.21 -37.02
N GLU Q 21 5.81 39.82 -37.41
CA GLU Q 21 6.49 40.50 -38.51
C GLU Q 21 5.83 40.19 -39.84
N LEU Q 22 5.32 38.96 -40.01
CA LEU Q 22 4.61 38.62 -41.23
C LEU Q 22 3.23 39.26 -41.29
N HIS Q 23 2.65 39.61 -40.14
CA HIS Q 23 1.34 40.24 -40.13
C HIS Q 23 1.39 41.61 -40.78
N ARG Q 24 2.48 42.35 -40.60
CA ARG Q 24 2.62 43.67 -41.20
C ARG Q 24 3.12 43.62 -42.63
N ALA Q 25 3.61 42.47 -43.10
CA ALA Q 25 4.12 42.35 -44.46
C ALA Q 25 3.06 41.87 -45.44
N LEU Q 26 2.16 40.99 -45.02
CA LEU Q 26 1.12 40.49 -45.92
C LEU Q 26 0.03 41.52 -46.17
N GLU Q 27 -0.16 42.47 -45.25
CA GLU Q 27 -1.18 43.49 -45.44
C GLU Q 27 -0.79 44.52 -46.49
N ARG Q 28 0.50 44.61 -46.82
CA ARG Q 28 0.93 45.55 -47.85
C ARG Q 28 0.54 45.11 -49.25
N LEU Q 29 0.21 43.83 -49.44
CA LEU Q 29 -0.21 43.30 -50.73
C LEU Q 29 -1.66 42.86 -50.72
N ASN Q 30 -2.48 43.49 -49.87
CA ASN Q 30 -3.91 43.20 -49.77
C ASN Q 30 -4.17 41.75 -49.41
N PHE Q 31 -4.02 41.41 -48.13
CA PHE Q 31 -4.31 40.06 -47.65
C PHE Q 31 -4.91 40.15 -46.26
N GLN Q 32 -6.03 39.45 -46.05
CA GLN Q 32 -6.69 39.42 -44.76
C GLN Q 32 -6.07 38.35 -43.88
N ILE Q 33 -5.81 38.70 -42.62
CA ILE Q 33 -5.17 37.79 -41.66
C ILE Q 33 -6.22 37.38 -40.64
N VAL Q 34 -6.37 36.07 -40.45
CA VAL Q 34 -7.30 35.53 -39.47
C VAL Q 34 -6.51 34.63 -38.52
N TYR Q 35 -7.05 34.46 -37.31
CA TYR Q 35 -6.41 33.66 -36.26
C TYR Q 35 -7.42 32.68 -35.69
N PRO Q 36 -7.47 31.46 -36.22
CA PRO Q 36 -8.38 30.45 -35.67
C PRO Q 36 -7.91 29.98 -34.30
N ASN Q 37 -8.82 29.29 -33.60
CA ASN Q 37 -8.55 28.84 -32.24
C ASN Q 37 -8.04 27.41 -32.22
N ASP Q 38 -8.95 26.44 -32.13
CA ASP Q 38 -8.59 25.04 -32.02
C ASP Q 38 -8.60 24.39 -33.41
N ARG Q 39 -8.61 23.05 -33.45
CA ARG Q 39 -8.60 22.36 -34.74
C ARG Q 39 -9.94 22.50 -35.45
N ASP Q 40 -11.04 22.48 -34.71
CA ASP Q 40 -12.35 22.64 -35.32
C ASP Q 40 -12.57 24.06 -35.84
N ASP Q 41 -11.78 25.03 -35.38
CA ASP Q 41 -11.93 26.39 -35.87
C ASP Q 41 -11.39 26.53 -37.29
N LEU Q 42 -10.28 25.86 -37.60
CA LEU Q 42 -9.73 25.92 -38.95
C LEU Q 42 -10.61 25.20 -39.96
N LEU Q 43 -11.30 24.15 -39.54
CA LEU Q 43 -12.16 23.41 -40.46
C LEU Q 43 -13.36 24.24 -40.89
N LYS Q 44 -13.83 25.15 -40.05
CA LYS Q 44 -14.95 26.01 -40.40
C LYS Q 44 -14.55 27.18 -41.29
N LEU Q 45 -13.26 27.44 -41.46
CA LEU Q 45 -12.78 28.52 -42.30
C LEU Q 45 -12.52 28.11 -43.74
N ILE Q 46 -12.92 26.90 -44.13
CA ILE Q 46 -12.72 26.39 -45.47
C ILE Q 46 -14.04 26.06 -46.15
N GLU Q 47 -14.93 25.34 -45.45
CA GLU Q 47 -16.21 24.98 -46.03
C GLU Q 47 -17.10 26.22 -46.18
N ASN Q 48 -17.08 27.11 -45.20
CA ASN Q 48 -17.89 28.31 -45.27
C ASN Q 48 -17.16 29.45 -45.98
N ASN Q 49 -15.86 29.57 -45.76
CA ASN Q 49 -15.04 30.62 -46.36
C ASN Q 49 -14.23 30.01 -47.50
N ALA Q 50 -14.59 30.36 -48.73
CA ALA Q 50 -13.91 29.84 -49.91
C ALA Q 50 -12.81 30.74 -50.43
N ARG Q 51 -12.62 31.93 -49.84
CA ARG Q 51 -11.60 32.87 -50.26
C ARG Q 51 -10.30 32.71 -49.47
N LEU Q 52 -10.03 31.52 -48.94
CA LEU Q 52 -8.82 31.25 -48.17
C LEU Q 52 -7.83 30.48 -49.03
N CYS Q 53 -6.55 30.84 -48.90
CA CYS Q 53 -5.50 30.17 -49.66
C CYS Q 53 -4.22 29.97 -48.85
N GLY Q 54 -4.20 30.34 -47.57
CA GLY Q 54 -3.02 30.17 -46.76
C GLY Q 54 -3.32 29.64 -45.37
N VAL Q 55 -2.68 28.54 -45.01
CA VAL Q 55 -2.86 27.90 -43.70
C VAL Q 55 -1.48 27.80 -43.05
N ILE Q 56 -1.28 28.55 -41.98
CA ILE Q 56 -0.03 28.56 -41.24
C ILE Q 56 -0.26 27.86 -39.90
N PHE Q 57 0.52 26.81 -39.64
CA PHE Q 57 0.41 26.07 -38.41
C PHE Q 57 1.75 25.40 -38.11
N ASP Q 58 1.91 24.95 -36.88
CA ASP Q 58 3.13 24.27 -36.46
C ASP Q 58 3.12 22.83 -36.94
N TRP Q 59 4.20 22.41 -37.61
CA TRP Q 59 4.28 21.05 -38.12
C TRP Q 59 4.48 20.04 -36.99
N ASP Q 60 5.13 20.45 -35.90
CA ASP Q 60 5.38 19.56 -34.76
C ASP Q 60 4.31 19.74 -33.68
N LYS Q 61 3.05 19.69 -34.09
CA LYS Q 61 1.94 19.84 -33.15
C LYS Q 61 0.70 19.13 -33.66
N TYR Q 62 0.38 19.31 -34.95
CA TYR Q 62 -0.74 18.65 -35.60
C TYR Q 62 -0.32 18.23 -37.02
N ASN Q 63 0.49 17.16 -37.08
CA ASN Q 63 0.98 16.65 -38.35
C ASN Q 63 0.07 15.60 -38.97
N LEU Q 64 -0.92 15.10 -38.22
CA LEU Q 64 -1.85 14.10 -38.72
C LEU Q 64 -3.31 14.49 -38.60
N GLU Q 65 -3.64 15.47 -37.75
CA GLU Q 65 -5.02 15.90 -37.59
C GLU Q 65 -5.44 16.98 -38.57
N LEU Q 66 -4.47 17.59 -39.28
CA LEU Q 66 -4.76 18.63 -40.25
C LEU Q 66 -4.45 18.24 -41.68
N CYS Q 67 -3.48 17.35 -41.89
CA CYS Q 67 -3.12 16.93 -43.24
C CYS Q 67 -4.08 15.89 -43.81
N GLU Q 68 -5.08 15.46 -43.05
CA GLU Q 68 -6.06 14.49 -43.50
C GLU Q 68 -7.42 15.09 -43.78
N GLU Q 69 -7.90 16.01 -42.93
CA GLU Q 69 -9.20 16.61 -43.14
C GLU Q 69 -9.16 17.66 -44.25
N ILE Q 70 -8.05 18.40 -44.37
CA ILE Q 70 -7.93 19.40 -45.42
C ILE Q 70 -7.79 18.72 -46.78
N SER Q 71 -7.11 17.58 -46.83
CA SER Q 71 -6.94 16.87 -48.09
C SER Q 71 -8.26 16.33 -48.62
N LYS Q 72 -9.22 16.08 -47.74
CA LYS Q 72 -10.53 15.60 -48.16
C LYS Q 72 -11.40 16.70 -48.76
N MET Q 73 -11.02 17.96 -48.59
CA MET Q 73 -11.79 19.07 -49.15
C MET Q 73 -11.12 19.62 -50.40
N ASN Q 74 -9.98 20.28 -50.23
CA ASN Q 74 -9.22 20.85 -51.33
C ASN Q 74 -7.86 20.17 -51.41
N GLU Q 75 -7.48 19.76 -52.62
CA GLU Q 75 -6.21 19.07 -52.81
C GLU Q 75 -5.07 20.03 -53.09
N ASN Q 76 -5.28 21.02 -53.96
CA ASN Q 76 -4.24 21.97 -54.33
C ASN Q 76 -4.15 23.16 -53.37
N LEU Q 77 -4.79 23.07 -52.21
CA LEU Q 77 -4.75 24.18 -51.25
C LEU Q 77 -3.36 24.29 -50.64
N PRO Q 78 -2.70 25.45 -50.78
CA PRO Q 78 -1.35 25.59 -50.21
C PRO Q 78 -1.38 25.51 -48.69
N LEU Q 79 -0.37 24.85 -48.12
CA LEU Q 79 -0.22 24.70 -46.68
C LEU Q 79 1.11 25.31 -46.27
N TYR Q 80 1.06 26.46 -45.60
CA TYR Q 80 2.27 27.16 -45.16
C TYR Q 80 2.68 26.70 -43.77
N ALA Q 81 2.91 25.40 -43.65
CA ALA Q 81 3.31 24.81 -42.38
C ALA Q 81 4.76 25.14 -42.06
N PHE Q 82 5.03 25.41 -40.79
CA PHE Q 82 6.36 25.75 -40.32
C PHE Q 82 6.96 24.54 -39.61
N ALA Q 83 8.08 24.04 -40.14
CA ALA Q 83 8.77 22.90 -39.57
C ALA Q 83 9.87 23.35 -38.62
N ASN Q 84 10.39 22.40 -37.86
CA ASN Q 84 11.46 22.64 -36.89
C ASN Q 84 12.67 21.78 -37.25
N THR Q 85 13.58 21.65 -36.28
CA THR Q 85 14.80 20.87 -36.51
C THR Q 85 14.47 19.38 -36.57
N TYR Q 86 13.79 18.86 -35.55
CA TYR Q 86 13.42 17.45 -35.49
C TYR Q 86 12.01 17.25 -36.04
N SER Q 87 11.92 17.39 -37.37
CA SER Q 87 10.66 17.25 -38.09
C SER Q 87 10.81 16.18 -39.17
N THR Q 88 9.75 15.41 -39.38
CA THR Q 88 9.76 14.36 -40.38
C THR Q 88 8.33 14.11 -40.85
N LEU Q 89 8.20 13.31 -41.90
CA LEU Q 89 6.90 12.98 -42.47
C LEU Q 89 6.34 11.73 -41.79
N ASP Q 90 5.18 11.29 -42.27
CA ASP Q 90 4.50 10.12 -41.74
C ASP Q 90 4.21 9.14 -42.87
N VAL Q 91 4.12 7.85 -42.51
CA VAL Q 91 3.85 6.82 -43.52
C VAL Q 91 2.43 6.94 -44.04
N SER Q 92 1.52 7.51 -43.24
CA SER Q 92 0.12 7.69 -43.65
C SER Q 92 -0.09 8.99 -44.42
N LEU Q 93 0.98 9.68 -44.80
CA LEU Q 93 0.88 10.93 -45.56
C LEU Q 93 1.44 10.79 -46.96
N ASN Q 94 1.25 9.63 -47.60
CA ASN Q 94 1.79 9.40 -48.94
C ASN Q 94 0.70 9.49 -50.01
N ASP Q 95 -0.48 8.96 -49.73
CA ASP Q 95 -1.59 8.96 -50.69
C ASP Q 95 -2.54 10.12 -50.43
N LEU Q 96 -1.98 11.31 -50.22
CA LEU Q 96 -2.78 12.51 -49.97
C LEU Q 96 -2.25 13.64 -50.84
N ARG Q 97 -3.14 14.31 -51.57
CA ARG Q 97 -2.76 15.41 -52.45
C ARG Q 97 -2.72 16.70 -51.64
N LEU Q 98 -1.53 17.19 -51.35
CA LEU Q 98 -1.35 18.41 -50.58
C LEU Q 98 -0.22 19.23 -51.19
N GLN Q 99 -0.11 20.48 -50.73
CA GLN Q 99 0.93 21.41 -51.17
C GLN Q 99 1.49 22.10 -49.92
N ILE Q 100 2.52 21.49 -49.34
CA ILE Q 100 3.12 21.98 -48.10
C ILE Q 100 4.33 22.84 -48.45
N SER Q 101 4.36 24.06 -47.92
CA SER Q 101 5.47 24.98 -48.13
C SER Q 101 6.16 25.21 -46.78
N PHE Q 102 7.37 24.68 -46.64
CA PHE Q 102 8.11 24.79 -45.39
C PHE Q 102 8.82 26.13 -45.30
N PHE Q 103 9.03 26.59 -44.07
CA PHE Q 103 9.72 27.84 -43.81
C PHE Q 103 10.51 27.70 -42.51
N GLU Q 104 11.06 28.81 -42.03
CA GLU Q 104 11.83 28.83 -40.79
C GLU Q 104 11.38 30.01 -39.95
N TYR Q 105 12.04 30.19 -38.81
CA TYR Q 105 11.75 31.28 -37.89
C TYR Q 105 12.99 32.18 -37.82
N ALA Q 106 13.16 33.01 -38.86
CA ALA Q 106 14.29 33.91 -38.96
C ALA Q 106 13.80 35.35 -38.88
N LEU Q 107 14.55 36.17 -38.15
CA LEU Q 107 14.21 37.58 -37.99
C LEU Q 107 14.72 38.39 -39.17
N GLY Q 108 13.92 39.37 -39.60
CA GLY Q 108 14.27 40.22 -40.71
C GLY Q 108 13.97 39.64 -42.08
N ALA Q 109 13.76 38.33 -42.19
CA ALA Q 109 13.45 37.68 -43.46
C ALA Q 109 11.95 37.60 -43.73
N ALA Q 110 11.15 38.40 -43.03
CA ALA Q 110 9.71 38.39 -43.25
C ALA Q 110 9.32 38.97 -44.60
N GLU Q 111 10.17 39.81 -45.19
CA GLU Q 111 9.86 40.38 -46.50
C GLU Q 111 10.01 39.33 -47.59
N ASP Q 112 11.02 38.47 -47.49
CA ASP Q 112 11.19 37.41 -48.49
C ASP Q 112 10.10 36.36 -48.39
N ILE Q 113 9.53 36.16 -47.21
CA ILE Q 113 8.45 35.20 -47.06
C ILE Q 113 7.17 35.71 -47.74
N ALA Q 114 6.94 37.02 -47.68
CA ALA Q 114 5.76 37.60 -48.31
C ALA Q 114 5.82 37.46 -49.83
N ASN Q 115 7.02 37.51 -50.40
CA ASN Q 115 7.15 37.34 -51.85
C ASN Q 115 6.91 35.89 -52.26
N LYS Q 116 7.23 34.93 -51.39
CA LYS Q 116 7.00 33.53 -51.71
C LYS Q 116 5.52 33.17 -51.60
N ILE Q 117 4.79 33.81 -50.68
CA ILE Q 117 3.37 33.54 -50.54
C ILE Q 117 2.61 34.12 -51.73
N LYS Q 118 2.98 35.32 -52.18
CA LYS Q 118 2.33 35.92 -53.34
C LYS Q 118 2.62 35.13 -54.62
N GLN Q 119 3.83 34.60 -54.74
CA GLN Q 119 4.17 33.80 -55.92
C GLN Q 119 3.44 32.45 -55.89
N THR Q 120 3.32 31.85 -54.71
CA THR Q 120 2.60 30.59 -54.59
C THR Q 120 1.10 30.78 -54.84
N THR Q 121 0.55 31.91 -54.37
CA THR Q 121 -0.86 32.18 -54.61
C THR Q 121 -1.14 32.38 -56.09
N ASP Q 122 -0.22 33.03 -56.81
CA ASP Q 122 -0.38 33.21 -58.25
C ASP Q 122 -0.32 31.88 -58.98
N GLU Q 123 0.47 30.92 -58.48
CA GLU Q 123 0.52 29.60 -59.10
C GLU Q 123 -0.78 28.83 -58.86
N TYR Q 124 -1.43 29.06 -57.71
CA TYR Q 124 -2.71 28.41 -57.45
C TYR Q 124 -3.82 28.96 -58.32
N ILE Q 125 -3.74 30.26 -58.67
CA ILE Q 125 -4.75 30.84 -59.54
C ILE Q 125 -4.55 30.37 -60.98
N ASN Q 126 -3.30 30.27 -61.42
CA ASN Q 126 -2.97 29.84 -62.77
C ASN Q 126 -3.00 28.32 -62.94
N THR Q 127 -3.65 27.60 -62.04
CA THR Q 127 -3.74 26.14 -62.12
C THR Q 127 -5.19 25.65 -62.06
N ILE Q 128 -5.96 26.14 -61.09
CA ILE Q 128 -7.36 25.72 -60.96
C ILE Q 128 -8.26 26.34 -62.02
N LEU Q 129 -7.78 27.34 -62.76
CA LEU Q 129 -8.61 27.97 -63.78
C LEU Q 129 -8.36 27.31 -65.14
N PRO Q 130 -9.39 27.19 -65.96
CA PRO Q 130 -9.21 26.59 -67.30
C PRO Q 130 -8.42 27.52 -68.19
N PRO Q 131 -7.83 27.00 -69.28
CA PRO Q 131 -7.04 27.87 -70.17
C PRO Q 131 -7.89 28.88 -70.92
N LEU Q 132 -9.18 28.60 -71.13
CA LEU Q 132 -10.03 29.57 -71.81
C LEU Q 132 -10.31 30.77 -70.93
N THR Q 133 -10.60 30.54 -69.64
CA THR Q 133 -10.83 31.65 -68.72
C THR Q 133 -9.53 32.37 -68.40
N LYS Q 134 -8.40 31.65 -68.36
CA LYS Q 134 -7.12 32.29 -68.09
C LYS Q 134 -6.75 33.28 -69.18
N ALA Q 135 -7.02 32.93 -70.45
CA ALA Q 135 -6.72 33.83 -71.54
C ALA Q 135 -7.66 35.03 -71.57
N LEU Q 136 -8.84 34.93 -70.96
CA LEU Q 136 -9.77 36.04 -70.92
C LEU Q 136 -9.39 37.07 -69.86
N PHE Q 137 -8.95 36.60 -68.69
CA PHE Q 137 -8.56 37.53 -67.63
C PHE Q 137 -7.22 38.19 -67.94
N LYS Q 138 -6.31 37.48 -68.62
CA LYS Q 138 -5.02 38.06 -68.96
C LYS Q 138 -5.15 39.10 -70.05
N TYR Q 139 -6.13 38.95 -70.95
CA TYR Q 139 -6.33 39.90 -72.03
C TYR Q 139 -6.85 41.24 -71.52
N VAL Q 140 -7.45 41.28 -70.33
CA VAL Q 140 -7.99 42.52 -69.81
C VAL Q 140 -6.87 43.43 -69.31
N ARG Q 141 -5.87 42.86 -68.64
CA ARG Q 141 -4.80 43.64 -68.04
C ARG Q 141 -3.62 43.89 -68.98
N GLU Q 142 -3.59 43.23 -70.13
CA GLU Q 142 -2.46 43.38 -71.04
C GLU Q 142 -2.91 43.62 -72.48
N GLY Q 143 -3.94 42.90 -72.92
CA GLY Q 143 -4.38 43.02 -74.29
C GLY Q 143 -5.04 44.37 -74.53
N LYS Q 144 -4.53 45.11 -75.52
CA LYS Q 144 -5.06 46.42 -75.90
C LYS Q 144 -5.21 46.52 -77.41
N TYR Q 145 -5.67 45.45 -78.04
CA TYR Q 145 -5.86 45.44 -79.49
C TYR Q 145 -7.10 46.25 -79.85
N THR Q 146 -6.88 47.39 -80.51
CA THR Q 146 -7.96 48.29 -80.89
C THR Q 146 -8.46 47.94 -82.29
N PHE Q 147 -9.47 48.69 -82.74
CA PHE Q 147 -10.08 48.51 -84.06
C PHE Q 147 -10.60 47.08 -84.24
N CYS Q 148 -11.38 46.63 -83.25
CA CYS Q 148 -11.94 45.28 -83.27
C CYS Q 148 -13.35 45.33 -82.72
N THR Q 149 -14.06 44.20 -82.87
CA THR Q 149 -15.41 44.01 -82.36
C THR Q 149 -15.37 43.46 -80.94
N PRO Q 150 -16.37 43.77 -80.09
CA PRO Q 150 -17.54 44.63 -80.34
C PRO Q 150 -17.20 46.12 -80.46
N GLY Q 151 -18.22 46.94 -80.71
CA GLY Q 151 -18.01 48.36 -80.93
C GLY Q 151 -17.76 49.17 -79.68
N HIS Q 152 -18.20 48.67 -78.51
CA HIS Q 152 -17.98 49.42 -77.28
C HIS Q 152 -16.51 49.46 -76.89
N MET Q 153 -15.77 48.39 -77.18
CA MET Q 153 -14.33 48.32 -76.93
C MET Q 153 -14.00 48.59 -75.46
N GLY Q 154 -14.50 47.70 -74.60
CA GLY Q 154 -14.28 47.82 -73.18
C GLY Q 154 -15.06 48.93 -72.50
N GLY Q 155 -16.06 49.50 -73.16
CA GLY Q 155 -16.85 50.55 -72.57
C GLY Q 155 -16.34 51.94 -72.90
N THR Q 156 -15.82 52.11 -74.11
CA THR Q 156 -15.30 53.41 -74.52
C THR Q 156 -16.43 54.37 -74.88
N ALA Q 157 -17.43 53.89 -75.62
CA ALA Q 157 -18.54 54.74 -76.02
C ALA Q 157 -19.44 55.13 -74.84
N PHE Q 158 -19.41 54.36 -73.75
CA PHE Q 158 -20.24 54.68 -72.59
C PHE Q 158 -19.73 55.90 -71.84
N GLN Q 159 -18.44 56.24 -71.97
CA GLN Q 159 -17.89 57.40 -71.29
C GLN Q 159 -18.23 58.72 -71.97
N LYS Q 160 -18.84 58.67 -73.16
CA LYS Q 160 -19.20 59.88 -73.88
C LYS Q 160 -20.69 60.21 -73.82
N SER Q 161 -21.54 59.25 -73.46
CA SER Q 161 -22.96 59.50 -73.37
C SER Q 161 -23.40 59.64 -71.92
N PRO Q 162 -24.30 60.59 -71.63
CA PRO Q 162 -24.77 60.75 -70.24
C PRO Q 162 -25.50 59.53 -69.71
N VAL Q 163 -26.32 58.88 -70.55
CA VAL Q 163 -27.05 57.70 -70.10
C VAL Q 163 -26.14 56.48 -70.09
N GLY Q 164 -25.09 56.47 -70.92
CA GLY Q 164 -24.19 55.33 -70.96
C GLY Q 164 -23.29 55.20 -69.75
N SER Q 165 -23.10 56.29 -69.01
CA SER Q 165 -22.25 56.23 -67.82
C SER Q 165 -22.92 55.46 -66.69
N LEU Q 166 -24.26 55.45 -66.65
CA LEU Q 166 -24.95 54.73 -65.59
C LEU Q 166 -24.97 53.23 -65.86
N PHE Q 167 -24.73 52.81 -67.10
CA PHE Q 167 -24.72 51.39 -67.42
C PHE Q 167 -23.32 50.80 -67.34
N TYR Q 168 -22.29 51.64 -67.48
CA TYR Q 168 -20.92 51.15 -67.40
C TYR Q 168 -20.44 51.08 -65.96
N ASP Q 169 -21.00 51.91 -65.08
CA ASP Q 169 -20.62 51.93 -63.67
C ASP Q 169 -21.38 50.90 -62.84
N PHE Q 170 -22.24 50.09 -63.46
CA PHE Q 170 -23.00 49.08 -62.74
C PHE Q 170 -22.28 47.74 -62.70
N PHE Q 171 -21.96 47.17 -63.87
CA PHE Q 171 -21.28 45.89 -63.91
C PHE Q 171 -19.82 45.99 -63.48
N GLY Q 172 -19.12 47.05 -63.88
CA GLY Q 172 -17.73 47.23 -63.53
C GLY Q 172 -16.85 47.40 -64.75
N PRO Q 173 -15.69 48.05 -64.56
CA PRO Q 173 -14.77 48.25 -65.69
C PRO Q 173 -14.22 46.94 -66.24
N ASN Q 174 -14.02 45.93 -65.39
CA ASN Q 174 -13.48 44.66 -65.86
C ASN Q 174 -14.51 43.81 -66.57
N THR Q 175 -15.79 44.19 -66.54
CA THR Q 175 -16.82 43.41 -67.20
C THR Q 175 -16.87 43.69 -68.70
N MET Q 176 -16.86 44.98 -69.07
CA MET Q 176 -16.94 45.33 -70.48
C MET Q 176 -15.62 45.04 -71.21
N LYS Q 177 -14.51 45.04 -70.49
CA LYS Q 177 -13.23 44.74 -71.12
C LYS Q 177 -13.11 43.26 -71.50
N SER Q 178 -13.84 42.40 -70.80
CA SER Q 178 -13.83 40.97 -71.11
C SER Q 178 -14.78 40.59 -72.24
N ASP Q 179 -15.58 41.54 -72.73
CA ASP Q 179 -16.53 41.27 -73.82
C ASP Q 179 -15.81 41.47 -75.14
N ILE Q 180 -15.26 40.38 -75.69
CA ILE Q 180 -14.55 40.41 -76.96
C ILE Q 180 -15.11 39.32 -77.86
N SER Q 181 -14.81 39.45 -79.15
CA SER Q 181 -15.29 38.49 -80.15
C SER Q 181 -14.17 37.59 -80.63
N ILE Q 182 -14.23 37.18 -81.90
CA ILE Q 182 -13.23 36.29 -82.47
C ILE Q 182 -12.14 37.10 -83.17
N SER Q 183 -12.09 38.40 -82.86
CA SER Q 183 -11.09 39.29 -83.43
C SER Q 183 -9.77 39.27 -82.66
N VAL Q 184 -9.50 38.19 -81.93
CA VAL Q 184 -8.28 38.05 -81.14
C VAL Q 184 -7.53 36.82 -81.62
N SER Q 185 -6.22 36.97 -81.82
CA SER Q 185 -5.42 35.87 -82.37
C SER Q 185 -5.04 34.86 -81.29
N GLU Q 186 -4.68 35.32 -80.11
CA GLU Q 186 -4.23 34.42 -79.04
C GLU Q 186 -5.37 33.76 -78.28
N LEU Q 187 -6.62 33.89 -78.76
CA LEU Q 187 -7.75 33.19 -78.18
C LEU Q 187 -8.51 32.32 -79.17
N GLY Q 188 -8.25 32.45 -80.47
CA GLY Q 188 -8.90 31.63 -81.45
C GLY Q 188 -10.37 31.98 -81.64
N SER Q 189 -11.09 31.04 -82.24
CA SER Q 189 -12.51 31.19 -82.51
C SER Q 189 -13.25 29.93 -82.10
N LEU Q 190 -14.54 30.08 -81.81
CA LEU Q 190 -15.36 28.94 -81.40
C LEU Q 190 -15.73 28.06 -82.59
N LEU Q 191 -15.99 28.68 -83.75
CA LEU Q 191 -16.36 27.89 -84.93
C LEU Q 191 -15.16 27.14 -85.50
N ASP Q 192 -13.95 27.67 -85.32
CA ASP Q 192 -12.75 27.02 -85.84
C ASP Q 192 -12.33 25.83 -84.98
N HIS Q 193 -12.71 25.80 -83.70
CA HIS Q 193 -12.37 24.71 -82.79
C HIS Q 193 -10.85 24.51 -82.70
N SER Q 194 -10.14 25.61 -82.51
CA SER Q 194 -8.68 25.58 -82.42
C SER Q 194 -8.23 26.53 -81.31
N GLY Q 195 -7.00 26.32 -80.86
CA GLY Q 195 -6.43 27.14 -79.82
C GLY Q 195 -7.02 26.84 -78.46
N PRO Q 196 -7.33 27.89 -77.70
CA PRO Q 196 -7.94 27.68 -76.38
C PRO Q 196 -9.30 27.00 -76.44
N HIS Q 197 -10.04 27.19 -77.53
CA HIS Q 197 -11.35 26.56 -77.65
C HIS Q 197 -11.22 25.05 -77.90
N LYS Q 198 -10.10 24.62 -78.48
CA LYS Q 198 -9.90 23.19 -78.71
C LYS Q 198 -9.62 22.45 -77.41
N GLU Q 199 -8.77 23.01 -76.55
CA GLU Q 199 -8.48 22.39 -75.27
C GLU Q 199 -9.64 22.53 -74.28
N ALA Q 200 -10.54 23.49 -74.50
CA ALA Q 200 -11.68 23.64 -73.59
C ALA Q 200 -12.71 22.55 -73.80
N GLU Q 201 -12.87 22.06 -75.03
CA GLU Q 201 -13.83 21.01 -75.29
C GLU Q 201 -13.37 19.67 -74.74
N GLN Q 202 -12.06 19.47 -74.62
CA GLN Q 202 -11.53 18.23 -74.06
C GLN Q 202 -11.51 18.24 -72.54
N TYR Q 203 -11.43 19.43 -71.94
CA TYR Q 203 -11.43 19.53 -70.49
C TYR Q 203 -12.82 19.29 -69.91
N ILE Q 204 -13.87 19.66 -70.65
CA ILE Q 204 -15.23 19.45 -70.17
C ILE Q 204 -15.65 18.00 -70.38
N ALA Q 205 -15.32 17.43 -71.54
CA ALA Q 205 -15.69 16.05 -71.82
C ALA Q 205 -14.94 15.06 -70.96
N ARG Q 206 -13.76 15.42 -70.45
CA ARG Q 206 -13.01 14.50 -69.60
C ARG Q 206 -13.62 14.41 -68.22
N VAL Q 207 -14.06 15.54 -67.66
CA VAL Q 207 -14.68 15.53 -66.34
C VAL Q 207 -16.08 14.92 -66.40
N PHE Q 208 -16.86 15.28 -67.42
CA PHE Q 208 -18.20 14.76 -67.59
C PHE Q 208 -18.24 13.41 -68.29
N ASN Q 209 -17.08 12.78 -68.50
CA ASN Q 209 -16.97 11.47 -69.13
C ASN Q 209 -17.64 11.47 -70.51
N ALA Q 210 -16.96 12.07 -71.49
CA ALA Q 210 -17.49 12.12 -72.84
C ALA Q 210 -16.32 12.17 -73.83
N ASP Q 211 -16.65 11.96 -75.11
CA ASP Q 211 -15.64 11.99 -76.16
C ASP Q 211 -15.52 13.36 -76.80
N ARG Q 212 -16.63 14.06 -77.00
CA ARG Q 212 -16.62 15.39 -77.60
CA ARG Q 212 -16.62 15.39 -77.60
C ARG Q 212 -17.83 16.17 -77.10
N SER Q 213 -17.59 17.37 -76.59
CA SER Q 213 -18.65 18.22 -76.06
C SER Q 213 -18.47 19.63 -76.57
N TYR Q 214 -19.58 20.30 -76.83
CA TYR Q 214 -19.58 21.67 -77.31
C TYR Q 214 -20.12 22.61 -76.23
N MET Q 215 -20.21 23.89 -76.57
CA MET Q 215 -20.69 24.93 -75.65
C MET Q 215 -21.72 25.77 -76.40
N VAL Q 216 -22.99 25.45 -76.22
CA VAL Q 216 -24.07 26.18 -76.87
C VAL Q 216 -24.33 27.47 -76.10
N THR Q 217 -24.35 28.59 -76.82
CA THR Q 217 -24.57 29.90 -76.23
C THR Q 217 -25.97 30.44 -76.51
N ASN Q 218 -26.98 29.59 -76.42
CA ASN Q 218 -28.37 30.00 -76.62
C ASN Q 218 -29.30 29.12 -75.80
N GLY Q 219 -28.83 28.66 -74.66
CA GLY Q 219 -29.64 27.85 -73.78
C GLY Q 219 -29.81 26.43 -74.29
N THR Q 220 -30.51 25.62 -73.49
CA THR Q 220 -30.75 24.23 -73.85
C THR Q 220 -31.80 24.11 -74.95
N SER Q 221 -32.73 25.06 -75.02
CA SER Q 221 -33.79 24.99 -76.02
C SER Q 221 -33.24 24.98 -77.44
N THR Q 222 -32.09 25.60 -77.66
CA THR Q 222 -31.47 25.62 -78.97
C THR Q 222 -30.65 24.36 -79.23
N ALA Q 223 -30.00 23.81 -78.20
CA ALA Q 223 -29.18 22.63 -78.37
C ALA Q 223 -29.99 21.39 -78.72
N ASN Q 224 -31.29 21.36 -78.39
CA ASN Q 224 -32.12 20.21 -78.72
C ASN Q 224 -32.36 20.11 -80.23
N LYS Q 225 -32.39 21.25 -80.93
CA LYS Q 225 -32.61 21.24 -82.37
C LYS Q 225 -31.37 20.91 -83.16
N ILE Q 226 -30.18 20.98 -82.56
CA ILE Q 226 -28.96 20.63 -83.26
C ILE Q 226 -28.87 19.11 -83.45
N VAL Q 227 -29.21 18.34 -82.42
CA VAL Q 227 -29.18 16.88 -82.54
C VAL Q 227 -30.31 16.39 -83.42
N GLY Q 228 -31.49 17.02 -83.32
CA GLY Q 228 -32.62 16.61 -84.12
C GLY Q 228 -32.44 16.80 -85.61
N MET Q 229 -31.52 17.68 -86.01
CA MET Q 229 -31.23 17.92 -87.42
C MET Q 229 -29.97 17.20 -87.89
N TYR Q 230 -29.58 16.12 -87.21
CA TYR Q 230 -28.40 15.35 -87.56
C TYR Q 230 -28.70 13.90 -87.92
N SER Q 231 -29.62 13.26 -87.20
CA SER Q 231 -30.01 11.87 -87.45
C SER Q 231 -31.50 11.77 -87.76
N ALA Q 232 -32.01 12.70 -88.58
CA ALA Q 232 -33.41 12.70 -88.96
C ALA Q 232 -33.58 13.36 -90.33
N PRO Q 233 -33.39 12.60 -91.41
CA PRO Q 233 -33.56 13.18 -92.75
C PRO Q 233 -35.01 13.55 -93.02
N ALA Q 234 -35.21 14.27 -94.12
CA ALA Q 234 -36.54 14.69 -94.52
C ALA Q 234 -37.34 13.49 -95.01
N GLY Q 235 -38.26 13.00 -94.18
CA GLY Q 235 -39.06 11.85 -94.50
C GLY Q 235 -38.74 10.60 -93.71
N SER Q 236 -38.03 10.72 -92.60
CA SER Q 236 -37.67 9.56 -91.79
C SER Q 236 -38.70 9.34 -90.68
N THR Q 237 -38.24 8.93 -89.51
CA THR Q 237 -39.11 8.66 -88.37
C THR Q 237 -38.34 8.88 -87.08
N ILE Q 238 -38.89 9.69 -86.18
CA ILE Q 238 -38.28 9.96 -84.90
C ILE Q 238 -39.21 9.47 -83.81
N LEU Q 239 -38.63 9.24 -82.62
CA LEU Q 239 -39.35 8.76 -81.45
C LEU Q 239 -39.25 9.80 -80.35
N ILE Q 240 -40.09 10.82 -80.44
CA ILE Q 240 -40.10 11.91 -79.46
C ILE Q 240 -41.04 11.53 -78.31
N ASP Q 241 -40.69 11.98 -77.11
CA ASP Q 241 -41.50 11.70 -75.94
C ASP Q 241 -42.71 12.63 -75.89
N ARG Q 242 -43.77 12.16 -75.24
CA ARG Q 242 -44.98 12.96 -75.12
C ARG Q 242 -44.75 14.16 -74.19
N ASN Q 243 -44.06 13.95 -73.07
CA ASN Q 243 -43.74 15.02 -72.15
C ASN Q 243 -42.50 15.77 -72.63
N CYS Q 244 -42.70 16.52 -73.72
CA CYS Q 244 -41.62 17.26 -74.37
C CYS Q 244 -41.63 18.71 -73.89
N HIS Q 245 -40.77 19.52 -74.51
CA HIS Q 245 -40.64 20.93 -74.20
C HIS Q 245 -41.12 21.76 -75.37
N LYS Q 246 -41.31 23.07 -75.11
CA LYS Q 246 -41.76 23.98 -76.16
C LYS Q 246 -40.80 24.00 -77.34
N SER Q 247 -39.49 23.88 -77.07
CA SER Q 247 -38.51 23.84 -78.15
C SER Q 247 -38.55 22.51 -78.90
N LEU Q 248 -38.91 21.43 -78.21
CA LEU Q 248 -38.98 20.13 -78.87
C LEU Q 248 -40.17 20.06 -79.83
N THR Q 249 -41.22 20.83 -79.56
CA THR Q 249 -42.36 20.85 -80.47
C THR Q 249 -42.03 21.58 -81.76
N HIS Q 250 -41.27 22.68 -81.67
CA HIS Q 250 -40.87 23.41 -82.86
C HIS Q 250 -39.90 22.63 -83.73
N LEU Q 251 -39.16 21.67 -83.14
CA LEU Q 251 -38.26 20.84 -83.94
C LEU Q 251 -39.05 19.97 -84.92
N MET Q 252 -40.21 19.48 -84.51
CA MET Q 252 -41.05 18.69 -85.41
C MET Q 252 -41.71 19.56 -86.49
N MET Q 253 -41.81 20.87 -86.26
CA MET Q 253 -42.40 21.78 -87.23
C MET Q 253 -41.37 22.38 -88.17
N MET Q 254 -40.09 22.04 -88.03
CA MET Q 254 -39.04 22.55 -88.89
C MET Q 254 -38.41 21.48 -89.77
N SER Q 255 -38.67 20.20 -89.52
CA SER Q 255 -38.13 19.11 -90.31
C SER Q 255 -39.27 18.18 -90.70
N ASP Q 256 -39.27 17.74 -91.97
CA ASP Q 256 -40.32 16.86 -92.49
C ASP Q 256 -40.04 15.44 -92.03
N VAL Q 257 -40.47 15.14 -90.81
CA VAL Q 257 -40.31 13.81 -90.22
C VAL Q 257 -41.66 13.34 -89.71
N THR Q 258 -41.73 12.04 -89.42
CA THR Q 258 -42.95 11.42 -88.90
C THR Q 258 -42.71 10.98 -87.45
N PRO Q 259 -43.09 11.78 -86.46
CA PRO Q 259 -42.85 11.42 -85.07
C PRO Q 259 -43.87 10.39 -84.58
N ILE Q 260 -43.45 9.62 -83.57
CA ILE Q 260 -44.29 8.64 -82.91
C ILE Q 260 -44.26 8.92 -81.42
N TYR Q 261 -45.41 9.29 -80.86
CA TYR Q 261 -45.49 9.66 -79.46
C TYR Q 261 -45.65 8.42 -78.59
N PHE Q 262 -45.03 8.45 -77.41
CA PHE Q 262 -45.10 7.33 -76.48
C PHE Q 262 -46.32 7.49 -75.58
N ARG Q 263 -46.42 6.63 -74.55
CA ARG Q 263 -47.52 6.65 -73.60
C ARG Q 263 -46.94 6.65 -72.19
N PRO Q 264 -46.51 7.80 -71.70
CA PRO Q 264 -45.95 7.87 -70.35
C PRO Q 264 -46.99 7.57 -69.28
N THR Q 265 -46.50 7.21 -68.10
CA THR Q 265 -47.36 6.93 -66.96
C THR Q 265 -47.64 8.21 -66.18
N ARG Q 266 -48.76 8.20 -65.45
CA ARG Q 266 -49.17 9.36 -64.67
C ARG Q 266 -50.15 8.90 -63.60
N ASN Q 267 -50.30 9.74 -62.58
CA ASN Q 267 -51.18 9.50 -61.45
C ASN Q 267 -52.34 10.50 -61.49
N ALA Q 268 -52.88 10.85 -60.32
CA ALA Q 268 -53.99 11.78 -60.23
C ALA Q 268 -53.57 13.16 -59.74
N TYR Q 269 -52.43 13.28 -59.07
CA TYR Q 269 -51.95 14.57 -58.57
C TYR Q 269 -51.36 15.45 -59.66
N GLY Q 270 -51.09 14.89 -60.84
CA GLY Q 270 -50.50 15.64 -61.94
C GLY Q 270 -49.04 15.38 -62.19
N ILE Q 271 -48.38 14.57 -61.35
CA ILE Q 271 -46.96 14.28 -61.52
C ILE Q 271 -46.84 13.17 -62.57
N LEU Q 272 -46.23 13.50 -63.70
CA LEU Q 272 -46.05 12.52 -64.77
C LEU Q 272 -44.93 11.55 -64.42
N GLY Q 273 -45.16 10.27 -64.64
CA GLY Q 273 -44.17 9.26 -64.36
C GLY Q 273 -43.11 9.15 -65.44
N GLY Q 274 -43.09 8.01 -66.13
CA GLY Q 274 -42.12 7.81 -67.19
C GLY Q 274 -42.65 6.85 -68.22
N ILE Q 275 -41.81 6.56 -69.21
CA ILE Q 275 -42.18 5.64 -70.29
C ILE Q 275 -42.02 4.20 -69.79
N PRO Q 276 -43.04 3.37 -69.91
CA PRO Q 276 -42.93 1.98 -69.45
C PRO Q 276 -41.90 1.20 -70.26
N GLN Q 277 -41.51 0.05 -69.72
CA GLN Q 277 -40.52 -0.79 -70.39
C GLN Q 277 -41.12 -1.50 -71.60
N SER Q 278 -42.45 -1.61 -71.69
CA SER Q 278 -43.06 -2.27 -72.83
C SER Q 278 -43.00 -1.44 -74.10
N GLU Q 279 -42.86 -0.12 -73.98
CA GLU Q 279 -42.78 0.73 -75.16
C GLU Q 279 -41.42 0.64 -75.85
N PHE Q 280 -40.39 0.17 -75.15
CA PHE Q 280 -39.06 0.02 -75.74
C PHE Q 280 -38.86 -1.31 -76.44
N GLN Q 281 -39.91 -2.13 -76.56
CA GLN Q 281 -39.79 -3.42 -77.21
C GLN Q 281 -39.74 -3.25 -78.72
N HIS Q 282 -39.48 -4.37 -79.41
CA HIS Q 282 -39.42 -4.34 -80.87
C HIS Q 282 -40.79 -4.56 -81.49
N ALA Q 283 -41.67 -5.29 -80.80
CA ALA Q 283 -43.01 -5.53 -81.32
C ALA Q 283 -43.93 -4.34 -81.08
N THR Q 284 -43.58 -3.48 -80.13
CA THR Q 284 -44.42 -2.32 -79.85
C THR Q 284 -44.12 -1.17 -80.81
N ILE Q 285 -42.85 -0.93 -81.11
CA ILE Q 285 -42.49 0.15 -82.02
C ILE Q 285 -42.89 -0.18 -83.45
N ALA Q 286 -42.62 -1.42 -83.89
CA ALA Q 286 -42.95 -1.81 -85.25
C ALA Q 286 -44.45 -1.87 -85.50
N LYS Q 287 -45.26 -1.99 -84.44
CA LYS Q 287 -46.70 -2.03 -84.63
C LYS Q 287 -47.25 -0.66 -84.98
N ARG Q 288 -46.67 0.41 -84.40
CA ARG Q 288 -47.12 1.76 -84.68
C ARG Q 288 -46.61 2.30 -86.02
N VAL Q 289 -45.66 1.61 -86.66
CA VAL Q 289 -45.16 2.07 -87.94
C VAL Q 289 -46.18 1.82 -89.04
N LYS Q 290 -46.80 0.63 -89.05
CA LYS Q 290 -47.79 0.32 -90.07
C LYS Q 290 -49.07 1.12 -89.87
N GLU Q 291 -49.44 1.37 -88.60
CA GLU Q 291 -50.66 2.11 -88.32
C GLU Q 291 -50.53 3.59 -88.67
N THR Q 292 -49.32 4.13 -88.68
CA THR Q 292 -49.10 5.53 -89.00
C THR Q 292 -48.77 5.66 -90.48
N PRO Q 293 -49.56 6.39 -91.27
CA PRO Q 293 -49.23 6.55 -92.69
C PRO Q 293 -47.93 7.32 -92.89
N ASN Q 294 -47.17 6.91 -93.90
CA ASN Q 294 -45.89 7.52 -94.27
C ASN Q 294 -44.93 7.50 -93.07
N ALA Q 295 -44.45 6.30 -92.77
CA ALA Q 295 -43.53 6.09 -91.66
C ALA Q 295 -42.66 4.88 -91.96
N THR Q 296 -41.34 5.06 -91.82
CA THR Q 296 -40.36 4.02 -92.05
C THR Q 296 -39.80 3.55 -90.71
N TRP Q 297 -38.57 3.05 -90.70
CA TRP Q 297 -37.95 2.59 -89.46
C TRP Q 297 -37.42 3.79 -88.67
N PRO Q 298 -37.72 3.87 -87.37
CA PRO Q 298 -37.22 5.01 -86.57
C PRO Q 298 -35.70 4.99 -86.48
N VAL Q 299 -35.09 6.13 -86.78
CA VAL Q 299 -33.64 6.28 -86.73
C VAL Q 299 -33.19 7.20 -85.60
N HIS Q 300 -34.12 7.79 -84.86
CA HIS Q 300 -33.77 8.66 -83.75
C HIS Q 300 -34.86 8.57 -82.69
N ALA Q 301 -34.46 8.70 -81.43
CA ALA Q 301 -35.38 8.63 -80.30
C ALA Q 301 -35.05 9.72 -79.30
N VAL Q 302 -36.08 10.44 -78.86
CA VAL Q 302 -35.94 11.51 -77.88
C VAL Q 302 -36.62 11.07 -76.60
N ILE Q 303 -35.83 10.97 -75.52
CA ILE Q 303 -36.32 10.53 -74.22
C ILE Q 303 -36.08 11.65 -73.21
N THR Q 304 -37.13 12.05 -72.51
CA THR Q 304 -37.06 13.11 -71.52
C THR Q 304 -36.63 12.51 -70.20
N ASN Q 305 -35.33 12.58 -69.90
CA ASN Q 305 -34.75 12.05 -68.68
C ASN Q 305 -33.78 13.08 -68.12
N SER Q 306 -34.16 13.73 -67.02
CA SER Q 306 -35.45 13.48 -66.36
C SER Q 306 -36.53 14.42 -66.88
N THR Q 307 -37.72 14.31 -66.29
CA THR Q 307 -38.86 15.12 -66.70
C THR Q 307 -38.79 16.48 -66.01
N TYR Q 308 -39.92 17.20 -65.98
CA TYR Q 308 -39.94 18.51 -65.35
C TYR Q 308 -39.95 18.42 -63.84
N ASP Q 309 -40.49 17.32 -63.28
CA ASP Q 309 -40.53 17.14 -61.84
C ASP Q 309 -39.26 16.52 -61.28
N GLY Q 310 -38.45 15.89 -62.11
CA GLY Q 310 -37.22 15.28 -61.65
C GLY Q 310 -37.37 13.82 -61.29
N LEU Q 311 -37.46 12.95 -62.31
CA LEU Q 311 -37.60 11.52 -62.11
C LEU Q 311 -36.65 10.81 -63.07
N LEU Q 312 -35.57 10.24 -62.53
CA LEU Q 312 -34.61 9.54 -63.36
C LEU Q 312 -35.18 8.20 -63.82
N TYR Q 313 -34.72 7.77 -65.00
CA TYR Q 313 -35.19 6.50 -65.57
C TYR Q 313 -34.17 5.40 -65.30
N ASN Q 314 -34.04 4.46 -66.25
CA ASN Q 314 -33.11 3.34 -66.14
C ASN Q 314 -32.37 3.23 -67.48
N THR Q 315 -31.21 3.88 -67.57
CA THR Q 315 -30.44 3.84 -68.81
C THR Q 315 -29.78 2.50 -69.05
N ASP Q 316 -29.66 1.67 -68.02
CA ASP Q 316 -29.09 0.33 -68.20
C ASP Q 316 -29.99 -0.59 -69.01
N PHE Q 317 -31.30 -0.32 -69.00
CA PHE Q 317 -32.25 -1.12 -69.77
C PHE Q 317 -32.63 -0.50 -71.10
N ILE Q 318 -32.53 0.82 -71.22
CA ILE Q 318 -32.89 1.49 -72.48
C ILE Q 318 -31.84 1.22 -73.55
N LYS Q 319 -30.56 1.33 -73.19
CA LYS Q 319 -29.45 1.12 -74.12
C LYS Q 319 -29.40 -0.29 -74.69
N LYS Q 320 -30.04 -1.27 -74.06
CA LYS Q 320 -30.00 -2.65 -74.55
C LYS Q 320 -31.24 -3.09 -75.31
N THR Q 321 -32.45 -2.85 -74.80
CA THR Q 321 -33.67 -3.30 -75.46
C THR Q 321 -34.06 -2.40 -76.62
N LEU Q 322 -34.01 -1.09 -76.42
CA LEU Q 322 -34.37 -0.14 -77.47
C LEU Q 322 -33.38 -0.24 -78.62
N ASP Q 323 -33.89 -0.45 -79.84
CA ASP Q 323 -33.06 -0.61 -81.02
C ASP Q 323 -33.09 0.68 -81.85
N VAL Q 324 -32.46 1.71 -81.31
CA VAL Q 324 -32.35 3.01 -81.96
C VAL Q 324 -30.87 3.40 -81.98
N LYS Q 325 -30.35 3.68 -83.18
CA LYS Q 325 -28.94 4.03 -83.32
C LYS Q 325 -28.61 5.42 -82.78
N SER Q 326 -29.62 6.28 -82.61
CA SER Q 326 -29.42 7.64 -82.12
C SER Q 326 -30.43 7.89 -81.00
N ILE Q 327 -30.05 7.54 -79.78
CA ILE Q 327 -30.90 7.73 -78.61
C ILE Q 327 -30.51 9.03 -77.93
N HIS Q 328 -31.50 9.88 -77.69
CA HIS Q 328 -31.28 11.19 -77.07
C HIS Q 328 -31.90 11.21 -75.67
N PHE Q 329 -31.17 11.83 -74.73
CA PHE Q 329 -31.63 11.97 -73.36
C PHE Q 329 -31.67 13.46 -73.02
N ASP Q 330 -32.87 13.98 -72.81
CA ASP Q 330 -33.05 15.40 -72.48
C ASP Q 330 -32.72 15.60 -71.00
N SER Q 331 -31.43 15.73 -70.72
CA SER Q 331 -30.94 15.92 -69.36
C SER Q 331 -30.90 17.40 -68.98
N ALA Q 332 -32.03 18.08 -69.13
CA ALA Q 332 -32.13 19.50 -68.84
C ALA Q 332 -32.40 19.78 -67.36
N TRP Q 333 -32.30 18.78 -66.50
CA TRP Q 333 -32.54 18.97 -65.07
C TRP Q 333 -31.58 18.20 -64.18
N VAL Q 334 -30.60 17.50 -64.74
CA VAL Q 334 -29.64 16.73 -63.95
C VAL Q 334 -28.22 17.00 -64.45
N PRO Q 335 -27.68 18.22 -64.28
CA PRO Q 335 -26.30 18.47 -64.70
C PRO Q 335 -25.28 18.04 -63.66
N TYR Q 336 -25.47 16.85 -63.07
CA TYR Q 336 -24.59 16.41 -61.99
C TYR Q 336 -24.53 14.89 -61.85
N THR Q 337 -24.97 14.13 -62.85
CA THR Q 337 -24.97 12.68 -62.77
C THR Q 337 -23.61 12.05 -63.04
N ASN Q 338 -22.55 12.60 -62.43
CA ASN Q 338 -21.21 12.06 -62.60
C ASN Q 338 -20.32 12.54 -61.46
N PHE Q 339 -20.92 12.77 -60.29
CA PHE Q 339 -20.16 13.27 -59.15
C PHE Q 339 -20.62 12.66 -57.83
N SER Q 340 -21.25 11.48 -57.86
CA SER Q 340 -21.73 10.83 -56.66
C SER Q 340 -21.95 9.35 -56.95
N PRO Q 341 -21.66 8.47 -55.99
CA PRO Q 341 -21.86 7.03 -56.23
C PRO Q 341 -23.32 6.60 -56.24
N ILE Q 342 -24.26 7.51 -56.01
CA ILE Q 342 -25.68 7.14 -56.00
C ILE Q 342 -26.32 7.57 -57.32
N TYR Q 343 -25.49 7.89 -58.31
CA TYR Q 343 -25.97 8.28 -59.63
C TYR Q 343 -25.29 7.48 -60.74
N GLU Q 344 -24.64 6.37 -60.39
CA GLU Q 344 -23.97 5.55 -61.39
C GLU Q 344 -24.98 4.72 -62.16
N GLY Q 345 -24.83 4.68 -63.48
CA GLY Q 345 -25.74 3.92 -64.32
C GLY Q 345 -27.12 4.51 -64.45
N LYS Q 346 -27.27 5.82 -64.26
CA LYS Q 346 -28.57 6.48 -64.37
C LYS Q 346 -28.66 7.48 -65.50
N CYS Q 347 -27.55 7.77 -66.19
CA CYS Q 347 -27.52 8.70 -67.30
C CYS Q 347 -26.85 8.03 -68.50
N GLY Q 348 -26.84 8.76 -69.62
CA GLY Q 348 -26.22 8.23 -70.82
C GLY Q 348 -24.70 8.23 -70.79
N MET Q 349 -24.11 9.18 -70.06
CA MET Q 349 -22.65 9.24 -69.97
C MET Q 349 -22.07 8.17 -69.05
N SER Q 350 -22.86 7.67 -68.09
CA SER Q 350 -22.38 6.66 -67.17
C SER Q 350 -22.28 5.31 -67.89
N GLY Q 351 -21.14 4.64 -67.74
CA GLY Q 351 -20.92 3.36 -68.37
C GLY Q 351 -19.86 3.41 -69.45
N GLY Q 352 -20.21 2.96 -70.65
CA GLY Q 352 -19.27 2.95 -71.75
C GLY Q 352 -19.92 3.22 -73.10
N ARG Q 353 -19.16 3.07 -74.17
CA ARG Q 353 -19.68 3.29 -75.51
C ARG Q 353 -20.51 2.10 -75.97
N VAL Q 354 -21.72 2.37 -76.43
CA VAL Q 354 -22.61 1.31 -76.91
C VAL Q 354 -22.23 0.96 -78.35
N GLU Q 355 -22.08 -0.32 -78.63
CA GLU Q 355 -21.67 -0.77 -79.95
C GLU Q 355 -22.81 -0.54 -80.95
N GLY Q 356 -22.55 0.30 -81.95
CA GLY Q 356 -23.53 0.58 -82.98
C GLY Q 356 -24.54 1.65 -82.64
N LYS Q 357 -24.38 2.34 -81.51
CA LYS Q 357 -25.32 3.38 -81.10
C LYS Q 357 -24.53 4.60 -80.65
N VAL Q 358 -25.26 5.67 -80.35
CA VAL Q 358 -24.67 6.92 -79.88
C VAL Q 358 -25.67 7.61 -78.96
N ILE Q 359 -25.14 8.27 -77.93
CA ILE Q 359 -25.97 8.92 -76.91
C ILE Q 359 -25.75 10.43 -77.01
N TYR Q 360 -26.85 11.18 -77.08
CA TYR Q 360 -26.81 12.63 -77.12
C TYR Q 360 -27.50 13.19 -75.88
N GLU Q 361 -26.89 14.18 -75.25
CA GLU Q 361 -27.43 14.80 -74.06
C GLU Q 361 -27.28 16.32 -74.17
N THR Q 362 -28.28 17.04 -73.67
CA THR Q 362 -28.29 18.50 -73.65
C THR Q 362 -28.42 18.95 -72.20
N GLN Q 363 -27.32 18.91 -71.46
CA GLN Q 363 -27.32 19.28 -70.06
C GLN Q 363 -27.45 20.80 -69.91
N SER Q 364 -28.38 21.24 -69.08
CA SER Q 364 -28.59 22.66 -68.85
C SER Q 364 -27.55 23.18 -67.86
N THR Q 365 -26.96 24.32 -68.20
CA THR Q 365 -25.94 24.94 -67.37
C THR Q 365 -26.48 26.04 -66.47
N HIS Q 366 -27.36 26.89 -66.99
CA HIS Q 366 -27.91 28.00 -66.22
C HIS Q 366 -29.22 27.61 -65.55
N LYS Q 367 -29.30 26.38 -65.05
CA LYS Q 367 -30.52 25.89 -64.39
C LYS Q 367 -30.23 25.51 -62.98
N LEU Q 368 -29.36 24.53 -62.79
CA LEU Q 368 -29.03 24.03 -61.45
C LEU Q 368 -27.52 24.04 -61.19
N LEU Q 369 -26.83 25.03 -61.74
CA LEU Q 369 -25.39 25.16 -61.54
C LEU Q 369 -25.03 26.58 -61.13
N ALA Q 370 -23.98 27.14 -61.74
CA ALA Q 370 -23.54 28.49 -61.41
C ALA Q 370 -22.82 29.07 -62.63
N ALA Q 371 -23.58 29.71 -63.51
CA ALA Q 371 -23.04 30.32 -64.72
C ALA Q 371 -24.07 31.31 -65.25
N PHE Q 372 -23.66 32.03 -66.30
CA PHE Q 372 -24.54 32.99 -66.94
C PHE Q 372 -25.64 32.27 -67.71
N SER Q 373 -26.67 33.03 -68.07
CA SER Q 373 -27.80 32.47 -68.82
C SER Q 373 -27.38 32.14 -70.25
N GLN Q 374 -28.23 31.37 -70.92
CA GLN Q 374 -28.02 30.93 -72.30
C GLN Q 374 -26.69 30.17 -72.42
N ALA Q 375 -26.66 29.00 -71.79
CA ALA Q 375 -25.49 28.14 -71.80
C ALA Q 375 -25.94 26.70 -71.77
N SER Q 376 -25.44 25.90 -72.70
CA SER Q 376 -25.80 24.49 -72.80
C SER Q 376 -24.61 23.70 -73.32
N MET Q 377 -24.75 22.37 -73.30
CA MET Q 377 -23.70 21.47 -73.75
C MET Q 377 -24.34 20.37 -74.61
N ILE Q 378 -23.51 19.76 -75.45
CA ILE Q 378 -23.92 18.65 -76.31
C ILE Q 378 -22.93 17.51 -76.06
N HIS Q 379 -23.35 16.51 -75.30
CA HIS Q 379 -22.51 15.37 -74.97
C HIS Q 379 -22.71 14.28 -76.02
N VAL Q 380 -21.63 13.89 -76.68
CA VAL Q 380 -21.66 12.87 -77.72
C VAL Q 380 -20.85 11.68 -77.23
N LYS Q 381 -21.47 10.50 -77.22
CA LYS Q 381 -20.82 9.26 -76.78
C LYS Q 381 -21.01 8.22 -77.88
N GLY Q 382 -20.04 8.13 -78.79
CA GLY Q 382 -20.13 7.18 -79.87
C GLY Q 382 -19.11 7.50 -80.95
N ASP Q 383 -19.37 6.97 -82.15
CA ASP Q 383 -18.50 7.17 -83.31
C ASP Q 383 -19.30 7.92 -84.37
N VAL Q 384 -19.14 9.24 -84.39
CA VAL Q 384 -19.83 10.10 -85.35
C VAL Q 384 -18.79 10.85 -86.18
N ASN Q 385 -19.24 11.39 -87.30
CA ASN Q 385 -18.36 12.14 -88.20
C ASN Q 385 -18.10 13.52 -87.62
N GLU Q 386 -16.82 13.93 -87.65
CA GLU Q 386 -16.46 15.23 -87.11
C GLU Q 386 -16.76 16.36 -88.09
N GLU Q 387 -16.52 16.13 -89.39
CA GLU Q 387 -16.78 17.16 -90.39
C GLU Q 387 -18.25 17.31 -90.69
N THR Q 388 -19.09 16.38 -90.28
CA THR Q 388 -20.53 16.45 -90.52
C THR Q 388 -21.27 17.04 -89.33
N PHE Q 389 -20.94 16.61 -88.12
CA PHE Q 389 -21.61 17.12 -86.93
C PHE Q 389 -21.23 18.56 -86.64
N ASN Q 390 -20.07 19.01 -87.13
CA ASN Q 390 -19.65 20.38 -86.92
C ASN Q 390 -20.50 21.36 -87.72
N GLU Q 391 -20.95 20.96 -88.90
CA GLU Q 391 -21.79 21.85 -89.72
C GLU Q 391 -23.14 22.09 -89.08
N ALA Q 392 -23.67 21.11 -88.35
CA ALA Q 392 -24.96 21.29 -87.69
C ALA Q 392 -24.86 22.23 -86.49
N TYR Q 393 -23.67 22.32 -85.87
CA TYR Q 393 -23.51 23.20 -84.73
C TYR Q 393 -23.43 24.66 -85.16
N MET Q 394 -22.86 24.93 -86.33
CA MET Q 394 -22.72 26.31 -86.83
C MET Q 394 -24.03 26.86 -87.37
N MET Q 395 -25.07 26.03 -87.52
CA MET Q 395 -26.36 26.49 -88.02
C MET Q 395 -27.21 27.13 -86.93
N HIS Q 396 -26.70 27.22 -85.69
CA HIS Q 396 -27.46 27.84 -84.61
C HIS Q 396 -26.60 28.73 -83.70
N THR Q 397 -25.29 28.77 -83.87
CA THR Q 397 -24.41 29.60 -83.07
C THR Q 397 -23.81 30.69 -83.94
N THR Q 398 -23.84 31.93 -83.43
CA THR Q 398 -23.32 33.06 -84.18
C THR Q 398 -21.80 32.97 -84.32
N THR Q 399 -21.26 33.75 -85.26
CA THR Q 399 -19.83 33.75 -85.51
C THR Q 399 -19.04 34.49 -84.44
N SER Q 400 -19.70 35.34 -83.65
CA SER Q 400 -19.05 36.11 -82.59
C SER Q 400 -19.68 35.71 -81.26
N PRO Q 401 -19.20 34.63 -80.64
CA PRO Q 401 -19.78 34.19 -79.38
C PRO Q 401 -19.37 35.10 -78.22
N HIS Q 402 -20.28 35.25 -77.26
CA HIS Q 402 -20.03 36.06 -76.09
C HIS Q 402 -19.15 35.27 -75.13
N TYR Q 403 -17.88 35.68 -75.00
CA TYR Q 403 -16.93 34.94 -74.17
C TYR Q 403 -17.24 35.06 -72.68
N GLY Q 404 -18.07 36.04 -72.29
CA GLY Q 404 -18.47 36.13 -70.89
C GLY Q 404 -19.30 34.96 -70.43
N ILE Q 405 -20.09 34.38 -71.33
CA ILE Q 405 -20.88 33.20 -71.01
C ILE Q 405 -20.09 31.92 -71.25
N VAL Q 406 -19.23 31.92 -72.29
CA VAL Q 406 -18.41 30.75 -72.59
C VAL Q 406 -17.45 30.47 -71.44
N ALA Q 407 -16.87 31.52 -70.86
CA ALA Q 407 -15.95 31.34 -69.74
C ALA Q 407 -16.67 30.79 -68.51
N SER Q 408 -17.95 31.12 -68.34
CA SER Q 408 -18.73 30.60 -67.23
C SER Q 408 -19.27 29.21 -67.50
N THR Q 409 -19.45 28.83 -68.78
CA THR Q 409 -19.93 27.49 -69.10
C THR Q 409 -18.89 26.45 -68.72
N GLU Q 410 -17.63 26.69 -69.07
CA GLU Q 410 -16.55 25.77 -68.68
C GLU Q 410 -16.26 25.87 -67.19
N THR Q 411 -16.57 27.01 -66.58
CA THR Q 411 -16.34 27.17 -65.14
C THR Q 411 -17.22 26.21 -64.35
N ALA Q 412 -18.46 26.00 -64.79
CA ALA Q 412 -19.35 25.07 -64.09
C ALA Q 412 -18.79 23.66 -64.10
N ALA Q 413 -18.09 23.27 -65.17
CA ALA Q 413 -17.44 21.97 -65.21
C ALA Q 413 -16.14 21.93 -64.41
N ALA Q 414 -15.54 23.09 -64.14
CA ALA Q 414 -14.32 23.15 -63.35
C ALA Q 414 -14.59 23.31 -61.86
N MET Q 415 -15.73 23.90 -61.49
CA MET Q 415 -16.07 24.05 -60.07
C MET Q 415 -16.45 22.72 -59.43
N MET Q 416 -16.80 21.71 -60.23
CA MET Q 416 -17.21 20.41 -59.71
C MET Q 416 -16.10 19.37 -59.75
N LYS Q 417 -14.96 19.70 -60.35
CA LYS Q 417 -13.86 18.75 -60.43
C LYS Q 417 -13.13 18.66 -59.09
N GLY Q 418 -12.84 17.42 -58.68
CA GLY Q 418 -12.14 17.20 -57.42
C GLY Q 418 -13.08 17.10 -56.24
N ASN Q 419 -12.47 16.94 -55.06
CA ASN Q 419 -13.26 16.84 -53.83
C ASN Q 419 -13.89 18.17 -53.43
N ALA Q 420 -13.36 19.29 -53.93
CA ALA Q 420 -13.95 20.59 -53.60
C ALA Q 420 -15.31 20.76 -54.26
N GLY Q 421 -15.55 20.10 -55.39
CA GLY Q 421 -16.82 20.18 -56.06
C GLY Q 421 -17.78 19.09 -55.62
N LYS Q 422 -17.24 17.98 -55.11
CA LYS Q 422 -18.08 16.91 -54.62
C LYS Q 422 -18.79 17.30 -53.33
N ARG Q 423 -18.24 18.25 -52.58
CA ARG Q 423 -18.88 18.70 -51.36
C ARG Q 423 -20.10 19.59 -51.64
N LEU Q 424 -20.23 20.10 -52.85
CA LEU Q 424 -21.38 20.92 -53.22
C LEU Q 424 -22.52 20.07 -53.78
N ILE Q 425 -22.20 19.02 -54.54
CA ILE Q 425 -23.23 18.12 -55.05
C ILE Q 425 -23.79 17.27 -53.92
N ASN Q 426 -22.91 16.63 -53.15
CA ASN Q 426 -23.36 15.83 -52.02
C ASN Q 426 -23.87 16.70 -50.88
N GLY Q 427 -23.40 17.95 -50.80
CA GLY Q 427 -23.88 18.85 -49.76
C GLY Q 427 -25.32 19.26 -49.99
N SER Q 428 -25.70 19.48 -51.25
CA SER Q 428 -27.09 19.81 -51.55
C SER Q 428 -28.01 18.62 -51.33
N ILE Q 429 -27.49 17.40 -51.46
CA ILE Q 429 -28.29 16.20 -51.20
C ILE Q 429 -28.51 16.03 -49.70
N GLU Q 430 -27.47 16.28 -48.90
CA GLU Q 430 -27.60 16.17 -47.45
C GLU Q 430 -28.55 17.22 -46.91
N ARG Q 431 -28.53 18.43 -47.49
CA ARG Q 431 -29.46 19.46 -47.08
C ARG Q 431 -30.88 19.16 -47.54
N ALA Q 432 -31.02 18.40 -48.63
CA ALA Q 432 -32.35 18.04 -49.11
C ALA Q 432 -32.94 16.90 -48.28
N ILE Q 433 -32.13 15.91 -47.92
CA ILE Q 433 -32.61 14.82 -47.08
C ILE Q 433 -32.95 15.32 -45.68
N LYS Q 434 -32.15 16.27 -45.17
CA LYS Q 434 -32.45 16.86 -43.87
C LYS Q 434 -33.77 17.62 -43.91
N PHE Q 435 -34.05 18.30 -45.01
CA PHE Q 435 -35.33 19.00 -45.15
C PHE Q 435 -36.49 18.02 -45.26
N ARG Q 436 -36.25 16.84 -45.81
CA ARG Q 436 -37.30 15.83 -45.91
C ARG Q 436 -37.66 15.27 -44.54
N LYS Q 437 -36.68 15.16 -43.63
CA LYS Q 437 -36.96 14.63 -42.30
C LYS Q 437 -37.58 15.68 -41.39
N GLU Q 438 -37.36 16.97 -41.68
CA GLU Q 438 -37.97 18.02 -40.86
C GLU Q 438 -39.46 18.16 -41.13
N ILE Q 439 -39.93 17.66 -42.28
CA ILE Q 439 -41.36 17.72 -42.58
C ILE Q 439 -42.10 16.62 -41.84
N LYS Q 440 -41.57 15.40 -41.85
CA LYS Q 440 -42.21 14.30 -41.13
C LYS Q 440 -42.12 14.49 -39.63
N ARG Q 441 -41.11 15.21 -39.15
CA ARG Q 441 -40.99 15.46 -37.72
C ARG Q 441 -42.03 16.47 -37.24
N LEU Q 442 -42.33 17.47 -38.06
CA LEU Q 442 -43.31 18.49 -37.74
C LEU Q 442 -44.71 18.14 -38.21
N ARG Q 443 -44.95 16.89 -38.60
CA ARG Q 443 -46.26 16.45 -39.05
C ARG Q 443 -47.01 15.66 -37.99
N THR Q 444 -46.35 14.67 -37.37
CA THR Q 444 -47.00 13.90 -36.32
C THR Q 444 -47.07 14.69 -35.01
N GLU Q 445 -46.00 15.42 -34.69
CA GLU Q 445 -45.97 16.20 -33.46
C GLU Q 445 -46.91 17.40 -33.51
N SER Q 446 -47.29 17.85 -34.70
CA SER Q 446 -48.18 18.99 -34.83
C SER Q 446 -49.61 18.59 -34.46
N ASP Q 447 -50.44 19.60 -34.20
CA ASP Q 447 -51.84 19.41 -33.84
C ASP Q 447 -52.70 19.94 -34.97
N GLY Q 448 -52.92 19.11 -35.97
CA GLY Q 448 -53.72 19.45 -37.12
C GLY Q 448 -53.06 18.97 -38.40
N TRP Q 449 -53.49 19.55 -39.52
CA TRP Q 449 -52.95 19.19 -40.82
C TRP Q 449 -51.56 19.79 -41.01
N PHE Q 450 -50.78 19.16 -41.89
CA PHE Q 450 -49.43 19.62 -42.19
C PHE Q 450 -49.04 19.10 -43.56
N PHE Q 451 -48.07 19.78 -44.17
CA PHE Q 451 -47.63 19.41 -45.50
C PHE Q 451 -46.97 18.04 -45.50
N ASP Q 452 -47.00 17.38 -46.66
CA ASP Q 452 -46.44 16.06 -46.82
C ASP Q 452 -45.50 16.06 -48.03
N VAL Q 453 -44.40 15.32 -47.91
CA VAL Q 453 -43.40 15.20 -48.96
C VAL Q 453 -43.66 13.93 -49.75
N TRP Q 454 -43.69 14.04 -51.08
CA TRP Q 454 -43.89 12.90 -51.96
C TRP Q 454 -42.67 12.01 -51.90
N GLN Q 455 -42.61 11.19 -50.85
CA GLN Q 455 -41.46 10.33 -50.57
C GLN Q 455 -41.96 9.05 -49.93
N PRO Q 456 -41.19 7.97 -49.99
CA PRO Q 456 -41.59 6.73 -49.31
C PRO Q 456 -41.62 6.92 -47.79
N ASP Q 457 -42.16 5.92 -47.11
CA ASP Q 457 -42.27 5.98 -45.66
C ASP Q 457 -40.91 5.82 -44.99
N HIS Q 458 -39.96 5.17 -45.65
CA HIS Q 458 -38.61 4.96 -45.11
C HIS Q 458 -37.63 5.78 -45.94
N ILE Q 459 -37.08 6.83 -45.33
CA ILE Q 459 -36.13 7.71 -46.00
C ILE Q 459 -34.83 7.73 -45.21
N ASP Q 460 -34.54 6.65 -44.49
CA ASP Q 460 -33.35 6.56 -43.67
C ASP Q 460 -32.15 6.10 -44.49
N THR Q 461 -31.93 6.70 -45.65
CA THR Q 461 -30.81 6.36 -46.51
C THR Q 461 -30.44 7.56 -47.36
N THR Q 462 -29.26 7.49 -47.97
CA THR Q 462 -28.74 8.55 -48.83
C THR Q 462 -28.52 7.95 -50.21
N GLU Q 463 -29.60 7.85 -50.98
CA GLU Q 463 -29.56 7.31 -52.33
C GLU Q 463 -30.88 7.67 -53.01
N CYS Q 464 -31.06 7.17 -54.23
CA CYS Q 464 -32.28 7.40 -54.99
C CYS Q 464 -33.31 6.34 -54.61
N TRP Q 465 -34.44 6.79 -54.09
CA TRP Q 465 -35.49 5.87 -53.65
C TRP Q 465 -36.19 5.28 -54.87
N PRO Q 466 -36.15 3.96 -55.07
CA PRO Q 466 -36.82 3.37 -56.23
C PRO Q 466 -38.33 3.33 -56.03
N LEU Q 467 -39.05 3.31 -57.16
CA LEU Q 467 -40.50 3.25 -57.15
C LEU Q 467 -40.92 1.80 -57.35
N ARG Q 468 -41.15 1.11 -56.23
CA ARG Q 468 -41.54 -0.29 -56.27
C ARG Q 468 -43.02 -0.42 -56.63
N SER Q 469 -43.49 -1.66 -56.69
CA SER Q 469 -44.89 -1.95 -57.00
C SER Q 469 -45.74 -2.23 -55.77
N ASP Q 470 -45.13 -2.29 -54.58
CA ASP Q 470 -45.84 -2.55 -53.34
C ASP Q 470 -45.88 -1.31 -52.44
N SER Q 471 -46.03 -0.13 -53.03
CA SER Q 471 -46.07 1.12 -52.30
C SER Q 471 -47.27 1.94 -52.72
N THR Q 472 -47.69 2.84 -51.85
CA THR Q 472 -48.84 3.70 -52.10
C THR Q 472 -48.50 5.19 -52.08
N TRP Q 473 -47.22 5.55 -51.91
CA TRP Q 473 -46.86 6.95 -51.88
C TRP Q 473 -46.80 7.55 -53.29
N HIS Q 474 -46.42 6.75 -54.28
CA HIS Q 474 -46.30 7.24 -55.66
C HIS Q 474 -47.63 7.17 -56.40
N GLY Q 475 -48.42 6.14 -56.18
CA GLY Q 475 -49.73 6.02 -56.80
C GLY Q 475 -49.70 5.82 -58.30
N PHE Q 476 -48.77 5.00 -58.79
CA PHE Q 476 -48.65 4.69 -60.22
C PHE Q 476 -48.95 3.21 -60.40
N LYS Q 477 -50.15 2.90 -60.87
CA LYS Q 477 -50.55 1.52 -61.09
C LYS Q 477 -49.83 0.94 -62.31
N ASN Q 478 -49.61 -0.38 -62.26
CA ASN Q 478 -48.93 -1.10 -63.34
C ASN Q 478 -47.55 -0.50 -63.63
N ILE Q 479 -46.83 -0.17 -62.57
CA ILE Q 479 -45.50 0.43 -62.68
C ILE Q 479 -44.47 -0.70 -62.76
N ASP Q 480 -43.39 -0.43 -63.49
CA ASP Q 480 -42.31 -1.39 -63.67
C ASP Q 480 -41.26 -1.19 -62.59
N ASN Q 481 -40.80 -2.30 -62.00
CA ASN Q 481 -39.79 -2.22 -60.95
C ASN Q 481 -38.41 -1.98 -61.54
N GLU Q 482 -37.57 -1.27 -60.77
CA GLU Q 482 -36.20 -0.95 -61.18
C GLU Q 482 -36.18 -0.20 -62.51
N HIS Q 483 -36.98 0.86 -62.58
CA HIS Q 483 -37.06 1.66 -63.79
C HIS Q 483 -37.35 3.12 -63.46
N MET Q 484 -38.05 3.36 -62.36
CA MET Q 484 -38.41 4.70 -61.92
C MET Q 484 -37.59 5.05 -60.69
N TYR Q 485 -36.90 6.18 -60.74
CA TYR Q 485 -36.06 6.65 -59.63
C TYR Q 485 -36.61 7.96 -59.10
N LEU Q 486 -36.03 8.39 -57.97
CA LEU Q 486 -36.45 9.62 -57.30
C LEU Q 486 -35.24 10.50 -57.06
N ASP Q 487 -35.41 11.80 -57.32
CA ASP Q 487 -34.34 12.77 -57.11
C ASP Q 487 -34.46 13.35 -55.71
N PRO Q 488 -33.48 13.15 -54.83
CA PRO Q 488 -33.61 13.66 -53.46
C PRO Q 488 -33.67 15.18 -53.37
N ILE Q 489 -33.09 15.90 -54.33
CA ILE Q 489 -33.06 17.35 -54.29
C ILE Q 489 -34.31 17.91 -54.95
N LYS Q 490 -35.25 17.05 -55.31
CA LYS Q 490 -36.52 17.44 -55.91
C LYS Q 490 -37.64 17.08 -54.94
N VAL Q 491 -37.85 17.95 -53.96
CA VAL Q 491 -38.88 17.75 -52.96
C VAL Q 491 -40.21 18.29 -53.49
N THR Q 492 -41.23 17.44 -53.55
CA THR Q 492 -42.55 17.82 -54.02
C THR Q 492 -43.50 17.78 -52.83
N LEU Q 493 -43.88 18.96 -52.34
CA LEU Q 493 -44.78 19.06 -51.20
C LEU Q 493 -46.21 18.77 -51.65
N LEU Q 494 -46.83 17.77 -51.05
CA LEU Q 494 -48.21 17.38 -51.37
C LEU Q 494 -49.14 18.01 -50.33
N THR Q 495 -49.90 19.01 -50.77
CA THR Q 495 -50.84 19.67 -49.88
C THR Q 495 -52.05 18.76 -49.61
N PRO Q 496 -52.58 18.77 -48.40
CA PRO Q 496 -53.75 17.93 -48.10
C PRO Q 496 -54.95 18.34 -48.92
N GLY Q 497 -55.78 17.34 -49.25
CA GLY Q 497 -56.97 17.58 -50.04
C GLY Q 497 -57.44 16.35 -50.79
N MET Q 498 -56.56 15.37 -50.96
CA MET Q 498 -56.88 14.14 -51.66
C MET Q 498 -56.46 12.95 -50.80
N GLU Q 499 -57.01 11.79 -51.13
CA GLU Q 499 -56.73 10.55 -50.41
C GLU Q 499 -55.56 9.83 -51.08
N LYS Q 500 -55.27 8.62 -50.61
CA LYS Q 500 -54.18 7.82 -51.17
C LYS Q 500 -54.63 6.92 -52.31
N ASP Q 501 -55.94 6.84 -52.58
CA ASP Q 501 -56.46 6.02 -53.66
C ASP Q 501 -56.70 6.80 -54.95
N GLY Q 502 -56.61 8.13 -54.91
CA GLY Q 502 -56.82 8.94 -56.08
C GLY Q 502 -58.14 9.69 -56.12
N THR Q 503 -58.95 9.60 -55.07
CA THR Q 503 -60.23 10.28 -55.03
C THR Q 503 -60.06 11.65 -54.35
N MET Q 504 -61.16 12.25 -53.91
CA MET Q 504 -61.13 13.55 -53.24
C MET Q 504 -61.49 13.39 -51.78
N SER Q 505 -61.32 14.48 -51.03
CA SER Q 505 -61.62 14.48 -49.60
C SER Q 505 -62.63 15.57 -49.27
N ASP Q 506 -62.71 15.95 -47.99
CA ASP Q 506 -63.64 16.98 -47.53
C ASP Q 506 -62.93 18.24 -47.05
N PHE Q 507 -61.72 18.12 -46.48
CA PHE Q 507 -60.97 19.25 -45.98
C PHE Q 507 -59.62 19.29 -46.67
N GLY Q 508 -59.31 20.42 -47.29
CA GLY Q 508 -58.04 20.57 -47.99
C GLY Q 508 -57.90 21.98 -48.51
N ILE Q 509 -56.66 22.33 -48.82
CA ILE Q 509 -56.29 23.64 -49.34
C ILE Q 509 -55.55 23.43 -50.65
N PRO Q 510 -55.98 24.04 -51.75
CA PRO Q 510 -55.26 23.87 -53.01
C PRO Q 510 -53.87 24.49 -52.95
N ALA Q 511 -53.01 24.03 -53.86
CA ALA Q 511 -51.64 24.51 -53.93
C ALA Q 511 -51.52 25.88 -54.58
N SER Q 512 -52.58 26.37 -55.23
CA SER Q 512 -52.53 27.68 -55.87
C SER Q 512 -52.52 28.81 -54.85
N ILE Q 513 -53.22 28.63 -53.72
CA ILE Q 513 -53.23 29.66 -52.69
C ILE Q 513 -51.88 29.73 -51.99
N VAL Q 514 -51.25 28.58 -51.76
CA VAL Q 514 -49.95 28.56 -51.09
C VAL Q 514 -48.88 29.16 -51.99
N ALA Q 515 -49.04 29.05 -53.31
CA ALA Q 515 -48.03 29.58 -54.22
C ALA Q 515 -47.93 31.10 -54.12
N LYS Q 516 -49.06 31.78 -53.97
CA LYS Q 516 -49.05 33.24 -53.85
C LYS Q 516 -48.66 33.70 -52.45
N TYR Q 517 -48.86 32.87 -51.43
CA TYR Q 517 -48.46 33.25 -50.08
C TYR Q 517 -46.95 33.23 -49.90
N LEU Q 518 -46.25 32.32 -50.60
CA LEU Q 518 -44.80 32.26 -50.50
C LEU Q 518 -44.13 33.40 -51.24
N ASP Q 519 -44.81 34.01 -52.21
CA ASP Q 519 -44.21 35.11 -52.96
C ASP Q 519 -44.10 36.38 -52.13
N GLU Q 520 -44.89 36.51 -51.06
CA GLU Q 520 -44.82 37.71 -50.23
C GLU Q 520 -43.50 37.79 -49.48
N HIS Q 521 -43.02 36.67 -48.96
CA HIS Q 521 -41.74 36.63 -48.25
C HIS Q 521 -40.55 36.54 -49.19
N GLY Q 522 -40.76 36.13 -50.43
CA GLY Q 522 -39.67 36.02 -51.39
C GLY Q 522 -39.35 34.60 -51.78
N ILE Q 523 -40.39 33.80 -52.02
CA ILE Q 523 -40.24 32.40 -52.42
C ILE Q 523 -41.11 32.18 -53.65
N VAL Q 524 -40.49 31.79 -54.76
CA VAL Q 524 -41.19 31.54 -56.02
C VAL Q 524 -41.34 30.04 -56.19
N VAL Q 525 -42.57 29.58 -56.38
CA VAL Q 525 -42.86 28.16 -56.56
C VAL Q 525 -42.56 27.78 -58.01
N GLU Q 526 -41.82 26.69 -58.19
CA GLU Q 526 -41.47 26.25 -59.54
C GLU Q 526 -42.69 25.69 -60.27
N LYS Q 527 -43.38 24.72 -59.65
CA LYS Q 527 -44.56 24.11 -60.26
C LYS Q 527 -45.67 24.04 -59.22
N THR Q 528 -46.87 24.46 -59.61
CA THR Q 528 -48.01 24.43 -58.72
C THR Q 528 -49.29 24.33 -59.56
N GLY Q 529 -50.39 24.05 -58.87
CA GLY Q 529 -51.68 23.93 -59.52
C GLY Q 529 -52.65 23.07 -58.74
N PRO Q 530 -52.61 21.76 -58.98
CA PRO Q 530 -53.51 20.85 -58.26
C PRO Q 530 -53.21 20.78 -56.76
N TYR Q 531 -52.36 19.85 -56.37
CA TYR Q 531 -52.00 19.66 -54.96
C TYR Q 531 -50.54 19.25 -54.85
N ASN Q 532 -49.66 20.02 -55.51
CA ASN Q 532 -48.24 19.75 -55.48
C ASN Q 532 -47.46 21.06 -55.43
N LEU Q 533 -46.25 21.00 -54.87
CA LEU Q 533 -45.37 22.16 -54.77
C LEU Q 533 -43.95 21.70 -55.04
N LEU Q 534 -43.44 22.01 -56.25
CA LEU Q 534 -42.11 21.60 -56.65
C LEU Q 534 -41.10 22.70 -56.35
N PHE Q 535 -39.95 22.30 -55.82
CA PHE Q 535 -38.86 23.22 -55.52
C PHE Q 535 -37.56 22.69 -56.11
N LEU Q 536 -36.54 23.55 -56.11
CA LEU Q 536 -35.24 23.22 -56.68
C LEU Q 536 -34.18 23.38 -55.60
N PHE Q 537 -33.46 22.30 -55.31
CA PHE Q 537 -32.38 22.31 -54.33
C PHE Q 537 -31.05 22.10 -55.05
N SER Q 538 -30.58 23.17 -55.68
CA SER Q 538 -29.31 23.13 -56.41
C SER Q 538 -28.16 23.42 -55.45
N ILE Q 539 -26.97 23.67 -56.00
CA ILE Q 539 -25.82 23.97 -55.18
C ILE Q 539 -25.90 25.37 -54.59
N GLY Q 540 -26.70 26.25 -55.18
CA GLY Q 540 -26.84 27.60 -54.65
C GLY Q 540 -27.69 27.67 -53.40
N ILE Q 541 -28.58 26.69 -53.21
CA ILE Q 541 -29.43 26.65 -52.02
C ILE Q 541 -28.59 26.22 -50.82
N ASP Q 542 -28.15 27.20 -50.03
CA ASP Q 542 -27.33 26.94 -48.86
C ASP Q 542 -28.22 26.66 -47.65
N LYS Q 543 -27.63 26.70 -46.46
CA LYS Q 543 -28.40 26.45 -45.24
C LYS Q 543 -29.33 27.61 -44.90
N THR Q 544 -29.09 28.79 -45.47
CA THR Q 544 -29.97 29.93 -45.22
C THR Q 544 -31.25 29.83 -46.04
N LYS Q 545 -31.12 29.51 -47.34
CA LYS Q 545 -32.30 29.40 -48.19
C LYS Q 545 -33.11 28.14 -47.90
N ALA Q 546 -32.47 27.13 -47.31
CA ALA Q 546 -33.19 25.90 -46.99
C ALA Q 546 -34.05 26.07 -45.74
N LEU Q 547 -33.49 26.67 -44.69
CA LEU Q 547 -34.25 26.89 -43.46
C LEU Q 547 -35.31 27.96 -43.59
N SER Q 548 -35.15 28.89 -44.54
CA SER Q 548 -36.15 29.93 -44.74
C SER Q 548 -37.43 29.39 -45.37
N LEU Q 549 -37.37 28.25 -46.04
CA LEU Q 549 -38.56 27.67 -46.64
C LEU Q 549 -39.43 26.98 -45.60
N LEU Q 550 -38.82 26.39 -44.57
CA LEU Q 550 -39.59 25.71 -43.54
C LEU Q 550 -40.34 26.71 -42.66
N ARG Q 551 -39.73 27.88 -42.41
CA ARG Q 551 -40.37 28.89 -41.58
C ARG Q 551 -41.62 29.46 -42.25
N ALA Q 552 -41.59 29.62 -43.57
CA ALA Q 552 -42.75 30.14 -44.28
C ALA Q 552 -43.89 29.13 -44.31
N LEU Q 553 -43.57 27.83 -44.26
CA LEU Q 553 -44.62 26.81 -44.25
C LEU Q 553 -45.34 26.76 -42.91
N THR Q 554 -44.60 26.98 -41.82
CA THR Q 554 -45.22 26.98 -40.50
C THR Q 554 -46.09 28.22 -40.29
N ASP Q 555 -45.77 29.32 -40.98
CA ASP Q 555 -46.58 30.53 -40.86
C ASP Q 555 -47.91 30.40 -41.56
N PHE Q 556 -48.01 29.55 -42.58
CA PHE Q 556 -49.29 29.36 -43.26
C PHE Q 556 -50.28 28.58 -42.41
N LYS Q 557 -49.80 27.66 -41.59
CA LYS Q 557 -50.69 26.92 -40.70
C LYS Q 557 -51.20 27.80 -39.57
N ARG Q 558 -50.36 28.69 -39.06
CA ARG Q 558 -50.79 29.59 -37.98
C ARG Q 558 -51.81 30.60 -38.48
N ALA Q 559 -51.61 31.14 -39.68
CA ALA Q 559 -52.54 32.11 -40.23
C ALA Q 559 -53.86 31.48 -40.66
N PHE Q 560 -53.87 30.18 -40.94
CA PHE Q 560 -55.09 29.50 -41.36
C PHE Q 560 -55.89 28.95 -40.18
N ASP Q 561 -55.21 28.50 -39.11
CA ASP Q 561 -55.92 27.98 -37.96
C ASP Q 561 -56.59 29.09 -37.16
N LEU Q 562 -56.00 30.29 -37.15
CA LEU Q 562 -56.60 31.42 -36.45
C LEU Q 562 -57.67 32.13 -37.26
N ASN Q 563 -57.88 31.73 -38.52
CA ASN Q 563 -58.88 32.32 -39.39
C ASN Q 563 -58.67 33.82 -39.54
N LEU Q 564 -57.68 34.21 -40.33
CA LEU Q 564 -57.37 35.61 -40.58
C LEU Q 564 -58.03 36.09 -41.87
N ARG Q 565 -57.92 37.39 -42.12
CA ARG Q 565 -58.51 37.99 -43.30
C ARG Q 565 -57.54 37.94 -44.47
N VAL Q 566 -58.08 38.17 -45.67
CA VAL Q 566 -57.25 38.15 -46.87
C VAL Q 566 -56.40 39.42 -46.96
N LYS Q 567 -56.98 40.56 -46.55
CA LYS Q 567 -56.23 41.81 -46.61
C LYS Q 567 -55.06 41.81 -45.62
N ASN Q 568 -55.23 41.16 -44.48
CA ASN Q 568 -54.18 41.06 -43.46
C ASN Q 568 -53.32 39.81 -43.63
N MET Q 569 -53.17 39.32 -44.86
CA MET Q 569 -52.38 38.12 -45.11
C MET Q 569 -51.82 38.12 -46.53
N LEU Q 570 -52.67 38.45 -47.51
CA LEU Q 570 -52.29 38.49 -48.92
C LEU Q 570 -52.52 39.89 -49.45
N PRO Q 571 -51.55 40.80 -49.29
CA PRO Q 571 -51.73 42.17 -49.80
C PRO Q 571 -51.68 42.26 -51.32
N SER Q 572 -51.00 41.34 -52.00
CA SER Q 572 -50.95 41.38 -53.45
C SER Q 572 -52.27 40.95 -54.07
N LEU Q 573 -52.93 39.97 -53.47
CA LEU Q 573 -54.22 39.52 -54.00
C LEU Q 573 -55.33 40.54 -53.70
N TYR Q 574 -55.20 41.30 -52.61
CA TYR Q 574 -56.22 42.29 -52.27
C TYR Q 574 -56.20 43.47 -53.23
N ARG Q 575 -55.04 43.80 -53.78
CA ARG Q 575 -54.95 44.92 -54.71
C ARG Q 575 -55.53 44.60 -56.08
N GLU Q 576 -55.76 43.32 -56.38
CA GLU Q 576 -56.33 42.96 -57.67
C GLU Q 576 -57.82 43.29 -57.73
N ASP Q 577 -58.54 43.07 -56.64
CA ASP Q 577 -59.97 43.36 -56.58
C ASP Q 577 -60.34 43.66 -55.13
N PRO Q 578 -60.14 44.90 -54.67
CA PRO Q 578 -60.48 45.23 -53.28
C PRO Q 578 -61.96 45.15 -52.97
N GLU Q 579 -62.83 45.27 -53.99
CA GLU Q 579 -64.27 45.23 -53.72
C GLU Q 579 -64.75 43.81 -53.43
N PHE Q 580 -64.32 42.84 -54.25
CA PHE Q 580 -64.76 41.46 -54.05
C PHE Q 580 -64.08 40.82 -52.85
N TYR Q 581 -62.78 41.04 -52.70
CA TYR Q 581 -62.01 40.47 -51.59
C TYR Q 581 -62.03 41.36 -50.35
N GLU Q 582 -63.20 41.90 -49.99
CA GLU Q 582 -63.30 42.77 -48.81
C GLU Q 582 -63.63 41.94 -47.57
N ASN Q 583 -64.87 41.45 -47.48
CA ASN Q 583 -65.31 40.64 -46.34
C ASN Q 583 -65.04 39.16 -46.55
N MET Q 584 -63.82 38.79 -46.93
CA MET Q 584 -63.44 37.41 -47.15
C MET Q 584 -62.25 37.05 -46.28
N ARG Q 585 -62.29 35.86 -45.69
CA ARG Q 585 -61.24 35.35 -44.82
C ARG Q 585 -60.45 34.27 -45.55
N ILE Q 586 -59.42 33.77 -44.87
CA ILE Q 586 -58.57 32.73 -45.47
C ILE Q 586 -59.27 31.37 -45.46
N GLN Q 587 -60.23 31.17 -44.55
CA GLN Q 587 -60.95 29.89 -44.51
C GLN Q 587 -62.11 29.86 -45.49
N GLU Q 588 -62.72 31.01 -45.79
CA GLU Q 588 -63.81 31.04 -46.74
C GLU Q 588 -63.32 30.83 -48.16
N LEU Q 589 -62.14 31.35 -48.49
CA LEU Q 589 -61.60 31.18 -49.84
C LEU Q 589 -61.05 29.77 -50.04
N ALA Q 590 -60.51 29.17 -48.97
CA ALA Q 590 -59.92 27.84 -49.10
C ALA Q 590 -60.98 26.76 -49.21
N GLN Q 591 -62.19 27.02 -48.70
CA GLN Q 591 -63.25 26.01 -48.77
C GLN Q 591 -64.09 26.14 -50.03
N ASN Q 592 -64.25 27.35 -50.56
CA ASN Q 592 -65.05 27.54 -51.76
C ASN Q 592 -64.34 26.97 -52.99
N ILE Q 593 -63.01 27.08 -53.04
CA ILE Q 593 -62.27 26.54 -54.18
C ILE Q 593 -62.23 25.02 -54.13
N HIS Q 594 -62.15 24.44 -52.93
CA HIS Q 594 -62.11 22.99 -52.82
C HIS Q 594 -63.42 22.35 -53.27
N LYS Q 595 -64.55 23.04 -53.08
CA LYS Q 595 -65.82 22.50 -53.52
C LYS Q 595 -65.96 22.57 -55.04
N LEU Q 596 -65.32 23.55 -55.68
CA LEU Q 596 -65.39 23.64 -57.14
C LEU Q 596 -64.59 22.53 -57.81
N ILE Q 597 -63.52 22.06 -57.17
CA ILE Q 597 -62.74 20.97 -57.74
C ILE Q 597 -63.52 19.66 -57.69
N VAL Q 598 -64.23 19.43 -56.59
CA VAL Q 598 -65.02 18.21 -56.46
C VAL Q 598 -66.24 18.27 -57.37
N HIS Q 599 -66.85 19.45 -57.50
CA HIS Q 599 -68.04 19.58 -58.35
C HIS Q 599 -67.69 19.37 -59.82
N HIS Q 600 -66.68 20.11 -60.31
CA HIS Q 600 -66.27 19.96 -61.70
C HIS Q 600 -65.48 18.69 -61.96
N ASN Q 601 -65.05 17.98 -60.90
CA ASN Q 601 -64.30 16.74 -61.02
C ASN Q 601 -63.04 16.94 -61.85
N LEU Q 602 -61.98 17.46 -61.22
CA LEU Q 602 -60.73 17.77 -61.90
C LEU Q 602 -59.85 16.53 -62.10
N PRO Q 603 -59.62 15.69 -61.07
CA PRO Q 603 -58.72 14.54 -61.29
C PRO Q 603 -59.22 13.56 -62.34
N ASP Q 604 -60.52 13.47 -62.57
CA ASP Q 604 -61.04 12.54 -63.56
C ASP Q 604 -60.99 13.13 -64.97
N LEU Q 605 -61.27 14.42 -65.11
CA LEU Q 605 -61.22 15.06 -66.41
C LEU Q 605 -59.79 15.39 -66.85
N MET Q 606 -58.80 15.12 -65.99
CA MET Q 606 -57.41 15.35 -66.34
C MET Q 606 -56.65 14.07 -66.60
N TYR Q 607 -56.97 13.00 -65.86
CA TYR Q 607 -56.30 11.72 -66.07
C TYR Q 607 -56.77 11.06 -67.36
N ARG Q 608 -58.08 11.09 -67.63
CA ARG Q 608 -58.59 10.47 -68.85
C ARG Q 608 -58.27 11.31 -70.08
N ALA Q 609 -58.08 12.61 -69.92
CA ALA Q 609 -57.77 13.46 -71.06
C ALA Q 609 -56.32 13.27 -71.51
N PHE Q 610 -55.40 13.12 -70.56
CA PHE Q 610 -54.00 12.92 -70.91
C PHE Q 610 -53.70 11.50 -71.38
N GLU Q 611 -54.57 10.54 -71.06
CA GLU Q 611 -54.34 9.16 -71.47
CA GLU Q 611 -54.34 9.16 -71.47
C GLU Q 611 -54.58 8.99 -72.96
N VAL Q 612 -55.75 9.40 -73.44
CA VAL Q 612 -56.06 9.27 -74.86
C VAL Q 612 -55.32 10.34 -75.65
N LEU Q 613 -55.08 10.04 -76.93
CA LEU Q 613 -54.36 10.94 -77.81
C LEU Q 613 -55.23 11.26 -79.03
N PRO Q 614 -55.26 12.53 -79.45
CA PRO Q 614 -56.05 12.89 -80.64
C PRO Q 614 -55.50 12.22 -81.90
N THR Q 615 -56.37 12.11 -82.90
CA THR Q 615 -56.01 11.48 -84.17
C THR Q 615 -55.11 12.43 -84.96
N MET Q 616 -53.83 12.06 -85.08
CA MET Q 616 -52.86 12.86 -85.82
C MET Q 616 -53.08 12.64 -87.31
N VAL Q 617 -53.62 13.65 -87.99
CA VAL Q 617 -53.88 13.52 -89.43
C VAL Q 617 -52.60 13.66 -90.23
N MET Q 618 -51.93 14.79 -90.10
CA MET Q 618 -50.70 15.07 -90.83
C MET Q 618 -49.55 15.30 -89.85
N THR Q 619 -48.34 15.38 -90.40
CA THR Q 619 -47.16 15.61 -89.58
C THR Q 619 -47.15 17.06 -89.08
N PRO Q 620 -46.50 17.31 -87.93
CA PRO Q 620 -46.42 18.70 -87.43
C PRO Q 620 -45.71 19.64 -88.38
N TYR Q 621 -44.83 19.13 -89.27
CA TYR Q 621 -44.18 19.99 -90.23
C TYR Q 621 -45.14 20.50 -91.30
N ALA Q 622 -46.14 19.68 -91.67
CA ALA Q 622 -47.11 20.08 -92.67
C ALA Q 622 -48.12 21.09 -92.14
N ALA Q 623 -48.36 21.11 -90.83
CA ALA Q 623 -49.30 22.07 -90.26
C ALA Q 623 -48.74 23.49 -90.29
N PHE Q 624 -47.42 23.64 -90.20
CA PHE Q 624 -46.82 24.96 -90.26
C PHE Q 624 -46.81 25.54 -91.67
N GLN Q 625 -46.91 24.68 -92.69
CA GLN Q 625 -46.92 25.17 -94.07
C GLN Q 625 -48.22 25.89 -94.40
N LYS Q 626 -49.35 25.38 -93.88
CA LYS Q 626 -50.64 26.01 -94.15
C LYS Q 626 -50.83 27.31 -93.37
N GLU Q 627 -50.03 27.53 -92.33
CA GLU Q 627 -50.15 28.77 -91.55
C GLU Q 627 -49.51 29.95 -92.27
N LEU Q 628 -48.43 29.70 -93.01
CA LEU Q 628 -47.75 30.79 -93.71
C LEU Q 628 -48.52 31.24 -94.93
N HIS Q 629 -49.35 30.36 -95.51
CA HIS Q 629 -50.13 30.70 -96.69
C HIS Q 629 -51.41 31.46 -96.36
N GLY Q 630 -51.71 31.67 -95.09
CA GLY Q 630 -52.90 32.39 -94.70
C GLY Q 630 -54.17 31.56 -94.62
N MET Q 631 -54.05 30.24 -94.46
CA MET Q 631 -55.20 29.34 -94.37
C MET Q 631 -55.56 29.03 -92.92
N THR Q 632 -55.57 30.05 -92.07
CA THR Q 632 -55.91 29.89 -90.66
C THR Q 632 -57.15 30.72 -90.32
N GLU Q 633 -57.86 30.28 -89.28
CA GLU Q 633 -59.05 30.97 -88.84
C GLU Q 633 -59.23 30.75 -87.34
N GLU Q 634 -59.96 31.67 -86.71
CA GLU Q 634 -60.22 31.61 -85.27
C GLU Q 634 -61.65 31.16 -85.05
N VAL Q 635 -61.82 30.01 -84.39
CA VAL Q 635 -63.12 29.44 -84.10
C VAL Q 635 -63.28 29.36 -82.57
N TYR Q 636 -64.50 29.06 -82.15
CA TYR Q 636 -64.80 28.96 -80.73
C TYR Q 636 -64.27 27.64 -80.17
N LEU Q 637 -64.23 27.56 -78.84
CA LEU Q 637 -63.75 26.35 -78.18
C LEU Q 637 -64.80 25.24 -78.22
N ASP Q 638 -66.08 25.61 -78.20
CA ASP Q 638 -67.16 24.64 -78.23
C ASP Q 638 -67.46 24.13 -79.63
N GLU Q 639 -66.87 24.72 -80.66
CA GLU Q 639 -67.11 24.33 -82.05
C GLU Q 639 -65.76 24.05 -82.69
N MET Q 640 -65.24 22.84 -82.46
CA MET Q 640 -63.95 22.48 -83.01
C MET Q 640 -63.76 20.97 -83.19
N VAL Q 641 -64.81 20.16 -83.05
CA VAL Q 641 -64.68 18.71 -83.21
C VAL Q 641 -64.52 18.39 -84.69
N GLY Q 642 -63.41 17.78 -85.05
CA GLY Q 642 -63.13 17.43 -86.43
C GLY Q 642 -62.30 18.41 -87.20
N ARG Q 643 -61.56 19.28 -86.51
CA ARG Q 643 -60.71 20.28 -87.14
C ARG Q 643 -59.26 20.05 -86.76
N ILE Q 644 -58.36 20.63 -87.56
CA ILE Q 644 -56.92 20.52 -87.34
C ILE Q 644 -56.43 21.81 -86.71
N ASN Q 645 -55.83 21.71 -85.53
CA ASN Q 645 -55.32 22.88 -84.83
C ASN Q 645 -54.03 23.36 -85.47
N ALA Q 646 -53.66 24.61 -85.14
CA ALA Q 646 -52.45 25.22 -85.66
C ALA Q 646 -51.36 25.43 -84.61
N ASN Q 647 -51.73 25.61 -83.35
CA ASN Q 647 -50.79 25.82 -82.27
C ASN Q 647 -50.92 24.70 -81.24
N MET Q 648 -49.92 24.62 -80.35
CA MET Q 648 -49.88 23.61 -79.31
C MET Q 648 -50.60 24.13 -78.07
N ILE Q 649 -51.43 23.29 -77.47
CA ILE Q 649 -52.18 23.64 -76.27
C ILE Q 649 -51.34 23.30 -75.06
N LEU Q 650 -51.10 24.29 -74.20
CA LEU Q 650 -50.31 24.13 -72.98
C LEU Q 650 -51.11 24.70 -71.81
N PRO Q 651 -52.02 23.91 -71.25
CA PRO Q 651 -52.85 24.43 -70.15
C PRO Q 651 -52.13 24.41 -68.82
N TYR Q 652 -52.37 25.46 -68.03
CA TYR Q 652 -51.83 25.57 -66.68
C TYR Q 652 -52.97 25.58 -65.68
N PRO Q 653 -53.07 24.61 -64.76
CA PRO Q 653 -52.18 23.45 -64.60
C PRO Q 653 -52.52 22.32 -65.57
N PRO Q 654 -51.60 21.36 -65.76
CA PRO Q 654 -50.26 21.28 -65.17
C PRO Q 654 -49.22 22.10 -65.93
N GLY Q 655 -48.43 21.45 -66.77
CA GLY Q 655 -47.42 22.13 -67.56
C GLY Q 655 -46.91 21.28 -68.71
N VAL Q 656 -47.75 20.37 -69.18
CA VAL Q 656 -47.40 19.47 -70.28
C VAL Q 656 -48.32 19.74 -71.46
N PRO Q 657 -47.87 19.50 -72.70
CA PRO Q 657 -48.73 19.73 -73.86
C PRO Q 657 -49.96 18.83 -73.85
N LEU Q 658 -50.99 19.28 -74.56
CA LEU Q 658 -52.25 18.53 -74.68
C LEU Q 658 -52.50 18.06 -76.10
N VAL Q 659 -52.64 19.00 -77.04
CA VAL Q 659 -52.89 18.68 -78.45
C VAL Q 659 -51.73 19.23 -79.26
N MET Q 660 -51.11 18.36 -80.06
CA MET Q 660 -49.98 18.77 -80.89
C MET Q 660 -50.47 19.44 -82.17
N PRO Q 661 -49.71 20.42 -82.69
CA PRO Q 661 -50.10 21.08 -83.94
C PRO Q 661 -50.12 20.12 -85.12
N GLY Q 662 -51.31 19.74 -85.58
CA GLY Q 662 -51.43 18.81 -86.68
C GLY Q 662 -52.32 17.63 -86.33
N GLU Q 663 -53.01 17.71 -85.21
CA GLU Q 663 -53.89 16.65 -84.74
C GLU Q 663 -55.36 17.06 -84.91
N MET Q 664 -56.24 16.08 -84.79
CA MET Q 664 -57.67 16.28 -84.94
C MET Q 664 -58.39 15.62 -83.76
N ILE Q 665 -59.38 16.31 -83.22
CA ILE Q 665 -60.18 15.80 -82.12
C ILE Q 665 -61.40 15.09 -82.70
N THR Q 666 -61.41 13.76 -82.65
CA THR Q 666 -62.48 12.93 -83.17
C THR Q 666 -63.33 12.43 -82.01
N GLU Q 667 -63.85 11.20 -82.12
CA GLU Q 667 -64.67 10.64 -81.05
C GLU Q 667 -63.81 9.91 -80.02
N GLU Q 668 -62.55 9.64 -80.34
CA GLU Q 668 -61.67 8.95 -79.40
C GLU Q 668 -61.16 9.89 -78.33
N SER Q 669 -60.81 11.12 -78.72
CA SER Q 669 -60.28 12.12 -77.79
C SER Q 669 -61.38 13.03 -77.26
N ARG Q 670 -62.46 12.44 -76.77
CA ARG Q 670 -63.57 13.18 -76.21
C ARG Q 670 -63.22 13.83 -74.87
N PRO Q 671 -62.58 13.11 -73.92
CA PRO Q 671 -62.19 13.77 -72.67
C PRO Q 671 -61.16 14.87 -72.86
N VAL Q 672 -60.47 14.93 -74.00
CA VAL Q 672 -59.49 15.99 -74.23
C VAL Q 672 -60.19 17.34 -74.34
N LEU Q 673 -61.30 17.39 -75.07
CA LEU Q 673 -62.04 18.65 -75.19
C LEU Q 673 -62.73 19.04 -73.89
N GLU Q 674 -63.12 18.04 -73.09
CA GLU Q 674 -63.79 18.34 -71.82
C GLU Q 674 -62.83 18.96 -70.81
N PHE Q 675 -61.53 18.70 -70.95
CA PHE Q 675 -60.56 19.29 -70.04
C PHE Q 675 -60.39 20.79 -70.29
N LEU Q 676 -60.54 21.23 -71.54
CA LEU Q 676 -60.41 22.64 -71.85
C LEU Q 676 -61.65 23.43 -71.44
N GLN Q 677 -62.83 22.82 -71.56
CA GLN Q 677 -64.06 23.51 -71.19
C GLN Q 677 -64.23 23.56 -69.67
N MET Q 678 -63.58 22.67 -68.93
CA MET Q 678 -63.70 22.67 -67.48
C MET Q 678 -62.86 23.78 -66.86
N LEU Q 679 -61.71 24.08 -67.46
CA LEU Q 679 -60.85 25.14 -66.92
C LEU Q 679 -61.44 26.52 -67.18
N CYS Q 680 -62.27 26.66 -68.22
CA CYS Q 680 -62.86 27.96 -68.52
C CYS Q 680 -63.97 28.34 -67.54
N GLU Q 681 -64.53 27.36 -66.82
CA GLU Q 681 -65.58 27.63 -65.85
C GLU Q 681 -65.02 27.83 -64.44
N ILE Q 682 -64.06 27.00 -64.04
CA ILE Q 682 -63.49 27.11 -62.71
C ILE Q 682 -62.59 28.34 -62.59
N GLY Q 683 -62.06 28.86 -63.69
CA GLY Q 683 -61.21 30.02 -63.65
C GLY Q 683 -61.90 31.28 -64.16
N ALA Q 684 -63.03 31.64 -63.55
CA ALA Q 684 -63.76 32.82 -63.96
C ALA Q 684 -64.59 33.38 -62.80
N HIS Q 685 -64.82 32.55 -61.78
CA HIS Q 685 -65.62 32.99 -60.62
C HIS Q 685 -64.79 33.89 -59.70
N TYR Q 686 -63.61 33.43 -59.30
CA TYR Q 686 -62.78 34.19 -58.38
C TYR Q 686 -61.60 34.79 -59.12
N PRO Q 687 -61.34 36.09 -58.97
CA PRO Q 687 -60.18 36.70 -59.65
C PRO Q 687 -58.87 36.13 -59.14
N GLY Q 688 -57.82 36.34 -59.94
CA GLY Q 688 -56.50 35.87 -59.62
C GLY Q 688 -56.20 34.46 -60.11
N PHE Q 689 -57.19 33.58 -60.08
CA PHE Q 689 -56.99 32.20 -60.53
C PHE Q 689 -57.64 31.99 -61.89
N GLU Q 690 -57.32 32.84 -62.86
CA GLU Q 690 -57.90 32.74 -64.18
C GLU Q 690 -57.28 31.57 -64.94
N THR Q 691 -57.92 31.21 -66.05
CA THR Q 691 -57.46 30.10 -66.87
C THR Q 691 -56.24 30.54 -67.67
N ASP Q 692 -55.17 29.75 -67.58
CA ASP Q 692 -53.91 30.04 -68.26
C ASP Q 692 -53.63 28.91 -69.25
N ILE Q 693 -53.92 29.13 -70.53
CA ILE Q 693 -53.66 28.17 -71.59
C ILE Q 693 -52.90 28.89 -72.69
N HIS Q 694 -51.69 28.41 -72.98
CA HIS Q 694 -50.85 28.99 -74.04
C HIS Q 694 -51.39 28.53 -75.39
N GLY Q 695 -52.46 29.19 -75.82
CA GLY Q 695 -53.09 28.87 -77.09
C GLY Q 695 -54.50 29.43 -77.20
N ALA Q 696 -55.19 29.55 -76.08
CA ALA Q 696 -56.54 30.08 -76.04
C ALA Q 696 -56.49 31.57 -75.73
N TYR Q 697 -57.13 32.37 -76.59
CA TYR Q 697 -57.16 33.82 -76.45
C TYR Q 697 -58.47 34.24 -75.80
N ARG Q 698 -58.40 35.21 -74.89
CA ARG Q 698 -59.59 35.70 -74.20
C ARG Q 698 -60.26 36.79 -75.02
N GLN Q 699 -61.57 36.68 -75.20
CA GLN Q 699 -62.34 37.67 -75.94
C GLN Q 699 -62.94 38.71 -75.01
N ALA Q 700 -64.18 39.10 -75.27
CA ALA Q 700 -64.89 40.08 -74.45
C ALA Q 700 -66.16 39.52 -73.82
N ASP Q 701 -66.37 38.20 -73.90
CA ASP Q 701 -67.55 37.57 -73.33
C ASP Q 701 -67.25 36.44 -72.36
N GLY Q 702 -66.08 35.82 -72.44
CA GLY Q 702 -65.72 34.74 -71.54
C GLY Q 702 -65.27 33.49 -72.27
N ARG Q 703 -65.85 33.25 -73.44
CA ARG Q 703 -65.49 32.07 -74.22
C ARG Q 703 -64.16 32.28 -74.93
N TYR Q 704 -63.27 31.30 -74.83
CA TYR Q 704 -61.96 31.37 -75.46
C TYR Q 704 -62.02 30.87 -76.89
N THR Q 705 -61.08 31.34 -77.70
CA THR Q 705 -60.99 30.97 -79.11
C THR Q 705 -59.66 30.29 -79.37
N VAL Q 706 -59.66 29.36 -80.33
CA VAL Q 706 -58.48 28.62 -80.72
C VAL Q 706 -58.15 28.95 -82.18
N LYS Q 707 -56.94 28.58 -82.59
CA LYS Q 707 -56.45 28.81 -83.94
C LYS Q 707 -56.41 27.48 -84.68
N VAL Q 708 -57.26 27.33 -85.68
CA VAL Q 708 -57.32 26.11 -86.47
C VAL Q 708 -56.98 26.42 -87.93
N LEU Q 709 -57.08 25.42 -88.79
CA LEU Q 709 -56.79 25.57 -90.21
C LEU Q 709 -58.08 25.56 -91.02
N LYS Q 710 -58.04 26.19 -92.19
CA LYS Q 710 -59.21 26.26 -93.04
C LYS Q 710 -59.44 24.91 -93.74
N GLU Q 711 -60.71 24.59 -93.94
CA GLU Q 711 -61.09 23.33 -94.60
C GLU Q 711 -60.92 23.43 -96.11
N MET R 1 22.39 43.36 -38.54
CA MET R 1 22.94 43.17 -37.20
C MET R 1 22.48 44.30 -36.28
N ASN R 2 21.29 44.14 -35.71
CA ASN R 2 20.73 45.15 -34.82
C ASN R 2 19.63 44.57 -33.95
N VAL R 3 19.86 43.38 -33.39
CA VAL R 3 18.89 42.69 -32.55
C VAL R 3 19.43 42.68 -31.12
N ILE R 4 18.64 43.20 -30.19
CA ILE R 4 19.00 43.24 -28.77
C ILE R 4 17.98 42.42 -28.01
N ALA R 5 18.47 41.47 -27.21
CA ALA R 5 17.63 40.57 -26.43
C ALA R 5 17.59 41.00 -24.98
N ILE R 6 16.40 40.96 -24.38
CA ILE R 6 16.19 41.29 -22.99
C ILE R 6 15.47 40.13 -22.34
N LEU R 7 16.19 39.33 -21.56
CA LEU R 7 15.66 38.11 -20.96
C LEU R 7 15.35 38.33 -19.48
N ASN R 8 14.31 37.64 -19.01
CA ASN R 8 13.93 37.57 -17.60
C ASN R 8 13.37 38.88 -17.07
N HIS R 9 12.24 38.80 -16.37
CA HIS R 9 11.61 39.95 -15.73
C HIS R 9 11.71 39.74 -14.22
N MET R 10 12.43 40.64 -13.54
CA MET R 10 12.63 40.49 -12.10
C MET R 10 11.37 40.83 -11.30
N GLY R 11 10.38 41.45 -11.93
CA GLY R 11 9.14 41.81 -11.27
C GLY R 11 9.19 43.11 -10.48
N VAL R 12 10.38 43.56 -10.11
CA VAL R 12 10.53 44.80 -9.36
C VAL R 12 10.41 45.98 -10.32
N TYR R 13 10.52 47.19 -9.77
CA TYR R 13 10.39 48.40 -10.57
C TYR R 13 11.72 49.11 -10.82
N PHE R 14 12.68 48.99 -9.89
CA PHE R 14 13.97 49.63 -10.07
C PHE R 14 14.85 48.93 -11.10
N LYS R 15 14.42 47.78 -11.62
CA LYS R 15 15.14 47.09 -12.67
C LYS R 15 14.42 47.10 -14.01
N GLU R 16 13.08 47.11 -14.01
CA GLU R 16 12.32 47.14 -15.26
C GLU R 16 12.19 48.55 -15.84
N GLU R 17 12.31 49.59 -15.01
CA GLU R 17 12.22 50.96 -15.48
C GLU R 17 13.41 51.33 -16.37
N PRO R 18 14.65 50.98 -15.99
CA PRO R 18 15.76 51.22 -16.94
C PRO R 18 15.63 50.44 -18.23
N ILE R 19 14.91 49.32 -18.23
CA ILE R 19 14.69 48.57 -19.45
C ILE R 19 13.76 49.33 -20.40
N ARG R 20 12.71 49.93 -19.85
CA ARG R 20 11.79 50.71 -20.67
C ARG R 20 12.43 52.01 -21.15
N GLU R 21 13.31 52.61 -20.34
CA GLU R 21 14.00 53.82 -20.76
C GLU R 21 15.02 53.51 -21.86
N LEU R 22 15.68 52.36 -21.77
CA LEU R 22 16.61 51.95 -22.82
C LEU R 22 15.89 51.50 -24.08
N HIS R 23 14.63 51.07 -23.95
CA HIS R 23 13.88 50.65 -25.13
C HIS R 23 13.63 51.82 -26.08
N ARG R 24 13.42 53.02 -25.53
CA ARG R 24 13.19 54.19 -26.35
C ARG R 24 14.48 54.83 -26.86
N ALA R 25 15.63 54.44 -26.31
CA ALA R 25 16.91 55.02 -26.74
C ALA R 25 17.60 54.18 -27.81
N LEU R 26 17.45 52.85 -27.76
CA LEU R 26 18.09 52.00 -28.76
C LEU R 26 17.40 52.08 -30.11
N GLU R 27 16.11 52.43 -30.13
CA GLU R 27 15.40 52.53 -31.40
C GLU R 27 15.80 53.76 -32.20
N ARG R 28 16.42 54.75 -31.54
CA ARG R 28 16.86 55.94 -32.27
C ARG R 28 18.09 55.68 -33.12
N LEU R 29 18.81 54.58 -32.87
CA LEU R 29 19.99 54.22 -33.63
C LEU R 29 19.77 52.95 -34.46
N ASN R 30 18.51 52.68 -34.82
CA ASN R 30 18.15 51.51 -35.62
C ASN R 30 18.57 50.21 -34.94
N PHE R 31 17.76 49.75 -33.98
CA PHE R 31 18.00 48.48 -33.31
C PHE R 31 16.67 47.83 -32.99
N GLN R 32 16.58 46.52 -33.27
CA GLN R 32 15.38 45.75 -32.99
C GLN R 32 15.45 45.18 -31.59
N ILE R 33 14.35 45.32 -30.84
CA ILE R 33 14.27 44.85 -29.46
C ILE R 33 13.34 43.65 -29.42
N VAL R 34 13.83 42.56 -28.82
CA VAL R 34 13.05 41.34 -28.65
C VAL R 34 13.00 40.99 -27.17
N TYR R 35 11.99 40.22 -26.78
CA TYR R 35 11.78 39.82 -25.39
C TYR R 35 11.50 38.32 -25.34
N PRO R 36 12.53 37.51 -25.14
CA PRO R 36 12.32 36.07 -25.01
C PRO R 36 11.63 35.71 -23.70
N ASN R 37 11.21 34.45 -23.61
CA ASN R 37 10.48 33.97 -22.44
C ASN R 37 11.41 33.36 -21.41
N ASP R 38 11.60 32.04 -21.47
CA ASP R 38 12.41 31.33 -20.48
C ASP R 38 13.84 31.19 -20.98
N ARG R 39 14.61 30.28 -20.39
CA ARG R 39 16.00 30.10 -20.78
C ARG R 39 16.10 29.45 -22.16
N ASP R 40 15.21 28.50 -22.46
CA ASP R 40 15.24 27.85 -23.76
C ASP R 40 14.80 28.78 -24.89
N ASP R 41 14.14 29.90 -24.56
CA ASP R 41 13.73 30.84 -25.58
C ASP R 41 14.92 31.63 -26.13
N LEU R 42 15.84 32.02 -25.24
CA LEU R 42 17.02 32.76 -25.68
C LEU R 42 17.95 31.88 -26.52
N LEU R 43 17.99 30.59 -26.25
CA LEU R 43 18.85 29.69 -27.02
C LEU R 43 18.38 29.55 -28.46
N LYS R 44 17.07 29.71 -28.70
CA LYS R 44 16.52 29.62 -30.05
C LYS R 44 16.70 30.92 -30.83
N LEU R 45 17.12 32.00 -30.19
CA LEU R 45 17.32 33.28 -30.85
C LEU R 45 18.76 33.51 -31.28
N ILE R 46 19.60 32.47 -31.21
CA ILE R 46 21.01 32.56 -31.59
C ILE R 46 21.33 31.66 -32.77
N GLU R 47 20.92 30.38 -32.69
CA GLU R 47 21.19 29.45 -33.77
C GLU R 47 20.33 29.76 -34.99
N ASN R 48 19.06 30.11 -34.77
CA ASN R 48 18.17 30.44 -35.88
C ASN R 48 18.25 31.90 -36.29
N ASN R 49 18.72 32.78 -35.42
CA ASN R 49 18.85 34.20 -35.70
C ASN R 49 20.32 34.60 -35.54
N ALA R 50 21.00 34.81 -36.66
CA ALA R 50 22.41 35.17 -36.65
C ALA R 50 22.65 36.68 -36.62
N ARG R 51 21.59 37.48 -36.69
CA ARG R 51 21.72 38.93 -36.68
C ARG R 51 21.59 39.52 -35.28
N LEU R 52 21.92 38.75 -34.24
CA LEU R 52 21.84 39.19 -32.86
C LEU R 52 23.23 39.57 -32.36
N CYS R 53 23.30 40.64 -31.57
CA CYS R 53 24.57 41.10 -31.02
C CYS R 53 24.42 41.72 -29.63
N GLY R 54 23.33 41.44 -28.92
CA GLY R 54 23.14 42.00 -27.60
C GLY R 54 22.18 41.19 -26.75
N VAL R 55 22.66 40.72 -25.60
CA VAL R 55 21.86 39.92 -24.67
C VAL R 55 21.86 40.64 -23.33
N ILE R 56 20.68 41.03 -22.87
CA ILE R 56 20.51 41.73 -21.60
C ILE R 56 19.79 40.79 -20.64
N PHE R 57 20.42 40.48 -19.52
CA PHE R 57 19.83 39.59 -18.52
C PHE R 57 20.39 39.96 -17.15
N ASP R 58 19.75 39.44 -16.11
CA ASP R 58 20.17 39.70 -14.74
C ASP R 58 21.31 38.76 -14.37
N TRP R 59 22.39 39.34 -13.82
CA TRP R 59 23.54 38.53 -13.44
C TRP R 59 23.26 37.70 -12.19
N ASP R 60 22.40 38.18 -11.31
CA ASP R 60 22.06 37.47 -10.07
C ASP R 60 20.79 36.64 -10.24
N LYS R 61 20.70 35.90 -11.35
CA LYS R 61 19.54 35.05 -11.61
C LYS R 61 19.94 33.81 -12.39
N TYR R 62 20.75 34.00 -13.45
CA TYR R 62 21.26 32.91 -14.27
C TYR R 62 22.72 33.21 -14.62
N ASN R 63 23.60 33.02 -13.64
CA ASN R 63 25.03 33.26 -13.83
C ASN R 63 25.77 32.05 -14.36
N LEU R 64 25.16 30.86 -14.33
CA LEU R 64 25.79 29.65 -14.83
C LEU R 64 25.01 28.96 -15.94
N GLU R 65 23.70 29.19 -16.06
CA GLU R 65 22.89 28.56 -17.10
C GLU R 65 23.01 29.25 -18.45
N LEU R 66 23.38 30.53 -18.49
CA LEU R 66 23.50 31.28 -19.73
C LEU R 66 24.93 31.51 -20.18
N CYS R 67 25.88 31.57 -19.25
CA CYS R 67 27.27 31.81 -19.59
C CYS R 67 27.99 30.58 -20.11
N GLU R 68 27.30 29.44 -20.21
CA GLU R 68 27.90 28.20 -20.69
C GLU R 68 27.34 27.76 -22.03
N GLU R 69 26.03 27.83 -22.24
CA GLU R 69 25.44 27.42 -23.50
C GLU R 69 25.72 28.42 -24.61
N ILE R 70 25.79 29.71 -24.28
CA ILE R 70 26.08 30.72 -25.30
C ILE R 70 27.53 30.64 -25.73
N SER R 71 28.44 30.34 -24.79
CA SER R 71 29.86 30.26 -25.13
C SER R 71 30.15 29.09 -26.05
N LYS R 72 29.31 28.06 -26.04
CA LYS R 72 29.52 26.91 -26.93
C LYS R 72 29.17 27.23 -28.37
N MET R 73 28.43 28.31 -28.63
CA MET R 73 28.07 28.69 -29.98
C MET R 73 28.93 29.87 -30.44
N ASN R 74 28.59 31.07 -29.98
CA ASN R 74 29.32 32.29 -30.32
C ASN R 74 30.11 32.74 -29.10
N GLU R 75 31.44 32.80 -29.24
CA GLU R 75 32.28 33.19 -28.12
C GLU R 75 32.42 34.71 -28.04
N ASN R 76 32.54 35.39 -29.18
CA ASN R 76 32.70 36.83 -29.22
C ASN R 76 31.38 37.58 -29.08
N LEU R 77 30.29 36.89 -28.81
CA LEU R 77 28.99 37.53 -28.68
C LEU R 77 28.96 38.39 -27.42
N PRO R 78 28.71 39.69 -27.52
CA PRO R 78 28.66 40.53 -26.31
C PRO R 78 27.50 40.15 -25.40
N LEU R 79 27.73 40.26 -24.10
CA LEU R 79 26.73 39.95 -23.09
C LEU R 79 26.56 41.17 -22.19
N TYR R 80 25.40 41.83 -22.31
CA TYR R 80 25.11 43.03 -21.52
C TYR R 80 24.45 42.64 -20.19
N ALA R 81 25.19 41.86 -19.40
CA ALA R 81 24.70 41.41 -18.11
C ALA R 81 24.74 42.53 -17.09
N PHE R 82 23.62 42.76 -16.42
CA PHE R 82 23.50 43.80 -15.40
C PHE R 82 23.76 43.17 -14.04
N ALA R 83 24.79 43.66 -13.35
CA ALA R 83 25.15 43.14 -12.04
C ALA R 83 24.45 43.94 -10.94
N ASN R 84 24.66 43.50 -9.70
CA ASN R 84 24.07 44.15 -8.53
C ASN R 84 25.20 44.45 -7.55
N THR R 85 24.82 44.68 -6.29
CA THR R 85 25.82 44.98 -5.27
C THR R 85 26.58 43.73 -4.86
N TYR R 86 25.86 42.69 -4.45
CA TYR R 86 26.48 41.41 -4.04
C TYR R 86 26.54 40.49 -5.25
N SER R 87 27.51 40.76 -6.12
CA SER R 87 27.71 39.99 -7.34
C SER R 87 29.17 39.56 -7.44
N THR R 88 29.40 38.37 -7.96
CA THR R 88 30.75 37.84 -8.12
C THR R 88 30.74 36.82 -9.26
N LEU R 89 31.95 36.39 -9.63
CA LEU R 89 32.11 35.42 -10.70
C LEU R 89 32.04 34.00 -10.13
N ASP R 90 32.39 33.03 -10.96
CA ASP R 90 32.38 31.63 -10.58
C ASP R 90 33.67 30.96 -11.04
N VAL R 91 34.06 29.90 -10.32
CA VAL R 91 35.29 29.19 -10.66
C VAL R 91 35.13 28.44 -11.98
N SER R 92 33.90 28.09 -12.35
CA SER R 92 33.64 27.38 -13.60
C SER R 92 33.44 28.33 -14.78
N LEU R 93 33.77 29.60 -14.61
CA LEU R 93 33.62 30.60 -15.68
C LEU R 93 34.96 31.22 -16.06
N ASN R 94 36.06 30.46 -15.95
CA ASN R 94 37.39 30.97 -16.27
C ASN R 94 37.85 30.55 -17.66
N ASP R 95 37.52 29.33 -18.08
CA ASP R 95 37.91 28.80 -19.39
C ASP R 95 36.81 28.96 -20.42
N LEU R 96 36.15 30.13 -20.45
CA LEU R 96 35.08 30.40 -21.40
C LEU R 96 35.29 31.77 -22.01
N ARG R 97 35.29 31.83 -23.35
CA ARG R 97 35.47 33.08 -24.07
C ARG R 97 34.14 33.83 -24.10
N LEU R 98 34.05 34.91 -23.31
CA LEU R 98 32.84 35.70 -23.23
C LEU R 98 33.20 37.18 -23.25
N GLN R 99 32.17 38.02 -23.36
CA GLN R 99 32.31 39.47 -23.37
C GLN R 99 31.18 40.05 -22.52
N ILE R 100 31.46 40.25 -21.23
CA ILE R 100 30.45 40.72 -20.28
C ILE R 100 30.67 42.21 -20.06
N SER R 101 29.59 42.99 -20.22
CA SER R 101 29.61 44.43 -20.00
C SER R 101 28.71 44.74 -18.82
N PHE R 102 29.30 45.23 -17.74
CA PHE R 102 28.54 45.52 -16.53
C PHE R 102 27.96 46.92 -16.57
N PHE R 103 26.75 47.07 -16.04
CA PHE R 103 26.06 48.35 -15.98
C PHE R 103 25.26 48.43 -14.68
N GLU R 104 24.58 49.55 -14.50
CA GLU R 104 23.77 49.80 -13.31
C GLU R 104 22.34 50.11 -13.72
N TYR R 105 21.50 50.36 -12.72
CA TYR R 105 20.10 50.69 -12.93
C TYR R 105 19.86 52.16 -12.55
N ALA R 106 20.68 53.03 -13.12
CA ALA R 106 20.61 54.46 -12.85
C ALA R 106 19.58 55.11 -13.77
N LEU R 107 18.71 55.92 -13.17
CA LEU R 107 17.68 56.61 -13.93
C LEU R 107 18.26 57.84 -14.61
N GLY R 108 17.79 58.11 -15.83
CA GLY R 108 18.25 59.24 -16.60
C GLY R 108 19.52 59.01 -17.39
N ALA R 109 20.31 58.00 -17.03
CA ALA R 109 21.55 57.69 -17.73
C ALA R 109 21.37 56.69 -18.86
N ALA R 110 20.13 56.53 -19.36
CA ALA R 110 19.89 55.61 -20.45
C ALA R 110 20.49 56.08 -21.76
N GLU R 111 20.74 57.39 -21.91
CA GLU R 111 21.34 57.89 -23.14
C GLU R 111 22.82 57.49 -23.22
N ASP R 112 23.54 57.55 -22.10
CA ASP R 112 24.94 57.16 -22.10
C ASP R 112 25.11 55.66 -22.31
N ILE R 113 24.12 54.86 -21.90
CA ILE R 113 24.20 53.42 -22.09
C ILE R 113 24.03 53.07 -23.57
N ALA R 114 23.16 53.81 -24.26
CA ALA R 114 22.94 53.55 -25.69
C ALA R 114 24.18 53.84 -26.52
N ASN R 115 24.97 54.83 -26.12
CA ASN R 115 26.21 55.12 -26.85
C ASN R 115 27.27 54.05 -26.62
N LYS R 116 27.26 53.42 -25.43
CA LYS R 116 28.21 52.36 -25.15
C LYS R 116 27.86 51.07 -25.89
N ILE R 117 26.57 50.81 -26.12
CA ILE R 117 26.18 49.62 -26.85
C ILE R 117 26.54 49.75 -28.32
N LYS R 118 26.37 50.95 -28.90
CA LYS R 118 26.73 51.16 -30.29
C LYS R 118 28.24 51.05 -30.49
N GLN R 119 29.02 51.55 -29.54
CA GLN R 119 30.48 51.43 -29.64
C GLN R 119 30.93 49.99 -29.43
N THR R 120 30.27 49.26 -28.53
CA THR R 120 30.61 47.86 -28.33
C THR R 120 30.24 47.02 -29.55
N THR R 121 29.11 47.34 -30.18
CA THR R 121 28.73 46.63 -31.40
C THR R 121 29.71 46.89 -32.53
N ASP R 122 30.23 48.12 -32.62
CA ASP R 122 31.23 48.43 -33.64
C ASP R 122 32.53 47.68 -33.40
N GLU R 123 32.86 47.41 -32.14
CA GLU R 123 34.05 46.61 -31.85
C GLU R 123 33.87 45.16 -32.28
N TYR R 124 32.64 44.63 -32.18
CA TYR R 124 32.39 43.28 -32.66
C TYR R 124 32.45 43.19 -34.17
N ILE R 125 32.10 44.27 -34.87
CA ILE R 125 32.17 44.27 -36.33
C ILE R 125 33.63 44.35 -36.78
N ASN R 126 34.44 45.15 -36.11
CA ASN R 126 35.84 45.32 -36.47
C ASN R 126 36.73 44.20 -35.94
N THR R 127 36.15 43.12 -35.43
CA THR R 127 36.92 41.99 -34.92
C THR R 127 36.68 40.71 -35.71
N ILE R 128 35.42 40.38 -36.00
CA ILE R 128 35.12 39.17 -36.75
C ILE R 128 35.40 39.32 -38.24
N LEU R 129 35.59 40.56 -38.71
CA LEU R 129 35.85 40.74 -40.14
C LEU R 129 37.35 40.76 -40.40
N PRO R 130 37.80 40.18 -41.52
CA PRO R 130 39.22 40.19 -41.86
C PRO R 130 39.67 41.58 -42.25
N PRO R 131 40.98 41.86 -42.22
CA PRO R 131 41.44 43.21 -42.58
C PRO R 131 41.23 43.55 -44.05
N LEU R 132 41.10 42.55 -44.93
CA LEU R 132 40.84 42.84 -46.33
C LEU R 132 39.40 43.32 -46.53
N THR R 133 38.44 42.67 -45.86
CA THR R 133 37.06 43.11 -45.96
C THR R 133 36.83 44.40 -45.21
N LYS R 134 37.55 44.62 -44.10
CA LYS R 134 37.40 45.87 -43.35
C LYS R 134 37.83 47.06 -44.18
N ALA R 135 38.91 46.91 -44.96
CA ALA R 135 39.38 48.01 -45.79
C ALA R 135 38.44 48.29 -46.96
N LEU R 136 37.66 47.30 -47.39
CA LEU R 136 36.73 47.51 -48.50
C LEU R 136 35.49 48.27 -48.04
N PHE R 137 34.99 47.99 -46.84
CA PHE R 137 33.81 48.68 -46.34
C PHE R 137 34.15 50.11 -45.93
N LYS R 138 35.36 50.34 -45.41
CA LYS R 138 35.76 51.69 -45.01
C LYS R 138 36.06 52.58 -46.20
N TYR R 139 36.55 52.00 -47.30
CA TYR R 139 36.87 52.79 -48.48
C TYR R 139 35.63 53.36 -49.16
N VAL R 140 34.47 52.74 -48.95
CA VAL R 140 33.24 53.23 -49.57
C VAL R 140 32.72 54.47 -48.85
N ARG R 141 32.76 54.47 -47.53
CA ARG R 141 32.21 55.57 -46.75
C ARG R 141 33.17 56.75 -46.63
N GLU R 142 34.44 56.56 -46.92
CA GLU R 142 35.42 57.64 -46.77
C GLU R 142 36.26 57.88 -48.02
N GLY R 143 36.77 56.81 -48.65
CA GLY R 143 37.61 56.96 -49.81
C GLY R 143 36.82 57.48 -51.00
N LYS R 144 37.13 58.70 -51.45
CA LYS R 144 36.45 59.30 -52.60
C LYS R 144 37.50 59.89 -53.54
N TYR R 145 38.36 59.02 -54.07
CA TYR R 145 39.41 59.45 -54.99
C TYR R 145 38.83 59.63 -56.39
N THR R 146 39.23 60.70 -57.05
CA THR R 146 38.78 61.01 -58.40
C THR R 146 39.80 60.57 -59.43
N PHE R 147 39.33 60.43 -60.67
CA PHE R 147 40.16 60.01 -61.80
C PHE R 147 40.80 58.64 -61.52
N CYS R 148 39.95 57.62 -61.50
CA CYS R 148 40.38 56.25 -61.22
C CYS R 148 39.57 55.29 -62.08
N THR R 149 39.98 54.01 -62.08
CA THR R 149 39.35 52.93 -62.82
C THR R 149 38.47 52.10 -61.90
N PRO R 150 37.34 51.57 -62.39
CA PRO R 150 36.82 51.71 -63.76
C PRO R 150 36.23 53.10 -64.04
N GLY R 151 35.67 53.27 -65.24
CA GLY R 151 35.15 54.56 -65.63
C GLY R 151 33.85 54.95 -64.97
N HIS R 152 33.09 53.98 -64.46
CA HIS R 152 31.82 54.31 -63.83
C HIS R 152 32.03 55.02 -62.49
N MET R 153 33.03 54.58 -61.71
CA MET R 153 33.38 55.17 -60.43
C MET R 153 32.17 55.22 -59.49
N GLY R 154 31.76 54.03 -59.05
CA GLY R 154 30.63 53.92 -58.16
C GLY R 154 29.29 54.13 -58.80
N GLY R 155 29.20 54.07 -60.13
CA GLY R 155 27.95 54.26 -60.82
C GLY R 155 27.63 55.67 -61.24
N THR R 156 28.65 56.52 -61.44
CA THR R 156 28.41 57.89 -61.85
C THR R 156 28.00 57.96 -63.32
N ALA R 157 28.65 57.16 -64.17
CA ALA R 157 28.32 57.18 -65.59
C ALA R 157 26.92 56.60 -65.86
N PHE R 158 26.42 55.76 -64.97
CA PHE R 158 25.09 55.19 -65.14
C PHE R 158 23.98 56.21 -64.88
N GLN R 159 24.29 57.31 -64.18
CA GLN R 159 23.31 58.33 -63.88
C GLN R 159 23.14 59.35 -65.00
N LYS R 160 23.80 59.14 -66.14
CA LYS R 160 23.71 60.05 -67.27
C LYS R 160 22.96 59.46 -68.46
N SER R 161 22.49 58.22 -68.35
CA SER R 161 21.76 57.56 -69.42
C SER R 161 20.53 56.88 -68.85
N PRO R 162 19.40 56.93 -69.56
CA PRO R 162 18.18 56.28 -69.05
C PRO R 162 18.33 54.77 -68.91
N VAL R 163 19.05 54.12 -69.84
CA VAL R 163 19.23 52.68 -69.76
C VAL R 163 20.25 52.32 -68.68
N GLY R 164 21.16 53.24 -68.36
CA GLY R 164 22.15 52.96 -67.33
C GLY R 164 21.60 53.08 -65.92
N SER R 165 20.55 53.87 -65.72
CA SER R 165 19.99 54.02 -64.39
C SER R 165 19.26 52.76 -63.94
N LEU R 166 18.76 51.96 -64.89
CA LEU R 166 18.07 50.72 -64.53
C LEU R 166 19.05 49.67 -64.00
N PHE R 167 20.30 49.70 -64.45
CA PHE R 167 21.29 48.75 -63.97
C PHE R 167 21.91 49.18 -62.64
N TYR R 168 21.88 50.48 -62.34
CA TYR R 168 22.44 50.96 -61.08
C TYR R 168 21.46 50.80 -59.94
N ASP R 169 20.16 50.91 -60.22
CA ASP R 169 19.15 50.78 -59.18
C ASP R 169 18.86 49.33 -58.80
N PHE R 170 19.37 48.36 -59.56
CA PHE R 170 19.13 46.97 -59.24
C PHE R 170 19.99 46.51 -58.06
N PHE R 171 21.30 46.73 -58.14
CA PHE R 171 22.21 46.32 -57.08
C PHE R 171 22.11 47.27 -55.89
N GLY R 172 22.89 48.35 -55.90
CA GLY R 172 22.88 49.31 -54.83
C GLY R 172 24.07 50.24 -54.90
N PRO R 173 24.00 51.35 -54.15
CA PRO R 173 25.12 52.30 -54.15
C PRO R 173 26.41 51.70 -53.58
N ASN R 174 26.30 50.85 -52.56
CA ASN R 174 27.48 50.24 -51.97
C ASN R 174 28.07 49.13 -52.85
N THR R 175 27.29 48.61 -53.79
CA THR R 175 27.78 47.55 -54.66
C THR R 175 28.73 48.10 -55.72
N MET R 176 28.36 49.20 -56.37
CA MET R 176 29.21 49.75 -57.43
C MET R 176 30.46 50.42 -56.86
N LYS R 177 30.39 50.93 -55.63
CA LYS R 177 31.54 51.58 -55.00
C LYS R 177 32.55 50.59 -54.43
N SER R 178 32.26 49.29 -54.49
CA SER R 178 33.17 48.27 -53.98
C SER R 178 33.98 47.60 -55.07
N ASP R 179 33.78 47.96 -56.34
CA ASP R 179 34.52 47.37 -57.45
C ASP R 179 35.61 48.36 -57.86
N ILE R 180 36.81 48.14 -57.33
CA ILE R 180 37.96 48.99 -57.62
C ILE R 180 39.13 48.12 -58.07
N SER R 181 40.08 48.75 -58.74
CA SER R 181 41.27 48.08 -59.25
C SER R 181 42.36 48.09 -58.17
N ILE R 182 43.62 48.11 -58.61
CA ILE R 182 44.75 48.11 -57.68
C ILE R 182 45.31 49.51 -57.57
N SER R 183 44.51 50.51 -57.94
CA SER R 183 44.92 51.90 -57.89
C SER R 183 44.67 52.54 -56.53
N VAL R 184 44.60 51.74 -55.47
CA VAL R 184 44.37 52.23 -54.11
C VAL R 184 45.52 51.73 -53.24
N SER R 185 46.11 52.65 -52.47
CA SER R 185 47.28 52.35 -51.67
C SER R 185 46.93 51.66 -50.35
N GLU R 186 45.87 52.13 -49.66
CA GLU R 186 45.52 51.59 -48.37
C GLU R 186 44.77 50.27 -48.44
N LEU R 187 44.65 49.66 -49.62
CA LEU R 187 44.07 48.34 -49.77
C LEU R 187 45.04 47.32 -50.38
N GLY R 188 46.23 47.75 -50.79
CA GLY R 188 47.19 46.83 -51.35
C GLY R 188 46.84 46.40 -52.76
N SER R 189 47.63 45.45 -53.26
CA SER R 189 47.45 44.90 -54.60
C SER R 189 47.57 43.39 -54.55
N LEU R 190 46.66 42.70 -55.25
CA LEU R 190 46.70 41.25 -55.28
C LEU R 190 47.89 40.72 -56.06
N LEU R 191 48.30 41.44 -57.12
CA LEU R 191 49.43 41.00 -57.91
C LEU R 191 50.75 41.14 -57.16
N ASP R 192 50.83 42.10 -56.23
CA ASP R 192 52.04 42.32 -55.45
C ASP R 192 52.06 41.52 -54.15
N HIS R 193 50.89 41.12 -53.64
CA HIS R 193 50.78 40.35 -52.40
C HIS R 193 51.42 41.10 -51.23
N SER R 194 50.90 42.29 -50.97
CA SER R 194 51.40 43.13 -49.89
C SER R 194 50.23 43.87 -49.25
N GLY R 195 50.46 44.32 -48.02
CA GLY R 195 49.45 45.03 -47.27
C GLY R 195 48.34 44.13 -46.81
N PRO R 196 47.09 44.54 -47.06
CA PRO R 196 45.95 43.70 -46.67
C PRO R 196 45.92 42.35 -47.38
N HIS R 197 46.43 42.29 -48.61
CA HIS R 197 46.45 41.02 -49.34
C HIS R 197 47.49 40.05 -48.78
N LYS R 198 48.54 40.55 -48.13
CA LYS R 198 49.55 39.67 -47.57
C LYS R 198 49.02 38.95 -46.32
N GLU R 199 48.29 39.67 -45.47
CA GLU R 199 47.70 39.05 -44.29
C GLU R 199 46.48 38.21 -44.61
N ALA R 200 45.91 38.36 -45.80
CA ALA R 200 44.73 37.57 -46.17
C ALA R 200 45.12 36.12 -46.47
N GLU R 201 46.27 35.90 -47.09
CA GLU R 201 46.71 34.55 -47.39
C GLU R 201 47.14 33.81 -46.13
N GLN R 202 47.67 34.54 -45.14
CA GLN R 202 48.07 33.88 -43.89
C GLN R 202 46.88 33.61 -42.99
N TYR R 203 45.76 34.30 -43.21
CA TYR R 203 44.58 34.06 -42.40
C TYR R 203 43.79 32.85 -42.88
N ILE R 204 43.83 32.58 -44.19
CA ILE R 204 43.11 31.44 -44.73
C ILE R 204 43.89 30.15 -44.48
N ALA R 205 45.21 30.20 -44.63
CA ALA R 205 46.03 29.01 -44.42
C ALA R 205 46.09 28.61 -42.95
N ARG R 206 45.94 29.57 -42.04
CA ARG R 206 45.98 29.24 -40.62
C ARG R 206 44.67 28.58 -40.18
N VAL R 207 43.54 29.05 -40.68
CA VAL R 207 42.25 28.47 -40.31
C VAL R 207 42.06 27.12 -40.97
N PHE R 208 42.36 27.01 -42.26
CA PHE R 208 42.21 25.76 -43.00
C PHE R 208 43.40 24.82 -42.81
N ASN R 209 44.32 25.14 -41.90
CA ASN R 209 45.50 24.31 -41.62
C ASN R 209 46.32 24.10 -42.89
N ALA R 210 47.05 25.15 -43.26
CA ALA R 210 47.90 25.13 -44.44
C ALA R 210 49.06 26.09 -44.22
N ASP R 211 49.98 26.10 -45.19
CA ASP R 211 51.15 26.97 -45.13
C ASP R 211 50.96 28.26 -45.91
N ARG R 212 50.34 28.18 -47.09
CA ARG R 212 50.12 29.38 -47.91
CA ARG R 212 50.12 29.38 -47.91
C ARG R 212 48.92 29.11 -48.81
N SER R 213 47.79 29.72 -48.49
CA SER R 213 46.56 29.56 -49.25
C SER R 213 46.37 30.77 -50.16
N TYR R 214 46.28 30.52 -51.46
CA TYR R 214 46.09 31.58 -52.43
C TYR R 214 44.60 31.82 -52.68
N MET R 215 44.32 32.88 -53.46
CA MET R 215 42.95 33.28 -53.78
C MET R 215 42.86 33.43 -55.30
N VAL R 216 42.45 32.37 -55.99
CA VAL R 216 42.32 32.40 -57.44
C VAL R 216 41.03 33.14 -57.79
N THR R 217 41.14 34.11 -58.69
CA THR R 217 40.02 34.94 -59.10
C THR R 217 39.46 34.50 -60.45
N ASN R 218 39.53 33.20 -60.77
CA ASN R 218 39.01 32.71 -62.04
C ASN R 218 38.52 31.26 -61.91
N GLY R 219 37.89 30.91 -60.80
CA GLY R 219 37.32 29.60 -60.63
C GLY R 219 38.37 28.53 -60.38
N THR R 220 37.87 27.29 -60.21
CA THR R 220 38.75 26.16 -59.96
C THR R 220 39.44 25.69 -61.25
N SER R 221 38.78 25.86 -62.40
CA SER R 221 39.36 25.41 -63.66
C SER R 221 40.67 26.11 -63.97
N THR R 222 40.84 27.35 -63.48
CA THR R 222 42.10 28.07 -63.70
C THR R 222 43.17 27.63 -62.72
N ALA R 223 42.81 27.32 -61.48
CA ALA R 223 43.79 26.91 -60.49
C ALA R 223 44.43 25.57 -60.85
N ASN R 224 43.69 24.69 -61.51
CA ASN R 224 44.25 23.41 -61.92
C ASN R 224 45.23 23.55 -63.09
N LYS R 225 45.13 24.63 -63.85
CA LYS R 225 46.03 24.85 -64.98
C LYS R 225 47.31 25.58 -64.58
N ILE R 226 47.25 26.40 -63.53
CA ILE R 226 48.45 27.10 -63.08
C ILE R 226 49.38 26.15 -62.35
N VAL R 227 48.82 25.26 -61.51
CA VAL R 227 49.64 24.31 -60.79
C VAL R 227 50.24 23.27 -61.72
N GLY R 228 49.50 22.88 -62.77
CA GLY R 228 50.01 21.90 -63.70
C GLY R 228 51.21 22.37 -64.49
N MET R 229 51.34 23.69 -64.67
CA MET R 229 52.48 24.27 -65.37
C MET R 229 53.69 24.46 -64.45
N TYR R 230 53.64 23.94 -63.23
CA TYR R 230 54.74 24.07 -62.28
C TYR R 230 55.57 22.79 -62.18
N SER R 231 54.99 21.70 -61.68
CA SER R 231 55.70 20.44 -61.51
C SER R 231 55.60 19.55 -62.75
N ALA R 232 55.67 20.15 -63.94
CA ALA R 232 55.61 19.41 -65.19
C ALA R 232 56.33 20.19 -66.28
N PRO R 233 57.66 20.07 -66.34
CA PRO R 233 58.41 20.78 -67.38
C PRO R 233 58.08 20.24 -68.76
N ALA R 234 58.56 20.97 -69.77
CA ALA R 234 58.35 20.60 -71.17
C ALA R 234 59.18 19.35 -71.47
N GLY R 235 58.56 18.20 -71.23
CA GLY R 235 59.24 16.93 -71.46
C GLY R 235 59.42 16.13 -70.18
N SER R 236 58.31 15.85 -69.49
CA SER R 236 58.37 15.11 -68.24
C SER R 236 57.32 13.99 -68.22
N THR R 237 56.82 13.67 -67.03
CA THR R 237 55.83 12.61 -66.87
C THR R 237 54.99 12.91 -65.64
N ILE R 238 53.67 12.86 -65.80
CA ILE R 238 52.73 13.12 -64.71
C ILE R 238 51.86 11.89 -64.52
N LEU R 239 51.28 11.77 -63.33
CA LEU R 239 50.41 10.66 -62.97
C LEU R 239 49.00 11.20 -62.74
N ILE R 240 48.33 11.58 -63.82
CA ILE R 240 46.99 12.11 -63.75
C ILE R 240 45.99 10.97 -63.57
N ASP R 241 44.91 11.25 -62.83
CA ASP R 241 43.89 10.24 -62.59
C ASP R 241 43.01 10.07 -63.83
N ARG R 242 42.41 8.88 -63.95
CA ARG R 242 41.54 8.61 -65.09
C ARG R 242 40.26 9.43 -65.01
N ASN R 243 39.65 9.49 -63.83
CA ASN R 243 38.44 10.28 -63.62
C ASN R 243 38.84 11.74 -63.44
N CYS R 244 39.12 12.39 -64.55
CA CYS R 244 39.55 13.78 -64.55
C CYS R 244 38.42 14.69 -65.04
N HIS R 245 38.57 15.98 -64.74
CA HIS R 245 37.59 16.98 -65.13
C HIS R 245 37.97 17.58 -66.48
N LYS R 246 37.01 18.29 -67.09
CA LYS R 246 37.25 18.95 -68.37
C LYS R 246 38.39 19.95 -68.28
N SER R 247 38.58 20.58 -67.12
CA SER R 247 39.68 21.52 -66.96
C SER R 247 41.03 20.81 -67.00
N LEU R 248 41.08 19.57 -66.50
CA LEU R 248 42.33 18.82 -66.52
C LEU R 248 42.67 18.31 -67.91
N THR R 249 41.70 18.24 -68.81
CA THR R 249 41.98 17.79 -70.17
C THR R 249 42.76 18.84 -70.95
N HIS R 250 42.39 20.12 -70.80
CA HIS R 250 43.12 21.18 -71.48
C HIS R 250 44.51 21.38 -70.91
N LEU R 251 44.76 20.91 -69.68
CA LEU R 251 46.10 21.02 -69.11
C LEU R 251 47.08 20.10 -69.82
N MET R 252 46.64 18.89 -70.18
CA MET R 252 47.51 17.96 -70.90
C MET R 252 47.71 18.37 -72.35
N MET R 253 46.86 19.23 -72.89
CA MET R 253 46.98 19.69 -74.27
C MET R 253 47.83 20.95 -74.41
N MET R 254 48.26 21.55 -73.30
CA MET R 254 49.09 22.75 -73.34
C MET R 254 50.52 22.50 -72.86
N SER R 255 50.80 21.37 -72.24
CA SER R 255 52.13 21.03 -71.75
C SER R 255 52.62 19.76 -72.44
N ASP R 256 53.85 19.79 -72.96
CA ASP R 256 54.44 18.65 -73.65
C ASP R 256 54.92 17.65 -72.60
N VAL R 257 53.97 16.89 -72.05
CA VAL R 257 54.25 15.89 -71.04
C VAL R 257 53.65 14.56 -71.48
N THR R 258 54.05 13.49 -70.80
CA THR R 258 53.55 12.14 -71.07
C THR R 258 52.76 11.66 -69.86
N PRO R 259 51.44 11.85 -69.85
CA PRO R 259 50.65 11.41 -68.69
C PRO R 259 50.44 9.91 -68.66
N ILE R 260 50.24 9.39 -67.46
CA ILE R 260 49.97 7.97 -67.23
C ILE R 260 48.63 7.86 -66.53
N TYR R 261 47.68 7.17 -67.16
CA TYR R 261 46.34 7.04 -66.63
C TYR R 261 46.21 5.79 -65.76
N PHE R 262 45.45 5.89 -64.68
CA PHE R 262 45.24 4.78 -63.78
C PHE R 262 43.97 4.03 -64.15
N ARG R 263 43.61 3.06 -63.31
CA ARG R 263 42.41 2.23 -63.51
C ARG R 263 41.65 2.15 -62.19
N PRO R 264 40.84 3.16 -61.89
CA PRO R 264 40.07 3.12 -60.64
C PRO R 264 39.02 2.02 -60.67
N THR R 265 38.57 1.66 -59.47
CA THR R 265 37.54 0.64 -59.33
C THR R 265 36.17 1.20 -59.70
N ARG R 266 35.26 0.29 -60.04
CA ARG R 266 33.92 0.68 -60.44
C ARG R 266 32.98 -0.52 -60.26
N ASN R 267 31.68 -0.23 -60.23
CA ASN R 267 30.63 -1.22 -60.06
C ASN R 267 29.77 -1.24 -61.31
N ALA R 268 28.49 -1.60 -61.16
CA ALA R 268 27.57 -1.68 -62.29
C ALA R 268 26.56 -0.53 -62.31
N TYR R 269 26.37 0.17 -61.20
CA TYR R 269 25.43 1.28 -61.15
C TYR R 269 26.00 2.57 -61.72
N GLY R 270 27.28 2.59 -62.09
CA GLY R 270 27.91 3.78 -62.63
C GLY R 270 28.70 4.60 -61.64
N ILE R 271 28.67 4.25 -60.35
CA ILE R 271 29.40 4.98 -59.34
C ILE R 271 30.85 4.47 -59.33
N LEU R 272 31.78 5.31 -59.79
CA LEU R 272 33.18 4.91 -59.83
C LEU R 272 33.76 4.90 -58.41
N GLY R 273 34.51 3.86 -58.09
CA GLY R 273 35.12 3.75 -56.78
C GLY R 273 36.35 4.61 -56.63
N GLY R 274 37.52 3.99 -56.49
CA GLY R 274 38.76 4.71 -56.31
C GLY R 274 39.92 3.91 -56.85
N ILE R 275 41.10 4.53 -56.81
CA ILE R 275 42.32 3.87 -57.30
C ILE R 275 42.76 2.83 -56.27
N PRO R 276 43.01 1.59 -56.68
CA PRO R 276 43.45 0.57 -55.73
C PRO R 276 44.81 0.91 -55.13
N GLN R 277 45.11 0.23 -54.03
CA GLN R 277 46.38 0.44 -53.34
C GLN R 277 47.56 -0.15 -54.11
N SER R 278 47.31 -1.06 -55.04
CA SER R 278 48.39 -1.66 -55.81
C SER R 278 48.98 -0.70 -56.84
N GLU R 279 48.25 0.38 -57.16
CA GLU R 279 48.75 1.37 -58.12
C GLU R 279 49.67 2.41 -57.50
N PHE R 280 49.87 2.36 -56.18
CA PHE R 280 50.72 3.32 -55.49
C PHE R 280 52.06 2.73 -55.07
N GLN R 281 52.26 1.43 -55.25
CA GLN R 281 53.50 0.80 -54.83
C GLN R 281 54.65 1.22 -55.75
N HIS R 282 55.87 0.90 -55.30
CA HIS R 282 57.05 1.27 -56.07
C HIS R 282 57.19 0.42 -57.33
N ALA R 283 56.65 -0.79 -57.33
CA ALA R 283 56.70 -1.67 -58.49
C ALA R 283 55.64 -1.34 -59.53
N THR R 284 54.90 -0.26 -59.35
CA THR R 284 53.86 0.15 -60.29
C THR R 284 54.15 1.49 -60.96
N ILE R 285 54.76 2.44 -60.24
CA ILE R 285 55.06 3.75 -60.82
C ILE R 285 56.03 3.60 -61.99
N ALA R 286 57.16 2.94 -61.75
CA ALA R 286 58.15 2.70 -62.79
C ALA R 286 57.79 1.53 -63.70
N LYS R 287 56.60 0.93 -63.52
CA LYS R 287 56.21 -0.20 -64.35
C LYS R 287 55.74 0.27 -65.73
N ARG R 288 54.93 1.33 -65.77
CA ARG R 288 54.41 1.85 -67.02
C ARG R 288 55.33 2.89 -67.66
N VAL R 289 56.44 3.25 -67.01
CA VAL R 289 57.35 4.23 -67.58
C VAL R 289 58.20 3.59 -68.67
N LYS R 290 58.76 2.41 -68.41
CA LYS R 290 59.58 1.74 -69.39
C LYS R 290 58.75 1.18 -70.55
N GLU R 291 57.50 0.80 -70.28
CA GLU R 291 56.65 0.27 -71.34
C GLU R 291 56.21 1.36 -72.30
N THR R 292 55.88 2.53 -71.79
CA THR R 292 55.45 3.64 -72.63
C THR R 292 56.66 4.37 -73.19
N PRO R 293 56.82 4.47 -74.51
CA PRO R 293 57.97 5.18 -75.06
C PRO R 293 57.94 6.67 -74.72
N ASN R 294 59.13 7.23 -74.57
CA ASN R 294 59.32 8.65 -74.25
C ASN R 294 58.62 9.01 -72.94
N ALA R 295 59.21 8.53 -71.85
CA ALA R 295 58.68 8.78 -70.51
C ALA R 295 59.80 8.67 -69.50
N THR R 296 59.88 9.63 -68.59
CA THR R 296 60.89 9.66 -67.55
C THR R 296 60.25 9.38 -66.19
N TRP R 297 60.99 9.68 -65.13
CA TRP R 297 60.47 9.45 -63.78
C TRP R 297 59.34 10.43 -63.48
N PRO R 298 58.17 9.96 -63.06
CA PRO R 298 57.07 10.87 -62.76
C PRO R 298 57.39 11.77 -61.57
N VAL R 299 57.25 13.08 -61.79
CA VAL R 299 57.52 14.08 -60.76
C VAL R 299 56.24 14.72 -60.24
N HIS R 300 55.07 14.30 -60.71
CA HIS R 300 53.82 14.87 -60.26
C HIS R 300 52.72 13.84 -60.41
N ALA R 301 51.78 13.82 -59.46
CA ALA R 301 50.69 12.87 -59.47
C ALA R 301 49.39 13.60 -59.12
N VAL R 302 48.37 13.40 -59.94
CA VAL R 302 47.06 14.01 -59.74
C VAL R 302 46.10 12.93 -59.30
N ILE R 303 45.54 13.10 -58.10
CA ILE R 303 44.59 12.14 -57.53
C ILE R 303 43.27 12.85 -57.30
N THR R 304 42.19 12.30 -57.87
CA THR R 304 40.86 12.87 -57.72
C THR R 304 40.29 12.43 -56.38
N ASN R 305 40.50 13.24 -55.35
CA ASN R 305 40.03 12.96 -54.00
C ASN R 305 39.35 14.21 -53.46
N SER R 306 38.03 14.17 -53.37
CA SER R 306 37.25 13.00 -53.75
C SER R 306 36.78 13.09 -55.21
N THR R 307 35.97 12.11 -55.62
CA THR R 307 35.47 12.06 -56.98
C THR R 307 34.24 12.96 -57.12
N TYR R 308 33.50 12.80 -58.21
CA TYR R 308 32.31 13.62 -58.43
C TYR R 308 31.16 13.18 -57.52
N ASP R 309 31.12 11.91 -57.14
CA ASP R 309 30.05 11.42 -56.27
C ASP R 309 30.33 11.65 -54.79
N GLY R 310 31.60 11.85 -54.41
CA GLY R 310 31.94 12.08 -53.03
C GLY R 310 32.40 10.83 -52.30
N LEU R 311 33.60 10.37 -52.63
CA LEU R 311 34.19 9.18 -52.00
C LEU R 311 35.63 9.52 -51.60
N LEU R 312 35.84 9.73 -50.30
CA LEU R 312 37.17 10.06 -49.81
C LEU R 312 38.07 8.83 -49.84
N TYR R 313 39.36 9.06 -50.04
CA TYR R 313 40.36 8.01 -50.11
C TYR R 313 41.03 7.86 -48.75
N ASN R 314 42.26 7.34 -48.75
CA ASN R 314 43.05 7.14 -47.53
C ASN R 314 44.41 7.81 -47.76
N THR R 315 44.53 9.06 -47.30
CA THR R 315 45.77 9.79 -47.47
C THR R 315 46.86 9.32 -46.53
N ASP R 316 46.52 8.59 -45.46
CA ASP R 316 47.53 8.07 -44.55
C ASP R 316 48.37 6.97 -45.20
N PHE R 317 47.87 6.33 -46.25
CA PHE R 317 48.62 5.31 -46.96
C PHE R 317 49.25 5.82 -48.26
N ILE R 318 48.69 6.87 -48.85
CA ILE R 318 49.25 7.39 -50.10
C ILE R 318 50.49 8.25 -49.82
N LYS R 319 50.48 9.00 -48.73
CA LYS R 319 51.61 9.87 -48.41
C LYS R 319 52.86 9.09 -48.03
N LYS R 320 52.76 7.78 -47.83
CA LYS R 320 53.89 6.94 -47.47
C LYS R 320 54.27 5.95 -48.55
N THR R 321 53.30 5.43 -49.30
CA THR R 321 53.60 4.43 -50.33
C THR R 321 53.90 5.10 -51.67
N LEU R 322 53.05 6.04 -52.09
CA LEU R 322 53.24 6.73 -53.35
C LEU R 322 54.47 7.62 -53.26
N ASP R 323 55.54 7.25 -53.99
CA ASP R 323 56.80 7.99 -53.95
C ASP R 323 56.79 9.06 -55.04
N VAL R 324 55.99 10.10 -54.80
CA VAL R 324 55.88 11.24 -55.69
C VAL R 324 56.08 12.50 -54.87
N LYS R 325 57.02 13.35 -55.29
CA LYS R 325 57.32 14.58 -54.57
C LYS R 325 56.32 15.70 -54.85
N SER R 326 55.24 15.42 -55.58
CA SER R 326 54.24 16.43 -55.91
C SER R 326 52.90 15.70 -56.13
N ILE R 327 52.25 15.35 -55.03
CA ILE R 327 50.97 14.65 -55.07
C ILE R 327 49.85 15.68 -55.01
N HIS R 328 48.96 15.63 -56.00
CA HIS R 328 47.84 16.56 -56.11
C HIS R 328 46.56 15.86 -55.70
N PHE R 329 45.75 16.55 -54.89
CA PHE R 329 44.46 16.05 -54.44
C PHE R 329 43.38 16.99 -54.95
N ASP R 330 42.55 16.51 -55.87
CA ASP R 330 41.46 17.31 -56.44
C ASP R 330 40.31 17.36 -55.44
N SER R 331 40.46 18.22 -54.44
CA SER R 331 39.46 18.38 -53.39
C SER R 331 38.47 19.48 -53.72
N ALA R 332 37.98 19.48 -54.95
CA ALA R 332 37.03 20.48 -55.44
C ALA R 332 35.61 20.23 -54.95
N TRP R 333 35.40 19.23 -54.10
CA TRP R 333 34.07 18.93 -53.59
C TRP R 333 34.01 18.73 -52.09
N VAL R 334 35.12 18.89 -51.36
CA VAL R 334 35.13 18.72 -49.91
C VAL R 334 35.86 19.88 -49.25
N PRO R 335 35.30 21.11 -49.28
CA PRO R 335 35.97 22.23 -48.61
C PRO R 335 35.63 22.31 -47.13
N TYR R 336 35.74 21.18 -46.42
CA TYR R 336 35.37 21.15 -45.02
C TYR R 336 36.04 20.04 -44.23
N THR R 337 37.02 19.34 -44.78
CA THR R 337 37.67 18.21 -44.10
C THR R 337 38.71 18.74 -43.11
N ASN R 338 38.21 19.43 -42.08
CA ASN R 338 39.08 19.98 -41.05
C ASN R 338 38.25 20.37 -39.82
N PHE R 339 37.06 20.93 -40.04
CA PHE R 339 36.21 21.40 -38.96
C PHE R 339 35.34 20.29 -38.36
N SER R 340 35.82 19.05 -38.36
CA SER R 340 35.07 17.94 -37.80
C SER R 340 36.03 16.84 -37.43
N PRO R 341 35.85 16.19 -36.27
CA PRO R 341 36.79 15.12 -35.87
C PRO R 341 36.63 13.83 -36.65
N ILE R 342 35.63 13.72 -37.52
CA ILE R 342 35.41 12.50 -38.29
C ILE R 342 36.09 12.63 -39.66
N TYR R 343 37.01 13.59 -39.78
CA TYR R 343 37.76 13.78 -41.00
C TYR R 343 39.26 13.89 -40.77
N GLU R 344 39.76 13.41 -39.64
CA GLU R 344 41.19 13.47 -39.34
C GLU R 344 41.92 12.35 -40.08
N GLY R 345 43.00 12.70 -40.76
CA GLY R 345 43.76 11.72 -41.50
C GLY R 345 43.10 11.24 -42.77
N LYS R 346 42.13 11.99 -43.30
CA LYS R 346 41.43 11.61 -44.52
C LYS R 346 41.74 12.49 -45.71
N CYS R 347 42.29 13.68 -45.50
CA CYS R 347 42.63 14.60 -46.58
C CYS R 347 44.13 14.90 -46.55
N GLY R 348 44.56 15.76 -47.47
CA GLY R 348 45.97 16.11 -47.54
C GLY R 348 46.39 17.09 -46.47
N MET R 349 45.49 17.98 -46.07
CA MET R 349 45.82 18.98 -45.04
C MET R 349 45.87 18.38 -43.64
N SER R 350 45.19 17.25 -43.41
CA SER R 350 45.20 16.62 -42.10
C SER R 350 46.50 15.86 -41.90
N GLY R 351 47.21 16.15 -40.80
CA GLY R 351 48.47 15.50 -40.48
C GLY R 351 49.58 16.53 -40.35
N GLY R 352 50.77 16.15 -40.84
CA GLY R 352 51.92 17.03 -40.77
C GLY R 352 52.59 17.25 -42.11
N ARG R 353 53.80 17.77 -42.09
CA ARG R 353 54.57 18.04 -43.31
C ARG R 353 55.37 16.80 -43.68
N VAL R 354 55.10 16.25 -44.85
CA VAL R 354 55.80 15.06 -45.33
C VAL R 354 57.19 15.47 -45.80
N GLU R 355 58.21 14.75 -45.32
CA GLU R 355 59.58 15.07 -45.68
C GLU R 355 59.85 14.73 -47.14
N GLY R 356 60.25 15.72 -47.92
CA GLY R 356 60.57 15.52 -49.32
C GLY R 356 59.39 15.51 -50.26
N LYS R 357 58.18 15.80 -49.78
CA LYS R 357 57.00 15.82 -50.61
C LYS R 357 56.20 17.07 -50.32
N VAL R 358 55.16 17.29 -51.12
CA VAL R 358 54.28 18.45 -50.97
C VAL R 358 52.88 18.04 -51.41
N ILE R 359 51.88 18.64 -50.77
CA ILE R 359 50.47 18.34 -51.04
C ILE R 359 49.86 19.53 -51.78
N TYR R 360 49.24 19.24 -52.92
CA TYR R 360 48.57 20.25 -53.73
C TYR R 360 47.08 19.99 -53.75
N GLU R 361 46.30 20.99 -53.31
CA GLU R 361 44.84 20.87 -53.28
C GLU R 361 44.24 22.15 -53.82
N THR R 362 43.30 22.01 -54.76
CA THR R 362 42.59 23.13 -55.36
C THR R 362 41.11 23.03 -54.96
N GLN R 363 40.82 23.38 -53.71
CA GLN R 363 39.46 23.32 -53.22
C GLN R 363 38.62 24.43 -53.82
N SER R 364 37.43 24.07 -54.31
CA SER R 364 36.53 25.05 -54.90
C SER R 364 35.93 25.95 -53.84
N THR R 365 35.60 27.18 -54.22
CA THR R 365 35.03 28.16 -53.32
C THR R 365 33.56 28.44 -53.60
N HIS R 366 33.19 28.63 -54.87
CA HIS R 366 31.82 28.91 -55.23
C HIS R 366 31.07 27.63 -55.62
N LYS R 367 31.26 26.58 -54.83
CA LYS R 367 30.60 25.29 -55.10
C LYS R 367 29.80 24.86 -53.92
N LEU R 368 30.45 24.69 -52.78
CA LEU R 368 29.78 24.23 -51.56
C LEU R 368 30.10 25.12 -50.36
N LEU R 369 30.25 26.42 -50.62
CA LEU R 369 30.53 27.38 -49.56
C LEU R 369 29.60 28.58 -49.65
N ALA R 370 30.16 29.79 -49.58
CA ALA R 370 29.35 31.01 -49.66
C ALA R 370 30.26 32.14 -50.14
N ALA R 371 30.31 32.33 -51.46
CA ALA R 371 31.11 33.37 -52.07
C ALA R 371 30.64 33.56 -53.50
N PHE R 372 31.14 34.63 -54.13
CA PHE R 372 30.80 34.90 -55.52
C PHE R 372 31.47 33.89 -56.44
N SER R 373 31.05 33.90 -57.71
CA SER R 373 31.59 32.98 -58.70
C SER R 373 33.04 33.36 -59.03
N GLN R 374 33.71 32.45 -59.74
CA GLN R 374 35.10 32.62 -60.16
C GLN R 374 36.01 32.83 -58.95
N ALA R 375 36.04 31.82 -58.08
CA ALA R 375 36.84 31.86 -56.87
C ALA R 375 37.36 30.45 -56.57
N SER R 376 38.62 30.38 -56.13
CA SER R 376 39.23 29.11 -55.80
C SER R 376 40.39 29.36 -54.85
N MET R 377 40.92 28.27 -54.28
CA MET R 377 42.03 28.33 -53.34
C MET R 377 43.06 27.28 -53.72
N ILE R 378 44.30 27.52 -53.28
CA ILE R 378 45.43 26.62 -53.52
C ILE R 378 46.08 26.38 -52.16
N HIS R 379 45.88 25.18 -51.61
CA HIS R 379 46.44 24.84 -50.31
C HIS R 379 47.87 24.32 -50.47
N VAL R 380 48.72 24.66 -49.51
CA VAL R 380 50.12 24.27 -49.52
C VAL R 380 50.46 23.62 -48.19
N LYS R 381 51.05 22.41 -48.24
CA LYS R 381 51.50 21.69 -47.06
C LYS R 381 52.96 21.30 -47.29
N GLY R 382 53.86 22.26 -47.08
CA GLY R 382 55.27 22.02 -47.28
C GLY R 382 56.02 23.26 -47.77
N ASP R 383 56.78 23.10 -48.85
CA ASP R 383 57.55 24.20 -49.43
C ASP R 383 57.26 24.27 -50.92
N VAL R 384 56.83 25.44 -51.38
CA VAL R 384 56.51 25.64 -52.80
C VAL R 384 57.24 26.87 -53.31
N ASN R 385 56.74 27.45 -54.40
CA ASN R 385 57.31 28.64 -55.00
C ASN R 385 56.32 29.80 -54.86
N GLU R 386 56.84 31.02 -54.83
CA GLU R 386 56.01 32.21 -54.71
C GLU R 386 56.50 33.37 -55.55
N GLU R 387 57.82 33.61 -55.60
CA GLU R 387 58.37 34.71 -56.37
C GLU R 387 58.21 34.46 -57.86
N THR R 388 58.86 33.41 -58.37
CA THR R 388 58.71 33.07 -59.78
C THR R 388 57.32 32.52 -60.08
N PHE R 389 56.72 31.81 -59.12
CA PHE R 389 55.38 31.27 -59.32
C PHE R 389 54.33 32.35 -59.50
N ASN R 390 54.59 33.56 -58.99
CA ASN R 390 53.64 34.65 -59.17
C ASN R 390 53.55 35.08 -60.64
N GLU R 391 54.64 34.89 -61.39
CA GLU R 391 54.61 35.22 -62.82
C GLU R 391 53.65 34.32 -63.57
N ALA R 392 53.56 33.05 -63.17
CA ALA R 392 52.63 32.13 -63.82
C ALA R 392 51.19 32.42 -63.42
N TYR R 393 50.98 32.97 -62.21
CA TYR R 393 49.64 33.32 -61.79
C TYR R 393 49.10 34.53 -62.53
N MET R 394 49.97 35.47 -62.89
CA MET R 394 49.54 36.65 -63.63
C MET R 394 49.27 36.37 -65.10
N MET R 395 49.70 35.21 -65.60
CA MET R 395 49.43 34.86 -67.00
C MET R 395 47.97 34.52 -67.24
N HIS R 396 47.24 34.16 -66.19
CA HIS R 396 45.82 33.83 -66.30
C HIS R 396 44.92 34.81 -65.55
N THR R 397 45.50 35.73 -64.78
CA THR R 397 44.74 36.71 -64.01
C THR R 397 45.11 38.11 -64.49
N THR R 398 44.09 38.93 -64.74
CA THR R 398 44.31 40.29 -65.21
C THR R 398 44.95 41.14 -64.12
N THR R 399 45.45 42.31 -64.52
CA THR R 399 46.11 43.23 -63.60
C THR R 399 45.14 43.94 -62.67
N SER R 400 43.83 43.91 -62.96
CA SER R 400 42.81 44.56 -62.15
C SER R 400 41.84 43.50 -61.65
N PRO R 401 42.16 42.80 -60.56
CA PRO R 401 41.24 41.78 -60.04
C PRO R 401 40.01 42.40 -59.40
N HIS R 402 38.94 41.61 -59.37
CA HIS R 402 37.67 42.06 -58.78
C HIS R 402 37.71 41.80 -57.29
N TYR R 403 37.78 42.87 -56.49
CA TYR R 403 37.87 42.72 -55.05
C TYR R 403 36.58 42.21 -54.43
N GLY R 404 35.45 42.31 -55.13
CA GLY R 404 34.21 41.76 -54.61
C GLY R 404 34.24 40.25 -54.47
N ILE R 405 35.01 39.56 -55.33
CA ILE R 405 35.16 38.12 -55.22
C ILE R 405 36.21 37.77 -54.16
N VAL R 406 37.28 38.56 -54.09
CA VAL R 406 38.33 38.31 -53.10
C VAL R 406 37.79 38.52 -51.69
N ALA R 407 36.95 39.54 -51.50
CA ALA R 407 36.38 39.78 -50.18
C ALA R 407 35.45 38.64 -49.75
N SER R 408 34.76 38.01 -50.71
CA SER R 408 33.90 36.89 -50.39
C SER R 408 34.67 35.58 -50.30
N THR R 409 35.83 35.49 -50.96
CA THR R 409 36.64 34.29 -50.88
C THR R 409 37.23 34.12 -49.48
N GLU R 410 37.78 35.20 -48.91
CA GLU R 410 38.28 35.14 -47.54
C GLU R 410 37.14 35.07 -46.53
N THR R 411 35.95 35.52 -46.91
CA THR R 411 34.80 35.45 -46.00
C THR R 411 34.45 34.00 -45.71
N ALA R 412 34.56 33.12 -46.69
CA ALA R 412 34.27 31.71 -46.47
C ALA R 412 35.21 31.10 -45.44
N ALA R 413 36.45 31.58 -45.37
CA ALA R 413 37.38 31.11 -44.35
C ALA R 413 37.09 31.70 -42.97
N ALA R 414 36.40 32.84 -42.91
CA ALA R 414 36.04 33.45 -41.64
C ALA R 414 34.69 32.98 -41.12
N MET R 415 33.78 32.58 -42.01
CA MET R 415 32.48 32.07 -41.58
C MET R 415 32.59 30.70 -40.93
N MET R 416 33.70 29.99 -41.15
CA MET R 416 33.88 28.65 -40.59
C MET R 416 34.73 28.65 -39.32
N LYS R 417 35.48 29.71 -39.06
CA LYS R 417 36.34 29.77 -37.88
C LYS R 417 35.50 29.92 -36.62
N GLY R 418 35.89 29.21 -35.57
CA GLY R 418 35.19 29.26 -34.30
C GLY R 418 34.08 28.24 -34.21
N ASN R 419 33.52 28.15 -33.00
CA ASN R 419 32.43 27.22 -32.75
C ASN R 419 31.14 27.62 -33.47
N ALA R 420 30.97 28.91 -33.77
CA ALA R 420 29.79 29.35 -34.50
C ALA R 420 29.81 28.88 -35.95
N GLY R 421 30.99 28.61 -36.51
CA GLY R 421 31.08 28.13 -37.87
C GLY R 421 31.13 26.61 -37.96
N LYS R 422 31.64 25.98 -36.91
CA LYS R 422 31.70 24.52 -36.88
C LYS R 422 30.33 23.88 -36.76
N ARG R 423 29.33 24.61 -36.28
CA ARG R 423 27.98 24.07 -36.18
C ARG R 423 27.33 23.89 -37.55
N LEU R 424 27.84 24.56 -38.59
CA LEU R 424 27.29 24.39 -39.92
C LEU R 424 27.76 23.10 -40.56
N ILE R 425 28.99 22.66 -40.25
CA ILE R 425 29.48 21.39 -40.77
C ILE R 425 28.80 20.23 -40.04
N ASN R 426 28.80 20.27 -38.70
CA ASN R 426 28.15 19.21 -37.93
C ASN R 426 26.63 19.25 -38.11
N GLY R 427 26.06 20.44 -38.31
CA GLY R 427 24.63 20.52 -38.54
C GLY R 427 24.22 19.93 -39.88
N SER R 428 25.06 20.09 -40.89
CA SER R 428 24.77 19.50 -42.20
C SER R 428 24.90 17.99 -42.18
N ILE R 429 25.77 17.45 -41.31
CA ILE R 429 25.91 16.01 -41.19
C ILE R 429 24.72 15.42 -40.45
N GLU R 430 24.27 16.08 -39.38
CA GLU R 430 23.12 15.59 -38.64
C GLU R 430 21.85 15.63 -39.49
N ARG R 431 21.69 16.66 -40.32
CA ARG R 431 20.55 16.71 -41.23
C ARG R 431 20.66 15.67 -42.34
N ALA R 432 21.89 15.30 -42.70
CA ALA R 432 22.07 14.28 -43.73
C ALA R 432 21.80 12.88 -43.19
N ILE R 433 22.27 12.59 -41.97
CA ILE R 433 22.01 11.29 -41.37
C ILE R 433 20.53 11.14 -41.07
N LYS R 434 19.88 12.22 -40.63
CA LYS R 434 18.44 12.17 -40.39
C LYS R 434 17.67 11.89 -41.68
N PHE R 435 18.13 12.47 -42.80
CA PHE R 435 17.49 12.20 -44.08
C PHE R 435 17.73 10.77 -44.53
N ARG R 436 18.87 10.18 -44.15
CA ARG R 436 19.14 8.79 -44.50
C ARG R 436 18.26 7.84 -43.72
N LYS R 437 17.95 8.16 -42.47
CA LYS R 437 17.09 7.30 -41.66
C LYS R 437 15.63 7.39 -42.07
N GLU R 438 15.21 8.55 -42.62
CA GLU R 438 13.83 8.70 -43.07
C GLU R 438 13.54 7.88 -44.32
N ILE R 439 14.57 7.53 -45.09
CA ILE R 439 14.35 6.69 -46.28
C ILE R 439 14.10 5.25 -45.87
N LYS R 440 14.92 4.72 -44.95
CA LYS R 440 14.72 3.35 -44.50
C LYS R 440 13.45 3.21 -43.66
N ARG R 441 13.01 4.29 -43.02
CA ARG R 441 11.77 4.23 -42.23
C ARG R 441 10.55 4.20 -43.13
N LEU R 442 10.58 4.94 -44.24
CA LEU R 442 9.47 4.99 -45.18
C LEU R 442 9.58 3.92 -46.26
N ARG R 443 10.47 2.95 -46.10
CA ARG R 443 10.64 1.86 -47.06
C ARG R 443 9.96 0.57 -46.61
N THR R 444 10.20 0.16 -45.37
CA THR R 444 9.57 -1.06 -44.86
C THR R 444 8.10 -0.83 -44.50
N GLU R 445 7.80 0.31 -43.88
CA GLU R 445 6.42 0.61 -43.50
C GLU R 445 5.53 0.89 -44.69
N SER R 446 6.11 1.25 -45.84
CA SER R 446 5.32 1.53 -47.03
C SER R 446 4.80 0.23 -47.64
N ASP R 447 3.85 0.37 -48.56
CA ASP R 447 3.23 -0.76 -49.25
C ASP R 447 3.57 -0.64 -50.73
N GLY R 448 4.74 -1.17 -51.09
CA GLY R 448 5.21 -1.15 -52.46
C GLY R 448 6.68 -0.80 -52.50
N TRP R 449 7.13 -0.41 -53.70
CA TRP R 449 8.52 -0.05 -53.90
C TRP R 449 8.81 1.33 -53.31
N PHE R 450 10.08 1.56 -52.98
CA PHE R 450 10.50 2.84 -52.42
C PHE R 450 11.99 3.02 -52.70
N PHE R 451 12.43 4.27 -52.65
CA PHE R 451 13.82 4.59 -52.93
C PHE R 451 14.74 3.99 -51.87
N ASP R 452 16.01 3.81 -52.25
CA ASP R 452 17.02 3.25 -51.37
C ASP R 452 18.26 4.12 -51.40
N VAL R 453 18.93 4.23 -50.26
CA VAL R 453 20.14 5.04 -50.13
C VAL R 453 21.35 4.12 -50.15
N TRP R 454 22.34 4.46 -50.98
CA TRP R 454 23.57 3.68 -51.09
C TRP R 454 24.38 3.88 -49.80
N GLN R 455 24.00 3.12 -48.78
CA GLN R 455 24.60 3.22 -47.45
C GLN R 455 24.67 1.83 -46.85
N PRO R 456 25.58 1.61 -45.89
CA PRO R 456 25.63 0.31 -45.21
C PRO R 456 24.37 0.05 -44.41
N ASP R 457 24.24 -1.21 -43.96
CA ASP R 457 23.06 -1.60 -43.19
C ASP R 457 23.05 -1.01 -41.79
N HIS R 458 24.19 -0.57 -41.28
CA HIS R 458 24.30 0.02 -39.95
C HIS R 458 24.77 1.46 -40.10
N ILE R 459 23.86 2.41 -39.86
CA ILE R 459 24.14 3.83 -39.98
C ILE R 459 23.90 4.56 -38.66
N ASP R 460 23.99 3.85 -37.54
CA ASP R 460 23.74 4.48 -36.25
C ASP R 460 24.88 5.40 -35.84
N THR R 461 26.12 5.10 -36.25
CA THR R 461 27.26 5.91 -35.90
C THR R 461 27.26 7.22 -36.71
N THR R 462 28.10 8.15 -36.27
CA THR R 462 28.25 9.46 -36.90
C THR R 462 29.71 9.61 -37.32
N GLU R 463 30.05 9.05 -38.47
CA GLU R 463 31.40 9.11 -39.02
C GLU R 463 31.33 8.67 -40.48
N CYS R 464 32.50 8.53 -41.09
CA CYS R 464 32.59 8.09 -42.47
C CYS R 464 32.54 6.56 -42.53
N TRP R 465 31.56 6.02 -43.23
CA TRP R 465 31.40 4.57 -43.31
C TRP R 465 32.45 3.99 -44.25
N PRO R 466 33.34 3.12 -43.75
CA PRO R 466 34.36 2.54 -44.63
C PRO R 466 33.78 1.47 -45.53
N LEU R 467 34.44 1.28 -46.68
CA LEU R 467 34.04 0.27 -47.65
C LEU R 467 34.85 -0.99 -47.40
N ARG R 468 34.27 -1.91 -46.64
CA ARG R 468 34.94 -3.15 -46.30
C ARG R 468 34.86 -4.14 -47.45
N SER R 469 35.40 -5.34 -47.24
CA SER R 469 35.39 -6.39 -48.24
C SER R 469 34.31 -7.44 -48.00
N ASP R 470 33.65 -7.42 -46.85
CA ASP R 470 32.60 -8.37 -46.51
C ASP R 470 31.21 -7.73 -46.53
N SER R 471 30.99 -6.78 -47.43
CA SER R 471 29.73 -6.09 -47.56
C SER R 471 29.19 -6.25 -48.98
N THR R 472 27.87 -6.04 -49.12
CA THR R 472 27.21 -6.16 -50.40
C THR R 472 26.53 -4.87 -50.85
N TRP R 473 26.60 -3.80 -50.05
CA TRP R 473 25.95 -2.55 -50.44
C TRP R 473 26.78 -1.78 -51.45
N HIS R 474 28.11 -1.88 -51.39
CA HIS R 474 28.96 -1.17 -52.34
C HIS R 474 29.09 -1.91 -53.65
N GLY R 475 29.11 -3.25 -53.61
CA GLY R 475 29.18 -4.06 -54.81
C GLY R 475 30.49 -4.03 -55.56
N PHE R 476 31.52 -3.37 -55.02
CA PHE R 476 32.81 -3.32 -55.69
C PHE R 476 33.55 -4.63 -55.50
N LYS R 477 33.82 -5.32 -56.61
CA LYS R 477 34.51 -6.59 -56.56
C LYS R 477 36.00 -6.37 -56.29
N ASN R 478 36.52 -7.04 -55.26
CA ASN R 478 37.92 -6.94 -54.86
C ASN R 478 38.31 -5.49 -54.55
N ILE R 479 37.97 -5.09 -53.33
CA ILE R 479 38.24 -3.74 -52.84
C ILE R 479 39.16 -3.83 -51.63
N ASP R 480 40.02 -2.83 -51.49
CA ASP R 480 40.96 -2.79 -50.38
C ASP R 480 40.30 -2.24 -49.13
N ASN R 481 40.60 -2.86 -47.99
CA ASN R 481 40.03 -2.42 -46.72
C ASN R 481 40.74 -1.18 -46.21
N GLU R 482 39.97 -0.32 -45.53
CA GLU R 482 40.49 0.93 -44.97
C GLU R 482 41.14 1.80 -46.05
N HIS R 483 40.44 1.92 -47.17
CA HIS R 483 40.93 2.71 -48.29
C HIS R 483 39.84 3.63 -48.84
N MET R 484 38.63 3.09 -48.97
CA MET R 484 37.50 3.85 -49.49
C MET R 484 36.56 4.22 -48.36
N TYR R 485 36.18 5.49 -48.31
CA TYR R 485 35.28 6.01 -47.29
C TYR R 485 33.98 6.49 -47.95
N LEU R 486 33.06 6.97 -47.12
CA LEU R 486 31.75 7.43 -47.58
C LEU R 486 31.47 8.82 -47.01
N ASP R 487 30.94 9.69 -47.86
CA ASP R 487 30.60 11.05 -47.44
C ASP R 487 29.16 11.07 -46.94
N PRO R 488 28.91 11.38 -45.66
CA PRO R 488 27.54 11.33 -45.15
C PRO R 488 26.61 12.35 -45.78
N ILE R 489 27.14 13.49 -46.25
CA ILE R 489 26.30 14.54 -46.80
C ILE R 489 26.08 14.31 -48.29
N LYS R 490 26.59 13.19 -48.80
CA LYS R 490 26.42 12.82 -50.20
C LYS R 490 25.50 11.61 -50.29
N VAL R 491 24.20 11.86 -50.14
CA VAL R 491 23.20 10.82 -50.19
C VAL R 491 22.97 10.43 -51.65
N THR R 492 23.15 9.14 -51.95
CA THR R 492 22.96 8.61 -53.30
C THR R 492 21.71 7.74 -53.30
N LEU R 493 20.64 8.25 -53.93
CA LEU R 493 19.39 7.52 -53.99
C LEU R 493 19.44 6.49 -55.11
N LEU R 494 19.30 5.22 -54.75
CA LEU R 494 19.32 4.11 -55.72
C LEU R 494 17.88 3.74 -56.05
N THR R 495 17.45 4.06 -57.27
CA THR R 495 16.11 3.72 -57.70
C THR R 495 16.01 2.22 -58.00
N PRO R 496 14.87 1.60 -57.70
CA PRO R 496 14.73 0.16 -57.98
C PRO R 496 14.80 -0.13 -59.47
N GLY R 497 15.34 -1.30 -59.78
CA GLY R 497 15.47 -1.72 -61.16
C GLY R 497 16.55 -2.75 -61.39
N MET R 498 17.46 -2.87 -60.42
CA MET R 498 18.56 -3.82 -60.49
C MET R 498 18.63 -4.61 -59.18
N GLU R 499 19.29 -5.77 -59.26
CA GLU R 499 19.45 -6.64 -58.11
C GLU R 499 20.74 -6.30 -57.37
N LYS R 500 21.06 -7.11 -56.35
CA LYS R 500 22.26 -6.90 -55.56
C LYS R 500 23.46 -7.69 -56.07
N ASP R 501 23.27 -8.53 -57.09
CA ASP R 501 24.36 -9.32 -57.65
C ASP R 501 24.96 -8.70 -58.92
N GLY R 502 24.34 -7.66 -59.46
CA GLY R 502 24.83 -7.01 -60.67
C GLY R 502 24.00 -7.27 -61.91
N THR R 503 22.96 -8.09 -61.83
CA THR R 503 22.12 -8.38 -62.97
C THR R 503 20.97 -7.38 -63.04
N MET R 504 19.97 -7.67 -63.87
CA MET R 504 18.81 -6.80 -64.04
C MET R 504 17.58 -7.43 -63.39
N SER R 505 16.55 -6.62 -63.22
CA SER R 505 15.29 -7.05 -62.63
C SER R 505 14.17 -6.98 -63.67
N ASP R 506 12.94 -7.11 -63.21
CA ASP R 506 11.76 -7.07 -64.06
C ASP R 506 10.92 -5.81 -63.88
N PHE R 507 10.91 -5.24 -62.67
CA PHE R 507 10.13 -4.04 -62.37
C PHE R 507 11.08 -2.97 -61.83
N GLY R 508 11.09 -1.82 -62.49
CA GLY R 508 11.94 -0.72 -62.06
C GLY R 508 11.67 0.51 -62.90
N ILE R 509 12.10 1.64 -62.35
CA ILE R 509 11.93 2.94 -62.99
C ILE R 509 13.32 3.58 -63.11
N PRO R 510 13.75 3.98 -64.29
CA PRO R 510 15.06 4.63 -64.43
C PRO R 510 15.10 5.96 -63.71
N ALA R 511 16.33 6.44 -63.47
CA ALA R 511 16.53 7.70 -62.78
C ALA R 511 16.34 8.91 -63.70
N SER R 512 16.20 8.70 -65.01
CA SER R 512 16.01 9.81 -65.92
C SER R 512 14.62 10.41 -65.79
N ILE R 513 13.61 9.58 -65.52
CA ILE R 513 12.24 10.10 -65.36
C ILE R 513 12.11 10.84 -64.05
N VAL R 514 12.73 10.34 -62.98
CA VAL R 514 12.66 10.99 -61.68
C VAL R 514 13.43 12.30 -61.71
N ALA R 515 14.49 12.40 -62.53
CA ALA R 515 15.28 13.62 -62.59
C ALA R 515 14.47 14.79 -63.11
N LYS R 516 13.69 14.58 -64.18
CA LYS R 516 12.87 15.64 -64.72
C LYS R 516 11.63 15.93 -63.87
N TYR R 517 11.22 14.98 -63.03
CA TYR R 517 10.07 15.21 -62.17
C TYR R 517 10.39 16.16 -61.02
N LEU R 518 11.62 16.14 -60.52
CA LEU R 518 12.01 17.03 -59.44
C LEU R 518 12.19 18.46 -59.90
N ASP R 519 12.42 18.68 -61.20
CA ASP R 519 12.59 20.03 -61.71
C ASP R 519 11.30 20.82 -61.75
N GLU R 520 10.15 20.15 -61.75
CA GLU R 520 8.87 20.85 -61.78
C GLU R 520 8.62 21.62 -60.48
N HIS R 521 9.12 21.12 -59.35
CA HIS R 521 8.96 21.78 -58.07
C HIS R 521 10.07 22.77 -57.76
N GLY R 522 11.21 22.66 -58.45
CA GLY R 522 12.31 23.57 -58.22
C GLY R 522 13.53 22.89 -57.63
N ILE R 523 13.71 21.60 -57.94
CA ILE R 523 14.83 20.81 -57.45
C ILE R 523 15.62 20.32 -58.65
N VAL R 524 16.89 20.70 -58.71
CA VAL R 524 17.78 20.32 -59.82
C VAL R 524 18.63 19.14 -59.37
N VAL R 525 18.58 18.06 -60.12
CA VAL R 525 19.36 16.87 -59.80
C VAL R 525 20.81 17.09 -60.22
N GLU R 526 21.74 16.79 -59.31
CA GLU R 526 23.15 16.99 -59.61
C GLU R 526 23.65 15.96 -60.62
N LYS R 527 23.42 14.67 -60.35
CA LYS R 527 23.86 13.61 -61.24
C LYS R 527 22.76 12.57 -61.38
N THR R 528 22.50 12.14 -62.61
CA THR R 528 21.48 11.14 -62.88
C THR R 528 21.87 10.36 -64.12
N GLY R 529 21.18 9.23 -64.33
CA GLY R 529 21.44 8.39 -65.47
C GLY R 529 20.82 7.02 -65.32
N PRO R 530 21.64 6.02 -64.95
CA PRO R 530 21.14 4.65 -64.81
C PRO R 530 20.11 4.50 -63.70
N TYR R 531 20.58 4.25 -62.49
CA TYR R 531 19.70 4.05 -61.33
C TYR R 531 20.32 4.68 -60.09
N ASN R 532 20.74 5.94 -60.22
CA ASN R 532 21.36 6.67 -59.13
C ASN R 532 20.95 8.13 -59.17
N LEU R 533 20.94 8.78 -58.01
CA LEU R 533 20.59 10.18 -57.89
C LEU R 533 21.51 10.82 -56.85
N LEU R 534 22.28 11.82 -57.27
CA LEU R 534 23.22 12.50 -56.40
C LEU R 534 22.68 13.88 -56.02
N PHE R 535 22.86 14.25 -54.75
CA PHE R 535 22.43 15.53 -54.25
C PHE R 535 23.55 16.15 -53.42
N LEU R 536 23.43 17.46 -53.17
CA LEU R 536 24.42 18.21 -52.42
C LEU R 536 23.78 18.74 -51.15
N PHE R 537 24.24 18.26 -50.00
CA PHE R 537 23.73 18.67 -48.69
C PHE R 537 24.84 19.43 -47.97
N SER R 538 25.10 20.65 -48.42
CA SER R 538 26.14 21.48 -47.86
C SER R 538 25.52 22.44 -46.83
N ILE R 539 26.20 23.55 -46.56
CA ILE R 539 25.68 24.52 -45.60
C ILE R 539 24.55 25.37 -46.17
N GLY R 540 24.40 25.40 -47.50
CA GLY R 540 23.32 26.18 -48.09
C GLY R 540 21.97 25.53 -47.97
N ILE R 541 21.92 24.21 -47.87
CA ILE R 541 20.67 23.48 -47.72
C ILE R 541 20.32 23.42 -46.24
N ASP R 542 19.33 24.21 -45.82
CA ASP R 542 18.91 24.25 -44.43
C ASP R 542 17.86 23.15 -44.20
N LYS R 543 17.11 23.26 -43.10
CA LYS R 543 16.09 22.26 -42.80
C LYS R 543 14.87 22.40 -43.70
N THR R 544 14.70 23.55 -44.37
CA THR R 544 13.56 23.74 -45.26
C THR R 544 13.80 23.04 -46.61
N LYS R 545 14.97 23.27 -47.21
CA LYS R 545 15.29 22.66 -48.49
C LYS R 545 15.62 21.17 -48.37
N ALA R 546 15.86 20.68 -47.15
CA ALA R 546 16.14 19.27 -46.97
C ALA R 546 14.87 18.45 -46.81
N LEU R 547 13.90 18.96 -46.03
CA LEU R 547 12.64 18.26 -45.85
C LEU R 547 11.74 18.36 -47.07
N SER R 548 11.94 19.36 -47.92
CA SER R 548 11.13 19.49 -49.13
C SER R 548 11.50 18.45 -50.18
N LEU R 549 12.69 17.85 -50.09
CA LEU R 549 13.07 16.84 -51.05
C LEU R 549 12.34 15.52 -50.81
N LEU R 550 12.12 15.17 -49.55
CA LEU R 550 11.41 13.92 -49.24
C LEU R 550 9.95 14.00 -49.64
N ARG R 551 9.34 15.18 -49.53
CA ARG R 551 7.94 15.34 -49.91
C ARG R 551 7.76 15.15 -51.41
N ALA R 552 8.74 15.59 -52.20
CA ALA R 552 8.67 15.40 -53.65
C ALA R 552 8.89 13.95 -54.04
N LEU R 553 9.62 13.20 -53.21
CA LEU R 553 9.83 11.78 -53.51
C LEU R 553 8.59 10.96 -53.22
N THR R 554 7.84 11.32 -52.18
CA THR R 554 6.61 10.60 -51.87
C THR R 554 5.52 10.87 -52.89
N ASP R 555 5.56 12.04 -53.55
CA ASP R 555 4.57 12.36 -54.56
C ASP R 555 4.78 11.55 -55.84
N PHE R 556 6.01 11.10 -56.10
CA PHE R 556 6.26 10.29 -57.29
C PHE R 556 5.68 8.89 -57.15
N LYS R 557 5.69 8.33 -55.94
CA LYS R 557 5.09 7.01 -55.73
C LYS R 557 3.58 7.07 -55.83
N ARG R 558 2.97 8.17 -55.37
CA ARG R 558 1.52 8.31 -55.44
C ARG R 558 1.07 8.46 -56.89
N ALA R 559 1.80 9.27 -57.68
CA ALA R 559 1.42 9.48 -59.08
C ALA R 559 1.69 8.25 -59.94
N PHE R 560 2.60 7.37 -59.53
CA PHE R 560 2.90 6.17 -60.29
C PHE R 560 2.00 5.00 -59.93
N ASP R 561 1.59 4.89 -58.66
CA ASP R 561 0.71 3.80 -58.27
C ASP R 561 -0.71 4.01 -58.79
N LEU R 562 -1.17 5.25 -58.85
CA LEU R 562 -2.50 5.56 -59.36
C LEU R 562 -2.58 5.57 -60.88
N ASN R 563 -1.44 5.42 -61.56
CA ASN R 563 -1.37 5.39 -63.02
C ASN R 563 -1.97 6.67 -63.61
N LEU R 564 -1.21 7.76 -63.56
CA LEU R 564 -1.66 9.04 -64.11
C LEU R 564 -1.09 9.25 -65.51
N ARG R 565 -1.51 10.34 -66.13
CA ARG R 565 -1.08 10.69 -67.47
C ARG R 565 0.18 11.55 -67.43
N VAL R 566 0.86 11.62 -68.58
CA VAL R 566 2.07 12.43 -68.68
C VAL R 566 1.73 13.92 -68.68
N LYS R 567 0.63 14.28 -69.35
CA LYS R 567 0.24 15.69 -69.41
C LYS R 567 -0.16 16.21 -68.03
N ASN R 568 -0.79 15.36 -67.22
CA ASN R 568 -1.20 15.73 -65.87
C ASN R 568 -0.14 15.40 -64.82
N MET R 569 1.14 15.47 -65.18
CA MET R 569 2.22 15.16 -64.26
C MET R 569 3.50 15.86 -64.65
N LEU R 570 3.88 15.76 -65.93
CA LEU R 570 5.08 16.37 -66.47
C LEU R 570 4.70 17.33 -67.59
N PRO R 571 4.39 18.58 -67.26
CA PRO R 571 4.02 19.54 -68.31
C PRO R 571 5.19 19.97 -69.18
N SER R 572 6.42 19.89 -68.67
CA SER R 572 7.57 20.28 -69.49
C SER R 572 7.86 19.25 -70.58
N LEU R 573 7.67 17.96 -70.27
CA LEU R 573 7.90 16.94 -71.28
C LEU R 573 6.78 16.90 -72.32
N TYR R 574 5.57 17.28 -71.92
CA TYR R 574 4.45 17.27 -72.87
C TYR R 574 4.60 18.36 -73.92
N ARG R 575 5.22 19.48 -73.58
CA ARG R 575 5.40 20.56 -74.54
C ARG R 575 6.47 20.25 -75.58
N GLU R 576 7.30 19.23 -75.35
CA GLU R 576 8.32 18.89 -76.33
C GLU R 576 7.72 18.17 -77.54
N ASP R 577 6.75 17.30 -77.31
CA ASP R 577 6.08 16.58 -78.39
C ASP R 577 4.67 16.21 -77.94
N PRO R 578 3.72 17.12 -78.08
CA PRO R 578 2.34 16.83 -77.66
C PRO R 578 1.68 15.73 -78.47
N GLU R 579 2.13 15.47 -79.69
CA GLU R 579 1.49 14.45 -80.52
C GLU R 579 1.88 13.05 -80.07
N PHE R 580 3.17 12.81 -79.82
CA PHE R 580 3.62 11.49 -79.41
C PHE R 580 3.24 11.20 -77.96
N TYR R 581 3.37 12.19 -77.08
CA TYR R 581 3.04 12.02 -75.66
C TYR R 581 1.58 12.40 -75.37
N GLU R 582 0.67 11.93 -76.21
CA GLU R 582 -0.75 12.23 -76.06
C GLU R 582 -1.42 11.16 -75.19
N ASN R 583 -1.59 9.96 -75.76
CA ASN R 583 -2.22 8.84 -75.06
C ASN R 583 -1.22 7.98 -74.32
N MET R 584 -0.26 8.58 -73.62
CA MET R 584 0.74 7.85 -72.87
C MET R 584 0.62 8.18 -71.39
N ARG R 585 0.73 7.15 -70.55
CA ARG R 585 0.62 7.29 -69.10
C ARG R 585 2.01 7.15 -68.47
N ILE R 586 2.06 7.30 -67.14
CA ILE R 586 3.32 7.21 -66.43
C ILE R 586 3.81 5.77 -66.29
N GLN R 587 2.90 4.79 -66.32
CA GLN R 587 3.31 3.39 -66.22
C GLN R 587 3.75 2.83 -67.56
N GLU R 588 3.21 3.34 -68.66
CA GLU R 588 3.61 2.85 -69.98
C GLU R 588 5.01 3.33 -70.35
N LEU R 589 5.37 4.55 -69.96
CA LEU R 589 6.69 5.08 -70.28
C LEU R 589 7.79 4.45 -69.44
N ALA R 590 7.52 4.17 -68.17
CA ALA R 590 8.54 3.59 -67.30
C ALA R 590 8.83 2.14 -67.65
N GLN R 591 7.84 1.41 -68.17
CA GLN R 591 8.06 0.01 -68.51
C GLN R 591 8.72 -0.17 -69.86
N ASN R 592 8.46 0.74 -70.81
CA ASN R 592 9.06 0.62 -72.13
C ASN R 592 10.54 0.94 -72.09
N ILE R 593 10.95 1.88 -71.25
CA ILE R 593 12.36 2.24 -71.14
C ILE R 593 13.13 1.16 -70.38
N HIS R 594 12.48 0.53 -69.39
CA HIS R 594 13.15 -0.51 -68.62
C HIS R 594 13.45 -1.74 -69.48
N LYS R 595 12.61 -2.03 -70.47
CA LYS R 595 12.87 -3.17 -71.34
C LYS R 595 13.99 -2.88 -72.33
N LEU R 596 14.21 -1.60 -72.67
CA LEU R 596 15.29 -1.26 -73.58
C LEU R 596 16.65 -1.40 -72.92
N ILE R 597 16.73 -1.19 -71.60
CA ILE R 597 17.99 -1.33 -70.90
C ILE R 597 18.41 -2.80 -70.85
N VAL R 598 17.47 -3.69 -70.62
CA VAL R 598 17.78 -5.12 -70.56
C VAL R 598 18.08 -5.65 -71.97
N HIS R 599 17.36 -5.17 -72.97
CA HIS R 599 17.58 -5.64 -74.34
C HIS R 599 18.94 -5.19 -74.86
N HIS R 600 19.25 -3.90 -74.72
CA HIS R 600 20.55 -3.39 -75.18
C HIS R 600 21.68 -3.73 -74.23
N ASN R 601 21.37 -4.23 -73.03
CA ASN R 601 22.38 -4.62 -72.03
C ASN R 601 23.30 -3.45 -71.69
N LEU R 602 22.88 -2.61 -70.76
CA LEU R 602 23.63 -1.42 -70.38
C LEU R 602 24.72 -1.71 -69.36
N PRO R 603 24.45 -2.45 -68.26
CA PRO R 603 25.50 -2.65 -67.26
C PRO R 603 26.71 -3.41 -67.79
N ASP R 604 26.52 -4.33 -68.74
CA ASP R 604 27.65 -5.10 -69.25
C ASP R 604 28.47 -4.29 -70.25
N LEU R 605 27.81 -3.48 -71.08
CA LEU R 605 28.52 -2.67 -72.05
C LEU R 605 29.14 -1.43 -71.43
N MET R 606 28.84 -1.14 -70.17
CA MET R 606 29.41 0.02 -69.48
C MET R 606 30.53 -0.38 -68.54
N TYR R 607 30.41 -1.55 -67.89
CA TYR R 607 31.46 -2.00 -66.98
C TYR R 607 32.71 -2.45 -67.73
N ARG R 608 32.54 -2.95 -68.96
CA ARG R 608 33.67 -3.42 -69.75
C ARG R 608 34.29 -2.33 -70.62
N ALA R 609 33.57 -1.24 -70.86
CA ALA R 609 34.10 -0.17 -71.71
C ALA R 609 35.04 0.74 -70.93
N PHE R 610 34.57 1.29 -69.80
CA PHE R 610 35.38 2.19 -69.00
C PHE R 610 36.51 1.49 -68.26
N GLU R 611 36.51 0.15 -68.21
CA GLU R 611 37.55 -0.57 -67.49
C GLU R 611 38.86 -0.58 -68.29
N VAL R 612 38.81 -1.02 -69.54
CA VAL R 612 40.02 -1.07 -70.36
C VAL R 612 40.42 0.33 -70.80
N LEU R 613 41.67 0.47 -71.20
CA LEU R 613 42.23 1.74 -71.64
C LEU R 613 42.64 1.64 -73.10
N PRO R 614 42.19 2.55 -73.97
CA PRO R 614 42.60 2.50 -75.38
C PRO R 614 44.09 2.75 -75.53
N THR R 615 44.61 2.32 -76.68
CA THR R 615 46.03 2.47 -76.98
C THR R 615 46.34 3.93 -77.27
N MET R 616 47.14 4.56 -76.40
CA MET R 616 47.52 5.95 -76.58
C MET R 616 48.71 6.01 -77.54
N VAL R 617 48.50 6.59 -78.72
CA VAL R 617 49.56 6.67 -79.72
C VAL R 617 50.54 7.79 -79.38
N MET R 618 50.04 9.03 -79.34
CA MET R 618 50.85 10.20 -79.07
C MET R 618 50.35 10.91 -77.82
N THR R 619 51.11 11.90 -77.38
CA THR R 619 50.73 12.67 -76.20
C THR R 619 49.59 13.61 -76.53
N PRO R 620 48.78 13.98 -75.54
CA PRO R 620 47.68 14.93 -75.81
C PRO R 620 48.16 16.30 -76.28
N TYR R 621 49.40 16.68 -75.98
CA TYR R 621 49.91 17.95 -76.46
C TYR R 621 50.12 17.94 -77.97
N ALA R 622 50.50 16.79 -78.53
CA ALA R 622 50.71 16.70 -79.98
C ALA R 622 49.40 16.73 -80.75
N ALA R 623 48.29 16.36 -80.13
CA ALA R 623 47.00 16.38 -80.81
C ALA R 623 46.50 17.82 -80.99
N PHE R 624 46.86 18.72 -80.09
CA PHE R 624 46.43 20.11 -80.20
C PHE R 624 47.22 20.86 -81.26
N GLN R 625 48.47 20.46 -81.52
CA GLN R 625 49.28 21.13 -82.53
C GLN R 625 48.77 20.83 -83.94
N LYS R 626 48.19 19.64 -84.15
CA LYS R 626 47.67 19.30 -85.47
C LYS R 626 46.38 20.05 -85.77
N GLU R 627 45.62 20.42 -84.73
CA GLU R 627 44.38 21.15 -84.94
C GLU R 627 44.62 22.60 -85.35
N LEU R 628 45.73 23.20 -84.87
CA LEU R 628 46.02 24.58 -85.21
C LEU R 628 46.40 24.73 -86.68
N HIS R 629 46.99 23.69 -87.28
CA HIS R 629 47.37 23.76 -88.68
C HIS R 629 46.19 23.56 -89.62
N GLY R 630 45.17 22.83 -89.18
CA GLY R 630 44.00 22.61 -90.01
C GLY R 630 43.99 21.26 -90.69
N MET R 631 44.26 20.20 -89.92
CA MET R 631 44.29 18.84 -90.43
C MET R 631 43.41 17.94 -89.57
N THR R 632 42.14 18.29 -89.47
CA THR R 632 41.16 17.53 -88.68
C THR R 632 40.03 17.07 -89.58
N GLU R 633 39.87 15.76 -89.71
CA GLU R 633 38.81 15.16 -90.51
C GLU R 633 37.89 14.34 -89.59
N GLU R 634 36.83 13.79 -90.19
CA GLU R 634 35.88 12.98 -89.46
C GLU R 634 35.45 11.80 -90.32
N VAL R 635 35.04 10.72 -89.65
CA VAL R 635 34.53 9.53 -90.29
C VAL R 635 33.21 9.15 -89.62
N TYR R 636 32.65 8.01 -90.04
CA TYR R 636 31.41 7.53 -89.47
C TYR R 636 31.66 6.86 -88.12
N LEU R 637 30.57 6.44 -87.48
CA LEU R 637 30.69 5.79 -86.17
C LEU R 637 31.32 4.40 -86.29
N ASP R 638 31.05 3.70 -87.39
CA ASP R 638 31.59 2.39 -87.63
C ASP R 638 32.90 2.41 -88.42
N GLU R 639 33.47 3.60 -88.63
CA GLU R 639 34.72 3.73 -89.37
C GLU R 639 35.84 4.33 -88.54
N MET R 640 35.63 4.57 -87.25
CA MET R 640 36.65 5.15 -86.39
C MET R 640 37.55 4.10 -85.76
N VAL R 641 37.51 2.86 -86.24
CA VAL R 641 38.36 1.81 -85.71
C VAL R 641 39.76 1.98 -86.28
N GLY R 642 40.72 2.31 -85.41
CA GLY R 642 42.09 2.52 -85.83
C GLY R 642 42.49 3.95 -86.08
N ARG R 643 41.65 4.91 -85.71
CA ARG R 643 41.93 6.33 -85.91
C ARG R 643 42.23 6.99 -84.57
N ILE R 644 42.98 8.10 -84.63
CA ILE R 644 43.36 8.84 -83.44
C ILE R 644 42.34 9.95 -83.23
N ASN R 645 41.64 9.90 -82.09
CA ASN R 645 40.63 10.89 -81.78
C ASN R 645 41.29 12.20 -81.34
N ALA R 646 40.49 13.28 -81.38
CA ALA R 646 40.96 14.60 -80.99
C ALA R 646 40.17 15.23 -79.85
N ASN R 647 39.01 14.66 -79.49
CA ASN R 647 38.19 15.18 -78.41
C ASN R 647 38.13 14.17 -77.27
N MET R 648 37.54 14.60 -76.16
CA MET R 648 37.38 13.77 -74.98
C MET R 648 35.91 13.33 -74.89
N ILE R 649 35.67 12.04 -75.05
CA ILE R 649 34.31 11.52 -75.01
C ILE R 649 33.81 11.55 -73.56
N LEU R 650 32.77 12.34 -73.31
CA LEU R 650 32.16 12.49 -71.99
C LEU R 650 30.69 12.10 -72.11
N PRO R 651 30.38 10.81 -72.04
CA PRO R 651 28.99 10.37 -72.24
C PRO R 651 28.14 10.61 -71.00
N TYR R 652 26.91 11.07 -71.23
CA TYR R 652 25.93 11.26 -70.17
C TYR R 652 24.74 10.36 -70.42
N PRO R 653 24.51 9.31 -69.62
CA PRO R 653 25.33 8.86 -68.49
C PRO R 653 26.55 8.04 -68.93
N PRO R 654 27.57 7.91 -68.07
CA PRO R 654 27.70 8.49 -66.73
C PRO R 654 28.17 9.95 -66.73
N GLY R 655 29.41 10.17 -66.32
CA GLY R 655 29.97 11.52 -66.29
C GLY R 655 31.48 11.51 -66.19
N VAL R 656 32.12 10.48 -66.72
CA VAL R 656 33.57 10.35 -66.67
C VAL R 656 34.09 10.27 -68.10
N PRO R 657 35.33 10.71 -68.36
CA PRO R 657 35.87 10.62 -69.73
C PRO R 657 36.02 9.17 -70.16
N LEU R 658 35.80 8.94 -71.46
CA LEU R 658 35.91 7.61 -72.05
C LEU R 658 37.20 7.44 -72.84
N VAL R 659 37.39 8.25 -73.87
CA VAL R 659 38.58 8.19 -74.72
C VAL R 659 39.28 9.54 -74.64
N MET R 660 40.56 9.52 -74.28
CA MET R 660 41.33 10.75 -74.17
C MET R 660 41.76 11.24 -75.55
N PRO R 661 41.87 12.55 -75.73
CA PRO R 661 42.30 13.08 -77.04
C PRO R 661 43.71 12.65 -77.42
N GLY R 662 43.81 11.70 -78.34
CA GLY R 662 45.10 11.19 -78.77
C GLY R 662 45.28 9.71 -78.52
N GLU R 663 44.19 8.95 -78.65
CA GLU R 663 44.22 7.51 -78.43
C GLU R 663 43.61 6.80 -79.64
N MET R 664 43.96 5.53 -79.77
CA MET R 664 43.50 4.70 -80.88
C MET R 664 42.67 3.54 -80.34
N ILE R 665 41.56 3.26 -81.03
CA ILE R 665 40.65 2.17 -80.66
C ILE R 665 40.90 1.01 -81.61
N THR R 666 41.44 -0.09 -81.10
CA THR R 666 41.72 -1.26 -81.90
C THR R 666 40.94 -2.48 -81.41
N GLU R 667 41.61 -3.63 -81.33
CA GLU R 667 40.94 -4.83 -80.86
C GLU R 667 40.90 -4.94 -79.35
N GLU R 668 41.83 -4.26 -78.66
CA GLU R 668 41.86 -4.34 -77.20
C GLU R 668 40.72 -3.53 -76.58
N SER R 669 40.34 -2.43 -77.21
CA SER R 669 39.28 -1.55 -76.72
C SER R 669 38.03 -1.64 -77.58
N ARG R 670 37.61 -2.86 -77.89
CA ARG R 670 36.39 -3.09 -78.66
C ARG R 670 35.13 -2.76 -77.85
N PRO R 671 35.02 -3.18 -76.58
CA PRO R 671 33.84 -2.78 -75.80
C PRO R 671 33.71 -1.28 -75.61
N VAL R 672 34.78 -0.51 -75.80
CA VAL R 672 34.68 0.94 -75.70
C VAL R 672 33.79 1.50 -76.79
N LEU R 673 33.97 1.03 -78.03
CA LEU R 673 33.13 1.48 -79.11
C LEU R 673 31.70 0.93 -79.00
N GLU R 674 31.55 -0.24 -78.38
CA GLU R 674 30.21 -0.82 -78.22
C GLU R 674 29.34 0.02 -77.29
N PHE R 675 29.96 0.73 -76.34
CA PHE R 675 29.19 1.59 -75.45
C PHE R 675 28.64 2.82 -76.18
N LEU R 676 29.37 3.31 -77.18
CA LEU R 676 28.91 4.46 -77.93
C LEU R 676 27.79 4.08 -78.91
N GLN R 677 27.90 2.90 -79.52
CA GLN R 677 26.87 2.46 -80.45
C GLN R 677 25.57 2.07 -79.75
N MET R 678 25.64 1.72 -78.47
CA MET R 678 24.44 1.34 -77.73
C MET R 678 23.61 2.57 -77.37
N LEU R 679 24.27 3.69 -77.06
CA LEU R 679 23.55 4.90 -76.70
C LEU R 679 22.88 5.57 -77.89
N CYS R 680 23.36 5.28 -79.11
CA CYS R 680 22.77 5.87 -80.31
C CYS R 680 21.42 5.25 -80.67
N GLU R 681 21.12 4.07 -80.15
CA GLU R 681 19.86 3.39 -80.42
C GLU R 681 18.84 3.54 -79.30
N ILE R 682 19.29 3.51 -78.05
CA ILE R 682 18.37 3.64 -76.91
C ILE R 682 17.87 5.07 -76.77
N GLY R 683 18.60 6.05 -77.27
CA GLY R 683 18.18 7.43 -77.16
C GLY R 683 17.77 8.04 -78.49
N ALA R 684 16.75 7.45 -79.12
CA ALA R 684 16.26 7.95 -80.40
C ALA R 684 14.81 7.57 -80.62
N HIS R 685 14.31 6.61 -79.82
CA HIS R 685 12.93 6.18 -79.97
C HIS R 685 11.96 7.12 -79.25
N TYR R 686 12.29 7.50 -78.01
CA TYR R 686 11.42 8.39 -77.24
C TYR R 686 12.06 9.76 -77.11
N PRO R 687 11.36 10.83 -77.49
CA PRO R 687 11.92 12.17 -77.34
C PRO R 687 12.13 12.53 -75.88
N GLY R 688 13.01 13.51 -75.66
CA GLY R 688 13.34 13.98 -74.34
C GLY R 688 14.53 13.29 -73.71
N PHE R 689 14.71 12.00 -73.99
CA PHE R 689 15.84 11.25 -73.46
C PHE R 689 16.86 10.97 -74.54
N GLU R 690 17.30 12.02 -75.24
CA GLU R 690 18.27 11.85 -76.32
C GLU R 690 19.66 11.57 -75.75
N THR R 691 20.54 11.09 -76.62
CA THR R 691 21.91 10.79 -76.22
C THR R 691 22.71 12.07 -76.07
N ASP R 692 23.33 12.25 -74.91
CA ASP R 692 24.13 13.44 -74.60
C ASP R 692 25.58 12.99 -74.39
N ILE R 693 26.41 13.20 -75.40
CA ILE R 693 27.83 12.88 -75.34
C ILE R 693 28.61 14.10 -75.81
N HIS R 694 29.51 14.59 -74.96
CA HIS R 694 30.34 15.75 -75.30
C HIS R 694 31.45 15.31 -76.26
N GLY R 695 31.06 15.12 -77.51
CA GLY R 695 31.99 14.68 -78.54
C GLY R 695 31.28 14.06 -79.72
N ALA R 696 30.20 13.32 -79.46
CA ALA R 696 29.40 12.70 -80.51
C ALA R 696 28.27 13.65 -80.88
N TYR R 697 28.53 14.52 -81.85
CA TYR R 697 27.54 15.49 -82.27
C TYR R 697 26.39 14.82 -83.00
N ARG R 698 25.21 15.43 -82.89
CA ARG R 698 24.02 14.86 -83.51
C ARG R 698 23.88 15.34 -84.95
N GLN R 699 23.57 14.42 -85.86
CA GLN R 699 23.39 14.75 -87.26
C GLN R 699 21.93 15.03 -87.57
N ALA R 700 21.28 14.12 -88.31
CA ALA R 700 19.87 14.28 -88.65
C ALA R 700 19.24 12.93 -88.92
N ASP R 701 20.05 11.88 -88.99
CA ASP R 701 19.56 10.52 -89.25
C ASP R 701 19.60 9.61 -88.04
N GLY R 702 20.57 9.80 -87.15
CA GLY R 702 20.68 8.97 -85.96
C GLY R 702 22.11 8.61 -85.59
N ARG R 703 22.94 8.39 -86.61
CA ARG R 703 24.33 8.03 -86.37
C ARG R 703 25.15 9.26 -86.00
N TYR R 704 26.05 9.09 -85.04
CA TYR R 704 26.89 10.17 -84.55
C TYR R 704 28.29 10.06 -85.13
N THR R 705 28.97 11.21 -85.22
CA THR R 705 30.33 11.28 -85.75
C THR R 705 31.23 11.93 -84.72
N VAL R 706 32.51 11.54 -84.74
CA VAL R 706 33.52 12.08 -83.84
C VAL R 706 34.62 12.70 -84.67
N LYS R 707 35.37 13.60 -84.03
CA LYS R 707 36.46 14.31 -84.70
C LYS R 707 37.76 13.53 -84.51
N VAL R 708 38.40 13.16 -85.63
CA VAL R 708 39.66 12.44 -85.59
C VAL R 708 40.73 13.26 -86.30
N LEU R 709 41.91 12.67 -86.48
CA LEU R 709 43.03 13.32 -87.15
C LEU R 709 43.24 12.72 -88.53
N LYS R 710 43.82 13.51 -89.43
CA LYS R 710 44.07 13.05 -90.78
C LYS R 710 45.28 12.10 -90.79
N GLU R 711 45.29 11.22 -91.79
CA GLU R 711 46.37 10.25 -91.93
C GLU R 711 47.44 10.76 -92.89
N MET S 1 17.76 66.49 -10.91
CA MET S 1 17.01 66.39 -9.66
C MET S 1 15.53 66.69 -9.91
N ASN S 2 14.78 65.68 -10.34
CA ASN S 2 13.37 65.83 -10.63
C ASN S 2 12.65 64.49 -10.63
N VAL S 3 12.96 63.64 -9.66
CA VAL S 3 12.36 62.32 -9.55
C VAL S 3 11.44 62.32 -8.34
N ILE S 4 10.16 61.98 -8.56
CA ILE S 4 9.17 61.92 -7.50
C ILE S 4 8.68 60.48 -7.39
N ALA S 5 8.76 59.92 -6.19
CA ALA S 5 8.38 58.54 -5.92
C ALA S 5 7.02 58.49 -5.25
N ILE S 6 6.17 57.57 -5.72
CA ILE S 6 4.83 57.37 -5.18
C ILE S 6 4.73 55.90 -4.78
N LEU S 7 4.79 55.64 -3.48
CA LEU S 7 4.81 54.28 -2.95
C LEU S 7 3.45 53.90 -2.37
N ASN S 8 3.15 52.60 -2.41
CA ASN S 8 1.98 52.00 -1.78
C ASN S 8 0.67 52.39 -2.47
N HIS S 9 -0.06 51.39 -2.95
CA HIS S 9 -1.38 51.58 -3.56
C HIS S 9 -2.42 51.09 -2.56
N MET S 10 -3.22 52.02 -2.03
CA MET S 10 -4.21 51.66 -1.01
C MET S 10 -5.39 50.90 -1.59
N GLY S 11 -5.54 50.87 -2.91
CA GLY S 11 -6.62 50.17 -3.56
C GLY S 11 -7.93 50.93 -3.64
N VAL S 12 -8.11 51.94 -2.80
CA VAL S 12 -9.33 52.75 -2.79
C VAL S 12 -9.26 53.76 -3.94
N TYR S 13 -10.30 54.58 -4.08
CA TYR S 13 -10.36 55.56 -5.15
C TYR S 13 -10.18 57.00 -4.66
N PHE S 14 -10.55 57.29 -3.42
CA PHE S 14 -10.38 58.65 -2.90
C PHE S 14 -8.93 58.98 -2.58
N LYS S 15 -8.03 58.00 -2.63
CA LYS S 15 -6.61 58.23 -2.44
C LYS S 15 -5.80 58.14 -3.72
N GLU S 16 -6.23 57.33 -4.69
CA GLU S 16 -5.52 57.20 -5.95
C GLU S 16 -5.90 58.28 -6.96
N GLU S 17 -7.09 58.87 -6.84
CA GLU S 17 -7.52 59.92 -7.75
C GLU S 17 -6.70 61.19 -7.57
N PRO S 18 -6.41 61.63 -6.33
CA PRO S 18 -5.46 62.76 -6.18
C PRO S 18 -4.07 62.45 -6.71
N ILE S 19 -3.68 61.18 -6.72
CA ILE S 19 -2.38 60.81 -7.30
C ILE S 19 -2.42 60.94 -8.81
N ARG S 20 -3.53 60.55 -9.43
CA ARG S 20 -3.66 60.69 -10.88
C ARG S 20 -3.72 62.16 -11.29
N GLU S 21 -4.36 62.99 -10.47
CA GLU S 21 -4.42 64.43 -10.77
C GLU S 21 -3.05 65.07 -10.56
N LEU S 22 -2.28 64.60 -9.58
CA LEU S 22 -0.94 65.12 -9.36
C LEU S 22 0.05 64.63 -10.41
N HIS S 23 -0.24 63.49 -11.05
CA HIS S 23 0.65 62.97 -12.09
C HIS S 23 0.69 63.89 -13.30
N ARG S 24 -0.44 64.51 -13.63
CA ARG S 24 -0.51 65.42 -14.76
C ARG S 24 -0.06 66.84 -14.41
N ALA S 25 0.09 67.16 -13.12
CA ALA S 25 0.50 68.49 -12.71
C ALA S 25 2.00 68.61 -12.50
N LEU S 26 2.65 67.54 -12.04
CA LEU S 26 4.10 67.60 -11.82
C LEU S 26 4.88 67.52 -13.13
N GLU S 27 4.28 66.95 -14.17
CA GLU S 27 4.97 66.85 -15.46
C GLU S 27 5.03 68.20 -16.18
N ARG S 28 4.19 69.16 -15.79
CA ARG S 28 4.23 70.48 -16.41
C ARG S 28 5.44 71.30 -15.98
N LEU S 29 6.08 70.93 -14.87
CA LEU S 29 7.26 71.63 -14.36
C LEU S 29 8.51 70.76 -14.45
N ASN S 30 8.54 69.81 -15.39
CA ASN S 30 9.67 68.92 -15.61
C ASN S 30 10.00 68.10 -14.37
N PHE S 31 9.24 67.03 -14.14
CA PHE S 31 9.48 66.13 -13.02
C PHE S 31 9.17 64.71 -13.45
N GLN S 32 10.08 63.79 -13.18
CA GLN S 32 9.89 62.38 -13.51
C GLN S 32 9.11 61.69 -12.40
N ILE S 33 8.12 60.90 -12.78
CA ILE S 33 7.25 60.19 -11.85
C ILE S 33 7.57 58.71 -11.93
N VAL S 34 7.87 58.10 -10.77
CA VAL S 34 8.16 56.68 -10.68
C VAL S 34 7.18 56.06 -9.68
N TYR S 35 6.95 54.75 -9.84
CA TYR S 35 6.02 54.01 -9.01
C TYR S 35 6.70 52.74 -8.51
N PRO S 36 7.32 52.79 -7.33
CA PRO S 36 7.94 51.58 -6.77
C PRO S 36 6.89 50.58 -6.31
N ASN S 37 7.37 49.38 -5.97
CA ASN S 37 6.49 48.29 -5.58
C ASN S 37 6.36 48.19 -4.06
N ASP S 38 7.20 47.36 -3.44
CA ASP S 38 7.12 47.11 -2.01
C ASP S 38 8.07 48.06 -1.27
N ARG S 39 8.40 47.75 -0.02
CA ARG S 39 9.28 48.61 0.76
C ARG S 39 10.72 48.53 0.27
N ASP S 40 11.16 47.34 -0.14
CA ASP S 40 12.51 47.18 -0.64
C ASP S 40 12.70 47.85 -2.01
N ASP S 41 11.62 48.15 -2.71
CA ASP S 41 11.73 48.82 -4.00
C ASP S 41 12.11 50.29 -3.83
N LEU S 42 11.55 50.95 -2.82
CA LEU S 42 11.88 52.35 -2.58
C LEU S 42 13.32 52.52 -2.10
N LEU S 43 13.85 51.54 -1.36
CA LEU S 43 15.21 51.65 -0.86
C LEU S 43 16.23 51.57 -1.99
N LYS S 44 15.89 50.91 -3.09
CA LYS S 44 16.79 50.82 -4.23
C LYS S 44 16.76 52.05 -5.12
N LEU S 45 15.79 52.94 -4.94
CA LEU S 45 15.69 54.16 -5.73
C LEU S 45 16.38 55.35 -5.07
N ILE S 46 17.13 55.13 -4.00
CA ILE S 46 17.85 56.19 -3.30
C ILE S 46 19.36 55.99 -3.36
N GLU S 47 19.82 54.77 -3.06
CA GLU S 47 21.25 54.50 -3.11
C GLU S 47 21.75 54.45 -4.56
N ASN S 48 20.98 53.85 -5.45
CA ASN S 48 21.37 53.77 -6.86
C ASN S 48 20.94 54.98 -7.65
N ASN S 49 19.95 55.73 -7.17
CA ASN S 49 19.45 56.92 -7.86
C ASN S 49 19.56 58.10 -6.91
N ALA S 50 20.53 58.98 -7.16
CA ALA S 50 20.76 60.15 -6.32
C ALA S 50 19.98 61.38 -6.77
N ARG S 51 19.29 61.30 -7.91
CA ARG S 51 18.53 62.42 -8.43
C ARG S 51 17.07 62.41 -7.95
N LEU S 52 16.80 61.80 -6.81
CA LEU S 52 15.46 61.73 -6.26
C LEU S 52 15.29 62.79 -5.17
N CYS S 53 14.11 63.43 -5.15
CA CYS S 53 13.86 64.46 -4.16
C CYS S 53 12.42 64.44 -3.62
N GLY S 54 11.63 63.43 -3.98
CA GLY S 54 10.26 63.36 -3.51
C GLY S 54 9.78 61.94 -3.27
N VAL S 55 9.27 61.67 -2.08
CA VAL S 55 8.76 60.35 -1.71
C VAL S 55 7.34 60.53 -1.22
N ILE S 56 6.38 59.93 -1.92
CA ILE S 56 4.97 60.01 -1.58
C ILE S 56 4.53 58.62 -1.13
N PHE S 57 4.00 58.54 0.10
CA PHE S 57 3.52 57.28 0.65
C PHE S 57 2.45 57.57 1.69
N ASP S 58 1.73 56.53 2.07
CA ASP S 58 0.68 56.66 3.07
C ASP S 58 1.29 56.62 4.47
N TRP S 59 0.91 57.60 5.30
CA TRP S 59 1.45 57.66 6.65
C TRP S 59 0.88 56.56 7.54
N ASP S 60 -0.34 56.14 7.29
CA ASP S 60 -0.99 55.09 8.08
C ASP S 60 -0.83 53.72 7.43
N LYS S 61 0.41 53.38 7.06
CA LYS S 61 0.70 52.09 6.44
C LYS S 61 2.13 51.66 6.75
N TYR S 62 3.08 52.60 6.65
CA TYR S 62 4.49 52.34 6.97
C TYR S 62 5.05 53.58 7.67
N ASN S 63 4.62 53.79 8.91
CA ASN S 63 5.08 54.92 9.70
C ASN S 63 6.37 54.65 10.45
N LEU S 64 6.79 53.38 10.55
CA LEU S 64 8.03 53.04 11.24
C LEU S 64 9.01 52.28 10.38
N GLU S 65 8.63 51.87 9.16
CA GLU S 65 9.53 51.13 8.29
C GLU S 65 10.18 52.01 7.22
N LEU S 66 9.72 53.24 7.04
CA LEU S 66 10.28 54.15 6.06
C LEU S 66 10.98 55.35 6.68
N CYS S 67 10.56 55.79 7.86
CA CYS S 67 11.19 56.93 8.52
C CYS S 67 12.49 56.57 9.21
N GLU S 68 12.88 55.29 9.22
CA GLU S 68 14.11 54.84 9.85
C GLU S 68 15.21 54.51 8.85
N GLU S 69 14.87 53.83 7.75
CA GLU S 69 15.88 53.48 6.76
C GLU S 69 16.28 54.69 5.92
N ILE S 70 15.32 55.55 5.59
CA ILE S 70 15.64 56.73 4.79
C ILE S 70 16.43 57.74 5.61
N SER S 71 16.15 57.85 6.91
CA SER S 71 16.86 58.79 7.76
C SER S 71 18.33 58.41 7.92
N LYS S 72 18.66 57.12 7.77
CA LYS S 72 20.05 56.68 7.88
C LYS S 72 20.86 57.06 6.65
N MET S 73 20.20 57.40 5.54
CA MET S 73 20.91 57.79 4.33
C MET S 73 20.90 59.31 4.17
N ASN S 74 19.77 59.86 3.74
CA ASN S 74 19.62 61.30 3.56
C ASN S 74 18.64 61.82 4.60
N GLU S 75 19.08 62.77 5.42
CA GLU S 75 18.25 63.33 6.46
C GLU S 75 17.39 64.49 5.96
N ASN S 76 17.93 65.31 5.05
CA ASN S 76 17.22 66.46 4.52
C ASN S 76 16.32 66.09 3.33
N LEU S 77 16.16 64.82 3.04
CA LEU S 77 15.32 64.39 1.91
C LEU S 77 13.86 64.69 2.22
N PRO S 78 13.17 65.49 1.39
CA PRO S 78 11.75 65.77 1.67
C PRO S 78 10.90 64.52 1.55
N LEU S 79 10.01 64.34 2.52
CA LEU S 79 9.09 63.20 2.56
C LEU S 79 7.67 63.73 2.42
N TYR S 80 7.06 63.48 1.27
CA TYR S 80 5.70 63.95 0.99
C TYR S 80 4.67 62.91 1.46
N ALA S 81 4.71 62.64 2.76
CA ALA S 81 3.81 61.66 3.36
C ALA S 81 2.40 62.25 3.48
N PHE S 82 1.40 61.40 3.23
CA PHE S 82 0.01 61.81 3.30
C PHE S 82 -0.62 61.20 4.56
N ALA S 83 -1.04 62.06 5.48
CA ALA S 83 -1.66 61.62 6.71
C ALA S 83 -3.17 61.55 6.58
N ASN S 84 -3.80 60.85 7.52
CA ASN S 84 -5.25 60.68 7.55
C ASN S 84 -5.82 61.37 8.79
N THR S 85 -7.06 61.03 9.13
CA THR S 85 -7.71 61.64 10.28
C THR S 85 -7.09 61.14 11.58
N TYR S 86 -7.02 59.83 11.76
CA TYR S 86 -6.45 59.24 12.97
C TYR S 86 -4.97 58.90 12.73
N SER S 87 -4.18 59.97 12.62
CA SER S 87 -2.74 59.86 12.40
C SER S 87 -1.99 60.58 13.52
N THR S 88 -0.88 59.98 13.94
CA THR S 88 -0.07 60.55 15.01
C THR S 88 1.37 60.09 14.83
N LEU S 89 2.26 60.68 15.61
CA LEU S 89 3.67 60.34 15.57
C LEU S 89 3.97 59.17 16.51
N ASP S 90 5.24 58.77 16.56
CA ASP S 90 5.68 57.68 17.41
C ASP S 90 6.79 58.16 18.34
N VAL S 91 6.93 57.47 19.47
CA VAL S 91 7.96 57.83 20.45
C VAL S 91 9.35 57.58 19.89
N SER S 92 9.48 56.64 18.94
CA SER S 92 10.76 56.34 18.33
C SER S 92 11.10 57.27 17.17
N LEU S 93 10.23 58.24 16.86
CA LEU S 93 10.45 59.18 15.77
C LEU S 93 10.93 60.54 16.27
N ASN S 94 11.57 60.59 17.43
CA ASN S 94 12.04 61.85 17.99
C ASN S 94 13.49 62.16 17.63
N ASP S 95 14.35 61.15 17.65
CA ASP S 95 15.77 61.34 17.33
C ASP S 95 16.07 61.00 15.87
N LEU S 96 15.25 61.52 14.96
CA LEU S 96 15.40 61.30 13.54
C LEU S 96 15.22 62.62 12.81
N ARG S 97 16.23 63.02 12.05
CA ARG S 97 16.19 64.28 11.30
C ARG S 97 15.55 64.02 9.94
N LEU S 98 14.30 64.47 9.77
CA LEU S 98 13.58 64.29 8.52
C LEU S 98 12.77 65.56 8.23
N GLN S 99 12.35 65.68 6.98
CA GLN S 99 11.53 66.82 6.52
C GLN S 99 10.25 66.23 5.91
N ILE S 100 9.22 66.09 6.74
CA ILE S 100 7.95 65.50 6.33
C ILE S 100 6.97 66.63 6.03
N SER S 101 6.38 66.59 4.85
CA SER S 101 5.39 67.58 4.42
C SER S 101 4.05 66.86 4.28
N PHE S 102 3.11 67.19 5.16
CA PHE S 102 1.80 66.54 5.15
C PHE S 102 0.87 67.23 4.16
N PHE S 103 -0.08 66.47 3.63
CA PHE S 103 -1.08 66.97 2.70
C PHE S 103 -2.39 66.26 2.95
N GLU S 104 -3.35 66.42 2.04
CA GLU S 104 -4.66 65.79 2.16
C GLU S 104 -5.04 65.21 0.81
N TYR S 105 -6.27 64.69 0.73
CA TYR S 105 -6.83 64.10 -0.48
C TYR S 105 -8.05 64.92 -0.87
N ALA S 106 -7.82 66.05 -1.53
CA ALA S 106 -8.88 66.94 -1.96
C ALA S 106 -8.84 67.11 -3.47
N LEU S 107 -10.02 67.10 -4.09
CA LEU S 107 -10.12 67.26 -5.54
C LEU S 107 -10.04 68.74 -5.91
N GLY S 108 -9.39 69.02 -7.04
CA GLY S 108 -9.23 70.37 -7.52
C GLY S 108 -8.05 71.13 -6.93
N ALA S 109 -7.54 70.72 -5.77
CA ALA S 109 -6.41 71.37 -5.15
C ALA S 109 -5.08 70.78 -5.57
N ALA S 110 -5.05 69.98 -6.65
CA ALA S 110 -3.80 69.39 -7.10
C ALA S 110 -2.85 70.42 -7.68
N GLU S 111 -3.36 71.56 -8.16
CA GLU S 111 -2.49 72.60 -8.70
C GLU S 111 -1.72 73.30 -7.58
N ASP S 112 -2.37 73.54 -6.44
CA ASP S 112 -1.69 74.18 -5.32
C ASP S 112 -0.65 73.27 -4.70
N ILE S 113 -0.84 71.96 -4.79
CA ILE S 113 0.15 71.02 -4.26
C ILE S 113 1.41 71.03 -5.12
N ALA S 114 1.25 71.16 -6.43
CA ALA S 114 2.41 71.18 -7.32
C ALA S 114 3.28 72.41 -7.09
N ASN S 115 2.68 73.54 -6.72
CA ASN S 115 3.47 74.72 -6.42
C ASN S 115 4.24 74.58 -5.12
N LYS S 116 3.69 73.83 -4.16
CA LYS S 116 4.39 73.62 -2.90
C LYS S 116 5.56 72.66 -3.04
N ILE S 117 5.46 71.70 -3.96
CA ILE S 117 6.56 70.75 -4.18
C ILE S 117 7.72 71.44 -4.87
N LYS S 118 7.44 72.34 -5.81
CA LYS S 118 8.51 73.06 -6.51
C LYS S 118 9.29 73.96 -5.55
N GLN S 119 8.58 74.63 -4.63
CA GLN S 119 9.26 75.48 -3.66
C GLN S 119 10.02 74.64 -2.62
N THR S 120 9.45 73.50 -2.23
CA THR S 120 10.13 72.63 -1.28
C THR S 120 11.39 72.03 -1.90
N THR S 121 11.34 71.69 -3.18
CA THR S 121 12.53 71.18 -3.86
C THR S 121 13.61 72.24 -3.94
N ASP S 122 13.21 73.50 -4.14
CA ASP S 122 14.19 74.59 -4.17
C ASP S 122 14.84 74.80 -2.80
N GLU S 123 14.11 74.50 -1.72
CA GLU S 123 14.70 74.62 -0.39
C GLU S 123 15.77 73.57 -0.15
N TYR S 124 15.58 72.36 -0.70
CA TYR S 124 16.60 71.33 -0.56
C TYR S 124 17.85 71.67 -1.36
N ILE S 125 17.70 72.33 -2.51
CA ILE S 125 18.85 72.70 -3.31
C ILE S 125 19.63 73.82 -2.63
N ASN S 126 18.94 74.79 -2.05
CA ASN S 126 19.59 75.91 -1.38
C ASN S 126 20.23 75.51 -0.06
N THR S 127 19.92 74.33 0.47
CA THR S 127 20.47 73.87 1.73
C THR S 127 21.72 73.02 1.56
N ILE S 128 21.69 72.06 0.62
CA ILE S 128 22.84 71.18 0.42
C ILE S 128 23.97 71.88 -0.31
N LEU S 129 23.72 73.04 -0.92
CA LEU S 129 24.81 73.71 -1.62
C LEU S 129 25.44 74.78 -0.74
N PRO S 130 26.76 74.96 -0.82
CA PRO S 130 27.43 76.00 -0.03
C PRO S 130 27.07 77.38 -0.55
N PRO S 131 27.27 78.43 0.26
CA PRO S 131 26.93 79.78 -0.19
C PRO S 131 27.79 80.27 -1.34
N LEU S 132 29.00 79.74 -1.51
CA LEU S 132 29.84 80.14 -2.63
C LEU S 132 29.30 79.59 -3.94
N THR S 133 28.85 78.34 -3.94
CA THR S 133 28.26 77.77 -5.15
C THR S 133 26.90 78.38 -5.45
N LYS S 134 26.13 78.72 -4.42
CA LYS S 134 24.84 79.35 -4.63
C LYS S 134 24.99 80.71 -5.32
N ALA S 135 26.03 81.47 -4.95
CA ALA S 135 26.25 82.76 -5.59
C ALA S 135 26.72 82.60 -7.02
N LEU S 136 27.35 81.46 -7.36
CA LEU S 136 27.79 81.24 -8.72
C LEU S 136 26.64 80.86 -9.64
N PHE S 137 25.72 80.03 -9.16
CA PHE S 137 24.57 79.64 -9.97
C PHE S 137 23.59 80.79 -10.15
N LYS S 138 23.46 81.65 -9.13
CA LYS S 138 22.54 82.78 -9.24
C LYS S 138 23.11 83.86 -10.15
N TYR S 139 24.43 84.00 -10.20
CA TYR S 139 25.05 85.01 -11.07
C TYR S 139 24.90 84.67 -12.54
N VAL S 140 24.69 83.40 -12.88
CA VAL S 140 24.53 83.02 -14.28
C VAL S 140 23.15 83.40 -14.79
N ARG S 141 22.12 83.19 -13.99
CA ARG S 141 20.74 83.46 -14.41
C ARG S 141 20.34 84.92 -14.24
N GLU S 142 20.71 85.54 -13.12
CA GLU S 142 20.30 86.91 -12.83
C GLU S 142 21.44 87.91 -12.82
N GLY S 143 22.67 87.48 -12.53
CA GLY S 143 23.79 88.41 -12.47
C GLY S 143 24.17 88.90 -13.86
N LYS S 144 24.17 90.21 -14.06
CA LYS S 144 24.51 90.81 -15.35
C LYS S 144 25.39 92.02 -15.10
N TYR S 145 26.64 91.96 -15.56
CA TYR S 145 27.58 93.06 -15.42
C TYR S 145 28.46 93.11 -16.66
N THR S 146 28.69 94.32 -17.16
CA THR S 146 29.49 94.54 -18.35
C THR S 146 30.83 95.19 -17.97
N PHE S 147 31.76 95.16 -18.92
CA PHE S 147 33.10 95.73 -18.77
C PHE S 147 33.83 95.11 -17.57
N CYS S 148 34.24 93.87 -17.77
CA CYS S 148 34.95 93.11 -16.74
C CYS S 148 35.81 92.05 -17.41
N THR S 149 36.59 91.35 -16.59
CA THR S 149 37.49 90.30 -17.03
C THR S 149 36.87 88.92 -16.77
N PRO S 150 37.14 87.92 -17.62
CA PRO S 150 37.97 88.00 -18.83
C PRO S 150 37.28 88.68 -20.00
N GLY S 151 37.88 88.57 -21.19
CA GLY S 151 37.33 89.23 -22.37
C GLY S 151 36.19 88.49 -23.04
N HIS S 152 36.06 87.19 -22.79
CA HIS S 152 34.99 86.42 -23.43
C HIS S 152 33.63 86.80 -22.84
N MET S 153 33.55 86.99 -21.53
CA MET S 153 32.34 87.41 -20.84
C MET S 153 31.17 86.47 -21.13
N GLY S 154 31.33 85.24 -20.65
CA GLY S 154 30.31 84.22 -20.84
C GLY S 154 30.26 83.62 -22.23
N GLY S 155 31.32 83.78 -23.01
CA GLY S 155 31.35 83.23 -24.35
C GLY S 155 30.81 84.15 -25.43
N THR S 156 30.89 85.47 -25.23
CA THR S 156 30.41 86.40 -26.24
C THR S 156 31.38 86.49 -27.42
N ALA S 157 32.68 86.54 -27.14
CA ALA S 157 33.66 86.62 -28.20
C ALA S 157 33.73 85.35 -29.04
N PHE S 158 33.35 84.21 -28.48
CA PHE S 158 33.38 82.96 -29.24
C PHE S 158 32.29 82.91 -30.30
N GLN S 159 31.22 83.70 -30.14
CA GLN S 159 30.14 83.72 -31.12
C GLN S 159 30.42 84.61 -32.32
N LYS S 160 31.59 85.26 -32.36
CA LYS S 160 31.96 86.13 -33.46
C LYS S 160 33.02 85.53 -34.36
N SER S 161 33.52 84.34 -34.05
CA SER S 161 34.55 83.67 -34.84
C SER S 161 34.11 82.26 -35.19
N PRO S 162 34.39 81.80 -36.41
CA PRO S 162 34.01 80.42 -36.77
C PRO S 162 34.67 79.37 -35.90
N VAL S 163 35.94 79.57 -35.54
CA VAL S 163 36.64 78.60 -34.69
C VAL S 163 36.19 78.69 -33.24
N GLY S 164 35.71 79.85 -32.79
CA GLY S 164 35.26 79.98 -31.42
C GLY S 164 33.91 79.33 -31.15
N SER S 165 33.10 79.14 -32.20
CA SER S 165 31.80 78.52 -32.02
C SER S 165 31.92 77.03 -31.72
N LEU S 166 32.96 76.38 -32.24
CA LEU S 166 33.16 74.96 -31.96
C LEU S 166 33.64 74.71 -30.54
N PHE S 167 34.31 75.70 -29.94
CA PHE S 167 34.79 75.55 -28.57
C PHE S 167 33.74 75.95 -27.54
N TYR S 168 32.77 76.77 -27.94
CA TYR S 168 31.72 77.18 -27.02
C TYR S 168 30.56 76.18 -26.99
N ASP S 169 30.25 75.57 -28.13
CA ASP S 169 29.16 74.61 -28.20
C ASP S 169 29.53 73.24 -27.63
N PHE S 170 30.81 72.98 -27.39
CA PHE S 170 31.22 71.69 -26.85
C PHE S 170 30.88 71.57 -25.37
N PHE S 171 31.24 72.57 -24.57
CA PHE S 171 30.97 72.55 -23.14
C PHE S 171 29.49 72.80 -22.86
N GLY S 172 29.06 74.06 -22.96
CA GLY S 172 27.69 74.41 -22.73
C GLY S 172 27.51 75.90 -22.47
N PRO S 173 26.28 76.38 -22.60
CA PRO S 173 26.04 77.82 -22.35
C PRO S 173 26.32 78.22 -20.92
N ASN S 174 25.99 77.38 -19.94
CA ASN S 174 26.21 77.69 -18.54
C ASN S 174 27.65 77.48 -18.10
N THR S 175 28.52 76.98 -18.98
CA THR S 175 29.90 76.73 -18.60
C THR S 175 30.73 78.01 -18.64
N MET S 176 30.65 78.76 -19.75
CA MET S 176 31.44 79.98 -19.87
C MET S 176 30.87 81.13 -19.06
N LYS S 177 29.57 81.10 -18.75
CA LYS S 177 28.97 82.17 -17.96
C LYS S 177 29.45 82.16 -16.52
N SER S 178 29.98 81.04 -16.03
CA SER S 178 30.52 80.96 -14.68
C SER S 178 32.00 81.28 -14.62
N ASP S 179 32.66 81.46 -15.77
CA ASP S 179 34.08 81.78 -15.81
C ASP S 179 34.24 83.29 -15.62
N ILE S 180 34.24 83.71 -14.36
CA ILE S 180 34.36 85.11 -14.00
C ILE S 180 35.54 85.29 -13.05
N SER S 181 36.00 86.52 -12.93
CA SER S 181 37.16 86.83 -12.09
C SER S 181 36.74 87.53 -10.81
N ILE S 182 37.61 88.40 -10.29
CA ILE S 182 37.35 89.10 -9.05
C ILE S 182 36.65 90.44 -9.28
N SER S 183 36.07 90.63 -10.47
CA SER S 183 35.35 91.86 -10.80
C SER S 183 33.88 91.80 -10.42
N VAL S 184 33.52 91.04 -9.39
CA VAL S 184 32.14 90.89 -8.94
C VAL S 184 32.06 91.27 -7.48
N SER S 185 31.05 92.06 -7.12
CA SER S 185 30.91 92.53 -5.75
C SER S 185 30.15 91.55 -4.88
N GLU S 186 29.12 90.90 -5.43
CA GLU S 186 28.29 89.99 -4.65
C GLU S 186 28.90 88.60 -4.53
N LEU S 187 30.12 88.38 -5.02
CA LEU S 187 30.83 87.12 -4.83
C LEU S 187 32.16 87.27 -4.12
N GLY S 188 32.64 88.49 -3.91
CA GLY S 188 33.89 88.69 -3.21
C GLY S 188 35.11 88.31 -4.04
N SER S 189 36.26 88.33 -3.38
CA SER S 189 37.53 88.00 -3.99
C SER S 189 38.24 86.93 -3.16
N LEU S 190 38.99 86.07 -3.85
CA LEU S 190 39.72 85.01 -3.17
C LEU S 190 40.92 85.54 -2.42
N LEU S 191 41.61 86.55 -2.97
CA LEU S 191 42.78 87.11 -2.30
C LEU S 191 42.38 87.93 -1.08
N ASP S 192 41.21 88.56 -1.12
CA ASP S 192 40.76 89.36 0.02
C ASP S 192 40.23 88.51 1.18
N HIS S 193 39.79 87.28 0.89
CA HIS S 193 39.27 86.37 1.91
C HIS S 193 38.11 87.00 2.67
N SER S 194 37.18 87.60 1.92
CA SER S 194 36.02 88.26 2.49
C SER S 194 34.79 87.88 1.68
N GLY S 195 33.61 88.09 2.28
CA GLY S 195 32.36 87.79 1.63
C GLY S 195 32.09 86.30 1.57
N PRO S 196 31.63 85.83 0.41
CA PRO S 196 31.37 84.38 0.26
C PRO S 196 32.63 83.54 0.39
N HIS S 197 33.80 84.09 0.06
CA HIS S 197 35.03 83.33 0.20
C HIS S 197 35.44 83.18 1.66
N LYS S 198 35.00 84.10 2.51
CA LYS S 198 35.32 84.00 3.94
C LYS S 198 34.53 82.88 4.61
N GLU S 199 33.24 82.78 4.30
CA GLU S 199 32.41 81.72 4.88
C GLU S 199 32.73 80.36 4.27
N ALA S 200 33.30 80.32 3.07
CA ALA S 200 33.64 79.04 2.45
C ALA S 200 34.86 78.41 3.11
N GLU S 201 35.80 79.24 3.57
CA GLU S 201 36.99 78.69 4.23
C GLU S 201 36.65 78.12 5.59
N GLN S 202 35.71 78.75 6.31
CA GLN S 202 35.28 78.24 7.60
C GLN S 202 34.36 77.03 7.49
N TYR S 203 33.74 76.83 6.32
CA TYR S 203 32.86 75.68 6.14
C TYR S 203 33.65 74.42 5.81
N ILE S 204 34.74 74.55 5.05
CA ILE S 204 35.55 73.39 4.69
C ILE S 204 36.33 72.89 5.90
N ALA S 205 36.89 73.81 6.68
CA ALA S 205 37.66 73.41 7.86
C ALA S 205 36.78 72.81 8.94
N ARG S 206 35.51 73.22 9.00
CA ARG S 206 34.61 72.67 10.01
C ARG S 206 34.20 71.24 9.67
N VAL S 207 34.01 70.94 8.40
CA VAL S 207 33.62 69.59 7.99
C VAL S 207 34.81 68.65 8.08
N PHE S 208 35.97 69.09 7.61
CA PHE S 208 37.19 68.28 7.63
C PHE S 208 37.92 68.35 8.96
N ASN S 209 37.28 68.88 10.01
CA ASN S 209 37.87 68.99 11.34
C ASN S 209 39.18 69.77 11.30
N ALA S 210 39.08 71.09 11.17
CA ALA S 210 40.26 71.94 11.12
C ALA S 210 39.89 73.34 11.62
N ASP S 211 40.92 74.10 12.01
CA ASP S 211 40.69 75.45 12.49
C ASP S 211 40.61 76.45 11.33
N ARG S 212 41.49 76.29 10.33
CA ARG S 212 41.49 77.18 9.18
CA ARG S 212 41.49 77.18 9.18
C ARG S 212 42.01 76.41 7.98
N SER S 213 41.42 76.67 6.81
CA SER S 213 41.81 76.00 5.59
C SER S 213 41.55 76.92 4.40
N TYR S 214 42.45 76.87 3.42
CA TYR S 214 42.37 77.66 2.21
C TYR S 214 41.97 76.75 1.04
N MET S 215 41.95 77.33 -0.16
CA MET S 215 41.58 76.61 -1.38
C MET S 215 42.66 76.85 -2.43
N VAL S 216 43.57 75.89 -2.58
CA VAL S 216 44.63 75.99 -3.56
C VAL S 216 44.07 75.72 -4.95
N THR S 217 44.38 76.60 -5.90
CA THR S 217 43.87 76.50 -7.27
C THR S 217 44.96 76.09 -8.26
N ASN S 218 45.93 75.27 -7.81
CA ASN S 218 46.99 74.81 -8.70
C ASN S 218 47.54 73.45 -8.27
N GLY S 219 46.66 72.56 -7.80
CA GLY S 219 47.07 71.21 -7.45
C GLY S 219 47.86 71.15 -6.15
N THR S 220 48.22 69.91 -5.78
CA THR S 220 48.98 69.70 -4.56
C THR S 220 50.43 70.13 -4.73
N SER S 221 50.95 70.10 -5.96
CA SER S 221 52.34 70.46 -6.20
C SER S 221 52.62 71.91 -5.82
N THR S 222 51.60 72.77 -5.84
CA THR S 222 51.78 74.17 -5.47
C THR S 222 51.58 74.39 -3.97
N ALA S 223 50.67 73.65 -3.33
CA ALA S 223 50.42 73.83 -1.92
C ALA S 223 51.64 73.47 -1.07
N ASN S 224 52.45 72.51 -1.53
CA ASN S 224 53.66 72.15 -0.80
C ASN S 224 54.73 73.21 -0.87
N LYS S 225 54.67 74.10 -1.86
CA LYS S 225 55.66 75.17 -1.97
C LYS S 225 55.29 76.39 -1.15
N ILE S 226 54.00 76.57 -0.83
CA ILE S 226 53.58 77.69 -0.02
C ILE S 226 53.87 77.43 1.45
N VAL S 227 53.65 76.19 1.90
CA VAL S 227 53.89 75.85 3.30
C VAL S 227 55.39 75.86 3.59
N GLY S 228 56.20 75.42 2.63
CA GLY S 228 57.65 75.38 2.83
C GLY S 228 58.31 76.74 2.91
N MET S 229 57.57 77.82 2.60
CA MET S 229 58.10 79.18 2.65
C MET S 229 57.60 79.94 3.87
N TYR S 230 57.06 79.25 4.86
CA TYR S 230 56.54 79.88 6.08
C TYR S 230 57.32 79.52 7.32
N SER S 231 57.79 78.28 7.44
CA SER S 231 58.55 77.82 8.60
C SER S 231 59.91 77.27 8.17
N ALA S 232 60.53 77.92 7.19
CA ALA S 232 61.84 77.51 6.70
C ALA S 232 62.55 78.72 6.10
N PRO S 233 63.21 79.52 6.93
CA PRO S 233 63.94 80.68 6.42
C PRO S 233 65.14 80.26 5.57
N ALA S 234 65.73 81.25 4.91
CA ALA S 234 66.89 81.01 4.07
C ALA S 234 68.11 80.75 4.94
N GLY S 235 68.42 79.48 5.15
CA GLY S 235 69.54 79.09 5.97
C GLY S 235 69.19 78.30 7.21
N SER S 236 68.03 77.65 7.25
CA SER S 236 67.58 76.86 8.38
C SER S 236 67.82 75.38 8.11
N THR S 237 66.93 74.52 8.63
CA THR S 237 67.07 73.08 8.44
C THR S 237 65.68 72.46 8.40
N ILE S 238 65.40 71.66 7.38
CA ILE S 238 64.13 70.98 7.23
C ILE S 238 64.35 69.48 7.28
N LEU S 239 63.28 68.75 7.59
CA LEU S 239 63.30 67.30 7.70
C LEU S 239 62.32 66.74 6.66
N ILE S 240 62.80 66.59 5.43
CA ILE S 240 62.00 66.07 4.33
C ILE S 240 62.19 64.57 4.24
N ASP S 241 61.13 63.87 3.83
CA ASP S 241 61.19 62.42 3.68
C ASP S 241 61.92 62.04 2.41
N ARG S 242 62.50 60.84 2.42
CA ARG S 242 63.23 60.35 1.24
C ARG S 242 62.29 60.09 0.08
N ASN S 243 61.13 59.47 0.36
CA ASN S 243 60.12 59.20 -0.66
C ASN S 243 59.30 60.46 -0.90
N CYS S 244 59.93 61.43 -1.55
CA CYS S 244 59.32 62.72 -1.84
C CYS S 244 58.77 62.75 -3.26
N HIS S 245 58.08 63.85 -3.57
CA HIS S 245 57.49 64.05 -4.88
C HIS S 245 58.37 64.98 -5.71
N LYS S 246 58.10 65.01 -7.02
CA LYS S 246 58.87 65.86 -7.92
C LYS S 246 58.76 67.33 -7.52
N SER S 247 57.61 67.75 -7.00
CA SER S 247 57.45 69.13 -6.57
C SER S 247 58.24 69.41 -5.29
N LEU S 248 58.40 68.40 -4.43
CA LEU S 248 59.17 68.59 -3.21
C LEU S 248 60.65 68.76 -3.49
N THR S 249 61.14 68.20 -4.60
CA THR S 249 62.55 68.38 -4.96
C THR S 249 62.82 69.80 -5.42
N HIS S 250 61.88 70.39 -6.17
CA HIS S 250 62.06 71.76 -6.64
C HIS S 250 62.04 72.76 -5.49
N LEU S 251 61.29 72.47 -4.42
CA LEU S 251 61.25 73.36 -3.28
C LEU S 251 62.61 73.45 -2.58
N MET S 252 63.34 72.34 -2.53
CA MET S 252 64.67 72.36 -1.94
C MET S 252 65.70 73.06 -2.82
N MET S 253 65.39 73.23 -4.11
CA MET S 253 66.30 73.89 -5.02
C MET S 253 66.05 75.39 -5.14
N MET S 254 64.87 75.86 -4.73
CA MET S 254 64.54 77.28 -4.78
C MET S 254 64.68 77.97 -3.43
N SER S 255 64.84 77.21 -2.35
CA SER S 255 64.99 77.76 -1.01
C SER S 255 66.34 77.35 -0.45
N ASP S 256 67.06 78.31 0.14
CA ASP S 256 68.38 78.05 0.72
C ASP S 256 68.20 77.39 2.09
N VAL S 257 67.96 76.09 2.05
CA VAL S 257 67.77 75.29 3.26
C VAL S 257 68.69 74.07 3.20
N THR S 258 68.88 73.45 4.36
CA THR S 258 69.72 72.26 4.49
C THR S 258 68.83 71.08 4.88
N PRO S 259 68.34 70.30 3.92
CA PRO S 259 67.46 69.17 4.25
C PRO S 259 68.23 67.98 4.80
N ILE S 260 67.52 67.16 5.57
CA ILE S 260 68.06 65.94 6.14
C ILE S 260 67.14 64.80 5.70
N TYR S 261 67.65 63.92 4.84
CA TYR S 261 66.86 62.83 4.31
C TYR S 261 66.82 61.67 5.29
N PHE S 262 65.64 61.05 5.39
CA PHE S 262 65.44 59.92 6.30
C PHE S 262 65.79 58.62 5.59
N ARG S 263 65.57 57.50 6.29
CA ARG S 263 65.85 56.16 5.76
C ARG S 263 64.64 55.28 6.04
N PRO S 264 63.61 55.33 5.19
CA PRO S 264 62.42 54.51 5.41
C PRO S 264 62.70 53.04 5.10
N THR S 265 61.85 52.18 5.64
CA THR S 265 61.97 50.75 5.44
C THR S 265 61.44 50.36 4.06
N ARG S 266 61.89 49.20 3.58
CA ARG S 266 61.48 48.69 2.28
C ARG S 266 61.77 47.20 2.23
N ASN S 267 61.14 46.54 1.25
CA ASN S 267 61.28 45.11 1.03
C ASN S 267 61.94 44.86 -0.33
N ALA S 268 61.61 43.73 -0.95
CA ALA S 268 62.18 43.36 -2.24
C ALA S 268 61.21 43.53 -3.40
N TYR S 269 59.90 43.53 -3.15
CA TYR S 269 58.92 43.68 -4.21
C TYR S 269 58.84 45.10 -4.74
N GLY S 270 59.39 46.08 -4.02
CA GLY S 270 59.35 47.47 -4.41
C GLY S 270 58.42 48.33 -3.61
N ILE S 271 57.61 47.75 -2.73
CA ILE S 271 56.68 48.51 -1.90
C ILE S 271 57.46 49.09 -0.72
N LEU S 272 57.58 50.41 -0.69
CA LEU S 272 58.30 51.07 0.39
C LEU S 272 57.49 51.02 1.67
N GLY S 273 58.14 50.67 2.77
CA GLY S 273 57.48 50.61 4.06
C GLY S 273 57.24 51.97 4.66
N GLY S 274 58.00 52.32 5.68
CA GLY S 274 57.85 53.60 6.33
C GLY S 274 59.07 53.95 7.16
N ILE S 275 59.06 55.16 7.69
CA ILE S 275 60.17 55.63 8.52
C ILE S 275 60.08 54.97 9.89
N PRO S 276 61.15 54.34 10.38
CA PRO S 276 61.10 53.71 11.70
C PRO S 276 60.91 54.74 12.80
N GLN S 277 60.56 54.23 13.99
CA GLN S 277 60.36 55.11 15.14
C GLN S 277 61.67 55.64 15.71
N SER S 278 62.80 55.05 15.33
CA SER S 278 64.09 55.51 15.85
C SER S 278 64.53 56.82 15.23
N GLU S 279 64.08 57.13 14.01
CA GLU S 279 64.47 58.37 13.35
C GLU S 279 63.80 59.60 13.97
N PHE S 280 62.67 59.42 14.65
CA PHE S 280 61.96 60.54 15.28
C PHE S 280 62.48 60.86 16.66
N GLN S 281 63.53 60.18 17.13
CA GLN S 281 64.07 60.43 18.46
C GLN S 281 64.85 61.75 18.48
N HIS S 282 65.22 62.17 19.69
CA HIS S 282 65.97 63.41 19.85
C HIS S 282 67.46 63.19 19.66
N ALA S 283 67.96 61.98 19.98
CA ALA S 283 69.38 61.71 19.81
C ALA S 283 69.72 61.34 18.37
N THR S 284 68.72 60.93 17.58
CA THR S 284 68.98 60.58 16.19
C THR S 284 69.04 61.82 15.31
N ILE S 285 68.13 62.77 15.53
CA ILE S 285 68.11 63.98 14.72
C ILE S 285 69.31 64.87 15.06
N ALA S 286 69.62 65.01 16.35
CA ALA S 286 70.73 65.86 16.76
C ALA S 286 72.09 65.30 16.33
N LYS S 287 72.16 64.00 16.04
CA LYS S 287 73.43 63.41 15.61
C LYS S 287 73.76 63.81 14.18
N ARG S 288 72.74 63.91 13.31
CA ARG S 288 72.95 64.28 11.92
C ARG S 288 73.17 65.77 11.73
N VAL S 289 72.91 66.59 12.75
CA VAL S 289 73.13 68.03 12.62
C VAL S 289 74.62 68.35 12.63
N LYS S 290 75.38 67.73 13.54
CA LYS S 290 76.81 68.00 13.61
C LYS S 290 77.53 67.39 12.42
N GLU S 291 77.07 66.24 11.93
CA GLU S 291 77.72 65.59 10.80
C GLU S 291 77.48 66.33 9.50
N THR S 292 76.40 67.09 9.38
CA THR S 292 76.09 67.83 8.17
C THR S 292 76.59 69.26 8.31
N PRO S 293 77.53 69.71 7.47
CA PRO S 293 78.00 71.09 7.58
C PRO S 293 76.90 72.08 7.24
N ASN S 294 76.93 73.22 7.93
CA ASN S 294 75.96 74.31 7.75
C ASN S 294 74.54 73.81 7.97
N ALA S 295 74.27 73.47 9.23
CA ALA S 295 72.97 72.96 9.64
C ALA S 295 72.72 73.31 11.10
N THR S 296 71.58 73.90 11.38
CA THR S 296 71.18 74.30 12.72
C THR S 296 70.09 73.34 13.22
N TRP S 297 69.24 73.81 14.12
CA TRP S 297 68.17 72.97 14.66
C TRP S 297 67.02 72.90 13.65
N PRO S 298 66.53 71.71 13.32
CA PRO S 298 65.41 71.60 12.37
C PRO S 298 64.16 72.25 12.93
N VAL S 299 63.55 73.12 12.12
CA VAL S 299 62.33 73.82 12.50
C VAL S 299 61.13 73.39 11.68
N HIS S 300 61.30 72.44 10.76
CA HIS S 300 60.21 71.97 9.93
C HIS S 300 60.47 70.52 9.55
N ALA S 301 59.41 69.71 9.56
CA ALA S 301 59.51 68.29 9.22
C ALA S 301 58.44 67.95 8.18
N VAL S 302 58.82 67.17 7.18
CA VAL S 302 57.92 66.75 6.11
C VAL S 302 57.84 65.24 6.14
N ILE S 303 56.62 64.72 6.36
CA ILE S 303 56.37 63.28 6.40
C ILE S 303 55.29 62.96 5.38
N THR S 304 55.64 62.12 4.41
CA THR S 304 54.70 61.73 3.35
C THR S 304 53.75 60.67 3.91
N ASN S 305 52.61 61.12 4.40
CA ASN S 305 51.59 60.25 4.98
C ASN S 305 50.28 60.47 4.23
N SER S 306 49.86 59.49 3.45
CA SER S 306 50.61 58.24 3.29
C SER S 306 51.52 58.28 2.08
N THR S 307 52.17 57.16 1.79
CA THR S 307 53.10 57.07 0.67
C THR S 307 52.32 56.93 -0.64
N TYR S 308 53.05 56.63 -1.73
CA TYR S 308 52.40 56.49 -3.03
C TYR S 308 51.57 55.21 -3.11
N ASP S 309 52.00 54.15 -2.43
CA ASP S 309 51.26 52.89 -2.46
C ASP S 309 50.01 52.96 -1.60
N GLY S 310 50.17 53.28 -0.32
CA GLY S 310 49.04 53.38 0.59
C GLY S 310 49.30 52.72 1.93
N LEU S 311 50.21 53.30 2.71
CA LEU S 311 50.55 52.79 4.03
C LEU S 311 50.51 53.95 5.02
N LEU S 312 49.53 53.94 5.91
CA LEU S 312 49.40 55.02 6.89
C LEU S 312 50.41 54.85 8.02
N TYR S 313 50.64 55.94 8.75
CA TYR S 313 51.56 55.97 9.87
C TYR S 313 50.76 56.08 11.17
N ASN S 314 51.48 56.39 12.26
CA ASN S 314 50.89 56.53 13.58
C ASN S 314 51.16 57.96 14.06
N THR S 315 50.18 58.84 13.89
CA THR S 315 50.34 60.23 14.30
C THR S 315 50.26 60.39 15.82
N ASP S 316 49.76 59.38 16.54
CA ASP S 316 49.70 59.47 18.00
C ASP S 316 51.08 59.38 18.61
N PHE S 317 52.05 58.81 17.89
CA PHE S 317 53.43 58.70 18.37
C PHE S 317 54.35 59.75 17.77
N ILE S 318 54.02 60.26 16.59
CA ILE S 318 54.87 61.28 15.96
C ILE S 318 54.68 62.63 16.63
N LYS S 319 53.43 62.98 16.95
CA LYS S 319 53.15 64.27 17.57
C LYS S 319 53.68 64.39 18.99
N LYS S 320 54.17 63.30 19.57
CA LYS S 320 54.71 63.31 20.93
C LYS S 320 56.22 63.14 20.98
N THR S 321 56.78 62.30 20.12
CA THR S 321 58.22 62.05 20.11
C THR S 321 58.97 63.05 19.24
N LEU S 322 58.50 63.30 18.03
CA LEU S 322 59.15 64.23 17.11
C LEU S 322 59.02 65.64 17.65
N ASP S 323 60.15 66.26 18.00
CA ASP S 323 60.16 67.60 18.58
C ASP S 323 60.38 68.64 17.48
N VAL S 324 59.36 68.79 16.64
CA VAL S 324 59.36 69.76 15.55
C VAL S 324 58.10 70.61 15.68
N LYS S 325 58.28 71.93 15.70
CA LYS S 325 57.15 72.84 15.86
C LYS S 325 56.28 72.91 14.61
N SER S 326 56.79 72.49 13.46
CA SER S 326 56.05 72.54 12.20
C SER S 326 56.18 71.18 11.52
N ILE S 327 55.27 70.26 11.85
CA ILE S 327 55.24 68.92 11.28
C ILE S 327 54.24 68.90 10.14
N HIS S 328 54.69 68.45 8.97
CA HIS S 328 53.87 68.40 7.77
C HIS S 328 53.50 66.97 7.44
N PHE S 329 52.27 66.78 6.96
CA PHE S 329 51.77 65.47 6.55
C PHE S 329 51.22 65.59 5.13
N ASP S 330 51.97 65.08 4.16
CA ASP S 330 51.55 65.13 2.77
C ASP S 330 50.42 64.14 2.52
N SER S 331 49.18 64.57 2.80
CA SER S 331 48.01 63.71 2.63
C SER S 331 47.43 63.81 1.22
N ALA S 332 48.28 63.60 0.22
CA ALA S 332 47.87 63.68 -1.18
C ALA S 332 47.18 62.42 -1.66
N TRP S 333 46.98 61.42 -0.80
CA TRP S 333 46.33 60.18 -1.22
C TRP S 333 45.32 59.68 -0.20
N VAL S 334 45.05 60.42 0.86
CA VAL S 334 44.06 60.00 1.87
C VAL S 334 43.12 61.16 2.20
N PRO S 335 42.26 61.58 1.27
CA PRO S 335 41.32 62.67 1.58
C PRO S 335 40.05 62.17 2.24
N TYR S 336 40.17 61.22 3.17
CA TYR S 336 38.99 60.65 3.79
C TYR S 336 39.24 60.12 5.20
N THR S 337 40.38 60.42 5.83
CA THR S 337 40.68 59.92 7.16
C THR S 337 40.00 60.80 8.22
N ASN S 338 38.67 60.77 8.19
CA ASN S 338 37.87 61.55 9.12
C ASN S 338 36.42 61.04 9.15
N PHE S 339 35.89 60.68 7.98
CA PHE S 339 34.51 60.25 7.85
C PHE S 339 34.33 58.75 8.09
N SER S 340 35.17 58.14 8.94
CA SER S 340 35.06 56.72 9.22
C SER S 340 35.68 56.44 10.58
N PRO S 341 35.07 55.58 11.40
CA PRO S 341 35.63 55.30 12.73
C PRO S 341 36.89 54.45 12.71
N ILE S 342 37.24 53.85 11.57
CA ILE S 342 38.44 53.01 11.48
C ILE S 342 39.61 53.84 10.98
N TYR S 343 39.49 55.18 11.07
CA TYR S 343 40.55 56.08 10.68
C TYR S 343 40.79 57.18 11.71
N GLU S 344 40.47 56.91 12.97
CA GLU S 344 40.68 57.89 14.03
C GLU S 344 42.10 57.83 14.56
N GLY S 345 42.72 59.01 14.71
CA GLY S 345 44.08 59.07 15.20
C GLY S 345 45.13 58.62 14.21
N LYS S 346 44.84 58.69 12.91
CA LYS S 346 45.78 58.26 11.88
C LYS S 346 46.33 59.42 11.06
N CYS S 347 45.74 60.60 11.15
CA CYS S 347 46.18 61.78 10.41
C CYS S 347 46.43 62.92 11.40
N GLY S 348 46.77 64.09 10.86
CA GLY S 348 47.02 65.24 11.70
C GLY S 348 45.76 65.94 12.17
N MET S 349 44.70 65.90 11.37
CA MET S 349 43.45 66.55 11.74
C MET S 349 42.70 65.79 12.82
N SER S 350 42.87 64.47 12.92
CA SER S 350 42.19 63.68 13.94
C SER S 350 42.86 63.91 15.28
N GLY S 351 42.07 64.36 16.26
CA GLY S 351 42.60 64.63 17.58
C GLY S 351 42.37 66.06 18.04
N GLY S 352 43.42 66.70 18.52
CA GLY S 352 43.33 68.08 18.97
C GLY S 352 44.56 68.91 18.65
N ARG S 353 44.57 70.15 19.12
CA ARG S 353 45.70 71.04 18.86
C ARG S 353 46.87 70.68 19.79
N VAL S 354 48.03 70.45 19.19
CA VAL S 354 49.23 70.12 19.96
C VAL S 354 49.82 71.40 20.53
N GLU S 355 50.14 71.38 21.82
CA GLU S 355 50.68 72.56 22.49
C GLU S 355 52.08 72.86 21.97
N GLY S 356 52.26 74.04 21.39
CA GLY S 356 53.55 74.45 20.88
C GLY S 356 53.90 73.93 19.50
N LYS S 357 52.98 73.26 18.82
CA LYS S 357 53.22 72.72 17.49
C LYS S 357 52.05 73.04 16.58
N VAL S 358 52.27 72.85 15.28
CA VAL S 358 51.26 73.08 14.27
C VAL S 358 51.40 72.01 13.19
N ILE S 359 50.27 71.60 12.62
CA ILE S 359 50.22 70.54 11.63
C ILE S 359 49.78 71.12 10.30
N TYR S 360 50.55 70.84 9.24
CA TYR S 360 50.22 71.26 7.89
C TYR S 360 49.94 70.04 7.03
N GLU S 361 48.84 70.09 6.29
CA GLU S 361 48.44 69.00 5.41
C GLU S 361 47.98 69.57 4.08
N THR S 362 48.40 68.92 2.99
CA THR S 362 48.02 69.31 1.63
C THR S 362 47.15 68.21 1.05
N GLN S 363 45.92 68.10 1.55
CA GLN S 363 44.99 67.09 1.07
C GLN S 363 44.57 67.40 -0.35
N SER S 364 44.75 66.44 -1.25
CA SER S 364 44.39 66.64 -2.65
C SER S 364 42.87 66.67 -2.79
N THR S 365 42.40 67.26 -3.89
CA THR S 365 40.99 67.43 -4.15
C THR S 365 40.51 66.68 -5.39
N HIS S 366 41.33 66.63 -6.44
CA HIS S 366 40.95 65.97 -7.68
C HIS S 366 41.58 64.60 -7.84
N LYS S 367 42.41 64.21 -6.87
CA LYS S 367 43.13 62.93 -6.96
C LYS S 367 42.21 61.77 -6.74
N LEU S 368 41.59 61.71 -5.57
CA LEU S 368 40.72 60.58 -5.24
C LEU S 368 39.33 61.04 -4.78
N LEU S 369 38.82 62.09 -5.41
CA LEU S 369 37.48 62.59 -5.10
C LEU S 369 36.71 62.89 -6.37
N ALA S 370 36.16 64.10 -6.48
CA ALA S 370 35.37 64.49 -7.65
C ALA S 370 35.42 66.01 -7.76
N ALA S 371 36.37 66.52 -8.55
CA ALA S 371 36.51 67.96 -8.77
C ALA S 371 37.39 68.16 -9.99
N PHE S 372 37.46 69.41 -10.44
CA PHE S 372 38.31 69.75 -11.57
C PHE S 372 39.78 69.67 -11.17
N SER S 373 40.65 69.62 -12.20
CA SER S 373 42.07 69.53 -11.95
C SER S 373 42.61 70.83 -11.35
N GLN S 374 43.84 70.75 -10.86
CA GLN S 374 44.52 71.88 -10.22
C GLN S 374 43.70 72.41 -9.04
N ALA S 375 43.59 71.57 -8.01
CA ALA S 375 42.84 71.90 -6.81
C ALA S 375 43.46 71.19 -5.61
N SER S 376 43.63 71.92 -4.51
CA SER S 376 44.20 71.36 -3.30
C SER S 376 43.76 72.21 -2.11
N MET S 377 44.16 71.78 -0.92
CA MET S 377 43.81 72.47 0.31
C MET S 377 45.03 72.55 1.21
N ILE S 378 44.97 73.47 2.18
CA ILE S 378 46.03 73.65 3.17
C ILE S 378 45.35 73.62 4.54
N HIS S 379 45.51 72.52 5.26
CA HIS S 379 44.92 72.36 6.58
C HIS S 379 45.91 72.79 7.65
N VAL S 380 45.56 73.81 8.42
CA VAL S 380 46.40 74.35 9.48
C VAL S 380 45.73 74.06 10.81
N LYS S 381 46.45 73.39 11.71
CA LYS S 381 45.95 73.03 13.04
C LYS S 381 46.92 73.61 14.07
N GLY S 382 46.62 74.82 14.53
CA GLY S 382 47.47 75.47 15.52
C GLY S 382 47.22 76.97 15.52
N ASP S 383 48.20 77.69 16.06
CA ASP S 383 48.15 79.14 16.17
C ASP S 383 49.28 79.72 15.32
N VAL S 384 48.95 80.20 14.13
CA VAL S 384 49.93 80.77 13.21
C VAL S 384 49.54 82.22 12.93
N ASN S 385 50.49 82.97 12.38
CA ASN S 385 50.27 84.38 12.06
C ASN S 385 49.43 84.48 10.79
N GLU S 386 48.38 85.31 10.85
CA GLU S 386 47.51 85.48 9.69
C GLU S 386 48.09 86.46 8.68
N GLU S 387 48.75 87.52 9.16
CA GLU S 387 49.32 88.51 8.25
C GLU S 387 50.61 88.02 7.59
N THR S 388 51.20 86.94 8.10
CA THR S 388 52.43 86.41 7.53
C THR S 388 52.16 85.25 6.57
N PHE S 389 51.26 84.34 6.95
CA PHE S 389 50.96 83.20 6.09
C PHE S 389 50.17 83.63 4.86
N ASN S 390 49.47 84.77 4.92
CA ASN S 390 48.71 85.25 3.77
C ASN S 390 49.63 85.74 2.66
N GLU S 391 50.76 86.35 3.03
CA GLU S 391 51.68 86.85 2.02
C GLU S 391 52.33 85.71 1.23
N ALA S 392 52.51 84.55 1.85
CA ALA S 392 53.09 83.41 1.16
C ALA S 392 52.12 82.76 0.19
N TYR S 393 50.81 82.93 0.40
CA TYR S 393 49.84 82.33 -0.51
C TYR S 393 49.73 83.13 -1.81
N MET S 394 49.91 84.44 -1.75
CA MET S 394 49.83 85.27 -2.95
C MET S 394 51.04 85.13 -3.85
N MET S 395 52.14 84.56 -3.34
CA MET S 395 53.34 84.37 -4.14
C MET S 395 53.20 83.24 -5.16
N HIS S 396 52.18 82.40 -5.04
CA HIS S 396 51.96 81.32 -5.98
C HIS S 396 50.54 81.28 -6.55
N THR S 397 49.64 82.14 -6.07
CA THR S 397 48.27 82.20 -6.54
C THR S 397 48.07 83.49 -7.32
N THR S 398 47.50 83.38 -8.52
CA THR S 398 47.27 84.56 -9.35
C THR S 398 46.19 85.45 -8.74
N THR S 399 46.12 86.69 -9.24
CA THR S 399 45.16 87.65 -8.74
C THR S 399 43.74 87.38 -9.24
N SER S 400 43.59 86.69 -10.37
CA SER S 400 42.29 86.37 -10.95
C SER S 400 42.15 84.85 -11.01
N PRO S 401 41.68 84.23 -9.93
CA PRO S 401 41.51 82.77 -9.92
C PRO S 401 40.32 82.35 -10.78
N HIS S 402 40.25 81.04 -11.01
CA HIS S 402 39.17 80.44 -11.79
C HIS S 402 38.13 79.87 -10.83
N TYR S 403 36.94 80.48 -10.84
CA TYR S 403 35.90 80.06 -9.91
C TYR S 403 35.30 78.71 -10.27
N GLY S 404 35.52 78.22 -11.49
CA GLY S 404 35.03 76.91 -11.85
C GLY S 404 35.71 75.79 -11.08
N ILE S 405 36.98 75.98 -10.73
CA ILE S 405 37.69 75.00 -9.91
C ILE S 405 37.43 75.24 -8.43
N VAL S 406 37.29 76.51 -8.02
CA VAL S 406 37.02 76.82 -6.62
C VAL S 406 35.67 76.25 -6.21
N ALA S 407 34.67 76.34 -7.09
CA ALA S 407 33.35 75.78 -6.78
C ALA S 407 33.40 74.26 -6.66
N SER S 408 34.30 73.60 -7.39
CA SER S 408 34.43 72.16 -7.30
C SER S 408 35.29 71.74 -6.10
N THR S 409 36.19 72.61 -5.65
CA THR S 409 37.00 72.29 -4.49
C THR S 409 36.15 72.23 -3.23
N GLU S 410 35.27 73.23 -3.04
CA GLU S 410 34.38 73.21 -1.89
C GLU S 410 33.29 72.16 -2.05
N THR S 411 32.98 71.77 -3.29
CA THR S 411 31.98 70.74 -3.51
C THR S 411 32.41 69.40 -2.93
N ALA S 412 33.71 69.09 -3.01
CA ALA S 412 34.21 67.85 -2.45
C ALA S 412 34.02 67.81 -0.93
N ALA S 413 34.06 68.97 -0.28
CA ALA S 413 33.80 69.02 1.16
C ALA S 413 32.32 68.92 1.49
N ALA S 414 31.44 69.32 0.56
CA ALA S 414 30.00 69.24 0.78
C ALA S 414 29.44 67.88 0.40
N MET S 415 30.08 67.17 -0.54
CA MET S 415 29.61 65.84 -0.93
C MET S 415 29.90 64.80 0.14
N MET S 416 30.79 65.10 1.09
CA MET S 416 31.15 64.15 2.13
C MET S 416 30.44 64.40 3.45
N LYS S 417 29.79 65.56 3.61
CA LYS S 417 29.12 65.87 4.87
C LYS S 417 27.78 65.15 4.96
N GLY S 418 27.48 64.65 6.15
CA GLY S 418 26.23 63.96 6.41
C GLY S 418 26.33 62.46 6.15
N ASN S 419 25.25 61.76 6.53
CA ASN S 419 25.20 60.32 6.32
C ASN S 419 25.13 59.95 4.84
N ALA S 420 24.60 60.84 4.00
CA ALA S 420 24.57 60.56 2.57
C ALA S 420 25.95 60.58 1.94
N GLY S 421 26.90 61.29 2.54
CA GLY S 421 28.26 61.33 2.02
C GLY S 421 29.15 60.28 2.65
N LYS S 422 28.83 59.88 3.88
CA LYS S 422 29.62 58.85 4.56
C LYS S 422 29.43 57.47 3.92
N ARG S 423 28.35 57.26 3.16
CA ARG S 423 28.15 55.99 2.50
C ARG S 423 29.11 55.78 1.33
N LEU S 424 29.76 56.84 0.87
CA LEU S 424 30.74 56.70 -0.20
C LEU S 424 32.09 56.23 0.33
N ILE S 425 32.43 56.63 1.56
CA ILE S 425 33.68 56.15 2.17
C ILE S 425 33.54 54.69 2.59
N ASN S 426 32.48 54.38 3.33
CA ASN S 426 32.25 52.99 3.74
C ASN S 426 31.88 52.11 2.57
N GLY S 427 31.24 52.68 1.54
CA GLY S 427 30.89 51.89 0.37
C GLY S 427 32.10 51.47 -0.44
N SER S 428 33.11 52.35 -0.53
CA SER S 428 34.33 52.00 -1.25
C SER S 428 35.16 50.98 -0.48
N ILE S 429 35.06 50.98 0.85
CA ILE S 429 35.80 49.99 1.64
C ILE S 429 35.15 48.63 1.53
N GLU S 430 33.81 48.57 1.56
CA GLU S 430 33.12 47.29 1.43
C GLU S 430 33.33 46.69 0.05
N ARG S 431 33.40 47.52 -0.99
CA ARG S 431 33.68 47.02 -2.33
C ARG S 431 35.14 46.59 -2.47
N ALA S 432 36.03 47.20 -1.69
CA ALA S 432 37.44 46.81 -1.73
C ALA S 432 37.67 45.49 -0.99
N ILE S 433 37.06 45.33 0.17
CA ILE S 433 37.19 44.08 0.92
C ILE S 433 36.54 42.93 0.17
N LYS S 434 35.42 43.19 -0.50
CA LYS S 434 34.78 42.16 -1.31
C LYS S 434 35.67 41.73 -2.46
N PHE S 435 36.37 42.69 -3.07
CA PHE S 435 37.31 42.34 -4.14
C PHE S 435 38.50 41.58 -3.61
N ARG S 436 38.90 41.83 -2.36
CA ARG S 436 40.00 41.09 -1.76
C ARG S 436 39.62 39.64 -1.48
N LYS S 437 38.38 39.40 -1.07
CA LYS S 437 37.94 38.03 -0.79
C LYS S 437 37.72 37.23 -2.07
N GLU S 438 37.39 37.89 -3.18
CA GLU S 438 37.20 37.19 -4.44
C GLU S 438 38.51 36.69 -5.03
N ILE S 439 39.64 37.28 -4.64
CA ILE S 439 40.93 36.81 -5.14
C ILE S 439 41.34 35.53 -4.43
N LYS S 440 41.18 35.50 -3.10
CA LYS S 440 41.52 34.28 -2.36
C LYS S 440 40.56 33.15 -2.65
N ARG S 441 39.32 33.47 -3.04
CA ARG S 441 38.36 32.43 -3.37
C ARG S 441 38.66 31.80 -4.71
N LEU S 442 39.12 32.60 -5.68
CA LEU S 442 39.46 32.10 -7.00
C LEU S 442 40.91 31.65 -7.11
N ARG S 443 41.61 31.52 -5.98
CA ARG S 443 43.00 31.08 -5.97
C ARG S 443 43.13 29.61 -5.59
N THR S 444 42.48 29.18 -4.52
CA THR S 444 42.55 27.79 -4.10
C THR S 444 41.67 26.90 -4.99
N GLU S 445 40.47 27.36 -5.33
CA GLU S 445 39.57 26.58 -6.16
C GLU S 445 40.06 26.45 -7.60
N SER S 446 40.94 27.35 -8.04
CA SER S 446 41.46 27.28 -9.39
C SER S 446 42.49 26.16 -9.53
N ASP S 447 42.82 25.82 -10.76
CA ASP S 447 43.78 24.77 -11.08
C ASP S 447 44.97 25.43 -11.78
N GLY S 448 45.93 25.88 -10.98
CA GLY S 448 47.14 26.51 -11.47
C GLY S 448 47.45 27.76 -10.68
N TRP S 449 48.28 28.61 -11.27
CA TRP S 449 48.69 29.85 -10.62
C TRP S 449 47.57 30.88 -10.69
N PHE S 450 47.60 31.82 -9.75
CA PHE S 450 46.59 32.88 -9.69
C PHE S 450 47.17 34.06 -8.94
N PHE S 451 46.60 35.24 -9.18
CA PHE S 451 47.08 36.46 -8.56
C PHE S 451 46.87 36.42 -7.05
N ASP S 452 47.66 37.22 -6.34
CA ASP S 452 47.60 37.30 -4.89
C ASP S 452 47.56 38.76 -4.48
N VAL S 453 46.82 39.04 -3.40
CA VAL S 453 46.68 40.39 -2.86
C VAL S 453 47.60 40.54 -1.66
N TRP S 454 48.37 41.62 -1.64
CA TRP S 454 49.28 41.91 -0.54
C TRP S 454 48.46 42.27 0.70
N GLN S 455 47.98 41.25 1.39
CA GLN S 455 47.11 41.40 2.54
C GLN S 455 47.44 40.31 3.54
N PRO S 456 47.11 40.51 4.81
CA PRO S 456 47.31 39.45 5.81
C PRO S 456 46.44 38.24 5.53
N ASP S 457 46.73 37.16 6.24
CA ASP S 457 45.99 35.92 6.05
C ASP S 457 44.59 35.98 6.63
N HIS S 458 44.31 36.95 7.49
CA HIS S 458 42.99 37.11 8.11
C HIS S 458 42.46 38.49 7.74
N ILE S 459 41.45 38.53 6.88
CA ILE S 459 40.86 39.77 6.40
C ILE S 459 39.36 39.84 6.72
N ASP S 460 38.90 39.08 7.72
CA ASP S 460 37.50 39.09 8.07
C ASP S 460 37.06 40.39 8.72
N THR S 461 37.95 41.07 9.42
CA THR S 461 37.63 42.33 10.07
C THR S 461 37.53 43.46 9.04
N THR S 462 36.92 44.56 9.47
CA THR S 462 36.74 45.75 8.62
C THR S 462 37.44 46.92 9.32
N GLU S 463 38.75 47.01 9.13
CA GLU S 463 39.58 48.06 9.71
C GLU S 463 40.92 48.05 8.98
N CYS S 464 41.85 48.86 9.46
CA CYS S 464 43.20 48.91 8.88
C CYS S 464 44.05 47.80 9.47
N TRP S 465 44.57 46.94 8.62
CA TRP S 465 45.39 45.81 9.09
C TRP S 465 46.76 46.31 9.52
N PRO S 466 47.13 46.14 10.80
CA PRO S 466 48.45 46.59 11.24
C PRO S 466 49.56 45.68 10.75
N LEU S 467 50.74 46.26 10.58
CA LEU S 467 51.92 45.52 10.15
C LEU S 467 52.69 45.07 11.39
N ARG S 468 52.41 43.84 11.84
CA ARG S 468 53.05 43.29 13.01
C ARG S 468 54.46 42.79 12.67
N SER S 469 55.11 42.18 13.66
CA SER S 469 56.45 41.64 13.50
C SER S 469 56.46 40.12 13.35
N ASP S 470 55.34 39.45 13.57
CA ASP S 470 55.24 38.00 13.46
C ASP S 470 54.45 37.57 12.23
N SER S 471 54.58 38.32 11.13
CA SER S 471 53.88 38.02 9.90
C SER S 471 54.86 37.94 8.74
N THR S 472 54.45 37.24 7.67
CA THR S 472 55.28 37.05 6.50
C THR S 472 54.67 37.64 5.23
N TRP S 473 53.50 38.28 5.32
CA TRP S 473 52.88 38.85 4.13
C TRP S 473 53.53 40.18 3.76
N HIS S 474 53.95 40.98 4.75
CA HIS S 474 54.55 42.27 4.46
C HIS S 474 56.02 42.15 4.08
N GLY S 475 56.74 41.23 4.73
CA GLY S 475 58.13 40.99 4.38
C GLY S 475 59.06 42.14 4.71
N PHE S 476 58.86 42.80 5.85
CA PHE S 476 59.72 43.90 6.29
C PHE S 476 60.46 43.44 7.54
N LYS S 477 61.76 43.17 7.38
CA LYS S 477 62.57 42.73 8.50
C LYS S 477 62.78 43.86 9.49
N ASN S 478 62.53 43.58 10.77
CA ASN S 478 62.66 44.55 11.87
C ASN S 478 61.80 45.79 11.61
N ILE S 479 60.51 45.62 11.90
CA ILE S 479 59.53 46.67 11.72
C ILE S 479 58.93 47.02 13.08
N ASP S 480 58.58 48.29 13.25
CA ASP S 480 58.01 48.77 14.50
C ASP S 480 56.53 48.39 14.58
N ASN S 481 56.14 47.80 15.70
CA ASN S 481 54.76 47.40 15.90
C ASN S 481 53.88 48.61 16.23
N GLU S 482 52.62 48.53 15.81
CA GLU S 482 51.64 49.60 16.03
C GLU S 482 52.13 50.93 15.45
N HIS S 483 52.71 50.87 14.28
CA HIS S 483 53.23 52.06 13.59
C HIS S 483 52.87 52.11 12.12
N MET S 484 52.80 50.97 11.45
CA MET S 484 52.47 50.90 10.03
C MET S 484 51.14 50.17 9.86
N TYR S 485 50.22 50.82 9.16
CA TYR S 485 48.90 50.27 8.89
C TYR S 485 48.72 50.03 7.40
N LEU S 486 47.64 49.35 7.05
CA LEU S 486 47.33 48.99 5.67
C LEU S 486 46.06 49.71 5.22
N ASP S 487 46.08 50.24 4.00
CA ASP S 487 44.92 50.91 3.44
C ASP S 487 44.03 49.88 2.74
N PRO S 488 42.80 49.67 3.21
CA PRO S 488 41.95 48.64 2.58
C PRO S 488 41.62 48.91 1.12
N ILE S 489 41.45 50.19 0.74
CA ILE S 489 41.08 50.50 -0.64
C ILE S 489 42.26 50.38 -1.59
N LYS S 490 43.50 50.34 -1.08
CA LYS S 490 44.68 50.22 -1.92
C LYS S 490 45.02 48.74 -2.07
N VAL S 491 44.28 48.08 -2.95
CA VAL S 491 44.50 46.67 -3.23
C VAL S 491 45.70 46.53 -4.15
N THR S 492 46.81 46.03 -3.60
CA THR S 492 48.05 45.85 -4.35
C THR S 492 48.19 44.36 -4.70
N LEU S 493 48.08 44.05 -5.98
CA LEU S 493 48.21 42.67 -6.43
C LEU S 493 49.67 42.23 -6.41
N LEU S 494 49.87 40.92 -6.36
CA LEU S 494 51.21 40.32 -6.35
C LEU S 494 51.24 39.21 -7.40
N THR S 495 51.89 39.47 -8.53
CA THR S 495 52.00 38.46 -9.57
C THR S 495 53.00 37.39 -9.16
N PRO S 496 52.75 36.12 -9.51
CA PRO S 496 53.68 35.06 -9.15
C PRO S 496 55.03 35.24 -9.81
N GLY S 497 56.07 34.79 -9.12
CA GLY S 497 57.43 34.91 -9.62
C GLY S 497 58.47 34.95 -8.53
N MET S 498 58.04 35.30 -7.31
CA MET S 498 58.94 35.39 -6.17
C MET S 498 58.36 34.59 -5.01
N GLU S 499 59.20 34.37 -4.00
CA GLU S 499 58.80 33.61 -2.82
C GLU S 499 58.46 34.58 -1.69
N LYS S 500 58.26 34.05 -0.48
CA LYS S 500 57.94 34.87 0.68
C LYS S 500 59.17 35.31 1.47
N ASP S 501 60.35 34.80 1.12
CA ASP S 501 61.58 35.18 1.82
C ASP S 501 62.33 36.32 1.14
N GLY S 502 61.97 36.67 -0.08
CA GLY S 502 62.63 37.74 -0.81
C GLY S 502 63.55 37.28 -1.92
N THR S 503 63.57 35.99 -2.24
CA THR S 503 64.43 35.47 -3.30
C THR S 503 63.62 35.36 -4.59
N MET S 504 64.12 34.61 -5.57
CA MET S 504 63.47 34.41 -6.85
C MET S 504 62.95 32.99 -6.95
N SER S 505 62.26 32.70 -8.06
CA SER S 505 61.71 31.38 -8.29
C SER S 505 62.05 30.88 -9.69
N ASP S 506 61.25 29.94 -10.21
CA ASP S 506 61.46 29.37 -11.54
C ASP S 506 60.34 29.67 -12.51
N PHE S 507 59.10 29.75 -12.04
CA PHE S 507 57.95 30.02 -12.87
C PHE S 507 57.27 31.30 -12.39
N GLY S 508 57.07 32.24 -13.30
CA GLY S 508 56.43 33.49 -12.94
C GLY S 508 56.30 34.39 -14.16
N ILE S 509 55.40 35.36 -14.05
CA ILE S 509 55.14 36.33 -15.10
C ILE S 509 55.32 37.72 -14.52
N PRO S 510 56.16 38.57 -15.11
CA PRO S 510 56.33 39.93 -14.58
C PRO S 510 55.05 40.74 -14.70
N ALA S 511 54.98 41.80 -13.88
CA ALA S 511 53.82 42.68 -13.87
C ALA S 511 53.80 43.66 -15.03
N SER S 512 54.90 43.79 -15.78
CA SER S 512 54.91 44.70 -16.92
C SER S 512 54.09 44.17 -18.08
N ILE S 513 54.02 42.85 -18.24
CA ILE S 513 53.21 42.28 -19.32
C ILE S 513 51.73 42.38 -19.00
N VAL S 514 51.37 42.19 -17.73
CA VAL S 514 49.97 42.27 -17.32
C VAL S 514 49.47 43.72 -17.42
N ALA S 515 50.36 44.69 -17.22
CA ALA S 515 49.96 46.09 -17.27
C ALA S 515 49.48 46.48 -18.66
N LYS S 516 50.16 46.00 -19.70
CA LYS S 516 49.75 46.31 -21.06
C LYS S 516 48.55 45.48 -21.51
N TYR S 517 48.32 44.31 -20.89
CA TYR S 517 47.16 43.51 -21.25
C TYR S 517 45.86 44.13 -20.77
N LEU S 518 45.89 44.82 -19.63
CA LEU S 518 44.69 45.48 -19.12
C LEU S 518 44.34 46.73 -19.90
N ASP S 519 45.30 47.31 -20.63
CA ASP S 519 45.03 48.53 -21.39
C ASP S 519 44.14 48.27 -22.60
N GLU S 520 44.08 47.02 -23.08
CA GLU S 520 43.24 46.72 -24.24
C GLU S 520 41.76 46.86 -23.91
N HIS S 521 41.38 46.69 -22.64
CA HIS S 521 39.99 46.83 -22.23
C HIS S 521 39.66 48.21 -21.67
N GLY S 522 40.67 49.00 -21.31
CA GLY S 522 40.43 50.33 -20.78
C GLY S 522 40.82 50.47 -19.33
N ILE S 523 41.78 49.68 -18.88
CA ILE S 523 42.26 49.68 -17.50
C ILE S 523 43.76 49.95 -17.52
N VAL S 524 44.17 51.04 -16.88
CA VAL S 524 45.57 51.44 -16.81
C VAL S 524 46.06 51.22 -15.37
N VAL S 525 47.15 50.48 -15.23
CA VAL S 525 47.71 50.21 -13.92
C VAL S 525 48.36 51.47 -13.36
N GLU S 526 48.06 51.78 -12.10
CA GLU S 526 48.61 52.99 -11.49
C GLU S 526 50.12 52.85 -11.27
N LYS S 527 50.55 51.73 -10.70
CA LYS S 527 51.96 51.49 -10.45
C LYS S 527 52.30 50.04 -10.77
N THR S 528 53.30 49.85 -11.64
CA THR S 528 53.73 48.52 -12.03
C THR S 528 55.24 48.53 -12.24
N GLY S 529 55.80 47.34 -12.37
CA GLY S 529 57.23 47.18 -12.58
C GLY S 529 57.72 45.79 -12.25
N PRO S 530 58.16 45.58 -11.02
CA PRO S 530 58.66 44.26 -10.62
C PRO S 530 57.58 43.19 -10.62
N TYR S 531 56.89 43.04 -9.50
CA TYR S 531 55.84 42.03 -9.34
C TYR S 531 54.72 42.59 -8.48
N ASN S 532 54.20 43.76 -8.84
CA ASN S 532 53.13 44.39 -8.10
C ASN S 532 52.20 45.13 -9.06
N LEU S 533 50.95 45.29 -8.64
CA LEU S 533 49.93 45.98 -9.42
C LEU S 533 49.09 46.84 -8.48
N LEU S 534 49.24 48.15 -8.58
CA LEU S 534 48.52 49.08 -7.70
C LEU S 534 47.31 49.65 -8.44
N PHE S 535 46.19 49.72 -7.73
CA PHE S 535 44.95 50.27 -8.26
C PHE S 535 44.39 51.30 -7.30
N LEU S 536 43.35 52.01 -7.75
CA LEU S 536 42.70 53.06 -6.97
C LEU S 536 41.23 52.71 -6.84
N PHE S 537 40.79 52.40 -5.62
CA PHE S 537 39.40 52.08 -5.32
C PHE S 537 38.80 53.21 -4.48
N SER S 538 38.72 54.39 -5.07
CA SER S 538 38.18 55.56 -4.40
C SER S 538 36.67 55.62 -4.62
N ILE S 539 36.09 56.82 -4.51
CA ILE S 539 34.65 56.97 -4.70
C ILE S 539 34.23 56.95 -6.16
N GLY S 540 35.19 57.10 -7.09
CA GLY S 540 34.85 57.08 -8.50
C GLY S 540 34.59 55.69 -9.06
N ILE S 541 35.07 54.66 -8.39
CA ILE S 541 34.86 53.28 -8.82
C ILE S 541 33.55 52.78 -8.22
N ASP S 542 32.59 52.45 -9.07
CA ASP S 542 31.29 51.97 -8.62
C ASP S 542 31.35 50.45 -8.48
N LYS S 543 30.19 49.78 -8.51
CA LYS S 543 30.15 48.33 -8.38
C LYS S 543 30.39 47.61 -9.71
N THR S 544 30.45 48.33 -10.82
CA THR S 544 30.70 47.74 -12.13
C THR S 544 32.15 47.83 -12.56
N LYS S 545 32.84 48.91 -12.21
CA LYS S 545 34.25 49.05 -12.57
C LYS S 545 35.15 48.13 -11.76
N ALA S 546 34.68 47.67 -10.59
CA ALA S 546 35.48 46.74 -9.79
C ALA S 546 35.30 45.30 -10.26
N LEU S 547 34.10 44.94 -10.70
CA LEU S 547 33.87 43.59 -11.19
C LEU S 547 34.48 43.37 -12.57
N SER S 548 34.64 44.45 -13.35
CA SER S 548 35.25 44.32 -14.66
C SER S 548 36.75 44.05 -14.57
N LEU S 549 37.38 44.45 -13.46
CA LEU S 549 38.80 44.20 -13.28
C LEU S 549 39.06 42.72 -13.01
N LEU S 550 38.16 42.06 -12.30
CA LEU S 550 38.34 40.63 -12.01
C LEU S 550 38.18 39.78 -13.27
N ARG S 551 37.26 40.17 -14.16
CA ARG S 551 37.04 39.41 -15.38
C ARG S 551 38.26 39.48 -16.31
N ALA S 552 38.93 40.63 -16.34
CA ALA S 552 40.12 40.76 -17.19
C ALA S 552 41.29 39.96 -16.63
N LEU S 553 41.36 39.78 -15.31
CA LEU S 553 42.43 38.99 -14.72
C LEU S 553 42.24 37.51 -14.98
N THR S 554 40.99 37.05 -15.00
CA THR S 554 40.74 35.64 -15.30
C THR S 554 40.99 35.32 -16.77
N ASP S 555 40.82 36.31 -17.65
CA ASP S 555 41.11 36.10 -19.06
C ASP S 555 42.60 35.99 -19.34
N PHE S 556 43.44 36.57 -18.49
CA PHE S 556 44.89 36.45 -18.68
C PHE S 556 45.37 35.04 -18.37
N LYS S 557 44.74 34.38 -17.40
CA LYS S 557 45.11 33.00 -17.09
C LYS S 557 44.66 32.05 -18.19
N ARG S 558 43.50 32.31 -18.78
CA ARG S 558 43.01 31.46 -19.87
C ARG S 558 43.87 31.60 -21.12
N ALA S 559 44.27 32.83 -21.45
CA ALA S 559 45.09 33.05 -22.63
C ALA S 559 46.52 32.54 -22.44
N PHE S 560 47.00 32.47 -21.20
CA PHE S 560 48.35 31.98 -20.94
C PHE S 560 48.42 30.46 -20.82
N ASP S 561 47.39 29.83 -20.28
CA ASP S 561 47.40 28.37 -20.16
C ASP S 561 47.22 27.70 -21.50
N LEU S 562 46.45 28.30 -22.41
CA LEU S 562 46.25 27.73 -23.74
C LEU S 562 47.38 28.06 -24.69
N ASN S 563 48.36 28.87 -24.27
CA ASN S 563 49.51 29.23 -25.09
C ASN S 563 49.08 29.88 -26.40
N LEU S 564 48.66 31.14 -26.33
CA LEU S 564 48.24 31.88 -27.50
C LEU S 564 49.38 32.73 -28.05
N ARG S 565 49.14 33.36 -29.19
CA ARG S 565 50.14 34.19 -29.84
C ARG S 565 50.06 35.62 -29.35
N VAL S 566 51.12 36.38 -29.62
CA VAL S 566 51.16 37.78 -29.21
C VAL S 566 50.25 38.62 -30.09
N LYS S 567 50.20 38.31 -31.38
CA LYS S 567 49.35 39.08 -32.29
C LYS S 567 47.87 38.87 -31.98
N ASN S 568 47.50 37.66 -31.56
CA ASN S 568 46.13 37.35 -31.19
C ASN S 568 45.85 37.55 -29.71
N MET S 569 46.48 38.55 -29.08
CA MET S 569 46.29 38.79 -27.67
C MET S 569 46.65 40.24 -27.32
N LEU S 570 47.80 40.70 -27.82
CA LEU S 570 48.30 42.05 -27.58
C LEU S 570 48.48 42.75 -28.92
N PRO S 571 47.41 43.34 -29.46
CA PRO S 571 47.55 44.04 -30.75
C PRO S 571 48.32 45.33 -30.66
N SER S 572 48.41 45.95 -29.48
CA SER S 572 49.17 47.19 -29.35
C SER S 572 50.67 46.94 -29.37
N LEU S 573 51.11 45.85 -28.73
CA LEU S 573 52.54 45.52 -28.72
C LEU S 573 53.00 45.00 -30.08
N TYR S 574 52.11 44.37 -30.84
CA TYR S 574 52.48 43.84 -32.15
C TYR S 574 52.73 44.96 -33.15
N ARG S 575 52.05 46.09 -33.00
CA ARG S 575 52.23 47.20 -33.93
C ARG S 575 53.55 47.95 -33.71
N GLU S 576 54.20 47.73 -32.57
CA GLU S 576 55.47 48.40 -32.32
C GLU S 576 56.60 47.79 -33.14
N ASP S 577 56.60 46.46 -33.28
CA ASP S 577 57.62 45.75 -34.05
C ASP S 577 57.02 44.46 -34.59
N PRO S 578 56.32 44.53 -35.72
CA PRO S 578 55.71 43.30 -36.28
C PRO S 578 56.72 42.27 -36.74
N GLU S 579 57.95 42.69 -37.05
CA GLU S 579 58.95 41.72 -37.53
C GLU S 579 59.49 40.86 -36.39
N PHE S 580 59.84 41.47 -35.26
CA PHE S 580 60.39 40.72 -34.15
C PHE S 580 59.33 39.92 -33.43
N TYR S 581 58.15 40.51 -33.22
CA TYR S 581 57.04 39.83 -32.53
C TYR S 581 56.15 39.05 -33.50
N GLU S 582 56.74 38.35 -34.46
CA GLU S 582 55.96 37.58 -35.43
C GLU S 582 55.70 36.17 -34.89
N ASN S 583 56.73 35.33 -34.86
CA ASN S 583 56.61 33.96 -34.37
C ASN S 583 56.88 33.86 -32.87
N MET S 584 56.19 34.67 -32.07
CA MET S 584 56.35 34.67 -30.62
C MET S 584 55.00 34.45 -29.96
N ARG S 585 54.98 33.63 -28.91
CA ARG S 585 53.77 33.31 -28.17
C ARG S 585 53.81 34.00 -26.81
N ILE S 586 52.73 33.83 -26.05
CA ILE S 586 52.65 34.46 -24.73
C ILE S 586 53.51 33.72 -23.71
N GLN S 587 53.79 32.44 -23.94
CA GLN S 587 54.61 31.69 -23.00
C GLN S 587 56.10 31.89 -23.26
N GLU S 588 56.49 32.12 -24.52
CA GLU S 588 57.90 32.34 -24.81
C GLU S 588 58.38 33.70 -24.30
N LEU S 589 57.50 34.71 -24.35
CA LEU S 589 57.89 36.04 -23.89
C LEU S 589 57.88 36.11 -22.37
N ALA S 590 57.00 35.35 -21.71
CA ALA S 590 56.90 35.40 -20.26
C ALA S 590 58.05 34.67 -19.59
N GLN S 591 58.65 33.69 -20.30
CA GLN S 591 59.74 32.93 -19.71
C GLN S 591 61.10 33.56 -19.99
N ASN S 592 61.24 34.26 -21.12
CA ASN S 592 62.52 34.88 -21.44
C ASN S 592 62.79 36.09 -20.56
N ILE S 593 61.75 36.84 -20.22
CA ILE S 593 61.92 38.01 -19.36
C ILE S 593 62.21 37.59 -17.93
N HIS S 594 61.58 36.50 -17.47
CA HIS S 594 61.79 36.05 -16.09
C HIS S 594 63.23 35.59 -15.88
N LYS S 595 63.87 35.04 -16.90
CA LYS S 595 65.26 34.60 -16.76
C LYS S 595 66.21 35.79 -16.73
N LEU S 596 65.85 36.90 -17.35
CA LEU S 596 66.71 38.08 -17.34
C LEU S 596 66.71 38.75 -15.97
N ILE S 597 65.60 38.66 -15.24
CA ILE S 597 65.56 39.26 -13.90
C ILE S 597 66.43 38.46 -12.94
N VAL S 598 66.42 37.13 -13.06
CA VAL S 598 67.24 36.30 -12.18
C VAL S 598 68.72 36.43 -12.56
N HIS S 599 69.02 36.53 -13.86
CA HIS S 599 70.40 36.65 -14.30
C HIS S 599 71.01 37.97 -13.86
N HIS S 600 70.33 39.09 -14.14
CA HIS S 600 70.82 40.40 -13.74
C HIS S 600 70.63 40.66 -12.25
N ASN S 601 69.84 39.85 -11.55
CA ASN S 601 69.60 39.99 -10.13
C ASN S 601 69.04 41.36 -9.79
N LEU S 602 67.73 41.54 -9.97
CA LEU S 602 67.06 42.82 -9.76
C LEU S 602 66.79 43.11 -8.29
N PRO S 603 66.21 42.17 -7.52
CA PRO S 603 65.89 42.50 -6.12
C PRO S 603 67.11 42.84 -5.28
N ASP S 604 68.28 42.29 -5.60
CA ASP S 604 69.47 42.58 -4.80
C ASP S 604 70.08 43.93 -5.18
N LEU S 605 70.09 44.26 -6.47
CA LEU S 605 70.65 45.53 -6.92
C LEU S 605 69.71 46.70 -6.66
N MET S 606 68.47 46.43 -6.23
CA MET S 606 67.53 47.50 -5.93
C MET S 606 67.39 47.76 -4.43
N TYR S 607 67.43 46.71 -3.61
CA TYR S 607 67.31 46.90 -2.17
C TYR S 607 68.55 47.56 -1.58
N ARG S 608 69.72 47.30 -2.18
CA ARG S 608 70.95 47.88 -1.67
C ARG S 608 71.21 49.27 -2.25
N ALA S 609 70.64 49.58 -3.42
CA ALA S 609 70.83 50.89 -4.03
C ALA S 609 70.00 51.97 -3.35
N PHE S 610 68.99 51.58 -2.56
CA PHE S 610 68.14 52.55 -1.87
C PHE S 610 68.51 52.71 -0.40
N GLU S 611 69.21 51.73 0.18
CA GLU S 611 69.58 51.83 1.60
CA GLU S 611 69.58 51.83 1.60
C GLU S 611 70.74 52.80 1.79
N VAL S 612 71.83 52.59 1.05
CA VAL S 612 73.00 53.45 1.15
C VAL S 612 72.71 54.76 0.42
N LEU S 613 72.64 55.85 1.18
CA LEU S 613 72.37 57.15 0.58
C LEU S 613 73.66 57.79 0.08
N PRO S 614 73.62 58.40 -1.11
CA PRO S 614 74.83 59.06 -1.62
C PRO S 614 75.25 60.23 -0.74
N THR S 615 76.53 60.56 -0.81
CA THR S 615 77.09 61.65 -0.02
C THR S 615 76.65 62.98 -0.60
N MET S 616 75.91 63.76 0.19
CA MET S 616 75.44 65.07 -0.24
C MET S 616 76.53 66.10 0.03
N VAL S 617 77.10 66.65 -1.03
CA VAL S 617 78.17 67.64 -0.88
C VAL S 617 77.61 69.00 -0.49
N MET S 618 76.81 69.58 -1.36
CA MET S 618 76.22 70.90 -1.12
C MET S 618 74.71 70.80 -1.08
N THR S 619 74.07 71.91 -0.72
CA THR S 619 72.61 71.95 -0.64
C THR S 619 72.02 71.99 -2.05
N PRO S 620 70.79 71.49 -2.21
CA PRO S 620 70.15 71.56 -3.55
C PRO S 620 69.94 72.97 -4.05
N TYR S 621 69.93 73.97 -3.17
CA TYR S 621 69.77 75.35 -3.62
C TYR S 621 71.01 75.82 -4.37
N ALA S 622 72.19 75.38 -3.94
CA ALA S 622 73.42 75.78 -4.62
C ALA S 622 73.63 75.05 -5.94
N ALA S 623 72.98 73.88 -6.12
CA ALA S 623 73.14 73.15 -7.36
C ALA S 623 72.41 73.84 -8.51
N PHE S 624 71.29 74.50 -8.23
CA PHE S 624 70.56 75.21 -9.28
C PHE S 624 71.22 76.53 -9.65
N GLN S 625 72.01 77.10 -8.75
CA GLN S 625 72.69 78.36 -9.05
C GLN S 625 73.77 78.18 -10.12
N LYS S 626 74.44 77.03 -10.13
CA LYS S 626 75.47 76.77 -11.13
C LYS S 626 74.88 76.48 -12.51
N GLU S 627 73.61 76.07 -12.58
CA GLU S 627 73.00 75.79 -13.87
C GLU S 627 72.61 77.05 -14.61
N LEU S 628 72.21 78.11 -13.88
CA LEU S 628 71.82 79.35 -14.53
C LEU S 628 73.02 80.06 -15.16
N HIS S 629 74.22 79.84 -14.63
CA HIS S 629 75.42 80.46 -15.17
C HIS S 629 76.00 79.72 -16.36
N GLY S 630 75.55 78.50 -16.63
CA GLY S 630 76.05 77.73 -17.75
C GLY S 630 77.23 76.83 -17.45
N MET S 631 77.26 76.22 -16.27
CA MET S 631 78.34 75.32 -15.87
C MET S 631 77.87 73.87 -15.79
N THR S 632 77.08 73.44 -16.77
CA THR S 632 76.55 72.08 -16.84
C THR S 632 77.09 71.38 -18.08
N GLU S 633 77.49 70.13 -17.92
CA GLU S 633 78.01 69.32 -19.01
C GLU S 633 77.36 67.95 -18.98
N GLU S 634 77.35 67.30 -20.15
CA GLU S 634 76.76 65.98 -20.30
C GLU S 634 77.87 64.94 -20.41
N VAL S 635 77.86 63.98 -19.49
CA VAL S 635 78.86 62.92 -19.45
C VAL S 635 78.15 61.57 -19.59
N TYR S 636 78.93 60.52 -19.73
CA TYR S 636 78.39 59.18 -19.87
C TYR S 636 77.95 58.64 -18.51
N LEU S 637 77.17 57.56 -18.56
CA LEU S 637 76.69 56.95 -17.32
C LEU S 637 77.77 56.12 -16.66
N ASP S 638 78.66 55.51 -17.45
CA ASP S 638 79.74 54.68 -16.91
C ASP S 638 80.91 55.51 -16.40
N GLU S 639 80.93 56.81 -16.67
CA GLU S 639 82.01 57.70 -16.25
C GLU S 639 81.39 58.87 -15.48
N MET S 640 81.08 58.61 -14.20
CA MET S 640 80.49 59.66 -13.37
C MET S 640 80.80 59.50 -11.90
N VAL S 641 81.74 58.64 -11.51
CA VAL S 641 82.06 58.45 -10.10
C VAL S 641 82.85 59.65 -9.61
N GLY S 642 82.30 60.36 -8.62
CA GLY S 642 82.95 61.53 -8.07
C GLY S 642 82.45 62.87 -8.60
N ARG S 643 81.33 62.88 -9.31
CA ARG S 643 80.78 64.11 -9.87
C ARG S 643 79.47 64.45 -9.17
N ILE S 644 79.01 65.68 -9.41
CA ILE S 644 77.77 66.19 -8.83
C ILE S 644 76.73 66.29 -9.94
N ASN S 645 75.61 65.58 -9.77
CA ASN S 645 74.55 65.60 -10.76
C ASN S 645 73.77 66.90 -10.67
N ALA S 646 73.07 67.21 -11.76
CA ALA S 646 72.27 68.43 -11.85
C ALA S 646 70.77 68.17 -11.72
N ASN S 647 70.29 67.02 -12.16
CA ASN S 647 68.88 66.68 -12.09
C ASN S 647 68.67 65.52 -11.11
N MET S 648 67.40 65.18 -10.88
CA MET S 648 67.03 64.11 -9.98
C MET S 648 66.73 62.84 -10.78
N ILE S 649 67.33 61.73 -10.37
CA ILE S 649 67.15 60.45 -11.05
C ILE S 649 65.87 59.81 -10.54
N LEU S 650 64.97 59.49 -11.45
CA LEU S 650 63.68 58.86 -11.12
C LEU S 650 63.50 57.64 -12.03
N PRO S 651 64.09 56.51 -11.66
CA PRO S 651 64.02 55.32 -12.52
C PRO S 651 62.68 54.60 -12.38
N TYR S 652 62.18 54.10 -13.51
CA TYR S 652 60.96 53.32 -13.56
C TYR S 652 61.30 51.92 -14.07
N PRO S 653 61.10 50.85 -13.28
CA PRO S 653 60.63 50.85 -11.90
C PRO S 653 61.74 51.18 -10.91
N PRO S 654 61.38 51.54 -9.66
CA PRO S 654 60.03 51.73 -9.14
C PRO S 654 59.43 53.10 -9.48
N GLY S 655 59.49 54.04 -8.55
CA GLY S 655 58.97 55.38 -8.77
C GLY S 655 59.43 56.36 -7.72
N VAL S 656 60.54 56.06 -7.06
CA VAL S 656 61.09 56.91 -6.01
C VAL S 656 62.41 57.51 -6.48
N PRO S 657 62.79 58.68 -6.00
CA PRO S 657 64.07 59.27 -6.42
C PRO S 657 65.26 58.43 -5.98
N LEU S 658 66.36 58.60 -6.70
CA LEU S 658 67.60 57.88 -6.42
C LEU S 658 68.71 58.81 -5.97
N VAL S 659 69.11 59.76 -6.81
CA VAL S 659 70.17 60.72 -6.49
C VAL S 659 69.57 62.10 -6.56
N MET S 660 69.69 62.85 -5.46
CA MET S 660 69.15 64.20 -5.41
C MET S 660 70.08 65.18 -6.11
N PRO S 661 69.53 66.24 -6.72
CA PRO S 661 70.38 67.23 -7.39
C PRO S 661 71.33 67.93 -6.44
N GLY S 662 72.58 67.48 -6.39
CA GLY S 662 73.57 68.08 -5.52
C GLY S 662 74.36 67.05 -4.74
N GLU S 663 74.15 65.77 -5.04
CA GLU S 663 74.84 64.69 -4.37
C GLU S 663 76.00 64.19 -5.24
N MET S 664 76.85 63.36 -4.62
CA MET S 664 78.02 62.80 -5.27
C MET S 664 78.08 61.30 -5.01
N ILE S 665 78.37 60.54 -6.06
CA ILE S 665 78.50 59.08 -5.96
C ILE S 665 79.97 58.74 -5.75
N THR S 666 80.32 58.30 -4.55
CA THR S 666 81.67 57.97 -4.18
C THR S 666 81.79 56.44 -4.05
N GLU S 667 82.78 55.97 -3.28
CA GLU S 667 82.98 54.54 -3.10
C GLU S 667 81.95 53.91 -2.17
N GLU S 668 81.27 54.71 -1.35
CA GLU S 668 80.29 54.15 -0.43
C GLU S 668 78.99 53.81 -1.15
N SER S 669 78.56 54.66 -2.08
CA SER S 669 77.32 54.44 -2.84
C SER S 669 77.61 53.71 -4.15
N ARG S 670 78.30 52.58 -4.03
CA ARG S 670 78.64 51.74 -5.17
C ARG S 670 77.42 51.00 -5.72
N PRO S 671 76.58 50.38 -4.90
CA PRO S 671 75.38 49.74 -5.46
C PRO S 671 74.40 50.71 -6.08
N VAL S 672 74.51 52.00 -5.79
CA VAL S 672 73.60 52.99 -6.38
C VAL S 672 73.83 53.10 -7.88
N LEU S 673 75.11 53.17 -8.30
CA LEU S 673 75.41 53.27 -9.72
C LEU S 673 75.14 51.94 -10.44
N GLU S 674 75.23 50.81 -9.73
CA GLU S 674 75.00 49.52 -10.36
C GLU S 674 73.52 49.34 -10.73
N PHE S 675 72.62 50.05 -10.05
CA PHE S 675 71.20 49.95 -10.37
C PHE S 675 70.88 50.63 -11.70
N LEU S 676 71.61 51.70 -12.04
CA LEU S 676 71.36 52.39 -13.30
C LEU S 676 71.92 51.61 -14.49
N GLN S 677 73.08 50.96 -14.31
CA GLN S 677 73.67 50.20 -15.40
C GLN S 677 72.94 48.90 -15.66
N MET S 678 72.22 48.37 -14.67
CA MET S 678 71.50 47.12 -14.85
C MET S 678 70.24 47.32 -15.69
N LEU S 679 69.56 48.46 -15.51
CA LEU S 679 68.34 48.73 -16.27
C LEU S 679 68.63 49.03 -17.73
N CYS S 680 69.84 49.50 -18.05
CA CYS S 680 70.18 49.80 -19.44
C CYS S 680 70.40 48.55 -20.27
N GLU S 681 70.64 47.40 -19.64
CA GLU S 681 70.86 46.15 -20.36
C GLU S 681 69.59 45.34 -20.46
N ILE S 682 68.80 45.27 -19.39
CA ILE S 682 67.56 44.49 -19.41
C ILE S 682 66.50 45.15 -20.28
N GLY S 683 66.58 46.47 -20.48
CA GLY S 683 65.61 47.16 -21.29
C GLY S 683 66.15 47.58 -22.65
N ALA S 684 66.63 46.61 -23.42
CA ALA S 684 67.18 46.90 -24.75
C ALA S 684 67.07 45.68 -25.65
N HIS S 685 66.89 44.50 -25.07
CA HIS S 685 66.77 43.27 -25.85
C HIS S 685 65.41 43.18 -26.53
N TYR S 686 64.33 43.31 -25.75
CA TYR S 686 62.98 43.20 -26.28
C TYR S 686 62.34 44.57 -26.37
N PRO S 687 61.76 44.92 -27.51
CA PRO S 687 61.10 46.23 -27.64
C PRO S 687 59.89 46.33 -26.72
N GLY S 688 59.47 47.58 -26.49
CA GLY S 688 58.33 47.88 -25.64
C GLY S 688 58.68 48.07 -24.17
N PHE S 689 59.62 47.28 -23.65
CA PHE S 689 60.01 47.40 -22.26
C PHE S 689 61.35 48.14 -22.13
N GLU S 690 61.43 49.32 -22.72
CA GLU S 690 62.66 50.10 -22.67
C GLU S 690 62.87 50.69 -21.28
N THR S 691 64.09 51.15 -21.03
CA THR S 691 64.45 51.75 -19.75
C THR S 691 63.86 53.15 -19.67
N ASP S 692 63.15 53.42 -18.57
CA ASP S 692 62.49 54.71 -18.35
C ASP S 692 63.10 55.34 -17.09
N ILE S 693 64.05 56.24 -17.29
CA ILE S 693 64.70 56.97 -16.19
C ILE S 693 64.60 58.46 -16.50
N HIS S 694 63.92 59.19 -15.62
CA HIS S 694 63.76 60.64 -15.80
C HIS S 694 65.07 61.33 -15.44
N GLY S 695 65.91 61.56 -16.44
CA GLY S 695 67.19 62.20 -16.23
C GLY S 695 68.27 61.69 -17.15
N ALA S 696 68.06 60.52 -17.73
CA ALA S 696 69.02 59.89 -18.64
C ALA S 696 68.53 60.08 -20.08
N TYR S 697 69.37 60.70 -20.91
CA TYR S 697 69.03 60.95 -22.30
C TYR S 697 69.55 59.81 -23.18
N ARG S 698 68.71 59.38 -24.12
CA ARG S 698 69.06 58.27 -25.01
C ARG S 698 69.81 58.81 -26.22
N GLN S 699 70.95 58.19 -26.53
CA GLN S 699 71.77 58.61 -27.66
C GLN S 699 71.48 57.74 -28.88
N ALA S 700 72.47 57.57 -29.74
CA ALA S 700 72.33 56.77 -30.95
C ALA S 700 73.09 55.44 -30.87
N ASP S 701 73.70 55.13 -29.73
CA ASP S 701 74.44 53.89 -29.57
C ASP S 701 73.88 52.99 -28.48
N GLY S 702 73.04 53.51 -27.57
CA GLY S 702 72.44 52.74 -26.51
C GLY S 702 72.83 53.21 -25.12
N ARG S 703 74.00 53.81 -24.98
CA ARG S 703 74.47 54.29 -23.69
C ARG S 703 73.79 55.60 -23.34
N TYR S 704 73.21 55.66 -22.14
CA TYR S 704 72.53 56.86 -21.66
C TYR S 704 73.54 57.86 -21.11
N THR S 705 73.22 59.14 -21.27
CA THR S 705 74.07 60.23 -20.79
C THR S 705 73.29 61.07 -19.79
N VAL S 706 74.00 61.50 -18.73
CA VAL S 706 73.41 62.33 -17.69
C VAL S 706 74.07 63.69 -17.70
N LYS S 707 73.40 64.67 -17.10
CA LYS S 707 73.89 66.04 -17.01
C LYS S 707 74.48 66.28 -15.63
N VAL S 708 75.76 66.64 -15.57
CA VAL S 708 76.43 66.90 -14.31
C VAL S 708 76.92 68.35 -14.30
N LEU S 709 77.67 68.71 -13.27
CA LEU S 709 78.21 70.06 -13.13
C LEU S 709 79.70 70.07 -13.48
N LYS S 710 80.16 71.20 -13.99
CA LYS S 710 81.55 71.35 -14.36
C LYS S 710 82.44 71.51 -13.12
N GLU S 711 83.63 70.93 -13.19
CA GLU S 711 84.58 71.00 -12.08
C GLU S 711 85.31 72.33 -12.08
N MET T 1 -17.63 73.21 -7.90
CA MET T 1 -18.79 72.35 -7.70
C MET T 1 -19.20 71.69 -9.02
N ASN T 2 -18.53 70.58 -9.33
CA ASN T 2 -18.81 69.85 -10.57
C ASN T 2 -18.32 68.41 -10.50
N VAL T 3 -18.52 67.77 -9.35
CA VAL T 3 -18.09 66.39 -9.13
C VAL T 3 -19.33 65.51 -9.08
N ILE T 4 -19.38 64.51 -9.96
CA ILE T 4 -20.49 63.57 -10.02
C ILE T 4 -19.96 62.18 -9.67
N ALA T 5 -20.59 61.54 -8.69
CA ALA T 5 -20.16 60.23 -8.22
C ALA T 5 -21.07 59.15 -8.79
N ILE T 6 -20.48 58.06 -9.27
CA ILE T 6 -21.20 56.92 -9.82
C ILE T 6 -20.75 55.69 -9.05
N LEU T 7 -21.56 55.26 -8.10
CA LEU T 7 -21.21 54.16 -7.20
C LEU T 7 -21.88 52.87 -7.63
N ASN T 8 -21.23 51.75 -7.32
CA ASN T 8 -21.75 50.40 -7.49
C ASN T 8 -21.88 50.01 -8.96
N HIS T 9 -21.10 49.01 -9.38
CA HIS T 9 -21.17 48.44 -10.72
C HIS T 9 -22.01 47.18 -10.65
N MET T 10 -23.17 47.20 -11.33
CA MET T 10 -24.07 46.06 -11.28
C MET T 10 -23.58 44.88 -12.09
N GLY T 11 -22.58 45.09 -12.96
CA GLY T 11 -22.01 44.04 -13.77
C GLY T 11 -22.76 43.75 -15.05
N VAL T 12 -24.03 44.16 -15.13
CA VAL T 12 -24.84 43.94 -16.32
C VAL T 12 -24.48 44.98 -17.38
N TYR T 13 -25.17 44.93 -18.52
CA TYR T 13 -24.90 45.86 -19.62
C TYR T 13 -26.00 46.89 -19.82
N PHE T 14 -27.24 46.55 -19.47
CA PHE T 14 -28.34 47.50 -19.64
C PHE T 14 -28.32 48.60 -18.58
N LYS T 15 -27.44 48.51 -17.59
CA LYS T 15 -27.28 49.56 -16.59
C LYS T 15 -25.97 50.33 -16.72
N GLU T 16 -24.92 49.69 -17.23
CA GLU T 16 -23.63 50.36 -17.39
C GLU T 16 -23.53 51.14 -18.70
N GLU T 17 -24.29 50.75 -19.72
CA GLU T 17 -24.28 51.46 -21.00
C GLU T 17 -24.86 52.86 -20.87
N PRO T 18 -25.98 53.07 -20.16
CA PRO T 18 -26.43 54.45 -19.91
C PRO T 18 -25.43 55.27 -19.11
N ILE T 19 -24.61 54.62 -18.27
CA ILE T 19 -23.57 55.33 -17.55
C ILE T 19 -22.48 55.79 -18.50
N ARG T 20 -22.12 54.96 -19.46
CA ARG T 20 -21.11 55.35 -20.44
C ARG T 20 -21.60 56.46 -21.35
N GLU T 21 -22.90 56.46 -21.67
CA GLU T 21 -23.46 57.53 -22.47
C GLU T 21 -23.56 58.83 -21.66
N LEU T 22 -23.85 58.72 -20.36
CA LEU T 22 -23.90 59.90 -19.51
C LEU T 22 -22.51 60.42 -19.18
N HIS T 23 -21.49 59.58 -19.26
CA HIS T 23 -20.12 60.03 -19.00
C HIS T 23 -19.65 61.03 -20.04
N ARG T 24 -20.04 60.83 -21.29
CA ARG T 24 -19.66 61.74 -22.37
C ARG T 24 -20.57 62.97 -22.47
N ALA T 25 -21.73 62.95 -21.82
CA ALA T 25 -22.65 64.09 -21.87
C ALA T 25 -22.41 65.08 -20.75
N LEU T 26 -22.02 64.62 -19.57
CA LEU T 26 -21.77 65.52 -18.45
C LEU T 26 -20.48 66.30 -18.62
N GLU T 27 -19.51 65.76 -19.35
CA GLU T 27 -18.25 66.46 -19.56
C GLU T 27 -18.40 67.65 -20.51
N ARG T 28 -19.48 67.70 -21.29
CA ARG T 28 -19.68 68.82 -22.20
C ARG T 28 -20.09 70.08 -21.46
N LEU T 29 -20.58 69.96 -20.23
CA LEU T 29 -20.98 71.11 -19.42
C LEU T 29 -20.05 71.31 -18.23
N ASN T 30 -18.80 70.89 -18.35
CA ASN T 30 -17.78 71.02 -17.31
C ASN T 30 -18.20 70.34 -16.02
N PHE T 31 -18.04 69.02 -15.96
CA PHE T 31 -18.34 68.24 -14.77
C PHE T 31 -17.33 67.10 -14.65
N GLN T 32 -16.74 66.95 -13.46
CA GLN T 32 -15.78 65.89 -13.20
C GLN T 32 -16.53 64.63 -12.78
N ILE T 33 -16.11 63.49 -13.33
CA ILE T 33 -16.72 62.20 -13.06
C ILE T 33 -15.76 61.37 -12.23
N VAL T 34 -16.25 60.84 -11.11
CA VAL T 34 -15.45 59.98 -10.24
C VAL T 34 -16.15 58.64 -10.09
N TYR T 35 -15.36 57.59 -9.92
CA TYR T 35 -15.86 56.21 -9.79
C TYR T 35 -15.44 55.66 -8.42
N PRO T 36 -16.27 55.84 -7.40
CA PRO T 36 -15.95 55.26 -6.09
C PRO T 36 -16.06 53.74 -6.11
N ASN T 37 -15.46 53.12 -5.09
CA ASN T 37 -15.41 51.67 -4.99
C ASN T 37 -16.58 51.11 -4.19
N ASP T 38 -16.39 50.93 -2.90
CA ASP T 38 -17.39 50.33 -2.02
C ASP T 38 -18.17 51.44 -1.30
N ARG T 39 -18.86 51.07 -0.22
CA ARG T 39 -19.67 52.05 0.51
C ARG T 39 -18.77 53.03 1.27
N ASP T 40 -17.65 52.55 1.82
CA ASP T 40 -16.74 53.43 2.53
C ASP T 40 -16.01 54.40 1.60
N ASP T 41 -16.01 54.12 0.30
CA ASP T 41 -15.35 55.02 -0.65
C ASP T 41 -16.18 56.29 -0.87
N LEU T 42 -17.51 56.13 -0.95
CA LEU T 42 -18.37 57.29 -1.15
C LEU T 42 -18.40 58.19 0.08
N LEU T 43 -18.26 57.61 1.27
CA LEU T 43 -18.29 58.42 2.49
C LEU T 43 -17.08 59.34 2.58
N LYS T 44 -15.95 58.94 2.00
CA LYS T 44 -14.75 59.77 2.01
C LYS T 44 -14.77 60.85 0.94
N LEU T 45 -15.73 60.81 0.02
CA LEU T 45 -15.84 61.82 -1.04
C LEU T 45 -16.75 62.98 -0.65
N ILE T 46 -17.30 62.99 0.55
CA ILE T 46 -18.19 64.04 1.01
C ILE T 46 -17.54 64.87 2.11
N GLU T 47 -16.93 64.22 3.10
CA GLU T 47 -16.29 64.94 4.18
C GLU T 47 -15.01 65.63 3.70
N ASN T 48 -14.22 64.95 2.87
CA ASN T 48 -12.98 65.54 2.37
C ASN T 48 -13.25 66.44 1.17
N ASN T 49 -13.93 65.93 0.16
CA ASN T 49 -14.22 66.70 -1.04
C ASN T 49 -15.52 67.49 -0.83
N ALA T 50 -15.45 68.81 -0.99
CA ALA T 50 -16.60 69.67 -0.80
C ALA T 50 -17.22 70.14 -2.11
N ARG T 51 -16.61 69.85 -3.25
CA ARG T 51 -17.11 70.24 -4.56
C ARG T 51 -17.99 69.18 -5.21
N LEU T 52 -18.61 68.31 -4.40
CA LEU T 52 -19.46 67.25 -4.93
C LEU T 52 -20.92 67.68 -4.87
N CYS T 53 -21.68 67.33 -5.91
CA CYS T 53 -23.09 67.67 -5.96
C CYS T 53 -23.94 66.59 -6.65
N GLY T 54 -23.37 65.43 -6.94
CA GLY T 54 -24.12 64.37 -7.60
C GLY T 54 -23.67 62.99 -7.18
N VAL T 55 -24.62 62.18 -6.71
CA VAL T 55 -24.34 60.81 -6.28
C VAL T 55 -25.27 59.88 -7.06
N ILE T 56 -24.68 59.02 -7.89
CA ILE T 56 -25.42 58.07 -8.70
C ILE T 56 -25.14 56.68 -8.16
N PHE T 57 -26.20 55.96 -7.78
CA PHE T 57 -26.06 54.61 -7.26
C PHE T 57 -27.36 53.85 -7.51
N ASP T 58 -27.27 52.53 -7.43
CA ASP T 58 -28.43 51.68 -7.63
C ASP T 58 -29.33 51.71 -6.40
N TRP T 59 -30.63 51.96 -6.63
CA TRP T 59 -31.57 52.02 -5.51
C TRP T 59 -31.84 50.65 -4.93
N ASP T 60 -31.78 49.59 -5.75
CA ASP T 60 -32.03 48.23 -5.29
C ASP T 60 -30.73 47.51 -4.94
N LYS T 61 -29.88 48.17 -4.17
CA LYS T 61 -28.60 47.58 -3.76
C LYS T 61 -28.18 48.12 -2.40
N TYR T 62 -28.30 49.44 -2.19
CA TYR T 62 -27.99 50.08 -0.92
C TYR T 62 -29.02 51.18 -0.67
N ASN T 63 -30.22 50.76 -0.27
CA ASN T 63 -31.31 51.68 0.00
C ASN T 63 -31.35 52.14 1.46
N LEU T 64 -30.58 51.51 2.34
CA LEU T 64 -30.54 51.87 3.75
C LEU T 64 -29.15 52.18 4.27
N GLU T 65 -28.10 51.83 3.54
CA GLU T 65 -26.73 52.10 3.98
C GLU T 65 -26.19 53.42 3.43
N LEU T 66 -26.88 54.04 2.48
CA LEU T 66 -26.44 55.31 1.92
C LEU T 66 -27.40 56.46 2.20
N CYS T 67 -28.70 56.18 2.37
CA CYS T 67 -29.67 57.23 2.65
C CYS T 67 -29.67 57.68 4.10
N GLU T 68 -28.82 57.10 4.94
CA GLU T 68 -28.74 57.46 6.35
C GLU T 68 -27.44 58.17 6.72
N GLU T 69 -26.30 57.70 6.20
CA GLU T 69 -25.03 58.34 6.53
C GLU T 69 -24.86 59.67 5.81
N ILE T 70 -25.38 59.79 4.58
CA ILE T 70 -25.27 61.03 3.84
C ILE T 70 -26.18 62.10 4.45
N SER T 71 -27.36 61.69 4.93
CA SER T 71 -28.29 62.65 5.52
C SER T 71 -27.74 63.23 6.82
N LYS T 72 -26.89 62.49 7.53
CA LYS T 72 -26.31 63.01 8.77
C LYS T 72 -25.29 64.10 8.49
N MET T 73 -24.67 64.08 7.31
CA MET T 73 -23.69 65.11 6.95
C MET T 73 -24.37 66.25 6.21
N ASN T 74 -24.60 66.07 4.91
CA ASN T 74 -25.26 67.07 4.08
C ASN T 74 -26.71 66.66 3.90
N GLU T 75 -27.62 67.41 4.51
CA GLU T 75 -29.05 67.12 4.44
C GLU T 75 -29.71 67.68 3.20
N ASN T 76 -28.95 68.28 2.28
CA ASN T 76 -29.50 68.86 1.07
C ASN T 76 -28.76 68.42 -0.18
N LEU T 77 -27.91 67.40 -0.10
CA LEU T 77 -27.16 66.94 -1.25
C LEU T 77 -28.08 66.25 -2.24
N PRO T 78 -28.16 66.71 -3.49
CA PRO T 78 -29.03 66.05 -4.47
C PRO T 78 -28.54 64.64 -4.77
N LEU T 79 -29.43 63.67 -4.60
CA LEU T 79 -29.12 62.26 -4.86
C LEU T 79 -29.72 61.85 -6.20
N TYR T 80 -28.89 61.26 -7.06
CA TYR T 80 -29.35 60.82 -8.37
C TYR T 80 -29.46 59.29 -8.42
N ALA T 81 -30.19 58.71 -7.47
CA ALA T 81 -30.36 57.27 -7.42
C ALA T 81 -31.24 56.79 -8.56
N PHE T 82 -30.90 55.62 -9.12
CA PHE T 82 -31.64 55.04 -10.22
C PHE T 82 -32.49 53.89 -9.69
N ALA T 83 -33.80 54.02 -9.83
CA ALA T 83 -34.73 52.99 -9.36
C ALA T 83 -34.99 51.97 -10.45
N ASN T 84 -35.65 50.88 -10.07
CA ASN T 84 -36.00 49.79 -10.96
C ASN T 84 -37.51 49.58 -10.95
N THR T 85 -37.93 48.43 -11.47
CA THR T 85 -39.36 48.12 -11.52
C THR T 85 -39.91 47.83 -10.13
N TYR T 86 -39.29 46.90 -9.41
CA TYR T 86 -39.73 46.53 -8.06
C TYR T 86 -38.90 47.31 -7.03
N SER T 87 -39.16 48.61 -6.97
CA SER T 87 -38.48 49.52 -6.06
C SER T 87 -39.51 50.23 -5.19
N THR T 88 -39.16 50.42 -3.92
CA THR T 88 -40.04 51.09 -2.97
C THR T 88 -39.19 51.73 -1.88
N LEU T 89 -39.85 52.53 -1.04
CA LEU T 89 -39.18 53.22 0.05
C LEU T 89 -39.13 52.32 1.29
N ASP T 90 -38.73 52.90 2.41
CA ASP T 90 -38.62 52.18 3.67
C ASP T 90 -39.26 53.01 4.78
N VAL T 91 -39.73 52.32 5.82
CA VAL T 91 -40.38 53.00 6.93
C VAL T 91 -39.36 53.81 7.73
N SER T 92 -38.09 53.42 7.68
CA SER T 92 -37.03 54.13 8.39
C SER T 92 -36.44 55.26 7.56
N LEU T 93 -37.06 55.62 6.44
CA LEU T 93 -36.59 56.70 5.58
C LEU T 93 -37.60 57.83 5.48
N ASN T 94 -38.28 58.14 6.58
CA ASN T 94 -39.30 59.18 6.62
C ASN T 94 -38.82 60.44 7.33
N ASP T 95 -37.97 60.31 8.34
CA ASP T 95 -37.47 61.45 9.10
C ASP T 95 -36.04 61.79 8.70
N LEU T 96 -35.78 61.85 7.40
CA LEU T 96 -34.45 62.17 6.88
C LEU T 96 -34.58 63.18 5.76
N ARG T 97 -33.75 64.21 5.78
CA ARG T 97 -33.77 65.26 4.77
C ARG T 97 -32.88 64.84 3.60
N LEU T 98 -33.49 64.51 2.48
CA LEU T 98 -32.77 64.08 1.29
C LEU T 98 -33.42 64.71 0.05
N GLN T 99 -32.75 64.55 -1.08
CA GLN T 99 -33.23 65.04 -2.37
C GLN T 99 -32.89 63.98 -3.41
N ILE T 100 -33.79 63.00 -3.57
CA ILE T 100 -33.57 61.87 -4.48
C ILE T 100 -34.24 62.18 -5.82
N SER T 101 -33.47 62.05 -6.89
CA SER T 101 -33.95 62.27 -8.25
C SER T 101 -33.94 60.93 -8.97
N PHE T 102 -35.13 60.40 -9.26
CA PHE T 102 -35.23 59.09 -9.91
C PHE T 102 -35.09 59.23 -11.42
N PHE T 103 -34.55 58.19 -12.03
CA PHE T 103 -34.36 58.14 -13.48
C PHE T 103 -34.59 56.70 -13.94
N GLU T 104 -34.24 56.42 -15.20
CA GLU T 104 -34.39 55.11 -15.78
C GLU T 104 -33.11 54.75 -16.53
N TYR T 105 -33.14 53.60 -17.21
CA TYR T 105 -32.03 53.11 -18.02
C TYR T 105 -32.49 53.03 -19.47
N ALA T 106 -32.65 54.18 -20.10
CA ALA T 106 -33.10 54.27 -21.48
C ALA T 106 -31.99 54.82 -22.35
N LEU T 107 -31.81 54.22 -23.52
CA LEU T 107 -30.79 54.65 -24.46
C LEU T 107 -31.28 55.83 -25.29
N GLY T 108 -30.36 56.71 -25.64
CA GLY T 108 -30.67 57.89 -26.42
C GLY T 108 -31.16 59.08 -25.63
N ALA T 109 -31.70 58.87 -24.43
CA ALA T 109 -32.20 59.94 -23.59
C ALA T 109 -31.14 60.48 -22.63
N ALA T 110 -29.86 60.21 -22.91
CA ALA T 110 -28.80 60.70 -22.04
C ALA T 110 -28.64 62.20 -22.11
N GLU T 111 -29.05 62.83 -23.22
CA GLU T 111 -28.95 64.28 -23.33
C GLU T 111 -29.96 64.98 -22.43
N ASP T 112 -31.18 64.43 -22.34
CA ASP T 112 -32.19 65.03 -21.48
C ASP T 112 -31.85 64.87 -20.01
N ILE T 113 -31.10 63.82 -19.66
CA ILE T 113 -30.69 63.63 -18.27
C ILE T 113 -29.66 64.67 -17.86
N ALA T 114 -28.76 65.03 -18.79
CA ALA T 114 -27.75 66.03 -18.49
C ALA T 114 -28.36 67.41 -18.25
N ASN T 115 -29.46 67.72 -18.93
CA ASN T 115 -30.13 69.00 -18.70
C ASN T 115 -30.84 69.03 -17.35
N LYS T 116 -31.31 67.88 -16.87
CA LYS T 116 -31.97 67.83 -15.58
C LYS T 116 -30.97 67.92 -14.43
N ILE T 117 -29.75 67.41 -14.62
CA ILE T 117 -28.74 67.49 -13.57
C ILE T 117 -28.24 68.93 -13.42
N LYS T 118 -28.06 69.63 -14.55
CA LYS T 118 -27.62 71.01 -14.50
C LYS T 118 -28.67 71.91 -13.87
N GLN T 119 -29.95 71.64 -14.16
CA GLN T 119 -31.02 72.42 -13.55
C GLN T 119 -31.16 72.12 -12.07
N THR T 120 -30.95 70.87 -11.67
CA THR T 120 -31.01 70.51 -10.26
C THR T 120 -29.82 71.09 -9.50
N THR T 121 -28.64 71.12 -10.14
CA THR T 121 -27.47 71.69 -9.49
C THR T 121 -27.66 73.19 -9.27
N ASP T 122 -28.30 73.88 -10.21
CA ASP T 122 -28.57 75.30 -10.03
C ASP T 122 -29.54 75.56 -8.89
N GLU T 123 -30.45 74.62 -8.63
CA GLU T 123 -31.36 74.77 -7.51
C GLU T 123 -30.64 74.60 -6.17
N TYR T 124 -29.61 73.75 -6.13
CA TYR T 124 -28.84 73.59 -4.90
C TYR T 124 -27.99 74.83 -4.61
N ILE T 125 -27.51 75.51 -5.64
CA ILE T 125 -26.70 76.71 -5.43
C ILE T 125 -27.58 77.85 -4.93
N ASN T 126 -28.78 78.00 -5.48
CA ASN T 126 -29.70 79.05 -5.08
C ASN T 126 -30.29 78.83 -3.69
N THR T 127 -30.17 77.62 -3.13
CA THR T 127 -30.72 77.32 -1.82
C THR T 127 -29.71 77.52 -0.69
N ILE T 128 -28.48 77.03 -0.87
CA ILE T 128 -27.46 77.15 0.17
C ILE T 128 -26.88 78.55 0.27
N LEU T 129 -27.20 79.43 -0.67
CA LEU T 129 -26.66 80.79 -0.60
C LEU T 129 -27.73 81.77 -0.12
N PRO T 130 -27.34 82.76 0.68
CA PRO T 130 -28.30 83.76 1.15
C PRO T 130 -28.76 84.66 0.00
N PRO T 131 -29.90 85.35 0.16
CA PRO T 131 -30.37 86.22 -0.93
C PRO T 131 -29.47 87.42 -1.17
N LEU T 132 -28.69 87.85 -0.18
CA LEU T 132 -27.78 88.97 -0.38
C LEU T 132 -26.60 88.56 -1.26
N THR T 133 -26.06 87.36 -1.05
CA THR T 133 -24.98 86.87 -1.89
C THR T 133 -25.47 86.51 -3.28
N LYS T 134 -26.71 86.03 -3.39
CA LYS T 134 -27.28 85.68 -4.70
C LYS T 134 -27.39 86.91 -5.59
N ALA T 135 -27.75 88.06 -5.01
CA ALA T 135 -27.85 89.29 -5.79
C ALA T 135 -26.49 89.81 -6.22
N LEU T 136 -25.43 89.47 -5.49
CA LEU T 136 -24.09 89.92 -5.87
C LEU T 136 -23.52 89.09 -7.00
N PHE T 137 -23.75 87.78 -6.98
CA PHE T 137 -23.25 86.92 -8.05
C PHE T 137 -24.03 87.12 -9.34
N LYS T 138 -25.34 87.37 -9.24
CA LYS T 138 -26.15 87.59 -10.44
C LYS T 138 -25.85 88.94 -11.08
N TYR T 139 -25.45 89.93 -10.27
CA TYR T 139 -25.14 91.25 -10.81
C TYR T 139 -23.87 91.22 -11.66
N VAL T 140 -22.96 90.29 -11.37
CA VAL T 140 -21.72 90.19 -12.15
C VAL T 140 -22.01 89.59 -13.52
N ARG T 141 -22.76 88.49 -13.56
CA ARG T 141 -23.09 87.85 -14.83
C ARG T 141 -24.13 88.65 -15.61
N GLU T 142 -25.12 89.19 -14.92
CA GLU T 142 -26.18 89.99 -15.55
C GLU T 142 -26.22 91.35 -14.86
N GLY T 143 -25.65 92.36 -15.52
CA GLY T 143 -25.61 93.70 -14.98
C GLY T 143 -24.74 94.64 -15.78
N LYS T 144 -25.36 95.61 -16.45
CA LYS T 144 -24.62 96.58 -17.25
C LYS T 144 -24.97 98.00 -16.83
N TYR T 145 -25.05 98.25 -15.53
CA TYR T 145 -25.38 99.57 -15.01
C TYR T 145 -24.11 100.41 -14.94
N THR T 146 -24.02 101.42 -15.78
CA THR T 146 -22.86 102.31 -15.83
C THR T 146 -23.13 103.57 -15.02
N PHE T 147 -22.09 104.42 -14.96
CA PHE T 147 -22.15 105.69 -14.22
C PHE T 147 -22.51 105.46 -12.75
N CYS T 148 -21.80 104.53 -12.13
CA CYS T 148 -22.04 104.18 -10.73
C CYS T 148 -20.73 104.02 -10.00
N THR T 149 -20.76 104.29 -8.69
CA THR T 149 -19.61 104.12 -7.80
C THR T 149 -19.44 102.66 -7.43
N PRO T 150 -18.20 102.20 -7.16
CA PRO T 150 -16.92 102.94 -7.18
C PRO T 150 -16.47 103.34 -8.59
N GLY T 151 -15.37 104.08 -8.66
CA GLY T 151 -14.89 104.60 -9.93
C GLY T 151 -14.26 103.57 -10.84
N HIS T 152 -13.76 102.46 -10.28
CA HIS T 152 -13.13 101.44 -11.10
C HIS T 152 -14.14 100.73 -11.99
N MET T 153 -15.37 100.54 -11.49
CA MET T 153 -16.47 99.95 -12.26
C MET T 153 -16.08 98.55 -12.78
N GLY T 154 -15.79 97.66 -11.84
CA GLY T 154 -15.40 96.32 -12.20
C GLY T 154 -14.03 96.19 -12.81
N GLY T 155 -13.18 97.22 -12.68
CA GLY T 155 -11.86 97.17 -13.24
C GLY T 155 -11.71 97.81 -14.60
N THR T 156 -12.51 98.85 -14.90
CA THR T 156 -12.42 99.51 -16.19
C THR T 156 -11.19 100.42 -16.27
N ALA T 157 -10.94 101.18 -15.21
CA ALA T 157 -9.80 102.10 -15.20
C ALA T 157 -8.47 101.38 -15.14
N PHE T 158 -8.45 100.12 -14.67
CA PHE T 158 -7.20 99.37 -14.60
C PHE T 158 -6.73 98.93 -15.98
N GLN T 159 -7.61 98.88 -16.97
CA GLN T 159 -7.24 98.49 -18.32
C GLN T 159 -6.59 99.60 -19.12
N LYS T 160 -6.49 100.81 -18.56
CA LYS T 160 -5.89 101.94 -19.24
C LYS T 160 -4.48 102.26 -18.76
N SER T 161 -4.20 102.03 -17.46
CA SER T 161 -2.87 102.32 -16.94
C SER T 161 -2.01 101.06 -16.96
N PRO T 162 -0.73 101.18 -17.34
CA PRO T 162 0.14 100.00 -17.35
C PRO T 162 0.34 99.37 -15.99
N VAL T 163 0.44 100.19 -14.94
CA VAL T 163 0.61 99.64 -13.59
C VAL T 163 -0.69 99.06 -13.07
N GLY T 164 -1.83 99.55 -13.56
CA GLY T 164 -3.11 99.04 -13.11
C GLY T 164 -3.46 97.66 -13.63
N SER T 165 -2.80 97.23 -14.71
CA SER T 165 -3.08 95.91 -15.26
C SER T 165 -2.51 94.80 -14.38
N LEU T 166 -1.48 95.11 -13.59
CA LEU T 166 -0.89 94.08 -12.72
C LEU T 166 -1.74 93.87 -11.48
N PHE T 167 -2.49 94.89 -11.06
CA PHE T 167 -3.33 94.76 -9.87
C PHE T 167 -4.68 94.15 -10.21
N TYR T 168 -5.10 94.25 -11.47
CA TYR T 168 -6.38 93.67 -11.88
C TYR T 168 -6.25 92.20 -12.24
N ASP T 169 -5.10 91.79 -12.76
CA ASP T 169 -4.87 90.40 -13.14
C ASP T 169 -4.47 89.53 -11.96
N PHE T 170 -4.25 90.10 -10.78
CA PHE T 170 -3.87 89.31 -9.62
C PHE T 170 -5.08 88.63 -8.98
N PHE T 171 -6.10 89.41 -8.64
CA PHE T 171 -7.30 88.87 -8.02
C PHE T 171 -8.13 88.09 -9.03
N GLY T 172 -8.74 88.79 -9.99
CA GLY T 172 -9.55 88.17 -11.00
C GLY T 172 -10.63 89.10 -11.52
N PRO T 173 -11.19 88.77 -12.70
CA PRO T 173 -12.25 89.61 -13.25
C PRO T 173 -13.50 89.66 -12.39
N ASN T 174 -13.86 88.54 -11.75
CA ASN T 174 -15.05 88.49 -10.91
C ASN T 174 -14.85 89.16 -9.57
N THR T 175 -13.62 89.50 -9.20
CA THR T 175 -13.37 90.14 -7.91
C THR T 175 -13.74 91.61 -7.93
N MET T 176 -13.29 92.34 -8.96
CA MET T 176 -13.59 93.77 -9.03
C MET T 176 -15.03 94.04 -9.42
N LYS T 177 -15.66 93.11 -10.14
CA LYS T 177 -17.05 93.29 -10.53
C LYS T 177 -18.01 93.13 -9.36
N SER T 178 -17.59 92.46 -8.30
CA SER T 178 -18.42 92.29 -7.11
C SER T 178 -18.21 93.38 -6.07
N ASP T 179 -17.45 94.42 -6.39
CA ASP T 179 -17.20 95.53 -5.47
C ASP T 179 -18.03 96.72 -5.95
N ILE T 180 -19.26 96.80 -5.45
CA ILE T 180 -20.19 97.86 -5.81
C ILE T 180 -20.70 98.52 -4.53
N SER T 181 -21.09 99.79 -4.66
CA SER T 181 -21.60 100.59 -3.56
C SER T 181 -23.11 100.41 -3.47
N ILE T 182 -23.82 101.45 -3.03
CA ILE T 182 -25.27 101.40 -2.88
C ILE T 182 -25.94 102.02 -4.10
N SER T 183 -25.21 102.11 -5.21
CA SER T 183 -25.71 102.69 -6.44
C SER T 183 -26.50 101.68 -7.28
N VAL T 184 -27.03 100.63 -6.66
CA VAL T 184 -27.81 99.60 -7.35
C VAL T 184 -29.17 99.51 -6.68
N SER T 185 -30.23 99.49 -7.50
CA SER T 185 -31.59 99.51 -6.97
C SER T 185 -32.02 98.14 -6.45
N GLU T 186 -31.71 97.08 -7.18
CA GLU T 186 -32.16 95.74 -6.82
C GLU T 186 -31.31 95.09 -5.73
N LEU T 187 -30.43 95.85 -5.07
CA LEU T 187 -29.67 95.36 -3.94
C LEU T 187 -29.85 96.18 -2.67
N GLY T 188 -30.47 97.35 -2.75
CA GLY T 188 -30.71 98.15 -1.57
C GLY T 188 -29.44 98.78 -1.02
N SER T 189 -29.57 99.30 0.20
CA SER T 189 -28.48 99.95 0.90
C SER T 189 -28.37 99.40 2.31
N LEU T 190 -27.15 99.45 2.85
CA LEU T 190 -26.92 98.95 4.21
C LEU T 190 -27.49 99.90 5.26
N LEU T 191 -27.44 101.21 5.00
CA LEU T 191 -27.96 102.17 5.95
C LEU T 191 -29.48 102.21 5.94
N ASP T 192 -30.10 101.93 4.79
CA ASP T 192 -31.55 101.94 4.70
C ASP T 192 -32.19 100.71 5.34
N HIS T 193 -31.46 99.60 5.44
CA HIS T 193 -31.95 98.37 6.04
C HIS T 193 -33.21 97.88 5.34
N SER T 194 -33.17 97.84 4.01
CA SER T 194 -34.29 97.41 3.20
C SER T 194 -33.79 96.53 2.07
N GLY T 195 -34.70 95.74 1.51
CA GLY T 195 -34.37 94.85 0.42
C GLY T 195 -33.57 93.64 0.88
N PRO T 196 -32.52 93.31 0.13
CA PRO T 196 -31.68 92.17 0.53
C PRO T 196 -30.98 92.37 1.85
N HIS T 197 -30.68 93.62 2.23
CA HIS T 197 -30.03 93.87 3.50
C HIS T 197 -30.98 93.67 4.67
N LYS T 198 -32.29 93.82 4.45
CA LYS T 198 -33.26 93.60 5.52
C LYS T 198 -33.39 92.12 5.85
N GLU T 199 -33.40 91.26 4.83
CA GLU T 199 -33.48 89.83 5.06
C GLU T 199 -32.17 89.25 5.59
N ALA T 200 -31.06 89.95 5.40
CA ALA T 200 -29.78 89.46 5.92
C ALA T 200 -29.71 89.56 7.43
N GLU T 201 -30.34 90.58 8.01
CA GLU T 201 -30.33 90.72 9.46
C GLU T 201 -31.19 89.66 10.14
N GLN T 202 -32.29 89.25 9.51
CA GLN T 202 -33.14 88.21 10.07
C GLN T 202 -32.60 86.82 9.83
N TYR T 203 -31.75 86.63 8.82
CA TYR T 203 -31.18 85.32 8.54
C TYR T 203 -30.00 85.01 9.46
N ILE T 204 -29.24 86.02 9.86
CA ILE T 204 -28.11 85.79 10.74
C ILE T 204 -28.55 85.68 12.20
N ALA T 205 -29.51 86.52 12.62
CA ALA T 205 -29.97 86.48 14.00
C ALA T 205 -30.76 85.22 14.29
N ARG T 206 -31.36 84.60 13.27
CA ARG T 206 -32.11 83.38 13.49
C ARG T 206 -31.19 82.17 13.65
N VAL T 207 -30.11 82.13 12.88
CA VAL T 207 -29.18 81.01 12.98
C VAL T 207 -28.34 81.12 14.26
N PHE T 208 -27.82 82.32 14.53
CA PHE T 208 -27.01 82.57 15.72
C PHE T 208 -27.84 82.80 16.98
N ASN T 209 -29.15 82.61 16.90
CA ASN T 209 -30.07 82.80 18.03
C ASN T 209 -29.95 84.21 18.60
N ALA T 210 -30.57 85.14 17.88
CA ALA T 210 -30.56 86.54 18.26
C ALA T 210 -31.82 87.21 17.74
N ASP T 211 -32.00 88.48 18.10
CA ASP T 211 -33.16 89.25 17.68
C ASP T 211 -32.82 90.34 16.67
N ARG T 212 -31.62 90.90 16.73
CA ARG T 212 -31.21 91.96 15.80
CA ARG T 212 -31.21 91.96 15.80
C ARG T 212 -29.70 91.88 15.64
N SER T 213 -29.25 91.30 14.53
CA SER T 213 -27.84 91.14 14.24
C SER T 213 -27.46 92.01 13.06
N TYR T 214 -26.41 92.81 13.22
CA TYR T 214 -25.91 93.69 12.17
C TYR T 214 -24.61 93.14 11.60
N MET T 215 -24.00 93.91 10.70
CA MET T 215 -22.76 93.52 10.03
C MET T 215 -21.81 94.73 10.06
N VAL T 216 -20.86 94.69 10.98
CA VAL T 216 -19.87 95.76 11.10
C VAL T 216 -18.74 95.49 10.11
N THR T 217 -18.38 96.52 9.34
CA THR T 217 -17.35 96.42 8.32
C THR T 217 -16.07 97.17 8.72
N ASN T 218 -15.63 96.97 9.97
CA ASN T 218 -14.41 97.60 10.44
C ASN T 218 -13.81 96.77 11.58
N GLY T 219 -14.17 95.50 11.64
CA GLY T 219 -13.64 94.62 12.66
C GLY T 219 -14.38 94.73 13.98
N THR T 220 -13.93 93.93 14.95
CA THR T 220 -14.54 93.94 16.26
C THR T 220 -14.16 95.17 17.06
N SER T 221 -12.97 95.72 16.81
CA SER T 221 -12.52 96.89 17.56
C SER T 221 -13.46 98.08 17.41
N THR T 222 -14.12 98.19 16.25
CA THR T 222 -15.07 99.26 16.03
C THR T 222 -16.46 98.92 16.57
N ALA T 223 -16.84 97.65 16.52
CA ALA T 223 -18.17 97.24 17.00
C ALA T 223 -18.32 97.45 18.50
N ASN T 224 -17.22 97.40 19.25
CA ASN T 224 -17.29 97.62 20.69
C ASN T 224 -17.64 99.06 21.03
N LYS T 225 -17.25 100.01 20.17
CA LYS T 225 -17.55 101.41 20.40
C LYS T 225 -18.97 101.78 19.99
N ILE T 226 -19.62 100.95 19.17
CA ILE T 226 -21.00 101.22 18.78
C ILE T 226 -21.94 100.97 19.96
N VAL T 227 -21.71 99.88 20.69
CA VAL T 227 -22.54 99.59 21.87
C VAL T 227 -22.24 100.59 22.99
N GLY T 228 -20.98 101.01 23.11
CA GLY T 228 -20.61 101.95 24.14
C GLY T 228 -21.26 103.31 24.00
N MET T 229 -21.72 103.65 22.80
CA MET T 229 -22.40 104.92 22.55
C MET T 229 -23.91 104.77 22.49
N TYR T 230 -24.50 103.98 23.39
CA TYR T 230 -25.94 103.78 23.41
C TYR T 230 -26.47 103.73 24.84
N SER T 231 -25.69 103.14 25.75
CA SER T 231 -26.07 103.01 27.15
C SER T 231 -24.98 103.59 28.05
N ALA T 232 -24.51 104.80 27.72
CA ALA T 232 -23.49 105.48 28.51
C ALA T 232 -23.75 106.98 28.46
N PRO T 233 -24.63 107.48 29.32
CA PRO T 233 -24.90 108.92 29.36
C PRO T 233 -23.67 109.70 29.81
N ALA T 234 -23.75 111.02 29.61
CA ALA T 234 -22.65 111.90 30.01
C ALA T 234 -22.57 112.01 31.53
N GLY T 235 -21.40 111.68 32.07
CA GLY T 235 -21.22 111.72 33.52
C GLY T 235 -21.87 110.58 34.26
N SER T 236 -22.13 109.46 33.59
CA SER T 236 -22.77 108.31 34.23
C SER T 236 -21.72 107.39 34.84
N THR T 237 -21.97 106.08 34.76
CA THR T 237 -21.06 105.09 35.33
C THR T 237 -21.16 103.81 34.53
N ILE T 238 -20.02 103.27 34.11
CA ILE T 238 -19.96 102.01 33.37
C ILE T 238 -19.07 101.04 34.13
N LEU T 239 -19.25 99.76 33.84
CA LEU T 239 -18.50 98.68 34.48
C LEU T 239 -17.67 97.98 33.41
N ILE T 240 -16.45 98.45 33.20
CA ILE T 240 -15.55 97.88 32.21
C ILE T 240 -14.60 96.92 32.91
N ASP T 241 -14.21 95.87 32.20
CA ASP T 241 -13.29 94.87 32.74
C ASP T 241 -11.86 95.39 32.70
N ARG T 242 -11.04 94.88 33.62
CA ARG T 242 -9.65 95.29 33.67
C ARG T 242 -8.87 94.77 32.47
N ASN T 243 -9.10 93.50 32.10
CA ASN T 243 -8.45 92.90 30.94
C ASN T 243 -9.22 93.29 29.68
N CYS T 244 -9.07 94.54 29.30
CA CYS T 244 -9.77 95.11 28.15
C CYS T 244 -8.84 95.18 26.93
N HIS T 245 -9.44 95.39 25.78
CA HIS T 245 -8.71 95.50 24.52
C HIS T 245 -8.28 96.94 24.29
N LYS T 246 -7.37 97.13 23.32
CA LYS T 246 -6.90 98.47 22.99
C LYS T 246 -8.05 99.38 22.55
N SER T 247 -9.05 98.82 21.86
CA SER T 247 -10.20 99.63 21.44
C SER T 247 -11.12 99.94 22.62
N LEU T 248 -11.17 99.05 23.62
CA LEU T 248 -12.01 99.30 24.78
C LEU T 248 -11.48 100.44 25.63
N THR T 249 -10.17 100.66 25.64
CA THR T 249 -9.60 101.78 26.39
C THR T 249 -9.95 103.11 25.72
N HIS T 250 -9.90 103.16 24.39
CA HIS T 250 -10.26 104.39 23.68
C HIS T 250 -11.73 104.74 23.82
N LEU T 251 -12.59 103.76 24.12
CA LEU T 251 -14.00 104.05 24.33
C LEU T 251 -14.19 104.91 25.58
N MET T 252 -13.38 104.68 26.61
CA MET T 252 -13.44 105.50 27.81
C MET T 252 -12.86 106.89 27.58
N MET T 253 -12.01 107.05 26.57
CA MET T 253 -11.40 108.33 26.25
C MET T 253 -12.22 109.14 25.25
N MET T 254 -13.38 108.63 24.82
CA MET T 254 -14.24 109.34 23.88
C MET T 254 -15.57 109.75 24.47
N SER T 255 -15.92 109.25 25.65
CA SER T 255 -17.18 109.58 26.31
C SER T 255 -16.91 109.97 27.76
N ASP T 256 -17.56 111.04 28.21
CA ASP T 256 -17.38 111.54 29.58
C ASP T 256 -18.19 110.66 30.53
N VAL T 257 -17.58 109.54 30.92
CA VAL T 257 -18.18 108.59 31.84
C VAL T 257 -17.20 108.30 32.96
N THR T 258 -17.71 107.67 34.02
CA THR T 258 -16.91 107.29 35.18
C THR T 258 -16.85 105.77 35.26
N PRO T 259 -15.83 105.14 34.70
CA PRO T 259 -15.74 103.67 34.73
C PRO T 259 -15.26 103.17 36.09
N ILE T 260 -15.57 101.90 36.34
CA ILE T 260 -15.14 101.20 37.54
C ILE T 260 -14.40 99.94 37.11
N TYR T 261 -13.12 99.85 37.46
CA TYR T 261 -12.29 98.73 37.06
C TYR T 261 -12.41 97.59 38.06
N PHE T 262 -12.50 96.36 37.55
CA PHE T 262 -12.62 95.19 38.38
C PHE T 262 -11.23 94.65 38.74
N ARG T 263 -11.21 93.52 39.44
CA ARG T 263 -9.96 92.87 39.87
C ARG T 263 -10.05 91.39 39.52
N PRO T 264 -9.76 91.03 38.27
CA PRO T 264 -9.79 89.61 37.90
C PRO T 264 -8.69 88.82 38.58
N THR T 265 -8.84 87.50 38.55
CA THR T 265 -7.87 86.60 39.15
C THR T 265 -6.77 86.25 38.15
N ARG T 266 -5.64 85.80 38.68
CA ARG T 266 -4.50 85.43 37.86
C ARG T 266 -3.63 84.46 38.65
N ASN T 267 -2.73 83.80 37.93
CA ASN T 267 -1.79 82.83 38.48
C ASN T 267 -0.37 83.40 38.39
N ALA T 268 0.62 82.51 38.24
CA ALA T 268 2.02 82.93 38.12
C ALA T 268 2.57 82.80 36.72
N TYR T 269 1.98 81.95 35.88
CA TYR T 269 2.47 81.79 34.51
C TYR T 269 2.05 82.93 33.60
N GLY T 270 1.08 83.75 34.00
CA GLY T 270 0.60 84.84 33.19
C GLY T 270 -0.79 84.67 32.63
N ILE T 271 -1.42 83.51 32.83
CA ILE T 271 -2.76 83.27 32.32
C ILE T 271 -3.75 83.91 33.29
N LEU T 272 -4.44 84.96 32.85
CA LEU T 272 -5.42 85.64 33.68
C LEU T 272 -6.66 84.78 33.83
N GLY T 273 -7.15 84.66 35.07
CA GLY T 273 -8.34 83.89 35.34
C GLY T 273 -9.61 84.61 34.93
N GLY T 274 -10.37 85.09 35.90
CA GLY T 274 -11.61 85.79 35.63
C GLY T 274 -12.05 86.60 36.82
N ILE T 275 -13.17 87.30 36.63
CA ILE T 275 -13.72 88.13 37.70
C ILE T 275 -14.46 87.24 38.69
N PRO T 276 -14.16 87.32 39.98
CA PRO T 276 -14.86 86.49 40.97
C PRO T 276 -16.33 86.85 41.05
N GLN T 277 -17.09 85.94 41.67
CA GLN T 277 -18.52 86.16 41.83
C GLN T 277 -18.85 87.20 42.89
N SER T 278 -17.87 87.57 43.74
CA SER T 278 -18.13 88.56 44.77
C SER T 278 -18.21 89.97 44.18
N GLU T 279 -17.60 90.19 43.01
CA GLU T 279 -17.64 91.52 42.39
C GLU T 279 -19.00 91.82 41.76
N PHE T 280 -19.79 90.79 41.43
CA PHE T 280 -21.09 90.98 40.83
C PHE T 280 -22.19 91.21 41.85
N GLN T 281 -21.88 91.19 43.15
CA GLN T 281 -22.88 91.39 44.17
C GLN T 281 -23.31 92.86 44.23
N HIS T 282 -24.39 93.11 44.95
CA HIS T 282 -24.92 94.47 45.07
C HIS T 282 -24.15 95.28 46.11
N ALA T 283 -23.58 94.62 47.13
CA ALA T 283 -22.84 95.35 48.16
C ALA T 283 -21.45 95.75 47.66
N THR T 284 -20.88 95.01 46.71
CA THR T 284 -19.56 95.34 46.19
C THR T 284 -19.62 96.49 45.19
N ILE T 285 -20.62 96.49 44.32
CA ILE T 285 -20.73 97.56 43.32
C ILE T 285 -21.08 98.88 43.98
N ALA T 286 -22.03 98.87 44.92
CA ALA T 286 -22.44 100.10 45.59
C ALA T 286 -21.35 100.64 46.51
N LYS T 287 -20.37 99.82 46.88
CA LYS T 287 -19.30 100.31 47.76
C LYS T 287 -18.32 101.18 46.99
N ARG T 288 -18.03 100.83 45.73
CA ARG T 288 -17.10 101.60 44.93
C ARG T 288 -17.70 102.87 44.35
N VAL T 289 -19.03 103.04 44.43
CA VAL T 289 -19.65 104.24 43.91
C VAL T 289 -19.40 105.43 44.84
N LYS T 290 -19.54 105.22 46.14
CA LYS T 290 -19.31 106.30 47.09
C LYS T 290 -17.82 106.64 47.19
N GLU T 291 -16.95 105.64 47.04
CA GLU T 291 -15.52 105.89 47.11
C GLU T 291 -14.98 106.63 45.89
N THR T 292 -15.66 106.51 44.74
CA THR T 292 -15.21 107.18 43.54
C THR T 292 -15.96 108.51 43.38
N PRO T 293 -15.26 109.65 43.35
CA PRO T 293 -15.95 110.93 43.18
C PRO T 293 -16.61 111.01 41.81
N ASN T 294 -17.79 111.66 41.79
CA ASN T 294 -18.58 111.86 40.58
C ASN T 294 -18.90 110.53 39.91
N ALA T 295 -19.77 109.77 40.57
CA ALA T 295 -20.19 108.46 40.08
C ALA T 295 -21.61 108.19 40.56
N THR T 296 -22.47 107.78 39.64
CA THR T 296 -23.86 107.45 39.91
C THR T 296 -24.04 105.94 39.85
N TRP T 297 -25.25 105.50 39.54
CA TRP T 297 -25.52 104.06 39.44
C TRP T 297 -25.03 103.52 38.12
N PRO T 298 -24.30 102.40 38.11
CA PRO T 298 -23.81 101.85 36.83
C PRO T 298 -24.96 101.39 35.95
N VAL T 299 -24.95 101.86 34.70
CA VAL T 299 -26.00 101.53 33.74
C VAL T 299 -25.51 100.60 32.64
N HIS T 300 -24.21 100.32 32.57
CA HIS T 300 -23.66 99.45 31.53
C HIS T 300 -22.50 98.64 32.12
N ALA T 301 -22.39 97.39 31.71
CA ALA T 301 -21.34 96.50 32.17
C ALA T 301 -20.64 95.87 30.98
N VAL T 302 -19.32 95.88 30.99
CA VAL T 302 -18.50 95.31 29.92
C VAL T 302 -17.76 94.11 30.48
N ILE T 303 -18.06 92.92 29.93
CA ILE T 303 -17.44 91.68 30.36
C ILE T 303 -16.76 91.05 29.15
N THR T 304 -15.46 90.78 29.27
CA THR T 304 -14.68 90.18 28.19
C THR T 304 -14.79 88.67 28.31
N ASN T 305 -15.76 88.09 27.60
CA ASN T 305 -16.02 86.66 27.61
C ASN T 305 -15.92 86.14 26.18
N SER T 306 -14.87 85.39 25.89
CA SER T 306 -13.84 85.06 26.86
C SER T 306 -12.67 86.03 26.78
N THR T 307 -11.62 85.73 27.54
CA THR T 307 -10.44 86.59 27.59
C THR T 307 -9.57 86.33 26.35
N TYR T 308 -8.33 86.81 26.40
CA TYR T 308 -7.42 86.64 25.26
C TYR T 308 -6.94 85.19 25.14
N ASP T 309 -6.82 84.49 26.27
CA ASP T 309 -6.36 83.10 26.23
C ASP T 309 -7.49 82.16 25.82
N GLY T 310 -8.59 82.15 26.58
CA GLY T 310 -9.71 81.29 26.27
C GLY T 310 -10.33 80.66 27.49
N LEU T 311 -10.93 81.47 28.36
CA LEU T 311 -11.57 81.00 29.58
C LEU T 311 -12.98 81.58 29.64
N LEU T 312 -13.98 80.74 29.41
CA LEU T 312 -15.37 81.19 29.43
C LEU T 312 -15.84 81.41 30.86
N TYR T 313 -16.93 82.17 30.98
CA TYR T 313 -17.56 82.48 32.26
C TYR T 313 -18.87 81.71 32.40
N ASN T 314 -19.61 82.06 33.44
CA ASN T 314 -20.92 81.45 33.73
C ASN T 314 -21.98 82.53 33.59
N THR T 315 -22.60 82.60 32.40
CA THR T 315 -23.62 83.61 32.16
C THR T 315 -24.92 83.30 32.90
N ASP T 316 -25.12 82.06 33.35
CA ASP T 316 -26.31 81.72 34.10
C ASP T 316 -26.34 82.38 35.47
N PHE T 317 -25.18 82.75 36.01
CA PHE T 317 -25.09 83.42 37.30
C PHE T 317 -24.90 84.93 37.18
N ILE T 318 -24.34 85.40 36.07
CA ILE T 318 -24.13 86.83 35.89
C ILE T 318 -25.44 87.53 35.55
N LYS T 319 -26.25 86.91 34.68
CA LYS T 319 -27.51 87.50 34.27
C LYS T 319 -28.54 87.58 35.40
N LYS T 320 -28.28 86.94 36.53
CA LYS T 320 -29.18 86.95 37.68
C LYS T 320 -28.67 87.79 38.84
N THR T 321 -27.37 87.78 39.10
CA THR T 321 -26.80 88.52 40.22
C THR T 321 -26.43 89.95 39.83
N LEU T 322 -25.75 90.12 38.69
CA LEU T 322 -25.34 91.44 38.24
C LEU T 322 -26.58 92.24 37.85
N ASP T 323 -26.84 93.32 38.58
CA ASP T 323 -28.03 94.15 38.34
C ASP T 323 -27.66 95.31 37.42
N VAL T 324 -27.43 94.97 36.16
CA VAL T 324 -27.11 95.95 35.12
C VAL T 324 -28.06 95.73 33.95
N LYS T 325 -28.75 96.80 33.53
CA LYS T 325 -29.72 96.69 32.46
C LYS T 325 -29.07 96.49 31.10
N SER T 326 -27.78 96.79 30.96
CA SER T 326 -27.06 96.66 29.69
C SER T 326 -25.76 95.93 29.97
N ILE T 327 -25.79 94.60 29.90
CA ILE T 327 -24.62 93.77 30.11
C ILE T 327 -24.05 93.38 28.76
N HIS T 328 -22.76 93.65 28.57
CA HIS T 328 -22.08 93.37 27.31
C HIS T 328 -21.13 92.19 27.48
N PHE T 329 -21.06 91.35 26.45
CA PHE T 329 -20.18 90.20 26.42
C PHE T 329 -19.32 90.29 25.16
N ASP T 330 -18.06 90.72 25.33
CA ASP T 330 -17.13 90.85 24.22
C ASP T 330 -16.72 89.45 23.75
N SER T 331 -17.54 88.89 22.86
CA SER T 331 -17.30 87.55 22.36
C SER T 331 -16.39 87.58 21.13
N ALA T 332 -15.19 88.15 21.29
CA ALA T 332 -14.23 88.26 20.21
C ALA T 332 -13.37 87.01 20.04
N TRP T 333 -13.71 85.90 20.71
CA TRP T 333 -12.92 84.69 20.60
C TRP T 333 -13.77 83.42 20.59
N VAL T 334 -15.08 83.51 20.73
CA VAL T 334 -15.94 82.33 20.73
C VAL T 334 -17.13 82.55 19.80
N PRO T 335 -16.93 82.62 18.48
CA PRO T 335 -18.09 82.78 17.57
C PRO T 335 -18.72 81.45 17.20
N TYR T 336 -18.95 80.58 18.19
CA TYR T 336 -19.50 79.27 17.89
C TYR T 336 -20.24 78.64 19.08
N THR T 337 -20.38 79.33 20.21
CA THR T 337 -21.04 78.76 21.38
C THR T 337 -22.56 78.73 21.19
N ASN T 338 -22.98 77.86 20.26
CA ASN T 338 -24.39 77.71 19.94
C ASN T 338 -24.62 76.42 19.15
N PHE T 339 -23.71 76.13 18.21
CA PHE T 339 -23.84 74.97 17.35
C PHE T 339 -23.41 73.67 18.01
N SER T 340 -22.95 73.72 19.26
CA SER T 340 -22.50 72.53 19.96
C SER T 340 -23.23 72.41 21.30
N PRO T 341 -23.63 71.19 21.68
CA PRO T 341 -24.37 71.04 22.94
C PRO T 341 -23.52 71.21 24.18
N ILE T 342 -22.20 71.28 24.05
CA ILE T 342 -21.31 71.43 25.21
C ILE T 342 -21.02 72.91 25.43
N TYR T 343 -21.83 73.78 24.83
CA TYR T 343 -21.69 75.22 24.99
C TYR T 343 -23.02 75.90 25.30
N GLU T 344 -23.96 75.18 25.90
CA GLU T 344 -25.26 75.75 26.24
C GLU T 344 -25.19 76.49 27.57
N GLY T 345 -25.72 77.71 27.57
CA GLY T 345 -25.72 78.51 28.78
C GLY T 345 -24.36 79.08 29.15
N LYS T 346 -23.49 79.29 28.18
CA LYS T 346 -22.16 79.83 28.43
C LYS T 346 -21.94 81.21 27.84
N CYS T 347 -22.82 81.67 26.97
CA CYS T 347 -22.71 82.99 26.34
C CYS T 347 -23.99 83.78 26.61
N GLY T 348 -24.10 84.93 25.95
CA GLY T 348 -25.28 85.76 26.13
C GLY T 348 -26.44 85.36 25.24
N MET T 349 -26.17 84.82 24.07
CA MET T 349 -27.23 84.40 23.15
C MET T 349 -27.90 83.10 23.58
N SER T 350 -27.20 82.25 24.34
CA SER T 350 -27.77 80.99 24.79
C SER T 350 -28.79 81.24 25.88
N GLY T 351 -30.01 80.74 25.68
CA GLY T 351 -31.07 80.92 26.65
C GLY T 351 -32.23 81.75 26.11
N GLY T 352 -32.81 82.57 26.98
CA GLY T 352 -33.93 83.41 26.59
C GLY T 352 -33.69 84.88 26.86
N ARG T 353 -34.72 85.70 26.67
CA ARG T 353 -34.62 87.13 26.91
C ARG T 353 -34.77 87.42 28.40
N VAL T 354 -33.79 88.13 28.96
CA VAL T 354 -33.83 88.50 30.38
C VAL T 354 -34.79 89.65 30.55
N GLU T 355 -35.69 89.52 31.53
CA GLU T 355 -36.69 90.56 31.79
C GLU T 355 -36.03 91.80 32.36
N GLY T 356 -36.10 92.91 31.62
CA GLY T 356 -35.54 94.16 32.08
C GLY T 356 -34.07 94.37 31.75
N LYS T 357 -33.45 93.48 30.99
CA LYS T 357 -32.05 93.59 30.64
C LYS T 357 -31.88 93.33 29.15
N VAL T 358 -30.68 93.66 28.65
CA VAL T 358 -30.35 93.46 27.25
C VAL T 358 -28.89 93.00 27.18
N ILE T 359 -28.59 92.16 26.19
CA ILE T 359 -27.27 91.57 26.01
C ILE T 359 -26.73 92.01 24.65
N TYR T 360 -25.51 92.54 24.66
CA TYR T 360 -24.81 92.94 23.44
C TYR T 360 -23.54 92.12 23.29
N GLU T 361 -23.29 91.64 22.08
CA GLU T 361 -22.10 90.85 21.79
C GLU T 361 -21.49 91.32 20.47
N THR T 362 -20.16 91.31 20.42
CA THR T 362 -19.40 91.70 19.23
C THR T 362 -18.57 90.49 18.79
N GLN T 363 -19.20 89.58 18.08
CA GLN T 363 -18.52 88.37 17.62
C GLN T 363 -17.58 88.69 16.48
N SER T 364 -16.35 88.18 16.59
CA SER T 364 -15.33 88.38 15.57
C SER T 364 -15.54 87.37 14.45
N THR T 365 -15.53 87.85 13.21
CA THR T 365 -15.72 86.99 12.05
C THR T 365 -14.40 86.62 11.38
N HIS T 366 -13.46 87.56 11.29
CA HIS T 366 -12.18 87.31 10.64
C HIS T 366 -11.12 86.88 11.64
N LYS T 367 -11.53 86.11 12.65
CA LYS T 367 -10.61 85.65 13.69
C LYS T 367 -10.54 84.16 13.71
N LEU T 368 -11.67 83.51 13.91
CA LEU T 368 -11.70 82.06 14.00
C LEU T 368 -12.79 81.44 13.10
N LEU T 369 -13.02 82.08 11.95
CA LEU T 369 -14.00 81.58 11.01
C LEU T 369 -13.41 81.52 9.60
N ALA T 370 -14.14 82.04 8.61
CA ALA T 370 -13.66 82.01 7.22
C ALA T 370 -14.37 83.14 6.47
N ALA T 371 -13.75 84.32 6.48
CA ALA T 371 -14.28 85.49 5.78
C ALA T 371 -13.17 86.51 5.64
N PHE T 372 -13.48 87.59 4.92
CA PHE T 372 -12.52 88.66 4.74
C PHE T 372 -12.31 89.43 6.05
N SER T 373 -11.22 90.21 6.07
CA SER T 373 -10.89 90.97 7.26
C SER T 373 -11.87 92.12 7.47
N GLN T 374 -11.85 92.68 8.68
CA GLN T 374 -12.73 93.78 9.09
C GLN T 374 -14.20 93.40 8.90
N ALA T 375 -14.63 92.46 9.75
CA ALA T 375 -16.01 91.97 9.73
C ALA T 375 -16.41 91.61 11.14
N SER T 376 -17.51 92.19 11.62
CA SER T 376 -18.01 91.94 12.96
C SER T 376 -19.53 91.98 12.95
N MET T 377 -20.12 91.63 14.08
CA MET T 377 -21.57 91.61 14.24
C MET T 377 -21.95 92.25 15.57
N ILE T 378 -23.21 92.66 15.66
CA ILE T 378 -23.78 93.25 16.88
C ILE T 378 -25.06 92.48 17.18
N HIS T 379 -24.99 91.56 18.13
CA HIS T 379 -26.14 90.75 18.51
C HIS T 379 -26.92 91.45 19.61
N VAL T 380 -28.20 91.71 19.36
CA VAL T 380 -29.08 92.39 20.31
C VAL T 380 -30.09 91.37 20.81
N LYS T 381 -30.17 91.22 22.13
CA LYS T 381 -31.09 90.29 22.78
C LYS T 381 -31.86 91.07 23.84
N GLY T 382 -33.03 91.58 23.45
CA GLY T 382 -33.86 92.34 24.37
C GLY T 382 -34.78 93.27 23.61
N ASP T 383 -35.42 94.15 24.37
CA ASP T 383 -36.36 95.13 23.82
C ASP T 383 -35.65 96.49 23.77
N VAL T 384 -35.19 96.88 22.59
CA VAL T 384 -34.51 98.14 22.38
C VAL T 384 -35.29 98.97 21.37
N ASN T 385 -34.97 100.27 21.33
CA ASN T 385 -35.63 101.19 20.42
C ASN T 385 -35.01 101.05 19.03
N GLU T 386 -35.86 100.87 18.02
CA GLU T 386 -35.36 100.74 16.65
C GLU T 386 -34.98 102.09 16.06
N GLU T 387 -35.70 103.14 16.42
CA GLU T 387 -35.41 104.47 15.92
C GLU T 387 -34.26 105.15 16.63
N THR T 388 -33.69 104.52 17.66
CA THR T 388 -32.57 105.08 18.40
C THR T 388 -31.28 104.27 18.21
N PHE T 389 -31.36 102.95 18.30
CA PHE T 389 -30.18 102.12 18.14
C PHE T 389 -29.68 102.11 16.70
N ASN T 390 -30.55 102.39 15.73
CA ASN T 390 -30.12 102.42 14.34
C ASN T 390 -29.21 103.62 14.06
N GLU T 391 -29.44 104.74 14.74
CA GLU T 391 -28.59 105.92 14.53
C GLU T 391 -27.18 105.69 15.04
N ALA T 392 -27.01 104.84 16.06
CA ALA T 392 -25.68 104.55 16.57
C ALA T 392 -24.88 103.67 15.62
N TYR T 393 -25.58 102.87 14.79
CA TYR T 393 -24.89 102.02 13.83
C TYR T 393 -24.29 102.83 12.68
N MET T 394 -24.95 103.91 12.28
CA MET T 394 -24.45 104.75 11.20
C MET T 394 -23.33 105.67 11.64
N MET T 395 -23.02 105.72 12.92
CA MET T 395 -21.94 106.57 13.43
C MET T 395 -20.56 105.97 13.21
N HIS T 396 -20.47 104.73 12.70
CA HIS T 396 -19.19 104.11 12.45
C HIS T 396 -19.16 103.33 11.13
N THR T 397 -20.21 103.42 10.32
CA THR T 397 -20.28 102.73 9.04
C THR T 397 -20.48 103.75 7.93
N THR T 398 -19.64 103.69 6.91
CA THR T 398 -19.73 104.63 5.79
C THR T 398 -20.98 104.35 4.95
N THR T 399 -21.33 105.33 4.12
CA THR T 399 -22.50 105.22 3.26
C THR T 399 -22.28 104.30 2.06
N SER T 400 -21.02 103.94 1.76
CA SER T 400 -20.69 103.06 0.65
C SER T 400 -19.97 101.84 1.22
N PRO T 401 -20.72 100.85 1.71
CA PRO T 401 -20.08 99.67 2.29
C PRO T 401 -19.49 98.77 1.22
N HIS T 402 -18.38 98.12 1.56
CA HIS T 402 -17.71 97.19 0.66
C HIS T 402 -18.46 95.86 0.68
N TYR T 403 -19.22 95.59 -0.39
CA TYR T 403 -20.02 94.38 -0.44
C TYR T 403 -19.17 93.11 -0.53
N GLY T 404 -17.89 93.23 -0.89
CA GLY T 404 -17.02 92.08 -0.89
C GLY T 404 -16.80 91.51 0.49
N ILE T 405 -16.84 92.36 1.52
CA ILE T 405 -16.73 91.90 2.89
C ILE T 405 -18.11 91.63 3.51
N VAL T 406 -19.12 92.41 3.13
CA VAL T 406 -20.46 92.20 3.65
C VAL T 406 -20.99 90.84 3.24
N ALA T 407 -20.73 90.43 1.99
CA ALA T 407 -21.17 89.12 1.53
C ALA T 407 -20.47 88.00 2.28
N SER T 408 -19.20 88.21 2.67
CA SER T 408 -18.47 87.21 3.43
C SER T 408 -18.90 87.15 4.89
N THR T 409 -19.43 88.25 5.44
CA THR T 409 -19.91 88.25 6.81
C THR T 409 -21.13 87.36 6.96
N GLU T 410 -22.09 87.47 6.03
CA GLU T 410 -23.25 86.59 6.06
C GLU T 410 -22.90 85.18 5.59
N THR T 411 -21.83 85.04 4.81
CA THR T 411 -21.41 83.72 4.35
C THR T 411 -20.95 82.86 5.52
N ALA T 412 -20.25 83.46 6.48
CA ALA T 412 -19.80 82.71 7.66
C ALA T 412 -20.99 82.19 8.47
N ALA T 413 -22.11 82.92 8.46
CA ALA T 413 -23.31 82.45 9.13
C ALA T 413 -24.03 81.37 8.33
N ALA T 414 -23.85 81.35 7.01
CA ALA T 414 -24.47 80.34 6.19
C ALA T 414 -23.63 79.06 6.12
N MET T 415 -22.32 79.17 6.29
CA MET T 415 -21.46 77.99 6.29
C MET T 415 -21.63 77.16 7.54
N MET T 416 -22.21 77.72 8.61
CA MET T 416 -22.41 77.00 9.86
C MET T 416 -23.80 76.43 10.00
N LYS T 417 -24.73 76.81 9.13
CA LYS T 417 -26.11 76.33 9.23
C LYS T 417 -26.24 74.94 8.64
N GLY T 418 -27.02 74.09 9.30
CA GLY T 418 -27.26 72.74 8.85
C GLY T 418 -26.37 71.73 9.54
N ASN T 419 -26.60 70.46 9.18
CA ASN T 419 -25.81 69.37 9.75
C ASN T 419 -24.38 69.40 9.23
N ALA T 420 -24.17 69.83 7.98
CA ALA T 420 -22.83 69.92 7.44
C ALA T 420 -22.02 71.05 8.05
N GLY T 421 -22.68 72.12 8.50
CA GLY T 421 -21.99 73.24 9.12
C GLY T 421 -21.58 72.94 10.55
N LYS T 422 -22.38 72.13 11.25
CA LYS T 422 -22.05 71.78 12.63
C LYS T 422 -20.88 70.81 12.72
N ARG T 423 -20.52 70.15 11.62
CA ARG T 423 -19.40 69.23 11.64
C ARG T 423 -18.07 69.95 11.77
N LEU T 424 -18.01 71.23 11.42
CA LEU T 424 -16.77 71.99 11.55
C LEU T 424 -16.50 72.42 12.99
N ILE T 425 -17.56 72.64 13.77
CA ILE T 425 -17.39 72.99 15.18
C ILE T 425 -16.94 71.77 15.97
N ASN T 426 -17.67 70.66 15.82
CA ASN T 426 -17.29 69.43 16.53
C ASN T 426 -16.02 68.83 15.95
N GLY T 427 -15.74 69.07 14.67
CA GLY T 427 -14.51 68.55 14.08
C GLY T 427 -13.28 69.24 14.62
N SER T 428 -13.36 70.56 14.88
CA SER T 428 -12.23 71.27 15.45
C SER T 428 -12.01 70.89 16.91
N ILE T 429 -13.07 70.49 17.61
CA ILE T 429 -12.91 70.07 19.00
C ILE T 429 -12.27 68.70 19.08
N GLU T 430 -12.68 67.79 18.19
CA GLU T 430 -12.09 66.45 18.18
C GLU T 430 -10.62 66.50 17.79
N ARG T 431 -10.26 67.40 16.87
CA ARG T 431 -8.85 67.54 16.50
C ARG T 431 -8.05 68.22 17.59
N ALA T 432 -8.69 69.05 18.41
CA ALA T 432 -8.00 69.70 19.52
C ALA T 432 -7.76 68.73 20.67
N ILE T 433 -8.77 67.91 21.00
CA ILE T 433 -8.62 66.93 22.07
C ILE T 433 -7.61 65.86 21.66
N LYS T 434 -7.59 65.48 20.39
CA LYS T 434 -6.62 64.51 19.91
C LYS T 434 -5.20 65.04 20.03
N PHE T 435 -5.00 66.34 19.77
CA PHE T 435 -3.69 66.94 19.94
C PHE T 435 -3.30 67.03 21.40
N ARG T 436 -4.29 67.16 22.30
CA ARG T 436 -4.00 67.19 23.73
C ARG T 436 -3.53 65.84 24.25
N LYS T 437 -4.10 64.76 23.72
CA LYS T 437 -3.69 63.42 24.16
C LYS T 437 -2.34 63.03 23.60
N GLU T 438 -1.95 63.58 22.44
CA GLU T 438 -0.65 63.26 21.87
C GLU T 438 0.49 63.89 22.65
N ILE T 439 0.23 64.95 23.41
CA ILE T 439 1.28 65.56 24.22
C ILE T 439 1.55 64.72 25.46
N LYS T 440 0.50 64.27 26.14
CA LYS T 440 0.69 63.44 27.32
C LYS T 440 1.24 62.07 26.97
N ARG T 441 0.97 61.59 25.75
CA ARG T 441 1.50 60.29 25.33
C ARG T 441 2.99 60.37 25.04
N LEU T 442 3.45 61.48 24.46
CA LEU T 442 4.85 61.69 24.14
C LEU T 442 5.63 62.33 25.29
N ARG T 443 5.04 62.39 26.48
CA ARG T 443 5.70 62.97 27.65
C ARG T 443 6.26 61.92 28.59
N THR T 444 5.47 60.90 28.92
CA THR T 444 5.95 59.84 29.81
C THR T 444 6.83 58.84 29.07
N GLU T 445 6.45 58.47 27.84
CA GLU T 445 7.23 57.51 27.07
C GLU T 445 8.57 58.08 26.62
N SER T 446 8.69 59.40 26.54
CA SER T 446 9.94 60.02 26.12
C SER T 446 10.97 59.96 27.25
N ASP T 447 12.22 60.27 26.90
CA ASP T 447 13.33 60.26 27.84
C ASP T 447 13.83 61.69 27.99
N GLY T 448 13.38 62.38 29.04
CA GLY T 448 13.80 63.74 29.29
C GLY T 448 12.64 64.70 29.43
N TRP T 449 12.91 66.00 29.29
CA TRP T 449 11.87 67.01 29.40
C TRP T 449 11.00 67.02 28.16
N PHE T 450 9.76 67.46 28.34
CA PHE T 450 8.81 67.55 27.24
C PHE T 450 7.74 68.59 27.59
N PHE T 451 7.11 69.13 26.56
CA PHE T 451 6.11 70.17 26.75
C PHE T 451 4.88 69.60 27.47
N ASP T 452 4.14 70.51 28.12
CA ASP T 452 2.95 70.15 28.87
C ASP T 452 1.80 71.07 28.47
N VAL T 453 0.60 70.51 28.46
CA VAL T 453 -0.61 71.25 28.10
C VAL T 453 -1.35 71.63 29.38
N TRP T 454 -1.73 72.90 29.49
CA TRP T 454 -2.46 73.40 30.65
C TRP T 454 -3.87 72.83 30.62
N GLN T 455 -4.00 71.60 31.11
CA GLN T 455 -5.25 70.87 31.09
C GLN T 455 -5.34 70.02 32.34
N PRO T 456 -6.54 69.63 32.77
CA PRO T 456 -6.66 68.74 33.92
C PRO T 456 -6.06 67.37 33.63
N ASP T 457 -5.95 66.58 34.70
CA ASP T 457 -5.37 65.24 34.57
C ASP T 457 -6.30 64.27 33.85
N HIS T 458 -7.60 64.58 33.80
CA HIS T 458 -8.59 63.73 33.13
C HIS T 458 -9.20 64.51 31.98
N ILE T 459 -8.86 64.13 30.75
CA ILE T 459 -9.37 64.80 29.56
C ILE T 459 -10.11 63.78 28.69
N ASP T 460 -10.59 62.70 29.31
CA ASP T 460 -11.30 61.68 28.55
C ASP T 460 -12.67 62.17 28.08
N THR T 461 -13.29 63.08 28.81
CA THR T 461 -14.59 63.61 28.42
C THR T 461 -14.43 64.62 27.28
N THR T 462 -15.56 64.90 26.61
CA THR T 462 -15.61 65.84 25.51
C THR T 462 -16.56 66.97 25.90
N GLU T 463 -16.03 67.92 26.66
CA GLU T 463 -16.80 69.07 27.13
C GLU T 463 -15.80 70.11 27.66
N CYS T 464 -16.34 71.18 28.24
CA CYS T 464 -15.52 72.22 28.83
C CYS T 464 -15.11 71.81 30.24
N TRP T 465 -13.81 71.76 30.48
CA TRP T 465 -13.31 71.35 31.80
C TRP T 465 -13.49 72.48 32.80
N PRO T 466 -14.28 72.29 33.85
CA PRO T 466 -14.47 73.35 34.83
C PRO T 466 -13.25 73.51 35.73
N LEU T 467 -13.06 74.74 36.20
CA LEU T 467 -11.96 75.08 37.10
C LEU T 467 -12.46 74.94 38.53
N ARG T 468 -12.25 73.75 39.10
CA ARG T 468 -12.68 73.47 40.46
C ARG T 468 -11.70 74.09 41.47
N SER T 469 -11.99 73.88 42.76
CA SER T 469 -11.16 74.39 43.83
C SER T 469 -10.22 73.36 44.42
N ASP T 470 -10.39 72.08 44.07
CA ASP T 470 -9.55 71.00 44.56
C ASP T 470 -8.59 70.48 43.51
N SER T 471 -8.11 71.36 42.63
CA SER T 471 -7.19 71.00 41.57
C SER T 471 -5.93 71.83 41.67
N THR T 472 -4.86 71.34 41.02
CA THR T 472 -3.57 72.01 41.02
C THR T 472 -3.08 72.37 39.63
N TRP T 473 -3.84 72.05 38.58
CA TRP T 473 -3.42 72.37 37.22
C TRP T 473 -3.65 73.84 36.87
N HIS T 474 -4.73 74.44 37.40
CA HIS T 474 -5.03 75.82 37.08
C HIS T 474 -4.18 76.79 37.89
N GLY T 475 -3.91 76.46 39.16
CA GLY T 475 -3.06 77.30 39.98
C GLY T 475 -3.64 78.64 40.34
N PHE T 476 -4.95 78.73 40.57
CA PHE T 476 -5.61 79.97 40.96
C PHE T 476 -6.05 79.84 42.42
N LYS T 477 -5.56 80.73 43.27
CA LYS T 477 -5.88 80.70 44.69
C LYS T 477 -7.27 81.27 44.92
N ASN T 478 -8.10 80.53 45.66
CA ASN T 478 -9.46 80.94 46.00
C ASN T 478 -10.28 81.26 44.74
N ILE T 479 -10.61 80.23 43.97
CA ILE T 479 -11.40 80.39 42.75
C ILE T 479 -12.81 79.87 43.01
N ASP T 480 -13.79 80.50 42.38
CA ASP T 480 -15.18 80.11 42.54
C ASP T 480 -15.48 78.87 41.70
N ASN T 481 -16.26 77.96 42.27
CA ASN T 481 -16.63 76.73 41.58
C ASN T 481 -17.79 76.98 40.64
N GLU T 482 -17.80 76.25 39.51
CA GLU T 482 -18.84 76.36 38.50
C GLU T 482 -18.96 77.79 37.97
N HIS T 483 -17.83 78.43 37.75
CA HIS T 483 -17.79 79.80 37.25
C HIS T 483 -16.79 79.98 36.11
N MET T 484 -15.66 79.29 36.15
CA MET T 484 -14.63 79.40 35.12
C MET T 484 -14.53 78.06 34.40
N TYR T 485 -14.62 78.12 33.06
CA TYR T 485 -14.53 76.94 32.22
C TYR T 485 -13.29 77.02 31.33
N LEU T 486 -13.00 75.92 30.64
CA LEU T 486 -11.84 75.82 29.78
C LEU T 486 -12.28 75.58 28.34
N ASP T 487 -11.61 76.27 27.41
CA ASP T 487 -11.90 76.11 25.99
C ASP T 487 -11.06 74.98 25.43
N PRO T 488 -11.66 73.90 24.92
CA PRO T 488 -10.85 72.79 24.40
C PRO T 488 -9.99 73.17 23.21
N ILE T 489 -10.46 74.06 22.33
CA ILE T 489 -9.69 74.44 21.15
C ILE T 489 -8.51 75.34 21.48
N LYS T 490 -8.50 75.97 22.65
CA LYS T 490 -7.42 76.87 23.05
C LYS T 490 -6.38 76.06 23.83
N VAL T 491 -5.52 75.36 23.09
CA VAL T 491 -4.48 74.55 23.68
C VAL T 491 -3.34 75.47 24.11
N THR T 492 -3.14 75.62 25.41
CA THR T 492 -2.09 76.47 25.95
C THR T 492 -0.97 75.58 26.47
N LEU T 493 0.18 75.61 25.79
CA LEU T 493 1.32 74.82 26.20
C LEU T 493 2.01 75.43 27.41
N LEU T 494 2.75 74.61 28.13
CA LEU T 494 3.50 75.02 29.32
C LEU T 494 4.92 74.50 29.21
N THR T 495 5.86 75.39 28.92
CA THR T 495 7.26 74.99 28.83
C THR T 495 7.82 74.71 30.22
N PRO T 496 8.64 73.68 30.38
CA PRO T 496 9.21 73.38 31.70
C PRO T 496 10.13 74.51 32.16
N GLY T 497 9.81 75.06 33.33
CA GLY T 497 10.60 76.13 33.89
C GLY T 497 10.18 76.52 35.30
N MET T 498 8.93 76.21 35.66
CA MET T 498 8.40 76.51 36.98
C MET T 498 7.80 75.26 37.59
N GLU T 499 7.59 75.31 38.90
CA GLU T 499 7.02 74.20 39.64
C GLU T 499 5.50 74.34 39.69
N LYS T 500 4.86 73.50 40.51
CA LYS T 500 3.41 73.54 40.66
C LYS T 500 2.95 74.45 41.80
N ASP T 501 3.87 74.94 42.63
CA ASP T 501 3.53 75.81 43.74
C ASP T 501 3.70 77.29 43.40
N GLY T 502 4.24 77.62 42.24
CA GLY T 502 4.44 79.00 41.84
C GLY T 502 5.85 79.52 41.95
N THR T 503 6.82 78.66 42.26
CA THR T 503 8.20 79.08 42.39
C THR T 503 8.93 78.87 41.06
N MET T 504 10.25 78.75 41.09
CA MET T 504 11.06 78.55 39.89
C MET T 504 11.73 77.19 39.96
N SER T 505 12.62 76.94 38.99
CA SER T 505 13.35 75.68 38.91
C SER T 505 14.74 75.96 38.35
N ASP T 506 15.61 74.96 38.45
CA ASP T 506 16.97 75.09 37.94
C ASP T 506 17.01 74.97 36.42
N PHE T 507 16.45 73.89 35.88
CA PHE T 507 16.41 73.67 34.44
C PHE T 507 15.11 74.25 33.88
N GLY T 508 15.22 75.33 33.14
CA GLY T 508 14.05 75.98 32.57
C GLY T 508 14.35 76.54 31.20
N ILE T 509 13.36 76.45 30.31
CA ILE T 509 13.48 76.97 28.95
C ILE T 509 12.42 78.03 28.73
N PRO T 510 12.82 79.29 28.49
CA PRO T 510 11.83 80.34 28.25
C PRO T 510 11.04 80.10 26.97
N ALA T 511 9.84 80.67 26.93
CA ALA T 511 8.97 80.53 25.77
C ALA T 511 9.34 81.48 24.63
N SER T 512 10.23 82.44 24.88
CA SER T 512 10.62 83.37 23.82
C SER T 512 11.53 82.71 22.80
N ILE T 513 12.35 81.74 23.23
CA ILE T 513 13.23 81.04 22.30
C ILE T 513 12.42 80.10 21.42
N VAL T 514 11.43 79.42 22.01
CA VAL T 514 10.59 78.51 21.23
C VAL T 514 9.71 79.27 20.25
N ALA T 515 9.35 80.51 20.58
CA ALA T 515 8.49 81.29 19.70
C ALA T 515 9.18 81.59 18.37
N LYS T 516 10.47 81.93 18.40
CA LYS T 516 11.21 82.19 17.18
C LYS T 516 11.57 80.92 16.42
N TYR T 517 11.68 79.79 17.12
CA TYR T 517 12.00 78.53 16.46
C TYR T 517 10.84 78.02 15.62
N LEU T 518 9.60 78.26 16.07
CA LEU T 518 8.44 77.81 15.30
C LEU T 518 8.24 78.66 14.05
N ASP T 519 8.71 79.90 14.06
CA ASP T 519 8.57 80.76 12.90
C ASP T 519 9.47 80.36 11.75
N GLU T 520 10.52 79.59 12.02
CA GLU T 520 11.42 79.16 10.96
C GLU T 520 10.74 78.18 10.00
N HIS T 521 9.96 77.24 10.55
CA HIS T 521 9.26 76.29 9.70
C HIS T 521 7.97 76.86 9.13
N GLY T 522 7.37 77.83 9.82
CA GLY T 522 6.14 78.44 9.35
C GLY T 522 5.00 78.36 10.34
N ILE T 523 5.30 78.54 11.62
CA ILE T 523 4.31 78.50 12.69
C ILE T 523 4.41 79.80 13.46
N VAL T 524 3.32 80.57 13.48
CA VAL T 524 3.25 81.85 14.18
C VAL T 524 2.65 81.63 15.55
N VAL T 525 3.32 82.10 16.59
CA VAL T 525 2.86 81.97 17.96
C VAL T 525 1.93 83.14 18.28
N GLU T 526 0.74 82.83 18.79
CA GLU T 526 -0.23 83.88 19.12
C GLU T 526 0.21 84.66 20.34
N LYS T 527 0.46 83.98 21.46
CA LYS T 527 0.87 84.61 22.70
C LYS T 527 2.06 83.87 23.29
N THR T 528 3.07 84.63 23.70
CA THR T 528 4.27 84.05 24.29
C THR T 528 4.90 85.07 25.23
N GLY T 529 5.80 84.59 26.09
CA GLY T 529 6.48 85.44 27.03
C GLY T 529 7.16 84.65 28.13
N PRO T 530 6.47 84.47 29.26
CA PRO T 530 7.06 83.74 30.38
C PRO T 530 7.30 82.27 30.07
N TYR T 531 6.31 81.43 30.33
CA TYR T 531 6.41 80.00 30.10
C TYR T 531 5.07 79.46 29.61
N ASN T 532 4.58 80.02 28.51
CA ASN T 532 3.31 79.60 27.94
C ASN T 532 3.33 79.82 26.43
N LEU T 533 2.50 79.05 25.74
CA LEU T 533 2.37 79.14 24.29
C LEU T 533 0.91 78.98 23.92
N LEU T 534 0.33 80.00 23.29
CA LEU T 534 -1.07 79.98 22.89
C LEU T 534 -1.19 79.81 21.39
N PHE T 535 -2.15 78.99 20.97
CA PHE T 535 -2.41 78.72 19.56
C PHE T 535 -3.89 78.88 19.29
N LEU T 536 -4.28 78.69 18.02
CA LEU T 536 -5.66 78.84 17.59
C LEU T 536 -6.05 77.62 16.76
N PHE T 537 -7.03 76.87 17.24
CA PHE T 537 -7.55 75.68 16.55
C PHE T 537 -8.99 75.95 16.17
N SER T 538 -9.18 76.67 15.06
CA SER T 538 -10.52 77.03 14.59
C SER T 538 -10.97 76.03 13.53
N ILE T 539 -11.97 76.39 12.72
CA ILE T 539 -12.45 75.51 11.67
C ILE T 539 -11.48 75.43 10.50
N GLY T 540 -10.60 76.44 10.35
CA GLY T 540 -9.62 76.43 9.28
C GLY T 540 -8.41 75.56 9.52
N ILE T 541 -8.25 75.04 10.74
CA ILE T 541 -7.12 74.18 11.09
C ILE T 541 -7.54 72.74 10.78
N ASP T 542 -7.08 72.22 9.66
CA ASP T 542 -7.42 70.86 9.24
C ASP T 542 -6.47 69.87 9.90
N LYS T 543 -6.47 68.63 9.40
CA LYS T 543 -5.59 67.60 9.96
C LYS T 543 -4.14 67.80 9.58
N THR T 544 -3.86 68.57 8.52
CA THR T 544 -2.48 68.83 8.12
C THR T 544 -1.84 69.89 9.00
N LYS T 545 -2.55 71.00 9.24
CA LYS T 545 -2.01 72.08 10.06
C LYS T 545 -1.93 71.69 11.54
N ALA T 546 -2.75 70.74 11.98
CA ALA T 546 -2.70 70.33 13.39
C ALA T 546 -1.50 69.44 13.65
N LEU T 547 -1.20 68.52 12.73
CA LEU T 547 -0.06 67.61 12.90
C LEU T 547 1.27 68.29 12.61
N SER T 548 1.26 69.45 11.96
CA SER T 548 2.51 70.15 11.69
C SER T 548 3.12 70.79 12.93
N LEU T 549 2.32 71.02 13.97
CA LEU T 549 2.83 71.62 15.19
C LEU T 549 3.55 70.59 16.06
N LEU T 550 3.05 69.35 16.09
CA LEU T 550 3.68 68.32 16.91
C LEU T 550 5.05 67.93 16.35
N ARG T 551 5.20 67.93 15.03
CA ARG T 551 6.49 67.60 14.43
C ARG T 551 7.55 68.66 14.74
N ALA T 552 7.14 69.93 14.81
CA ALA T 552 8.10 70.98 15.13
C ALA T 552 8.49 70.95 16.60
N LEU T 553 7.61 70.45 17.47
CA LEU T 553 7.95 70.36 18.89
C LEU T 553 8.93 69.23 19.16
N THR T 554 8.80 68.12 18.43
CA THR T 554 9.74 67.01 18.60
C THR T 554 11.11 67.35 18.05
N ASP T 555 11.18 68.20 17.02
CA ASP T 555 12.47 68.60 16.47
C ASP T 555 13.21 69.57 17.39
N PHE T 556 12.50 70.30 18.24
CA PHE T 556 13.15 71.21 19.17
C PHE T 556 13.87 70.46 20.28
N LYS T 557 13.33 69.31 20.70
CA LYS T 557 13.98 68.51 21.73
C LYS T 557 15.24 67.83 21.18
N ARG T 558 15.20 67.39 19.93
CA ARG T 558 16.37 66.75 19.34
C ARG T 558 17.49 67.76 19.12
N ALA T 559 17.15 68.97 18.69
CA ALA T 559 18.16 70.00 18.48
C ALA T 559 18.73 70.54 19.77
N PHE T 560 18.01 70.42 20.88
CA PHE T 560 18.48 70.91 22.16
C PHE T 560 19.25 69.86 22.95
N ASP T 561 18.87 68.59 22.84
CA ASP T 561 19.59 67.54 23.56
C ASP T 561 20.96 67.29 22.95
N LEU T 562 21.11 67.43 21.64
CA LEU T 562 22.39 67.25 20.99
C LEU T 562 23.30 68.46 21.11
N ASN T 563 22.82 69.56 21.69
CA ASN T 563 23.58 70.78 21.89
C ASN T 563 24.12 71.31 20.57
N LEU T 564 23.26 71.92 19.77
CA LEU T 564 23.64 72.49 18.49
C LEU T 564 23.96 73.98 18.62
N ARG T 565 24.37 74.58 17.51
CA ARG T 565 24.73 75.99 17.49
C ARG T 565 23.52 76.84 17.13
N VAL T 566 23.66 78.15 17.38
CA VAL T 566 22.58 79.08 17.06
C VAL T 566 22.50 79.32 15.56
N LYS T 567 23.66 79.40 14.89
CA LYS T 567 23.67 79.63 13.45
C LYS T 567 23.08 78.44 12.69
N ASN T 568 23.32 77.23 13.19
CA ASN T 568 22.80 76.02 12.58
C ASN T 568 21.45 75.60 13.17
N MET T 569 20.60 76.57 13.52
CA MET T 569 19.30 76.26 14.09
C MET T 569 18.36 77.46 13.95
N LEU T 570 18.85 78.66 14.26
CA LEU T 570 18.07 79.89 14.17
C LEU T 570 18.79 80.85 13.22
N PRO T 571 18.56 80.73 11.91
CA PRO T 571 19.24 81.64 10.98
C PRO T 571 18.71 83.06 11.04
N SER T 572 17.47 83.26 11.48
CA SER T 572 16.93 84.62 11.56
C SER T 572 17.53 85.38 12.73
N LEU T 573 17.74 84.70 13.86
CA LEU T 573 18.34 85.37 15.01
C LEU T 573 19.82 85.64 14.80
N TYR T 574 20.50 84.81 14.02
CA TYR T 574 21.93 85.02 13.76
C TYR T 574 22.17 86.25 12.90
N ARG T 575 21.24 86.57 12.00
CA ARG T 575 21.42 87.73 11.13
C ARG T 575 21.24 89.05 11.87
N GLU T 576 20.64 89.02 13.07
CA GLU T 576 20.46 90.26 13.82
C GLU T 576 21.78 90.74 14.41
N ASP T 577 22.61 89.82 14.89
CA ASP T 577 23.92 90.18 15.45
C ASP T 577 24.85 88.99 15.28
N PRO T 578 25.49 88.87 14.10
CA PRO T 578 26.40 87.74 13.88
C PRO T 578 27.63 87.76 14.77
N GLU T 579 28.04 88.93 15.27
CA GLU T 579 29.24 89.00 16.10
C GLU T 579 28.98 88.45 17.50
N PHE T 580 27.85 88.82 18.11
CA PHE T 580 27.56 88.36 19.46
C PHE T 580 27.12 86.89 19.47
N TYR T 581 26.34 86.47 18.47
CA TYR T 581 25.86 85.10 18.36
C TYR T 581 26.80 84.22 17.55
N GLU T 582 28.12 84.44 17.67
CA GLU T 582 29.08 83.62 16.93
C GLU T 582 29.36 82.30 17.66
N ASN T 583 30.09 82.37 18.76
CA ASN T 583 30.42 81.18 19.55
C ASN T 583 29.41 80.95 20.66
N MET T 584 28.14 80.74 20.28
CA MET T 584 27.06 80.50 21.22
C MET T 584 26.22 79.33 20.74
N ARG T 585 25.87 78.44 21.68
CA ARG T 585 25.08 77.26 21.40
C ARG T 585 23.66 77.44 21.92
N ILE T 586 22.82 76.44 21.66
CA ILE T 586 21.43 76.50 22.08
C ILE T 586 21.27 76.25 23.58
N GLN T 587 22.22 75.54 24.20
CA GLN T 587 22.12 75.27 25.63
C GLN T 587 22.68 76.41 26.47
N GLU T 588 23.63 77.17 25.93
CA GLU T 588 24.19 78.30 26.68
C GLU T 588 23.21 79.46 26.75
N LEU T 589 22.45 79.70 25.68
CA LEU T 589 21.50 80.79 25.67
C LEU T 589 20.24 80.44 26.46
N ALA T 590 19.87 79.15 26.47
CA ALA T 590 18.66 78.74 27.18
C ALA T 590 18.84 78.76 28.69
N GLN T 591 20.09 78.66 29.16
CA GLN T 591 20.35 78.66 30.60
C GLN T 591 20.66 80.04 31.15
N ASN T 592 21.27 80.92 30.33
CA ASN T 592 21.60 82.26 30.81
C ASN T 592 20.36 83.12 30.97
N ILE T 593 19.35 82.93 30.12
CA ILE T 593 18.12 83.71 30.23
C ILE T 593 17.31 83.24 31.43
N HIS T 594 17.32 81.93 31.71
CA HIS T 594 16.55 81.42 32.84
C HIS T 594 17.11 81.92 34.18
N LYS T 595 18.42 82.15 34.26
CA LYS T 595 19.00 82.66 35.50
C LYS T 595 18.64 84.13 35.72
N LEU T 596 18.40 84.87 34.65
CA LEU T 596 18.01 86.27 34.81
C LEU T 596 16.59 86.41 35.32
N ILE T 597 15.73 85.44 35.01
CA ILE T 597 14.35 85.49 35.49
C ILE T 597 14.30 85.25 36.99
N VAL T 598 15.12 84.32 37.49
CA VAL T 598 15.15 84.05 38.92
C VAL T 598 15.82 85.18 39.67
N HIS T 599 16.86 85.78 39.07
CA HIS T 599 17.57 86.88 39.72
C HIS T 599 16.67 88.11 39.85
N HIS T 600 16.05 88.53 38.74
CA HIS T 600 15.17 89.69 38.75
C HIS T 600 13.81 89.38 39.36
N ASN T 601 13.49 88.11 39.57
CA ASN T 601 12.22 87.69 40.17
C ASN T 601 11.03 88.21 39.37
N LEU T 602 10.67 87.48 38.31
CA LEU T 602 9.61 87.90 37.41
C LEU T 602 8.22 87.51 37.92
N PRO T 603 7.99 86.27 38.38
CA PRO T 603 6.62 85.92 38.81
C PRO T 603 6.12 86.73 39.99
N ASP T 604 7.01 87.19 40.87
CA ASP T 604 6.57 87.97 42.03
C ASP T 604 6.29 89.42 41.65
N LEU T 605 7.13 90.02 40.81
CA LEU T 605 6.93 91.41 40.41
C LEU T 605 5.79 91.55 39.41
N MET T 606 5.35 90.46 38.78
CA MET T 606 4.25 90.51 37.84
C MET T 606 2.91 90.22 38.50
N TYR T 607 2.89 89.34 39.50
CA TYR T 607 1.63 89.02 40.17
C TYR T 607 1.16 90.18 41.04
N ARG T 608 2.10 90.91 41.66
CA ARG T 608 1.75 92.03 42.53
C ARG T 608 1.57 93.33 41.76
N ALA T 609 1.83 93.34 40.45
CA ALA T 609 1.68 94.54 39.64
C ALA T 609 0.26 94.71 39.09
N PHE T 610 -0.65 93.80 39.42
CA PHE T 610 -2.02 93.88 38.92
C PHE T 610 -3.08 93.68 40.01
N GLU T 611 -2.71 93.20 41.20
CA GLU T 611 -3.69 93.01 42.25
C GLU T 611 -4.17 94.34 42.83
N VAL T 612 -3.34 95.37 42.76
CA VAL T 612 -3.68 96.69 43.26
C VAL T 612 -3.94 97.61 42.08
N LEU T 613 -4.74 98.65 42.31
CA LEU T 613 -5.09 99.62 41.29
C LEU T 613 -4.52 100.98 41.66
N PRO T 614 -3.86 101.68 40.73
CA PRO T 614 -3.33 103.01 41.05
C PRO T 614 -4.44 104.00 41.34
N THR T 615 -4.06 105.10 41.99
CA THR T 615 -5.01 106.14 42.36
C THR T 615 -5.51 106.85 41.11
N MET T 616 -6.76 106.60 40.75
CA MET T 616 -7.37 107.23 39.57
C MET T 616 -7.81 108.63 39.96
N VAL T 617 -7.05 109.64 39.53
CA VAL T 617 -7.37 111.02 39.87
C VAL T 617 -8.58 111.50 39.07
N MET T 618 -8.49 111.43 37.74
CA MET T 618 -9.55 111.88 36.86
C MET T 618 -9.99 110.75 35.95
N THR T 619 -11.09 110.98 35.23
CA THR T 619 -11.59 109.98 34.31
C THR T 619 -10.69 109.88 33.09
N PRO T 620 -10.68 108.72 32.41
CA PRO T 620 -9.86 108.59 31.20
C PRO T 620 -10.24 109.57 30.10
N TYR T 621 -11.49 110.04 30.09
CA TYR T 621 -11.88 111.04 29.10
C TYR T 621 -11.26 112.40 29.39
N ALA T 622 -11.03 112.71 30.67
CA ALA T 622 -10.43 113.98 31.03
C ALA T 622 -8.92 114.00 30.77
N ALA T 623 -8.28 112.84 30.75
CA ALA T 623 -6.85 112.79 30.48
C ALA T 623 -6.54 113.13 29.03
N PHE T 624 -7.43 112.76 28.10
CA PHE T 624 -7.24 113.09 26.70
C PHE T 624 -7.50 114.56 26.40
N GLN T 625 -8.20 115.27 27.29
CA GLN T 625 -8.47 116.68 27.05
C GLN T 625 -7.21 117.53 27.17
N LYS T 626 -6.36 117.23 28.17
CA LYS T 626 -5.13 118.00 28.34
C LYS T 626 -4.08 117.67 27.28
N GLU T 627 -4.20 116.51 26.63
CA GLU T 627 -3.25 116.15 25.58
C GLU T 627 -3.48 116.95 24.31
N LEU T 628 -4.74 117.32 24.03
CA LEU T 628 -5.03 118.08 22.82
C LEU T 628 -4.52 119.51 22.91
N HIS T 629 -4.42 120.05 24.12
CA HIS T 629 -3.95 121.42 24.33
C HIS T 629 -2.43 121.53 24.34
N GLY T 630 -1.71 120.43 24.13
CA GLY T 630 -0.26 120.48 24.13
C GLY T 630 0.36 120.53 25.51
N MET T 631 -0.38 120.13 26.55
CA MET T 631 0.12 120.13 27.92
C MET T 631 0.76 118.81 28.31
N THR T 632 1.57 118.22 27.43
CA THR T 632 2.23 116.96 27.69
C THR T 632 3.75 117.14 27.66
N GLU T 633 4.44 116.29 28.41
CA GLU T 633 5.89 116.33 28.47
C GLU T 633 6.43 114.91 28.52
N GLU T 634 7.69 114.75 28.13
CA GLU T 634 8.37 113.46 28.12
C GLU T 634 9.36 113.42 29.27
N VAL T 635 9.09 112.56 30.26
CA VAL T 635 9.94 112.41 31.42
C VAL T 635 10.51 110.99 31.41
N TYR T 636 11.51 110.78 32.26
CA TYR T 636 12.15 109.47 32.37
C TYR T 636 11.26 108.50 33.14
N LEU T 637 11.65 107.22 33.10
CA LEU T 637 10.88 106.20 33.81
C LEU T 637 11.08 106.28 35.32
N ASP T 638 12.28 106.66 35.76
CA ASP T 638 12.58 106.77 37.18
C ASP T 638 12.08 108.09 37.79
N GLU T 639 11.52 108.99 36.98
CA GLU T 639 11.02 110.28 37.46
C GLU T 639 9.55 110.42 37.04
N MET T 640 8.69 109.63 37.69
CA MET T 640 7.27 109.71 37.37
C MET T 640 6.38 109.37 38.57
N VAL T 641 6.91 109.33 39.79
CA VAL T 641 6.11 109.03 40.96
C VAL T 641 5.26 110.24 41.31
N GLY T 642 3.95 110.09 41.23
CA GLY T 642 3.03 111.16 41.53
C GLY T 642 2.55 111.96 40.34
N ARG T 643 2.70 111.45 39.13
CA ARG T 643 2.28 112.13 37.91
C ARG T 643 1.13 111.38 37.26
N ILE T 644 0.47 112.05 36.31
CA ILE T 644 -0.66 111.48 35.59
C ILE T 644 -0.20 111.13 34.19
N ASN T 645 -0.36 109.86 33.81
CA ASN T 645 0.04 109.40 32.50
C ASN T 645 -0.99 109.83 31.45
N ALA T 646 -0.60 109.70 30.18
CA ALA T 646 -1.45 110.06 29.06
C ALA T 646 -1.82 108.90 28.17
N ASN T 647 -1.00 107.86 28.09
CA ASN T 647 -1.26 106.70 27.27
C ASN T 647 -1.39 105.46 28.14
N MET T 648 -1.82 104.36 27.53
CA MET T 648 -2.00 103.09 28.22
C MET T 648 -0.75 102.22 28.08
N ILE T 649 -0.28 101.69 29.19
CA ILE T 649 0.90 100.83 29.22
C ILE T 649 0.47 99.40 28.90
N LEU T 650 1.03 98.84 27.83
CA LEU T 650 0.73 97.48 27.38
C LEU T 650 2.05 96.73 27.27
N PRO T 651 2.57 96.19 28.36
CA PRO T 651 3.88 95.52 28.32
C PRO T 651 3.78 94.11 27.76
N TYR T 652 4.79 93.76 26.97
CA TYR T 652 4.92 92.41 26.41
C TYR T 652 6.19 91.79 26.93
N PRO T 653 6.12 90.70 27.72
CA PRO T 653 4.91 90.02 28.19
C PRO T 653 4.30 90.72 29.40
N PRO T 654 3.04 90.40 29.74
CA PRO T 654 2.12 89.49 29.03
C PRO T 654 1.44 90.13 27.83
N GLY T 655 0.36 90.86 28.07
CA GLY T 655 -0.40 91.51 27.00
C GLY T 655 -1.67 92.16 27.51
N VAL T 656 -1.68 92.54 28.78
CA VAL T 656 -2.85 93.14 29.40
C VAL T 656 -2.50 94.58 29.81
N PRO T 657 -3.48 95.48 29.89
CA PRO T 657 -3.17 96.85 30.30
C PRO T 657 -2.66 96.91 31.73
N LEU T 658 -1.67 97.78 31.95
CA LEU T 658 -1.07 97.96 33.27
C LEU T 658 -1.58 99.23 33.95
N VAL T 659 -1.34 100.39 33.35
CA VAL T 659 -1.77 101.68 33.89
C VAL T 659 -2.69 102.33 32.86
N MET T 660 -3.91 102.66 33.27
CA MET T 660 -4.87 103.29 32.38
C MET T 660 -4.52 104.76 32.18
N PRO T 661 -4.82 105.31 30.99
CA PRO T 661 -4.53 106.73 30.74
C PRO T 661 -5.32 107.65 31.67
N GLY T 662 -4.64 108.20 32.67
CA GLY T 662 -5.26 109.09 33.64
C GLY T 662 -5.07 108.70 35.09
N GLU T 663 -4.34 107.64 35.39
CA GLU T 663 -4.11 107.20 36.75
C GLU T 663 -2.77 107.69 37.27
N MET T 664 -2.68 107.86 38.58
CA MET T 664 -1.48 108.35 39.24
C MET T 664 -0.84 107.24 40.04
N ILE T 665 0.48 107.12 39.95
CA ILE T 665 1.24 106.12 40.69
C ILE T 665 1.76 106.77 41.96
N THR T 666 1.17 106.40 43.10
CA THR T 666 1.53 106.93 44.41
C THR T 666 2.32 105.87 45.17
N GLU T 667 2.20 105.88 46.50
CA GLU T 667 2.90 104.90 47.32
C GLU T 667 2.15 103.57 47.42
N GLU T 668 0.88 103.55 47.03
CA GLU T 668 0.12 102.31 47.09
C GLU T 668 0.47 101.37 45.94
N SER T 669 0.64 101.93 44.74
CA SER T 669 0.96 101.14 43.56
C SER T 669 2.47 101.10 43.29
N ARG T 670 3.24 100.72 44.32
CA ARG T 670 4.68 100.61 44.20
C ARG T 670 5.10 99.40 43.36
N PRO T 671 4.53 98.20 43.58
CA PRO T 671 4.89 97.06 42.72
C PRO T 671 4.50 97.26 41.27
N VAL T 672 3.55 98.15 40.97
CA VAL T 672 3.16 98.39 39.58
C VAL T 672 4.29 99.07 38.83
N LEU T 673 4.94 100.06 39.46
CA LEU T 673 6.05 100.74 38.79
C LEU T 673 7.29 99.86 38.72
N GLU T 674 7.46 98.94 39.68
CA GLU T 674 8.63 98.07 39.67
C GLU T 674 8.61 97.08 38.51
N PHE T 675 7.43 96.79 37.95
CA PHE T 675 7.37 95.85 36.82
C PHE T 675 7.94 96.47 35.56
N LEU T 676 7.87 97.80 35.43
CA LEU T 676 8.41 98.46 34.24
C LEU T 676 9.93 98.55 34.30
N GLN T 677 10.49 98.78 35.49
CA GLN T 677 11.95 98.88 35.62
C GLN T 677 12.63 97.52 35.54
N MET T 678 11.91 96.43 35.82
CA MET T 678 12.51 95.11 35.76
C MET T 678 12.69 94.66 34.31
N LEU T 679 11.75 95.01 33.43
CA LEU T 679 11.86 94.61 32.04
C LEU T 679 12.93 95.39 31.29
N CYS T 680 13.30 96.58 31.78
CA CYS T 680 14.32 97.38 31.11
C CYS T 680 15.72 96.81 31.34
N GLU T 681 15.92 95.99 32.38
CA GLU T 681 17.22 95.40 32.65
C GLU T 681 17.36 94.01 32.05
N ILE T 682 16.31 93.19 32.12
CA ILE T 682 16.36 91.85 31.56
C ILE T 682 16.30 91.87 30.04
N GLY T 683 15.73 92.92 29.44
CA GLY T 683 15.64 93.01 28.00
C GLY T 683 16.63 93.99 27.40
N ALA T 684 17.91 93.84 27.76
CA ALA T 684 18.94 94.72 27.24
C ALA T 684 20.31 94.06 27.16
N HIS T 685 20.39 92.73 27.31
CA HIS T 685 21.66 92.02 27.25
C HIS T 685 21.71 90.98 26.12
N TYR T 686 20.63 90.79 25.38
CA TYR T 686 20.60 89.83 24.29
C TYR T 686 19.74 90.40 23.17
N PRO T 687 20.27 90.53 21.95
CA PRO T 687 19.47 91.04 20.84
C PRO T 687 18.32 90.10 20.51
N GLY T 688 17.23 90.70 20.03
CA GLY T 688 16.03 89.98 19.68
C GLY T 688 15.01 89.87 20.79
N PHE T 689 15.46 89.88 22.04
CA PHE T 689 14.56 89.79 23.19
C PHE T 689 14.48 91.13 23.92
N GLU T 690 14.33 92.22 23.16
CA GLU T 690 14.27 93.54 23.76
C GLU T 690 12.93 93.76 24.46
N THR T 691 12.88 94.81 25.28
CA THR T 691 11.66 95.12 26.01
C THR T 691 10.64 95.76 25.08
N ASP T 692 9.44 95.19 25.04
CA ASP T 692 8.36 95.65 24.18
C ASP T 692 7.22 96.14 25.06
N ILE T 693 7.13 97.45 25.24
CA ILE T 693 6.07 98.08 26.02
C ILE T 693 5.46 99.19 25.17
N HIS T 694 4.17 99.07 24.88
CA HIS T 694 3.45 100.06 24.08
C HIS T 694 3.23 101.31 24.94
N GLY T 695 4.10 102.31 24.75
CA GLY T 695 4.00 103.54 25.50
C GLY T 695 5.35 104.12 25.88
N ALA T 696 6.32 103.25 26.08
CA ALA T 696 7.68 103.66 26.44
C ALA T 696 8.53 103.76 25.18
N TYR T 697 9.12 104.94 24.97
CA TYR T 697 9.94 105.19 23.79
C TYR T 697 11.42 105.01 24.15
N ARG T 698 12.15 104.37 23.26
CA ARG T 698 13.57 104.11 23.45
C ARG T 698 14.39 105.31 22.97
N GLN T 699 15.33 105.75 23.81
CA GLN T 699 16.18 106.88 23.47
C GLN T 699 17.51 106.41 22.92
N ALA T 700 18.58 107.16 23.22
CA ALA T 700 19.92 106.81 22.75
C ALA T 700 20.84 106.33 23.86
N ASP T 701 20.32 106.14 25.07
CA ASP T 701 21.11 105.68 26.20
C ASP T 701 20.64 104.37 26.80
N GLY T 702 19.35 104.03 26.65
CA GLY T 702 18.79 102.80 27.18
C GLY T 702 17.59 103.01 28.08
N ARG T 703 17.50 104.19 28.71
CA ARG T 703 16.39 104.49 29.60
C ARG T 703 15.16 104.87 28.80
N TYR T 704 14.05 104.20 29.07
CA TYR T 704 12.80 104.49 28.38
C TYR T 704 12.12 105.72 28.97
N THR T 705 11.46 106.48 28.10
CA THR T 705 10.75 107.69 28.49
C THR T 705 9.27 107.54 28.18
N VAL T 706 8.43 108.10 29.05
CA VAL T 706 6.99 108.05 28.90
C VAL T 706 6.46 109.47 28.77
N LYS T 707 5.21 109.58 28.32
CA LYS T 707 4.55 110.86 28.13
C LYS T 707 3.52 111.07 29.24
N VAL T 708 3.72 112.10 30.05
CA VAL T 708 2.82 112.41 31.15
C VAL T 708 2.20 113.80 30.91
N LEU T 709 1.38 114.25 31.85
CA LEU T 709 0.74 115.55 31.74
C LEU T 709 1.48 116.58 32.59
N LYS T 710 1.39 117.83 32.16
CA LYS T 710 2.06 118.91 32.87
C LYS T 710 1.34 119.23 34.18
N GLU T 711 2.10 119.66 35.17
CA GLU T 711 1.55 120.01 36.48
C GLU T 711 0.94 121.40 36.46
N HIS U 3 133.59 13.49 -64.90
CA HIS U 3 133.66 12.03 -65.01
C HIS U 3 132.39 11.32 -64.54
N PRO U 4 131.82 11.68 -63.37
CA PRO U 4 130.56 11.04 -62.95
C PRO U 4 129.38 11.37 -63.85
N HIS U 5 129.41 12.51 -64.56
CA HIS U 5 128.30 12.86 -65.43
C HIS U 5 128.28 12.00 -66.70
N LEU U 6 129.44 11.57 -67.17
CA LEU U 6 129.52 10.72 -68.36
C LEU U 6 129.17 9.27 -68.08
N LEU U 7 129.03 8.88 -66.81
CA LEU U 7 128.68 7.50 -66.50
C LEU U 7 127.23 7.20 -66.79
N ALA U 8 126.34 8.19 -66.65
CA ALA U 8 124.93 7.96 -66.90
C ALA U 8 124.64 7.73 -68.38
N GLU U 9 125.47 8.31 -69.26
CA GLU U 9 125.26 8.12 -70.69
C GLU U 9 125.68 6.72 -71.14
N ARG U 10 126.73 6.17 -70.54
CA ARG U 10 127.19 4.84 -70.92
C ARG U 10 126.22 3.77 -70.45
N ILE U 11 125.58 3.98 -69.31
CA ILE U 11 124.61 3.01 -68.81
C ILE U 11 123.32 3.07 -69.62
N SER U 12 122.92 4.26 -70.05
CA SER U 12 121.70 4.39 -70.85
C SER U 12 121.84 3.69 -72.21
N ARG U 13 123.05 3.66 -72.77
CA ARG U 13 123.27 2.97 -74.03
C ARG U 13 123.44 1.47 -73.85
N LEU U 14 123.85 1.02 -72.66
CA LEU U 14 124.00 -0.42 -72.41
C LEU U 14 122.66 -1.10 -72.26
N SER U 15 121.72 -0.47 -71.55
CA SER U 15 120.39 -1.04 -71.37
C SER U 15 119.55 -0.97 -72.64
N SER U 16 119.89 -0.06 -73.57
CA SER U 16 119.13 0.04 -74.80
C SER U 16 119.43 -1.12 -75.74
N SER U 17 120.65 -1.65 -75.72
CA SER U 17 120.98 -2.79 -76.57
C SER U 17 120.38 -4.07 -76.05
N LEU U 18 120.20 -4.20 -74.73
CA LEU U 18 119.60 -5.40 -74.16
C LEU U 18 118.10 -5.45 -74.40
N GLU U 19 117.46 -4.30 -74.59
CA GLU U 19 116.02 -4.27 -74.82
C GLU U 19 115.64 -4.78 -76.22
N LYS U 20 116.55 -4.67 -77.17
CA LYS U 20 116.29 -5.14 -78.54
C LYS U 20 116.11 -6.65 -78.55
N GLY U 21 114.90 -7.10 -78.86
CA GLY U 21 114.57 -8.51 -78.89
C GLY U 21 113.48 -8.93 -77.92
N LEU U 22 113.12 -8.07 -76.95
CA LEU U 22 112.08 -8.37 -75.99
C LEU U 22 111.16 -7.17 -75.88
N TYR U 23 109.85 -7.41 -76.02
CA TYR U 23 108.84 -6.36 -75.94
C TYR U 23 108.11 -6.42 -74.61
N GLU U 24 107.75 -5.25 -74.10
CA GLU U 24 107.05 -5.11 -72.82
C GLU U 24 107.84 -5.73 -71.67
N ARG U 25 109.17 -5.70 -71.77
CA ARG U 25 110.05 -6.26 -70.75
C ARG U 25 111.17 -5.28 -70.40
N SER U 26 110.92 -3.99 -70.61
CA SER U 26 111.95 -2.99 -70.31
C SER U 26 112.14 -2.83 -68.80
N HIS U 27 111.06 -2.99 -68.03
CA HIS U 27 111.17 -2.84 -66.58
C HIS U 27 111.92 -4.00 -65.94
N ALA U 28 111.94 -5.18 -66.57
CA ALA U 28 112.65 -6.32 -66.00
C ALA U 28 114.13 -6.28 -66.31
N ILE U 29 114.51 -5.74 -67.47
CA ILE U 29 115.92 -5.70 -67.84
C ILE U 29 116.65 -4.61 -67.06
N ARG U 30 115.99 -3.48 -66.81
CA ARG U 30 116.63 -2.38 -66.09
C ARG U 30 116.90 -2.76 -64.64
N LEU U 31 115.99 -3.51 -64.01
CA LEU U 31 116.19 -3.92 -62.63
C LEU U 31 117.25 -4.99 -62.49
N CYS U 32 117.37 -5.88 -63.48
CA CYS U 32 118.40 -6.92 -63.42
C CYS U 32 119.79 -6.36 -63.73
N LEU U 33 119.87 -5.29 -64.50
CA LEU U 33 121.17 -4.70 -64.81
C LEU U 33 121.75 -3.96 -63.62
N LEU U 34 120.90 -3.29 -62.84
CA LEU U 34 121.38 -2.56 -61.67
C LEU U 34 121.76 -3.52 -60.53
N ALA U 35 121.02 -4.62 -60.38
CA ALA U 35 121.33 -5.57 -59.32
C ALA U 35 122.59 -6.36 -59.65
N ALA U 36 122.93 -6.51 -60.94
CA ALA U 36 124.14 -7.23 -61.30
C ALA U 36 125.40 -6.41 -61.04
N LEU U 37 125.31 -5.09 -61.19
CA LEU U 37 126.45 -4.22 -60.95
C LEU U 37 126.62 -3.84 -59.49
N SER U 38 125.69 -4.23 -58.62
CA SER U 38 125.76 -3.93 -57.20
C SER U 38 125.89 -5.16 -56.31
N GLY U 39 125.65 -6.36 -56.84
CA GLY U 39 125.77 -7.56 -56.05
C GLY U 39 124.49 -7.94 -55.33
N GLU U 40 123.35 -7.78 -56.00
CA GLU U 40 122.04 -8.10 -55.45
C GLU U 40 121.41 -9.25 -56.24
N SER U 41 120.21 -9.64 -55.83
CA SER U 41 119.47 -10.72 -56.48
C SER U 41 118.22 -10.16 -57.12
N VAL U 42 117.50 -11.05 -57.81
CA VAL U 42 116.26 -10.69 -58.50
C VAL U 42 115.41 -11.94 -58.64
N PHE U 43 114.09 -11.78 -58.52
CA PHE U 43 113.14 -12.88 -58.61
C PHE U 43 112.10 -12.57 -59.68
N LEU U 44 111.76 -13.58 -60.48
CA LEU U 44 110.76 -13.46 -61.52
C LEU U 44 109.61 -14.43 -61.25
N LEU U 45 108.47 -14.13 -61.86
CA LEU U 45 107.28 -14.95 -61.68
C LEU U 45 106.38 -14.79 -62.90
N GLY U 46 105.90 -15.91 -63.42
CA GLY U 46 105.03 -15.90 -64.58
C GLY U 46 104.79 -17.29 -65.13
N PRO U 47 103.80 -17.43 -66.00
CA PRO U 47 103.50 -18.73 -66.59
C PRO U 47 104.54 -19.11 -67.63
N PRO U 48 104.75 -20.40 -67.85
CA PRO U 48 105.73 -20.83 -68.87
C PRO U 48 105.30 -20.40 -70.26
N GLY U 49 106.20 -19.74 -70.97
CA GLY U 49 105.95 -19.25 -72.31
C GLY U 49 106.17 -17.77 -72.51
N ILE U 50 106.38 -17.01 -71.44
CA ILE U 50 106.61 -15.57 -71.53
C ILE U 50 108.10 -15.25 -71.56
N ALA U 51 108.96 -16.24 -71.83
CA ALA U 51 110.40 -16.07 -71.90
C ALA U 51 110.96 -15.54 -70.58
N LYS U 52 111.15 -16.48 -69.65
CA LYS U 52 111.70 -16.15 -68.34
C LYS U 52 113.17 -16.54 -68.20
N SER U 53 113.65 -17.50 -69.00
CA SER U 53 115.04 -17.92 -68.96
C SER U 53 115.92 -17.20 -69.96
N LEU U 54 115.33 -16.42 -70.88
CA LEU U 54 116.12 -15.71 -71.87
C LEU U 54 116.81 -14.49 -71.27
N ILE U 55 116.21 -13.86 -70.26
CA ILE U 55 116.83 -12.69 -69.63
C ILE U 55 118.08 -13.06 -68.85
N ALA U 56 118.19 -14.32 -68.41
CA ALA U 56 119.39 -14.74 -67.69
C ALA U 56 120.58 -14.90 -68.63
N ARG U 57 120.33 -15.34 -69.87
CA ARG U 57 121.38 -15.49 -70.87
C ARG U 57 121.62 -14.21 -71.65
N ARG U 58 120.88 -13.14 -71.37
CA ARG U 58 121.06 -11.88 -72.07
C ARG U 58 121.97 -10.92 -71.31
N LEU U 59 121.92 -10.95 -69.98
CA LEU U 59 122.77 -10.08 -69.18
C LEU U 59 124.22 -10.51 -69.16
N LYS U 60 124.54 -11.72 -69.63
CA LYS U 60 125.92 -12.18 -69.63
C LYS U 60 126.74 -11.52 -70.74
N PHE U 61 126.09 -10.97 -71.77
CA PHE U 61 126.81 -10.32 -72.86
C PHE U 61 127.23 -8.90 -72.53
N ALA U 62 126.73 -8.32 -71.43
CA ALA U 62 127.12 -6.97 -71.05
C ALA U 62 128.48 -6.92 -70.37
N PHE U 63 129.06 -8.06 -70.05
CA PHE U 63 130.36 -8.14 -69.39
C PHE U 63 131.42 -8.63 -70.39
N GLN U 64 132.55 -9.11 -69.89
CA GLN U 64 133.61 -9.63 -70.74
C GLN U 64 134.01 -11.03 -70.30
N ASN U 65 134.06 -11.26 -69.00
CA ASN U 65 134.40 -12.57 -68.43
C ASN U 65 133.24 -13.03 -67.55
N ALA U 66 132.19 -13.54 -68.19
CA ALA U 66 131.01 -14.01 -67.51
C ALA U 66 130.67 -15.43 -67.97
N ARG U 67 130.13 -16.22 -67.05
CA ARG U 67 129.74 -17.60 -67.33
C ARG U 67 128.27 -17.79 -66.99
N ALA U 68 127.58 -18.57 -67.81
CA ALA U 68 126.16 -18.83 -67.64
C ALA U 68 125.94 -20.21 -67.05
N PHE U 69 124.78 -20.39 -66.42
CA PHE U 69 124.42 -21.66 -65.81
C PHE U 69 122.90 -21.75 -65.73
N GLU U 70 122.31 -22.61 -66.55
CA GLU U 70 120.86 -22.79 -66.59
C GLU U 70 120.55 -24.23 -66.19
N TYR U 71 120.03 -24.40 -64.98
CA TYR U 71 119.67 -25.71 -64.46
C TYR U 71 118.20 -25.73 -64.07
N LEU U 72 117.55 -26.87 -64.29
CA LEU U 72 116.13 -27.05 -63.98
C LEU U 72 116.02 -27.87 -62.71
N MET U 73 115.57 -27.22 -61.63
CA MET U 73 115.40 -27.91 -60.35
C MET U 73 114.14 -28.77 -60.39
N THR U 74 114.28 -30.04 -60.04
CA THR U 74 113.18 -30.98 -59.99
C THR U 74 113.00 -31.49 -58.57
N ARG U 75 112.02 -32.38 -58.39
CA ARG U 75 111.74 -32.94 -57.08
C ARG U 75 112.74 -34.02 -56.67
N PHE U 76 113.57 -34.50 -57.60
CA PHE U 76 114.57 -35.52 -57.32
C PHE U 76 115.97 -35.03 -57.64
N SER U 77 116.19 -33.72 -57.56
CA SER U 77 117.49 -33.15 -57.85
C SER U 77 118.45 -33.38 -56.69
N THR U 78 119.73 -33.54 -57.02
CA THR U 78 120.77 -33.76 -56.04
C THR U 78 121.78 -32.62 -56.05
N PRO U 79 122.34 -32.27 -54.89
CA PRO U 79 123.34 -31.18 -54.87
C PRO U 79 124.60 -31.49 -55.64
N GLU U 80 124.92 -32.78 -55.86
CA GLU U 80 126.12 -33.14 -56.60
C GLU U 80 126.01 -32.82 -58.08
N GLU U 81 124.79 -32.76 -58.62
CA GLU U 81 124.57 -32.44 -60.02
C GLU U 81 124.42 -30.95 -60.28
N VAL U 82 124.59 -30.11 -59.27
CA VAL U 82 124.47 -28.66 -59.41
C VAL U 82 125.82 -27.98 -59.25
N PHE U 83 126.44 -28.11 -58.07
CA PHE U 83 127.74 -27.50 -57.83
C PHE U 83 128.88 -28.26 -58.50
N GLY U 84 128.80 -29.58 -58.55
CA GLY U 84 129.84 -30.38 -59.17
C GLY U 84 130.08 -31.68 -58.43
N PRO U 85 130.21 -32.78 -59.17
CA PRO U 85 130.43 -34.07 -58.53
C PRO U 85 131.84 -34.16 -57.94
N LEU U 86 131.91 -34.70 -56.72
CA LEU U 86 133.18 -34.84 -56.03
C LEU U 86 133.98 -35.99 -56.63
N SER U 87 135.28 -36.00 -56.33
CA SER U 87 136.19 -37.04 -56.83
C SER U 87 136.36 -38.14 -55.80
N GLU U 98 137.98 -30.74 -53.64
CA GLU U 98 137.77 -32.14 -53.94
C GLU U 98 136.58 -32.33 -54.87
N ARG U 99 135.79 -31.27 -55.04
CA ARG U 99 134.61 -31.29 -55.89
C ARG U 99 134.95 -30.69 -57.25
N LEU U 100 134.62 -31.42 -58.32
CA LEU U 100 134.88 -30.97 -59.68
C LEU U 100 133.87 -29.89 -60.06
N THR U 101 134.18 -28.66 -59.64
CA THR U 101 133.33 -27.51 -59.92
C THR U 101 133.79 -26.72 -61.13
N SER U 102 134.07 -27.40 -62.25
CA SER U 102 134.54 -26.75 -63.47
C SER U 102 133.35 -26.24 -64.26
N GLY U 103 133.06 -24.95 -64.13
CA GLY U 103 131.96 -24.34 -64.84
C GLY U 103 130.61 -24.75 -64.30
N TYR U 104 130.24 -24.22 -63.14
CA TYR U 104 128.96 -24.54 -62.52
C TYR U 104 128.37 -23.33 -61.80
N LEU U 105 128.77 -23.12 -60.56
CA LEU U 105 128.23 -22.03 -59.75
C LEU U 105 129.29 -21.40 -58.85
N PRO U 106 130.12 -22.18 -58.14
CA PRO U 106 131.16 -21.54 -57.29
C PRO U 106 132.14 -20.69 -58.06
N GLU U 107 132.34 -20.96 -59.35
CA GLU U 107 133.24 -20.15 -60.17
C GLU U 107 132.50 -19.38 -61.26
N ALA U 108 131.17 -19.45 -61.29
CA ALA U 108 130.38 -18.74 -62.28
C ALA U 108 129.95 -17.37 -61.75
N GLU U 109 129.39 -16.56 -62.64
CA GLU U 109 128.94 -15.21 -62.30
C GLU U 109 127.42 -15.10 -62.34
N ILE U 110 126.80 -15.32 -63.49
CA ILE U 110 125.36 -15.23 -63.65
C ILE U 110 124.81 -16.65 -63.76
N VAL U 111 124.02 -17.06 -62.77
CA VAL U 111 123.43 -18.39 -62.74
C VAL U 111 121.92 -18.24 -62.79
N PHE U 112 121.25 -19.30 -63.28
CA PHE U 112 119.81 -19.33 -63.40
C PHE U 112 119.29 -20.66 -62.86
N LEU U 113 118.25 -20.61 -62.04
CA LEU U 113 117.64 -21.79 -61.44
C LEU U 113 116.13 -21.71 -61.64
N ASP U 114 115.61 -22.55 -62.51
CA ASP U 114 114.18 -22.59 -62.80
C ASP U 114 113.49 -23.60 -61.89
N GLU U 115 112.26 -23.25 -61.48
CA GLU U 115 111.45 -24.09 -60.60
C GLU U 115 112.19 -24.40 -59.29
N ILE U 116 112.62 -23.33 -58.62
CA ILE U 116 113.38 -23.46 -57.38
C ILE U 116 112.51 -23.89 -56.20
N TRP U 117 111.19 -23.83 -56.34
CA TRP U 117 110.26 -24.16 -55.25
C TRP U 117 109.97 -25.65 -55.18
N LYS U 118 110.91 -26.51 -55.60
CA LYS U 118 110.68 -27.94 -55.52
C LYS U 118 111.98 -28.73 -55.31
N ALA U 119 113.08 -28.09 -54.97
CA ALA U 119 114.34 -28.80 -54.75
C ALA U 119 114.34 -29.49 -53.39
N GLY U 120 115.39 -30.26 -53.15
CA GLY U 120 115.53 -30.99 -51.91
C GLY U 120 115.97 -30.10 -50.77
N PRO U 121 115.97 -30.67 -49.56
CA PRO U 121 116.39 -29.89 -48.40
C PRO U 121 117.88 -29.59 -48.37
N ALA U 122 118.72 -30.46 -48.94
CA ALA U 122 120.15 -30.21 -48.95
C ALA U 122 120.54 -29.16 -49.98
N ILE U 123 119.68 -28.92 -50.97
CA ILE U 123 119.98 -27.93 -51.99
C ILE U 123 119.74 -26.52 -51.46
N LEU U 124 118.63 -26.33 -50.73
CA LEU U 124 118.33 -25.01 -50.19
C LEU U 124 119.32 -24.62 -49.10
N ASN U 125 119.85 -25.59 -48.35
CA ASN U 125 120.77 -25.29 -47.27
C ASN U 125 122.10 -24.77 -47.79
N THR U 126 122.54 -25.24 -48.96
CA THR U 126 123.81 -24.78 -49.52
C THR U 126 123.68 -23.42 -50.18
N LEU U 127 122.47 -23.04 -50.61
CA LEU U 127 122.26 -21.75 -51.24
C LEU U 127 122.21 -20.60 -50.25
N LEU U 128 121.94 -20.88 -48.97
CA LEU U 128 121.89 -19.82 -47.98
C LEU U 128 123.28 -19.35 -47.58
N THR U 129 124.28 -20.23 -47.67
CA THR U 129 125.64 -19.86 -47.32
C THR U 129 126.40 -19.20 -48.46
N ALA U 130 125.92 -19.36 -49.70
CA ALA U 130 126.57 -18.77 -50.86
C ALA U 130 126.08 -17.35 -51.15
N ILE U 131 125.22 -16.80 -50.32
CA ILE U 131 124.69 -15.45 -50.50
C ILE U 131 125.18 -14.51 -49.42
N ASN U 132 125.10 -14.93 -48.15
CA ASN U 132 125.54 -14.07 -47.06
C ASN U 132 127.06 -14.00 -46.96
N GLU U 133 127.74 -15.12 -47.22
CA GLU U 133 129.19 -15.18 -47.13
C GLU U 133 129.89 -15.28 -48.48
N ARG U 134 129.15 -15.52 -49.56
CA ARG U 134 129.71 -15.67 -50.90
C ARG U 134 130.78 -16.77 -50.94
N GLN U 135 130.58 -17.83 -50.16
CA GLN U 135 131.53 -18.93 -50.07
C GLN U 135 130.77 -20.25 -50.22
N PHE U 136 131.53 -21.34 -50.24
CA PHE U 136 130.96 -22.67 -50.37
C PHE U 136 131.80 -23.66 -49.57
N ARG U 137 131.14 -24.68 -49.01
CA ARG U 137 131.82 -25.70 -48.21
C ARG U 137 132.39 -26.78 -49.14
N ASN U 138 133.35 -26.34 -49.97
CA ASN U 138 134.01 -27.23 -50.92
C ASN U 138 135.00 -28.10 -50.15
N GLY U 139 134.48 -29.15 -49.52
CA GLY U 139 135.29 -30.07 -48.75
C GLY U 139 135.80 -29.47 -47.45
N ALA U 140 137.12 -29.38 -47.31
CA ALA U 140 137.73 -28.82 -46.11
C ALA U 140 137.79 -27.30 -46.18
N HIS U 141 138.71 -26.78 -46.98
CA HIS U 141 138.86 -25.34 -47.12
C HIS U 141 137.76 -24.76 -48.00
N VAL U 142 137.37 -23.53 -47.70
CA VAL U 142 136.33 -22.84 -48.44
C VAL U 142 136.97 -21.87 -49.42
N GLU U 143 136.20 -21.49 -50.43
CA GLU U 143 136.65 -20.55 -51.45
C GLU U 143 135.54 -19.56 -51.75
N LYS U 144 135.94 -18.38 -52.22
CA LYS U 144 134.99 -17.34 -52.55
C LYS U 144 134.26 -17.64 -53.85
N ILE U 145 133.05 -17.11 -53.97
CA ILE U 145 132.23 -17.31 -55.17
C ILE U 145 131.99 -15.96 -55.83
N PRO U 146 132.58 -15.71 -57.00
CA PRO U 146 132.36 -14.43 -57.70
C PRO U 146 130.98 -14.34 -58.35
N MET U 147 129.96 -14.30 -57.51
CA MET U 147 128.58 -14.22 -58.00
C MET U 147 128.19 -12.76 -58.20
N ARG U 148 127.82 -12.41 -59.43
CA ARG U 148 127.45 -11.04 -59.77
C ARG U 148 125.95 -10.84 -59.89
N LEU U 149 125.22 -11.84 -60.38
CA LEU U 149 123.78 -11.72 -60.55
C LEU U 149 123.13 -13.05 -60.21
N LEU U 150 122.07 -13.00 -59.40
CA LEU U 150 121.33 -14.19 -58.99
C LEU U 150 119.88 -14.02 -59.44
N VAL U 151 119.44 -14.86 -60.38
CA VAL U 151 118.09 -14.79 -60.92
C VAL U 151 117.47 -16.18 -60.83
N ALA U 152 116.17 -16.23 -60.56
CA ALA U 152 115.45 -17.49 -60.44
C ALA U 152 113.98 -17.24 -60.75
N ALA U 153 113.44 -17.98 -61.72
CA ALA U 153 112.04 -17.88 -62.11
C ALA U 153 111.29 -19.15 -61.78
N SER U 154 109.97 -19.03 -61.72
CA SER U 154 109.11 -20.17 -61.39
C SER U 154 107.72 -19.99 -61.98
N ASN U 155 106.70 -20.40 -61.23
CA ASN U 155 105.32 -20.30 -61.70
C ASN U 155 104.36 -20.13 -60.54
N GLU U 156 104.44 -21.01 -59.54
CA GLU U 156 103.55 -21.00 -58.39
C GLU U 156 104.20 -20.25 -57.23
N LEU U 157 103.46 -20.17 -56.12
CA LEU U 157 103.91 -19.49 -54.91
C LEU U 157 104.13 -20.49 -53.78
N PRO U 158 105.09 -20.24 -52.90
CA PRO U 158 105.33 -21.17 -51.78
C PRO U 158 104.21 -21.12 -50.75
N GLU U 159 104.31 -22.04 -49.79
CA GLU U 159 103.32 -22.11 -48.73
C GLU U 159 103.54 -20.99 -47.70
N ALA U 160 102.56 -20.84 -46.82
CA ALA U 160 102.65 -19.81 -45.78
C ALA U 160 103.47 -20.27 -44.59
N ASP U 161 103.50 -21.58 -44.31
CA ASP U 161 104.26 -22.16 -43.19
C ASP U 161 105.14 -23.27 -43.75
N SER U 162 106.32 -22.90 -44.22
CA SER U 162 107.26 -23.86 -44.78
C SER U 162 108.67 -23.29 -44.69
N SER U 163 109.65 -24.14 -44.99
CA SER U 163 111.05 -23.73 -44.96
C SER U 163 111.49 -23.01 -46.23
N LEU U 164 110.64 -22.96 -47.26
CA LEU U 164 110.98 -22.28 -48.50
C LEU U 164 110.93 -20.76 -48.38
N GLU U 165 110.34 -20.23 -47.32
CA GLU U 165 110.27 -18.79 -47.12
C GLU U 165 111.59 -18.17 -46.64
N ALA U 166 112.58 -19.01 -46.32
CA ALA U 166 113.86 -18.48 -45.87
C ALA U 166 114.62 -17.81 -47.02
N LEU U 167 114.56 -18.42 -48.21
CA LEU U 167 115.24 -17.83 -49.37
C LEU U 167 114.43 -16.70 -50.00
N TYR U 168 113.10 -16.77 -49.91
CA TYR U 168 112.27 -15.73 -50.51
C TYR U 168 112.40 -14.41 -49.74
N ASP U 169 112.57 -14.48 -48.42
CA ASP U 169 112.72 -13.28 -47.63
C ASP U 169 114.08 -12.62 -47.80
N ARG U 170 115.06 -13.35 -48.35
CA ARG U 170 116.39 -12.80 -48.55
C ARG U 170 116.55 -12.10 -49.90
N MET U 171 115.71 -12.44 -50.88
CA MET U 171 115.79 -11.79 -52.18
C MET U 171 115.28 -10.36 -52.08
N LEU U 172 115.76 -9.50 -52.99
CA LEU U 172 115.41 -8.07 -52.95
C LEU U 172 114.34 -7.74 -53.98
N ILE U 173 114.69 -7.80 -55.26
CA ILE U 173 113.78 -7.41 -56.33
C ILE U 173 112.78 -8.53 -56.57
N ARG U 174 111.49 -8.18 -56.59
CA ARG U 174 110.41 -9.11 -56.89
C ARG U 174 109.70 -8.60 -58.14
N LEU U 175 110.03 -9.18 -59.29
CA LEU U 175 109.43 -8.78 -60.55
C LEU U 175 108.12 -9.53 -60.77
N TRP U 176 107.16 -8.84 -61.39
CA TRP U 176 105.83 -9.38 -61.68
C TRP U 176 105.66 -9.38 -63.20
N LEU U 177 106.03 -10.49 -63.83
CA LEU U 177 105.91 -10.63 -65.27
C LEU U 177 104.55 -11.20 -65.65
N ASP U 178 104.14 -10.92 -66.88
CA ASP U 178 102.86 -11.40 -67.39
C ASP U 178 102.94 -11.46 -68.91
N LYS U 179 101.95 -12.12 -69.51
CA LYS U 179 101.90 -12.25 -70.96
C LYS U 179 101.64 -10.88 -71.61
N VAL U 180 101.80 -10.85 -72.94
CA VAL U 180 101.59 -9.61 -73.67
C VAL U 180 100.11 -9.26 -73.69
N GLN U 181 99.83 -7.96 -73.77
CA GLN U 181 98.45 -7.47 -73.79
C GLN U 181 98.22 -6.57 -75.00
N ASP U 182 99.26 -5.88 -75.44
CA ASP U 182 99.15 -4.97 -76.58
C ASP U 182 99.12 -5.76 -77.88
N LYS U 183 98.30 -5.29 -78.83
CA LYS U 183 98.19 -5.96 -80.12
C LYS U 183 99.33 -5.60 -81.05
N ALA U 184 99.81 -4.35 -81.00
CA ALA U 184 100.90 -3.94 -81.87
C ALA U 184 102.22 -4.56 -81.45
N ASN U 185 102.37 -4.90 -80.18
CA ASN U 185 103.61 -5.51 -79.70
C ASN U 185 103.64 -7.01 -79.94
N PHE U 186 102.47 -7.63 -80.16
CA PHE U 186 102.43 -9.06 -80.41
C PHE U 186 102.67 -9.39 -81.88
N ARG U 187 102.40 -8.43 -82.77
CA ARG U 187 102.60 -8.67 -84.19
C ARG U 187 104.07 -8.70 -84.56
N SER U 188 104.85 -7.77 -84.02
CA SER U 188 106.29 -7.70 -84.31
C SER U 188 107.11 -8.65 -83.46
N MET U 189 106.50 -9.31 -82.47
CA MET U 189 107.26 -10.24 -81.63
C MET U 189 107.33 -11.63 -82.27
N LEU U 190 106.25 -12.06 -82.92
CA LEU U 190 106.25 -13.38 -83.55
C LEU U 190 107.13 -13.40 -84.79
N THR U 191 107.10 -12.32 -85.57
CA THR U 191 107.90 -12.21 -86.79
C THR U 191 109.19 -11.43 -86.56
N SER U 192 109.78 -11.56 -85.37
CA SER U 192 111.02 -10.85 -85.05
C SER U 192 112.20 -11.64 -85.60
N GLN U 193 113.03 -10.98 -86.42
CA GLN U 193 114.20 -11.60 -87.01
C GLN U 193 115.45 -11.43 -86.17
N GLN U 194 115.35 -10.78 -85.00
CA GLN U 194 116.51 -10.57 -84.15
C GLN U 194 116.86 -11.87 -83.42
N ASP U 195 118.12 -12.28 -83.53
CA ASP U 195 118.56 -13.50 -82.88
C ASP U 195 118.74 -13.28 -81.38
N GLU U 196 118.41 -14.30 -80.59
CA GLU U 196 118.52 -14.24 -79.14
C GLU U 196 119.77 -14.96 -78.62
N ASN U 197 120.67 -15.38 -79.51
CA ASN U 197 121.88 -16.07 -79.10
C ASN U 197 123.15 -15.39 -79.61
N ASP U 198 123.03 -14.22 -80.24
CA ASP U 198 124.19 -13.50 -80.75
C ASP U 198 124.69 -12.54 -79.68
N ASN U 199 125.51 -11.55 -80.07
CA ASN U 199 126.08 -10.56 -79.16
C ASN U 199 125.66 -9.18 -79.65
N PRO U 200 124.45 -8.72 -79.31
CA PRO U 200 124.02 -7.39 -79.74
C PRO U 200 124.70 -6.25 -78.99
N VAL U 201 125.38 -6.53 -77.89
CA VAL U 201 126.05 -5.48 -77.11
C VAL U 201 127.40 -5.18 -77.75
N PRO U 202 127.68 -3.92 -78.08
CA PRO U 202 128.98 -3.58 -78.68
C PRO U 202 130.12 -3.82 -77.70
N ASP U 203 131.33 -3.85 -78.25
CA ASP U 203 132.52 -4.07 -77.44
C ASP U 203 132.90 -2.84 -76.63
N ALA U 204 132.37 -1.66 -76.98
CA ALA U 204 132.68 -0.44 -76.26
C ALA U 204 131.79 -0.22 -75.04
N LEU U 205 130.70 -0.97 -74.92
CA LEU U 205 129.78 -0.83 -73.80
C LEU U 205 129.95 -1.93 -72.75
N GLN U 206 130.90 -2.84 -72.94
CA GLN U 206 131.14 -3.93 -72.01
C GLN U 206 132.21 -3.52 -71.00
N VAL U 207 131.88 -3.65 -69.71
CA VAL U 207 132.82 -3.29 -68.66
C VAL U 207 133.83 -4.41 -68.46
N THR U 208 134.99 -4.04 -67.90
CA THR U 208 136.06 -4.98 -67.64
C THR U 208 135.97 -5.50 -66.20
N ASP U 209 136.90 -6.38 -65.84
CA ASP U 209 136.91 -6.93 -64.49
C ASP U 209 137.47 -5.94 -63.48
N GLU U 210 138.32 -5.01 -63.93
CA GLU U 210 138.88 -4.02 -63.02
C GLU U 210 137.85 -2.96 -62.64
N GLU U 211 136.99 -2.56 -63.58
CA GLU U 211 135.99 -1.55 -63.28
C GLU U 211 134.89 -2.09 -62.37
N TYR U 212 134.67 -3.40 -62.38
CA TYR U 212 133.64 -3.99 -61.53
C TYR U 212 134.07 -4.02 -60.07
N GLU U 213 135.35 -4.33 -59.82
CA GLU U 213 135.84 -4.38 -58.44
C GLU U 213 135.91 -2.99 -57.82
N ARG U 214 136.13 -1.96 -58.64
CA ARG U 214 136.19 -0.60 -58.11
C ARG U 214 134.80 -0.03 -57.84
N TRP U 215 133.81 -0.41 -58.64
CA TRP U 215 132.46 0.10 -58.44
C TRP U 215 131.80 -0.48 -57.20
N GLN U 216 132.18 -1.70 -56.81
CA GLN U 216 131.60 -2.32 -55.63
C GLN U 216 132.03 -1.63 -54.33
N LYS U 217 133.10 -0.84 -54.37
CA LYS U 217 133.57 -0.15 -53.18
C LYS U 217 133.04 1.28 -53.09
N GLU U 218 132.77 1.92 -54.23
CA GLU U 218 132.28 3.29 -54.23
C GLU U 218 130.79 3.40 -53.95
N ILE U 219 130.05 2.28 -54.01
CA ILE U 219 128.63 2.33 -53.72
C ILE U 219 128.38 2.54 -52.24
N GLY U 220 129.16 1.87 -51.39
CA GLY U 220 129.01 2.02 -49.95
C GLY U 220 129.43 3.37 -49.41
N GLU U 221 130.10 4.19 -50.21
CA GLU U 221 130.56 5.51 -49.79
C GLU U 221 129.56 6.61 -50.11
N ILE U 222 128.38 6.27 -50.59
CA ILE U 222 127.37 7.27 -50.90
C ILE U 222 126.78 7.82 -49.60
N THR U 223 126.78 9.14 -49.47
CA THR U 223 126.27 9.78 -48.26
C THR U 223 124.75 9.65 -48.19
N LEU U 224 124.25 9.66 -46.95
CA LEU U 224 122.81 9.54 -46.71
C LEU U 224 122.28 10.88 -46.20
N PRO U 225 121.56 11.64 -47.01
CA PRO U 225 121.06 12.94 -46.56
C PRO U 225 120.05 12.80 -45.42
N ASP U 226 119.95 13.86 -44.62
CA ASP U 226 119.03 13.84 -43.49
C ASP U 226 117.57 13.87 -43.94
N HIS U 227 117.28 14.49 -45.08
CA HIS U 227 115.91 14.55 -45.56
C HIS U 227 115.46 13.20 -46.12
N VAL U 228 116.39 12.40 -46.63
CA VAL U 228 116.03 11.10 -47.16
C VAL U 228 115.71 10.12 -46.03
N PHE U 229 116.39 10.25 -44.89
CA PHE U 229 116.14 9.35 -43.77
C PHE U 229 114.75 9.56 -43.19
N GLU U 230 114.17 10.74 -43.36
CA GLU U 230 112.83 10.99 -42.84
C GLU U 230 111.76 10.24 -43.62
N LEU U 231 112.05 9.86 -44.87
CA LEU U 231 111.07 9.11 -45.67
C LEU U 231 111.17 7.61 -45.41
N ILE U 232 112.36 7.10 -45.08
CA ILE U 232 112.51 5.67 -44.83
C ILE U 232 111.94 5.31 -43.46
N PHE U 233 112.19 6.15 -42.45
CA PHE U 233 111.67 5.88 -41.12
C PHE U 233 110.16 6.05 -41.05
N MET U 234 109.60 6.95 -41.85
CA MET U 234 108.16 7.15 -41.85
C MET U 234 107.44 5.99 -42.54
N LEU U 235 108.01 5.48 -43.63
CA LEU U 235 107.41 4.34 -44.32
C LEU U 235 107.48 3.07 -43.49
N ARG U 236 108.50 2.94 -42.65
CA ARG U 236 108.63 1.75 -41.81
C ARG U 236 107.57 1.73 -40.71
N GLN U 237 107.31 2.89 -40.09
CA GLN U 237 106.30 2.96 -39.04
C GLN U 237 104.88 2.93 -39.57
N GLN U 238 104.67 3.32 -40.83
CA GLN U 238 103.33 3.31 -41.40
C GLN U 238 102.85 1.89 -41.69
N LEU U 239 103.74 1.03 -42.19
CA LEU U 239 103.37 -0.34 -42.48
C LEU U 239 103.17 -1.18 -41.22
N ASP U 240 103.75 -0.76 -40.10
CA ASP U 240 103.58 -1.51 -38.85
C ASP U 240 102.21 -1.28 -38.23
N LYS U 241 101.63 -0.09 -38.44
CA LYS U 241 100.32 0.20 -37.88
C LYS U 241 99.18 -0.41 -38.68
N LEU U 242 99.43 -0.79 -39.93
CA LEU U 242 98.39 -1.40 -40.76
C LEU U 242 98.43 -2.91 -40.62
N PRO U 243 97.37 -3.55 -40.13
CA PRO U 243 97.40 -5.02 -39.99
C PRO U 243 97.49 -5.74 -41.33
N ASP U 244 96.91 -5.19 -42.38
CA ASP U 244 96.94 -5.82 -43.69
C ASP U 244 98.26 -5.59 -44.44
N ALA U 245 99.13 -4.73 -43.90
CA ALA U 245 100.41 -4.47 -44.57
C ALA U 245 101.38 -5.61 -44.30
N PRO U 246 102.17 -6.00 -45.30
CA PRO U 246 103.13 -7.09 -45.09
C PRO U 246 104.29 -6.64 -44.22
N TYR U 247 104.79 -7.59 -43.42
CA TYR U 247 105.92 -7.32 -42.53
C TYR U 247 107.21 -7.23 -43.33
N VAL U 248 108.04 -6.25 -42.99
CA VAL U 248 109.32 -6.04 -43.65
C VAL U 248 110.42 -6.21 -42.60
N SER U 249 111.30 -7.17 -42.84
CA SER U 249 112.38 -7.45 -41.89
C SER U 249 113.46 -6.37 -41.97
N ASP U 250 114.35 -6.39 -40.99
CA ASP U 250 115.43 -5.41 -40.95
C ASP U 250 116.47 -5.68 -42.04
N ARG U 251 116.56 -6.92 -42.51
CA ARG U 251 117.49 -7.23 -43.60
C ARG U 251 117.05 -6.60 -44.91
N ARG U 252 115.73 -6.47 -45.12
CA ARG U 252 115.24 -5.87 -46.36
C ARG U 252 115.55 -4.39 -46.42
N TRP U 253 115.54 -3.70 -45.27
CA TRP U 253 115.85 -2.28 -45.27
C TRP U 253 117.34 -2.04 -45.55
N LYS U 254 118.20 -2.92 -45.06
CA LYS U 254 119.63 -2.75 -45.29
C LYS U 254 120.01 -3.08 -46.73
N LYS U 255 119.39 -4.11 -47.31
CA LYS U 255 119.69 -4.48 -48.68
C LYS U 255 119.06 -3.53 -49.69
N ALA U 256 118.03 -2.77 -49.30
CA ALA U 256 117.41 -1.83 -50.22
C ALA U 256 118.25 -0.58 -50.41
N ILE U 257 119.06 -0.22 -49.40
CA ILE U 257 119.91 0.96 -49.52
C ILE U 257 120.98 0.75 -50.58
N ARG U 258 121.50 -0.48 -50.69
CA ARG U 258 122.50 -0.77 -51.71
C ARG U 258 121.93 -0.66 -53.11
N LEU U 259 120.62 -0.87 -53.26
CA LEU U 259 119.99 -0.73 -54.56
C LEU U 259 119.72 0.74 -54.90
N LEU U 260 119.32 1.54 -53.92
CA LEU U 260 119.07 2.96 -54.17
C LEU U 260 120.37 3.72 -54.35
N GLN U 261 121.41 3.35 -53.60
CA GLN U 261 122.70 4.01 -53.77
C GLN U 261 123.34 3.66 -55.11
N ALA U 262 123.04 2.48 -55.64
CA ALA U 262 123.57 2.10 -56.95
C ALA U 262 122.81 2.78 -58.09
N SER U 263 121.54 3.14 -57.87
CA SER U 263 120.78 3.83 -58.91
C SER U 263 121.28 5.25 -59.11
N ALA U 264 121.58 5.96 -58.02
CA ALA U 264 122.11 7.31 -58.12
C ALA U 264 123.58 7.34 -58.52
N PHE U 265 124.29 6.23 -58.36
CA PHE U 265 125.70 6.19 -58.74
C PHE U 265 125.85 6.18 -60.26
N PHE U 266 125.02 5.41 -60.96
CA PHE U 266 125.07 5.31 -62.41
C PHE U 266 124.15 6.32 -63.09
N SER U 267 123.74 7.37 -62.37
CA SER U 267 122.87 8.40 -62.93
C SER U 267 123.47 9.79 -62.82
N GLY U 268 124.73 9.90 -62.42
CA GLY U 268 125.38 11.20 -62.30
C GLY U 268 125.13 11.90 -60.98
N ARG U 269 125.02 11.17 -59.88
CA ARG U 269 124.79 11.74 -58.56
C ARG U 269 125.76 11.13 -57.56
N SER U 270 125.95 11.86 -56.45
CA SER U 270 126.85 11.43 -55.39
C SER U 270 126.14 11.12 -54.09
N ALA U 271 124.87 11.51 -53.95
CA ALA U 271 124.09 11.27 -52.74
C ALA U 271 122.82 10.50 -53.09
N VAL U 272 122.11 10.07 -52.05
CA VAL U 272 120.88 9.32 -52.24
C VAL U 272 119.77 10.29 -52.63
N ALA U 273 119.13 10.03 -53.76
CA ALA U 273 118.07 10.90 -54.24
C ALA U 273 116.71 10.42 -53.75
N PRO U 274 115.82 11.34 -53.37
CA PRO U 274 114.48 10.92 -52.93
C PRO U 274 113.66 10.25 -54.02
N VAL U 275 113.98 10.49 -55.29
CA VAL U 275 113.23 9.88 -56.38
C VAL U 275 113.56 8.39 -56.51
N ASP U 276 114.66 7.94 -55.91
CA ASP U 276 115.05 6.54 -55.99
C ASP U 276 114.16 5.62 -55.17
N LEU U 277 113.26 6.18 -54.34
CA LEU U 277 112.35 5.37 -53.54
C LEU U 277 111.24 4.74 -54.37
N ILE U 278 111.14 5.06 -55.65
CA ILE U 278 110.10 4.46 -56.49
C ILE U 278 110.38 2.99 -56.72
N LEU U 279 111.66 2.59 -56.78
CA LEU U 279 112.02 1.20 -57.00
C LEU U 279 111.66 0.29 -55.83
N LEU U 280 111.20 0.86 -54.71
CA LEU U 280 110.81 0.06 -53.55
C LEU U 280 109.44 -0.60 -53.72
N LYS U 281 108.77 -0.37 -54.85
CA LYS U 281 107.46 -0.98 -55.07
C LYS U 281 107.55 -2.46 -55.38
N ASP U 282 108.72 -2.95 -55.81
CA ASP U 282 108.93 -4.36 -56.13
C ASP U 282 109.91 -5.03 -55.18
N CYS U 283 110.01 -4.54 -53.94
CA CYS U 283 110.93 -5.11 -52.96
C CYS U 283 110.30 -5.23 -51.58
N LEU U 284 108.98 -5.09 -51.49
CA LEU U 284 108.28 -5.16 -50.22
C LEU U 284 107.11 -6.13 -50.19
N TRP U 285 106.48 -6.41 -51.34
CA TRP U 285 105.35 -7.32 -51.38
C TRP U 285 105.82 -8.76 -51.49
N TYR U 286 104.89 -9.69 -51.26
CA TYR U 286 105.20 -11.12 -51.34
C TYR U 286 104.15 -11.94 -52.08
N ASP U 287 102.96 -11.41 -52.34
CA ASP U 287 101.93 -12.14 -53.05
C ASP U 287 101.10 -11.16 -53.88
N ALA U 288 99.99 -11.64 -54.43
CA ALA U 288 99.13 -10.78 -55.23
C ALA U 288 98.24 -9.90 -54.36
N GLN U 289 98.10 -10.24 -53.08
CA GLN U 289 97.25 -9.43 -52.20
C GLN U 289 97.99 -8.18 -51.72
N SER U 290 99.27 -8.31 -51.41
CA SER U 290 100.06 -7.18 -50.94
C SER U 290 100.69 -6.38 -52.07
N LEU U 291 100.41 -6.73 -53.34
CA LEU U 291 100.97 -6.00 -54.46
C LEU U 291 100.31 -4.62 -54.60
N ASN U 292 99.00 -4.55 -54.39
CA ASN U 292 98.28 -3.29 -54.51
C ASN U 292 98.42 -2.41 -53.27
N LEU U 293 98.92 -2.96 -52.16
CA LEU U 293 99.08 -2.20 -50.93
C LEU U 293 100.42 -1.46 -50.88
N ILE U 294 101.48 -2.08 -51.43
CA ILE U 294 102.79 -1.43 -51.41
C ILE U 294 102.82 -0.28 -52.41
N GLN U 295 102.25 -0.47 -53.60
CA GLN U 295 102.22 0.59 -54.60
C GLN U 295 101.30 1.74 -54.21
N GLN U 296 100.38 1.51 -53.28
CA GLN U 296 99.48 2.58 -52.85
C GLN U 296 100.11 3.45 -51.78
N GLN U 297 100.85 2.85 -50.86
CA GLN U 297 101.48 3.64 -49.80
C GLN U 297 102.66 4.46 -50.32
N ILE U 298 103.38 3.94 -51.32
CA ILE U 298 104.51 4.68 -51.89
C ILE U 298 104.01 5.83 -52.75
N ASP U 299 102.90 5.62 -53.46
CA ASP U 299 102.35 6.68 -54.30
C ASP U 299 101.91 7.88 -53.46
N VAL U 300 101.40 7.63 -52.25
CA VAL U 300 101.03 8.72 -51.37
C VAL U 300 102.27 9.35 -50.74
N LEU U 301 103.28 8.53 -50.43
CA LEU U 301 104.50 9.06 -49.84
C LEU U 301 105.30 9.88 -50.83
N MET U 302 105.36 9.44 -52.09
CA MET U 302 106.08 10.18 -53.12
C MET U 302 105.36 11.45 -53.53
N THR U 303 104.06 11.55 -53.25
CA THR U 303 103.27 12.74 -53.57
C THR U 303 102.82 13.47 -52.30
N GLY U 304 103.50 13.27 -51.19
CA GLY U 304 103.13 13.91 -49.94
C GLY U 304 104.29 14.48 -49.17
N HIS U 305 105.35 13.67 -48.98
CA HIS U 305 106.50 14.11 -48.21
C HIS U 305 107.82 13.95 -48.96
N ALA U 306 107.80 13.55 -50.23
CA ALA U 306 109.03 13.39 -51.00
C ALA U 306 109.68 14.76 -51.23
N TRP U 307 109.09 15.56 -52.11
CA TRP U 307 109.57 16.91 -52.38
C TRP U 307 108.83 17.95 -51.53
N GLN U 308 108.48 17.58 -50.29
CA GLN U 308 107.81 18.47 -49.34
C GLN U 308 106.47 18.96 -49.88
N GLN U 309 105.65 18.00 -50.33
CA GLN U 309 104.31 18.34 -50.82
C GLN U 309 103.41 18.74 -49.64
N GLN U 310 103.19 17.82 -48.71
CA GLN U 310 102.40 18.11 -47.52
C GLN U 310 103.19 18.91 -46.49
N GLY U 311 104.52 18.89 -46.56
CA GLY U 311 105.31 19.65 -45.62
C GLY U 311 105.09 21.15 -45.71
N MET U 312 104.83 21.65 -46.92
CA MET U 312 104.49 23.06 -47.09
C MET U 312 103.03 23.36 -46.80
N LEU U 313 102.17 22.32 -46.76
CA LEU U 313 100.76 22.53 -46.45
C LEU U 313 100.56 22.84 -44.98
N THR U 314 101.27 22.12 -44.10
CA THR U 314 101.17 22.40 -42.67
C THR U 314 101.88 23.69 -42.28
N ARG U 315 102.78 24.19 -43.13
CA ARG U 315 103.45 25.46 -42.87
C ARG U 315 102.68 26.65 -43.42
N LEU U 316 101.90 26.43 -44.49
CA LEU U 316 101.10 27.52 -45.04
C LEU U 316 99.93 27.86 -44.14
N GLY U 317 99.44 26.89 -43.36
CA GLY U 317 98.35 27.16 -42.45
C GLY U 317 98.70 28.16 -41.36
N ALA U 318 99.98 28.18 -40.94
CA ALA U 318 100.40 29.16 -39.96
C ALA U 318 100.45 30.57 -40.55
N ILE U 319 100.69 30.67 -41.86
CA ILE U 319 100.69 31.99 -42.50
C ILE U 319 99.25 32.46 -42.70
N VAL U 320 98.34 31.56 -43.08
CA VAL U 320 96.94 31.93 -43.25
C VAL U 320 96.32 32.30 -41.92
N GLN U 321 96.68 31.58 -40.85
CA GLN U 321 96.16 31.90 -39.53
C GLN U 321 96.62 33.27 -39.07
N ARG U 322 97.86 33.65 -39.40
CA ARG U 322 98.35 34.98 -39.08
C ARG U 322 97.79 36.03 -40.02
N HIS U 323 97.53 35.68 -41.28
CA HIS U 323 96.96 36.63 -42.22
C HIS U 323 95.52 36.97 -41.87
N LEU U 324 94.75 35.98 -41.42
CA LEU U 324 93.36 36.22 -41.04
C LEU U 324 93.26 37.04 -39.75
N GLN U 325 94.31 37.04 -38.93
CA GLN U 325 94.29 37.83 -37.70
C GLN U 325 94.39 39.32 -38.00
N LEU U 326 95.13 39.70 -39.04
CA LEU U 326 95.26 41.10 -39.41
C LEU U 326 94.11 41.60 -40.25
N GLN U 327 93.40 40.70 -40.95
CA GLN U 327 92.28 41.12 -41.78
C GLN U 327 91.03 41.36 -40.96
N GLN U 328 90.84 40.63 -39.86
CA GLN U 328 89.65 40.83 -39.03
C GLN U 328 89.75 42.10 -38.20
N GLN U 329 90.94 42.68 -38.05
CA GLN U 329 91.08 43.93 -37.32
C GLN U 329 90.55 45.11 -38.13
N GLN U 330 90.72 45.09 -39.44
CA GLN U 330 90.25 46.14 -40.33
C GLN U 330 89.07 45.66 -41.18
N SER U 331 88.20 44.85 -40.59
CA SER U 331 87.04 44.32 -41.30
C SER U 331 85.91 45.33 -41.43
N ASP U 332 86.05 46.52 -40.83
CA ASP U 332 85.01 47.53 -40.94
C ASP U 332 84.97 48.19 -42.31
N LYS U 333 86.04 48.08 -43.09
CA LYS U 333 86.07 48.67 -44.43
C LYS U 333 85.27 47.84 -45.42
N THR U 334 85.66 46.58 -45.61
CA THR U 334 84.98 45.68 -46.53
C THR U 334 83.95 44.87 -45.76
N ALA U 335 82.67 45.17 -45.99
CA ALA U 335 81.59 44.46 -45.32
C ALA U 335 81.15 43.25 -46.13
N LEU U 336 79.91 42.82 -45.94
CA LEU U 336 79.38 41.66 -46.66
C LEU U 336 77.89 41.90 -46.90
N THR U 337 77.54 42.33 -48.11
CA THR U 337 76.16 42.61 -48.48
C THR U 337 75.60 41.43 -49.25
N VAL U 338 74.47 40.91 -48.80
CA VAL U 338 73.83 39.76 -49.44
C VAL U 338 72.70 40.26 -50.32
N ILE U 339 72.70 39.83 -51.58
CA ILE U 339 71.67 40.21 -52.54
C ILE U 339 70.60 39.13 -52.59
N ARG U 340 69.44 39.48 -53.15
CA ARG U 340 68.33 38.56 -53.25
C ARG U 340 68.48 37.70 -54.50
N LEU U 341 67.43 36.96 -54.85
CA LEU U 341 67.45 36.11 -56.02
C LEU U 341 66.02 35.94 -56.53
N GLY U 342 65.86 35.09 -57.54
CA GLY U 342 64.55 34.82 -58.11
C GLY U 342 64.41 33.39 -58.60
N GLY U 343 64.74 32.44 -57.74
CA GLY U 343 64.68 31.03 -58.09
C GLY U 343 63.29 30.45 -57.96
N ILE U 344 63.23 29.17 -57.59
CA ILE U 344 61.96 28.46 -57.46
C ILE U 344 61.77 28.07 -56.00
N PHE U 345 61.26 28.99 -55.20
CA PHE U 345 60.99 28.73 -53.79
C PHE U 345 60.11 29.84 -53.24
N SER U 346 59.39 29.54 -52.17
CA SER U 346 58.46 30.48 -51.57
C SER U 346 59.14 31.41 -50.57
N ARG U 347 59.87 30.85 -49.60
CA ARG U 347 60.53 31.67 -48.59
C ARG U 347 61.65 32.49 -49.22
N ARG U 348 61.84 33.70 -48.70
CA ARG U 348 62.85 34.62 -49.20
C ARG U 348 64.25 34.06 -49.00
N GLN U 349 64.86 33.56 -50.08
CA GLN U 349 66.21 33.02 -50.01
C GLN U 349 67.24 34.15 -49.99
N GLN U 350 68.51 33.79 -49.87
CA GLN U 350 69.61 34.74 -49.85
C GLN U 350 70.68 34.27 -50.82
N TYR U 351 71.02 35.12 -51.79
CA TYR U 351 72.00 34.80 -52.81
C TYR U 351 73.34 35.39 -52.43
N GLN U 352 74.38 34.56 -52.44
CA GLN U 352 75.72 34.98 -52.05
C GLN U 352 76.39 35.70 -53.23
N LEU U 353 77.68 35.98 -53.10
CA LEU U 353 78.41 36.65 -54.17
C LEU U 353 78.61 35.70 -55.35
N PRO U 354 78.43 36.19 -56.59
CA PRO U 354 78.53 35.31 -57.76
C PRO U 354 79.96 34.92 -58.09
N VAL U 355 80.53 35.52 -59.14
CA VAL U 355 81.86 35.16 -59.59
C VAL U 355 82.95 35.65 -58.66
N ASN U 356 82.62 36.50 -57.68
CA ASN U 356 83.64 37.02 -56.78
C ASN U 356 84.23 35.92 -55.90
N VAL U 357 83.44 34.88 -55.59
CA VAL U 357 83.88 33.76 -54.79
C VAL U 357 83.47 32.47 -55.49
N THR U 358 84.41 31.54 -55.62
CA THR U 358 84.16 30.25 -56.26
C THR U 358 84.69 29.07 -55.46
N ALA U 359 85.28 29.30 -54.29
CA ALA U 359 85.84 28.20 -53.50
C ALA U 359 84.72 27.39 -52.85
N SER U 360 85.08 26.18 -52.43
CA SER U 360 84.14 25.28 -51.78
C SER U 360 84.19 25.41 -50.25
N THR U 361 85.39 25.59 -49.69
CA THR U 361 85.53 25.73 -48.25
C THR U 361 86.05 27.12 -47.90
N LEU U 362 85.30 28.15 -48.28
CA LEU U 362 85.70 29.52 -48.00
C LEU U 362 85.49 29.85 -46.53
N THR U 363 86.19 30.89 -46.07
CA THR U 363 86.11 31.35 -44.69
C THR U 363 85.39 32.68 -44.62
N LEU U 364 84.80 32.95 -43.46
CA LEU U 364 84.07 34.19 -43.21
C LEU U 364 84.57 34.83 -41.92
N LEU U 365 84.98 36.09 -42.00
CA LEU U 365 85.48 36.80 -40.84
C LEU U 365 84.32 37.45 -40.08
N LEU U 366 84.66 38.13 -38.99
CA LEU U 366 83.66 38.80 -38.17
C LEU U 366 84.31 39.97 -37.45
N GLN U 367 83.47 40.93 -37.05
CA GLN U 367 83.95 42.12 -36.35
C GLN U 367 84.15 41.83 -34.87
N LYS U 368 83.09 41.98 -34.08
CA LYS U 368 83.17 41.74 -32.65
C LYS U 368 83.21 40.24 -32.38
N PRO U 369 84.26 39.73 -31.75
CA PRO U 369 84.33 38.28 -31.49
C PRO U 369 83.37 37.88 -30.38
N LEU U 370 82.92 36.64 -30.43
CA LEU U 370 81.99 36.08 -29.46
C LEU U 370 82.56 34.79 -28.90
N LYS U 371 82.02 34.39 -27.75
CA LYS U 371 82.43 33.16 -27.07
C LYS U 371 81.45 32.05 -27.45
N LEU U 372 81.75 31.35 -28.53
CA LEU U 372 80.91 30.26 -29.02
C LEU U 372 81.49 28.93 -28.55
N HIS U 373 80.63 28.09 -27.97
CA HIS U 373 81.02 26.78 -27.46
C HIS U 373 82.13 26.89 -26.41
N ASP U 374 82.03 27.93 -25.57
CA ASP U 374 82.98 28.15 -24.48
C ASP U 374 84.41 28.29 -24.99
N MET U 375 84.57 28.97 -26.11
CA MET U 375 85.89 29.21 -26.68
C MET U 375 85.80 30.38 -27.65
N GLU U 376 86.93 31.03 -27.87
CA GLU U 376 87.01 32.17 -28.78
C GLU U 376 87.22 31.69 -30.21
N VAL U 377 86.86 32.54 -31.16
CA VAL U 377 86.99 32.24 -32.58
C VAL U 377 87.27 33.53 -33.34
N VAL U 378 88.09 33.45 -34.38
CA VAL U 378 88.42 34.61 -35.20
C VAL U 378 87.95 34.46 -36.64
N HIS U 379 87.65 33.25 -37.09
CA HIS U 379 87.17 33.04 -38.46
C HIS U 379 86.32 31.77 -38.49
N ILE U 380 85.23 31.82 -39.23
CA ILE U 380 84.31 30.69 -39.36
C ILE U 380 84.22 30.34 -40.84
N SER U 381 84.46 29.06 -41.15
CA SER U 381 84.44 28.57 -42.53
C SER U 381 83.15 27.82 -42.78
N PHE U 382 82.49 28.13 -43.90
CA PHE U 382 81.27 27.47 -44.31
C PHE U 382 81.47 26.78 -45.65
N GLU U 383 80.94 25.56 -45.75
CA GLU U 383 81.05 24.81 -47.00
C GLU U 383 80.09 25.36 -48.04
N ARG U 384 80.54 25.38 -49.29
CA ARG U 384 79.69 25.88 -50.37
C ARG U 384 78.48 24.99 -50.58
N SER U 385 78.64 23.68 -50.37
CA SER U 385 77.52 22.75 -50.49
C SER U 385 76.59 22.79 -49.28
N ALA U 386 77.04 23.36 -48.16
CA ALA U 386 76.22 23.46 -46.97
C ALA U 386 75.64 24.85 -46.75
N LEU U 387 76.34 25.91 -47.17
CA LEU U 387 75.81 27.25 -47.01
C LEU U 387 74.66 27.51 -47.97
N GLU U 388 74.76 26.99 -49.20
CA GLU U 388 73.69 27.18 -50.17
C GLU U 388 72.45 26.36 -49.83
N GLN U 389 72.60 25.29 -49.05
CA GLN U 389 71.45 24.47 -48.68
C GLN U 389 70.63 25.13 -47.58
N TRP U 390 71.29 25.76 -46.61
CA TRP U 390 70.56 26.42 -45.52
C TRP U 390 69.85 27.67 -46.03
N LEU U 391 70.50 28.42 -46.93
CA LEU U 391 69.90 29.62 -47.48
C LEU U 391 68.79 29.34 -48.48
N SER U 392 68.64 28.08 -48.91
CA SER U 392 67.60 27.72 -49.87
C SER U 392 66.34 27.24 -49.14
N LYS U 393 66.37 26.00 -48.64
CA LYS U 393 65.22 25.45 -47.95
C LYS U 393 65.05 26.08 -46.57
N GLY U 394 66.08 25.98 -45.72
CA GLY U 394 66.03 26.53 -44.38
C GLY U 394 66.40 25.49 -43.34
N GLY U 395 65.88 25.70 -42.14
CA GLY U 395 66.14 24.78 -41.03
C GLY U 395 67.28 25.28 -40.15
N GLU U 396 68.32 24.47 -40.00
CA GLU U 396 69.46 24.80 -39.18
C GLU U 396 70.74 24.64 -39.98
N ILE U 397 71.73 25.46 -39.67
CA ILE U 397 73.03 25.43 -40.35
C ILE U 397 74.06 24.81 -39.43
N ARG U 398 75.06 24.16 -40.02
CA ARG U 398 76.13 23.51 -39.27
C ARG U 398 77.47 23.99 -39.81
N GLY U 399 78.29 24.56 -38.94
CA GLY U 399 79.58 25.06 -39.33
C GLY U 399 80.65 24.89 -38.26
N LYS U 400 81.87 24.58 -38.68
CA LYS U 400 82.96 24.39 -37.74
C LYS U 400 83.53 25.74 -37.30
N LEU U 401 84.39 25.70 -36.29
CA LEU U 401 85.02 26.89 -35.73
C LEU U 401 86.53 26.80 -35.89
N ASN U 402 87.14 27.91 -36.32
CA ASN U 402 88.59 28.01 -36.50
C ASN U 402 89.12 26.99 -37.49
N GLY U 403 88.27 26.55 -38.42
CA GLY U 403 88.68 25.59 -39.42
C GLY U 403 88.95 24.19 -38.91
N ILE U 404 88.69 23.92 -37.63
CA ILE U 404 88.93 22.62 -37.03
C ILE U 404 87.64 22.14 -36.39
N GLY U 405 87.66 20.90 -35.92
CA GLY U 405 86.50 20.30 -35.29
C GLY U 405 85.41 19.93 -36.28
N PHE U 406 84.27 19.54 -35.72
CA PHE U 406 83.12 19.15 -36.52
C PHE U 406 82.23 20.35 -36.79
N ALA U 407 81.31 20.18 -37.74
CA ALA U 407 80.38 21.24 -38.11
C ALA U 407 79.31 21.43 -37.03
N GLN U 408 79.62 22.23 -36.01
CA GLN U 408 78.69 22.47 -34.93
C GLN U 408 77.58 23.41 -35.38
N LYS U 409 76.49 23.40 -34.61
CA LYS U 409 75.34 24.25 -34.93
C LYS U 409 75.51 25.63 -34.33
N LEU U 410 75.14 26.65 -35.10
CA LEU U 410 75.24 28.03 -34.68
C LEU U 410 73.87 28.70 -34.81
N ASN U 411 73.74 29.87 -34.18
CA ASN U 411 72.49 30.64 -34.20
C ASN U 411 72.61 31.78 -35.21
N LEU U 412 72.68 31.40 -36.49
CA LEU U 412 72.79 32.36 -37.57
C LEU U 412 71.41 32.69 -38.13
N GLU U 413 71.17 33.98 -38.38
CA GLU U 413 69.90 34.44 -38.90
C GLU U 413 70.16 35.51 -39.96
N VAL U 414 69.08 36.08 -40.50
CA VAL U 414 69.18 37.11 -41.52
C VAL U 414 69.02 38.48 -40.86
N ASP U 415 69.76 39.46 -41.37
CA ASP U 415 69.74 40.82 -40.86
C ASP U 415 68.83 41.68 -41.73
N SER U 416 68.32 42.76 -41.13
CA SER U 416 67.43 43.66 -41.86
C SER U 416 68.20 44.45 -42.91
N ALA U 417 69.49 44.69 -42.70
CA ALA U 417 70.32 45.41 -43.65
C ALA U 417 71.03 44.49 -44.64
N GLN U 418 70.51 43.28 -44.84
CA GLN U 418 71.09 42.29 -45.76
C GLN U 418 72.53 41.95 -45.35
N HIS U 419 72.63 41.30 -44.19
CA HIS U 419 73.89 40.84 -43.64
C HIS U 419 73.67 39.49 -42.98
N LEU U 420 74.65 39.07 -42.18
CA LEU U 420 74.59 37.80 -41.46
C LEU U 420 74.98 38.06 -40.01
N VAL U 421 74.00 38.01 -39.12
CA VAL U 421 74.21 38.25 -37.69
C VAL U 421 74.31 36.91 -36.99
N VAL U 422 75.42 36.68 -36.29
CA VAL U 422 75.65 35.45 -35.55
C VAL U 422 75.28 35.69 -34.10
N ARG U 423 74.32 34.91 -33.60
CA ARG U 423 73.87 35.02 -32.22
C ARG U 423 74.50 33.94 -31.36
N ASP U 424 74.63 34.25 -30.07
CA ASP U 424 75.24 33.32 -29.12
C ASP U 424 74.30 33.07 -27.94
N VAL U 425 74.89 32.70 -26.79
CA VAL U 425 74.08 32.45 -25.60
C VAL U 425 73.68 33.71 -24.87
N SER U 426 74.22 34.87 -25.26
CA SER U 426 73.91 36.14 -24.63
C SER U 426 73.12 37.06 -25.54
N LEU U 427 72.65 36.57 -26.69
CA LEU U 427 71.88 37.36 -27.65
C LEU U 427 72.67 38.59 -28.10
N GLN U 428 73.89 38.36 -28.59
CA GLN U 428 74.76 39.42 -29.07
C GLN U 428 74.85 39.38 -30.58
N GLY U 429 74.94 40.56 -31.20
CA GLY U 429 75.04 40.66 -32.64
C GLY U 429 76.47 40.66 -33.14
N SER U 430 76.67 40.06 -34.31
CA SER U 430 78.00 39.99 -34.91
C SER U 430 77.82 39.85 -36.43
N THR U 431 78.10 40.92 -37.16
CA THR U 431 77.97 40.92 -38.60
C THR U 431 79.18 40.24 -39.24
N LEU U 432 78.93 39.26 -40.10
CA LEU U 432 80.01 38.56 -40.76
C LEU U 432 80.56 39.38 -41.93
N ALA U 433 81.76 39.01 -42.36
CA ALA U 433 82.42 39.70 -43.47
C ALA U 433 83.35 38.73 -44.17
N LEU U 434 83.67 39.03 -45.42
CA LEU U 434 84.57 38.20 -46.21
C LEU U 434 85.88 38.94 -46.48
N PRO U 435 86.99 38.21 -46.58
CA PRO U 435 88.28 38.87 -46.85
C PRO U 435 88.35 39.34 -48.29
N GLY U 436 88.84 40.57 -48.47
CA GLY U 436 88.95 41.14 -49.81
C GLY U 436 90.20 40.67 -50.53
N SER U 437 90.26 41.01 -51.82
CA SER U 437 91.40 40.64 -52.65
C SER U 437 92.58 41.56 -52.40
N LEU U 442 97.70 42.99 -49.00
CA LEU U 442 98.71 42.08 -48.47
C LEU U 442 99.69 42.82 -47.55
N PRO U 443 99.66 42.50 -46.27
CA PRO U 443 100.58 43.16 -45.33
C PRO U 443 102.03 42.82 -45.62
N GLY U 444 102.92 43.66 -45.09
CA GLY U 444 104.34 43.45 -45.29
C GLY U 444 104.89 42.28 -44.51
N GLU U 445 104.32 41.99 -43.33
CA GLU U 445 104.79 40.87 -42.54
C GLU U 445 104.37 39.54 -43.16
N ILE U 446 103.17 39.49 -43.74
CA ILE U 446 102.70 38.25 -44.37
C ILE U 446 103.45 38.00 -45.67
N LYS U 447 103.74 39.07 -46.43
CA LYS U 447 104.46 38.91 -47.68
C LYS U 447 105.89 38.43 -47.47
N GLN U 448 106.53 38.87 -46.38
CA GLN U 448 107.90 38.44 -46.10
C GLN U 448 107.94 36.96 -45.75
N GLN U 449 106.96 36.47 -45.01
CA GLN U 449 106.91 35.06 -44.64
C GLN U 449 106.39 34.18 -45.77
N LEU U 450 105.58 34.73 -46.68
CA LEU U 450 105.07 33.94 -47.79
C LEU U 450 106.12 33.70 -48.87
N GLU U 451 107.01 34.67 -49.10
CA GLU U 451 108.06 34.49 -50.09
C GLU U 451 109.09 33.45 -49.66
N GLU U 452 109.27 33.29 -48.34
CA GLU U 452 110.20 32.28 -47.85
C GLU U 452 109.67 30.87 -48.09
N LEU U 453 108.36 30.68 -47.94
CA LEU U 453 107.75 29.38 -48.21
C LEU U 453 107.61 29.14 -49.70
N GLU U 454 107.34 30.20 -50.48
CA GLU U 454 107.22 30.05 -51.92
C GLU U 454 108.57 29.73 -52.56
N SER U 455 109.66 30.26 -52.00
CA SER U 455 110.99 29.95 -52.53
C SER U 455 111.37 28.50 -52.28
N ASP U 456 110.80 27.88 -51.24
CA ASP U 456 111.09 26.48 -50.98
C ASP U 456 110.46 25.56 -52.03
N TRP U 457 109.34 25.98 -52.61
CA TRP U 457 108.73 25.18 -53.68
C TRP U 457 109.54 25.22 -54.96
N ARG U 458 110.20 26.35 -55.24
CA ARG U 458 111.04 26.44 -56.43
C ARG U 458 112.33 25.64 -56.26
N LYS U 459 112.82 25.52 -55.02
CA LYS U 459 114.03 24.73 -54.80
C LYS U 459 113.74 23.23 -54.92
N GLN U 460 112.57 22.80 -54.45
CA GLN U 460 112.21 21.39 -54.59
C GLN U 460 111.84 21.05 -56.03
N HIS U 461 111.26 22.00 -56.77
CA HIS U 461 110.93 21.76 -58.16
C HIS U 461 112.17 21.75 -59.04
N ALA U 462 113.21 22.50 -58.64
CA ALA U 462 114.45 22.52 -59.42
C ALA U 462 115.20 21.20 -59.29
N LEU U 463 115.07 20.51 -58.16
CA LEU U 463 115.73 19.22 -57.99
C LEU U 463 115.06 18.15 -58.84
N PHE U 464 113.73 18.23 -58.99
CA PHE U 464 113.03 17.26 -59.83
C PHE U 464 113.29 17.51 -61.31
N SER U 465 113.57 18.76 -61.69
CA SER U 465 113.86 19.11 -63.07
C SER U 465 115.34 18.96 -63.41
N GLU U 466 115.99 17.92 -62.90
CA GLU U 466 117.40 17.68 -63.17
C GLU U 466 117.74 16.21 -63.05
N GLN U 467 117.02 15.49 -62.19
CA GLN U 467 117.23 14.07 -61.97
C GLN U 467 116.14 13.20 -62.58
N GLN U 468 115.25 13.78 -63.39
CA GLN U 468 114.18 13.01 -64.01
C GLN U 468 114.66 12.15 -65.18
N LYS U 469 115.91 12.31 -65.60
CA LYS U 469 116.47 11.54 -66.70
C LYS U 469 116.96 10.16 -66.27
N CYS U 470 116.60 9.71 -65.07
CA CYS U 470 117.02 8.40 -64.61
C CYS U 470 116.31 7.32 -65.42
N LEU U 471 117.09 6.46 -66.07
CA LEU U 471 116.52 5.41 -66.90
C LEU U 471 115.83 4.34 -66.07
N PHE U 472 116.30 4.12 -64.84
CA PHE U 472 115.71 3.09 -63.98
C PHE U 472 114.34 3.45 -63.46
N ILE U 473 113.95 4.73 -63.51
CA ILE U 473 112.65 5.17 -63.04
C ILE U 473 111.62 4.95 -64.14
N PRO U 474 110.51 4.28 -63.86
CA PRO U 474 109.49 4.07 -64.90
C PRO U 474 108.86 5.39 -65.34
N GLY U 475 108.29 5.37 -66.55
CA GLY U 475 107.70 6.57 -67.11
C GLY U 475 106.32 6.90 -66.58
N ASP U 476 105.58 5.92 -66.08
CA ASP U 476 104.24 6.17 -65.58
C ASP U 476 104.25 6.90 -64.25
N TRP U 477 105.37 6.88 -63.52
CA TRP U 477 105.44 7.57 -62.24
C TRP U 477 105.64 9.08 -62.41
N LEU U 478 106.23 9.50 -63.53
CA LEU U 478 106.46 10.92 -63.76
C LEU U 478 105.16 11.68 -64.03
N GLY U 479 104.10 10.98 -64.45
CA GLY U 479 102.84 11.65 -64.71
C GLY U 479 102.07 12.06 -63.46
N ARG U 480 102.36 11.44 -62.32
CA ARG U 480 101.68 11.77 -61.08
C ARG U 480 102.51 12.65 -60.16
N ILE U 481 103.84 12.63 -60.29
CA ILE U 481 104.68 13.50 -59.46
C ILE U 481 104.54 14.96 -59.89
N GLU U 482 104.53 15.20 -61.21
CA GLU U 482 104.38 16.56 -61.70
C GLU U 482 102.99 17.12 -61.39
N ALA U 483 101.97 16.26 -61.41
CA ALA U 483 100.62 16.71 -61.10
C ALA U 483 100.46 17.02 -59.61
N SER U 484 101.29 16.41 -58.76
CA SER U 484 101.21 16.69 -57.34
C SER U 484 101.96 17.96 -56.96
N LEU U 485 103.02 18.30 -57.70
CA LEU U 485 103.76 19.51 -57.41
C LEU U 485 103.01 20.75 -57.84
N GLN U 486 102.23 20.66 -58.92
CA GLN U 486 101.46 21.80 -59.39
C GLN U 486 100.25 22.09 -58.51
N ASP U 487 99.76 21.10 -57.77
CA ASP U 487 98.62 21.33 -56.88
C ASP U 487 99.02 22.17 -55.68
N VAL U 488 100.22 21.95 -55.15
CA VAL U 488 100.68 22.74 -54.01
C VAL U 488 101.01 24.16 -54.44
N GLY U 489 101.63 24.30 -55.63
CA GLY U 489 101.97 25.63 -56.11
C GLY U 489 100.76 26.46 -56.50
N ALA U 490 99.67 25.81 -56.89
CA ALA U 490 98.46 26.53 -57.26
C ALA U 490 97.68 27.02 -56.04
N GLN U 491 97.97 26.48 -54.85
CA GLN U 491 97.29 26.92 -53.65
C GLN U 491 98.02 28.07 -52.96
N ILE U 492 99.35 28.08 -53.04
CA ILE U 492 100.13 29.15 -52.43
C ILE U 492 100.02 30.45 -53.21
N ARG U 493 99.65 30.38 -54.49
CA ARG U 493 99.52 31.58 -55.32
C ARG U 493 98.13 32.21 -55.21
N GLN U 494 97.21 31.59 -54.46
CA GLN U 494 95.86 32.14 -54.30
C GLN U 494 95.78 33.16 -53.17
N ALA U 495 96.53 32.93 -52.10
CA ALA U 495 96.50 33.85 -50.96
C ALA U 495 97.21 35.16 -51.26
N GLN U 496 98.11 35.18 -52.25
CA GLN U 496 98.84 36.39 -52.61
C GLN U 496 98.10 37.24 -53.64
N GLN U 497 96.87 36.87 -54.00
CA GLN U 497 96.11 37.64 -54.98
C GLN U 497 95.52 38.89 -54.36
N HIS V 3 144.67 -11.10 -9.78
CA HIS V 3 144.39 -11.89 -10.96
C HIS V 3 142.90 -11.95 -11.34
N PRO V 4 142.00 -12.20 -10.38
CA PRO V 4 140.57 -12.19 -10.72
C PRO V 4 140.04 -10.83 -11.12
N HIS V 5 140.68 -9.74 -10.68
CA HIS V 5 140.21 -8.41 -11.05
C HIS V 5 140.53 -8.08 -12.50
N LEU V 6 141.60 -8.65 -13.05
CA LEU V 6 141.97 -8.40 -14.44
C LEU V 6 141.14 -9.19 -15.43
N LEU V 7 140.33 -10.15 -14.96
CA LEU V 7 139.51 -10.93 -15.87
C LEU V 7 138.32 -10.14 -16.38
N ALA V 8 137.78 -9.23 -15.56
CA ALA V 8 136.63 -8.44 -15.99
C ALA V 8 137.00 -7.44 -17.08
N GLU V 9 138.27 -7.02 -17.12
CA GLU V 9 138.70 -6.06 -18.14
C GLU V 9 138.87 -6.73 -19.49
N ARG V 10 139.32 -7.99 -19.51
CA ARG V 10 139.53 -8.68 -20.78
C ARG V 10 138.19 -9.07 -21.42
N ILE V 11 137.19 -9.41 -20.60
CA ILE V 11 135.87 -9.75 -21.15
C ILE V 11 135.18 -8.51 -21.68
N SER V 12 135.40 -7.36 -21.03
CA SER V 12 134.78 -6.12 -21.50
C SER V 12 135.31 -5.70 -22.86
N ARG V 13 136.57 -6.01 -23.15
CA ARG V 13 137.13 -5.68 -24.46
C ARG V 13 136.76 -6.70 -25.51
N LEU V 14 136.45 -7.93 -25.11
CA LEU V 14 136.06 -8.96 -26.07
C LEU V 14 134.63 -8.75 -26.56
N SER V 15 133.71 -8.39 -25.66
CA SER V 15 132.33 -8.15 -26.05
C SER V 15 132.16 -6.84 -26.80
N SER V 16 133.12 -5.93 -26.69
CA SER V 16 133.01 -4.65 -27.40
C SER V 16 133.23 -4.84 -28.90
N SER V 17 134.11 -5.78 -29.28
CA SER V 17 134.34 -6.02 -30.69
C SER V 17 133.20 -6.80 -31.32
N LEU V 18 132.50 -7.61 -30.54
CA LEU V 18 131.38 -8.38 -31.07
C LEU V 18 130.15 -7.50 -31.31
N GLU V 19 130.03 -6.40 -30.57
CA GLU V 19 128.89 -5.50 -30.74
C GLU V 19 129.00 -4.67 -32.01
N LYS V 20 130.22 -4.41 -32.49
CA LYS V 20 130.42 -3.61 -33.70
C LYS V 20 129.83 -4.31 -34.91
N GLY V 21 128.70 -3.81 -35.41
CA GLY V 21 128.01 -4.38 -36.54
C GLY V 21 126.55 -4.71 -36.28
N LEU V 22 126.14 -4.84 -35.02
CA LEU V 22 124.77 -5.15 -34.66
C LEU V 22 124.33 -4.18 -33.56
N TYR V 23 123.42 -3.28 -33.89
CA TYR V 23 122.92 -2.30 -32.93
C TYR V 23 121.70 -2.85 -32.20
N GLU V 24 121.55 -2.40 -30.95
CA GLU V 24 120.46 -2.85 -30.07
C GLU V 24 120.44 -4.36 -29.91
N ARG V 25 121.62 -4.99 -29.95
CA ARG V 25 121.75 -6.43 -29.81
C ARG V 25 122.80 -6.81 -28.77
N SER V 26 123.04 -5.95 -27.78
CA SER V 26 124.03 -6.26 -26.76
C SER V 26 123.56 -7.39 -25.85
N HIS V 27 122.26 -7.46 -25.58
CA HIS V 27 121.72 -8.52 -24.74
C HIS V 27 121.69 -9.87 -25.47
N ALA V 28 121.66 -9.86 -26.81
CA ALA V 28 121.65 -11.09 -27.58
C ALA V 28 123.03 -11.64 -27.85
N ILE V 29 124.09 -10.89 -27.56
CA ILE V 29 125.46 -11.33 -27.79
C ILE V 29 126.15 -11.66 -26.47
N ARG V 30 125.95 -10.82 -25.44
CA ARG V 30 126.59 -11.07 -24.15
C ARG V 30 126.04 -12.33 -23.49
N LEU V 31 124.75 -12.61 -23.67
CA LEU V 31 124.18 -13.83 -23.08
C LEU V 31 124.67 -15.08 -23.78
N CYS V 32 125.00 -14.99 -25.07
CA CYS V 32 125.54 -16.14 -25.78
C CYS V 32 127.00 -16.37 -25.48
N LEU V 33 127.77 -15.31 -25.23
CA LEU V 33 129.18 -15.47 -24.87
C LEU V 33 129.33 -16.06 -23.48
N LEU V 34 128.46 -15.68 -22.55
CA LEU V 34 128.54 -16.22 -21.20
C LEU V 34 128.12 -17.69 -21.16
N ALA V 35 127.12 -18.06 -21.98
CA ALA V 35 126.69 -19.44 -22.01
C ALA V 35 127.69 -20.32 -22.77
N ALA V 36 128.48 -19.73 -23.67
CA ALA V 36 129.46 -20.51 -24.41
C ALA V 36 130.66 -20.86 -23.53
N LEU V 37 131.04 -19.94 -22.63
CA LEU V 37 132.16 -20.19 -21.73
C LEU V 37 131.79 -21.02 -20.51
N SER V 38 130.49 -21.30 -20.31
CA SER V 38 130.05 -22.09 -19.18
C SER V 38 129.40 -23.41 -19.58
N GLY V 39 129.20 -23.65 -20.87
CA GLY V 39 128.61 -24.90 -21.31
C GLY V 39 127.10 -24.93 -21.27
N GLU V 40 126.44 -23.80 -21.56
CA GLU V 40 125.00 -23.71 -21.56
C GLU V 40 124.48 -23.41 -22.96
N SER V 41 123.16 -23.53 -23.12
CA SER V 41 122.49 -23.30 -24.39
C SER V 41 121.82 -21.94 -24.39
N VAL V 42 121.21 -21.61 -25.53
CA VAL V 42 120.51 -20.34 -25.70
C VAL V 42 119.51 -20.51 -26.85
N PHE V 43 118.36 -19.84 -26.72
CA PHE V 43 117.29 -19.92 -27.70
C PHE V 43 116.85 -18.53 -28.09
N LEU V 44 116.54 -18.34 -29.38
CA LEU V 44 116.06 -17.08 -29.92
C LEU V 44 114.70 -17.28 -30.54
N LEU V 45 113.90 -16.21 -30.55
CA LEU V 45 112.56 -16.25 -31.11
C LEU V 45 112.21 -14.89 -31.68
N GLY V 46 111.61 -14.90 -32.87
CA GLY V 46 111.21 -13.68 -33.54
C GLY V 46 111.03 -13.87 -35.03
N PRO V 47 110.67 -12.80 -35.73
CA PRO V 47 110.47 -12.91 -37.17
C PRO V 47 111.81 -13.05 -37.88
N PRO V 48 111.85 -13.79 -38.99
CA PRO V 48 113.12 -13.96 -39.73
C PRO V 48 113.60 -12.65 -40.31
N GLY V 49 114.72 -12.16 -39.80
CA GLY V 49 115.30 -10.92 -40.28
C GLY V 49 115.62 -9.93 -39.18
N ILE V 50 115.89 -10.43 -37.98
CA ILE V 50 116.21 -9.57 -36.84
C ILE V 50 117.57 -9.97 -36.28
N ALA V 51 118.48 -10.38 -37.18
CA ALA V 51 119.84 -10.79 -36.82
C ALA V 51 119.81 -11.96 -35.82
N LYS V 52 119.50 -13.14 -36.35
CA LYS V 52 119.46 -14.35 -35.57
C LYS V 52 120.49 -15.39 -35.99
N SER V 53 120.95 -15.36 -37.24
CA SER V 53 121.96 -16.29 -37.72
C SER V 53 123.36 -15.71 -37.71
N LEU V 54 123.50 -14.39 -37.71
CA LEU V 54 124.83 -13.78 -37.68
C LEU V 54 125.49 -13.92 -36.32
N ILE V 55 124.69 -13.94 -35.24
CA ILE V 55 125.25 -14.09 -33.90
C ILE V 55 125.88 -15.48 -33.73
N ALA V 56 125.40 -16.48 -34.49
CA ALA V 56 126.01 -17.79 -34.42
C ALA V 56 127.33 -17.83 -35.17
N ARG V 57 127.51 -16.95 -36.15
CA ARG V 57 128.74 -16.88 -36.92
C ARG V 57 129.69 -15.79 -36.43
N ARG V 58 129.25 -14.97 -35.46
CA ARG V 58 130.09 -13.91 -34.92
C ARG V 58 130.84 -14.36 -33.66
N LEU V 59 130.23 -15.24 -32.87
CA LEU V 59 130.87 -15.72 -31.65
C LEU V 59 132.00 -16.70 -31.93
N LYS V 60 132.11 -17.23 -33.15
CA LYS V 60 133.18 -18.16 -33.47
C LYS V 60 134.52 -17.47 -33.61
N PHE V 61 134.54 -16.15 -33.85
CA PHE V 61 135.79 -15.42 -33.97
C PHE V 61 136.43 -15.10 -32.63
N ALA V 62 135.68 -15.23 -31.54
CA ALA V 62 136.23 -14.96 -30.21
C ALA V 62 137.10 -16.10 -29.69
N PHE V 63 137.11 -17.24 -30.37
CA PHE V 63 137.92 -18.39 -29.97
C PHE V 63 139.07 -18.57 -30.96
N GLN V 64 139.78 -19.69 -30.83
CA GLN V 64 140.90 -20.00 -31.71
C GLN V 64 140.71 -21.28 -32.53
N ASN V 65 139.77 -22.15 -32.15
CA ASN V 65 139.52 -23.39 -32.88
C ASN V 65 138.02 -23.67 -32.85
N ALA V 66 137.24 -22.80 -33.48
CA ALA V 66 135.79 -22.93 -33.55
C ALA V 66 135.36 -23.19 -34.98
N ARG V 67 134.24 -23.90 -35.12
CA ARG V 67 133.69 -24.25 -36.43
C ARG V 67 132.21 -23.91 -36.45
N ALA V 68 131.76 -23.30 -37.54
CA ALA V 68 130.37 -22.91 -37.69
C ALA V 68 129.58 -24.00 -38.41
N PHE V 69 128.26 -23.99 -38.20
CA PHE V 69 127.39 -24.97 -38.83
C PHE V 69 125.98 -24.37 -38.88
N GLU V 70 125.68 -23.69 -39.99
CA GLU V 70 124.38 -23.07 -40.20
C GLU V 70 123.50 -24.04 -41.00
N TYR V 71 122.50 -24.60 -40.34
CA TYR V 71 121.60 -25.57 -40.96
C TYR V 71 120.17 -25.14 -40.74
N LEU V 72 119.31 -25.49 -41.70
CA LEU V 72 117.89 -25.17 -41.66
C LEU V 72 117.10 -26.47 -41.67
N MET V 73 116.37 -26.72 -40.59
CA MET V 73 115.57 -27.94 -40.50
C MET V 73 114.30 -27.80 -41.33
N THR V 74 114.00 -28.82 -42.13
CA THR V 74 112.83 -28.85 -42.98
C THR V 74 111.89 -29.96 -42.53
N ARG V 75 110.71 -29.99 -43.14
CA ARG V 75 109.73 -31.03 -42.80
C ARG V 75 110.11 -32.39 -43.37
N PHE V 76 111.04 -32.44 -44.33
CA PHE V 76 111.48 -33.69 -44.93
C PHE V 76 112.98 -33.90 -44.73
N SER V 77 113.53 -33.37 -43.64
CA SER V 77 114.94 -33.52 -43.37
C SER V 77 115.26 -34.92 -42.86
N THR V 78 116.48 -35.37 -43.14
CA THR V 78 116.94 -36.68 -42.74
C THR V 78 118.14 -36.56 -41.80
N PRO V 79 118.28 -37.47 -40.83
CA PRO V 79 119.43 -37.41 -39.92
C PRO V 79 120.77 -37.59 -40.62
N GLU V 80 120.79 -38.21 -41.80
CA GLU V 80 122.04 -38.42 -42.51
C GLU V 80 122.57 -37.12 -43.12
N GLU V 81 121.74 -36.10 -43.25
CA GLU V 81 122.16 -34.81 -43.80
C GLU V 81 122.56 -33.80 -42.73
N VAL V 82 122.39 -34.14 -41.45
CA VAL V 82 122.73 -33.24 -40.36
C VAL V 82 124.06 -33.62 -39.72
N PHE V 83 124.19 -34.86 -39.27
CA PHE V 83 125.41 -35.34 -38.64
C PHE V 83 126.43 -35.87 -39.65
N GLY V 84 126.05 -36.01 -40.91
CA GLY V 84 126.95 -36.52 -41.92
C GLY V 84 126.56 -37.90 -42.41
N PRO V 85 126.73 -38.15 -43.70
CA PRO V 85 126.38 -39.46 -44.24
C PRO V 85 127.36 -40.54 -43.80
N LEU V 86 126.87 -41.77 -43.79
CA LEU V 86 127.66 -42.92 -43.40
C LEU V 86 128.36 -43.54 -44.60
N SER V 87 129.33 -44.40 -44.33
CA SER V 87 130.07 -45.07 -45.38
C SER V 87 129.50 -46.46 -45.67
N GLU V 98 131.98 -44.73 -38.46
CA GLU V 98 131.50 -45.18 -39.76
C GLU V 98 130.77 -44.05 -40.50
N ARG V 99 130.48 -42.98 -39.78
CA ARG V 99 129.77 -41.83 -40.34
C ARG V 99 130.77 -40.73 -40.65
N LEU V 100 130.70 -40.21 -41.88
CA LEU V 100 131.59 -39.13 -42.32
C LEU V 100 131.14 -37.83 -41.67
N THR V 101 131.68 -37.58 -40.48
CA THR V 101 131.36 -36.39 -39.70
C THR V 101 132.40 -35.28 -39.89
N SER V 102 132.88 -35.08 -41.12
CA SER V 102 133.89 -34.07 -41.39
C SER V 102 133.23 -32.70 -41.47
N GLY V 103 133.32 -31.94 -40.39
CA GLY V 103 132.74 -30.60 -40.35
C GLY V 103 131.23 -30.60 -40.32
N TYR V 104 130.64 -30.96 -39.18
CA TYR V 104 129.19 -31.00 -39.06
C TYR V 104 128.76 -30.58 -37.66
N LEU V 105 128.67 -31.54 -36.74
CA LEU V 105 128.21 -31.27 -35.38
C LEU V 105 128.98 -32.07 -34.34
N PRO V 106 129.24 -33.37 -34.52
CA PRO V 106 130.02 -34.11 -33.51
C PRO V 106 131.42 -33.56 -33.29
N GLU V 107 132.02 -32.92 -34.29
CA GLU V 107 133.35 -32.33 -34.15
C GLU V 107 133.31 -30.80 -34.16
N ALA V 108 132.13 -30.20 -34.22
CA ALA V 108 132.01 -28.75 -34.21
C ALA V 108 131.85 -28.21 -32.80
N GLU V 109 131.89 -26.89 -32.67
CA GLU V 109 131.76 -26.21 -31.40
C GLU V 109 130.51 -25.34 -31.31
N ILE V 110 130.30 -24.46 -32.29
CA ILE V 110 129.14 -23.58 -32.32
C ILE V 110 128.31 -23.94 -33.56
N VAL V 111 127.14 -24.52 -33.33
CA VAL V 111 126.24 -24.92 -34.41
C VAL V 111 125.00 -24.04 -34.36
N PHE V 112 124.33 -23.93 -35.51
CA PHE V 112 123.13 -23.12 -35.65
C PHE V 112 122.05 -23.96 -36.32
N LEU V 113 120.86 -23.99 -35.70
CA LEU V 113 119.73 -24.76 -36.21
C LEU V 113 118.51 -23.85 -36.25
N ASP V 114 118.14 -23.42 -37.46
CA ASP V 114 116.98 -22.56 -37.65
C ASP V 114 115.75 -23.40 -37.97
N GLU V 115 114.61 -22.93 -37.47
CA GLU V 115 113.32 -23.61 -37.64
C GLU V 115 113.39 -25.05 -37.12
N ILE V 116 113.75 -25.17 -35.84
CA ILE V 116 113.91 -26.47 -35.21
C ILE V 116 112.58 -27.14 -34.90
N TRP V 117 111.47 -26.41 -34.98
CA TRP V 117 110.15 -26.93 -34.63
C TRP V 117 109.50 -27.66 -35.79
N LYS V 118 110.28 -28.28 -36.69
CA LYS V 118 109.70 -29.01 -37.81
C LYS V 118 110.60 -30.13 -38.32
N ALA V 119 111.61 -30.54 -37.57
CA ALA V 119 112.51 -31.60 -38.01
C ALA V 119 111.82 -32.97 -37.86
N GLY V 120 112.51 -34.01 -38.30
CA GLY V 120 111.98 -35.35 -38.22
C GLY V 120 112.00 -35.90 -36.82
N PRO V 121 111.38 -37.07 -36.64
CA PRO V 121 111.35 -37.67 -35.31
C PRO V 121 112.71 -38.20 -34.86
N ALA V 122 113.50 -38.74 -35.78
CA ALA V 122 114.81 -39.27 -35.43
C ALA V 122 115.84 -38.17 -35.21
N ILE V 123 115.59 -36.96 -35.71
CA ILE V 123 116.56 -35.87 -35.52
C ILE V 123 116.50 -35.34 -34.09
N LEU V 124 115.29 -35.14 -33.57
CA LEU V 124 115.14 -34.64 -32.21
C LEU V 124 115.59 -35.66 -31.18
N ASN V 125 115.46 -36.96 -31.49
CA ASN V 125 115.85 -37.98 -30.53
C ASN V 125 117.36 -38.04 -30.34
N THR V 126 118.13 -37.67 -31.36
CA THR V 126 119.58 -37.68 -31.25
C THR V 126 120.14 -36.41 -30.62
N LEU V 127 119.35 -35.33 -30.60
CA LEU V 127 119.82 -34.08 -30.00
C LEU V 127 119.72 -34.09 -28.49
N LEU V 128 118.87 -34.95 -27.92
CA LEU V 128 118.75 -34.99 -26.46
C LEU V 128 119.93 -35.69 -25.81
N THR V 129 120.57 -36.62 -26.52
CA THR V 129 121.71 -37.34 -25.96
C THR V 129 123.01 -36.55 -26.07
N ALA V 130 123.06 -35.54 -26.94
CA ALA V 130 124.25 -34.72 -27.11
C ALA V 130 124.28 -33.50 -26.19
N ILE V 131 123.34 -33.39 -25.26
CA ILE V 131 123.27 -32.28 -24.33
C ILE V 131 123.56 -32.72 -22.90
N ASN V 132 122.89 -33.77 -22.44
CA ASN V 132 123.09 -34.24 -21.07
C ASN V 132 124.36 -35.07 -20.92
N GLU V 133 124.83 -35.68 -22.01
CA GLU V 133 126.01 -36.52 -21.98
C GLU V 133 127.13 -36.06 -22.91
N ARG V 134 126.85 -35.12 -23.82
CA ARG V 134 127.84 -34.61 -24.78
C ARG V 134 128.44 -35.74 -25.60
N GLN V 135 127.62 -36.71 -25.98
CA GLN V 135 128.05 -37.87 -26.75
C GLN V 135 127.14 -38.04 -27.96
N PHE V 136 127.43 -39.06 -28.76
CA PHE V 136 126.66 -39.36 -29.95
C PHE V 136 126.81 -40.83 -30.28
N ARG V 137 125.73 -41.44 -30.76
CA ARG V 137 125.72 -42.87 -31.13
C ARG V 137 126.30 -43.02 -32.53
N ASN V 138 127.63 -42.91 -32.62
CA ASN V 138 128.32 -43.04 -33.91
C ASN V 138 128.54 -44.52 -34.22
N GLY V 139 127.44 -45.18 -34.58
CA GLY V 139 127.49 -46.59 -34.91
C GLY V 139 127.71 -47.48 -33.72
N ALA V 140 128.93 -48.02 -33.59
CA ALA V 140 129.26 -48.90 -32.48
C ALA V 140 129.73 -48.10 -31.28
N HIS V 141 131.00 -47.70 -31.28
CA HIS V 141 131.55 -46.93 -30.17
C HIS V 141 131.08 -45.48 -30.24
N VAL V 142 130.94 -44.86 -29.08
CA VAL V 142 130.50 -43.48 -28.97
C VAL V 142 131.72 -42.58 -28.80
N GLU V 143 131.53 -41.29 -29.06
CA GLU V 143 132.59 -40.31 -28.94
C GLU V 143 132.01 -39.03 -28.35
N LYS V 144 132.90 -38.22 -27.77
CA LYS V 144 132.49 -36.96 -27.17
C LYS V 144 132.34 -35.88 -28.24
N ILE V 145 131.53 -34.88 -27.90
CA ILE V 145 131.25 -33.76 -28.79
C ILE V 145 131.70 -32.48 -28.08
N PRO V 146 132.72 -31.78 -28.59
CA PRO V 146 133.17 -30.52 -27.98
C PRO V 146 132.28 -29.32 -28.29
N MET V 147 130.98 -29.47 -27.99
CA MET V 147 130.02 -28.41 -28.24
C MET V 147 130.12 -27.37 -27.14
N ARG V 148 130.48 -26.14 -27.52
CA ARG V 148 130.62 -25.05 -26.56
C ARG V 148 129.40 -24.15 -26.48
N LEU V 149 128.71 -23.94 -27.60
CA LEU V 149 127.53 -23.09 -27.63
C LEU V 149 126.46 -23.73 -28.50
N LEU V 150 125.24 -23.78 -28.00
CA LEU V 150 124.09 -24.36 -28.71
C LEU V 150 123.03 -23.26 -28.85
N VAL V 151 122.91 -22.71 -30.05
CA VAL V 151 121.95 -21.64 -30.34
C VAL V 151 120.92 -22.17 -31.31
N ALA V 152 119.69 -21.65 -31.20
CA ALA V 152 118.59 -22.06 -32.07
C ALA V 152 117.59 -20.92 -32.17
N ALA V 153 117.12 -20.67 -33.38
CA ALA V 153 116.14 -19.63 -33.64
C ALA V 153 115.00 -20.19 -34.48
N SER V 154 113.86 -19.50 -34.44
CA SER V 154 112.69 -19.92 -35.20
C SER V 154 111.77 -18.73 -35.47
N ASN V 155 110.46 -18.94 -35.29
CA ASN V 155 109.48 -17.88 -35.55
C ASN V 155 108.22 -18.12 -34.73
N GLU V 156 107.61 -19.30 -34.87
CA GLU V 156 106.37 -19.62 -34.19
C GLU V 156 106.65 -20.47 -32.95
N LEU V 157 105.57 -20.91 -32.29
CA LEU V 157 105.66 -21.72 -31.09
C LEU V 157 105.11 -23.11 -31.35
N PRO V 158 105.67 -24.14 -30.69
CA PRO V 158 105.18 -25.51 -30.90
C PRO V 158 103.81 -25.74 -30.26
N GLU V 159 103.28 -26.95 -30.42
CA GLU V 159 101.99 -27.28 -29.85
C GLU V 159 102.10 -27.49 -28.34
N ALA V 160 100.93 -27.50 -27.68
CA ALA V 160 100.90 -27.68 -26.23
C ALA V 160 101.05 -29.14 -25.84
N ASP V 161 100.68 -30.08 -26.72
CA ASP V 161 100.78 -31.50 -26.45
C ASP V 161 101.53 -32.16 -27.61
N SER V 162 102.87 -32.09 -27.56
CA SER V 162 103.71 -32.67 -28.59
C SER V 162 105.06 -33.03 -27.97
N SER V 163 105.89 -33.71 -28.77
CA SER V 163 107.21 -34.13 -28.31
C SER V 163 108.26 -33.03 -28.45
N LEU V 164 107.91 -31.89 -29.05
CA LEU V 164 108.88 -30.81 -29.21
C LEU V 164 109.12 -30.05 -27.92
N GLU V 165 108.26 -30.22 -26.92
CA GLU V 165 108.43 -29.53 -25.64
C GLU V 165 109.55 -30.13 -24.80
N ALA V 166 110.07 -31.30 -25.18
CA ALA V 166 111.16 -31.90 -24.41
C ALA V 166 112.45 -31.11 -24.57
N LEU V 167 112.70 -30.56 -25.76
CA LEU V 167 113.90 -29.77 -25.99
C LEU V 167 113.76 -28.34 -25.49
N TYR V 168 112.54 -27.79 -25.53
CA TYR V 168 112.34 -26.41 -25.08
C TYR V 168 112.49 -26.30 -23.57
N ASP V 169 112.10 -27.33 -22.83
CA ASP V 169 112.21 -27.30 -21.37
C ASP V 169 113.66 -27.48 -20.91
N ARG V 170 114.55 -27.95 -21.78
CA ARG V 170 115.94 -28.14 -21.43
C ARG V 170 116.81 -26.93 -21.73
N MET V 171 116.40 -26.07 -22.66
CA MET V 171 117.18 -24.89 -22.97
C MET V 171 117.07 -23.87 -21.85
N LEU V 172 118.20 -23.22 -21.54
CA LEU V 172 118.24 -22.29 -20.41
C LEU V 172 117.77 -20.89 -20.82
N ILE V 173 118.57 -20.20 -21.62
CA ILE V 173 118.28 -18.82 -21.98
C ILE V 173 117.25 -18.79 -23.10
N ARG V 174 116.20 -18.00 -22.92
CA ARG V 174 115.16 -17.80 -23.93
C ARG V 174 115.19 -16.32 -24.33
N LEU V 175 116.05 -15.98 -25.29
CA LEU V 175 116.16 -14.60 -25.73
C LEU V 175 114.91 -14.18 -26.51
N TRP V 176 114.48 -12.94 -26.30
CA TRP V 176 113.31 -12.38 -26.95
C TRP V 176 113.77 -11.19 -27.81
N LEU V 177 114.19 -11.48 -29.04
CA LEU V 177 114.64 -10.45 -29.96
C LEU V 177 113.46 -9.88 -30.74
N ASP V 178 113.60 -8.64 -31.18
CA ASP V 178 112.56 -7.97 -31.94
C ASP V 178 113.20 -6.91 -32.82
N LYS V 179 112.40 -6.34 -33.72
CA LYS V 179 112.90 -5.31 -34.62
C LYS V 179 113.25 -4.05 -33.85
N VAL V 180 114.04 -3.18 -34.49
CA VAL V 180 114.48 -1.95 -33.86
C VAL V 180 113.31 -0.99 -33.75
N GLN V 181 113.38 -0.10 -32.75
CA GLN V 181 112.32 0.88 -32.51
C GLN V 181 112.89 2.28 -32.41
N ASP V 182 114.13 2.40 -31.93
CA ASP V 182 114.77 3.71 -31.78
C ASP V 182 115.15 4.28 -33.14
N LYS V 183 115.05 5.60 -33.26
CA LYS V 183 115.38 6.28 -34.51
C LYS V 183 116.86 6.63 -34.61
N ALA V 184 117.50 6.97 -33.49
CA ALA V 184 118.91 7.35 -33.52
C ALA V 184 119.79 6.14 -33.84
N ASN V 185 119.46 4.98 -33.29
CA ASN V 185 120.24 3.77 -33.55
C ASN V 185 119.98 3.19 -34.93
N PHE V 186 118.94 3.65 -35.63
CA PHE V 186 118.63 3.13 -36.96
C PHE V 186 119.34 3.89 -38.07
N ARG V 187 119.88 5.08 -37.79
CA ARG V 187 120.56 5.85 -38.82
C ARG V 187 121.82 5.16 -39.30
N SER V 188 122.74 4.85 -38.38
CA SER V 188 123.96 4.17 -38.76
C SER V 188 123.73 2.71 -39.08
N MET V 189 122.65 2.13 -38.54
CA MET V 189 122.33 0.74 -38.85
C MET V 189 121.82 0.57 -40.27
N LEU V 190 121.06 1.56 -40.76
CA LEU V 190 120.52 1.46 -42.12
C LEU V 190 121.63 1.58 -43.16
N THR V 191 122.60 2.45 -42.93
CA THR V 191 123.72 2.61 -43.86
C THR V 191 125.04 2.26 -43.19
N SER V 192 125.24 0.97 -42.89
CA SER V 192 126.45 0.51 -42.25
C SER V 192 127.45 0.01 -43.29
N GLN V 193 128.73 0.21 -43.01
CA GLN V 193 129.80 -0.22 -43.90
C GLN V 193 130.67 -1.33 -43.30
N GLN V 194 130.42 -1.72 -42.06
CA GLN V 194 131.21 -2.77 -41.41
C GLN V 194 130.83 -4.13 -41.98
N ASP V 195 131.84 -4.90 -42.41
CA ASP V 195 131.60 -6.22 -42.96
C ASP V 195 131.30 -7.21 -41.85
N GLU V 196 130.33 -8.10 -42.11
CA GLU V 196 129.93 -9.12 -41.16
C GLU V 196 130.59 -10.46 -41.40
N ASN V 197 131.59 -10.52 -42.28
CA ASN V 197 132.29 -11.76 -42.59
C ASN V 197 133.80 -11.66 -42.36
N ASP V 198 134.27 -10.58 -41.76
CA ASP V 198 135.69 -10.40 -41.50
C ASP V 198 136.01 -10.90 -40.08
N ASN V 199 137.14 -10.47 -39.52
CA ASN V 199 137.57 -10.86 -38.18
C ASN V 199 137.81 -9.60 -37.36
N PRO V 200 136.74 -9.01 -36.80
CA PRO V 200 136.92 -7.80 -35.97
C PRO V 200 137.52 -8.08 -34.60
N VAL V 201 137.57 -9.33 -34.17
CA VAL V 201 138.11 -9.68 -32.87
C VAL V 201 139.63 -9.77 -32.97
N PRO V 202 140.39 -9.05 -32.14
CA PRO V 202 141.84 -9.13 -32.20
C PRO V 202 142.34 -10.50 -31.78
N ASP V 203 143.62 -10.77 -32.11
CA ASP V 203 144.23 -12.04 -31.76
C ASP V 203 144.63 -12.11 -30.30
N ALA V 204 144.67 -10.97 -29.60
CA ALA V 204 145.06 -10.95 -28.19
C ALA V 204 143.87 -11.16 -27.26
N LEU V 205 142.64 -11.06 -27.76
CA LEU V 205 141.44 -11.24 -26.95
C LEU V 205 140.81 -12.62 -27.13
N GLN V 206 141.42 -13.49 -27.92
CA GLN V 206 140.89 -14.82 -28.16
C GLN V 206 141.49 -15.81 -27.16
N VAL V 207 140.63 -16.55 -26.48
CA VAL V 207 141.09 -17.53 -25.50
C VAL V 207 141.56 -18.79 -26.20
N THR V 208 142.42 -19.54 -25.52
CA THR V 208 142.98 -20.78 -26.04
C THR V 208 142.13 -21.97 -25.58
N ASP V 209 142.54 -23.16 -26.04
CA ASP V 209 141.81 -24.37 -25.65
C ASP V 209 142.13 -24.80 -24.23
N GLU V 210 143.29 -24.38 -23.70
CA GLU V 210 143.66 -24.74 -22.34
C GLU V 210 142.87 -23.92 -21.32
N GLU V 211 142.63 -22.64 -21.60
CA GLU V 211 141.88 -21.80 -20.67
C GLU V 211 140.41 -22.16 -20.60
N TYR V 212 139.87 -22.80 -21.64
CA TYR V 212 138.46 -23.17 -21.63
C TYR V 212 138.21 -24.36 -20.70
N GLU V 213 139.10 -25.35 -20.72
CA GLU V 213 138.92 -26.52 -19.86
C GLU V 213 139.12 -26.17 -18.38
N ARG V 214 139.93 -25.16 -18.09
CA ARG V 214 140.15 -24.76 -16.70
C ARG V 214 139.00 -23.92 -16.16
N TRP V 215 138.35 -23.13 -17.02
CA TRP V 215 137.25 -22.30 -16.56
C TRP V 215 135.99 -23.11 -16.28
N GLN V 216 135.86 -24.28 -16.91
CA GLN V 216 134.68 -25.11 -16.70
C GLN V 216 134.65 -25.72 -15.31
N LYS V 217 135.77 -25.74 -14.59
CA LYS V 217 135.83 -26.31 -13.26
C LYS V 217 135.72 -25.26 -12.16
N GLU V 218 136.21 -24.04 -12.40
CA GLU V 218 136.18 -23.00 -11.39
C GLU V 218 134.81 -22.35 -11.25
N ILE V 219 133.89 -22.59 -12.18
CA ILE V 219 132.55 -22.02 -12.07
C ILE V 219 131.77 -22.68 -10.94
N GLY V 220 131.88 -24.00 -10.83
CA GLY V 220 131.18 -24.73 -9.78
C GLY V 220 131.70 -24.46 -8.38
N GLU V 221 132.86 -23.84 -8.25
CA GLU V 221 133.45 -23.55 -6.95
C GLU V 221 132.95 -22.23 -6.35
N ILE V 222 132.03 -21.54 -7.03
CA ILE V 222 131.51 -20.28 -6.51
C ILE V 222 130.57 -20.56 -5.34
N THR V 223 130.82 -19.91 -4.22
CA THR V 223 130.00 -20.11 -3.03
C THR V 223 128.63 -19.46 -3.21
N LEU V 224 127.66 -19.97 -2.45
CA LEU V 224 126.29 -19.46 -2.50
C LEU V 224 125.96 -18.75 -1.20
N PRO V 225 125.91 -17.43 -1.19
CA PRO V 225 125.62 -16.70 0.06
C PRO V 225 124.22 -17.00 0.57
N ASP V 226 124.04 -16.82 1.88
CA ASP V 226 122.75 -17.07 2.50
C ASP V 226 121.72 -16.03 2.09
N HIS V 227 122.15 -14.80 1.78
CA HIS V 227 121.20 -13.77 1.36
C HIS V 227 120.69 -14.01 -0.05
N VAL V 228 121.48 -14.69 -0.89
CA VAL V 228 121.03 -14.98 -2.25
C VAL V 228 119.99 -16.09 -2.26
N PHE V 229 120.15 -17.07 -1.36
CA PHE V 229 119.19 -18.18 -1.30
C PHE V 229 117.82 -17.71 -0.83
N GLU V 230 117.76 -16.62 -0.08
CA GLU V 230 116.48 -16.10 0.40
C GLU V 230 115.65 -15.51 -0.73
N LEU V 231 116.27 -15.15 -1.85
CA LEU V 231 115.54 -14.59 -2.98
C LEU V 231 115.17 -15.65 -4.01
N ILE V 232 115.96 -16.72 -4.13
CA ILE V 232 115.67 -17.77 -5.09
C ILE V 232 114.51 -18.62 -4.60
N PHE V 233 114.50 -18.97 -3.31
CA PHE V 233 113.41 -19.77 -2.76
C PHE V 233 112.11 -18.97 -2.67
N MET V 234 112.21 -17.66 -2.45
CA MET V 234 110.99 -16.85 -2.36
C MET V 234 110.36 -16.67 -3.73
N LEU V 235 111.17 -16.53 -4.77
CA LEU V 235 110.63 -16.39 -6.12
C LEU V 235 110.00 -17.69 -6.60
N ARG V 236 110.49 -18.84 -6.12
CA ARG V 236 109.91 -20.12 -6.51
C ARG V 236 108.53 -20.31 -5.91
N GLN V 237 108.35 -19.91 -4.65
CA GLN V 237 107.07 -20.05 -3.98
C GLN V 237 106.04 -19.05 -4.46
N GLN V 238 106.47 -17.88 -4.94
CA GLN V 238 105.53 -16.87 -5.43
C GLN V 238 104.88 -17.30 -6.74
N LEU V 239 105.65 -17.92 -7.64
CA LEU V 239 105.09 -18.37 -8.90
C LEU V 239 104.18 -19.59 -8.75
N ASP V 240 104.33 -20.34 -7.65
CA ASP V 240 103.47 -21.51 -7.43
C ASP V 240 102.08 -21.11 -6.97
N LYS V 241 101.95 -19.99 -6.27
CA LYS V 241 100.64 -19.54 -5.79
C LYS V 241 99.83 -18.85 -6.88
N LEU V 242 100.48 -18.29 -7.89
CA LEU V 242 99.78 -17.60 -8.97
C LEU V 242 99.35 -18.60 -10.02
N PRO V 243 98.05 -18.75 -10.30
CA PRO V 243 97.62 -19.70 -11.34
C PRO V 243 98.10 -19.33 -12.73
N ASP V 244 98.18 -18.04 -13.05
CA ASP V 244 98.61 -17.59 -14.36
C ASP V 244 100.13 -17.65 -14.54
N ALA V 245 100.88 -17.92 -13.47
CA ALA V 245 102.33 -17.98 -13.58
C ALA V 245 102.75 -19.31 -14.20
N PRO V 246 103.77 -19.31 -15.07
CA PRO V 246 104.22 -20.55 -15.69
C PRO V 246 104.94 -21.44 -14.70
N TYR V 247 104.90 -22.75 -14.99
CA TYR V 247 105.56 -23.74 -14.15
C TYR V 247 107.04 -23.83 -14.50
N VAL V 248 107.88 -23.90 -13.47
CA VAL V 248 109.32 -24.00 -13.62
C VAL V 248 109.78 -25.31 -13.02
N SER V 249 110.45 -26.13 -13.83
CA SER V 249 110.91 -27.44 -13.38
C SER V 249 112.13 -27.29 -12.48
N ASP V 250 112.50 -28.40 -11.82
CA ASP V 250 113.66 -28.39 -10.94
C ASP V 250 114.96 -28.32 -11.73
N ARG V 251 114.95 -28.77 -12.99
CA ARG V 251 116.15 -28.70 -13.81
C ARG V 251 116.49 -27.26 -14.17
N ARG V 252 115.48 -26.40 -14.32
CA ARG V 252 115.73 -25.02 -14.68
C ARG V 252 116.41 -24.26 -13.54
N TRP V 253 116.07 -24.57 -12.29
CA TRP V 253 116.69 -23.89 -11.15
C TRP V 253 118.15 -24.29 -11.01
N LYS V 254 118.49 -25.54 -11.33
CA LYS V 254 119.87 -25.99 -11.21
C LYS V 254 120.73 -25.43 -12.34
N LYS V 255 120.18 -25.37 -13.56
CA LYS V 255 120.93 -24.85 -14.69
C LYS V 255 121.05 -23.33 -14.65
N ALA V 256 120.17 -22.64 -13.93
CA ALA V 256 120.26 -21.19 -13.85
C ALA V 256 121.40 -20.73 -12.94
N ILE V 257 121.76 -21.56 -11.95
CA ILE V 257 122.85 -21.19 -11.05
C ILE V 257 124.17 -21.16 -11.80
N ARG V 258 124.36 -22.07 -12.76
CA ARG V 258 125.59 -22.08 -13.53
C ARG V 258 125.74 -20.82 -14.37
N LEU V 259 124.62 -20.21 -14.77
CA LEU V 259 124.68 -18.97 -15.54
C LEU V 259 124.98 -17.78 -14.64
N LEU V 260 124.41 -17.74 -13.44
CA LEU V 260 124.66 -16.64 -12.52
C LEU V 260 126.07 -16.73 -11.92
N GLN V 261 126.55 -17.94 -11.65
CA GLN V 261 127.91 -18.09 -11.12
C GLN V 261 128.95 -17.74 -12.18
N ALA V 262 128.63 -17.94 -13.46
CA ALA V 262 129.57 -17.58 -14.52
C ALA V 262 129.58 -16.07 -14.75
N SER V 263 128.48 -15.38 -14.44
CA SER V 263 128.45 -13.93 -14.61
C SER V 263 129.34 -13.23 -13.60
N ALA V 264 129.31 -13.67 -12.35
CA ALA V 264 130.18 -13.10 -11.32
C ALA V 264 131.61 -13.55 -11.45
N PHE V 265 131.87 -14.65 -12.16
CA PHE V 265 133.24 -15.12 -12.33
C PHE V 265 134.02 -14.22 -13.28
N PHE V 266 133.40 -13.81 -14.38
CA PHE V 266 134.04 -12.92 -15.36
C PHE V 266 133.83 -11.45 -15.04
N SER V 267 133.40 -11.13 -13.82
CA SER V 267 133.18 -9.75 -13.41
C SER V 267 134.04 -9.34 -12.21
N GLY V 268 134.94 -10.21 -11.77
CA GLY V 268 135.80 -9.89 -10.65
C GLY V 268 135.19 -10.18 -9.29
N ARG V 269 134.40 -11.24 -9.19
CA ARG V 269 133.76 -11.63 -7.93
C ARG V 269 133.98 -13.11 -7.69
N SER V 270 133.91 -13.49 -6.40
CA SER V 270 134.09 -14.87 -5.98
C SER V 270 132.81 -15.52 -5.48
N ALA V 271 131.77 -14.75 -5.22
CA ALA V 271 130.49 -15.28 -4.75
C ALA V 271 129.36 -14.85 -5.67
N VAL V 272 128.18 -15.41 -5.43
CA VAL V 272 127.02 -15.08 -6.24
C VAL V 272 126.50 -13.71 -5.84
N ALA V 273 126.42 -12.80 -6.81
CA ALA V 273 125.96 -11.45 -6.52
C ALA V 273 124.44 -11.37 -6.61
N PRO V 274 123.80 -10.62 -5.71
CA PRO V 274 122.34 -10.47 -5.77
C PRO V 274 121.86 -9.77 -7.03
N VAL V 275 122.70 -8.96 -7.67
CA VAL V 275 122.31 -8.27 -8.90
C VAL V 275 122.26 -9.21 -10.10
N ASP V 276 122.82 -10.41 -9.98
CA ASP V 276 122.82 -11.36 -11.09
C ASP V 276 121.45 -11.97 -11.36
N LEU V 277 120.46 -11.69 -10.51
CA LEU V 277 119.11 -12.23 -10.72
C LEU V 277 118.36 -11.52 -11.84
N ILE V 278 118.96 -10.51 -12.46
CA ILE V 278 118.29 -9.81 -13.56
C ILE V 278 118.20 -10.71 -14.80
N LEU V 279 119.21 -11.58 -14.99
CA LEU V 279 119.22 -12.47 -16.15
C LEU V 279 118.15 -13.55 -16.08
N LEU V 280 117.42 -13.65 -14.97
CA LEU V 280 116.37 -14.66 -14.86
C LEU V 280 115.09 -14.28 -15.60
N LYS V 281 115.06 -13.11 -16.24
CA LYS V 281 113.88 -12.69 -16.98
C LYS V 281 113.72 -13.44 -18.30
N ASP V 282 114.77 -14.11 -18.76
CA ASP V 282 114.73 -14.87 -20.01
C ASP V 282 114.97 -16.36 -19.79
N CYS V 283 114.67 -16.86 -18.59
CA CYS V 283 114.87 -18.28 -18.29
C CYS V 283 113.67 -18.89 -17.55
N LEU V 284 112.52 -18.21 -17.54
CA LEU V 284 111.34 -18.70 -16.84
C LEU V 284 110.09 -18.76 -17.71
N TRP V 285 109.86 -17.82 -18.60
CA TRP V 285 108.69 -17.80 -19.45
C TRP V 285 108.82 -18.81 -20.59
N TYR V 286 107.69 -19.10 -21.23
CA TYR V 286 107.68 -20.03 -22.35
C TYR V 286 106.88 -19.53 -23.55
N ASP V 287 105.95 -18.59 -23.37
CA ASP V 287 105.16 -18.06 -24.48
C ASP V 287 105.07 -16.55 -24.33
N ALA V 288 104.28 -15.91 -25.21
CA ALA V 288 104.10 -14.47 -25.14
C ALA V 288 103.17 -14.06 -24.01
N GLN V 289 102.34 -14.98 -23.52
CA GLN V 289 101.42 -14.64 -22.43
C GLN V 289 102.16 -14.51 -21.11
N SER V 290 103.13 -15.40 -20.86
CA SER V 290 103.90 -15.36 -19.62
C SER V 290 105.13 -14.46 -19.71
N LEU V 291 105.33 -13.77 -20.84
CA LEU V 291 106.48 -12.89 -20.97
C LEU V 291 106.33 -11.65 -20.11
N ASN V 292 105.13 -11.09 -20.05
CA ASN V 292 104.88 -9.90 -19.24
C ASN V 292 104.70 -10.23 -17.76
N LEU V 293 104.55 -11.50 -17.40
CA LEU V 293 104.39 -11.89 -16.00
C LEU V 293 105.73 -12.14 -15.32
N ILE V 294 106.70 -12.70 -16.05
CA ILE V 294 108.02 -12.95 -15.46
C ILE V 294 108.77 -11.64 -15.26
N GLN V 295 108.71 -10.75 -16.25
CA GLN V 295 109.39 -9.47 -16.14
C GLN V 295 108.74 -8.55 -15.11
N GLN V 296 107.51 -8.84 -14.70
CA GLN V 296 106.84 -8.01 -13.70
C GLN V 296 107.15 -8.48 -12.28
N GLN V 297 107.21 -9.79 -12.06
CA GLN V 297 107.53 -10.30 -10.73
C GLN V 297 108.98 -10.06 -10.35
N ILE V 298 109.89 -10.14 -11.31
CA ILE V 298 111.29 -9.89 -11.02
C ILE V 298 111.55 -8.41 -10.78
N ASP V 299 110.84 -7.55 -11.51
CA ASP V 299 111.00 -6.10 -11.32
C ASP V 299 110.57 -5.68 -9.92
N VAL V 300 109.53 -6.32 -9.39
CA VAL V 300 109.10 -6.04 -8.02
C VAL V 300 110.06 -6.67 -7.02
N LEU V 301 110.58 -7.86 -7.34
CA LEU V 301 111.51 -8.53 -6.43
C LEU V 301 112.83 -7.79 -6.36
N MET V 302 113.33 -7.30 -7.50
CA MET V 302 114.58 -6.55 -7.50
C MET V 302 114.42 -5.17 -6.88
N THR V 303 113.21 -4.62 -6.89
CA THR V 303 112.91 -3.34 -6.28
C THR V 303 112.03 -3.47 -5.04
N GLY V 304 112.20 -4.56 -4.30
CA GLY V 304 111.40 -4.80 -3.11
C GLY V 304 112.12 -5.61 -2.05
N HIS V 305 112.61 -6.79 -2.44
CA HIS V 305 113.26 -7.70 -1.50
C HIS V 305 114.74 -7.91 -1.81
N ALA V 306 115.26 -7.33 -2.88
CA ALA V 306 116.67 -7.49 -3.22
C ALA V 306 117.56 -6.80 -2.18
N TRP V 307 117.77 -5.49 -2.34
CA TRP V 307 118.52 -4.70 -1.36
C TRP V 307 117.62 -4.15 -0.25
N GLN V 308 116.60 -4.91 0.16
CA GLN V 308 115.69 -4.51 1.23
C GLN V 308 114.98 -3.20 0.89
N GLN V 309 114.47 -3.10 -0.33
CA GLN V 309 113.70 -1.92 -0.73
C GLN V 309 112.37 -1.86 0.02
N GLN V 310 111.50 -2.84 -0.22
CA GLN V 310 110.23 -2.91 0.49
C GLN V 310 110.41 -3.29 1.95
N GLY V 311 111.50 -3.96 2.28
CA GLY V 311 111.74 -4.32 3.67
C GLY V 311 111.91 -3.12 4.57
N MET V 312 112.47 -2.03 4.06
CA MET V 312 112.59 -0.80 4.82
C MET V 312 111.34 0.07 4.74
N LEU V 313 110.51 -0.12 3.71
CA LEU V 313 109.28 0.67 3.61
C LEU V 313 108.26 0.23 4.66
N THR V 314 108.16 -1.07 4.92
CA THR V 314 107.25 -1.56 5.94
C THR V 314 107.76 -1.28 7.35
N ARG V 315 109.04 -0.97 7.49
CA ARG V 315 109.60 -0.61 8.79
C ARG V 315 109.61 0.89 9.03
N LEU V 316 109.79 1.69 7.97
CA LEU V 316 109.75 3.14 8.13
C LEU V 316 108.33 3.62 8.41
N GLY V 317 107.33 2.96 7.83
CA GLY V 317 105.96 3.33 8.09
C GLY V 317 105.54 3.08 9.52
N ALA V 318 106.11 2.06 10.17
CA ALA V 318 105.81 1.80 11.57
C ALA V 318 106.47 2.83 12.48
N ILE V 319 107.61 3.38 12.06
CA ILE V 319 108.28 4.41 12.86
C ILE V 319 107.52 5.72 12.78
N VAL V 320 107.04 6.08 11.58
CA VAL V 320 106.26 7.30 11.43
C VAL V 320 104.93 7.19 12.18
N GLN V 321 104.31 6.01 12.13
CA GLN V 321 103.07 5.80 12.87
C GLN V 321 103.31 5.85 14.37
N ARG V 322 104.46 5.33 14.82
CA ARG V 322 104.80 5.40 16.24
C ARG V 322 105.20 6.80 16.65
N HIS V 323 105.85 7.55 15.76
CA HIS V 323 106.25 8.91 16.08
C HIS V 323 105.02 9.81 16.22
N LEU V 324 104.05 9.67 15.32
CA LEU V 324 102.83 10.47 15.41
C LEU V 324 101.99 10.06 16.62
N GLN V 325 102.15 8.82 17.10
CA GLN V 325 101.42 8.38 18.28
C GLN V 325 102.03 8.95 19.56
N LEU V 326 103.35 9.14 19.58
CA LEU V 326 104.01 9.68 20.76
C LEU V 326 103.92 11.20 20.84
N GLN V 327 103.76 11.88 19.71
CA GLN V 327 103.66 13.33 19.73
C GLN V 327 102.31 13.79 20.27
N GLN V 328 101.25 13.03 20.00
CA GLN V 328 99.92 13.38 20.49
C GLN V 328 99.71 12.99 21.94
N GLN V 329 100.65 12.26 22.55
CA GLN V 329 100.55 11.92 23.96
C GLN V 329 101.25 12.94 24.86
N GLN V 330 102.41 13.45 24.43
CA GLN V 330 103.15 14.45 25.18
C GLN V 330 102.83 15.87 24.74
N SER V 331 101.61 16.13 24.28
CA SER V 331 101.23 17.47 23.84
C SER V 331 101.01 18.43 24.99
N ASP V 332 100.94 17.95 26.23
CA ASP V 332 100.75 18.81 27.39
C ASP V 332 102.01 19.58 27.77
N LYS V 333 103.16 19.21 27.22
CA LYS V 333 104.40 19.92 27.56
C LYS V 333 104.55 21.20 26.74
N THR V 334 104.30 21.12 25.44
CA THR V 334 104.41 22.27 24.54
C THR V 334 103.02 22.66 24.08
N ALA V 335 102.60 23.87 24.43
CA ALA V 335 101.29 24.37 24.04
C ALA V 335 101.39 25.21 22.77
N LEU V 336 100.54 26.24 22.66
CA LEU V 336 100.53 27.11 21.49
C LEU V 336 100.06 28.48 21.94
N THR V 337 100.97 29.45 21.98
CA THR V 337 100.67 30.81 22.40
C THR V 337 100.77 31.73 21.18
N VAL V 338 99.73 32.53 20.97
CA VAL V 338 99.67 33.45 19.84
C VAL V 338 99.95 34.86 20.36
N ILE V 339 100.99 35.49 19.84
CA ILE V 339 101.36 36.83 20.24
C ILE V 339 100.42 37.82 19.57
N ARG V 340 100.44 39.06 20.07
CA ARG V 340 99.58 40.11 19.55
C ARG V 340 100.38 41.03 18.62
N LEU V 341 99.76 42.14 18.23
CA LEU V 341 100.39 43.11 17.35
C LEU V 341 99.74 44.48 17.57
N GLY V 342 100.50 45.52 17.31
CA GLY V 342 100.02 46.88 17.47
C GLY V 342 99.16 47.36 16.32
N GLY V 343 99.49 48.53 15.79
CA GLY V 343 98.75 49.09 14.67
C GLY V 343 97.40 49.66 15.09
N ILE V 344 96.72 50.23 14.11
CA ILE V 344 95.40 50.83 14.30
C ILE V 344 94.44 50.14 13.36
N PHE V 345 93.57 49.29 13.91
CA PHE V 345 92.59 48.56 13.11
C PHE V 345 91.42 48.17 14.00
N SER V 346 90.26 47.98 13.37
CA SER V 346 89.06 47.65 14.11
C SER V 346 89.13 46.24 14.69
N ARG V 347 89.23 45.23 13.83
CA ARG V 347 89.29 43.85 14.30
C ARG V 347 90.64 43.57 14.95
N ARG V 348 90.60 42.83 16.06
CA ARG V 348 91.81 42.47 16.80
C ARG V 348 92.60 41.46 15.98
N GLN V 349 93.65 41.93 15.31
CA GLN V 349 94.48 41.06 14.49
C GLN V 349 95.45 40.27 15.35
N GLN V 350 95.82 39.09 14.86
CA GLN V 350 96.77 38.22 15.54
C GLN V 350 97.89 37.82 14.60
N TYR V 351 99.09 37.69 15.16
CA TYR V 351 100.27 37.32 14.40
C TYR V 351 100.77 35.97 14.86
N GLN V 352 101.22 35.15 13.92
CA GLN V 352 101.66 33.79 14.21
C GLN V 352 103.07 33.82 14.81
N LEU V 353 103.68 32.64 14.96
CA LEU V 353 105.02 32.56 15.51
C LEU V 353 106.04 33.01 14.46
N PRO V 354 107.10 33.70 14.87
CA PRO V 354 108.08 34.20 13.89
C PRO V 354 108.98 33.11 13.33
N VAL V 355 110.25 33.10 13.76
CA VAL V 355 111.23 32.15 13.23
C VAL V 355 111.00 30.74 13.75
N ASN V 356 110.12 30.56 14.74
CA ASN V 356 109.88 29.22 15.28
C ASN V 356 109.26 28.29 14.25
N VAL V 357 108.43 28.81 13.35
CA VAL V 357 107.79 28.03 12.30
C VAL V 357 108.08 28.70 10.96
N THR V 358 108.45 27.89 9.96
CA THR V 358 108.75 28.39 8.63
C THR V 358 108.09 27.60 7.51
N ALA V 359 107.57 26.41 7.78
CA ALA V 359 106.97 25.60 6.74
C ALA V 359 105.62 26.18 6.32
N SER V 360 105.19 25.77 5.12
CA SER V 360 103.91 26.23 4.57
C SER V 360 102.77 25.28 4.92
N THR V 361 103.00 23.97 4.83
CA THR V 361 101.98 22.98 5.16
C THR V 361 102.30 22.30 6.47
N LEU V 362 102.37 23.06 7.56
CA LEU V 362 102.68 22.51 8.87
C LEU V 362 101.47 21.75 9.43
N THR V 363 101.75 20.91 10.43
CA THR V 363 100.73 20.11 11.09
C THR V 363 100.58 20.56 12.53
N LEU V 364 99.34 20.50 13.04
CA LEU V 364 99.04 20.88 14.40
C LEU V 364 98.56 19.67 15.19
N LEU V 365 98.88 19.67 16.49
CA LEU V 365 98.52 18.58 17.38
C LEU V 365 97.44 19.04 18.35
N LEU V 366 96.58 18.09 18.74
CA LEU V 366 95.50 18.36 19.68
C LEU V 366 95.57 17.38 20.84
N GLN V 367 94.97 17.77 21.96
CA GLN V 367 94.96 16.95 23.15
C GLN V 367 93.83 15.92 23.09
N LYS V 368 92.64 16.32 23.53
CA LYS V 368 91.49 15.42 23.52
C LYS V 368 90.98 15.25 22.10
N PRO V 369 90.95 14.04 21.56
CA PRO V 369 90.46 13.85 20.20
C PRO V 369 88.95 14.01 20.12
N LEU V 370 88.49 14.52 18.98
CA LEU V 370 87.07 14.74 18.74
C LEU V 370 86.65 13.99 17.48
N LYS V 371 85.33 13.87 17.31
CA LYS V 371 84.74 13.19 16.16
C LYS V 371 84.29 14.25 15.16
N LEU V 372 85.20 14.62 14.26
CA LEU V 372 84.92 15.61 13.23
C LEU V 372 84.57 14.91 11.92
N HIS V 373 83.47 15.33 11.30
CA HIS V 373 83.00 14.75 10.04
C HIS V 373 82.76 13.25 10.16
N ASP V 374 82.23 12.84 11.32
CA ASP V 374 81.88 11.44 11.57
C ASP V 374 83.10 10.53 11.44
N MET V 375 84.24 10.99 11.92
CA MET V 375 85.47 10.20 11.90
C MET V 375 86.46 10.79 12.89
N GLU V 376 87.38 9.95 13.33
CA GLU V 376 88.40 10.36 14.29
C GLU V 376 89.58 11.00 13.58
N VAL V 377 90.34 11.79 14.33
CA VAL V 377 91.50 12.48 13.79
C VAL V 377 92.53 12.63 14.90
N VAL V 378 93.80 12.54 14.54
CA VAL V 378 94.89 12.68 15.50
C VAL V 378 95.79 13.88 15.20
N HIS V 379 95.74 14.44 14.00
CA HIS V 379 96.54 15.61 13.65
C HIS V 379 95.84 16.35 12.53
N ILE V 380 95.83 17.69 12.63
CA ILE V 380 95.20 18.56 11.65
C ILE V 380 96.25 19.50 11.10
N SER V 381 96.35 19.56 9.77
CA SER V 381 97.33 20.40 9.09
C SER V 381 96.63 21.59 8.44
N PHE V 382 97.21 22.78 8.61
CA PHE V 382 96.69 24.00 8.02
C PHE V 382 97.68 24.56 7.02
N GLU V 383 97.26 25.60 6.32
CA GLU V 383 98.08 26.27 5.33
C GLU V 383 98.59 27.60 5.88
N ARG V 384 99.88 27.86 5.69
CA ARG V 384 100.47 29.10 6.18
C ARG V 384 99.95 30.31 5.41
N SER V 385 99.68 30.15 4.12
CA SER V 385 99.15 31.26 3.33
C SER V 385 97.70 31.55 3.67
N ALA V 386 96.99 30.58 4.24
CA ALA V 386 95.60 30.76 4.62
C ALA V 386 95.42 31.09 6.09
N LEU V 387 96.42 30.79 6.93
CA LEU V 387 96.32 31.08 8.35
C LEU V 387 96.59 32.56 8.63
N GLU V 388 97.45 33.19 7.83
CA GLU V 388 97.77 34.60 8.06
C GLU V 388 96.59 35.51 7.72
N GLN V 389 95.73 35.08 6.81
CA GLN V 389 94.58 35.90 6.43
C GLN V 389 93.45 35.81 7.45
N TRP V 390 93.22 34.63 8.01
CA TRP V 390 92.14 34.47 9.00
C TRP V 390 92.48 35.17 10.31
N LEU V 391 93.75 35.19 10.68
CA LEU V 391 94.18 35.84 11.92
C LEU V 391 94.26 37.35 11.81
N SER V 392 94.03 37.92 10.62
CA SER V 392 94.09 39.35 10.42
C SER V 392 92.77 39.93 9.90
N LYS V 393 92.21 39.32 8.85
CA LYS V 393 90.96 39.79 8.28
C LYS V 393 89.73 39.08 8.83
N GLY V 394 89.91 37.89 9.40
CA GLY V 394 88.79 37.14 9.95
C GLY V 394 88.14 36.22 8.93
N GLY V 395 86.87 35.89 9.16
CA GLY V 395 86.15 35.01 8.26
C GLY V 395 86.15 33.57 8.69
N GLU V 396 86.22 32.65 7.74
CA GLU V 396 86.22 31.22 8.01
C GLU V 396 87.55 30.61 7.56
N ILE V 397 87.90 29.48 8.17
CA ILE V 397 89.14 28.78 7.85
C ILE V 397 88.78 27.40 7.31
N ARG V 398 89.64 26.89 6.42
CA ARG V 398 89.45 25.59 5.80
C ARG V 398 90.71 24.74 6.03
N GLY V 399 90.51 23.53 6.53
CA GLY V 399 91.63 22.63 6.79
C GLY V 399 91.27 21.18 6.64
N LYS V 400 92.19 20.39 6.08
CA LYS V 400 91.95 18.96 5.90
C LYS V 400 92.18 18.21 7.21
N LEU V 401 91.82 16.93 7.19
CA LEU V 401 91.95 16.05 8.35
C LEU V 401 92.87 14.89 8.03
N ASN V 402 93.77 14.58 8.96
CA ASN V 402 94.73 13.47 8.83
C ASN V 402 95.60 13.63 7.60
N GLY V 403 95.82 14.86 7.15
CA GLY V 403 96.66 15.11 5.99
C GLY V 403 96.10 14.63 4.67
N ILE V 404 94.87 14.15 4.64
CA ILE V 404 94.24 13.66 3.42
C ILE V 404 92.92 14.39 3.22
N GLY V 405 92.30 14.13 2.08
CA GLY V 405 91.03 14.75 1.75
C GLY V 405 91.17 16.22 1.40
N PHE V 406 90.01 16.87 1.28
CA PHE V 406 89.95 18.28 0.95
C PHE V 406 89.96 19.13 2.22
N ALA V 407 90.25 20.42 2.05
CA ALA V 407 90.28 21.35 3.17
C ALA V 407 88.87 21.69 3.63
N GLN V 408 88.32 20.88 4.53
CA GLN V 408 86.98 21.11 5.04
C GLN V 408 86.97 22.26 6.04
N LYS V 409 85.77 22.78 6.29
CA LYS V 409 85.60 23.89 7.22
C LYS V 409 85.47 23.36 8.65
N LEU V 410 86.09 24.07 9.58
CA LEU V 410 86.07 23.70 10.99
C LEU V 410 85.64 24.90 11.82
N ASN V 411 85.15 24.61 13.03
CA ASN V 411 84.70 25.66 13.95
C ASN V 411 85.85 26.05 14.87
N LEU V 412 86.83 26.73 14.27
CA LEU V 412 88.00 27.19 15.00
C LEU V 412 87.78 28.61 15.49
N GLU V 413 88.08 28.85 16.76
CA GLU V 413 87.93 30.16 17.37
C GLU V 413 89.19 30.50 18.15
N VAL V 414 89.17 31.66 18.82
CA VAL V 414 90.28 32.15 19.61
C VAL V 414 89.98 31.87 21.09
N ASP V 415 91.04 31.70 21.88
CA ASP V 415 90.92 31.42 23.30
C ASP V 415 91.32 32.64 24.11
N SER V 416 90.84 32.68 25.36
CA SER V 416 91.17 33.80 26.24
C SER V 416 92.64 33.81 26.61
N ALA V 417 93.28 32.64 26.68
CA ALA V 417 94.69 32.52 26.98
C ALA V 417 95.55 32.43 25.72
N GLN V 418 95.03 32.92 24.59
CA GLN V 418 95.73 32.91 23.31
C GLN V 418 96.09 31.48 22.90
N HIS V 419 95.06 30.76 22.46
CA HIS V 419 95.22 29.39 21.99
C HIS V 419 94.29 29.20 20.79
N LEU V 420 94.10 27.95 20.39
CA LEU V 420 93.23 27.60 19.27
C LEU V 420 92.30 26.49 19.70
N VAL V 421 91.05 26.84 20.01
CA VAL V 421 90.05 25.89 20.46
C VAL V 421 89.24 25.43 19.25
N VAL V 422 89.16 24.12 19.05
CA VAL V 422 88.42 23.53 17.93
C VAL V 422 87.09 23.02 18.46
N ARG V 423 85.99 23.55 17.93
CA ARG V 423 84.66 23.14 18.32
C ARG V 423 84.07 22.18 17.31
N ASP V 424 83.24 21.26 17.80
CA ASP V 424 82.59 20.25 16.98
C ASP V 424 81.08 20.41 17.06
N VAL V 425 80.35 19.30 16.86
CA VAL V 425 78.89 19.33 16.92
C VAL V 425 78.35 19.21 18.33
N SER V 426 79.20 18.95 19.31
CA SER V 426 78.78 18.82 20.70
C SER V 426 79.31 19.96 21.58
N LEU V 427 79.87 21.01 20.98
CA LEU V 427 80.42 22.15 21.70
C LEU V 427 81.49 21.71 22.70
N GLN V 428 82.50 21.03 22.19
CA GLN V 428 83.62 20.54 22.99
C GLN V 428 84.88 21.30 22.65
N GLY V 429 85.70 21.58 23.66
CA GLY V 429 86.92 22.31 23.47
C GLY V 429 88.11 21.40 23.17
N SER V 430 89.06 21.92 22.40
CA SER V 430 90.25 21.18 22.02
C SER V 430 91.34 22.19 21.68
N THR V 431 92.28 22.38 22.60
CA THR V 431 93.37 23.32 22.40
C THR V 431 94.41 22.73 21.46
N LEU V 432 94.74 23.44 20.39
CA LEU V 432 95.72 22.98 19.43
C LEU V 432 97.13 23.29 19.92
N ALA V 433 98.10 22.57 19.34
CA ALA V 433 99.50 22.75 19.70
C ALA V 433 100.36 22.32 18.52
N LEU V 434 101.63 22.71 18.57
CA LEU V 434 102.59 22.37 17.53
C LEU V 434 103.60 21.35 18.04
N PRO V 435 104.09 20.46 17.17
CA PRO V 435 105.09 19.48 17.62
C PRO V 435 106.44 20.12 17.86
N GLY V 436 107.13 19.64 18.89
CA GLY V 436 108.43 20.18 19.21
C GLY V 436 109.52 19.67 18.28
N SER V 437 110.66 20.36 18.32
CA SER V 437 111.80 20.00 17.49
C SER V 437 112.54 18.79 18.04
N LEU V 442 112.11 15.37 18.75
CA LEU V 442 112.45 13.99 18.40
C LEU V 442 112.69 13.15 19.65
N PRO V 443 111.79 12.22 19.93
CA PRO V 443 111.95 11.37 21.11
C PRO V 443 113.18 10.48 20.99
N GLY V 444 113.63 9.99 22.15
CA GLY V 444 114.79 9.12 22.18
C GLY V 444 114.51 7.73 21.64
N GLU V 445 113.28 7.25 21.78
CA GLU V 445 112.94 5.93 21.26
C GLU V 445 112.82 5.95 19.75
N ILE V 446 112.29 7.04 19.19
CA ILE V 446 112.16 7.14 17.74
C ILE V 446 113.52 7.35 17.09
N LYS V 447 114.39 8.15 17.73
CA LYS V 447 115.71 8.40 17.18
C LYS V 447 116.57 7.14 17.19
N GLN V 448 116.41 6.29 18.21
CA GLN V 448 117.19 5.06 18.26
C GLN V 448 116.78 4.09 17.17
N GLN V 449 115.48 4.00 16.88
CA GLN V 449 115.00 3.10 15.84
C GLN V 449 115.18 3.69 14.45
N LEU V 450 115.38 5.01 14.33
CA LEU V 450 115.57 5.62 13.02
C LEU V 450 117.02 5.52 12.57
N GLU V 451 117.97 5.64 13.50
CA GLU V 451 119.38 5.52 13.14
C GLU V 451 119.74 4.10 12.73
N GLU V 452 119.08 3.10 13.32
CA GLU V 452 119.36 1.72 12.95
C GLU V 452 118.81 1.39 11.57
N LEU V 453 117.66 1.95 11.21
CA LEU V 453 117.10 1.73 9.88
C LEU V 453 117.85 2.51 8.82
N GLU V 454 118.30 3.72 9.15
CA GLU V 454 119.06 4.51 8.19
C GLU V 454 120.43 3.91 7.93
N SER V 455 121.04 3.29 8.94
CA SER V 455 122.34 2.65 8.73
C SER V 455 122.23 1.42 7.84
N ASP V 456 121.06 0.78 7.81
CA ASP V 456 120.88 -0.37 6.94
C ASP V 456 120.78 0.04 5.48
N TRP V 457 120.31 1.26 5.21
CA TRP V 457 120.24 1.73 3.83
C TRP V 457 121.62 2.03 3.26
N ARG V 458 122.54 2.52 4.10
CA ARG V 458 123.90 2.79 3.62
C ARG V 458 124.67 1.51 3.39
N LYS V 459 124.35 0.44 4.13
CA LYS V 459 125.03 -0.84 3.91
C LYS V 459 124.56 -1.51 2.63
N GLN V 460 123.26 -1.42 2.33
CA GLN V 460 122.75 -2.00 1.10
C GLN V 460 123.16 -1.18 -0.11
N HIS V 461 123.29 0.15 0.04
CA HIS V 461 123.73 0.98 -1.07
C HIS V 461 125.21 0.82 -1.35
N ALA V 462 126.00 0.47 -0.32
CA ALA V 462 127.42 0.25 -0.53
C ALA V 462 127.70 -1.01 -1.34
N LEU V 463 126.84 -2.03 -1.19
CA LEU V 463 127.01 -3.25 -1.97
C LEU V 463 126.67 -3.02 -3.45
N PHE V 464 125.67 -2.17 -3.71
CA PHE V 464 125.31 -1.86 -5.09
C PHE V 464 126.31 -0.93 -5.75
N SER V 465 127.00 -0.08 -4.97
CA SER V 465 127.99 0.85 -5.50
C SER V 465 129.37 0.22 -5.67
N GLU V 466 129.44 -1.03 -6.11
CA GLU V 466 130.71 -1.71 -6.31
C GLU V 466 130.56 -2.83 -7.33
N GLN V 467 129.36 -3.38 -7.44
CA GLN V 467 129.08 -4.47 -8.37
C GLN V 467 128.24 -4.02 -9.56
N GLN V 468 128.02 -2.71 -9.72
CA GLN V 468 127.21 -2.20 -10.82
C GLN V 468 127.94 -2.23 -12.16
N LYS V 469 129.25 -2.49 -12.16
CA LYS V 469 130.04 -2.55 -13.38
C LYS V 469 129.97 -3.89 -14.08
N CYS V 470 129.00 -4.73 -13.73
CA CYS V 470 128.86 -6.03 -14.38
C CYS V 470 128.45 -5.84 -15.84
N LEU V 471 129.21 -6.45 -16.75
CA LEU V 471 128.93 -6.31 -18.17
C LEU V 471 127.67 -7.07 -18.58
N PHE V 472 127.32 -8.13 -17.85
CA PHE V 472 126.18 -8.95 -18.21
C PHE V 472 124.90 -8.44 -17.56
N ILE V 473 124.76 -7.12 -17.47
CA ILE V 473 123.58 -6.48 -16.92
C ILE V 473 123.09 -5.44 -17.91
N PRO V 474 121.82 -5.46 -18.31
CA PRO V 474 121.33 -4.46 -19.27
C PRO V 474 121.37 -3.06 -18.68
N GLY V 475 121.33 -2.07 -19.58
CA GLY V 475 121.42 -0.69 -19.16
C GLY V 475 120.12 -0.11 -18.66
N ASP V 476 118.99 -0.66 -19.09
CA ASP V 476 117.69 -0.13 -18.67
C ASP V 476 117.33 -0.54 -17.25
N TRP V 477 118.02 -1.52 -16.68
CA TRP V 477 117.72 -1.94 -15.32
C TRP V 477 118.38 -1.03 -14.28
N LEU V 478 119.45 -0.32 -14.66
CA LEU V 478 120.09 0.59 -13.71
C LEU V 478 119.25 1.83 -13.46
N GLY V 479 118.31 2.13 -14.35
CA GLY V 479 117.45 3.29 -14.15
C GLY V 479 116.33 3.07 -13.17
N ARG V 480 116.01 1.80 -12.86
CA ARG V 480 114.96 1.49 -11.91
C ARG V 480 115.48 1.01 -10.56
N ILE V 481 116.66 0.39 -10.52
CA ILE V 481 117.23 -0.04 -9.25
C ILE V 481 117.74 1.16 -8.47
N GLU V 482 118.41 2.09 -9.15
CA GLU V 482 118.91 3.28 -8.47
C GLU V 482 117.77 4.20 -8.06
N ALA V 483 116.70 4.25 -8.86
CA ALA V 483 115.56 5.09 -8.51
C ALA V 483 114.80 4.52 -7.31
N SER V 484 114.83 3.21 -7.12
CA SER V 484 114.14 2.61 -5.98
C SER V 484 114.92 2.84 -4.68
N LEU V 485 116.25 2.92 -4.76
CA LEU V 485 117.05 3.16 -3.57
C LEU V 485 117.00 4.62 -3.13
N GLN V 486 116.97 5.54 -4.09
CA GLN V 486 116.88 6.97 -3.75
C GLN V 486 115.50 7.36 -3.25
N ASP V 487 114.46 6.61 -3.61
CA ASP V 487 113.12 6.92 -3.13
C ASP V 487 112.99 6.64 -1.64
N VAL V 488 113.62 5.57 -1.17
CA VAL V 488 113.58 5.24 0.26
C VAL V 488 114.42 6.23 1.05
N GLY V 489 115.59 6.60 0.52
CA GLY V 489 116.45 7.55 1.21
C GLY V 489 115.87 8.95 1.28
N ALA V 490 115.11 9.34 0.26
CA ALA V 490 114.50 10.66 0.27
C ALA V 490 113.33 10.76 1.26
N GLN V 491 112.72 9.62 1.59
CA GLN V 491 111.60 9.61 2.54
C GLN V 491 112.06 9.46 3.98
N ILE V 492 113.14 8.71 4.23
CA ILE V 492 113.63 8.53 5.58
C ILE V 492 114.27 9.80 6.13
N ARG V 493 114.72 10.69 5.25
CA ARG V 493 115.32 11.95 5.68
C ARG V 493 114.30 13.04 5.94
N GLN V 494 113.01 12.78 5.70
CA GLN V 494 111.97 13.77 5.93
C GLN V 494 111.45 13.73 7.35
N ALA V 495 111.34 12.55 7.95
CA ALA V 495 110.83 12.43 9.31
C ALA V 495 111.82 12.93 10.34
N GLN V 496 113.12 12.96 10.01
CA GLN V 496 114.14 13.42 10.93
C GLN V 496 114.33 14.93 10.91
N GLN V 497 113.52 15.66 10.14
CA GLN V 497 113.62 17.11 10.07
C GLN V 497 113.02 17.76 11.30
N HIS W 3 123.89 -66.20 6.57
CA HIS W 3 124.01 -65.73 5.19
C HIS W 3 122.87 -64.78 4.77
N PRO W 4 121.61 -65.12 5.05
CA PRO W 4 120.52 -64.18 4.70
C PRO W 4 120.57 -62.88 5.48
N HIS W 5 121.17 -62.86 6.66
CA HIS W 5 121.23 -61.63 7.44
C HIS W 5 122.23 -60.64 6.85
N LEU W 6 123.27 -61.13 6.18
CA LEU W 6 124.27 -60.26 5.58
C LEU W 6 123.81 -59.67 4.26
N LEU W 7 122.69 -60.13 3.71
CA LEU W 7 122.20 -59.59 2.44
C LEU W 7 121.59 -58.20 2.62
N ALA W 8 120.96 -57.95 3.78
CA ALA W 8 120.34 -56.64 4.00
C ALA W 8 121.39 -55.54 4.15
N GLU W 9 122.59 -55.89 4.61
CA GLU W 9 123.64 -54.89 4.78
C GLU W 9 124.24 -54.47 3.44
N ARG W 10 124.35 -55.41 2.49
CA ARG W 10 124.92 -55.08 1.20
C ARG W 10 123.97 -54.24 0.36
N ILE W 11 122.65 -54.47 0.48
CA ILE W 11 121.69 -53.68 -0.27
C ILE W 11 121.60 -52.27 0.31
N SER W 12 121.76 -52.14 1.63
CA SER W 12 121.72 -50.81 2.24
C SER W 12 122.88 -49.94 1.78
N ARG W 13 124.04 -50.53 1.50
CA ARG W 13 125.18 -49.77 1.01
C ARG W 13 125.08 -49.49 -0.47
N LEU W 14 124.35 -50.32 -1.22
CA LEU W 14 124.19 -50.10 -2.65
C LEU W 14 123.23 -48.97 -2.95
N SER W 15 122.11 -48.90 -2.20
CA SER W 15 121.14 -47.84 -2.41
C SER W 15 121.62 -46.50 -1.89
N SER W 16 122.63 -46.49 -1.00
CA SER W 16 123.14 -45.24 -0.47
C SER W 16 123.94 -44.48 -1.52
N SER W 17 124.69 -45.19 -2.37
CA SER W 17 125.46 -44.52 -3.41
C SER W 17 124.55 -44.02 -4.53
N LEU W 18 123.40 -44.66 -4.74
CA LEU W 18 122.49 -44.21 -5.79
C LEU W 18 121.75 -42.94 -5.37
N GLU W 19 121.56 -42.73 -4.07
CA GLU W 19 120.87 -41.54 -3.59
C GLU W 19 121.73 -40.29 -3.70
N LYS W 20 123.06 -40.42 -3.68
CA LYS W 20 123.95 -39.27 -3.78
C LYS W 20 123.80 -38.63 -5.15
N GLY W 21 123.16 -37.46 -5.19
CA GLY W 21 122.91 -36.73 -6.41
C GLY W 21 121.45 -36.36 -6.64
N LEU W 22 120.52 -37.06 -6.01
CA LEU W 22 119.10 -36.79 -6.14
C LEU W 22 118.47 -36.75 -4.76
N TYR W 23 118.07 -35.56 -4.32
CA TYR W 23 117.46 -35.39 -3.01
C TYR W 23 115.96 -35.57 -3.09
N GLU W 24 115.38 -36.06 -1.99
CA GLU W 24 113.95 -36.33 -1.88
C GLU W 24 113.47 -37.29 -2.97
N ARG W 25 114.32 -38.23 -3.35
CA ARG W 25 114.00 -39.22 -4.38
C ARG W 25 114.33 -40.63 -3.91
N SER W 26 114.24 -40.87 -2.60
CA SER W 26 114.53 -42.20 -2.08
C SER W 26 113.48 -43.22 -2.51
N HIS W 27 112.20 -42.80 -2.54
CA HIS W 27 111.14 -43.70 -2.96
C HIS W 27 111.15 -43.95 -4.46
N ALA W 28 111.78 -43.07 -5.24
CA ALA W 28 111.85 -43.23 -6.69
C ALA W 28 113.05 -44.05 -7.13
N ILE W 29 114.02 -44.29 -6.26
CA ILE W 29 115.21 -45.07 -6.59
C ILE W 29 115.16 -46.46 -5.97
N ARG W 30 114.72 -46.56 -4.71
CA ARG W 30 114.65 -47.86 -4.06
C ARG W 30 113.60 -48.76 -4.71
N LEU W 31 112.49 -48.18 -5.19
CA LEU W 31 111.46 -48.99 -5.83
C LEU W 31 111.92 -49.50 -7.20
N CYS W 32 112.82 -48.77 -7.87
CA CYS W 32 113.34 -49.22 -9.15
C CYS W 32 114.42 -50.28 -8.99
N LEU W 33 115.18 -50.22 -7.90
CA LEU W 33 116.22 -51.23 -7.65
C LEU W 33 115.61 -52.56 -7.26
N LEU W 34 114.52 -52.53 -6.48
CA LEU W 34 113.86 -53.77 -6.08
C LEU W 34 113.16 -54.44 -7.25
N ALA W 35 112.54 -53.66 -8.13
CA ALA W 35 111.87 -54.25 -9.29
C ALA W 35 112.86 -54.74 -10.33
N ALA W 36 114.06 -54.18 -10.35
CA ALA W 36 115.07 -54.62 -11.30
C ALA W 36 115.65 -55.98 -10.92
N LEU W 37 115.80 -56.24 -9.63
CA LEU W 37 116.32 -57.51 -9.16
C LEU W 37 115.27 -58.61 -9.10
N SER W 38 114.00 -58.28 -9.34
CA SER W 38 112.93 -59.25 -9.32
C SER W 38 112.24 -59.43 -10.66
N GLY W 39 112.63 -58.67 -11.68
CA GLY W 39 112.03 -58.80 -12.99
C GLY W 39 110.71 -58.08 -13.16
N GLU W 40 110.51 -56.96 -12.46
CA GLU W 40 109.29 -56.19 -12.55
C GLU W 40 109.55 -54.86 -13.24
N SER W 41 108.46 -54.16 -13.54
CA SER W 41 108.51 -52.88 -14.23
C SER W 41 108.24 -51.75 -13.24
N VAL W 42 108.26 -50.52 -13.77
CA VAL W 42 108.03 -49.32 -12.97
C VAL W 42 107.60 -48.20 -13.91
N PHE W 43 106.70 -47.35 -13.43
CA PHE W 43 106.17 -46.24 -14.21
C PHE W 43 106.26 -44.95 -13.40
N LEU W 44 106.61 -43.86 -14.08
CA LEU W 44 106.70 -42.55 -13.46
C LEU W 44 105.74 -41.59 -14.16
N LEU W 45 105.28 -40.59 -13.41
CA LEU W 45 104.34 -39.60 -13.94
C LEU W 45 104.59 -38.27 -13.24
N GLY W 46 104.57 -37.20 -14.03
CA GLY W 46 104.78 -35.87 -13.52
C GLY W 46 105.22 -34.90 -14.58
N PRO W 47 105.48 -33.65 -14.20
CA PRO W 47 105.93 -32.66 -15.18
C PRO W 47 107.36 -32.94 -15.60
N PRO W 48 107.73 -32.64 -16.85
CA PRO W 48 109.10 -32.87 -17.30
C PRO W 48 110.09 -31.99 -16.57
N GLY W 49 110.99 -32.61 -15.82
CA GLY W 49 111.99 -31.88 -15.08
C GLY W 49 111.99 -32.16 -13.59
N ILE W 50 111.60 -33.37 -13.22
CA ILE W 50 111.55 -33.78 -11.81
C ILE W 50 112.40 -35.03 -11.63
N ALA W 51 113.50 -35.14 -12.38
CA ALA W 51 114.43 -36.26 -12.33
C ALA W 51 113.70 -37.58 -12.64
N LYS W 52 113.43 -37.76 -13.93
CA LYS W 52 112.78 -38.97 -14.43
C LYS W 52 113.63 -39.78 -15.39
N SER W 53 114.58 -39.14 -16.09
CA SER W 53 115.46 -39.84 -17.01
C SER W 53 116.80 -40.20 -16.41
N LEU W 54 117.22 -39.53 -15.33
CA LEU W 54 118.51 -39.85 -14.70
C LEU W 54 118.44 -41.16 -13.93
N ILE W 55 117.29 -41.50 -13.37
CA ILE W 55 117.15 -42.74 -12.63
C ILE W 55 117.30 -43.95 -13.56
N ALA W 56 116.98 -43.77 -14.85
CA ALA W 56 117.17 -44.86 -15.80
C ALA W 56 118.64 -45.04 -16.14
N ARG W 57 119.44 -43.99 -16.03
CA ARG W 57 120.87 -44.06 -16.30
C ARG W 57 121.71 -44.20 -15.03
N ARG W 58 121.07 -44.17 -13.85
CA ARG W 58 121.78 -44.33 -12.60
C ARG W 58 121.76 -45.77 -12.09
N LEU W 59 120.67 -46.50 -12.37
CA LEU W 59 120.57 -47.89 -11.92
C LEU W 59 121.46 -48.82 -12.74
N LYS W 60 121.97 -48.37 -13.89
CA LYS W 60 122.82 -49.21 -14.71
C LYS W 60 124.22 -49.36 -14.12
N PHE W 61 124.64 -48.44 -13.25
CA PHE W 61 125.96 -48.52 -12.64
C PHE W 61 126.01 -49.52 -11.48
N ALA W 62 124.85 -49.93 -10.97
CA ALA W 62 124.80 -50.90 -9.87
C ALA W 62 125.07 -52.33 -10.33
N PHE W 63 125.13 -52.57 -11.64
CA PHE W 63 125.40 -53.89 -12.20
C PHE W 63 126.79 -53.91 -12.82
N GLN W 64 127.09 -55.00 -13.53
CA GLN W 64 128.38 -55.15 -14.19
C GLN W 64 128.28 -55.27 -15.70
N ASN W 65 127.10 -55.51 -16.26
CA ASN W 65 126.89 -55.62 -17.71
C ASN W 65 125.51 -55.08 -18.03
N ALA W 66 125.35 -53.76 -17.89
CA ALA W 66 124.09 -53.08 -18.16
C ALA W 66 124.29 -52.05 -19.25
N ARG W 67 123.23 -51.80 -20.01
CA ARG W 67 123.25 -50.83 -21.11
C ARG W 67 122.06 -49.90 -20.99
N ALA W 68 122.25 -48.65 -21.40
CA ALA W 68 121.21 -47.64 -21.34
C ALA W 68 120.59 -47.42 -22.73
N PHE W 69 119.36 -46.92 -22.73
CA PHE W 69 118.64 -46.64 -23.98
C PHE W 69 117.59 -45.57 -23.67
N GLU W 70 117.96 -44.32 -23.88
CA GLU W 70 117.07 -43.18 -23.65
C GLU W 70 116.48 -42.75 -24.99
N TYR W 71 115.20 -43.07 -25.20
CA TYR W 71 114.51 -42.73 -26.44
C TYR W 71 113.23 -41.98 -26.12
N LEU W 72 112.84 -41.10 -27.04
CA LEU W 72 111.62 -40.30 -26.90
C LEU W 72 110.64 -40.72 -27.99
N MET W 73 109.50 -41.28 -27.58
CA MET W 73 108.49 -41.71 -28.52
C MET W 73 107.69 -40.50 -29.02
N THR W 74 107.60 -40.36 -30.33
CA THR W 74 106.87 -39.28 -30.98
C THR W 74 105.63 -39.82 -31.66
N ARG W 75 104.82 -38.90 -32.18
CA ARG W 75 103.59 -39.29 -32.88
C ARG W 75 103.88 -39.89 -34.25
N PHE W 76 105.07 -39.67 -34.79
CA PHE W 76 105.46 -40.20 -36.10
C PHE W 76 106.66 -41.13 -35.99
N SER W 77 106.80 -41.81 -34.86
CA SER W 77 107.92 -42.72 -34.67
C SER W 77 107.69 -44.03 -35.41
N THR W 78 108.78 -44.67 -35.82
CA THR W 78 108.74 -45.92 -36.54
C THR W 78 109.44 -47.01 -35.74
N PRO W 79 108.95 -48.26 -35.82
CA PRO W 79 109.60 -49.35 -35.08
C PRO W 79 111.02 -49.64 -35.55
N GLU W 80 111.38 -49.26 -36.78
CA GLU W 80 112.72 -49.52 -37.27
C GLU W 80 113.76 -48.62 -36.59
N GLU W 81 113.34 -47.46 -36.11
CA GLU W 81 114.22 -46.54 -35.41
C GLU W 81 114.31 -46.83 -33.91
N VAL W 82 113.64 -47.86 -33.42
CA VAL W 82 113.65 -48.22 -32.02
C VAL W 82 114.34 -49.57 -31.79
N PHE W 83 113.92 -50.60 -32.54
CA PHE W 83 114.50 -51.93 -32.41
C PHE W 83 115.61 -52.19 -33.42
N GLY W 84 116.21 -51.13 -33.97
CA GLY W 84 117.29 -51.27 -34.93
C GLY W 84 116.78 -51.55 -36.33
N PRO W 85 117.37 -50.90 -37.32
CA PRO W 85 116.93 -51.13 -38.71
C PRO W 85 117.37 -52.49 -39.22
N LEU W 86 116.58 -53.03 -40.12
CA LEU W 86 116.85 -54.34 -40.71
C LEU W 86 117.86 -54.21 -41.86
N SER W 87 118.42 -55.34 -42.27
CA SER W 87 119.38 -55.37 -43.35
C SER W 87 118.72 -55.75 -44.66
N GLU W 98 118.14 -60.68 -38.54
CA GLU W 98 118.24 -59.88 -39.75
C GLU W 98 118.19 -58.39 -39.44
N ARG W 99 117.82 -58.07 -38.20
CA ARG W 99 117.72 -56.69 -37.75
C ARG W 99 118.99 -56.30 -37.00
N LEU W 100 119.58 -55.17 -37.38
CA LEU W 100 120.81 -54.68 -36.75
C LEU W 100 120.45 -54.10 -35.39
N THR W 101 120.38 -54.98 -34.39
CA THR W 101 120.04 -54.60 -33.02
C THR W 101 121.28 -54.34 -32.18
N SER W 102 122.24 -53.58 -32.70
CA SER W 102 123.48 -53.28 -31.99
C SER W 102 123.22 -52.16 -30.98
N GLY W 103 122.97 -52.54 -29.73
CA GLY W 103 122.74 -51.56 -28.68
C GLY W 103 121.42 -50.83 -28.82
N TYR W 104 120.32 -51.49 -28.50
CA TYR W 104 119.00 -50.88 -28.60
C TYR W 104 118.09 -51.34 -27.47
N LEU W 105 117.42 -52.48 -27.66
CA LEU W 105 116.47 -52.98 -26.68
C LEU W 105 116.52 -54.51 -26.57
N PRO W 106 116.54 -55.27 -27.68
CA PRO W 106 116.61 -56.73 -27.55
C PRO W 106 117.85 -57.23 -26.83
N GLU W 107 118.96 -56.50 -26.89
CA GLU W 107 120.18 -56.88 -26.19
C GLU W 107 120.50 -55.97 -25.00
N ALA W 108 119.63 -55.00 -24.70
CA ALA W 108 119.85 -54.09 -23.59
C ALA W 108 119.25 -54.66 -22.31
N GLU W 109 119.49 -53.96 -21.20
CA GLU W 109 118.99 -54.36 -19.90
C GLU W 109 118.04 -53.33 -19.30
N ILE W 110 118.44 -52.07 -19.22
CA ILE W 110 117.61 -51.01 -18.67
C ILE W 110 117.35 -50.01 -19.78
N VAL W 111 116.10 -49.95 -20.25
CA VAL W 111 115.70 -49.04 -21.31
C VAL W 111 114.80 -47.97 -20.73
N PHE W 112 114.81 -46.80 -21.37
CA PHE W 112 114.00 -45.67 -20.97
C PHE W 112 113.13 -45.22 -22.14
N LEU W 113 111.84 -45.07 -21.89
CA LEU W 113 110.87 -44.66 -22.91
C LEU W 113 110.07 -43.49 -22.37
N ASP W 114 110.32 -42.30 -22.92
CA ASP W 114 109.60 -41.10 -22.50
C ASP W 114 108.48 -40.79 -23.48
N GLU W 115 107.37 -40.29 -22.95
CA GLU W 115 106.17 -39.97 -23.74
C GLU W 115 105.69 -41.19 -24.53
N ILE W 116 105.43 -42.27 -23.78
CA ILE W 116 104.99 -43.52 -24.40
C ILE W 116 103.54 -43.49 -24.84
N TRP W 117 102.78 -42.49 -24.43
CA TRP W 117 101.34 -42.41 -24.74
C TRP W 117 101.08 -41.76 -26.10
N LYS W 118 102.00 -41.92 -27.06
CA LYS W 118 101.82 -41.34 -28.38
C LYS W 118 102.61 -42.13 -29.43
N ALA W 119 103.04 -43.33 -29.07
CA ALA W 119 103.81 -44.15 -30.00
C ALA W 119 102.90 -44.73 -31.07
N GLY W 120 103.52 -45.35 -32.07
CA GLY W 120 102.80 -45.94 -33.17
C GLY W 120 102.07 -47.21 -32.77
N PRO W 121 101.22 -47.72 -33.67
CA PRO W 121 100.48 -48.95 -33.34
C PRO W 121 101.36 -50.18 -33.29
N ALA W 122 102.37 -50.26 -34.15
CA ALA W 122 103.27 -51.42 -34.17
C ALA W 122 104.28 -51.39 -33.04
N ILE W 123 104.55 -50.22 -32.45
CA ILE W 123 105.52 -50.14 -31.37
C ILE W 123 104.94 -50.73 -30.08
N LEU W 124 103.68 -50.40 -29.78
CA LEU W 124 103.06 -50.92 -28.57
C LEU W 124 102.81 -52.43 -28.67
N ASN W 125 102.58 -52.93 -29.88
CA ASN W 125 102.29 -54.36 -30.03
C ASN W 125 103.53 -55.21 -29.76
N THR W 126 104.71 -54.73 -30.13
CA THR W 126 105.94 -55.46 -29.89
C THR W 126 106.39 -55.40 -28.43
N LEU W 127 105.93 -54.39 -27.67
CA LEU W 127 106.31 -54.28 -26.27
C LEU W 127 105.53 -55.24 -25.37
N LEU W 128 104.39 -55.75 -25.84
CA LEU W 128 103.61 -56.67 -25.02
C LEU W 128 104.22 -58.07 -25.00
N THR W 129 104.89 -58.46 -26.10
CA THR W 129 105.50 -59.78 -26.16
C THR W 129 106.83 -59.85 -25.45
N ALA W 130 107.45 -58.71 -25.15
CA ALA W 130 108.73 -58.66 -24.47
C ALA W 130 108.60 -58.56 -22.96
N ILE W 131 107.39 -58.69 -22.42
CA ILE W 131 107.16 -58.62 -20.99
C ILE W 131 106.69 -59.95 -20.43
N ASN W 132 105.68 -60.56 -21.06
CA ASN W 132 105.16 -61.83 -20.57
C ASN W 132 106.01 -63.00 -21.01
N GLU W 133 106.79 -62.85 -22.09
CA GLU W 133 107.62 -63.93 -22.61
C GLU W 133 109.11 -63.57 -22.66
N ARG W 134 109.46 -62.29 -22.50
CA ARG W 134 110.85 -61.84 -22.57
C ARG W 134 111.50 -62.23 -23.89
N GLN W 135 110.73 -62.16 -24.97
CA GLN W 135 111.19 -62.53 -26.30
C GLN W 135 110.89 -61.39 -27.28
N PHE W 136 111.39 -61.53 -28.50
CA PHE W 136 111.18 -60.53 -29.54
C PHE W 136 111.38 -61.19 -30.89
N ARG W 137 110.36 -61.08 -31.75
CA ARG W 137 110.41 -61.67 -33.08
C ARG W 137 111.48 -60.98 -33.91
N ASN W 138 112.15 -61.73 -34.77
CA ASN W 138 113.24 -61.23 -35.60
C ASN W 138 113.24 -61.98 -36.93
N GLY W 139 112.24 -61.70 -37.76
CA GLY W 139 112.13 -62.33 -39.06
C GLY W 139 111.74 -63.79 -38.99
N ALA W 140 112.71 -64.66 -38.68
CA ALA W 140 112.45 -66.09 -38.59
C ALA W 140 112.51 -66.56 -37.15
N HIS W 141 113.72 -66.87 -36.66
CA HIS W 141 113.89 -67.33 -35.29
C HIS W 141 113.79 -66.18 -34.31
N VAL W 142 113.34 -66.48 -33.10
CA VAL W 142 113.19 -65.50 -32.05
C VAL W 142 114.34 -65.64 -31.07
N GLU W 143 114.52 -64.64 -30.22
CA GLU W 143 115.58 -64.62 -29.22
C GLU W 143 115.05 -63.97 -27.94
N LYS W 144 115.76 -64.23 -26.85
CA LYS W 144 115.39 -63.68 -25.56
C LYS W 144 116.01 -62.30 -25.36
N ILE W 145 115.40 -61.53 -24.46
CA ILE W 145 115.86 -60.19 -24.12
C ILE W 145 116.31 -60.19 -22.67
N PRO W 146 117.56 -59.83 -22.37
CA PRO W 146 117.99 -59.76 -20.97
C PRO W 146 117.54 -58.49 -20.28
N MET W 147 116.24 -58.16 -20.39
CA MET W 147 115.71 -56.95 -19.79
C MET W 147 115.51 -57.17 -18.30
N ARG W 148 116.14 -56.31 -17.50
CA ARG W 148 116.04 -56.40 -16.04
C ARG W 148 115.16 -55.33 -15.43
N LEU W 149 115.10 -54.14 -16.03
CA LEU W 149 114.28 -53.05 -15.51
C LEU W 149 113.62 -52.32 -16.67
N LEU W 150 112.32 -52.10 -16.56
CA LEU W 150 111.53 -51.40 -17.57
C LEU W 150 110.91 -50.17 -16.93
N VAL W 151 111.43 -49.00 -17.28
CA VAL W 151 110.98 -47.73 -16.73
C VAL W 151 110.35 -46.90 -17.85
N ALA W 152 109.34 -46.12 -17.49
CA ALA W 152 108.65 -45.27 -18.43
C ALA W 152 108.11 -44.05 -17.71
N ALA W 153 108.27 -42.88 -18.33
CA ALA W 153 107.81 -41.62 -17.77
C ALA W 153 107.07 -40.83 -18.83
N SER W 154 106.19 -39.94 -18.38
CA SER W 154 105.39 -39.11 -19.27
C SER W 154 104.94 -37.84 -18.59
N ASN W 155 103.69 -37.43 -18.83
CA ASN W 155 103.17 -36.20 -18.24
C ASN W 155 101.65 -36.26 -18.13
N GLU W 156 100.98 -36.56 -19.25
CA GLU W 156 99.52 -36.61 -19.30
C GLU W 156 99.04 -38.04 -19.12
N LEU W 157 97.72 -38.22 -19.22
CA LEU W 157 97.08 -39.51 -19.06
C LEU W 157 96.42 -39.94 -20.37
N PRO W 158 96.39 -41.24 -20.67
CA PRO W 158 95.76 -41.70 -21.91
C PRO W 158 94.24 -41.60 -21.86
N GLU W 159 93.59 -41.96 -22.97
CA GLU W 159 92.14 -41.89 -23.04
C GLU W 159 91.52 -43.05 -22.27
N ALA W 160 90.21 -42.95 -22.03
CA ALA W 160 89.50 -43.99 -21.29
C ALA W 160 89.15 -45.18 -22.18
N ASP W 161 88.99 -44.96 -23.48
CA ASP W 161 88.65 -46.02 -24.44
C ASP W 161 89.68 -45.99 -25.57
N SER W 162 90.87 -46.52 -25.29
CA SER W 162 91.95 -46.57 -26.27
C SER W 162 92.76 -47.83 -26.05
N SER W 163 93.69 -48.08 -26.97
CA SER W 163 94.54 -49.26 -26.89
C SER W 163 95.75 -49.06 -26.00
N LEU W 164 95.98 -47.85 -25.49
CA LEU W 164 97.12 -47.59 -24.62
C LEU W 164 96.91 -48.13 -23.20
N GLU W 165 95.69 -48.49 -22.83
CA GLU W 165 95.42 -49.01 -21.49
C GLU W 165 95.91 -50.44 -21.32
N ALA W 166 96.30 -51.13 -22.39
CA ALA W 166 96.79 -52.49 -22.26
C ALA W 166 98.15 -52.54 -21.58
N LEU W 167 99.00 -51.53 -21.83
CA LEU W 167 100.31 -51.49 -21.20
C LEU W 167 100.26 -50.90 -19.78
N TYR W 168 99.33 -49.98 -19.54
CA TYR W 168 99.24 -49.36 -18.21
C TYR W 168 98.75 -50.37 -17.17
N ASP W 169 97.83 -51.26 -17.56
CA ASP W 169 97.31 -52.26 -16.64
C ASP W 169 98.32 -53.36 -16.34
N ARG W 170 99.40 -53.47 -17.13
CA ARG W 170 100.41 -54.49 -16.90
C ARG W 170 101.58 -53.99 -16.07
N MET W 171 101.81 -52.68 -16.03
CA MET W 171 102.90 -52.15 -15.22
C MET W 171 102.54 -52.23 -13.74
N LEU W 172 103.51 -52.60 -12.91
CA LEU W 172 103.26 -52.82 -11.49
C LEU W 172 103.35 -51.50 -10.71
N ILE W 173 104.55 -50.97 -10.57
CA ILE W 173 104.78 -49.79 -9.74
C ILE W 173 104.41 -48.54 -10.54
N ARG W 174 103.61 -47.67 -9.93
CA ARG W 174 103.21 -46.39 -10.52
C ARG W 174 103.74 -45.29 -9.60
N LEU W 175 104.98 -44.88 -9.83
CA LEU W 175 105.59 -43.84 -9.01
C LEU W 175 104.96 -42.49 -9.29
N TRP W 176 104.74 -41.71 -8.23
CA TRP W 176 104.13 -40.39 -8.31
C TRP W 176 105.15 -39.37 -7.82
N LEU W 177 106.02 -38.92 -8.72
CA LEU W 177 107.05 -37.95 -8.39
C LEU W 177 106.49 -36.53 -8.50
N ASP W 178 107.13 -35.60 -7.79
CA ASP W 178 106.72 -34.21 -7.78
C ASP W 178 107.92 -33.34 -7.46
N LYS W 179 107.75 -32.04 -7.64
CA LYS W 179 108.82 -31.09 -7.35
C LYS W 179 109.11 -31.05 -5.85
N VAL W 180 110.27 -30.47 -5.50
CA VAL W 180 110.66 -30.39 -4.12
C VAL W 180 109.81 -29.35 -3.38
N GLN W 181 109.66 -29.55 -2.07
CA GLN W 181 108.85 -28.64 -1.26
C GLN W 181 109.64 -28.16 -0.05
N ASP W 182 110.53 -29.01 0.47
CA ASP W 182 111.32 -28.65 1.64
C ASP W 182 112.39 -27.63 1.27
N LYS W 183 112.69 -26.74 2.22
CA LYS W 183 113.68 -25.69 2.01
C LYS W 183 115.09 -26.14 2.37
N ALA W 184 115.24 -26.99 3.39
CA ALA W 184 116.56 -27.44 3.79
C ALA W 184 117.19 -28.35 2.73
N ASN W 185 116.39 -29.21 2.11
CA ASN W 185 116.89 -30.10 1.06
C ASN W 185 117.10 -29.40 -0.27
N PHE W 186 116.64 -28.15 -0.41
CA PHE W 186 116.80 -27.42 -1.65
C PHE W 186 118.08 -26.59 -1.70
N ARG W 187 118.73 -26.36 -0.54
CA ARG W 187 119.95 -25.58 -0.52
C ARG W 187 121.09 -26.29 -1.26
N SER W 188 121.40 -27.51 -0.83
CA SER W 188 122.45 -28.28 -1.49
C SER W 188 122.05 -28.77 -2.88
N MET W 189 120.74 -28.93 -3.12
CA MET W 189 120.28 -29.35 -4.44
C MET W 189 120.40 -28.23 -5.45
N LEU W 190 120.22 -26.98 -5.04
CA LEU W 190 120.32 -25.86 -5.96
C LEU W 190 121.74 -25.67 -6.45
N THR W 191 122.73 -25.90 -5.58
CA THR W 191 124.14 -25.78 -5.91
C THR W 191 124.83 -27.11 -5.63
N SER W 192 124.64 -28.07 -6.54
CA SER W 192 125.22 -29.40 -6.41
C SER W 192 126.40 -29.56 -7.39
N GLN W 193 127.51 -30.09 -6.87
CA GLN W 193 128.70 -30.32 -7.67
C GLN W 193 128.88 -31.79 -8.05
N GLN W 194 127.94 -32.66 -7.68
CA GLN W 194 128.06 -34.07 -8.01
C GLN W 194 127.71 -34.30 -9.48
N ASP W 195 128.60 -34.98 -10.20
CA ASP W 195 128.39 -35.27 -11.60
C ASP W 195 127.35 -36.37 -11.77
N GLU W 196 126.57 -36.28 -12.84
CA GLU W 196 125.52 -37.24 -13.13
C GLU W 196 125.92 -38.23 -14.22
N ASN W 197 127.20 -38.25 -14.62
CA ASN W 197 127.68 -39.15 -15.66
C ASN W 197 128.90 -39.96 -15.22
N ASP W 198 129.24 -39.94 -13.93
CA ASP W 198 130.38 -40.69 -13.43
C ASP W 198 129.91 -42.04 -12.89
N ASN W 199 130.73 -42.72 -12.10
CA ASN W 199 130.42 -44.02 -11.52
C ASN W 199 130.54 -43.92 -10.01
N PRO W 200 129.51 -43.41 -9.33
CA PRO W 200 129.57 -43.31 -7.86
C PRO W 200 129.41 -44.65 -7.14
N VAL W 201 128.99 -45.70 -7.84
CA VAL W 201 128.80 -47.01 -7.22
C VAL W 201 130.14 -47.74 -7.19
N PRO W 202 130.58 -48.22 -6.04
CA PRO W 202 131.84 -48.95 -5.97
C PRO W 202 131.77 -50.27 -6.73
N ASP W 203 132.96 -50.82 -7.02
CA ASP W 203 133.03 -52.08 -7.74
C ASP W 203 132.74 -53.28 -6.84
N ALA W 204 132.76 -53.09 -5.51
CA ALA W 204 132.49 -54.19 -4.60
C ALA W 204 131.00 -54.36 -4.30
N LEU W 205 130.18 -53.38 -4.64
CA LEU W 205 128.74 -53.45 -4.40
C LEU W 205 127.95 -53.81 -5.66
N GLN W 206 128.63 -54.12 -6.76
CA GLN W 206 127.96 -54.48 -8.00
C GLN W 206 127.82 -56.00 -8.10
N VAL W 207 126.60 -56.45 -8.34
CA VAL W 207 126.34 -57.89 -8.45
C VAL W 207 126.77 -58.39 -9.82
N THR W 208 127.04 -59.69 -9.89
CA THR W 208 127.47 -60.34 -11.12
C THR W 208 126.26 -60.90 -11.86
N ASP W 209 126.53 -61.50 -13.03
CA ASP W 209 125.45 -62.09 -13.82
C ASP W 209 125.00 -63.42 -13.24
N GLU W 210 125.87 -64.09 -12.47
CA GLU W 210 125.50 -65.38 -11.87
C GLU W 210 124.56 -65.18 -10.69
N GLU W 211 124.77 -64.14 -9.89
CA GLU W 211 123.91 -63.90 -8.73
C GLU W 211 122.52 -63.43 -9.13
N TYR W 212 122.36 -62.85 -10.32
CA TYR W 212 121.04 -62.39 -10.74
C TYR W 212 120.14 -63.55 -11.13
N GLU W 213 120.69 -64.55 -11.83
CA GLU W 213 119.90 -65.70 -12.23
C GLU W 213 119.49 -66.56 -11.04
N ARG W 214 120.30 -66.56 -9.98
CA ARG W 214 119.97 -67.35 -8.79
C ARG W 214 118.92 -66.65 -7.93
N TRP W 215 118.93 -65.32 -7.90
CA TRP W 215 117.96 -64.60 -7.07
C TRP W 215 116.56 -64.64 -7.67
N GLN W 216 116.44 -64.84 -8.99
CA GLN W 216 115.13 -64.88 -9.63
C GLN W 216 114.34 -66.13 -9.25
N LYS W 217 115.01 -67.16 -8.73
CA LYS W 217 114.33 -68.39 -8.34
C LYS W 217 113.98 -68.46 -6.86
N GLU W 218 114.80 -67.85 -6.00
CA GLU W 218 114.56 -67.88 -4.56
C GLU W 218 113.46 -66.93 -4.12
N ILE W 219 113.01 -66.03 -4.99
CA ILE W 219 111.93 -65.12 -4.62
C ILE W 219 110.61 -65.87 -4.52
N GLY W 220 110.34 -66.76 -5.47
CA GLY W 220 109.11 -67.53 -5.45
C GLY W 220 109.01 -68.54 -4.33
N GLU W 221 110.11 -68.83 -3.64
CA GLU W 221 110.11 -69.79 -2.53
C GLU W 221 109.71 -69.17 -1.20
N ILE W 222 109.36 -67.88 -1.19
CA ILE W 222 108.95 -67.23 0.06
C ILE W 222 107.55 -67.70 0.43
N THR W 223 107.41 -68.17 1.67
CA THR W 223 106.12 -68.66 2.13
C THR W 223 105.15 -67.50 2.38
N LEU W 224 103.87 -67.83 2.39
CA LEU W 224 102.82 -66.84 2.61
C LEU W 224 102.12 -67.15 3.94
N PRO W 225 102.36 -66.36 4.98
CA PRO W 225 101.71 -66.64 6.27
C PRO W 225 100.21 -66.47 6.20
N ASP W 226 99.52 -67.12 7.14
CA ASP W 226 98.07 -67.05 7.19
C ASP W 226 97.58 -65.66 7.61
N HIS W 227 98.37 -64.95 8.42
CA HIS W 227 97.95 -63.62 8.85
C HIS W 227 98.09 -62.59 7.74
N VAL W 228 98.98 -62.83 6.78
CA VAL W 228 99.16 -61.89 5.68
C VAL W 228 98.00 -62.01 4.68
N PHE W 229 97.51 -63.23 4.47
CA PHE W 229 96.41 -63.44 3.54
C PHE W 229 95.11 -62.80 4.01
N GLU W 230 94.94 -62.60 5.32
CA GLU W 230 93.74 -61.98 5.84
C GLU W 230 93.66 -60.50 5.50
N LEU W 231 94.79 -59.87 5.17
CA LEU W 231 94.80 -58.45 4.82
C LEU W 231 94.70 -58.21 3.32
N ILE W 232 95.22 -59.13 2.51
CA ILE W 232 95.14 -58.96 1.06
C ILE W 232 93.73 -59.23 0.56
N PHE W 233 93.08 -60.27 1.09
CA PHE W 233 91.72 -60.56 0.67
C PHE W 233 90.72 -59.53 1.20
N MET W 234 91.00 -58.94 2.36
CA MET W 234 90.09 -57.93 2.91
C MET W 234 90.19 -56.63 2.13
N LEU W 235 91.39 -56.27 1.66
CA LEU W 235 91.55 -55.06 0.88
C LEU W 235 90.90 -55.19 -0.50
N ARG W 236 90.85 -56.40 -1.04
CA ARG W 236 90.21 -56.60 -2.35
C ARG W 236 88.70 -56.44 -2.26
N GLN W 237 88.09 -56.94 -1.17
CA GLN W 237 86.65 -56.82 -1.01
C GLN W 237 86.22 -55.40 -0.62
N GLN W 238 87.11 -54.63 0.00
CA GLN W 238 86.75 -53.26 0.37
C GLN W 238 86.68 -52.35 -0.83
N LEU W 239 87.61 -52.52 -1.78
CA LEU W 239 87.60 -51.69 -2.99
C LEU W 239 86.48 -52.08 -3.95
N ASP W 240 85.92 -53.27 -3.81
CA ASP W 240 84.83 -53.68 -4.68
C ASP W 240 83.49 -53.09 -4.26
N LYS W 241 83.31 -52.83 -2.97
CA LYS W 241 82.05 -52.25 -2.49
C LYS W 241 81.99 -50.75 -2.70
N LEU W 242 83.14 -50.08 -2.77
CA LEU W 242 83.16 -48.63 -2.96
C LEU W 242 83.04 -48.31 -4.45
N PRO W 243 82.01 -47.57 -4.87
CA PRO W 243 81.89 -47.24 -6.30
C PRO W 243 83.02 -46.36 -6.81
N ASP W 244 83.50 -45.42 -5.99
CA ASP W 244 84.57 -44.53 -6.41
C ASP W 244 85.95 -45.19 -6.39
N ALA W 245 86.06 -46.40 -5.84
CA ALA W 245 87.34 -47.07 -5.79
C ALA W 245 87.69 -47.64 -7.16
N PRO W 246 88.96 -47.58 -7.56
CA PRO W 246 89.35 -48.11 -8.87
C PRO W 246 89.32 -49.64 -8.88
N TYR W 247 89.13 -50.17 -10.09
CA TYR W 247 89.10 -51.61 -10.28
C TYR W 247 90.50 -52.17 -10.42
N VAL W 248 90.76 -53.27 -9.73
CA VAL W 248 92.06 -53.94 -9.74
C VAL W 248 91.87 -55.35 -10.28
N SER W 249 92.54 -55.65 -11.38
CA SER W 249 92.41 -56.96 -12.01
C SER W 249 93.18 -58.01 -11.21
N ASP W 250 92.97 -59.28 -11.59
CA ASP W 250 93.63 -60.38 -10.90
C ASP W 250 95.13 -60.44 -11.20
N ARG W 251 95.57 -59.89 -12.34
CA ARG W 251 96.99 -59.88 -12.65
C ARG W 251 97.77 -58.96 -11.72
N ARG W 252 97.17 -57.87 -11.27
CA ARG W 252 97.86 -56.94 -10.38
C ARG W 252 98.09 -57.57 -9.01
N TRP W 253 97.15 -58.39 -8.55
CA TRP W 253 97.32 -59.04 -7.26
C TRP W 253 98.41 -60.10 -7.31
N LYS W 254 98.57 -60.77 -8.45
CA LYS W 254 99.60 -61.78 -8.57
C LYS W 254 100.98 -61.16 -8.74
N LYS W 255 101.07 -60.06 -9.50
CA LYS W 255 102.35 -59.41 -9.70
C LYS W 255 102.81 -58.61 -8.49
N ALA W 256 101.88 -58.24 -7.60
CA ALA W 256 102.27 -57.49 -6.40
C ALA W 256 102.95 -58.38 -5.37
N ILE W 257 102.65 -59.68 -5.38
CA ILE W 257 103.27 -60.59 -4.43
C ILE W 257 104.76 -60.73 -4.69
N ARG W 258 105.15 -60.70 -5.97
CA ARG W 258 106.57 -60.79 -6.32
C ARG W 258 107.34 -59.58 -5.81
N LEU W 259 106.67 -58.42 -5.70
CA LEU W 259 107.33 -57.23 -5.18
C LEU W 259 107.45 -57.27 -3.66
N LEU W 260 106.43 -57.78 -2.97
CA LEU W 260 106.49 -57.88 -1.52
C LEU W 260 107.44 -58.98 -1.07
N GLN W 261 107.48 -60.10 -1.80
CA GLN W 261 108.40 -61.17 -1.46
C GLN W 261 109.85 -60.78 -1.72
N ALA W 262 110.08 -59.91 -2.70
CA ALA W 262 111.44 -59.44 -2.97
C ALA W 262 111.91 -58.43 -1.93
N SER W 263 110.98 -57.69 -1.32
CA SER W 263 111.37 -56.73 -0.29
C SER W 263 111.85 -57.43 0.97
N ALA W 264 111.18 -58.51 1.38
CA ALA W 264 111.60 -59.27 2.54
C ALA W 264 112.80 -60.16 2.25
N PHE W 265 113.09 -60.44 0.98
CA PHE W 265 114.24 -61.27 0.64
C PHE W 265 115.55 -60.51 0.86
N PHE W 266 115.60 -59.24 0.46
CA PHE W 266 116.78 -58.41 0.63
C PHE W 266 116.80 -57.68 1.96
N SER W 267 115.97 -58.11 2.92
CA SER W 267 115.91 -57.48 4.24
C SER W 267 116.26 -58.43 5.36
N GLY W 268 116.54 -59.71 5.07
CA GLY W 268 116.88 -60.67 6.09
C GLY W 268 115.67 -61.40 6.65
N ARG W 269 114.71 -61.71 5.78
CA ARG W 269 113.50 -62.40 6.17
C ARG W 269 113.23 -63.53 5.20
N SER W 270 112.47 -64.53 5.66
CA SER W 270 112.11 -65.69 4.87
C SER W 270 110.63 -65.77 4.53
N ALA W 271 109.80 -64.97 5.17
CA ALA W 271 108.36 -64.96 4.93
C ALA W 271 107.90 -63.55 4.55
N VAL W 272 106.65 -63.46 4.12
CA VAL W 272 106.09 -62.16 3.73
C VAL W 272 105.80 -61.36 4.99
N ALA W 273 106.40 -60.17 5.07
CA ALA W 273 106.21 -59.33 6.24
C ALA W 273 104.96 -58.47 6.09
N PRO W 274 104.18 -58.29 7.16
CA PRO W 274 103.00 -57.44 7.08
C PRO W 274 103.31 -55.98 6.79
N VAL W 275 104.53 -55.52 7.12
CA VAL W 275 104.90 -54.14 6.86
C VAL W 275 105.17 -53.88 5.38
N ASP W 276 105.33 -54.93 4.57
CA ASP W 276 105.58 -54.76 3.15
C ASP W 276 104.36 -54.29 2.37
N LEU W 277 103.19 -54.21 3.01
CA LEU W 277 101.99 -53.74 2.33
C LEU W 277 101.98 -52.23 2.12
N ILE W 278 102.99 -51.51 2.62
CA ILE W 278 103.04 -50.07 2.41
C ILE W 278 103.31 -49.74 0.95
N LEU W 279 104.08 -50.57 0.25
CA LEU W 279 104.41 -50.33 -1.15
C LEU W 279 103.20 -50.48 -2.07
N LEU W 280 102.06 -50.95 -1.56
CA LEU W 280 100.87 -51.10 -2.40
C LEU W 280 100.17 -49.78 -2.65
N LYS W 281 100.68 -48.66 -2.11
CA LYS W 281 100.05 -47.37 -2.34
C LYS W 281 100.32 -46.84 -3.75
N ASP W 282 101.25 -47.44 -4.49
CA ASP W 282 101.58 -47.02 -5.84
C ASP W 282 101.37 -48.14 -6.86
N CYS W 283 100.46 -49.06 -6.59
CA CYS W 283 100.20 -50.16 -7.50
C CYS W 283 98.71 -50.45 -7.67
N LEU W 284 97.84 -49.53 -7.29
CA LEU W 284 96.40 -49.74 -7.39
C LEU W 284 95.72 -48.61 -8.13
N TRP W 285 96.11 -47.36 -7.82
CA TRP W 285 95.51 -46.20 -8.45
C TRP W 285 95.91 -46.10 -9.91
N TYR W 286 95.14 -45.32 -10.67
CA TYR W 286 95.42 -45.14 -12.09
C TYR W 286 95.38 -43.69 -12.54
N ASP W 287 94.70 -42.79 -11.82
CA ASP W 287 94.64 -41.39 -12.20
C ASP W 287 94.83 -40.54 -10.94
N ALA W 288 94.64 -39.22 -11.10
CA ALA W 288 94.79 -38.33 -9.95
C ALA W 288 93.57 -38.38 -9.04
N GLN W 289 92.44 -38.88 -9.54
CA GLN W 289 91.24 -38.97 -8.71
C GLN W 289 91.34 -40.10 -7.71
N SER W 290 91.88 -41.25 -8.14
CA SER W 290 92.03 -42.40 -7.27
C SER W 290 93.32 -42.40 -6.47
N LEU W 291 94.14 -41.35 -6.61
CA LEU W 291 95.39 -41.30 -5.86
C LEU W 291 95.14 -41.05 -4.37
N ASN W 292 94.15 -40.21 -4.05
CA ASN W 292 93.82 -39.92 -2.66
C ASN W 292 92.96 -41.00 -2.02
N LEU W 293 92.38 -41.90 -2.80
CA LEU W 293 91.55 -42.97 -2.27
C LEU W 293 92.36 -44.21 -1.90
N ILE W 294 93.38 -44.53 -2.68
CA ILE W 294 94.20 -45.70 -2.38
C ILE W 294 95.10 -45.43 -1.17
N GLN W 295 95.67 -44.22 -1.10
CA GLN W 295 96.52 -43.88 0.04
C GLN W 295 95.71 -43.68 1.32
N GLN W 296 94.39 -43.56 1.23
CA GLN W 296 93.57 -43.40 2.42
C GLN W 296 93.10 -44.74 2.97
N GLN W 297 92.76 -45.68 2.09
CA GLN W 297 92.32 -46.99 2.55
C GLN W 297 93.46 -47.81 3.12
N ILE W 298 94.66 -47.68 2.56
CA ILE W 298 95.80 -48.43 3.07
C ILE W 298 96.29 -47.83 4.39
N ASP W 299 96.20 -46.50 4.53
CA ASP W 299 96.61 -45.85 5.78
C ASP W 299 95.74 -46.31 6.94
N VAL W 300 94.44 -46.52 6.68
CA VAL W 300 93.56 -47.03 7.73
C VAL W 300 93.81 -48.52 7.94
N LEU W 301 94.10 -49.25 6.86
CA LEU W 301 94.36 -50.68 6.99
C LEU W 301 95.65 -50.95 7.73
N MET W 302 96.70 -50.17 7.46
CA MET W 302 97.97 -50.35 8.16
C MET W 302 97.87 -49.88 9.61
N THR W 303 96.98 -48.95 9.90
CA THR W 303 96.76 -48.45 11.26
C THR W 303 95.42 -48.93 11.82
N GLY W 304 94.98 -50.13 11.42
CA GLY W 304 93.72 -50.66 11.88
C GLY W 304 93.70 -52.16 11.99
N HIS W 305 94.00 -52.85 10.89
CA HIS W 305 93.95 -54.31 10.84
C HIS W 305 95.31 -54.95 10.62
N ALA W 306 96.38 -54.16 10.45
CA ALA W 306 97.72 -54.71 10.27
C ALA W 306 98.19 -55.42 11.53
N TRP W 307 98.74 -54.67 12.48
CA TRP W 307 99.15 -55.20 13.77
C TRP W 307 98.02 -55.18 14.79
N GLN W 308 96.78 -55.40 14.35
CA GLN W 308 95.60 -55.43 15.21
C GLN W 308 95.43 -54.12 15.97
N GLN W 309 95.55 -53.00 15.25
CA GLN W 309 95.32 -51.69 15.84
C GLN W 309 93.85 -51.52 16.19
N GLN W 310 93.01 -51.38 15.18
CA GLN W 310 91.57 -51.27 15.41
C GLN W 310 90.97 -52.60 15.86
N GLY W 311 91.62 -53.72 15.57
CA GLY W 311 91.12 -55.01 16.01
C GLY W 311 91.06 -55.14 17.52
N MET W 312 91.99 -54.50 18.22
CA MET W 312 91.96 -54.48 19.68
C MET W 312 91.14 -53.32 20.24
N LEU W 313 90.92 -52.26 19.45
CA LEU W 313 90.11 -51.15 19.92
C LEU W 313 88.65 -51.56 20.07
N THR W 314 88.13 -52.38 19.15
CA THR W 314 86.77 -52.88 19.27
C THR W 314 86.65 -53.95 20.34
N ARG W 315 87.78 -54.52 20.79
CA ARG W 315 87.79 -55.50 21.87
C ARG W 315 88.06 -54.89 23.23
N LEU W 316 89.02 -53.96 23.31
CA LEU W 316 89.29 -53.29 24.58
C LEU W 316 88.12 -52.39 24.98
N GLY W 317 87.49 -51.74 24.00
CA GLY W 317 86.33 -50.92 24.30
C GLY W 317 85.13 -51.74 24.75
N ALA W 318 85.08 -53.01 24.36
CA ALA W 318 84.00 -53.88 24.80
C ALA W 318 84.27 -54.45 26.19
N ILE W 319 85.54 -54.66 26.54
CA ILE W 319 85.85 -55.17 27.87
C ILE W 319 85.62 -54.10 28.92
N VAL W 320 86.03 -52.86 28.63
CA VAL W 320 85.80 -51.77 29.58
C VAL W 320 84.31 -51.49 29.73
N GLN W 321 83.56 -51.55 28.62
CA GLN W 321 82.12 -51.36 28.70
C GLN W 321 81.45 -52.50 29.46
N ARG W 322 81.94 -53.73 29.29
CA ARG W 322 81.39 -54.85 30.03
C ARG W 322 81.78 -54.79 31.51
N HIS W 323 82.99 -54.29 31.79
CA HIS W 323 83.42 -54.15 33.18
C HIS W 323 82.59 -53.09 33.92
N LEU W 324 82.35 -51.96 33.28
CA LEU W 324 81.53 -50.91 33.89
C LEU W 324 80.06 -51.31 33.98
N GLN W 325 79.61 -52.23 33.13
CA GLN W 325 78.22 -52.66 33.19
C GLN W 325 77.98 -53.67 34.31
N LEU W 326 78.94 -54.58 34.52
CA LEU W 326 78.79 -55.58 35.58
C LEU W 326 78.92 -54.97 36.96
N GLN W 327 79.56 -53.80 37.09
CA GLN W 327 79.70 -53.15 38.38
C GLN W 327 78.46 -52.38 38.79
N GLN W 328 77.75 -51.80 37.82
CA GLN W 328 76.53 -51.04 38.12
C GLN W 328 75.30 -51.92 38.23
N GLN W 329 75.38 -53.20 37.86
CA GLN W 329 74.27 -54.12 38.03
C GLN W 329 74.27 -54.78 39.40
N GLN W 330 75.43 -55.14 39.93
CA GLN W 330 75.55 -55.77 41.23
C GLN W 330 75.71 -54.76 42.36
N SER W 331 75.44 -53.48 42.10
CA SER W 331 75.58 -52.46 43.13
C SER W 331 74.49 -52.55 44.19
N ASP W 332 73.35 -53.18 43.86
CA ASP W 332 72.27 -53.32 44.84
C ASP W 332 72.58 -54.38 45.89
N LYS W 333 73.55 -55.26 45.63
CA LYS W 333 73.90 -56.29 46.61
C LYS W 333 74.85 -55.75 47.67
N THR W 334 75.86 -54.98 47.25
CA THR W 334 76.85 -54.41 48.16
C THR W 334 76.67 -52.90 48.16
N ALA W 335 76.18 -52.36 49.28
CA ALA W 335 75.97 -50.91 49.40
C ALA W 335 77.20 -50.24 49.99
N LEU W 336 76.98 -49.24 50.86
CA LEU W 336 78.07 -48.52 51.49
C LEU W 336 77.57 -48.01 52.84
N THR W 337 78.01 -48.65 53.91
CA THR W 337 77.61 -48.29 55.27
C THR W 337 78.81 -47.65 55.96
N VAL W 338 78.59 -46.46 56.53
CA VAL W 338 79.64 -45.71 57.23
C VAL W 338 79.45 -45.90 58.72
N ILE W 339 80.47 -46.43 59.39
CA ILE W 339 80.40 -46.63 60.83
C ILE W 339 80.64 -45.31 61.56
N ARG W 340 80.25 -45.28 62.83
CA ARG W 340 80.39 -44.09 63.65
C ARG W 340 81.67 -44.17 64.49
N LEU W 341 81.83 -43.22 65.40
CA LEU W 341 82.99 -43.19 66.28
C LEU W 341 82.62 -42.42 67.54
N GLY W 342 83.30 -42.76 68.65
CA GLY W 342 83.04 -42.11 69.92
C GLY W 342 83.72 -40.76 70.06
N GLY W 343 84.43 -40.56 71.16
CA GLY W 343 85.12 -39.32 71.39
C GLY W 343 84.18 -38.20 71.81
N ILE W 344 84.79 -37.05 72.09
CA ILE W 344 84.06 -35.85 72.51
C ILE W 344 84.40 -34.74 71.52
N PHE W 345 83.45 -34.42 70.65
CA PHE W 345 83.64 -33.37 69.65
C PHE W 345 82.28 -32.81 69.26
N SER W 346 82.29 -31.57 68.78
CA SER W 346 81.05 -30.90 68.41
C SER W 346 80.45 -31.52 67.15
N ARG W 347 81.17 -31.47 66.04
CA ARG W 347 80.66 -32.01 64.79
C ARG W 347 80.67 -33.54 64.83
N ARG W 348 79.61 -34.15 64.30
CA ARG W 348 79.48 -35.60 64.27
C ARG W 348 80.47 -36.16 63.26
N GLN W 349 81.60 -36.67 63.75
CA GLN W 349 82.62 -37.21 62.89
C GLN W 349 82.24 -38.62 62.42
N GLN W 350 82.73 -39.00 61.24
CA GLN W 350 82.47 -40.30 60.66
C GLN W 350 83.78 -40.95 60.27
N TYR W 351 83.86 -42.27 60.44
CA TYR W 351 85.05 -43.04 60.12
C TYR W 351 84.76 -43.96 58.95
N GLN W 352 85.73 -44.10 58.05
CA GLN W 352 85.57 -44.89 56.83
C GLN W 352 85.70 -46.38 57.16
N LEU W 353 85.74 -47.21 56.13
CA LEU W 353 85.88 -48.65 56.33
C LEU W 353 87.31 -48.99 56.73
N PRO W 354 87.51 -49.96 57.62
CA PRO W 354 88.87 -50.29 58.07
C PRO W 354 89.68 -51.05 57.03
N VAL W 355 89.90 -52.35 57.27
CA VAL W 355 90.72 -53.17 56.39
C VAL W 355 90.03 -53.48 55.07
N ASN W 356 88.74 -53.18 54.94
CA ASN W 356 88.03 -53.47 53.70
C ASN W 356 88.55 -52.65 52.54
N VAL W 357 89.04 -51.43 52.80
CA VAL W 357 89.60 -50.57 51.77
C VAL W 357 90.99 -50.14 52.20
N THR W 358 91.94 -50.20 51.27
CA THR W 358 93.32 -49.81 51.53
C THR W 358 93.92 -48.91 50.47
N ALA W 359 93.36 -48.86 49.27
CA ALA W 359 93.91 -48.05 48.21
C ALA W 359 93.66 -46.56 48.47
N SER W 360 94.47 -45.72 47.82
CA SER W 360 94.35 -44.28 47.97
C SER W 360 93.39 -43.67 46.96
N THR W 361 93.56 -43.97 45.68
CA THR W 361 92.70 -43.44 44.64
C THR W 361 91.63 -44.46 44.24
N LEU W 362 90.80 -44.85 45.19
CA LEU W 362 89.75 -45.82 44.93
C LEU W 362 88.58 -45.16 44.21
N THR W 363 87.74 -46.00 43.61
CA THR W 363 86.57 -45.55 42.87
C THR W 363 85.29 -45.93 43.61
N LEU W 364 84.21 -45.24 43.28
CA LEU W 364 82.90 -45.47 43.88
C LEU W 364 81.89 -45.76 42.78
N LEU W 365 80.86 -46.54 43.15
CA LEU W 365 79.81 -46.93 42.22
C LEU W 365 78.48 -46.33 42.66
N LEU W 366 77.69 -45.90 41.69
CA LEU W 366 76.38 -45.31 41.94
C LEU W 366 75.31 -46.09 41.19
N GLN W 367 74.07 -45.99 41.68
CA GLN W 367 72.95 -46.69 41.06
C GLN W 367 72.37 -45.89 39.91
N LYS W 368 71.48 -44.95 40.22
CA LYS W 368 70.87 -44.14 39.18
C LYS W 368 71.86 -43.10 38.67
N PRO W 369 72.19 -43.09 37.39
CA PRO W 369 73.14 -42.11 36.88
C PRO W 369 72.51 -40.73 36.80
N LEU W 370 73.35 -39.71 36.99
CA LEU W 370 72.92 -38.32 36.96
C LEU W 370 73.75 -37.56 35.92
N LYS W 371 73.29 -36.35 35.61
CA LYS W 371 73.96 -35.48 34.64
C LYS W 371 74.73 -34.41 35.42
N LEU W 372 75.98 -34.71 35.72
CA LEU W 372 76.86 -33.80 36.45
C LEU W 372 77.76 -33.07 35.47
N HIS W 373 77.82 -31.74 35.60
CA HIS W 373 78.65 -30.89 34.73
C HIS W 373 78.26 -31.05 33.26
N ASP W 374 76.96 -31.19 33.01
CA ASP W 374 76.41 -31.29 31.66
C ASP W 374 77.01 -32.49 30.91
N MET W 375 77.18 -33.60 31.62
CA MET W 375 77.68 -34.83 31.01
C MET W 375 77.34 -36.00 31.92
N GLU W 376 77.30 -37.18 31.32
CA GLU W 376 76.99 -38.40 32.05
C GLU W 376 78.25 -38.97 32.70
N VAL W 377 78.04 -39.77 33.74
CA VAL W 377 79.13 -40.39 34.48
C VAL W 377 78.65 -41.76 34.99
N VAL W 378 79.57 -42.73 35.01
CA VAL W 378 79.25 -44.07 35.48
C VAL W 378 80.04 -44.45 36.73
N HIS W 379 81.12 -43.75 37.06
CA HIS W 379 81.89 -44.05 38.25
C HIS W 379 82.61 -42.79 38.69
N ILE W 380 82.65 -42.56 40.01
CA ILE W 380 83.28 -41.39 40.59
C ILE W 380 84.40 -41.85 41.51
N SER W 381 85.58 -41.28 41.33
CA SER W 381 86.76 -41.63 42.12
C SER W 381 87.12 -40.47 43.04
N PHE W 382 87.40 -40.79 44.30
CA PHE W 382 87.79 -39.81 45.30
C PHE W 382 89.22 -40.12 45.77
N GLU W 383 89.67 -39.33 46.74
CA GLU W 383 91.00 -39.48 47.32
C GLU W 383 90.87 -39.90 48.78
N ARG W 384 91.66 -40.89 49.19
CA ARG W 384 91.61 -41.37 50.57
C ARG W 384 92.15 -40.33 51.54
N SER W 385 93.15 -39.55 51.13
CA SER W 385 93.70 -38.52 52.00
C SER W 385 92.75 -37.33 52.13
N ALA W 386 91.84 -37.16 51.17
CA ALA W 386 90.87 -36.07 51.22
C ALA W 386 89.53 -36.50 51.77
N LEU W 387 89.22 -37.80 51.76
CA LEU W 387 87.95 -38.26 52.30
C LEU W 387 87.96 -38.34 53.82
N GLU W 388 89.13 -38.60 54.42
CA GLU W 388 89.20 -38.69 55.87
C GLU W 388 89.04 -37.33 56.53
N GLN W 389 89.40 -36.25 55.83
CA GLN W 389 89.27 -34.92 56.40
C GLN W 389 87.85 -34.39 56.33
N TRP W 390 87.13 -34.69 55.24
CA TRP W 390 85.75 -34.21 55.12
C TRP W 390 84.81 -34.93 56.06
N LEU W 391 85.07 -36.21 56.35
CA LEU W 391 84.24 -36.98 57.26
C LEU W 391 84.51 -36.69 58.72
N SER W 392 85.50 -35.84 59.03
CA SER W 392 85.83 -35.49 60.41
C SER W 392 85.73 -33.99 60.66
N LYS W 393 86.36 -33.17 59.81
CA LYS W 393 86.33 -31.73 59.98
C LYS W 393 85.22 -31.05 59.19
N GLY W 394 84.69 -31.71 58.17
CA GLY W 394 83.63 -31.13 57.36
C GLY W 394 84.16 -30.33 56.19
N GLY W 395 83.34 -29.39 55.73
CA GLY W 395 83.70 -28.55 54.61
C GLY W 395 83.18 -29.07 53.28
N GLU W 396 83.96 -28.88 52.22
CA GLU W 396 83.60 -29.32 50.89
C GLU W 396 84.55 -30.40 50.41
N ILE W 397 84.08 -31.18 49.43
CA ILE W 397 84.86 -32.27 48.86
C ILE W 397 85.04 -32.01 47.37
N ARG W 398 86.18 -32.47 46.84
CA ARG W 398 86.50 -32.31 45.43
C ARG W 398 86.83 -33.67 44.83
N GLY W 399 86.21 -33.97 43.69
CA GLY W 399 86.43 -35.25 43.03
C GLY W 399 86.21 -35.20 41.53
N LYS W 400 87.03 -35.92 40.78
CA LYS W 400 86.92 -35.95 39.34
C LYS W 400 85.80 -36.89 38.90
N LEU W 401 85.49 -36.85 37.60
CA LEU W 401 84.44 -37.67 37.03
C LEU W 401 85.03 -38.57 35.94
N ASN W 402 84.61 -39.84 35.95
CA ASN W 402 85.05 -40.84 34.97
C ASN W 402 86.56 -41.00 34.96
N GLY W 403 87.21 -40.72 36.10
CA GLY W 403 88.64 -40.88 36.20
C GLY W 403 89.46 -39.89 35.39
N ILE W 404 88.83 -38.89 34.78
CA ILE W 404 89.52 -37.90 33.96
C ILE W 404 89.15 -36.51 34.48
N GLY W 405 89.86 -35.51 33.97
CA GLY W 405 89.62 -34.14 34.36
C GLY W 405 90.16 -33.82 35.74
N PHE W 406 89.83 -32.63 36.20
CA PHE W 406 90.26 -32.15 37.50
C PHE W 406 89.24 -32.53 38.57
N ALA W 407 89.66 -32.40 39.83
CA ALA W 407 88.79 -32.72 40.96
C ALA W 407 87.74 -31.63 41.16
N GLN W 408 86.62 -31.75 40.46
CA GLN W 408 85.55 -30.76 40.58
C GLN W 408 84.78 -30.96 41.88
N LYS W 409 84.04 -29.92 42.27
CA LYS W 409 83.25 -29.94 43.48
C LYS W 409 81.89 -30.58 43.22
N LEU W 410 81.43 -31.38 44.18
CA LEU W 410 80.15 -32.06 44.08
C LEU W 410 79.33 -31.78 45.34
N ASN W 411 78.02 -31.97 45.21
CA ASN W 411 77.09 -31.75 46.33
C ASN W 411 76.85 -33.07 47.06
N LEU W 412 77.90 -33.54 47.72
CA LEU W 412 77.85 -34.78 48.48
C LEU W 412 77.46 -34.50 49.93
N GLU W 413 76.49 -35.26 50.44
CA GLU W 413 76.02 -35.11 51.80
C GLU W 413 75.95 -36.48 52.46
N VAL W 414 75.46 -36.50 53.69
CA VAL W 414 75.33 -37.73 54.46
C VAL W 414 73.87 -38.19 54.42
N ASP W 415 73.66 -39.49 54.52
CA ASP W 415 72.33 -40.08 54.49
C ASP W 415 71.92 -40.52 55.89
N SER W 416 70.60 -40.67 56.08
CA SER W 416 70.08 -41.09 57.38
C SER W 416 70.46 -42.54 57.67
N ALA W 417 70.61 -43.37 56.64
CA ALA W 417 70.99 -44.76 56.81
C ALA W 417 72.50 -44.98 56.64
N GLN W 418 73.30 -43.93 56.86
CA GLN W 418 74.76 -43.99 56.73
C GLN W 418 75.16 -44.43 55.32
N HIS W 419 75.00 -43.49 54.40
CA HIS W 419 75.36 -43.69 52.99
C HIS W 419 75.94 -42.39 52.45
N LEU W 420 76.04 -42.30 51.13
CA LEU W 420 76.56 -41.12 50.46
C LEU W 420 75.61 -40.75 49.33
N VAL W 421 74.87 -39.66 49.51
CA VAL W 421 73.90 -39.19 48.52
C VAL W 421 74.54 -38.05 47.72
N VAL W 422 74.56 -38.20 46.40
CA VAL W 422 75.12 -37.19 45.50
C VAL W 422 73.98 -36.39 44.92
N ARG W 423 74.00 -35.08 45.16
CA ARG W 423 72.98 -34.17 44.66
C ARG W 423 73.49 -33.43 43.44
N ASP W 424 72.59 -33.17 42.48
CA ASP W 424 72.90 -32.47 41.25
C ASP W 424 72.12 -31.16 41.20
N VAL W 425 71.85 -30.64 40.00
CA VAL W 425 71.12 -29.39 39.87
C VAL W 425 69.62 -29.57 39.94
N SER W 426 69.13 -30.81 39.98
CA SER W 426 67.71 -31.11 40.04
C SER W 426 67.30 -31.70 41.38
N LEU W 427 68.19 -31.71 42.37
CA LEU W 427 67.92 -32.26 43.70
C LEU W 427 67.49 -33.73 43.61
N GLN W 428 68.37 -34.56 43.06
CA GLN W 428 68.13 -35.99 42.90
C GLN W 428 69.09 -36.77 43.78
N GLY W 429 68.62 -37.89 44.31
CA GLY W 429 69.43 -38.72 45.18
C GLY W 429 70.14 -39.83 44.42
N SER W 430 71.30 -40.22 44.95
CA SER W 430 72.10 -41.28 44.34
C SER W 430 73.01 -41.86 45.42
N THR W 431 72.66 -43.05 45.91
CA THR W 431 73.45 -43.70 46.94
C THR W 431 74.70 -44.31 46.33
N LEU W 432 75.87 -43.95 46.88
CA LEU W 432 77.12 -44.46 46.38
C LEU W 432 77.43 -45.83 46.99
N ALA W 433 78.36 -46.54 46.36
CA ALA W 433 78.77 -47.86 46.82
C ALA W 433 80.18 -48.14 46.34
N LEU W 434 80.81 -49.13 46.97
CA LEU W 434 82.17 -49.52 46.62
C LEU W 434 82.17 -50.82 45.82
N PRO W 435 83.12 -51.00 44.91
CA PRO W 435 83.17 -52.24 44.13
C PRO W 435 83.67 -53.40 44.98
N GLY W 436 83.11 -54.58 44.71
CA GLY W 436 83.50 -55.77 45.44
C GLY W 436 84.78 -56.39 44.92
N SER W 437 85.25 -57.41 45.64
CA SER W 437 86.47 -58.11 45.27
C SER W 437 86.20 -59.10 44.14
N LEU W 442 88.20 -56.58 40.71
CA LEU W 442 88.37 -57.09 39.35
C LEU W 442 87.78 -58.49 39.22
N PRO W 443 86.70 -58.61 38.45
CA PRO W 443 86.08 -59.93 38.26
C PRO W 443 87.00 -60.89 37.52
N GLY W 444 86.68 -62.17 37.66
CA GLY W 444 87.48 -63.20 37.00
C GLY W 444 87.27 -63.25 35.50
N GLU W 445 86.06 -62.91 35.04
CA GLU W 445 85.79 -62.93 33.60
C GLU W 445 86.49 -61.76 32.90
N ILE W 446 86.54 -60.59 33.53
CA ILE W 446 87.21 -59.45 32.92
C ILE W 446 88.72 -59.64 32.96
N LYS W 447 89.24 -60.21 34.03
CA LYS W 447 90.68 -60.43 34.14
C LYS W 447 91.17 -61.46 33.13
N GLN W 448 90.35 -62.47 32.82
CA GLN W 448 90.75 -63.48 31.85
C GLN W 448 90.81 -62.89 30.44
N GLN W 449 89.86 -62.03 30.10
CA GLN W 449 89.85 -61.40 28.78
C GLN W 449 90.87 -60.27 28.66
N LEU W 450 91.31 -59.70 29.79
CA LEU W 450 92.28 -58.62 29.74
C LEU W 450 93.71 -59.14 29.58
N GLU W 451 94.02 -60.27 30.24
CA GLU W 451 95.37 -60.84 30.12
C GLU W 451 95.60 -61.42 28.73
N GLU W 452 94.56 -61.98 28.12
CA GLU W 452 94.70 -62.52 26.77
C GLU W 452 94.79 -61.42 25.73
N LEU W 453 94.12 -60.28 25.97
CA LEU W 453 94.19 -59.17 25.02
C LEU W 453 95.52 -58.43 25.16
N GLU W 454 96.04 -58.33 26.38
CA GLU W 454 97.33 -57.66 26.58
C GLU W 454 98.47 -58.48 26.01
N SER W 455 98.37 -59.82 26.06
CA SER W 455 99.42 -60.66 25.49
C SER W 455 99.44 -60.58 23.97
N ASP W 456 98.31 -60.29 23.35
CA ASP W 456 98.27 -60.15 21.90
C ASP W 456 98.98 -58.88 21.44
N TRP W 457 98.95 -57.82 22.26
CA TRP W 457 99.65 -56.59 21.91
C TRP W 457 101.16 -56.75 22.00
N ARG W 458 101.64 -57.57 22.94
CA ARG W 458 103.07 -57.80 23.07
C ARG W 458 103.61 -58.65 21.92
N LYS W 459 102.79 -59.55 21.38
CA LYS W 459 103.22 -60.37 20.27
C LYS W 459 103.28 -59.56 18.97
N GLN W 460 102.35 -58.63 18.79
CA GLN W 460 102.37 -57.79 17.60
C GLN W 460 103.46 -56.73 17.68
N HIS W 461 103.74 -56.23 18.89
CA HIS W 461 104.80 -55.24 19.04
C HIS W 461 106.18 -55.86 18.91
N ALA W 462 106.32 -57.14 19.26
CA ALA W 462 107.61 -57.81 19.10
C ALA W 462 107.94 -58.06 17.63
N LEU W 463 106.92 -58.30 16.80
CA LEU W 463 107.16 -58.49 15.38
C LEU W 463 107.56 -57.18 14.71
N PHE W 464 106.97 -56.06 15.14
CA PHE W 464 107.31 -54.77 14.58
C PHE W 464 108.69 -54.29 15.04
N SER W 465 109.13 -54.70 16.23
CA SER W 465 110.42 -54.30 16.77
C SER W 465 111.56 -55.18 16.27
N GLU W 466 111.54 -55.58 15.00
CA GLU W 466 112.58 -56.42 14.44
C GLU W 466 112.65 -56.25 12.93
N GLN W 467 111.51 -55.90 12.32
CA GLN W 467 111.42 -55.71 10.88
C GLN W 467 111.31 -54.25 10.48
N GLN W 468 111.48 -53.32 11.42
CA GLN W 468 111.38 -51.90 11.11
C GLN W 468 112.59 -51.38 10.35
N LYS W 469 113.67 -52.14 10.28
CA LYS W 469 114.88 -51.73 9.57
C LYS W 469 114.83 -52.01 8.07
N CYS W 470 113.63 -52.26 7.53
CA CYS W 470 113.51 -52.52 6.10
C CYS W 470 113.83 -51.26 5.31
N LEU W 471 114.78 -51.39 4.38
CA LEU W 471 115.21 -50.25 3.58
C LEU W 471 114.12 -49.78 2.62
N PHE W 472 113.27 -50.69 2.15
CA PHE W 472 112.23 -50.36 1.18
C PHE W 472 110.95 -49.86 1.84
N ILE W 473 111.07 -49.17 2.96
CA ILE W 473 109.93 -48.60 3.68
C ILE W 473 110.20 -47.12 3.91
N PRO W 474 109.30 -46.22 3.52
CA PRO W 474 109.53 -44.79 3.73
C PRO W 474 109.60 -44.44 5.21
N GLY W 475 110.16 -43.27 5.49
CA GLY W 475 110.32 -42.84 6.87
C GLY W 475 109.10 -42.20 7.47
N ASP W 476 108.22 -41.64 6.64
CA ASP W 476 107.02 -40.98 7.15
C ASP W 476 105.96 -41.98 7.62
N TRP W 477 106.08 -43.25 7.23
CA TRP W 477 105.10 -44.25 7.64
C TRP W 477 105.38 -44.75 9.06
N LEU W 478 106.63 -44.69 9.51
CA LEU W 478 106.96 -45.14 10.85
C LEU W 478 106.43 -44.19 11.93
N GLY W 479 106.11 -42.95 11.57
CA GLY W 479 105.59 -42.02 12.55
C GLY W 479 104.13 -42.24 12.89
N ARG W 480 103.40 -42.95 12.04
CA ARG W 480 101.99 -43.24 12.28
C ARG W 480 101.75 -44.66 12.77
N ILE W 481 102.61 -45.60 12.39
CA ILE W 481 102.46 -46.97 12.86
C ILE W 481 102.84 -47.08 14.33
N GLU W 482 103.94 -46.43 14.72
CA GLU W 482 104.35 -46.46 16.13
C GLU W 482 103.39 -45.68 17.00
N ALA W 483 102.80 -44.61 16.48
CA ALA W 483 101.85 -43.82 17.25
C ALA W 483 100.55 -44.57 17.48
N SER W 484 100.19 -45.47 16.56
CA SER W 484 98.96 -46.24 16.71
C SER W 484 99.13 -47.40 17.69
N LEU W 485 100.35 -47.95 17.79
CA LEU W 485 100.59 -49.05 18.71
C LEU W 485 100.72 -48.56 20.14
N GLN W 486 101.32 -47.38 20.35
CA GLN W 486 101.46 -46.83 21.69
C GLN W 486 100.15 -46.30 22.23
N ASP W 487 99.22 -45.90 21.37
CA ASP W 487 97.92 -45.40 21.84
C ASP W 487 97.08 -46.53 22.42
N VAL W 488 97.15 -47.72 21.83
CA VAL W 488 96.40 -48.85 22.35
C VAL W 488 97.02 -49.35 23.65
N GLY W 489 98.35 -49.38 23.72
CA GLY W 489 99.01 -49.83 24.94
C GLY W 489 98.84 -48.88 26.11
N ALA W 490 98.72 -47.59 25.83
CA ALA W 490 98.52 -46.61 26.90
C ALA W 490 97.12 -46.66 27.47
N GLN W 491 96.15 -47.19 26.73
CA GLN W 491 94.78 -47.30 27.20
C GLN W 491 94.52 -48.61 27.94
N ILE W 492 95.15 -49.70 27.51
CA ILE W 492 94.93 -50.98 28.17
C ILE W 492 95.57 -51.03 29.55
N ARG W 493 96.57 -50.18 29.80
CA ARG W 493 97.22 -50.15 31.10
C ARG W 493 96.47 -49.30 32.12
N GLN W 494 95.40 -48.62 31.71
CA GLN W 494 94.62 -47.78 32.62
C GLN W 494 93.48 -48.56 33.28
N ALA W 495 92.85 -49.46 32.54
CA ALA W 495 91.74 -50.23 33.09
C ALA W 495 92.21 -51.29 34.08
N GLN W 496 93.48 -51.69 34.03
CA GLN W 496 94.02 -52.70 34.93
C GLN W 496 94.49 -52.11 36.25
N GLN W 497 94.36 -50.80 36.46
CA GLN W 497 94.79 -50.17 37.69
C GLN W 497 93.81 -50.48 38.83
N HIS X 3 87.54 -99.43 -27.72
CA HIS X 3 88.37 -98.34 -28.22
C HIS X 3 87.76 -96.94 -27.95
N PRO X 4 86.47 -96.74 -28.23
CA PRO X 4 85.87 -95.42 -27.91
C PRO X 4 85.81 -95.13 -26.42
N HIS X 5 85.78 -96.17 -25.57
CA HIS X 5 85.71 -95.92 -24.13
C HIS X 5 87.03 -95.40 -23.58
N LEU X 6 88.16 -95.78 -24.20
CA LEU X 6 89.46 -95.32 -23.75
C LEU X 6 89.77 -93.89 -24.19
N LEU X 7 88.97 -93.31 -25.08
CA LEU X 7 89.22 -91.95 -25.52
C LEU X 7 88.83 -90.93 -24.47
N ALA X 8 87.81 -91.23 -23.65
CA ALA X 8 87.39 -90.29 -22.61
C ALA X 8 88.42 -90.18 -21.50
N GLU X 9 89.21 -91.24 -21.29
CA GLU X 9 90.22 -91.19 -20.23
C GLU X 9 91.42 -90.35 -20.65
N ARG X 10 91.79 -90.38 -21.93
CA ARG X 10 92.94 -89.59 -22.38
C ARG X 10 92.62 -88.11 -22.42
N ILE X 11 91.38 -87.74 -22.72
CA ILE X 11 91.01 -86.33 -22.74
C ILE X 11 90.93 -85.77 -21.32
N SER X 12 90.47 -86.58 -20.37
CA SER X 12 90.38 -86.13 -18.99
C SER X 12 91.76 -85.83 -18.39
N ARG X 13 92.79 -86.58 -18.82
CA ARG X 13 94.14 -86.35 -18.34
C ARG X 13 94.80 -85.17 -19.05
N LEU X 14 94.37 -84.87 -20.28
CA LEU X 14 94.94 -83.74 -20.99
C LEU X 14 94.42 -82.41 -20.44
N SER X 15 93.13 -82.34 -20.12
CA SER X 15 92.57 -81.11 -19.56
C SER X 15 93.01 -80.89 -18.12
N SER X 16 93.45 -81.93 -17.42
CA SER X 16 93.91 -81.76 -16.05
C SER X 16 95.24 -81.02 -15.99
N SER X 17 96.11 -81.25 -16.98
CA SER X 17 97.39 -80.55 -17.01
C SER X 17 97.23 -79.10 -17.45
N LEU X 18 96.21 -78.81 -18.26
CA LEU X 18 95.98 -77.43 -18.69
C LEU X 18 95.38 -76.57 -17.59
N GLU X 19 94.65 -77.17 -16.65
CA GLU X 19 94.06 -76.43 -15.55
C GLU X 19 95.08 -75.98 -14.51
N LYS X 20 96.20 -76.70 -14.39
CA LYS X 20 97.23 -76.36 -13.42
C LYS X 20 97.84 -74.99 -13.71
N GLY X 21 97.51 -74.00 -12.90
CA GLY X 21 97.99 -72.64 -13.07
C GLY X 21 96.90 -71.60 -13.20
N LEU X 22 95.68 -72.01 -13.53
CA LEU X 22 94.54 -71.11 -13.68
C LEU X 22 93.35 -71.69 -12.93
N TYR X 23 93.07 -71.16 -11.75
CA TYR X 23 91.96 -71.63 -10.94
C TYR X 23 90.67 -70.93 -11.35
N GLU X 24 89.55 -71.62 -11.11
CA GLU X 24 88.22 -71.12 -11.45
C GLU X 24 88.10 -70.79 -12.93
N ARG X 25 88.82 -71.54 -13.77
CA ARG X 25 88.80 -71.33 -15.21
C ARG X 25 88.59 -72.65 -15.95
N SER X 26 87.86 -73.58 -15.34
CA SER X 26 87.61 -74.87 -15.98
C SER X 26 86.68 -74.71 -17.18
N HIS X 27 85.68 -73.84 -17.08
CA HIS X 27 84.76 -73.63 -18.18
C HIS X 27 85.39 -72.82 -19.31
N ALA X 28 86.50 -72.12 -19.05
CA ALA X 28 87.16 -71.33 -20.07
C ALA X 28 88.28 -72.08 -20.78
N ILE X 29 88.71 -73.22 -20.25
CA ILE X 29 89.76 -74.02 -20.86
C ILE X 29 89.20 -75.25 -21.54
N ARG X 30 88.23 -75.93 -20.92
CA ARG X 30 87.65 -77.12 -21.51
C ARG X 30 86.87 -76.79 -22.78
N LEU X 31 86.22 -75.62 -22.84
CA LEU X 31 85.48 -75.26 -24.03
C LEU X 31 86.41 -74.90 -25.19
N CYS X 32 87.62 -74.43 -24.90
CA CYS X 32 88.57 -74.12 -25.96
C CYS X 32 89.25 -75.37 -26.49
N LEU X 33 89.42 -76.39 -25.65
CA LEU X 33 90.03 -77.63 -26.12
C LEU X 33 89.10 -78.41 -27.02
N LEU X 34 87.79 -78.39 -26.72
CA LEU X 34 86.83 -79.11 -27.56
C LEU X 34 86.63 -78.41 -28.89
N ALA X 35 86.67 -77.07 -28.89
CA ALA X 35 86.51 -76.33 -30.13
C ALA X 35 87.76 -76.42 -31.01
N ALA X 36 88.93 -76.63 -30.39
CA ALA X 36 90.15 -76.74 -31.17
C ALA X 36 90.22 -78.08 -31.91
N LEU X 37 89.72 -79.14 -31.28
CA LEU X 37 89.73 -80.45 -31.91
C LEU X 37 88.61 -80.65 -32.92
N SER X 38 87.65 -79.72 -32.99
CA SER X 38 86.54 -79.81 -33.93
C SER X 38 86.55 -78.70 -34.98
N GLY X 39 87.52 -77.78 -34.93
CA GLY X 39 87.57 -76.71 -35.91
C GLY X 39 86.60 -75.58 -35.67
N GLU X 40 86.33 -75.25 -34.41
CA GLU X 40 85.42 -74.17 -34.06
C GLU X 40 86.17 -73.02 -33.40
N SER X 41 85.46 -71.93 -33.20
CA SER X 41 86.02 -70.72 -32.60
C SER X 41 85.51 -70.55 -31.17
N VAL X 42 85.98 -69.50 -30.52
CA VAL X 42 85.60 -69.19 -29.15
C VAL X 42 85.83 -67.70 -28.91
N PHE X 43 84.97 -67.11 -28.08
CA PHE X 43 85.04 -65.68 -27.77
C PHE X 43 85.02 -65.49 -26.26
N LEU X 44 85.82 -64.54 -25.79
CA LEU X 44 85.89 -64.20 -24.37
C LEU X 44 85.53 -62.73 -24.18
N LEU X 45 85.00 -62.41 -23.00
CA LEU X 45 84.59 -61.05 -22.69
C LEU X 45 84.77 -60.81 -21.20
N GLY X 46 85.29 -59.63 -20.85
CA GLY X 46 85.50 -59.28 -19.47
C GLY X 46 86.54 -58.18 -19.32
N PRO X 47 86.84 -57.80 -18.08
CA PRO X 47 87.84 -56.76 -17.86
C PRO X 47 89.23 -57.28 -18.15
N PRO X 48 90.13 -56.44 -18.64
CA PRO X 48 91.50 -56.89 -18.95
C PRO X 48 92.24 -57.27 -17.67
N GLY X 49 92.57 -58.56 -17.56
CA GLY X 49 93.30 -59.05 -16.40
C GLY X 49 92.60 -60.20 -15.69
N ILE X 50 91.86 -61.01 -16.45
CA ILE X 50 91.15 -62.16 -15.87
C ILE X 50 91.58 -63.42 -16.60
N ALA X 51 92.85 -63.47 -16.99
CA ALA X 51 93.44 -64.61 -17.71
C ALA X 51 92.68 -64.89 -19.01
N LYS X 52 92.94 -64.03 -20.00
CA LYS X 52 92.34 -64.15 -21.31
C LYS X 52 93.34 -64.42 -22.42
N SER X 53 94.60 -64.02 -22.25
CA SER X 53 95.64 -64.26 -23.25
C SER X 53 96.48 -65.49 -22.96
N LEU X 54 96.51 -65.95 -21.71
CA LEU X 54 97.30 -67.14 -21.39
C LEU X 54 96.67 -68.41 -21.94
N ILE X 55 95.34 -68.45 -22.03
CA ILE X 55 94.67 -69.64 -22.55
C ILE X 55 94.98 -69.83 -24.03
N ALA X 56 95.30 -68.73 -24.74
CA ALA X 56 95.68 -68.87 -26.14
C ALA X 56 97.10 -69.43 -26.28
N ARG X 57 97.95 -69.18 -25.29
CA ARG X 57 99.31 -69.71 -25.28
C ARG X 57 99.44 -71.02 -24.51
N ARG X 58 98.38 -71.47 -23.87
CA ARG X 58 98.40 -72.73 -23.12
C ARG X 58 97.90 -73.91 -23.93
N LEU X 59 96.91 -73.70 -24.81
CA LEU X 59 96.38 -74.78 -25.61
C LEU X 59 97.35 -75.25 -26.69
N LYS X 60 98.37 -74.46 -26.99
CA LYS X 60 99.34 -74.85 -28.01
C LYS X 60 100.28 -75.95 -27.53
N PHE X 61 100.43 -76.11 -26.21
CA PHE X 61 101.30 -77.15 -25.67
C PHE X 61 100.65 -78.53 -25.69
N ALA X 62 99.34 -78.60 -25.91
CA ALA X 62 98.65 -79.89 -25.98
C ALA X 62 98.83 -80.59 -27.31
N PHE X 63 99.44 -79.92 -28.30
CA PHE X 63 99.66 -80.50 -29.61
C PHE X 63 101.16 -80.78 -29.79
N GLN X 64 101.58 -80.95 -31.04
CA GLN X 64 102.97 -81.20 -31.37
C GLN X 64 103.56 -80.24 -32.40
N ASN X 65 102.71 -79.46 -33.10
CA ASN X 65 103.16 -78.51 -34.10
C ASN X 65 102.19 -77.32 -34.11
N ALA X 66 102.22 -76.55 -33.03
CA ALA X 66 101.36 -75.39 -32.87
C ALA X 66 102.21 -74.15 -32.66
N ARG X 67 101.67 -73.00 -33.09
CA ARG X 67 102.35 -71.72 -32.98
C ARG X 67 101.43 -70.70 -32.34
N ALA X 68 102.02 -69.73 -31.66
CA ALA X 68 101.28 -68.68 -30.98
C ALA X 68 101.39 -67.36 -31.74
N PHE X 69 100.38 -66.51 -31.55
CA PHE X 69 100.36 -65.20 -32.22
C PHE X 69 99.47 -64.28 -31.37
N GLU X 70 100.11 -63.53 -30.47
CA GLU X 70 99.43 -62.59 -29.60
C GLU X 70 99.57 -61.19 -30.17
N TYR X 71 98.49 -60.66 -30.75
CA TYR X 71 98.48 -59.34 -31.36
C TYR X 71 97.35 -58.51 -30.77
N LEU X 72 97.57 -57.21 -30.69
CA LEU X 72 96.59 -56.26 -30.16
C LEU X 72 96.13 -55.36 -31.31
N MET X 73 94.84 -55.44 -31.65
CA MET X 73 94.28 -54.62 -32.70
C MET X 73 94.03 -53.22 -32.19
N THR X 74 94.58 -52.22 -32.89
CA THR X 74 94.44 -50.82 -32.53
C THR X 74 93.57 -50.12 -33.56
N ARG X 75 93.26 -48.85 -33.26
CA ARG X 75 92.44 -48.05 -34.17
C ARG X 75 93.19 -47.62 -35.41
N PHE X 76 94.52 -47.72 -35.42
CA PHE X 76 95.34 -47.34 -36.56
C PHE X 76 96.17 -48.52 -37.07
N SER X 77 95.67 -49.74 -36.87
CA SER X 77 96.39 -50.93 -37.31
C SER X 77 96.23 -51.13 -38.82
N THR X 78 97.25 -51.72 -39.42
CA THR X 78 97.26 -51.98 -40.86
C THR X 78 97.34 -53.48 -41.11
N PRO X 79 96.73 -53.97 -42.19
CA PRO X 79 96.79 -55.40 -42.50
C PRO X 79 98.20 -55.89 -42.80
N GLU X 80 99.10 -55.02 -43.22
CA GLU X 80 100.47 -55.44 -43.50
C GLU X 80 101.25 -55.78 -42.24
N GLU X 81 100.82 -55.28 -41.08
CA GLU X 81 101.48 -55.57 -39.82
C GLU X 81 100.93 -56.81 -39.12
N VAL X 82 99.88 -57.41 -39.66
CA VAL X 82 99.27 -58.60 -39.07
C VAL X 82 99.63 -59.85 -39.85
N PHE X 83 99.42 -59.84 -41.16
CA PHE X 83 99.72 -60.98 -42.02
C PHE X 83 101.13 -60.93 -42.58
N GLY X 84 101.98 -60.05 -42.07
CA GLY X 84 103.34 -59.93 -42.55
C GLY X 84 103.44 -59.01 -43.75
N PRO X 85 104.50 -58.21 -43.80
CA PRO X 85 104.68 -57.29 -44.92
C PRO X 85 105.06 -58.02 -46.20
N LEU X 86 104.67 -57.43 -47.33
CA LEU X 86 104.94 -58.00 -48.63
C LEU X 86 106.34 -57.61 -49.10
N SER X 87 106.81 -58.30 -50.13
CA SER X 87 108.12 -58.04 -50.71
C SER X 87 108.02 -57.10 -51.90
N GLU X 98 103.99 -63.80 -52.10
CA GLU X 98 104.73 -62.54 -52.19
C GLU X 98 104.79 -61.83 -50.85
N ARG X 99 103.98 -62.31 -49.90
CA ARG X 99 103.92 -61.74 -48.56
C ARG X 99 104.76 -62.57 -47.61
N LEU X 100 105.64 -61.90 -46.87
CA LEU X 100 106.50 -62.58 -45.90
C LEU X 100 105.66 -62.97 -44.68
N THR X 101 105.06 -64.16 -44.77
CA THR X 101 104.21 -64.70 -43.71
C THR X 101 104.96 -65.65 -42.80
N SER X 102 106.17 -65.30 -42.38
CA SER X 102 106.99 -66.16 -41.53
C SER X 102 106.53 -66.01 -40.09
N GLY X 103 105.69 -66.95 -39.63
CA GLY X 103 105.21 -66.92 -38.27
C GLY X 103 104.24 -65.79 -37.99
N TYR X 104 103.01 -65.92 -38.48
CA TYR X 104 101.99 -64.89 -38.27
C TYR X 104 100.62 -65.50 -38.07
N LEU X 105 99.90 -65.74 -39.17
CA LEU X 105 98.55 -66.27 -39.11
C LEU X 105 98.26 -67.28 -40.23
N PRO X 106 98.64 -67.02 -41.49
CA PRO X 106 98.38 -68.01 -42.54
C PRO X 106 99.06 -69.35 -42.29
N GLU X 107 100.19 -69.37 -41.59
CA GLU X 107 100.89 -70.62 -41.27
C GLU X 107 100.81 -70.99 -39.80
N ALA X 108 100.07 -70.23 -39.01
CA ALA X 108 99.93 -70.52 -37.59
C ALA X 108 98.73 -71.43 -37.34
N GLU X 109 98.53 -71.80 -36.08
CA GLU X 109 97.44 -72.68 -35.68
C GLU X 109 96.51 -72.03 -34.67
N ILE X 110 97.05 -71.53 -33.56
CA ILE X 110 96.26 -70.87 -32.52
C ILE X 110 96.73 -69.42 -32.44
N VAL X 111 95.89 -68.50 -32.87
CA VAL X 111 96.20 -67.08 -32.85
C VAL X 111 95.34 -66.39 -31.81
N PHE X 112 95.83 -65.27 -31.30
CA PHE X 112 95.13 -64.48 -30.29
C PHE X 112 94.96 -63.06 -30.80
N LEU X 113 93.75 -62.53 -30.67
CA LEU X 113 93.42 -61.18 -31.14
C LEU X 113 92.69 -60.45 -30.03
N ASP X 114 93.37 -59.52 -29.37
CA ASP X 114 92.78 -58.73 -28.29
C ASP X 114 92.26 -57.41 -28.83
N GLU X 115 91.14 -56.96 -28.29
CA GLU X 115 90.48 -55.72 -28.71
C GLU X 115 90.18 -55.73 -30.20
N ILE X 116 89.42 -56.75 -30.62
CA ILE X 116 89.09 -56.91 -32.03
C ILE X 116 88.03 -55.93 -32.51
N TRP X 117 87.36 -55.22 -31.59
CA TRP X 117 86.28 -54.31 -31.95
C TRP X 117 86.78 -52.92 -32.33
N LYS X 118 88.02 -52.82 -32.83
CA LYS X 118 88.53 -51.50 -33.23
C LYS X 118 89.57 -51.56 -34.34
N ALA X 119 89.70 -52.68 -35.05
CA ALA X 119 90.69 -52.78 -36.11
C ALA X 119 90.24 -52.01 -37.35
N GLY X 120 91.10 -52.02 -38.36
CA GLY X 120 90.82 -51.33 -39.60
C GLY X 120 89.75 -52.02 -40.42
N PRO X 121 89.29 -51.36 -41.49
CA PRO X 121 88.25 -51.99 -42.32
C PRO X 121 88.75 -53.17 -43.12
N ALA X 122 89.97 -53.10 -43.65
CA ALA X 122 90.51 -54.21 -44.42
C ALA X 122 90.98 -55.37 -43.55
N ILE X 123 91.14 -55.15 -42.24
CA ILE X 123 91.57 -56.22 -41.36
C ILE X 123 90.42 -57.22 -41.14
N LEU X 124 89.22 -56.70 -40.87
CA LEU X 124 88.07 -57.58 -40.66
C LEU X 124 87.65 -58.26 -41.95
N ASN X 125 87.89 -57.62 -43.11
CA ASN X 125 87.47 -58.20 -44.37
C ASN X 125 88.27 -59.46 -44.71
N THR X 126 89.55 -59.51 -44.32
CA THR X 126 90.37 -60.68 -44.60
C THR X 126 90.13 -61.81 -43.61
N LEU X 127 89.59 -61.51 -42.43
CA LEU X 127 89.33 -62.55 -41.43
C LEU X 127 88.08 -63.36 -41.74
N LEU X 128 87.16 -62.81 -42.54
CA LEU X 128 85.94 -63.55 -42.86
C LEU X 128 86.20 -64.65 -43.88
N THR X 129 87.20 -64.48 -44.75
CA THR X 129 87.52 -65.47 -45.75
C THR X 129 88.37 -66.61 -45.20
N ALA X 130 89.04 -66.40 -44.07
CA ALA X 130 89.88 -67.42 -43.46
C ALA X 130 89.12 -68.34 -42.51
N ILE X 131 87.81 -68.17 -42.39
CA ILE X 131 86.99 -68.98 -41.50
C ILE X 131 86.12 -69.96 -42.28
N ASN X 132 85.41 -69.46 -43.30
CA ASN X 132 84.53 -70.33 -44.08
C ASN X 132 85.30 -71.16 -45.10
N GLU X 133 86.47 -70.68 -45.54
CA GLU X 133 87.26 -71.38 -46.53
C GLU X 133 88.63 -71.81 -46.04
N ARG X 134 89.09 -71.28 -44.90
CA ARG X 134 90.42 -71.59 -44.34
C ARG X 134 91.52 -71.28 -45.34
N GLN X 135 91.35 -70.20 -46.11
CA GLN X 135 92.30 -69.79 -47.13
C GLN X 135 92.65 -68.32 -46.94
N PHE X 136 93.55 -67.83 -47.79
CA PHE X 136 93.99 -66.45 -47.74
C PHE X 136 94.36 -65.99 -49.14
N ARG X 137 94.16 -64.71 -49.42
CA ARG X 137 94.45 -64.12 -50.73
C ARG X 137 95.90 -63.65 -50.76
N ASN X 138 96.81 -64.60 -50.52
CA ASN X 138 98.25 -64.32 -50.50
C ASN X 138 98.73 -64.10 -51.94
N GLY X 139 98.54 -62.87 -52.40
CA GLY X 139 98.95 -62.49 -53.74
C GLY X 139 98.08 -63.11 -54.82
N ALA X 140 98.70 -63.81 -55.77
CA ALA X 140 97.97 -64.44 -56.86
C ALA X 140 97.36 -65.77 -56.41
N HIS X 141 98.19 -66.78 -56.24
CA HIS X 141 97.70 -68.09 -55.82
C HIS X 141 97.37 -68.08 -54.33
N VAL X 142 96.29 -68.77 -53.98
CA VAL X 142 95.82 -68.85 -52.61
C VAL X 142 96.41 -70.11 -51.96
N GLU X 143 96.42 -70.12 -50.64
CA GLU X 143 96.94 -71.26 -49.88
C GLU X 143 96.06 -71.49 -48.66
N LYS X 144 96.08 -72.72 -48.16
CA LYS X 144 95.29 -73.08 -47.00
C LYS X 144 95.95 -72.60 -45.71
N ILE X 145 95.13 -72.40 -44.69
CA ILE X 145 95.58 -71.94 -43.38
C ILE X 145 95.26 -73.04 -42.37
N PRO X 146 96.26 -73.66 -41.74
CA PRO X 146 96.02 -74.70 -40.74
C PRO X 146 95.58 -74.16 -39.38
N MET X 147 94.54 -73.34 -39.39
CA MET X 147 94.01 -72.75 -38.16
C MET X 147 93.16 -73.78 -37.43
N ARG X 148 93.55 -74.10 -36.19
CA ARG X 148 92.84 -75.08 -35.39
C ARG X 148 91.97 -74.46 -34.30
N LEU X 149 92.34 -73.28 -33.80
CA LEU X 149 91.57 -72.63 -32.75
C LEU X 149 91.64 -71.11 -32.95
N LEU X 150 90.48 -70.47 -32.90
CA LEU X 150 90.37 -69.02 -33.05
C LEU X 150 89.77 -68.45 -31.77
N VAL X 151 90.54 -67.61 -31.09
CA VAL X 151 90.11 -67.00 -29.83
C VAL X 151 90.24 -65.49 -29.95
N ALA X 152 89.32 -64.79 -29.29
CA ALA X 152 89.32 -63.33 -29.30
C ALA X 152 88.74 -62.83 -27.99
N ALA X 153 89.39 -61.82 -27.41
CA ALA X 153 88.95 -61.24 -26.16
C ALA X 153 88.94 -59.71 -26.28
N SER X 154 88.15 -59.07 -25.42
CA SER X 154 88.04 -57.62 -25.42
C SER X 154 87.57 -57.11 -24.07
N ASN X 155 86.62 -56.17 -24.08
CA ASN X 155 86.10 -55.60 -22.84
C ASN X 155 84.69 -55.05 -23.05
N GLU X 156 84.51 -54.21 -24.05
CA GLU X 156 83.23 -53.57 -24.32
C GLU X 156 82.48 -54.33 -25.41
N LEU X 157 81.31 -53.81 -25.78
CA LEU X 157 80.47 -54.39 -26.80
C LEU X 157 80.36 -53.47 -28.00
N PRO X 158 80.24 -54.02 -29.21
CA PRO X 158 80.15 -53.17 -30.41
C PRO X 158 78.81 -52.46 -30.52
N GLU X 159 78.64 -51.66 -31.57
CA GLU X 159 77.40 -50.94 -31.77
C GLU X 159 76.31 -51.87 -32.29
N ALA X 160 75.08 -51.37 -32.29
CA ALA X 160 73.95 -52.16 -32.78
C ALA X 160 73.85 -52.15 -34.29
N ASP X 161 74.33 -51.09 -34.94
CA ASP X 161 74.29 -50.97 -36.40
C ASP X 161 75.70 -50.64 -36.89
N SER X 162 76.52 -51.69 -37.02
CA SER X 162 77.90 -51.54 -37.48
C SER X 162 78.32 -52.82 -38.20
N SER X 163 79.51 -52.77 -38.80
CA SER X 163 80.04 -53.92 -39.53
C SER X 163 80.73 -54.94 -38.63
N LEU X 164 80.91 -54.62 -37.34
CA LEU X 164 81.57 -55.55 -36.43
C LEU X 164 80.67 -56.72 -36.03
N GLU X 165 79.37 -56.63 -36.29
CA GLU X 165 78.46 -57.72 -35.94
C GLU X 165 78.56 -58.90 -36.90
N ALA X 166 79.28 -58.75 -38.01
CA ALA X 166 79.42 -59.86 -38.95
C ALA X 166 80.31 -60.96 -38.39
N LEU X 167 81.33 -60.58 -37.61
CA LEU X 167 82.20 -61.58 -37.00
C LEU X 167 81.63 -62.14 -35.70
N TYR X 168 80.86 -61.34 -34.96
CA TYR X 168 80.29 -61.81 -33.71
C TYR X 168 79.21 -62.85 -33.95
N ASP X 169 78.47 -62.73 -35.06
CA ASP X 169 77.44 -63.70 -35.37
C ASP X 169 78.01 -65.01 -35.89
N ARG X 170 79.29 -65.03 -36.26
CA ARG X 170 79.92 -66.26 -36.75
C ARG X 170 80.62 -67.05 -35.67
N MET X 171 81.02 -66.40 -34.58
CA MET X 171 81.67 -67.10 -33.48
C MET X 171 80.67 -67.96 -32.72
N LEU X 172 81.08 -69.16 -32.34
CA LEU X 172 80.16 -70.10 -31.70
C LEU X 172 80.10 -69.87 -30.19
N ILE X 173 81.19 -70.19 -29.49
CA ILE X 173 81.19 -70.12 -28.04
C ILE X 173 81.42 -68.68 -27.60
N ARG X 174 80.58 -68.19 -26.69
CA ARG X 174 80.69 -66.86 -26.11
C ARG X 174 80.93 -67.03 -24.62
N LEU X 175 82.20 -67.18 -24.23
CA LEU X 175 82.54 -67.36 -22.84
C LEU X 175 82.34 -66.06 -22.05
N TRP X 176 81.89 -66.21 -20.81
CA TRP X 176 81.63 -65.09 -19.91
C TRP X 176 82.51 -65.26 -18.68
N LEU X 177 83.74 -64.75 -18.78
CA LEU X 177 84.68 -64.83 -17.67
C LEU X 177 84.50 -63.64 -16.73
N ASP X 178 84.96 -63.82 -15.49
CA ASP X 178 84.86 -62.79 -14.48
C ASP X 178 85.97 -62.99 -13.45
N LYS X 179 86.15 -62.00 -12.59
CA LYS X 179 87.17 -62.07 -11.56
C LYS X 179 86.81 -63.14 -10.53
N VAL X 180 87.81 -63.51 -9.72
CA VAL X 180 87.61 -64.54 -8.71
C VAL X 180 86.73 -64.00 -7.58
N GLN X 181 86.00 -64.90 -6.93
CA GLN X 181 85.11 -64.53 -5.84
C GLN X 181 85.36 -65.40 -4.61
N ASP X 182 85.70 -66.68 -4.84
CA ASP X 182 85.93 -67.60 -3.75
C ASP X 182 87.25 -67.28 -3.04
N LYS X 183 87.27 -67.50 -1.72
CA LYS X 183 88.45 -67.24 -0.92
C LYS X 183 89.40 -68.43 -0.87
N ALA X 184 88.87 -69.65 -0.87
CA ALA X 184 89.72 -70.83 -0.81
C ALA X 184 90.53 -71.00 -2.09
N ASN X 185 89.94 -70.68 -3.24
CA ASN X 185 90.64 -70.79 -4.50
C ASN X 185 91.57 -69.62 -4.78
N PHE X 186 91.60 -68.61 -3.89
CA PHE X 186 92.46 -67.45 -4.08
C PHE X 186 93.77 -67.56 -3.31
N ARG X 187 93.87 -68.48 -2.36
CA ARG X 187 95.09 -68.62 -1.58
C ARG X 187 96.25 -69.09 -2.46
N SER X 188 96.11 -70.25 -3.09
CA SER X 188 97.16 -70.76 -3.97
C SER X 188 97.27 -69.95 -5.26
N MET X 189 96.19 -69.30 -5.69
CA MET X 189 96.25 -68.46 -6.89
C MET X 189 97.06 -67.20 -6.64
N LEU X 190 97.00 -66.64 -5.43
CA LEU X 190 97.75 -65.43 -5.14
C LEU X 190 99.25 -65.68 -5.13
N THR X 191 99.68 -66.83 -4.62
CA THR X 191 101.09 -67.21 -4.57
C THR X 191 101.28 -68.51 -5.33
N SER X 192 101.24 -68.43 -6.67
CA SER X 192 101.40 -69.58 -7.53
C SER X 192 102.82 -69.60 -8.07
N GLN X 193 103.51 -70.73 -7.91
CA GLN X 193 104.88 -70.90 -8.37
C GLN X 193 104.96 -71.56 -9.74
N GLN X 194 103.83 -71.90 -10.35
CA GLN X 194 103.84 -72.55 -11.65
C GLN X 194 104.15 -71.52 -12.74
N ASP X 195 105.12 -71.86 -13.59
CA ASP X 195 105.52 -70.97 -14.68
C ASP X 195 104.48 -71.01 -15.79
N GLU X 196 104.29 -69.85 -16.43
CA GLU X 196 103.33 -69.70 -17.52
C GLU X 196 103.99 -69.80 -18.89
N ASN X 197 105.25 -70.22 -18.96
CA ASN X 197 105.96 -70.35 -20.22
C ASN X 197 106.66 -71.69 -20.39
N ASP X 198 106.44 -72.65 -19.50
CA ASP X 198 107.06 -73.96 -19.59
C ASP X 198 106.12 -74.91 -20.35
N ASN X 199 106.35 -76.22 -20.24
CA ASN X 199 105.55 -77.24 -20.91
C ASN X 199 105.03 -78.20 -19.85
N PRO X 200 103.93 -77.86 -19.17
CA PRO X 200 103.37 -78.76 -18.16
C PRO X 200 102.65 -79.97 -18.75
N VAL X 201 102.35 -79.97 -20.04
CA VAL X 201 101.66 -81.09 -20.68
C VAL X 201 102.67 -82.17 -21.02
N PRO X 202 102.45 -83.41 -20.59
CA PRO X 202 103.39 -84.48 -20.92
C PRO X 202 103.40 -84.78 -22.42
N ASP X 203 104.46 -85.47 -22.85
CA ASP X 203 104.59 -85.82 -24.26
C ASP X 203 103.69 -86.98 -24.65
N ALA X 204 103.17 -87.73 -23.68
CA ALA X 204 102.28 -88.85 -23.99
C ALA X 204 100.84 -88.43 -24.19
N LEU X 205 100.46 -87.25 -23.74
CA LEU X 205 99.09 -86.74 -23.89
C LEU X 205 98.93 -85.81 -25.08
N GLN X 206 99.99 -85.60 -25.87
CA GLN X 206 99.93 -84.72 -27.02
C GLN X 206 99.58 -85.50 -28.27
N VAL X 207 98.56 -85.05 -28.99
CA VAL X 207 98.15 -85.73 -30.21
C VAL X 207 99.05 -85.33 -31.36
N THR X 208 99.09 -86.19 -32.38
CA THR X 208 99.91 -85.96 -33.57
C THR X 208 99.08 -85.28 -34.66
N ASP X 209 99.73 -85.01 -35.79
CA ASP X 209 99.03 -84.37 -36.90
C ASP X 209 98.12 -85.35 -37.64
N GLU X 210 98.43 -86.66 -37.56
CA GLU X 210 97.59 -87.65 -38.23
C GLU X 210 96.28 -87.88 -37.48
N GLU X 211 96.32 -87.84 -36.14
CA GLU X 211 95.10 -88.06 -35.36
C GLU X 211 94.15 -86.87 -35.46
N TYR X 212 94.68 -85.68 -35.76
CA TYR X 212 93.81 -84.51 -35.87
C TYR X 212 93.01 -84.54 -37.17
N GLU X 213 93.63 -84.94 -38.27
CA GLU X 213 92.92 -85.00 -39.54
C GLU X 213 91.87 -86.11 -39.55
N ARG X 214 92.09 -87.18 -38.79
CA ARG X 214 91.12 -88.27 -38.74
C ARG X 214 89.93 -87.93 -37.85
N TRP X 215 90.14 -87.12 -36.80
CA TRP X 215 89.04 -86.76 -35.91
C TRP X 215 88.10 -85.75 -36.55
N GLN X 216 88.58 -84.99 -37.53
CA GLN X 216 87.73 -83.99 -38.18
C GLN X 216 86.66 -84.63 -39.06
N LYS X 217 86.80 -85.91 -39.39
CA LYS X 217 85.83 -86.60 -40.23
C LYS X 217 84.88 -87.47 -39.44
N GLU X 218 85.31 -88.03 -38.31
CA GLU X 218 84.46 -88.90 -37.51
C GLU X 218 83.43 -88.14 -36.68
N ILE X 219 83.59 -86.82 -36.55
CA ILE X 219 82.62 -86.03 -35.80
C ILE X 219 81.31 -85.92 -36.57
N GLY X 220 81.40 -85.72 -37.89
CA GLY X 220 80.20 -85.61 -38.71
C GLY X 220 79.42 -86.90 -38.86
N GLU X 221 80.01 -88.04 -38.48
CA GLU X 221 79.35 -89.33 -38.57
C GLU X 221 78.47 -89.65 -37.36
N ILE X 222 78.36 -88.74 -36.40
CA ILE X 222 77.55 -88.99 -35.22
C ILE X 222 76.07 -88.90 -35.61
N THR X 223 75.32 -89.93 -35.25
CA THR X 223 73.90 -89.96 -35.57
C THR X 223 73.12 -88.97 -34.70
N LEU X 224 71.95 -88.57 -35.19
CA LEU X 224 71.09 -87.63 -34.48
C LEU X 224 69.81 -88.34 -34.07
N PRO X 225 69.62 -88.67 -32.80
CA PRO X 225 68.40 -89.37 -32.39
C PRO X 225 67.16 -88.52 -32.59
N ASP X 226 66.02 -89.19 -32.72
CA ASP X 226 64.76 -88.48 -32.93
C ASP X 226 64.34 -87.71 -31.70
N HIS X 227 64.72 -88.18 -30.51
CA HIS X 227 64.34 -87.48 -29.28
C HIS X 227 65.16 -86.20 -29.09
N VAL X 228 66.37 -86.15 -29.66
CA VAL X 228 67.19 -84.95 -29.53
C VAL X 228 66.67 -83.84 -30.42
N PHE X 229 66.15 -84.20 -31.61
CA PHE X 229 65.64 -83.19 -32.53
C PHE X 229 64.39 -82.52 -31.98
N GLU X 230 63.65 -83.20 -31.09
CA GLU X 230 62.46 -82.61 -30.50
C GLU X 230 62.79 -81.48 -29.53
N LEU X 231 64.01 -81.46 -29.00
CA LEU X 231 64.43 -80.41 -28.07
C LEU X 231 65.04 -79.21 -28.78
N ILE X 232 65.73 -79.42 -29.89
CA ILE X 232 66.35 -78.32 -30.61
C ILE X 232 65.29 -77.51 -31.36
N PHE X 233 64.33 -78.19 -31.97
CA PHE X 233 63.28 -77.48 -32.70
C PHE X 233 62.32 -76.77 -31.76
N MET X 234 62.13 -77.29 -30.55
CA MET X 234 61.24 -76.64 -29.60
C MET X 234 61.85 -75.36 -29.04
N LEU X 235 63.16 -75.36 -28.82
CA LEU X 235 63.82 -74.16 -28.31
C LEU X 235 63.85 -73.05 -29.35
N ARG X 236 63.91 -73.41 -30.64
CA ARG X 236 63.92 -72.39 -31.69
C ARG X 236 62.58 -71.70 -31.79
N GLN X 237 61.48 -72.46 -31.66
CA GLN X 237 60.16 -71.85 -31.73
C GLN X 237 59.81 -71.10 -30.45
N GLN X 238 60.47 -71.43 -29.34
CA GLN X 238 60.20 -70.72 -28.09
C GLN X 238 60.84 -69.35 -28.08
N LEU X 239 62.06 -69.23 -28.62
CA LEU X 239 62.73 -67.95 -28.66
C LEU X 239 62.16 -67.01 -29.72
N ASP X 240 61.41 -67.54 -30.67
CA ASP X 240 60.82 -66.69 -31.70
C ASP X 240 59.56 -65.99 -31.21
N LYS X 241 58.83 -66.61 -30.30
CA LYS X 241 57.60 -66.02 -29.78
C LYS X 241 57.87 -64.96 -28.73
N LEU X 242 59.04 -64.97 -28.09
CA LEU X 242 59.37 -63.99 -27.06
C LEU X 242 60.01 -62.77 -27.71
N PRO X 243 59.42 -61.58 -27.58
CA PRO X 243 60.04 -60.40 -28.20
C PRO X 243 61.39 -60.04 -27.58
N ASP X 244 61.57 -60.26 -26.27
CA ASP X 244 62.82 -59.94 -25.61
C ASP X 244 63.90 -60.98 -25.86
N ALA X 245 63.57 -62.12 -26.47
CA ALA X 245 64.56 -63.15 -26.72
C ALA X 245 65.43 -62.75 -27.92
N PRO X 246 66.73 -63.02 -27.87
CA PRO X 246 67.61 -62.64 -28.98
C PRO X 246 67.39 -63.56 -30.18
N TYR X 247 67.60 -62.98 -31.36
CA TYR X 247 67.44 -63.72 -32.61
C TYR X 247 68.65 -64.62 -32.84
N VAL X 248 68.38 -65.84 -33.30
CA VAL X 248 69.42 -66.82 -33.58
C VAL X 248 69.35 -67.17 -35.06
N SER X 249 70.46 -66.98 -35.77
CA SER X 249 70.50 -67.25 -37.19
C SER X 249 70.57 -68.75 -37.45
N ASP X 250 70.37 -69.12 -38.72
CA ASP X 250 70.42 -70.53 -39.09
C ASP X 250 71.84 -71.07 -39.05
N ARG X 251 72.85 -70.21 -39.20
CA ARG X 251 74.23 -70.65 -39.13
C ARG X 251 74.60 -71.09 -37.71
N ARG X 252 74.02 -70.47 -36.69
CA ARG X 252 74.33 -70.82 -35.31
C ARG X 252 73.80 -72.21 -34.97
N TRP X 253 72.64 -72.58 -35.52
CA TRP X 253 72.10 -73.91 -35.25
C TRP X 253 72.92 -75.01 -35.90
N LYS X 254 73.52 -74.72 -37.07
CA LYS X 254 74.32 -75.73 -37.75
C LYS X 254 75.70 -75.88 -37.11
N LYS X 255 76.30 -74.77 -36.68
CA LYS X 255 77.62 -74.83 -36.05
C LYS X 255 77.56 -75.36 -34.63
N ALA X 256 76.40 -75.30 -33.98
CA ALA X 256 76.28 -75.80 -32.62
C ALA X 256 76.25 -77.32 -32.59
N ILE X 257 75.79 -77.95 -33.67
CA ILE X 257 75.74 -79.41 -33.71
C ILE X 257 77.14 -80.00 -33.71
N ARG X 258 78.08 -79.33 -34.38
CA ARG X 258 79.46 -79.82 -34.40
C ARG X 258 80.08 -79.77 -33.01
N LEU X 259 79.62 -78.86 -32.15
CA LEU X 259 80.15 -78.79 -30.79
C LEU X 259 79.54 -79.88 -29.90
N LEU X 260 78.25 -80.15 -30.07
CA LEU X 260 77.60 -81.18 -29.27
C LEU X 260 78.04 -82.58 -29.71
N GLN X 261 78.23 -82.78 -31.01
CA GLN X 261 78.68 -84.08 -31.49
C GLN X 261 80.13 -84.35 -31.09
N ALA X 262 80.94 -83.30 -30.93
CA ALA X 262 82.32 -83.48 -30.49
C ALA X 262 82.40 -83.73 -28.99
N SER X 263 81.43 -83.24 -28.22
CA SER X 263 81.44 -83.48 -26.78
C SER X 263 81.18 -84.94 -26.45
N ALA X 264 80.20 -85.56 -27.13
CA ALA X 264 79.92 -86.97 -26.92
C ALA X 264 80.95 -87.88 -27.58
N PHE X 265 81.72 -87.37 -28.54
CA PHE X 265 82.73 -88.20 -29.19
C PHE X 265 83.92 -88.45 -28.25
N PHE X 266 84.37 -87.42 -27.55
CA PHE X 266 85.49 -87.54 -26.62
C PHE X 266 85.03 -87.95 -25.22
N SER X 267 83.80 -88.43 -25.07
CA SER X 267 83.27 -88.85 -23.78
C SER X 267 82.86 -90.32 -23.76
N GLY X 268 83.07 -91.03 -24.87
CA GLY X 268 82.71 -92.43 -24.93
C GLY X 268 81.31 -92.72 -25.43
N ARG X 269 80.79 -91.89 -26.32
CA ARG X 269 79.46 -92.07 -26.87
C ARG X 269 79.51 -92.00 -28.40
N SER X 270 78.50 -92.58 -29.03
CA SER X 270 78.39 -92.61 -30.48
C SER X 270 77.23 -91.79 -31.01
N ALA X 271 76.32 -91.33 -30.16
CA ALA X 271 75.17 -90.54 -30.57
C ALA X 271 75.13 -89.25 -29.77
N VAL X 272 74.26 -88.34 -30.18
CA VAL X 272 74.11 -87.06 -29.50
C VAL X 272 73.34 -87.27 -28.20
N ALA X 273 73.94 -86.87 -27.09
CA ALA X 273 73.29 -87.06 -25.80
C ALA X 273 72.47 -85.82 -25.44
N PRO X 274 71.31 -86.02 -24.80
CA PRO X 274 70.49 -84.86 -24.39
C PRO X 274 71.17 -83.98 -23.35
N VAL X 275 72.15 -84.50 -22.61
CA VAL X 275 72.84 -83.70 -21.61
C VAL X 275 73.79 -82.70 -22.26
N ASP X 276 74.13 -82.89 -23.53
CA ASP X 276 75.05 -81.98 -24.22
C ASP X 276 74.42 -80.64 -24.54
N LEU X 277 73.12 -80.45 -24.30
CA LEU X 277 72.47 -79.18 -24.56
C LEU X 277 72.80 -78.11 -23.54
N ILE X 278 73.58 -78.44 -22.50
CA ILE X 278 73.95 -77.45 -21.50
C ILE X 278 74.93 -76.44 -22.09
N LEU X 279 75.77 -76.86 -23.03
CA LEU X 279 76.76 -75.97 -23.63
C LEU X 279 76.13 -74.88 -24.49
N LEU X 280 74.83 -74.95 -24.75
CA LEU X 280 74.14 -73.93 -25.53
C LEU X 280 73.89 -72.64 -24.76
N LYS X 281 74.26 -72.58 -23.48
CA LYS X 281 74.06 -71.38 -22.69
C LYS X 281 75.02 -70.25 -23.07
N ASP X 282 76.12 -70.58 -23.74
CA ASP X 282 77.12 -69.59 -24.14
C ASP X 282 77.25 -69.52 -25.66
N CYS X 283 76.16 -69.84 -26.38
CA CYS X 283 76.18 -69.81 -27.84
C CYS X 283 74.92 -69.17 -28.42
N LEU X 284 74.13 -68.47 -27.60
CA LEU X 284 72.89 -67.86 -28.07
C LEU X 284 72.75 -66.39 -27.70
N TRP X 285 73.26 -65.96 -26.56
CA TRP X 285 73.14 -64.57 -26.14
C TRP X 285 74.15 -63.69 -26.87
N TYR X 286 73.95 -62.37 -26.76
CA TYR X 286 74.85 -61.43 -27.40
C TYR X 286 75.25 -60.25 -26.51
N ASP X 287 74.51 -59.96 -25.45
CA ASP X 287 74.85 -58.86 -24.55
C ASP X 287 74.57 -59.29 -23.12
N ALA X 288 74.65 -58.35 -22.19
CA ALA X 288 74.37 -58.67 -20.79
C ALA X 288 72.88 -58.74 -20.51
N GLN X 289 72.05 -58.19 -21.40
CA GLN X 289 70.61 -58.23 -21.20
C GLN X 289 70.04 -59.61 -21.53
N SER X 290 70.52 -60.22 -22.60
CA SER X 290 70.07 -61.55 -23.01
C SER X 290 70.83 -62.67 -22.33
N LEU X 291 71.76 -62.35 -21.43
CA LEU X 291 72.51 -63.40 -20.75
C LEU X 291 71.65 -64.15 -19.76
N ASN X 292 70.77 -63.44 -19.04
CA ASN X 292 69.87 -64.07 -18.07
C ASN X 292 68.66 -64.71 -18.72
N LEU X 293 68.40 -64.43 -19.99
CA LEU X 293 67.25 -65.02 -20.68
C LEU X 293 67.58 -66.37 -21.31
N ILE X 294 68.81 -66.52 -21.82
CA ILE X 294 69.20 -67.79 -22.43
C ILE X 294 69.40 -68.85 -21.35
N GLN X 295 70.04 -68.49 -20.24
CA GLN X 295 70.26 -69.45 -19.16
C GLN X 295 68.96 -69.82 -18.45
N GLN X 296 67.91 -69.01 -18.58
CA GLN X 296 66.64 -69.31 -17.95
C GLN X 296 65.79 -70.27 -18.78
N GLN X 297 65.78 -70.08 -20.11
CA GLN X 297 64.99 -70.96 -20.96
C GLN X 297 65.59 -72.36 -21.04
N ILE X 298 66.92 -72.46 -21.02
CA ILE X 298 67.56 -73.78 -21.08
C ILE X 298 67.37 -74.53 -19.77
N ASP X 299 67.40 -73.81 -18.65
CA ASP X 299 67.21 -74.45 -17.35
C ASP X 299 65.83 -75.05 -17.23
N VAL X 300 64.83 -74.43 -17.85
CA VAL X 300 63.48 -74.99 -17.84
C VAL X 300 63.39 -76.16 -18.81
N LEU X 301 64.06 -76.06 -19.95
CA LEU X 301 64.02 -77.14 -20.93
C LEU X 301 64.78 -78.37 -20.44
N MET X 302 65.93 -78.16 -19.78
CA MET X 302 66.70 -79.28 -19.25
C MET X 302 66.03 -79.93 -18.04
N THR X 303 65.11 -79.22 -17.38
CA THR X 303 64.38 -79.75 -16.23
C THR X 303 62.89 -79.90 -16.54
N GLY X 304 62.54 -80.00 -17.82
CA GLY X 304 61.15 -80.13 -18.21
C GLY X 304 60.92 -81.15 -19.31
N HIS X 305 61.65 -81.02 -20.41
CA HIS X 305 61.48 -81.91 -21.55
C HIS X 305 62.74 -82.70 -21.89
N ALA X 306 63.82 -82.55 -21.13
CA ALA X 306 65.06 -83.29 -21.39
C ALA X 306 64.85 -84.78 -21.16
N TRP X 307 64.90 -85.21 -19.89
CA TRP X 307 64.66 -86.59 -19.53
C TRP X 307 63.18 -86.87 -19.25
N GLN X 308 62.29 -86.24 -20.03
CA GLN X 308 60.84 -86.44 -19.91
C GLN X 308 60.35 -86.08 -18.51
N GLN X 309 60.72 -84.90 -18.05
CA GLN X 309 60.23 -84.42 -16.75
C GLN X 309 58.75 -84.04 -16.85
N GLN X 310 58.44 -83.07 -17.72
CA GLN X 310 57.06 -82.67 -17.92
C GLN X 310 56.29 -83.69 -18.76
N GLY X 311 57.00 -84.51 -19.54
CA GLY X 311 56.32 -85.53 -20.34
C GLY X 311 55.57 -86.54 -19.50
N MET X 312 56.09 -86.86 -18.31
CA MET X 312 55.39 -87.76 -17.39
C MET X 312 54.36 -87.03 -16.55
N LEU X 313 54.43 -85.69 -16.47
CA LEU X 313 53.43 -84.95 -15.71
C LEU X 313 52.09 -84.91 -16.44
N THR X 314 52.11 -84.72 -17.75
CA THR X 314 50.89 -84.72 -18.53
C THR X 314 50.30 -86.12 -18.68
N ARG X 315 51.11 -87.16 -18.46
CA ARG X 315 50.62 -88.53 -18.50
C ARG X 315 50.12 -89.01 -17.14
N LEU X 316 50.69 -88.49 -16.05
CA LEU X 316 50.21 -88.86 -14.72
C LEU X 316 48.85 -88.24 -14.43
N GLY X 317 48.56 -87.07 -15.00
CA GLY X 317 47.25 -86.46 -14.80
C GLY X 317 46.12 -87.27 -15.39
N ALA X 318 46.38 -87.98 -16.50
CA ALA X 318 45.36 -88.84 -17.07
C ALA X 318 45.08 -90.07 -16.21
N ILE X 319 46.10 -90.54 -15.49
CA ILE X 319 45.91 -91.67 -14.58
C ILE X 319 45.11 -91.25 -13.36
N VAL X 320 45.41 -90.06 -12.83
CA VAL X 320 44.65 -89.56 -11.68
C VAL X 320 43.22 -89.23 -12.09
N GLN X 321 43.04 -88.69 -13.30
CA GLN X 321 41.68 -88.41 -13.79
C GLN X 321 40.89 -89.69 -13.98
N ARG X 322 41.54 -90.75 -14.46
CA ARG X 322 40.86 -92.03 -14.62
C ARG X 322 40.60 -92.70 -13.26
N HIS X 323 41.51 -92.52 -12.31
CA HIS X 323 41.31 -93.10 -10.99
C HIS X 323 40.18 -92.40 -10.23
N LEU X 324 40.16 -91.06 -10.28
CA LEU X 324 39.10 -90.32 -9.61
C LEU X 324 37.75 -90.49 -10.30
N GLN X 325 37.74 -90.89 -11.57
CA GLN X 325 36.47 -91.10 -12.27
C GLN X 325 35.75 -92.33 -11.73
N LEU X 326 36.51 -93.37 -11.34
CA LEU X 326 35.90 -94.57 -10.78
C LEU X 326 35.60 -94.43 -9.30
N GLN X 327 36.18 -93.45 -8.62
CA GLN X 327 35.91 -93.26 -7.20
C GLN X 327 34.65 -92.41 -6.98
N GLN X 328 34.34 -91.52 -7.91
CA GLN X 328 33.14 -90.70 -7.79
C GLN X 328 31.87 -91.46 -8.18
N GLN X 329 32.01 -92.60 -8.88
CA GLN X 329 30.85 -93.39 -9.22
C GLN X 329 30.31 -94.15 -8.01
N GLN X 330 31.20 -94.62 -7.14
CA GLN X 330 30.83 -95.34 -5.93
C GLN X 330 30.93 -94.47 -4.68
N SER X 331 30.69 -93.16 -4.82
CA SER X 331 30.77 -92.25 -3.70
C SER X 331 29.57 -92.35 -2.75
N ASP X 332 28.54 -93.10 -3.13
CA ASP X 332 27.37 -93.24 -2.28
C ASP X 332 27.64 -94.14 -1.07
N LYS X 333 28.67 -94.98 -1.14
CA LYS X 333 29.00 -95.86 -0.02
C LYS X 333 29.61 -95.09 1.14
N THR X 334 30.58 -94.22 0.84
CA THR X 334 31.25 -93.41 1.85
C THR X 334 30.94 -91.94 1.57
N ALA X 335 30.11 -91.35 2.43
CA ALA X 335 29.74 -89.94 2.28
C ALA X 335 30.76 -89.04 2.95
N LEU X 336 30.29 -88.04 3.69
CA LEU X 336 31.17 -87.11 4.39
C LEU X 336 30.40 -86.56 5.58
N THR X 337 30.68 -87.08 6.77
CA THR X 337 30.01 -86.68 7.99
C THR X 337 30.86 -85.64 8.72
N VAL X 338 30.27 -84.47 8.96
CA VAL X 338 30.95 -83.38 9.65
C VAL X 338 30.54 -83.41 11.12
N ILE X 339 31.53 -83.24 12.01
CA ILE X 339 31.25 -83.26 13.44
C ILE X 339 30.46 -82.03 13.83
N ARG X 340 29.64 -82.17 14.87
CA ARG X 340 28.81 -81.09 15.38
C ARG X 340 29.44 -80.52 16.64
N LEU X 341 29.41 -79.18 16.77
CA LEU X 341 30.00 -78.52 17.92
C LEU X 341 29.38 -77.14 18.16
N GLY X 342 28.19 -76.88 17.63
CA GLY X 342 27.55 -75.59 17.82
C GLY X 342 27.18 -75.29 19.26
N GLY X 343 28.11 -74.72 20.00
CA GLY X 343 27.88 -74.40 21.39
C GLY X 343 27.31 -73.00 21.59
N ILE X 344 28.18 -72.04 21.90
CA ILE X 344 27.78 -70.66 22.16
C ILE X 344 28.54 -69.78 21.16
N PHE X 345 27.92 -69.51 20.02
CA PHE X 345 28.51 -68.64 19.00
C PHE X 345 27.40 -68.14 18.09
N SER X 346 27.67 -67.01 17.44
CA SER X 346 26.68 -66.38 16.56
C SER X 346 26.48 -67.13 15.26
N ARG X 347 27.22 -68.21 15.02
CA ARG X 347 27.09 -68.98 13.79
C ARG X 347 27.48 -70.42 14.05
N ARG X 348 26.78 -71.35 13.42
CA ARG X 348 27.05 -72.77 13.59
C ARG X 348 28.40 -73.14 12.99
N GLN X 349 29.45 -73.11 13.82
CA GLN X 349 30.78 -73.46 13.34
C GLN X 349 30.89 -74.95 13.07
N GLN X 350 31.79 -75.30 12.15
CA GLN X 350 32.04 -76.68 11.78
C GLN X 350 33.54 -76.96 11.86
N TYR X 351 33.88 -78.24 11.71
CA TYR X 351 35.28 -78.66 11.75
C TYR X 351 35.43 -79.95 10.95
N GLN X 352 36.61 -80.12 10.36
CA GLN X 352 36.89 -81.28 9.53
C GLN X 352 37.14 -82.51 10.39
N LEU X 353 37.55 -83.59 9.73
CA LEU X 353 37.83 -84.83 10.45
C LEU X 353 39.21 -84.77 11.09
N PRO X 354 39.39 -85.36 12.29
CA PRO X 354 40.67 -85.25 12.98
C PRO X 354 41.77 -86.09 12.34
N VAL X 355 42.05 -87.26 12.92
CA VAL X 355 43.15 -88.10 12.45
C VAL X 355 42.86 -88.77 11.12
N ASN X 356 41.61 -88.72 10.65
CA ASN X 356 41.26 -89.37 9.39
C ASN X 356 41.94 -88.69 8.21
N VAL X 357 41.97 -87.36 8.19
CA VAL X 357 42.60 -86.59 7.13
C VAL X 357 43.63 -85.65 7.74
N THR X 358 44.82 -85.63 7.16
CA THR X 358 45.91 -84.78 7.63
C THR X 358 46.58 -83.98 6.51
N ALA X 359 46.22 -84.23 5.26
CA ALA X 359 46.85 -83.52 4.15
C ALA X 359 46.38 -82.07 4.10
N SER X 360 47.20 -81.22 3.48
CA SER X 360 46.89 -79.80 3.35
C SER X 360 46.04 -79.51 2.12
N THR X 361 46.41 -80.07 0.97
CA THR X 361 45.66 -79.84 -0.27
C THR X 361 44.89 -81.10 -0.66
N LEU X 362 43.97 -81.53 0.20
CA LEU X 362 43.18 -82.72 -0.09
C LEU X 362 42.08 -82.39 -1.10
N THR X 363 41.57 -83.44 -1.74
CA THR X 363 40.52 -83.33 -2.74
C THR X 363 39.20 -83.85 -2.18
N LEU X 364 38.12 -83.34 -2.75
CA LEU X 364 36.77 -83.73 -2.34
C LEU X 364 35.96 -84.11 -3.59
N LEU X 365 35.28 -85.24 -3.51
CA LEU X 365 34.46 -85.73 -4.62
C LEU X 365 33.00 -85.35 -4.40
N LEU X 366 32.23 -85.39 -5.49
CA LEU X 366 30.82 -85.05 -5.47
C LEU X 366 30.04 -86.08 -6.28
N GLN X 367 28.76 -86.20 -5.96
CA GLN X 367 27.89 -87.16 -6.64
C GLN X 367 27.40 -86.59 -7.97
N LYS X 368 26.31 -85.83 -7.95
CA LYS X 368 25.78 -85.26 -9.17
C LYS X 368 26.66 -84.11 -9.64
N PRO X 369 27.24 -84.18 -10.83
CA PRO X 369 28.10 -83.09 -11.30
C PRO X 369 27.30 -81.86 -11.68
N LEU X 370 27.93 -80.70 -11.51
CA LEU X 370 27.31 -79.42 -11.82
C LEU X 370 28.19 -78.65 -12.80
N LYS X 371 27.59 -77.64 -13.44
CA LYS X 371 28.28 -76.79 -14.40
C LYS X 371 28.70 -75.51 -13.69
N LEU X 372 29.93 -75.51 -13.17
CA LEU X 372 30.49 -74.37 -12.46
C LEU X 372 31.44 -73.62 -13.38
N HIS X 373 31.25 -72.30 -13.47
CA HIS X 373 32.09 -71.43 -14.30
C HIS X 373 32.06 -71.87 -15.77
N ASP X 374 30.87 -72.28 -16.23
CA ASP X 374 30.65 -72.67 -17.63
C ASP X 374 31.56 -73.82 -18.03
N MET X 375 31.74 -74.78 -17.12
CA MET X 375 32.54 -75.97 -17.40
C MET X 375 32.20 -77.05 -16.38
N GLU X 376 32.46 -78.29 -16.76
CA GLU X 376 32.18 -79.43 -15.90
C GLU X 376 33.36 -79.68 -14.95
N VAL X 377 33.06 -80.33 -13.84
CA VAL X 377 34.06 -80.65 -12.82
C VAL X 377 33.68 -81.97 -12.17
N VAL X 378 34.69 -82.76 -11.80
CA VAL X 378 34.48 -84.04 -11.14
C VAL X 378 35.11 -84.11 -9.77
N HIS X 379 36.01 -83.20 -9.42
CA HIS X 379 36.63 -83.20 -8.10
C HIS X 379 37.07 -81.77 -7.78
N ILE X 380 36.85 -81.36 -6.53
CA ILE X 380 37.20 -80.03 -6.06
C ILE X 380 38.11 -80.18 -4.85
N SER X 381 39.26 -79.51 -4.89
CA SER X 381 40.25 -79.56 -3.82
C SER X 381 40.22 -78.27 -3.02
N PHE X 382 40.27 -78.41 -1.69
CA PHE X 382 40.29 -77.27 -0.79
C PHE X 382 41.58 -77.27 0.02
N GLU X 383 41.91 -76.10 0.55
CA GLU X 383 43.12 -75.94 1.36
C GLU X 383 42.78 -76.10 2.84
N ARG X 384 43.62 -76.86 3.55
CA ARG X 384 43.39 -77.09 4.97
C ARG X 384 43.59 -75.82 5.78
N SER X 385 44.54 -74.97 5.37
CA SER X 385 44.78 -73.72 6.09
C SER X 385 43.66 -72.71 5.84
N ALA X 386 42.89 -72.88 4.77
CA ALA X 386 41.79 -71.99 4.45
C ALA X 386 40.42 -72.55 4.81
N LEU X 387 40.34 -73.86 5.08
CA LEU X 387 39.05 -74.45 5.44
C LEU X 387 38.72 -74.24 6.91
N GLU X 388 39.73 -74.20 7.78
CA GLU X 388 39.48 -74.00 9.20
C GLU X 388 39.06 -72.57 9.50
N GLN X 389 39.47 -71.61 8.67
CA GLN X 389 39.11 -70.22 8.90
C GLN X 389 37.66 -69.94 8.50
N TRP X 390 37.20 -70.54 7.40
CA TRP X 390 35.83 -70.30 6.95
C TRP X 390 34.82 -71.02 7.82
N LEU X 391 35.19 -72.17 8.39
CA LEU X 391 34.29 -72.94 9.24
C LEU X 391 34.33 -72.48 10.70
N SER X 392 35.01 -71.38 11.00
CA SER X 392 35.07 -70.88 12.37
C SER X 392 34.71 -69.40 12.43
N LYS X 393 35.25 -68.61 11.50
CA LYS X 393 34.96 -67.18 11.45
C LYS X 393 33.88 -66.82 10.45
N GLY X 394 33.75 -67.60 9.38
CA GLY X 394 32.76 -67.34 8.37
C GLY X 394 33.33 -66.64 7.15
N GLY X 395 32.44 -65.96 6.43
CA GLY X 395 32.84 -65.23 5.24
C GLY X 395 32.60 -66.01 3.96
N GLU X 396 33.59 -65.99 3.06
CA GLU X 396 33.51 -66.69 1.79
C GLU X 396 34.70 -67.63 1.64
N ILE X 397 34.49 -68.71 0.90
CA ILE X 397 35.52 -69.71 0.66
C ILE X 397 35.96 -69.62 -0.80
N ARG X 398 37.22 -69.94 -1.05
CA ARG X 398 37.80 -69.92 -2.38
C ARG X 398 38.45 -71.26 -2.67
N GLY X 399 38.03 -71.89 -3.77
CA GLY X 399 38.57 -73.18 -4.16
C GLY X 399 38.69 -73.35 -5.66
N LYS X 400 39.76 -73.99 -6.10
CA LYS X 400 39.98 -74.22 -7.52
C LYS X 400 39.14 -75.39 -8.02
N LEU X 401 39.08 -75.55 -9.33
CA LEU X 401 38.32 -76.61 -9.98
C LEU X 401 39.26 -77.52 -10.75
N ASN X 402 39.04 -78.83 -10.63
CA ASN X 402 39.81 -79.86 -11.33
C ASN X 402 41.30 -79.77 -11.00
N GLY X 403 41.63 -79.23 -9.82
CA GLY X 403 43.01 -79.12 -9.41
C GLY X 403 43.85 -78.13 -10.18
N ILE X 404 43.25 -77.36 -11.09
CA ILE X 404 43.96 -76.38 -11.90
C ILE X 404 43.29 -75.03 -11.72
N GLY X 405 43.92 -74.00 -12.29
CA GLY X 405 43.39 -72.66 -12.21
C GLY X 405 43.59 -72.04 -10.84
N PHE X 406 42.93 -70.90 -10.64
CA PHE X 406 42.99 -70.18 -9.39
C PHE X 406 41.85 -70.57 -8.47
N ALA X 407 41.98 -70.21 -7.20
CA ALA X 407 40.95 -70.52 -6.20
C ALA X 407 39.73 -69.64 -6.40
N GLN X 408 38.82 -70.07 -7.26
CA GLN X 408 37.60 -69.30 -7.51
C GLN X 408 36.62 -69.44 -6.35
N LYS X 409 35.67 -68.51 -6.30
CA LYS X 409 34.67 -68.51 -5.25
C LYS X 409 33.51 -69.42 -5.62
N LEU X 410 33.02 -70.16 -4.63
CA LEU X 410 31.91 -71.08 -4.81
C LEU X 410 30.82 -70.79 -3.79
N ASN X 411 29.62 -71.29 -4.07
CA ASN X 411 28.48 -71.10 -3.18
C ASN X 411 28.30 -72.32 -2.30
N LEU X 412 29.23 -72.49 -1.38
CA LEU X 412 29.23 -73.61 -0.45
C LEU X 412 28.54 -73.19 0.84
N GLU X 413 27.64 -74.06 1.33
CA GLU X 413 26.90 -73.80 2.56
C GLU X 413 26.92 -75.06 3.41
N VAL X 414 26.25 -74.99 4.56
CA VAL X 414 26.17 -76.10 5.50
C VAL X 414 24.85 -76.82 5.28
N ASP X 415 24.83 -78.12 5.58
CA ASP X 415 23.65 -78.95 5.41
C ASP X 415 23.09 -79.33 6.78
N SER X 416 21.79 -79.62 6.80
CA SER X 416 21.14 -80.02 8.04
C SER X 416 21.59 -81.40 8.50
N ALA X 417 22.00 -82.25 7.56
CA ALA X 417 22.47 -83.59 7.88
C ALA X 417 24.00 -83.67 7.99
N GLN X 418 24.67 -82.56 8.27
CA GLN X 418 26.11 -82.49 8.40
C GLN X 418 26.80 -82.96 7.11
N HIS X 419 26.66 -82.13 6.08
CA HIS X 419 27.26 -82.37 4.78
C HIS X 419 27.72 -81.03 4.21
N LEU X 420 28.10 -81.04 2.93
CA LEU X 420 28.56 -79.84 2.23
C LEU X 420 27.81 -79.74 0.91
N VAL X 421 26.81 -78.86 0.86
CA VAL X 421 25.99 -78.66 -0.33
C VAL X 421 26.63 -77.56 -1.16
N VAL X 422 26.92 -77.88 -2.42
CA VAL X 422 27.52 -76.93 -3.35
C VAL X 422 26.42 -76.39 -4.27
N ARG X 423 26.18 -75.09 -4.21
CA ARG X 423 25.16 -74.44 -5.01
C ARG X 423 25.79 -73.80 -6.25
N ASP X 424 25.03 -73.78 -7.34
CA ASP X 424 25.50 -73.19 -8.59
C ASP X 424 24.58 -72.05 -9.03
N VAL X 425 24.53 -71.80 -10.34
CA VAL X 425 23.68 -70.73 -10.86
C VAL X 425 22.23 -71.15 -11.03
N SER X 426 21.93 -72.44 -10.85
CA SER X 426 20.57 -72.95 -10.97
C SER X 426 19.99 -73.41 -9.64
N LEU X 427 20.64 -73.08 -8.53
CA LEU X 427 20.18 -73.46 -7.19
C LEU X 427 20.03 -74.97 -7.06
N GLN X 428 21.08 -75.69 -7.46
CA GLN X 428 21.10 -77.13 -7.40
C GLN X 428 21.99 -77.60 -6.25
N GLY X 429 21.59 -78.69 -5.61
CA GLY X 429 22.34 -79.23 -4.49
C GLY X 429 23.27 -80.36 -4.90
N SER X 430 24.39 -80.45 -4.19
CA SER X 430 25.37 -81.50 -4.46
C SER X 430 26.14 -81.78 -3.17
N THR X 431 25.99 -82.99 -2.65
CA THR X 431 26.66 -83.36 -1.41
C THR X 431 28.09 -83.81 -1.71
N LEU X 432 29.06 -83.19 -1.04
CA LEU X 432 30.46 -83.53 -1.23
C LEU X 432 30.81 -84.79 -0.44
N ALA X 433 31.90 -85.43 -0.85
CA ALA X 433 32.38 -86.64 -0.19
C ALA X 433 33.88 -86.75 -0.37
N LEU X 434 34.52 -87.48 0.55
CA LEU X 434 35.96 -87.66 0.49
C LEU X 434 36.30 -89.07 0.01
N PRO X 435 37.41 -89.22 -0.71
CA PRO X 435 37.80 -90.55 -1.18
C PRO X 435 38.31 -91.42 -0.05
N GLY X 436 37.87 -92.68 -0.04
CA GLY X 436 38.28 -93.61 0.98
C GLY X 436 39.62 -94.27 0.68
N SER X 437 40.08 -95.06 1.64
CA SER X 437 41.35 -95.77 1.50
C SER X 437 41.20 -97.01 0.63
N LEU X 442 43.09 -99.27 -4.34
CA LEU X 442 43.69 -99.10 -5.66
C LEU X 442 43.21 -100.18 -6.63
N PRO X 443 42.48 -99.77 -7.66
CA PRO X 443 41.98 -100.74 -8.64
C PRO X 443 43.12 -101.38 -9.42
N GLY X 444 42.81 -102.53 -10.03
CA GLY X 444 43.81 -103.24 -10.81
C GLY X 444 44.14 -102.56 -12.12
N GLU X 445 43.17 -101.84 -12.71
CA GLU X 445 43.43 -101.16 -13.97
C GLU X 445 44.31 -99.93 -13.76
N ILE X 446 44.11 -99.22 -12.65
CA ILE X 446 44.93 -98.04 -12.36
C ILE X 446 46.33 -98.47 -11.95
N LYS X 447 46.45 -99.55 -11.20
CA LYS X 447 47.76 -100.03 -10.78
C LYS X 447 48.58 -100.54 -11.96
N GLN X 448 47.90 -101.12 -12.96
CA GLN X 448 48.62 -101.61 -14.13
C GLN X 448 49.17 -100.45 -14.97
N GLN X 449 48.38 -99.39 -15.14
CA GLN X 449 48.83 -98.24 -15.90
C GLN X 449 49.83 -97.38 -15.13
N LEU X 450 49.81 -97.42 -13.80
CA LEU X 450 50.74 -96.64 -13.01
C LEU X 450 52.14 -97.25 -13.01
N GLU X 451 52.25 -98.58 -13.00
CA GLU X 451 53.55 -99.22 -13.03
C GLU X 451 54.26 -99.02 -14.37
N GLU X 452 53.49 -98.81 -15.44
CA GLU X 452 54.11 -98.55 -16.74
C GLU X 452 54.74 -97.17 -16.78
N LEU X 453 54.10 -96.18 -16.16
CA LEU X 453 54.65 -94.83 -16.10
C LEU X 453 55.79 -94.73 -15.09
N GLU X 454 55.69 -95.46 -13.97
CA GLU X 454 56.76 -95.44 -12.98
C GLU X 454 58.02 -96.12 -13.51
N SER X 455 57.86 -97.14 -14.36
CA SER X 455 59.04 -97.79 -14.95
C SER X 455 59.74 -96.88 -15.95
N ASP X 456 59.01 -95.93 -16.54
CA ASP X 456 59.64 -94.98 -17.46
C ASP X 456 60.52 -94.00 -16.72
N TRP X 457 60.20 -93.69 -15.46
CA TRP X 457 61.04 -92.79 -14.67
C TRP X 457 62.38 -93.44 -14.33
N ARG X 458 62.38 -94.76 -14.09
CA ARG X 458 63.64 -95.44 -13.81
C ARG X 458 64.50 -95.58 -15.05
N LYS X 459 63.89 -95.65 -16.23
CA LYS X 459 64.67 -95.73 -17.46
C LYS X 459 65.30 -94.39 -17.79
N GLN X 460 64.59 -93.29 -17.55
CA GLN X 460 65.17 -91.97 -17.79
C GLN X 460 66.21 -91.62 -16.74
N HIS X 461 66.04 -92.10 -15.51
CA HIS X 461 67.03 -91.83 -14.47
C HIS X 461 68.28 -92.68 -14.66
N ALA X 462 68.15 -93.85 -15.30
CA ALA X 462 69.31 -94.69 -15.55
C ALA X 462 70.21 -94.09 -16.63
N LEU X 463 69.64 -93.31 -17.55
CA LEU X 463 70.46 -92.68 -18.57
C LEU X 463 71.30 -91.55 -17.99
N PHE X 464 70.75 -90.81 -17.02
CA PHE X 464 71.51 -89.74 -16.39
C PHE X 464 72.59 -90.29 -15.46
N SER X 465 72.37 -91.48 -14.90
CA SER X 465 73.34 -92.12 -14.02
C SER X 465 74.34 -92.98 -14.78
N GLU X 466 74.77 -92.50 -15.95
CA GLU X 466 75.73 -93.24 -16.76
C GLU X 466 76.56 -92.29 -17.61
N GLN X 467 75.97 -91.16 -18.00
CA GLN X 467 76.63 -90.16 -18.83
C GLN X 467 76.98 -88.90 -18.06
N GLN X 468 76.85 -88.91 -16.73
CA GLN X 468 77.17 -87.74 -15.93
C GLN X 468 78.66 -87.49 -15.79
N LYS X 469 79.50 -88.43 -16.22
CA LYS X 469 80.94 -88.29 -16.14
C LYS X 469 81.53 -87.45 -17.27
N CYS X 470 80.70 -86.73 -18.01
CA CYS X 470 81.19 -85.90 -19.10
C CYS X 470 82.00 -84.74 -18.53
N LEU X 471 83.26 -84.62 -18.98
CA LEU X 471 84.13 -83.57 -18.47
C LEU X 471 83.70 -82.19 -18.96
N PHE X 472 83.02 -82.13 -20.10
CA PHE X 472 82.60 -80.87 -20.70
C PHE X 472 81.25 -80.39 -20.17
N ILE X 473 80.90 -80.73 -18.93
CA ILE X 473 79.65 -80.34 -18.31
C ILE X 473 79.98 -79.68 -16.97
N PRO X 474 79.47 -78.48 -16.69
CA PRO X 474 79.77 -77.82 -15.41
C PRO X 474 79.18 -78.60 -14.24
N GLY X 475 79.69 -78.29 -13.05
CA GLY X 475 79.25 -78.99 -11.86
C GLY X 475 78.00 -78.41 -11.22
N ASP X 476 77.70 -77.15 -11.50
CA ASP X 476 76.53 -76.51 -10.90
C ASP X 476 75.23 -76.93 -11.59
N TRP X 477 75.31 -77.53 -12.78
CA TRP X 477 74.12 -77.96 -13.48
C TRP X 477 73.59 -79.31 -13.00
N LEU X 478 74.44 -80.12 -12.37
CA LEU X 478 73.99 -81.41 -11.87
C LEU X 478 73.09 -81.29 -10.65
N GLY X 479 73.11 -80.14 -9.97
CA GLY X 479 72.26 -79.96 -8.81
C GLY X 479 70.81 -79.68 -9.17
N ARG X 480 70.57 -79.04 -10.33
CA ARG X 480 69.21 -78.75 -10.74
C ARG X 480 68.58 -79.91 -11.49
N ILE X 481 69.38 -80.75 -12.14
CA ILE X 481 68.84 -81.91 -12.85
C ILE X 481 68.42 -82.98 -11.86
N GLU X 482 69.25 -83.23 -10.84
CA GLU X 482 68.91 -84.24 -9.84
C GLU X 482 67.71 -83.81 -9.01
N ALA X 483 67.59 -82.51 -8.74
CA ALA X 483 66.46 -82.01 -7.97
C ALA X 483 65.17 -82.05 -8.79
N SER X 484 65.28 -82.03 -10.12
CA SER X 484 64.09 -82.09 -10.96
C SER X 484 63.60 -83.52 -11.14
N LEU X 485 64.51 -84.50 -11.11
CA LEU X 485 64.11 -85.89 -11.27
C LEU X 485 63.46 -86.42 -9.99
N GLN X 486 63.92 -85.96 -8.82
CA GLN X 486 63.34 -86.40 -7.56
C GLN X 486 61.98 -85.77 -7.30
N ASP X 487 61.70 -84.60 -7.88
CA ASP X 487 60.40 -83.96 -7.69
C ASP X 487 59.30 -84.73 -8.42
N VAL X 488 59.61 -85.21 -9.63
CA VAL X 488 58.61 -85.99 -10.38
C VAL X 488 58.39 -87.34 -9.74
N GLY X 489 59.46 -87.98 -9.26
CA GLY X 489 59.32 -89.27 -8.61
C GLY X 489 58.60 -89.21 -7.28
N ALA X 490 58.68 -88.07 -6.59
CA ALA X 490 58.00 -87.92 -5.32
C ALA X 490 56.50 -87.69 -5.48
N GLN X 491 56.06 -87.28 -6.68
CA GLN X 491 54.64 -87.05 -6.91
C GLN X 491 53.93 -88.32 -7.38
N ILE X 492 54.64 -89.17 -8.13
CA ILE X 492 54.04 -90.40 -8.62
C ILE X 492 53.90 -91.43 -7.49
N ARG X 493 54.66 -91.30 -6.41
CA ARG X 493 54.58 -92.22 -5.30
C ARG X 493 53.52 -91.84 -4.28
N GLN X 494 52.84 -90.70 -4.47
CA GLN X 494 51.80 -90.26 -3.55
C GLN X 494 50.43 -90.84 -3.88
N ALA X 495 50.13 -90.97 -5.17
CA ALA X 495 48.83 -91.51 -5.58
C ALA X 495 48.72 -93.00 -5.31
N GLN X 496 49.83 -93.72 -5.20
CA GLN X 496 49.82 -95.14 -4.94
C GLN X 496 49.73 -95.48 -3.45
N GLN X 497 49.62 -94.49 -2.59
CA GLN X 497 49.53 -94.72 -1.15
C GLN X 497 48.14 -95.20 -0.77
N HIS Y 3 67.06 -79.29 -80.93
CA HIS Y 3 68.15 -78.68 -80.19
C HIS Y 3 67.69 -77.79 -79.02
N PRO Y 4 66.69 -76.90 -79.24
CA PRO Y 4 66.20 -76.10 -78.11
C PRO Y 4 65.51 -76.91 -77.04
N HIS Y 5 64.97 -78.09 -77.37
CA HIS Y 5 64.29 -78.90 -76.37
C HIS Y 5 65.28 -79.55 -75.41
N LEU Y 6 66.49 -79.85 -75.87
CA LEU Y 6 67.51 -80.45 -75.02
C LEU Y 6 68.18 -79.45 -74.08
N LEU Y 7 67.93 -78.15 -74.27
CA LEU Y 7 68.55 -77.16 -73.39
C LEU Y 7 67.87 -77.12 -72.02
N ALA Y 8 66.57 -77.39 -71.97
CA ALA Y 8 65.86 -77.37 -70.69
C ALA Y 8 66.28 -78.52 -69.79
N GLU Y 9 66.75 -79.63 -70.38
CA GLU Y 9 67.16 -80.78 -69.58
C GLU Y 9 68.53 -80.54 -68.94
N ARG Y 10 69.43 -79.84 -69.65
CA ARG Y 10 70.76 -79.59 -69.11
C ARG Y 10 70.72 -78.56 -67.98
N ILE Y 11 69.83 -77.59 -68.06
CA ILE Y 11 69.72 -76.59 -67.00
C ILE Y 11 69.10 -77.19 -65.76
N SER Y 12 68.14 -78.12 -65.93
CA SER Y 12 67.51 -78.74 -64.76
C SER Y 12 68.49 -79.60 -63.98
N ARG Y 13 69.49 -80.19 -64.66
CA ARG Y 13 70.49 -80.99 -63.97
C ARG Y 13 71.58 -80.13 -63.36
N LEU Y 14 71.80 -78.93 -63.89
CA LEU Y 14 72.83 -78.05 -63.34
C LEU Y 14 72.37 -77.42 -62.02
N SER Y 15 71.10 -76.99 -61.95
CA SER Y 15 70.59 -76.40 -60.73
C SER Y 15 70.31 -77.44 -59.65
N SER Y 16 70.26 -78.73 -60.02
CA SER Y 16 70.02 -79.78 -59.02
C SER Y 16 71.24 -79.95 -58.12
N SER Y 17 72.44 -79.84 -58.68
CA SER Y 17 73.65 -79.97 -57.86
C SER Y 17 73.88 -78.72 -57.03
N LEU Y 18 73.38 -77.56 -57.46
CA LEU Y 18 73.54 -76.33 -56.70
C LEU Y 18 72.64 -76.31 -55.48
N GLU Y 19 71.48 -76.96 -55.55
CA GLU Y 19 70.55 -77.00 -54.43
C GLU Y 19 71.02 -77.92 -53.31
N LYS Y 20 71.83 -78.93 -53.63
CA LYS Y 20 72.33 -79.85 -52.62
C LYS Y 20 73.23 -79.11 -51.63
N GLY Y 21 72.74 -78.92 -50.41
CA GLY Y 21 73.45 -78.20 -49.37
C GLY Y 21 72.71 -77.02 -48.79
N LEU Y 22 71.70 -76.51 -49.50
CA LEU Y 22 70.91 -75.37 -49.04
C LEU Y 22 69.44 -75.69 -49.26
N TYR Y 23 68.73 -75.97 -48.18
CA TYR Y 23 67.31 -76.30 -48.25
C TYR Y 23 66.46 -75.04 -48.16
N GLU Y 24 65.28 -75.09 -48.77
CA GLU Y 24 64.34 -73.97 -48.82
C GLU Y 24 64.98 -72.72 -49.41
N ARG Y 25 65.90 -72.90 -50.36
CA ARG Y 25 66.60 -71.80 -51.01
C ARG Y 25 66.59 -71.97 -52.53
N SER Y 26 65.54 -72.61 -53.07
CA SER Y 26 65.47 -72.80 -54.52
C SER Y 26 65.23 -71.48 -55.24
N HIS Y 27 64.39 -70.62 -54.68
CA HIS Y 27 64.12 -69.32 -55.30
C HIS Y 27 65.30 -68.37 -55.21
N ALA Y 28 66.23 -68.61 -54.30
CA ALA Y 28 67.41 -67.77 -54.13
C ALA Y 28 68.60 -68.23 -54.97
N ILE Y 29 68.60 -69.48 -55.42
CA ILE Y 29 69.69 -70.03 -56.23
C ILE Y 29 69.34 -70.06 -57.71
N ARG Y 30 68.12 -70.48 -58.04
CA ARG Y 30 67.71 -70.55 -59.45
C ARG Y 30 67.62 -69.17 -60.08
N LEU Y 31 67.24 -68.14 -59.31
CA LEU Y 31 67.15 -66.79 -59.85
C LEU Y 31 68.52 -66.19 -60.11
N CYS Y 32 69.54 -66.62 -59.36
CA CYS Y 32 70.89 -66.10 -59.59
C CYS Y 32 71.53 -66.74 -60.81
N LEU Y 33 71.18 -68.00 -61.11
CA LEU Y 33 71.74 -68.66 -62.27
C LEU Y 33 71.17 -68.07 -63.57
N LEU Y 34 69.89 -67.68 -63.55
CA LEU Y 34 69.30 -67.09 -64.75
C LEU Y 34 69.84 -65.68 -65.00
N ALA Y 35 70.09 -64.93 -63.93
CA ALA Y 35 70.63 -63.58 -64.09
C ALA Y 35 72.10 -63.61 -64.47
N ALA Y 36 72.82 -64.69 -64.14
CA ALA Y 36 74.22 -64.79 -64.48
C ALA Y 36 74.41 -65.10 -65.97
N LEU Y 37 73.55 -65.93 -66.53
CA LEU Y 37 73.63 -66.29 -67.95
C LEU Y 37 73.04 -65.23 -68.85
N SER Y 38 72.35 -64.23 -68.30
CA SER Y 38 71.75 -63.17 -69.10
C SER Y 38 72.38 -61.80 -68.85
N GLY Y 39 73.30 -61.69 -67.90
CA GLY Y 39 73.94 -60.41 -67.62
C GLY Y 39 73.13 -59.48 -66.75
N GLU Y 40 72.42 -60.00 -65.76
CA GLU Y 40 71.61 -59.20 -64.86
C GLU Y 40 72.17 -59.31 -63.44
N SER Y 41 71.60 -58.50 -62.54
CA SER Y 41 72.03 -58.44 -61.15
C SER Y 41 70.96 -59.07 -60.26
N VAL Y 42 71.24 -59.08 -58.96
CA VAL Y 42 70.33 -59.65 -57.97
C VAL Y 42 70.66 -59.04 -56.61
N PHE Y 43 69.62 -58.86 -55.79
CA PHE Y 43 69.77 -58.28 -54.47
C PHE Y 43 69.08 -59.16 -53.44
N LEU Y 44 69.71 -59.31 -52.28
CA LEU Y 44 69.17 -60.09 -51.18
C LEU Y 44 68.95 -59.20 -49.96
N LEU Y 45 68.05 -59.64 -49.09
CA LEU Y 45 67.72 -58.89 -47.89
C LEU Y 45 67.25 -59.85 -46.81
N GLY Y 46 67.71 -59.62 -45.58
CA GLY Y 46 67.34 -60.44 -44.46
C GLY Y 46 68.35 -60.37 -43.34
N PRO Y 47 68.11 -61.13 -42.26
CA PRO Y 47 69.06 -61.13 -41.15
C PRO Y 47 70.33 -61.86 -41.51
N PRO Y 48 71.48 -61.43 -41.00
CA PRO Y 48 72.75 -62.12 -41.31
C PRO Y 48 72.76 -63.54 -40.76
N GLY Y 49 72.79 -64.52 -41.66
CA GLY Y 49 72.83 -65.91 -41.25
C GLY Y 49 71.72 -66.74 -41.86
N ILE Y 50 71.29 -66.38 -43.06
CA ILE Y 50 70.24 -67.11 -43.77
C ILE Y 50 70.75 -67.55 -45.13
N ALA Y 51 72.03 -67.89 -45.20
CA ALA Y 51 72.69 -68.34 -46.42
C ALA Y 51 72.57 -67.28 -47.53
N LYS Y 52 73.39 -66.23 -47.37
CA LYS Y 52 73.45 -65.14 -48.33
C LYS Y 52 74.80 -65.00 -49.01
N SER Y 53 75.88 -65.47 -48.39
CA SER Y 53 77.21 -65.39 -48.98
C SER Y 53 77.64 -66.68 -49.66
N LEU Y 54 77.02 -67.81 -49.32
CA LEU Y 54 77.37 -69.08 -49.97
C LEU Y 54 76.86 -69.15 -51.40
N ILE Y 55 75.73 -68.52 -51.68
CA ILE Y 55 75.20 -68.53 -53.05
C ILE Y 55 76.11 -67.78 -54.00
N ALA Y 56 76.88 -66.81 -53.49
CA ALA Y 56 77.84 -66.12 -54.34
C ALA Y 56 79.08 -66.96 -54.61
N ARG Y 57 79.36 -67.93 -53.74
CA ARG Y 57 80.49 -68.84 -53.92
C ARG Y 57 80.10 -70.20 -54.46
N ARG Y 58 78.80 -70.46 -54.63
CA ARG Y 58 78.33 -71.73 -55.17
C ARG Y 58 78.08 -71.65 -56.67
N LEU Y 59 77.66 -70.49 -57.18
CA LEU Y 59 77.40 -70.33 -58.60
C LEU Y 59 78.67 -70.29 -59.42
N LYS Y 60 79.83 -70.07 -58.79
CA LYS Y 60 81.08 -70.03 -59.53
C LYS Y 60 81.54 -71.42 -59.98
N PHE Y 61 81.06 -72.48 -59.33
CA PHE Y 61 81.44 -73.83 -59.73
C PHE Y 61 80.69 -74.32 -60.97
N ALA Y 62 79.59 -73.65 -61.34
CA ALA Y 62 78.85 -74.04 -62.53
C ALA Y 62 79.51 -73.59 -63.82
N PHE Y 63 80.56 -72.77 -63.74
CA PHE Y 63 81.28 -72.29 -64.90
C PHE Y 63 82.65 -72.96 -64.96
N GLN Y 64 83.52 -72.47 -65.83
CA GLN Y 64 84.86 -73.03 -65.98
C GLN Y 64 85.99 -72.05 -65.74
N ASN Y 65 85.71 -70.75 -65.56
CA ASN Y 65 86.73 -69.74 -65.33
C ASN Y 65 86.09 -68.58 -64.58
N ALA Y 66 85.58 -68.85 -63.38
CA ALA Y 66 84.95 -67.86 -62.53
C ALA Y 66 85.81 -67.62 -61.31
N ARG Y 67 85.64 -66.45 -60.70
CA ARG Y 67 86.39 -66.05 -59.52
C ARG Y 67 85.45 -65.46 -58.49
N ALA Y 68 85.72 -65.74 -57.22
CA ALA Y 68 84.93 -65.24 -56.11
C ALA Y 68 85.56 -64.01 -55.50
N PHE Y 69 84.73 -63.20 -54.85
CA PHE Y 69 85.20 -61.96 -54.21
C PHE Y 69 84.18 -61.59 -53.13
N GLU Y 70 84.42 -62.08 -51.91
CA GLU Y 70 83.56 -61.80 -50.78
C GLU Y 70 84.14 -60.62 -50.01
N TYR Y 71 83.45 -59.48 -50.08
CA TYR Y 71 83.89 -58.25 -49.43
C TYR Y 71 82.76 -57.70 -48.57
N LEU Y 72 83.14 -57.01 -47.50
CA LEU Y 72 82.19 -56.40 -46.57
C LEU Y 72 82.42 -54.89 -46.56
N MET Y 73 81.43 -54.13 -47.01
CA MET Y 73 81.54 -52.68 -47.02
C MET Y 73 81.33 -52.11 -45.62
N THR Y 74 82.23 -51.24 -45.20
CA THR Y 74 82.17 -50.61 -43.89
C THR Y 74 81.95 -49.11 -44.05
N ARG Y 75 81.76 -48.44 -42.91
CA ARG Y 75 81.54 -47.00 -42.89
C ARG Y 75 82.82 -46.21 -43.14
N PHE Y 76 83.98 -46.84 -43.10
CA PHE Y 76 85.26 -46.18 -43.33
C PHE Y 76 86.07 -46.89 -44.42
N SER Y 77 85.39 -47.55 -45.34
CA SER Y 77 86.05 -48.27 -46.42
C SER Y 77 86.56 -47.29 -47.47
N THR Y 78 87.62 -47.70 -48.16
CA THR Y 78 88.23 -46.89 -49.21
C THR Y 78 88.18 -47.61 -50.54
N PRO Y 79 88.05 -46.88 -51.65
CA PRO Y 79 88.02 -47.54 -52.96
C PRO Y 79 89.31 -48.26 -53.31
N GLU Y 80 90.44 -47.90 -52.69
CA GLU Y 80 91.69 -48.57 -52.98
C GLU Y 80 91.76 -49.97 -52.37
N GLU Y 81 90.88 -50.28 -51.43
CA GLU Y 81 90.84 -51.59 -50.79
C GLU Y 81 89.77 -52.51 -51.38
N VAL Y 82 89.14 -52.11 -52.48
CA VAL Y 82 88.12 -52.93 -53.12
C VAL Y 82 88.61 -53.38 -54.49
N PHE Y 83 88.94 -52.41 -55.35
CA PHE Y 83 89.44 -52.73 -56.68
C PHE Y 83 90.91 -53.15 -56.66
N GLY Y 84 91.70 -52.55 -55.76
CA GLY Y 84 93.10 -52.85 -55.68
C GLY Y 84 93.96 -51.61 -55.52
N PRO Y 85 95.00 -51.70 -54.69
CA PRO Y 85 95.86 -50.53 -54.48
C PRO Y 85 96.70 -50.23 -55.70
N LEU Y 86 96.88 -48.94 -55.98
CA LEU Y 86 97.66 -48.52 -57.14
C LEU Y 86 99.16 -48.58 -56.82
N SER Y 87 99.96 -48.54 -57.88
CA SER Y 87 101.41 -48.59 -57.74
C SER Y 87 102.00 -47.18 -57.71
N GLU Y 98 97.63 -49.23 -63.91
CA GLU Y 98 98.50 -48.75 -62.84
C GLU Y 98 98.02 -49.27 -61.48
N ARG Y 99 96.80 -49.80 -61.46
CA ARG Y 99 96.20 -50.33 -60.24
C ARG Y 99 96.38 -51.84 -60.20
N LEU Y 100 96.92 -52.34 -59.08
CA LEU Y 100 97.15 -53.78 -58.89
C LEU Y 100 95.80 -54.46 -58.61
N THR Y 101 95.10 -54.79 -59.69
CA THR Y 101 93.81 -55.46 -59.61
C THR Y 101 93.90 -56.96 -59.82
N SER Y 102 94.78 -57.64 -59.05
CA SER Y 102 94.98 -59.07 -59.18
C SER Y 102 93.98 -59.79 -58.29
N GLY Y 103 92.90 -60.29 -58.88
CA GLY Y 103 91.88 -61.00 -58.14
C GLY Y 103 91.04 -60.10 -57.25
N TYR Y 104 90.19 -59.28 -57.86
CA TYR Y 104 89.34 -58.37 -57.12
C TYR Y 104 87.97 -58.23 -57.76
N LEU Y 105 87.83 -57.27 -58.67
CA LEU Y 105 86.55 -57.01 -59.31
C LEU Y 105 86.70 -56.72 -60.81
N PRO Y 106 87.66 -55.88 -61.25
CA PRO Y 106 87.80 -55.64 -62.69
C PRO Y 106 88.10 -56.90 -63.50
N GLU Y 107 88.75 -57.89 -62.91
CA GLU Y 107 89.04 -59.13 -63.61
C GLU Y 107 88.23 -60.32 -63.08
N ALA Y 108 87.31 -60.08 -62.15
CA ALA Y 108 86.50 -61.14 -61.59
C ALA Y 108 85.22 -61.33 -62.40
N GLU Y 109 84.41 -62.30 -61.99
CA GLU Y 109 83.15 -62.61 -62.65
C GLU Y 109 81.96 -62.53 -61.71
N ILE Y 110 82.04 -63.17 -60.54
CA ILE Y 110 80.98 -63.15 -59.55
C ILE Y 110 81.55 -62.56 -58.26
N VAL Y 111 81.15 -61.33 -57.95
CA VAL Y 111 81.62 -60.65 -56.75
C VAL Y 111 80.46 -60.58 -55.75
N PHE Y 112 80.83 -60.47 -54.47
CA PHE Y 112 79.86 -60.41 -53.39
C PHE Y 112 80.11 -59.16 -52.56
N LEU Y 113 79.05 -58.41 -52.29
CA LEU Y 113 79.14 -57.17 -51.52
C LEU Y 113 78.09 -57.20 -50.42
N ASP Y 114 78.53 -57.34 -49.17
CA ASP Y 114 77.63 -57.38 -48.02
C ASP Y 114 77.62 -56.03 -47.33
N GLU Y 115 76.45 -55.64 -46.82
CA GLU Y 115 76.24 -54.36 -46.14
C GLU Y 115 76.64 -53.20 -47.05
N ILE Y 116 75.99 -53.14 -48.21
CA ILE Y 116 76.30 -52.11 -49.20
C ILE Y 116 75.71 -50.74 -48.83
N TRP Y 117 74.81 -50.69 -47.85
CA TRP Y 117 74.15 -49.44 -47.47
C TRP Y 117 74.94 -48.64 -46.45
N LYS Y 118 76.27 -48.67 -46.52
CA LYS Y 118 77.10 -47.92 -45.58
C LYS Y 118 78.46 -47.62 -46.18
N ALA Y 119 78.60 -47.83 -47.50
CA ALA Y 119 79.85 -47.56 -48.17
C ALA Y 119 80.08 -46.05 -48.32
N GLY Y 120 81.30 -45.70 -48.72
CA GLY Y 120 81.67 -44.32 -48.90
C GLY Y 120 81.06 -43.72 -50.16
N PRO Y 121 81.21 -42.40 -50.32
CA PRO Y 121 80.65 -41.76 -51.53
C PRO Y 121 81.40 -42.13 -52.80
N ALA Y 122 82.72 -42.27 -52.73
CA ALA Y 122 83.51 -42.63 -53.91
C ALA Y 122 83.35 -44.08 -54.31
N ILE Y 123 82.93 -44.95 -53.39
CA ILE Y 123 82.77 -46.36 -53.72
C ILE Y 123 81.52 -46.57 -54.56
N LEU Y 124 80.42 -45.91 -54.19
CA LEU Y 124 79.18 -46.04 -54.95
C LEU Y 124 79.30 -45.41 -56.33
N ASN Y 125 80.12 -44.36 -56.47
CA ASN Y 125 80.25 -43.68 -57.75
C ASN Y 125 80.97 -44.56 -58.78
N THR Y 126 81.88 -45.43 -58.34
CA THR Y 126 82.59 -46.30 -59.26
C THR Y 126 81.80 -47.53 -59.64
N LEU Y 127 80.85 -47.96 -58.79
CA LEU Y 127 80.05 -49.14 -59.08
C LEU Y 127 78.97 -48.87 -60.13
N LEU Y 128 78.58 -47.61 -60.32
CA LEU Y 128 77.56 -47.30 -61.31
C LEU Y 128 78.10 -47.38 -62.73
N THR Y 129 79.40 -47.15 -62.92
CA THR Y 129 79.99 -47.22 -64.24
C THR Y 129 80.37 -48.63 -64.65
N ALA Y 130 80.48 -49.56 -63.70
CA ALA Y 130 80.82 -50.94 -63.98
C ALA Y 130 79.61 -51.82 -64.27
N ILE Y 131 78.43 -51.24 -64.34
CA ILE Y 131 77.20 -51.99 -64.61
C ILE Y 131 76.66 -51.69 -66.01
N ASN Y 132 76.52 -50.42 -66.36
CA ASN Y 132 75.99 -50.06 -67.66
C ASN Y 132 77.03 -50.24 -68.77
N GLU Y 133 78.28 -49.88 -68.50
CA GLU Y 133 79.35 -49.97 -69.49
C GLU Y 133 80.24 -51.18 -69.31
N ARG Y 134 80.18 -51.85 -68.14
CA ARG Y 134 81.02 -53.02 -67.85
C ARG Y 134 82.51 -52.67 -67.97
N GLN Y 135 82.87 -51.45 -67.59
CA GLN Y 135 84.24 -50.97 -67.68
C GLN Y 135 84.65 -50.35 -66.35
N PHE Y 136 85.90 -49.90 -66.29
CA PHE Y 136 86.44 -49.27 -65.09
C PHE Y 136 87.48 -48.24 -65.51
N ARG Y 137 87.59 -47.17 -64.71
CA ARG Y 137 88.54 -46.09 -64.98
C ARG Y 137 89.90 -46.44 -64.37
N ASN Y 138 90.45 -47.56 -64.83
CA ASN Y 138 91.74 -48.05 -64.37
C ASN Y 138 92.84 -47.14 -64.93
N GLY Y 139 93.05 -46.03 -64.24
CA GLY Y 139 94.07 -45.07 -64.66
C GLY Y 139 93.69 -44.31 -65.91
N ALA Y 140 94.56 -44.34 -66.91
CA ALA Y 140 94.31 -43.65 -68.17
C ALA Y 140 93.40 -44.46 -69.07
N HIS Y 141 93.92 -45.54 -69.66
CA HIS Y 141 93.12 -46.38 -70.54
C HIS Y 141 92.18 -47.26 -69.72
N VAL Y 142 90.95 -47.41 -70.23
CA VAL Y 142 89.93 -48.20 -69.56
C VAL Y 142 89.97 -49.62 -70.12
N GLU Y 143 89.39 -50.54 -69.36
CA GLU Y 143 89.32 -51.95 -69.76
C GLU Y 143 87.96 -52.51 -69.39
N LYS Y 144 87.58 -53.58 -70.07
CA LYS Y 144 86.30 -54.22 -69.83
C LYS Y 144 86.37 -55.11 -68.59
N ILE Y 145 85.21 -55.33 -67.98
CA ILE Y 145 85.08 -56.15 -66.78
C ILE Y 145 84.19 -57.33 -67.12
N PRO Y 146 84.70 -58.58 -67.09
CA PRO Y 146 83.88 -59.76 -67.38
C PRO Y 146 82.96 -60.17 -66.23
N MET Y 147 82.17 -59.21 -65.74
CA MET Y 147 81.25 -59.48 -64.64
C MET Y 147 80.01 -60.19 -65.17
N ARG Y 148 79.79 -61.42 -64.71
CA ARG Y 148 78.64 -62.21 -65.15
C ARG Y 148 77.48 -62.16 -64.17
N LEU Y 149 77.74 -62.08 -62.87
CA LEU Y 149 76.70 -62.04 -61.85
C LEU Y 149 77.06 -61.01 -60.80
N LEU Y 150 76.09 -60.18 -60.43
CA LEU Y 150 76.27 -59.15 -59.41
C LEU Y 150 75.25 -59.40 -58.31
N VAL Y 151 75.74 -59.76 -57.12
CA VAL Y 151 74.90 -60.06 -55.98
C VAL Y 151 75.26 -59.13 -54.83
N ALA Y 152 74.23 -58.73 -54.07
CA ALA Y 152 74.43 -57.84 -52.93
C ALA Y 152 73.41 -58.19 -51.85
N ALA Y 153 73.85 -58.23 -50.60
CA ALA Y 153 73.01 -58.55 -49.48
C ALA Y 153 73.28 -57.58 -48.33
N SER Y 154 72.29 -57.44 -47.45
CA SER Y 154 72.42 -56.56 -46.30
C SER Y 154 71.45 -56.96 -45.19
N ASN Y 155 70.81 -55.98 -44.56
CA ASN Y 155 69.88 -56.26 -43.47
C ASN Y 155 68.84 -55.14 -43.35
N GLU Y 156 69.30 -53.90 -43.28
CA GLU Y 156 68.43 -52.75 -43.12
C GLU Y 156 68.08 -52.15 -44.47
N LEU Y 157 67.32 -51.07 -44.45
CA LEU Y 157 66.89 -50.36 -45.65
C LEU Y 157 67.40 -48.93 -45.63
N PRO Y 158 67.74 -48.37 -46.80
CA PRO Y 158 68.23 -46.99 -46.84
C PRO Y 158 67.15 -45.96 -46.59
N GLU Y 159 67.52 -44.68 -46.59
CA GLU Y 159 66.56 -43.62 -46.37
C GLU Y 159 65.68 -43.40 -47.60
N ALA Y 160 64.65 -42.58 -47.43
CA ALA Y 160 63.74 -42.28 -48.53
C ALA Y 160 64.28 -41.20 -49.46
N ASP Y 161 65.14 -40.32 -48.93
CA ASP Y 161 65.72 -39.23 -49.71
C ASP Y 161 67.24 -39.25 -49.54
N SER Y 162 67.87 -40.33 -50.01
CA SER Y 162 69.31 -40.50 -49.92
C SER Y 162 69.87 -40.83 -51.30
N SER Y 163 71.20 -40.80 -51.40
CA SER Y 163 71.89 -41.08 -52.64
C SER Y 163 72.03 -42.58 -52.90
N LEU Y 164 71.74 -43.43 -51.92
CA LEU Y 164 71.87 -44.88 -52.08
C LEU Y 164 70.73 -45.47 -52.91
N GLU Y 165 69.67 -44.71 -53.18
CA GLU Y 165 68.56 -45.23 -53.97
C GLU Y 165 68.89 -45.33 -55.46
N ALA Y 166 70.03 -44.78 -55.90
CA ALA Y 166 70.39 -44.88 -57.31
C ALA Y 166 70.78 -46.32 -57.68
N LEU Y 167 71.54 -46.99 -56.81
CA LEU Y 167 71.92 -48.36 -57.08
C LEU Y 167 70.77 -49.34 -56.87
N TYR Y 168 69.86 -49.02 -55.93
CA TYR Y 168 68.74 -49.92 -55.66
C TYR Y 168 67.76 -49.94 -56.83
N ASP Y 169 67.56 -48.79 -57.49
CA ASP Y 169 66.66 -48.73 -58.62
C ASP Y 169 67.23 -49.39 -59.86
N ARG Y 170 68.54 -49.64 -59.90
CA ARG Y 170 69.16 -50.27 -61.05
C ARG Y 170 69.20 -51.79 -60.94
N MET Y 171 69.16 -52.33 -59.72
CA MET Y 171 69.16 -53.77 -59.54
C MET Y 171 67.81 -54.35 -59.94
N LEU Y 172 67.84 -55.50 -60.62
CA LEU Y 172 66.61 -56.09 -61.15
C LEU Y 172 65.89 -56.93 -60.09
N ILE Y 173 66.47 -58.07 -59.73
CA ILE Y 173 65.82 -59.00 -58.82
C ILE Y 173 66.06 -58.56 -57.38
N ARG Y 174 65.00 -58.49 -56.59
CA ARG Y 174 65.06 -58.15 -55.18
C ARG Y 174 64.58 -59.37 -54.39
N LEU Y 175 65.50 -60.28 -54.08
CA LEU Y 175 65.12 -61.49 -53.36
C LEU Y 175 64.76 -61.17 -51.92
N TRP Y 176 63.79 -61.93 -51.40
CA TRP Y 176 63.29 -61.76 -50.03
C TRP Y 176 63.49 -63.09 -49.30
N LEU Y 177 64.68 -63.27 -48.73
CA LEU Y 177 65.00 -64.48 -48.00
C LEU Y 177 64.60 -64.34 -46.53
N ASP Y 178 64.43 -65.49 -45.89
CA ASP Y 178 64.02 -65.53 -44.49
C ASP Y 178 64.49 -66.85 -43.89
N LYS Y 179 64.42 -66.93 -42.56
CA LYS Y 179 64.83 -68.14 -41.86
C LYS Y 179 63.87 -69.29 -42.17
N VAL Y 180 64.31 -70.51 -41.85
CA VAL Y 180 63.51 -71.69 -42.12
C VAL Y 180 62.31 -71.73 -41.17
N GLN Y 181 61.23 -72.36 -41.62
CA GLN Y 181 60.02 -72.47 -40.82
C GLN Y 181 59.53 -73.92 -40.77
N ASP Y 182 59.73 -74.66 -41.85
CA ASP Y 182 59.28 -76.04 -41.92
C ASP Y 182 60.16 -76.93 -41.05
N LYS Y 183 59.53 -77.93 -40.43
CA LYS Y 183 60.24 -78.87 -39.57
C LYS Y 183 60.87 -80.03 -40.34
N ALA Y 184 60.23 -80.48 -41.42
CA ALA Y 184 60.77 -81.59 -42.19
C ALA Y 184 62.04 -81.20 -42.92
N ASN Y 185 62.11 -79.96 -43.42
CA ASN Y 185 63.29 -79.49 -44.13
C ASN Y 185 64.39 -79.03 -43.19
N PHE Y 186 64.18 -79.12 -41.88
CA PHE Y 186 65.19 -78.71 -40.90
C PHE Y 186 65.94 -79.88 -40.29
N ARG Y 187 65.43 -81.10 -40.42
CA ARG Y 187 66.11 -82.26 -39.85
C ARG Y 187 67.44 -82.51 -40.54
N SER Y 188 67.43 -82.66 -41.87
CA SER Y 188 68.67 -82.88 -42.60
C SER Y 188 69.50 -81.61 -42.68
N MET Y 189 68.87 -80.44 -42.57
CA MET Y 189 69.61 -79.19 -42.58
C MET Y 189 70.39 -78.98 -41.29
N LEU Y 190 69.85 -79.46 -40.16
CA LEU Y 190 70.53 -79.30 -38.88
C LEU Y 190 71.80 -80.14 -38.82
N THR Y 191 71.75 -81.35 -39.37
CA THR Y 191 72.93 -82.22 -39.38
C THR Y 191 73.33 -82.58 -40.80
N SER Y 192 73.78 -81.59 -41.56
CA SER Y 192 74.19 -81.80 -42.95
C SER Y 192 75.68 -82.08 -43.01
N GLN Y 193 76.07 -83.07 -43.81
CA GLN Y 193 77.46 -83.45 -43.97
C GLN Y 193 78.07 -82.97 -45.28
N GLN Y 194 77.31 -82.26 -46.10
CA GLN Y 194 77.81 -81.77 -47.37
C GLN Y 194 78.73 -80.58 -47.15
N ASP Y 195 79.93 -80.63 -47.71
CA ASP Y 195 80.89 -79.55 -47.57
C ASP Y 195 80.49 -78.38 -48.46
N GLU Y 196 80.76 -77.17 -47.98
CA GLU Y 196 80.44 -75.93 -48.69
C GLU Y 196 81.63 -75.37 -49.46
N ASN Y 197 82.72 -76.12 -49.56
CA ASN Y 197 83.91 -75.66 -50.27
C ASN Y 197 84.42 -76.65 -51.31
N ASP Y 198 83.66 -77.71 -51.61
CA ASP Y 198 84.08 -78.69 -52.61
C ASP Y 198 83.48 -78.31 -53.96
N ASN Y 199 83.46 -79.27 -54.91
CA ASN Y 199 82.94 -79.05 -56.25
C ASN Y 199 81.86 -80.09 -56.52
N PRO Y 200 80.62 -79.85 -56.06
CA PRO Y 200 79.54 -80.79 -56.32
C PRO Y 200 79.01 -80.76 -57.75
N VAL Y 201 79.38 -79.76 -58.54
CA VAL Y 201 78.92 -79.64 -59.92
C VAL Y 201 79.79 -80.52 -60.81
N PRO Y 202 79.22 -81.42 -61.59
CA PRO Y 202 80.02 -82.25 -62.49
C PRO Y 202 80.70 -81.43 -63.57
N ASP Y 203 81.72 -82.03 -64.19
CA ASP Y 203 82.45 -81.35 -65.24
C ASP Y 203 81.70 -81.37 -66.57
N ALA Y 204 80.66 -82.20 -66.70
CA ALA Y 204 79.89 -82.26 -67.93
C ALA Y 204 78.76 -81.25 -67.97
N LEU Y 205 78.40 -80.66 -66.84
CA LEU Y 205 77.32 -79.68 -66.77
C LEU Y 205 77.84 -78.24 -66.74
N GLN Y 206 79.15 -78.03 -66.80
CA GLN Y 206 79.72 -76.70 -66.78
C GLN Y 206 79.86 -76.17 -68.19
N VAL Y 207 79.36 -74.95 -68.42
CA VAL Y 207 79.43 -74.35 -69.75
C VAL Y 207 80.81 -73.72 -69.95
N THR Y 208 81.20 -73.57 -71.21
CA THR Y 208 82.47 -72.99 -71.58
C THR Y 208 82.33 -71.49 -71.80
N ASP Y 209 83.46 -70.84 -72.11
CA ASP Y 209 83.44 -69.41 -72.35
C ASP Y 209 82.84 -69.08 -73.72
N GLU Y 210 82.87 -70.04 -74.66
CA GLU Y 210 82.30 -69.79 -75.98
C GLU Y 210 80.78 -69.82 -75.95
N GLU Y 211 80.19 -70.71 -75.15
CA GLU Y 211 78.74 -70.80 -75.07
C GLU Y 211 78.12 -69.61 -74.35
N TYR Y 212 78.88 -68.92 -73.49
CA TYR Y 212 78.33 -67.78 -72.77
C TYR Y 212 78.18 -66.57 -73.69
N GLU Y 213 79.17 -66.33 -74.56
CA GLU Y 213 79.09 -65.19 -75.47
C GLU Y 213 78.01 -65.39 -76.53
N ARG Y 214 77.71 -66.63 -76.89
CA ARG Y 214 76.67 -66.89 -77.88
C ARG Y 214 75.27 -66.78 -77.28
N TRP Y 215 75.11 -67.10 -75.99
CA TRP Y 215 73.80 -67.02 -75.37
C TRP Y 215 73.39 -65.58 -75.09
N GLN Y 216 74.36 -64.67 -74.97
CA GLN Y 216 74.04 -63.27 -74.70
C GLN Y 216 73.37 -62.58 -75.88
N LYS Y 217 73.47 -63.15 -77.08
CA LYS Y 217 72.87 -62.56 -78.27
C LYS Y 217 71.53 -63.19 -78.63
N GLU Y 218 71.34 -64.48 -78.34
CA GLU Y 218 70.10 -65.17 -78.69
C GLU Y 218 68.96 -64.84 -77.73
N ILE Y 219 69.24 -64.19 -76.61
CA ILE Y 219 68.17 -63.81 -75.68
C ILE Y 219 67.32 -62.68 -76.26
N GLY Y 220 67.97 -61.69 -76.87
CA GLY Y 220 67.25 -60.59 -77.47
C GLY Y 220 66.44 -60.95 -78.70
N GLU Y 221 66.67 -62.12 -79.28
CA GLU Y 221 65.93 -62.57 -80.46
C GLU Y 221 64.59 -63.19 -80.12
N ILE Y 222 64.21 -63.26 -78.84
CA ILE Y 222 62.94 -63.84 -78.47
C ILE Y 222 61.81 -62.88 -78.85
N THR Y 223 60.82 -63.40 -79.58
CA THR Y 223 59.71 -62.58 -80.01
C THR Y 223 58.78 -62.26 -78.84
N LEU Y 224 58.05 -61.15 -78.98
CA LEU Y 224 57.12 -60.72 -77.96
C LEU Y 224 55.69 -60.88 -78.46
N PRO Y 225 54.94 -61.86 -77.98
CA PRO Y 225 53.57 -62.05 -78.47
C PRO Y 225 52.67 -60.88 -78.09
N ASP Y 226 51.61 -60.70 -78.87
CA ASP Y 226 50.68 -59.60 -78.62
C ASP Y 226 49.88 -59.82 -77.35
N HIS Y 227 49.66 -61.08 -76.95
CA HIS Y 227 48.91 -61.35 -75.73
C HIS Y 227 49.74 -61.04 -74.49
N VAL Y 228 51.06 -61.09 -74.60
CA VAL Y 228 51.92 -60.78 -73.45
C VAL Y 228 51.97 -59.28 -73.21
N PHE Y 229 51.97 -58.49 -74.28
CA PHE Y 229 52.03 -57.04 -74.12
C PHE Y 229 50.75 -56.49 -73.51
N GLU Y 230 49.63 -57.19 -73.67
CA GLU Y 230 48.38 -56.74 -73.09
C GLU Y 230 48.39 -56.84 -71.57
N LEU Y 231 49.22 -57.73 -71.01
CA LEU Y 231 49.33 -57.88 -69.57
C LEU Y 231 50.40 -56.98 -68.96
N ILE Y 232 51.44 -56.66 -69.72
CA ILE Y 232 52.50 -55.80 -69.20
C ILE Y 232 52.02 -54.35 -69.16
N PHE Y 233 51.34 -53.89 -70.22
CA PHE Y 233 50.86 -52.51 -70.25
C PHE Y 233 49.72 -52.30 -69.26
N MET Y 234 48.93 -53.34 -68.99
CA MET Y 234 47.82 -53.20 -68.04
C MET Y 234 48.33 -53.09 -66.61
N LEU Y 235 49.41 -53.81 -66.28
CA LEU Y 235 49.97 -53.73 -64.95
C LEU Y 235 50.63 -52.38 -64.69
N ARG Y 236 51.16 -51.75 -65.73
CA ARG Y 236 51.79 -50.44 -65.56
C ARG Y 236 50.75 -49.36 -65.29
N GLN Y 237 49.61 -49.42 -65.96
CA GLN Y 237 48.56 -48.44 -65.75
C GLN Y 237 47.83 -48.63 -64.42
N GLN Y 238 47.80 -49.86 -63.89
CA GLN Y 238 47.13 -50.10 -62.63
C GLN Y 238 47.95 -49.56 -61.45
N LEU Y 239 49.27 -49.69 -61.51
CA LEU Y 239 50.12 -49.18 -60.44
C LEU Y 239 50.23 -47.65 -60.47
N ASP Y 240 49.94 -47.03 -61.61
CA ASP Y 240 50.03 -45.57 -61.70
C ASP Y 240 48.81 -44.89 -61.06
N LYS Y 241 47.66 -45.56 -61.08
CA LYS Y 241 46.45 -44.98 -60.48
C LYS Y 241 46.38 -45.16 -58.98
N LEU Y 242 47.04 -46.18 -58.44
CA LEU Y 242 47.01 -46.42 -57.00
C LEU Y 242 48.04 -45.52 -56.31
N PRO Y 243 47.64 -44.65 -55.39
CA PRO Y 243 48.64 -43.81 -54.71
C PRO Y 243 49.62 -44.59 -53.86
N ASP Y 244 49.18 -45.67 -53.22
CA ASP Y 244 50.05 -46.47 -52.37
C ASP Y 244 50.96 -47.40 -53.17
N ALA Y 245 50.76 -47.52 -54.47
CA ALA Y 245 51.60 -48.39 -55.28
C ALA Y 245 52.96 -47.73 -55.52
N PRO Y 246 54.04 -48.50 -55.51
CA PRO Y 246 55.37 -47.92 -55.73
C PRO Y 246 55.57 -47.53 -57.19
N TYR Y 247 56.43 -46.54 -57.39
CA TYR Y 247 56.73 -46.05 -58.72
C TYR Y 247 57.77 -46.93 -59.39
N VAL Y 248 57.54 -47.27 -60.65
CA VAL Y 248 58.42 -48.13 -61.43
C VAL Y 248 58.91 -47.32 -62.62
N SER Y 249 60.23 -47.14 -62.71
CA SER Y 249 60.81 -46.36 -63.79
C SER Y 249 60.83 -47.16 -65.08
N ASP Y 250 61.17 -46.48 -66.18
CA ASP Y 250 61.22 -47.12 -67.49
C ASP Y 250 62.38 -48.10 -67.62
N ARG Y 251 63.44 -47.93 -66.83
CA ARG Y 251 64.57 -48.84 -66.88
C ARG Y 251 64.19 -50.23 -66.35
N ARG Y 252 63.30 -50.28 -65.35
CA ARG Y 252 62.92 -51.57 -64.78
C ARG Y 252 62.07 -52.37 -65.77
N TRP Y 253 61.24 -51.70 -66.57
CA TRP Y 253 60.43 -52.40 -67.55
C TRP Y 253 61.28 -52.98 -68.67
N LYS Y 254 62.38 -52.31 -69.03
CA LYS Y 254 63.25 -52.82 -70.09
C LYS Y 254 64.14 -53.95 -69.59
N LYS Y 255 64.63 -53.86 -68.35
CA LYS Y 255 65.49 -54.91 -67.81
C LYS Y 255 64.71 -56.15 -67.40
N ALA Y 256 63.39 -56.01 -67.16
CA ALA Y 256 62.60 -57.17 -66.76
C ALA Y 256 62.32 -58.09 -67.96
N ILE Y 257 62.27 -57.53 -69.17
CA ILE Y 257 62.01 -58.34 -70.35
C ILE Y 257 63.18 -59.28 -70.60
N ARG Y 258 64.40 -58.83 -70.34
CA ARG Y 258 65.56 -59.70 -70.52
C ARG Y 258 65.54 -60.89 -69.56
N LEU Y 259 64.91 -60.72 -68.39
CA LEU Y 259 64.80 -61.82 -67.45
C LEU Y 259 63.72 -62.82 -67.88
N LEU Y 260 62.61 -62.31 -68.41
CA LEU Y 260 61.54 -63.21 -68.86
C LEU Y 260 61.92 -63.93 -70.15
N GLN Y 261 62.63 -63.23 -71.05
CA GLN Y 261 63.06 -63.87 -72.29
C GLN Y 261 64.12 -64.93 -72.03
N ALA Y 262 64.95 -64.74 -70.99
CA ALA Y 262 65.95 -65.74 -70.66
C ALA Y 262 65.34 -66.94 -69.95
N SER Y 263 64.21 -66.76 -69.27
CA SER Y 263 63.56 -67.88 -68.60
C SER Y 263 62.96 -68.85 -69.61
N ALA Y 264 62.31 -68.34 -70.65
CA ALA Y 264 61.74 -69.18 -71.69
C ALA Y 264 62.81 -69.72 -72.64
N PHE Y 265 64.00 -69.11 -72.67
CA PHE Y 265 65.05 -69.60 -73.55
C PHE Y 265 65.64 -70.91 -73.03
N PHE Y 266 65.86 -71.00 -71.71
CA PHE Y 266 66.40 -72.22 -71.10
C PHE Y 266 65.32 -73.19 -70.67
N SER Y 267 64.09 -73.01 -71.17
CA SER Y 267 62.98 -73.90 -70.84
C SER Y 267 62.39 -74.58 -72.06
N GLY Y 268 63.02 -74.46 -73.22
CA GLY Y 268 62.51 -75.08 -74.43
C GLY Y 268 61.43 -74.30 -75.13
N ARG Y 269 61.51 -72.96 -75.11
CA ARG Y 269 60.53 -72.11 -75.75
C ARG Y 269 61.23 -71.06 -76.59
N SER Y 270 60.53 -70.55 -77.60
CA SER Y 270 61.05 -69.54 -78.49
C SER Y 270 60.40 -68.17 -78.34
N ALA Y 271 59.28 -68.09 -77.61
CA ALA Y 271 58.57 -66.84 -77.40
C ALA Y 271 58.40 -66.60 -75.90
N VAL Y 272 57.93 -65.40 -75.56
CA VAL Y 272 57.71 -65.04 -74.17
C VAL Y 272 56.45 -65.74 -73.67
N ALA Y 273 56.59 -66.55 -72.62
CA ALA Y 273 55.46 -67.28 -72.08
C ALA Y 273 54.70 -66.42 -71.09
N PRO Y 274 53.36 -66.49 -71.08
CA PRO Y 274 52.60 -65.71 -70.10
C PRO Y 274 52.84 -66.11 -68.67
N VAL Y 275 53.29 -67.35 -68.42
CA VAL Y 275 53.57 -67.80 -67.06
C VAL Y 275 54.85 -67.19 -66.49
N ASP Y 276 55.69 -66.59 -67.34
CA ASP Y 276 56.94 -66.00 -66.87
C ASP Y 276 56.72 -64.70 -66.10
N LEU Y 277 55.49 -64.19 -66.04
CA LEU Y 277 55.21 -62.96 -65.30
C LEU Y 277 55.21 -63.16 -63.79
N ILE Y 278 55.39 -64.39 -63.31
CA ILE Y 278 55.41 -64.64 -61.87
C ILE Y 278 56.68 -64.06 -61.25
N LEU Y 279 57.78 -64.02 -62.01
CA LEU Y 279 59.04 -63.50 -61.51
C LEU Y 279 59.01 -62.00 -61.25
N LEU Y 280 57.94 -61.30 -61.66
CA LEU Y 280 57.84 -59.87 -61.42
C LEU Y 280 57.45 -59.52 -60.00
N LYS Y 281 57.28 -60.52 -59.12
CA LYS Y 281 56.91 -60.25 -57.74
C LYS Y 281 58.10 -59.76 -56.92
N ASP Y 282 59.32 -59.88 -57.44
CA ASP Y 282 60.53 -59.45 -56.74
C ASP Y 282 61.31 -58.43 -57.56
N CYS Y 283 60.62 -57.66 -58.41
CA CYS Y 283 61.28 -56.67 -59.24
C CYS Y 283 60.50 -55.35 -59.30
N LEU Y 284 59.56 -55.13 -58.38
CA LEU Y 284 58.76 -53.92 -58.40
C LEU Y 284 58.75 -53.23 -57.04
N TRP Y 285 58.63 -54.02 -55.97
CA TRP Y 285 58.58 -53.47 -54.63
C TRP Y 285 59.94 -52.92 -54.23
N TYR Y 286 59.95 -52.11 -53.16
CA TYR Y 286 61.18 -51.52 -52.66
C TYR Y 286 61.33 -51.58 -51.15
N ASP Y 287 60.27 -51.82 -50.39
CA ASP Y 287 60.34 -51.88 -48.94
C ASP Y 287 59.36 -52.94 -48.45
N ALA Y 288 59.15 -52.99 -47.13
CA ALA Y 288 58.22 -53.95 -46.55
C ALA Y 288 56.77 -53.52 -46.73
N GLN Y 289 56.53 -52.22 -46.99
CA GLN Y 289 55.17 -51.75 -47.18
C GLN Y 289 54.65 -52.12 -48.57
N SER Y 290 55.49 -51.99 -49.59
CA SER Y 290 55.09 -52.32 -50.96
C SER Y 290 55.27 -53.79 -51.30
N LEU Y 291 55.77 -54.60 -50.36
CA LEU Y 291 55.96 -56.02 -50.64
C LEU Y 291 54.62 -56.75 -50.72
N ASN Y 292 53.66 -56.37 -49.88
CA ASN Y 292 52.34 -56.98 -49.89
C ASN Y 292 51.44 -56.42 -50.99
N LEU Y 293 51.77 -55.28 -51.57
CA LEU Y 293 50.96 -54.68 -52.62
C LEU Y 293 51.31 -55.24 -54.00
N ILE Y 294 52.59 -55.52 -54.25
CA ILE Y 294 52.99 -56.06 -55.54
C ILE Y 294 52.54 -57.51 -55.67
N GLN Y 295 52.69 -58.31 -54.61
CA GLN Y 295 52.28 -59.70 -54.66
C GLN Y 295 50.77 -59.86 -54.70
N GLN Y 296 50.02 -58.81 -54.35
CA GLN Y 296 48.55 -58.89 -54.38
C GLN Y 296 48.02 -58.55 -55.77
N GLN Y 297 48.64 -57.57 -56.45
CA GLN Y 297 48.17 -57.21 -57.78
C GLN Y 297 48.52 -58.26 -58.82
N ILE Y 298 49.67 -58.92 -58.66
CA ILE Y 298 50.06 -59.96 -59.62
C ILE Y 298 49.22 -61.22 -59.41
N ASP Y 299 48.88 -61.52 -58.16
CA ASP Y 299 48.05 -62.70 -57.88
C ASP Y 299 46.68 -62.56 -58.51
N VAL Y 300 46.14 -61.34 -58.54
CA VAL Y 300 44.84 -61.12 -59.20
C VAL Y 300 45.02 -61.09 -60.72
N LEU Y 301 46.13 -60.53 -61.19
CA LEU Y 301 46.38 -60.47 -62.64
C LEU Y 301 46.61 -61.86 -63.21
N MET Y 302 47.35 -62.72 -62.50
CA MET Y 302 47.58 -64.07 -62.98
C MET Y 302 46.35 -64.94 -62.84
N THR Y 303 45.43 -64.59 -61.95
CA THR Y 303 44.19 -65.32 -61.75
C THR Y 303 42.98 -64.47 -62.14
N GLY Y 304 43.09 -63.73 -63.24
CA GLY Y 304 42.01 -62.88 -63.70
C GLY Y 304 42.14 -62.47 -65.14
N HIS Y 305 43.37 -62.18 -65.57
CA HIS Y 305 43.60 -61.74 -66.95
C HIS Y 305 44.69 -62.52 -67.67
N ALA Y 306 45.40 -63.42 -66.99
CA ALA Y 306 46.43 -64.22 -67.65
C ALA Y 306 45.81 -65.20 -68.63
N TRP Y 307 45.31 -66.33 -68.14
CA TRP Y 307 44.61 -67.31 -68.96
C TRP Y 307 43.12 -67.03 -69.06
N GLN Y 308 42.71 -65.76 -69.01
CA GLN Y 308 41.30 -65.36 -69.10
C GLN Y 308 40.47 -66.00 -67.99
N GLN Y 309 40.96 -65.87 -66.75
CA GLN Y 309 40.21 -66.40 -65.61
C GLN Y 309 38.94 -65.59 -65.37
N GLN Y 310 39.08 -64.31 -65.07
CA GLN Y 310 37.92 -63.45 -64.87
C GLN Y 310 37.18 -63.17 -66.18
N GLY Y 311 37.88 -63.27 -67.32
CA GLY Y 311 37.21 -63.07 -68.60
C GLY Y 311 36.15 -64.10 -68.89
N MET Y 312 36.32 -65.32 -68.41
CA MET Y 312 35.31 -66.37 -68.56
C MET Y 312 34.25 -66.34 -67.47
N LEU Y 313 34.56 -65.74 -66.32
CA LEU Y 313 33.57 -65.65 -65.25
C LEU Y 313 32.46 -64.67 -65.60
N THR Y 314 32.81 -63.54 -66.22
CA THR Y 314 31.80 -62.58 -66.64
C THR Y 314 31.00 -63.05 -67.84
N ARG Y 315 31.50 -64.06 -68.57
CA ARG Y 315 30.77 -64.63 -69.70
C ARG Y 315 29.94 -65.84 -69.28
N LEU Y 316 30.43 -66.63 -68.32
CA LEU Y 316 29.66 -67.77 -67.85
C LEU Y 316 28.45 -67.34 -67.03
N GLY Y 317 28.59 -66.24 -66.27
CA GLY Y 317 27.46 -65.75 -65.50
C GLY Y 317 26.31 -65.26 -66.37
N ALA Y 318 26.63 -64.75 -67.56
CA ALA Y 318 25.57 -64.32 -68.46
C ALA Y 318 24.88 -65.50 -69.13
N ILE Y 319 25.61 -66.62 -69.31
CA ILE Y 319 24.99 -67.80 -69.89
C ILE Y 319 24.08 -68.49 -68.89
N VAL Y 320 24.50 -68.57 -67.63
CA VAL Y 320 23.67 -69.17 -66.59
C VAL Y 320 22.42 -68.32 -66.36
N GLN Y 321 22.59 -67.00 -66.35
CA GLN Y 321 21.43 -66.12 -66.18
C GLN Y 321 20.47 -66.23 -67.36
N ARG Y 322 21.01 -66.38 -68.57
CA ARG Y 322 20.15 -66.55 -69.73
C ARG Y 322 19.52 -67.94 -69.77
N HIS Y 323 20.24 -68.95 -69.28
CA HIS Y 323 19.68 -70.30 -69.25
C HIS Y 323 18.53 -70.40 -68.26
N LEU Y 324 18.72 -69.85 -67.05
CA LEU Y 324 17.66 -69.88 -66.04
C LEU Y 324 16.45 -69.04 -66.45
N GLN Y 325 16.66 -68.01 -67.29
CA GLN Y 325 15.55 -67.19 -67.73
C GLN Y 325 14.70 -67.91 -68.77
N LEU Y 326 15.32 -68.76 -69.59
CA LEU Y 326 14.58 -69.50 -70.61
C LEU Y 326 13.91 -70.75 -70.04
N GLN Y 327 14.40 -71.25 -68.90
CA GLN Y 327 13.79 -72.43 -68.29
C GLN Y 327 12.52 -72.08 -67.54
N GLN Y 328 12.45 -70.87 -66.97
CA GLN Y 328 11.27 -70.45 -66.24
C GLN Y 328 10.16 -69.94 -67.15
N GLN Y 329 10.41 -69.81 -68.46
CA GLN Y 329 9.38 -69.41 -69.40
C GLN Y 329 8.63 -70.61 -69.97
N GLN Y 330 9.33 -71.71 -70.23
CA GLN Y 330 8.74 -72.93 -70.77
C GLN Y 330 8.41 -73.94 -69.66
N SER Y 331 8.11 -73.45 -68.45
CA SER Y 331 7.80 -74.34 -67.34
C SER Y 331 6.43 -74.98 -67.46
N ASP Y 332 5.55 -74.47 -68.32
CA ASP Y 332 4.22 -75.04 -68.49
C ASP Y 332 4.23 -76.32 -69.32
N LYS Y 333 5.34 -76.65 -69.97
CA LYS Y 333 5.41 -77.86 -70.77
C LYS Y 333 5.67 -79.09 -69.90
N THR Y 334 6.64 -79.00 -68.99
CA THR Y 334 6.99 -80.10 -68.10
C THR Y 334 6.53 -79.76 -66.69
N ALA Y 335 5.67 -80.59 -66.13
CA ALA Y 335 5.17 -80.38 -64.78
C ALA Y 335 5.93 -81.23 -63.77
N LEU Y 336 5.26 -81.64 -62.69
CA LEU Y 336 5.89 -82.45 -61.66
C LEU Y 336 4.81 -83.32 -61.04
N THR Y 337 4.82 -84.61 -61.37
CA THR Y 337 3.85 -85.58 -60.87
C THR Y 337 4.56 -86.51 -59.88
N VAL Y 338 3.99 -86.65 -58.69
CA VAL Y 338 4.54 -87.50 -57.64
C VAL Y 338 3.75 -88.79 -57.59
N ILE Y 339 4.45 -89.92 -57.70
CA ILE Y 339 3.80 -91.23 -57.65
C ILE Y 339 3.59 -91.63 -56.19
N ARG Y 340 2.68 -92.56 -55.99
CA ARG Y 340 2.34 -93.06 -54.66
C ARG Y 340 3.13 -94.32 -54.34
N LEU Y 341 2.78 -94.96 -53.23
CA LEU Y 341 3.44 -96.19 -52.80
C LEU Y 341 2.48 -96.97 -51.92
N GLY Y 342 2.67 -98.30 -51.91
CA GLY Y 342 1.83 -99.17 -51.11
C GLY Y 342 2.23 -99.22 -49.65
N GLY Y 343 2.39 -100.43 -49.12
CA GLY Y 343 2.79 -100.59 -47.74
C GLY Y 343 1.64 -100.33 -46.78
N ILE Y 344 1.93 -100.52 -45.49
CA ILE Y 344 0.97 -100.32 -44.41
C ILE Y 344 1.56 -99.30 -43.45
N PHE Y 345 1.03 -98.08 -43.49
CA PHE Y 345 1.50 -97.02 -42.62
C PHE Y 345 0.39 -95.99 -42.43
N SER Y 346 0.45 -95.26 -41.32
CA SER Y 346 -0.59 -94.29 -41.01
C SER Y 346 -0.53 -93.10 -41.96
N ARG Y 347 0.58 -92.37 -41.94
CA ARG Y 347 0.73 -91.20 -42.80
C ARG Y 347 0.89 -91.62 -44.25
N ARG Y 348 0.23 -90.88 -45.15
CA ARG Y 348 0.30 -91.16 -46.58
C ARG Y 348 1.68 -90.79 -47.09
N GLN Y 349 2.54 -91.80 -47.28
CA GLN Y 349 3.89 -91.56 -47.75
C GLN Y 349 3.91 -91.35 -49.26
N GLN Y 350 4.90 -90.60 -49.72
CA GLN Y 350 5.07 -90.29 -51.13
C GLN Y 350 6.49 -90.62 -51.56
N TYR Y 351 6.61 -91.10 -52.80
CA TYR Y 351 7.90 -91.49 -53.37
C TYR Y 351 8.22 -90.57 -54.55
N GLN Y 352 9.49 -90.19 -54.67
CA GLN Y 352 9.92 -89.27 -55.70
C GLN Y 352 10.04 -90.00 -57.04
N LEU Y 353 10.61 -89.33 -58.04
CA LEU Y 353 10.80 -89.94 -59.35
C LEU Y 353 11.95 -90.94 -59.30
N PRO Y 354 11.84 -92.07 -60.01
CA PRO Y 354 12.90 -93.09 -59.96
C PRO Y 354 14.15 -92.69 -60.72
N VAL Y 355 14.38 -93.33 -61.87
CA VAL Y 355 15.59 -93.09 -62.65
C VAL Y 355 15.58 -91.74 -63.36
N ASN Y 356 14.45 -91.03 -63.35
CA ASN Y 356 14.38 -89.74 -64.03
C ASN Y 356 15.29 -88.71 -63.37
N VAL Y 357 15.47 -88.81 -62.06
CA VAL Y 357 16.33 -87.90 -61.31
C VAL Y 357 17.29 -88.73 -60.46
N THR Y 358 18.57 -88.36 -60.49
CA THR Y 358 19.60 -89.06 -59.72
C THR Y 358 20.52 -88.12 -58.95
N ALA Y 359 20.54 -86.83 -59.25
CA ALA Y 359 21.42 -85.91 -58.55
C ALA Y 359 20.93 -85.67 -57.12
N SER Y 360 21.86 -85.26 -56.27
CA SER Y 360 21.56 -84.99 -54.87
C SER Y 360 21.07 -83.56 -54.64
N THR Y 361 21.78 -82.57 -55.19
CA THR Y 361 21.40 -81.18 -55.04
C THR Y 361 20.74 -80.66 -56.31
N LEU Y 362 19.58 -81.22 -56.66
CA LEU Y 362 18.87 -80.79 -57.84
C LEU Y 362 18.10 -79.50 -57.58
N THR Y 363 17.74 -78.83 -58.67
CA THR Y 363 17.01 -77.58 -58.61
C THR Y 363 15.59 -77.77 -59.13
N LEU Y 364 14.65 -77.01 -58.56
CA LEU Y 364 13.25 -77.06 -58.94
C LEU Y 364 12.81 -75.70 -59.46
N LEU Y 365 12.06 -75.70 -60.56
CA LEU Y 365 11.57 -74.48 -61.17
C LEU Y 365 10.16 -74.17 -60.67
N LEU Y 366 9.66 -72.99 -61.03
CA LEU Y 366 8.33 -72.57 -60.62
C LEU Y 366 7.73 -71.69 -61.71
N GLN Y 367 6.41 -71.59 -61.71
CA GLN Y 367 5.71 -70.78 -62.69
C GLN Y 367 5.62 -69.33 -62.24
N LYS Y 368 4.61 -69.01 -61.45
CA LYS Y 368 4.43 -67.65 -60.95
C LYS Y 368 5.43 -67.37 -59.84
N PRO Y 369 6.31 -66.38 -60.00
CA PRO Y 369 7.27 -66.09 -58.94
C PRO Y 369 6.61 -65.42 -57.74
N LEU Y 370 7.20 -65.68 -56.56
CA LEU Y 370 6.68 -65.13 -55.32
C LEU Y 370 7.80 -64.39 -54.59
N LYS Y 371 7.41 -63.59 -53.60
CA LYS Y 371 8.34 -62.80 -52.80
C LYS Y 371 8.56 -63.53 -51.48
N LEU Y 372 9.57 -64.39 -51.45
CA LEU Y 372 9.92 -65.16 -50.27
C LEU Y 372 11.08 -64.49 -49.55
N HIS Y 373 10.94 -64.30 -48.24
CA HIS Y 373 11.97 -63.68 -47.40
C HIS Y 373 12.31 -62.27 -47.90
N ASP Y 374 11.28 -61.55 -48.34
CA ASP Y 374 11.41 -60.16 -48.80
C ASP Y 374 12.41 -60.05 -49.96
N MET Y 375 12.36 -61.01 -50.87
CA MET Y 375 13.21 -61.00 -52.04
C MET Y 375 12.63 -61.94 -53.09
N GLU Y 376 12.98 -61.68 -54.35
CA GLU Y 376 12.52 -62.49 -55.46
C GLU Y 376 13.40 -63.72 -55.65
N VAL Y 377 12.84 -64.73 -56.29
CA VAL Y 377 13.54 -65.98 -56.55
C VAL Y 377 13.05 -66.55 -57.88
N VAL Y 378 13.96 -67.19 -58.62
CA VAL Y 378 13.62 -67.79 -59.90
C VAL Y 378 13.82 -69.30 -59.89
N HIS Y 379 14.53 -69.86 -58.93
CA HIS Y 379 14.73 -71.31 -58.85
C HIS Y 379 15.04 -71.68 -57.41
N ILE Y 380 14.47 -72.78 -56.96
CA ILE Y 380 14.65 -73.27 -55.59
C ILE Y 380 15.24 -74.68 -55.67
N SER Y 381 16.34 -74.89 -54.96
CA SER Y 381 17.04 -76.17 -54.95
C SER Y 381 16.82 -76.86 -53.61
N PHE Y 382 16.54 -78.15 -53.66
CA PHE Y 382 16.34 -78.97 -52.47
C PHE Y 382 17.38 -80.07 -52.41
N GLU Y 383 17.42 -80.76 -51.28
CA GLU Y 383 18.35 -81.84 -51.04
C GLU Y 383 17.64 -83.19 -51.20
N ARG Y 384 18.28 -84.11 -51.91
CA ARG Y 384 17.68 -85.43 -52.12
C ARG Y 384 17.65 -86.24 -50.82
N SER Y 385 18.65 -86.06 -49.95
CA SER Y 385 18.65 -86.78 -48.68
C SER Y 385 17.62 -86.21 -47.71
N ALA Y 386 17.19 -84.97 -47.93
CA ALA Y 386 16.20 -84.35 -47.07
C ALA Y 386 14.79 -84.40 -47.65
N LEU Y 387 14.67 -84.61 -48.96
CA LEU Y 387 13.34 -84.69 -49.57
C LEU Y 387 12.69 -86.05 -49.34
N GLU Y 388 13.50 -87.11 -49.24
CA GLU Y 388 12.93 -88.45 -49.03
C GLU Y 388 12.36 -88.60 -47.62
N GLN Y 389 12.89 -87.86 -46.66
CA GLN Y 389 12.40 -87.96 -45.28
C GLN Y 389 11.09 -87.20 -45.09
N TRP Y 390 10.95 -86.03 -45.72
CA TRP Y 390 9.72 -85.25 -45.57
C TRP Y 390 8.55 -85.90 -46.27
N LEU Y 391 8.80 -86.57 -47.39
CA LEU Y 391 7.74 -87.23 -48.15
C LEU Y 391 7.33 -88.57 -47.55
N SER Y 392 7.98 -89.01 -46.48
CA SER Y 392 7.66 -90.27 -45.82
C SER Y 392 7.30 -90.10 -44.36
N LYS Y 393 8.10 -89.35 -43.60
CA LYS Y 393 7.84 -89.14 -42.19
C LYS Y 393 7.10 -87.84 -41.91
N GLY Y 394 7.14 -86.88 -42.83
CA GLY Y 394 6.47 -85.61 -42.63
C GLY Y 394 7.33 -84.57 -41.95
N GLY Y 395 6.70 -83.60 -41.30
CA GLY Y 395 7.42 -82.55 -40.61
C GLY Y 395 7.59 -81.30 -41.43
N GLU Y 396 8.75 -80.65 -41.32
CA GLU Y 396 9.05 -79.43 -42.05
C GLU Y 396 10.24 -79.66 -42.98
N ILE Y 397 10.31 -78.86 -44.04
CA ILE Y 397 11.37 -78.95 -45.03
C ILE Y 397 12.16 -77.65 -45.01
N ARG Y 398 13.45 -77.76 -45.32
CA ARG Y 398 14.35 -76.62 -45.36
C ARG Y 398 15.04 -76.55 -46.71
N GLY Y 399 14.98 -75.39 -47.35
CA GLY Y 399 15.59 -75.21 -48.65
C GLY Y 399 16.08 -73.80 -48.89
N LYS Y 400 17.23 -73.68 -49.56
CA LYS Y 400 17.80 -72.37 -49.84
C LYS Y 400 17.12 -71.74 -51.05
N LEU Y 401 17.43 -70.47 -51.28
CA LEU Y 401 16.86 -69.70 -52.38
C LEU Y 401 17.96 -69.23 -53.31
N ASN Y 402 17.71 -69.36 -54.62
CA ASN Y 402 18.65 -68.92 -55.66
C ASN Y 402 20.00 -69.63 -55.55
N GLY Y 403 20.01 -70.83 -54.95
CA GLY Y 403 21.24 -71.58 -54.81
C GLY Y 403 22.25 -71.01 -53.84
N ILE Y 404 21.91 -69.95 -53.12
CA ILE Y 404 22.80 -69.31 -52.16
C ILE Y 404 22.10 -69.25 -50.82
N GLY Y 405 22.86 -68.81 -49.81
CA GLY Y 405 22.32 -68.68 -48.47
C GLY Y 405 22.15 -70.04 -47.79
N PHE Y 406 21.48 -69.99 -46.64
CA PHE Y 406 21.21 -71.19 -45.86
C PHE Y 406 19.87 -71.79 -46.24
N ALA Y 407 19.66 -73.04 -45.82
CA ALA Y 407 18.42 -73.75 -46.11
C ALA Y 407 17.29 -73.23 -45.23
N GLN Y 408 16.62 -72.17 -45.66
CA GLN Y 408 15.53 -71.59 -44.90
C GLN Y 408 14.27 -72.47 -45.01
N LYS Y 409 13.35 -72.25 -44.08
CA LYS Y 409 12.11 -73.01 -44.06
C LYS Y 409 11.08 -72.38 -44.99
N LEU Y 410 10.33 -73.24 -45.69
CA LEU Y 410 9.30 -72.80 -46.61
C LEU Y 410 7.99 -73.51 -46.29
N ASN Y 411 6.89 -72.91 -46.76
CA ASN Y 411 5.55 -73.46 -46.54
C ASN Y 411 5.16 -74.33 -47.74
N LEU Y 412 5.82 -75.47 -47.85
CA LEU Y 412 5.58 -76.42 -48.92
C LEU Y 412 4.57 -77.46 -48.47
N GLU Y 413 3.57 -77.72 -49.30
CA GLU Y 413 2.52 -78.69 -49.02
C GLU Y 413 2.32 -79.59 -50.24
N VAL Y 414 1.33 -80.46 -50.15
CA VAL Y 414 1.00 -81.38 -51.23
C VAL Y 414 -0.26 -80.90 -51.92
N ASP Y 415 -0.31 -81.12 -53.23
CA ASP Y 415 -1.45 -80.72 -54.06
C ASP Y 415 -2.36 -81.91 -54.32
N SER Y 416 -3.60 -81.61 -54.69
CA SER Y 416 -4.56 -82.67 -54.98
C SER Y 416 -4.19 -83.47 -56.22
N ALA Y 417 -3.52 -82.82 -57.19
CA ALA Y 417 -3.09 -83.49 -58.41
C ALA Y 417 -1.64 -83.94 -58.35
N GLN Y 418 -1.12 -84.23 -57.14
CA GLN Y 418 0.25 -84.67 -56.94
C GLN Y 418 1.25 -83.66 -57.48
N HIS Y 419 1.39 -82.53 -56.80
CA HIS Y 419 2.34 -81.49 -57.18
C HIS Y 419 2.99 -80.94 -55.92
N LEU Y 420 3.66 -79.80 -56.06
CA LEU Y 420 4.34 -79.14 -54.95
C LEU Y 420 3.96 -77.66 -54.98
N VAL Y 421 3.03 -77.27 -54.10
CA VAL Y 421 2.56 -75.90 -54.01
C VAL Y 421 3.34 -75.19 -52.91
N VAL Y 422 3.96 -74.07 -53.26
CA VAL Y 422 4.74 -73.27 -52.31
C VAL Y 422 3.89 -72.09 -51.87
N ARG Y 423 3.63 -72.01 -50.57
CA ARG Y 423 2.84 -70.92 -50.00
C ARG Y 423 3.74 -69.87 -49.37
N ASP Y 424 3.31 -68.61 -49.45
CA ASP Y 424 4.08 -67.50 -48.89
C ASP Y 424 3.29 -66.79 -47.80
N VAL Y 425 3.58 -65.50 -47.60
CA VAL Y 425 2.88 -64.73 -46.57
C VAL Y 425 1.52 -64.22 -47.03
N SER Y 426 1.18 -64.39 -48.31
CA SER Y 426 -0.09 -63.95 -48.84
C SER Y 426 -0.98 -65.11 -49.28
N LEU Y 427 -0.60 -66.35 -48.93
CA LEU Y 427 -1.37 -67.54 -49.28
C LEU Y 427 -1.58 -67.65 -50.80
N GLN Y 428 -0.46 -67.67 -51.52
CA GLN Y 428 -0.47 -67.77 -52.97
C GLN Y 428 0.08 -69.13 -53.40
N GLY Y 429 -0.47 -69.67 -54.47
CA GLY Y 429 -0.04 -70.96 -54.98
C GLY Y 429 1.07 -70.84 -56.00
N SER Y 430 1.94 -71.85 -56.00
CA SER Y 430 3.08 -71.89 -56.94
C SER Y 430 3.47 -73.35 -57.12
N THR Y 431 3.04 -73.95 -58.23
CA THR Y 431 3.35 -75.34 -58.51
C THR Y 431 4.79 -75.48 -58.98
N LEU Y 432 5.55 -76.33 -58.31
CA LEU Y 432 6.95 -76.54 -58.67
C LEU Y 432 7.06 -77.52 -59.84
N ALA Y 433 8.21 -77.47 -60.51
CA ALA Y 433 8.47 -78.35 -61.65
C ALA Y 433 9.97 -78.52 -61.79
N LEU Y 434 10.36 -79.57 -62.52
CA LEU Y 434 11.76 -79.84 -62.74
C LEU Y 434 12.16 -79.47 -64.18
N PRO Y 435 13.41 -79.03 -64.38
CA PRO Y 435 13.83 -78.67 -65.74
C PRO Y 435 14.04 -79.91 -66.60
N GLY Y 436 13.64 -79.80 -67.87
CA GLY Y 436 13.79 -80.92 -68.78
C GLY Y 436 15.21 -81.11 -69.24
N SER Y 437 15.46 -82.27 -69.84
CA SER Y 437 16.79 -82.61 -70.35
C SER Y 437 17.06 -81.91 -71.68
N LEU Y 442 18.13 -78.76 -72.37
CA LEU Y 442 19.13 -77.80 -72.82
C LEU Y 442 18.74 -77.18 -74.16
N PRO Y 443 18.44 -75.88 -74.15
CA PRO Y 443 18.05 -75.20 -75.39
C PRO Y 443 19.20 -75.16 -76.39
N GLY Y 444 18.83 -74.96 -77.66
CA GLY Y 444 19.82 -74.89 -78.71
C GLY Y 444 20.65 -73.62 -78.68
N GLU Y 445 20.06 -72.51 -78.22
CA GLU Y 445 20.79 -71.25 -78.15
C GLU Y 445 21.81 -71.28 -77.01
N ILE Y 446 21.46 -71.90 -75.89
CA ILE Y 446 22.39 -71.97 -74.77
C ILE Y 446 23.51 -72.96 -75.06
N LYS Y 447 23.19 -74.07 -75.73
CA LYS Y 447 24.20 -75.06 -76.06
C LYS Y 447 25.23 -74.53 -77.05
N GLN Y 448 24.81 -73.66 -77.97
CA GLN Y 448 25.74 -73.09 -78.94
C GLN Y 448 26.73 -72.13 -78.25
N GLN Y 449 26.26 -71.37 -77.26
CA GLN Y 449 27.13 -70.45 -76.55
C GLN Y 449 27.94 -71.14 -75.45
N LEU Y 450 27.48 -72.29 -74.97
CA LEU Y 450 28.22 -72.99 -73.92
C LEU Y 450 29.40 -73.76 -74.48
N GLU Y 451 29.25 -74.34 -75.67
CA GLU Y 451 30.35 -75.09 -76.27
C GLU Y 451 31.47 -74.17 -76.72
N GLU Y 452 31.16 -72.93 -77.07
CA GLU Y 452 32.20 -71.99 -77.47
C GLU Y 452 33.01 -71.53 -76.26
N LEU Y 453 32.37 -71.35 -75.12
CA LEU Y 453 33.09 -70.97 -73.90
C LEU Y 453 33.86 -72.14 -73.32
N GLU Y 454 33.30 -73.35 -73.42
CA GLU Y 454 34.01 -74.53 -72.92
C GLU Y 454 35.23 -74.84 -73.77
N SER Y 455 35.15 -74.59 -75.07
CA SER Y 455 36.30 -74.81 -75.95
C SER Y 455 37.42 -73.81 -75.67
N ASP Y 456 37.06 -72.60 -75.25
CA ASP Y 456 38.08 -71.61 -74.92
C ASP Y 456 38.83 -71.97 -73.64
N TRP Y 457 38.15 -72.65 -72.70
CA TRP Y 457 38.82 -73.09 -71.47
C TRP Y 457 39.81 -74.21 -71.75
N ARG Y 458 39.51 -75.08 -72.71
CA ARG Y 458 40.44 -76.16 -73.04
C ARG Y 458 41.66 -75.63 -73.79
N LYS Y 459 41.50 -74.56 -74.56
CA LYS Y 459 42.64 -73.98 -75.26
C LYS Y 459 43.58 -73.27 -74.29
N GLN Y 460 43.03 -72.60 -73.29
CA GLN Y 460 43.87 -71.94 -72.28
C GLN Y 460 44.51 -72.95 -71.35
N HIS Y 461 43.82 -74.06 -71.05
CA HIS Y 461 44.40 -75.09 -70.20
C HIS Y 461 45.46 -75.90 -70.92
N ALA Y 462 45.37 -76.00 -72.26
CA ALA Y 462 46.38 -76.72 -73.02
C ALA Y 462 47.71 -75.98 -73.02
N LEU Y 463 47.67 -74.64 -73.00
CA LEU Y 463 48.92 -73.88 -72.95
C LEU Y 463 49.59 -74.01 -71.60
N PHE Y 464 48.80 -74.07 -70.52
CA PHE Y 464 49.36 -74.25 -69.18
C PHE Y 464 49.86 -75.67 -68.94
N SER Y 465 49.26 -76.66 -69.60
CA SER Y 465 49.67 -78.06 -69.45
C SER Y 465 50.84 -78.44 -70.36
N GLU Y 466 51.81 -77.54 -70.53
CA GLU Y 466 52.95 -77.81 -71.38
C GLU Y 466 54.14 -76.96 -70.95
N GLN Y 467 53.86 -75.81 -70.35
CA GLN Y 467 54.89 -74.89 -69.90
C GLN Y 467 55.04 -74.87 -68.38
N GLN Y 468 54.35 -75.78 -67.67
CA GLN Y 468 54.44 -75.83 -66.22
C GLN Y 468 55.76 -76.44 -65.73
N LYS Y 469 56.53 -77.06 -66.61
CA LYS Y 469 57.80 -77.67 -66.24
C LYS Y 469 58.95 -76.66 -66.17
N CYS Y 470 58.65 -75.36 -66.18
CA CYS Y 470 59.70 -74.36 -66.10
C CYS Y 470 60.37 -74.41 -64.73
N LEU Y 471 61.70 -74.55 -64.73
CA LEU Y 471 62.43 -74.66 -63.48
C LEU Y 471 62.46 -73.33 -62.72
N PHE Y 472 62.34 -72.21 -63.43
CA PHE Y 472 62.40 -70.89 -62.83
C PHE Y 472 61.04 -70.40 -62.34
N ILE Y 473 60.20 -71.30 -61.84
CA ILE Y 473 58.89 -70.95 -61.32
C ILE Y 473 58.78 -71.52 -59.91
N PRO Y 474 58.39 -70.72 -58.91
CA PRO Y 474 58.26 -71.23 -57.55
C PRO Y 474 57.18 -72.30 -57.46
N GLY Y 475 57.30 -73.14 -56.43
CA GLY Y 475 56.36 -74.24 -56.26
C GLY Y 475 55.04 -73.83 -55.63
N ASP Y 476 55.04 -72.75 -54.85
CA ASP Y 476 53.81 -72.31 -54.19
C ASP Y 476 52.84 -71.65 -55.15
N TRP Y 477 53.29 -71.24 -56.34
CA TRP Y 477 52.40 -70.61 -57.30
C TRP Y 477 51.59 -71.63 -58.09
N LEU Y 478 52.05 -72.88 -58.15
CA LEU Y 478 51.29 -73.91 -58.86
C LEU Y 478 50.04 -74.32 -58.09
N GLY Y 479 49.98 -74.03 -56.79
CA GLY Y 479 48.82 -74.36 -56.00
C GLY Y 479 47.67 -73.38 -56.12
N ARG Y 480 47.94 -72.18 -56.65
CA ARG Y 480 46.91 -71.16 -56.81
C ARG Y 480 46.49 -70.96 -58.26
N ILE Y 481 47.41 -71.16 -59.21
CA ILE Y 481 47.05 -71.03 -60.62
C ILE Y 481 46.20 -72.21 -61.06
N GLU Y 482 46.56 -73.42 -60.63
CA GLU Y 482 45.77 -74.60 -60.98
C GLU Y 482 44.42 -74.58 -60.28
N ALA Y 483 44.36 -74.05 -59.06
CA ALA Y 483 43.10 -73.97 -58.34
C ALA Y 483 42.14 -72.97 -58.98
N SER Y 484 42.68 -71.94 -59.64
CA SER Y 484 41.82 -70.96 -60.30
C SER Y 484 41.26 -71.50 -61.60
N LEU Y 485 41.99 -72.40 -62.27
CA LEU Y 485 41.51 -72.97 -63.52
C LEU Y 485 40.48 -74.07 -63.27
N GLN Y 486 40.66 -74.85 -62.21
CA GLN Y 486 39.72 -75.91 -61.88
C GLN Y 486 38.41 -75.36 -61.30
N ASP Y 487 38.44 -74.15 -60.74
CA ASP Y 487 37.21 -73.56 -60.20
C ASP Y 487 36.26 -73.17 -61.32
N VAL Y 488 36.78 -72.65 -62.44
CA VAL Y 488 35.94 -72.29 -63.56
C VAL Y 488 35.42 -73.54 -64.27
N GLY Y 489 36.26 -74.57 -64.39
CA GLY Y 489 35.84 -75.79 -65.04
C GLY Y 489 34.80 -76.56 -64.24
N ALA Y 490 34.86 -76.48 -62.91
CA ALA Y 490 33.89 -77.17 -62.08
C ALA Y 490 32.52 -76.50 -62.13
N GLN Y 491 32.46 -75.22 -62.47
CA GLN Y 491 31.19 -74.51 -62.56
C GLN Y 491 30.57 -74.60 -63.95
N ILE Y 492 31.39 -74.61 -65.00
CA ILE Y 492 30.85 -74.69 -66.35
C ILE Y 492 30.28 -76.08 -66.66
N ARG Y 493 30.71 -77.10 -65.92
CA ARG Y 493 30.21 -78.45 -66.12
C ARG Y 493 28.95 -78.73 -65.31
N GLN Y 494 28.50 -77.79 -64.48
CA GLN Y 494 27.31 -77.99 -63.67
C GLN Y 494 26.03 -77.60 -64.40
N ALA Y 495 26.07 -76.52 -65.19
CA ALA Y 495 24.88 -76.07 -65.90
C ALA Y 495 24.51 -77.00 -67.06
N GLN Y 496 25.47 -77.77 -67.58
CA GLN Y 496 25.23 -78.68 -68.69
C GLN Y 496 24.71 -80.03 -68.23
N GLN Y 497 24.46 -80.22 -66.93
CA GLN Y 497 23.95 -81.48 -66.42
C GLN Y 497 22.48 -81.66 -66.75
N HIS Z 3 77.58 -23.88 -99.82
CA HIS Z 3 78.28 -24.45 -98.68
C HIS Z 3 77.44 -24.43 -97.38
N PRO Z 4 76.81 -23.29 -97.05
CA PRO Z 4 75.95 -23.29 -95.84
C PRO Z 4 74.72 -24.18 -95.96
N HIS Z 5 74.25 -24.46 -97.17
CA HIS Z 5 73.08 -25.31 -97.33
C HIS Z 5 73.39 -26.77 -97.04
N LEU Z 6 74.64 -27.19 -97.24
CA LEU Z 6 75.04 -28.56 -96.98
C LEU Z 6 75.27 -28.85 -95.50
N LEU Z 7 75.30 -27.81 -94.65
CA LEU Z 7 75.50 -28.02 -93.23
C LEU Z 7 74.26 -28.56 -92.54
N ALA Z 8 73.07 -28.16 -92.98
CA ALA Z 8 71.84 -28.63 -92.37
C ALA Z 8 71.61 -30.11 -92.64
N GLU Z 9 72.15 -30.64 -93.75
CA GLU Z 9 71.97 -32.04 -94.07
C GLU Z 9 72.89 -32.94 -93.23
N ARG Z 10 74.09 -32.46 -92.93
CA ARG Z 10 75.03 -33.25 -92.14
C ARG Z 10 74.59 -33.33 -90.68
N ILE Z 11 73.97 -32.26 -90.16
CA ILE Z 11 73.50 -32.27 -88.79
C ILE Z 11 72.26 -33.15 -88.65
N SER Z 12 71.40 -33.17 -89.68
CA SER Z 12 70.20 -33.99 -89.63
C SER Z 12 70.55 -35.48 -89.63
N ARG Z 13 71.63 -35.85 -90.32
CA ARG Z 13 72.06 -37.25 -90.32
C ARG Z 13 72.86 -37.63 -89.09
N LEU Z 14 73.44 -36.64 -88.39
CA LEU Z 14 74.20 -36.94 -87.18
C LEU Z 14 73.27 -37.29 -86.03
N SER Z 15 72.17 -36.55 -85.87
CA SER Z 15 71.21 -36.81 -84.81
C SER Z 15 70.29 -37.98 -85.13
N SER Z 16 70.32 -38.50 -86.35
CA SER Z 16 69.47 -39.63 -86.69
C SER Z 16 69.94 -40.90 -85.98
N SER Z 17 71.25 -41.14 -85.95
CA SER Z 17 71.79 -42.30 -85.24
C SER Z 17 71.76 -42.12 -83.73
N LEU Z 18 71.74 -40.87 -83.25
CA LEU Z 18 71.68 -40.64 -81.81
C LEU Z 18 70.29 -40.95 -81.26
N GLU Z 19 69.25 -40.77 -82.06
CA GLU Z 19 67.90 -41.05 -81.61
C GLU Z 19 67.60 -42.55 -81.59
N LYS Z 20 68.29 -43.34 -82.40
CA LYS Z 20 68.06 -44.78 -82.46
C LYS Z 20 68.41 -45.43 -81.12
N GLY Z 21 67.39 -45.82 -80.37
CA GLY Z 21 67.56 -46.44 -79.06
C GLY Z 21 66.83 -45.72 -77.94
N LEU Z 22 66.41 -44.47 -78.15
CA LEU Z 22 65.70 -43.69 -77.15
C LEU Z 22 64.48 -43.07 -77.81
N TYR Z 23 63.31 -43.68 -77.59
CA TYR Z 23 62.07 -43.20 -78.17
C TYR Z 23 61.46 -42.13 -77.28
N GLU Z 24 60.72 -41.21 -77.90
CA GLU Z 24 60.08 -40.09 -77.22
C GLU Z 24 61.09 -39.24 -76.45
N ARG Z 25 62.32 -39.17 -76.95
CA ARG Z 25 63.38 -38.38 -76.33
C ARG Z 25 64.10 -37.52 -77.35
N SER Z 26 63.41 -37.11 -78.41
CA SER Z 26 64.03 -36.27 -79.43
C SER Z 26 64.33 -34.88 -78.91
N HIS Z 27 63.54 -34.38 -77.95
CA HIS Z 27 63.77 -33.06 -77.39
C HIS Z 27 64.90 -33.05 -76.37
N ALA Z 28 65.27 -34.21 -75.82
CA ALA Z 28 66.34 -34.30 -74.85
C ALA Z 28 67.69 -34.63 -75.48
N ILE Z 29 67.72 -35.02 -76.75
CA ILE Z 29 68.95 -35.36 -77.45
C ILE Z 29 69.35 -34.27 -78.43
N ARG Z 30 68.40 -33.74 -79.20
CA ARG Z 30 68.72 -32.70 -80.18
C ARG Z 30 69.11 -31.39 -79.49
N LEU Z 31 68.59 -31.15 -78.29
CA LEU Z 31 68.94 -29.92 -77.58
C LEU Z 31 70.34 -29.98 -77.00
N CYS Z 32 70.81 -31.18 -76.64
CA CYS Z 32 72.16 -31.30 -76.10
C CYS Z 32 73.22 -31.15 -77.18
N LEU Z 33 72.86 -31.43 -78.44
CA LEU Z 33 73.82 -31.27 -79.52
C LEU Z 33 74.06 -29.80 -79.84
N LEU Z 34 73.04 -28.96 -79.67
CA LEU Z 34 73.21 -27.53 -79.94
C LEU Z 34 74.08 -26.87 -78.88
N ALA Z 35 73.91 -27.27 -77.62
CA ALA Z 35 74.72 -26.71 -76.54
C ALA Z 35 76.15 -27.22 -76.56
N ALA Z 36 76.39 -28.38 -77.19
CA ALA Z 36 77.74 -28.92 -77.24
C ALA Z 36 78.56 -28.25 -78.34
N LEU Z 37 77.93 -27.89 -79.45
CA LEU Z 37 78.64 -27.24 -80.55
C LEU Z 37 78.72 -25.73 -80.40
N SER Z 38 78.07 -25.16 -79.39
CA SER Z 38 78.09 -23.73 -79.16
C SER Z 38 78.71 -23.33 -77.83
N GLY Z 39 78.91 -24.27 -76.92
CA GLY Z 39 79.49 -23.95 -75.63
C GLY Z 39 78.49 -23.52 -74.57
N GLU Z 40 77.36 -24.20 -74.50
CA GLU Z 40 76.32 -23.88 -73.53
C GLU Z 40 76.11 -25.07 -72.58
N SER Z 41 75.12 -24.93 -71.69
CA SER Z 41 74.80 -25.95 -70.72
C SER Z 41 73.36 -26.41 -70.92
N VAL Z 42 72.96 -27.40 -70.10
CA VAL Z 42 71.63 -27.97 -70.17
C VAL Z 42 71.32 -28.63 -68.83
N PHE Z 43 70.05 -28.57 -68.43
CA PHE Z 43 69.60 -29.14 -67.17
C PHE Z 43 68.39 -30.03 -67.42
N LEU Z 44 68.35 -31.17 -66.73
CA LEU Z 44 67.25 -32.12 -66.83
C LEU Z 44 66.56 -32.26 -65.49
N LEU Z 45 65.30 -32.68 -65.52
CA LEU Z 45 64.51 -32.85 -64.31
C LEU Z 45 63.48 -33.94 -64.53
N GLY Z 46 63.34 -34.82 -63.55
CA GLY Z 46 62.40 -35.92 -63.62
C GLY Z 46 62.77 -37.06 -62.70
N PRO Z 47 61.94 -38.11 -62.68
CA PRO Z 47 62.23 -39.24 -61.82
C PRO Z 47 63.41 -40.04 -62.35
N PRO Z 48 64.21 -40.64 -61.47
CA PRO Z 48 65.37 -41.43 -61.94
C PRO Z 48 64.92 -42.66 -62.70
N GLY Z 49 65.18 -42.66 -64.01
CA GLY Z 49 64.82 -43.79 -64.84
C GLY Z 49 64.06 -43.40 -66.09
N ILE Z 50 64.33 -42.20 -66.60
CA ILE Z 50 63.66 -41.72 -67.81
C ILE Z 50 64.71 -41.32 -68.83
N ALA Z 51 65.82 -42.08 -68.87
CA ALA Z 51 66.93 -41.84 -69.80
C ALA Z 51 67.51 -40.43 -69.63
N LYS Z 52 68.24 -40.27 -68.53
CA LYS Z 52 68.90 -39.02 -68.20
C LYS Z 52 70.41 -39.10 -68.19
N SER Z 53 70.97 -40.29 -67.97
CA SER Z 53 72.42 -40.48 -67.96
C SER Z 53 72.97 -41.02 -69.27
N LEU Z 54 72.12 -41.66 -70.09
CA LEU Z 54 72.60 -42.18 -71.37
C LEU Z 54 72.83 -41.07 -72.38
N ILE Z 55 72.07 -39.98 -72.29
CA ILE Z 55 72.24 -38.88 -73.23
C ILE Z 55 73.60 -38.21 -73.03
N ALA Z 56 74.17 -38.29 -71.83
CA ALA Z 56 75.50 -37.75 -71.59
C ALA Z 56 76.58 -38.66 -72.14
N ARG Z 57 76.30 -39.95 -72.28
CA ARG Z 57 77.25 -40.92 -72.82
C ARG Z 57 77.02 -41.22 -74.29
N ARG Z 58 75.96 -40.68 -74.88
CA ARG Z 58 75.66 -40.89 -76.29
C ARG Z 58 76.19 -39.79 -77.19
N LEU Z 59 76.19 -38.54 -76.71
CA LEU Z 59 76.69 -37.42 -77.49
C LEU Z 59 78.21 -37.44 -77.65
N LYS Z 60 78.93 -38.24 -76.86
CA LYS Z 60 80.37 -38.29 -76.98
C LYS Z 60 80.82 -39.04 -78.23
N PHE Z 61 79.97 -39.89 -78.81
CA PHE Z 61 80.33 -40.63 -80.00
C PHE Z 61 80.28 -39.78 -81.27
N ALA Z 62 79.64 -38.60 -81.20
CA ALA Z 62 79.57 -37.72 -82.35
C ALA Z 62 80.86 -36.93 -82.57
N PHE Z 63 81.81 -37.00 -81.65
CA PHE Z 63 83.07 -36.30 -81.75
C PHE Z 63 84.19 -37.29 -82.08
N GLN Z 64 85.44 -36.89 -81.86
CA GLN Z 64 86.58 -37.75 -82.14
C GLN Z 64 87.52 -37.80 -80.94
N ASN Z 65 87.43 -36.80 -80.06
CA ASN Z 65 88.26 -36.71 -78.85
C ASN Z 65 87.39 -36.23 -77.70
N ALA Z 66 86.48 -37.10 -77.26
CA ALA Z 66 85.58 -36.81 -76.15
C ALA Z 66 85.79 -37.80 -75.03
N ARG Z 67 85.54 -37.35 -73.80
CA ARG Z 67 85.70 -38.18 -72.61
C ARG Z 67 84.45 -38.09 -71.76
N ALA Z 68 83.99 -39.23 -71.27
CA ALA Z 68 82.80 -39.30 -70.44
C ALA Z 68 83.17 -39.22 -68.96
N PHE Z 69 82.20 -38.78 -68.15
CA PHE Z 69 82.42 -38.65 -66.71
C PHE Z 69 81.04 -38.67 -66.03
N GLU Z 70 80.61 -39.86 -65.63
CA GLU Z 70 79.34 -40.04 -64.95
C GLU Z 70 79.58 -40.05 -63.44
N TYR Z 71 79.22 -38.96 -62.78
CA TYR Z 71 79.41 -38.81 -61.35
C TYR Z 71 78.06 -38.57 -60.66
N LEU Z 72 77.98 -39.00 -59.41
CA LEU Z 72 76.77 -38.84 -58.60
C LEU Z 72 77.13 -38.07 -57.34
N MET Z 73 76.55 -36.86 -57.21
CA MET Z 73 76.81 -36.05 -56.02
C MET Z 73 76.03 -36.59 -54.83
N THR Z 74 76.70 -36.68 -53.69
CA THR Z 74 76.10 -37.16 -52.45
C THR Z 74 76.12 -36.07 -51.41
N ARG Z 75 75.50 -36.35 -50.26
CA ARG Z 75 75.45 -35.39 -49.16
C ARG Z 75 76.78 -35.29 -48.42
N PHE Z 76 77.68 -36.25 -48.62
CA PHE Z 76 78.99 -36.24 -47.96
C PHE Z 76 80.12 -36.25 -48.98
N SER Z 77 79.88 -35.70 -50.17
CA SER Z 77 80.88 -35.66 -51.22
C SER Z 77 81.94 -34.61 -50.92
N THR Z 78 83.17 -34.88 -51.37
CA THR Z 78 84.29 -33.99 -51.17
C THR Z 78 84.82 -33.49 -52.51
N PRO Z 79 85.34 -32.26 -52.58
CA PRO Z 79 85.89 -31.77 -53.85
C PRO Z 79 87.09 -32.56 -54.34
N GLU Z 80 87.81 -33.25 -53.45
CA GLU Z 80 88.96 -34.04 -53.88
C GLU Z 80 88.55 -35.29 -54.63
N GLU Z 81 87.31 -35.75 -54.48
CA GLU Z 81 86.82 -36.94 -55.17
C GLU Z 81 86.05 -36.60 -56.45
N VAL Z 82 85.87 -35.32 -56.75
CA VAL Z 82 85.16 -34.89 -57.95
C VAL Z 82 86.12 -34.48 -59.05
N PHE Z 83 87.04 -33.55 -58.76
CA PHE Z 83 88.00 -33.08 -59.75
C PHE Z 83 89.26 -33.92 -59.79
N GLY Z 84 89.68 -34.48 -58.66
CA GLY Z 84 90.87 -35.29 -58.61
C GLY Z 84 91.66 -35.07 -57.32
N PRO Z 85 92.17 -36.14 -56.74
CA PRO Z 85 92.94 -36.00 -55.50
C PRO Z 85 94.30 -35.37 -55.76
N LEU Z 86 94.75 -34.59 -54.78
CA LEU Z 86 96.04 -33.92 -54.89
C LEU Z 86 97.17 -34.86 -54.48
N SER Z 87 98.39 -34.47 -54.83
CA SER Z 87 99.57 -35.26 -54.51
C SER Z 87 100.24 -34.75 -53.24
N GLU Z 98 99.10 -29.75 -59.21
CA GLU Z 98 99.39 -30.62 -58.08
C GLU Z 98 98.28 -31.64 -57.86
N ARG Z 99 97.14 -31.41 -58.50
CA ARG Z 99 95.98 -32.28 -58.39
C ARG Z 99 95.98 -33.28 -59.54
N LEU Z 100 95.91 -34.57 -59.20
CA LEU Z 100 95.89 -35.64 -60.18
C LEU Z 100 94.52 -35.68 -60.84
N THR Z 101 94.37 -34.87 -61.89
CA THR Z 101 93.12 -34.77 -62.64
C THR Z 101 93.17 -35.58 -63.94
N SER Z 102 93.58 -36.84 -63.86
CA SER Z 102 93.69 -37.69 -65.05
C SER Z 102 92.32 -38.28 -65.36
N GLY Z 103 91.62 -37.68 -66.33
CA GLY Z 103 90.31 -38.15 -66.73
C GLY Z 103 89.24 -37.87 -65.69
N TYR Z 104 88.82 -36.60 -65.59
CA TYR Z 104 87.80 -36.21 -64.63
C TYR Z 104 86.91 -35.11 -65.19
N LEU Z 105 87.35 -33.85 -65.04
CA LEU Z 105 86.55 -32.71 -65.50
C LEU Z 105 87.43 -31.59 -66.06
N PRO Z 106 88.53 -31.20 -65.42
CA PRO Z 106 89.37 -30.14 -66.00
C PRO Z 106 89.93 -30.48 -67.37
N GLU Z 107 90.07 -31.76 -67.71
CA GLU Z 107 90.56 -32.17 -69.01
C GLU Z 107 89.52 -32.92 -69.83
N ALA Z 108 88.32 -33.12 -69.28
CA ALA Z 108 87.26 -33.81 -70.00
C ALA Z 108 86.47 -32.83 -70.86
N GLU Z 109 85.59 -33.37 -71.69
CA GLU Z 109 84.75 -32.57 -72.58
C GLU Z 109 83.28 -32.61 -72.22
N ILE Z 110 82.73 -33.79 -71.96
CA ILE Z 110 81.33 -33.96 -71.59
C ILE Z 110 81.29 -34.66 -70.25
N VAL Z 111 80.82 -33.94 -69.22
CA VAL Z 111 80.72 -34.49 -67.87
C VAL Z 111 79.24 -34.57 -67.49
N PHE Z 112 78.94 -35.53 -66.62
CA PHE Z 112 77.58 -35.78 -66.15
C PHE Z 112 77.57 -35.70 -64.63
N LEU Z 113 76.61 -34.94 -64.09
CA LEU Z 113 76.47 -34.76 -62.65
C LEU Z 113 75.01 -34.97 -62.28
N ASP Z 114 74.71 -36.08 -61.61
CA ASP Z 114 73.36 -36.40 -61.18
C ASP Z 114 73.18 -36.04 -59.71
N GLU Z 115 71.96 -35.61 -59.38
CA GLU Z 115 71.61 -35.19 -58.01
C GLU Z 115 72.54 -34.08 -57.53
N ILE Z 116 72.57 -33.00 -58.31
CA ILE Z 116 73.44 -31.87 -58.00
C ILE Z 116 72.94 -31.03 -56.83
N TRP Z 117 71.70 -31.23 -56.41
CA TRP Z 117 71.10 -30.42 -55.34
C TRP Z 117 71.37 -30.99 -53.96
N LYS Z 118 72.57 -31.55 -53.73
CA LYS Z 118 72.88 -32.07 -52.40
C LYS Z 118 74.37 -32.07 -52.09
N ALA Z 119 75.20 -31.33 -52.83
CA ALA Z 119 76.63 -31.29 -52.58
C ALA Z 119 76.94 -30.29 -51.46
N GLY Z 120 78.22 -30.18 -51.12
CA GLY Z 120 78.66 -29.28 -50.08
C GLY Z 120 78.85 -27.87 -50.58
N PRO Z 121 79.19 -26.95 -49.67
CA PRO Z 121 79.40 -25.56 -50.10
C PRO Z 121 80.68 -25.37 -50.90
N ALA Z 122 81.69 -26.22 -50.69
CA ALA Z 122 82.93 -26.08 -51.45
C ALA Z 122 82.79 -26.58 -52.87
N ILE Z 123 81.88 -27.52 -53.12
CA ILE Z 123 81.68 -28.04 -54.47
C ILE Z 123 80.94 -27.03 -55.32
N LEU Z 124 79.95 -26.36 -54.74
CA LEU Z 124 79.17 -25.37 -55.49
C LEU Z 124 80.01 -24.16 -55.87
N ASN Z 125 80.99 -23.79 -55.03
CA ASN Z 125 81.82 -22.63 -55.33
C ASN Z 125 82.79 -22.91 -56.47
N THR Z 126 83.11 -24.18 -56.72
CA THR Z 126 84.02 -24.51 -57.81
C THR Z 126 83.29 -24.68 -59.14
N LEU Z 127 82.00 -25.01 -59.10
CA LEU Z 127 81.23 -25.18 -60.33
C LEU Z 127 80.83 -23.85 -60.97
N LEU Z 128 80.90 -22.75 -60.22
CA LEU Z 128 80.52 -21.45 -60.77
C LEU Z 128 81.65 -20.83 -61.57
N THR Z 129 82.90 -21.19 -61.29
CA THR Z 129 84.04 -20.63 -62.01
C THR Z 129 84.38 -21.41 -63.27
N ALA Z 130 83.84 -22.62 -63.43
CA ALA Z 130 84.11 -23.45 -64.60
C ALA Z 130 83.05 -23.30 -65.69
N ILE Z 131 82.25 -22.24 -65.64
CA ILE Z 131 81.21 -21.99 -66.62
C ILE Z 131 81.39 -20.63 -67.29
N ASN Z 132 81.57 -19.57 -66.49
CA ASN Z 132 81.72 -18.24 -67.06
C ASN Z 132 83.08 -18.05 -67.71
N GLU Z 133 84.13 -18.59 -67.09
CA GLU Z 133 85.50 -18.44 -67.61
C GLU Z 133 86.12 -19.75 -68.06
N ARG Z 134 85.45 -20.89 -67.84
CA ARG Z 134 85.97 -22.21 -68.22
C ARG Z 134 87.33 -22.46 -67.57
N GLN Z 135 87.49 -22.01 -66.32
CA GLN Z 135 88.74 -22.15 -65.60
C GLN Z 135 88.49 -22.87 -64.27
N PHE Z 136 89.59 -23.29 -63.64
CA PHE Z 136 89.52 -23.99 -62.37
C PHE Z 136 90.85 -23.86 -61.66
N ARG Z 137 90.82 -23.48 -60.38
CA ARG Z 137 92.04 -23.30 -59.62
C ARG Z 137 92.72 -24.63 -59.36
N ASN Z 138 94.06 -24.61 -59.31
CA ASN Z 138 94.86 -25.80 -59.07
C ASN Z 138 95.98 -25.47 -58.08
N GLY Z 139 95.58 -25.12 -56.86
CA GLY Z 139 96.53 -24.80 -55.82
C GLY Z 139 96.97 -23.36 -55.82
N ALA Z 140 97.51 -22.89 -56.95
CA ALA Z 140 97.98 -21.52 -57.06
C ALA Z 140 97.25 -20.79 -58.18
N HIS Z 141 97.62 -21.06 -59.43
CA HIS Z 141 97.01 -20.41 -60.58
C HIS Z 141 95.85 -21.26 -61.10
N VAL Z 142 95.30 -20.88 -62.25
CA VAL Z 142 94.19 -21.60 -62.86
C VAL Z 142 94.63 -22.17 -64.20
N GLU Z 143 93.73 -22.89 -64.86
CA GLU Z 143 94.03 -23.48 -66.16
C GLU Z 143 92.74 -23.60 -66.95
N LYS Z 144 92.89 -23.66 -68.27
CA LYS Z 144 91.73 -23.77 -69.15
C LYS Z 144 91.17 -25.19 -69.13
N ILE Z 145 89.89 -25.29 -69.43
CA ILE Z 145 89.16 -26.56 -69.46
C ILE Z 145 88.53 -26.71 -70.83
N PRO Z 146 88.85 -27.76 -71.61
CA PRO Z 146 88.23 -27.97 -72.92
C PRO Z 146 86.84 -28.58 -72.85
N MET Z 147 86.01 -28.07 -71.95
CA MET Z 147 84.65 -28.57 -71.79
C MET Z 147 83.77 -28.11 -72.94
N ARG Z 148 83.01 -29.03 -73.52
CA ARG Z 148 82.14 -28.74 -74.64
C ARG Z 148 80.66 -28.82 -74.30
N LEU Z 149 80.26 -29.75 -73.43
CA LEU Z 149 78.86 -29.90 -73.05
C LEU Z 149 78.76 -30.13 -71.56
N LEU Z 150 77.85 -29.40 -70.91
CA LEU Z 150 77.60 -29.52 -69.49
C LEU Z 150 76.15 -29.93 -69.28
N VAL Z 151 75.94 -31.10 -68.67
CA VAL Z 151 74.61 -31.63 -68.44
C VAL Z 151 74.48 -31.96 -66.96
N ALA Z 152 73.26 -31.79 -66.43
CA ALA Z 152 72.99 -32.08 -65.02
C ALA Z 152 71.53 -32.49 -64.88
N ALA Z 153 71.31 -33.58 -64.15
CA ALA Z 153 69.96 -34.08 -63.91
C ALA Z 153 69.76 -34.29 -62.41
N SER Z 154 68.49 -34.34 -62.00
CA SER Z 154 68.15 -34.53 -60.60
C SER Z 154 66.75 -35.11 -60.46
N ASN Z 155 65.98 -34.62 -59.48
CA ASN Z 155 64.63 -35.11 -59.25
C ASN Z 155 63.78 -34.07 -58.55
N GLU Z 156 64.29 -33.48 -57.47
CA GLU Z 156 63.56 -32.51 -56.68
C GLU Z 156 63.99 -31.10 -57.07
N LEU Z 157 63.38 -30.11 -56.41
CA LEU Z 157 63.66 -28.70 -56.65
C LEU Z 157 64.30 -28.07 -55.42
N PRO Z 158 65.19 -27.11 -55.60
CA PRO Z 158 65.84 -26.46 -54.45
C PRO Z 158 64.91 -25.53 -53.70
N GLU Z 159 65.40 -24.93 -52.62
CA GLU Z 159 64.61 -24.01 -51.83
C GLU Z 159 64.51 -22.64 -52.52
N ALA Z 160 63.64 -21.79 -51.98
CA ALA Z 160 63.47 -20.46 -52.56
C ALA Z 160 64.53 -19.48 -52.06
N ASP Z 161 65.06 -19.70 -50.85
CA ASP Z 161 66.09 -18.83 -50.27
C ASP Z 161 67.25 -19.72 -49.83
N SER Z 162 68.13 -20.04 -50.76
CA SER Z 162 69.29 -20.88 -50.49
C SER Z 162 70.43 -20.48 -51.41
N SER Z 163 71.62 -21.04 -51.14
CA SER Z 163 72.80 -20.77 -51.94
C SER Z 163 72.88 -21.61 -53.20
N LEU Z 164 71.96 -22.55 -53.40
CA LEU Z 164 71.98 -23.41 -54.58
C LEU Z 164 71.39 -22.72 -55.81
N GLU Z 165 70.74 -21.57 -55.64
CA GLU Z 165 70.14 -20.86 -56.77
C GLU Z 165 71.16 -20.10 -57.60
N ALA Z 166 72.42 -20.01 -57.14
CA ALA Z 166 73.43 -19.30 -57.91
C ALA Z 166 73.85 -20.10 -59.14
N LEU Z 167 73.73 -21.43 -59.09
CA LEU Z 167 74.07 -22.27 -60.23
C LEU Z 167 72.90 -22.48 -61.18
N TYR Z 168 71.68 -22.51 -60.66
CA TYR Z 168 70.52 -22.73 -61.53
C TYR Z 168 70.24 -21.53 -62.42
N ASP Z 169 70.48 -20.32 -61.91
CA ASP Z 169 70.21 -19.11 -62.70
C ASP Z 169 71.23 -18.90 -63.81
N ARG Z 170 72.32 -19.69 -63.84
CA ARG Z 170 73.33 -19.55 -64.87
C ARG Z 170 73.15 -20.53 -66.02
N MET Z 171 72.43 -21.63 -65.80
CA MET Z 171 72.20 -22.59 -66.88
C MET Z 171 71.18 -22.04 -67.87
N LEU Z 172 71.31 -22.46 -69.13
CA LEU Z 172 70.46 -21.94 -70.21
C LEU Z 172 69.24 -22.83 -70.41
N ILE Z 173 69.44 -24.01 -70.98
CA ILE Z 173 68.33 -24.90 -71.32
C ILE Z 173 67.89 -25.65 -70.08
N ARG Z 174 66.58 -25.65 -69.83
CA ARG Z 174 65.98 -26.39 -68.71
C ARG Z 174 65.01 -27.41 -69.30
N LEU Z 175 65.52 -28.61 -69.57
CA LEU Z 175 64.68 -29.65 -70.16
C LEU Z 175 63.66 -30.16 -69.15
N TRP Z 176 62.52 -30.61 -69.68
CA TRP Z 176 61.42 -31.13 -68.87
C TRP Z 176 61.06 -32.51 -69.41
N LEU Z 177 61.74 -33.54 -68.90
CA LEU Z 177 61.50 -34.91 -69.33
C LEU Z 177 60.44 -35.57 -68.45
N ASP Z 178 59.85 -36.62 -68.99
CA ASP Z 178 58.81 -37.36 -68.28
C ASP Z 178 58.77 -38.78 -68.82
N LYS Z 179 58.07 -39.66 -68.10
CA LYS Z 179 57.95 -41.04 -68.50
C LYS Z 179 57.12 -41.16 -69.78
N VAL Z 180 57.15 -42.35 -70.38
CA VAL Z 180 56.42 -42.59 -71.62
C VAL Z 180 54.93 -42.63 -71.33
N GLN Z 181 54.14 -42.24 -72.34
CA GLN Z 181 52.69 -42.22 -72.20
C GLN Z 181 52.03 -42.92 -73.37
N ASP Z 182 52.63 -42.82 -74.56
CA ASP Z 182 52.07 -43.44 -75.75
C ASP Z 182 52.26 -44.96 -75.71
N LYS Z 183 51.26 -45.67 -76.22
CA LYS Z 183 51.30 -47.12 -76.25
C LYS Z 183 52.02 -47.67 -77.48
N ALA Z 184 51.91 -46.99 -78.62
CA ALA Z 184 52.58 -47.47 -79.83
C ALA Z 184 54.09 -47.34 -79.71
N ASN Z 185 54.57 -46.26 -79.10
CA ASN Z 185 56.00 -46.06 -78.92
C ASN Z 185 56.58 -46.89 -77.79
N PHE Z 186 55.75 -47.56 -77.01
CA PHE Z 186 56.23 -48.38 -75.90
C PHE Z 186 56.43 -49.85 -76.30
N ARG Z 187 55.82 -50.29 -77.39
CA ARG Z 187 55.97 -51.68 -77.82
C ARG Z 187 57.40 -51.98 -78.23
N SER Z 188 57.95 -51.18 -79.13
CA SER Z 188 59.33 -51.39 -79.57
C SER Z 188 60.32 -50.99 -78.48
N MET Z 189 59.94 -50.07 -77.59
CA MET Z 189 60.83 -49.67 -76.51
C MET Z 189 60.93 -50.75 -75.44
N LEU Z 190 59.85 -51.51 -75.23
CA LEU Z 190 59.87 -52.57 -74.22
C LEU Z 190 60.81 -53.70 -74.63
N THR Z 191 60.87 -54.02 -75.92
CA THR Z 191 61.75 -55.07 -76.41
C THR Z 191 62.72 -54.52 -77.44
N SER Z 192 63.63 -53.64 -77.02
CA SER Z 192 64.61 -53.04 -77.91
C SER Z 192 65.89 -53.87 -77.92
N GLN Z 193 66.48 -54.00 -79.10
CA GLN Z 193 67.71 -54.75 -79.29
C GLN Z 193 68.92 -53.86 -79.55
N GLN Z 194 68.74 -52.55 -79.57
CA GLN Z 194 69.85 -51.64 -79.82
C GLN Z 194 70.71 -51.51 -78.57
N ASP Z 195 72.02 -51.73 -78.73
CA ASP Z 195 72.95 -51.63 -77.63
C ASP Z 195 73.23 -50.17 -77.30
N GLU Z 196 73.39 -49.89 -76.00
CA GLU Z 196 73.66 -48.54 -75.52
C GLU Z 196 75.13 -48.29 -75.24
N ASN Z 197 76.01 -49.20 -75.64
CA ASN Z 197 77.44 -49.05 -75.42
C ASN Z 197 78.29 -49.21 -76.67
N ASP Z 198 77.66 -49.32 -77.84
CA ASP Z 198 78.39 -49.47 -79.10
C ASP Z 198 78.62 -48.09 -79.70
N ASN Z 199 78.96 -48.03 -81.00
CA ASN Z 199 79.23 -46.78 -81.71
C ASN Z 199 78.31 -46.72 -82.92
N PRO Z 200 77.05 -46.31 -82.73
CA PRO Z 200 76.13 -46.21 -83.89
C PRO Z 200 76.41 -45.03 -84.80
N VAL Z 201 77.25 -44.09 -84.40
CA VAL Z 201 77.55 -42.92 -85.23
C VAL Z 201 78.64 -43.30 -86.23
N PRO Z 202 78.42 -43.07 -87.52
CA PRO Z 202 79.45 -43.39 -88.52
C PRO Z 202 80.68 -42.52 -88.35
N ASP Z 203 81.78 -42.97 -88.98
CA ASP Z 203 83.03 -42.22 -88.90
C ASP Z 203 83.04 -41.02 -89.85
N ALA Z 204 82.09 -40.93 -90.77
CA ALA Z 204 82.02 -39.81 -91.70
C ALA Z 204 81.19 -38.64 -91.18
N LEU Z 205 80.42 -38.84 -90.12
CA LEU Z 205 79.58 -37.80 -89.55
C LEU Z 205 80.19 -37.17 -88.30
N GLN Z 206 81.35 -37.64 -87.85
CA GLN Z 206 82.00 -37.11 -86.66
C GLN Z 206 82.87 -35.92 -87.03
N VAL Z 207 82.70 -34.81 -86.31
CA VAL Z 207 83.48 -33.62 -86.59
C VAL Z 207 84.86 -33.74 -85.93
N THR Z 208 85.81 -32.98 -86.46
CA THR Z 208 87.17 -32.98 -85.97
C THR Z 208 87.37 -31.83 -84.96
N ASP Z 209 88.58 -31.74 -84.43
CA ASP Z 209 88.89 -30.67 -83.47
C ASP Z 209 89.09 -29.33 -84.17
N GLU Z 210 89.43 -29.35 -85.45
CA GLU Z 210 89.62 -28.09 -86.18
C GLU Z 210 88.29 -27.44 -86.52
N GLU Z 211 87.28 -28.25 -86.85
CA GLU Z 211 85.97 -27.71 -87.18
C GLU Z 211 85.23 -27.17 -85.97
N TYR Z 212 85.60 -27.60 -84.76
CA TYR Z 212 84.93 -27.12 -83.57
C TYR Z 212 85.38 -25.71 -83.21
N GLU Z 213 86.69 -25.43 -83.33
CA GLU Z 213 87.20 -24.10 -83.00
C GLU Z 213 86.76 -23.07 -84.03
N ARG Z 214 86.48 -23.49 -85.26
CA ARG Z 214 86.05 -22.55 -86.29
C ARG Z 214 84.56 -22.21 -86.15
N TRP Z 215 83.75 -23.16 -85.68
CA TRP Z 215 82.32 -22.90 -85.54
C TRP Z 215 82.02 -21.99 -84.36
N GLN Z 216 82.90 -21.96 -83.36
CA GLN Z 216 82.68 -21.12 -82.19
C GLN Z 216 82.79 -19.63 -82.51
N LYS Z 217 83.47 -19.27 -83.60
CA LYS Z 217 83.63 -17.88 -83.97
C LYS Z 217 82.55 -17.42 -84.96
N GLU Z 218 82.06 -18.31 -85.80
CA GLU Z 218 81.06 -17.95 -86.81
C GLU Z 218 79.66 -17.79 -86.23
N ILE Z 219 79.45 -18.16 -84.96
CA ILE Z 219 78.14 -18.00 -84.35
C ILE Z 219 77.85 -16.53 -84.08
N GLY Z 220 78.85 -15.80 -83.56
CA GLY Z 220 78.68 -14.38 -83.29
C GLY Z 220 78.56 -13.51 -84.51
N GLU Z 221 78.86 -14.03 -85.70
CA GLU Z 221 78.78 -13.28 -86.94
C GLU Z 221 77.38 -13.29 -87.54
N ILE Z 222 76.42 -13.95 -86.90
CA ILE Z 222 75.06 -13.99 -87.41
C ILE Z 222 74.39 -12.64 -87.19
N THR Z 223 73.85 -12.06 -88.26
CA THR Z 223 73.20 -10.76 -88.16
C THR Z 223 71.88 -10.87 -87.42
N LEU Z 224 71.48 -9.78 -86.78
CA LEU Z 224 70.24 -9.71 -86.03
C LEU Z 224 69.24 -8.84 -86.78
N PRO Z 225 68.23 -9.44 -87.43
CA PRO Z 225 67.27 -8.64 -88.18
C PRO Z 225 66.43 -7.76 -87.27
N ASP Z 226 65.90 -6.68 -87.86
CA ASP Z 226 65.09 -5.75 -87.10
C ASP Z 226 63.75 -6.35 -86.70
N HIS Z 227 63.22 -7.28 -87.51
CA HIS Z 227 61.95 -7.92 -87.17
C HIS Z 227 62.10 -8.87 -85.99
N VAL Z 228 63.29 -9.43 -85.80
CA VAL Z 228 63.51 -10.34 -84.68
C VAL Z 228 63.60 -9.57 -83.37
N PHE Z 229 64.22 -8.39 -83.40
CA PHE Z 229 64.36 -7.60 -82.18
C PHE Z 229 63.01 -7.09 -81.69
N GLU Z 230 62.04 -6.94 -82.60
CA GLU Z 230 60.71 -6.48 -82.20
C GLU Z 230 59.96 -7.54 -81.40
N LEU Z 231 60.33 -8.82 -81.53
CA LEU Z 231 59.69 -9.89 -80.79
C LEU Z 231 60.41 -10.22 -79.49
N ILE Z 232 61.73 -10.06 -79.45
CA ILE Z 232 62.47 -10.35 -78.23
C ILE Z 232 62.24 -9.26 -77.20
N PHE Z 233 62.26 -8.00 -77.63
CA PHE Z 233 62.03 -6.89 -76.70
C PHE Z 233 60.58 -6.87 -76.22
N MET Z 234 59.64 -7.29 -77.06
CA MET Z 234 58.24 -7.33 -76.63
C MET Z 234 57.99 -8.45 -75.63
N LEU Z 235 58.70 -9.56 -75.76
CA LEU Z 235 58.53 -10.66 -74.81
C LEU Z 235 59.06 -10.29 -73.43
N ARG Z 236 60.11 -9.45 -73.37
CA ARG Z 236 60.63 -9.02 -72.08
C ARG Z 236 59.65 -8.10 -71.38
N GLN Z 237 58.95 -7.24 -72.14
CA GLN Z 237 57.97 -6.35 -71.54
C GLN Z 237 56.69 -7.09 -71.16
N GLN Z 238 56.41 -8.22 -71.83
CA GLN Z 238 55.22 -8.98 -71.50
C GLN Z 238 55.37 -9.73 -70.19
N LEU Z 239 56.59 -10.21 -69.90
CA LEU Z 239 56.82 -10.92 -68.65
C LEU Z 239 56.77 -9.98 -67.46
N ASP Z 240 57.11 -8.70 -67.66
CA ASP Z 240 57.05 -7.73 -66.57
C ASP Z 240 55.61 -7.39 -66.18
N LYS Z 241 54.67 -7.55 -67.10
CA LYS Z 241 53.27 -7.24 -66.79
C LYS Z 241 52.66 -8.26 -65.85
N LEU Z 242 53.20 -9.47 -65.81
CA LEU Z 242 52.67 -10.52 -64.95
C LEU Z 242 53.50 -10.58 -63.67
N PRO Z 243 52.91 -10.29 -62.50
CA PRO Z 243 53.69 -10.38 -61.26
C PRO Z 243 54.15 -11.79 -60.93
N ASP Z 244 53.43 -12.81 -61.37
CA ASP Z 244 53.79 -14.20 -61.10
C ASP Z 244 54.86 -14.72 -62.05
N ALA Z 245 55.33 -13.92 -63.00
CA ALA Z 245 56.35 -14.36 -63.92
C ALA Z 245 57.71 -14.43 -63.22
N PRO Z 246 58.56 -15.37 -63.61
CA PRO Z 246 59.87 -15.48 -62.97
C PRO Z 246 60.78 -14.31 -63.34
N TYR Z 247 61.59 -13.90 -62.37
CA TYR Z 247 62.53 -12.80 -62.58
C TYR Z 247 63.69 -13.26 -63.43
N VAL Z 248 63.96 -12.51 -64.50
CA VAL Z 248 65.04 -12.82 -65.43
C VAL Z 248 65.98 -11.62 -65.47
N SER Z 249 67.25 -11.86 -65.15
CA SER Z 249 68.25 -10.80 -65.15
C SER Z 249 68.79 -10.58 -66.56
N ASP Z 250 69.73 -9.64 -66.68
CA ASP Z 250 70.32 -9.32 -67.97
C ASP Z 250 71.33 -10.37 -68.44
N ARG Z 251 71.79 -11.25 -67.54
CA ARG Z 251 72.74 -12.28 -67.95
C ARG Z 251 72.09 -13.34 -68.81
N ARG Z 252 70.81 -13.63 -68.58
CA ARG Z 252 70.12 -14.64 -69.36
C ARG Z 252 69.82 -14.14 -70.78
N TRP Z 253 69.50 -12.85 -70.91
CA TRP Z 253 69.21 -12.29 -72.23
C TRP Z 253 70.46 -12.22 -73.10
N LYS Z 254 71.63 -12.10 -72.48
CA LYS Z 254 72.88 -12.08 -73.25
C LYS Z 254 73.21 -13.47 -73.78
N LYS Z 255 72.94 -14.52 -73.00
CA LYS Z 255 73.20 -15.88 -73.43
C LYS Z 255 72.08 -16.43 -74.32
N ALA Z 256 70.89 -15.81 -74.28
CA ALA Z 256 69.80 -16.29 -75.12
C ALA Z 256 70.01 -15.94 -76.59
N ILE Z 257 70.79 -14.89 -76.86
CA ILE Z 257 71.06 -14.51 -78.25
C ILE Z 257 71.94 -15.55 -78.93
N ARG Z 258 72.90 -16.10 -78.19
CA ARG Z 258 73.77 -17.14 -78.76
C ARG Z 258 73.01 -18.42 -79.05
N LEU Z 259 71.95 -18.69 -78.27
CA LEU Z 259 71.16 -19.90 -78.50
C LEU Z 259 70.39 -19.83 -79.81
N LEU Z 260 69.81 -18.66 -80.11
CA LEU Z 260 69.06 -18.51 -81.36
C LEU Z 260 69.97 -18.40 -82.57
N GLN Z 261 71.15 -17.80 -82.41
CA GLN Z 261 72.08 -17.68 -83.53
C GLN Z 261 72.70 -19.04 -83.88
N ALA Z 262 72.88 -19.91 -82.89
CA ALA Z 262 73.44 -21.23 -83.15
C ALA Z 262 72.43 -22.18 -83.74
N SER Z 263 71.13 -21.96 -83.47
CA SER Z 263 70.10 -22.83 -84.03
C SER Z 263 69.94 -22.61 -85.52
N ALA Z 264 69.93 -21.35 -85.96
CA ALA Z 264 69.80 -21.04 -87.37
C ALA Z 264 71.10 -21.25 -88.14
N PHE Z 265 72.23 -21.41 -87.45
CA PHE Z 265 73.50 -21.62 -88.14
C PHE Z 265 73.56 -23.02 -88.73
N PHE Z 266 73.10 -24.02 -87.99
CA PHE Z 266 73.11 -25.41 -88.44
C PHE Z 266 71.85 -25.79 -89.22
N SER Z 267 71.07 -24.79 -89.65
CA SER Z 267 69.85 -25.05 -90.40
C SER Z 267 69.90 -24.45 -91.81
N GLY Z 268 71.07 -24.07 -92.29
CA GLY Z 268 71.18 -23.50 -93.62
C GLY Z 268 70.71 -22.07 -93.72
N ARG Z 269 70.94 -21.26 -92.70
CA ARG Z 269 70.52 -19.87 -92.67
C ARG Z 269 71.67 -18.99 -92.22
N SER Z 270 71.65 -17.73 -92.66
CA SER Z 270 72.68 -16.76 -92.32
C SER Z 270 72.24 -15.74 -91.28
N ALA Z 271 70.95 -15.57 -91.07
CA ALA Z 271 70.42 -14.62 -90.10
C ALA Z 271 69.55 -15.34 -89.09
N VAL Z 272 69.13 -14.61 -88.07
CA VAL Z 272 68.29 -15.16 -87.00
C VAL Z 272 66.87 -15.30 -87.54
N ALA Z 273 66.32 -16.52 -87.43
CA ALA Z 273 64.98 -16.78 -87.94
C ALA Z 273 63.94 -16.57 -86.83
N PRO Z 274 62.76 -16.05 -87.18
CA PRO Z 274 61.71 -15.88 -86.16
C PRO Z 274 61.23 -17.18 -85.55
N VAL Z 275 61.42 -18.31 -86.22
CA VAL Z 275 60.99 -19.60 -85.68
C VAL Z 275 61.90 -20.09 -84.56
N ASP Z 276 63.08 -19.50 -84.40
CA ASP Z 276 64.01 -19.90 -83.36
C ASP Z 276 63.58 -19.46 -81.96
N LEU Z 277 62.49 -18.70 -81.84
CA LEU Z 277 61.99 -18.28 -80.53
C LEU Z 277 61.28 -19.38 -79.77
N ILE Z 278 61.08 -20.55 -80.39
CA ILE Z 278 60.42 -21.65 -79.69
C ILE Z 278 61.32 -22.22 -78.61
N LEU Z 279 62.64 -22.18 -78.81
CA LEU Z 279 63.58 -22.72 -77.83
C LEU Z 279 63.61 -21.92 -76.53
N LEU Z 280 62.97 -20.75 -76.49
CA LEU Z 280 62.94 -19.93 -75.28
C LEU Z 280 61.98 -20.46 -74.23
N LYS Z 281 61.25 -21.54 -74.52
CA LYS Z 281 60.30 -22.09 -73.56
C LYS Z 281 61.00 -22.82 -72.42
N ASP Z 282 62.27 -23.19 -72.60
CA ASP Z 282 63.04 -23.91 -71.60
C ASP Z 282 64.20 -23.08 -71.07
N CYS Z 283 64.06 -21.76 -71.08
CA CYS Z 283 65.12 -20.88 -70.61
C CYS Z 283 64.61 -19.75 -69.72
N LEU Z 284 63.40 -19.85 -69.20
CA LEU Z 284 62.83 -18.78 -68.37
C LEU Z 284 62.22 -19.30 -67.08
N TRP Z 285 61.53 -20.44 -67.11
CA TRP Z 285 60.88 -20.95 -65.92
C TRP Z 285 61.91 -21.55 -64.96
N TYR Z 286 61.46 -21.81 -63.73
CA TYR Z 286 62.33 -22.37 -62.72
C TYR Z 286 61.66 -23.45 -61.85
N ASP Z 287 60.34 -23.55 -61.85
CA ASP Z 287 59.65 -24.57 -61.05
C ASP Z 287 58.43 -25.04 -61.84
N ALA Z 288 57.51 -25.69 -61.13
CA ALA Z 288 56.29 -26.18 -61.77
C ALA Z 288 55.23 -25.09 -61.89
N GLN Z 289 55.32 -24.04 -61.07
CA GLN Z 289 54.34 -22.96 -61.13
C GLN Z 289 54.59 -22.06 -62.34
N SER Z 290 55.87 -21.73 -62.60
CA SER Z 290 56.22 -20.88 -63.72
C SER Z 290 56.34 -21.65 -65.03
N LEU Z 291 56.15 -22.97 -65.02
CA LEU Z 291 56.25 -23.75 -66.25
C LEU Z 291 55.03 -23.51 -67.14
N ASN Z 292 53.85 -23.38 -66.54
CA ASN Z 292 52.63 -23.14 -67.30
C ASN Z 292 52.44 -21.67 -67.69
N LEU Z 293 53.31 -20.78 -67.22
CA LEU Z 293 53.21 -19.37 -67.55
C LEU Z 293 54.15 -18.98 -68.69
N ILE Z 294 55.33 -19.59 -68.75
CA ILE Z 294 56.27 -19.26 -69.83
C ILE Z 294 55.81 -19.89 -71.13
N GLN Z 295 55.37 -21.15 -71.10
CA GLN Z 295 54.91 -21.82 -72.31
C GLN Z 295 53.59 -21.24 -72.82
N GLN Z 296 52.86 -20.51 -71.99
CA GLN Z 296 51.59 -19.91 -72.40
C GLN Z 296 51.78 -18.57 -73.09
N GLN Z 297 52.69 -17.74 -72.57
CA GLN Z 297 52.91 -16.42 -73.18
C GLN Z 297 53.64 -16.53 -74.51
N ILE Z 298 54.54 -17.52 -74.64
CA ILE Z 298 55.26 -17.70 -75.91
C ILE Z 298 54.32 -18.25 -76.98
N ASP Z 299 53.40 -19.12 -76.58
CA ASP Z 299 52.44 -19.67 -77.55
C ASP Z 299 51.54 -18.58 -78.11
N VAL Z 300 51.18 -17.59 -77.29
CA VAL Z 300 50.38 -16.47 -77.78
C VAL Z 300 51.23 -15.54 -78.64
N LEU Z 301 52.50 -15.35 -78.26
CA LEU Z 301 53.38 -14.48 -79.02
C LEU Z 301 53.70 -15.07 -80.39
N MET Z 302 53.93 -16.39 -80.45
CA MET Z 302 54.22 -17.03 -81.72
C MET Z 302 52.98 -17.13 -82.60
N THR Z 303 51.80 -17.17 -82.00
CA THR Z 303 50.53 -17.23 -82.73
C THR Z 303 49.76 -15.92 -82.61
N GLY Z 304 50.48 -14.79 -82.59
CA GLY Z 304 49.85 -13.50 -82.46
C GLY Z 304 50.71 -12.36 -82.99
N HIS Z 305 52.03 -12.49 -82.88
CA HIS Z 305 52.93 -11.45 -83.33
C HIS Z 305 54.12 -11.93 -84.14
N ALA Z 306 54.35 -13.26 -84.23
CA ALA Z 306 55.47 -13.77 -85.00
C ALA Z 306 55.25 -13.54 -86.49
N TRP Z 307 54.33 -14.33 -87.09
CA TRP Z 307 53.99 -14.17 -88.50
C TRP Z 307 52.77 -13.26 -88.70
N GLN Z 308 52.58 -12.29 -87.80
CA GLN Z 308 51.47 -11.32 -87.89
C GLN Z 308 50.12 -12.03 -87.89
N GLN Z 309 49.91 -12.87 -86.88
CA GLN Z 309 48.62 -13.55 -86.74
C GLN Z 309 47.53 -12.58 -86.32
N GLN Z 310 47.73 -11.90 -85.19
CA GLN Z 310 46.77 -10.90 -84.73
C GLN Z 310 46.80 -9.66 -85.60
N GLY Z 311 47.91 -9.38 -86.28
CA GLY Z 311 47.98 -8.23 -87.16
C GLY Z 311 47.01 -8.32 -88.33
N MET Z 312 46.67 -9.54 -88.74
CA MET Z 312 45.67 -9.74 -89.79
C MET Z 312 44.26 -9.82 -89.25
N LEU Z 313 44.08 -10.11 -87.95
CA LEU Z 313 42.75 -10.18 -87.36
C LEU Z 313 42.17 -8.78 -87.13
N THR Z 314 43.02 -7.80 -86.82
CA THR Z 314 42.55 -6.44 -86.63
C THR Z 314 42.13 -5.78 -87.94
N ARG Z 315 42.56 -6.33 -89.07
CA ARG Z 315 42.15 -5.82 -90.38
C ARG Z 315 41.01 -6.60 -91.01
N LEU Z 316 40.91 -7.90 -90.73
CA LEU Z 316 39.80 -8.68 -91.26
C LEU Z 316 38.49 -8.35 -90.56
N GLY Z 317 38.54 -8.04 -89.27
CA GLY Z 317 37.33 -7.67 -88.55
C GLY Z 317 36.73 -6.35 -89.01
N ALA Z 318 37.59 -5.44 -89.49
CA ALA Z 318 37.09 -4.16 -89.99
C ALA Z 318 36.44 -4.33 -91.35
N ILE Z 319 36.84 -5.33 -92.13
CA ILE Z 319 36.22 -5.57 -93.42
C ILE Z 319 34.81 -6.10 -93.26
N VAL Z 320 34.59 -6.95 -92.25
CA VAL Z 320 33.25 -7.48 -92.00
C VAL Z 320 32.31 -6.35 -91.57
N GLN Z 321 32.80 -5.44 -90.73
CA GLN Z 321 31.97 -4.30 -90.32
C GLN Z 321 31.75 -3.34 -91.48
N ARG Z 322 32.75 -3.18 -92.34
CA ARG Z 322 32.60 -2.32 -93.51
C ARG Z 322 31.68 -2.93 -94.55
N HIS Z 323 31.67 -4.26 -94.66
CA HIS Z 323 30.81 -4.93 -95.64
C HIS Z 323 29.33 -4.75 -95.29
N LEU Z 324 29.00 -4.71 -94.00
CA LEU Z 324 27.61 -4.51 -93.59
C LEU Z 324 27.17 -3.06 -93.69
N GLN Z 325 28.12 -2.12 -93.67
CA GLN Z 325 27.77 -0.71 -93.78
C GLN Z 325 27.48 -0.31 -95.22
N LEU Z 326 28.17 -0.90 -96.18
CA LEU Z 326 27.97 -0.59 -97.60
C LEU Z 326 26.70 -1.21 -98.17
N GLN Z 327 25.95 -1.97 -97.37
CA GLN Z 327 24.72 -2.57 -97.88
C GLN Z 327 23.62 -1.53 -98.09
N GLN Z 328 23.67 -0.43 -97.34
CA GLN Z 328 22.69 0.63 -97.45
C GLN Z 328 23.21 1.84 -98.20
N GLN Z 329 24.35 1.72 -98.87
CA GLN Z 329 24.92 2.81 -99.66
C GLN Z 329 25.06 2.49 -101.14
N GLN Z 330 25.30 1.24 -101.51
CA GLN Z 330 25.43 0.86 -102.91
C GLN Z 330 24.08 0.82 -103.60
N LYS Z 333 16.96 5.50 -104.60
CA LYS Z 333 17.88 4.36 -104.60
C LYS Z 333 19.23 4.75 -104.02
N THR Z 334 19.96 5.61 -104.73
CA THR Z 334 21.27 6.09 -104.31
C THR Z 334 21.15 7.53 -103.86
N ALA Z 335 21.53 7.79 -102.61
CA ALA Z 335 21.47 9.12 -102.03
C ALA Z 335 22.87 9.55 -101.59
N LEU Z 336 22.97 10.76 -101.04
CA LEU Z 336 24.25 11.30 -100.57
C LEU Z 336 23.99 12.00 -99.24
N THR Z 337 24.42 11.39 -98.15
CA THR Z 337 24.24 11.94 -96.82
C THR Z 337 25.45 12.78 -96.45
N VAL Z 338 25.21 14.05 -96.12
CA VAL Z 338 26.27 14.97 -95.73
C VAL Z 338 26.41 14.96 -94.21
N ILE Z 339 27.63 14.79 -93.73
CA ILE Z 339 27.88 14.76 -92.30
C ILE Z 339 28.31 16.15 -91.82
N ARG Z 340 28.08 16.41 -90.54
CA ARG Z 340 28.44 17.68 -89.92
C ARG Z 340 29.77 17.53 -89.20
N LEU Z 341 30.69 18.45 -89.47
CA LEU Z 341 31.99 18.42 -88.82
C LEU Z 341 31.90 18.99 -87.41
N GLY Z 342 32.74 18.45 -86.52
CA GLY Z 342 32.72 18.86 -85.14
C GLY Z 342 33.34 20.23 -84.93
N GLY Z 343 33.11 20.77 -83.74
CA GLY Z 343 33.63 22.07 -83.39
C GLY Z 343 32.55 23.07 -83.03
N ILE Z 344 32.94 24.20 -82.44
CA ILE Z 344 32.00 25.24 -82.03
C ILE Z 344 32.11 26.37 -83.03
N PHE Z 345 31.15 26.45 -83.94
CA PHE Z 345 31.11 27.50 -84.95
C PHE Z 345 29.71 28.11 -84.99
N SER Z 346 29.63 29.35 -85.47
CA SER Z 346 28.34 30.04 -85.54
C SER Z 346 27.43 29.38 -86.57
N ARG Z 347 27.86 29.37 -87.83
CA ARG Z 347 27.06 28.78 -88.90
C ARG Z 347 27.22 27.26 -88.89
N ARG Z 348 26.12 26.56 -89.20
CA ARG Z 348 26.14 25.11 -89.25
C ARG Z 348 26.96 24.62 -90.43
N GLN Z 349 28.25 24.38 -90.22
CA GLN Z 349 29.13 23.94 -91.28
C GLN Z 349 28.85 22.47 -91.63
N GLN Z 350 29.32 22.06 -92.80
CA GLN Z 350 29.15 20.70 -93.29
C GLN Z 350 30.49 20.16 -93.75
N TYR Z 351 30.59 18.83 -93.77
CA TYR Z 351 31.80 18.15 -94.18
C TYR Z 351 31.47 17.13 -95.26
N GLN Z 352 32.46 16.85 -96.11
CA GLN Z 352 32.28 15.93 -97.23
C GLN Z 352 32.32 14.48 -96.74
N LEU Z 353 32.38 13.53 -97.66
CA LEU Z 353 32.43 12.12 -97.30
C LEU Z 353 33.89 11.67 -97.18
N PRO Z 354 34.20 10.79 -96.22
CA PRO Z 354 35.59 10.38 -96.03
C PRO Z 354 36.10 9.43 -97.10
N VAL Z 355 36.19 8.14 -96.78
CA VAL Z 355 36.75 7.16 -97.70
C VAL Z 355 35.83 6.85 -98.88
N ASN Z 356 34.59 7.33 -98.84
CA ASN Z 356 33.65 7.04 -99.92
C ASN Z 356 34.10 7.69 -101.23
N VAL Z 357 34.53 8.94 -101.17
CA VAL Z 357 34.99 9.68 -102.34
C VAL Z 357 36.41 10.19 -102.07
N THR Z 358 37.28 10.04 -103.06
CA THR Z 358 38.67 10.48 -102.95
C THR Z 358 39.15 11.30 -104.12
N ALA Z 359 38.41 11.33 -105.24
CA ALA Z 359 38.85 12.08 -106.41
C ALA Z 359 38.69 13.58 -106.17
N SER Z 360 39.38 14.36 -107.00
CA SER Z 360 39.34 15.81 -106.91
C SER Z 360 38.22 16.41 -107.76
N THR Z 361 38.12 15.99 -109.02
CA THR Z 361 37.09 16.50 -109.91
C THR Z 361 36.00 15.45 -110.14
N LEU Z 362 35.39 14.98 -109.06
CA LEU Z 362 34.34 13.98 -109.16
C LEU Z 362 33.05 14.61 -109.68
N THR Z 363 32.16 13.76 -110.19
CA THR Z 363 30.87 14.19 -110.72
C THR Z 363 29.75 13.77 -109.78
N LEU Z 364 28.65 14.52 -109.84
CA LEU Z 364 27.47 14.27 -109.02
C LEU Z 364 26.24 14.26 -109.91
N LEU Z 365 25.37 13.27 -109.71
CA LEU Z 365 24.15 13.14 -110.48
C LEU Z 365 23.00 13.85 -109.77
N LEU Z 366 21.82 13.80 -110.38
CA LEU Z 366 20.64 14.44 -109.83
C LEU Z 366 19.40 13.69 -110.31
N GLN Z 367 18.31 13.83 -109.55
CA GLN Z 367 17.06 13.17 -109.89
C GLN Z 367 16.26 14.01 -110.88
N LYS Z 368 15.51 14.98 -110.38
CA LYS Z 368 14.70 15.83 -111.25
C LYS Z 368 15.60 16.85 -111.94
N PRO Z 369 15.67 16.85 -113.27
CA PRO Z 369 16.53 17.83 -113.96
C PRO Z 369 15.93 19.23 -113.91
N LEU Z 370 16.81 20.22 -113.96
CA LEU Z 370 16.40 21.62 -113.94
C LEU Z 370 17.06 22.36 -115.10
N LYS Z 371 16.49 23.52 -115.42
CA LYS Z 371 16.99 24.35 -116.52
C LYS Z 371 17.89 25.43 -115.93
N LEU Z 372 19.17 25.11 -115.81
CA LEU Z 372 20.16 26.02 -115.27
C LEU Z 372 20.91 26.71 -116.41
N HIS Z 373 21.01 28.04 -116.34
CA HIS Z 373 21.69 28.85 -117.36
C HIS Z 373 21.05 28.65 -118.74
N ASP Z 374 19.72 28.51 -118.76
CA ASP Z 374 18.96 28.36 -120.00
C ASP Z 374 19.42 27.15 -120.80
N MET Z 375 19.71 26.05 -120.10
CA MET Z 375 20.11 24.81 -120.75
C MET Z 375 19.92 23.67 -119.78
N GLU Z 376 19.78 22.46 -120.34
CA GLU Z 376 19.59 21.26 -119.54
C GLU Z 376 20.94 20.68 -119.12
N VAL Z 377 20.92 19.88 -118.06
CA VAL Z 377 22.11 19.26 -117.52
C VAL Z 377 21.72 17.91 -116.92
N VAL Z 378 22.62 16.93 -117.06
CA VAL Z 378 22.38 15.60 -116.50
C VAL Z 378 23.37 15.22 -115.42
N HIS Z 379 24.50 15.93 -115.30
CA HIS Z 379 25.47 15.65 -114.26
C HIS Z 379 26.28 16.92 -114.00
N ILE Z 380 26.53 17.20 -112.72
CA ILE Z 380 27.27 18.37 -112.29
C ILE Z 380 28.47 17.92 -111.49
N SER Z 381 29.65 18.41 -111.87
CA SER Z 381 30.90 18.05 -111.22
C SER Z 381 31.38 19.20 -110.34
N PHE Z 382 31.83 18.85 -109.13
CA PHE Z 382 32.35 19.82 -108.18
C PHE Z 382 33.82 19.53 -107.91
N GLU Z 383 34.53 20.54 -107.42
CA GLU Z 383 35.94 20.43 -107.10
C GLU Z 383 36.13 20.12 -105.62
N ARG Z 384 36.98 19.14 -105.32
CA ARG Z 384 37.21 18.77 -103.93
C ARG Z 384 37.95 19.87 -103.17
N SER Z 385 38.83 20.60 -103.85
CA SER Z 385 39.55 21.69 -103.18
C SER Z 385 38.65 22.89 -102.93
N ALA Z 386 37.57 23.02 -103.70
CA ALA Z 386 36.64 24.12 -103.53
C ALA Z 386 35.42 23.76 -102.69
N LEU Z 387 35.12 22.47 -102.56
CA LEU Z 387 33.96 22.06 -101.75
C LEU Z 387 34.27 22.13 -100.26
N GLU Z 388 35.51 21.87 -99.87
CA GLU Z 388 35.88 21.92 -98.46
C GLU Z 388 35.90 23.33 -97.90
N GLN Z 389 36.07 24.34 -98.75
CA GLN Z 389 36.12 25.73 -98.29
C GLN Z 389 34.74 26.36 -98.22
N TRP Z 390 33.86 26.04 -99.17
CA TRP Z 390 32.52 26.62 -99.17
C TRP Z 390 31.67 26.05 -98.03
N LEU Z 391 31.86 24.77 -97.72
CA LEU Z 391 31.09 24.14 -96.65
C LEU Z 391 31.61 24.48 -95.26
N SER Z 392 32.71 25.23 -95.16
CA SER Z 392 33.27 25.62 -93.86
C SER Z 392 33.33 27.13 -93.70
N LYS Z 393 34.06 27.84 -94.57
CA LYS Z 393 34.16 29.29 -94.47
C LYS Z 393 32.95 30.01 -95.07
N GLY Z 394 32.07 29.30 -95.76
CA GLY Z 394 30.91 29.91 -96.36
C GLY Z 394 31.21 30.54 -97.70
N GLY Z 395 30.34 31.46 -98.09
CA GLY Z 395 30.50 32.16 -99.35
C GLY Z 395 29.61 31.62 -100.45
N GLU Z 396 30.14 31.56 -101.67
CA GLU Z 396 29.40 31.06 -102.83
C GLU Z 396 30.22 29.98 -103.52
N ILE Z 397 29.54 28.94 -103.96
CA ILE Z 397 30.19 27.82 -104.64
C ILE Z 397 30.15 28.05 -106.15
N ARG Z 398 31.15 27.54 -106.85
CA ARG Z 398 31.26 27.66 -108.29
C ARG Z 398 31.43 26.27 -108.89
N GLY Z 399 30.51 25.90 -109.78
CA GLY Z 399 30.57 24.59 -110.41
C GLY Z 399 30.14 24.60 -111.86
N LYS Z 400 30.88 23.88 -112.70
CA LYS Z 400 30.57 23.82 -114.12
C LYS Z 400 29.41 22.87 -114.38
N LEU Z 401 28.89 22.91 -115.60
CA LEU Z 401 27.76 22.08 -116.01
C LEU Z 401 28.18 21.14 -117.12
N ASN Z 402 27.74 19.88 -117.01
CA ASN Z 402 28.03 18.84 -118.01
C ASN Z 402 29.53 18.61 -118.17
N GLY Z 403 30.32 18.92 -117.14
CA GLY Z 403 31.75 18.73 -117.20
C GLY Z 403 32.49 19.64 -118.15
N ILE Z 404 31.82 20.62 -118.75
CA ILE Z 404 32.43 21.54 -119.68
C ILE Z 404 32.16 22.97 -119.20
N GLY Z 405 32.80 23.92 -119.88
CA GLY Z 405 32.63 25.32 -119.54
C GLY Z 405 33.37 25.70 -118.27
N PHE Z 406 33.10 26.92 -117.82
CA PHE Z 406 33.72 27.45 -116.61
C PHE Z 406 32.85 27.12 -115.39
N ALA Z 407 33.46 27.28 -114.21
CA ALA Z 407 32.76 27.01 -112.96
C ALA Z 407 31.75 28.11 -112.66
N GLN Z 408 30.53 27.96 -113.16
CA GLN Z 408 29.49 28.95 -112.94
C GLN Z 408 28.95 28.84 -111.52
N LYS Z 409 28.31 29.92 -111.07
CA LYS Z 409 27.74 29.96 -109.73
C LYS Z 409 26.35 29.35 -109.71
N LEU Z 410 26.06 28.59 -108.65
CA LEU Z 410 24.78 27.94 -108.49
C LEU Z 410 24.19 28.31 -107.14
N ASN Z 411 22.89 28.04 -106.98
CA ASN Z 411 22.17 28.33 -105.75
C ASN Z 411 22.01 27.06 -104.92
N LEU Z 412 23.14 26.58 -104.41
CA LEU Z 412 23.18 25.37 -103.60
C LEU Z 412 23.08 25.72 -102.13
N GLU Z 413 22.27 24.96 -101.40
CA GLU Z 413 22.06 25.16 -99.98
C GLU Z 413 22.07 23.81 -99.28
N VAL Z 414 21.81 23.84 -97.98
CA VAL Z 414 21.77 22.62 -97.16
C VAL Z 414 20.33 22.19 -97.00
N ASP Z 415 20.12 20.87 -96.92
CA ASP Z 415 18.81 20.29 -96.77
C ASP Z 415 18.60 19.82 -95.33
N SER Z 416 17.33 19.70 -94.95
CA SER Z 416 17.00 19.24 -93.60
C SER Z 416 17.39 17.79 -93.39
N ALA Z 417 17.31 16.96 -94.43
CA ALA Z 417 17.69 15.56 -94.36
C ALA Z 417 19.14 15.32 -94.77
N GLN Z 418 19.98 16.35 -94.68
CA GLN Z 418 21.41 16.28 -95.03
C GLN Z 418 21.58 15.84 -96.49
N HIS Z 419 21.29 16.78 -97.39
CA HIS Z 419 21.42 16.57 -98.82
C HIS Z 419 21.90 17.87 -99.47
N LEU Z 420 21.91 17.87 -100.79
CA LEU Z 420 22.33 19.04 -101.57
C LEU Z 420 21.19 19.42 -102.50
N VAL Z 421 20.45 20.46 -102.14
CA VAL Z 421 19.32 20.95 -102.93
C VAL Z 421 19.80 22.08 -103.82
N VAL Z 422 19.67 21.91 -105.13
CA VAL Z 422 20.08 22.91 -106.10
C VAL Z 422 18.86 23.74 -106.50
N ARG Z 423 18.90 25.03 -106.19
CA ARG Z 423 17.82 25.94 -106.51
C ARG Z 423 18.10 26.66 -107.82
N ASP Z 424 17.03 26.98 -108.54
CA ASP Z 424 17.15 27.66 -109.83
C ASP Z 424 16.36 28.97 -109.84
N VAL Z 425 15.91 29.39 -111.02
CA VAL Z 425 15.15 30.63 -111.14
C VAL Z 425 13.68 30.47 -110.78
N SER Z 426 13.22 29.24 -110.53
CA SER Z 426 11.84 28.98 -110.18
C SER Z 426 11.69 28.43 -108.76
N LEU Z 427 12.77 28.45 -107.96
CA LEU Z 427 12.76 27.95 -106.59
C LEU Z 427 12.32 26.48 -106.54
N GLN Z 428 13.00 25.65 -107.32
CA GLN Z 428 12.71 24.23 -107.39
C GLN Z 428 13.82 23.44 -106.70
N GLY Z 429 13.44 22.30 -106.11
CA GLY Z 429 14.40 21.46 -105.40
C GLY Z 429 14.93 20.33 -106.26
N SER Z 430 16.16 19.93 -105.99
CA SER Z 430 16.81 18.85 -106.73
C SER Z 430 17.89 18.26 -105.84
N THR Z 431 17.66 17.05 -105.33
CA THR Z 431 18.63 16.39 -104.45
C THR Z 431 19.73 15.75 -105.28
N LEU Z 432 20.97 16.10 -104.99
CA LEU Z 432 22.11 15.55 -105.70
C LEU Z 432 22.49 14.18 -105.15
N ALA Z 433 23.18 13.40 -105.96
CA ALA Z 433 23.61 12.07 -105.57
C ALA Z 433 24.87 11.69 -106.35
N LEU Z 434 25.58 10.69 -105.83
CA LEU Z 434 26.80 10.24 -106.47
C LEU Z 434 26.53 9.06 -107.39
N PRO Z 435 27.27 8.92 -108.48
CA PRO Z 435 27.06 7.79 -109.40
C PRO Z 435 27.55 6.50 -108.78
N GLY Z 436 26.75 5.44 -108.93
CA GLY Z 436 27.11 4.14 -108.38
C GLY Z 436 27.99 3.34 -109.32
N SER Z 437 28.46 2.21 -108.82
CA SER Z 437 29.32 1.31 -109.59
C SER Z 437 28.50 0.49 -110.56
N LEU Z 442 29.51 -8.54 -103.80
CA LEU Z 442 30.84 -8.13 -103.36
C LEU Z 442 31.21 -6.76 -103.94
N PRO Z 443 31.21 -5.74 -103.09
CA PRO Z 443 31.54 -4.40 -103.56
C PRO Z 443 33.00 -4.30 -104.01
N GLY Z 444 33.29 -3.24 -104.75
CA GLY Z 444 34.65 -3.05 -105.23
C GLY Z 444 35.61 -2.64 -104.14
N GLU Z 445 35.13 -1.88 -103.15
CA GLU Z 445 35.99 -1.47 -102.04
C GLU Z 445 36.30 -2.64 -101.11
N ILE Z 446 35.33 -3.56 -100.92
CA ILE Z 446 35.56 -4.71 -100.06
C ILE Z 446 36.55 -5.67 -100.71
N LYS Z 447 36.41 -5.91 -102.02
CA LYS Z 447 37.31 -6.83 -102.70
C LYS Z 447 38.72 -6.26 -102.80
N GLN Z 448 38.85 -4.95 -102.93
CA GLN Z 448 40.18 -4.35 -103.02
C GLN Z 448 40.93 -4.44 -101.69
N GLN Z 449 40.23 -4.19 -100.59
CA GLN Z 449 40.85 -4.26 -99.27
C GLN Z 449 41.06 -5.69 -98.78
N LEU Z 450 40.36 -6.66 -99.37
CA LEU Z 450 40.50 -8.06 -98.95
C LEU Z 450 41.66 -8.76 -99.65
N GLU Z 451 41.91 -8.44 -100.91
CA GLU Z 451 43.02 -9.07 -101.62
C GLU Z 451 44.37 -8.63 -101.08
N GLU Z 452 44.45 -7.40 -100.55
CA GLU Z 452 45.70 -6.93 -99.97
C GLU Z 452 46.00 -7.64 -98.66
N LEU Z 453 44.96 -7.95 -97.88
CA LEU Z 453 45.17 -8.69 -96.64
C LEU Z 453 45.41 -10.17 -96.91
N GLU Z 454 44.77 -10.72 -97.94
CA GLU Z 454 44.98 -12.12 -98.28
C GLU Z 454 46.38 -12.35 -98.84
N SER Z 455 46.91 -11.39 -99.59
CA SER Z 455 48.26 -11.52 -100.13
C SER Z 455 49.31 -11.47 -99.02
N ASP Z 456 49.02 -10.78 -97.92
CA ASP Z 456 49.96 -10.73 -96.80
C ASP Z 456 50.02 -12.06 -96.07
N TRP Z 457 48.93 -12.83 -96.11
CA TRP Z 457 48.94 -14.15 -95.48
C TRP Z 457 49.81 -15.14 -96.25
N ARG Z 458 49.84 -15.03 -97.58
CA ARG Z 458 50.68 -15.91 -98.37
C ARG Z 458 52.15 -15.56 -98.23
N LYS Z 459 52.46 -14.28 -97.98
CA LYS Z 459 53.85 -13.88 -97.80
C LYS Z 459 54.40 -14.37 -96.46
N GLN Z 460 53.58 -14.32 -95.41
CA GLN Z 460 54.00 -14.82 -94.11
C GLN Z 460 54.06 -16.35 -94.09
N HIS Z 461 53.16 -17.01 -94.83
CA HIS Z 461 53.19 -18.47 -94.91
C HIS Z 461 54.33 -18.98 -95.77
N ALA Z 462 54.82 -18.15 -96.71
CA ALA Z 462 55.94 -18.58 -97.54
C ALA Z 462 57.22 -18.70 -96.73
N LEU Z 463 57.41 -17.84 -95.73
CA LEU Z 463 58.60 -17.95 -94.88
C LEU Z 463 58.51 -19.17 -93.96
N PHE Z 464 57.29 -19.52 -93.53
CA PHE Z 464 57.12 -20.70 -92.70
C PHE Z 464 57.20 -21.98 -93.50
N SER Z 465 56.97 -21.90 -94.82
CA SER Z 465 57.06 -23.08 -95.67
C SER Z 465 58.46 -23.19 -96.27
N GLU Z 466 59.48 -22.90 -95.47
CA GLU Z 466 60.87 -22.98 -95.91
C GLU Z 466 61.79 -23.26 -94.74
N GLN Z 467 61.45 -22.75 -93.56
CA GLN Z 467 62.27 -22.90 -92.37
C GLN Z 467 61.73 -23.96 -91.41
N GLN Z 468 60.70 -24.70 -91.81
CA GLN Z 468 60.12 -25.73 -90.96
C GLN Z 468 60.98 -26.98 -90.88
N LYS Z 469 62.00 -27.10 -91.72
CA LYS Z 469 62.89 -28.26 -91.72
C LYS Z 469 63.99 -28.16 -90.67
N CYS Z 470 63.88 -27.22 -89.74
CA CYS Z 470 64.90 -27.09 -88.70
C CYS Z 470 64.87 -28.29 -87.76
N LEU Z 471 66.04 -28.85 -87.49
CA LEU Z 471 66.12 -30.04 -86.64
C LEU Z 471 65.90 -29.69 -85.18
N PHE Z 472 66.22 -28.47 -84.78
CA PHE Z 472 66.12 -28.04 -83.37
C PHE Z 472 64.75 -27.49 -83.04
N ILE Z 473 63.69 -28.05 -83.61
CA ILE Z 473 62.32 -27.60 -83.34
C ILE Z 473 61.50 -28.79 -82.87
N PRO Z 474 60.78 -28.67 -81.75
CA PRO Z 474 59.97 -29.79 -81.28
C PRO Z 474 58.82 -30.09 -82.25
N GLY Z 475 58.48 -31.37 -82.35
CA GLY Z 475 57.44 -31.80 -83.27
C GLY Z 475 56.03 -31.46 -82.84
N ASP Z 476 55.80 -31.31 -81.54
CA ASP Z 476 54.46 -31.00 -81.05
C ASP Z 476 54.03 -29.56 -81.33
N TRP Z 477 54.99 -28.66 -81.59
CA TRP Z 477 54.65 -27.28 -81.89
C TRP Z 477 54.20 -27.09 -83.34
N LEU Z 478 54.47 -28.06 -84.21
CA LEU Z 478 54.03 -27.94 -85.60
C LEU Z 478 52.51 -28.06 -85.72
N GLY Z 479 51.86 -28.72 -84.76
CA GLY Z 479 50.42 -28.84 -84.79
C GLY Z 479 49.67 -27.62 -84.30
N ARG Z 480 50.36 -26.70 -83.62
CA ARG Z 480 49.75 -25.48 -83.12
C ARG Z 480 50.06 -24.26 -83.97
N ILE Z 481 51.28 -24.18 -84.53
CA ILE Z 481 51.62 -23.05 -85.38
C ILE Z 481 50.90 -23.14 -86.72
N GLU Z 482 50.82 -24.34 -87.29
CA GLU Z 482 50.11 -24.51 -88.55
C GLU Z 482 48.61 -24.33 -88.38
N ALA Z 483 48.06 -24.75 -87.24
CA ALA Z 483 46.63 -24.59 -87.00
C ALA Z 483 46.27 -23.12 -86.82
N SER Z 484 47.19 -22.30 -86.31
CA SER Z 484 46.92 -20.87 -86.17
C SER Z 484 46.91 -20.16 -87.51
N LEU Z 485 47.72 -20.62 -88.46
CA LEU Z 485 47.74 -20.01 -89.79
C LEU Z 485 46.55 -20.45 -90.62
N GLN Z 486 46.11 -21.70 -90.46
CA GLN Z 486 44.96 -22.19 -91.20
C GLN Z 486 43.64 -21.64 -90.65
N ASP Z 487 43.63 -21.20 -89.39
CA ASP Z 487 42.41 -20.63 -88.82
C ASP Z 487 42.10 -19.28 -89.44
N VAL Z 488 43.13 -18.46 -89.69
CA VAL Z 488 42.91 -17.17 -90.32
C VAL Z 488 42.57 -17.35 -91.80
N GLY Z 489 43.21 -18.33 -92.45
CA GLY Z 489 42.93 -18.57 -93.86
C GLY Z 489 41.53 -19.12 -94.09
N ALA Z 490 41.02 -19.90 -93.14
CA ALA Z 490 39.67 -20.44 -93.28
C ALA Z 490 38.62 -19.37 -93.04
N GLN Z 491 38.95 -18.33 -92.26
CA GLN Z 491 38.01 -17.24 -92.00
C GLN Z 491 38.06 -16.16 -93.06
N ILE Z 492 39.23 -15.88 -93.63
CA ILE Z 492 39.34 -14.85 -94.65
C ILE Z 492 38.69 -15.28 -95.96
N ARG Z 493 38.54 -16.59 -96.18
CA ARG Z 493 37.92 -17.11 -97.40
C ARG Z 493 36.41 -17.28 -97.26
N GLN Z 494 35.84 -16.99 -96.09
CA GLN Z 494 34.40 -17.12 -95.89
C GLN Z 494 33.64 -15.85 -96.29
N ALA Z 495 34.22 -14.68 -96.04
CA ALA Z 495 33.56 -13.43 -96.38
C ALA Z 495 33.53 -13.18 -97.89
N GLN Z 496 34.43 -13.80 -98.64
CA GLN Z 496 34.47 -13.63 -100.09
C GLN Z 496 33.54 -14.59 -100.83
N GLN Z 497 32.77 -15.39 -100.11
CA GLN Z 497 31.85 -16.34 -100.74
C GLN Z 497 30.61 -15.63 -101.27
N1 PLP AA . 26.63 -78.81 44.51
C2 PLP AA . 25.86 -79.87 44.81
C2A PLP AA . 26.45 -81.09 45.59
C3 PLP AA . 24.50 -79.90 44.40
O3 PLP AA . 23.70 -81.00 44.71
C4 PLP AA . 23.96 -78.84 43.71
C4A PLP AA . 22.41 -78.88 43.26
C5 PLP AA . 24.74 -77.76 43.40
C6 PLP AA . 26.08 -77.73 43.81
C5A PLP AA . 24.14 -76.56 42.62
O4P PLP AA . 23.39 -75.75 43.51
P PLP AA . 23.12 -74.27 43.13
O1P PLP AA . 22.98 -73.43 44.40
O2P PLP AA . 21.89 -74.18 42.32
O3P PLP AA . 24.27 -73.76 42.32
N1 PLP BA . -66.98 -26.97 98.62
C2 PLP BA . -66.35 -27.90 99.34
C2A PLP BA . -67.05 -28.51 100.60
C3 PLP BA . -65.04 -28.33 98.99
O3 PLP BA . -64.39 -29.30 99.76
C4 PLP BA . -64.41 -27.78 97.89
C4A PLP BA . -62.92 -28.28 97.50
C5 PLP BA . -65.04 -26.83 97.15
C6 PLP BA . -66.33 -26.42 97.50
C5A PLP BA . -64.33 -26.22 95.90
O4P PLP BA . -64.41 -27.13 94.82
P PLP BA . -64.21 -26.60 93.38
O1P PLP BA . -64.74 -27.64 92.38
O2P PLP BA . -62.78 -26.36 93.13
O3P PLP BA . -64.96 -25.32 93.22
N1 PLP CA . -34.35 -97.18 7.03
C2 PLP CA . -35.13 -97.73 7.97
C2A PLP CA . -35.27 -99.27 8.06
C3 PLP CA . -35.82 -96.90 8.89
O3 PLP CA . -36.63 -97.47 9.88
C4 PLP CA . -35.69 -95.53 8.82
C4A PLP CA . -36.49 -94.59 9.88
C5 PLP CA . -34.90 -94.96 7.86
C6 PLP CA . -34.21 -95.78 6.96
C5A PLP CA . -34.75 -93.41 7.78
O4P PLP CA . -33.89 -92.96 8.79
P PLP CA . -33.24 -91.56 8.67
O1P PLP CA . -32.06 -91.45 9.64
O2P PLP CA . -34.25 -90.53 8.99
O3P PLP CA . -32.76 -91.37 7.27
N1 PLP DA . 6.56 -35.08 100.90
C2 PLP DA . 6.67 -36.41 100.91
C2A PLP DA . 6.86 -37.18 102.26
C3 PLP DA . 6.62 -37.14 99.69
O3 PLP DA . 6.73 -38.54 99.70
C4 PLP DA . 6.45 -36.48 98.50
C4A PLP DA . 6.40 -37.31 97.12
C5 PLP DA . 6.34 -35.12 98.48
C6 PLP DA . 6.40 -34.40 99.68
C5A PLP DA . 6.16 -34.36 97.13
O4P PLP DA . 4.83 -34.51 96.68
P PLP DA . 4.28 -33.51 95.64
O1P PLP DA . 2.75 -33.50 95.69
O2P PLP DA . 4.72 -33.93 94.29
O3P PLP DA . 4.81 -32.15 95.92
N1 PLP EA . -91.91 -65.41 40.21
C2 PLP EA . -91.83 -65.95 41.43
C2A PLP EA . -92.70 -67.18 41.80
C3 PLP EA . -90.92 -65.40 42.38
O3 PLP EA . -90.83 -65.97 43.66
C4 PLP EA . -90.14 -64.31 42.06
C4A PLP EA . -89.12 -63.71 43.15
C5 PLP EA . -90.23 -63.76 40.82
C6 PLP EA . -91.12 -64.30 39.87
C5A PLP EA . -89.35 -62.53 40.45
O4P PLP EA . -88.04 -62.96 40.14
P PLP EA . -87.16 -62.11 39.20
O1P PLP EA . -86.04 -62.98 38.62
O2P PLP EA . -86.58 -60.98 39.96
O3P PLP EA . -88.00 -61.58 38.10
N1 PLP FA . 32.05 -51.14 36.77
C2 PLP FA . 31.88 -49.81 36.67
C2A PLP FA . 32.73 -48.98 35.68
C3 PLP FA . 30.91 -49.16 37.49
O3 PLP FA . 30.73 -47.77 37.40
C4 PLP FA . 30.15 -49.89 38.38
C4A PLP FA . 29.05 -49.13 39.30
C5 PLP FA . 30.32 -51.24 38.48
C6 PLP FA . 31.28 -51.88 37.68
C5A PLP FA . 29.46 -52.06 39.48
O4P PLP FA . 28.19 -52.30 38.92
P PLP FA . 27.34 -53.47 39.46
O1P PLP FA . 28.24 -54.60 39.84
O2P PLP FA . 26.36 -53.94 38.38
O3P PLP FA . 26.59 -53.04 40.65
N1 PLP GA . -21.48 -76.05 -7.10
C2 PLP GA . -20.77 -74.93 -7.27
C2A PLP GA . -20.65 -74.29 -8.69
C3 PLP GA . -20.13 -74.32 -6.17
O3 PLP GA . -19.38 -73.14 -6.35
C4 PLP GA . -20.22 -74.87 -4.92
C4A PLP GA . -19.48 -74.15 -3.67
C5 PLP GA . -20.94 -76.01 -4.73
C6 PLP GA . -21.58 -76.62 -5.82
C5A PLP GA . -21.05 -76.66 -3.31
O4P PLP GA . -21.98 -75.93 -2.54
P PLP GA . -22.67 -76.62 -1.34
O1P PLP GA . -23.01 -78.02 -1.71
O2P PLP GA . -23.95 -75.85 -0.97
O3P PLP GA . -21.75 -76.62 -0.18
N1 PLP HA . -85.69 -49.34 17.94
C2 PLP HA . -84.93 -48.72 17.03
C2A PLP HA . -85.58 -47.67 16.06
C3 PLP HA . -83.54 -49.01 16.94
O3 PLP HA . -82.76 -48.35 15.98
C4 PLP HA . -82.97 -49.92 17.78
C4A PLP HA . -81.38 -50.24 17.66
C5 PLP HA . -83.73 -50.56 18.72
C6 PLP HA . -85.10 -50.28 18.81
C5A PLP HA . -83.08 -51.60 19.67
O4P PLP HA . -82.36 -50.92 20.68
P PLP HA . -82.12 -51.64 22.04
O1P PLP HA . -83.35 -52.39 22.42
O2P PLP HA . -81.80 -50.59 23.12
O3P PLP HA . -80.98 -52.57 21.91
N1 PLP IA . -71.25 -8.47 77.95
C2 PLP IA . -71.37 -7.98 76.71
C2A PLP IA . -71.70 -6.47 76.48
C3 PLP IA . -71.18 -8.84 75.59
O3 PLP IA . -71.30 -8.33 74.30
C4 PLP IA . -70.87 -10.17 75.78
C4A PLP IA . -70.67 -11.12 74.49
C5 PLP IA . -70.76 -10.66 77.04
C6 PLP IA . -70.94 -9.83 78.15
C5A PLP IA . -70.42 -12.17 77.26
O4P PLP IA . -69.04 -12.38 77.01
P PLP IA . -68.36 -13.63 77.63
O1P PLP IA . -68.86 -13.83 79.02
O2P PLP IA . -66.84 -13.42 77.64
O3P PLP IA . -68.69 -14.82 76.81
N1 PLP JA . 1.55 -8.90 89.59
C2 PLP JA . 0.88 -8.03 88.83
C2A PLP JA . 1.47 -6.61 88.55
C3 PLP JA . -0.39 -8.39 88.29
O3 PLP JA . -1.09 -7.48 87.49
C4 PLP JA . -0.91 -9.64 88.54
C4A PLP JA . -2.35 -10.02 87.91
C5 PLP JA . -0.24 -10.52 89.31
C6 PLP JA . 1.01 -10.17 89.85
C5A PLP JA . -0.83 -11.95 89.60
O4P PLP JA . -0.68 -12.76 88.45
P PLP JA . -0.82 -14.29 88.59
O1P PLP JA . -0.15 -14.73 89.85
O2P PLP JA . -0.17 -14.98 87.39
O3P PLP JA . -2.26 -14.64 88.66
N1 PLP KA . 46.55 46.33 -72.18
C2 PLP KA . 46.70 47.66 -72.21
C2A PLP KA . 47.32 48.35 -73.48
C3 PLP KA . 46.30 48.45 -71.10
O3 PLP KA . 46.47 49.84 -71.14
C4 PLP KA . 45.76 47.86 -69.99
C4A PLP KA . 45.32 48.77 -68.73
C5 PLP KA . 45.60 46.50 -69.95
C6 PLP KA . 46.00 45.72 -71.05
C5A PLP KA . 44.99 45.81 -68.69
O4P PLP KA . 43.59 46.00 -68.69
P PLP KA . 42.70 44.99 -67.94
O1P PLP KA . 43.23 43.61 -68.14
O2P PLP KA . 41.27 45.08 -68.47
O3P PLP KA . 42.71 45.31 -66.49
N1 PLP LA . -24.18 39.13 -91.13
C2 PLP LA . -23.32 40.03 -91.62
C2A PLP LA . -23.57 40.69 -93.00
C3 PLP LA . -22.17 40.39 -90.86
O3 PLP LA . -21.26 41.34 -91.36
C4 PLP LA . -21.93 39.82 -89.63
C4A PLP LA . -20.61 40.24 -88.79
C5 PLP LA . -22.80 38.89 -89.14
C6 PLP LA . -23.94 38.53 -89.88
C5A PLP LA . -22.54 38.24 -87.75
O4P PLP LA . -22.88 39.14 -86.72
P PLP LA . -23.22 38.60 -85.32
O1P PLP LA . -24.04 37.37 -85.45
O2P PLP LA . -24.01 39.66 -84.53
O3P PLP LA . -21.97 38.28 -84.60
N1 PLP MA . -64.45 80.73 -45.17
C2 PLP MA . -63.96 81.18 -46.33
C2A PLP MA . -64.62 82.40 -47.03
C3 PLP MA . -62.84 80.53 -46.92
O3 PLP MA . -62.33 81.00 -48.14
C4 PLP MA . -62.26 79.45 -46.30
C4A PLP MA . -60.99 78.74 -47.00
C5 PLP MA . -62.75 78.99 -45.12
C6 PLP MA . -63.86 79.62 -44.54
C5A PLP MA . -62.10 77.76 -44.42
O4P PLP MA . -60.89 78.17 -43.80
P PLP MA . -60.36 77.35 -42.60
O1P PLP MA . -61.51 76.93 -41.75
O2P PLP MA . -59.40 78.21 -41.77
O3P PLP MA . -59.65 76.15 -43.10
N1 PLP NA . -18.02 112.89 2.69
C2 PLP NA . -18.47 113.46 1.56
C2A PLP NA . -18.45 115.01 1.41
C3 PLP NA . -18.95 112.64 0.50
O3 PLP NA . -19.42 113.24 -0.69
C4 PLP NA . -18.97 111.27 0.63
C4A PLP NA . -19.53 110.36 -0.58
C5 PLP NA . -18.53 110.70 1.78
C6 PLP NA . -18.05 111.50 2.83
C5A PLP NA . -18.54 109.14 1.94
O4P PLP NA . -17.47 108.59 1.21
P PLP NA . -16.97 107.17 1.58
O1P PLP NA . -16.94 107.03 3.06
O2P PLP NA . -15.56 106.97 1.02
O3P PLP NA . -17.89 106.16 1.01
N1 PLP OA . 50.76 92.27 -13.99
C2 PLP OA . 50.11 93.33 -14.49
C2A PLP OA . 50.90 94.55 -15.05
C3 PLP OA . 48.68 93.34 -14.49
O3 PLP OA . 48.00 94.45 -15.01
C4 PLP OA . 47.97 92.27 -14.00
C4A PLP OA . 46.36 92.31 -14.01
C5 PLP OA . 48.64 91.19 -13.49
C6 PLP OA . 50.04 91.17 -13.48
C5A PLP OA . 47.85 89.97 -12.92
O4P PLP OA . 47.32 89.22 -14.00
P PLP OA . 46.84 87.77 -13.72
O1P PLP OA . 47.79 87.10 -12.80
O2P PLP OA . 46.77 87.00 -15.05
O3P PLP OA . 45.49 87.81 -13.11
N1 PLP PA . -65.89 65.74 -21.36
C2 PLP PA . -65.49 65.13 -20.24
C2A PLP PA . -66.45 64.16 -19.48
C3 PLP PA . -64.19 65.37 -19.73
O3 PLP PA . -63.77 64.72 -18.55
C4 PLP PA . -63.33 66.22 -20.39
C4A PLP PA . -61.85 66.47 -19.79
C5 PLP PA . -63.73 66.84 -21.53
C6 PLP PA . -65.02 66.61 -22.03
C5A PLP PA . -62.77 67.81 -22.29
O4P PLP PA . -61.83 67.05 -23.03
P PLP PA . -61.18 67.69 -24.26
O1P PLP PA . -60.63 66.58 -25.19
O2P PLP PA . -60.07 68.58 -23.85
O3P PLP PA . -62.20 68.49 -25.00
N1 PLP QA . -35.96 21.52 -72.07
C2 PLP QA . -36.44 21.15 -70.87
C2A PLP QA . -36.95 19.70 -70.64
C3 PLP QA . -36.48 22.09 -69.80
O3 PLP QA . -36.99 21.71 -68.56
C4 PLP QA . -36.02 23.38 -70.00
C4A PLP QA . -36.08 24.44 -68.78
C5 PLP QA . -35.53 23.75 -71.20
C6 PLP QA . -35.49 22.82 -72.26
C5A PLP QA . -35.01 25.20 -71.44
O4P PLP QA . -33.74 25.34 -70.84
P PLP QA . -32.84 26.52 -71.28
O1P PLP QA . -31.39 26.25 -70.83
O2P PLP QA . -33.33 27.77 -70.66
O3P PLP QA . -32.88 26.65 -72.76
N1 PLP RA . 37.17 20.65 -61.26
C2 PLP RA . 36.29 19.83 -60.70
C2A PLP RA . 36.76 18.44 -60.15
C3 PLP RA . 34.92 20.20 -60.60
O3 PLP RA . 34.00 19.32 -60.01
C4 PLP RA . 34.50 21.41 -61.08
C4A PLP RA . 32.94 21.82 -60.95
C5 PLP RA . 35.40 22.27 -61.65
C6 PLP RA . 36.75 21.91 -61.75
C5A PLP RA . 34.93 23.65 -62.20
O4P PLP RA . 34.73 24.54 -61.11
P PLP RA . 34.82 26.06 -61.37
O1P PLP RA . 35.19 26.78 -60.07
O2P PLP RA . 33.52 26.56 -61.85
O3P PLP RA . 35.87 26.33 -62.40
N1 PLP SA . 52.43 65.12 -4.03
C2 PLP SA . 52.17 63.81 -3.99
C2A PLP SA . 52.64 62.95 -2.78
C3 PLP SA . 51.47 63.19 -5.06
O3 PLP SA . 51.19 61.82 -5.02
C4 PLP SA . 51.04 63.94 -6.14
C4A PLP SA . 50.25 63.22 -7.34
C5 PLP SA . 51.30 65.27 -6.18
C6 PLP SA . 52.01 65.89 -5.13
C5A PLP SA . 50.83 66.13 -7.40
O4P PLP SA . 49.45 66.38 -7.29
P PLP SA . 48.83 67.54 -8.11
O1P PLP SA . 47.50 67.96 -7.48
O2P PLP SA . 48.59 67.08 -9.49
O3P PLP SA . 49.77 68.69 -8.13
N1 PLP TA . -11.41 92.82 21.18
C2 PLP TA . -10.85 91.72 21.67
C2A PLP TA . -11.17 91.24 23.12
C3 PLP TA . -9.93 90.97 20.86
O3 PLP TA . -9.33 89.82 21.38
C4 PLP TA . -9.65 91.39 19.58
C4A PLP TA . -8.60 90.53 18.68
C5 PLP TA . -10.23 92.51 19.08
C6 PLP TA . -11.12 93.25 19.87
C5A PLP TA . -9.91 92.99 17.63
O4P PLP TA . -10.61 92.19 16.71
P PLP TA . -10.84 92.73 15.27
O1P PLP TA . -11.97 91.93 14.60
O2P PLP TA . -9.60 92.58 14.49
O3P PLP TA . -11.23 94.16 15.34
PB ADP UA . 118.04 -13.60 -39.32
O1B ADP UA . 118.94 -14.79 -39.13
O2B ADP UA . 117.42 -13.08 -38.04
O3B ADP UA . 117.07 -13.73 -40.48
PA ADP UA . 119.93 -12.58 -41.10
O1A ADP UA . 120.98 -13.65 -40.86
O2A ADP UA . 119.01 -12.68 -42.28
O3A ADP UA . 119.04 -12.42 -39.77
O5' ADP UA . 120.70 -11.15 -41.18
C5' ADP UA . 121.38 -10.77 -42.38
C4' ADP UA . 122.10 -9.45 -42.14
O4' ADP UA . 121.19 -8.45 -41.69
C3' ADP UA . 123.18 -9.59 -41.07
O3' ADP UA . 124.48 -9.53 -41.68
C2' ADP UA . 122.99 -8.41 -40.14
O2' ADP UA . 124.16 -7.60 -40.12
C1' ADP UA . 121.81 -7.63 -40.69
N9 ADP UA . 120.85 -7.32 -39.60
C8 ADP UA . 119.67 -7.94 -39.40
N7 ADP UA . 119.02 -7.43 -38.32
C5 ADP UA . 119.81 -6.46 -37.81
C6 ADP UA . 119.73 -5.51 -36.67
N6 ADP UA . 118.67 -5.50 -35.84
N1 ADP UA . 120.77 -4.66 -36.48
C2 ADP UA . 121.83 -4.66 -37.30
N3 ADP UA . 121.97 -5.49 -38.36
C4 ADP UA . 121.01 -6.39 -38.66
PB ADP VA . 113.37 -35.36 -16.24
O1B ADP VA . 112.39 -35.49 -15.09
O2B ADP VA . 113.72 -36.66 -16.91
O3B ADP VA . 113.05 -34.23 -17.19
PA ADP VA . 116.07 -34.67 -16.39
O1A ADP VA . 116.57 -36.01 -16.87
O2A ADP VA . 115.82 -33.55 -17.37
O3A ADP VA . 114.74 -34.89 -15.52
O5' ADP VA . 117.11 -34.12 -15.28
C5' ADP VA . 118.34 -33.51 -15.68
C4' ADP VA . 119.18 -33.21 -14.46
O4' ADP VA . 118.43 -32.44 -13.51
C3' ADP VA . 119.62 -34.48 -13.74
O3' ADP VA . 121.02 -34.68 -13.94
C2' ADP VA . 119.31 -34.26 -12.28
O2' ADP VA . 120.53 -34.35 -11.51
C1' ADP VA . 118.73 -32.87 -12.17
N9 ADP VA . 117.48 -32.92 -11.37
C8 ADP VA . 116.22 -32.84 -11.84
N7 ADP VA . 115.31 -32.92 -10.84
C5 ADP VA . 115.99 -33.04 -9.69
C6 ADP VA . 115.63 -33.17 -8.26
N6 ADP VA . 114.35 -33.18 -7.84
N1 ADP VA . 116.65 -33.28 -7.37
C2 ADP VA . 117.94 -33.27 -7.76
N3 ADP VA . 118.32 -33.16 -9.04
C4 ADP VA . 117.41 -33.04 -10.04
PB ADP WA . 94.31 -60.99 -19.68
O1B ADP WA . 92.92 -61.40 -19.24
O2B ADP WA . 94.68 -61.48 -21.07
O3B ADP WA . 94.66 -59.55 -19.41
PA ADP WA . 96.88 -61.74 -18.90
O1A ADP WA . 97.25 -62.47 -20.16
O2A ADP WA . 97.31 -60.31 -18.70
O3A ADP WA . 95.28 -61.82 -18.72
O5' ADP WA . 97.42 -62.61 -17.65
C5' ADP WA . 98.79 -62.55 -17.27
C4' ADP WA . 99.05 -63.55 -16.15
O4' ADP WA . 98.14 -63.33 -15.06
C3' ADP WA . 98.84 -64.98 -16.62
O3' ADP WA . 100.10 -65.65 -16.70
C2' ADP WA . 97.98 -65.64 -15.56
O2' ADP WA . 98.66 -66.74 -14.98
C1' ADP WA . 97.72 -64.57 -14.50
N9 ADP WA . 96.26 -64.52 -14.20
C8 ADP WA . 95.40 -63.56 -14.59
N7 ADP WA . 94.15 -63.81 -14.15
C5 ADP WA . 94.19 -64.95 -13.44
C6 ADP WA . 93.22 -65.78 -12.69
N6 ADP WA . 91.92 -65.44 -12.61
N1 ADP WA . 93.67 -66.91 -12.11
C2 ADP WA . 94.97 -67.28 -12.18
N3 ADP WA . 95.90 -66.57 -12.84
C4 ADP WA . 95.59 -65.42 -13.48
PB ADP XA . 74.87 -65.22 -44.55
O1B ADP XA . 75.27 -64.72 -43.19
O2B ADP XA . 73.39 -65.11 -44.84
O3B ADP XA . 75.77 -64.75 -45.67
PA ADP XA . 76.61 -67.39 -44.20
O1A ADP XA . 77.05 -66.92 -42.84
O2A ADP XA . 77.47 -67.09 -45.42
O3A ADP XA . 75.13 -66.81 -44.48
O5' ADP XA . 76.36 -68.98 -44.15
C5' ADP XA . 77.38 -69.85 -43.66
C4' ADP XA . 76.93 -71.29 -43.80
O4' ADP XA . 75.67 -71.49 -43.14
C3' ADP XA . 76.73 -71.68 -45.25
O3' ADP XA . 77.76 -72.57 -45.68
C2' ADP XA . 75.39 -72.37 -45.32
O2' ADP XA . 75.54 -73.71 -45.79
C1' ADP XA . 74.84 -72.38 -43.90
N9 ADP XA . 73.44 -71.90 -43.90
C8 ADP XA . 73.02 -70.70 -43.49
N7 ADP XA . 71.67 -70.58 -43.61
C5 ADP XA . 71.21 -71.75 -44.10
C6 ADP XA . 69.89 -72.30 -44.47
N6 ADP XA . 68.75 -71.56 -44.33
N1 ADP XA . 69.84 -73.57 -44.95
C2 ADP XA . 70.96 -74.30 -45.09
N3 ADP XA . 72.19 -73.86 -44.77
C4 ADP XA . 72.38 -72.62 -44.29
PB ADP YA . 68.24 -42.17 -65.76
O1B ADP YA . 68.00 -42.93 -64.48
O2B ADP YA . 67.11 -41.24 -66.14
O3B ADP YA . 69.61 -41.56 -65.89
PA ADP YA . 69.27 -44.51 -66.90
O1A ADP YA . 69.05 -45.33 -65.65
O2A ADP YA . 70.63 -43.94 -67.20
O3A ADP YA . 68.20 -43.30 -66.91
O5' ADP YA . 68.80 -45.40 -68.16
C5' ADP YA . 69.31 -46.71 -68.34
C4' ADP YA . 68.78 -47.29 -69.65
O4' ADP YA . 67.36 -47.23 -69.69
C3' ADP YA . 69.30 -46.51 -70.85
O3' ADP YA . 70.26 -47.28 -71.57
C2' ADP YA . 68.09 -46.24 -71.72
O2' ADP YA . 68.28 -46.82 -73.01
C1' ADP YA . 66.92 -46.90 -71.01
N9 ADP YA . 65.78 -45.95 -70.95
C8 ADP YA . 65.38 -45.26 -69.85
N7 ADP YA . 64.30 -44.49 -70.12
C5 ADP YA . 63.99 -44.67 -71.42
C6 ADP YA . 62.96 -44.16 -72.36
N6 ADP YA . 62.03 -43.26 -71.95
N1 ADP YA . 62.99 -44.60 -73.63
C2 ADP YA . 63.90 -45.49 -74.05
N3 ADP YA . 64.87 -45.99 -73.26
C4 ADP YA . 64.96 -45.64 -71.96
#